data_7N32
#
_entry.id   7N32
#
_cell.length_a   1.00
_cell.length_b   1.00
_cell.length_c   1.00
_cell.angle_alpha   90.00
_cell.angle_beta   90.00
_cell.angle_gamma   90.00
#
_symmetry.space_group_name_H-M   'P 1'
#
loop_
_entity.id
_entity.type
_entity.pdbx_description
1 polymer 'Tubulin alpha chain'
2 polymer 'Tubulin beta chain'
3 non-polymer "GUANOSINE-5'-TRIPHOSPHATE"
4 non-polymer 'MAGNESIUM ION'
5 non-polymer "GUANOSINE-5'-DIPHOSPHATE"
#
loop_
_entity_poly.entity_id
_entity_poly.type
_entity_poly.pdbx_seq_one_letter_code
_entity_poly.pdbx_strand_id
1 'polypeptide(L)'
;MREVISIHVGQGGIQVGNACWELFCLEHGIQPDGQMPSDKTIGGGDDAFNTFFSETGAGKHVPRAVFLDLEPTVIDEVRT
GTYRQLFHPEQLISGKEDAANNFARGHYTIGKEIVDLCLDRIRKLADNCTGLQGFLVFNSVGGGTGSGLGSLLLERLSVD
YGKKSKLGFTIYPSPQVSTAVVEPYNSILSTHSLLEHTDVAVMLDNEAIYDICRRNLDIERPTYTNLNRLIAQVISSLTA
SLRFDGALNVDITEFQTNLVPYPRIHFMLSSYAPIISAEKAYHEQLSVAEITNSAFEPANMMAKCDPRHGKYMACSMMYR
GDVVPKDVNASIATIKTKRTIQFVDWCPTGFKVGINYQPPTVVPGGDLAKVMRAVCMISNSTAIAEVFSRLDHKFDLMYA
KRAFVHWYVGEGMEEGEFSEAREDLAALEKDYEEVGIETAEGEGEEEGY
;
w,u,s,q,o,m,k,g,e,c,a,i
2 'polypeptide(L)'
;MREIVHIQGGQCGNQIGAKFWEVISDEHGIDPTGTYHGDSDLQLERINVYYNEATGGRYVPRAILMDLEPGTMDSVRAGP
FGQLFRPDNFVFGQTGAGNNWAKGHYTEGAELIDSVLDVVRKEAEGCDCLQGFQITHSLGGGTGSGMGTLLISKVREEYP
DRIMETFSVVPSPKVSDTVVEPYNATLSVHQLVENADECMVIDNEALYDICFRTLKLTTPTYGDLNHLVSAAMSGVTCCL
RFPGQLNSDLRKLAVNLIPFPRLHFFMIGFAPLTSRGSQQYRALTVPELTQQMFDAKNMMCAADPRHGRYLTASALFRGR
MSTKEVDEQMLNVQNKNSSYFVEWIPNNIKSSICDIPPKGLKMAVTFVGNSTAIQEMFKRVAEQFTAMFRRKAFLHWYTG
EGMDEMEFTEAESNMNDLVSEYQQYQDATAEEEGEFEEEEGEN
;
x,v,t,r,p,n,l,h,f,b,d,j
#
loop_
_chem_comp.id
_chem_comp.type
_chem_comp.name
_chem_comp.formula
GDP RNA linking GUANOSINE-5'-DIPHOSPHATE 'C10 H15 N5 O11 P2'
GTP non-polymer GUANOSINE-5'-TRIPHOSPHATE 'C10 H16 N5 O14 P3'
MG non-polymer 'MAGNESIUM ION' 'Mg 2'
#
# COMPACT_ATOMS: atom_id res chain seq x y z
N MET A 1 -5.76 -17.78 -62.71
CA MET A 1 -4.34 -18.16 -62.90
C MET A 1 -4.21 -19.07 -64.13
N ARG A 2 -4.32 -18.45 -65.32
CA ARG A 2 -4.08 -19.09 -66.64
C ARG A 2 -5.15 -20.18 -66.91
N GLU A 3 -6.34 -20.07 -66.32
CA GLU A 3 -7.45 -21.06 -66.46
C GLU A 3 -7.99 -21.03 -67.90
N VAL A 4 -8.27 -22.21 -68.46
CA VAL A 4 -8.86 -22.40 -69.82
C VAL A 4 -10.01 -23.41 -69.72
N ILE A 5 -11.25 -22.97 -69.92
CA ILE A 5 -12.45 -23.84 -70.04
C ILE A 5 -12.44 -24.45 -71.46
N SER A 6 -12.55 -25.77 -71.57
CA SER A 6 -12.59 -26.54 -72.85
C SER A 6 -14.00 -27.08 -73.09
N ILE A 7 -14.71 -26.57 -74.10
CA ILE A 7 -16.10 -26.98 -74.44
C ILE A 7 -16.03 -27.94 -75.64
N HIS A 8 -16.31 -29.23 -75.40
CA HIS A 8 -16.27 -30.31 -76.44
C HIS A 8 -17.69 -30.66 -76.86
N VAL A 9 -18.10 -30.24 -78.05
CA VAL A 9 -19.49 -30.35 -78.60
C VAL A 9 -19.46 -31.29 -79.80
N GLY A 10 -20.34 -32.30 -79.81
CA GLY A 10 -20.45 -33.29 -80.89
C GLY A 10 -19.43 -34.41 -80.76
N GLN A 11 -19.69 -35.54 -81.44
CA GLN A 11 -18.84 -36.76 -81.42
C GLN A 11 -17.39 -36.35 -81.65
N GLY A 12 -17.10 -35.76 -82.81
CA GLY A 12 -15.76 -35.28 -83.18
C GLY A 12 -15.15 -34.47 -82.05
N GLY A 13 -15.92 -33.53 -81.49
CA GLY A 13 -15.52 -32.69 -80.34
C GLY A 13 -15.12 -33.52 -79.13
N ILE A 14 -15.98 -34.46 -78.72
CA ILE A 14 -15.76 -35.31 -77.51
C ILE A 14 -14.55 -36.23 -77.76
N GLN A 15 -14.53 -36.94 -78.89
CA GLN A 15 -13.48 -37.94 -79.19
C GLN A 15 -12.12 -37.26 -79.33
N VAL A 16 -12.06 -36.07 -79.94
CA VAL A 16 -10.85 -35.19 -79.93
C VAL A 16 -10.54 -34.86 -78.47
N GLY A 17 -11.57 -34.46 -77.70
CA GLY A 17 -11.47 -34.15 -76.26
C GLY A 17 -10.75 -35.24 -75.49
N ASN A 18 -11.25 -36.48 -75.57
CA ASN A 18 -10.68 -37.66 -74.86
C ASN A 18 -9.15 -37.65 -75.07
N ALA A 19 -8.70 -37.63 -76.32
CA ALA A 19 -7.27 -37.64 -76.73
C ALA A 19 -6.53 -36.46 -76.09
N CYS A 20 -7.13 -35.27 -76.06
CA CYS A 20 -6.55 -34.04 -75.46
C CYS A 20 -6.29 -34.28 -73.96
N TRP A 21 -7.26 -34.90 -73.25
CA TRP A 21 -7.22 -35.05 -71.77
C TRP A 21 -6.31 -36.21 -71.36
N GLU A 22 -6.14 -37.22 -72.21
CA GLU A 22 -5.08 -38.26 -72.04
C GLU A 22 -3.72 -37.57 -71.97
N LEU A 23 -3.45 -36.71 -72.97
CA LEU A 23 -2.18 -35.95 -73.11
C LEU A 23 -2.00 -35.03 -71.89
N PHE A 24 -3.01 -34.21 -71.57
CA PHE A 24 -2.97 -33.23 -70.45
C PHE A 24 -2.72 -33.97 -69.13
N CYS A 25 -3.39 -35.11 -68.92
CA CYS A 25 -3.24 -35.97 -67.72
C CYS A 25 -1.80 -36.47 -67.60
N LEU A 26 -1.22 -36.93 -68.72
CA LEU A 26 0.18 -37.42 -68.80
C LEU A 26 1.15 -36.27 -68.54
N GLU A 27 0.92 -35.10 -69.15
CA GLU A 27 1.79 -33.90 -69.07
C GLU A 27 1.95 -33.45 -67.61
N HIS A 28 0.82 -33.28 -66.91
CA HIS A 28 0.77 -32.77 -65.50
C HIS A 28 0.99 -33.90 -64.50
N GLY A 29 0.95 -35.17 -64.95
CA GLY A 29 1.21 -36.35 -64.11
C GLY A 29 -0.03 -36.81 -63.36
N ILE A 30 -1.23 -36.34 -63.74
CA ILE A 30 -2.54 -36.76 -63.16
C ILE A 30 -2.82 -38.19 -63.64
N GLN A 31 -3.18 -39.08 -62.71
CA GLN A 31 -3.55 -40.49 -62.96
C GLN A 31 -5.04 -40.54 -63.28
N PRO A 32 -5.58 -41.68 -63.79
CA PRO A 32 -7.01 -41.79 -64.12
C PRO A 32 -8.02 -41.56 -62.97
N ASP A 33 -7.60 -41.77 -61.72
CA ASP A 33 -8.43 -41.49 -60.51
C ASP A 33 -8.66 -39.98 -60.36
N GLY A 34 -7.70 -39.15 -60.79
CA GLY A 34 -7.71 -37.68 -60.65
C GLY A 34 -6.76 -37.19 -59.56
N GLN A 35 -5.99 -38.11 -58.96
CA GLN A 35 -5.00 -37.82 -57.88
C GLN A 35 -3.58 -37.96 -58.44
N MET A 36 -2.88 -36.83 -58.60
CA MET A 36 -1.42 -36.78 -58.88
C MET A 36 -0.71 -37.51 -57.74
N PRO A 37 0.27 -38.40 -58.02
CA PRO A 37 1.11 -38.95 -56.96
C PRO A 37 2.16 -37.91 -56.51
N SER A 38 2.13 -37.51 -55.23
CA SER A 38 3.04 -36.48 -54.64
C SER A 38 4.46 -37.07 -54.53
N ASP A 39 5.30 -36.83 -55.55
CA ASP A 39 6.68 -37.35 -55.67
C ASP A 39 7.66 -36.19 -55.94
N LYS A 40 8.97 -36.48 -55.83
CA LYS A 40 10.13 -35.54 -55.83
C LYS A 40 10.22 -34.78 -54.48
N THR A 41 9.37 -35.12 -53.50
CA THR A 41 9.30 -34.54 -52.11
C THR A 41 9.10 -33.01 -52.14
N ILE A 42 8.69 -32.43 -53.28
CA ILE A 42 8.40 -30.98 -53.50
C ILE A 42 7.28 -30.90 -54.55
N GLY A 43 6.37 -29.93 -54.43
CA GLY A 43 5.39 -29.59 -55.48
C GLY A 43 6.07 -28.90 -56.65
N GLY A 44 6.74 -29.67 -57.51
CA GLY A 44 7.59 -29.18 -58.63
C GLY A 44 6.78 -28.83 -59.86
N GLY A 45 5.81 -29.68 -60.21
CA GLY A 45 4.79 -29.41 -61.24
C GLY A 45 3.49 -28.86 -60.64
N ASP A 46 3.57 -28.25 -59.45
CA ASP A 46 2.43 -27.63 -58.71
C ASP A 46 2.01 -26.36 -59.46
N ASP A 47 0.69 -26.15 -59.62
CA ASP A 47 0.05 -24.97 -60.28
C ASP A 47 0.17 -25.03 -61.81
N ALA A 48 0.94 -25.98 -62.36
CA ALA A 48 1.04 -26.24 -63.82
C ALA A 48 -0.35 -26.61 -64.37
N PHE A 49 -1.06 -27.48 -63.64
CA PHE A 49 -2.37 -28.07 -64.04
C PHE A 49 -3.50 -27.04 -63.93
N ASN A 50 -3.36 -26.01 -63.10
CA ASN A 50 -4.46 -25.03 -62.78
C ASN A 50 -5.01 -24.40 -64.06
N THR A 51 -4.25 -24.38 -65.16
CA THR A 51 -4.74 -24.04 -66.53
C THR A 51 -5.97 -24.88 -66.86
N PHE A 52 -5.85 -26.20 -66.75
CA PHE A 52 -6.83 -27.18 -67.29
C PHE A 52 -7.57 -27.95 -66.19
N PHE A 53 -6.96 -28.17 -65.02
CA PHE A 53 -7.57 -28.96 -63.90
C PHE A 53 -7.79 -28.07 -62.68
N SER A 54 -8.94 -28.23 -62.02
CA SER A 54 -9.31 -27.55 -60.75
C SER A 54 -9.11 -28.52 -59.57
N GLU A 55 -8.18 -28.19 -58.67
CA GLU A 55 -7.97 -28.88 -57.38
C GLU A 55 -9.25 -28.78 -56.55
N THR A 56 -9.82 -29.91 -56.11
CA THR A 56 -11.07 -29.98 -55.31
C THR A 56 -10.78 -29.70 -53.82
N GLY A 57 -9.50 -29.75 -53.42
CA GLY A 57 -9.02 -29.45 -52.05
C GLY A 57 -8.78 -30.72 -51.23
N ALA A 58 -9.12 -31.89 -51.80
CA ALA A 58 -9.02 -33.23 -51.18
C ALA A 58 -7.94 -34.09 -51.86
N GLY A 59 -7.18 -33.51 -52.81
CA GLY A 59 -6.14 -34.19 -53.58
C GLY A 59 -6.64 -34.82 -54.88
N LYS A 60 -7.87 -34.47 -55.32
CA LYS A 60 -8.46 -34.90 -56.62
C LYS A 60 -8.55 -33.69 -57.56
N HIS A 61 -7.92 -33.77 -58.74
CA HIS A 61 -7.91 -32.72 -59.79
C HIS A 61 -8.95 -33.06 -60.86
N VAL A 62 -9.91 -32.15 -61.08
CA VAL A 62 -11.03 -32.32 -62.04
C VAL A 62 -10.72 -31.47 -63.27
N PRO A 63 -10.85 -32.02 -64.49
CA PRO A 63 -10.74 -31.22 -65.72
C PRO A 63 -11.78 -30.09 -65.78
N ARG A 64 -11.34 -28.88 -66.13
CA ARG A 64 -12.23 -27.72 -66.40
C ARG A 64 -12.74 -27.86 -67.84
N ALA A 65 -13.65 -28.80 -68.08
CA ALA A 65 -14.15 -29.14 -69.43
C ALA A 65 -15.59 -29.67 -69.38
N VAL A 66 -16.45 -29.11 -70.23
CA VAL A 66 -17.85 -29.56 -70.47
C VAL A 66 -17.89 -30.35 -71.77
N PHE A 67 -18.17 -31.65 -71.68
CA PHE A 67 -18.40 -32.57 -72.83
C PHE A 67 -19.90 -32.59 -73.15
N LEU A 68 -20.29 -32.04 -74.30
CA LEU A 68 -21.71 -31.87 -74.70
C LEU A 68 -21.99 -32.68 -75.96
N ASP A 69 -23.07 -33.47 -75.94
CA ASP A 69 -23.58 -34.22 -77.12
C ASP A 69 -25.09 -34.41 -76.97
N LEU A 70 -25.83 -34.22 -78.07
CA LEU A 70 -27.30 -34.48 -78.17
C LEU A 70 -27.53 -36.00 -78.24
N GLU A 71 -26.48 -36.77 -78.55
CA GLU A 71 -26.46 -38.26 -78.62
C GLU A 71 -25.82 -38.82 -77.36
N PRO A 72 -26.39 -39.88 -76.72
CA PRO A 72 -25.82 -40.45 -75.50
C PRO A 72 -24.62 -41.40 -75.64
N THR A 73 -24.32 -41.88 -76.85
CA THR A 73 -23.35 -42.99 -77.09
C THR A 73 -21.92 -42.53 -76.78
N VAL A 74 -21.48 -41.42 -77.38
CA VAL A 74 -20.07 -40.95 -77.31
C VAL A 74 -19.76 -40.59 -75.85
N ILE A 75 -20.66 -39.85 -75.19
CA ILE A 75 -20.48 -39.43 -73.76
C ILE A 75 -20.54 -40.67 -72.85
N ASP A 76 -21.31 -41.70 -73.23
CA ASP A 76 -21.41 -42.96 -72.46
C ASP A 76 -20.07 -43.71 -72.50
N GLU A 77 -19.37 -43.67 -73.65
CA GLU A 77 -18.04 -44.30 -73.83
C GLU A 77 -17.01 -43.66 -72.87
N VAL A 78 -17.16 -42.37 -72.57
CA VAL A 78 -16.29 -41.63 -71.61
C VAL A 78 -16.64 -42.10 -70.18
N ARG A 79 -17.93 -42.28 -69.88
CA ARG A 79 -18.44 -42.69 -68.54
C ARG A 79 -18.08 -44.15 -68.22
N THR A 80 -17.99 -45.01 -69.24
CA THR A 80 -17.56 -46.43 -69.13
C THR A 80 -16.14 -46.57 -69.70
N GLY A 81 -15.22 -45.72 -69.24
CA GLY A 81 -13.84 -45.62 -69.74
C GLY A 81 -12.83 -45.59 -68.61
N THR A 82 -11.55 -45.45 -68.95
CA THR A 82 -10.41 -45.36 -68.00
C THR A 82 -10.54 -44.08 -67.18
N TYR A 83 -11.01 -42.98 -67.78
CA TYR A 83 -11.09 -41.62 -67.19
C TYR A 83 -12.52 -41.33 -66.69
N ARG A 84 -13.26 -42.36 -66.30
CA ARG A 84 -14.65 -42.24 -65.75
C ARG A 84 -14.63 -41.41 -64.46
N GLN A 85 -13.65 -41.67 -63.58
CA GLN A 85 -13.51 -41.02 -62.24
C GLN A 85 -12.76 -39.68 -62.34
N LEU A 86 -12.27 -39.31 -63.53
CA LEU A 86 -11.57 -38.02 -63.75
C LEU A 86 -12.60 -36.90 -63.96
N PHE A 87 -13.56 -37.11 -64.88
CA PHE A 87 -14.53 -36.07 -65.34
C PHE A 87 -15.75 -36.01 -64.40
N HIS A 88 -16.11 -34.79 -63.97
CA HIS A 88 -17.32 -34.47 -63.16
C HIS A 88 -18.55 -35.01 -63.88
N PRO A 89 -19.43 -35.79 -63.21
CA PRO A 89 -20.61 -36.34 -63.88
C PRO A 89 -21.50 -35.30 -64.58
N GLU A 90 -21.68 -34.12 -63.96
CA GLU A 90 -22.53 -33.01 -64.48
C GLU A 90 -21.87 -32.39 -65.72
N GLN A 91 -20.54 -32.23 -65.71
CA GLN A 91 -19.75 -31.67 -66.85
C GLN A 91 -20.00 -32.51 -68.12
N LEU A 92 -20.14 -33.82 -67.98
CA LEU A 92 -20.45 -34.76 -69.09
C LEU A 92 -21.96 -34.72 -69.35
N ILE A 93 -22.43 -33.70 -70.09
CA ILE A 93 -23.88 -33.48 -70.39
C ILE A 93 -24.23 -34.35 -71.61
N SER A 94 -25.41 -34.99 -71.55
CA SER A 94 -25.95 -35.90 -72.58
C SER A 94 -27.31 -35.39 -73.08
N GLY A 95 -27.67 -35.76 -74.30
CA GLY A 95 -29.04 -35.66 -74.85
C GLY A 95 -29.59 -37.04 -75.11
N LYS A 96 -30.91 -37.15 -75.28
CA LYS A 96 -31.62 -38.43 -75.54
C LYS A 96 -31.58 -38.75 -77.04
N GLU A 97 -31.85 -37.76 -77.91
CA GLU A 97 -31.94 -37.93 -79.38
C GLU A 97 -30.97 -36.97 -80.08
N ASP A 98 -30.19 -37.49 -81.03
CA ASP A 98 -29.15 -36.73 -81.78
C ASP A 98 -29.80 -35.78 -82.79
N ALA A 99 -29.06 -34.74 -83.21
CA ALA A 99 -29.48 -33.74 -84.23
C ALA A 99 -29.55 -34.38 -85.62
N ALA A 100 -28.85 -35.51 -85.82
CA ALA A 100 -28.93 -36.37 -87.01
C ALA A 100 -28.43 -35.60 -88.25
N ASN A 101 -27.27 -34.95 -88.14
CA ASN A 101 -26.64 -34.15 -89.21
C ASN A 101 -27.61 -33.06 -89.71
N ASN A 102 -28.37 -32.44 -88.79
CA ASN A 102 -29.28 -31.31 -89.13
C ASN A 102 -29.04 -30.15 -88.17
N PHE A 103 -28.34 -29.12 -88.65
CA PHE A 103 -28.10 -27.82 -87.97
C PHE A 103 -29.37 -27.37 -87.25
N ALA A 104 -30.50 -27.38 -87.97
CA ALA A 104 -31.82 -26.89 -87.51
C ALA A 104 -32.23 -27.59 -86.21
N ARG A 105 -32.06 -28.92 -86.14
CA ARG A 105 -32.31 -29.70 -84.89
C ARG A 105 -31.40 -29.17 -83.79
N GLY A 106 -30.11 -29.02 -84.10
CA GLY A 106 -29.06 -28.59 -83.17
C GLY A 106 -29.19 -27.13 -82.74
N HIS A 107 -29.71 -26.25 -83.61
CA HIS A 107 -29.82 -24.79 -83.37
C HIS A 107 -31.15 -24.46 -82.68
N TYR A 108 -32.26 -25.09 -83.11
CA TYR A 108 -33.63 -24.79 -82.63
C TYR A 108 -34.18 -25.99 -81.83
N THR A 109 -34.65 -27.03 -82.52
CA THR A 109 -35.59 -28.07 -82.00
C THR A 109 -35.05 -28.66 -80.70
N ILE A 110 -33.89 -29.35 -80.76
CA ILE A 110 -33.32 -30.15 -79.64
C ILE A 110 -32.39 -29.26 -78.81
N GLY A 111 -31.49 -28.51 -79.47
CA GLY A 111 -30.40 -27.73 -78.84
C GLY A 111 -30.88 -26.75 -77.79
N LYS A 112 -32.04 -26.12 -78.00
CA LYS A 112 -32.62 -25.07 -77.11
C LYS A 112 -32.98 -25.66 -75.73
N GLU A 113 -33.17 -26.98 -75.64
CA GLU A 113 -33.50 -27.69 -74.37
C GLU A 113 -32.23 -27.85 -73.53
N ILE A 114 -31.10 -28.17 -74.17
CA ILE A 114 -29.83 -28.62 -73.51
C ILE A 114 -28.93 -27.41 -73.22
N VAL A 115 -28.86 -26.42 -74.12
CA VAL A 115 -27.96 -25.23 -74.02
C VAL A 115 -28.16 -24.56 -72.65
N ASP A 116 -29.41 -24.50 -72.15
CA ASP A 116 -29.78 -23.92 -70.83
C ASP A 116 -28.97 -24.59 -69.72
N LEU A 117 -28.85 -25.92 -69.76
CA LEU A 117 -28.13 -26.72 -68.72
C LEU A 117 -26.62 -26.55 -68.88
N CYS A 118 -26.11 -26.43 -70.12
CA CYS A 118 -24.66 -26.27 -70.41
C CYS A 118 -24.15 -24.93 -69.87
N LEU A 119 -24.84 -23.83 -70.18
CA LEU A 119 -24.46 -22.46 -69.75
C LEU A 119 -24.32 -22.40 -68.22
N ASP A 120 -25.26 -23.03 -67.50
CA ASP A 120 -25.22 -23.16 -66.01
C ASP A 120 -23.90 -23.84 -65.62
N ARG A 121 -23.52 -24.91 -66.32
CA ARG A 121 -22.26 -25.68 -66.08
C ARG A 121 -21.03 -24.83 -66.40
N ILE A 122 -21.09 -23.97 -67.43
CA ILE A 122 -19.97 -23.06 -67.82
C ILE A 122 -19.82 -21.98 -66.74
N ARG A 123 -20.94 -21.46 -66.22
CA ARG A 123 -20.99 -20.41 -65.17
C ARG A 123 -20.36 -20.95 -63.87
N LYS A 124 -20.71 -22.17 -63.47
CA LYS A 124 -20.16 -22.85 -62.25
C LYS A 124 -18.63 -23.01 -62.39
N LEU A 125 -18.16 -23.38 -63.59
CA LEU A 125 -16.71 -23.54 -63.90
C LEU A 125 -16.04 -22.17 -63.93
N ALA A 126 -16.68 -21.17 -64.55
CA ALA A 126 -16.16 -19.78 -64.68
C ALA A 126 -16.08 -19.10 -63.31
N ASP A 127 -16.95 -19.46 -62.36
CA ASP A 127 -16.95 -18.96 -60.96
C ASP A 127 -15.68 -19.45 -60.24
N ASN A 128 -15.32 -20.72 -60.42
CA ASN A 128 -14.10 -21.35 -59.84
C ASN A 128 -12.84 -20.66 -60.39
N CYS A 129 -12.85 -20.33 -61.69
CA CYS A 129 -11.73 -19.70 -62.44
C CYS A 129 -11.51 -18.26 -61.96
N THR A 130 -10.25 -17.90 -61.68
CA THR A 130 -9.80 -16.53 -61.28
C THR A 130 -8.84 -15.99 -62.35
N GLY A 131 -9.30 -15.05 -63.18
CA GLY A 131 -8.53 -14.54 -64.34
C GLY A 131 -8.46 -15.58 -65.45
N LEU A 132 -9.64 -16.04 -65.91
CA LEU A 132 -9.82 -16.97 -67.06
C LEU A 132 -9.18 -16.34 -68.30
N GLN A 133 -8.43 -17.13 -69.07
CA GLN A 133 -7.68 -16.67 -70.27
C GLN A 133 -8.57 -16.77 -71.51
N GLY A 134 -9.34 -17.86 -71.65
CA GLY A 134 -10.30 -18.02 -72.76
C GLY A 134 -11.04 -19.34 -72.76
N PHE A 135 -12.00 -19.48 -73.69
CA PHE A 135 -12.83 -20.69 -73.95
C PHE A 135 -12.32 -21.41 -75.19
N LEU A 136 -11.59 -22.51 -75.04
CA LEU A 136 -11.28 -23.45 -76.15
C LEU A 136 -12.55 -24.25 -76.45
N VAL A 137 -12.97 -24.31 -77.73
CA VAL A 137 -14.18 -25.04 -78.19
C VAL A 137 -13.78 -26.00 -79.32
N PHE A 138 -14.28 -27.24 -79.25
CA PHE A 138 -14.01 -28.35 -80.19
C PHE A 138 -15.33 -28.84 -80.77
N ASN A 139 -15.63 -28.47 -82.03
CA ASN A 139 -16.86 -28.91 -82.73
C ASN A 139 -16.47 -29.41 -84.13
N SER A 140 -17.33 -30.23 -84.73
CA SER A 140 -17.24 -30.73 -86.12
C SER A 140 -18.34 -30.04 -86.94
N VAL A 141 -17.96 -29.18 -87.90
CA VAL A 141 -18.94 -28.32 -88.63
C VAL A 141 -19.59 -29.15 -89.75
N GLY A 142 -19.10 -30.37 -90.02
CA GLY A 142 -19.78 -31.36 -90.88
C GLY A 142 -21.03 -31.95 -90.24
N GLY A 143 -20.99 -32.19 -88.92
CA GLY A 143 -22.05 -32.88 -88.16
C GLY A 143 -23.11 -31.92 -87.63
N GLY A 144 -24.20 -32.47 -87.11
CA GLY A 144 -25.35 -31.70 -86.59
C GLY A 144 -25.03 -30.96 -85.30
N THR A 145 -24.78 -31.70 -84.22
CA THR A 145 -24.57 -31.18 -82.84
C THR A 145 -23.52 -30.07 -82.86
N GLY A 146 -22.32 -30.38 -83.36
CA GLY A 146 -21.16 -29.46 -83.43
C GLY A 146 -21.47 -28.21 -84.23
N SER A 147 -22.20 -28.35 -85.34
CA SER A 147 -22.66 -27.23 -86.19
C SER A 147 -23.75 -26.43 -85.45
N GLY A 148 -24.87 -27.10 -85.14
CA GLY A 148 -26.09 -26.49 -84.61
C GLY A 148 -25.93 -25.98 -83.19
N LEU A 149 -25.82 -26.90 -82.21
CA LEU A 149 -25.72 -26.55 -80.76
C LEU A 149 -24.43 -25.78 -80.50
N GLY A 150 -23.31 -26.23 -81.11
CA GLY A 150 -21.98 -25.61 -80.99
C GLY A 150 -21.99 -24.15 -81.40
N SER A 151 -22.75 -23.81 -82.45
CA SER A 151 -22.99 -22.40 -82.88
C SER A 151 -23.85 -21.69 -81.83
N LEU A 152 -24.95 -22.32 -81.39
CA LEU A 152 -25.89 -21.74 -80.39
C LEU A 152 -25.15 -21.44 -79.09
N LEU A 153 -24.23 -22.32 -78.66
CA LEU A 153 -23.37 -22.11 -77.46
C LEU A 153 -22.59 -20.80 -77.61
N LEU A 154 -21.83 -20.67 -78.70
CA LEU A 154 -20.89 -19.54 -78.96
C LEU A 154 -21.64 -18.20 -78.92
N GLU A 155 -22.81 -18.14 -79.55
CA GLU A 155 -23.72 -16.97 -79.52
C GLU A 155 -24.02 -16.59 -78.06
N ARG A 156 -24.48 -17.57 -77.29
CA ARG A 156 -24.92 -17.40 -75.88
C ARG A 156 -23.72 -17.06 -74.98
N LEU A 157 -22.54 -17.63 -75.25
CA LEU A 157 -21.28 -17.37 -74.49
C LEU A 157 -20.81 -15.93 -74.75
N SER A 158 -20.98 -15.41 -75.96
CA SER A 158 -20.51 -14.07 -76.40
C SER A 158 -21.25 -12.96 -75.64
N VAL A 159 -22.54 -13.13 -75.39
CA VAL A 159 -23.38 -12.15 -74.62
C VAL A 159 -23.04 -12.29 -73.12
N ASP A 160 -22.93 -13.52 -72.62
CA ASP A 160 -22.79 -13.83 -71.17
C ASP A 160 -21.40 -13.43 -70.67
N TYR A 161 -20.32 -13.84 -71.37
CA TYR A 161 -18.92 -13.73 -70.90
C TYR A 161 -18.17 -12.59 -71.60
N GLY A 162 -18.64 -12.13 -72.77
CA GLY A 162 -18.18 -10.87 -73.39
C GLY A 162 -16.75 -10.94 -73.91
N LYS A 163 -15.80 -10.38 -73.14
CA LYS A 163 -14.39 -10.15 -73.59
C LYS A 163 -13.64 -11.48 -73.66
N LYS A 164 -13.83 -12.38 -72.68
CA LYS A 164 -13.10 -13.68 -72.55
C LYS A 164 -12.98 -14.31 -73.94
N SER A 165 -11.76 -14.61 -74.39
CA SER A 165 -11.44 -15.09 -75.76
C SER A 165 -12.09 -16.45 -76.02
N LYS A 166 -12.59 -16.67 -77.23
CA LYS A 166 -13.23 -17.94 -77.68
C LYS A 166 -12.47 -18.48 -78.90
N LEU A 167 -11.46 -19.32 -78.66
CA LEU A 167 -10.63 -19.97 -79.71
C LEU A 167 -11.31 -21.29 -80.11
N GLY A 168 -11.82 -21.37 -81.35
CA GLY A 168 -12.59 -22.51 -81.86
C GLY A 168 -11.78 -23.41 -82.78
N PHE A 169 -11.48 -24.65 -82.35
CA PHE A 169 -10.85 -25.71 -83.17
C PHE A 169 -11.94 -26.53 -83.86
N THR A 170 -12.10 -26.30 -85.16
CA THR A 170 -13.24 -26.78 -85.97
C THR A 170 -12.74 -27.81 -86.98
N ILE A 171 -13.52 -28.88 -87.21
CA ILE A 171 -13.18 -30.00 -88.12
C ILE A 171 -14.02 -29.84 -89.40
N TYR A 172 -13.66 -28.84 -90.22
CA TYR A 172 -14.31 -28.52 -91.51
C TYR A 172 -14.17 -29.73 -92.44
N PRO A 173 -15.24 -30.13 -93.16
CA PRO A 173 -15.18 -31.32 -94.00
C PRO A 173 -14.24 -31.11 -95.20
N SER A 174 -13.26 -31.99 -95.35
CA SER A 174 -12.35 -32.05 -96.52
C SER A 174 -13.16 -32.24 -97.79
N PRO A 175 -12.81 -31.60 -98.91
CA PRO A 175 -13.61 -31.67 -100.14
C PRO A 175 -13.63 -33.07 -100.78
N GLN A 176 -12.46 -33.71 -100.93
CA GLN A 176 -12.33 -35.01 -101.62
C GLN A 176 -13.04 -36.09 -100.78
N VAL A 177 -12.68 -36.21 -99.50
CA VAL A 177 -13.23 -37.19 -98.52
C VAL A 177 -14.30 -36.49 -97.66
N SER A 178 -15.57 -36.87 -97.83
CA SER A 178 -16.73 -36.41 -97.01
C SER A 178 -17.44 -37.62 -96.43
N THR A 179 -17.74 -37.57 -95.13
CA THR A 179 -18.36 -38.68 -94.34
C THR A 179 -19.89 -38.68 -94.55
N ALA A 180 -20.49 -37.49 -94.73
CA ALA A 180 -21.94 -37.28 -94.88
C ALA A 180 -22.24 -36.41 -96.12
N VAL A 181 -23.43 -36.58 -96.69
CA VAL A 181 -23.88 -35.96 -97.98
C VAL A 181 -24.34 -34.53 -97.71
N VAL A 182 -24.98 -34.30 -96.55
CA VAL A 182 -25.64 -33.03 -96.15
C VAL A 182 -24.64 -32.11 -95.42
N GLU A 183 -23.34 -32.44 -95.43
CA GLU A 183 -22.25 -31.68 -94.75
C GLU A 183 -22.22 -30.23 -95.23
N PRO A 184 -22.19 -29.95 -96.56
CA PRO A 184 -22.07 -28.57 -97.05
C PRO A 184 -23.11 -27.62 -96.43
N TYR A 185 -24.37 -28.05 -96.38
CA TYR A 185 -25.53 -27.34 -95.78
C TYR A 185 -25.20 -26.95 -94.33
N ASN A 186 -24.83 -27.93 -93.48
CA ASN A 186 -24.44 -27.72 -92.06
C ASN A 186 -23.32 -26.68 -91.98
N SER A 187 -22.20 -26.97 -92.65
CA SER A 187 -20.93 -26.20 -92.64
C SER A 187 -21.21 -24.70 -92.81
N ILE A 188 -21.98 -24.37 -93.86
CA ILE A 188 -22.25 -22.96 -94.27
C ILE A 188 -23.11 -22.27 -93.21
N LEU A 189 -24.18 -22.93 -92.75
CA LEU A 189 -25.08 -22.41 -91.69
C LEU A 189 -24.28 -22.21 -90.39
N SER A 190 -23.30 -23.09 -90.13
CA SER A 190 -22.39 -23.03 -88.94
C SER A 190 -21.40 -21.86 -89.10
N THR A 191 -20.77 -21.73 -90.27
CA THR A 191 -19.71 -20.74 -90.56
C THR A 191 -20.24 -19.32 -90.35
N HIS A 192 -21.46 -19.02 -90.83
CA HIS A 192 -22.11 -17.68 -90.67
C HIS A 192 -22.21 -17.30 -89.19
N SER A 193 -22.66 -18.23 -88.35
CA SER A 193 -22.75 -18.06 -86.87
C SER A 193 -21.33 -17.95 -86.29
N LEU A 194 -20.42 -18.81 -86.73
CA LEU A 194 -19.01 -18.87 -86.26
C LEU A 194 -18.25 -17.59 -86.69
N LEU A 195 -18.57 -17.04 -87.87
CA LEU A 195 -17.92 -15.85 -88.48
C LEU A 195 -17.97 -14.64 -87.53
N GLU A 196 -19.00 -14.55 -86.68
CA GLU A 196 -19.28 -13.39 -85.80
C GLU A 196 -18.79 -13.67 -84.38
N HIS A 197 -19.06 -14.86 -83.85
CA HIS A 197 -19.09 -15.15 -82.38
C HIS A 197 -17.75 -15.70 -81.87
N THR A 198 -16.89 -16.25 -82.74
CA THR A 198 -15.52 -16.72 -82.38
C THR A 198 -14.50 -15.61 -82.62
N ASP A 199 -13.43 -15.60 -81.81
CA ASP A 199 -12.34 -14.60 -81.85
C ASP A 199 -11.26 -15.06 -82.84
N VAL A 200 -10.83 -16.32 -82.71
CA VAL A 200 -9.89 -17.03 -83.62
C VAL A 200 -10.44 -18.44 -83.86
N ALA A 201 -10.67 -18.82 -85.12
CA ALA A 201 -11.13 -20.17 -85.53
C ALA A 201 -9.99 -20.91 -86.24
N VAL A 202 -9.49 -21.99 -85.64
CA VAL A 202 -8.40 -22.83 -86.21
C VAL A 202 -9.05 -23.97 -87.00
N MET A 203 -8.85 -23.99 -88.32
CA MET A 203 -9.49 -24.95 -89.26
C MET A 203 -8.62 -26.21 -89.35
N LEU A 204 -9.24 -27.39 -89.24
CA LEU A 204 -8.58 -28.73 -89.37
C LEU A 204 -9.47 -29.64 -90.22
N ASP A 205 -8.99 -30.03 -91.40
CA ASP A 205 -9.69 -30.96 -92.34
C ASP A 205 -9.10 -32.36 -92.15
N ASN A 206 -9.97 -33.35 -91.91
CA ASN A 206 -9.56 -34.74 -91.54
C ASN A 206 -8.64 -35.32 -92.61
N GLU A 207 -9.03 -35.25 -93.89
CA GLU A 207 -8.27 -35.82 -95.05
C GLU A 207 -6.82 -35.34 -94.99
N ALA A 208 -6.61 -34.03 -94.82
CA ALA A 208 -5.26 -33.40 -94.76
C ALA A 208 -4.42 -34.11 -93.69
N ILE A 209 -4.98 -34.26 -92.49
CA ILE A 209 -4.26 -34.87 -91.33
C ILE A 209 -4.10 -36.37 -91.61
N TYR A 210 -5.07 -37.01 -92.26
CA TYR A 210 -4.97 -38.44 -92.69
C TYR A 210 -3.71 -38.62 -93.55
N ASP A 211 -3.53 -37.72 -94.52
CA ASP A 211 -2.38 -37.73 -95.47
C ASP A 211 -1.08 -37.59 -94.66
N ILE A 212 -1.05 -36.70 -93.65
CA ILE A 212 0.14 -36.45 -92.79
C ILE A 212 0.51 -37.76 -92.09
N CYS A 213 -0.48 -38.51 -91.59
CA CYS A 213 -0.28 -39.83 -90.93
C CYS A 213 0.36 -40.83 -91.89
N ARG A 214 -0.08 -40.84 -93.16
CA ARG A 214 0.43 -41.78 -94.20
C ARG A 214 1.85 -41.37 -94.64
N ARG A 215 2.19 -40.08 -94.54
CA ARG A 215 3.44 -39.48 -95.10
C ARG A 215 4.54 -39.43 -94.03
N ASN A 216 4.21 -39.00 -92.80
CA ASN A 216 5.16 -38.72 -91.70
C ASN A 216 5.26 -39.92 -90.75
N LEU A 217 4.12 -40.44 -90.28
CA LEU A 217 4.05 -41.57 -89.31
C LEU A 217 4.18 -42.92 -90.06
N ASP A 218 4.01 -42.91 -91.39
CA ASP A 218 4.16 -44.09 -92.28
C ASP A 218 3.21 -45.21 -91.84
N ILE A 219 1.95 -44.85 -91.54
CA ILE A 219 0.84 -45.82 -91.28
C ILE A 219 -0.01 -45.90 -92.55
N GLU A 220 -0.15 -47.12 -93.10
CA GLU A 220 -0.94 -47.41 -94.32
C GLU A 220 -2.43 -47.19 -94.03
N ARG A 221 -2.85 -47.44 -92.79
CA ARG A 221 -4.27 -47.44 -92.34
C ARG A 221 -4.41 -46.59 -91.06
N PRO A 222 -4.44 -45.24 -91.17
CA PRO A 222 -4.72 -44.38 -90.01
C PRO A 222 -6.20 -44.44 -89.58
N THR A 223 -6.45 -44.32 -88.28
CA THR A 223 -7.82 -44.21 -87.68
C THR A 223 -8.07 -42.76 -87.23
N TYR A 224 -9.27 -42.49 -86.72
CA TYR A 224 -9.63 -41.21 -86.06
C TYR A 224 -8.81 -41.02 -84.78
N THR A 225 -8.64 -42.08 -83.99
CA THR A 225 -7.93 -42.07 -82.68
C THR A 225 -6.47 -41.65 -82.89
N ASN A 226 -5.84 -42.08 -83.99
CA ASN A 226 -4.47 -41.66 -84.40
C ASN A 226 -4.48 -40.17 -84.78
N LEU A 227 -5.53 -39.74 -85.49
CA LEU A 227 -5.74 -38.33 -85.92
C LEU A 227 -5.90 -37.44 -84.68
N ASN A 228 -6.84 -37.80 -83.81
CA ASN A 228 -7.19 -37.05 -82.56
C ASN A 228 -5.92 -36.78 -81.73
N ARG A 229 -5.00 -37.74 -81.69
CA ARG A 229 -3.72 -37.63 -80.93
C ARG A 229 -2.86 -36.48 -81.49
N LEU A 230 -2.80 -36.34 -82.82
CA LEU A 230 -2.04 -35.22 -83.47
C LEU A 230 -2.73 -33.88 -83.16
N ILE A 231 -4.06 -33.87 -83.11
CA ILE A 231 -4.88 -32.65 -82.81
C ILE A 231 -4.52 -32.21 -81.38
N ALA A 232 -4.46 -33.16 -80.44
CA ALA A 232 -4.14 -32.94 -79.01
C ALA A 232 -2.78 -32.27 -78.85
N GLN A 233 -1.77 -32.74 -79.60
CA GLN A 233 -0.36 -32.26 -79.55
C GLN A 233 -0.31 -30.77 -79.93
N VAL A 234 -1.09 -30.37 -80.94
CA VAL A 234 -1.27 -28.96 -81.39
C VAL A 234 -1.82 -28.13 -80.22
N ILE A 235 -2.97 -28.53 -79.69
CA ILE A 235 -3.69 -27.81 -78.59
C ILE A 235 -2.75 -27.69 -77.39
N SER A 236 -2.08 -28.79 -77.02
CA SER A 236 -1.05 -28.83 -75.94
C SER A 236 0.00 -27.75 -76.18
N SER A 237 0.55 -27.68 -77.40
CA SER A 237 1.64 -26.76 -77.81
C SER A 237 1.18 -25.30 -77.78
N LEU A 238 -0.10 -25.05 -78.05
CA LEU A 238 -0.69 -23.68 -78.12
C LEU A 238 -0.86 -23.12 -76.70
N THR A 239 -1.39 -23.93 -75.77
CA THR A 239 -1.67 -23.57 -74.35
C THR A 239 -0.45 -23.83 -73.47
N ALA A 240 0.63 -24.40 -74.02
CA ALA A 240 1.87 -24.81 -73.30
C ALA A 240 2.41 -23.65 -72.47
N SER A 241 2.60 -22.48 -73.08
CA SER A 241 3.21 -21.25 -72.49
C SER A 241 2.62 -20.97 -71.10
N LEU A 242 1.31 -21.18 -70.93
CA LEU A 242 0.59 -21.01 -69.65
C LEU A 242 1.09 -22.07 -68.65
N ARG A 243 1.07 -23.34 -69.06
CA ARG A 243 1.20 -24.51 -68.16
C ARG A 243 2.66 -24.71 -67.73
N PHE A 244 3.61 -24.48 -68.64
CA PHE A 244 5.07 -24.71 -68.42
C PHE A 244 5.84 -23.40 -68.64
N ASP A 245 6.96 -23.26 -67.94
CA ASP A 245 7.84 -22.05 -67.99
C ASP A 245 8.53 -21.98 -69.36
N GLY A 246 8.69 -20.77 -69.90
CA GLY A 246 9.29 -20.50 -71.23
C GLY A 246 10.08 -19.21 -71.27
N ALA A 247 11.03 -19.11 -72.20
CA ALA A 247 11.89 -17.92 -72.44
C ALA A 247 11.04 -16.78 -72.99
N LEU A 248 10.39 -17.01 -74.13
CA LEU A 248 9.41 -16.07 -74.76
C LEU A 248 8.01 -16.67 -74.59
N ASN A 249 7.29 -16.23 -73.57
CA ASN A 249 5.93 -16.72 -73.21
C ASN A 249 4.89 -16.04 -74.11
N VAL A 250 3.90 -16.82 -74.55
CA VAL A 250 2.67 -16.37 -75.26
C VAL A 250 1.49 -16.61 -74.32
N ASP A 251 0.28 -16.23 -74.73
CA ASP A 251 -1.01 -16.53 -74.04
C ASP A 251 -2.13 -16.55 -75.10
N ILE A 252 -3.25 -17.20 -74.79
CA ILE A 252 -4.43 -17.34 -75.69
C ILE A 252 -4.95 -15.95 -76.09
N THR A 253 -4.79 -14.93 -75.24
CA THR A 253 -5.20 -13.53 -75.48
C THR A 253 -4.25 -12.86 -76.50
N GLU A 254 -3.01 -13.35 -76.65
CA GLU A 254 -2.00 -12.79 -77.59
C GLU A 254 -2.38 -13.10 -79.04
N PHE A 255 -2.59 -14.38 -79.37
CA PHE A 255 -2.87 -14.87 -80.75
C PHE A 255 -3.94 -14.00 -81.38
N GLN A 256 -5.06 -13.85 -80.67
CA GLN A 256 -6.13 -12.86 -80.95
C GLN A 256 -5.43 -11.62 -81.55
N THR A 257 -4.63 -10.90 -80.76
CA THR A 257 -3.95 -9.63 -81.17
C THR A 257 -2.97 -9.85 -82.34
N ASN A 258 -2.31 -11.01 -82.42
CA ASN A 258 -1.14 -11.23 -83.32
C ASN A 258 -1.49 -12.13 -84.51
N LEU A 259 -2.77 -12.38 -84.81
CA LEU A 259 -3.16 -13.26 -85.96
C LEU A 259 -4.32 -12.68 -86.78
N VAL A 260 -5.36 -12.14 -86.16
CA VAL A 260 -6.54 -11.60 -86.90
C VAL A 260 -6.29 -10.10 -87.11
N PRO A 261 -5.97 -9.66 -88.35
CA PRO A 261 -5.82 -8.25 -88.68
C PRO A 261 -7.10 -7.43 -88.90
N TYR A 262 -8.21 -8.10 -89.21
CA TYR A 262 -9.57 -7.52 -89.38
C TYR A 262 -10.58 -8.48 -88.76
N PRO A 263 -11.70 -8.00 -88.15
CA PRO A 263 -12.55 -8.85 -87.31
C PRO A 263 -13.06 -10.17 -87.95
N ARG A 264 -13.37 -10.16 -89.25
CA ARG A 264 -14.04 -11.27 -89.99
C ARG A 264 -13.03 -12.27 -90.56
N ILE A 265 -11.72 -12.01 -90.44
CA ILE A 265 -10.63 -12.77 -91.12
C ILE A 265 -10.02 -13.78 -90.11
N HIS A 266 -10.72 -14.02 -89.00
CA HIS A 266 -10.30 -14.81 -87.81
C HIS A 266 -10.08 -16.30 -88.12
N PHE A 267 -10.34 -16.77 -89.35
CA PHE A 267 -10.04 -18.17 -89.79
C PHE A 267 -8.52 -18.32 -89.91
N MET A 268 -8.00 -19.48 -89.47
CA MET A 268 -6.55 -19.81 -89.43
C MET A 268 -6.33 -21.25 -89.91
N LEU A 269 -5.08 -21.59 -90.22
CA LEU A 269 -4.57 -22.98 -90.39
C LEU A 269 -3.65 -23.31 -89.22
N SER A 270 -3.09 -24.53 -89.20
CA SER A 270 -2.13 -25.01 -88.16
C SER A 270 -1.21 -26.08 -88.73
N SER A 271 0.02 -26.16 -88.20
CA SER A 271 1.07 -27.12 -88.64
C SER A 271 2.07 -27.40 -87.50
N TYR A 272 1.88 -28.52 -86.80
CA TYR A 272 2.88 -29.13 -85.88
C TYR A 272 3.88 -29.89 -86.76
N ALA A 273 5.17 -29.54 -86.68
CA ALA A 273 6.22 -29.86 -87.69
C ALA A 273 6.92 -31.20 -87.41
N PRO A 274 7.53 -31.47 -86.23
CA PRO A 274 8.29 -32.71 -86.04
C PRO A 274 7.40 -33.94 -85.79
N ILE A 275 6.40 -34.15 -86.65
CA ILE A 275 5.59 -35.40 -86.72
C ILE A 275 6.48 -36.45 -87.39
N ILE A 276 7.07 -37.34 -86.60
CA ILE A 276 8.10 -38.31 -87.07
C ILE A 276 7.82 -39.67 -86.41
N SER A 277 7.71 -40.72 -87.23
CA SER A 277 7.74 -42.14 -86.78
C SER A 277 9.14 -42.43 -86.21
N ALA A 278 9.21 -43.02 -85.01
CA ALA A 278 10.46 -43.40 -84.31
C ALA A 278 11.41 -44.13 -85.26
N GLU A 279 10.86 -44.81 -86.26
CA GLU A 279 11.61 -45.52 -87.35
C GLU A 279 12.57 -44.55 -88.06
N LYS A 280 12.09 -43.38 -88.52
CA LYS A 280 12.90 -42.39 -89.29
C LYS A 280 13.44 -41.29 -88.36
N ALA A 281 13.20 -41.35 -87.04
CA ALA A 281 13.75 -40.42 -86.02
C ALA A 281 15.25 -40.67 -85.81
N TYR A 282 15.71 -41.88 -86.18
CA TYR A 282 17.13 -42.28 -86.24
C TYR A 282 17.88 -41.43 -87.27
N HIS A 283 17.41 -41.40 -88.52
CA HIS A 283 18.10 -40.83 -89.72
C HIS A 283 18.16 -39.29 -89.69
N GLU A 284 17.34 -38.61 -88.86
CA GLU A 284 17.11 -37.13 -88.89
C GLU A 284 17.99 -36.42 -87.84
N GLN A 285 18.32 -35.15 -88.10
CA GLN A 285 19.05 -34.22 -87.18
C GLN A 285 18.02 -33.56 -86.25
N LEU A 286 16.95 -33.01 -86.84
CA LEU A 286 15.83 -32.30 -86.14
C LEU A 286 16.37 -31.07 -85.41
N SER A 287 17.07 -30.21 -86.16
CA SER A 287 17.48 -28.85 -85.73
C SER A 287 16.28 -27.91 -85.88
N VAL A 288 16.33 -26.76 -85.22
CA VAL A 288 15.23 -25.75 -85.17
C VAL A 288 14.94 -25.30 -86.61
N ALA A 289 15.99 -25.00 -87.39
CA ALA A 289 15.92 -24.47 -88.78
C ALA A 289 15.28 -25.48 -89.75
N GLU A 290 15.26 -26.78 -89.41
CA GLU A 290 14.57 -27.83 -90.22
C GLU A 290 13.09 -27.91 -89.79
N ILE A 291 12.83 -27.91 -88.49
CA ILE A 291 11.46 -27.91 -87.89
C ILE A 291 10.65 -26.73 -88.45
N THR A 292 11.24 -25.53 -88.51
CA THR A 292 10.58 -24.30 -89.05
C THR A 292 10.23 -24.53 -90.52
N ASN A 293 11.21 -24.94 -91.34
CA ASN A 293 11.04 -25.23 -92.79
C ASN A 293 10.05 -26.38 -92.99
N SER A 294 9.97 -27.30 -92.02
CA SER A 294 9.00 -28.43 -91.99
C SER A 294 7.59 -27.96 -91.60
N ALA A 295 7.45 -26.77 -90.98
CA ALA A 295 6.16 -26.16 -90.60
C ALA A 295 5.52 -25.44 -91.79
N PHE A 296 6.32 -24.87 -92.69
CA PHE A 296 5.89 -24.10 -93.89
C PHE A 296 5.86 -24.98 -95.14
N GLU A 297 6.06 -26.29 -94.99
CA GLU A 297 5.78 -27.28 -96.04
C GLU A 297 4.28 -27.23 -96.36
N PRO A 298 3.88 -27.13 -97.66
CA PRO A 298 2.47 -27.07 -98.02
C PRO A 298 1.67 -28.31 -97.59
N ALA A 299 2.35 -29.46 -97.46
CA ALA A 299 1.76 -30.79 -97.13
C ALA A 299 1.46 -30.91 -95.63
N ASN A 300 2.33 -30.38 -94.76
CA ASN A 300 2.24 -30.56 -93.27
C ASN A 300 1.07 -29.75 -92.68
N MET A 301 0.45 -28.85 -93.45
CA MET A 301 -0.76 -28.09 -93.03
C MET A 301 -1.90 -29.07 -92.74
N MET A 302 -2.54 -28.93 -91.58
CA MET A 302 -3.53 -29.90 -91.02
C MET A 302 -4.92 -29.64 -91.63
N ALA A 303 -5.19 -28.43 -92.12
CA ALA A 303 -6.28 -28.14 -93.09
C ALA A 303 -5.71 -28.24 -94.50
N LYS A 304 -6.48 -28.75 -95.46
CA LYS A 304 -6.00 -29.06 -96.84
C LYS A 304 -6.16 -27.82 -97.73
N CYS A 305 -5.60 -26.69 -97.30
CA CYS A 305 -5.39 -25.46 -98.10
C CYS A 305 -3.89 -25.38 -98.41
N ASP A 306 -3.53 -25.24 -99.68
CA ASP A 306 -2.12 -25.10 -100.14
C ASP A 306 -1.76 -23.62 -100.07
N PRO A 307 -0.95 -23.19 -99.06
CA PRO A 307 -0.73 -21.76 -98.81
C PRO A 307 0.12 -21.02 -99.85
N ARG A 308 0.64 -21.73 -100.86
CA ARG A 308 1.42 -21.15 -101.99
C ARG A 308 0.52 -20.31 -102.92
N HIS A 309 -0.78 -20.62 -102.99
CA HIS A 309 -1.80 -19.80 -103.70
C HIS A 309 -1.98 -18.47 -102.95
N GLY A 310 -2.08 -18.54 -101.61
CA GLY A 310 -2.35 -17.39 -100.73
C GLY A 310 -1.09 -16.64 -100.32
N LYS A 311 -1.27 -15.63 -99.48
CA LYS A 311 -0.22 -14.78 -98.85
C LYS A 311 -0.42 -14.86 -97.33
N TYR A 312 0.64 -15.12 -96.57
CA TYR A 312 0.60 -15.22 -95.08
C TYR A 312 0.39 -13.83 -94.48
N MET A 313 -0.81 -13.60 -93.94
CA MET A 313 -1.24 -12.30 -93.36
C MET A 313 -0.61 -12.16 -91.97
N ALA A 314 -0.51 -13.27 -91.23
CA ALA A 314 0.20 -13.40 -89.94
C ALA A 314 0.60 -14.86 -89.72
N CYS A 315 1.54 -15.10 -88.81
CA CYS A 315 2.04 -16.45 -88.43
C CYS A 315 2.45 -16.43 -86.95
N SER A 316 2.11 -17.50 -86.21
CA SER A 316 2.37 -17.64 -84.76
C SER A 316 3.11 -18.96 -84.48
N MET A 317 4.44 -18.95 -84.61
CA MET A 317 5.33 -20.12 -84.37
C MET A 317 5.46 -20.34 -82.86
N MET A 318 5.12 -21.54 -82.35
CA MET A 318 5.10 -21.86 -80.89
C MET A 318 6.04 -23.03 -80.59
N TYR A 319 7.32 -22.76 -80.37
CA TYR A 319 8.40 -23.78 -80.21
C TYR A 319 8.32 -24.38 -78.80
N ARG A 320 8.88 -25.59 -78.63
CA ARG A 320 8.90 -26.37 -77.37
C ARG A 320 10.14 -27.26 -77.32
N GLY A 321 10.99 -27.10 -76.29
CA GLY A 321 12.11 -28.01 -75.97
C GLY A 321 13.47 -27.32 -75.97
N ASP A 322 14.49 -27.96 -76.55
CA ASP A 322 15.90 -27.48 -76.58
C ASP A 322 16.03 -26.38 -77.64
N VAL A 323 15.23 -25.30 -77.50
CA VAL A 323 15.08 -24.24 -78.53
C VAL A 323 15.84 -23.00 -78.03
N VAL A 324 16.75 -22.50 -78.85
CA VAL A 324 17.57 -21.26 -78.63
C VAL A 324 16.95 -20.14 -79.46
N PRO A 325 16.66 -18.96 -78.89
CA PRO A 325 16.05 -17.86 -79.66
C PRO A 325 16.93 -17.30 -80.79
N LYS A 326 18.26 -17.48 -80.71
CA LYS A 326 19.24 -17.18 -81.79
C LYS A 326 19.02 -18.10 -83.00
N ASP A 327 18.71 -19.38 -82.74
CA ASP A 327 18.53 -20.41 -83.78
C ASP A 327 17.19 -20.16 -84.51
N VAL A 328 16.11 -19.94 -83.74
CA VAL A 328 14.77 -19.53 -84.25
C VAL A 328 14.95 -18.31 -85.17
N ASN A 329 15.79 -17.35 -84.74
CA ASN A 329 16.09 -16.07 -85.43
C ASN A 329 16.41 -16.34 -86.91
N ALA A 330 17.47 -17.11 -87.16
CA ALA A 330 18.01 -17.44 -88.50
C ALA A 330 16.95 -18.19 -89.32
N SER A 331 16.13 -19.01 -88.66
CA SER A 331 15.10 -19.89 -89.27
C SER A 331 13.97 -19.04 -89.88
N ILE A 332 13.39 -18.13 -89.10
CA ILE A 332 12.34 -17.16 -89.58
C ILE A 332 12.97 -16.31 -90.71
N ALA A 333 14.17 -15.77 -90.50
CA ALA A 333 14.88 -14.87 -91.44
C ALA A 333 15.03 -15.53 -92.81
N THR A 334 15.39 -16.81 -92.86
CA THR A 334 15.53 -17.61 -94.11
C THR A 334 14.15 -17.81 -94.76
N ILE A 335 13.12 -18.09 -93.96
CA ILE A 335 11.70 -18.20 -94.41
C ILE A 335 11.27 -16.86 -95.04
N LYS A 336 11.56 -15.74 -94.39
CA LYS A 336 11.22 -14.37 -94.87
C LYS A 336 11.93 -14.11 -96.22
N THR A 337 13.09 -14.76 -96.45
CA THR A 337 13.93 -14.65 -97.68
C THR A 337 13.41 -15.58 -98.79
N LYS A 338 12.81 -16.73 -98.46
CA LYS A 338 12.27 -17.72 -99.44
C LYS A 338 11.25 -17.05 -100.38
N ARG A 339 11.08 -17.62 -101.58
CA ARG A 339 10.13 -17.12 -102.62
C ARG A 339 8.77 -17.83 -102.48
N THR A 340 8.78 -19.14 -102.23
CA THR A 340 7.57 -20.00 -102.08
C THR A 340 6.66 -19.43 -100.98
N ILE A 341 7.24 -19.07 -99.83
CA ILE A 341 6.53 -18.34 -98.72
C ILE A 341 6.45 -16.85 -99.12
N GLN A 342 5.22 -16.37 -99.31
CA GLN A 342 4.90 -14.99 -99.74
C GLN A 342 4.06 -14.32 -98.65
N PHE A 343 4.37 -13.06 -98.31
CA PHE A 343 3.66 -12.25 -97.28
C PHE A 343 2.98 -11.05 -97.93
N VAL A 344 1.76 -10.75 -97.47
CA VAL A 344 1.01 -9.49 -97.77
C VAL A 344 1.94 -8.31 -97.53
N ASP A 345 1.93 -7.34 -98.43
CA ASP A 345 2.72 -6.07 -98.33
C ASP A 345 2.46 -5.43 -96.96
N TRP A 346 1.21 -5.48 -96.50
CA TRP A 346 0.72 -4.76 -95.28
C TRP A 346 1.12 -5.49 -93.99
N CYS A 347 1.81 -6.63 -94.06
CA CYS A 347 2.39 -7.30 -92.88
C CYS A 347 3.84 -7.67 -93.20
N PRO A 348 4.74 -6.67 -93.35
CA PRO A 348 6.13 -6.95 -93.68
C PRO A 348 6.90 -7.64 -92.53
N THR A 349 6.53 -7.33 -91.27
CA THR A 349 7.10 -7.95 -90.04
C THR A 349 6.24 -9.16 -89.65
N GLY A 350 6.24 -10.20 -90.48
CA GLY A 350 5.55 -11.47 -90.19
C GLY A 350 6.24 -12.23 -89.07
N PHE A 351 5.56 -13.26 -88.54
CA PHE A 351 6.08 -14.29 -87.60
C PHE A 351 6.16 -13.76 -86.17
N LYS A 352 5.12 -14.06 -85.39
CA LYS A 352 5.15 -14.08 -83.90
C LYS A 352 5.78 -15.41 -83.48
N VAL A 353 6.67 -15.41 -82.48
CA VAL A 353 7.30 -16.66 -81.95
C VAL A 353 7.08 -16.75 -80.44
N GLY A 354 6.95 -17.98 -79.94
CA GLY A 354 6.92 -18.33 -78.51
C GLY A 354 7.78 -19.54 -78.23
N ILE A 355 8.68 -19.45 -77.25
CA ILE A 355 9.75 -20.46 -76.96
C ILE A 355 9.54 -20.98 -75.52
N ASN A 356 9.08 -22.23 -75.39
CA ASN A 356 8.94 -22.98 -74.11
C ASN A 356 10.12 -23.94 -73.96
N TYR A 357 10.66 -24.09 -72.74
CA TYR A 357 11.77 -25.04 -72.45
C TYR A 357 11.23 -26.47 -72.38
N GLN A 358 9.98 -26.64 -71.92
CA GLN A 358 9.30 -27.95 -71.80
C GLN A 358 9.25 -28.61 -73.19
N PRO A 359 9.80 -29.84 -73.35
CA PRO A 359 9.62 -30.60 -74.59
C PRO A 359 8.30 -31.35 -74.57
N PRO A 360 7.76 -31.75 -75.75
CA PRO A 360 6.45 -32.41 -75.83
C PRO A 360 6.51 -33.82 -75.23
N THR A 361 5.39 -34.31 -74.70
CA THR A 361 5.25 -35.64 -74.07
C THR A 361 4.94 -36.69 -75.15
N VAL A 362 5.61 -37.84 -75.07
CA VAL A 362 5.40 -39.03 -75.95
C VAL A 362 4.33 -39.91 -75.28
N VAL A 363 3.11 -39.90 -75.82
CA VAL A 363 1.95 -40.70 -75.29
C VAL A 363 2.22 -42.17 -75.60
N PRO A 364 2.13 -43.10 -74.60
CA PRO A 364 2.31 -44.53 -74.86
C PRO A 364 1.17 -45.16 -75.68
N GLY A 365 1.53 -45.95 -76.70
CA GLY A 365 0.63 -46.41 -77.77
C GLY A 365 0.38 -45.34 -78.82
N GLY A 366 1.18 -44.27 -78.80
CA GLY A 366 1.02 -43.06 -79.62
C GLY A 366 1.95 -43.08 -80.82
N ASP A 367 1.41 -42.78 -81.99
CA ASP A 367 2.15 -42.77 -83.28
C ASP A 367 2.94 -41.45 -83.35
N LEU A 368 4.07 -41.40 -82.65
CA LEU A 368 5.04 -40.27 -82.61
C LEU A 368 6.35 -40.74 -81.96
N ALA A 369 7.45 -40.04 -82.26
CA ALA A 369 8.77 -40.20 -81.63
C ALA A 369 8.93 -39.16 -80.52
N LYS A 370 9.56 -39.51 -79.39
CA LYS A 370 10.01 -38.53 -78.38
C LYS A 370 11.08 -37.65 -79.01
N VAL A 371 10.81 -36.35 -79.11
CA VAL A 371 11.65 -35.36 -79.85
C VAL A 371 11.98 -34.20 -78.90
N MET A 372 13.20 -33.69 -78.96
CA MET A 372 13.74 -32.67 -78.01
C MET A 372 13.31 -31.26 -78.42
N ARG A 373 12.77 -31.07 -79.64
CA ARG A 373 12.27 -29.78 -80.17
C ARG A 373 10.90 -29.99 -80.83
N ALA A 374 10.14 -28.91 -81.00
CA ALA A 374 8.86 -28.90 -81.74
C ALA A 374 8.48 -27.47 -82.14
N VAL A 375 7.37 -27.33 -82.87
CA VAL A 375 6.69 -26.03 -83.15
C VAL A 375 5.26 -26.31 -83.63
N CYS A 376 4.29 -25.54 -83.12
CA CYS A 376 2.90 -25.42 -83.62
C CYS A 376 2.71 -24.03 -84.23
N MET A 377 2.75 -23.92 -85.56
CA MET A 377 2.44 -22.66 -86.27
C MET A 377 0.94 -22.58 -86.55
N ILE A 378 0.24 -21.61 -85.96
CA ILE A 378 -1.12 -21.14 -86.38
C ILE A 378 -0.88 -19.98 -87.34
N SER A 379 -1.38 -20.07 -88.59
CA SER A 379 -1.16 -19.07 -89.67
C SER A 379 -2.50 -18.53 -90.19
N ASN A 380 -2.63 -17.21 -90.25
CA ASN A 380 -3.69 -16.51 -91.04
C ASN A 380 -3.16 -16.35 -92.47
N SER A 381 -3.73 -17.09 -93.41
CA SER A 381 -3.33 -17.13 -94.84
C SER A 381 -4.53 -16.78 -95.72
N THR A 382 -4.29 -16.02 -96.81
CA THR A 382 -5.30 -15.68 -97.85
C THR A 382 -5.72 -16.96 -98.62
N ALA A 383 -4.98 -18.06 -98.43
CA ALA A 383 -5.26 -19.39 -99.01
C ALA A 383 -6.50 -20.05 -98.37
N ILE A 384 -6.91 -19.64 -97.17
CA ILE A 384 -8.10 -20.19 -96.46
C ILE A 384 -9.34 -20.05 -97.35
N ALA A 385 -9.45 -18.94 -98.09
CA ALA A 385 -10.50 -18.62 -99.08
C ALA A 385 -10.84 -19.83 -99.95
N GLU A 386 -9.83 -20.56 -100.41
CA GLU A 386 -9.94 -21.75 -101.30
C GLU A 386 -10.91 -22.78 -100.68
N VAL A 387 -10.76 -23.09 -99.39
CA VAL A 387 -11.61 -24.10 -98.68
C VAL A 387 -13.06 -23.61 -98.72
N PHE A 388 -13.29 -22.33 -98.40
CA PHE A 388 -14.63 -21.69 -98.34
C PHE A 388 -15.28 -21.70 -99.73
N SER A 389 -14.50 -21.45 -100.80
CA SER A 389 -14.99 -21.42 -102.20
C SER A 389 -15.47 -22.81 -102.64
N ARG A 390 -14.79 -23.88 -102.20
CA ARG A 390 -15.17 -25.29 -102.50
C ARG A 390 -16.45 -25.65 -101.74
N LEU A 391 -16.56 -25.24 -100.47
CA LEU A 391 -17.77 -25.49 -99.64
C LEU A 391 -18.95 -24.65 -100.17
N ASP A 392 -18.68 -23.52 -100.83
CA ASP A 392 -19.71 -22.67 -101.49
C ASP A 392 -20.15 -23.30 -102.81
N HIS A 393 -19.18 -23.73 -103.64
CA HIS A 393 -19.43 -24.48 -104.91
C HIS A 393 -20.26 -25.73 -104.61
N LYS A 394 -19.79 -26.57 -103.69
CA LYS A 394 -20.42 -27.86 -103.28
C LYS A 394 -21.83 -27.60 -102.72
N PHE A 395 -22.06 -26.44 -102.11
CA PHE A 395 -23.38 -25.99 -101.61
C PHE A 395 -24.24 -25.46 -102.77
N ASP A 396 -23.64 -24.72 -103.71
CA ASP A 396 -24.39 -24.05 -104.82
C ASP A 396 -25.00 -25.10 -105.77
N LEU A 397 -24.40 -26.29 -105.86
CA LEU A 397 -24.98 -27.47 -106.56
C LEU A 397 -26.31 -27.84 -105.90
N MET A 398 -26.32 -27.91 -104.57
CA MET A 398 -27.56 -27.95 -103.74
C MET A 398 -28.22 -26.57 -103.78
N TYR A 399 -29.43 -26.45 -103.24
CA TYR A 399 -30.17 -25.16 -103.10
C TYR A 399 -30.39 -24.52 -104.48
N ALA A 400 -29.85 -25.12 -105.55
CA ALA A 400 -30.33 -25.00 -106.94
C ALA A 400 -31.49 -25.97 -107.13
N LYS A 401 -31.42 -27.15 -106.49
CA LYS A 401 -32.50 -28.18 -106.49
C LYS A 401 -33.35 -28.07 -105.22
N ARG A 402 -32.92 -27.28 -104.22
CA ARG A 402 -33.53 -27.21 -102.86
C ARG A 402 -33.41 -28.62 -102.24
N ALA A 403 -32.21 -29.18 -102.33
CA ALA A 403 -31.91 -30.64 -102.43
C ALA A 403 -32.31 -31.40 -101.16
N PHE A 404 -32.06 -30.84 -99.97
CA PHE A 404 -32.32 -31.51 -98.67
C PHE A 404 -33.08 -30.58 -97.72
N VAL A 405 -33.60 -29.47 -98.25
CA VAL A 405 -34.03 -28.29 -97.46
C VAL A 405 -35.21 -28.71 -96.55
N HIS A 406 -36.09 -29.57 -97.07
CA HIS A 406 -37.33 -30.06 -96.41
C HIS A 406 -37.06 -30.48 -94.96
N TRP A 407 -35.91 -31.12 -94.69
CA TRP A 407 -35.49 -31.53 -93.33
C TRP A 407 -35.31 -30.28 -92.46
N TYR A 408 -34.46 -29.37 -92.90
CA TYR A 408 -34.02 -28.15 -92.16
C TYR A 408 -35.24 -27.26 -91.90
N VAL A 409 -36.10 -27.08 -92.91
CA VAL A 409 -37.34 -26.24 -92.83
C VAL A 409 -38.34 -26.89 -91.87
N GLY A 410 -38.45 -28.23 -91.89
CA GLY A 410 -39.35 -29.00 -91.01
C GLY A 410 -38.98 -28.89 -89.54
N GLU A 411 -37.75 -28.47 -89.22
CA GLU A 411 -37.18 -28.41 -87.85
C GLU A 411 -36.94 -26.95 -87.42
N GLY A 412 -37.50 -25.97 -88.15
CA GLY A 412 -37.65 -24.57 -87.71
C GLY A 412 -36.58 -23.63 -88.24
N MET A 413 -35.93 -23.98 -89.36
CA MET A 413 -35.02 -23.07 -90.12
C MET A 413 -35.77 -22.55 -91.36
N GLU A 414 -36.17 -21.28 -91.35
CA GLU A 414 -36.75 -20.56 -92.52
C GLU A 414 -35.78 -20.70 -93.71
N GLU A 415 -36.31 -20.96 -94.91
CA GLU A 415 -35.50 -21.27 -96.13
C GLU A 415 -34.54 -20.12 -96.44
N GLY A 416 -34.96 -18.87 -96.20
CA GLY A 416 -34.16 -17.64 -96.40
C GLY A 416 -32.88 -17.60 -95.58
N GLU A 417 -32.78 -18.42 -94.52
CA GLU A 417 -31.58 -18.50 -93.63
C GLU A 417 -30.39 -19.11 -94.40
N PHE A 418 -30.66 -20.09 -95.28
CA PHE A 418 -29.66 -20.70 -96.19
C PHE A 418 -29.09 -19.65 -97.13
N SER A 419 -29.97 -18.92 -97.83
CA SER A 419 -29.65 -17.85 -98.79
C SER A 419 -28.84 -16.74 -98.07
N GLU A 420 -29.27 -16.36 -96.87
CA GLU A 420 -28.56 -15.42 -95.95
C GLU A 420 -27.12 -15.91 -95.75
N ALA A 421 -26.97 -17.17 -95.31
CA ALA A 421 -25.66 -17.79 -94.97
C ALA A 421 -24.73 -17.74 -96.18
N ARG A 422 -25.19 -18.20 -97.36
CA ARG A 422 -24.40 -18.25 -98.62
C ARG A 422 -23.95 -16.84 -99.02
N GLU A 423 -24.84 -15.85 -98.90
CA GLU A 423 -24.56 -14.42 -99.24
C GLU A 423 -23.45 -13.89 -98.32
N ASP A 424 -23.44 -14.29 -97.05
CA ASP A 424 -22.46 -13.83 -96.02
C ASP A 424 -21.10 -14.51 -96.24
N LEU A 425 -21.08 -15.78 -96.66
CA LEU A 425 -19.83 -16.52 -97.01
C LEU A 425 -19.28 -16.01 -98.35
N ALA A 426 -20.15 -15.67 -99.29
CA ALA A 426 -19.80 -15.02 -100.57
C ALA A 426 -19.18 -13.64 -100.28
N ALA A 427 -19.65 -12.97 -99.23
CA ALA A 427 -19.12 -11.66 -98.75
C ALA A 427 -17.76 -11.85 -98.05
N LEU A 428 -17.53 -13.00 -97.41
CA LEU A 428 -16.21 -13.35 -96.79
C LEU A 428 -15.16 -13.53 -97.89
N GLU A 429 -15.43 -14.39 -98.87
CA GLU A 429 -14.45 -14.72 -99.95
C GLU A 429 -14.19 -13.49 -100.82
N LYS A 430 -15.11 -12.50 -100.81
CA LYS A 430 -14.85 -11.15 -101.36
C LYS A 430 -13.78 -10.46 -100.50
N ASP A 431 -13.94 -10.46 -99.17
CA ASP A 431 -13.03 -9.80 -98.19
C ASP A 431 -11.62 -10.39 -98.30
N TYR A 432 -11.50 -11.71 -98.42
CA TYR A 432 -10.22 -12.46 -98.38
C TYR A 432 -9.35 -12.06 -99.58
N GLU A 433 -9.94 -11.83 -100.76
CA GLU A 433 -9.22 -11.32 -101.95
C GLU A 433 -8.84 -9.86 -101.72
N GLU A 434 -9.79 -9.02 -101.25
CA GLU A 434 -9.64 -7.56 -101.01
C GLU A 434 -8.39 -7.28 -100.14
N VAL A 435 -8.18 -8.05 -99.07
CA VAL A 435 -6.98 -7.92 -98.18
C VAL A 435 -5.76 -8.46 -98.93
N GLY A 436 -5.91 -9.56 -99.67
CA GLY A 436 -4.86 -10.16 -100.53
C GLY A 436 -4.30 -9.19 -101.55
N ILE A 437 -5.15 -8.30 -102.10
CA ILE A 437 -4.75 -7.23 -103.07
C ILE A 437 -3.63 -6.39 -102.43
N GLU A 438 -2.59 -6.07 -103.20
CA GLU A 438 -1.45 -5.19 -102.76
C GLU A 438 -1.95 -3.75 -102.53
N THR A 439 -1.27 -3.01 -101.64
CA THR A 439 -1.65 -1.64 -101.19
C THR A 439 -1.79 -0.69 -102.39
N ALA A 440 -2.73 0.26 -102.31
CA ALA A 440 -2.96 1.33 -103.31
C ALA A 440 -2.34 2.64 -102.80
N MET B 1 -31.25 -45.19 -74.31
CA MET B 1 -32.66 -45.25 -74.79
C MET B 1 -32.67 -45.31 -76.32
N ARG B 2 -33.30 -44.35 -77.02
CA ARG B 2 -33.53 -44.37 -78.49
C ARG B 2 -34.17 -45.71 -78.87
N GLU B 3 -35.25 -46.09 -78.16
CA GLU B 3 -35.89 -47.43 -78.28
C GLU B 3 -36.60 -47.55 -79.62
N ILE B 4 -36.72 -48.79 -80.13
CA ILE B 4 -37.38 -49.15 -81.43
C ILE B 4 -38.47 -50.18 -81.15
N VAL B 5 -39.73 -49.86 -81.49
CA VAL B 5 -40.89 -50.79 -81.44
C VAL B 5 -41.01 -51.46 -82.80
N HIS B 6 -40.88 -52.79 -82.85
CA HIS B 6 -40.99 -53.61 -84.08
C HIS B 6 -42.43 -54.12 -84.22
N ILE B 7 -43.05 -53.93 -85.40
CA ILE B 7 -44.35 -54.58 -85.76
C ILE B 7 -44.09 -55.51 -86.95
N GLN B 8 -44.25 -56.82 -86.74
CA GLN B 8 -44.07 -57.90 -87.76
C GLN B 8 -45.48 -58.33 -88.22
N GLY B 9 -46.00 -57.67 -89.25
CA GLY B 9 -47.38 -57.83 -89.74
C GLY B 9 -47.47 -58.78 -90.92
N GLY B 10 -48.38 -59.75 -90.87
CA GLY B 10 -48.63 -60.70 -91.98
C GLY B 10 -47.67 -61.87 -91.96
N GLN B 11 -48.12 -63.04 -92.45
CA GLN B 11 -47.38 -64.33 -92.40
C GLN B 11 -45.90 -64.07 -92.69
N CYS B 12 -45.60 -63.56 -93.90
CA CYS B 12 -44.24 -63.21 -94.34
C CYS B 12 -43.53 -62.42 -93.24
N GLY B 13 -44.16 -61.31 -92.80
CA GLY B 13 -43.65 -60.41 -91.75
C GLY B 13 -43.29 -61.14 -90.48
N ASN B 14 -44.20 -62.00 -90.00
CA ASN B 14 -44.02 -62.80 -88.75
C ASN B 14 -42.81 -63.74 -88.92
N GLN B 15 -42.65 -64.36 -90.10
CA GLN B 15 -41.55 -65.32 -90.39
C GLN B 15 -40.22 -64.57 -90.49
N ILE B 16 -40.22 -63.34 -91.03
CA ILE B 16 -39.02 -62.45 -91.06
C ILE B 16 -38.66 -62.08 -89.62
N GLY B 17 -39.65 -61.60 -88.86
CA GLY B 17 -39.49 -61.20 -87.45
C GLY B 17 -38.91 -62.32 -86.60
N ALA B 18 -39.48 -63.53 -86.72
CA ALA B 18 -39.00 -64.76 -86.05
C ALA B 18 -37.49 -64.87 -86.22
N LYS B 19 -37.01 -64.87 -87.47
CA LYS B 19 -35.57 -64.99 -87.80
C LYS B 19 -34.83 -63.74 -87.31
N PHE B 20 -35.42 -62.55 -87.48
CA PHE B 20 -34.79 -61.27 -87.05
C PHE B 20 -34.49 -61.32 -85.54
N TRP B 21 -35.49 -61.73 -84.74
CA TRP B 21 -35.39 -61.73 -83.26
C TRP B 21 -34.50 -62.88 -82.76
N GLU B 22 -34.23 -63.88 -83.59
CA GLU B 22 -33.16 -64.89 -83.34
C GLU B 22 -31.79 -64.23 -83.54
N VAL B 23 -31.63 -63.52 -84.67
CA VAL B 23 -30.35 -62.87 -85.09
C VAL B 23 -29.92 -61.87 -84.01
N ILE B 24 -30.82 -60.99 -83.57
CA ILE B 24 -30.52 -59.90 -82.60
C ILE B 24 -30.20 -60.52 -81.23
N SER B 25 -30.84 -61.65 -80.88
CA SER B 25 -30.64 -62.38 -79.60
C SER B 25 -29.21 -62.93 -79.51
N ASP B 26 -28.63 -63.36 -80.63
CA ASP B 26 -27.24 -63.88 -80.72
C ASP B 26 -26.26 -62.73 -80.48
N GLU B 27 -26.51 -61.56 -81.09
CA GLU B 27 -25.65 -60.34 -80.97
C GLU B 27 -25.71 -59.78 -79.55
N HIS B 28 -26.88 -59.79 -78.92
CA HIS B 28 -27.12 -59.30 -77.54
C HIS B 28 -26.96 -60.44 -76.52
N GLY B 29 -26.74 -61.68 -76.99
CA GLY B 29 -26.42 -62.85 -76.15
C GLY B 29 -27.61 -63.36 -75.36
N ILE B 30 -28.82 -62.90 -75.68
CA ILE B 30 -30.08 -63.34 -75.02
C ILE B 30 -30.36 -64.78 -75.49
N ASP B 31 -30.62 -65.68 -74.55
CA ASP B 31 -30.92 -67.12 -74.79
C ASP B 31 -32.41 -67.27 -75.06
N PRO B 32 -32.88 -68.40 -75.64
CA PRO B 32 -34.29 -68.54 -76.04
C PRO B 32 -35.32 -68.41 -74.91
N THR B 33 -34.90 -68.52 -73.65
CA THR B 33 -35.77 -68.42 -72.45
C THR B 33 -35.78 -66.98 -71.89
N GLY B 34 -35.01 -66.06 -72.50
CA GLY B 34 -35.01 -64.62 -72.15
C GLY B 34 -33.91 -64.24 -71.17
N THR B 35 -33.09 -65.20 -70.74
CA THR B 35 -31.92 -65.00 -69.85
C THR B 35 -30.74 -64.49 -70.69
N TYR B 36 -29.91 -63.61 -70.11
CA TYR B 36 -28.61 -63.17 -70.69
C TYR B 36 -27.53 -64.20 -70.34
N HIS B 37 -26.90 -64.79 -71.36
CA HIS B 37 -25.75 -65.73 -71.23
C HIS B 37 -24.58 -65.26 -72.14
N GLY B 38 -24.50 -63.95 -72.38
CA GLY B 38 -23.39 -63.33 -73.15
C GLY B 38 -22.14 -63.21 -72.30
N ASP B 39 -20.98 -63.12 -72.96
CA ASP B 39 -19.64 -63.07 -72.32
C ASP B 39 -19.17 -61.62 -72.18
N SER B 40 -19.60 -60.72 -73.08
CA SER B 40 -19.20 -59.29 -73.14
C SER B 40 -20.31 -58.39 -72.57
N ASP B 41 -19.96 -57.47 -71.68
CA ASP B 41 -20.89 -56.50 -71.02
C ASP B 41 -21.40 -55.48 -72.05
N LEU B 42 -20.64 -55.25 -73.12
CA LEU B 42 -21.04 -54.44 -74.31
C LEU B 42 -22.37 -54.97 -74.89
N GLN B 43 -22.69 -56.25 -74.70
CA GLN B 43 -23.91 -56.90 -75.25
C GLN B 43 -25.17 -56.39 -74.53
N LEU B 44 -25.08 -55.82 -73.32
CA LEU B 44 -26.27 -55.40 -72.51
C LEU B 44 -26.28 -53.88 -72.24
N GLU B 45 -25.31 -53.11 -72.73
CA GLU B 45 -25.23 -51.65 -72.42
C GLU B 45 -26.42 -50.91 -73.05
N ARG B 46 -26.83 -51.28 -74.27
CA ARG B 46 -27.90 -50.62 -75.05
C ARG B 46 -28.98 -51.62 -75.45
N ILE B 47 -29.17 -52.69 -74.68
CA ILE B 47 -30.17 -53.76 -75.00
C ILE B 47 -31.58 -53.17 -75.04
N ASN B 48 -31.85 -52.17 -74.20
CA ASN B 48 -33.18 -51.51 -74.05
C ASN B 48 -33.68 -50.98 -75.40
N VAL B 49 -32.81 -50.78 -76.40
CA VAL B 49 -33.18 -50.34 -77.78
C VAL B 49 -34.26 -51.28 -78.35
N TYR B 50 -34.10 -52.60 -78.18
CA TYR B 50 -34.97 -53.63 -78.82
C TYR B 50 -35.80 -54.37 -77.76
N TYR B 51 -35.21 -54.73 -76.61
CA TYR B 51 -35.86 -55.54 -75.54
C TYR B 51 -36.28 -54.64 -74.36
N ASN B 52 -37.48 -54.85 -73.82
CA ASN B 52 -37.94 -54.26 -72.53
C ASN B 52 -37.65 -55.27 -71.42
N GLU B 53 -36.81 -54.89 -70.44
CA GLU B 53 -36.46 -55.72 -69.26
C GLU B 53 -37.73 -56.05 -68.48
N ALA B 54 -38.13 -57.33 -68.48
CA ALA B 54 -39.23 -57.86 -67.65
C ALA B 54 -38.69 -58.18 -66.24
N THR B 55 -39.58 -58.63 -65.34
CA THR B 55 -39.24 -59.02 -63.95
C THR B 55 -38.50 -60.38 -63.95
N GLY B 56 -37.55 -60.54 -63.04
CA GLY B 56 -36.74 -61.76 -62.86
C GLY B 56 -35.61 -61.86 -63.87
N GLY B 57 -35.08 -60.72 -64.32
CA GLY B 57 -34.02 -60.62 -65.35
C GLY B 57 -34.34 -61.46 -66.59
N ARG B 58 -35.58 -61.35 -67.09
CA ARG B 58 -36.02 -61.84 -68.42
C ARG B 58 -36.07 -60.63 -69.37
N TYR B 59 -35.51 -60.78 -70.58
CA TYR B 59 -35.55 -59.76 -71.66
C TYR B 59 -36.63 -60.15 -72.67
N VAL B 60 -37.59 -59.25 -72.87
CA VAL B 60 -38.77 -59.46 -73.75
C VAL B 60 -38.64 -58.54 -74.96
N PRO B 61 -38.66 -59.08 -76.20
CA PRO B 61 -38.70 -58.26 -77.40
C PRO B 61 -39.90 -57.29 -77.38
N ARG B 62 -39.66 -56.07 -77.85
CA ARG B 62 -40.70 -55.02 -78.02
C ARG B 62 -41.35 -55.23 -79.40
N ALA B 63 -41.84 -56.44 -79.66
CA ALA B 63 -42.41 -56.91 -80.93
C ALA B 63 -43.93 -57.04 -80.80
N ILE B 64 -44.68 -56.47 -81.74
CA ILE B 64 -46.17 -56.58 -81.82
C ILE B 64 -46.49 -57.44 -83.05
N LEU B 65 -46.67 -58.74 -82.82
CA LEU B 65 -46.92 -59.75 -83.86
C LEU B 65 -48.41 -59.72 -84.22
N MET B 66 -48.76 -59.03 -85.31
CA MET B 66 -50.16 -58.90 -85.80
C MET B 66 -50.34 -59.74 -87.07
N ASP B 67 -51.47 -60.43 -87.16
CA ASP B 67 -51.95 -61.12 -88.39
C ASP B 67 -53.47 -61.26 -88.30
N LEU B 68 -54.13 -61.65 -89.39
CA LEU B 68 -55.59 -61.92 -89.46
C LEU B 68 -55.84 -63.44 -89.48
N GLU B 69 -54.77 -64.24 -89.46
CA GLU B 69 -54.78 -65.73 -89.50
C GLU B 69 -54.27 -66.25 -88.16
N PRO B 70 -55.01 -67.11 -87.42
CA PRO B 70 -54.55 -67.63 -86.12
C PRO B 70 -53.46 -68.71 -86.22
N GLY B 71 -53.28 -69.32 -87.41
CA GLY B 71 -52.28 -70.36 -87.69
C GLY B 71 -50.83 -69.86 -87.65
N THR B 72 -50.61 -68.55 -87.78
CA THR B 72 -49.26 -67.91 -87.77
C THR B 72 -48.68 -67.89 -86.36
N MET B 73 -49.51 -67.73 -85.30
CA MET B 73 -49.08 -67.78 -83.88
C MET B 73 -48.36 -69.11 -83.62
N ASP B 74 -48.98 -70.22 -84.01
CA ASP B 74 -48.42 -71.60 -83.88
C ASP B 74 -47.03 -71.64 -84.52
N SER B 75 -46.87 -70.99 -85.67
CA SER B 75 -45.61 -70.93 -86.47
C SER B 75 -44.51 -70.19 -85.70
N VAL B 76 -44.83 -69.01 -85.13
CA VAL B 76 -43.85 -68.15 -84.41
C VAL B 76 -43.55 -68.74 -83.02
N ARG B 77 -44.48 -69.53 -82.45
CA ARG B 77 -44.26 -70.29 -81.19
C ARG B 77 -43.36 -71.51 -81.46
N ALA B 78 -43.58 -72.21 -82.58
CA ALA B 78 -42.84 -73.42 -83.01
C ALA B 78 -41.34 -73.11 -83.14
N GLY B 79 -41.01 -71.95 -83.71
CA GLY B 79 -39.62 -71.50 -83.96
C GLY B 79 -38.77 -71.53 -82.69
N PRO B 80 -37.44 -71.79 -82.79
CA PRO B 80 -36.52 -71.51 -81.69
C PRO B 80 -36.53 -69.99 -81.45
N PHE B 81 -36.41 -69.56 -80.19
CA PHE B 81 -36.60 -68.16 -79.74
C PHE B 81 -38.05 -67.72 -80.04
N GLY B 82 -38.99 -68.66 -79.91
CA GLY B 82 -40.45 -68.41 -80.04
C GLY B 82 -41.09 -68.06 -78.70
N GLN B 83 -40.46 -68.45 -77.59
CA GLN B 83 -40.93 -68.18 -76.21
C GLN B 83 -40.63 -66.72 -75.84
N LEU B 84 -39.55 -66.14 -76.38
CA LEU B 84 -39.10 -64.75 -76.11
C LEU B 84 -40.29 -63.79 -76.12
N PHE B 85 -41.04 -63.78 -77.22
CA PHE B 85 -42.15 -62.81 -77.50
C PHE B 85 -43.19 -62.90 -76.37
N ARG B 86 -43.66 -61.75 -75.88
CA ARG B 86 -44.65 -61.64 -74.77
C ARG B 86 -46.02 -62.02 -75.32
N PRO B 87 -46.75 -62.96 -74.67
CA PRO B 87 -48.05 -63.43 -75.19
C PRO B 87 -49.11 -62.34 -75.44
N ASP B 88 -49.17 -61.32 -74.59
CA ASP B 88 -50.09 -60.16 -74.70
C ASP B 88 -49.87 -59.45 -76.05
N ASN B 89 -48.61 -59.33 -76.48
CA ASN B 89 -48.19 -58.61 -77.72
C ASN B 89 -48.75 -59.30 -78.97
N PHE B 90 -48.94 -60.62 -78.93
CA PHE B 90 -49.55 -61.42 -80.03
C PHE B 90 -51.01 -60.99 -80.22
N VAL B 91 -51.35 -60.43 -81.38
CA VAL B 91 -52.74 -59.99 -81.73
C VAL B 91 -53.13 -60.60 -83.09
N PHE B 92 -54.06 -61.56 -83.09
CA PHE B 92 -54.39 -62.42 -84.25
C PHE B 92 -55.92 -62.56 -84.41
N GLY B 93 -56.42 -62.32 -85.62
CA GLY B 93 -57.84 -62.53 -86.00
C GLY B 93 -58.14 -64.01 -86.20
N GLN B 94 -59.22 -64.33 -86.92
CA GLN B 94 -59.70 -65.72 -87.17
C GLN B 94 -59.77 -66.02 -88.67
N THR B 95 -60.44 -65.19 -89.46
CA THR B 95 -60.80 -65.46 -90.88
C THR B 95 -59.56 -65.45 -91.77
N GLY B 96 -58.74 -64.39 -91.69
CA GLY B 96 -57.61 -64.12 -92.60
C GLY B 96 -58.04 -63.28 -93.79
N ALA B 97 -57.11 -62.52 -94.37
CA ALA B 97 -57.34 -61.53 -95.45
C ALA B 97 -57.68 -62.25 -96.77
N GLY B 98 -57.13 -63.46 -96.99
CA GLY B 98 -57.34 -64.23 -98.22
C GLY B 98 -56.66 -63.58 -99.42
N ASN B 99 -55.47 -63.02 -99.22
CA ASN B 99 -54.67 -62.29 -100.25
C ASN B 99 -55.49 -61.12 -100.82
N ASN B 100 -56.21 -60.39 -99.96
CA ASN B 100 -57.09 -59.25 -100.35
C ASN B 100 -56.74 -58.03 -99.48
N TRP B 101 -56.16 -56.99 -100.10
CA TRP B 101 -55.84 -55.68 -99.46
C TRP B 101 -57.07 -55.16 -98.71
N ALA B 102 -58.23 -55.18 -99.38
CA ALA B 102 -59.50 -54.61 -98.91
C ALA B 102 -59.92 -55.30 -97.61
N LYS B 103 -59.90 -56.63 -97.57
CA LYS B 103 -60.32 -57.42 -96.39
C LYS B 103 -59.40 -57.08 -95.21
N GLY B 104 -58.11 -56.92 -95.48
CA GLY B 104 -57.08 -56.59 -94.47
C GLY B 104 -56.99 -55.10 -94.13
N HIS B 105 -57.62 -54.23 -94.94
CA HIS B 105 -57.63 -52.75 -94.75
C HIS B 105 -59.02 -52.29 -94.29
N TYR B 106 -60.06 -52.53 -95.09
CA TYR B 106 -61.38 -51.85 -94.97
C TYR B 106 -62.36 -52.62 -94.08
N THR B 107 -62.31 -53.97 -94.03
CA THR B 107 -63.27 -54.80 -93.26
C THR B 107 -62.55 -55.54 -92.11
N GLU B 108 -62.18 -56.81 -92.31
CA GLU B 108 -61.68 -57.72 -91.23
C GLU B 108 -60.56 -57.02 -90.46
N GLY B 109 -59.55 -56.50 -91.18
CA GLY B 109 -58.39 -55.79 -90.60
C GLY B 109 -58.79 -54.50 -89.91
N ALA B 110 -59.80 -53.80 -90.43
CA ALA B 110 -60.35 -52.55 -89.85
C ALA B 110 -60.86 -52.79 -88.43
N GLU B 111 -61.36 -54.00 -88.15
CA GLU B 111 -61.86 -54.39 -86.80
C GLU B 111 -60.68 -54.63 -85.85
N LEU B 112 -59.61 -55.29 -86.31
CA LEU B 112 -58.51 -55.77 -85.44
C LEU B 112 -57.60 -54.60 -85.00
N ILE B 113 -57.24 -53.68 -85.92
CA ILE B 113 -56.21 -52.61 -85.70
C ILE B 113 -56.46 -51.85 -84.39
N ASP B 114 -57.71 -51.59 -84.01
CA ASP B 114 -58.06 -50.85 -82.76
C ASP B 114 -57.50 -51.60 -81.54
N SER B 115 -57.45 -52.94 -81.59
CA SER B 115 -56.83 -53.80 -80.55
C SER B 115 -55.29 -53.69 -80.60
N VAL B 116 -54.71 -53.60 -81.80
CA VAL B 116 -53.23 -53.55 -82.02
C VAL B 116 -52.70 -52.20 -81.53
N LEU B 117 -53.34 -51.10 -81.97
CA LEU B 117 -52.96 -49.70 -81.59
C LEU B 117 -52.81 -49.60 -80.06
N ASP B 118 -53.71 -50.22 -79.29
CA ASP B 118 -53.67 -50.25 -77.80
C ASP B 118 -52.38 -50.90 -77.31
N VAL B 119 -51.87 -51.92 -78.02
CA VAL B 119 -50.57 -52.60 -77.71
C VAL B 119 -49.42 -51.70 -78.17
N VAL B 120 -49.51 -51.12 -79.38
CA VAL B 120 -48.50 -50.18 -79.96
C VAL B 120 -48.29 -49.03 -78.97
N ARG B 121 -49.37 -48.30 -78.65
CA ARG B 121 -49.38 -47.20 -77.65
C ARG B 121 -48.67 -47.67 -76.38
N LYS B 122 -49.05 -48.84 -75.85
CA LYS B 122 -48.54 -49.40 -74.56
C LYS B 122 -47.01 -49.55 -74.61
N GLU B 123 -46.48 -50.15 -75.68
CA GLU B 123 -45.03 -50.41 -75.85
C GLU B 123 -44.29 -49.11 -76.21
N ALA B 124 -44.94 -48.20 -76.95
CA ALA B 124 -44.40 -46.89 -77.35
C ALA B 124 -44.22 -45.98 -76.13
N GLU B 125 -45.18 -45.98 -75.20
CA GLU B 125 -45.18 -45.14 -73.97
C GLU B 125 -44.12 -45.64 -72.97
N GLY B 126 -43.87 -46.95 -72.93
CA GLY B 126 -42.87 -47.60 -72.04
C GLY B 126 -41.45 -47.11 -72.31
N CYS B 127 -41.15 -46.70 -73.55
CA CYS B 127 -39.88 -46.06 -73.98
C CYS B 127 -39.80 -44.64 -73.45
N ASP B 128 -38.68 -44.29 -72.79
CA ASP B 128 -38.40 -42.90 -72.30
C ASP B 128 -38.25 -41.98 -73.50
N CYS B 129 -37.43 -42.39 -74.48
CA CYS B 129 -37.29 -41.75 -75.82
C CYS B 129 -37.43 -42.80 -76.91
N LEU B 130 -38.53 -42.76 -77.67
CA LEU B 130 -38.78 -43.64 -78.84
C LEU B 130 -38.03 -43.08 -80.04
N GLN B 131 -37.05 -43.81 -80.57
CA GLN B 131 -36.41 -43.54 -81.89
C GLN B 131 -37.49 -43.55 -82.96
N GLY B 132 -38.24 -44.65 -83.03
CA GLY B 132 -39.30 -44.87 -84.03
C GLY B 132 -39.75 -46.32 -84.05
N PHE B 133 -40.25 -46.79 -85.19
CA PHE B 133 -40.76 -48.16 -85.41
C PHE B 133 -40.00 -48.82 -86.57
N GLN B 134 -39.90 -50.15 -86.57
CA GLN B 134 -39.46 -50.96 -87.73
C GLN B 134 -40.58 -51.97 -88.07
N ILE B 135 -41.46 -51.59 -88.99
CA ILE B 135 -42.57 -52.46 -89.48
C ILE B 135 -41.96 -53.41 -90.51
N THR B 136 -42.18 -54.73 -90.37
CA THR B 136 -41.75 -55.76 -91.35
C THR B 136 -43.00 -56.47 -91.89
N HIS B 137 -43.35 -56.20 -93.15
CA HIS B 137 -44.59 -56.69 -93.80
C HIS B 137 -44.33 -56.95 -95.28
N SER B 138 -45.16 -57.78 -95.91
CA SER B 138 -45.18 -58.02 -97.38
C SER B 138 -46.22 -57.11 -98.03
N LEU B 139 -45.85 -56.47 -99.14
CA LEU B 139 -46.78 -55.65 -99.98
C LEU B 139 -47.67 -56.60 -100.80
N GLY B 140 -47.22 -57.84 -101.03
CA GLY B 140 -47.89 -58.84 -101.89
C GLY B 140 -49.19 -59.37 -101.29
N GLY B 141 -49.15 -59.81 -100.03
CA GLY B 141 -50.27 -60.47 -99.35
C GLY B 141 -51.27 -59.48 -98.75
N GLY B 142 -52.47 -59.95 -98.42
CA GLY B 142 -53.58 -59.11 -97.94
C GLY B 142 -53.30 -58.54 -96.56
N THR B 143 -53.03 -59.41 -95.59
CA THR B 143 -52.80 -59.07 -94.16
C THR B 143 -51.67 -58.04 -94.07
N GLY B 144 -50.46 -58.42 -94.48
CA GLY B 144 -49.23 -57.60 -94.41
C GLY B 144 -49.41 -56.27 -95.12
N SER B 145 -50.07 -56.28 -96.29
CA SER B 145 -50.31 -55.08 -97.12
C SER B 145 -51.47 -54.26 -96.52
N GLY B 146 -52.62 -54.90 -96.30
CA GLY B 146 -53.83 -54.30 -95.73
C GLY B 146 -53.59 -53.68 -94.37
N MET B 147 -53.51 -54.51 -93.32
CA MET B 147 -53.31 -54.07 -91.92
C MET B 147 -52.02 -53.24 -91.80
N GLY B 148 -50.91 -53.73 -92.37
CA GLY B 148 -49.59 -53.06 -92.35
C GLY B 148 -49.72 -51.59 -92.70
N THR B 149 -50.32 -51.28 -93.85
CA THR B 149 -50.53 -49.90 -94.36
C THR B 149 -51.52 -49.15 -93.47
N LEU B 150 -52.58 -49.81 -93.00
CA LEU B 150 -53.63 -49.20 -92.13
C LEU B 150 -53.02 -48.84 -90.77
N LEU B 151 -52.26 -49.76 -90.17
CA LEU B 151 -51.50 -49.51 -88.91
C LEU B 151 -50.54 -48.34 -89.13
N ILE B 152 -49.70 -48.41 -90.18
CA ILE B 152 -48.67 -47.38 -90.54
C ILE B 152 -49.35 -46.00 -90.62
N SER B 153 -50.52 -45.92 -91.29
CA SER B 153 -51.36 -44.70 -91.37
C SER B 153 -51.73 -44.23 -89.97
N LYS B 154 -52.18 -45.15 -89.10
CA LYS B 154 -52.63 -44.87 -87.71
C LYS B 154 -51.47 -44.36 -86.84
N VAL B 155 -50.41 -45.15 -86.70
CA VAL B 155 -49.22 -44.84 -85.85
C VAL B 155 -48.65 -43.47 -86.22
N ARG B 156 -48.67 -43.11 -87.52
CA ARG B 156 -48.08 -41.84 -88.03
C ARG B 156 -48.93 -40.64 -87.57
N GLU B 157 -50.26 -40.77 -87.60
CA GLU B 157 -51.21 -39.74 -87.12
C GLU B 157 -50.99 -39.47 -85.63
N GLU B 158 -50.74 -40.54 -84.85
CA GLU B 158 -50.48 -40.44 -83.39
C GLU B 158 -49.04 -39.94 -83.16
N TYR B 159 -48.05 -40.54 -83.83
CA TYR B 159 -46.60 -40.26 -83.66
C TYR B 159 -46.02 -39.72 -84.97
N PRO B 160 -46.20 -38.41 -85.30
CA PRO B 160 -45.66 -37.85 -86.53
C PRO B 160 -44.12 -37.74 -86.59
N ASP B 161 -43.51 -37.20 -85.51
CA ASP B 161 -42.06 -36.91 -85.43
C ASP B 161 -41.24 -38.21 -85.42
N ARG B 162 -41.72 -39.24 -84.72
CA ARG B 162 -41.01 -40.55 -84.54
C ARG B 162 -40.84 -41.21 -85.93
N ILE B 163 -39.65 -41.75 -86.21
CA ILE B 163 -39.27 -42.38 -87.50
C ILE B 163 -40.18 -43.59 -87.75
N MET B 164 -40.71 -43.71 -88.97
CA MET B 164 -41.47 -44.90 -89.44
C MET B 164 -40.66 -45.61 -90.54
N GLU B 165 -39.90 -46.63 -90.14
CA GLU B 165 -39.03 -47.46 -91.03
C GLU B 165 -39.81 -48.75 -91.37
N THR B 166 -39.77 -49.16 -92.65
CA THR B 166 -40.53 -50.34 -93.15
C THR B 166 -39.62 -51.21 -94.03
N PHE B 167 -39.39 -52.47 -93.61
CA PHE B 167 -38.72 -53.53 -94.40
C PHE B 167 -39.79 -54.37 -95.11
N SER B 168 -40.13 -54.00 -96.34
CA SER B 168 -41.29 -54.55 -97.10
C SER B 168 -40.82 -55.44 -98.26
N VAL B 169 -41.31 -56.69 -98.33
CA VAL B 169 -41.09 -57.63 -99.47
C VAL B 169 -42.07 -57.25 -100.59
N VAL B 170 -41.57 -56.59 -101.63
CA VAL B 170 -42.36 -56.19 -102.85
C VAL B 170 -42.56 -57.47 -103.67
N PRO B 171 -43.75 -57.73 -104.27
CA PRO B 171 -43.92 -58.90 -105.12
C PRO B 171 -43.06 -58.78 -106.40
N SER B 172 -42.35 -59.86 -106.73
CA SER B 172 -41.45 -59.97 -107.90
C SER B 172 -42.18 -60.71 -109.04
N PRO B 173 -42.12 -60.24 -110.31
CA PRO B 173 -42.78 -60.92 -111.42
C PRO B 173 -42.27 -62.34 -111.74
N LYS B 174 -41.04 -62.66 -111.33
CA LYS B 174 -40.39 -63.97 -111.56
C LYS B 174 -41.10 -65.06 -110.75
N VAL B 175 -41.18 -64.88 -109.42
CA VAL B 175 -41.79 -65.86 -108.47
C VAL B 175 -43.32 -65.86 -108.69
N SER B 176 -43.97 -64.72 -108.42
CA SER B 176 -45.43 -64.47 -108.63
C SER B 176 -46.27 -65.63 -108.06
N ASP B 177 -46.05 -65.94 -106.78
CA ASP B 177 -46.66 -67.12 -106.09
C ASP B 177 -48.17 -66.87 -105.91
N THR B 178 -48.61 -65.60 -105.91
CA THR B 178 -50.03 -65.16 -105.86
C THR B 178 -50.40 -64.54 -107.22
N VAL B 179 -51.70 -64.46 -107.53
CA VAL B 179 -52.26 -63.92 -108.81
C VAL B 179 -52.63 -62.43 -108.64
N VAL B 180 -53.16 -62.03 -107.48
CA VAL B 180 -53.71 -60.67 -107.20
C VAL B 180 -52.64 -59.76 -106.55
N GLU B 181 -51.37 -60.21 -106.47
CA GLU B 181 -50.21 -59.43 -105.96
C GLU B 181 -50.21 -58.01 -106.53
N PRO B 182 -50.30 -57.81 -107.86
CA PRO B 182 -50.24 -56.47 -108.45
C PRO B 182 -51.19 -55.45 -107.79
N TYR B 183 -52.45 -55.85 -107.55
CA TYR B 183 -53.48 -55.02 -106.90
C TYR B 183 -53.04 -54.64 -105.48
N ASN B 184 -52.75 -55.64 -104.65
CA ASN B 184 -52.33 -55.47 -103.23
C ASN B 184 -51.20 -54.43 -103.18
N ALA B 185 -50.12 -54.67 -103.94
CA ALA B 185 -48.86 -53.88 -103.95
C ALA B 185 -49.12 -52.44 -104.42
N THR B 186 -49.92 -52.27 -105.47
CA THR B 186 -50.29 -50.94 -106.04
C THR B 186 -51.01 -50.12 -104.96
N LEU B 187 -52.02 -50.71 -104.31
CA LEU B 187 -52.82 -50.05 -103.24
C LEU B 187 -51.92 -49.78 -102.04
N SER B 188 -50.92 -50.63 -101.79
CA SER B 188 -49.98 -50.55 -100.65
C SER B 188 -49.12 -49.28 -100.78
N VAL B 189 -48.36 -49.16 -101.87
CA VAL B 189 -47.33 -48.09 -102.07
C VAL B 189 -48.00 -46.72 -101.91
N HIS B 190 -49.24 -46.57 -102.40
CA HIS B 190 -50.07 -45.34 -102.25
C HIS B 190 -50.08 -44.92 -100.78
N GLN B 191 -50.35 -45.87 -99.87
CA GLN B 191 -50.45 -45.62 -98.41
C GLN B 191 -49.04 -45.47 -97.82
N LEU B 192 -48.06 -46.22 -98.32
CA LEU B 192 -46.67 -46.24 -97.79
C LEU B 192 -45.97 -44.91 -98.08
N VAL B 193 -46.03 -44.41 -99.32
CA VAL B 193 -45.28 -43.19 -99.76
C VAL B 193 -45.71 -41.97 -98.92
N GLU B 194 -46.97 -41.92 -98.46
CA GLU B 194 -47.51 -40.79 -97.67
C GLU B 194 -47.13 -40.93 -96.19
N ASN B 195 -47.02 -42.15 -95.67
CA ASN B 195 -47.01 -42.44 -94.20
C ASN B 195 -45.70 -43.10 -93.73
N ALA B 196 -44.82 -43.57 -94.62
CA ALA B 196 -43.52 -44.20 -94.27
C ALA B 196 -42.40 -43.16 -94.44
N ASP B 197 -41.51 -43.06 -93.45
CA ASP B 197 -40.35 -42.13 -93.47
C ASP B 197 -39.27 -42.72 -94.37
N GLU B 198 -38.90 -43.99 -94.15
CA GLU B 198 -37.89 -44.75 -94.95
C GLU B 198 -38.38 -46.18 -95.16
N CYS B 199 -38.58 -46.57 -96.43
CA CYS B 199 -39.03 -47.92 -96.86
C CYS B 199 -37.87 -48.64 -97.55
N MET B 200 -37.39 -49.74 -96.95
CA MET B 200 -36.33 -50.61 -97.54
C MET B 200 -37.01 -51.73 -98.33
N VAL B 201 -37.09 -51.57 -99.66
CA VAL B 201 -37.77 -52.56 -100.56
C VAL B 201 -36.90 -53.83 -100.62
N ILE B 202 -37.49 -54.97 -100.25
CA ILE B 202 -36.89 -56.33 -100.33
C ILE B 202 -37.65 -57.08 -101.43
N ASP B 203 -36.98 -58.02 -102.13
CA ASP B 203 -37.58 -58.87 -103.19
C ASP B 203 -37.07 -60.31 -103.03
N ASN B 204 -37.96 -61.29 -103.17
CA ASN B 204 -37.66 -62.74 -103.05
C ASN B 204 -36.73 -63.16 -104.21
N GLU B 205 -37.01 -62.68 -105.43
CA GLU B 205 -36.20 -62.95 -106.64
C GLU B 205 -34.73 -62.69 -106.33
N ALA B 206 -34.40 -61.46 -105.91
CA ALA B 206 -33.03 -61.02 -105.58
C ALA B 206 -32.45 -61.90 -104.47
N LEU B 207 -33.21 -62.13 -103.41
CA LEU B 207 -32.78 -62.97 -102.24
C LEU B 207 -32.44 -64.39 -102.72
N TYR B 208 -33.24 -64.95 -103.64
CA TYR B 208 -32.98 -66.28 -104.27
C TYR B 208 -31.68 -66.21 -105.09
N ASP B 209 -31.47 -65.11 -105.83
CA ASP B 209 -30.25 -64.88 -106.66
C ASP B 209 -29.00 -64.84 -105.77
N ILE B 210 -29.07 -64.15 -104.63
CA ILE B 210 -27.95 -64.07 -103.64
C ILE B 210 -27.66 -65.48 -103.13
N CYS B 211 -28.69 -66.34 -103.04
CA CYS B 211 -28.61 -67.73 -102.51
C CYS B 211 -28.06 -68.71 -103.57
N PHE B 212 -28.23 -68.44 -104.86
CA PHE B 212 -27.74 -69.32 -105.96
C PHE B 212 -26.35 -68.85 -106.45
N ARG B 213 -26.01 -67.56 -106.33
CA ARG B 213 -24.78 -66.96 -106.94
C ARG B 213 -23.77 -66.53 -105.87
N THR B 214 -24.06 -65.47 -105.09
CA THR B 214 -23.15 -64.89 -104.05
C THR B 214 -22.82 -65.99 -103.03
N LEU B 215 -23.84 -66.52 -102.34
CA LEU B 215 -23.77 -67.81 -101.59
C LEU B 215 -24.12 -68.92 -102.59
N LYS B 216 -23.68 -70.16 -102.32
CA LYS B 216 -23.95 -71.32 -103.20
C LYS B 216 -24.72 -72.38 -102.39
N LEU B 217 -26.02 -72.14 -102.22
CA LEU B 217 -26.97 -73.02 -101.49
C LEU B 217 -27.63 -73.95 -102.51
N THR B 218 -27.70 -75.24 -102.19
CA THR B 218 -28.32 -76.30 -103.03
C THR B 218 -29.85 -76.21 -102.90
N THR B 219 -30.35 -75.90 -101.69
CA THR B 219 -31.80 -75.78 -101.35
C THR B 219 -32.04 -74.54 -100.50
N PRO B 220 -32.05 -73.32 -101.09
CA PRO B 220 -32.51 -72.13 -100.36
C PRO B 220 -33.99 -72.24 -100.00
N THR B 221 -34.31 -72.18 -98.71
CA THR B 221 -35.69 -72.12 -98.14
C THR B 221 -35.97 -70.71 -97.62
N TYR B 222 -37.25 -70.39 -97.40
CA TYR B 222 -37.70 -69.07 -96.88
C TYR B 222 -37.00 -68.75 -95.56
N GLY B 223 -36.56 -69.78 -94.82
CA GLY B 223 -35.62 -69.65 -93.70
C GLY B 223 -34.38 -68.88 -94.11
N ASP B 224 -33.68 -69.35 -95.15
CA ASP B 224 -32.38 -68.78 -95.62
C ASP B 224 -32.62 -67.37 -96.17
N LEU B 225 -33.69 -67.15 -96.94
CA LEU B 225 -34.04 -65.82 -97.48
C LEU B 225 -34.27 -64.83 -96.33
N ASN B 226 -35.04 -65.23 -95.31
CA ASN B 226 -35.30 -64.43 -94.08
C ASN B 226 -33.97 -64.10 -93.40
N HIS B 227 -33.05 -65.06 -93.33
CA HIS B 227 -31.73 -64.93 -92.65
C HIS B 227 -30.97 -63.73 -93.23
N LEU B 228 -31.01 -63.57 -94.57
CA LEU B 228 -30.31 -62.47 -95.28
C LEU B 228 -30.98 -61.14 -94.93
N VAL B 229 -32.32 -61.09 -94.95
CA VAL B 229 -33.12 -59.88 -94.62
C VAL B 229 -32.77 -59.44 -93.19
N SER B 230 -32.73 -60.40 -92.27
CA SER B 230 -32.44 -60.20 -90.82
C SER B 230 -31.03 -59.61 -90.63
N ALA B 231 -30.03 -60.22 -91.27
CA ALA B 231 -28.61 -59.79 -91.23
C ALA B 231 -28.51 -58.30 -91.54
N ALA B 232 -29.16 -57.86 -92.62
CA ALA B 232 -29.25 -56.44 -93.05
C ALA B 232 -29.97 -55.64 -91.96
N MET B 233 -31.13 -56.13 -91.50
CA MET B 233 -32.03 -55.45 -90.52
C MET B 233 -31.23 -55.03 -89.28
N SER B 234 -30.34 -55.90 -88.81
CA SER B 234 -29.36 -55.63 -87.73
C SER B 234 -28.47 -54.45 -88.12
N GLY B 235 -27.83 -54.55 -89.30
CA GLY B 235 -26.89 -53.56 -89.84
C GLY B 235 -27.44 -52.14 -89.86
N VAL B 236 -28.69 -51.97 -90.28
CA VAL B 236 -29.35 -50.63 -90.46
C VAL B 236 -29.39 -49.90 -89.11
N THR B 237 -29.57 -50.63 -87.99
CA THR B 237 -29.71 -50.07 -86.62
C THR B 237 -28.76 -50.78 -85.64
N CYS B 238 -27.46 -50.56 -85.80
CA CYS B 238 -26.38 -51.12 -84.94
C CYS B 238 -25.75 -50.02 -84.09
N CYS B 239 -25.34 -48.92 -84.73
CA CYS B 239 -24.67 -47.75 -84.12
C CYS B 239 -25.52 -47.16 -82.97
N LEU B 240 -26.80 -47.55 -82.89
CA LEU B 240 -27.66 -47.39 -81.67
C LEU B 240 -27.18 -48.33 -80.57
N ARG B 241 -27.04 -49.62 -80.89
CA ARG B 241 -26.89 -50.75 -79.92
C ARG B 241 -25.45 -50.91 -79.45
N PHE B 242 -24.46 -50.33 -80.16
CA PHE B 242 -23.02 -50.54 -79.91
C PHE B 242 -22.24 -49.25 -80.12
N PRO B 243 -20.99 -49.15 -79.60
CA PRO B 243 -20.11 -48.01 -79.88
C PRO B 243 -19.67 -47.95 -81.35
N GLY B 244 -19.21 -46.78 -81.79
CA GLY B 244 -18.69 -46.53 -83.14
C GLY B 244 -17.61 -45.47 -83.15
N GLN B 245 -16.64 -45.57 -84.07
CA GLN B 245 -15.62 -44.53 -84.34
C GLN B 245 -16.33 -43.31 -84.93
N LEU B 246 -17.35 -43.54 -85.76
CA LEU B 246 -18.32 -42.51 -86.25
C LEU B 246 -19.75 -43.08 -86.10
N ASN B 247 -20.53 -42.51 -85.18
CA ASN B 247 -21.89 -42.99 -84.82
C ASN B 247 -22.89 -42.52 -85.87
N SER B 248 -24.00 -43.25 -85.97
CA SER B 248 -25.19 -42.95 -86.81
C SER B 248 -26.43 -43.50 -86.10
N ASP B 249 -27.62 -43.24 -86.67
CA ASP B 249 -28.90 -43.82 -86.22
C ASP B 249 -29.92 -43.67 -87.35
N LEU B 250 -31.13 -44.19 -87.15
CA LEU B 250 -32.22 -44.24 -88.17
C LEU B 250 -32.46 -42.84 -88.76
N ARG B 251 -32.68 -41.84 -87.89
CA ARG B 251 -32.95 -40.45 -88.31
C ARG B 251 -31.77 -39.91 -89.12
N LYS B 252 -30.54 -40.20 -88.69
CA LYS B 252 -29.30 -39.74 -89.37
C LYS B 252 -29.30 -40.30 -90.79
N LEU B 253 -29.55 -41.61 -90.95
CA LEU B 253 -29.61 -42.28 -92.28
C LEU B 253 -30.68 -41.58 -93.12
N ALA B 254 -31.91 -41.47 -92.58
CA ALA B 254 -33.06 -40.81 -93.22
C ALA B 254 -32.65 -39.41 -93.73
N VAL B 255 -32.07 -38.58 -92.86
CA VAL B 255 -31.66 -37.17 -93.15
C VAL B 255 -30.74 -37.15 -94.39
N ASN B 256 -29.87 -38.15 -94.54
CA ASN B 256 -28.82 -38.19 -95.59
C ASN B 256 -29.24 -39.09 -96.76
N LEU B 257 -30.29 -39.90 -96.62
CA LEU B 257 -30.75 -40.85 -97.67
C LEU B 257 -31.93 -40.28 -98.48
N ILE B 258 -32.76 -39.43 -97.88
CA ILE B 258 -34.02 -38.91 -98.50
C ILE B 258 -33.76 -37.47 -98.92
N PRO B 259 -33.46 -37.16 -100.21
CA PRO B 259 -33.28 -35.77 -100.63
C PRO B 259 -34.62 -35.03 -100.64
N PHE B 260 -35.68 -35.66 -101.17
CA PHE B 260 -37.06 -35.13 -101.22
C PHE B 260 -38.01 -36.14 -100.57
N PRO B 261 -39.06 -35.70 -99.83
CA PRO B 261 -39.84 -36.61 -98.98
C PRO B 261 -40.41 -37.87 -99.64
N ARG B 262 -40.72 -37.81 -100.94
CA ARG B 262 -41.41 -38.87 -101.71
C ARG B 262 -40.43 -39.95 -102.20
N LEU B 263 -39.11 -39.73 -102.11
CA LEU B 263 -38.05 -40.66 -102.60
C LEU B 263 -37.41 -41.39 -101.41
N HIS B 264 -38.17 -42.20 -100.68
CA HIS B 264 -37.69 -42.91 -99.45
C HIS B 264 -37.74 -44.43 -99.66
N PHE B 265 -37.70 -44.89 -100.91
CA PHE B 265 -37.51 -46.31 -101.27
C PHE B 265 -36.01 -46.53 -101.47
N PHE B 266 -35.45 -47.55 -100.81
CA PHE B 266 -33.99 -47.87 -100.78
C PHE B 266 -33.78 -49.37 -101.08
N MET B 267 -32.57 -49.72 -101.50
CA MET B 267 -32.13 -51.11 -101.75
C MET B 267 -31.10 -51.51 -100.69
N ILE B 268 -31.48 -52.39 -99.75
CA ILE B 268 -30.57 -52.92 -98.70
C ILE B 268 -29.73 -54.06 -99.29
N GLY B 269 -28.52 -54.27 -98.76
CA GLY B 269 -27.57 -55.30 -99.22
C GLY B 269 -26.44 -55.52 -98.22
N PHE B 270 -26.13 -56.78 -97.92
CA PHE B 270 -25.15 -57.22 -96.88
C PHE B 270 -23.88 -57.76 -97.56
N ALA B 271 -22.73 -57.14 -97.27
CA ALA B 271 -21.46 -57.25 -98.04
C ALA B 271 -20.67 -58.52 -97.73
N PRO B 272 -20.44 -58.92 -96.45
CA PRO B 272 -19.49 -59.98 -96.15
C PRO B 272 -19.97 -61.41 -96.49
N LEU B 273 -21.20 -61.54 -97.01
CA LEU B 273 -21.80 -62.83 -97.44
C LEU B 273 -20.93 -63.47 -98.52
N THR B 274 -20.47 -64.69 -98.28
CA THR B 274 -19.61 -65.48 -99.21
C THR B 274 -20.05 -66.94 -99.21
N SER B 275 -20.02 -67.57 -100.39
CA SER B 275 -20.10 -69.05 -100.57
C SER B 275 -19.09 -69.71 -99.61
N ARG B 276 -19.49 -70.82 -98.98
CA ARG B 276 -18.72 -71.51 -97.90
C ARG B 276 -17.42 -72.10 -98.48
N GLY B 277 -17.45 -72.53 -99.75
CA GLY B 277 -16.29 -73.11 -100.47
C GLY B 277 -15.44 -72.07 -101.19
N SER B 278 -15.85 -70.79 -101.18
CA SER B 278 -15.11 -69.64 -101.75
C SER B 278 -14.60 -68.71 -100.64
N GLN B 279 -14.43 -69.23 -99.40
CA GLN B 279 -14.04 -68.44 -98.20
C GLN B 279 -12.51 -68.36 -98.08
N GLN B 280 -11.81 -69.46 -98.37
CA GLN B 280 -10.32 -69.54 -98.37
C GLN B 280 -9.76 -68.46 -99.30
N TYR B 281 -10.18 -68.49 -100.57
CA TYR B 281 -9.66 -67.68 -101.71
C TYR B 281 -9.89 -66.19 -101.43
N ARG B 282 -11.04 -65.84 -100.83
CA ARG B 282 -11.43 -64.47 -100.45
C ARG B 282 -10.59 -63.99 -99.26
N ALA B 283 -10.10 -62.74 -99.34
CA ALA B 283 -9.44 -61.99 -98.24
C ALA B 283 -10.42 -60.96 -97.69
N LEU B 284 -10.61 -60.91 -96.37
CA LEU B 284 -11.60 -60.03 -95.70
C LEU B 284 -10.95 -58.66 -95.41
N THR B 285 -11.12 -57.71 -96.33
CA THR B 285 -10.58 -56.32 -96.28
C THR B 285 -11.67 -55.34 -96.67
N VAL B 286 -11.53 -54.07 -96.26
CA VAL B 286 -12.51 -52.97 -96.56
C VAL B 286 -12.71 -52.87 -98.07
N PRO B 287 -11.65 -52.81 -98.93
CA PRO B 287 -11.83 -52.75 -100.38
C PRO B 287 -12.66 -53.91 -100.98
N GLU B 288 -12.45 -55.14 -100.51
CA GLU B 288 -13.14 -56.36 -100.99
C GLU B 288 -14.64 -56.24 -100.70
N LEU B 289 -14.99 -55.87 -99.47
CA LEU B 289 -16.41 -55.77 -99.01
C LEU B 289 -17.09 -54.60 -99.72
N THR B 290 -16.38 -53.48 -99.96
CA THR B 290 -16.89 -52.31 -100.70
C THR B 290 -17.19 -52.70 -102.15
N GLN B 291 -16.42 -53.63 -102.73
CA GLN B 291 -16.65 -54.14 -104.12
C GLN B 291 -17.95 -54.95 -104.17
N GLN B 292 -18.24 -55.75 -103.15
CA GLN B 292 -19.44 -56.63 -103.12
C GLN B 292 -20.69 -55.79 -102.84
N MET B 293 -20.63 -54.78 -101.96
CA MET B 293 -21.83 -53.97 -101.56
C MET B 293 -22.33 -53.10 -102.73
N PHE B 294 -21.44 -52.72 -103.67
CA PHE B 294 -21.78 -51.89 -104.86
C PHE B 294 -21.92 -52.74 -106.13
N ASP B 295 -21.66 -54.05 -106.04
CA ASP B 295 -22.09 -55.03 -107.07
C ASP B 295 -23.62 -55.09 -107.06
N ALA B 296 -24.26 -54.94 -108.22
CA ALA B 296 -25.74 -54.97 -108.41
C ALA B 296 -26.32 -56.32 -107.97
N LYS B 297 -25.51 -57.37 -108.01
CA LYS B 297 -25.89 -58.76 -107.60
C LYS B 297 -26.27 -58.79 -106.12
N ASN B 298 -25.49 -58.11 -105.27
CA ASN B 298 -25.59 -58.15 -103.78
C ASN B 298 -26.92 -57.56 -103.31
N MET B 299 -27.50 -56.61 -104.06
CA MET B 299 -28.74 -55.89 -103.67
C MET B 299 -29.90 -56.89 -103.53
N MET B 300 -30.75 -56.69 -102.52
CA MET B 300 -31.93 -57.55 -102.21
C MET B 300 -33.18 -56.98 -102.92
N CYS B 301 -32.99 -56.24 -104.01
CA CYS B 301 -34.04 -55.74 -104.94
C CYS B 301 -33.76 -56.24 -106.36
N ALA B 302 -34.81 -56.37 -107.17
CA ALA B 302 -34.77 -56.91 -108.55
C ALA B 302 -34.02 -55.94 -109.48
N ALA B 303 -34.31 -54.64 -109.38
CA ALA B 303 -33.75 -53.57 -110.24
C ALA B 303 -32.24 -53.44 -109.99
N ASP B 304 -31.45 -53.43 -111.06
CA ASP B 304 -29.97 -53.24 -111.03
C ASP B 304 -29.68 -51.74 -110.95
N PRO B 305 -28.90 -51.26 -109.94
CA PRO B 305 -28.53 -49.84 -109.86
C PRO B 305 -27.85 -49.26 -111.10
N ARG B 306 -27.40 -50.10 -112.05
CA ARG B 306 -26.76 -49.71 -113.33
C ARG B 306 -27.72 -48.89 -114.21
N HIS B 307 -29.00 -49.23 -114.22
CA HIS B 307 -30.05 -48.55 -115.05
C HIS B 307 -30.34 -47.17 -114.46
N GLY B 308 -30.56 -47.11 -113.14
CA GLY B 308 -30.75 -45.85 -112.38
C GLY B 308 -29.42 -45.18 -112.08
N ARG B 309 -29.46 -44.10 -111.30
CA ARG B 309 -28.28 -43.33 -110.83
C ARG B 309 -28.53 -42.99 -109.35
N TYR B 310 -27.68 -43.49 -108.44
CA TYR B 310 -27.77 -43.27 -106.99
C TYR B 310 -27.93 -41.77 -106.67
N LEU B 311 -29.12 -41.37 -106.18
CA LEU B 311 -29.39 -40.03 -105.59
C LEU B 311 -28.48 -39.86 -104.36
N THR B 312 -28.24 -40.96 -103.65
CA THR B 312 -27.31 -41.08 -102.51
C THR B 312 -27.07 -42.57 -102.22
N ALA B 313 -26.22 -42.85 -101.23
CA ALA B 313 -26.00 -44.20 -100.66
C ALA B 313 -25.48 -44.07 -99.24
N SER B 314 -25.62 -45.12 -98.43
CA SER B 314 -25.13 -45.19 -97.03
C SER B 314 -24.51 -46.56 -96.77
N ALA B 315 -23.32 -46.59 -96.17
CA ALA B 315 -22.61 -47.81 -95.72
C ALA B 315 -22.46 -47.77 -94.20
N LEU B 316 -22.80 -48.89 -93.54
CA LEU B 316 -22.68 -49.07 -92.08
C LEU B 316 -21.70 -50.23 -91.83
N PHE B 317 -20.41 -49.92 -91.95
CA PHE B 317 -19.28 -50.87 -91.77
C PHE B 317 -19.22 -51.29 -90.29
N ARG B 318 -18.79 -52.53 -90.06
CA ARG B 318 -18.76 -53.21 -88.73
C ARG B 318 -17.33 -53.69 -88.44
N GLY B 319 -17.02 -53.93 -87.16
CA GLY B 319 -15.70 -54.42 -86.72
C GLY B 319 -14.70 -53.28 -86.56
N ARG B 320 -13.42 -53.61 -86.51
CA ARG B 320 -12.29 -52.66 -86.31
C ARG B 320 -11.61 -52.41 -87.66
N MET B 321 -11.95 -51.31 -88.31
CA MET B 321 -11.33 -50.86 -89.60
C MET B 321 -10.87 -49.42 -89.43
N SER B 322 -9.77 -49.06 -90.10
CA SER B 322 -9.25 -47.68 -90.21
C SER B 322 -10.25 -46.82 -91.00
N THR B 323 -10.78 -45.78 -90.36
CA THR B 323 -11.80 -44.86 -90.94
C THR B 323 -11.25 -44.20 -92.21
N LYS B 324 -9.95 -43.90 -92.24
CA LYS B 324 -9.24 -43.38 -93.44
C LYS B 324 -9.43 -44.36 -94.60
N GLU B 325 -9.17 -45.65 -94.38
CA GLU B 325 -9.23 -46.70 -95.43
C GLU B 325 -10.65 -46.78 -95.97
N VAL B 326 -11.65 -46.84 -95.09
CA VAL B 326 -13.11 -46.75 -95.47
C VAL B 326 -13.28 -45.55 -96.39
N ASP B 327 -12.97 -44.35 -95.89
CA ASP B 327 -13.15 -43.05 -96.58
C ASP B 327 -12.44 -43.07 -97.94
N GLU B 328 -11.27 -43.69 -98.04
CA GLU B 328 -10.51 -43.89 -99.31
C GLU B 328 -11.38 -44.73 -100.27
N GLN B 329 -11.99 -45.80 -99.78
CA GLN B 329 -12.81 -46.74 -100.60
C GLN B 329 -14.07 -46.04 -101.11
N MET B 330 -14.79 -45.30 -100.24
CA MET B 330 -16.05 -44.59 -100.58
C MET B 330 -15.77 -43.54 -101.66
N LEU B 331 -14.66 -42.82 -101.54
CA LEU B 331 -14.17 -41.83 -102.54
C LEU B 331 -13.88 -42.55 -103.86
N ASN B 332 -13.07 -43.62 -103.80
CA ASN B 332 -12.62 -44.41 -104.98
C ASN B 332 -13.84 -44.86 -105.81
N VAL B 333 -14.85 -45.42 -105.14
CA VAL B 333 -16.13 -45.89 -105.76
C VAL B 333 -16.74 -44.74 -106.56
N GLN B 334 -16.93 -43.57 -105.91
CA GLN B 334 -17.66 -42.42 -106.50
C GLN B 334 -16.94 -41.90 -107.76
N ASN B 335 -15.61 -41.99 -107.80
CA ASN B 335 -14.79 -41.62 -108.99
C ASN B 335 -14.96 -42.67 -110.10
N LYS B 336 -15.17 -43.94 -109.73
CA LYS B 336 -15.37 -45.07 -110.67
C LYS B 336 -16.74 -44.97 -111.35
N ASN B 337 -17.78 -44.72 -110.56
CA ASN B 337 -19.23 -44.81 -110.95
C ASN B 337 -19.76 -43.43 -111.34
N SER B 338 -18.99 -42.67 -112.15
CA SER B 338 -19.28 -41.28 -112.57
C SER B 338 -20.74 -41.16 -113.04
N SER B 339 -21.19 -42.12 -113.84
CA SER B 339 -22.56 -42.18 -114.42
C SER B 339 -23.58 -42.56 -113.35
N TYR B 340 -23.26 -43.51 -112.47
CA TYR B 340 -24.20 -44.10 -111.48
C TYR B 340 -24.39 -43.17 -110.27
N PHE B 341 -23.70 -42.02 -110.22
CA PHE B 341 -23.91 -40.97 -109.20
C PHE B 341 -24.41 -39.68 -109.86
N VAL B 342 -25.53 -39.17 -109.34
CA VAL B 342 -26.19 -37.88 -109.71
C VAL B 342 -25.13 -36.77 -109.73
N GLU B 343 -25.20 -35.90 -110.75
CA GLU B 343 -24.23 -34.78 -110.97
C GLU B 343 -24.31 -33.82 -109.78
N TRP B 344 -25.50 -33.26 -109.52
CA TRP B 344 -25.79 -32.43 -108.33
C TRP B 344 -25.70 -33.33 -107.09
N ILE B 345 -25.56 -32.72 -105.90
CA ILE B 345 -25.31 -33.44 -104.61
C ILE B 345 -24.08 -34.33 -104.82
N PRO B 346 -22.85 -33.74 -104.79
CA PRO B 346 -21.62 -34.52 -104.80
C PRO B 346 -21.27 -35.08 -103.42
N ASN B 347 -20.22 -35.91 -103.36
CA ASN B 347 -19.86 -36.75 -102.18
C ASN B 347 -21.10 -37.55 -101.74
N ASN B 348 -21.70 -38.26 -102.70
CA ASN B 348 -23.03 -38.91 -102.62
C ASN B 348 -23.08 -39.96 -101.50
N ILE B 349 -21.97 -40.65 -101.23
CA ILE B 349 -21.96 -41.80 -100.28
C ILE B 349 -21.70 -41.29 -98.85
N LYS B 350 -22.60 -41.65 -97.93
CA LYS B 350 -22.42 -41.53 -96.47
C LYS B 350 -21.73 -42.81 -95.96
N SER B 351 -20.98 -42.70 -94.86
CA SER B 351 -20.29 -43.83 -94.18
C SER B 351 -20.46 -43.72 -92.67
N SER B 352 -20.88 -44.81 -92.02
CA SER B 352 -20.93 -44.99 -90.54
C SER B 352 -20.04 -46.18 -90.16
N ILE B 353 -19.30 -46.05 -89.05
CA ILE B 353 -18.40 -47.09 -88.49
C ILE B 353 -18.99 -47.54 -87.15
N CYS B 354 -19.17 -48.85 -86.96
CA CYS B 354 -19.51 -49.46 -85.64
C CYS B 354 -18.42 -50.46 -85.23
N ASP B 355 -17.90 -50.32 -84.02
CA ASP B 355 -16.72 -51.06 -83.50
C ASP B 355 -17.04 -52.56 -83.39
N ILE B 356 -18.26 -52.91 -82.93
CA ILE B 356 -18.65 -54.31 -82.62
C ILE B 356 -19.09 -55.01 -83.91
N PRO B 357 -18.39 -56.09 -84.33
CA PRO B 357 -18.75 -56.81 -85.55
C PRO B 357 -19.91 -57.76 -85.30
N PRO B 358 -20.52 -58.34 -86.37
CA PRO B 358 -21.51 -59.41 -86.20
C PRO B 358 -20.80 -60.70 -85.81
N LYS B 359 -21.49 -61.60 -85.10
CA LYS B 359 -20.89 -62.83 -84.49
C LYS B 359 -20.28 -63.72 -85.57
N GLY B 360 -19.08 -64.26 -85.31
CA GLY B 360 -18.31 -65.13 -86.22
C GLY B 360 -17.86 -64.41 -87.48
N LEU B 361 -17.55 -63.11 -87.37
CA LEU B 361 -17.01 -62.27 -88.46
C LEU B 361 -16.11 -61.17 -87.88
N LYS B 362 -15.05 -60.81 -88.60
CA LYS B 362 -14.06 -59.78 -88.20
C LYS B 362 -14.52 -58.41 -88.70
N MET B 363 -14.97 -58.34 -89.95
CA MET B 363 -15.54 -57.12 -90.59
C MET B 363 -16.83 -57.49 -91.33
N ALA B 364 -17.74 -56.51 -91.44
CA ALA B 364 -19.01 -56.59 -92.21
C ALA B 364 -19.42 -55.21 -92.70
N VAL B 365 -20.37 -55.15 -93.63
CA VAL B 365 -20.99 -53.90 -94.16
C VAL B 365 -22.47 -54.17 -94.44
N THR B 366 -23.32 -53.18 -94.16
CA THR B 366 -24.73 -53.09 -94.63
C THR B 366 -24.81 -51.89 -95.55
N PHE B 367 -25.58 -51.99 -96.64
CA PHE B 367 -25.69 -50.95 -97.68
C PHE B 367 -27.15 -50.54 -97.88
N VAL B 368 -27.45 -49.24 -97.73
CA VAL B 368 -28.79 -48.62 -97.98
C VAL B 368 -28.61 -47.57 -99.09
N GLY B 369 -29.27 -47.75 -100.24
CA GLY B 369 -29.03 -46.96 -101.47
C GLY B 369 -30.31 -46.45 -102.10
N ASN B 370 -30.58 -45.14 -101.98
CA ASN B 370 -31.66 -44.45 -102.74
C ASN B 370 -31.14 -44.25 -104.16
N SER B 371 -31.68 -44.99 -105.12
CA SER B 371 -31.38 -44.87 -106.57
C SER B 371 -32.68 -44.66 -107.35
N THR B 372 -32.55 -44.28 -108.63
CA THR B 372 -33.66 -44.13 -109.60
C THR B 372 -33.85 -45.44 -110.37
N ALA B 373 -33.09 -46.49 -110.00
CA ALA B 373 -33.25 -47.88 -110.46
C ALA B 373 -34.51 -48.49 -109.85
N ILE B 374 -34.81 -48.16 -108.58
CA ILE B 374 -35.93 -48.74 -107.78
C ILE B 374 -37.24 -48.55 -108.55
N GLN B 375 -37.38 -47.40 -109.22
CA GLN B 375 -38.42 -47.08 -110.25
C GLN B 375 -38.73 -48.32 -111.09
N GLU B 376 -37.70 -48.99 -111.61
CA GLU B 376 -37.81 -50.12 -112.58
C GLU B 376 -38.60 -51.29 -111.96
N MET B 377 -38.46 -51.53 -110.65
CA MET B 377 -39.18 -52.62 -109.93
C MET B 377 -40.66 -52.26 -109.78
N PHE B 378 -40.98 -50.96 -109.63
CA PHE B 378 -42.37 -50.43 -109.49
C PHE B 378 -43.08 -50.43 -110.85
N LYS B 379 -42.34 -50.26 -111.94
CA LYS B 379 -42.88 -50.32 -113.33
C LYS B 379 -43.46 -51.71 -113.61
N ARG B 380 -42.79 -52.76 -113.14
CA ARG B 380 -43.21 -54.18 -113.31
C ARG B 380 -44.58 -54.37 -112.65
N VAL B 381 -44.78 -53.81 -111.45
CA VAL B 381 -46.07 -53.89 -110.68
C VAL B 381 -47.14 -53.09 -111.42
N ALA B 382 -46.79 -51.90 -111.96
CA ALA B 382 -47.70 -50.99 -112.70
C ALA B 382 -48.19 -51.69 -113.98
N GLU B 383 -47.25 -52.11 -114.83
CA GLU B 383 -47.49 -52.82 -116.12
C GLU B 383 -48.46 -53.99 -115.89
N GLN B 384 -48.18 -54.82 -114.87
CA GLN B 384 -49.01 -55.98 -114.45
C GLN B 384 -50.39 -55.49 -114.01
N PHE B 385 -50.44 -54.52 -113.08
CA PHE B 385 -51.68 -53.97 -112.48
C PHE B 385 -52.60 -53.44 -113.59
N THR B 386 -52.03 -52.69 -114.54
CA THR B 386 -52.76 -52.08 -115.68
C THR B 386 -53.45 -53.19 -116.49
N ALA B 387 -52.70 -54.23 -116.87
CA ALA B 387 -53.15 -55.38 -117.71
C ALA B 387 -54.39 -56.06 -117.09
N MET B 388 -54.50 -56.08 -115.76
CA MET B 388 -55.66 -56.64 -115.02
C MET B 388 -56.78 -55.60 -114.90
N PHE B 389 -56.45 -54.32 -114.63
CA PHE B 389 -57.43 -53.23 -114.37
C PHE B 389 -58.01 -52.67 -115.67
N ARG B 390 -57.36 -52.89 -116.82
CA ARG B 390 -57.94 -52.67 -118.17
C ARG B 390 -59.26 -53.45 -118.30
N ARG B 391 -59.35 -54.64 -117.70
CA ARG B 391 -60.46 -55.62 -117.84
C ARG B 391 -61.29 -55.75 -116.56
N LYS B 392 -60.87 -55.10 -115.46
CA LYS B 392 -61.52 -55.14 -114.12
C LYS B 392 -61.57 -56.60 -113.61
N ALA B 393 -60.49 -57.35 -113.83
CA ALA B 393 -60.34 -58.75 -113.41
C ALA B 393 -60.04 -58.81 -111.90
N PHE B 394 -60.70 -59.72 -111.18
CA PHE B 394 -60.54 -59.98 -109.73
C PHE B 394 -60.89 -58.74 -108.89
N LEU B 395 -61.53 -57.73 -109.49
CA LEU B 395 -61.83 -56.44 -108.82
C LEU B 395 -63.03 -56.64 -107.88
N HIS B 396 -63.95 -57.52 -108.26
CA HIS B 396 -65.21 -57.83 -107.53
C HIS B 396 -64.93 -58.19 -106.07
N TRP B 397 -63.85 -58.93 -105.79
CA TRP B 397 -63.42 -59.30 -104.41
C TRP B 397 -63.22 -58.03 -103.59
N TYR B 398 -62.43 -57.09 -104.14
CA TYR B 398 -62.02 -55.82 -103.50
C TYR B 398 -63.24 -54.89 -103.40
N THR B 399 -64.01 -54.80 -104.49
CA THR B 399 -65.30 -54.03 -104.57
C THR B 399 -66.31 -54.62 -103.59
N GLY B 400 -66.28 -55.93 -103.36
CA GLY B 400 -67.15 -56.66 -102.41
C GLY B 400 -66.92 -56.23 -100.97
N GLU B 401 -65.66 -55.92 -100.60
CA GLU B 401 -65.27 -55.50 -99.23
C GLU B 401 -65.62 -54.01 -99.01
N GLY B 402 -65.99 -53.27 -100.06
CA GLY B 402 -66.47 -51.89 -99.98
C GLY B 402 -65.42 -50.87 -100.36
N MET B 403 -64.39 -51.27 -101.12
CA MET B 403 -63.40 -50.38 -101.76
C MET B 403 -63.88 -50.03 -103.17
N ASP B 404 -63.97 -48.73 -103.48
CA ASP B 404 -64.53 -48.22 -104.76
C ASP B 404 -63.46 -48.29 -105.86
N GLU B 405 -63.88 -48.17 -107.12
CA GLU B 405 -62.99 -48.17 -108.31
C GLU B 405 -62.08 -46.93 -108.29
N MET B 406 -62.55 -45.82 -107.69
CA MET B 406 -61.81 -44.54 -107.56
C MET B 406 -60.48 -44.78 -106.86
N GLU B 407 -60.47 -45.59 -105.79
CA GLU B 407 -59.28 -45.94 -104.96
C GLU B 407 -58.22 -46.64 -105.82
N PHE B 408 -58.63 -47.52 -106.75
CA PHE B 408 -57.71 -48.29 -107.62
C PHE B 408 -57.01 -47.34 -108.61
N THR B 409 -57.72 -46.33 -109.12
CA THR B 409 -57.19 -45.34 -110.10
C THR B 409 -56.23 -44.38 -109.40
N GLU B 410 -56.54 -43.96 -108.17
CA GLU B 410 -55.71 -43.01 -107.38
C GLU B 410 -54.40 -43.71 -106.95
N ALA B 411 -54.48 -45.01 -106.63
CA ALA B 411 -53.31 -45.85 -106.27
C ALA B 411 -52.34 -45.93 -107.44
N GLU B 412 -52.85 -46.16 -108.66
CA GLU B 412 -52.06 -46.22 -109.92
C GLU B 412 -51.48 -44.83 -110.22
N SER B 413 -52.30 -43.78 -110.07
CA SER B 413 -51.92 -42.36 -110.29
C SER B 413 -50.74 -41.98 -109.38
N ASN B 414 -50.83 -42.31 -108.09
CA ASN B 414 -49.82 -41.97 -107.05
C ASN B 414 -48.53 -42.75 -107.30
N MET B 415 -48.61 -44.00 -107.77
CA MET B 415 -47.43 -44.85 -108.07
C MET B 415 -46.77 -44.38 -109.37
N ASN B 416 -47.55 -43.95 -110.37
CA ASN B 416 -47.02 -43.38 -111.63
C ASN B 416 -46.30 -42.05 -111.33
N ASP B 417 -46.80 -41.27 -110.37
CA ASP B 417 -46.19 -39.98 -109.91
C ASP B 417 -44.82 -40.24 -109.29
N LEU B 418 -44.70 -41.27 -108.44
CA LEU B 418 -43.42 -41.75 -107.85
C LEU B 418 -42.44 -42.06 -109.00
N VAL B 419 -42.89 -42.86 -109.97
CA VAL B 419 -42.09 -43.38 -111.13
C VAL B 419 -41.60 -42.20 -111.96
N SER B 420 -42.45 -41.21 -112.22
CA SER B 420 -42.10 -39.95 -112.94
C SER B 420 -41.01 -39.21 -112.15
N GLU B 421 -41.14 -39.11 -110.83
CA GLU B 421 -40.27 -38.26 -109.96
C GLU B 421 -38.85 -38.82 -109.91
N TYR B 422 -38.69 -40.14 -109.77
CA TYR B 422 -37.35 -40.80 -109.80
C TYR B 422 -36.73 -40.54 -111.18
N GLN B 423 -37.49 -40.69 -112.26
CA GLN B 423 -37.00 -40.51 -113.66
C GLN B 423 -36.59 -39.05 -113.89
N GLN B 424 -37.29 -38.09 -113.25
CA GLN B 424 -36.91 -36.66 -113.23
C GLN B 424 -35.49 -36.53 -112.66
N TYR B 425 -35.28 -37.04 -111.44
CA TYR B 425 -34.02 -36.88 -110.66
C TYR B 425 -32.92 -37.82 -111.17
N GLN B 426 -33.25 -38.74 -112.09
CA GLN B 426 -32.25 -39.49 -112.91
C GLN B 426 -31.80 -38.59 -114.06
N ASP B 427 -32.75 -38.11 -114.85
CA ASP B 427 -32.52 -37.38 -116.12
C ASP B 427 -31.97 -35.97 -115.83
N ALA B 428 -32.34 -35.37 -114.69
CA ALA B 428 -31.96 -33.98 -114.28
C ALA B 428 -30.43 -33.86 -114.18
N THR B 429 -29.87 -32.78 -114.73
CA THR B 429 -28.42 -32.45 -114.77
C THR B 429 -28.20 -31.06 -114.13
N ALA B 430 -27.37 -30.99 -113.09
CA ALA B 430 -27.07 -29.75 -112.32
C ALA B 430 -25.73 -29.88 -111.59
N MET C 1 50.54 36.64 -39.18
CA MET C 1 51.94 36.14 -39.35
C MET C 1 52.00 35.22 -40.57
N ARG C 2 51.97 35.81 -41.77
CA ARG C 2 52.21 35.15 -43.08
C ARG C 2 51.13 34.10 -43.36
N GLU C 3 49.93 34.23 -42.78
CA GLU C 3 48.82 33.26 -42.91
C GLU C 3 48.27 33.29 -44.34
N VAL C 4 48.04 32.10 -44.93
CA VAL C 4 47.44 31.92 -46.28
C VAL C 4 46.28 30.93 -46.16
N ILE C 5 45.05 31.39 -46.43
CA ILE C 5 43.84 30.51 -46.55
C ILE C 5 43.83 29.90 -47.95
N SER C 6 43.83 28.56 -48.03
CA SER C 6 43.70 27.79 -49.29
C SER C 6 42.22 27.40 -49.48
N ILE C 7 41.64 27.69 -50.64
CA ILE C 7 40.24 27.32 -51.01
C ILE C 7 40.30 26.34 -52.19
N HIS C 8 40.06 25.05 -51.93
CA HIS C 8 40.09 23.95 -52.94
C HIS C 8 38.65 23.63 -53.37
N VAL C 9 38.28 24.01 -54.60
CA VAL C 9 36.91 23.90 -55.16
C VAL C 9 36.96 22.93 -56.36
N GLY C 10 36.04 21.95 -56.39
CA GLY C 10 35.93 20.96 -57.48
C GLY C 10 36.92 19.82 -57.32
N GLN C 11 36.65 18.69 -57.98
CA GLN C 11 37.50 17.47 -57.96
C GLN C 11 38.94 17.87 -58.22
N GLY C 12 39.19 18.57 -59.34
CA GLY C 12 40.53 19.06 -59.73
C GLY C 12 41.17 19.87 -58.62
N GLY C 13 40.39 20.73 -57.95
CA GLY C 13 40.85 21.56 -56.81
C GLY C 13 41.26 20.71 -55.61
N ILE C 14 40.37 19.84 -55.15
CA ILE C 14 40.58 18.98 -53.95
C ILE C 14 41.80 18.08 -54.21
N GLN C 15 41.77 17.31 -55.30
CA GLN C 15 42.82 16.30 -55.62
C GLN C 15 44.18 16.99 -55.80
N VAL C 16 44.21 18.22 -56.33
CA VAL C 16 45.44 19.08 -56.32
C VAL C 16 45.73 19.44 -54.87
N GLY C 17 44.70 19.80 -54.10
CA GLY C 17 44.81 20.11 -52.66
C GLY C 17 45.53 19.02 -51.89
N ASN C 18 45.00 17.79 -51.92
CA ASN C 18 45.57 16.61 -51.21
C ASN C 18 47.09 16.62 -51.40
N ALA C 19 47.56 16.61 -52.66
CA ALA C 19 48.98 16.58 -53.06
C ALA C 19 49.75 17.76 -52.46
N CYS C 20 49.13 18.95 -52.40
CA CYS C 20 49.72 20.17 -51.79
C CYS C 20 49.97 19.92 -50.28
N TRP C 21 48.99 19.31 -49.61
CA TRP C 21 49.00 19.13 -48.12
C TRP C 21 49.85 17.92 -47.70
N GLU C 22 50.08 16.96 -48.60
CA GLU C 22 51.14 15.92 -48.43
C GLU C 22 52.50 16.62 -48.33
N LEU C 23 52.75 17.53 -49.28
CA LEU C 23 54.05 18.26 -49.44
C LEU C 23 54.28 19.18 -48.25
N PHE C 24 53.28 19.99 -47.89
CA PHE C 24 53.35 20.98 -46.77
C PHE C 24 53.62 20.24 -45.45
N CYS C 25 52.86 19.18 -45.19
CA CYS C 25 52.99 18.31 -43.98
C CYS C 25 54.44 17.81 -43.86
N LEU C 26 55.00 17.28 -44.96
CA LEU C 26 56.41 16.78 -45.04
C LEU C 26 57.39 17.94 -44.81
N GLU C 27 57.08 19.13 -45.35
CA GLU C 27 57.98 20.32 -45.33
C GLU C 27 58.12 20.85 -43.90
N HIS C 28 57.01 20.92 -43.15
CA HIS C 28 56.97 21.44 -41.75
C HIS C 28 57.16 20.33 -40.73
N GLY C 29 57.12 19.06 -41.16
CA GLY C 29 57.36 17.88 -40.30
C GLY C 29 56.09 17.44 -39.57
N ILE C 30 54.91 17.91 -40.00
CA ILE C 30 53.60 17.48 -39.46
C ILE C 30 53.33 16.05 -39.95
N GLN C 31 52.94 15.16 -39.03
CA GLN C 31 52.55 13.75 -39.30
C GLN C 31 51.06 13.75 -39.67
N PRO C 32 50.50 12.61 -40.15
CA PRO C 32 49.08 12.55 -40.50
C PRO C 32 48.07 12.83 -39.37
N ASP C 33 48.44 12.55 -38.11
CA ASP C 33 47.62 12.80 -36.89
C ASP C 33 47.41 14.31 -36.69
N GLY C 34 48.36 15.12 -37.15
CA GLY C 34 48.36 16.59 -37.02
C GLY C 34 49.29 17.07 -35.93
N GLN C 35 50.06 16.16 -35.31
CA GLN C 35 51.02 16.45 -34.21
C GLN C 35 52.45 16.29 -34.73
N MET C 36 53.17 17.41 -34.88
CA MET C 36 54.64 17.44 -35.14
C MET C 36 55.33 16.70 -33.99
N PRO C 37 56.31 15.82 -34.27
CA PRO C 37 57.14 15.26 -33.21
C PRO C 37 58.18 16.30 -32.75
N SER C 38 58.15 16.68 -31.47
CA SER C 38 59.07 17.68 -30.86
C SER C 38 60.47 17.08 -30.74
N ASP C 39 61.32 17.32 -31.75
CA ASP C 39 62.71 16.79 -31.87
C ASP C 39 63.69 17.96 -32.10
N LYS C 40 65.00 17.66 -31.99
CA LYS C 40 66.17 18.60 -31.99
C LYS C 40 66.25 19.36 -30.65
N THR C 41 65.39 19.03 -29.67
CA THR C 41 65.31 19.61 -28.29
C THR C 41 65.12 21.14 -28.32
N ILE C 42 64.71 21.72 -29.46
CA ILE C 42 64.44 23.16 -29.69
C ILE C 42 63.33 23.25 -30.76
N GLY C 43 62.44 24.24 -30.66
CA GLY C 43 61.49 24.60 -31.73
C GLY C 43 62.20 25.24 -32.90
N GLY C 44 62.89 24.42 -33.73
CA GLY C 44 63.76 24.88 -34.83
C GLY C 44 62.99 25.18 -36.11
N GLY C 45 61.92 24.40 -36.37
CA GLY C 45 60.91 24.68 -37.41
C GLY C 45 59.62 25.24 -36.81
N ASP C 46 59.73 25.96 -35.69
CA ASP C 46 58.60 26.60 -34.96
C ASP C 46 58.19 27.87 -35.71
N ASP C 47 56.88 28.04 -35.97
CA ASP C 47 56.24 29.21 -36.63
C ASP C 47 56.34 29.13 -38.16
N ALA C 48 57.18 28.23 -38.71
CA ALA C 48 57.27 27.95 -40.16
C ALA C 48 55.88 27.60 -40.69
N PHE C 49 55.15 26.75 -39.96
CA PHE C 49 53.83 26.17 -40.35
C PHE C 49 52.70 27.21 -40.26
N ASN C 50 52.87 28.28 -39.47
CA ASN C 50 51.78 29.25 -39.18
C ASN C 50 51.20 29.82 -40.48
N THR C 51 51.98 29.87 -41.57
CA THR C 51 51.51 30.22 -42.94
C THR C 51 50.29 29.37 -43.31
N PHE C 52 50.38 28.05 -43.13
CA PHE C 52 49.40 27.06 -43.68
C PHE C 52 48.66 26.31 -42.56
N PHE C 53 49.27 26.05 -41.41
CA PHE C 53 48.66 25.27 -40.29
C PHE C 53 48.45 26.16 -39.06
N SER C 54 47.28 26.06 -38.44
CA SER C 54 46.90 26.76 -37.19
C SER C 54 47.10 25.81 -36.00
N GLU C 55 47.99 26.17 -35.08
CA GLU C 55 48.19 25.47 -33.79
C GLU C 55 46.89 25.58 -32.98
N THR C 56 46.36 24.45 -32.49
CA THR C 56 45.10 24.37 -31.70
C THR C 56 45.38 24.64 -30.22
N GLY C 57 46.66 24.59 -29.81
CA GLY C 57 47.12 24.87 -28.43
C GLY C 57 47.35 23.58 -27.63
N ALA C 58 46.93 22.44 -28.19
CA ALA C 58 46.97 21.09 -27.57
C ALA C 58 48.05 20.22 -28.23
N GLY C 59 48.82 20.78 -29.18
CA GLY C 59 49.88 20.07 -29.92
C GLY C 59 49.44 19.56 -31.28
N LYS C 60 48.16 19.75 -31.66
CA LYS C 60 47.62 19.41 -33.01
C LYS C 60 47.61 20.67 -33.89
N HIS C 61 48.14 20.56 -35.11
CA HIS C 61 48.20 21.62 -36.15
C HIS C 61 47.20 21.30 -37.26
N VAL C 62 46.31 22.25 -37.56
CA VAL C 62 45.17 22.07 -38.51
C VAL C 62 45.43 22.92 -39.74
N PRO C 63 45.34 22.35 -40.96
CA PRO C 63 45.45 23.14 -42.18
C PRO C 63 44.41 24.26 -42.20
N ARG C 64 44.82 25.46 -42.59
CA ARG C 64 43.92 26.62 -42.83
C ARG C 64 43.38 26.52 -44.25
N ALA C 65 42.57 25.50 -44.53
CA ALA C 65 42.08 25.18 -45.89
C ALA C 65 40.60 24.79 -45.86
N VAL C 66 39.84 25.23 -46.85
CA VAL C 66 38.43 24.81 -47.09
C VAL C 66 38.38 24.02 -48.41
N PHE C 67 38.18 22.71 -48.30
CA PHE C 67 37.92 21.77 -49.42
C PHE C 67 36.42 21.76 -49.71
N LEU C 68 36.02 22.32 -50.85
CA LEU C 68 34.59 22.50 -51.23
C LEU C 68 34.29 21.68 -52.49
N ASP C 69 33.21 20.90 -52.48
CA ASP C 69 32.70 20.18 -53.66
C ASP C 69 31.17 20.04 -53.55
N LEU C 70 30.48 20.11 -54.68
CA LEU C 70 29.01 19.86 -54.81
C LEU C 70 28.78 18.34 -54.87
N GLU C 71 29.83 17.57 -55.18
CA GLU C 71 29.84 16.07 -55.23
C GLU C 71 30.46 15.52 -53.95
N PRO C 72 29.87 14.50 -53.30
CA PRO C 72 30.43 13.95 -52.06
C PRO C 72 31.65 13.02 -52.20
N THR C 73 31.92 12.49 -53.39
CA THR C 73 32.87 11.37 -53.63
C THR C 73 34.30 11.81 -53.31
N VAL C 74 34.76 12.90 -53.91
CA VAL C 74 36.18 13.35 -53.82
C VAL C 74 36.49 13.71 -52.36
N ILE C 75 35.58 14.44 -51.70
CA ILE C 75 35.76 14.88 -50.29
C ILE C 75 35.69 13.66 -49.36
N ASP C 76 34.87 12.65 -49.69
CA ASP C 76 34.78 11.38 -48.93
C ASP C 76 36.13 10.66 -48.96
N GLU C 77 36.79 10.65 -50.12
CA GLU C 77 38.14 10.02 -50.30
C GLU C 77 39.14 10.65 -49.33
N VAL C 78 39.01 11.96 -49.06
CA VAL C 78 39.88 12.69 -48.09
C VAL C 78 39.52 12.23 -46.67
N ARG C 79 38.22 12.08 -46.37
CA ARG C 79 37.70 11.68 -45.03
C ARG C 79 38.08 10.21 -44.72
N THR C 80 38.12 9.34 -45.73
CA THR C 80 38.58 7.92 -45.62
C THR C 80 40.01 7.82 -46.18
N GLY C 81 40.89 8.72 -45.74
CA GLY C 81 42.29 8.83 -46.22
C GLY C 81 43.27 8.83 -45.06
N THR C 82 44.57 8.87 -45.37
CA THR C 82 45.70 8.92 -44.39
C THR C 82 45.59 10.20 -43.54
N TYR C 83 45.17 11.31 -44.16
CA TYR C 83 45.09 12.66 -43.54
C TYR C 83 43.68 12.94 -43.01
N ARG C 84 42.90 11.89 -42.69
CA ARG C 84 41.50 12.02 -42.22
C ARG C 84 41.46 12.88 -40.93
N GLN C 85 42.40 12.65 -40.02
CA GLN C 85 42.44 13.32 -38.68
C GLN C 85 43.01 14.74 -38.83
N LEU C 86 43.96 14.95 -39.75
CA LEU C 86 44.63 16.25 -39.99
C LEU C 86 43.57 17.35 -40.19
N PHE C 87 42.75 17.22 -41.25
CA PHE C 87 41.76 18.25 -41.67
C PHE C 87 40.62 18.32 -40.64
N HIS C 88 40.16 19.53 -40.36
CA HIS C 88 38.97 19.82 -39.49
C HIS C 88 37.70 19.36 -40.22
N PRO C 89 36.80 18.58 -39.58
CA PRO C 89 35.63 18.03 -40.27
C PRO C 89 34.72 19.06 -40.97
N GLU C 90 34.60 20.27 -40.42
CA GLU C 90 33.72 21.34 -40.98
C GLU C 90 34.35 21.94 -42.23
N GLN C 91 35.68 22.11 -42.26
CA GLN C 91 36.45 22.68 -43.40
C GLN C 91 36.20 21.87 -44.68
N LEU C 92 36.07 20.55 -44.55
CA LEU C 92 35.76 19.62 -45.66
C LEU C 92 34.25 19.67 -45.93
N ILE C 93 33.78 20.66 -46.69
CA ILE C 93 32.33 20.89 -46.98
C ILE C 93 31.94 20.05 -48.21
N SER C 94 30.78 19.39 -48.13
CA SER C 94 30.23 18.46 -49.14
C SER C 94 28.89 18.98 -49.66
N GLY C 95 28.58 18.65 -50.92
CA GLY C 95 27.22 18.73 -51.52
C GLY C 95 26.68 17.35 -51.81
N LYS C 96 25.35 17.24 -51.94
CA LYS C 96 24.64 15.97 -52.22
C LYS C 96 24.71 15.67 -53.72
N GLU C 97 24.42 16.66 -54.59
CA GLU C 97 24.35 16.49 -56.06
C GLU C 97 25.35 17.45 -56.74
N ASP C 98 26.12 16.93 -57.70
CA ASP C 98 27.19 17.67 -58.44
C ASP C 98 26.55 18.66 -59.42
N ALA C 99 27.35 19.63 -59.88
CA ALA C 99 26.97 20.64 -60.91
C ALA C 99 26.91 19.99 -62.30
N ALA C 100 27.56 18.82 -62.47
CA ALA C 100 27.50 17.98 -63.67
C ALA C 100 28.02 18.77 -64.88
N ASN C 101 29.19 19.39 -64.73
CA ASN C 101 29.89 20.17 -65.79
C ASN C 101 28.98 21.30 -66.29
N ASN C 102 28.14 21.88 -65.43
CA ASN C 102 27.25 23.01 -65.81
C ASN C 102 27.49 24.17 -64.85
N PHE C 103 28.17 25.22 -65.35
CA PHE C 103 28.43 26.51 -64.67
C PHE C 103 27.16 27.00 -63.96
N ALA C 104 26.05 26.99 -64.69
CA ALA C 104 24.73 27.47 -64.23
C ALA C 104 24.37 26.79 -62.90
N ARG C 105 24.37 25.45 -62.87
CA ARG C 105 24.10 24.66 -61.64
C ARG C 105 24.98 25.20 -60.51
N GLY C 106 26.28 25.33 -60.80
CA GLY C 106 27.30 25.77 -59.84
C GLY C 106 27.13 27.23 -59.43
N HIS C 107 26.68 28.10 -60.33
CA HIS C 107 26.60 29.57 -60.09
C HIS C 107 25.28 29.94 -59.42
N TYR C 108 24.16 29.29 -59.77
CA TYR C 108 22.79 29.64 -59.32
C TYR C 108 22.16 28.48 -58.54
N THR C 109 21.77 27.41 -59.25
CA THR C 109 20.83 26.36 -58.75
C THR C 109 21.37 25.76 -57.44
N ILE C 110 22.50 25.04 -57.51
CA ILE C 110 23.06 24.22 -56.40
C ILE C 110 24.01 25.10 -55.57
N GLY C 111 24.88 25.88 -56.21
CA GLY C 111 25.97 26.65 -55.58
C GLY C 111 25.48 27.61 -54.51
N LYS C 112 24.36 28.31 -54.76
CA LYS C 112 23.81 29.36 -53.85
C LYS C 112 23.45 28.77 -52.47
N GLU C 113 23.15 27.47 -52.40
CA GLU C 113 22.83 26.76 -51.13
C GLU C 113 24.10 26.62 -50.28
N ILE C 114 25.20 26.22 -50.91
CA ILE C 114 26.46 25.76 -50.23
C ILE C 114 27.36 26.98 -49.92
N VAL C 115 27.43 27.97 -50.82
CA VAL C 115 28.34 29.15 -50.71
C VAL C 115 28.14 29.86 -49.36
N ASP C 116 26.89 29.90 -48.86
CA ASP C 116 26.53 30.52 -47.55
C ASP C 116 27.31 29.83 -46.43
N LEU C 117 27.40 28.49 -46.45
CA LEU C 117 28.10 27.68 -45.41
C LEU C 117 29.62 27.86 -45.55
N CYS C 118 30.15 27.95 -46.77
CA CYS C 118 31.61 28.09 -47.05
C CYS C 118 32.12 29.43 -46.50
N LEU C 119 31.45 30.54 -46.82
CA LEU C 119 31.85 31.91 -46.40
C LEU C 119 31.94 32.00 -44.87
N ASP C 120 31.01 31.35 -44.16
CA ASP C 120 31.04 31.23 -42.67
C ASP C 120 32.35 30.55 -42.26
N ARG C 121 32.72 29.45 -42.93
CA ARG C 121 33.97 28.70 -42.66
C ARG C 121 35.19 29.57 -42.94
N ILE C 122 35.18 30.34 -44.03
CA ILE C 122 36.31 31.24 -44.42
C ILE C 122 36.45 32.31 -43.33
N ARG C 123 35.33 32.85 -42.84
CA ARG C 123 35.29 33.92 -41.80
C ARG C 123 35.89 33.39 -40.49
N LYS C 124 35.53 32.17 -40.08
CA LYS C 124 36.07 31.51 -38.86
C LYS C 124 37.59 31.36 -39.00
N LEU C 125 38.06 30.97 -40.19
CA LEU C 125 39.52 30.77 -40.48
C LEU C 125 40.22 32.14 -40.54
N ALA C 126 39.58 33.16 -41.10
CA ALA C 126 40.13 34.54 -41.23
C ALA C 126 40.20 35.22 -39.85
N ASP C 127 39.30 34.87 -38.93
CA ASP C 127 39.27 35.40 -37.53
C ASP C 127 40.53 34.94 -36.78
N ASN C 128 40.88 33.64 -36.89
CA ASN C 128 42.10 33.03 -36.28
C ASN C 128 43.35 33.70 -36.87
N CYS C 129 43.34 34.01 -38.17
CA CYS C 129 44.46 34.63 -38.93
C CYS C 129 44.66 36.08 -38.46
N THR C 130 45.92 36.45 -38.18
CA THR C 130 46.38 37.81 -37.79
C THR C 130 47.36 38.32 -38.86
N GLY C 131 46.93 39.29 -39.69
CA GLY C 131 47.72 39.78 -40.84
C GLY C 131 47.79 38.73 -41.93
N LEU C 132 46.63 38.27 -42.39
CA LEU C 132 46.48 37.34 -43.54
C LEU C 132 47.14 37.96 -44.78
N GLN C 133 47.92 37.17 -45.51
CA GLN C 133 48.66 37.64 -46.71
C GLN C 133 47.73 37.56 -47.93
N GLY C 134 47.02 36.44 -48.11
CA GLY C 134 46.08 36.28 -49.24
C GLY C 134 45.26 34.99 -49.19
N PHE C 135 44.44 34.81 -50.22
CA PHE C 135 43.60 33.61 -50.48
C PHE C 135 44.12 32.88 -51.72
N LEU C 136 44.85 31.78 -51.55
CA LEU C 136 45.12 30.81 -52.64
C LEU C 136 43.82 30.06 -52.91
N VAL C 137 43.43 29.96 -54.19
CA VAL C 137 42.20 29.23 -54.64
C VAL C 137 42.60 28.26 -55.75
N PHE C 138 42.08 27.04 -55.69
CA PHE C 138 42.33 25.93 -56.65
C PHE C 138 40.98 25.49 -57.23
N ASN C 139 40.76 25.76 -58.51
CA ASN C 139 39.52 25.36 -59.23
C ASN C 139 39.87 24.94 -60.67
N SER C 140 39.11 23.98 -61.19
CA SER C 140 39.13 23.53 -62.61
C SER C 140 38.06 24.31 -63.38
N VAL C 141 38.45 25.10 -64.37
CA VAL C 141 37.52 25.98 -65.14
C VAL C 141 36.85 25.14 -66.23
N GLY C 142 37.37 23.94 -66.51
CA GLY C 142 36.73 22.95 -67.41
C GLY C 142 35.49 22.33 -66.79
N GLY C 143 35.48 22.16 -65.46
CA GLY C 143 34.41 21.48 -64.71
C GLY C 143 33.21 22.38 -64.46
N GLY C 144 32.27 21.89 -63.63
CA GLY C 144 31.05 22.62 -63.22
C GLY C 144 31.26 23.35 -61.91
N THR C 145 31.62 22.62 -60.85
CA THR C 145 31.82 23.12 -59.47
C THR C 145 32.87 24.23 -59.48
N GLY C 146 34.10 23.91 -59.93
CA GLY C 146 35.26 24.82 -59.96
C GLY C 146 34.99 26.05 -60.79
N SER C 147 34.31 25.91 -61.92
CA SER C 147 33.87 27.02 -62.80
C SER C 147 32.78 27.82 -62.08
N GLY C 148 31.65 27.18 -61.79
CA GLY C 148 30.42 27.82 -61.27
C GLY C 148 30.58 28.32 -59.86
N LEU C 149 30.61 27.42 -58.87
CA LEU C 149 30.68 27.76 -57.42
C LEU C 149 31.99 28.52 -57.14
N GLY C 150 33.09 28.07 -57.75
CA GLY C 150 34.42 28.69 -57.63
C GLY C 150 34.42 30.15 -58.02
N SER C 151 33.66 30.52 -59.07
CA SER C 151 33.46 31.92 -59.51
C SER C 151 32.59 32.66 -58.49
N LEU C 152 31.49 32.04 -58.02
CA LEU C 152 30.54 32.63 -57.03
C LEU C 152 31.27 32.93 -55.71
N LEU C 153 32.13 32.02 -55.26
CA LEU C 153 33.01 32.22 -54.07
C LEU C 153 33.78 33.53 -54.25
N LEU C 154 34.63 33.60 -55.28
CA LEU C 154 35.57 34.72 -55.54
C LEU C 154 34.82 36.06 -55.49
N GLU C 155 33.68 36.15 -56.17
CA GLU C 155 32.78 37.34 -56.17
C GLU C 155 32.48 37.73 -54.73
N ARG C 156 31.94 36.78 -53.96
CA ARG C 156 31.49 36.98 -52.56
C ARG C 156 32.69 37.34 -51.68
N LEU C 157 33.84 36.69 -51.89
CA LEU C 157 35.10 36.94 -51.14
C LEU C 157 35.57 38.38 -51.40
N SER C 158 35.45 38.88 -52.64
CA SER C 158 35.96 40.20 -53.09
C SER C 158 35.25 41.34 -52.33
N VAL C 159 33.95 41.18 -52.04
CA VAL C 159 33.14 42.19 -51.30
C VAL C 159 33.46 42.09 -49.81
N ASP C 160 33.51 40.87 -49.26
CA ASP C 160 33.61 40.60 -47.80
C ASP C 160 34.99 40.99 -47.28
N TYR C 161 36.07 40.59 -47.95
CA TYR C 161 37.47 40.68 -47.45
C TYR C 161 38.23 41.82 -48.16
N GLY C 162 37.77 42.27 -49.33
CA GLY C 162 38.17 43.56 -49.94
C GLY C 162 39.57 43.53 -50.54
N LYS C 163 40.59 43.90 -49.74
CA LYS C 163 41.99 44.11 -50.20
C LYS C 163 42.73 42.77 -50.28
N LYS C 164 42.60 41.93 -49.25
CA LYS C 164 43.32 40.63 -49.12
C LYS C 164 43.44 39.99 -50.51
N SER C 165 44.67 39.79 -50.99
CA SER C 165 44.99 39.26 -52.35
C SER C 165 44.31 37.90 -52.57
N LYS C 166 43.85 37.64 -53.80
CA LYS C 166 43.25 36.34 -54.22
C LYS C 166 44.05 35.80 -55.40
N LEU C 167 45.04 34.92 -55.15
CA LEU C 167 45.86 34.27 -56.20
C LEU C 167 45.17 32.97 -56.62
N GLY C 168 44.67 32.93 -57.86
CA GLY C 168 43.90 31.79 -58.40
C GLY C 168 44.76 30.87 -59.25
N PHE C 169 44.98 29.62 -58.80
CA PHE C 169 45.56 28.53 -59.62
C PHE C 169 44.41 27.78 -60.30
N THR C 170 44.38 27.84 -61.63
CA THR C 170 43.24 27.43 -62.47
C THR C 170 43.70 26.42 -63.52
N ILE C 171 42.97 25.32 -63.66
CA ILE C 171 43.28 24.20 -64.60
C ILE C 171 42.42 24.40 -65.84
N TYR C 172 42.82 25.34 -66.70
CA TYR C 172 42.17 25.66 -68.01
C TYR C 172 42.31 24.44 -68.92
N PRO C 173 41.26 24.08 -69.69
CA PRO C 173 41.32 22.89 -70.55
C PRO C 173 42.30 23.10 -71.71
N SER C 174 43.28 22.21 -71.84
CA SER C 174 44.21 22.12 -73.00
C SER C 174 43.40 21.92 -74.28
N PRO C 175 43.78 22.55 -75.41
CA PRO C 175 43.00 22.46 -76.64
C PRO C 175 42.98 21.07 -77.28
N GLN C 176 44.14 20.43 -77.44
CA GLN C 176 44.27 19.10 -78.10
C GLN C 176 43.53 18.05 -77.25
N VAL C 177 43.89 17.93 -75.97
CA VAL C 177 43.31 16.97 -74.97
C VAL C 177 42.25 17.69 -74.14
N SER C 178 40.98 17.33 -74.33
CA SER C 178 39.82 17.81 -73.53
C SER C 178 39.07 16.61 -72.94
N THR C 179 38.77 16.66 -71.64
CA THR C 179 38.14 15.56 -70.86
C THR C 179 36.62 15.55 -71.10
N ALA C 180 36.02 16.73 -71.28
CA ALA C 180 34.56 16.94 -71.44
C ALA C 180 34.28 17.82 -72.67
N VAL C 181 33.10 17.65 -73.26
CA VAL C 181 32.68 18.26 -74.56
C VAL C 181 32.20 19.69 -74.32
N VAL C 182 31.62 19.94 -73.13
CA VAL C 182 30.95 21.23 -72.75
C VAL C 182 31.94 22.14 -72.00
N GLU C 183 33.24 21.79 -72.00
CA GLU C 183 34.32 22.55 -71.31
C GLU C 183 34.37 23.99 -71.80
N PRO C 184 34.39 24.28 -73.13
CA PRO C 184 34.51 25.65 -73.62
C PRO C 184 33.46 26.61 -73.05
N TYR C 185 32.20 26.17 -72.96
CA TYR C 185 31.04 26.92 -72.40
C TYR C 185 31.34 27.33 -70.95
N ASN C 186 31.70 26.36 -70.09
CA ASN C 186 32.07 26.58 -68.67
C ASN C 186 33.20 27.61 -68.58
N SER C 187 34.34 27.30 -69.21
CA SER C 187 35.63 28.06 -69.16
C SER C 187 35.37 29.56 -69.36
N ILE C 188 34.60 29.90 -70.41
CA ILE C 188 34.37 31.30 -70.87
C ILE C 188 33.51 32.04 -69.83
N LEU C 189 32.41 31.41 -69.39
CA LEU C 189 31.50 31.94 -68.35
C LEU C 189 32.28 32.15 -67.05
N SER C 190 33.20 31.24 -66.73
CA SER C 190 34.12 31.30 -65.55
C SER C 190 35.11 32.45 -65.71
N THR C 191 35.81 32.51 -66.85
CA THR C 191 36.89 33.49 -67.14
C THR C 191 36.36 34.92 -66.96
N HIS C 192 35.15 35.20 -67.44
CA HIS C 192 34.50 36.54 -67.31
C HIS C 192 34.40 36.94 -65.84
N SER C 193 33.92 36.03 -64.98
CA SER C 193 33.84 36.23 -63.50
C SER C 193 35.25 36.37 -62.94
N LEU C 194 36.13 35.43 -63.29
CA LEU C 194 37.54 35.38 -62.83
C LEU C 194 38.29 36.65 -63.26
N LEU C 195 37.96 37.22 -64.44
CA LEU C 195 38.65 38.39 -65.06
C LEU C 195 38.59 39.62 -64.14
N GLU C 196 37.58 39.71 -63.29
CA GLU C 196 37.30 40.92 -62.45
C GLU C 196 37.76 40.68 -61.00
N HIS C 197 37.50 39.49 -60.46
CA HIS C 197 37.46 39.22 -58.99
C HIS C 197 38.79 38.67 -58.47
N THR C 198 39.61 38.04 -59.31
CA THR C 198 40.99 37.58 -58.97
C THR C 198 42.00 38.69 -59.21
N ASP C 199 43.09 38.70 -58.43
CA ASP C 199 44.19 39.70 -58.48
C ASP C 199 45.28 39.19 -59.43
N VAL C 200 45.66 37.92 -59.29
CA VAL C 200 46.62 37.18 -60.16
C VAL C 200 46.06 35.77 -60.38
N ALA C 201 45.89 35.36 -61.64
CA ALA C 201 45.43 34.02 -62.06
C ALA C 201 46.56 33.26 -62.75
N VAL C 202 47.05 32.19 -62.13
CA VAL C 202 48.14 31.33 -62.69
C VAL C 202 47.46 30.20 -63.47
N MET C 203 47.66 30.17 -64.79
CA MET C 203 47.03 29.20 -65.72
C MET C 203 47.89 27.93 -65.78
N LEU C 204 47.26 26.75 -65.70
CA LEU C 204 47.91 25.42 -65.81
C LEU C 204 47.04 24.51 -66.67
N ASP C 205 47.51 24.12 -67.86
CA ASP C 205 46.81 23.20 -68.80
C ASP C 205 47.37 21.79 -68.59
N ASN C 206 46.50 20.82 -68.33
CA ASN C 206 46.89 19.43 -67.95
C ASN C 206 47.83 18.85 -69.02
N GLU C 207 47.46 18.93 -70.30
CA GLU C 207 48.23 18.34 -71.44
C GLU C 207 49.69 18.80 -71.36
N ALA C 208 49.92 20.10 -71.18
CA ALA C 208 51.28 20.70 -71.11
C ALA C 208 52.09 19.99 -70.03
N ILE C 209 51.53 19.86 -68.83
CA ILE C 209 52.23 19.24 -67.66
C ILE C 209 52.40 17.74 -67.95
N TYR C 210 51.41 17.10 -68.59
CA TYR C 210 51.48 15.68 -69.03
C TYR C 210 52.74 15.50 -69.91
N ASP C 211 52.95 16.41 -70.86
CA ASP C 211 54.11 16.38 -71.78
C ASP C 211 55.41 16.51 -70.97
N ILE C 212 55.43 17.36 -69.93
CA ILE C 212 56.63 17.61 -69.07
C ILE C 212 57.03 16.29 -68.38
N CYS C 213 56.05 15.57 -67.81
CA CYS C 213 56.26 14.25 -67.16
C CYS C 213 56.94 13.29 -68.15
N ARG C 214 56.41 13.18 -69.37
CA ARG C 214 56.93 12.26 -70.43
C ARG C 214 58.34 12.67 -70.84
N ARG C 215 58.68 13.97 -70.76
CA ARG C 215 59.94 14.56 -71.28
C ARG C 215 61.02 14.63 -70.19
N ASN C 216 60.64 15.00 -68.95
CA ASN C 216 61.58 15.29 -67.85
C ASN C 216 61.67 14.11 -66.88
N LEU C 217 60.52 13.56 -66.46
CA LEU C 217 60.44 12.41 -65.52
C LEU C 217 60.54 11.08 -66.27
N ASP C 218 60.39 11.10 -67.60
CA ASP C 218 60.56 9.93 -68.52
C ASP C 218 59.56 8.84 -68.14
N ILE C 219 58.32 9.22 -67.79
CA ILE C 219 57.19 8.28 -67.51
C ILE C 219 56.34 8.18 -68.79
N GLU C 220 56.24 6.98 -69.36
CA GLU C 220 55.48 6.67 -70.59
C GLU C 220 53.98 6.90 -70.35
N ARG C 221 53.52 6.67 -69.11
CA ARG C 221 52.09 6.69 -68.70
C ARG C 221 51.94 7.54 -67.43
N PRO C 222 51.95 8.89 -67.51
CA PRO C 222 51.68 9.75 -66.36
C PRO C 222 50.22 9.74 -65.93
N THR C 223 49.95 9.83 -64.63
CA THR C 223 48.59 9.95 -64.03
C THR C 223 48.34 11.39 -63.58
N TYR C 224 47.13 11.68 -63.07
CA TYR C 224 46.76 12.99 -62.45
C TYR C 224 47.57 13.20 -61.16
N THR C 225 47.66 12.16 -60.33
CA THR C 225 48.37 12.18 -59.01
C THR C 225 49.83 12.60 -59.22
N ASN C 226 50.49 12.07 -60.27
CA ASN C 226 51.85 12.48 -60.71
C ASN C 226 51.84 13.97 -61.07
N LEU C 227 50.81 14.41 -61.79
CA LEU C 227 50.62 15.81 -62.24
C LEU C 227 50.45 16.71 -61.01
N ASN C 228 49.49 16.39 -60.15
CA ASN C 228 49.15 17.14 -58.91
C ASN C 228 50.41 17.41 -58.09
N ARG C 229 51.31 16.42 -58.01
CA ARG C 229 52.59 16.50 -57.25
C ARG C 229 53.45 17.64 -57.81
N LEU C 230 53.53 17.78 -59.13
CA LEU C 230 54.30 18.88 -59.80
C LEU C 230 53.63 20.22 -59.54
N ILE C 231 52.29 20.26 -59.44
CA ILE C 231 51.50 21.49 -59.17
C ILE C 231 51.85 21.95 -57.74
N ALA C 232 51.85 21.01 -56.79
CA ALA C 232 52.18 21.24 -55.36
C ALA C 232 53.55 21.91 -55.23
N GLN C 233 54.56 21.39 -55.93
CA GLN C 233 55.98 21.85 -55.86
C GLN C 233 56.08 23.32 -56.29
N VAL C 234 55.25 23.74 -57.26
CA VAL C 234 55.12 25.15 -57.73
C VAL C 234 54.56 26.00 -56.59
N ILE C 235 53.40 25.62 -56.05
CA ILE C 235 52.69 26.38 -54.97
C ILE C 235 53.64 26.53 -53.79
N SER C 236 54.22 25.43 -53.31
CA SER C 236 55.23 25.39 -52.23
C SER C 236 56.28 26.48 -52.47
N SER C 237 56.92 26.44 -53.66
CA SER C 237 58.03 27.33 -54.07
C SER C 237 57.58 28.80 -54.07
N LEU C 238 56.32 29.06 -54.42
CA LEU C 238 55.76 30.43 -54.52
C LEU C 238 55.62 31.03 -53.11
N THR C 239 54.96 30.29 -52.21
CA THR C 239 54.68 30.72 -50.80
C THR C 239 55.96 30.62 -49.96
N ALA C 240 56.94 29.81 -50.40
CA ALA C 240 58.16 29.42 -49.66
C ALA C 240 58.70 30.57 -48.81
N SER C 241 58.91 31.74 -49.41
CA SER C 241 59.53 32.95 -48.81
C SER C 241 58.95 33.24 -47.43
N LEU C 242 57.65 33.02 -47.26
CA LEU C 242 56.93 33.19 -45.96
C LEU C 242 57.44 32.13 -44.97
N ARG C 243 57.33 30.86 -45.35
CA ARG C 243 57.44 29.69 -44.43
C ARG C 243 58.90 29.56 -43.95
N PHE C 244 59.85 29.58 -44.87
CA PHE C 244 61.29 29.41 -44.60
C PHE C 244 62.00 30.76 -44.75
N ASP C 245 63.17 30.89 -44.16
CA ASP C 245 64.04 32.11 -44.25
C ASP C 245 64.68 32.15 -45.64
N GLY C 246 64.97 33.36 -46.13
CA GLY C 246 65.63 33.60 -47.43
C GLY C 246 66.45 34.88 -47.43
N ALA C 247 67.37 35.01 -48.41
CA ALA C 247 68.25 36.19 -48.62
C ALA C 247 67.42 37.35 -49.17
N LEU C 248 66.79 37.14 -50.33
CA LEU C 248 65.84 38.10 -50.97
C LEU C 248 64.43 37.53 -50.84
N ASN C 249 63.68 37.99 -49.83
CA ASN C 249 62.33 37.49 -49.49
C ASN C 249 61.30 38.17 -50.40
N VAL C 250 60.33 37.39 -50.88
CA VAL C 250 59.12 37.84 -51.62
C VAL C 250 57.90 37.64 -50.69
N ASP C 251 56.71 38.00 -51.15
CA ASP C 251 55.41 37.72 -50.46
C ASP C 251 54.30 37.68 -51.52
N ILE C 252 53.19 36.99 -51.22
CA ILE C 252 52.00 36.84 -52.12
C ILE C 252 51.47 38.23 -52.53
N THR C 253 51.64 39.24 -51.68
CA THR C 253 51.23 40.65 -51.94
C THR C 253 52.16 41.34 -52.95
N GLU C 254 53.43 40.89 -53.06
CA GLU C 254 54.43 41.48 -53.99
C GLU C 254 54.06 41.16 -55.43
N PHE C 255 53.95 39.87 -55.78
CA PHE C 255 53.68 39.38 -57.16
C PHE C 255 52.63 40.28 -57.81
N GLN C 256 51.50 40.42 -57.11
CA GLN C 256 50.37 41.31 -57.46
C GLN C 256 50.95 42.59 -58.05
N THR C 257 51.78 43.32 -57.30
CA THR C 257 52.41 44.60 -57.74
C THR C 257 53.32 44.39 -58.95
N ASN C 258 54.15 43.34 -58.92
CA ASN C 258 55.32 43.19 -59.82
C ASN C 258 54.95 42.42 -61.10
N LEU C 259 53.79 41.76 -61.16
CA LEU C 259 53.43 40.88 -62.31
C LEU C 259 52.26 41.46 -63.14
N VAL C 260 51.26 42.10 -62.52
CA VAL C 260 50.11 42.70 -63.26
C VAL C 260 50.42 44.18 -63.50
N PRO C 261 50.70 44.59 -64.75
CA PRO C 261 50.84 46.01 -65.10
C PRO C 261 49.55 46.81 -65.28
N TYR C 262 48.46 46.13 -65.67
CA TYR C 262 47.11 46.71 -65.90
C TYR C 262 46.10 45.73 -65.30
N PRO C 263 44.98 46.22 -64.69
CA PRO C 263 44.11 45.37 -63.86
C PRO C 263 43.60 44.06 -64.49
N ARG C 264 43.26 44.08 -65.79
CA ARG C 264 42.63 42.94 -66.54
C ARG C 264 43.68 41.93 -67.02
N ILE C 265 44.98 42.25 -66.93
CA ILE C 265 46.09 41.48 -67.55
C ILE C 265 46.69 40.51 -66.51
N HIS C 266 45.92 40.19 -65.48
CA HIS C 266 46.33 39.39 -64.29
C HIS C 266 46.55 37.90 -64.60
N PHE C 267 46.33 37.45 -65.84
CA PHE C 267 46.61 36.04 -66.26
C PHE C 267 48.12 35.82 -66.36
N MET C 268 48.60 34.66 -65.92
CA MET C 268 50.04 34.29 -65.83
C MET C 268 50.25 32.85 -66.29
N LEU C 269 51.49 32.51 -66.65
CA LEU C 269 52.00 31.11 -66.80
C LEU C 269 52.95 30.81 -65.63
N SER C 270 53.48 29.58 -65.56
CA SER C 270 54.45 29.12 -64.54
C SER C 270 55.42 28.10 -65.15
N SER C 271 56.60 27.91 -64.52
CA SER C 271 57.66 26.97 -64.98
C SER C 271 58.65 26.68 -63.85
N TYR C 272 58.38 25.64 -63.05
CA TYR C 272 59.35 25.00 -62.11
C TYR C 272 60.35 24.23 -62.96
N ALA C 273 61.64 24.58 -62.89
CA ALA C 273 62.68 24.22 -63.89
C ALA C 273 63.35 22.87 -63.61
N PRO C 274 63.98 22.61 -62.43
CA PRO C 274 64.72 21.35 -62.24
C PRO C 274 63.79 20.15 -62.00
N ILE C 275 62.87 19.89 -62.93
CA ILE C 275 62.05 18.64 -62.99
C ILE C 275 62.96 17.59 -63.64
N ILE C 276 63.49 16.68 -62.84
CA ILE C 276 64.51 15.68 -63.27
C ILE C 276 64.23 14.35 -62.59
N SER C 277 64.11 13.29 -63.40
CA SER C 277 64.13 11.87 -62.94
C SER C 277 65.50 11.59 -62.31
N ALA C 278 65.52 10.94 -61.14
CA ALA C 278 66.74 10.53 -60.40
C ALA C 278 67.68 9.70 -61.30
N GLU C 279 67.17 9.17 -62.42
CA GLU C 279 67.94 8.43 -63.46
C GLU C 279 68.91 9.37 -64.20
N LYS C 280 68.50 10.59 -64.56
CA LYS C 280 69.35 11.54 -65.34
C LYS C 280 69.93 12.65 -64.45
N ALA C 281 69.61 12.69 -63.14
CA ALA C 281 70.18 13.64 -62.14
C ALA C 281 71.69 13.43 -62.00
N TYR C 282 72.13 12.17 -62.13
CA TYR C 282 73.54 11.73 -62.21
C TYR C 282 74.30 12.59 -63.24
N HIS C 283 73.81 12.62 -64.48
CA HIS C 283 74.54 13.16 -65.66
C HIS C 283 74.43 14.69 -65.77
N GLU C 284 73.76 15.37 -64.82
CA GLU C 284 73.48 16.83 -64.85
C GLU C 284 74.32 17.55 -63.79
N GLN C 285 74.75 18.79 -64.10
CA GLN C 285 75.48 19.71 -63.19
C GLN C 285 74.45 20.41 -62.28
N LEU C 286 73.37 20.94 -62.88
CA LEU C 286 72.25 21.66 -62.21
C LEU C 286 72.79 22.89 -61.48
N SER C 287 73.52 23.72 -62.23
CA SER C 287 73.96 25.09 -61.83
C SER C 287 72.79 26.06 -62.03
N VAL C 288 72.82 27.19 -61.33
CA VAL C 288 71.71 28.20 -61.31
C VAL C 288 71.46 28.64 -62.75
N ALA C 289 72.51 29.01 -63.48
CA ALA C 289 72.47 29.50 -64.88
C ALA C 289 71.75 28.51 -65.79
N GLU C 290 71.88 27.20 -65.55
CA GLU C 290 71.16 26.15 -66.31
C GLU C 290 69.68 26.17 -65.91
N ILE C 291 69.40 26.14 -64.60
CA ILE C 291 68.02 26.12 -64.03
C ILE C 291 67.20 27.29 -64.59
N THR C 292 67.78 28.49 -64.68
CA THR C 292 67.11 29.70 -65.24
C THR C 292 66.78 29.46 -66.71
N ASN C 293 67.76 29.05 -67.50
CA ASN C 293 67.61 28.79 -68.96
C ASN C 293 66.54 27.72 -69.15
N SER C 294 66.54 26.70 -68.30
CA SER C 294 65.55 25.58 -68.29
C SER C 294 64.16 26.09 -67.89
N ALA C 295 64.07 27.20 -67.15
CA ALA C 295 62.78 27.83 -66.73
C ALA C 295 62.12 28.50 -67.94
N PHE C 296 62.91 29.19 -68.78
CA PHE C 296 62.43 29.98 -69.94
C PHE C 296 62.30 29.10 -71.20
N GLU C 297 62.66 27.82 -71.10
CA GLU C 297 62.38 26.81 -72.17
C GLU C 297 60.90 26.85 -72.50
N PRO C 298 60.52 26.99 -73.79
CA PRO C 298 59.11 27.06 -74.16
C PRO C 298 58.34 25.85 -73.58
N ALA C 299 58.91 24.65 -73.77
CA ALA C 299 58.32 23.34 -73.38
C ALA C 299 58.02 23.30 -71.89
N ASN C 300 58.92 23.82 -71.04
CA ASN C 300 58.87 23.66 -69.56
C ASN C 300 57.74 24.50 -68.95
N MET C 301 57.04 25.32 -69.74
CA MET C 301 55.82 26.07 -69.31
C MET C 301 54.69 25.07 -69.03
N MET C 302 54.03 25.22 -67.88
CA MET C 302 53.02 24.26 -67.36
C MET C 302 51.65 24.52 -67.99
N ALA C 303 51.42 25.72 -68.54
CA ALA C 303 50.31 26.01 -69.48
C ALA C 303 50.86 25.96 -70.90
N LYS C 304 50.13 25.32 -71.83
CA LYS C 304 50.57 25.08 -73.23
C LYS C 304 50.31 26.37 -74.04
N CYS C 305 51.22 27.34 -73.87
CA CYS C 305 51.23 28.65 -74.58
C CYS C 305 52.68 29.02 -74.88
N ASP C 306 53.13 28.78 -76.12
CA ASP C 306 54.54 28.98 -76.54
C ASP C 306 54.87 30.47 -76.43
N PRO C 307 55.66 30.89 -75.42
CA PRO C 307 55.87 32.32 -75.15
C PRO C 307 56.72 33.04 -76.22
N ARG C 308 57.34 32.31 -77.14
CA ARG C 308 58.14 32.84 -78.27
C ARG C 308 57.27 33.69 -79.21
N HIS C 309 55.98 33.37 -79.33
CA HIS C 309 54.99 34.20 -80.07
C HIS C 309 54.82 35.55 -79.36
N GLY C 310 54.68 35.53 -78.03
CA GLY C 310 54.33 36.69 -77.20
C GLY C 310 55.55 37.55 -76.84
N LYS C 311 55.38 38.36 -75.80
CA LYS C 311 56.42 39.25 -75.20
C LYS C 311 56.22 39.22 -73.67
N TYR C 312 57.26 38.90 -72.89
CA TYR C 312 57.22 38.83 -71.41
C TYR C 312 57.05 40.24 -70.83
N MET C 313 55.88 40.47 -70.20
CA MET C 313 55.46 41.77 -69.64
C MET C 313 56.04 41.95 -68.23
N ALA C 314 56.16 40.85 -67.49
CA ALA C 314 56.85 40.77 -66.17
C ALA C 314 57.10 39.30 -65.80
N CYS C 315 58.30 39.00 -65.31
CA CYS C 315 58.74 37.65 -64.84
C CYS C 315 58.98 37.71 -63.33
N SER C 316 58.70 36.61 -62.63
CA SER C 316 58.92 36.46 -61.15
C SER C 316 59.66 35.15 -60.86
N MET C 317 61.00 35.18 -60.94
CA MET C 317 61.90 34.02 -60.68
C MET C 317 62.01 33.80 -59.16
N MET C 318 61.60 32.62 -58.66
CA MET C 318 61.58 32.28 -57.21
C MET C 318 62.52 31.11 -56.94
N TYR C 319 63.79 31.40 -56.63
CA TYR C 319 64.86 30.38 -56.43
C TYR C 319 64.74 29.77 -55.04
N ARG C 320 65.24 28.54 -54.90
CA ARG C 320 65.30 27.77 -53.63
C ARG C 320 66.61 26.97 -53.58
N GLY C 321 67.35 27.04 -52.48
CA GLY C 321 68.46 26.13 -52.16
C GLY C 321 69.82 26.82 -52.15
N ASP C 322 70.86 26.10 -52.60
CA ASP C 322 72.26 26.58 -52.70
C ASP C 322 72.34 27.62 -53.83
N VAL C 323 71.63 28.74 -53.65
CA VAL C 323 71.46 29.81 -54.69
C VAL C 323 72.17 31.06 -54.20
N VAL C 324 73.20 31.49 -54.93
CA VAL C 324 73.99 32.73 -54.69
C VAL C 324 73.39 33.83 -55.56
N PRO C 325 73.14 35.05 -55.02
CA PRO C 325 72.54 36.14 -55.82
C PRO C 325 73.40 36.62 -57.01
N LYS C 326 74.73 36.61 -56.87
CA LYS C 326 75.68 36.92 -57.98
C LYS C 326 75.41 35.97 -59.16
N ASP C 327 75.32 34.66 -58.87
CA ASP C 327 75.09 33.59 -59.88
C ASP C 327 73.74 33.82 -60.58
N VAL C 328 72.69 34.18 -59.83
CA VAL C 328 71.34 34.52 -60.37
C VAL C 328 71.49 35.71 -61.33
N ASN C 329 72.26 36.72 -60.91
CA ASN C 329 72.42 38.00 -61.64
C ASN C 329 72.83 37.72 -63.10
N ALA C 330 73.95 37.01 -63.28
CA ALA C 330 74.52 36.62 -64.60
C ALA C 330 73.46 35.86 -65.41
N SER C 331 72.73 34.95 -64.75
CA SER C 331 71.72 34.06 -65.37
C SER C 331 70.60 34.89 -66.01
N ILE C 332 70.05 35.86 -65.26
CA ILE C 332 69.03 36.82 -65.76
C ILE C 332 69.67 37.65 -66.89
N ALA C 333 70.87 38.20 -66.65
CA ALA C 333 71.58 39.10 -67.59
C ALA C 333 71.70 38.44 -68.98
N THR C 334 72.06 37.15 -69.02
CA THR C 334 72.21 36.36 -70.28
C THR C 334 70.82 36.21 -70.94
N ILE C 335 69.77 35.88 -70.16
CA ILE C 335 68.37 35.77 -70.65
C ILE C 335 67.98 37.12 -71.29
N LYS C 336 68.22 38.23 -70.59
CA LYS C 336 67.90 39.59 -71.09
C LYS C 336 68.58 39.82 -72.44
N THR C 337 69.78 39.26 -72.62
CA THR C 337 70.60 39.37 -73.86
C THR C 337 70.04 38.44 -74.96
N LYS C 338 69.44 37.29 -74.60
CA LYS C 338 68.89 36.29 -75.57
C LYS C 338 67.85 36.95 -76.48
N ARG C 339 67.73 36.44 -77.71
CA ARG C 339 66.80 36.92 -78.76
C ARG C 339 65.46 36.20 -78.62
N THR C 340 65.48 34.87 -78.52
CA THR C 340 64.30 33.97 -78.37
C THR C 340 63.40 34.52 -77.27
N ILE C 341 63.97 34.85 -76.11
CA ILE C 341 63.30 35.61 -75.03
C ILE C 341 63.25 37.08 -75.46
N GLN C 342 62.02 37.62 -75.55
CA GLN C 342 61.71 39.00 -76.00
C GLN C 342 60.83 39.65 -74.94
N PHE C 343 61.19 40.86 -74.50
CA PHE C 343 60.42 41.66 -73.50
C PHE C 343 59.76 42.85 -74.21
N VAL C 344 58.54 43.21 -73.77
CA VAL C 344 57.82 44.45 -74.16
C VAL C 344 58.74 45.67 -73.93
N ASP C 345 58.47 46.76 -74.64
CA ASP C 345 59.30 48.00 -74.57
C ASP C 345 59.01 48.77 -73.29
N TRP C 346 57.73 48.87 -72.90
CA TRP C 346 57.27 49.67 -71.72
C TRP C 346 57.70 49.02 -70.40
N CYS C 347 58.20 47.77 -70.41
CA CYS C 347 58.85 47.09 -69.26
C CYS C 347 60.35 46.98 -69.54
N PRO C 348 61.16 47.99 -69.13
CA PRO C 348 62.59 47.99 -69.39
C PRO C 348 63.32 47.05 -68.43
N THR C 349 62.85 46.97 -67.17
CA THR C 349 63.26 45.98 -66.13
C THR C 349 62.05 45.12 -65.77
N GLY C 350 62.06 43.84 -66.17
CA GLY C 350 60.90 42.94 -66.09
C GLY C 350 61.18 41.67 -65.31
N PHE C 351 62.11 41.71 -64.34
CA PHE C 351 62.44 40.59 -63.43
C PHE C 351 62.22 41.00 -61.97
N LYS C 352 61.47 40.19 -61.23
CA LYS C 352 61.44 40.15 -59.75
C LYS C 352 62.06 38.83 -59.32
N VAL C 353 63.19 38.84 -58.61
CA VAL C 353 63.90 37.59 -58.14
C VAL C 353 63.64 37.41 -56.64
N GLY C 354 63.51 36.15 -56.20
CA GLY C 354 63.25 35.76 -54.80
C GLY C 354 64.04 34.53 -54.40
N ILE C 355 65.06 34.69 -53.55
CA ILE C 355 66.06 33.65 -53.19
C ILE C 355 65.76 33.17 -51.76
N ASN C 356 65.43 31.89 -51.60
CA ASN C 356 65.31 31.16 -50.31
C ASN C 356 66.49 30.21 -50.17
N TYR C 357 66.99 29.99 -48.94
CA TYR C 357 68.06 29.01 -48.66
C TYR C 357 67.48 27.59 -48.61
N GLN C 358 66.23 27.46 -48.15
CA GLN C 358 65.53 26.15 -48.00
C GLN C 358 65.44 25.46 -49.36
N PRO C 359 66.05 24.26 -49.54
CA PRO C 359 65.88 23.50 -50.77
C PRO C 359 64.51 22.82 -50.78
N PRO C 360 64.03 22.35 -51.96
CA PRO C 360 62.72 21.70 -52.05
C PRO C 360 62.78 20.30 -51.43
N THR C 361 61.63 19.80 -50.94
CA THR C 361 61.49 18.47 -50.30
C THR C 361 61.18 17.41 -51.37
N VAL C 362 61.87 16.26 -51.30
CA VAL C 362 61.63 15.07 -52.16
C VAL C 362 60.55 14.22 -51.49
N VAL C 363 59.34 14.21 -52.04
CA VAL C 363 58.17 13.43 -51.54
C VAL C 363 58.44 11.94 -51.82
N PRO C 364 58.33 11.03 -50.83
CA PRO C 364 58.49 9.60 -51.07
C PRO C 364 57.35 8.98 -51.91
N GLY C 365 57.71 8.19 -52.93
CA GLY C 365 56.81 7.72 -54.00
C GLY C 365 56.58 8.80 -55.07
N GLY C 366 57.36 9.88 -55.02
CA GLY C 366 57.20 11.09 -55.85
C GLY C 366 58.17 11.09 -57.01
N ASP C 367 57.66 11.32 -58.22
CA ASP C 367 58.45 11.31 -59.47
C ASP C 367 59.25 12.62 -59.55
N LEU C 368 60.39 12.65 -58.86
CA LEU C 368 61.36 13.78 -58.82
C LEU C 368 62.66 13.31 -58.15
N ALA C 369 63.77 14.01 -58.43
CA ALA C 369 65.08 13.86 -57.76
C ALA C 369 65.21 14.95 -56.68
N LYS C 370 65.76 14.59 -55.50
CA LYS C 370 66.20 15.57 -54.48
C LYS C 370 67.31 16.42 -55.10
N VAL C 371 67.10 17.74 -55.19
CA VAL C 371 67.97 18.69 -55.94
C VAL C 371 68.29 19.88 -55.03
N MET C 372 69.54 20.35 -55.06
CA MET C 372 70.07 21.37 -54.10
C MET C 372 69.70 22.79 -54.54
N ARG C 373 69.17 22.96 -55.76
CA ARG C 373 68.68 24.27 -56.27
C ARG C 373 67.32 24.07 -56.93
N ALA C 374 66.57 25.16 -57.15
CA ALA C 374 65.30 25.17 -57.90
C ALA C 374 64.94 26.59 -58.35
N VAL C 375 63.82 26.71 -59.07
CA VAL C 375 63.16 28.02 -59.34
C VAL C 375 61.73 27.76 -59.82
N CYS C 376 60.78 28.60 -59.38
CA CYS C 376 59.38 28.71 -59.91
C CYS C 376 59.20 30.10 -60.52
N MET C 377 59.24 30.20 -61.85
CA MET C 377 58.98 31.46 -62.59
C MET C 377 57.49 31.55 -62.90
N ILE C 378 56.78 32.51 -62.28
CA ILE C 378 55.43 32.97 -62.70
C ILE C 378 55.65 34.14 -63.67
N SER C 379 55.20 34.00 -64.93
CA SER C 379 55.42 35.00 -66.01
C SER C 379 54.08 35.57 -66.49
N ASN C 380 54.00 36.90 -66.63
CA ASN C 380 52.95 37.61 -67.42
C ASN C 380 53.49 37.77 -68.85
N SER C 381 52.93 37.04 -69.80
CA SER C 381 53.34 37.00 -71.23
C SER C 381 52.15 37.36 -72.12
N THR C 382 52.42 38.10 -73.21
CA THR C 382 51.43 38.45 -74.27
C THR C 382 50.92 37.17 -74.96
N ALA C 383 51.70 36.09 -74.89
CA ALA C 383 51.41 34.75 -75.47
C ALA C 383 50.11 34.14 -74.90
N ILE C 384 49.75 34.49 -73.65
CA ILE C 384 48.55 33.95 -72.94
C ILE C 384 47.32 34.11 -73.84
N ALA C 385 47.25 35.22 -74.61
CA ALA C 385 46.22 35.54 -75.62
C ALA C 385 45.88 34.29 -76.46
N GLU C 386 46.90 33.56 -76.91
CA GLU C 386 46.79 32.35 -77.77
C GLU C 386 45.81 31.35 -77.14
N VAL C 387 45.92 31.08 -75.83
CA VAL C 387 45.07 30.07 -75.12
C VAL C 387 43.62 30.56 -75.16
N PHE C 388 43.40 31.86 -74.94
CA PHE C 388 42.05 32.49 -74.88
C PHE C 388 41.40 32.44 -76.26
N SER C 389 42.14 32.75 -77.33
CA SER C 389 41.65 32.74 -78.74
C SER C 389 41.20 31.33 -79.14
N ARG C 390 41.90 30.28 -78.71
CA ARG C 390 41.56 28.86 -78.98
C ARG C 390 40.26 28.50 -78.24
N LEU C 391 40.11 28.95 -77.00
CA LEU C 391 38.87 28.71 -76.18
C LEU C 391 37.71 29.55 -76.73
N ASP C 392 38.00 30.65 -77.43
CA ASP C 392 37.00 31.51 -78.11
C ASP C 392 36.55 30.84 -79.42
N HIS C 393 37.51 30.43 -80.27
CA HIS C 393 37.26 29.68 -81.52
C HIS C 393 36.46 28.40 -81.20
N LYS C 394 36.90 27.61 -80.21
CA LYS C 394 36.27 26.32 -79.81
C LYS C 394 34.88 26.57 -79.19
N PHE C 395 34.60 27.81 -78.75
CA PHE C 395 33.29 28.25 -78.23
C PHE C 395 32.41 28.83 -79.35
N ASP C 396 32.99 29.50 -80.34
CA ASP C 396 32.23 30.18 -81.43
C ASP C 396 31.65 29.14 -82.40
N LEU C 397 32.28 27.98 -82.54
CA LEU C 397 31.72 26.78 -83.24
C LEU C 397 30.38 26.42 -82.58
N MET C 398 30.38 26.38 -81.24
CA MET C 398 29.14 26.34 -80.40
C MET C 398 28.51 27.73 -80.40
N TYR C 399 27.26 27.84 -79.96
CA TYR C 399 26.54 29.14 -79.82
C TYR C 399 26.37 29.81 -81.20
N ALA C 400 26.78 29.13 -82.28
CA ALA C 400 26.30 29.31 -83.66
C ALA C 400 25.09 28.38 -83.88
N LYS C 401 25.18 27.16 -83.34
CA LYS C 401 24.10 26.15 -83.34
C LYS C 401 23.22 26.30 -82.09
N ARG C 402 23.70 27.02 -81.07
CA ARG C 402 23.10 27.10 -79.70
C ARG C 402 23.21 25.71 -79.07
N ALA C 403 24.40 25.12 -79.17
CA ALA C 403 24.66 23.66 -79.09
C ALA C 403 24.10 23.08 -77.79
N PHE C 404 24.67 23.42 -76.63
CA PHE C 404 24.39 22.78 -75.32
C PHE C 404 23.67 23.75 -74.38
N VAL C 405 23.08 24.81 -74.92
CA VAL C 405 22.61 25.99 -74.14
C VAL C 405 21.42 25.57 -73.25
N HIS C 406 20.52 24.74 -73.80
CA HIS C 406 19.24 24.28 -73.18
C HIS C 406 19.48 23.84 -71.74
N TRP C 407 20.61 23.20 -71.45
CA TRP C 407 21.03 22.80 -70.08
C TRP C 407 21.21 24.05 -69.23
N TYR C 408 22.13 24.92 -69.64
CA TYR C 408 22.56 26.14 -68.90
C TYR C 408 21.33 27.04 -68.67
N VAL C 409 20.49 27.22 -69.69
CA VAL C 409 19.29 28.12 -69.64
C VAL C 409 18.27 27.55 -68.65
N GLY C 410 18.01 26.24 -68.70
CA GLY C 410 17.08 25.54 -67.80
C GLY C 410 17.39 25.79 -66.32
N GLU C 411 18.68 25.94 -66.01
CA GLU C 411 19.22 25.99 -64.62
C GLU C 411 19.39 27.46 -64.16
N GLY C 412 19.01 28.45 -64.99
CA GLY C 412 18.80 29.85 -64.58
C GLY C 412 19.56 30.87 -65.41
N MET C 413 20.69 30.48 -66.02
CA MET C 413 21.56 31.38 -66.84
C MET C 413 20.77 31.87 -68.06
N GLU C 414 20.49 33.19 -68.14
CA GLU C 414 19.88 33.84 -69.33
C GLU C 414 20.85 33.71 -70.52
N GLU C 415 20.33 33.49 -71.73
CA GLU C 415 21.14 33.16 -72.94
C GLU C 415 22.11 34.29 -73.27
N GLY C 416 21.71 35.54 -73.02
CA GLY C 416 22.53 36.75 -73.22
C GLY C 416 23.82 36.77 -72.39
N GLU C 417 23.89 35.97 -71.32
CA GLU C 417 25.08 35.86 -70.44
C GLU C 417 26.25 35.26 -71.22
N PHE C 418 25.99 34.24 -72.07
CA PHE C 418 26.98 33.58 -72.97
C PHE C 418 27.55 34.61 -73.94
N SER C 419 26.67 35.39 -74.58
CA SER C 419 27.02 36.46 -75.55
C SER C 419 27.85 37.54 -74.85
N GLU C 420 27.41 37.97 -73.66
CA GLU C 420 28.14 38.90 -72.76
C GLU C 420 29.58 38.39 -72.59
N ALA C 421 29.74 37.19 -72.03
CA ALA C 421 31.04 36.56 -71.69
C ALA C 421 31.97 36.61 -72.92
N ARG C 422 31.53 36.08 -74.06
CA ARG C 422 32.33 35.99 -75.31
C ARG C 422 32.77 37.39 -75.75
N GLU C 423 31.90 38.39 -75.59
CA GLU C 423 32.19 39.81 -75.96
C GLU C 423 33.31 40.35 -75.05
N ASP C 424 33.31 39.98 -73.76
CA ASP C 424 34.30 40.44 -72.75
C ASP C 424 35.65 39.76 -72.98
N LEU C 425 35.66 38.45 -73.27
CA LEU C 425 36.90 37.69 -73.61
C LEU C 425 37.46 38.21 -74.93
N ALA C 426 36.58 38.53 -75.90
CA ALA C 426 36.95 39.18 -77.18
C ALA C 426 37.57 40.56 -76.87
N ALA C 427 37.07 41.24 -75.85
CA ALA C 427 37.62 42.53 -75.35
C ALA C 427 38.97 42.32 -74.68
N LEU C 428 39.17 41.19 -73.97
CA LEU C 428 40.47 40.82 -73.35
C LEU C 428 41.53 40.66 -74.45
N GLU C 429 41.28 39.80 -75.45
CA GLU C 429 42.27 39.44 -76.50
C GLU C 429 42.51 40.65 -77.42
N LYS C 430 41.66 41.69 -77.37
CA LYS C 430 41.95 43.03 -77.93
C LYS C 430 43.05 43.68 -77.07
N ASP C 431 42.87 43.70 -75.74
CA ASP C 431 43.78 44.37 -74.76
C ASP C 431 45.19 43.78 -74.85
N TYR C 432 45.29 42.46 -74.89
CA TYR C 432 46.58 41.70 -74.87
C TYR C 432 47.44 42.08 -76.08
N GLU C 433 46.83 42.29 -77.25
CA GLU C 433 47.53 42.76 -78.47
C GLU C 433 47.92 44.24 -78.30
N GLU C 434 47.01 45.07 -77.79
CA GLU C 434 47.20 46.53 -77.56
C GLU C 434 48.45 46.80 -76.71
N VAL C 435 48.60 46.09 -75.58
CA VAL C 435 49.76 46.26 -74.66
C VAL C 435 51.02 45.75 -75.38
N GLY C 436 50.93 44.61 -76.06
CA GLY C 436 52.00 44.01 -76.89
C GLY C 436 52.52 44.97 -77.95
N ILE C 437 51.66 45.86 -78.48
CA ILE C 437 52.03 46.92 -79.46
C ILE C 437 53.12 47.79 -78.82
N GLU C 438 54.23 48.00 -79.53
CA GLU C 438 55.38 48.86 -79.12
C GLU C 438 54.90 50.29 -78.88
N THR C 439 55.56 51.01 -77.97
CA THR C 439 55.19 52.37 -77.48
C THR C 439 55.19 53.35 -78.67
N ALA C 440 54.21 54.25 -78.73
CA ALA C 440 54.07 55.29 -79.79
C ALA C 440 54.77 56.58 -79.33
N MET D 1 24.89 9.28 -51.02
CA MET D 1 23.48 9.21 -51.52
C MET D 1 23.49 9.14 -53.06
N ARG D 2 22.88 10.10 -53.76
CA ARG D 2 22.66 10.07 -55.23
C ARG D 2 21.99 8.74 -55.61
N GLU D 3 20.91 8.38 -54.92
CA GLU D 3 20.26 7.03 -55.03
C GLU D 3 19.55 6.90 -56.38
N ILE D 4 19.46 5.67 -56.88
CA ILE D 4 18.82 5.30 -58.19
C ILE D 4 17.72 4.28 -57.91
N VAL D 5 16.47 4.61 -58.25
CA VAL D 5 15.31 3.67 -58.20
C VAL D 5 15.21 2.97 -59.56
N HIS D 6 15.30 1.64 -59.57
CA HIS D 6 15.19 0.79 -60.79
C HIS D 6 13.72 0.36 -60.95
N ILE D 7 13.15 0.52 -62.16
CA ILE D 7 11.85 -0.11 -62.54
C ILE D 7 12.10 -1.05 -63.72
N GLN D 8 11.95 -2.35 -63.49
CA GLN D 8 12.08 -3.43 -64.51
C GLN D 8 10.67 -3.83 -64.95
N GLY D 9 10.19 -3.24 -66.05
CA GLY D 9 8.80 -3.36 -66.54
C GLY D 9 8.70 -4.28 -67.74
N GLY D 10 7.79 -5.26 -67.69
CA GLY D 10 7.55 -6.21 -68.78
C GLY D 10 8.52 -7.37 -68.74
N GLN D 11 8.08 -8.55 -69.22
CA GLN D 11 8.82 -9.84 -69.15
C GLN D 11 10.30 -9.58 -69.47
N CYS D 12 10.59 -9.10 -70.69
CA CYS D 12 11.96 -8.75 -71.15
C CYS D 12 12.66 -7.93 -70.07
N GLY D 13 12.00 -6.86 -69.58
CA GLY D 13 12.53 -5.95 -68.55
C GLY D 13 12.91 -6.68 -67.28
N ASN D 14 11.99 -7.51 -66.76
CA ASN D 14 12.19 -8.28 -65.51
C ASN D 14 13.43 -9.18 -65.66
N GLN D 15 13.53 -9.93 -66.76
CA GLN D 15 14.63 -10.91 -67.02
C GLN D 15 15.97 -10.16 -67.12
N ILE D 16 15.98 -8.96 -67.71
CA ILE D 16 17.18 -8.08 -67.75
C ILE D 16 17.52 -7.71 -66.30
N GLY D 17 16.54 -7.17 -65.58
CA GLY D 17 16.67 -6.77 -64.17
C GLY D 17 17.26 -7.89 -63.33
N ALA D 18 16.68 -9.08 -63.41
CA ALA D 18 17.15 -10.31 -62.72
C ALA D 18 18.66 -10.40 -62.86
N LYS D 19 19.15 -10.47 -64.11
CA LYS D 19 20.59 -10.59 -64.43
C LYS D 19 21.33 -9.34 -63.92
N PHE D 20 20.75 -8.15 -64.11
CA PHE D 20 21.38 -6.87 -63.68
C PHE D 20 21.66 -6.92 -62.17
N TRP D 21 20.67 -7.31 -61.37
CA TRP D 21 20.75 -7.30 -59.88
C TRP D 21 21.65 -8.44 -59.39
N GLU D 22 21.86 -9.48 -60.19
CA GLU D 22 22.92 -10.49 -59.95
C GLU D 22 24.29 -9.83 -60.16
N VAL D 23 24.45 -9.10 -61.28
CA VAL D 23 25.73 -8.46 -61.70
C VAL D 23 26.17 -7.43 -60.65
N ILE D 24 25.25 -6.60 -60.16
CA ILE D 24 25.57 -5.50 -59.20
C ILE D 24 25.86 -6.10 -57.82
N SER D 25 25.24 -7.22 -57.47
CA SER D 25 25.43 -7.95 -56.18
C SER D 25 26.86 -8.48 -56.07
N ASP D 26 27.42 -8.99 -57.17
CA ASP D 26 28.82 -9.50 -57.27
C ASP D 26 29.79 -8.35 -56.97
N GLU D 27 29.59 -7.20 -57.63
CA GLU D 27 30.47 -6.00 -57.52
C GLU D 27 30.40 -5.42 -56.11
N HIS D 28 29.22 -5.43 -55.48
CA HIS D 28 28.99 -4.91 -54.10
C HIS D 28 29.15 -6.03 -53.07
N GLY D 29 29.32 -7.29 -53.51
CA GLY D 29 29.60 -8.45 -52.64
C GLY D 29 28.41 -8.87 -51.80
N ILE D 30 27.19 -8.50 -52.21
CA ILE D 30 25.92 -8.93 -51.57
C ILE D 30 25.65 -10.36 -52.03
N ASP D 31 25.31 -11.25 -51.09
CA ASP D 31 25.01 -12.68 -51.33
C ASP D 31 23.51 -12.81 -51.59
N PRO D 32 23.06 -13.91 -52.24
CA PRO D 32 21.66 -14.04 -52.65
C PRO D 32 20.62 -13.90 -51.53
N THR D 33 21.04 -14.09 -50.26
CA THR D 33 20.19 -13.96 -49.05
C THR D 33 20.25 -12.53 -48.49
N GLY D 34 20.96 -11.61 -49.15
CA GLY D 34 20.99 -10.18 -48.82
C GLY D 34 22.04 -9.82 -47.77
N THR D 35 22.88 -10.78 -47.38
CA THR D 35 24.02 -10.59 -46.46
C THR D 35 25.23 -10.10 -47.27
N TYR D 36 26.02 -9.18 -46.71
CA TYR D 36 27.33 -8.75 -47.27
C TYR D 36 28.38 -9.79 -46.86
N HIS D 37 29.06 -10.39 -47.84
CA HIS D 37 30.20 -11.33 -47.65
C HIS D 37 31.40 -10.87 -48.49
N GLY D 38 31.45 -9.57 -48.83
CA GLY D 38 32.56 -8.97 -49.59
C GLY D 38 33.81 -8.83 -48.74
N ASP D 39 34.98 -8.78 -49.38
CA ASP D 39 36.31 -8.72 -48.73
C ASP D 39 36.76 -7.26 -48.58
N SER D 40 36.40 -6.40 -49.54
CA SER D 40 36.81 -4.96 -49.62
C SER D 40 35.70 -4.07 -49.05
N ASP D 41 36.08 -3.11 -48.19
CA ASP D 41 35.17 -2.12 -47.54
C ASP D 41 34.69 -1.07 -48.55
N LEU D 42 35.44 -0.90 -49.65
CA LEU D 42 35.03 -0.09 -50.84
C LEU D 42 33.71 -0.61 -51.42
N GLN D 43 33.39 -1.89 -51.24
CA GLN D 43 32.16 -2.54 -51.81
C GLN D 43 30.89 -2.05 -51.11
N LEU D 44 30.98 -1.45 -49.90
CA LEU D 44 29.78 -1.02 -49.12
C LEU D 44 29.74 0.50 -48.88
N GLU D 45 30.77 1.26 -49.26
CA GLU D 45 30.84 2.71 -48.96
C GLU D 45 29.64 3.45 -49.57
N ARG D 46 29.24 3.11 -50.80
CA ARG D 46 28.18 3.81 -51.58
C ARG D 46 27.03 2.85 -51.93
N ILE D 47 26.89 1.73 -51.21
CA ILE D 47 25.90 0.67 -51.55
C ILE D 47 24.49 1.27 -51.61
N ASN D 48 24.21 2.29 -50.79
CA ASN D 48 22.89 2.95 -50.70
C ASN D 48 22.42 3.43 -52.08
N VAL D 49 23.32 3.67 -53.04
CA VAL D 49 22.97 4.11 -54.42
C VAL D 49 21.90 3.18 -55.00
N TYR D 50 22.07 1.86 -54.88
CA TYR D 50 21.19 0.83 -55.49
C TYR D 50 20.35 0.11 -54.42
N TYR D 51 20.95 -0.27 -53.29
CA TYR D 51 20.29 -1.03 -52.19
C TYR D 51 19.82 -0.08 -51.09
N ASN D 52 18.63 -0.32 -50.54
CA ASN D 52 18.17 0.28 -49.25
C ASN D 52 18.43 -0.74 -48.15
N GLU D 53 19.11 -0.31 -47.08
CA GLU D 53 19.49 -1.16 -45.91
C GLU D 53 18.22 -1.50 -45.11
N ALA D 54 17.80 -2.76 -45.16
CA ALA D 54 16.70 -3.31 -44.32
C ALA D 54 17.27 -3.65 -42.93
N THR D 55 16.41 -4.10 -42.01
CA THR D 55 16.77 -4.49 -40.62
C THR D 55 17.55 -5.81 -40.64
N GLY D 56 18.40 -6.01 -39.62
CA GLY D 56 19.21 -7.23 -39.45
C GLY D 56 20.38 -7.29 -40.44
N GLY D 57 20.80 -6.14 -40.98
CA GLY D 57 21.89 -6.05 -41.99
C GLY D 57 21.59 -6.86 -43.24
N ARG D 58 20.33 -6.86 -43.70
CA ARG D 58 19.90 -7.31 -45.05
C ARG D 58 19.93 -6.10 -45.98
N TYR D 59 20.38 -6.30 -47.23
CA TYR D 59 20.40 -5.26 -48.30
C TYR D 59 19.35 -5.64 -49.35
N VAL D 60 18.39 -4.74 -49.57
CA VAL D 60 17.23 -4.95 -50.47
C VAL D 60 17.38 -4.03 -51.67
N PRO D 61 17.41 -4.57 -52.91
CA PRO D 61 17.38 -3.75 -54.12
C PRO D 61 16.21 -2.76 -54.11
N ARG D 62 16.46 -1.56 -54.61
CA ARG D 62 15.43 -0.51 -54.80
C ARG D 62 14.80 -0.71 -56.19
N ALA D 63 14.32 -1.93 -56.44
CA ALA D 63 13.73 -2.40 -57.72
C ALA D 63 12.21 -2.45 -57.56
N ILE D 64 11.47 -1.95 -58.57
CA ILE D 64 9.99 -2.06 -58.66
C ILE D 64 9.66 -2.92 -59.87
N LEU D 65 9.47 -4.22 -59.64
CA LEU D 65 9.24 -5.24 -60.69
C LEU D 65 7.75 -5.19 -61.07
N MET D 66 7.43 -4.52 -62.18
CA MET D 66 6.04 -4.40 -62.68
C MET D 66 5.86 -5.25 -63.93
N ASP D 67 4.72 -5.93 -64.03
CA ASP D 67 4.24 -6.63 -65.25
C ASP D 67 2.71 -6.75 -65.17
N LEU D 68 2.06 -7.11 -66.27
CA LEU D 68 0.59 -7.38 -66.35
C LEU D 68 0.33 -8.89 -66.36
N GLU D 69 1.40 -9.70 -66.37
CA GLU D 69 1.36 -11.19 -66.37
C GLU D 69 1.88 -11.69 -65.02
N PRO D 70 1.10 -12.52 -64.28
CA PRO D 70 1.54 -13.02 -62.97
C PRO D 70 2.65 -14.08 -63.03
N GLY D 71 2.79 -14.78 -64.17
CA GLY D 71 3.81 -15.82 -64.44
C GLY D 71 5.24 -15.29 -64.36
N THR D 72 5.45 -13.98 -64.55
CA THR D 72 6.78 -13.32 -64.55
C THR D 72 7.36 -13.23 -63.13
N MET D 73 6.51 -13.17 -62.09
CA MET D 73 6.95 -13.23 -60.66
C MET D 73 7.68 -14.56 -60.42
N ASP D 74 7.07 -15.68 -60.81
CA ASP D 74 7.62 -17.06 -60.63
C ASP D 74 9.03 -17.12 -61.22
N SER D 75 9.24 -16.48 -62.39
CA SER D 75 10.51 -16.49 -63.16
C SER D 75 11.62 -15.71 -62.42
N VAL D 76 11.29 -14.56 -61.83
CA VAL D 76 12.26 -13.68 -61.11
C VAL D 76 12.52 -14.24 -59.69
N ARG D 77 11.59 -15.02 -59.12
CA ARG D 77 11.79 -15.78 -57.86
C ARG D 77 12.69 -17.00 -58.11
N ALA D 78 12.46 -17.69 -59.23
CA ALA D 78 13.20 -18.90 -59.67
C ALA D 78 14.70 -18.60 -59.81
N GLY D 79 15.03 -17.45 -60.43
CA GLY D 79 16.42 -17.01 -60.67
C GLY D 79 17.26 -17.01 -59.40
N PRO D 80 18.57 -17.31 -59.46
CA PRO D 80 19.47 -17.06 -58.34
C PRO D 80 19.48 -15.54 -58.06
N PHE D 81 19.59 -15.16 -56.78
CA PHE D 81 19.45 -13.76 -56.29
C PHE D 81 18.00 -13.29 -56.49
N GLY D 82 17.05 -14.22 -56.53
CA GLY D 82 15.61 -13.94 -56.70
C GLY D 82 14.96 -13.57 -55.37
N GLN D 83 15.58 -13.96 -54.25
CA GLN D 83 15.07 -13.70 -52.88
C GLN D 83 15.39 -12.25 -52.49
N LEU D 84 16.47 -11.67 -53.04
CA LEU D 84 16.92 -10.28 -52.74
C LEU D 84 15.72 -9.33 -52.75
N PHE D 85 15.03 -9.23 -53.89
CA PHE D 85 13.94 -8.25 -54.17
C PHE D 85 12.89 -8.35 -53.04
N ARG D 86 12.43 -7.21 -52.53
CA ARG D 86 11.41 -7.14 -51.44
C ARG D 86 10.04 -7.49 -52.01
N PRO D 87 9.23 -8.34 -51.34
CA PRO D 87 7.95 -8.80 -51.89
C PRO D 87 6.88 -7.73 -52.17
N ASP D 88 6.84 -6.65 -51.39
CA ASP D 88 5.91 -5.50 -51.56
C ASP D 88 6.16 -4.82 -52.91
N ASN D 89 7.43 -4.72 -53.33
CA ASN D 89 7.86 -4.00 -54.58
C ASN D 89 7.31 -4.71 -55.83
N PHE D 90 7.14 -6.03 -55.79
CA PHE D 90 6.53 -6.86 -56.87
C PHE D 90 5.07 -6.42 -57.05
N VAL D 91 4.72 -5.86 -58.21
CA VAL D 91 3.33 -5.43 -58.57
C VAL D 91 2.95 -6.05 -59.92
N PHE D 92 2.04 -7.03 -59.92
CA PHE D 92 1.70 -7.85 -61.11
C PHE D 92 0.17 -7.93 -61.29
N GLY D 93 -0.29 -7.76 -62.52
CA GLY D 93 -1.69 -7.97 -62.96
C GLY D 93 -1.98 -9.44 -63.20
N GLN D 94 -3.09 -9.76 -63.88
CA GLN D 94 -3.56 -11.15 -64.12
C GLN D 94 -3.62 -11.47 -65.63
N THR D 95 -4.26 -10.61 -66.43
CA THR D 95 -4.61 -10.88 -67.86
C THR D 95 -3.35 -10.86 -68.74
N GLY D 96 -2.54 -9.79 -68.64
CA GLY D 96 -1.40 -9.52 -69.54
C GLY D 96 -1.81 -8.57 -70.67
N ALA D 97 -0.82 -7.91 -71.28
CA ALA D 97 -1.02 -6.86 -72.31
C ALA D 97 -1.41 -7.46 -73.66
N GLY D 98 -0.95 -8.67 -73.95
CA GLY D 98 -1.22 -9.36 -75.22
C GLY D 98 -0.45 -8.76 -76.38
N ASN D 99 0.83 -8.43 -76.16
CA ASN D 99 1.73 -7.74 -77.12
C ASN D 99 1.02 -6.49 -77.68
N ASN D 100 0.18 -5.84 -76.87
CA ASN D 100 -0.71 -4.71 -77.27
C ASN D 100 -0.38 -3.50 -76.40
N TRP D 101 0.21 -2.47 -77.00
CA TRP D 101 0.55 -1.16 -76.36
C TRP D 101 -0.67 -0.58 -75.66
N ALA D 102 -1.81 -0.58 -76.36
CA ALA D 102 -3.11 -0.04 -75.90
C ALA D 102 -3.51 -0.72 -74.59
N LYS D 103 -3.64 -2.05 -74.60
CA LYS D 103 -4.08 -2.84 -73.41
C LYS D 103 -3.20 -2.45 -72.22
N GLY D 104 -1.88 -2.36 -72.45
CA GLY D 104 -0.88 -2.04 -71.42
C GLY D 104 -0.81 -0.55 -71.08
N HIS D 105 -1.34 0.34 -71.93
CA HIS D 105 -1.29 1.81 -71.75
C HIS D 105 -2.66 2.34 -71.30
N TYR D 106 -3.73 2.05 -72.04
CA TYR D 106 -5.03 2.76 -71.93
C TYR D 106 -6.02 2.02 -71.02
N THR D 107 -6.01 0.67 -71.00
CA THR D 107 -7.03 -0.15 -70.27
C THR D 107 -6.37 -0.90 -69.10
N GLU D 108 -5.93 -2.15 -69.31
CA GLU D 108 -5.46 -3.08 -68.24
C GLU D 108 -4.35 -2.40 -67.43
N GLY D 109 -3.32 -1.90 -68.13
CA GLY D 109 -2.15 -1.24 -67.52
C GLY D 109 -2.50 0.10 -66.88
N ALA D 110 -3.51 0.80 -67.41
CA ALA D 110 -4.04 2.07 -66.86
C ALA D 110 -4.57 1.84 -65.44
N GLU D 111 -5.10 0.64 -65.14
CA GLU D 111 -5.64 0.28 -63.81
C GLU D 111 -4.48 0.02 -62.83
N LEU D 112 -3.41 -0.66 -63.27
CA LEU D 112 -2.32 -1.15 -62.39
C LEU D 112 -1.43 0.02 -61.96
N ILE D 113 -1.03 0.92 -62.89
CA ILE D 113 0.00 1.99 -62.67
C ILE D 113 -0.25 2.77 -61.37
N ASP D 114 -1.52 3.03 -61.00
CA ASP D 114 -1.87 3.78 -59.75
C ASP D 114 -1.28 3.06 -58.54
N SER D 115 -1.27 1.71 -58.55
CA SER D 115 -0.66 0.85 -57.50
C SER D 115 0.87 0.95 -57.53
N VAL D 116 1.47 1.01 -58.74
CA VAL D 116 2.95 1.04 -58.94
C VAL D 116 3.47 2.40 -58.46
N LEU D 117 2.86 3.49 -58.92
CA LEU D 117 3.23 4.88 -58.54
C LEU D 117 3.37 4.98 -57.02
N ASP D 118 2.45 4.37 -56.27
CA ASP D 118 2.44 4.37 -54.77
C ASP D 118 3.74 3.71 -54.24
N VAL D 119 4.24 2.67 -54.92
CA VAL D 119 5.52 2.00 -54.59
C VAL D 119 6.68 2.90 -55.04
N VAL D 120 6.60 3.46 -56.26
CA VAL D 120 7.64 4.38 -56.84
C VAL D 120 7.86 5.55 -55.88
N ARG D 121 6.78 6.26 -55.54
CA ARG D 121 6.77 7.37 -54.55
C ARG D 121 7.47 6.91 -53.27
N LYS D 122 7.08 5.75 -52.74
CA LYS D 122 7.55 5.18 -51.45
C LYS D 122 9.08 5.05 -51.46
N GLU D 123 9.64 4.38 -52.47
CA GLU D 123 11.09 4.12 -52.60
C GLU D 123 11.83 5.42 -52.95
N ALA D 124 11.21 6.30 -53.75
CA ALA D 124 11.78 7.61 -54.17
C ALA D 124 11.92 8.56 -52.96
N GLU D 125 10.94 8.54 -52.04
CA GLU D 125 10.93 9.41 -50.83
C GLU D 125 11.97 8.92 -49.81
N GLY D 126 12.21 7.61 -49.73
CA GLY D 126 13.21 6.99 -48.84
C GLY D 126 14.61 7.52 -49.07
N CYS D 127 14.96 7.80 -50.32
CA CYS D 127 16.25 8.43 -50.74
C CYS D 127 16.33 9.87 -50.21
N ASP D 128 17.46 10.25 -49.60
CA ASP D 128 17.73 11.63 -49.13
C ASP D 128 17.91 12.53 -50.34
N CYS D 129 18.75 12.11 -51.30
CA CYS D 129 18.91 12.75 -52.64
C CYS D 129 18.78 11.68 -53.74
N LEU D 130 17.69 11.74 -54.50
CA LEU D 130 17.44 10.86 -55.68
C LEU D 130 18.22 11.42 -56.87
N GLN D 131 19.19 10.66 -57.39
CA GLN D 131 19.85 10.92 -58.69
C GLN D 131 18.78 10.91 -59.78
N GLY D 132 18.00 9.83 -59.82
CA GLY D 132 16.92 9.60 -60.81
C GLY D 132 16.45 8.16 -60.81
N PHE D 133 16.05 7.67 -61.99
CA PHE D 133 15.52 6.29 -62.20
C PHE D 133 16.26 5.65 -63.37
N GLN D 134 16.39 4.31 -63.34
CA GLN D 134 16.81 3.49 -64.51
C GLN D 134 15.67 2.50 -64.82
N ILE D 135 14.81 2.85 -65.79
CA ILE D 135 13.69 2.00 -66.27
C ILE D 135 14.30 1.02 -67.29
N THR D 136 14.07 -0.28 -67.11
CA THR D 136 14.46 -1.33 -68.10
C THR D 136 13.19 -2.00 -68.62
N HIS D 137 12.86 -1.76 -69.89
CA HIS D 137 11.64 -2.27 -70.57
C HIS D 137 11.93 -2.53 -72.05
N SER D 138 11.10 -3.34 -72.70
CA SER D 138 11.13 -3.58 -74.17
C SER D 138 10.10 -2.68 -74.84
N LEU D 139 10.49 -2.04 -75.95
CA LEU D 139 9.58 -1.22 -76.80
C LEU D 139 8.67 -2.17 -77.61
N GLY D 140 9.10 -3.42 -77.82
CA GLY D 140 8.47 -4.40 -78.72
C GLY D 140 7.18 -4.97 -78.15
N GLY D 141 7.18 -5.43 -76.90
CA GLY D 141 6.02 -6.05 -76.23
C GLY D 141 4.95 -5.04 -75.90
N GLY D 142 3.86 -5.49 -75.26
CA GLY D 142 2.73 -4.65 -74.83
C GLY D 142 2.99 -4.05 -73.47
N THR D 143 3.25 -4.91 -72.47
CA THR D 143 3.46 -4.56 -71.04
C THR D 143 4.60 -3.53 -70.94
N GLY D 144 5.82 -3.94 -71.31
CA GLY D 144 7.04 -3.12 -71.20
C GLY D 144 6.89 -1.80 -71.92
N SER D 145 6.29 -1.82 -73.11
CA SER D 145 6.08 -0.61 -73.96
C SER D 145 4.92 0.21 -73.38
N GLY D 146 3.76 -0.42 -73.18
CA GLY D 146 2.52 0.21 -72.67
C GLY D 146 2.72 0.83 -71.31
N MET D 147 2.86 0.00 -70.26
CA MET D 147 3.01 0.44 -68.84
C MET D 147 4.29 1.28 -68.70
N GLY D 148 5.41 0.80 -69.26
CA GLY D 148 6.71 1.48 -69.24
C GLY D 148 6.58 2.94 -69.58
N THR D 149 6.03 3.25 -70.76
CA THR D 149 5.83 4.63 -71.29
C THR D 149 4.81 5.40 -70.43
N LEU D 150 3.79 4.73 -69.91
CA LEU D 150 2.71 5.34 -69.08
C LEU D 150 3.29 5.70 -67.70
N LEU D 151 4.05 4.78 -67.09
CA LEU D 151 4.80 5.02 -65.83
C LEU D 151 5.77 6.19 -66.04
N ILE D 152 6.60 6.11 -67.08
CA ILE D 152 7.64 7.13 -67.44
C ILE D 152 6.99 8.52 -67.55
N SER D 153 5.81 8.61 -68.19
CA SER D 153 4.99 9.84 -68.28
C SER D 153 4.62 10.32 -66.87
N LYS D 154 4.17 9.40 -66.00
CA LYS D 154 3.67 9.68 -64.62
C LYS D 154 4.81 10.16 -63.71
N VAL D 155 5.88 9.38 -63.60
CA VAL D 155 7.07 9.68 -62.74
C VAL D 155 7.66 11.04 -63.11
N ARG D 156 7.67 11.39 -64.40
CA ARG D 156 8.29 12.64 -64.92
C ARG D 156 7.45 13.86 -64.49
N GLU D 157 6.11 13.74 -64.53
CA GLU D 157 5.16 14.80 -64.09
C GLU D 157 5.36 15.07 -62.60
N GLU D 158 5.60 14.04 -61.79
CA GLU D 158 5.83 14.16 -60.32
C GLU D 158 7.26 14.65 -60.05
N TYR D 159 8.26 14.08 -60.75
CA TYR D 159 9.71 14.34 -60.54
C TYR D 159 10.34 14.85 -61.84
N PRO D 160 10.14 16.14 -62.20
CA PRO D 160 10.69 16.69 -63.45
C PRO D 160 12.23 16.82 -63.48
N ASP D 161 12.83 17.32 -62.39
CA ASP D 161 14.28 17.59 -62.28
C ASP D 161 15.08 16.28 -62.30
N ARG D 162 14.58 15.25 -61.60
CA ARG D 162 15.29 13.95 -61.41
C ARG D 162 15.48 13.30 -62.80
N ILE D 163 16.67 12.76 -63.05
CA ILE D 163 17.05 12.10 -64.34
C ILE D 163 16.10 10.91 -64.56
N MET D 164 15.65 10.73 -65.80
CA MET D 164 14.88 9.54 -66.25
C MET D 164 15.70 8.82 -67.33
N GLU D 165 16.47 7.82 -66.91
CA GLU D 165 17.30 6.96 -67.78
C GLU D 165 16.47 5.73 -68.14
N THR D 166 16.56 5.26 -69.38
CA THR D 166 15.82 4.08 -69.91
C THR D 166 16.75 3.19 -70.73
N PHE D 167 16.92 1.93 -70.32
CA PHE D 167 17.55 0.85 -71.12
C PHE D 167 16.45 0.05 -71.81
N SER D 168 16.17 0.36 -73.09
CA SER D 168 15.02 -0.17 -73.86
C SER D 168 15.50 -1.07 -75.00
N VAL D 169 15.00 -2.31 -75.07
CA VAL D 169 15.20 -3.25 -76.21
C VAL D 169 14.22 -2.85 -77.33
N VAL D 170 14.74 -2.24 -78.40
CA VAL D 170 13.98 -1.84 -79.63
C VAL D 170 13.80 -3.11 -80.46
N PRO D 171 12.63 -3.34 -81.11
CA PRO D 171 12.46 -4.52 -81.98
C PRO D 171 13.32 -4.42 -83.24
N SER D 172 14.10 -5.47 -83.51
CA SER D 172 15.01 -5.60 -84.69
C SER D 172 14.29 -6.36 -85.80
N PRO D 173 14.36 -5.91 -87.07
CA PRO D 173 13.68 -6.59 -88.18
C PRO D 173 14.15 -8.03 -88.45
N LYS D 174 15.43 -8.31 -88.17
CA LYS D 174 16.05 -9.66 -88.32
C LYS D 174 15.32 -10.66 -87.45
N VAL D 175 15.23 -10.36 -86.14
CA VAL D 175 14.59 -11.23 -85.10
C VAL D 175 13.09 -11.29 -85.40
N SER D 176 12.40 -10.14 -85.31
CA SER D 176 10.95 -9.96 -85.52
C SER D 176 10.19 -11.10 -84.80
N ASP D 177 10.43 -11.24 -83.49
CA ASP D 177 9.87 -12.32 -82.64
C ASP D 177 8.41 -12.00 -82.26
N THR D 178 7.85 -10.89 -82.77
CA THR D 178 6.42 -10.52 -82.68
C THR D 178 6.00 -9.85 -84.01
N VAL D 179 4.73 -9.99 -84.40
CA VAL D 179 4.18 -9.42 -85.66
C VAL D 179 3.86 -7.93 -85.46
N VAL D 180 3.25 -7.56 -84.32
CA VAL D 180 2.73 -6.19 -84.04
C VAL D 180 3.79 -5.32 -83.34
N GLU D 181 5.05 -5.77 -83.30
CA GLU D 181 6.23 -4.98 -82.79
C GLU D 181 6.20 -3.55 -83.34
N PRO D 182 6.13 -3.35 -84.69
CA PRO D 182 6.19 -1.99 -85.26
C PRO D 182 5.22 -1.00 -84.63
N TYR D 183 3.98 -1.43 -84.39
CA TYR D 183 2.90 -0.62 -83.77
C TYR D 183 3.30 -0.24 -82.34
N ASN D 184 3.66 -1.24 -81.52
CA ASN D 184 4.07 -1.06 -80.11
C ASN D 184 5.21 -0.03 -80.05
N ALA D 185 6.27 -0.25 -80.84
CA ALA D 185 7.54 0.53 -80.82
C ALA D 185 7.33 1.96 -81.33
N THR D 186 6.48 2.16 -82.35
CA THR D 186 6.16 3.49 -82.93
C THR D 186 5.42 4.33 -81.89
N LEU D 187 4.43 3.75 -81.22
CA LEU D 187 3.61 4.42 -80.16
C LEU D 187 4.48 4.68 -78.92
N SER D 188 5.49 3.83 -78.69
CA SER D 188 6.42 3.93 -77.54
C SER D 188 7.28 5.20 -77.68
N VAL D 189 8.09 5.26 -78.74
CA VAL D 189 9.13 6.32 -78.97
C VAL D 189 8.48 7.71 -78.81
N HIS D 190 7.24 7.87 -79.32
CA HIS D 190 6.42 9.10 -79.19
C HIS D 190 6.38 9.53 -77.72
N GLN D 191 6.09 8.60 -76.82
CA GLN D 191 5.99 8.87 -75.36
C GLN D 191 7.40 9.04 -74.78
N LEU D 192 8.35 8.19 -75.19
CA LEU D 192 9.74 8.18 -74.64
C LEU D 192 10.42 9.52 -74.92
N VAL D 193 10.38 10.01 -76.18
CA VAL D 193 11.15 11.21 -76.62
C VAL D 193 10.73 12.45 -75.83
N GLU D 194 9.47 12.50 -75.35
CA GLU D 194 8.93 13.66 -74.59
C GLU D 194 9.30 13.55 -73.10
N ASN D 195 9.46 12.32 -72.56
CA ASN D 195 9.46 12.06 -71.09
C ASN D 195 10.74 11.37 -70.60
N ALA D 196 11.62 10.88 -71.48
CA ALA D 196 12.90 10.22 -71.11
C ALA D 196 14.05 11.21 -71.31
N ASP D 197 14.92 11.36 -70.30
CA ASP D 197 16.09 12.27 -70.33
C ASP D 197 17.16 11.66 -71.24
N GLU D 198 17.51 10.40 -71.00
CA GLU D 198 18.54 9.65 -71.78
C GLU D 198 18.07 8.20 -71.98
N CYS D 199 17.80 7.81 -73.23
CA CYS D 199 17.39 6.45 -73.65
C CYS D 199 18.60 5.75 -74.27
N MET D 200 18.99 4.59 -73.73
CA MET D 200 20.05 3.72 -74.31
C MET D 200 19.38 2.59 -75.09
N VAL D 201 19.27 2.76 -76.41
CA VAL D 201 18.60 1.76 -77.32
C VAL D 201 19.47 0.49 -77.35
N ILE D 202 18.86 -0.64 -76.98
CA ILE D 202 19.45 -2.01 -77.05
C ILE D 202 18.70 -2.76 -78.17
N ASP D 203 19.37 -3.70 -78.86
CA ASP D 203 18.78 -4.55 -79.93
C ASP D 203 19.28 -5.98 -79.77
N ASN D 204 18.36 -6.95 -79.89
CA ASN D 204 18.67 -8.41 -79.75
C ASN D 204 19.59 -8.82 -80.90
N GLU D 205 19.34 -8.32 -82.12
CA GLU D 205 20.16 -8.61 -83.33
C GLU D 205 21.64 -8.37 -83.00
N ALA D 206 21.98 -7.17 -82.54
CA ALA D 206 23.35 -6.73 -82.21
C ALA D 206 23.94 -7.62 -81.12
N LEU D 207 23.17 -7.85 -80.04
CA LEU D 207 23.60 -8.69 -78.88
C LEU D 207 23.97 -10.09 -79.37
N TYR D 208 23.17 -10.68 -80.27
CA TYR D 208 23.44 -11.99 -80.90
C TYR D 208 24.74 -11.92 -81.71
N ASP D 209 24.93 -10.84 -82.47
CA ASP D 209 26.16 -10.59 -83.28
C ASP D 209 27.37 -10.56 -82.36
N ILE D 210 27.28 -9.89 -81.20
CA ILE D 210 28.38 -9.82 -80.19
C ILE D 210 28.66 -11.23 -79.69
N CYS D 211 27.62 -12.08 -79.58
CA CYS D 211 27.71 -13.47 -79.08
C CYS D 211 28.24 -14.44 -80.15
N PHE D 212 28.05 -14.16 -81.44
CA PHE D 212 28.52 -15.03 -82.56
C PHE D 212 29.85 -14.54 -83.14
N ARG D 213 30.33 -13.32 -82.81
CA ARG D 213 31.55 -12.73 -83.43
C ARG D 213 32.55 -12.27 -82.35
N THR D 214 32.22 -11.25 -81.54
CA THR D 214 33.13 -10.67 -80.51
C THR D 214 33.46 -11.77 -79.48
N LEU D 215 32.44 -12.32 -78.82
CA LEU D 215 32.53 -13.60 -78.07
C LEU D 215 32.21 -14.73 -79.04
N LYS D 216 32.62 -15.96 -78.75
CA LYS D 216 32.33 -17.15 -79.61
C LYS D 216 31.55 -18.16 -78.78
N LEU D 217 30.24 -17.95 -78.69
CA LEU D 217 29.26 -18.80 -77.98
C LEU D 217 28.57 -19.71 -79.01
N THR D 218 28.54 -21.02 -78.72
CA THR D 218 27.87 -22.05 -79.57
C THR D 218 26.35 -21.89 -79.43
N THR D 219 25.87 -21.64 -78.20
CA THR D 219 24.44 -21.47 -77.84
C THR D 219 24.24 -20.21 -76.99
N PRO D 220 24.24 -19.00 -77.60
CA PRO D 220 23.81 -17.79 -76.90
C PRO D 220 22.31 -17.77 -76.59
N THR D 221 21.95 -17.81 -75.30
CA THR D 221 20.56 -17.74 -74.79
C THR D 221 20.24 -16.30 -74.38
N TYR D 222 18.97 -16.02 -74.06
CA TYR D 222 18.51 -14.70 -73.53
C TYR D 222 19.19 -14.41 -72.19
N GLY D 223 19.65 -15.46 -71.48
CA GLY D 223 20.54 -15.35 -70.31
C GLY D 223 21.81 -14.58 -70.65
N ASP D 224 22.51 -14.99 -71.71
CA ASP D 224 23.81 -14.42 -72.13
C ASP D 224 23.60 -13.02 -72.72
N LEU D 225 22.57 -12.82 -73.54
CA LEU D 225 22.22 -11.48 -74.11
C LEU D 225 22.00 -10.49 -72.97
N ASN D 226 21.22 -10.88 -71.96
CA ASN D 226 20.93 -10.05 -70.76
C ASN D 226 22.23 -9.71 -70.02
N HIS D 227 23.15 -10.68 -69.92
CA HIS D 227 24.45 -10.54 -69.19
C HIS D 227 25.24 -9.36 -69.78
N LEU D 228 25.25 -9.22 -71.11
CA LEU D 228 25.97 -8.15 -71.82
C LEU D 228 25.32 -6.81 -71.49
N VAL D 229 23.98 -6.74 -71.56
CA VAL D 229 23.18 -5.52 -71.27
C VAL D 229 23.50 -5.07 -69.84
N SER D 230 23.48 -6.01 -68.89
CA SER D 230 23.77 -5.80 -67.45
C SER D 230 25.19 -5.24 -67.28
N ALA D 231 26.18 -5.88 -67.90
CA ALA D 231 27.62 -5.51 -67.83
C ALA D 231 27.75 -4.01 -68.16
N ALA D 232 27.11 -3.57 -69.24
CA ALA D 232 27.04 -2.15 -69.67
C ALA D 232 26.31 -1.32 -68.60
N MET D 233 25.14 -1.80 -68.16
CA MET D 233 24.24 -1.11 -67.20
C MET D 233 25.02 -0.66 -65.96
N SER D 234 25.87 -1.55 -65.43
CA SER D 234 26.82 -1.27 -64.33
C SER D 234 27.73 -0.09 -64.72
N GLY D 235 28.40 -0.22 -65.87
CA GLY D 235 29.37 0.76 -66.41
C GLY D 235 28.83 2.18 -66.44
N VAL D 236 27.58 2.35 -66.88
CA VAL D 236 26.93 3.69 -67.10
C VAL D 236 26.90 4.45 -65.78
N THR D 237 26.73 3.75 -64.64
CA THR D 237 26.58 4.34 -63.28
C THR D 237 27.50 3.65 -62.28
N CYS D 238 28.81 3.80 -62.45
CA CYS D 238 29.87 3.22 -61.57
C CYS D 238 30.49 4.31 -60.69
N CYS D 239 30.95 5.40 -61.32
CA CYS D 239 31.64 6.54 -60.68
C CYS D 239 30.80 7.09 -59.51
N LEU D 240 29.49 6.83 -59.50
CA LEU D 240 28.60 6.99 -58.31
C LEU D 240 29.06 6.05 -57.20
N ARG D 241 29.12 4.74 -57.49
CA ARG D 241 29.23 3.64 -56.50
C ARG D 241 30.68 3.49 -56.00
N PHE D 242 31.66 4.05 -56.71
CA PHE D 242 33.11 3.83 -56.43
C PHE D 242 33.91 5.12 -56.67
N PRO D 243 35.15 5.22 -56.14
CA PRO D 243 36.02 6.36 -56.41
C PRO D 243 36.51 6.41 -57.87
N GLY D 244 37.06 7.56 -58.27
CA GLY D 244 37.63 7.77 -59.62
C GLY D 244 38.69 8.85 -59.62
N GLN D 245 39.68 8.73 -60.53
CA GLN D 245 40.69 9.78 -60.81
C GLN D 245 39.99 11.01 -61.38
N LEU D 246 38.98 10.78 -62.24
CA LEU D 246 38.02 11.80 -62.75
C LEU D 246 36.59 11.25 -62.60
N ASN D 247 35.75 11.91 -61.78
CA ASN D 247 34.40 11.43 -61.39
C ASN D 247 33.37 11.92 -62.41
N SER D 248 32.32 11.11 -62.61
CA SER D 248 31.13 11.40 -63.45
C SER D 248 29.87 10.87 -62.75
N ASP D 249 28.71 11.11 -63.33
CA ASP D 249 27.40 10.57 -62.88
C ASP D 249 26.38 10.73 -64.03
N LEU D 250 25.17 10.19 -63.84
CA LEU D 250 24.10 10.14 -64.87
C LEU D 250 23.87 11.53 -65.46
N ARG D 251 23.71 12.54 -64.61
CA ARG D 251 23.43 13.94 -65.04
C ARG D 251 24.63 14.45 -65.84
N LYS D 252 25.85 14.15 -65.39
CA LYS D 252 27.09 14.60 -66.06
C LYS D 252 27.11 14.03 -67.49
N LEU D 253 26.85 12.72 -67.64
CA LEU D 253 26.80 12.04 -68.96
C LEU D 253 25.74 12.73 -69.83
N ALA D 254 24.51 12.86 -69.30
CA ALA D 254 23.37 13.53 -69.96
C ALA D 254 23.79 14.92 -70.45
N VAL D 255 24.40 15.73 -69.58
CA VAL D 255 24.82 17.13 -69.86
C VAL D 255 25.74 17.16 -71.10
N ASN D 256 26.61 16.16 -71.26
CA ASN D 256 27.64 16.13 -72.33
C ASN D 256 27.20 15.26 -73.52
N LEU D 257 26.20 14.38 -73.35
CA LEU D 257 25.74 13.44 -74.40
C LEU D 257 24.59 14.03 -75.22
N ILE D 258 23.76 14.89 -74.61
CA ILE D 258 22.52 15.45 -75.23
C ILE D 258 22.78 16.90 -75.64
N PRO D 259 23.09 17.19 -76.92
CA PRO D 259 23.27 18.57 -77.36
C PRO D 259 21.94 19.34 -77.35
N PHE D 260 20.88 18.75 -77.91
CA PHE D 260 19.50 19.29 -77.98
C PHE D 260 18.54 18.28 -77.37
N PRO D 261 17.45 18.71 -76.68
CA PRO D 261 16.65 17.81 -75.84
C PRO D 261 16.11 16.53 -76.49
N ARG D 262 15.79 16.58 -77.79
CA ARG D 262 15.09 15.49 -78.54
C ARG D 262 16.09 14.41 -78.98
N LEU D 263 17.40 14.68 -78.95
CA LEU D 263 18.47 13.72 -79.38
C LEU D 263 19.07 13.06 -78.14
N HIS D 264 18.33 12.17 -77.48
CA HIS D 264 18.79 11.47 -76.25
C HIS D 264 18.77 9.95 -76.43
N PHE D 265 18.80 9.47 -77.68
CA PHE D 265 18.98 8.04 -78.01
C PHE D 265 20.49 7.80 -78.19
N PHE D 266 21.03 6.78 -77.51
CA PHE D 266 22.48 6.44 -77.46
C PHE D 266 22.68 4.95 -77.73
N MET D 267 23.89 4.60 -78.17
CA MET D 267 24.32 3.20 -78.43
C MET D 267 25.33 2.81 -77.33
N ILE D 268 24.92 1.95 -76.41
CA ILE D 268 25.82 1.41 -75.34
C ILE D 268 26.66 0.28 -75.94
N GLY D 269 27.83 0.02 -75.34
CA GLY D 269 28.80 -1.01 -75.79
C GLY D 269 29.92 -1.22 -74.78
N PHE D 270 30.22 -2.48 -74.48
CA PHE D 270 31.21 -2.91 -73.44
C PHE D 270 32.46 -3.43 -74.15
N ALA D 271 33.63 -2.89 -73.80
CA ALA D 271 34.90 -3.01 -74.56
C ALA D 271 35.70 -4.28 -74.24
N PRO D 272 35.91 -4.69 -72.96
CA PRO D 272 36.85 -5.77 -72.66
C PRO D 272 36.34 -7.18 -72.99
N LEU D 273 35.11 -7.31 -73.52
CA LEU D 273 34.50 -8.60 -73.95
C LEU D 273 35.37 -9.24 -75.02
N THR D 274 35.78 -10.50 -74.80
CA THR D 274 36.63 -11.30 -75.72
C THR D 274 36.15 -12.75 -75.72
N SER D 275 36.23 -13.41 -76.88
CA SER D 275 36.13 -14.89 -77.02
C SER D 275 37.13 -15.55 -76.04
N ARG D 276 36.72 -16.64 -75.39
CA ARG D 276 37.46 -17.31 -74.28
C ARG D 276 38.75 -17.94 -74.82
N GLY D 277 38.78 -18.36 -76.09
CA GLY D 277 39.96 -18.94 -76.79
C GLY D 277 40.76 -17.92 -77.58
N SER D 278 40.42 -16.63 -77.47
CA SER D 278 41.13 -15.48 -78.09
C SER D 278 41.62 -14.51 -76.98
N GLN D 279 41.84 -15.01 -75.76
CA GLN D 279 42.22 -14.21 -74.56
C GLN D 279 43.75 -14.19 -74.37
N GLN D 280 44.42 -15.31 -74.68
CA GLN D 280 45.90 -15.43 -74.66
C GLN D 280 46.50 -14.38 -75.60
N TYR D 281 46.09 -14.41 -76.87
CA TYR D 281 46.64 -13.61 -78.00
C TYR D 281 46.42 -12.11 -77.72
N ARG D 282 45.26 -11.76 -77.17
CA ARG D 282 44.86 -10.37 -76.82
C ARG D 282 45.67 -9.89 -75.60
N ALA D 283 46.21 -8.67 -75.68
CA ALA D 283 46.86 -7.92 -74.58
C ALA D 283 45.86 -6.88 -74.05
N LEU D 284 45.68 -6.80 -72.73
CA LEU D 284 44.67 -5.92 -72.08
C LEU D 284 45.31 -4.54 -71.78
N THR D 285 45.17 -3.61 -72.72
CA THR D 285 45.73 -2.22 -72.68
C THR D 285 44.65 -1.22 -73.10
N VAL D 286 44.80 0.04 -72.70
CA VAL D 286 43.85 1.16 -73.01
C VAL D 286 43.64 1.26 -74.52
N PRO D 287 44.71 1.33 -75.37
CA PRO D 287 44.53 1.36 -76.82
C PRO D 287 43.69 0.21 -77.37
N GLU D 288 43.93 -1.02 -76.91
CA GLU D 288 43.23 -2.25 -77.39
C GLU D 288 41.74 -2.13 -77.07
N LEU D 289 41.39 -1.66 -75.88
CA LEU D 289 39.98 -1.56 -75.41
C LEU D 289 39.28 -0.40 -76.14
N THR D 290 39.98 0.71 -76.38
CA THR D 290 39.49 1.87 -77.16
C THR D 290 39.17 1.47 -78.60
N GLN D 291 39.98 0.58 -79.20
CA GLN D 291 39.74 0.05 -80.57
C GLN D 291 38.41 -0.72 -80.59
N GLN D 292 38.15 -1.56 -79.60
CA GLN D 292 36.95 -2.44 -79.58
C GLN D 292 35.69 -1.61 -79.29
N MET D 293 35.77 -0.57 -78.45
CA MET D 293 34.58 0.23 -78.05
C MET D 293 34.07 1.08 -79.23
N PHE D 294 34.94 1.47 -80.17
CA PHE D 294 34.59 2.28 -81.37
C PHE D 294 34.38 1.40 -82.61
N ASP D 295 34.66 0.09 -82.51
CA ASP D 295 34.26 -0.91 -83.53
C ASP D 295 32.74 -0.98 -83.56
N ALA D 296 32.14 -0.75 -84.74
CA ALA D 296 30.68 -0.78 -84.98
C ALA D 296 30.09 -2.14 -84.56
N LYS D 297 30.90 -3.20 -84.61
CA LYS D 297 30.54 -4.58 -84.18
C LYS D 297 30.14 -4.57 -82.71
N ASN D 298 30.92 -3.89 -81.86
CA ASN D 298 30.81 -3.92 -80.37
C ASN D 298 29.48 -3.32 -79.90
N MET D 299 28.92 -2.37 -80.65
CA MET D 299 27.68 -1.63 -80.26
C MET D 299 26.51 -2.60 -80.13
N MET D 300 25.64 -2.36 -79.14
CA MET D 300 24.43 -3.18 -78.84
C MET D 300 23.21 -2.56 -79.55
N CYS D 301 23.41 -1.96 -80.72
CA CYS D 301 22.36 -1.41 -81.63
C CYS D 301 22.66 -1.84 -83.07
N ALA D 302 21.62 -2.12 -83.85
CA ALA D 302 21.68 -2.64 -85.23
C ALA D 302 22.44 -1.68 -86.13
N ALA D 303 22.19 -0.37 -86.00
CA ALA D 303 22.75 0.70 -86.85
C ALA D 303 24.25 0.87 -86.60
N ASP D 304 25.05 0.76 -87.66
CA ASP D 304 26.52 0.97 -87.63
C ASP D 304 26.77 2.48 -87.54
N PRO D 305 27.57 2.96 -86.56
CA PRO D 305 27.95 4.38 -86.47
C PRO D 305 28.62 4.96 -87.72
N ARG D 306 29.18 4.12 -88.60
CA ARG D 306 29.85 4.50 -89.88
C ARG D 306 28.92 5.32 -90.78
N HIS D 307 27.63 4.93 -90.86
CA HIS D 307 26.60 5.60 -91.70
C HIS D 307 26.32 6.99 -91.13
N GLY D 308 26.07 7.08 -89.82
CA GLY D 308 25.87 8.33 -89.08
C GLY D 308 27.19 9.03 -88.78
N ARG D 309 27.13 10.13 -88.02
CA ARG D 309 28.32 10.90 -87.53
C ARG D 309 28.05 11.26 -86.07
N TYR D 310 28.89 10.77 -85.15
CA TYR D 310 28.79 10.99 -83.68
C TYR D 310 28.62 12.49 -83.39
N LEU D 311 27.46 12.88 -82.84
CA LEU D 311 27.19 14.23 -82.26
C LEU D 311 28.04 14.40 -81.01
N THR D 312 28.30 13.29 -80.33
CA THR D 312 29.23 13.16 -79.17
C THR D 312 29.42 11.67 -78.87
N ALA D 313 30.27 11.37 -77.88
CA ALA D 313 30.46 10.03 -77.29
C ALA D 313 30.94 10.19 -75.84
N SER D 314 30.82 9.12 -75.05
CA SER D 314 31.28 9.07 -73.63
C SER D 314 31.85 7.68 -73.31
N ALA D 315 33.07 7.64 -72.79
CA ALA D 315 33.75 6.42 -72.29
C ALA D 315 33.85 6.50 -70.77
N LEU D 316 33.58 5.38 -70.09
CA LEU D 316 33.66 5.25 -68.61
C LEU D 316 34.63 4.10 -68.30
N PHE D 317 35.92 4.40 -68.45
CA PHE D 317 37.04 3.45 -68.24
C PHE D 317 37.06 3.00 -66.77
N ARG D 318 37.47 1.75 -66.55
CA ARG D 318 37.46 1.07 -65.22
C ARG D 318 38.89 0.58 -64.91
N GLY D 319 39.22 0.46 -63.62
CA GLY D 319 40.53 -0.02 -63.15
C GLY D 319 41.53 1.11 -62.95
N ARG D 320 42.81 0.76 -62.88
CA ARG D 320 43.94 1.69 -62.66
C ARG D 320 44.67 1.92 -63.98
N MET D 321 44.24 2.94 -64.74
CA MET D 321 44.89 3.36 -66.01
C MET D 321 45.35 4.81 -65.86
N SER D 322 46.53 5.11 -66.40
CA SER D 322 47.07 6.48 -66.57
C SER D 322 46.08 7.30 -67.40
N THR D 323 45.55 8.39 -66.83
CA THR D 323 44.54 9.29 -67.44
C THR D 323 45.13 9.92 -68.72
N LYS D 324 46.43 10.22 -68.72
CA LYS D 324 47.18 10.73 -69.89
C LYS D 324 47.00 9.75 -71.06
N GLU D 325 47.29 8.48 -70.82
CA GLU D 325 47.19 7.41 -71.86
C GLU D 325 45.76 7.35 -72.39
N VAL D 326 44.75 7.37 -71.50
CA VAL D 326 43.31 7.42 -71.90
C VAL D 326 43.12 8.62 -72.83
N ASP D 327 43.50 9.81 -72.37
CA ASP D 327 43.31 11.10 -73.09
C ASP D 327 44.01 11.05 -74.46
N GLU D 328 45.20 10.44 -74.54
CA GLU D 328 45.96 10.24 -75.80
C GLU D 328 45.11 9.41 -76.79
N GLN D 329 44.48 8.33 -76.31
CA GLN D 329 43.66 7.41 -77.13
C GLN D 329 42.41 8.14 -77.64
N MET D 330 41.69 8.86 -76.77
CA MET D 330 40.43 9.57 -77.11
C MET D 330 40.70 10.63 -78.17
N LEU D 331 41.84 11.33 -78.05
CA LEU D 331 42.32 12.31 -79.06
C LEU D 331 42.60 11.58 -80.38
N ASN D 332 43.42 10.52 -80.32
CA ASN D 332 43.87 9.72 -81.49
C ASN D 332 42.65 9.29 -82.31
N VAL D 333 41.64 8.70 -81.66
CA VAL D 333 40.37 8.21 -82.28
C VAL D 333 39.74 9.36 -83.09
N GLN D 334 39.62 10.54 -82.48
CA GLN D 334 38.92 11.70 -83.07
C GLN D 334 39.63 12.18 -84.34
N ASN D 335 40.96 12.11 -84.37
CA ASN D 335 41.79 12.47 -85.55
C ASN D 335 41.61 11.43 -86.65
N LYS D 336 41.46 10.16 -86.28
CA LYS D 336 41.23 9.01 -87.21
C LYS D 336 39.86 9.15 -87.88
N ASN D 337 38.82 9.37 -87.06
CA ASN D 337 37.39 9.36 -87.46
C ASN D 337 36.93 10.79 -87.77
N SER D 338 37.65 11.48 -88.66
CA SER D 338 37.37 12.88 -89.08
C SER D 338 35.90 13.00 -89.54
N SER D 339 35.46 12.10 -90.42
CA SER D 339 34.09 12.08 -91.01
C SER D 339 33.05 11.70 -89.94
N TYR D 340 33.35 10.69 -89.12
CA TYR D 340 32.38 10.11 -88.15
C TYR D 340 32.18 11.03 -86.94
N PHE D 341 32.94 12.13 -86.83
CA PHE D 341 32.74 13.17 -85.78
C PHE D 341 32.27 14.47 -86.42
N VAL D 342 31.15 14.99 -85.89
CA VAL D 342 30.50 16.27 -86.31
C VAL D 342 31.55 17.40 -86.32
N GLU D 343 31.47 18.30 -87.32
CA GLU D 343 32.45 19.39 -87.58
C GLU D 343 32.38 20.41 -86.43
N TRP D 344 31.19 20.98 -86.19
CA TRP D 344 30.90 21.83 -85.01
C TRP D 344 30.93 20.95 -83.76
N ILE D 345 31.08 21.55 -82.58
CA ILE D 345 31.30 20.83 -81.28
C ILE D 345 32.53 19.94 -81.44
N PRO D 346 33.76 20.52 -81.39
CA PRO D 346 34.98 19.73 -81.36
C PRO D 346 35.30 19.19 -79.95
N ASN D 347 36.31 18.32 -79.89
CA ASN D 347 36.63 17.46 -78.71
C ASN D 347 35.34 16.74 -78.30
N ASN D 348 34.76 15.99 -79.26
CA ASN D 348 33.43 15.35 -79.20
C ASN D 348 33.36 14.30 -78.09
N ILE D 349 34.46 13.55 -77.87
CA ILE D 349 34.47 12.42 -76.90
C ILE D 349 34.71 12.98 -75.50
N LYS D 350 33.84 12.58 -74.55
CA LYS D 350 34.03 12.74 -73.09
C LYS D 350 34.69 11.47 -72.55
N SER D 351 35.45 11.59 -71.46
CA SER D 351 36.11 10.47 -70.74
C SER D 351 35.89 10.60 -69.23
N SER D 352 35.49 9.48 -68.59
CA SER D 352 35.42 9.31 -67.12
C SER D 352 36.30 8.12 -66.72
N ILE D 353 36.98 8.23 -65.58
CA ILE D 353 37.85 7.17 -65.01
C ILE D 353 37.23 6.75 -63.68
N CYS D 354 37.03 5.43 -63.47
CA CYS D 354 36.72 4.84 -62.15
C CYS D 354 37.86 3.87 -61.76
N ASP D 355 38.33 3.97 -60.52
CA ASP D 355 39.49 3.20 -59.99
C ASP D 355 39.13 1.72 -59.90
N ILE D 356 37.91 1.39 -59.47
CA ILE D 356 37.50 -0.01 -59.16
C ILE D 356 37.07 -0.70 -60.44
N PRO D 357 37.78 -1.78 -60.87
CA PRO D 357 37.41 -2.52 -62.07
C PRO D 357 36.21 -3.43 -61.82
N PRO D 358 35.64 -4.06 -62.87
CA PRO D 358 34.67 -5.13 -62.68
C PRO D 358 35.38 -6.42 -62.24
N LYS D 359 34.67 -7.31 -61.55
CA LYS D 359 35.24 -8.53 -60.91
C LYS D 359 35.89 -9.43 -61.97
N GLY D 360 37.09 -9.95 -61.67
CA GLY D 360 37.87 -10.85 -62.54
C GLY D 360 38.42 -10.16 -63.77
N LEU D 361 38.57 -8.82 -63.73
CA LEU D 361 39.15 -7.99 -64.82
C LEU D 361 40.04 -6.90 -64.21
N LYS D 362 41.11 -6.55 -64.93
CA LYS D 362 42.12 -5.52 -64.51
C LYS D 362 41.66 -4.15 -65.01
N MET D 363 41.27 -4.06 -66.28
CA MET D 363 40.69 -2.84 -66.93
C MET D 363 39.39 -3.22 -67.66
N ALA D 364 38.52 -2.23 -67.85
CA ALA D 364 37.26 -2.35 -68.64
C ALA D 364 36.85 -0.95 -69.12
N VAL D 365 35.89 -0.90 -70.06
CA VAL D 365 35.29 0.35 -70.61
C VAL D 365 33.81 0.11 -70.87
N THR D 366 33.01 1.15 -70.67
CA THR D 366 31.59 1.23 -71.14
C THR D 366 31.45 2.48 -72.00
N PHE D 367 30.85 2.32 -73.17
CA PHE D 367 30.73 3.37 -74.22
C PHE D 367 29.26 3.79 -74.33
N VAL D 368 29.01 5.11 -74.41
CA VAL D 368 27.65 5.70 -74.65
C VAL D 368 27.81 6.75 -75.75
N GLY D 369 27.22 6.52 -76.92
CA GLY D 369 27.42 7.32 -78.14
C GLY D 369 26.13 7.83 -78.75
N ASN D 370 25.90 9.15 -78.68
CA ASN D 370 24.82 9.84 -79.43
C ASN D 370 25.30 10.09 -80.87
N SER D 371 24.77 9.32 -81.81
CA SER D 371 25.08 9.41 -83.26
C SER D 371 23.80 9.62 -84.06
N THR D 372 23.97 9.98 -85.32
CA THR D 372 22.90 10.15 -86.33
C THR D 372 22.68 8.83 -87.08
N ALA D 373 23.44 7.79 -86.72
CA ALA D 373 23.27 6.40 -87.18
C ALA D 373 21.99 5.81 -86.57
N ILE D 374 21.66 6.18 -85.33
CA ILE D 374 20.55 5.59 -84.53
C ILE D 374 19.23 5.78 -85.29
N GLN D 375 19.10 6.92 -85.97
CA GLN D 375 18.10 7.21 -87.03
C GLN D 375 17.79 5.94 -87.85
N GLU D 376 18.83 5.31 -88.40
CA GLU D 376 18.74 4.16 -89.36
C GLU D 376 17.94 3.02 -88.74
N MET D 377 18.05 2.78 -87.42
CA MET D 377 17.32 1.70 -86.70
C MET D 377 15.85 2.09 -86.56
N PHE D 378 15.54 3.39 -86.42
CA PHE D 378 14.17 3.94 -86.29
C PHE D 378 13.46 3.94 -87.65
N LYS D 379 14.21 4.15 -88.74
CA LYS D 379 13.69 4.06 -90.13
C LYS D 379 13.12 2.66 -90.39
N ARG D 380 13.82 1.61 -89.93
CA ARG D 380 13.37 0.20 -90.08
C ARG D 380 11.96 0.08 -89.48
N VAL D 381 11.77 0.57 -88.25
CA VAL D 381 10.47 0.51 -87.50
C VAL D 381 9.41 1.34 -88.26
N ALA D 382 9.79 2.50 -88.83
CA ALA D 382 8.90 3.41 -89.58
C ALA D 382 8.43 2.76 -90.87
N GLU D 383 9.38 2.28 -91.69
CA GLU D 383 9.13 1.56 -92.98
C GLU D 383 8.17 0.38 -92.74
N GLN D 384 8.40 -0.38 -91.66
CA GLN D 384 7.63 -1.59 -91.29
C GLN D 384 6.24 -1.20 -90.79
N PHE D 385 6.15 -0.14 -89.97
CA PHE D 385 4.90 0.40 -89.37
C PHE D 385 3.97 0.96 -90.45
N THR D 386 4.51 1.82 -91.33
CA THR D 386 3.78 2.47 -92.46
C THR D 386 3.04 1.39 -93.24
N ALA D 387 3.78 0.40 -93.78
CA ALA D 387 3.26 -0.75 -94.58
C ALA D 387 2.01 -1.35 -93.92
N MET D 388 2.06 -1.58 -92.60
CA MET D 388 0.92 -2.11 -91.80
C MET D 388 -0.22 -1.07 -91.76
N PHE D 389 0.12 0.20 -91.53
CA PHE D 389 -0.86 1.29 -91.29
C PHE D 389 -1.46 1.83 -92.60
N ARG D 390 -0.75 1.69 -93.73
CA ARG D 390 -1.31 1.93 -95.09
C ARG D 390 -2.71 1.30 -95.18
N ARG D 391 -2.88 0.10 -94.60
CA ARG D 391 -4.08 -0.77 -94.74
C ARG D 391 -4.87 -0.91 -93.43
N LYS D 392 -4.31 -0.47 -92.29
CA LYS D 392 -4.97 -0.48 -90.95
C LYS D 392 -5.05 -1.91 -90.41
N ALA D 393 -3.98 -2.67 -90.63
CA ALA D 393 -3.84 -4.08 -90.18
C ALA D 393 -3.61 -4.10 -88.66
N PHE D 394 -4.11 -5.15 -88.02
CA PHE D 394 -3.99 -5.43 -86.56
C PHE D 394 -4.41 -4.20 -85.74
N LEU D 395 -5.08 -3.23 -86.38
CA LEU D 395 -5.34 -1.90 -85.78
C LEU D 395 -6.54 -2.02 -84.84
N HIS D 396 -7.54 -2.81 -85.25
CA HIS D 396 -8.83 -3.06 -84.55
C HIS D 396 -8.61 -3.53 -83.10
N TRP D 397 -7.49 -4.18 -82.78
CA TRP D 397 -7.12 -4.54 -81.39
C TRP D 397 -6.91 -3.27 -80.59
N TYR D 398 -6.01 -2.43 -81.09
CA TYR D 398 -5.57 -1.15 -80.47
C TYR D 398 -6.77 -0.21 -80.40
N THR D 399 -7.57 -0.15 -81.48
CA THR D 399 -8.83 0.64 -81.58
C THR D 399 -9.87 0.08 -80.59
N GLY D 400 -9.92 -1.24 -80.42
CA GLY D 400 -10.83 -1.94 -79.49
C GLY D 400 -10.62 -1.51 -78.05
N GLU D 401 -9.36 -1.34 -77.63
CA GLU D 401 -8.99 -0.92 -76.24
C GLU D 401 -9.38 0.55 -76.02
N GLY D 402 -9.56 1.32 -77.09
CA GLY D 402 -10.07 2.72 -77.05
C GLY D 402 -9.01 3.74 -77.44
N MET D 403 -7.93 3.32 -78.08
CA MET D 403 -6.97 4.19 -78.80
C MET D 403 -7.59 4.60 -80.15
N ASP D 404 -7.37 5.83 -80.58
CA ASP D 404 -7.94 6.41 -81.84
C ASP D 404 -6.87 6.40 -82.93
N GLU D 405 -7.28 6.34 -84.20
CA GLU D 405 -6.38 6.36 -85.39
C GLU D 405 -5.50 7.63 -85.37
N MET D 406 -5.99 8.71 -84.76
CA MET D 406 -5.26 10.01 -84.59
C MET D 406 -3.94 9.78 -83.84
N GLU D 407 -3.94 8.91 -82.82
CA GLU D 407 -2.75 8.56 -81.98
C GLU D 407 -1.68 7.89 -82.84
N PHE D 408 -2.06 6.95 -83.72
CA PHE D 408 -1.13 6.19 -84.60
C PHE D 408 -0.43 7.14 -85.59
N THR D 409 -1.17 8.12 -86.11
CA THR D 409 -0.65 9.12 -87.10
C THR D 409 0.32 10.10 -86.40
N GLU D 410 0.01 10.50 -85.16
CA GLU D 410 0.84 11.46 -84.38
C GLU D 410 2.12 10.76 -83.91
N ALA D 411 2.05 9.45 -83.62
CA ALA D 411 3.22 8.60 -83.26
C ALA D 411 4.20 8.54 -84.42
N GLU D 412 3.71 8.30 -85.64
CA GLU D 412 4.51 8.21 -86.90
C GLU D 412 5.13 9.57 -87.22
N SER D 413 4.33 10.64 -87.10
CA SER D 413 4.75 12.05 -87.36
C SER D 413 5.92 12.43 -86.43
N ASN D 414 5.78 12.14 -85.12
CA ASN D 414 6.76 12.47 -84.06
C ASN D 414 8.07 11.69 -84.30
N MET D 415 7.98 10.41 -84.66
CA MET D 415 9.16 9.55 -84.96
C MET D 415 9.82 10.03 -86.27
N ASN D 416 9.03 10.47 -87.25
CA ASN D 416 9.55 11.03 -88.54
C ASN D 416 10.27 12.36 -88.26
N ASP D 417 9.83 13.12 -87.27
CA ASP D 417 10.45 14.41 -86.85
C ASP D 417 11.81 14.13 -86.19
N LEU D 418 11.90 13.10 -85.33
CA LEU D 418 13.18 12.61 -84.72
C LEU D 418 14.16 12.28 -85.86
N VAL D 419 13.73 11.46 -86.82
CA VAL D 419 14.54 10.94 -87.96
C VAL D 419 15.07 12.12 -88.79
N SER D 420 14.23 13.13 -89.03
CA SER D 420 14.58 14.36 -89.79
C SER D 420 15.66 15.16 -89.03
N GLU D 421 15.53 15.27 -87.71
CA GLU D 421 16.39 16.14 -86.86
C GLU D 421 17.81 15.55 -86.78
N TYR D 422 17.95 14.23 -86.61
CA TYR D 422 19.26 13.53 -86.64
C TYR D 422 19.90 13.75 -88.02
N GLN D 423 19.12 13.60 -89.10
CA GLN D 423 19.60 13.76 -90.51
C GLN D 423 20.02 15.22 -90.74
N GLN D 424 19.34 16.18 -90.10
CA GLN D 424 19.74 17.61 -90.10
C GLN D 424 21.17 17.73 -89.54
N TYR D 425 21.39 17.25 -88.31
CA TYR D 425 22.64 17.42 -87.53
C TYR D 425 23.76 16.53 -88.08
N GLN D 426 23.44 15.50 -88.88
CA GLN D 426 24.43 14.72 -89.69
C GLN D 426 24.91 15.61 -90.83
N ASP D 427 23.96 16.08 -91.64
CA ASP D 427 24.21 16.83 -92.91
C ASP D 427 24.78 18.22 -92.59
N ALA D 428 24.36 18.84 -91.47
CA ALA D 428 24.74 20.21 -91.05
C ALA D 428 26.26 20.31 -90.93
N THR D 429 26.85 21.38 -91.50
CA THR D 429 28.30 21.70 -91.48
C THR D 429 28.49 23.06 -90.82
N ALA D 430 29.39 23.14 -89.83
CA ALA D 430 29.69 24.36 -89.04
C ALA D 430 30.99 24.18 -88.24
N MET E 1 106.80 91.61 -15.25
CA MET E 1 108.19 91.07 -15.50
C MET E 1 108.19 90.22 -16.77
N ARG E 2 108.05 90.87 -17.92
CA ARG E 2 108.24 90.28 -19.28
C ARG E 2 107.20 89.18 -19.53
N GLU E 3 105.96 89.34 -19.04
CA GLU E 3 104.89 88.31 -19.17
C GLU E 3 104.38 88.28 -20.61
N VAL E 4 104.09 87.08 -21.13
CA VAL E 4 103.57 86.82 -22.51
C VAL E 4 102.47 85.74 -22.43
N ILE E 5 101.21 86.15 -22.60
CA ILE E 5 100.04 85.24 -22.78
C ILE E 5 100.12 84.67 -24.21
N SER E 6 100.01 83.36 -24.36
CA SER E 6 99.87 82.66 -25.67
C SER E 6 98.40 82.26 -25.89
N ILE E 7 97.84 82.56 -27.06
CA ILE E 7 96.42 82.22 -27.43
C ILE E 7 96.48 81.22 -28.59
N HIS E 8 96.22 79.94 -28.30
CA HIS E 8 96.21 78.82 -29.28
C HIS E 8 94.77 78.54 -29.72
N VAL E 9 94.39 79.06 -30.91
CA VAL E 9 93.01 78.97 -31.48
C VAL E 9 93.02 77.94 -32.62
N GLY E 10 92.18 76.90 -32.53
CA GLY E 10 92.01 75.87 -33.56
C GLY E 10 93.06 74.77 -33.47
N GLN E 11 92.84 73.68 -34.20
CA GLN E 11 93.70 72.46 -34.21
C GLN E 11 95.16 72.89 -34.49
N GLY E 12 95.40 73.46 -35.67
CA GLY E 12 96.71 73.97 -36.09
C GLY E 12 97.34 74.79 -34.98
N GLY E 13 96.56 75.71 -34.39
CA GLY E 13 96.95 76.49 -33.21
C GLY E 13 97.40 75.60 -32.06
N ILE E 14 96.51 74.74 -31.58
CA ILE E 14 96.74 73.90 -30.36
C ILE E 14 97.95 73.00 -30.59
N GLN E 15 97.98 72.27 -31.72
CA GLN E 15 99.06 71.28 -32.00
C GLN E 15 100.40 72.03 -32.05
N VAL E 16 100.49 73.10 -32.83
CA VAL E 16 101.66 74.02 -32.80
C VAL E 16 101.94 74.32 -31.32
N GLY E 17 100.89 74.68 -30.58
CA GLY E 17 100.97 74.89 -29.12
C GLY E 17 101.66 73.72 -28.44
N ASN E 18 101.11 72.51 -28.59
CA ASN E 18 101.62 71.30 -27.89
C ASN E 18 103.15 71.30 -28.03
N ALA E 19 103.67 71.53 -29.24
CA ALA E 19 105.12 71.52 -29.56
C ALA E 19 105.84 72.66 -28.82
N CYS E 20 105.25 73.86 -28.78
CA CYS E 20 105.81 75.05 -28.11
C CYS E 20 106.07 74.74 -26.63
N TRP E 21 105.07 74.16 -25.95
CA TRP E 21 105.07 73.96 -24.48
C TRP E 21 105.77 72.65 -24.11
N GLU E 22 106.22 71.87 -25.10
CA GLU E 22 107.29 70.85 -24.95
C GLU E 22 108.63 71.58 -24.81
N LEU E 23 108.89 72.54 -25.69
CA LEU E 23 110.18 73.26 -25.83
C LEU E 23 110.39 74.18 -24.63
N PHE E 24 109.41 75.04 -24.30
CA PHE E 24 109.50 76.05 -23.22
C PHE E 24 109.77 75.36 -21.88
N CYS E 25 108.99 74.32 -21.57
CA CYS E 25 109.17 73.48 -20.37
C CYS E 25 110.64 73.06 -20.29
N LEU E 26 111.09 72.28 -21.28
CA LEU E 26 112.47 71.70 -21.35
C LEU E 26 113.50 72.80 -21.04
N GLU E 27 113.34 73.97 -21.66
CA GLU E 27 114.29 75.11 -21.56
C GLU E 27 114.46 75.49 -20.08
N HIS E 28 113.37 75.77 -19.38
CA HIS E 28 113.36 76.35 -18.01
C HIS E 28 113.59 75.27 -16.95
N GLY E 29 113.39 73.99 -17.30
CA GLY E 29 113.61 72.82 -16.41
C GLY E 29 112.34 72.33 -15.75
N ILE E 30 111.17 72.80 -16.21
CA ILE E 30 109.83 72.36 -15.73
C ILE E 30 109.56 70.94 -16.27
N GLN E 31 109.08 70.06 -15.41
CA GLN E 31 108.70 68.66 -15.75
C GLN E 31 107.24 68.63 -16.19
N PRO E 32 106.70 67.48 -16.63
CA PRO E 32 105.29 67.38 -17.02
C PRO E 32 104.26 67.71 -15.92
N ASP E 33 104.53 67.31 -14.67
CA ASP E 33 103.64 67.60 -13.51
C ASP E 33 103.45 69.12 -13.39
N GLY E 34 104.53 69.89 -13.59
CA GLY E 34 104.55 71.36 -13.45
C GLY E 34 105.53 71.86 -12.39
N GLN E 35 106.33 70.96 -11.79
CA GLN E 35 107.28 71.25 -10.68
C GLN E 35 108.72 71.17 -11.20
N MET E 36 109.47 72.29 -11.15
CA MET E 36 110.93 72.30 -11.37
C MET E 36 111.60 71.58 -10.21
N PRO E 37 112.48 70.58 -10.46
CA PRO E 37 113.21 69.92 -9.38
C PRO E 37 114.38 70.80 -8.89
N SER E 38 114.29 71.30 -7.64
CA SER E 38 115.24 72.26 -7.03
C SER E 38 116.66 71.65 -6.98
N ASP E 39 117.53 72.08 -7.90
CA ASP E 39 118.93 71.59 -8.05
C ASP E 39 119.87 72.79 -8.29
N LYS E 40 121.18 72.53 -8.33
CA LYS E 40 122.31 73.51 -8.34
C LYS E 40 122.41 74.25 -6.99
N THR E 41 121.54 73.92 -6.01
CA THR E 41 121.43 74.53 -4.65
C THR E 41 121.23 76.06 -4.71
N ILE E 42 120.86 76.62 -5.88
CA ILE E 42 120.60 78.08 -6.11
C ILE E 42 119.50 78.19 -7.19
N GLY E 43 118.66 79.22 -7.12
CA GLY E 43 117.70 79.59 -8.18
C GLY E 43 118.42 80.28 -9.33
N GLY E 44 119.09 79.50 -10.19
CA GLY E 44 119.97 79.99 -11.28
C GLY E 44 119.19 80.39 -12.53
N GLY E 45 118.17 79.61 -12.90
CA GLY E 45 117.19 79.95 -13.94
C GLY E 45 115.90 80.51 -13.35
N ASP E 46 115.98 81.17 -12.19
CA ASP E 46 114.85 81.76 -11.45
C ASP E 46 114.42 83.05 -12.17
N ASP E 47 113.10 83.25 -12.34
CA ASP E 47 112.47 84.43 -13.00
C ASP E 47 112.62 84.35 -14.53
N ALA E 48 113.23 83.30 -15.06
CA ALA E 48 113.28 83.02 -16.52
C ALA E 48 111.86 82.67 -16.99
N PHE E 49 111.30 81.62 -16.39
CA PHE E 49 109.96 81.04 -16.70
C PHE E 49 108.88 82.13 -16.62
N ASN E 50 109.02 83.08 -15.70
CA ASN E 50 107.99 84.13 -15.40
C ASN E 50 107.36 84.61 -16.71
N THR E 51 108.16 84.81 -17.75
CA THR E 51 107.70 85.17 -19.12
C THR E 51 106.44 84.39 -19.46
N PHE E 52 106.55 83.06 -19.49
CA PHE E 52 105.55 82.13 -20.07
C PHE E 52 104.77 81.42 -18.96
N PHE E 53 105.41 81.01 -17.88
CA PHE E 53 104.77 80.27 -16.76
C PHE E 53 104.49 81.24 -15.61
N SER E 54 103.50 80.90 -14.76
CA SER E 54 103.17 81.60 -13.49
C SER E 54 103.44 80.65 -12.32
N GLU E 55 104.39 81.02 -11.45
CA GLU E 55 104.65 80.35 -10.15
C GLU E 55 103.35 80.42 -9.32
N THR E 56 102.77 79.27 -8.99
CA THR E 56 101.52 79.15 -8.19
C THR E 56 101.84 79.39 -6.70
N GLY E 57 103.08 79.14 -6.28
CA GLY E 57 103.60 79.41 -4.92
C GLY E 57 103.97 78.14 -4.18
N ALA E 58 103.14 77.09 -4.30
CA ALA E 58 103.28 75.78 -3.61
C ALA E 58 104.53 75.04 -4.11
N GLY E 59 104.94 75.28 -5.36
CA GLY E 59 106.05 74.62 -6.04
C GLY E 59 105.82 74.45 -7.54
N LYS E 60 104.55 74.36 -7.98
CA LYS E 60 104.16 74.09 -9.39
C LYS E 60 104.17 75.38 -10.22
N HIS E 61 104.45 75.25 -11.53
CA HIS E 61 104.45 76.34 -12.53
C HIS E 61 103.40 76.03 -13.60
N VAL E 62 102.58 77.02 -13.96
CA VAL E 62 101.43 76.88 -14.90
C VAL E 62 101.73 77.72 -16.14
N PRO E 63 101.52 77.18 -17.35
CA PRO E 63 101.56 77.99 -18.58
C PRO E 63 100.51 79.10 -18.60
N ARG E 64 100.95 80.33 -18.93
CA ARG E 64 100.07 81.48 -19.23
C ARG E 64 99.58 81.32 -20.67
N ALA E 65 98.71 80.33 -20.90
CA ALA E 65 98.36 79.83 -22.26
C ALA E 65 96.91 79.33 -22.32
N VAL E 66 96.03 80.12 -22.95
CA VAL E 66 94.65 79.71 -23.32
C VAL E 66 94.74 78.89 -24.60
N PHE E 67 94.34 77.62 -24.54
CA PHE E 67 94.10 76.71 -25.69
C PHE E 67 92.60 76.71 -25.99
N LEU E 68 92.22 77.24 -27.15
CA LEU E 68 90.80 77.42 -27.55
C LEU E 68 90.53 76.61 -28.83
N ASP E 69 89.38 75.93 -28.88
CA ASP E 69 88.90 75.17 -30.06
C ASP E 69 87.39 74.97 -29.94
N LEU E 70 86.68 75.03 -31.07
CA LEU E 70 85.22 74.75 -31.15
C LEU E 70 84.99 73.24 -31.20
N GLU E 71 86.05 72.47 -31.49
CA GLU E 71 86.07 70.97 -31.50
C GLU E 71 86.58 70.49 -30.15
N PRO E 72 86.03 69.40 -29.58
CA PRO E 72 86.54 68.82 -28.33
C PRO E 72 87.70 67.83 -28.48
N THR E 73 87.93 67.25 -29.66
CA THR E 73 88.91 66.15 -29.91
C THR E 73 90.34 66.63 -29.59
N VAL E 74 90.82 67.63 -30.34
CA VAL E 74 92.23 68.09 -30.30
C VAL E 74 92.60 68.43 -28.86
N ILE E 75 91.79 69.29 -28.22
CA ILE E 75 92.02 69.74 -26.82
C ILE E 75 92.03 68.50 -25.92
N ASP E 76 91.14 67.53 -26.16
CA ASP E 76 91.05 66.30 -25.31
C ASP E 76 92.39 65.54 -25.36
N GLU E 77 93.06 65.52 -26.51
CA GLU E 77 94.40 64.89 -26.68
C GLU E 77 95.39 65.50 -25.68
N VAL E 78 95.24 66.79 -25.35
CA VAL E 78 96.08 67.51 -24.34
C VAL E 78 95.69 67.03 -22.94
N ARG E 79 94.39 66.89 -22.66
CA ARG E 79 93.83 66.51 -21.33
C ARG E 79 94.20 65.06 -20.98
N THR E 80 94.31 64.17 -21.97
CA THR E 80 94.71 62.74 -21.82
C THR E 80 96.12 62.56 -22.38
N GLY E 81 97.07 63.36 -21.90
CA GLY E 81 98.47 63.37 -22.38
C GLY E 81 99.47 63.53 -21.24
N THR E 82 100.77 63.48 -21.57
CA THR E 82 101.91 63.66 -20.63
C THR E 82 101.73 64.99 -19.89
N TYR E 83 101.41 66.06 -20.62
CA TYR E 83 101.20 67.43 -20.08
C TYR E 83 99.72 67.64 -19.74
N ARG E 84 99.06 66.65 -19.12
CA ARG E 84 97.68 66.80 -18.58
C ARG E 84 97.75 67.67 -17.32
N GLN E 85 98.74 67.40 -16.45
CA GLN E 85 98.88 68.03 -15.12
C GLN E 85 99.55 69.41 -15.25
N LEU E 86 100.02 69.80 -16.43
CA LEU E 86 100.69 71.12 -16.62
C LEU E 86 99.62 72.22 -16.77
N PHE E 87 98.75 72.11 -17.78
CA PHE E 87 97.83 73.19 -18.22
C PHE E 87 96.63 73.28 -17.27
N HIS E 88 96.20 74.50 -16.93
CA HIS E 88 95.05 74.81 -16.04
C HIS E 88 93.75 74.41 -16.71
N PRO E 89 92.94 73.50 -16.10
CA PRO E 89 91.77 72.94 -16.79
C PRO E 89 90.84 73.97 -17.45
N GLU E 90 90.73 75.17 -16.87
CA GLU E 90 89.89 76.27 -17.43
C GLU E 90 90.54 76.83 -18.70
N GLN E 91 91.87 76.98 -18.71
CA GLN E 91 92.66 77.51 -19.87
C GLN E 91 92.36 76.69 -21.13
N LEU E 92 92.29 75.37 -21.00
CA LEU E 92 91.97 74.44 -22.12
C LEU E 92 90.47 74.47 -22.40
N ILE E 93 89.98 75.55 -23.02
CA ILE E 93 88.52 75.74 -23.28
C ILE E 93 88.13 74.83 -24.46
N SER E 94 86.95 74.21 -24.37
CA SER E 94 86.40 73.24 -25.35
C SER E 94 85.05 73.73 -25.87
N GLY E 95 84.76 73.47 -27.16
CA GLY E 95 83.43 73.61 -27.79
C GLY E 95 82.85 72.25 -28.11
N LYS E 96 81.52 72.17 -28.32
CA LYS E 96 80.78 70.89 -28.50
C LYS E 96 80.74 70.52 -29.99
N GLU E 97 80.52 71.48 -30.89
CA GLU E 97 80.46 71.26 -32.37
C GLU E 97 81.42 72.25 -33.06
N ASP E 98 82.16 71.76 -34.05
CA ASP E 98 83.25 72.50 -34.76
C ASP E 98 82.65 73.47 -35.80
N ALA E 99 83.41 74.52 -36.14
CA ALA E 99 83.06 75.53 -37.17
C ALA E 99 83.05 74.91 -38.57
N ALA E 100 83.74 73.79 -38.75
CA ALA E 100 83.65 72.92 -39.94
C ALA E 100 84.19 73.67 -41.17
N ASN E 101 85.41 74.20 -41.06
CA ASN E 101 86.05 75.00 -42.13
C ASN E 101 85.03 76.04 -42.62
N ASN E 102 84.47 76.83 -41.69
CA ASN E 102 83.47 77.89 -42.01
C ASN E 102 83.63 79.07 -41.05
N PHE E 103 84.50 80.01 -41.44
CA PHE E 103 84.68 81.35 -40.81
C PHE E 103 83.37 81.75 -40.12
N ALA E 104 82.30 81.82 -40.91
CA ALA E 104 80.95 82.28 -40.50
C ALA E 104 80.58 81.59 -39.18
N ARG E 105 80.64 80.26 -39.15
CA ARG E 105 80.34 79.48 -37.92
C ARG E 105 81.24 80.00 -36.81
N GLY E 106 82.54 80.15 -37.11
CA GLY E 106 83.57 80.66 -36.18
C GLY E 106 83.34 82.11 -35.76
N HIS E 107 82.81 82.96 -36.65
CA HIS E 107 82.70 84.43 -36.47
C HIS E 107 81.35 84.82 -35.85
N TYR E 108 80.28 84.08 -36.14
CA TYR E 108 78.89 84.41 -35.72
C TYR E 108 78.30 83.27 -34.88
N THR E 109 77.78 82.22 -35.53
CA THR E 109 76.82 81.26 -34.95
C THR E 109 77.40 80.66 -33.66
N ILE E 110 78.45 79.84 -33.79
CA ILE E 110 79.02 79.06 -32.67
C ILE E 110 79.90 80.00 -31.83
N GLY E 111 80.87 80.67 -32.46
CA GLY E 111 81.91 81.49 -31.81
C GLY E 111 81.36 82.43 -30.74
N LYS E 112 80.24 83.10 -31.01
CA LYS E 112 79.65 84.14 -30.12
C LYS E 112 79.24 83.55 -28.77
N GLU E 113 79.08 82.23 -28.67
CA GLU E 113 78.79 81.53 -27.40
C GLU E 113 80.06 81.42 -26.55
N ILE E 114 81.20 81.07 -27.16
CA ILE E 114 82.45 80.61 -26.46
C ILE E 114 83.36 81.81 -26.15
N VAL E 115 83.53 82.73 -27.09
CA VAL E 115 84.45 83.91 -26.96
C VAL E 115 84.26 84.55 -25.58
N ASP E 116 83.01 84.69 -25.13
CA ASP E 116 82.62 85.25 -23.81
C ASP E 116 83.44 84.59 -22.70
N LEU E 117 83.52 83.26 -22.71
CA LEU E 117 84.23 82.45 -21.68
C LEU E 117 85.76 82.59 -21.85
N CYS E 118 86.25 82.80 -23.08
CA CYS E 118 87.69 82.98 -23.38
C CYS E 118 88.20 84.29 -22.80
N LEU E 119 87.56 85.42 -23.13
CA LEU E 119 87.98 86.79 -22.69
C LEU E 119 88.09 86.83 -21.16
N ASP E 120 87.11 86.25 -20.45
CA ASP E 120 87.14 86.07 -18.97
C ASP E 120 88.49 85.45 -18.59
N ARG E 121 88.86 84.34 -19.23
CA ARG E 121 90.10 83.59 -18.93
C ARG E 121 91.31 84.50 -19.17
N ILE E 122 91.37 85.17 -20.32
CA ILE E 122 92.50 86.07 -20.70
C ILE E 122 92.64 87.14 -19.61
N ARG E 123 91.51 87.71 -19.17
CA ARG E 123 91.46 88.77 -18.11
C ARG E 123 92.08 88.20 -16.83
N LYS E 124 91.64 87.01 -16.40
CA LYS E 124 92.17 86.32 -15.19
C LYS E 124 93.68 86.14 -15.30
N LEU E 125 94.18 85.83 -16.49
CA LEU E 125 95.64 85.69 -16.78
C LEU E 125 96.30 87.08 -16.84
N ALA E 126 95.63 88.08 -17.41
CA ALA E 126 96.10 89.48 -17.54
C ALA E 126 96.21 90.12 -16.15
N ASP E 127 95.34 89.74 -15.21
CA ASP E 127 95.39 90.18 -13.79
C ASP E 127 96.68 89.69 -13.14
N ASN E 128 97.03 88.41 -13.31
CA ASN E 128 98.24 87.76 -12.75
C ASN E 128 99.51 88.43 -13.29
N CYS E 129 99.48 88.89 -14.55
CA CYS E 129 100.62 89.52 -15.27
C CYS E 129 100.81 90.97 -14.80
N THR E 130 102.06 91.34 -14.47
CA THR E 130 102.48 92.70 -14.00
C THR E 130 103.47 93.29 -15.02
N GLY E 131 102.98 94.09 -15.96
CA GLY E 131 103.77 94.63 -17.09
C GLY E 131 103.87 93.61 -18.23
N LEU E 132 102.71 93.08 -18.65
CA LEU E 132 102.54 92.19 -19.83
C LEU E 132 103.18 92.86 -21.05
N GLN E 133 103.92 92.11 -21.86
CA GLN E 133 104.61 92.63 -23.07
C GLN E 133 103.68 92.50 -24.27
N GLY E 134 103.03 91.34 -24.47
CA GLY E 134 102.12 91.12 -25.61
C GLY E 134 101.36 89.80 -25.57
N PHE E 135 100.38 89.68 -26.47
CA PHE E 135 99.61 88.45 -26.75
C PHE E 135 100.15 87.80 -28.04
N LEU E 136 100.99 86.77 -27.91
CA LEU E 136 101.31 85.85 -29.04
C LEU E 136 100.05 85.04 -29.34
N VAL E 137 99.65 84.92 -30.62
CA VAL E 137 98.46 84.13 -31.04
C VAL E 137 98.89 83.18 -32.18
N PHE E 138 98.38 81.96 -32.13
CA PHE E 138 98.60 80.88 -33.14
C PHE E 138 97.24 80.44 -33.65
N ASN E 139 96.96 80.65 -34.93
CA ASN E 139 95.68 80.24 -35.58
C ASN E 139 95.98 79.69 -36.98
N SER E 140 95.01 78.95 -37.52
CA SER E 140 95.05 78.36 -38.89
C SER E 140 93.98 79.05 -39.74
N VAL E 141 94.38 80.03 -40.55
CA VAL E 141 93.42 80.87 -41.33
C VAL E 141 92.81 80.02 -42.45
N GLY E 142 93.39 78.85 -42.75
CA GLY E 142 92.79 77.83 -43.63
C GLY E 142 91.58 77.16 -43.00
N GLY E 143 91.63 76.93 -41.69
CA GLY E 143 90.57 76.26 -40.92
C GLY E 143 89.54 77.25 -40.38
N GLY E 144 88.37 76.74 -40.00
CA GLY E 144 87.24 77.57 -39.53
C GLY E 144 87.60 78.31 -38.26
N THR E 145 87.65 77.59 -37.15
CA THR E 145 87.93 78.09 -35.78
C THR E 145 89.02 79.18 -35.85
N GLY E 146 90.20 78.81 -36.34
CA GLY E 146 91.38 79.68 -36.46
C GLY E 146 91.09 80.93 -37.27
N SER E 147 90.31 80.78 -38.36
CA SER E 147 89.88 81.91 -39.20
C SER E 147 88.88 82.77 -38.42
N GLY E 148 87.70 82.21 -38.12
CA GLY E 148 86.55 82.92 -37.53
C GLY E 148 86.83 83.39 -36.12
N LEU E 149 86.64 82.49 -35.14
CA LEU E 149 86.81 82.77 -33.68
C LEU E 149 88.17 83.44 -33.46
N GLY E 150 89.22 82.90 -34.09
CA GLY E 150 90.59 83.42 -34.02
C GLY E 150 90.71 84.87 -34.46
N SER E 151 89.83 85.33 -35.36
CA SER E 151 89.69 86.77 -35.74
C SER E 151 88.76 87.48 -34.76
N LEU E 152 87.66 86.84 -34.35
CA LEU E 152 86.69 87.42 -33.38
C LEU E 152 87.43 87.75 -32.07
N LEU E 153 88.34 86.89 -31.64
CA LEU E 153 89.21 87.17 -30.46
C LEU E 153 89.98 88.47 -30.70
N LEU E 154 90.74 88.54 -31.81
CA LEU E 154 91.67 89.66 -32.14
C LEU E 154 90.91 90.98 -32.18
N GLU E 155 89.65 90.96 -32.62
CA GLU E 155 88.72 92.13 -32.53
C GLU E 155 88.48 92.45 -31.04
N ARG E 156 88.10 91.45 -30.24
CA ARG E 156 87.62 91.62 -28.84
C ARG E 156 88.77 91.92 -27.88
N LEU E 157 89.99 91.55 -28.22
CA LEU E 157 91.21 91.91 -27.44
C LEU E 157 91.59 93.38 -27.74
N SER E 158 91.58 93.78 -29.02
CA SER E 158 92.06 95.10 -29.52
C SER E 158 91.28 96.26 -28.88
N VAL E 159 89.98 96.08 -28.60
CA VAL E 159 89.14 97.08 -27.89
C VAL E 159 89.54 97.04 -26.41
N ASP E 160 89.47 95.86 -25.79
CA ASP E 160 89.68 95.68 -24.33
C ASP E 160 91.10 96.13 -23.96
N TYR E 161 92.10 95.37 -24.38
CA TYR E 161 93.49 95.48 -23.87
C TYR E 161 94.21 96.64 -24.57
N GLY E 162 93.87 96.92 -25.83
CA GLY E 162 94.27 98.14 -26.54
C GLY E 162 95.74 98.13 -26.96
N LYS E 163 96.57 98.91 -26.28
CA LYS E 163 98.00 99.12 -26.62
C LYS E 163 98.71 97.76 -26.72
N LYS E 164 98.56 96.90 -25.71
CA LYS E 164 99.26 95.59 -25.58
C LYS E 164 99.39 94.95 -26.96
N SER E 165 100.63 94.72 -27.43
CA SER E 165 100.97 94.18 -28.77
C SER E 165 100.30 92.80 -28.97
N LYS E 166 100.02 92.45 -30.22
CA LYS E 166 99.36 91.16 -30.61
C LYS E 166 100.08 90.56 -31.82
N LEU E 167 101.17 89.83 -31.59
CA LEU E 167 101.97 89.18 -32.66
C LEU E 167 101.25 87.90 -33.08
N GLY E 168 101.02 87.72 -34.40
CA GLY E 168 100.16 86.66 -34.97
C GLY E 168 100.93 85.70 -35.85
N PHE E 169 101.24 84.50 -35.34
CA PHE E 169 101.88 83.39 -36.09
C PHE E 169 100.78 82.57 -36.77
N THR E 170 100.39 83.00 -37.97
CA THR E 170 99.26 82.45 -38.78
C THR E 170 99.79 81.40 -39.75
N ILE E 171 99.02 80.32 -39.96
CA ILE E 171 99.35 79.20 -40.88
C ILE E 171 98.51 79.37 -42.15
N TYR E 172 98.82 80.41 -42.93
CA TYR E 172 98.22 80.71 -44.26
C TYR E 172 98.38 79.48 -45.15
N PRO E 173 97.35 79.10 -45.92
CA PRO E 173 97.44 77.91 -46.77
C PRO E 173 98.37 78.15 -47.97
N SER E 174 99.36 77.28 -48.14
CA SER E 174 100.33 77.28 -49.27
C SER E 174 99.58 77.10 -50.58
N PRO E 175 100.12 77.59 -51.71
CA PRO E 175 99.39 77.58 -52.98
C PRO E 175 99.26 76.18 -53.61
N GLN E 176 100.36 75.44 -53.69
CA GLN E 176 100.41 74.13 -54.41
C GLN E 176 99.68 73.08 -53.56
N VAL E 177 100.09 72.92 -52.29
CA VAL E 177 99.52 71.97 -51.30
C VAL E 177 98.45 72.71 -50.47
N SER E 178 97.20 72.28 -50.60
CA SER E 178 96.04 72.76 -49.79
C SER E 178 95.29 71.53 -49.25
N THR E 179 94.98 71.55 -47.94
CA THR E 179 94.34 70.42 -47.21
C THR E 179 92.82 70.43 -47.46
N ALA E 180 92.23 71.63 -47.55
CA ALA E 180 90.76 71.86 -47.73
C ALA E 180 90.51 72.67 -49.01
N VAL E 181 89.27 72.60 -49.51
CA VAL E 181 88.82 73.22 -50.79
C VAL E 181 88.35 74.66 -50.51
N VAL E 182 87.80 74.91 -49.32
CA VAL E 182 87.09 76.17 -48.96
C VAL E 182 88.04 77.13 -48.21
N GLU E 183 89.35 76.85 -48.20
CA GLU E 183 90.41 77.68 -47.54
C GLU E 183 90.41 79.11 -48.10
N PRO E 184 90.49 79.31 -49.44
CA PRO E 184 90.58 80.65 -50.00
C PRO E 184 89.48 81.55 -49.42
N TYR E 185 88.29 81.00 -49.28
CA TYR E 185 87.10 81.69 -48.69
C TYR E 185 87.38 82.02 -47.22
N ASN E 186 87.97 81.09 -46.45
CA ASN E 186 88.26 81.30 -45.01
C ASN E 186 89.38 82.34 -44.86
N SER E 187 90.50 82.14 -45.58
CA SER E 187 91.70 83.01 -45.56
C SER E 187 91.31 84.48 -45.74
N ILE E 188 90.61 84.80 -46.83
CA ILE E 188 90.29 86.19 -47.27
C ILE E 188 89.51 86.89 -46.15
N LEU E 189 88.52 86.20 -45.57
CA LEU E 189 87.64 86.72 -44.49
C LEU E 189 88.46 86.91 -43.22
N SER E 190 89.42 86.00 -42.96
CA SER E 190 90.37 86.09 -41.82
C SER E 190 91.30 87.29 -42.00
N THR E 191 91.92 87.42 -43.18
CA THR E 191 92.97 88.43 -43.50
C THR E 191 92.43 89.83 -43.21
N HIS E 192 91.27 90.18 -43.76
CA HIS E 192 90.61 91.50 -43.58
C HIS E 192 90.47 91.80 -42.08
N SER E 193 90.03 90.81 -41.29
CA SER E 193 89.82 90.92 -39.83
C SER E 193 91.16 90.90 -39.09
N LEU E 194 92.18 90.30 -39.68
CA LEU E 194 93.57 90.27 -39.15
C LEU E 194 94.29 91.58 -39.49
N LEU E 195 93.98 92.18 -40.67
CA LEU E 195 94.68 93.36 -41.27
C LEU E 195 94.54 94.61 -40.39
N GLU E 196 93.51 94.67 -39.54
CA GLU E 196 93.19 95.84 -38.68
C GLU E 196 93.63 95.58 -37.24
N HIS E 197 93.57 94.32 -36.78
CA HIS E 197 93.55 93.95 -35.35
C HIS E 197 94.82 93.22 -34.89
N THR E 198 95.85 93.10 -35.74
CA THR E 198 97.20 92.56 -35.38
C THR E 198 98.27 93.61 -35.64
N ASP E 199 99.18 93.79 -34.68
CA ASP E 199 100.30 94.77 -34.73
C ASP E 199 101.35 94.22 -35.71
N VAL E 200 101.72 92.95 -35.53
CA VAL E 200 102.62 92.16 -36.42
C VAL E 200 101.92 90.82 -36.68
N ALA E 201 102.07 90.26 -37.90
CA ALA E 201 101.46 88.99 -38.35
C ALA E 201 102.49 88.16 -39.14
N VAL E 202 103.21 87.28 -38.45
CA VAL E 202 104.29 86.44 -39.06
C VAL E 202 103.59 85.34 -39.86
N MET E 203 103.89 85.24 -41.16
CA MET E 203 103.26 84.29 -42.11
C MET E 203 104.07 82.98 -42.12
N LEU E 204 103.37 81.84 -42.13
CA LEU E 204 103.95 80.47 -42.21
C LEU E 204 103.08 79.61 -43.14
N ASP E 205 103.65 79.10 -44.23
CA ASP E 205 102.92 78.37 -45.32
C ASP E 205 103.37 76.91 -45.34
N ASN E 206 102.59 76.03 -44.72
CA ASN E 206 102.95 74.61 -44.49
C ASN E 206 103.96 74.18 -45.55
N GLU E 207 103.53 74.04 -46.79
CA GLU E 207 104.36 73.44 -47.87
C GLU E 207 105.82 73.82 -47.67
N ALA E 208 106.09 75.12 -47.49
CA ALA E 208 107.46 75.68 -47.36
C ALA E 208 108.25 74.87 -46.34
N ILE E 209 107.67 74.67 -45.15
CA ILE E 209 108.39 74.08 -43.97
C ILE E 209 108.60 72.59 -44.23
N TYR E 210 107.65 71.91 -44.89
CA TYR E 210 107.82 70.53 -45.41
C TYR E 210 109.07 70.52 -46.31
N ASP E 211 109.10 71.43 -47.29
CA ASP E 211 110.19 71.57 -48.29
C ASP E 211 111.52 71.81 -47.56
N ILE E 212 111.50 72.53 -46.43
CA ILE E 212 112.68 72.68 -45.54
C ILE E 212 113.01 71.30 -44.94
N CYS E 213 112.01 70.61 -44.38
CA CYS E 213 112.18 69.30 -43.66
C CYS E 213 112.86 68.28 -44.58
N ARG E 214 112.45 68.21 -45.85
CA ARG E 214 113.04 67.28 -46.84
C ARG E 214 114.48 67.70 -47.16
N ARG E 215 114.75 69.00 -47.24
CA ARG E 215 116.02 69.57 -47.74
C ARG E 215 117.10 69.53 -46.64
N ASN E 216 116.76 69.96 -45.41
CA ASN E 216 117.72 70.30 -44.33
C ASN E 216 117.81 69.16 -43.32
N LEU E 217 116.68 68.64 -42.85
CA LEU E 217 116.61 67.55 -41.84
C LEU E 217 116.79 66.19 -42.51
N ASP E 218 116.69 66.10 -43.84
CA ASP E 218 116.91 64.86 -44.64
C ASP E 218 115.87 63.81 -44.23
N ILE E 219 114.58 64.19 -44.30
CA ILE E 219 113.42 63.29 -44.03
C ILE E 219 112.53 63.29 -45.27
N GLU E 220 112.40 62.12 -45.91
CA GLU E 220 111.55 61.87 -47.12
C GLU E 220 110.07 62.13 -46.78
N ARG E 221 109.66 61.78 -45.56
CA ARG E 221 108.25 61.76 -45.07
C ARG E 221 108.13 62.54 -43.76
N PRO E 222 108.09 63.90 -43.80
CA PRO E 222 107.82 64.70 -42.60
C PRO E 222 106.34 64.67 -42.20
N THR E 223 106.06 64.72 -40.90
CA THR E 223 104.70 64.80 -40.31
C THR E 223 104.43 66.24 -39.84
N TYR E 224 103.22 66.50 -39.36
CA TYR E 224 102.86 67.81 -38.74
C TYR E 224 103.71 68.01 -37.48
N THR E 225 103.84 66.97 -36.67
CA THR E 225 104.60 67.00 -35.39
C THR E 225 106.04 67.45 -35.69
N ASN E 226 106.67 66.95 -36.76
CA ASN E 226 108.02 67.35 -37.22
C ASN E 226 108.03 68.84 -37.57
N LEU E 227 107.00 69.27 -38.30
CA LEU E 227 106.80 70.69 -38.67
C LEU E 227 106.75 71.51 -37.37
N ASN E 228 105.75 71.24 -36.53
CA ASN E 228 105.41 72.07 -35.35
C ASN E 228 106.67 72.32 -34.51
N ARG E 229 107.57 71.33 -34.44
CA ARG E 229 108.86 71.46 -33.72
C ARG E 229 109.66 72.63 -34.27
N LEU E 230 109.75 72.77 -35.61
CA LEU E 230 110.46 73.92 -36.26
C LEU E 230 109.72 75.22 -35.98
N ILE E 231 108.39 75.18 -35.84
CA ILE E 231 107.55 76.37 -35.52
C ILE E 231 107.91 76.81 -34.09
N ALA E 232 108.00 75.86 -33.15
CA ALA E 232 108.29 76.09 -31.72
C ALA E 232 109.65 76.80 -31.55
N GLN E 233 110.67 76.34 -32.28
CA GLN E 233 112.07 76.83 -32.17
C GLN E 233 112.14 78.31 -32.57
N VAL E 234 111.40 78.73 -33.60
CA VAL E 234 111.28 80.14 -34.06
C VAL E 234 110.77 80.98 -32.88
N ILE E 235 109.56 80.68 -32.42
CA ILE E 235 108.88 81.41 -31.31
C ILE E 235 109.85 81.48 -30.14
N SER E 236 110.48 80.36 -29.79
CA SER E 236 111.54 80.28 -28.75
C SER E 236 112.59 81.37 -29.00
N SER E 237 113.11 81.46 -30.23
CA SER E 237 114.24 82.36 -30.62
C SER E 237 113.81 83.83 -30.62
N LEU E 238 112.50 84.11 -30.72
CA LEU E 238 111.96 85.49 -30.77
C LEU E 238 111.80 86.04 -29.35
N THR E 239 111.27 85.25 -28.43
CA THR E 239 110.98 85.64 -27.01
C THR E 239 112.21 85.44 -26.11
N ALA E 240 113.23 84.72 -26.59
CA ALA E 240 114.44 84.32 -25.84
C ALA E 240 114.91 85.48 -24.96
N SER E 241 115.20 86.62 -25.60
CA SER E 241 115.76 87.87 -24.98
C SER E 241 115.12 88.13 -23.61
N LEU E 242 113.80 87.96 -23.51
CA LEU E 242 113.02 88.15 -22.26
C LEU E 242 113.48 87.12 -21.23
N ARG E 243 113.46 85.85 -21.63
CA ARG E 243 113.51 84.68 -20.72
C ARG E 243 114.93 84.52 -20.15
N PHE E 244 115.95 84.55 -21.01
CA PHE E 244 117.38 84.39 -20.62
C PHE E 244 118.09 85.75 -20.72
N ASP E 245 119.39 85.76 -20.46
CA ASP E 245 120.25 86.98 -20.54
C ASP E 245 120.85 87.08 -21.95
N GLY E 246 121.14 88.32 -22.40
CA GLY E 246 121.73 88.62 -23.72
C GLY E 246 122.48 89.95 -23.75
N ALA E 247 123.51 90.05 -24.59
CA ALA E 247 124.33 91.26 -24.81
C ALA E 247 123.41 92.39 -25.29
N LEU E 248 122.87 92.25 -26.50
CA LEU E 248 121.96 93.23 -27.16
C LEU E 248 120.54 92.63 -27.13
N ASN E 249 119.75 93.03 -26.14
CA ASN E 249 118.44 92.40 -25.82
C ASN E 249 117.32 93.11 -26.60
N VAL E 250 116.37 92.31 -27.11
CA VAL E 250 115.14 92.75 -27.84
C VAL E 250 113.93 92.57 -26.92
N ASP E 251 112.74 92.95 -27.40
CA ASP E 251 111.44 92.75 -26.71
C ASP E 251 110.32 92.71 -27.76
N ILE E 252 109.24 91.99 -27.47
CA ILE E 252 108.03 91.83 -28.34
C ILE E 252 107.53 93.22 -28.79
N THR E 253 107.69 94.24 -27.94
CA THR E 253 107.28 95.64 -28.21
C THR E 253 108.19 96.29 -29.28
N GLU E 254 109.44 95.84 -29.40
CA GLU E 254 110.46 96.47 -30.31
C GLU E 254 110.11 96.17 -31.78
N PHE E 255 109.87 94.90 -32.14
CA PHE E 255 109.56 94.47 -33.53
C PHE E 255 108.51 95.41 -34.12
N GLN E 256 107.40 95.58 -33.39
CA GLN E 256 106.25 96.45 -33.75
C GLN E 256 106.74 97.83 -34.20
N THR E 257 107.88 98.31 -33.68
CA THR E 257 108.52 99.59 -34.09
C THR E 257 109.43 99.38 -35.30
N ASN E 258 110.38 98.44 -35.21
CA ASN E 258 111.50 98.30 -36.18
C ASN E 258 111.01 97.71 -37.52
N LEU E 259 110.14 96.69 -37.49
CA LEU E 259 109.74 95.90 -38.69
C LEU E 259 108.63 96.63 -39.47
N VAL E 260 107.52 96.96 -38.82
CA VAL E 260 106.38 97.66 -39.49
C VAL E 260 106.80 99.13 -39.60
N PRO E 261 106.90 99.67 -40.83
CA PRO E 261 107.07 101.11 -41.03
C PRO E 261 105.75 101.89 -41.16
N TYR E 262 104.71 101.31 -41.80
CA TYR E 262 103.32 101.83 -41.89
C TYR E 262 102.38 100.84 -41.21
N PRO E 263 101.17 101.25 -40.77
CA PRO E 263 100.27 100.36 -40.02
C PRO E 263 99.83 99.07 -40.73
N ARG E 264 99.28 99.18 -41.95
CA ARG E 264 98.67 98.06 -42.74
C ARG E 264 99.73 97.02 -43.14
N ILE E 265 100.99 97.42 -43.24
CA ILE E 265 102.10 96.63 -43.85
C ILE E 265 102.71 95.73 -42.75
N HIS E 266 101.86 95.11 -41.94
CA HIS E 266 102.30 94.39 -40.71
C HIS E 266 102.60 92.92 -41.00
N PHE E 267 102.46 92.45 -42.25
CA PHE E 267 102.77 91.05 -42.64
C PHE E 267 104.28 90.89 -42.86
N MET E 268 104.81 89.70 -42.57
CA MET E 268 106.27 89.39 -42.55
C MET E 268 106.52 88.02 -43.18
N LEU E 269 107.76 87.53 -43.09
CA LEU E 269 108.17 86.11 -43.22
C LEU E 269 109.01 85.73 -42.00
N SER E 270 109.43 84.47 -41.88
CA SER E 270 110.37 83.97 -40.83
C SER E 270 111.32 82.93 -41.43
N SER E 271 112.49 82.73 -40.81
CA SER E 271 113.57 81.84 -41.32
C SER E 271 114.59 81.51 -40.22
N TYR E 272 114.32 80.49 -39.42
CA TYR E 272 115.31 79.87 -38.50
C TYR E 272 116.35 79.17 -39.39
N ALA E 273 117.62 79.52 -39.20
CA ALA E 273 118.70 79.27 -40.20
C ALA E 273 119.33 77.89 -40.03
N PRO E 274 120.05 77.57 -38.93
CA PRO E 274 120.77 76.30 -38.84
C PRO E 274 119.85 75.13 -38.44
N ILE E 275 118.82 74.86 -39.26
CA ILE E 275 117.96 73.64 -39.20
C ILE E 275 118.80 72.50 -39.76
N ILE E 276 119.48 71.74 -38.89
CA ILE E 276 120.52 70.77 -39.32
C ILE E 276 120.28 69.43 -38.64
N SER E 277 120.14 68.37 -39.45
CA SER E 277 120.24 66.94 -39.05
C SER E 277 121.62 66.68 -38.45
N ALA E 278 121.67 65.98 -37.33
CA ALA E 278 122.91 65.55 -36.62
C ALA E 278 123.86 64.87 -37.60
N GLU E 279 123.31 64.12 -38.58
CA GLU E 279 124.05 63.44 -39.67
C GLU E 279 125.04 64.42 -40.33
N LYS E 280 124.56 65.58 -40.83
CA LYS E 280 125.40 66.58 -41.55
C LYS E 280 125.88 67.68 -40.58
N ALA E 281 125.64 67.57 -39.27
CA ALA E 281 126.19 68.47 -38.21
C ALA E 281 127.69 68.22 -38.04
N TYR E 282 128.15 67.03 -38.41
CA TYR E 282 129.59 66.68 -38.54
C TYR E 282 130.25 67.56 -39.61
N HIS E 283 129.91 67.37 -40.90
CA HIS E 283 130.53 68.00 -42.10
C HIS E 283 130.68 69.51 -41.90
N GLU E 284 129.71 70.16 -41.24
CA GLU E 284 129.57 71.65 -41.13
C GLU E 284 130.48 72.22 -40.02
N GLN E 285 130.69 73.54 -40.07
CA GLN E 285 131.50 74.38 -39.12
C GLN E 285 130.55 75.10 -38.16
N LEU E 286 129.62 75.89 -38.74
CA LEU E 286 128.52 76.64 -38.07
C LEU E 286 129.12 77.86 -37.35
N SER E 287 129.75 78.75 -38.12
CA SER E 287 130.09 80.14 -37.75
C SER E 287 128.87 81.04 -38.01
N VAL E 288 128.92 82.28 -37.53
CA VAL E 288 127.80 83.26 -37.62
C VAL E 288 127.56 83.60 -39.09
N ALA E 289 128.64 83.92 -39.83
CA ALA E 289 128.63 84.42 -41.22
C ALA E 289 127.86 83.48 -42.15
N GLU E 290 128.02 82.16 -41.97
CA GLU E 290 127.22 81.14 -42.72
C GLU E 290 125.75 81.32 -42.36
N ILE E 291 125.44 81.06 -41.09
CA ILE E 291 124.06 81.10 -40.52
C ILE E 291 123.31 82.27 -41.16
N THR E 292 123.87 83.48 -41.07
CA THR E 292 123.28 84.73 -41.61
C THR E 292 122.94 84.53 -43.10
N ASN E 293 123.90 84.07 -43.89
CA ASN E 293 123.71 83.77 -45.34
C ASN E 293 122.58 82.75 -45.47
N SER E 294 122.62 81.70 -44.66
CA SER E 294 121.63 80.58 -44.65
C SER E 294 120.24 81.11 -44.28
N ALA E 295 120.16 82.19 -43.50
CA ALA E 295 118.88 82.85 -43.12
C ALA E 295 118.27 83.54 -44.33
N PHE E 296 119.10 84.18 -45.15
CA PHE E 296 118.67 85.03 -46.31
C PHE E 296 118.50 84.18 -47.57
N GLU E 297 118.80 82.87 -47.52
CA GLU E 297 118.49 81.90 -48.60
C GLU E 297 117.00 81.99 -48.93
N PRO E 298 116.62 82.05 -50.23
CA PRO E 298 115.21 82.10 -50.60
C PRO E 298 114.46 80.81 -50.25
N ALA E 299 115.17 79.67 -50.19
CA ALA E 299 114.65 78.34 -49.81
C ALA E 299 114.24 78.34 -48.33
N ASN E 300 115.11 78.86 -47.47
CA ASN E 300 114.97 78.72 -46.00
C ASN E 300 113.86 79.63 -45.47
N MET E 301 113.14 80.36 -46.32
CA MET E 301 111.93 81.14 -45.90
C MET E 301 110.77 80.17 -45.62
N MET E 302 110.19 80.27 -44.41
CA MET E 302 109.22 79.30 -43.84
C MET E 302 107.81 79.64 -44.32
N ALA E 303 107.62 80.82 -44.91
CA ALA E 303 106.52 81.12 -45.85
C ALA E 303 107.06 80.95 -47.28
N LYS E 304 106.27 80.36 -48.19
CA LYS E 304 106.67 80.11 -49.59
C LYS E 304 106.36 81.40 -50.37
N CYS E 305 107.25 82.39 -50.22
CA CYS E 305 107.26 83.69 -50.94
C CYS E 305 108.72 84.04 -51.26
N ASP E 306 109.16 83.75 -52.49
CA ASP E 306 110.55 83.99 -52.96
C ASP E 306 110.84 85.49 -52.83
N PRO E 307 111.63 85.93 -51.81
CA PRO E 307 111.82 87.35 -51.55
C PRO E 307 112.59 88.08 -52.65
N ARG E 308 113.37 87.34 -53.47
CA ARG E 308 114.13 87.87 -54.64
C ARG E 308 113.20 88.70 -55.53
N HIS E 309 111.94 88.27 -55.67
CA HIS E 309 110.89 89.02 -56.40
C HIS E 309 110.77 90.43 -55.84
N GLY E 310 110.60 90.56 -54.52
CA GLY E 310 110.33 91.83 -53.82
C GLY E 310 111.59 92.52 -53.35
N LYS E 311 111.45 93.35 -52.30
CA LYS E 311 112.52 94.13 -51.65
C LYS E 311 112.28 94.11 -50.13
N TYR E 312 113.33 93.95 -49.32
CA TYR E 312 113.25 93.94 -47.85
C TYR E 312 113.07 95.37 -47.33
N MET E 313 111.94 95.62 -46.66
CA MET E 313 111.55 96.93 -46.07
C MET E 313 112.16 97.07 -44.67
N ALA E 314 112.27 95.96 -43.92
CA ALA E 314 112.91 95.86 -42.58
C ALA E 314 113.10 94.39 -42.19
N CYS E 315 114.33 94.02 -41.79
CA CYS E 315 114.70 92.68 -41.26
C CYS E 315 114.94 92.78 -39.75
N SER E 316 114.82 91.65 -39.04
CA SER E 316 115.12 91.52 -37.59
C SER E 316 115.87 90.20 -37.34
N MET E 317 117.20 90.28 -37.22
CA MET E 317 118.09 89.12 -37.00
C MET E 317 118.22 88.85 -35.48
N MET E 318 117.64 87.74 -35.00
CA MET E 318 117.57 87.38 -33.55
C MET E 318 118.52 86.21 -33.26
N TYR E 319 119.78 86.51 -32.97
CA TYR E 319 120.84 85.49 -32.74
C TYR E 319 120.65 84.83 -31.37
N ARG E 320 121.38 83.74 -31.15
CA ARG E 320 121.36 82.92 -29.91
C ARG E 320 122.67 82.16 -29.77
N GLY E 321 123.44 82.42 -28.71
CA GLY E 321 124.55 81.55 -28.25
C GLY E 321 125.89 82.25 -28.30
N ASP E 322 126.97 81.47 -28.46
CA ASP E 322 128.38 81.95 -28.55
C ASP E 322 128.50 82.85 -29.78
N VAL E 323 127.80 83.99 -29.77
CA VAL E 323 127.65 84.94 -30.92
C VAL E 323 128.32 86.25 -30.48
N VAL E 324 129.43 86.59 -31.12
CA VAL E 324 130.20 87.86 -30.90
C VAL E 324 129.56 88.93 -31.80
N PRO E 325 129.28 90.15 -31.30
CA PRO E 325 128.67 91.20 -32.13
C PRO E 325 129.50 91.60 -33.37
N LYS E 326 130.83 91.65 -33.24
CA LYS E 326 131.79 91.92 -34.35
C LYS E 326 131.50 90.97 -35.52
N ASP E 327 131.37 89.67 -35.23
CA ASP E 327 131.07 88.60 -36.23
C ASP E 327 129.73 88.90 -36.89
N VAL E 328 128.71 89.28 -36.10
CA VAL E 328 127.36 89.67 -36.60
C VAL E 328 127.50 90.89 -37.50
N ASN E 329 128.26 91.91 -37.08
CA ASN E 329 128.48 93.18 -37.81
C ASN E 329 128.84 92.87 -39.28
N ALA E 330 129.98 92.23 -39.50
CA ALA E 330 130.53 91.85 -40.82
C ALA E 330 129.48 91.09 -41.63
N SER E 331 128.84 90.09 -41.00
CA SER E 331 127.84 89.19 -41.62
C SER E 331 126.74 90.01 -42.28
N ILE E 332 126.18 90.98 -41.55
CA ILE E 332 125.17 91.95 -42.07
C ILE E 332 125.83 92.75 -43.21
N ALA E 333 127.02 93.30 -42.97
CA ALA E 333 127.73 94.23 -43.89
C ALA E 333 127.89 93.62 -45.29
N THR E 334 128.19 92.32 -45.38
CA THR E 334 128.26 91.56 -46.66
C THR E 334 126.87 91.56 -47.29
N ILE E 335 125.90 90.95 -46.62
CA ILE E 335 124.48 90.85 -47.10
C ILE E 335 124.08 92.21 -47.69
N LYS E 336 124.42 93.31 -47.03
CA LYS E 336 124.10 94.67 -47.52
C LYS E 336 124.80 94.88 -48.87
N THR E 337 126.03 94.37 -49.02
CA THR E 337 126.82 94.45 -50.28
C THR E 337 126.21 93.54 -51.36
N LYS E 338 125.60 92.40 -51.01
CA LYS E 338 125.03 91.40 -51.95
C LYS E 338 124.00 92.07 -52.88
N ARG E 339 123.92 91.59 -54.13
CA ARG E 339 122.96 92.09 -55.15
C ARG E 339 121.62 91.39 -54.96
N THR E 340 121.64 90.05 -54.87
CA THR E 340 120.45 89.16 -54.75
C THR E 340 119.47 89.72 -53.71
N ILE E 341 119.98 90.04 -52.53
CA ILE E 341 119.24 90.77 -51.46
C ILE E 341 119.14 92.24 -51.91
N GLN E 342 117.92 92.75 -52.06
CA GLN E 342 117.62 94.15 -52.48
C GLN E 342 116.74 94.82 -51.43
N PHE E 343 117.16 95.99 -50.92
CA PHE E 343 116.44 96.78 -49.89
C PHE E 343 115.77 97.98 -50.56
N VAL E 344 114.59 98.35 -50.07
CA VAL E 344 113.82 99.56 -50.52
C VAL E 344 114.67 100.81 -50.24
N ASP E 345 114.48 101.85 -51.03
CA ASP E 345 115.34 103.06 -51.00
C ASP E 345 115.04 103.86 -49.72
N TRP E 346 113.77 103.94 -49.31
CA TRP E 346 113.34 104.75 -48.13
C TRP E 346 113.77 104.07 -46.81
N CYS E 347 114.37 102.86 -46.85
CA CYS E 347 114.95 102.14 -45.68
C CYS E 347 116.47 102.02 -45.81
N PRO E 348 117.25 102.99 -45.31
CA PRO E 348 118.71 102.96 -45.46
C PRO E 348 119.34 101.87 -44.59
N THR E 349 118.98 101.81 -43.29
CA THR E 349 119.47 100.82 -42.29
C THR E 349 118.30 99.95 -41.81
N GLY E 350 118.10 98.79 -42.45
CA GLY E 350 116.97 97.87 -42.20
C GLY E 350 117.41 96.60 -41.49
N PHE E 351 118.10 96.74 -40.36
CA PHE E 351 118.62 95.62 -39.54
C PHE E 351 118.52 95.94 -38.04
N LYS E 352 117.66 95.20 -37.33
CA LYS E 352 117.51 95.21 -35.85
C LYS E 352 118.10 93.90 -35.32
N VAL E 353 119.32 93.94 -34.78
CA VAL E 353 120.07 92.72 -34.34
C VAL E 353 119.77 92.47 -32.85
N GLY E 354 119.70 91.20 -32.44
CA GLY E 354 119.19 90.74 -31.13
C GLY E 354 119.89 89.48 -30.62
N ILE E 355 121.01 89.66 -29.92
CA ILE E 355 121.94 88.59 -29.48
C ILE E 355 121.55 88.19 -28.05
N ASN E 356 121.28 86.89 -27.82
CA ASN E 356 121.21 86.24 -26.49
C ASN E 356 122.53 85.52 -26.21
N TYR E 357 122.76 85.09 -24.97
CA TYR E 357 123.88 84.16 -24.64
C TYR E 357 123.35 82.72 -24.57
N GLN E 358 122.05 82.52 -24.46
CA GLN E 358 121.43 81.17 -24.35
C GLN E 358 121.38 80.52 -25.73
N PRO E 359 122.03 79.34 -25.94
CA PRO E 359 121.85 78.58 -27.17
C PRO E 359 120.52 77.84 -27.14
N PRO E 360 120.01 77.35 -28.29
CA PRO E 360 118.72 76.69 -28.34
C PRO E 360 118.80 75.30 -27.68
N THR E 361 117.64 74.70 -27.41
CA THR E 361 117.48 73.43 -26.63
C THR E 361 117.08 72.29 -27.56
N VAL E 362 118.00 71.35 -27.77
CA VAL E 362 117.75 70.08 -28.51
C VAL E 362 116.65 69.32 -27.74
N VAL E 363 115.50 69.12 -28.40
CA VAL E 363 114.34 68.34 -27.87
C VAL E 363 114.63 66.85 -28.14
N PRO E 364 114.46 65.93 -27.16
CA PRO E 364 114.68 64.50 -27.39
C PRO E 364 113.52 63.85 -28.16
N GLY E 365 113.83 63.15 -29.26
CA GLY E 365 112.87 62.66 -30.26
C GLY E 365 112.50 63.72 -31.29
N GLY E 366 113.25 64.84 -31.31
CA GLY E 366 113.02 66.00 -32.19
C GLY E 366 114.07 66.08 -33.28
N ASP E 367 113.63 66.24 -34.52
CA ASP E 367 114.52 66.23 -35.72
C ASP E 367 115.29 67.56 -35.76
N LEU E 368 116.31 67.67 -34.91
CA LEU E 368 117.24 68.84 -34.85
C LEU E 368 118.48 68.44 -34.04
N ALA E 369 119.66 68.85 -34.53
CA ALA E 369 120.96 68.73 -33.83
C ALA E 369 121.03 69.79 -32.72
N LYS E 370 121.93 69.55 -31.75
CA LYS E 370 122.39 70.58 -30.78
C LYS E 370 123.44 71.44 -31.48
N VAL E 371 123.16 72.74 -31.65
CA VAL E 371 124.02 73.71 -32.41
C VAL E 371 124.37 74.89 -31.48
N MET E 372 125.65 75.26 -31.43
CA MET E 372 126.19 76.24 -30.45
C MET E 372 125.74 77.66 -30.80
N ARG E 373 125.29 77.89 -32.04
CA ARG E 373 124.74 79.20 -32.47
C ARG E 373 123.34 79.00 -33.06
N ALA E 374 122.72 80.10 -33.51
CA ALA E 374 121.45 80.13 -34.27
C ALA E 374 121.20 81.52 -34.88
N VAL E 375 120.05 81.68 -35.55
CA VAL E 375 119.36 82.98 -35.81
C VAL E 375 117.96 82.70 -36.35
N CYS E 376 116.96 83.45 -35.86
CA CYS E 376 115.62 83.63 -36.47
C CYS E 376 115.55 85.03 -37.08
N MET E 377 115.20 85.13 -38.36
CA MET E 377 115.00 86.42 -39.06
C MET E 377 113.51 86.58 -39.39
N ILE E 378 112.81 87.43 -38.63
CA ILE E 378 111.48 87.97 -39.04
C ILE E 378 111.76 89.13 -39.99
N SER E 379 111.21 89.08 -41.22
CA SER E 379 111.48 90.05 -42.31
C SER E 379 110.15 90.58 -42.89
N ASN E 380 109.96 91.90 -42.85
CA ASN E 380 108.99 92.60 -43.72
C ASN E 380 109.63 92.71 -45.12
N SER E 381 108.99 92.18 -46.16
CA SER E 381 109.46 92.21 -47.57
C SER E 381 108.27 92.34 -48.52
N THR E 382 108.42 93.16 -49.57
CA THR E 382 107.39 93.46 -50.61
C THR E 382 106.88 92.17 -51.25
N ALA E 383 107.70 91.11 -51.27
CA ALA E 383 107.42 89.78 -51.85
C ALA E 383 106.11 89.19 -51.31
N ILE E 384 105.79 89.42 -50.04
CA ILE E 384 104.57 88.88 -49.36
C ILE E 384 103.36 89.06 -50.29
N ALA E 385 103.27 90.21 -50.97
CA ALA E 385 102.26 90.56 -52.00
C ALA E 385 101.92 89.35 -52.87
N GLU E 386 102.96 88.63 -53.33
CA GLU E 386 102.83 87.38 -54.11
C GLU E 386 101.74 86.52 -53.47
N VAL E 387 101.98 86.03 -52.25
CA VAL E 387 101.11 85.02 -51.57
C VAL E 387 99.66 85.53 -51.61
N PHE E 388 99.44 86.80 -51.21
CA PHE E 388 98.10 87.44 -51.21
C PHE E 388 97.53 87.42 -52.63
N SER E 389 98.37 87.70 -53.64
CA SER E 389 97.95 87.71 -55.06
C SER E 389 97.38 86.33 -55.45
N ARG E 390 98.00 85.25 -54.98
CA ARG E 390 97.57 83.86 -55.31
C ARG E 390 96.25 83.58 -54.57
N LEU E 391 96.15 83.94 -53.28
CA LEU E 391 94.92 83.74 -52.46
C LEU E 391 93.78 84.63 -52.96
N ASP E 392 94.08 85.69 -53.71
CA ASP E 392 93.08 86.57 -54.38
C ASP E 392 92.63 85.90 -55.69
N HIS E 393 93.58 85.64 -56.60
CA HIS E 393 93.27 84.93 -57.87
C HIS E 393 92.44 83.69 -57.55
N LYS E 394 92.91 82.85 -56.61
CA LYS E 394 92.26 81.55 -56.24
C LYS E 394 90.86 81.78 -55.66
N PHE E 395 90.56 83.00 -55.20
CA PHE E 395 89.24 83.40 -54.64
C PHE E 395 88.33 83.94 -55.74
N ASP E 396 88.86 84.63 -56.74
CA ASP E 396 88.06 85.27 -57.83
C ASP E 396 87.53 84.23 -58.82
N LEU E 397 88.18 83.05 -58.92
CA LEU E 397 87.67 81.87 -59.69
C LEU E 397 86.34 81.44 -59.06
N MET E 398 86.35 81.25 -57.75
CA MET E 398 85.13 81.23 -56.91
C MET E 398 84.51 82.63 -56.95
N TYR E 399 83.28 82.80 -56.45
CA TYR E 399 82.58 84.10 -56.27
C TYR E 399 82.34 84.80 -57.62
N ALA E 400 82.71 84.16 -58.73
CA ALA E 400 82.06 84.32 -60.05
C ALA E 400 80.88 83.33 -60.13
N LYS E 401 81.06 82.14 -59.53
CA LYS E 401 80.05 81.05 -59.49
C LYS E 401 79.27 81.09 -58.18
N ARG E 402 79.71 81.90 -57.20
CA ARG E 402 79.12 81.97 -55.83
C ARG E 402 79.30 80.60 -55.17
N ALA E 403 80.49 80.03 -55.35
CA ALA E 403 80.78 78.59 -55.44
C ALA E 403 80.37 77.86 -54.16
N PHE E 404 80.70 78.39 -52.99
CA PHE E 404 80.43 77.70 -51.70
C PHE E 404 79.61 78.60 -50.78
N VAL E 405 79.13 79.73 -51.30
CA VAL E 405 78.67 80.89 -50.50
C VAL E 405 77.53 80.42 -49.59
N HIS E 406 76.58 79.67 -50.17
CA HIS E 406 75.31 79.22 -49.54
C HIS E 406 75.55 78.77 -48.10
N TRP E 407 76.69 78.13 -47.83
CA TRP E 407 77.10 77.75 -46.46
C TRP E 407 77.27 79.03 -45.63
N TYR E 408 78.24 79.87 -46.03
CA TYR E 408 78.71 81.06 -45.27
C TYR E 408 77.49 81.92 -44.92
N VAL E 409 76.83 82.48 -45.94
CA VAL E 409 75.57 83.27 -45.83
C VAL E 409 74.70 82.61 -44.74
N GLY E 410 74.46 81.30 -44.89
CA GLY E 410 73.51 80.52 -44.08
C GLY E 410 73.87 80.50 -42.61
N GLU E 411 75.04 81.00 -42.23
CA GLU E 411 75.52 80.86 -40.84
C GLU E 411 75.81 82.24 -40.25
N GLY E 412 75.20 83.31 -40.78
CA GLY E 412 75.17 84.64 -40.13
C GLY E 412 75.83 85.75 -40.94
N MET E 413 76.67 85.40 -41.91
CA MET E 413 77.40 86.36 -42.79
C MET E 413 76.40 87.04 -43.73
N GLU E 414 76.75 88.23 -44.23
CA GLU E 414 76.06 88.88 -45.38
C GLU E 414 76.80 88.44 -46.65
N GLU E 415 76.17 88.48 -47.82
CA GLU E 415 76.87 88.08 -49.06
C GLU E 415 77.95 89.11 -49.39
N GLY E 416 77.63 90.41 -49.31
CA GLY E 416 78.55 91.54 -49.56
C GLY E 416 79.87 91.44 -48.80
N GLU E 417 79.84 90.88 -47.58
CA GLU E 417 81.02 90.78 -46.66
C GLU E 417 82.20 90.10 -47.37
N PHE E 418 81.90 89.17 -48.29
CA PHE E 418 82.90 88.60 -49.23
C PHE E 418 83.48 89.74 -50.08
N SER E 419 82.61 90.43 -50.82
CA SER E 419 82.98 91.51 -51.78
C SER E 419 83.87 92.53 -51.07
N GLU E 420 83.40 93.02 -49.92
CA GLU E 420 84.18 93.85 -48.96
C GLU E 420 85.61 93.30 -48.88
N ALA E 421 85.76 92.08 -48.34
CA ALA E 421 87.06 91.45 -48.02
C ALA E 421 87.96 91.47 -49.26
N ARG E 422 87.44 91.04 -50.41
CA ARG E 422 88.20 90.99 -51.69
C ARG E 422 88.69 92.41 -52.03
N GLU E 423 87.84 93.42 -51.82
CA GLU E 423 88.16 94.85 -52.13
C GLU E 423 89.28 95.34 -51.20
N ASP E 424 89.33 94.85 -49.95
CA ASP E 424 90.33 95.25 -48.93
C ASP E 424 91.70 94.69 -49.30
N LEU E 425 91.79 93.40 -49.61
CA LEU E 425 93.08 92.73 -49.95
C LEU E 425 93.54 93.16 -51.34
N ALA E 426 92.62 93.57 -52.21
CA ALA E 426 92.93 94.29 -53.47
C ALA E 426 93.59 95.63 -53.12
N ALA E 427 93.02 96.34 -52.13
CA ALA E 427 93.55 97.62 -51.62
C ALA E 427 94.90 97.39 -50.92
N LEU E 428 95.12 96.22 -50.32
CA LEU E 428 96.42 95.85 -49.72
C LEU E 428 97.46 95.74 -50.84
N GLU E 429 97.35 94.70 -51.67
CA GLU E 429 98.41 94.34 -52.67
C GLU E 429 98.85 95.60 -53.44
N LYS E 430 97.91 96.52 -53.69
CA LYS E 430 98.20 97.90 -54.19
C LYS E 430 99.27 98.51 -53.28
N ASP E 431 98.92 98.83 -52.04
CA ASP E 431 99.86 99.46 -51.06
C ASP E 431 101.22 98.78 -51.25
N TYR E 432 101.25 97.45 -51.11
CA TYR E 432 102.48 96.65 -51.20
C TYR E 432 103.21 97.01 -52.50
N GLU E 433 102.48 97.23 -53.59
CA GLU E 433 103.10 97.73 -54.85
C GLU E 433 103.50 99.19 -54.68
N GLU E 434 102.66 100.03 -54.07
CA GLU E 434 102.94 101.49 -53.89
C GLU E 434 104.25 101.69 -53.12
N VAL E 435 104.40 101.09 -51.93
CA VAL E 435 105.59 101.30 -51.05
C VAL E 435 106.85 100.88 -51.82
N GLY E 436 106.83 99.69 -52.43
CA GLY E 436 107.94 99.14 -53.23
C GLY E 436 108.55 100.18 -54.15
N ILE E 437 107.71 101.00 -54.80
CA ILE E 437 108.11 102.04 -55.80
C ILE E 437 109.21 102.90 -55.17
N GLU E 438 110.27 103.18 -55.93
CA GLU E 438 111.45 104.00 -55.51
C GLU E 438 110.98 105.44 -55.26
N THR E 439 111.62 106.14 -54.31
CA THR E 439 111.20 107.46 -53.77
C THR E 439 111.25 108.52 -54.88
N ALA E 440 110.18 109.33 -54.99
CA ALA E 440 109.99 110.40 -56.01
C ALA E 440 110.58 111.71 -55.49
N MET F 1 81.27 64.25 -27.37
CA MET F 1 79.85 64.17 -27.85
C MET F 1 79.84 64.12 -29.39
N ARG F 2 79.12 65.02 -30.07
CA ARG F 2 78.87 64.97 -31.54
C ARG F 2 78.27 63.60 -31.90
N GLU F 3 77.17 63.23 -31.24
CA GLU F 3 76.55 61.87 -31.34
C GLU F 3 75.82 61.74 -32.68
N ILE F 4 75.67 60.48 -33.15
CA ILE F 4 75.00 60.13 -34.43
C ILE F 4 73.89 59.12 -34.14
N VAL F 5 72.64 59.46 -34.50
CA VAL F 5 71.46 58.55 -34.50
C VAL F 5 71.38 57.91 -35.89
N HIS F 6 71.45 56.58 -35.96
CA HIS F 6 71.40 55.77 -37.20
C HIS F 6 69.98 55.22 -37.40
N ILE F 7 69.41 55.34 -38.60
CA ILE F 7 68.11 54.70 -38.96
C ILE F 7 68.37 53.76 -40.14
N GLN F 8 68.05 52.47 -39.97
CA GLN F 8 68.26 51.39 -40.97
C GLN F 8 66.89 50.92 -41.47
N GLY F 9 66.26 51.75 -42.30
CA GLY F 9 64.91 51.53 -42.86
C GLY F 9 64.93 50.58 -44.05
N GLY F 10 63.99 49.63 -44.10
CA GLY F 10 63.82 48.70 -45.23
C GLY F 10 64.76 47.52 -45.14
N GLN F 11 64.34 46.37 -45.69
CA GLN F 11 65.04 45.06 -45.62
C GLN F 11 66.54 45.27 -45.89
N CYS F 12 66.86 45.79 -47.08
CA CYS F 12 68.25 46.18 -47.47
C CYS F 12 68.89 46.97 -46.33
N GLY F 13 68.25 48.08 -45.94
CA GLY F 13 68.72 48.96 -44.85
C GLY F 13 69.05 48.17 -43.60
N ASN F 14 68.10 47.34 -43.14
CA ASN F 14 68.25 46.49 -41.93
C ASN F 14 69.47 45.58 -42.09
N GLN F 15 69.69 45.02 -43.30
CA GLN F 15 70.79 44.05 -43.56
C GLN F 15 72.14 44.76 -43.61
N ILE F 16 72.21 45.97 -44.18
CA ILE F 16 73.44 46.82 -44.15
C ILE F 16 73.73 47.13 -42.68
N GLY F 17 72.78 47.79 -42.01
CA GLY F 17 72.85 48.18 -40.60
C GLY F 17 73.40 47.05 -39.75
N ALA F 18 72.76 45.88 -39.81
CA ALA F 18 73.17 44.65 -39.11
C ALA F 18 74.67 44.42 -39.30
N LYS F 19 75.17 44.54 -40.53
CA LYS F 19 76.60 44.36 -40.85
C LYS F 19 77.40 45.57 -40.35
N PHE F 20 76.84 46.78 -40.42
CA PHE F 20 77.51 48.01 -39.95
C PHE F 20 77.78 47.95 -38.44
N TRP F 21 76.83 47.44 -37.65
CA TRP F 21 76.89 47.38 -36.15
C TRP F 21 77.61 46.12 -35.65
N GLU F 22 78.12 45.27 -36.56
CA GLU F 22 79.19 44.29 -36.27
C GLU F 22 80.55 45.01 -36.45
N VAL F 23 80.71 45.72 -37.57
CA VAL F 23 81.98 46.39 -38.00
C VAL F 23 82.40 47.44 -36.95
N ILE F 24 81.50 48.37 -36.61
CA ILE F 24 81.78 49.48 -35.64
C ILE F 24 82.11 48.86 -34.27
N SER F 25 81.45 47.76 -33.92
CA SER F 25 81.61 47.07 -32.62
C SER F 25 83.05 46.58 -32.46
N ASP F 26 83.61 45.99 -33.51
CA ASP F 26 85.00 45.47 -33.51
C ASP F 26 85.95 46.64 -33.22
N GLU F 27 85.76 47.80 -33.88
CA GLU F 27 86.63 49.00 -33.78
C GLU F 27 86.57 49.60 -32.36
N HIS F 28 85.42 49.51 -31.68
CA HIS F 28 85.19 49.98 -30.28
C HIS F 28 85.30 48.82 -29.29
N GLY F 29 85.56 47.60 -29.77
CA GLY F 29 85.88 46.41 -28.97
C GLY F 29 84.65 45.72 -28.38
N ILE F 30 83.44 46.22 -28.67
CA ILE F 30 82.16 45.79 -28.03
C ILE F 30 81.90 44.34 -28.46
N ASP F 31 81.58 43.46 -27.50
CA ASP F 31 81.20 42.05 -27.72
C ASP F 31 79.69 41.97 -27.91
N PRO F 32 79.16 40.90 -28.53
CA PRO F 32 77.74 40.85 -28.90
C PRO F 32 76.75 41.02 -27.73
N THR F 33 77.22 40.85 -26.48
CA THR F 33 76.43 40.96 -25.23
C THR F 33 76.48 42.38 -24.66
N GLY F 34 77.14 43.33 -25.34
CA GLY F 34 77.17 44.76 -24.97
C GLY F 34 78.26 45.11 -23.98
N THR F 35 79.05 44.14 -23.52
CA THR F 35 80.17 44.29 -22.56
C THR F 35 81.46 44.64 -23.32
N TYR F 36 82.21 45.63 -22.85
CA TYR F 36 83.51 46.03 -23.43
C TYR F 36 84.56 44.96 -23.09
N HIS F 37 85.33 44.52 -24.09
CA HIS F 37 86.48 43.60 -23.93
C HIS F 37 87.61 44.03 -24.88
N GLY F 38 87.83 45.34 -25.00
CA GLY F 38 88.90 45.95 -25.83
C GLY F 38 90.18 46.10 -25.04
N ASP F 39 91.32 46.16 -25.74
CA ASP F 39 92.67 46.28 -25.12
C ASP F 39 92.98 47.76 -24.87
N SER F 40 92.77 48.61 -25.87
CA SER F 40 93.09 50.06 -25.86
C SER F 40 91.94 50.84 -25.22
N ASP F 41 92.27 51.92 -24.50
CA ASP F 41 91.31 52.85 -23.86
C ASP F 41 90.77 53.84 -24.91
N LEU F 42 91.58 54.12 -25.95
CA LEU F 42 91.22 54.94 -27.14
C LEU F 42 89.93 54.45 -27.80
N GLN F 43 89.53 53.19 -27.58
CA GLN F 43 88.28 52.61 -28.12
C GLN F 43 87.06 53.28 -27.44
N LEU F 44 87.11 53.49 -26.12
CA LEU F 44 85.94 53.96 -25.31
C LEU F 44 85.95 55.48 -25.12
N GLU F 45 86.93 56.21 -25.68
CA GLU F 45 87.10 57.66 -25.40
C GLU F 45 85.96 58.47 -26.02
N ARG F 46 85.40 58.01 -27.14
CA ARG F 46 84.31 58.72 -27.87
C ARG F 46 83.19 57.74 -28.26
N ILE F 47 83.08 56.58 -27.59
CA ILE F 47 82.10 55.52 -27.93
C ILE F 47 80.69 56.11 -27.97
N ASN F 48 80.40 57.06 -27.07
CA ASN F 48 79.11 57.80 -26.99
C ASN F 48 78.68 58.29 -28.37
N VAL F 49 79.60 58.45 -29.32
CA VAL F 49 79.32 58.89 -30.72
C VAL F 49 78.25 58.00 -31.37
N TYR F 50 78.33 56.67 -31.16
CA TYR F 50 77.44 55.67 -31.82
C TYR F 50 76.61 54.90 -30.78
N TYR F 51 77.19 54.55 -29.62
CA TYR F 51 76.49 53.85 -28.52
C TYR F 51 75.94 54.84 -27.49
N ASN F 52 74.94 54.40 -26.72
CA ASN F 52 74.43 55.09 -25.50
C ASN F 52 74.66 54.15 -24.31
N GLU F 53 75.63 54.48 -23.45
CA GLU F 53 75.92 53.70 -22.22
C GLU F 53 74.60 53.42 -21.50
N ALA F 54 74.32 52.13 -21.26
CA ALA F 54 73.21 51.64 -20.42
C ALA F 54 73.74 51.26 -19.04
N THR F 55 72.85 50.79 -18.15
CA THR F 55 73.18 50.32 -16.77
C THR F 55 73.88 48.95 -16.85
N GLY F 56 74.66 48.62 -15.81
CA GLY F 56 75.42 47.35 -15.71
C GLY F 56 76.60 47.29 -16.66
N GLY F 57 77.07 48.45 -17.15
CA GLY F 57 78.15 48.57 -18.15
C GLY F 57 77.83 47.82 -19.44
N ARG F 58 76.61 47.97 -19.95
CA ARG F 58 76.20 47.51 -21.31
C ARG F 58 76.17 48.72 -22.25
N TYR F 59 76.66 48.55 -23.48
CA TYR F 59 76.57 49.55 -24.58
C TYR F 59 75.49 49.11 -25.56
N VAL F 60 74.76 50.09 -26.10
CA VAL F 60 73.54 49.92 -26.94
C VAL F 60 73.63 50.83 -28.14
N PRO F 61 73.59 50.30 -29.38
CA PRO F 61 73.47 51.14 -30.56
C PRO F 61 72.28 52.11 -30.47
N ARG F 62 72.54 53.36 -30.84
CA ARG F 62 71.52 54.42 -31.06
C ARG F 62 70.95 54.19 -32.46
N ALA F 63 70.38 52.99 -32.67
CA ALA F 63 69.95 52.45 -33.99
C ALA F 63 68.44 52.22 -33.95
N ILE F 64 67.71 52.87 -34.86
CA ILE F 64 66.23 52.76 -35.00
C ILE F 64 65.96 51.86 -36.22
N LEU F 65 65.63 50.59 -35.96
CA LEU F 65 65.39 49.55 -36.99
C LEU F 65 63.90 49.58 -37.36
N MET F 66 63.55 50.26 -38.46
CA MET F 66 62.16 50.36 -38.96
C MET F 66 62.01 49.48 -40.21
N ASP F 67 60.84 48.89 -40.38
CA ASP F 67 60.41 48.16 -41.60
C ASP F 67 58.89 47.99 -41.55
N LEU F 68 58.25 47.70 -42.68
CA LEU F 68 56.79 47.45 -42.79
C LEU F 68 56.53 45.94 -42.86
N GLU F 69 57.58 45.12 -42.81
CA GLU F 69 57.53 43.62 -42.75
C GLU F 69 58.13 43.18 -41.41
N PRO F 70 57.41 42.40 -40.56
CA PRO F 70 57.93 41.97 -39.26
C PRO F 70 58.80 40.71 -39.31
N GLY F 71 59.12 40.20 -40.51
CA GLY F 71 60.06 39.10 -40.79
C GLY F 71 61.42 39.59 -41.29
N THR F 72 61.81 40.81 -40.92
CA THR F 72 63.20 41.34 -41.01
C THR F 72 63.78 41.48 -39.59
N MET F 73 62.98 41.92 -38.60
CA MET F 73 63.33 41.85 -37.16
C MET F 73 63.98 40.50 -36.89
N ASP F 74 63.25 39.41 -37.18
CA ASP F 74 63.72 38.01 -37.00
C ASP F 74 65.12 37.87 -37.60
N SER F 75 65.35 38.44 -38.79
CA SER F 75 66.63 38.39 -39.53
C SER F 75 67.74 39.12 -38.75
N VAL F 76 67.50 40.36 -38.31
CA VAL F 76 68.52 41.19 -37.59
C VAL F 76 68.74 40.66 -36.17
N ARG F 77 67.79 39.89 -35.62
CA ARG F 77 67.94 39.19 -34.31
C ARG F 77 68.81 37.94 -34.50
N ALA F 78 68.54 37.15 -35.54
CA ALA F 78 69.23 35.88 -35.89
C ALA F 78 70.74 36.11 -35.98
N GLY F 79 71.16 37.20 -36.64
CA GLY F 79 72.56 37.53 -36.95
C GLY F 79 73.41 37.66 -35.69
N PRO F 80 74.76 37.53 -35.80
CA PRO F 80 75.66 37.94 -34.73
C PRO F 80 75.54 39.45 -34.52
N PHE F 81 75.82 39.92 -33.30
CA PHE F 81 75.64 41.34 -32.87
C PHE F 81 74.21 41.78 -33.22
N GLY F 82 73.23 40.89 -33.00
CA GLY F 82 71.79 41.14 -33.13
C GLY F 82 71.15 41.46 -31.79
N GLN F 83 71.76 40.97 -30.70
CA GLN F 83 71.31 41.25 -29.32
C GLN F 83 71.55 42.73 -29.02
N LEU F 84 72.59 43.34 -29.59
CA LEU F 84 73.03 44.73 -29.28
C LEU F 84 71.86 45.73 -29.36
N PHE F 85 70.93 45.59 -30.30
CA PHE F 85 69.90 46.62 -30.64
C PHE F 85 68.77 46.62 -29.61
N ARG F 86 68.16 47.78 -29.34
CA ARG F 86 67.14 48.01 -28.27
C ARG F 86 65.74 47.62 -28.76
N PRO F 87 65.02 46.70 -28.07
CA PRO F 87 63.70 46.23 -28.50
C PRO F 87 62.69 47.37 -28.73
N ASP F 88 62.73 48.41 -27.89
CA ASP F 88 61.92 49.64 -28.06
C ASP F 88 62.27 50.30 -29.39
N ASN F 89 63.54 50.21 -29.82
CA ASN F 89 64.03 50.83 -31.09
C ASN F 89 63.53 50.05 -32.32
N PHE F 90 63.23 48.75 -32.19
CA PHE F 90 62.61 47.94 -33.26
C PHE F 90 61.15 48.38 -33.43
N VAL F 91 60.81 49.01 -34.58
CA VAL F 91 59.44 49.53 -34.88
C VAL F 91 58.95 48.90 -36.20
N PHE F 92 58.13 47.84 -36.12
CA PHE F 92 57.77 46.97 -37.28
C PHE F 92 56.25 46.88 -37.41
N GLY F 93 55.74 47.12 -38.62
CA GLY F 93 54.32 46.99 -38.99
C GLY F 93 53.92 45.54 -39.20
N GLN F 94 53.06 45.25 -40.20
CA GLN F 94 52.55 43.87 -40.50
C GLN F 94 52.53 43.62 -42.01
N THR F 95 51.71 44.37 -42.76
CA THR F 95 51.34 44.10 -44.17
C THR F 95 52.58 44.13 -45.08
N GLY F 96 53.26 45.28 -45.16
CA GLY F 96 54.43 45.51 -46.02
C GLY F 96 54.13 46.48 -47.14
N ALA F 97 55.17 47.12 -47.67
CA ALA F 97 55.12 48.08 -48.79
C ALA F 97 54.80 47.34 -50.10
N GLY F 98 55.25 46.09 -50.22
CA GLY F 98 55.15 45.33 -51.47
C GLY F 98 55.78 46.09 -52.62
N ASN F 99 56.99 46.60 -52.39
CA ASN F 99 57.79 47.39 -53.37
C ASN F 99 56.90 48.51 -53.93
N ASN F 100 56.14 49.20 -53.08
CA ASN F 100 55.21 50.28 -53.48
C ASN F 100 55.48 51.51 -52.60
N TRP F 101 56.23 52.49 -53.15
CA TRP F 101 56.59 53.78 -52.50
C TRP F 101 55.35 54.37 -51.81
N ALA F 102 54.25 54.45 -52.55
CA ALA F 102 52.94 55.00 -52.12
C ALA F 102 52.49 54.29 -50.83
N LYS F 103 52.39 52.97 -50.89
CA LYS F 103 51.96 52.16 -49.72
C LYS F 103 52.88 52.52 -48.55
N GLY F 104 54.19 52.62 -48.81
CA GLY F 104 55.23 52.92 -47.82
C GLY F 104 55.38 54.40 -47.49
N HIS F 105 54.67 55.29 -48.20
CA HIS F 105 54.74 56.78 -48.02
C HIS F 105 53.39 57.37 -47.62
N TYR F 106 52.30 57.00 -48.29
CA TYR F 106 50.98 57.69 -48.20
C TYR F 106 50.01 56.93 -47.28
N THR F 107 50.05 55.59 -47.23
CA THR F 107 49.08 54.77 -46.44
C THR F 107 49.83 54.04 -45.32
N GLU F 108 50.12 52.75 -45.50
CA GLU F 108 50.68 51.83 -44.48
C GLU F 108 51.86 52.51 -43.78
N GLY F 109 52.79 53.08 -44.55
CA GLY F 109 53.95 53.83 -44.04
C GLY F 109 53.55 55.10 -43.30
N ALA F 110 52.51 55.79 -43.77
CA ALA F 110 51.99 57.05 -43.18
C ALA F 110 51.36 56.81 -41.81
N GLU F 111 51.01 55.57 -41.47
CA GLU F 111 50.47 55.18 -40.14
C GLU F 111 51.61 54.96 -39.14
N LEU F 112 52.70 54.31 -39.57
CA LEU F 112 53.77 53.80 -38.66
C LEU F 112 54.72 54.94 -38.23
N ILE F 113 55.14 55.82 -39.15
CA ILE F 113 56.16 56.90 -38.91
C ILE F 113 55.83 57.67 -37.62
N ASP F 114 54.55 57.90 -37.32
CA ASP F 114 54.09 58.58 -36.07
C ASP F 114 54.52 57.79 -34.83
N SER F 115 54.82 56.48 -34.98
CA SER F 115 55.41 55.61 -33.92
C SER F 115 56.95 55.68 -33.93
N VAL F 116 57.57 55.82 -35.11
CA VAL F 116 59.06 55.86 -35.27
C VAL F 116 59.57 57.21 -34.74
N LEU F 117 59.03 58.32 -35.24
CA LEU F 117 59.39 59.71 -34.85
C LEU F 117 59.53 59.79 -33.33
N ASP F 118 58.55 59.28 -32.59
CA ASP F 118 58.54 59.20 -31.10
C ASP F 118 59.87 58.60 -30.63
N VAL F 119 60.34 57.52 -31.27
CA VAL F 119 61.61 56.83 -30.93
C VAL F 119 62.78 57.73 -31.37
N VAL F 120 62.72 58.30 -32.57
CA VAL F 120 63.79 59.21 -33.10
C VAL F 120 64.01 60.32 -32.06
N ARG F 121 62.94 61.08 -31.77
CA ARG F 121 62.94 62.20 -30.78
C ARG F 121 63.54 61.73 -29.47
N LYS F 122 63.11 60.56 -28.97
CA LYS F 122 63.58 59.98 -27.68
C LYS F 122 65.11 59.81 -27.69
N GLU F 123 65.68 59.36 -28.82
CA GLU F 123 67.14 59.10 -28.97
C GLU F 123 67.87 60.41 -29.26
N ALA F 124 67.30 61.28 -30.09
CA ALA F 124 67.88 62.58 -30.51
C ALA F 124 68.01 63.53 -29.31
N GLU F 125 67.11 63.44 -28.33
CA GLU F 125 67.12 64.26 -27.09
C GLU F 125 68.00 63.63 -26.01
N GLY F 126 68.36 62.34 -26.16
CA GLY F 126 69.32 61.62 -25.30
C GLY F 126 70.75 62.13 -25.47
N CYS F 127 71.06 62.69 -26.65
CA CYS F 127 72.39 63.26 -27.02
C CYS F 127 72.46 64.73 -26.60
N ASP F 128 73.56 65.13 -25.94
CA ASP F 128 73.83 66.52 -25.51
C ASP F 128 73.90 67.40 -26.76
N CYS F 129 74.77 67.03 -27.71
CA CYS F 129 74.98 67.72 -29.00
C CYS F 129 74.90 66.68 -30.13
N LEU F 130 73.75 66.60 -30.80
CA LEU F 130 73.49 65.68 -31.94
C LEU F 130 74.26 66.16 -33.18
N GLN F 131 75.26 65.41 -33.63
CA GLN F 131 75.97 65.71 -34.90
C GLN F 131 74.94 65.67 -36.03
N GLY F 132 74.14 64.60 -36.08
CA GLY F 132 73.09 64.41 -37.09
C GLY F 132 72.65 62.95 -37.18
N PHE F 133 72.15 62.54 -38.34
CA PHE F 133 71.66 61.17 -38.61
C PHE F 133 72.48 60.58 -39.75
N GLN F 134 72.51 59.24 -39.87
CA GLN F 134 73.15 58.51 -40.99
C GLN F 134 72.18 57.43 -41.52
N ILE F 135 71.08 57.85 -42.14
CA ILE F 135 70.01 56.95 -42.63
C ILE F 135 70.66 55.98 -43.62
N THR F 136 70.28 54.69 -43.57
CA THR F 136 70.70 53.64 -44.53
C THR F 136 69.45 52.92 -45.05
N HIS F 137 69.08 53.17 -46.32
CA HIS F 137 67.85 52.63 -46.94
C HIS F 137 68.09 52.36 -48.42
N SER F 138 67.21 51.56 -49.05
CA SER F 138 67.20 51.30 -50.51
C SER F 138 66.16 52.19 -51.16
N LEU F 139 66.55 52.96 -52.18
CA LEU F 139 65.60 53.68 -53.05
C LEU F 139 64.79 52.62 -53.82
N GLY F 140 65.42 51.49 -54.15
CA GLY F 140 64.87 50.42 -55.00
C GLY F 140 63.55 49.88 -54.49
N GLY F 141 63.48 49.57 -53.20
CA GLY F 141 62.30 48.96 -52.57
C GLY F 141 61.18 49.96 -52.35
N GLY F 142 60.16 49.55 -51.57
CA GLY F 142 59.02 50.38 -51.16
C GLY F 142 59.23 50.95 -49.77
N THR F 143 59.38 50.07 -48.77
CA THR F 143 59.60 50.41 -47.35
C THR F 143 60.70 51.46 -47.24
N GLY F 144 61.97 51.06 -47.42
CA GLY F 144 63.14 51.93 -47.28
C GLY F 144 62.97 53.23 -48.05
N SER F 145 62.44 53.13 -49.27
CA SER F 145 62.20 54.27 -50.18
C SER F 145 61.10 55.16 -49.60
N GLY F 146 59.91 54.58 -49.40
CA GLY F 146 58.70 55.28 -48.93
C GLY F 146 58.87 55.84 -47.52
N MET F 147 59.04 54.95 -46.53
CA MET F 147 59.17 55.32 -45.09
C MET F 147 60.42 56.18 -44.89
N GLY F 148 61.57 55.76 -45.44
CA GLY F 148 62.84 56.50 -45.35
C GLY F 148 62.67 57.97 -45.75
N THR F 149 62.23 58.22 -46.98
CA THR F 149 62.01 59.58 -47.55
C THR F 149 61.00 60.32 -46.68
N LEU F 150 59.86 59.69 -46.38
CA LEU F 150 58.82 60.27 -45.50
C LEU F 150 59.46 60.63 -44.15
N LEU F 151 60.24 59.71 -43.57
CA LEU F 151 60.95 59.94 -42.28
C LEU F 151 61.91 61.12 -42.47
N ILE F 152 62.85 60.98 -43.40
CA ILE F 152 63.90 62.00 -43.72
C ILE F 152 63.24 63.39 -43.73
N SER F 153 62.12 63.54 -44.45
CA SER F 153 61.33 64.80 -44.50
C SER F 153 60.98 65.21 -43.07
N LYS F 154 60.27 64.35 -42.33
CA LYS F 154 59.78 64.61 -40.96
C LYS F 154 60.94 65.09 -40.06
N VAL F 155 61.96 64.26 -39.87
CA VAL F 155 63.11 64.52 -38.96
C VAL F 155 63.75 65.86 -39.35
N ARG F 156 63.90 66.13 -40.64
CA ARG F 156 64.55 67.36 -41.14
C ARG F 156 63.73 68.58 -40.71
N GLU F 157 62.39 68.53 -40.82
CA GLU F 157 61.48 69.66 -40.50
C GLU F 157 61.41 69.88 -38.98
N GLU F 158 61.91 68.95 -38.16
CA GLU F 158 62.09 69.11 -36.69
C GLU F 158 63.53 69.57 -36.39
N TYR F 159 64.53 69.01 -37.08
CA TYR F 159 65.98 69.25 -36.83
C TYR F 159 66.65 69.70 -38.13
N PRO F 160 66.46 70.97 -38.57
CA PRO F 160 67.01 71.45 -39.83
C PRO F 160 68.51 71.79 -39.82
N ASP F 161 69.03 72.19 -38.66
CA ASP F 161 70.47 72.53 -38.46
C ASP F 161 71.30 71.25 -38.42
N ARG F 162 70.75 70.16 -37.89
CA ARG F 162 71.46 68.86 -37.79
C ARG F 162 71.59 68.26 -39.19
N ILE F 163 72.76 67.66 -39.48
CA ILE F 163 73.13 67.03 -40.78
C ILE F 163 72.16 65.87 -41.04
N MET F 164 71.77 65.68 -42.31
CA MET F 164 70.98 64.50 -42.77
C MET F 164 71.78 63.74 -43.84
N GLU F 165 72.63 62.82 -43.38
CA GLU F 165 73.50 61.94 -44.22
C GLU F 165 72.72 60.66 -44.55
N THR F 166 72.76 60.21 -45.82
CA THR F 166 72.01 59.04 -46.33
C THR F 166 72.92 58.13 -47.16
N PHE F 167 73.09 56.87 -46.76
CA PHE F 167 73.76 55.82 -47.56
C PHE F 167 72.67 55.03 -48.31
N SER F 168 72.27 55.53 -49.48
CA SER F 168 71.16 55.00 -50.32
C SER F 168 71.67 53.97 -51.32
N VAL F 169 71.03 52.79 -51.39
CA VAL F 169 71.29 51.73 -52.42
C VAL F 169 70.34 51.98 -53.60
N VAL F 170 70.85 52.66 -54.64
CA VAL F 170 70.10 53.00 -55.89
C VAL F 170 69.93 51.71 -56.68
N PRO F 171 68.81 51.50 -57.41
CA PRO F 171 68.69 50.36 -58.31
C PRO F 171 69.64 50.49 -59.52
N SER F 172 70.31 49.40 -59.88
CA SER F 172 71.23 49.30 -61.04
C SER F 172 70.52 48.59 -62.20
N PRO F 173 70.66 49.04 -63.47
CA PRO F 173 70.03 48.37 -64.60
C PRO F 173 70.55 46.97 -64.95
N LYS F 174 71.75 46.61 -64.47
CA LYS F 174 72.37 45.28 -64.68
C LYS F 174 71.63 44.23 -63.83
N VAL F 175 71.55 44.47 -62.52
CA VAL F 175 70.92 43.55 -61.51
C VAL F 175 69.41 43.49 -61.79
N SER F 176 68.68 44.57 -61.46
CA SER F 176 67.22 44.72 -61.68
C SER F 176 66.46 43.55 -61.04
N ASP F 177 66.45 43.49 -59.71
CA ASP F 177 65.84 42.39 -58.91
C ASP F 177 64.35 42.67 -58.64
N THR F 178 63.88 43.89 -58.94
CA THR F 178 62.45 44.30 -58.88
C THR F 178 62.09 45.02 -60.19
N VAL F 179 60.82 44.98 -60.59
CA VAL F 179 60.33 45.58 -61.87
C VAL F 179 59.99 47.06 -61.65
N VAL F 180 59.45 47.42 -60.49
CA VAL F 180 58.95 48.79 -60.16
C VAL F 180 60.01 49.59 -59.39
N GLU F 181 61.30 49.36 -59.67
CA GLU F 181 62.44 50.16 -59.15
C GLU F 181 62.41 51.57 -59.75
N PRO F 182 62.32 51.73 -61.10
CA PRO F 182 62.32 53.06 -61.71
C PRO F 182 61.29 54.03 -61.15
N TYR F 183 60.12 53.53 -60.73
CA TYR F 183 59.03 54.33 -60.15
C TYR F 183 59.40 54.75 -58.71
N ASN F 184 59.80 53.81 -57.86
CA ASN F 184 60.21 54.09 -56.45
C ASN F 184 61.36 55.11 -56.46
N ALA F 185 62.45 54.81 -57.18
CA ALA F 185 63.73 55.55 -57.19
C ALA F 185 63.54 56.99 -57.68
N THR F 186 62.58 57.22 -58.58
CA THR F 186 62.24 58.56 -59.14
C THR F 186 61.47 59.37 -58.10
N LEU F 187 60.54 58.73 -57.38
CA LEU F 187 59.72 59.38 -56.33
C LEU F 187 60.55 59.59 -55.06
N SER F 188 61.64 58.85 -54.88
CA SER F 188 62.52 58.89 -53.69
C SER F 188 63.51 60.06 -53.78
N VAL F 189 64.30 60.13 -54.86
CA VAL F 189 65.33 61.19 -55.11
C VAL F 189 64.67 62.57 -54.97
N HIS F 190 63.48 62.74 -55.55
CA HIS F 190 62.63 63.96 -55.46
C HIS F 190 62.53 64.38 -54.00
N GLN F 191 62.33 63.44 -53.07
CA GLN F 191 62.31 63.72 -51.62
C GLN F 191 63.74 64.02 -51.17
N LEU F 192 64.69 63.15 -51.51
CA LEU F 192 66.08 63.22 -50.97
C LEU F 192 66.70 64.58 -51.31
N VAL F 193 66.71 64.96 -52.59
CA VAL F 193 67.36 66.22 -53.08
C VAL F 193 66.90 67.40 -52.19
N GLU F 194 65.66 67.41 -51.72
CA GLU F 194 65.10 68.54 -50.95
C GLU F 194 65.45 68.38 -49.46
N ASN F 195 65.48 67.15 -48.94
CA ASN F 195 65.42 66.88 -47.48
C ASN F 195 66.75 66.30 -46.95
N ALA F 196 67.68 65.86 -47.82
CA ALA F 196 68.99 65.28 -47.43
C ALA F 196 70.09 66.31 -47.60
N ASP F 197 71.05 66.35 -46.67
CA ASP F 197 72.22 67.28 -46.70
C ASP F 197 73.29 66.67 -47.61
N GLU F 198 73.69 65.42 -47.32
CA GLU F 198 74.72 64.66 -48.10
C GLU F 198 74.24 63.21 -48.32
N CYS F 199 74.01 62.84 -49.58
CA CYS F 199 73.67 61.46 -50.02
C CYS F 199 74.93 60.79 -50.56
N MET F 200 75.20 59.55 -50.13
CA MET F 200 76.30 58.70 -50.65
C MET F 200 75.68 57.52 -51.41
N VAL F 201 75.43 57.71 -52.72
CA VAL F 201 74.78 56.71 -53.61
C VAL F 201 75.67 55.45 -53.68
N ILE F 202 75.07 54.30 -53.40
CA ILE F 202 75.68 52.94 -53.49
C ILE F 202 74.92 52.18 -54.58
N ASP F 203 75.59 51.27 -55.30
CA ASP F 203 74.99 50.40 -56.35
C ASP F 203 75.42 48.95 -56.09
N ASN F 204 74.49 48.01 -56.29
CA ASN F 204 74.75 46.55 -56.15
C ASN F 204 75.71 46.13 -57.26
N GLU F 205 75.42 46.51 -58.50
CA GLU F 205 76.27 46.25 -59.69
C GLU F 205 77.73 46.50 -59.30
N ALA F 206 78.03 47.74 -58.91
CA ALA F 206 79.40 48.22 -58.60
C ALA F 206 80.03 47.34 -57.52
N LEU F 207 79.30 47.10 -56.42
CA LEU F 207 79.79 46.29 -55.28
C LEU F 207 80.19 44.91 -55.80
N TYR F 208 79.32 44.24 -56.54
CA TYR F 208 79.61 42.93 -57.18
C TYR F 208 80.95 43.03 -57.90
N ASP F 209 81.09 44.02 -58.79
CA ASP F 209 82.31 44.25 -59.61
C ASP F 209 83.53 44.27 -58.70
N ILE F 210 83.45 45.00 -57.58
CA ILE F 210 84.54 45.07 -56.57
C ILE F 210 84.81 43.64 -56.08
N CYS F 211 83.75 42.82 -55.90
CA CYS F 211 83.85 41.44 -55.37
C CYS F 211 84.39 40.45 -56.42
N PHE F 212 84.24 40.71 -57.72
CA PHE F 212 84.73 39.82 -58.81
C PHE F 212 86.11 40.29 -59.31
N ARG F 213 86.43 41.59 -59.26
CA ARG F 213 87.68 42.16 -59.83
C ARG F 213 88.67 42.52 -58.72
N THR F 214 88.41 43.58 -57.94
CA THR F 214 89.32 44.15 -56.91
C THR F 214 89.67 43.05 -55.89
N LEU F 215 88.66 42.56 -55.16
CA LEU F 215 88.72 41.27 -54.42
C LEU F 215 88.40 40.18 -55.44
N LYS F 216 88.77 38.93 -55.16
CA LYS F 216 88.48 37.77 -56.05
C LYS F 216 87.67 36.75 -55.25
N LEU F 217 86.40 37.06 -55.03
CA LEU F 217 85.42 36.18 -54.34
C LEU F 217 84.72 35.32 -55.39
N THR F 218 84.62 34.02 -55.13
CA THR F 218 83.91 33.02 -55.96
C THR F 218 82.40 33.21 -55.77
N THR F 219 81.96 33.33 -54.51
CA THR F 219 80.54 33.44 -54.10
C THR F 219 80.37 34.69 -53.23
N PRO F 220 80.29 35.89 -53.84
CA PRO F 220 79.90 37.10 -53.10
C PRO F 220 78.40 37.08 -52.74
N THR F 221 78.09 36.84 -51.46
CA THR F 221 76.73 36.90 -50.88
C THR F 221 76.39 38.36 -50.54
N TYR F 222 75.11 38.66 -50.29
CA TYR F 222 74.66 39.99 -49.80
C TYR F 222 75.33 40.25 -48.43
N GLY F 223 75.77 39.20 -47.74
CA GLY F 223 76.72 39.31 -46.63
C GLY F 223 77.90 40.21 -46.99
N ASP F 224 78.63 39.86 -48.04
CA ASP F 224 79.94 40.49 -48.40
C ASP F 224 79.72 41.90 -48.97
N LEU F 225 78.75 42.06 -49.89
CA LEU F 225 78.42 43.40 -50.46
C LEU F 225 78.22 44.39 -49.31
N ASN F 226 77.51 43.99 -48.25
CA ASN F 226 77.19 44.84 -47.07
C ASN F 226 78.47 45.20 -46.32
N HIS F 227 79.40 44.25 -46.19
CA HIS F 227 80.71 44.45 -45.50
C HIS F 227 81.41 45.67 -46.10
N LEU F 228 81.47 45.76 -47.43
CA LEU F 228 82.15 46.84 -48.19
C LEU F 228 81.46 48.17 -47.87
N VAL F 229 80.13 48.21 -47.94
CA VAL F 229 79.29 49.42 -47.62
C VAL F 229 79.58 49.84 -46.18
N SER F 230 79.61 48.87 -45.26
CA SER F 230 79.85 49.08 -43.81
C SER F 230 81.25 49.64 -43.56
N ALA F 231 82.28 49.05 -44.19
CA ALA F 231 83.70 49.48 -44.08
C ALA F 231 83.79 50.98 -44.36
N ALA F 232 83.22 51.42 -45.49
CA ALA F 232 83.13 52.84 -45.90
C ALA F 232 82.36 53.63 -44.83
N MET F 233 81.20 53.14 -44.41
CA MET F 233 80.29 53.80 -43.44
C MET F 233 81.06 54.17 -42.17
N SER F 234 81.95 53.27 -41.73
CA SER F 234 82.95 53.54 -40.67
C SER F 234 83.78 54.77 -41.09
N GLY F 235 84.48 54.66 -42.22
CA GLY F 235 85.48 55.63 -42.72
C GLY F 235 84.98 57.06 -42.74
N VAL F 236 83.73 57.29 -43.15
CA VAL F 236 83.14 58.65 -43.36
C VAL F 236 83.08 59.37 -42.00
N THR F 237 82.80 58.64 -40.92
CA THR F 237 82.62 59.17 -39.55
C THR F 237 83.61 58.49 -38.58
N CYS F 238 84.91 58.57 -38.88
CA CYS F 238 86.01 57.98 -38.09
C CYS F 238 86.60 59.02 -37.13
N CYS F 239 87.00 60.16 -37.68
CA CYS F 239 87.74 61.25 -36.99
C CYS F 239 86.92 61.80 -35.80
N LEU F 240 85.61 61.59 -35.80
CA LEU F 240 84.73 61.81 -34.62
C LEU F 240 85.15 60.88 -33.48
N ARG F 241 85.38 59.60 -33.81
CA ARG F 241 85.43 58.48 -32.84
C ARG F 241 86.86 58.21 -32.35
N PHE F 242 87.85 58.88 -32.94
CA PHE F 242 89.29 58.67 -32.65
C PHE F 242 90.01 60.01 -32.75
N PRO F 243 91.31 60.10 -32.35
CA PRO F 243 92.14 61.26 -32.66
C PRO F 243 92.51 61.39 -34.16
N GLY F 244 93.20 62.49 -34.50
CA GLY F 244 93.73 62.74 -35.85
C GLY F 244 94.76 63.86 -35.87
N GLN F 245 95.78 63.73 -36.73
CA GLN F 245 96.79 64.79 -37.01
C GLN F 245 96.05 65.99 -37.63
N LEU F 246 95.03 65.73 -38.46
CA LEU F 246 94.07 66.74 -38.98
C LEU F 246 92.66 66.14 -38.90
N ASN F 247 91.86 66.54 -37.90
CA ASN F 247 90.50 66.00 -37.63
C ASN F 247 89.49 66.53 -38.64
N SER F 248 88.38 65.80 -38.79
CA SER F 248 87.20 66.14 -39.64
C SER F 248 85.91 65.68 -38.93
N ASP F 249 84.76 65.95 -39.56
CA ASP F 249 83.44 65.43 -39.15
C ASP F 249 82.49 65.53 -40.35
N LEU F 250 81.29 64.96 -40.21
CA LEU F 250 80.24 64.99 -41.25
C LEU F 250 80.13 66.43 -41.79
N ARG F 251 79.82 67.37 -40.92
CA ARG F 251 79.60 68.78 -41.29
C ARG F 251 80.78 69.21 -42.17
N LYS F 252 82.00 69.00 -41.68
CA LYS F 252 83.23 69.50 -42.35
C LYS F 252 83.24 68.98 -43.78
N LEU F 253 82.93 67.69 -43.98
CA LEU F 253 82.92 67.04 -45.34
C LEU F 253 81.92 67.78 -46.23
N ALA F 254 80.63 67.78 -45.82
CA ALA F 254 79.52 68.47 -46.52
C ALA F 254 80.03 69.83 -47.01
N VAL F 255 80.50 70.67 -46.07
CA VAL F 255 80.93 72.08 -46.32
C VAL F 255 81.93 72.12 -47.48
N ASN F 256 82.73 71.08 -47.67
CA ASN F 256 83.78 71.03 -48.74
C ASN F 256 83.37 70.09 -49.88
N LEU F 257 82.24 69.39 -49.77
CA LEU F 257 81.78 68.40 -50.79
C LEU F 257 80.58 68.92 -51.61
N ILE F 258 79.87 69.95 -51.13
CA ILE F 258 78.60 70.44 -51.73
C ILE F 258 78.79 71.89 -52.16
N PRO F 259 79.14 72.16 -53.43
CA PRO F 259 79.28 73.54 -53.90
C PRO F 259 77.95 74.31 -53.83
N PHE F 260 76.89 73.74 -54.39
CA PHE F 260 75.51 74.29 -54.37
C PHE F 260 74.58 73.27 -53.73
N PRO F 261 73.51 73.70 -53.02
CA PRO F 261 72.72 72.79 -52.16
C PRO F 261 72.19 71.50 -52.81
N ARG F 262 71.92 71.53 -54.13
CA ARG F 262 71.25 70.44 -54.89
C ARG F 262 72.26 69.36 -55.29
N LEU F 263 73.56 69.67 -55.30
CA LEU F 263 74.64 68.75 -55.73
C LEU F 263 75.24 68.06 -54.49
N HIS F 264 74.48 67.18 -53.85
CA HIS F 264 74.91 66.44 -52.63
C HIS F 264 74.74 64.93 -52.83
N PHE F 265 75.02 64.44 -54.04
CA PHE F 265 75.15 62.99 -54.34
C PHE F 265 76.64 62.69 -54.51
N PHE F 266 77.14 61.66 -53.81
CA PHE F 266 78.58 61.28 -53.73
C PHE F 266 78.77 59.78 -53.97
N MET F 267 79.97 59.43 -54.44
CA MET F 267 80.43 58.03 -54.66
C MET F 267 81.43 57.68 -53.56
N ILE F 268 81.09 56.72 -52.69
CA ILE F 268 82.00 56.22 -51.62
C ILE F 268 82.80 55.03 -52.19
N GLY F 269 84.04 54.84 -51.69
CA GLY F 269 85.00 53.85 -52.21
C GLY F 269 86.16 53.61 -51.25
N PHE F 270 86.31 52.39 -50.76
CA PHE F 270 87.32 51.98 -49.75
C PHE F 270 88.59 51.51 -50.49
N ALA F 271 89.75 52.05 -50.08
CA ALA F 271 91.02 52.05 -50.86
C ALA F 271 91.86 50.78 -50.69
N PRO F 272 92.06 50.24 -49.47
CA PRO F 272 93.00 49.13 -49.26
C PRO F 272 92.40 47.72 -49.44
N LEU F 273 91.20 47.59 -50.03
CA LEU F 273 90.53 46.31 -50.36
C LEU F 273 91.37 45.54 -51.37
N THR F 274 91.98 44.43 -50.96
CA THR F 274 92.84 43.58 -51.83
C THR F 274 92.40 42.12 -51.73
N SER F 275 92.38 41.43 -52.87
CA SER F 275 92.31 39.96 -52.99
C SER F 275 93.34 39.34 -52.05
N ARG F 276 92.98 38.22 -51.42
CA ARG F 276 93.78 37.55 -50.36
C ARG F 276 95.08 37.01 -50.95
N GLY F 277 94.99 36.37 -52.14
CA GLY F 277 96.14 35.84 -52.89
C GLY F 277 97.08 36.94 -53.38
N SER F 278 96.55 38.11 -53.73
CA SER F 278 97.30 39.28 -54.28
C SER F 278 97.70 40.24 -53.14
N GLN F 279 98.14 39.71 -51.99
CA GLN F 279 98.53 40.48 -50.77
C GLN F 279 100.06 40.48 -50.58
N GLN F 280 100.75 39.45 -51.05
CA GLN F 280 102.24 39.42 -51.15
C GLN F 280 102.70 40.56 -52.05
N TYR F 281 102.28 40.52 -53.33
CA TYR F 281 102.74 41.38 -54.46
C TYR F 281 102.45 42.86 -54.17
N ARG F 282 101.47 43.13 -53.28
CA ARG F 282 101.02 44.49 -52.87
C ARG F 282 101.72 44.90 -51.56
N ALA F 283 102.52 45.97 -51.61
CA ALA F 283 102.96 46.79 -50.46
C ALA F 283 101.83 47.76 -50.11
N LEU F 284 101.76 48.24 -48.86
CA LEU F 284 100.67 49.08 -48.35
C LEU F 284 101.22 50.46 -47.98
N THR F 285 101.47 51.29 -49.01
CA THR F 285 102.03 52.67 -48.92
C THR F 285 100.98 53.67 -49.41
N VAL F 286 100.93 54.87 -48.80
CA VAL F 286 99.96 55.95 -49.15
C VAL F 286 99.79 55.96 -50.67
N PRO F 287 100.86 56.15 -51.46
CA PRO F 287 100.74 56.23 -52.91
C PRO F 287 99.88 55.10 -53.49
N GLU F 288 100.09 53.87 -53.02
CA GLU F 288 99.37 52.67 -53.53
C GLU F 288 97.87 52.83 -53.23
N LEU F 289 97.53 53.36 -52.05
CA LEU F 289 96.11 53.51 -51.62
C LEU F 289 95.44 54.66 -52.35
N THR F 290 96.20 55.64 -52.83
CA THR F 290 95.67 56.78 -53.62
C THR F 290 95.36 56.33 -55.06
N GLN F 291 96.19 55.45 -55.65
CA GLN F 291 96.03 54.95 -57.05
C GLN F 291 94.71 54.18 -57.20
N GLN F 292 94.29 53.46 -56.16
CA GLN F 292 93.09 52.58 -56.19
C GLN F 292 91.82 53.40 -55.91
N MET F 293 91.83 54.31 -54.93
CA MET F 293 90.61 55.07 -54.55
C MET F 293 90.21 56.02 -55.67
N PHE F 294 91.15 56.39 -56.57
CA PHE F 294 90.89 57.19 -57.80
C PHE F 294 90.80 56.27 -59.04
N ASP F 295 90.81 54.94 -58.83
CA ASP F 295 90.42 53.93 -59.86
C ASP F 295 88.89 53.88 -59.94
N ALA F 296 88.34 54.07 -61.14
CA ALA F 296 86.89 54.01 -61.44
C ALA F 296 86.32 52.66 -60.99
N LYS F 297 87.15 51.62 -60.97
CA LYS F 297 86.80 50.24 -60.53
C LYS F 297 86.35 50.24 -59.07
N ASN F 298 87.05 51.00 -58.21
CA ASN F 298 86.91 50.96 -56.73
C ASN F 298 85.60 51.61 -56.29
N MET F 299 85.07 52.57 -57.05
CA MET F 299 83.85 53.34 -56.68
C MET F 299 82.66 52.38 -56.59
N MET F 300 81.83 52.54 -55.55
CA MET F 300 80.61 51.72 -55.32
C MET F 300 79.42 52.38 -56.01
N CYS F 301 79.63 52.89 -57.24
CA CYS F 301 78.59 53.46 -58.14
C CYS F 301 78.83 52.98 -59.57
N ALA F 302 77.76 52.79 -60.33
CA ALA F 302 77.76 52.30 -61.73
C ALA F 302 78.48 53.31 -62.64
N ALA F 303 78.18 54.61 -62.48
CA ALA F 303 78.69 55.71 -63.33
C ALA F 303 80.20 55.89 -63.10
N ASP F 304 80.97 55.79 -64.19
CA ASP F 304 82.44 55.95 -64.20
C ASP F 304 82.76 57.44 -64.10
N PRO F 305 83.60 57.89 -63.14
CA PRO F 305 84.00 59.29 -63.07
C PRO F 305 84.52 59.85 -64.41
N ARG F 306 85.30 59.04 -65.14
CA ARG F 306 85.98 59.41 -66.41
C ARG F 306 85.07 60.28 -67.28
N HIS F 307 83.88 59.79 -67.62
CA HIS F 307 82.86 60.52 -68.40
C HIS F 307 82.67 61.90 -67.75
N GLY F 308 82.29 61.90 -66.47
CA GLY F 308 82.04 63.11 -65.67
C GLY F 308 83.32 63.84 -65.31
N ARG F 309 83.21 64.82 -64.41
CA ARG F 309 84.32 65.63 -63.83
C ARG F 309 84.02 65.86 -62.35
N TYR F 310 85.02 65.69 -61.48
CA TYR F 310 84.93 65.90 -60.01
C TYR F 310 84.79 67.40 -59.69
N LEU F 311 83.58 67.85 -59.35
CA LEU F 311 83.31 69.20 -58.78
C LEU F 311 84.18 69.38 -57.54
N THR F 312 84.29 68.32 -56.74
CA THR F 312 85.15 68.23 -55.53
C THR F 312 85.30 66.75 -55.15
N ALA F 313 86.04 66.49 -54.07
CA ALA F 313 86.29 65.15 -53.50
C ALA F 313 86.58 65.28 -52.01
N SER F 314 86.88 64.15 -51.35
CA SER F 314 87.42 64.06 -49.98
C SER F 314 87.99 62.65 -49.73
N ALA F 315 89.24 62.59 -49.28
CA ALA F 315 89.88 61.36 -48.74
C ALA F 315 89.93 61.47 -47.23
N LEU F 316 89.59 60.38 -46.53
CA LEU F 316 89.67 60.24 -45.05
C LEU F 316 90.65 59.11 -44.73
N PHE F 317 91.95 59.42 -44.86
CA PHE F 317 93.07 58.50 -44.60
C PHE F 317 93.04 58.05 -43.13
N ARG F 318 93.57 56.86 -42.88
CA ARG F 318 93.52 56.14 -41.58
C ARG F 318 94.92 55.60 -41.24
N GLY F 319 95.22 55.49 -39.95
CA GLY F 319 96.51 54.94 -39.47
C GLY F 319 97.59 56.01 -39.37
N ARG F 320 98.84 55.57 -39.18
CA ARG F 320 100.02 56.46 -39.01
C ARG F 320 100.62 56.69 -40.39
N MET F 321 100.33 57.85 -41.00
CA MET F 321 100.95 58.31 -42.27
C MET F 321 101.42 59.75 -42.10
N SER F 322 102.65 60.02 -42.56
CA SER F 322 103.18 61.38 -42.80
C SER F 322 102.16 62.17 -43.63
N THR F 323 101.72 63.31 -43.11
CA THR F 323 100.71 64.20 -43.74
C THR F 323 101.27 64.79 -45.03
N LYS F 324 102.57 65.09 -45.05
CA LYS F 324 103.28 65.63 -46.25
C LYS F 324 103.06 64.66 -47.42
N GLU F 325 103.41 63.40 -47.23
CA GLU F 325 103.30 62.32 -48.25
C GLU F 325 101.86 62.24 -48.76
N VAL F 326 100.87 62.31 -47.87
CA VAL F 326 99.43 62.39 -48.26
C VAL F 326 99.27 63.62 -49.16
N ASP F 327 99.65 64.79 -48.66
CA ASP F 327 99.43 66.09 -49.35
C ASP F 327 100.03 66.04 -50.77
N GLU F 328 101.23 65.48 -50.93
CA GLU F 328 101.92 65.33 -52.25
C GLU F 328 101.02 64.59 -53.25
N GLN F 329 100.52 63.41 -52.85
CA GLN F 329 99.67 62.55 -53.71
C GLN F 329 98.44 63.36 -54.13
N MET F 330 97.72 63.95 -53.16
CA MET F 330 96.49 64.75 -53.41
C MET F 330 96.82 65.89 -54.38
N LEU F 331 98.05 66.40 -54.33
CA LEU F 331 98.58 67.34 -55.35
C LEU F 331 98.82 66.57 -56.65
N ASN F 332 99.69 65.55 -56.62
CA ASN F 332 100.11 64.76 -57.80
C ASN F 332 98.87 64.39 -58.63
N VAL F 333 97.91 63.71 -58.00
CA VAL F 333 96.62 63.26 -58.62
C VAL F 333 96.03 64.44 -59.38
N GLN F 334 95.86 65.58 -58.73
CA GLN F 334 95.13 66.74 -59.30
C GLN F 334 95.82 67.20 -60.59
N ASN F 335 97.15 67.16 -60.66
CA ASN F 335 97.91 67.57 -61.86
C ASN F 335 97.68 66.55 -62.99
N LYS F 336 97.72 65.26 -62.65
CA LYS F 336 97.47 64.12 -63.58
C LYS F 336 96.10 64.31 -64.23
N ASN F 337 95.05 64.33 -63.41
CA ASN F 337 93.64 64.29 -63.85
C ASN F 337 93.21 65.71 -64.23
N SER F 338 93.94 66.34 -65.16
CA SER F 338 93.74 67.75 -65.61
C SER F 338 92.27 67.96 -66.01
N SER F 339 91.75 67.08 -66.88
CA SER F 339 90.35 67.03 -67.35
C SER F 339 89.42 66.81 -66.16
N TYR F 340 89.52 65.63 -65.53
CA TYR F 340 88.52 65.09 -64.57
C TYR F 340 88.39 66.01 -63.35
N PHE F 341 89.18 67.09 -63.26
CA PHE F 341 89.01 68.14 -62.22
C PHE F 341 88.55 69.46 -62.84
N VAL F 342 87.48 70.02 -62.25
CA VAL F 342 86.80 71.28 -62.67
C VAL F 342 87.79 72.45 -62.59
N GLU F 343 87.78 73.29 -63.64
CA GLU F 343 88.71 74.44 -63.80
C GLU F 343 88.55 75.35 -62.59
N TRP F 344 87.38 75.98 -62.43
CA TRP F 344 87.07 76.82 -61.24
C TRP F 344 87.11 75.89 -60.03
N ILE F 345 87.25 76.47 -58.84
CA ILE F 345 87.50 75.75 -57.56
C ILE F 345 88.78 74.93 -57.74
N PRO F 346 89.97 75.54 -57.53
CA PRO F 346 91.23 74.80 -57.51
C PRO F 346 91.51 74.22 -56.12
N ASN F 347 92.48 73.29 -56.07
CA ASN F 347 92.77 72.39 -54.92
C ASN F 347 91.49 71.60 -54.59
N ASN F 348 90.90 71.01 -55.63
CA ASN F 348 89.59 70.30 -55.63
C ASN F 348 89.50 69.31 -54.47
N ILE F 349 90.55 68.53 -54.24
CA ILE F 349 90.51 67.41 -53.26
C ILE F 349 90.73 67.98 -51.86
N LYS F 350 89.94 67.51 -50.90
CA LYS F 350 90.16 67.68 -49.45
C LYS F 350 90.87 66.44 -48.92
N SER F 351 91.63 66.58 -47.82
CA SER F 351 92.23 65.45 -47.03
C SER F 351 91.75 65.53 -45.58
N SER F 352 91.77 64.37 -44.91
CA SER F 352 91.52 64.20 -43.47
C SER F 352 92.31 62.98 -42.97
N ILE F 353 93.15 63.18 -41.96
CA ILE F 353 94.02 62.12 -41.34
C ILE F 353 93.38 61.73 -40.00
N CYS F 354 93.33 60.43 -39.70
CA CYS F 354 92.90 59.90 -38.38
C CYS F 354 93.90 58.85 -37.89
N ASP F 355 94.44 59.03 -36.68
CA ASP F 355 95.60 58.28 -36.14
C ASP F 355 95.31 56.78 -36.10
N ILE F 356 94.07 56.39 -35.78
CA ILE F 356 93.68 54.97 -35.58
C ILE F 356 93.22 54.40 -36.92
N PRO F 357 93.87 53.33 -37.43
CA PRO F 357 93.41 52.63 -38.63
C PRO F 357 92.27 51.69 -38.29
N PRO F 358 91.66 50.99 -39.26
CA PRO F 358 90.70 49.92 -38.96
C PRO F 358 91.43 48.68 -38.42
N LYS F 359 90.68 47.72 -37.85
CA LYS F 359 91.23 46.49 -37.21
C LYS F 359 91.91 45.61 -38.27
N GLY F 360 93.13 45.14 -37.99
CA GLY F 360 93.90 44.20 -38.83
C GLY F 360 94.35 44.84 -40.14
N LEU F 361 94.68 46.14 -40.11
CA LEU F 361 95.23 46.92 -41.26
C LEU F 361 96.11 48.04 -40.69
N LYS F 362 97.27 48.30 -41.32
CA LYS F 362 98.25 49.31 -40.87
C LYS F 362 97.77 50.69 -41.34
N MET F 363 97.50 50.82 -42.64
CA MET F 363 96.90 52.03 -43.29
C MET F 363 95.55 51.66 -43.89
N ALA F 364 94.83 52.69 -44.35
CA ALA F 364 93.54 52.59 -45.09
C ALA F 364 93.12 53.99 -45.53
N VAL F 365 92.05 54.09 -46.33
CA VAL F 365 91.42 55.37 -46.76
C VAL F 365 89.92 55.13 -46.92
N THR F 366 89.15 56.20 -47.01
CA THR F 366 87.72 56.19 -47.44
C THR F 366 87.46 57.43 -48.31
N PHE F 367 87.20 57.23 -49.60
CA PHE F 367 86.98 58.30 -50.61
C PHE F 367 85.51 58.73 -50.58
N VAL F 368 85.23 59.99 -50.91
CA VAL F 368 83.86 60.55 -51.10
C VAL F 368 83.93 61.61 -52.23
N GLY F 369 83.37 61.32 -53.40
CA GLY F 369 83.57 62.09 -54.66
C GLY F 369 82.29 62.65 -55.24
N ASN F 370 82.06 63.95 -55.09
CA ASN F 370 80.96 64.68 -55.78
C ASN F 370 81.43 64.97 -57.22
N SER F 371 81.10 64.09 -58.17
CA SER F 371 81.41 64.24 -59.62
C SER F 371 80.12 64.41 -60.42
N THR F 372 80.26 64.89 -61.65
CA THR F 372 79.17 65.14 -62.62
C THR F 372 78.87 63.85 -63.40
N ALA F 373 79.64 62.78 -63.17
CA ALA F 373 79.36 61.41 -63.65
C ALA F 373 78.06 60.89 -63.02
N ILE F 374 77.80 61.26 -61.77
CA ILE F 374 76.69 60.72 -60.93
C ILE F 374 75.38 60.91 -61.71
N GLN F 375 75.29 61.96 -62.54
CA GLN F 375 74.26 62.10 -63.61
C GLN F 375 73.95 60.76 -64.25
N GLU F 376 74.97 60.13 -64.84
CA GLU F 376 74.85 58.96 -65.75
C GLU F 376 73.93 57.92 -65.10
N MET F 377 74.04 57.70 -63.78
CA MET F 377 73.23 56.69 -63.03
C MET F 377 71.79 57.20 -62.84
N PHE F 378 71.57 58.52 -62.78
CA PHE F 378 70.24 59.16 -62.65
C PHE F 378 69.60 59.38 -64.03
N LYS F 379 70.32 59.13 -65.12
CA LYS F 379 69.72 59.03 -66.47
C LYS F 379 69.15 57.63 -66.66
N ARG F 380 69.90 56.59 -66.27
CA ARG F 380 69.50 55.16 -66.40
C ARG F 380 68.15 54.97 -65.71
N VAL F 381 67.94 55.57 -64.54
CA VAL F 381 66.64 55.53 -63.79
C VAL F 381 65.60 56.38 -64.55
N ALA F 382 66.01 57.49 -65.18
CA ALA F 382 65.13 58.40 -65.95
C ALA F 382 64.59 57.67 -67.19
N GLU F 383 65.49 57.18 -68.06
CA GLU F 383 65.15 56.46 -69.33
C GLU F 383 64.12 55.37 -69.04
N GLN F 384 64.46 54.46 -68.12
CA GLN F 384 63.60 53.34 -67.66
C GLN F 384 62.22 53.90 -67.26
N PHE F 385 62.21 54.82 -66.28
CA PHE F 385 60.99 55.44 -65.69
C PHE F 385 60.10 56.02 -66.78
N THR F 386 60.72 56.72 -67.72
CA THR F 386 60.01 57.36 -68.86
C THR F 386 59.31 56.28 -69.67
N ALA F 387 60.01 55.20 -70.05
CA ALA F 387 59.50 54.11 -70.93
C ALA F 387 58.24 53.44 -70.33
N MET F 388 58.14 53.37 -69.00
CA MET F 388 56.95 52.88 -68.27
C MET F 388 55.83 53.95 -68.33
N PHE F 389 56.16 55.19 -67.98
CA PHE F 389 55.17 56.28 -67.71
C PHE F 389 54.61 56.89 -69.02
N ARG F 390 55.22 56.65 -70.18
CA ARG F 390 54.60 56.96 -71.50
C ARG F 390 53.31 56.15 -71.69
N ARG F 391 53.16 55.02 -70.98
CA ARG F 391 51.99 54.10 -71.09
C ARG F 391 51.26 53.88 -69.75
N LYS F 392 51.78 54.39 -68.62
CA LYS F 392 51.14 54.39 -67.26
C LYS F 392 51.04 52.96 -66.70
N ALA F 393 52.02 52.13 -67.00
CA ALA F 393 52.13 50.73 -66.54
C ALA F 393 52.40 50.73 -65.04
N PHE F 394 51.95 49.68 -64.35
CA PHE F 394 52.15 49.43 -62.89
C PHE F 394 51.71 50.63 -62.05
N LEU F 395 51.08 51.64 -62.67
CA LEU F 395 50.76 52.95 -62.06
C LEU F 395 49.56 52.75 -61.14
N HIS F 396 48.51 52.08 -61.65
CA HIS F 396 47.26 51.82 -60.90
C HIS F 396 47.66 51.48 -59.47
N TRP F 397 48.63 50.58 -59.30
CA TRP F 397 49.15 50.22 -57.96
C TRP F 397 49.38 51.48 -57.14
N TYR F 398 50.17 52.41 -57.68
CA TYR F 398 50.55 53.67 -57.01
C TYR F 398 49.32 54.56 -56.85
N THR F 399 48.50 54.66 -57.91
CA THR F 399 47.27 55.50 -57.96
C THR F 399 46.29 55.09 -56.86
N GLY F 400 46.17 53.78 -56.59
CA GLY F 400 45.21 53.19 -55.64
C GLY F 400 45.38 53.68 -54.21
N GLU F 401 46.62 53.99 -53.80
CA GLU F 401 46.98 54.25 -52.39
C GLU F 401 46.69 55.72 -52.02
N GLY F 402 46.52 56.59 -53.00
CA GLY F 402 46.24 58.03 -52.80
C GLY F 402 47.43 58.92 -53.14
N MET F 403 48.20 58.52 -54.15
CA MET F 403 49.20 59.37 -54.87
C MET F 403 48.64 59.68 -56.26
N ASP F 404 48.79 60.92 -56.72
CA ASP F 404 48.17 61.42 -57.97
C ASP F 404 49.20 61.35 -59.09
N GLU F 405 48.75 61.40 -60.35
CA GLU F 405 49.63 61.38 -61.55
C GLU F 405 50.51 62.64 -61.60
N MET F 406 50.06 63.73 -60.97
CA MET F 406 50.83 65.01 -60.85
C MET F 406 52.20 64.72 -60.22
N GLU F 407 52.21 64.02 -59.09
CA GLU F 407 53.43 63.67 -58.31
C GLU F 407 54.47 63.01 -59.24
N PHE F 408 54.05 62.06 -60.06
CA PHE F 408 54.95 61.31 -60.98
C PHE F 408 55.63 62.27 -61.95
N THR F 409 54.88 63.28 -62.45
CA THR F 409 55.38 64.28 -63.43
C THR F 409 56.41 65.20 -62.73
N GLU F 410 56.10 65.70 -61.54
CA GLU F 410 56.98 66.66 -60.81
C GLU F 410 58.25 65.93 -60.37
N ALA F 411 58.13 64.67 -59.93
CA ALA F 411 59.28 63.79 -59.60
C ALA F 411 60.20 63.71 -60.82
N GLU F 412 59.63 63.41 -61.99
CA GLU F 412 60.37 63.31 -63.28
C GLU F 412 60.98 64.68 -63.61
N SER F 413 60.24 65.77 -63.40
CA SER F 413 60.68 67.16 -63.67
C SER F 413 61.82 67.55 -62.72
N ASN F 414 61.73 67.13 -61.45
CA ASN F 414 62.71 67.45 -60.37
C ASN F 414 64.02 66.69 -60.59
N MET F 415 63.94 65.42 -60.99
CA MET F 415 65.11 64.58 -61.32
C MET F 415 65.74 65.03 -62.64
N ASN F 416 64.94 65.54 -63.60
CA ASN F 416 65.42 66.07 -64.89
C ASN F 416 66.32 67.30 -64.65
N ASP F 417 65.89 68.19 -63.76
CA ASP F 417 66.63 69.43 -63.37
C ASP F 417 68.00 69.05 -62.81
N LEU F 418 68.04 68.14 -61.82
CA LEU F 418 69.29 67.59 -61.23
C LEU F 418 70.22 67.21 -62.38
N VAL F 419 69.73 66.36 -63.28
CA VAL F 419 70.47 65.83 -64.46
C VAL F 419 70.76 67.00 -65.42
N SER F 420 70.02 68.10 -65.33
CA SER F 420 70.41 69.40 -65.96
C SER F 420 71.59 70.00 -65.17
N GLU F 421 71.39 70.27 -63.88
CA GLU F 421 72.29 71.16 -63.10
C GLU F 421 73.71 70.60 -63.09
N TYR F 422 73.87 69.30 -62.85
CA TYR F 422 75.19 68.63 -62.87
C TYR F 422 75.83 68.79 -64.25
N GLN F 423 75.04 68.80 -65.34
CA GLN F 423 75.59 68.88 -66.73
C GLN F 423 76.14 70.29 -66.94
N GLN F 424 75.37 71.33 -66.60
CA GLN F 424 75.81 72.75 -66.67
C GLN F 424 77.24 72.85 -66.13
N TYR F 425 77.44 72.40 -64.88
CA TYR F 425 78.72 72.54 -64.12
C TYR F 425 79.80 71.61 -64.69
N GLN F 426 79.42 70.59 -65.46
CA GLN F 426 80.38 69.74 -66.20
C GLN F 426 80.96 70.56 -67.34
N ASP F 427 80.09 71.13 -68.18
CA ASP F 427 80.43 71.81 -69.44
C ASP F 427 80.98 73.22 -69.14
N ALA F 428 80.54 73.84 -68.04
CA ALA F 428 80.88 75.22 -67.62
C ALA F 428 82.41 75.38 -67.50
N THR F 429 82.94 76.54 -67.93
CA THR F 429 84.39 76.88 -67.99
C THR F 429 84.63 78.24 -67.33
N ALA F 430 85.32 78.24 -66.18
CA ALA F 430 85.71 79.46 -65.41
C ALA F 430 87.03 79.21 -64.68
N MET G 1 -32.31 -22.82 -21.06
CA MET G 1 -30.98 -22.95 -21.73
C MET G 1 -31.19 -23.46 -23.16
N ARG G 2 -31.65 -22.56 -24.04
CA ARG G 2 -31.77 -22.78 -25.50
C ARG G 2 -32.80 -23.88 -25.81
N GLU G 3 -33.77 -24.12 -24.90
CA GLU G 3 -34.80 -25.17 -25.04
C GLU G 3 -35.75 -24.83 -26.20
N VAL G 4 -36.10 -25.83 -27.00
CA VAL G 4 -37.08 -25.74 -28.13
C VAL G 4 -38.05 -26.92 -28.00
N ILE G 5 -39.34 -26.64 -27.81
CA ILE G 5 -40.43 -27.66 -27.85
C ILE G 5 -40.80 -27.87 -29.33
N SER G 6 -40.84 -29.13 -29.77
CA SER G 6 -41.24 -29.54 -31.14
C SER G 6 -42.64 -30.16 -31.10
N ILE G 7 -43.60 -29.56 -31.83
CA ILE G 7 -45.01 -30.05 -31.92
C ILE G 7 -45.22 -30.65 -33.32
N HIS G 8 -45.26 -31.98 -33.42
CA HIS G 8 -45.47 -32.73 -34.69
C HIS G 8 -46.95 -33.15 -34.79
N VAL G 9 -47.70 -32.50 -35.69
CA VAL G 9 -49.17 -32.67 -35.84
C VAL G 9 -49.45 -33.27 -37.23
N GLY G 10 -50.24 -34.35 -37.29
CA GLY G 10 -50.61 -35.03 -38.54
C GLY G 10 -49.53 -35.99 -39.02
N GLN G 11 -49.87 -36.85 -39.99
CA GLN G 11 -48.97 -37.88 -40.56
C GLN G 11 -47.68 -37.21 -41.06
N GLY G 12 -47.81 -36.26 -41.98
CA GLY G 12 -46.68 -35.49 -42.53
C GLY G 12 -45.80 -34.95 -41.43
N GLY G 13 -46.43 -34.31 -40.43
CA GLY G 13 -45.75 -33.78 -39.22
C GLY G 13 -44.95 -34.85 -38.50
N ILE G 14 -45.60 -35.96 -38.09
CA ILE G 14 -44.98 -37.06 -37.31
C ILE G 14 -43.84 -37.68 -38.14
N GLN G 15 -44.10 -38.03 -39.40
CA GLN G 15 -43.12 -38.76 -40.27
C GLN G 15 -41.91 -37.87 -40.53
N VAL G 16 -42.11 -36.58 -40.78
CA VAL G 16 -41.01 -35.56 -40.83
C VAL G 16 -40.30 -35.59 -39.49
N GLY G 17 -41.07 -35.56 -38.39
CA GLY G 17 -40.55 -35.63 -37.00
C GLY G 17 -39.58 -36.80 -36.84
N ASN G 18 -40.02 -38.02 -37.17
CA ASN G 18 -39.22 -39.26 -37.05
C ASN G 18 -37.83 -39.00 -37.63
N ALA G 19 -37.76 -38.47 -38.85
CA ALA G 19 -36.52 -38.17 -39.59
C ALA G 19 -35.68 -37.12 -38.85
N CYS G 20 -36.32 -36.09 -38.27
CA CYS G 20 -35.65 -35.02 -37.49
C CYS G 20 -34.95 -35.62 -36.26
N TRP G 21 -35.64 -36.51 -35.53
CA TRP G 21 -35.17 -37.06 -34.23
C TRP G 21 -34.13 -38.18 -34.45
N GLU G 22 -34.13 -38.83 -35.62
CA GLU G 22 -32.99 -39.69 -36.06
C GLU G 22 -31.72 -38.84 -36.13
N LEU G 23 -31.82 -37.69 -36.81
CA LEU G 23 -30.70 -36.76 -37.09
C LEU G 23 -30.19 -36.18 -35.75
N PHE G 24 -31.08 -35.65 -34.92
CA PHE G 24 -30.74 -35.04 -33.62
C PHE G 24 -30.03 -36.07 -32.73
N CYS G 25 -30.62 -37.26 -32.61
CA CYS G 25 -30.07 -38.40 -31.81
C CYS G 25 -28.63 -38.70 -32.25
N LEU G 26 -28.39 -38.76 -33.57
CA LEU G 26 -27.04 -38.99 -34.16
C LEU G 26 -26.12 -37.79 -33.85
N GLU G 27 -26.64 -36.57 -33.95
CA GLU G 27 -25.87 -35.30 -33.77
C GLU G 27 -25.34 -35.20 -32.33
N HIS G 28 -26.19 -35.46 -31.34
CA HIS G 28 -25.85 -35.37 -29.89
C HIS G 28 -25.28 -36.69 -29.38
N GLY G 29 -25.36 -37.76 -30.17
CA GLY G 29 -24.80 -39.09 -29.83
C GLY G 29 -25.72 -39.88 -28.90
N ILE G 30 -27.02 -39.54 -28.84
CA ILE G 30 -28.05 -40.30 -28.09
C ILE G 30 -28.38 -41.56 -28.89
N GLN G 31 -28.33 -42.72 -28.21
CA GLN G 31 -28.69 -44.05 -28.78
C GLN G 31 -30.20 -44.22 -28.70
N PRO G 32 -30.81 -45.21 -29.41
CA PRO G 32 -32.25 -45.41 -29.37
C PRO G 32 -32.88 -45.61 -27.97
N ASP G 33 -32.14 -46.20 -27.03
CA ASP G 33 -32.56 -46.39 -25.62
C ASP G 33 -32.77 -45.03 -24.94
N GLY G 34 -32.04 -44.00 -25.38
CA GLY G 34 -32.10 -42.63 -24.82
C GLY G 34 -30.98 -42.37 -23.84
N GLN G 35 -29.98 -43.27 -23.76
CA GLN G 35 -28.75 -43.13 -22.95
C GLN G 35 -27.58 -42.86 -23.90
N MET G 36 -26.99 -41.67 -23.84
CA MET G 36 -25.69 -41.34 -24.49
C MET G 36 -24.62 -42.24 -23.88
N PRO G 37 -23.69 -42.82 -24.68
CA PRO G 37 -22.53 -43.52 -24.12
C PRO G 37 -21.48 -42.51 -23.62
N SER G 38 -21.19 -42.50 -22.32
CA SER G 38 -20.23 -41.57 -21.65
C SER G 38 -18.80 -41.93 -22.10
N ASP G 39 -18.32 -41.26 -23.16
CA ASP G 39 -17.00 -41.52 -23.80
C ASP G 39 -16.23 -40.19 -23.92
N LYS G 40 -14.94 -40.28 -24.29
CA LYS G 40 -13.89 -39.21 -24.30
C LYS G 40 -13.48 -38.85 -22.86
N THR G 41 -13.94 -39.60 -21.85
CA THR G 41 -13.64 -39.45 -20.39
C THR G 41 -13.96 -38.02 -19.88
N ILE G 42 -14.75 -37.24 -20.62
CA ILE G 42 -15.19 -35.84 -20.32
C ILE G 42 -16.57 -35.65 -20.96
N GLY G 43 -17.46 -34.89 -20.31
CA GLY G 43 -18.73 -34.42 -20.92
C GLY G 43 -18.47 -33.36 -21.98
N GLY G 44 -18.00 -33.77 -23.16
CA GLY G 44 -17.55 -32.88 -24.25
C GLY G 44 -18.72 -32.32 -25.04
N GLY G 45 -19.72 -33.17 -25.36
CA GLY G 45 -21.02 -32.78 -25.94
C GLY G 45 -22.10 -32.63 -24.89
N ASP G 46 -21.72 -32.27 -23.65
CA ASP G 46 -22.63 -32.06 -22.50
C ASP G 46 -23.32 -30.70 -22.66
N ASP G 47 -24.65 -30.67 -22.50
CA ASP G 47 -25.55 -29.46 -22.57
C ASP G 47 -25.88 -29.07 -24.02
N ALA G 48 -25.21 -29.66 -25.02
CA ALA G 48 -25.56 -29.52 -26.45
C ALA G 48 -27.03 -29.92 -26.64
N PHE G 49 -27.40 -31.10 -26.14
CA PHE G 49 -28.73 -31.75 -26.31
C PHE G 49 -29.83 -30.92 -25.64
N ASN G 50 -29.52 -30.18 -24.55
CA ASN G 50 -30.53 -29.51 -23.69
C ASN G 50 -31.49 -28.65 -24.51
N THR G 51 -31.11 -28.25 -25.73
CA THR G 51 -32.02 -27.65 -26.75
C THR G 51 -33.23 -28.57 -26.97
N PHE G 52 -32.99 -29.84 -27.32
CA PHE G 52 -34.01 -30.76 -27.87
C PHE G 52 -34.34 -31.90 -26.90
N PHE G 53 -33.40 -32.34 -26.05
CA PHE G 53 -33.61 -33.45 -25.09
C PHE G 53 -33.55 -32.93 -23.65
N SER G 54 -34.35 -33.53 -22.76
CA SER G 54 -34.41 -33.23 -21.31
C SER G 54 -33.82 -34.40 -20.52
N GLU G 55 -32.70 -34.18 -19.83
CA GLU G 55 -32.04 -35.19 -18.96
C GLU G 55 -33.02 -35.59 -17.85
N THR G 56 -33.35 -36.88 -17.76
CA THR G 56 -34.26 -37.47 -16.73
C THR G 56 -33.59 -37.50 -15.35
N GLY G 57 -32.26 -37.37 -15.29
CA GLY G 57 -31.46 -37.36 -14.05
C GLY G 57 -30.89 -38.74 -13.74
N ALA G 58 -31.35 -39.77 -14.47
CA ALA G 58 -30.96 -41.18 -14.35
C ALA G 58 -30.04 -41.59 -15.50
N GLY G 59 -29.64 -40.64 -16.36
CA GLY G 59 -28.82 -40.88 -17.56
C GLY G 59 -29.63 -41.14 -18.81
N LYS G 60 -30.96 -40.99 -18.75
CA LYS G 60 -31.91 -41.15 -19.88
C LYS G 60 -32.32 -39.76 -20.38
N HIS G 61 -32.06 -39.47 -21.66
CA HIS G 61 -32.46 -38.21 -22.34
C HIS G 61 -33.76 -38.47 -23.12
N VAL G 62 -34.73 -37.58 -22.97
CA VAL G 62 -36.09 -37.66 -23.57
C VAL G 62 -36.25 -36.47 -24.51
N PRO G 63 -36.69 -36.68 -25.77
CA PRO G 63 -36.99 -35.58 -26.69
C PRO G 63 -38.08 -34.64 -26.15
N ARG G 64 -37.83 -33.33 -26.19
CA ARG G 64 -38.84 -32.27 -25.87
C ARG G 64 -39.72 -32.10 -27.12
N ALA G 65 -40.64 -33.04 -27.34
CA ALA G 65 -41.49 -33.09 -28.55
C ALA G 65 -42.81 -33.78 -28.28
N VAL G 66 -43.92 -33.16 -28.70
CA VAL G 66 -45.28 -33.75 -28.68
C VAL G 66 -45.66 -34.15 -30.11
N PHE G 67 -45.76 -35.46 -30.35
CA PHE G 67 -46.29 -36.07 -31.59
C PHE G 67 -47.81 -36.21 -31.44
N LEU G 68 -48.57 -35.49 -32.26
CA LEU G 68 -50.05 -35.44 -32.17
C LEU G 68 -50.65 -35.87 -33.51
N ASP G 69 -51.58 -36.83 -33.48
CA ASP G 69 -52.41 -37.24 -34.65
C ASP G 69 -53.79 -37.66 -34.15
N LEU G 70 -54.81 -37.41 -34.98
CA LEU G 70 -56.21 -37.86 -34.76
C LEU G 70 -56.35 -39.33 -35.20
N GLU G 71 -55.38 -39.83 -35.97
CA GLU G 71 -55.28 -41.23 -36.48
C GLU G 71 -54.26 -42.01 -35.64
N PRO G 72 -54.55 -43.27 -35.24
CA PRO G 72 -53.62 -44.06 -34.44
C PRO G 72 -52.44 -44.70 -35.19
N THR G 73 -52.50 -44.81 -36.52
CA THR G 73 -51.58 -45.65 -37.34
C THR G 73 -50.16 -45.07 -37.30
N VAL G 74 -50.01 -43.77 -37.58
CA VAL G 74 -48.68 -43.12 -37.74
C VAL G 74 -47.96 -43.15 -36.39
N ILE G 75 -48.64 -42.75 -35.32
CA ILE G 75 -48.05 -42.71 -33.95
C ILE G 75 -47.74 -44.14 -33.48
N ASP G 76 -48.53 -45.14 -33.88
CA ASP G 76 -48.31 -46.58 -33.55
C ASP G 76 -46.99 -47.05 -34.18
N GLU G 77 -46.71 -46.62 -35.41
CA GLU G 77 -45.44 -46.95 -36.13
C GLU G 77 -44.23 -46.45 -35.32
N VAL G 78 -44.37 -45.30 -34.65
CA VAL G 78 -43.31 -44.72 -33.75
C VAL G 78 -43.19 -45.63 -32.52
N ARG G 79 -44.33 -46.05 -31.94
CA ARG G 79 -44.39 -46.90 -30.71
C ARG G 79 -43.84 -48.31 -30.99
N THR G 80 -44.04 -48.83 -32.20
CA THR G 80 -43.45 -50.12 -32.69
C THR G 80 -42.30 -49.80 -33.64
N GLY G 81 -41.34 -48.99 -33.18
CA GLY G 81 -40.17 -48.53 -33.95
C GLY G 81 -38.88 -48.68 -33.16
N THR G 82 -37.76 -48.30 -33.77
CA THR G 82 -36.40 -48.34 -33.15
C THR G 82 -36.35 -47.36 -31.97
N TYR G 83 -37.08 -46.23 -32.06
CA TYR G 83 -37.09 -45.14 -31.05
C TYR G 83 -38.32 -45.24 -30.14
N ARG G 84 -38.82 -46.47 -29.90
CA ARG G 84 -39.94 -46.74 -28.97
C ARG G 84 -39.55 -46.33 -27.55
N GLN G 85 -38.31 -46.63 -27.14
CA GLN G 85 -37.78 -46.37 -25.77
C GLN G 85 -37.13 -44.98 -25.68
N LEU G 86 -37.22 -44.15 -26.73
CA LEU G 86 -36.71 -42.75 -26.71
C LEU G 86 -37.82 -41.80 -26.26
N PHE G 87 -38.98 -41.84 -26.93
CA PHE G 87 -40.11 -40.89 -26.74
C PHE G 87 -40.96 -41.28 -25.53
N HIS G 88 -41.26 -40.31 -24.67
CA HIS G 88 -42.12 -40.44 -23.46
C HIS G 88 -43.53 -40.86 -23.90
N PRO G 89 -44.10 -41.95 -23.34
CA PRO G 89 -45.38 -42.48 -23.82
C PRO G 89 -46.51 -41.45 -23.89
N GLU G 90 -46.61 -40.56 -22.90
CA GLU G 90 -47.69 -39.53 -22.80
C GLU G 90 -47.51 -38.49 -23.93
N GLN G 91 -46.27 -38.15 -24.29
CA GLN G 91 -45.93 -37.18 -25.36
C GLN G 91 -46.52 -37.64 -26.69
N LEU G 92 -46.47 -38.94 -26.97
CA LEU G 92 -47.02 -39.57 -28.21
C LEU G 92 -48.54 -39.69 -28.04
N ILE G 93 -49.27 -38.60 -28.31
CA ILE G 93 -50.75 -38.54 -28.14
C ILE G 93 -51.40 -39.05 -29.44
N SER G 94 -52.44 -39.88 -29.28
CA SER G 94 -53.20 -40.54 -30.37
C SER G 94 -54.67 -40.12 -30.32
N GLY G 95 -55.36 -40.18 -31.45
CA GLY G 95 -56.82 -40.13 -31.58
C GLY G 95 -57.35 -41.45 -32.11
N LYS G 96 -58.64 -41.72 -31.91
CA LYS G 96 -59.30 -42.98 -32.32
C LYS G 96 -59.72 -42.88 -33.80
N GLU G 97 -60.28 -41.73 -34.22
CA GLU G 97 -60.80 -41.51 -35.60
C GLU G 97 -60.15 -40.25 -36.21
N ASP G 98 -59.64 -40.37 -37.45
CA ASP G 98 -58.92 -39.31 -38.19
C ASP G 98 -59.90 -38.23 -38.65
N ALA G 99 -59.38 -37.02 -38.93
CA ALA G 99 -60.15 -35.86 -39.46
C ALA G 99 -60.60 -36.11 -40.89
N ALA G 100 -59.91 -36.99 -41.62
CA ALA G 100 -60.27 -37.50 -42.96
C ALA G 100 -60.24 -36.35 -43.99
N ASN G 101 -59.14 -35.59 -44.00
CA ASN G 101 -58.90 -34.45 -44.92
C ASN G 101 -60.02 -33.41 -44.82
N ASN G 102 -60.56 -33.19 -43.61
CA ASN G 102 -61.60 -32.16 -43.37
C ASN G 102 -61.17 -31.26 -42.21
N PHE G 103 -60.75 -30.04 -42.54
CA PHE G 103 -60.38 -28.96 -41.59
C PHE G 103 -61.38 -28.94 -40.41
N ALA G 104 -62.67 -28.97 -40.72
CA ALA G 104 -63.80 -28.81 -39.76
C ALA G 104 -63.71 -29.88 -38.66
N ARG G 105 -63.53 -31.15 -39.03
CA ARG G 105 -63.33 -32.26 -38.06
C ARG G 105 -62.17 -31.91 -37.13
N GLY G 106 -61.04 -31.50 -37.73
CA GLY G 106 -59.79 -31.17 -37.03
C GLY G 106 -59.91 -29.91 -36.20
N HIS G 107 -60.74 -28.94 -36.59
CA HIS G 107 -60.88 -27.62 -35.91
C HIS G 107 -61.98 -27.65 -34.85
N TYR G 108 -63.08 -28.40 -35.08
CA TYR G 108 -64.25 -28.46 -34.17
C TYR G 108 -64.45 -29.90 -33.66
N THR G 109 -65.04 -30.76 -34.50
CA THR G 109 -65.69 -32.04 -34.10
C THR G 109 -64.73 -32.86 -33.23
N ILE G 110 -63.61 -33.30 -33.81
CA ILE G 110 -62.67 -34.29 -33.18
C ILE G 110 -61.59 -33.53 -32.41
N GLY G 111 -61.00 -32.48 -33.01
CA GLY G 111 -59.84 -31.75 -32.46
C GLY G 111 -60.06 -31.25 -31.04
N LYS G 112 -61.24 -30.68 -30.77
CA LYS G 112 -61.59 -30.03 -29.47
C LYS G 112 -61.45 -31.02 -28.30
N GLU G 113 -61.63 -32.31 -28.55
CA GLU G 113 -61.48 -33.39 -27.53
C GLU G 113 -60.00 -33.53 -27.16
N ILE G 114 -59.11 -33.55 -28.17
CA ILE G 114 -57.68 -33.96 -28.04
C ILE G 114 -56.81 -32.77 -27.64
N VAL G 115 -57.11 -31.57 -28.14
CA VAL G 115 -56.30 -30.33 -27.90
C VAL G 115 -56.11 -30.09 -26.40
N ASP G 116 -57.17 -30.33 -25.59
CA ASP G 116 -57.16 -30.19 -24.11
C ASP G 116 -56.00 -31.01 -23.53
N LEU G 117 -55.85 -32.26 -23.95
CA LEU G 117 -54.80 -33.20 -23.47
C LEU G 117 -53.43 -32.73 -23.96
N CYS G 118 -53.33 -32.24 -25.21
CA CYS G 118 -52.06 -31.78 -25.82
C CYS G 118 -51.48 -30.60 -25.03
N LEU G 119 -52.28 -29.56 -24.81
CA LEU G 119 -51.85 -28.33 -24.09
C LEU G 119 -51.26 -28.68 -22.72
N ASP G 120 -51.92 -29.58 -21.98
CA ASP G 120 -51.43 -30.10 -20.67
C ASP G 120 -50.01 -30.65 -20.85
N ARG G 121 -49.79 -31.45 -21.89
CA ARG G 121 -48.45 -32.04 -22.21
C ARG G 121 -47.45 -30.93 -22.55
N ILE G 122 -47.87 -29.87 -23.26
CA ILE G 122 -46.99 -28.73 -23.64
C ILE G 122 -46.61 -27.96 -22.37
N ARG G 123 -47.58 -27.75 -21.46
CA ARG G 123 -47.38 -27.05 -20.16
C ARG G 123 -46.37 -27.83 -19.32
N LYS G 124 -46.52 -29.15 -19.21
CA LYS G 124 -45.57 -30.04 -18.48
C LYS G 124 -44.16 -29.89 -19.06
N LEU G 125 -44.04 -29.85 -20.39
CA LEU G 125 -42.74 -29.70 -21.10
C LEU G 125 -42.19 -28.28 -20.94
N ALA G 126 -43.06 -27.26 -20.92
CA ALA G 126 -42.68 -25.83 -20.76
C ALA G 126 -42.23 -25.53 -19.33
N ASP G 127 -42.73 -26.29 -18.34
CA ASP G 127 -42.32 -26.17 -16.90
C ASP G 127 -40.85 -26.61 -16.75
N ASN G 128 -40.50 -27.78 -17.31
CA ASN G 128 -39.12 -28.35 -17.30
C ASN G 128 -38.15 -27.35 -17.94
N CYS G 129 -38.58 -26.68 -19.02
CA CYS G 129 -37.78 -25.71 -19.82
C CYS G 129 -37.56 -24.43 -19.00
N THR G 130 -36.30 -23.96 -18.96
CA THR G 130 -35.85 -22.71 -18.28
C THR G 130 -35.27 -21.76 -19.32
N GLY G 131 -36.02 -20.72 -19.70
CA GLY G 131 -35.66 -19.82 -20.81
C GLY G 131 -35.87 -20.50 -22.15
N LEU G 132 -37.10 -20.95 -22.41
CA LEU G 132 -37.54 -21.55 -23.70
C LEU G 132 -37.33 -20.51 -24.82
N GLN G 133 -36.78 -20.94 -25.94
CA GLN G 133 -36.47 -20.06 -27.11
C GLN G 133 -37.72 -19.94 -27.98
N GLY G 134 -38.33 -21.07 -28.35
CA GLY G 134 -39.55 -21.07 -29.19
C GLY G 134 -40.15 -22.45 -29.41
N PHE G 135 -41.34 -22.46 -30.02
CA PHE G 135 -42.11 -23.67 -30.43
C PHE G 135 -41.92 -23.91 -31.92
N LEU G 136 -41.11 -24.91 -32.30
CA LEU G 136 -41.11 -25.45 -33.68
C LEU G 136 -42.37 -26.31 -33.85
N VAL G 137 -43.12 -26.11 -34.94
CA VAL G 137 -44.36 -26.88 -35.24
C VAL G 137 -44.25 -27.43 -36.68
N PHE G 138 -44.69 -28.67 -36.87
CA PHE G 138 -44.63 -29.45 -38.13
C PHE G 138 -46.03 -29.96 -38.47
N ASN G 139 -46.69 -29.32 -39.44
CA ASN G 139 -48.07 -29.70 -39.88
C ASN G 139 -48.17 -29.62 -41.40
N SER G 140 -48.82 -30.60 -42.02
CA SER G 140 -49.22 -30.62 -43.45
C SER G 140 -50.52 -29.83 -43.59
N VAL G 141 -50.54 -28.78 -44.41
CA VAL G 141 -51.75 -27.91 -44.59
C VAL G 141 -52.63 -28.49 -45.71
N GLY G 142 -52.18 -29.53 -46.41
CA GLY G 142 -53.01 -30.33 -47.34
C GLY G 142 -53.97 -31.24 -46.59
N GLY G 143 -53.53 -31.81 -45.46
CA GLY G 143 -54.26 -32.82 -44.68
C GLY G 143 -55.14 -32.22 -43.60
N GLY G 144 -56.06 -33.03 -43.06
CA GLY G 144 -57.05 -32.61 -42.04
C GLY G 144 -56.39 -32.22 -40.73
N THR G 145 -55.84 -33.21 -40.01
CA THR G 145 -55.26 -33.07 -38.65
C THR G 145 -54.30 -31.87 -38.63
N GLY G 146 -53.31 -31.87 -39.53
CA GLY G 146 -52.28 -30.81 -39.65
C GLY G 146 -52.89 -29.44 -39.89
N SER G 147 -53.91 -29.37 -40.74
CA SER G 147 -54.66 -28.12 -41.03
C SER G 147 -55.50 -27.74 -39.80
N GLY G 148 -56.49 -28.58 -39.46
CA GLY G 148 -57.51 -28.32 -38.44
C GLY G 148 -56.93 -28.21 -37.04
N LEU G 149 -56.59 -29.34 -36.42
CA LEU G 149 -56.05 -29.40 -35.03
C LEU G 149 -54.78 -28.56 -34.93
N GLY G 150 -53.90 -28.66 -35.95
CA GLY G 150 -52.64 -27.91 -36.03
C GLY G 150 -52.85 -26.41 -35.98
N SER G 151 -53.94 -25.90 -36.58
CA SER G 151 -54.37 -24.48 -36.48
C SER G 151 -54.91 -24.20 -35.08
N LEU G 152 -55.80 -25.05 -34.57
CA LEU G 152 -56.44 -24.91 -33.23
C LEU G 152 -55.35 -24.84 -32.14
N LEU G 153 -54.33 -25.70 -32.24
CA LEU G 153 -53.17 -25.69 -31.31
C LEU G 153 -52.57 -24.29 -31.25
N LEU G 154 -52.16 -23.76 -32.42
CA LEU G 154 -51.41 -22.48 -32.55
C LEU G 154 -52.21 -21.33 -31.91
N GLU G 155 -53.53 -21.28 -32.14
CA GLU G 155 -54.47 -20.30 -31.53
C GLU G 155 -54.35 -20.36 -30.01
N ARG G 156 -54.51 -21.57 -29.46
CA ARG G 156 -54.50 -21.84 -28.01
C ARG G 156 -53.11 -21.55 -27.44
N LEU G 157 -52.03 -21.90 -28.16
CA LEU G 157 -50.62 -21.68 -27.75
C LEU G 157 -50.32 -20.18 -27.68
N SER G 158 -50.89 -19.37 -28.57
CA SER G 158 -50.66 -17.91 -28.68
C SER G 158 -51.19 -17.17 -27.43
N VAL G 159 -52.33 -17.60 -26.89
CA VAL G 159 -52.95 -16.99 -25.67
C VAL G 159 -52.13 -17.45 -24.44
N ASP G 160 -51.91 -18.76 -24.30
CA ASP G 160 -51.33 -19.41 -23.10
C ASP G 160 -49.87 -18.96 -22.90
N TYR G 161 -49.04 -19.02 -23.95
CA TYR G 161 -47.57 -18.83 -23.88
C TYR G 161 -47.17 -17.45 -24.39
N GLY G 162 -47.98 -16.80 -25.24
CA GLY G 162 -47.87 -15.36 -25.54
C GLY G 162 -46.68 -15.02 -26.44
N LYS G 163 -45.58 -14.56 -25.83
CA LYS G 163 -44.38 -14.03 -26.54
C LYS G 163 -43.65 -15.17 -27.25
N LYS G 164 -43.33 -16.25 -26.52
CA LYS G 164 -42.50 -17.40 -26.98
C LYS G 164 -42.75 -17.62 -28.48
N SER G 165 -41.70 -17.53 -29.30
CA SER G 165 -41.76 -17.60 -30.79
C SER G 165 -42.35 -18.94 -31.23
N LYS G 166 -43.22 -18.92 -32.24
CA LYS G 166 -43.83 -20.12 -32.88
C LYS G 166 -43.39 -20.17 -34.35
N LEU G 167 -42.31 -20.90 -34.64
CA LEU G 167 -41.81 -21.13 -36.02
C LEU G 167 -42.49 -22.38 -36.60
N GLY G 168 -43.33 -22.21 -37.62
CA GLY G 168 -44.13 -23.29 -38.22
C GLY G 168 -43.57 -23.77 -39.56
N PHE G 169 -43.07 -25.01 -39.62
CA PHE G 169 -42.63 -25.69 -40.87
C PHE G 169 -43.81 -26.43 -41.49
N THR G 170 -44.34 -25.88 -42.58
CA THR G 170 -45.64 -26.26 -43.18
C THR G 170 -45.41 -26.85 -44.57
N ILE G 171 -46.08 -27.97 -44.87
CA ILE G 171 -45.95 -28.72 -46.15
C ILE G 171 -47.14 -28.35 -47.04
N TYR G 172 -47.13 -27.13 -47.60
CA TYR G 172 -48.17 -26.59 -48.50
C TYR G 172 -48.24 -27.46 -49.75
N PRO G 173 -49.45 -27.79 -50.27
CA PRO G 173 -49.57 -28.69 -51.42
C PRO G 173 -49.04 -28.02 -52.70
N SER G 174 -48.09 -28.68 -53.35
CA SER G 174 -47.55 -28.28 -54.69
C SER G 174 -48.69 -28.27 -55.69
N PRO G 175 -48.75 -27.29 -56.63
CA PRO G 175 -49.87 -27.16 -57.55
C PRO G 175 -49.98 -28.29 -58.58
N GLN G 176 -48.86 -28.69 -59.21
CA GLN G 176 -48.83 -29.73 -60.26
C GLN G 176 -49.20 -31.07 -59.62
N VAL G 177 -48.44 -31.50 -58.60
CA VAL G 177 -48.62 -32.77 -57.84
C VAL G 177 -49.44 -32.49 -56.58
N SER G 178 -50.68 -33.00 -56.51
CA SER G 178 -51.57 -32.98 -55.32
C SER G 178 -51.97 -34.41 -54.97
N THR G 179 -51.92 -34.75 -53.67
CA THR G 179 -52.20 -36.11 -53.12
C THR G 179 -53.71 -36.29 -52.90
N ALA G 180 -54.42 -35.21 -52.54
CA ALA G 180 -55.86 -35.20 -52.23
C ALA G 180 -56.56 -34.08 -53.00
N VAL G 181 -57.86 -34.28 -53.30
CA VAL G 181 -58.69 -33.40 -54.18
C VAL G 181 -59.16 -32.18 -53.38
N VAL G 182 -59.43 -32.37 -52.08
CA VAL G 182 -60.04 -31.36 -51.16
C VAL G 182 -58.94 -30.54 -50.48
N GLU G 183 -57.67 -30.67 -50.91
CA GLU G 183 -56.50 -29.95 -50.33
C GLU G 183 -56.71 -28.43 -50.34
N PRO G 184 -57.10 -27.80 -51.49
CA PRO G 184 -57.22 -26.35 -51.54
C PRO G 184 -58.09 -25.76 -50.42
N TYR G 185 -59.27 -26.36 -50.20
CA TYR G 185 -60.23 -26.04 -49.11
C TYR G 185 -59.48 -26.02 -47.77
N ASN G 186 -58.84 -27.13 -47.40
CA ASN G 186 -58.06 -27.29 -46.14
C ASN G 186 -57.02 -26.18 -46.05
N SER G 187 -56.15 -26.06 -47.06
CA SER G 187 -54.99 -25.13 -47.13
C SER G 187 -55.41 -23.70 -46.75
N ILE G 188 -56.49 -23.22 -47.36
CA ILE G 188 -56.95 -21.81 -47.25
C ILE G 188 -57.48 -21.56 -45.84
N LEU G 189 -58.36 -22.42 -45.35
CA LEU G 189 -58.93 -22.36 -43.97
C LEU G 189 -57.79 -22.40 -42.94
N SER G 190 -56.76 -23.20 -43.21
CA SER G 190 -55.53 -23.34 -42.37
C SER G 190 -54.72 -22.04 -42.41
N THR G 191 -54.49 -21.49 -43.62
CA THR G 191 -53.63 -20.30 -43.84
C THR G 191 -54.19 -19.09 -43.08
N HIS G 192 -55.52 -18.86 -43.12
CA HIS G 192 -56.18 -17.74 -42.42
C HIS G 192 -55.86 -17.76 -40.92
N SER G 193 -56.01 -18.92 -40.29
CA SER G 193 -55.62 -19.17 -38.88
C SER G 193 -54.11 -18.93 -38.72
N LEU G 194 -53.31 -19.61 -39.53
CA LEU G 194 -51.82 -19.57 -39.51
C LEU G 194 -51.33 -18.13 -39.73
N LEU G 195 -52.03 -17.33 -40.53
CA LEU G 195 -51.65 -15.94 -40.91
C LEU G 195 -51.53 -15.03 -39.68
N GLU G 196 -52.21 -15.37 -38.58
CA GLU G 196 -52.29 -14.51 -37.35
C GLU G 196 -51.40 -15.08 -36.25
N HIS G 197 -51.42 -16.40 -36.05
CA HIS G 197 -50.99 -17.07 -34.79
C HIS G 197 -49.52 -17.52 -34.84
N THR G 198 -48.93 -17.69 -36.04
CA THR G 198 -47.49 -18.00 -36.22
C THR G 198 -46.69 -16.71 -36.37
N ASP G 199 -45.43 -16.75 -35.93
CA ASP G 199 -44.47 -15.61 -35.96
C ASP G 199 -43.71 -15.63 -37.30
N VAL G 200 -43.18 -16.80 -37.67
CA VAL G 200 -42.51 -17.10 -38.98
C VAL G 200 -43.04 -18.46 -39.46
N ALA G 201 -43.49 -18.54 -40.72
CA ALA G 201 -43.98 -19.78 -41.37
C ALA G 201 -43.08 -20.14 -42.55
N VAL G 202 -42.30 -21.22 -42.42
CA VAL G 202 -41.37 -21.71 -43.47
C VAL G 202 -42.18 -22.67 -44.36
N MET G 203 -42.38 -22.29 -45.62
CA MET G 203 -43.19 -23.06 -46.60
C MET G 203 -42.29 -24.09 -47.29
N LEU G 204 -42.76 -25.34 -47.39
CA LEU G 204 -42.09 -26.46 -48.11
C LEU G 204 -43.14 -27.19 -48.95
N ASP G 205 -42.94 -27.29 -50.27
CA ASP G 205 -43.84 -27.99 -51.22
C ASP G 205 -43.16 -29.30 -51.63
N ASN G 206 -43.82 -30.43 -51.43
CA ASN G 206 -43.23 -31.79 -51.63
C ASN G 206 -42.64 -31.89 -53.04
N GLU G 207 -43.39 -31.49 -54.07
CA GLU G 207 -42.98 -31.60 -55.50
C GLU G 207 -41.61 -30.95 -55.72
N ALA G 208 -41.42 -29.74 -55.19
CA ALA G 208 -40.17 -28.98 -55.31
C ALA G 208 -39.01 -29.83 -54.78
N ILE G 209 -39.16 -30.37 -53.56
CA ILE G 209 -38.10 -31.17 -52.87
C ILE G 209 -37.94 -32.49 -53.62
N TYR G 210 -39.02 -33.06 -54.17
CA TYR G 210 -38.99 -34.26 -55.05
C TYR G 210 -38.06 -34.01 -56.24
N ASP G 211 -38.17 -32.81 -56.85
CA ASP G 211 -37.36 -32.41 -58.03
C ASP G 211 -35.90 -32.24 -57.61
N ILE G 212 -35.63 -31.77 -56.39
CA ILE G 212 -34.24 -31.58 -55.84
C ILE G 212 -33.56 -32.95 -55.72
N CYS G 213 -34.27 -33.96 -55.21
CA CYS G 213 -33.78 -35.36 -55.06
C CYS G 213 -33.37 -35.92 -56.43
N ARG G 214 -34.20 -35.73 -57.46
CA ARG G 214 -33.96 -36.24 -58.84
C ARG G 214 -32.77 -35.50 -59.49
N ARG G 215 -32.52 -34.25 -59.08
CA ARG G 215 -31.54 -33.34 -59.72
C ARG G 215 -30.18 -33.41 -59.00
N ASN G 216 -30.17 -33.42 -57.67
CA ASN G 216 -28.95 -33.29 -56.81
C ASN G 216 -28.51 -34.66 -56.30
N LEU G 217 -29.42 -35.48 -55.79
CA LEU G 217 -29.12 -36.84 -55.25
C LEU G 217 -29.15 -37.87 -56.38
N ASP G 218 -29.71 -37.52 -57.55
CA ASP G 218 -29.76 -38.35 -58.79
C ASP G 218 -30.47 -39.67 -58.49
N ILE G 219 -31.58 -39.62 -57.74
CA ILE G 219 -32.48 -40.79 -57.49
C ILE G 219 -33.66 -40.67 -58.47
N GLU G 220 -33.86 -41.70 -59.29
CA GLU G 220 -34.95 -41.77 -60.31
C GLU G 220 -36.31 -41.86 -59.59
N ARG G 221 -36.34 -42.51 -58.42
CA ARG G 221 -37.55 -42.83 -57.64
C ARG G 221 -37.37 -42.39 -56.18
N PRO G 222 -37.55 -41.07 -55.86
CA PRO G 222 -37.55 -40.60 -54.47
C PRO G 222 -38.81 -41.01 -53.69
N THR G 223 -38.66 -41.26 -52.38
CA THR G 223 -39.77 -41.52 -51.43
C THR G 223 -39.95 -40.31 -50.50
N TYR G 224 -40.99 -40.32 -49.68
CA TYR G 224 -41.22 -39.32 -48.60
C TYR G 224 -40.08 -39.38 -47.58
N THR G 225 -39.65 -40.59 -47.21
CA THR G 225 -38.57 -40.85 -46.20
C THR G 225 -37.26 -40.19 -46.65
N ASN G 226 -36.95 -40.23 -47.95
CA ASN G 226 -35.79 -39.51 -48.56
C ASN G 226 -36.01 -38.00 -48.45
N LEU G 227 -37.26 -37.56 -48.66
CA LEU G 227 -37.69 -36.13 -48.59
C LEU G 227 -37.54 -35.63 -47.16
N ASN G 228 -38.16 -36.34 -46.20
CA ASN G 228 -38.18 -36.01 -44.75
C ASN G 228 -36.76 -35.83 -44.23
N ARG G 229 -35.78 -36.59 -44.75
CA ARG G 229 -34.35 -36.52 -44.36
C ARG G 229 -33.75 -35.16 -44.76
N LEU G 230 -34.14 -34.59 -45.91
CA LEU G 230 -33.68 -33.25 -46.38
C LEU G 230 -34.33 -32.16 -45.53
N ILE G 231 -35.58 -32.35 -45.11
CA ILE G 231 -36.35 -31.40 -44.25
C ILE G 231 -35.61 -31.30 -42.91
N ALA G 232 -35.28 -32.46 -42.32
CA ALA G 232 -34.55 -32.60 -41.04
C ALA G 232 -33.25 -31.79 -41.08
N GLN G 233 -32.46 -31.93 -42.15
CA GLN G 233 -31.13 -31.29 -42.32
C GLN G 233 -31.28 -29.76 -42.26
N VAL G 234 -32.37 -29.24 -42.84
CA VAL G 234 -32.75 -27.79 -42.78
C VAL G 234 -32.98 -27.40 -41.33
N ILE G 235 -33.90 -28.10 -40.64
CA ILE G 235 -34.30 -27.81 -39.23
C ILE G 235 -33.04 -27.84 -38.35
N SER G 236 -32.22 -28.89 -38.48
CA SER G 236 -30.93 -29.06 -37.76
C SER G 236 -30.08 -27.79 -37.93
N SER G 237 -29.88 -27.37 -39.18
CA SER G 237 -29.03 -26.20 -39.57
C SER G 237 -29.57 -24.90 -38.98
N LEU G 238 -30.90 -24.78 -38.83
CA LEU G 238 -31.57 -23.55 -38.34
C LEU G 238 -31.32 -23.40 -36.84
N THR G 239 -31.57 -24.47 -36.07
CA THR G 239 -31.44 -24.51 -34.58
C THR G 239 -29.97 -24.68 -34.18
N ALA G 240 -29.11 -25.13 -35.10
CA ALA G 240 -27.69 -25.51 -34.89
C ALA G 240 -26.99 -24.55 -33.92
N SER G 241 -27.08 -23.24 -34.17
CA SER G 241 -26.42 -22.15 -33.41
C SER G 241 -26.57 -22.36 -31.90
N LEU G 242 -27.75 -22.77 -31.45
CA LEU G 242 -28.06 -23.06 -30.03
C LEU G 242 -27.22 -24.26 -29.57
N ARG G 243 -27.32 -25.37 -30.30
CA ARG G 243 -26.82 -26.70 -29.88
C ARG G 243 -25.29 -26.70 -29.90
N PHE G 244 -24.70 -26.26 -31.02
CA PHE G 244 -23.23 -26.27 -31.27
C PHE G 244 -22.69 -24.85 -31.24
N ASP G 245 -21.44 -24.69 -30.80
CA ASP G 245 -20.71 -23.39 -30.73
C ASP G 245 -20.48 -22.88 -32.16
N GLY G 246 -20.52 -21.56 -32.34
CA GLY G 246 -20.30 -20.88 -33.63
C GLY G 246 -19.59 -19.55 -33.46
N ALA G 247 -19.05 -19.00 -34.56
CA ALA G 247 -18.38 -17.68 -34.62
C ALA G 247 -19.44 -16.57 -34.55
N LEU G 248 -20.37 -16.57 -35.50
CA LEU G 248 -21.53 -15.64 -35.54
C LEU G 248 -22.81 -16.44 -35.22
N ASN G 249 -23.17 -16.49 -33.94
CA ASN G 249 -24.35 -17.23 -33.41
C ASN G 249 -25.62 -16.47 -33.79
N VAL G 250 -26.68 -17.22 -34.11
CA VAL G 250 -28.08 -16.76 -34.32
C VAL G 250 -28.93 -17.39 -33.21
N ASP G 251 -30.24 -17.12 -33.22
CA ASP G 251 -31.25 -17.77 -32.33
C ASP G 251 -32.61 -17.73 -33.04
N ILE G 252 -33.54 -18.62 -32.64
CA ILE G 252 -34.93 -18.73 -33.19
C ILE G 252 -35.66 -17.39 -33.00
N THR G 253 -35.33 -16.64 -31.94
CA THR G 253 -35.91 -15.31 -31.62
C THR G 253 -35.36 -14.23 -32.57
N GLU G 254 -34.20 -14.46 -33.20
CA GLU G 254 -33.51 -13.49 -34.10
C GLU G 254 -34.21 -13.46 -35.46
N PHE G 255 -34.42 -14.63 -36.09
CA PHE G 255 -35.05 -14.75 -37.43
C PHE G 255 -36.30 -13.89 -37.47
N GLN G 256 -37.19 -14.12 -36.51
CA GLN G 256 -38.40 -13.31 -36.21
C GLN G 256 -38.08 -11.85 -36.56
N THR G 257 -37.16 -11.21 -35.85
CA THR G 257 -36.80 -9.76 -36.02
C THR G 257 -36.24 -9.48 -37.41
N ASN G 258 -35.41 -10.38 -37.96
CA ASN G 258 -34.58 -10.12 -39.16
C ASN G 258 -35.26 -10.56 -40.46
N LEU G 259 -36.39 -11.29 -40.40
CA LEU G 259 -37.01 -11.87 -41.63
C LEU G 259 -38.40 -11.30 -41.90
N VAL G 260 -39.22 -11.00 -40.88
CA VAL G 260 -40.61 -10.49 -41.08
C VAL G 260 -40.57 -8.97 -40.92
N PRO G 261 -40.66 -8.19 -42.03
CA PRO G 261 -40.71 -6.73 -41.97
C PRO G 261 -42.08 -6.10 -41.63
N TYR G 262 -43.17 -6.84 -41.83
CA TYR G 262 -44.56 -6.47 -41.45
C TYR G 262 -45.28 -7.70 -40.93
N PRO G 263 -46.17 -7.58 -39.92
CA PRO G 263 -46.66 -8.74 -39.16
C PRO G 263 -47.23 -9.91 -39.99
N ARG G 264 -47.95 -9.60 -41.08
CA ARG G 264 -48.71 -10.58 -41.91
C ARG G 264 -47.82 -11.25 -42.96
N ILE G 265 -46.59 -10.76 -43.16
CA ILE G 265 -45.69 -11.13 -44.29
C ILE G 265 -44.76 -12.29 -43.86
N HIS G 266 -45.06 -12.91 -42.71
CA HIS G 266 -44.24 -13.93 -42.00
C HIS G 266 -44.03 -15.24 -42.79
N PHE G 267 -44.59 -15.37 -44.01
CA PHE G 267 -44.34 -16.54 -44.90
C PHE G 267 -42.92 -16.43 -45.48
N MET G 268 -42.22 -17.56 -45.60
CA MET G 268 -40.79 -17.66 -46.02
C MET G 268 -40.63 -18.83 -47.01
N LEU G 269 -39.45 -18.92 -47.63
CA LEU G 269 -38.93 -20.12 -48.35
C LEU G 269 -37.65 -20.59 -47.65
N SER G 270 -37.07 -21.71 -48.12
CA SER G 270 -35.81 -22.29 -47.60
C SER G 270 -35.04 -22.98 -48.73
N SER G 271 -33.71 -23.11 -48.56
CA SER G 271 -32.79 -23.73 -49.56
C SER G 271 -31.46 -24.13 -48.90
N TYR G 272 -31.37 -25.37 -48.40
CA TYR G 272 -30.11 -26.04 -47.99
C TYR G 272 -29.34 -26.39 -49.29
N ALA G 273 -28.12 -25.88 -49.44
CA ALA G 273 -27.39 -25.76 -50.72
C ALA G 273 -26.56 -27.00 -51.06
N PRO G 274 -25.61 -27.48 -50.23
CA PRO G 274 -24.75 -28.61 -50.62
C PRO G 274 -25.45 -29.97 -50.53
N ILE G 275 -26.61 -30.11 -51.19
CA ILE G 275 -27.31 -31.41 -51.42
C ILE G 275 -26.58 -32.06 -52.60
N ILE G 276 -25.75 -33.05 -52.33
CA ILE G 276 -24.83 -33.68 -53.32
C ILE G 276 -24.78 -35.19 -53.07
N SER G 277 -25.00 -35.98 -54.12
CA SER G 277 -24.76 -37.44 -54.14
C SER G 277 -23.25 -37.68 -54.05
N ALA G 278 -22.81 -38.58 -53.15
CA ALA G 278 -21.40 -38.94 -52.90
C ALA G 278 -20.70 -39.35 -54.22
N GLU G 279 -21.48 -39.71 -55.24
CA GLU G 279 -21.01 -39.94 -56.63
C GLU G 279 -20.38 -38.66 -57.19
N LYS G 280 -21.10 -37.53 -57.17
CA LYS G 280 -20.64 -36.25 -57.80
C LYS G 280 -19.88 -35.38 -56.78
N ALA G 281 -19.81 -35.78 -55.50
CA ALA G 281 -19.07 -35.06 -54.42
C ALA G 281 -17.56 -35.08 -54.71
N TYR G 282 -17.07 -36.16 -55.31
CA TYR G 282 -15.66 -36.36 -55.70
C TYR G 282 -15.16 -35.15 -56.51
N HIS G 283 -15.98 -34.67 -57.43
CA HIS G 283 -15.59 -33.75 -58.53
C HIS G 283 -15.93 -32.27 -58.21
N GLU G 284 -16.51 -31.98 -57.04
CA GLU G 284 -16.95 -30.62 -56.64
C GLU G 284 -15.95 -30.03 -55.64
N GLN G 285 -15.51 -28.80 -55.87
CA GLN G 285 -14.66 -28.00 -54.94
C GLN G 285 -15.43 -27.78 -53.62
N LEU G 286 -16.69 -27.33 -53.72
CA LEU G 286 -17.59 -27.03 -52.59
C LEU G 286 -16.94 -25.96 -51.70
N SER G 287 -16.57 -24.84 -52.32
CA SER G 287 -16.14 -23.59 -51.63
C SER G 287 -17.40 -22.85 -51.14
N VAL G 288 -17.21 -21.92 -50.21
CA VAL G 288 -18.32 -21.15 -49.56
C VAL G 288 -19.05 -20.37 -50.66
N ALA G 289 -18.32 -19.70 -51.54
CA ALA G 289 -18.83 -18.84 -52.64
C ALA G 289 -19.72 -19.64 -53.60
N GLU G 290 -19.47 -20.94 -53.77
CA GLU G 290 -20.30 -21.84 -54.62
C GLU G 290 -21.58 -22.21 -53.87
N ILE G 291 -21.45 -22.64 -52.60
CA ILE G 291 -22.58 -23.03 -51.70
C ILE G 291 -23.60 -21.87 -51.64
N THR G 292 -23.15 -20.63 -51.53
CA THR G 292 -24.01 -19.42 -51.46
C THR G 292 -24.79 -19.26 -52.77
N ASN G 293 -24.10 -19.30 -53.91
CA ASN G 293 -24.70 -19.19 -55.27
C ASN G 293 -25.71 -20.34 -55.46
N SER G 294 -25.35 -21.54 -54.99
CA SER G 294 -26.19 -22.76 -55.04
C SER G 294 -27.45 -22.60 -54.19
N ALA G 295 -27.39 -21.81 -53.11
CA ALA G 295 -28.53 -21.50 -52.22
C ALA G 295 -29.55 -20.62 -52.95
N PHE G 296 -29.07 -19.63 -53.71
CA PHE G 296 -29.90 -18.64 -54.44
C PHE G 296 -30.27 -19.13 -55.84
N GLU G 297 -29.95 -20.39 -56.18
CA GLU G 297 -30.48 -21.07 -57.40
C GLU G 297 -32.00 -21.12 -57.30
N PRO G 298 -32.75 -20.78 -58.38
CA PRO G 298 -34.22 -20.86 -58.35
C PRO G 298 -34.74 -22.30 -58.12
N ALA G 299 -33.97 -23.31 -58.53
CA ALA G 299 -34.33 -24.75 -58.47
C ALA G 299 -34.16 -25.29 -57.04
N ASN G 300 -33.12 -24.86 -56.31
CA ASN G 300 -32.73 -25.43 -54.99
C ASN G 300 -33.67 -24.96 -53.87
N MET G 301 -34.64 -24.07 -54.16
CA MET G 301 -35.72 -23.68 -53.21
C MET G 301 -36.63 -24.89 -52.96
N MET G 302 -36.95 -25.16 -51.69
CA MET G 302 -37.66 -26.38 -51.24
C MET G 302 -39.18 -26.18 -51.33
N ALA G 303 -39.66 -24.94 -51.38
CA ALA G 303 -41.00 -24.57 -51.89
C ALA G 303 -40.87 -24.19 -53.38
N LYS G 304 -41.86 -24.52 -54.21
CA LYS G 304 -41.82 -24.36 -55.69
C LYS G 304 -42.36 -22.98 -56.06
N CYS G 305 -41.72 -21.93 -55.55
CA CYS G 305 -41.87 -20.52 -55.98
C CYS G 305 -40.55 -20.10 -56.62
N ASP G 306 -40.58 -19.56 -57.85
CA ASP G 306 -39.38 -19.11 -58.58
C ASP G 306 -39.09 -17.66 -58.17
N PRO G 307 -38.08 -17.42 -57.30
CA PRO G 307 -37.90 -16.11 -56.66
C PRO G 307 -37.47 -14.99 -57.62
N ARG G 308 -37.13 -15.31 -58.87
CA ARG G 308 -36.79 -14.35 -59.95
C ARG G 308 -38.00 -13.45 -60.27
N HIS G 309 -39.22 -13.94 -60.08
CA HIS G 309 -40.47 -13.14 -60.22
C HIS G 309 -40.55 -12.11 -59.10
N GLY G 310 -40.22 -12.52 -57.87
CA GLY G 310 -40.30 -11.69 -56.66
C GLY G 310 -39.04 -10.87 -56.44
N LYS G 311 -39.02 -10.17 -55.31
CA LYS G 311 -37.88 -9.38 -54.78
C LYS G 311 -37.61 -9.87 -53.36
N TYR G 312 -36.37 -10.18 -53.02
CA TYR G 312 -35.96 -10.65 -51.67
C TYR G 312 -36.10 -9.50 -50.68
N MET G 313 -36.99 -9.67 -49.70
CA MET G 313 -37.33 -8.69 -48.63
C MET G 313 -36.33 -8.84 -47.47
N ALA G 314 -35.90 -10.08 -47.20
CA ALA G 314 -34.83 -10.44 -46.24
C ALA G 314 -34.35 -11.88 -46.52
N CYS G 315 -33.07 -12.14 -46.24
CA CYS G 315 -32.43 -13.48 -46.36
C CYS G 315 -31.67 -13.79 -45.07
N SER G 316 -31.71 -15.05 -44.61
CA SER G 316 -31.06 -15.53 -43.37
C SER G 316 -30.16 -16.73 -43.68
N MET G 317 -28.94 -16.46 -44.15
CA MET G 317 -27.92 -17.48 -44.54
C MET G 317 -27.34 -18.11 -43.26
N MET G 318 -27.45 -19.43 -43.07
CA MET G 318 -27.01 -20.15 -41.84
C MET G 318 -25.93 -21.18 -42.20
N TYR G 319 -24.65 -20.80 -42.13
CA TYR G 319 -23.50 -21.62 -42.58
C TYR G 319 -23.04 -22.55 -41.44
N ARG G 320 -22.53 -23.72 -41.82
CA ARG G 320 -22.02 -24.79 -40.92
C ARG G 320 -20.74 -25.38 -41.50
N GLY G 321 -19.70 -25.56 -40.68
CA GLY G 321 -18.48 -26.32 -41.02
C GLY G 321 -17.25 -25.45 -41.17
N ASP G 322 -16.40 -25.75 -42.16
CA ASP G 322 -15.11 -25.05 -42.45
C ASP G 322 -15.41 -23.72 -43.16
N VAL G 323 -16.14 -22.83 -42.48
CA VAL G 323 -16.65 -21.56 -43.06
C VAL G 323 -15.88 -20.41 -42.40
N VAL G 324 -15.29 -19.54 -43.24
CA VAL G 324 -14.55 -18.30 -42.82
C VAL G 324 -15.46 -17.12 -43.09
N PRO G 325 -15.64 -16.18 -42.13
CA PRO G 325 -16.54 -15.04 -42.34
C PRO G 325 -16.11 -14.09 -43.47
N LYS G 326 -14.79 -13.98 -43.73
CA LYS G 326 -14.21 -13.24 -44.89
C LYS G 326 -14.72 -13.84 -46.20
N ASP G 327 -14.73 -15.18 -46.30
CA ASP G 327 -15.17 -15.93 -47.52
C ASP G 327 -16.67 -15.73 -47.72
N VAL G 328 -17.47 -15.82 -46.66
CA VAL G 328 -18.95 -15.53 -46.66
C VAL G 328 -19.18 -14.11 -47.18
N ASN G 329 -18.33 -13.17 -46.76
CA ASN G 329 -18.45 -11.72 -47.05
C ASN G 329 -18.52 -11.50 -48.57
N ALA G 330 -17.48 -11.93 -49.29
CA ALA G 330 -17.34 -11.81 -50.76
C ALA G 330 -18.54 -12.47 -51.45
N SER G 331 -18.97 -13.63 -50.96
CA SER G 331 -20.06 -14.47 -51.53
C SER G 331 -21.38 -13.68 -51.53
N ILE G 332 -21.76 -13.12 -50.38
CA ILE G 332 -22.95 -12.23 -50.25
C ILE G 332 -22.75 -11.02 -51.17
N ALA G 333 -21.57 -10.39 -51.12
CA ALA G 333 -21.24 -9.15 -51.88
C ALA G 333 -21.46 -9.37 -53.38
N THR G 334 -21.06 -10.53 -53.91
CA THR G 334 -21.25 -10.93 -55.33
C THR G 334 -22.75 -11.16 -55.60
N ILE G 335 -23.48 -11.76 -54.65
CA ILE G 335 -24.96 -11.98 -54.73
C ILE G 335 -25.67 -10.61 -54.76
N LYS G 336 -25.25 -9.65 -53.94
CA LYS G 336 -25.82 -8.27 -53.90
C LYS G 336 -25.59 -7.57 -55.24
N THR G 337 -24.51 -7.94 -55.96
CA THR G 337 -24.09 -7.37 -57.27
C THR G 337 -24.87 -8.01 -58.44
N LYS G 338 -25.22 -9.30 -58.34
CA LYS G 338 -25.95 -10.07 -59.39
C LYS G 338 -27.25 -9.34 -59.78
N ARG G 339 -27.73 -9.57 -61.00
CA ARG G 339 -28.98 -8.97 -61.55
C ARG G 339 -30.17 -9.89 -61.28
N THR G 340 -30.00 -11.21 -61.50
CA THR G 340 -31.03 -12.26 -61.31
C THR G 340 -31.60 -12.16 -59.89
N ILE G 341 -30.74 -12.05 -58.87
CA ILE G 341 -31.13 -11.76 -57.47
C ILE G 341 -31.42 -10.26 -57.35
N GLN G 342 -32.68 -9.94 -57.07
CA GLN G 342 -33.20 -8.54 -56.93
C GLN G 342 -33.73 -8.36 -55.51
N PHE G 343 -33.35 -7.27 -54.84
CA PHE G 343 -33.83 -6.89 -53.48
C PHE G 343 -34.75 -5.69 -53.57
N VAL G 344 -35.83 -5.71 -52.77
CA VAL G 344 -36.72 -4.54 -52.49
C VAL G 344 -35.83 -3.32 -52.19
N ASP G 345 -36.31 -2.13 -52.54
CA ASP G 345 -35.60 -0.83 -52.29
C ASP G 345 -35.48 -0.62 -50.78
N TRP G 346 -36.58 -0.79 -50.05
CA TRP G 346 -36.73 -0.51 -48.60
C TRP G 346 -35.89 -1.44 -47.73
N CYS G 347 -35.31 -2.52 -48.26
CA CYS G 347 -34.31 -3.38 -47.57
C CYS G 347 -32.95 -3.14 -48.22
N PRO G 348 -32.22 -2.10 -47.78
CA PRO G 348 -30.95 -1.75 -48.41
C PRO G 348 -29.84 -2.75 -48.03
N THR G 349 -29.91 -3.30 -46.81
CA THR G 349 -29.13 -4.46 -46.30
C THR G 349 -30.12 -5.59 -45.95
N GLY G 350 -30.10 -6.69 -46.69
CA GLY G 350 -31.07 -7.79 -46.55
C GLY G 350 -30.40 -9.15 -46.37
N PHE G 351 -29.33 -9.21 -45.58
CA PHE G 351 -28.66 -10.48 -45.18
C PHE G 351 -28.38 -10.53 -43.68
N LYS G 352 -29.04 -11.47 -43.00
CA LYS G 352 -28.59 -12.02 -41.69
C LYS G 352 -27.75 -13.26 -42.00
N VAL G 353 -26.49 -13.30 -41.56
CA VAL G 353 -25.61 -14.52 -41.72
C VAL G 353 -25.35 -15.12 -40.34
N GLY G 354 -25.25 -16.45 -40.28
CA GLY G 354 -24.89 -17.23 -39.08
C GLY G 354 -23.87 -18.31 -39.42
N ILE G 355 -22.74 -18.34 -38.72
CA ILE G 355 -21.56 -19.21 -39.03
C ILE G 355 -21.32 -20.13 -37.83
N ASN G 356 -21.65 -21.41 -37.96
CA ASN G 356 -21.33 -22.50 -36.99
C ASN G 356 -20.05 -23.22 -37.46
N TYR G 357 -19.20 -23.64 -36.52
CA TYR G 357 -17.99 -24.46 -36.82
C TYR G 357 -18.40 -25.92 -37.06
N GLN G 358 -19.43 -26.41 -36.35
CA GLN G 358 -19.92 -27.80 -36.44
C GLN G 358 -20.37 -28.08 -37.87
N PRO G 359 -19.79 -29.08 -38.57
CA PRO G 359 -20.26 -29.48 -39.89
C PRO G 359 -21.51 -30.34 -39.75
N PRO G 360 -22.33 -30.49 -40.82
CA PRO G 360 -23.55 -31.29 -40.75
C PRO G 360 -23.23 -32.80 -40.70
N THR G 361 -24.08 -33.57 -40.02
CA THR G 361 -23.91 -35.04 -39.83
C THR G 361 -24.41 -35.79 -41.07
N VAL G 362 -23.72 -36.87 -41.44
CA VAL G 362 -24.09 -37.79 -42.55
C VAL G 362 -24.87 -38.97 -41.92
N VAL G 363 -26.19 -39.01 -42.12
CA VAL G 363 -27.08 -40.08 -41.59
C VAL G 363 -26.79 -41.36 -42.40
N PRO G 364 -26.51 -42.52 -41.75
CA PRO G 364 -26.33 -43.78 -42.47
C PRO G 364 -27.61 -44.30 -43.13
N GLY G 365 -27.49 -44.78 -44.38
CA GLY G 365 -28.62 -45.07 -45.28
C GLY G 365 -29.22 -43.79 -45.86
N GLY G 366 -28.53 -42.66 -45.69
CA GLY G 366 -29.02 -41.31 -46.04
C GLY G 366 -28.49 -40.86 -47.37
N ASP G 367 -29.38 -40.34 -48.23
CA ASP G 367 -29.05 -39.86 -49.60
C ASP G 367 -28.43 -38.46 -49.46
N LEU G 368 -27.13 -38.42 -49.16
CA LEU G 368 -26.30 -37.19 -49.04
C LEU G 368 -24.83 -37.58 -48.96
N ALA G 369 -23.92 -36.63 -49.19
CA ALA G 369 -22.46 -36.76 -49.05
C ALA G 369 -22.01 -36.04 -47.78
N LYS G 370 -21.09 -36.63 -47.01
CA LYS G 370 -20.41 -35.94 -45.88
C LYS G 370 -19.60 -34.78 -46.46
N VAL G 371 -19.97 -33.56 -46.08
CA VAL G 371 -19.47 -32.29 -46.69
C VAL G 371 -18.98 -31.38 -45.56
N MET G 372 -17.87 -30.68 -45.79
CA MET G 372 -17.15 -29.90 -44.74
C MET G 372 -17.78 -28.50 -44.58
N ARG G 373 -18.68 -28.08 -45.48
CA ARG G 373 -19.40 -26.78 -45.42
C ARG G 373 -20.88 -26.99 -45.74
N ALA G 374 -21.73 -26.04 -45.35
CA ALA G 374 -23.18 -26.02 -45.69
C ALA G 374 -23.76 -24.61 -45.53
N VAL G 375 -25.05 -24.47 -45.87
CA VAL G 375 -25.86 -23.26 -45.54
C VAL G 375 -27.35 -23.59 -45.70
N CYS G 376 -28.18 -23.17 -44.74
CA CYS G 376 -29.66 -23.13 -44.82
C CYS G 376 -30.11 -21.66 -44.89
N MET G 377 -30.56 -21.22 -46.07
CA MET G 377 -31.10 -19.85 -46.27
C MET G 377 -32.62 -19.90 -46.15
N ILE G 378 -33.18 -19.32 -45.08
CA ILE G 378 -34.62 -18.96 -44.97
C ILE G 378 -34.75 -17.54 -45.56
N SER G 379 -35.55 -17.36 -46.61
CA SER G 379 -35.71 -16.09 -47.36
C SER G 379 -37.18 -15.63 -47.35
N ASN G 380 -37.41 -14.39 -46.94
CA ASN G 380 -38.70 -13.67 -47.17
C ASN G 380 -38.63 -13.05 -48.57
N SER G 381 -39.38 -13.61 -49.53
CA SER G 381 -39.46 -13.16 -50.93
C SER G 381 -40.89 -12.71 -51.24
N THR G 382 -41.04 -11.75 -52.16
CA THR G 382 -42.35 -11.30 -52.70
C THR G 382 -42.91 -12.37 -53.66
N ALA G 383 -42.08 -13.34 -54.07
CA ALA G 383 -42.44 -14.48 -54.93
C ALA G 383 -43.45 -15.43 -54.26
N ILE G 384 -43.45 -15.48 -52.92
CA ILE G 384 -44.35 -16.38 -52.11
C ILE G 384 -45.80 -16.17 -52.57
N ALA G 385 -46.17 -14.93 -52.89
CA ALA G 385 -47.49 -14.50 -53.43
C ALA G 385 -48.00 -15.46 -54.51
N GLU G 386 -47.10 -15.93 -55.38
CA GLU G 386 -47.40 -16.84 -56.53
C GLU G 386 -48.04 -18.14 -56.04
N VAL G 387 -47.53 -18.75 -54.96
CA VAL G 387 -48.06 -20.03 -54.38
C VAL G 387 -49.48 -19.78 -53.88
N PHE G 388 -49.70 -18.64 -53.20
CA PHE G 388 -51.01 -18.27 -52.59
C PHE G 388 -52.04 -17.97 -53.68
N SER G 389 -51.63 -17.35 -54.79
CA SER G 389 -52.53 -17.02 -55.94
C SER G 389 -53.02 -18.31 -56.63
N ARG G 390 -52.15 -19.32 -56.76
CA ARG G 390 -52.48 -20.64 -57.35
C ARG G 390 -53.47 -21.38 -56.45
N LEU G 391 -53.22 -21.40 -55.14
CA LEU G 391 -54.12 -22.04 -54.13
C LEU G 391 -55.45 -21.29 -54.04
N ASP G 392 -55.46 -19.98 -54.36
CA ASP G 392 -56.68 -19.14 -54.44
C ASP G 392 -57.44 -19.45 -55.74
N HIS G 393 -56.74 -19.50 -56.87
CA HIS G 393 -57.30 -19.89 -58.19
C HIS G 393 -57.90 -21.29 -58.10
N LYS G 394 -57.11 -22.27 -57.64
CA LYS G 394 -57.52 -23.70 -57.52
C LYS G 394 -58.73 -23.83 -56.58
N PHE G 395 -58.84 -22.94 -55.59
CA PHE G 395 -60.00 -22.87 -54.66
C PHE G 395 -61.20 -22.19 -55.33
N ASP G 396 -60.99 -21.11 -56.08
CA ASP G 396 -62.08 -20.29 -56.66
C ASP G 396 -62.86 -21.09 -57.71
N LEU G 397 -62.23 -22.11 -58.31
CA LEU G 397 -62.90 -23.12 -59.17
C LEU G 397 -63.98 -23.84 -58.35
N MET G 398 -63.60 -24.33 -57.16
CA MET G 398 -64.53 -24.78 -56.10
C MET G 398 -65.26 -23.57 -55.55
N TYR G 399 -66.24 -23.76 -54.67
CA TYR G 399 -66.96 -22.68 -53.95
C TYR G 399 -67.61 -21.70 -54.94
N ALA G 400 -67.42 -21.94 -56.25
CA ALA G 400 -68.34 -21.53 -57.34
C ALA G 400 -69.47 -22.57 -57.41
N LYS G 401 -69.10 -23.86 -57.37
CA LYS G 401 -70.04 -25.01 -57.41
C LYS G 401 -70.51 -25.36 -55.98
N ARG G 402 -69.82 -24.88 -54.94
CA ARG G 402 -69.99 -25.29 -53.51
C ARG G 402 -69.58 -26.76 -53.41
N ALA G 403 -68.40 -27.07 -53.94
CA ALA G 403 -68.01 -28.35 -54.58
C ALA G 403 -67.87 -29.49 -53.56
N PHE G 404 -67.45 -29.21 -52.32
CA PHE G 404 -67.26 -30.25 -51.27
C PHE G 404 -67.72 -29.72 -49.91
N VAL G 405 -68.55 -28.68 -49.92
CA VAL G 405 -68.82 -27.83 -48.72
C VAL G 405 -69.65 -28.62 -47.71
N HIS G 406 -70.58 -29.44 -48.22
CA HIS G 406 -71.53 -30.27 -47.43
C HIS G 406 -70.79 -31.04 -46.32
N TRP G 407 -69.59 -31.55 -46.60
CA TRP G 407 -68.72 -32.22 -45.61
C TRP G 407 -68.37 -31.24 -44.48
N TYR G 408 -67.76 -30.11 -44.87
CA TYR G 408 -67.23 -29.08 -43.94
C TYR G 408 -68.37 -28.49 -43.11
N VAL G 409 -69.51 -28.22 -43.74
CA VAL G 409 -70.72 -27.63 -43.08
C VAL G 409 -71.32 -28.64 -42.10
N GLY G 410 -71.35 -29.92 -42.46
CA GLY G 410 -71.89 -31.02 -41.62
C GLY G 410 -71.12 -31.21 -40.32
N GLU G 411 -69.86 -30.75 -40.26
CA GLU G 411 -68.92 -31.01 -39.13
C GLU G 411 -68.66 -29.71 -38.34
N GLY G 412 -69.48 -28.66 -38.55
CA GLY G 412 -69.62 -27.51 -37.63
C GLY G 412 -69.06 -26.21 -38.17
N MET G 413 -68.49 -26.20 -39.39
CA MET G 413 -67.94 -24.98 -40.05
C MET G 413 -69.06 -24.31 -40.84
N GLU G 414 -69.52 -23.13 -40.39
CA GLU G 414 -70.48 -22.26 -41.11
C GLU G 414 -69.89 -21.93 -42.50
N GLU G 415 -70.75 -21.82 -43.52
CA GLU G 415 -70.34 -21.67 -44.95
C GLU G 415 -69.57 -20.35 -45.15
N GLY G 416 -69.98 -19.28 -44.46
CA GLY G 416 -69.34 -17.95 -44.50
C GLY G 416 -67.86 -17.97 -44.10
N GLU G 417 -67.41 -19.00 -43.38
CA GLU G 417 -66.00 -19.15 -42.92
C GLU G 417 -65.07 -19.35 -44.11
N PHE G 418 -65.51 -20.08 -45.15
CA PHE G 418 -64.79 -20.27 -46.44
C PHE G 418 -64.62 -18.93 -47.14
N SER G 419 -65.71 -18.16 -47.25
CA SER G 419 -65.76 -16.83 -47.89
C SER G 419 -64.83 -15.85 -47.15
N GLU G 420 -64.92 -15.83 -45.82
CA GLU G 420 -64.01 -15.09 -44.90
C GLU G 420 -62.56 -15.39 -45.28
N ALA G 421 -62.17 -16.66 -45.24
CA ALA G 421 -60.79 -17.16 -45.45
C ALA G 421 -60.27 -16.66 -46.80
N ARG G 422 -61.01 -16.91 -47.89
CA ARG G 422 -60.64 -16.48 -49.27
C ARG G 422 -60.45 -14.95 -49.31
N GLU G 423 -61.32 -14.20 -48.63
CA GLU G 423 -61.26 -12.71 -48.57
C GLU G 423 -59.96 -12.26 -47.89
N ASP G 424 -59.53 -12.98 -46.84
CA ASP G 424 -58.32 -12.65 -46.05
C ASP G 424 -57.05 -13.04 -46.81
N LEU G 425 -57.06 -14.13 -47.57
CA LEU G 425 -55.92 -14.55 -48.43
C LEU G 425 -55.81 -13.63 -49.65
N ALA G 426 -56.95 -13.16 -50.18
CA ALA G 426 -57.02 -12.14 -51.24
C ALA G 426 -56.43 -10.82 -50.74
N ALA G 427 -56.61 -10.53 -49.44
CA ALA G 427 -56.07 -9.34 -48.74
C ALA G 427 -54.55 -9.50 -48.53
N LEU G 428 -54.06 -10.73 -48.35
CA LEU G 428 -52.61 -11.05 -48.23
C LEU G 428 -51.90 -10.76 -49.55
N GLU G 429 -52.38 -11.33 -50.67
CA GLU G 429 -51.74 -11.20 -52.00
C GLU G 429 -51.88 -9.76 -52.51
N LYS G 430 -52.81 -8.97 -51.94
CA LYS G 430 -52.83 -7.49 -52.10
C LYS G 430 -51.61 -6.91 -51.38
N ASP G 431 -51.35 -7.32 -50.13
CA ASP G 431 -50.23 -6.82 -49.28
C ASP G 431 -48.88 -7.14 -49.92
N TYR G 432 -48.71 -8.35 -50.45
CA TYR G 432 -47.41 -8.88 -50.97
C TYR G 432 -46.96 -8.05 -52.18
N GLU G 433 -47.89 -7.61 -53.03
CA GLU G 433 -47.59 -6.70 -54.17
C GLU G 433 -47.26 -5.30 -53.63
N GLU G 434 -48.09 -4.77 -52.71
CA GLU G 434 -47.96 -3.42 -52.09
C GLU G 434 -46.56 -3.19 -51.52
N VAL G 435 -45.98 -4.18 -50.82
CA VAL G 435 -44.60 -4.10 -50.25
C VAL G 435 -43.59 -4.24 -51.40
N GLY G 436 -43.88 -5.10 -52.39
CA GLY G 436 -43.09 -5.26 -53.63
C GLY G 436 -42.96 -3.97 -54.42
N ILE G 437 -43.99 -3.11 -54.41
CA ILE G 437 -44.01 -1.77 -55.06
C ILE G 437 -42.82 -0.95 -54.52
N GLU G 438 -42.07 -0.29 -55.40
CA GLU G 438 -40.91 0.59 -55.07
C GLU G 438 -41.41 1.80 -54.25
N THR G 439 -40.53 2.37 -53.40
CA THR G 439 -40.83 3.49 -52.46
C THR G 439 -41.34 4.71 -53.23
N ALA G 440 -42.35 5.40 -52.69
CA ALA G 440 -42.94 6.63 -53.26
C ALA G 440 -42.23 7.86 -52.69
N MET H 1 -58.25 -49.66 -33.42
CA MET H 1 -59.74 -49.85 -33.51
C MET H 1 -60.19 -49.49 -34.94
N ARG H 2 -61.05 -48.47 -35.13
CA ARG H 2 -61.70 -48.13 -36.42
C ARG H 2 -62.35 -49.41 -37.00
N GLU H 3 -63.12 -50.13 -36.19
CA GLU H 3 -63.68 -51.47 -36.53
C GLU H 3 -64.73 -51.32 -37.63
N ILE H 4 -64.88 -52.36 -38.45
CA ILE H 4 -65.87 -52.45 -39.58
C ILE H 4 -66.75 -53.69 -39.35
N VAL H 5 -68.06 -53.49 -39.25
CA VAL H 5 -69.07 -54.58 -39.20
C VAL H 5 -69.50 -54.88 -40.63
N HIS H 6 -69.36 -56.13 -41.07
CA HIS H 6 -69.76 -56.61 -42.42
C HIS H 6 -71.14 -57.27 -42.32
N ILE H 7 -72.08 -56.87 -43.19
CA ILE H 7 -73.38 -57.58 -43.38
C ILE H 7 -73.41 -58.11 -44.82
N GLN H 8 -73.45 -59.44 -44.97
CA GLN H 8 -73.54 -60.16 -46.28
C GLN H 8 -74.99 -60.63 -46.44
N GLY H 9 -75.80 -59.84 -47.16
CA GLY H 9 -77.26 -60.01 -47.25
C GLY H 9 -77.69 -60.53 -48.61
N GLY H 10 -78.38 -61.68 -48.64
CA GLY H 10 -78.86 -62.33 -49.88
C GLY H 10 -77.84 -63.31 -50.44
N GLN H 11 -78.32 -64.35 -51.14
CA GLN H 11 -77.51 -65.47 -51.68
C GLN H 11 -76.22 -64.91 -52.27
N CYS H 12 -76.32 -64.03 -53.27
CA CYS H 12 -75.19 -63.33 -53.94
C CYS H 12 -74.24 -62.78 -52.87
N GLY H 13 -74.78 -61.96 -51.96
CA GLY H 13 -74.04 -61.32 -50.85
C GLY H 13 -73.28 -62.33 -50.01
N ASN H 14 -73.94 -63.43 -49.64
CA ASN H 14 -73.37 -64.50 -48.77
C ASN H 14 -72.22 -65.21 -49.51
N GLN H 15 -72.32 -65.39 -50.83
CA GLN H 15 -71.28 -66.07 -51.66
C GLN H 15 -70.09 -65.13 -51.90
N ILE H 16 -70.33 -63.82 -52.00
CA ILE H 16 -69.23 -62.79 -52.09
C ILE H 16 -68.49 -62.77 -50.74
N GLY H 17 -69.24 -62.59 -49.64
CA GLY H 17 -68.72 -62.58 -48.27
C GLY H 17 -67.88 -63.79 -47.97
N ALA H 18 -68.37 -64.99 -48.31
CA ALA H 18 -67.67 -66.29 -48.17
C ALA H 18 -66.25 -66.15 -48.74
N LYS H 19 -66.15 -65.71 -50.00
CA LYS H 19 -64.86 -65.52 -50.71
C LYS H 19 -64.07 -64.38 -50.06
N PHE H 20 -64.73 -63.26 -49.76
CA PHE H 20 -64.08 -62.07 -49.13
C PHE H 20 -63.36 -62.51 -47.85
N TRP H 21 -64.07 -63.22 -46.97
CA TRP H 21 -63.56 -63.62 -45.62
C TRP H 21 -62.50 -64.73 -45.74
N GLU H 22 -62.45 -65.43 -46.88
CA GLU H 22 -61.29 -66.29 -47.24
C GLU H 22 -60.10 -65.40 -47.59
N VAL H 23 -60.35 -64.37 -48.42
CA VAL H 23 -59.31 -63.43 -48.94
C VAL H 23 -58.64 -62.71 -47.77
N ILE H 24 -59.43 -62.13 -46.87
CA ILE H 24 -58.91 -61.30 -45.73
C ILE H 24 -58.13 -62.21 -44.76
N SER H 25 -58.58 -63.47 -44.58
CA SER H 25 -57.96 -64.47 -43.68
C SER H 25 -56.54 -64.79 -44.13
N ASP H 26 -56.30 -64.85 -45.44
CA ASP H 26 -54.96 -65.10 -46.04
C ASP H 26 -54.02 -63.94 -45.68
N GLU H 27 -54.49 -62.70 -45.84
CA GLU H 27 -53.71 -61.45 -45.61
C GLU H 27 -53.35 -61.34 -44.12
N HIS H 28 -54.30 -61.67 -43.23
CA HIS H 28 -54.13 -61.63 -41.76
C HIS H 28 -53.60 -62.97 -41.22
N GLY H 29 -53.49 -63.99 -42.08
CA GLY H 29 -52.86 -65.28 -41.75
C GLY H 29 -53.72 -66.14 -40.85
N ILE H 30 -55.01 -65.83 -40.70
CA ILE H 30 -55.98 -66.63 -39.91
C ILE H 30 -56.28 -67.91 -40.71
N ASP H 31 -56.28 -69.06 -40.04
CA ASP H 31 -56.55 -70.39 -40.64
C ASP H 31 -58.03 -70.70 -40.50
N PRO H 32 -58.58 -71.67 -41.28
CA PRO H 32 -60.03 -71.92 -41.30
C PRO H 32 -60.66 -72.35 -39.96
N THR H 33 -59.85 -72.67 -38.95
CA THR H 33 -60.28 -73.02 -37.57
C THR H 33 -60.10 -71.82 -36.63
N GLY H 34 -59.84 -70.62 -37.16
CA GLY H 34 -59.80 -69.36 -36.40
C GLY H 34 -58.51 -69.16 -35.63
N THR H 35 -57.51 -70.02 -35.84
CA THR H 35 -56.15 -69.94 -35.23
C THR H 35 -55.26 -69.07 -36.12
N TYR H 36 -54.42 -68.22 -35.53
CA TYR H 36 -53.38 -67.44 -36.23
C TYR H 36 -52.17 -68.35 -36.48
N HIS H 37 -51.78 -68.53 -37.74
CA HIS H 37 -50.57 -69.27 -38.18
C HIS H 37 -49.74 -68.41 -39.15
N GLY H 38 -49.91 -67.08 -39.09
CA GLY H 38 -49.12 -66.12 -39.87
C GLY H 38 -47.69 -66.03 -39.38
N ASP H 39 -46.78 -65.59 -40.24
CA ASP H 39 -45.32 -65.53 -39.99
C ASP H 39 -44.91 -64.10 -39.58
N SER H 40 -45.65 -63.07 -40.00
CA SER H 40 -45.39 -61.63 -39.74
C SER H 40 -46.34 -61.11 -38.65
N ASP H 41 -45.80 -60.38 -37.66
CA ASP H 41 -46.57 -59.76 -36.54
C ASP H 41 -47.40 -58.59 -37.05
N LEU H 42 -47.03 -58.00 -38.20
CA LEU H 42 -47.80 -56.94 -38.92
C LEU H 42 -49.20 -57.43 -39.30
N GLN H 43 -49.40 -58.74 -39.45
CA GLN H 43 -50.71 -59.34 -39.83
C GLN H 43 -51.72 -59.14 -38.70
N LEU H 44 -51.32 -59.22 -37.42
CA LEU H 44 -52.25 -59.22 -36.26
C LEU H 44 -52.33 -57.84 -35.57
N GLU H 45 -51.54 -56.84 -35.98
CA GLU H 45 -51.47 -55.52 -35.26
C GLU H 45 -52.84 -54.84 -35.28
N ARG H 46 -53.56 -54.90 -36.42
CA ARG H 46 -54.86 -54.19 -36.64
C ARG H 46 -55.95 -55.19 -37.02
N ILE H 47 -55.80 -56.47 -36.68
CA ILE H 47 -56.79 -57.53 -37.04
C ILE H 47 -58.18 -57.12 -36.55
N ASN H 48 -58.27 -56.49 -35.38
CA ASN H 48 -59.53 -56.11 -34.68
C ASN H 48 -60.44 -55.30 -35.60
N VAL H 49 -59.91 -54.69 -36.68
CA VAL H 49 -60.70 -53.96 -37.71
C VAL H 49 -61.82 -54.86 -38.26
N TYR H 50 -61.54 -56.13 -38.55
CA TYR H 50 -62.49 -57.06 -39.21
C TYR H 50 -62.91 -58.19 -38.25
N TYR H 51 -61.99 -58.74 -37.47
CA TYR H 51 -62.24 -59.87 -36.54
C TYR H 51 -62.44 -59.35 -35.11
N ASN H 52 -63.28 -60.02 -34.33
CA ASN H 52 -63.37 -59.86 -32.85
C ASN H 52 -62.69 -61.07 -32.22
N GLU H 53 -61.68 -60.84 -31.36
CA GLU H 53 -60.94 -61.91 -30.64
C GLU H 53 -61.90 -62.65 -29.71
N ALA H 54 -62.17 -63.92 -30.00
CA ALA H 54 -62.93 -64.85 -29.13
C ALA H 54 -61.98 -65.48 -28.11
N THR H 55 -62.54 -66.19 -27.12
CA THR H 55 -61.79 -66.93 -26.07
C THR H 55 -60.96 -68.04 -26.72
N GLY H 56 -59.81 -68.36 -26.11
CA GLY H 56 -58.87 -69.41 -26.59
C GLY H 56 -58.01 -68.93 -27.75
N GLY H 57 -57.97 -67.61 -28.00
CA GLY H 57 -57.22 -66.99 -29.11
C GLY H 57 -57.77 -67.36 -30.49
N ARG H 58 -59.08 -67.66 -30.57
CA ARG H 58 -59.80 -67.81 -31.87
C ARG H 58 -60.15 -66.40 -32.36
N TYR H 59 -60.07 -66.18 -33.67
CA TYR H 59 -60.50 -64.94 -34.37
C TYR H 59 -61.80 -65.22 -35.13
N VAL H 60 -62.80 -64.36 -34.90
CA VAL H 60 -64.17 -64.49 -35.46
C VAL H 60 -64.42 -63.27 -36.34
N PRO H 61 -64.77 -63.46 -37.63
CA PRO H 61 -65.20 -62.37 -38.49
C PRO H 61 -66.40 -61.61 -37.89
N ARG H 62 -66.37 -60.28 -37.97
CA ARG H 62 -67.50 -59.40 -37.59
C ARG H 62 -68.42 -59.31 -38.81
N ALA H 63 -68.99 -60.46 -39.19
CA ALA H 63 -69.94 -60.65 -40.30
C ALA H 63 -71.34 -60.86 -39.73
N ILE H 64 -72.38 -60.34 -40.38
CA ILE H 64 -73.80 -60.69 -40.09
C ILE H 64 -74.40 -61.24 -41.38
N LEU H 65 -74.40 -62.57 -41.51
CA LEU H 65 -74.89 -63.31 -42.69
C LEU H 65 -76.41 -63.39 -42.60
N MET H 66 -77.11 -62.52 -43.32
CA MET H 66 -78.60 -62.51 -43.36
C MET H 66 -79.07 -63.02 -44.72
N ASP H 67 -80.18 -63.75 -44.72
CA ASP H 67 -80.92 -64.19 -45.93
C ASP H 67 -82.33 -64.58 -45.49
N LEU H 68 -83.26 -64.74 -46.44
CA LEU H 68 -84.65 -65.21 -46.19
C LEU H 68 -84.78 -66.69 -46.58
N GLU H 69 -83.71 -67.29 -47.10
CA GLU H 69 -83.63 -68.70 -47.58
C GLU H 69 -82.72 -69.47 -46.63
N PRO H 70 -83.18 -70.60 -46.01
CA PRO H 70 -82.34 -71.39 -45.12
C PRO H 70 -81.24 -72.20 -45.83
N GLY H 71 -81.41 -72.47 -47.13
CA GLY H 71 -80.46 -73.21 -47.98
C GLY H 71 -79.09 -72.54 -48.12
N THR H 72 -79.02 -71.22 -47.91
CA THR H 72 -77.78 -70.40 -48.06
C THR H 72 -76.81 -70.67 -46.90
N MET H 73 -77.31 -70.92 -45.68
CA MET H 73 -76.47 -71.30 -44.49
C MET H 73 -75.62 -72.52 -44.85
N ASP H 74 -76.23 -73.55 -45.44
CA ASP H 74 -75.56 -74.82 -45.86
C ASP H 74 -74.40 -74.48 -46.81
N SER H 75 -74.59 -73.50 -47.70
CA SER H 75 -73.61 -73.07 -48.74
C SER H 75 -72.39 -72.39 -48.11
N VAL H 76 -72.61 -71.49 -47.15
CA VAL H 76 -71.52 -70.72 -46.48
C VAL H 76 -70.78 -71.62 -45.47
N ARG H 77 -71.48 -72.61 -44.88
CA ARG H 77 -70.87 -73.66 -44.02
C ARG H 77 -70.00 -74.58 -44.88
N ALA H 78 -70.50 -74.99 -46.05
CA ALA H 78 -69.83 -75.90 -47.01
C ALA H 78 -68.47 -75.34 -47.45
N GLY H 79 -68.40 -74.03 -47.71
CA GLY H 79 -67.19 -73.33 -48.17
C GLY H 79 -66.01 -73.56 -47.23
N PRO H 80 -64.76 -73.63 -47.73
CA PRO H 80 -63.57 -73.54 -46.88
C PRO H 80 -63.59 -72.17 -46.19
N PHE H 81 -63.18 -72.11 -44.91
CA PHE H 81 -63.31 -70.94 -44.02
C PHE H 81 -64.80 -70.64 -43.74
N GLY H 82 -65.63 -71.70 -43.75
CA GLY H 82 -67.05 -71.64 -43.35
C GLY H 82 -67.23 -71.76 -41.86
N GLN H 83 -66.24 -72.35 -41.17
CA GLN H 83 -66.21 -72.53 -39.70
C GLN H 83 -65.73 -71.26 -39.01
N LEU H 84 -65.36 -70.21 -39.76
CA LEU H 84 -64.88 -68.92 -39.19
C LEU H 84 -66.06 -68.13 -38.61
N PHE H 85 -67.23 -68.15 -39.25
CA PHE H 85 -68.38 -67.25 -38.95
C PHE H 85 -69.10 -67.76 -37.69
N ARG H 86 -69.57 -66.83 -36.85
CA ARG H 86 -70.23 -67.13 -35.54
C ARG H 86 -71.66 -67.60 -35.79
N PRO H 87 -72.08 -68.78 -35.26
CA PRO H 87 -73.42 -69.32 -35.50
C PRO H 87 -74.53 -68.34 -35.14
N ASP H 88 -74.39 -67.66 -33.98
CA ASP H 88 -75.32 -66.62 -33.49
C ASP H 88 -75.50 -65.54 -34.57
N ASN H 89 -74.41 -65.17 -35.27
CA ASN H 89 -74.41 -64.12 -36.33
C ASN H 89 -75.28 -64.54 -37.51
N PHE H 90 -75.29 -65.83 -37.84
CA PHE H 90 -76.16 -66.40 -38.91
C PHE H 90 -77.63 -66.16 -38.54
N VAL H 91 -78.36 -65.39 -39.35
CA VAL H 91 -79.82 -65.12 -39.17
C VAL H 91 -80.52 -65.43 -40.50
N PHE H 92 -81.39 -66.46 -40.54
CA PHE H 92 -82.00 -66.98 -41.78
C PHE H 92 -83.49 -67.26 -41.57
N GLY H 93 -84.33 -66.80 -42.50
CA GLY H 93 -85.77 -67.10 -42.59
C GLY H 93 -86.00 -68.45 -43.24
N GLN H 94 -87.25 -68.75 -43.62
CA GLN H 94 -87.67 -70.08 -44.16
C GLN H 94 -88.15 -69.96 -45.61
N THR H 95 -89.08 -69.04 -45.89
CA THR H 95 -89.82 -68.96 -47.19
C THR H 95 -88.90 -68.50 -48.32
N GLY H 96 -88.17 -67.40 -48.12
CA GLY H 96 -87.36 -66.73 -49.17
C GLY H 96 -88.17 -65.66 -49.88
N ALA H 97 -87.49 -64.66 -50.45
CA ALA H 97 -88.11 -63.47 -51.08
C ALA H 97 -88.77 -63.85 -52.42
N GLY H 98 -88.21 -64.84 -53.14
CA GLY H 98 -88.69 -65.27 -54.46
C GLY H 98 -88.47 -64.21 -55.52
N ASN H 99 -87.29 -63.58 -55.51
CA ASN H 99 -86.86 -62.50 -56.44
C ASN H 99 -87.87 -61.33 -56.39
N ASN H 100 -88.42 -61.04 -55.20
CA ASN H 100 -89.42 -59.95 -54.98
C ASN H 100 -88.87 -58.98 -53.93
N TRP H 101 -88.66 -57.72 -54.33
CA TRP H 101 -88.24 -56.60 -53.43
C TRP H 101 -89.22 -56.48 -52.27
N ALA H 102 -90.53 -56.52 -52.57
CA ALA H 102 -91.64 -56.28 -51.61
C ALA H 102 -91.60 -57.33 -50.50
N LYS H 103 -91.56 -58.61 -50.85
CA LYS H 103 -91.58 -59.74 -49.88
C LYS H 103 -90.40 -59.57 -48.93
N GLY H 104 -89.22 -59.22 -49.46
CA GLY H 104 -87.98 -59.02 -48.70
C GLY H 104 -87.89 -57.67 -48.02
N HIS H 105 -88.76 -56.71 -48.36
CA HIS H 105 -88.83 -55.37 -47.74
C HIS H 105 -90.05 -55.27 -46.81
N TYR H 106 -91.26 -55.45 -47.34
CA TYR H 106 -92.52 -55.04 -46.68
C TYR H 106 -93.15 -56.18 -45.86
N THR H 107 -93.00 -57.45 -46.24
CA THR H 107 -93.62 -58.60 -45.52
C THR H 107 -92.54 -59.49 -44.89
N GLU H 108 -92.14 -60.57 -45.56
CA GLU H 108 -91.29 -61.65 -44.97
C GLU H 108 -90.04 -61.03 -44.32
N GLY H 109 -89.33 -60.17 -45.06
CA GLY H 109 -88.10 -59.50 -44.59
C GLY H 109 -88.38 -58.54 -43.45
N ALA H 110 -89.53 -57.86 -43.45
CA ALA H 110 -89.97 -56.92 -42.40
C ALA H 110 -90.01 -57.63 -41.03
N GLU H 111 -90.34 -58.92 -41.01
CA GLU H 111 -90.40 -59.75 -39.78
C GLU H 111 -88.98 -60.07 -39.30
N LEU H 112 -88.05 -60.38 -40.21
CA LEU H 112 -86.70 -60.92 -39.86
C LEU H 112 -85.79 -59.79 -39.36
N ILE H 113 -85.78 -58.62 -40.01
CA ILE H 113 -84.82 -57.50 -39.76
C ILE H 113 -84.71 -57.19 -38.26
N ASP H 114 -85.82 -57.19 -37.51
CA ASP H 114 -85.84 -56.87 -36.04
C ASP H 114 -84.87 -57.82 -35.31
N SER H 115 -84.79 -59.08 -35.73
CA SER H 115 -83.85 -60.10 -35.21
C SER H 115 -82.41 -59.75 -35.62
N VAL H 116 -82.20 -59.24 -36.84
CA VAL H 116 -80.85 -58.91 -37.41
C VAL H 116 -80.29 -57.68 -36.68
N LEU H 117 -81.09 -56.61 -36.59
CA LEU H 117 -80.72 -55.35 -35.90
C LEU H 117 -80.11 -55.67 -34.53
N ASP H 118 -80.76 -56.55 -33.75
CA ASP H 118 -80.29 -56.98 -32.41
C ASP H 118 -78.87 -57.55 -32.50
N VAL H 119 -78.54 -58.26 -33.59
CA VAL H 119 -77.17 -58.79 -33.86
C VAL H 119 -76.27 -57.62 -34.31
N VAL H 120 -76.78 -56.73 -35.19
CA VAL H 120 -76.02 -55.55 -35.70
C VAL H 120 -75.60 -54.67 -34.51
N ARG H 121 -76.58 -54.28 -33.68
CA ARG H 121 -76.36 -53.50 -32.43
C ARG H 121 -75.29 -54.18 -31.58
N LYS H 122 -75.40 -55.50 -31.37
CA LYS H 122 -74.52 -56.32 -30.50
C LYS H 122 -73.05 -56.19 -30.96
N GLU H 123 -72.79 -56.40 -32.25
CA GLU H 123 -71.42 -56.38 -32.84
C GLU H 123 -70.90 -54.93 -32.94
N ALA H 124 -71.79 -53.97 -33.21
CA ALA H 124 -71.46 -52.53 -33.34
C ALA H 124 -71.03 -51.96 -31.98
N GLU H 125 -71.74 -52.31 -30.90
CA GLU H 125 -71.45 -51.84 -29.51
C GLU H 125 -70.11 -52.39 -29.04
N GLY H 126 -69.79 -53.65 -29.36
CA GLY H 126 -68.54 -54.34 -28.99
C GLY H 126 -67.31 -53.54 -29.40
N CYS H 127 -67.36 -52.92 -30.58
CA CYS H 127 -66.31 -52.00 -31.13
C CYS H 127 -66.17 -50.78 -30.22
N ASP H 128 -64.93 -50.40 -29.88
CA ASP H 128 -64.61 -49.20 -29.05
C ASP H 128 -64.90 -47.95 -29.89
N CYS H 129 -64.41 -47.92 -31.14
CA CYS H 129 -64.76 -46.92 -32.18
C CYS H 129 -65.11 -47.63 -33.49
N LEU H 130 -66.38 -47.55 -33.91
CA LEU H 130 -66.87 -48.12 -35.18
C LEU H 130 -66.56 -47.15 -36.32
N GLN H 131 -65.71 -47.57 -37.26
CA GLN H 131 -65.49 -46.86 -38.55
C GLN H 131 -66.84 -46.76 -39.27
N GLY H 132 -67.50 -47.91 -39.43
CA GLY H 132 -68.79 -48.03 -40.12
C GLY H 132 -69.10 -49.47 -40.52
N PHE H 133 -69.85 -49.65 -41.60
CA PHE H 133 -70.31 -50.97 -42.12
C PHE H 133 -69.84 -51.12 -43.57
N GLN H 134 -69.72 -52.37 -44.04
CA GLN H 134 -69.52 -52.72 -45.48
C GLN H 134 -70.59 -53.76 -45.87
N ILE H 135 -71.77 -53.29 -46.30
CA ILE H 135 -72.90 -54.17 -46.70
C ILE H 135 -72.58 -54.72 -48.09
N THR H 136 -72.64 -56.04 -48.28
CA THR H 136 -72.46 -56.71 -49.60
C THR H 136 -73.75 -57.43 -49.97
N HIS H 137 -74.49 -56.88 -50.95
CA HIS H 137 -75.81 -57.39 -51.41
C HIS H 137 -75.93 -57.21 -52.92
N SER H 138 -76.84 -57.95 -53.56
CA SER H 138 -77.25 -57.75 -54.97
C SER H 138 -78.49 -56.86 -55.00
N LEU H 139 -78.54 -55.91 -55.94
CA LEU H 139 -79.74 -55.06 -56.20
C LEU H 139 -80.76 -55.87 -57.01
N GLY H 140 -80.33 -56.96 -57.66
CA GLY H 140 -81.14 -57.77 -58.60
C GLY H 140 -82.17 -58.65 -57.90
N GLY H 141 -81.76 -59.38 -56.87
CA GLY H 141 -82.60 -60.36 -56.16
C GLY H 141 -83.41 -59.74 -55.02
N GLY H 142 -84.44 -60.43 -54.56
CA GLY H 142 -85.45 -59.92 -53.61
C GLY H 142 -84.87 -59.75 -52.21
N THR H 143 -84.15 -60.76 -51.71
CA THR H 143 -83.56 -60.79 -50.34
C THR H 143 -82.49 -59.70 -50.23
N GLY H 144 -81.43 -59.79 -51.04
CA GLY H 144 -80.30 -58.84 -51.06
C GLY H 144 -80.78 -57.41 -51.23
N SER H 145 -81.74 -57.17 -52.11
CA SER H 145 -82.29 -55.82 -52.42
C SER H 145 -83.28 -55.39 -51.33
N GLY H 146 -84.32 -56.19 -51.08
CA GLY H 146 -85.37 -55.94 -50.08
C GLY H 146 -84.80 -55.72 -48.69
N MET H 147 -84.40 -56.79 -48.01
CA MET H 147 -83.81 -56.72 -46.63
C MET H 147 -82.62 -55.75 -46.63
N GLY H 148 -81.66 -55.93 -47.55
CA GLY H 148 -80.45 -55.11 -47.66
C GLY H 148 -80.75 -53.64 -47.48
N THR H 149 -81.66 -53.10 -48.29
CA THR H 149 -82.10 -51.67 -48.27
C THR H 149 -82.80 -51.36 -46.94
N LEU H 150 -83.71 -52.23 -46.51
CA LEU H 150 -84.48 -52.06 -45.24
C LEU H 150 -83.53 -51.98 -44.05
N LEU H 151 -82.57 -52.92 -43.97
CA LEU H 151 -81.50 -52.93 -42.95
C LEU H 151 -80.72 -51.61 -43.04
N ILE H 152 -80.22 -51.27 -44.24
CA ILE H 152 -79.43 -50.03 -44.51
C ILE H 152 -80.21 -48.81 -44.00
N SER H 153 -81.52 -48.75 -44.28
CA SER H 153 -82.45 -47.70 -43.79
C SER H 153 -82.44 -47.69 -42.25
N LYS H 154 -82.54 -48.87 -41.63
CA LYS H 154 -82.56 -49.05 -40.15
C LYS H 154 -81.23 -48.58 -39.55
N VAL H 155 -80.12 -49.25 -39.90
CA VAL H 155 -78.76 -49.01 -39.33
C VAL H 155 -78.43 -47.51 -39.40
N ARG H 156 -78.84 -46.83 -40.48
CA ARG H 156 -78.49 -45.40 -40.72
C ARG H 156 -79.26 -44.51 -39.73
N GLU H 157 -80.52 -44.83 -39.45
CA GLU H 157 -81.36 -44.11 -38.44
C GLU H 157 -80.70 -44.23 -37.05
N GLU H 158 -80.18 -45.42 -36.70
CA GLU H 158 -79.52 -45.70 -35.39
C GLU H 158 -78.12 -45.09 -35.38
N TYR H 159 -77.35 -45.25 -36.48
CA TYR H 159 -75.93 -44.81 -36.60
C TYR H 159 -75.79 -43.85 -37.78
N PRO H 160 -76.16 -42.56 -37.65
CA PRO H 160 -76.05 -41.61 -38.76
C PRO H 160 -74.60 -41.25 -39.15
N ASP H 161 -73.76 -40.93 -38.16
CA ASP H 161 -72.35 -40.47 -38.36
C ASP H 161 -71.52 -41.59 -39.00
N ARG H 162 -71.68 -42.83 -38.52
CA ARG H 162 -70.85 -43.99 -38.95
C ARG H 162 -71.04 -44.20 -40.45
N ILE H 163 -69.94 -44.45 -41.17
CA ILE H 163 -69.91 -44.64 -42.65
C ILE H 163 -70.77 -45.86 -43.00
N MET H 164 -71.65 -45.72 -44.01
CA MET H 164 -72.40 -46.85 -44.62
C MET H 164 -71.85 -47.08 -46.03
N GLU H 165 -70.98 -48.09 -46.16
CA GLU H 165 -70.35 -48.53 -47.44
C GLU H 165 -71.09 -49.77 -47.93
N THR H 166 -71.41 -49.83 -49.23
CA THR H 166 -72.18 -50.94 -49.86
C THR H 166 -71.48 -51.40 -51.16
N PHE H 167 -71.10 -52.67 -51.23
CA PHE H 167 -70.62 -53.35 -52.47
C PHE H 167 -71.79 -54.12 -53.08
N SER H 168 -72.49 -53.49 -54.03
CA SER H 168 -73.78 -53.97 -54.59
C SER H 168 -73.61 -54.42 -56.05
N VAL H 169 -74.03 -55.66 -56.36
CA VAL H 169 -74.09 -56.21 -57.75
C VAL H 169 -75.38 -55.69 -58.42
N VAL H 170 -75.25 -54.72 -59.32
CA VAL H 170 -76.37 -54.13 -60.12
C VAL H 170 -76.71 -55.13 -61.22
N PRO H 171 -78.00 -55.39 -61.55
CA PRO H 171 -78.33 -56.30 -62.64
C PRO H 171 -77.93 -55.75 -64.02
N SER H 172 -77.18 -56.53 -64.79
CA SER H 172 -76.66 -56.19 -66.13
C SER H 172 -77.66 -56.70 -67.19
N PRO H 173 -78.00 -55.90 -68.24
CA PRO H 173 -78.92 -56.34 -69.28
C PRO H 173 -78.42 -57.52 -70.14
N LYS H 174 -77.10 -57.75 -70.17
CA LYS H 174 -76.44 -58.83 -70.97
C LYS H 174 -76.80 -60.19 -70.37
N VAL H 175 -76.54 -60.39 -69.07
CA VAL H 175 -76.79 -61.68 -68.34
C VAL H 175 -78.29 -61.84 -68.14
N SER H 176 -78.93 -60.94 -67.39
CA SER H 176 -80.39 -60.85 -67.14
C SER H 176 -80.95 -62.24 -66.76
N ASP H 177 -80.34 -62.87 -65.74
CA ASP H 177 -80.65 -64.27 -65.33
C ASP H 177 -82.06 -64.32 -64.70
N THR H 178 -82.53 -63.20 -64.14
CA THR H 178 -83.90 -63.01 -63.59
C THR H 178 -84.69 -62.07 -64.53
N VAL H 179 -86.03 -62.14 -64.48
CA VAL H 179 -86.95 -61.37 -65.36
C VAL H 179 -87.34 -60.05 -64.67
N VAL H 180 -87.54 -60.06 -63.34
CA VAL H 180 -88.08 -58.91 -62.55
C VAL H 180 -86.94 -58.06 -61.96
N GLU H 181 -85.68 -58.30 -62.36
CA GLU H 181 -84.48 -57.53 -61.93
C GLU H 181 -84.73 -56.02 -62.00
N PRO H 182 -85.22 -55.46 -63.14
CA PRO H 182 -85.41 -54.02 -63.27
C PRO H 182 -86.22 -53.38 -62.13
N TYR H 183 -87.32 -54.01 -61.73
CA TYR H 183 -88.19 -53.59 -60.60
C TYR H 183 -87.37 -53.57 -59.31
N ASN H 184 -86.78 -54.72 -58.95
CA ASN H 184 -85.97 -54.89 -57.70
C ASN H 184 -84.92 -53.78 -57.62
N ALA H 185 -84.15 -53.59 -58.69
CA ALA H 185 -83.02 -52.62 -58.77
C ALA H 185 -83.53 -51.19 -58.66
N THR H 186 -84.62 -50.85 -59.35
CA THR H 186 -85.23 -49.49 -59.37
C THR H 186 -85.64 -49.09 -57.95
N LEU H 187 -86.37 -49.98 -57.26
CA LEU H 187 -86.86 -49.76 -55.87
C LEU H 187 -85.67 -49.69 -54.92
N SER H 188 -84.59 -50.42 -55.22
CA SER H 188 -83.36 -50.51 -54.39
C SER H 188 -82.66 -49.15 -54.34
N VAL H 189 -82.29 -48.59 -55.50
CA VAL H 189 -81.45 -47.37 -55.64
C VAL H 189 -82.13 -46.21 -54.92
N HIS H 190 -83.45 -46.09 -55.02
CA HIS H 190 -84.30 -45.10 -54.31
C HIS H 190 -83.93 -45.09 -52.83
N GLN H 191 -83.87 -46.27 -52.21
CA GLN H 191 -83.54 -46.44 -50.77
C GLN H 191 -82.04 -46.23 -50.55
N LEU H 192 -81.19 -46.75 -51.46
CA LEU H 192 -79.70 -46.70 -51.33
C LEU H 192 -79.23 -45.25 -51.37
N VAL H 193 -79.66 -44.45 -52.34
CA VAL H 193 -79.15 -43.06 -52.59
C VAL H 193 -79.39 -42.18 -51.34
N GLU H 194 -80.48 -42.40 -50.60
CA GLU H 194 -80.80 -41.61 -49.38
C GLU H 194 -79.92 -42.09 -48.21
N ASN H 195 -79.69 -43.41 -48.09
CA ASN H 195 -79.24 -44.06 -46.83
C ASN H 195 -77.80 -44.58 -46.93
N ALA H 196 -77.21 -44.73 -48.13
CA ALA H 196 -75.82 -45.19 -48.33
C ALA H 196 -74.89 -43.98 -48.45
N ASP H 197 -73.74 -44.03 -47.78
CA ASP H 197 -72.71 -42.95 -47.79
C ASP H 197 -71.89 -43.10 -49.08
N GLU H 198 -71.38 -44.30 -49.35
CA GLU H 198 -70.60 -44.65 -50.56
C GLU H 198 -71.03 -46.02 -51.07
N CYS H 199 -71.53 -46.09 -52.31
CA CYS H 199 -72.00 -47.32 -53.00
C CYS H 199 -71.02 -47.66 -54.13
N MET H 200 -70.33 -48.79 -54.03
CA MET H 200 -69.44 -49.33 -55.10
C MET H 200 -70.25 -50.29 -55.97
N VAL H 201 -70.72 -49.80 -57.12
CA VAL H 201 -71.56 -50.59 -58.09
C VAL H 201 -70.65 -51.63 -58.76
N ILE H 202 -71.01 -52.91 -58.62
CA ILE H 202 -70.36 -54.08 -59.27
C ILE H 202 -71.36 -54.61 -60.32
N ASP H 203 -70.86 -55.20 -61.42
CA ASP H 203 -71.68 -55.82 -62.49
C ASP H 203 -71.04 -57.14 -62.93
N ASN H 204 -71.85 -58.19 -63.05
CA ASN H 204 -71.41 -59.56 -63.48
C ASN H 204 -70.86 -59.50 -64.90
N GLU H 205 -71.51 -58.72 -65.79
CA GLU H 205 -71.08 -58.54 -67.21
C GLU H 205 -69.60 -58.15 -67.23
N ALA H 206 -69.26 -57.05 -66.56
CA ALA H 206 -67.88 -56.51 -66.47
C ALA H 206 -66.94 -57.57 -65.88
N LEU H 207 -67.34 -58.20 -64.78
CA LEU H 207 -66.53 -59.26 -64.09
C LEU H 207 -66.25 -60.41 -65.06
N TYR H 208 -67.26 -60.86 -65.83
CA TYR H 208 -67.13 -61.89 -66.89
C TYR H 208 -66.13 -61.40 -67.96
N ASP H 209 -66.23 -60.11 -68.34
CA ASP H 209 -65.34 -59.47 -69.34
C ASP H 209 -63.89 -59.51 -68.84
N ILE H 210 -63.65 -59.14 -67.58
CA ILE H 210 -62.29 -59.15 -66.95
C ILE H 210 -61.75 -60.59 -67.01
N CYS H 211 -62.63 -61.60 -66.87
CA CYS H 211 -62.26 -63.04 -66.84
C CYS H 211 -61.96 -63.59 -68.24
N PHE H 212 -62.61 -63.06 -69.29
CA PHE H 212 -62.42 -63.52 -70.70
C PHE H 212 -61.30 -62.72 -71.38
N ARG H 213 -61.01 -61.47 -70.95
CA ARG H 213 -60.05 -60.55 -71.62
C ARG H 213 -58.83 -60.30 -70.72
N THR H 214 -58.95 -59.47 -69.67
CA THR H 214 -57.81 -59.07 -68.78
C THR H 214 -57.10 -60.35 -68.28
N LEU H 215 -57.84 -61.20 -67.55
CA LEU H 215 -57.46 -62.61 -67.29
C LEU H 215 -57.98 -63.45 -68.46
N LYS H 216 -57.43 -64.64 -68.68
CA LYS H 216 -57.86 -65.57 -69.76
C LYS H 216 -58.27 -66.90 -69.13
N LEU H 217 -59.49 -66.94 -68.58
CA LEU H 217 -60.11 -68.11 -67.93
C LEU H 217 -60.96 -68.83 -68.97
N THR H 218 -60.80 -70.16 -69.10
CA THR H 218 -61.59 -71.03 -70.01
C THR H 218 -63.01 -71.20 -69.44
N THR H 219 -63.13 -71.33 -68.11
CA THR H 219 -64.40 -71.51 -67.37
C THR H 219 -64.44 -70.58 -66.16
N PRO H 220 -64.75 -69.27 -66.35
CA PRO H 220 -65.06 -68.39 -65.22
C PRO H 220 -66.39 -68.76 -64.54
N THR H 221 -66.32 -69.14 -63.26
CA THR H 221 -67.48 -69.45 -62.39
C THR H 221 -67.77 -68.25 -61.49
N TYR H 222 -68.87 -68.28 -60.75
CA TYR H 222 -69.26 -67.23 -59.77
C TYR H 222 -68.24 -67.17 -58.63
N GLY H 223 -67.50 -68.27 -58.38
CA GLY H 223 -66.32 -68.29 -57.50
C GLY H 223 -65.27 -67.31 -57.94
N ASP H 224 -64.89 -67.34 -59.22
CA ASP H 224 -63.83 -66.48 -59.82
C ASP H 224 -64.31 -65.03 -59.88
N LEU H 225 -65.58 -64.80 -60.24
CA LEU H 225 -66.21 -63.46 -60.25
C LEU H 225 -66.17 -62.88 -58.82
N ASN H 226 -66.53 -63.68 -57.82
CA ASN H 226 -66.48 -63.28 -56.38
C ASN H 226 -65.05 -62.94 -55.99
N HIS H 227 -64.06 -63.69 -56.49
CA HIS H 227 -62.62 -63.55 -56.14
C HIS H 227 -62.09 -62.17 -56.52
N LEU H 228 -62.55 -61.62 -57.64
CA LEU H 228 -62.14 -60.28 -58.14
C LEU H 228 -62.77 -59.20 -57.24
N VAL H 229 -64.07 -59.32 -56.96
CA VAL H 229 -64.84 -58.39 -56.06
C VAL H 229 -64.13 -58.32 -54.71
N SER H 230 -63.79 -59.48 -54.16
CA SER H 230 -63.12 -59.65 -52.85
C SER H 230 -61.75 -58.95 -52.85
N ALA H 231 -60.94 -59.19 -53.88
CA ALA H 231 -59.59 -58.60 -54.07
C ALA H 231 -59.68 -57.08 -53.93
N ALA H 232 -60.65 -56.46 -54.63
CA ALA H 232 -60.95 -55.01 -54.58
C ALA H 232 -61.40 -54.62 -53.17
N MET H 233 -62.32 -55.41 -52.58
CA MET H 233 -62.93 -55.16 -51.24
C MET H 233 -61.83 -55.00 -50.17
N SER H 234 -60.77 -55.80 -50.25
CA SER H 234 -59.55 -55.70 -49.40
C SER H 234 -58.88 -54.35 -49.62
N GLY H 235 -58.64 -53.99 -50.88
CA GLY H 235 -57.96 -52.75 -51.32
C GLY H 235 -58.61 -51.50 -50.75
N VAL H 236 -59.93 -51.40 -50.81
CA VAL H 236 -60.73 -50.20 -50.40
C VAL H 236 -60.41 -49.86 -48.93
N THR H 237 -60.20 -50.88 -48.08
CA THR H 237 -59.97 -50.74 -46.61
C THR H 237 -58.73 -51.52 -46.18
N CYS H 238 -57.56 -51.09 -46.65
CA CYS H 238 -56.24 -51.70 -46.33
C CYS H 238 -55.47 -50.82 -45.35
N CYS H 239 -55.36 -49.53 -45.65
CA CYS H 239 -54.59 -48.52 -44.89
C CYS H 239 -55.13 -48.38 -43.46
N LEU H 240 -56.29 -48.96 -43.16
CA LEU H 240 -56.76 -49.25 -41.78
C LEU H 240 -55.91 -50.37 -41.17
N ARG H 241 -55.82 -51.50 -41.87
CA ARG H 241 -55.31 -52.80 -41.34
C ARG H 241 -53.78 -52.81 -41.29
N PHE H 242 -53.11 -51.98 -42.10
CA PHE H 242 -51.64 -52.03 -42.30
C PHE H 242 -51.06 -50.61 -42.28
N PRO H 243 -49.72 -50.46 -42.11
CA PRO H 243 -49.07 -49.16 -42.22
C PRO H 243 -49.08 -48.63 -43.67
N GLY H 244 -48.82 -47.33 -43.83
CA GLY H 244 -48.72 -46.65 -45.14
C GLY H 244 -47.78 -45.46 -45.09
N GLN H 245 -47.08 -45.20 -46.20
CA GLN H 245 -46.26 -43.97 -46.42
C GLN H 245 -47.19 -42.75 -46.39
N LEU H 246 -48.38 -42.89 -46.98
CA LEU H 246 -49.52 -41.95 -46.87
C LEU H 246 -50.78 -42.75 -46.53
N ASN H 247 -51.34 -42.54 -45.33
CA ASN H 247 -52.50 -43.32 -44.78
C ASN H 247 -53.81 -42.73 -45.30
N SER H 248 -54.81 -43.59 -45.46
CA SER H 248 -56.22 -43.26 -45.80
C SER H 248 -57.16 -44.17 -44.99
N ASP H 249 -58.46 -43.95 -45.12
CA ASP H 249 -59.53 -44.83 -44.54
C ASP H 249 -60.85 -44.53 -45.27
N LEU H 250 -61.91 -45.26 -44.93
CA LEU H 250 -63.24 -45.19 -45.61
C LEU H 250 -63.74 -43.75 -45.66
N ARG H 251 -63.78 -43.07 -44.51
CA ARG H 251 -64.26 -41.67 -44.40
C ARG H 251 -63.39 -40.78 -45.29
N LYS H 252 -62.06 -40.97 -45.26
CA LYS H 252 -61.11 -40.15 -46.06
C LYS H 252 -61.47 -40.32 -47.53
N LEU H 253 -61.68 -41.55 -48.00
CA LEU H 253 -62.07 -41.84 -49.41
C LEU H 253 -63.41 -41.12 -49.69
N ALA H 254 -64.39 -41.28 -48.81
CA ALA H 254 -65.75 -40.69 -48.91
C ALA H 254 -65.66 -39.16 -49.03
N VAL H 255 -64.82 -38.52 -48.20
CA VAL H 255 -64.64 -37.02 -48.16
C VAL H 255 -64.14 -36.54 -49.53
N ASN H 256 -63.29 -37.31 -50.21
CA ASN H 256 -62.58 -36.90 -51.45
C ASN H 256 -63.23 -37.51 -52.71
N LEU H 257 -64.12 -38.50 -52.57
CA LEU H 257 -64.80 -39.17 -53.71
C LEU H 257 -66.19 -38.56 -53.97
N ILE H 258 -66.87 -38.08 -52.91
CA ILE H 258 -68.28 -37.58 -52.99
C ILE H 258 -68.22 -36.05 -52.99
N PRO H 259 -68.35 -35.37 -54.15
CA PRO H 259 -68.41 -33.90 -54.16
C PRO H 259 -69.76 -33.39 -53.63
N PHE H 260 -70.87 -34.04 -54.01
CA PHE H 260 -72.25 -33.72 -53.55
C PHE H 260 -72.91 -35.00 -53.05
N PRO H 261 -73.74 -34.94 -51.98
CA PRO H 261 -74.19 -36.14 -51.26
C PRO H 261 -74.79 -37.25 -52.13
N ARG H 262 -75.50 -36.88 -53.20
CA ARG H 262 -76.31 -37.80 -54.05
C ARG H 262 -75.42 -38.55 -55.05
N LEU H 263 -74.16 -38.14 -55.23
CA LEU H 263 -73.22 -38.73 -56.23
C LEU H 263 -72.22 -39.66 -55.51
N HIS H 264 -72.69 -40.76 -54.93
CA HIS H 264 -71.83 -41.70 -54.16
C HIS H 264 -71.83 -43.09 -54.78
N PHE H 265 -72.11 -43.19 -56.09
CA PHE H 265 -71.93 -44.42 -56.89
C PHE H 265 -70.53 -44.34 -57.52
N PHE H 266 -69.74 -45.42 -57.39
CA PHE H 266 -68.32 -45.51 -57.83
C PHE H 266 -68.09 -46.81 -58.62
N MET H 267 -67.03 -46.84 -59.41
CA MET H 267 -66.57 -48.03 -60.18
C MET H 267 -65.26 -48.53 -59.59
N ILE H 268 -65.31 -49.64 -58.84
CA ILE H 268 -64.10 -50.31 -58.27
C ILE H 268 -63.40 -51.11 -59.38
N GLY H 269 -62.08 -51.28 -59.27
CA GLY H 269 -61.23 -51.97 -60.27
C GLY H 269 -59.83 -52.25 -59.74
N PHE H 270 -59.35 -53.49 -59.93
CA PHE H 270 -58.08 -54.01 -59.38
C PHE H 270 -57.05 -54.11 -60.52
N ALA H 271 -55.87 -53.49 -60.34
CA ALA H 271 -54.88 -53.20 -61.40
C ALA H 271 -53.93 -54.37 -61.71
N PRO H 272 -53.35 -55.09 -60.72
CA PRO H 272 -52.27 -56.04 -61.01
C PRO H 272 -52.73 -57.35 -61.68
N LEU H 273 -54.05 -57.55 -61.83
CA LEU H 273 -54.66 -58.75 -62.47
C LEU H 273 -54.12 -58.92 -63.89
N THR H 274 -53.60 -60.10 -64.20
CA THR H 274 -53.00 -60.45 -65.52
C THR H 274 -53.29 -61.93 -65.84
N SER H 275 -53.51 -62.23 -67.14
CA SER H 275 -53.55 -63.60 -67.71
C SER H 275 -52.29 -64.36 -67.30
N ARG H 276 -52.44 -65.62 -66.87
CA ARG H 276 -51.35 -66.46 -66.29
C ARG H 276 -50.36 -66.89 -67.37
N GLY H 277 -50.77 -66.84 -68.65
CA GLY H 277 -49.90 -67.07 -69.82
C GLY H 277 -48.69 -66.15 -69.82
N SER H 278 -48.91 -64.84 -69.66
CA SER H 278 -47.88 -63.77 -69.78
C SER H 278 -47.37 -63.32 -68.40
N GLN H 279 -47.84 -63.94 -67.31
CA GLN H 279 -47.52 -63.53 -65.91
C GLN H 279 -46.01 -63.42 -65.72
N GLN H 280 -45.26 -64.43 -66.18
CA GLN H 280 -43.76 -64.46 -66.12
C GLN H 280 -43.17 -63.38 -67.04
N TYR H 281 -43.76 -63.16 -68.21
CA TYR H 281 -43.29 -62.20 -69.25
C TYR H 281 -43.66 -60.76 -68.89
N ARG H 282 -44.72 -60.55 -68.10
CA ARG H 282 -45.11 -59.23 -67.53
C ARG H 282 -44.11 -58.83 -66.44
N ALA H 283 -43.84 -57.52 -66.30
CA ALA H 283 -43.05 -56.92 -65.22
C ALA H 283 -43.93 -55.94 -64.43
N LEU H 284 -43.83 -55.99 -63.11
CA LEU H 284 -44.62 -55.15 -62.17
C LEU H 284 -43.91 -53.79 -62.00
N THR H 285 -44.63 -52.70 -62.28
CA THR H 285 -44.17 -51.29 -62.18
C THR H 285 -45.38 -50.38 -61.93
N VAL H 286 -45.16 -49.21 -61.34
CA VAL H 286 -46.24 -48.21 -61.04
C VAL H 286 -46.87 -47.73 -62.35
N PRO H 287 -46.10 -47.28 -63.38
CA PRO H 287 -46.70 -46.86 -64.65
C PRO H 287 -47.59 -47.90 -65.33
N GLU H 288 -47.14 -49.16 -65.36
CA GLU H 288 -47.86 -50.30 -65.99
C GLU H 288 -49.23 -50.44 -65.33
N LEU H 289 -49.27 -50.49 -63.99
CA LEU H 289 -50.51 -50.75 -63.21
C LEU H 289 -51.46 -49.55 -63.34
N THR H 290 -50.92 -48.33 -63.32
CA THR H 290 -51.69 -47.06 -63.50
C THR H 290 -52.38 -47.06 -64.87
N GLN H 291 -51.77 -47.68 -65.88
CA GLN H 291 -52.37 -47.83 -67.24
C GLN H 291 -53.57 -48.78 -67.15
N GLN H 292 -53.43 -49.91 -66.46
CA GLN H 292 -54.51 -50.94 -66.38
C GLN H 292 -55.68 -50.40 -65.55
N MET H 293 -55.43 -49.70 -64.43
CA MET H 293 -56.51 -49.23 -63.51
C MET H 293 -57.38 -48.18 -64.21
N PHE H 294 -56.82 -47.39 -65.15
CA PHE H 294 -57.54 -46.34 -65.92
C PHE H 294 -57.99 -46.88 -67.30
N ASP H 295 -57.68 -48.13 -67.61
CA ASP H 295 -58.32 -48.87 -68.74
C ASP H 295 -59.78 -49.14 -68.35
N ALA H 296 -60.73 -48.71 -69.20
CA ALA H 296 -62.19 -48.91 -69.04
C ALA H 296 -62.52 -50.40 -68.92
N LYS H 297 -61.69 -51.27 -69.51
CA LYS H 297 -61.79 -52.75 -69.47
C LYS H 297 -61.72 -53.24 -68.01
N ASN H 298 -60.80 -52.69 -67.23
CA ASN H 298 -60.47 -53.12 -65.85
C ASN H 298 -61.65 -52.92 -64.90
N MET H 299 -62.48 -51.89 -65.15
CA MET H 299 -63.60 -51.50 -64.24
C MET H 299 -64.59 -52.66 -64.12
N MET H 300 -65.12 -52.87 -62.90
CA MET H 300 -66.12 -53.93 -62.58
C MET H 300 -67.53 -53.36 -62.70
N CYS H 301 -67.74 -52.43 -63.65
CA CYS H 301 -69.04 -51.83 -64.04
C CYS H 301 -69.14 -51.78 -65.57
N ALA H 302 -70.36 -51.95 -66.09
CA ALA H 302 -70.67 -52.07 -67.53
C ALA H 302 -70.30 -50.79 -68.28
N ALA H 303 -70.66 -49.63 -67.73
CA ALA H 303 -70.46 -48.30 -68.34
C ALA H 303 -68.97 -47.97 -68.44
N ASP H 304 -68.51 -47.58 -69.62
CA ASP H 304 -67.10 -47.18 -69.90
C ASP H 304 -66.91 -45.75 -69.44
N PRO H 305 -65.90 -45.45 -68.59
CA PRO H 305 -65.59 -44.07 -68.18
C PRO H 305 -65.34 -43.06 -69.31
N ARG H 306 -65.13 -43.53 -70.54
CA ARG H 306 -64.92 -42.70 -71.76
C ARG H 306 -66.15 -41.83 -72.05
N HIS H 307 -67.36 -42.38 -71.88
CA HIS H 307 -68.65 -41.69 -72.14
C HIS H 307 -68.84 -40.57 -71.12
N GLY H 308 -68.61 -40.89 -69.84
CA GLY H 308 -68.64 -39.95 -68.70
C GLY H 308 -67.34 -39.16 -68.57
N ARG H 309 -67.26 -38.34 -67.52
CA ARG H 309 -66.07 -37.54 -67.15
C ARG H 309 -65.91 -37.65 -65.63
N TYR H 310 -64.83 -38.27 -65.17
CA TYR H 310 -64.50 -38.48 -63.73
C TYR H 310 -64.69 -37.17 -62.96
N LEU H 311 -65.69 -37.11 -62.07
CA LEU H 311 -65.86 -36.03 -61.05
C LEU H 311 -64.66 -36.06 -60.11
N THR H 312 -64.16 -37.27 -59.85
CA THR H 312 -62.91 -37.56 -59.10
C THR H 312 -62.51 -39.02 -59.33
N ALA H 313 -61.38 -39.43 -58.73
CA ALA H 313 -60.91 -40.82 -58.67
C ALA H 313 -60.01 -40.99 -57.45
N SER H 314 -59.84 -42.23 -56.99
CA SER H 314 -58.96 -42.60 -55.86
C SER H 314 -58.21 -43.90 -56.21
N ALA H 315 -56.90 -43.92 -55.94
CA ALA H 315 -56.01 -45.10 -56.08
C ALA H 315 -55.41 -45.43 -54.72
N LEU H 316 -55.44 -46.71 -54.34
CA LEU H 316 -54.90 -47.23 -53.06
C LEU H 316 -53.79 -48.23 -53.40
N PHE H 317 -52.61 -47.70 -53.75
CA PHE H 317 -51.43 -48.49 -54.18
C PHE H 317 -50.88 -49.30 -53.01
N ARG H 318 -50.41 -50.51 -53.30
CA ARG H 318 -49.92 -51.51 -52.31
C ARG H 318 -48.44 -51.82 -52.56
N GLY H 319 -47.75 -52.37 -51.57
CA GLY H 319 -46.33 -52.75 -51.64
C GLY H 319 -45.41 -51.56 -51.39
N ARG H 320 -44.14 -51.70 -51.79
CA ARG H 320 -43.07 -50.69 -51.59
C ARG H 320 -42.82 -49.96 -52.91
N MET H 321 -43.43 -48.79 -53.10
CA MET H 321 -43.25 -47.92 -54.28
C MET H 321 -42.85 -46.52 -53.79
N SER H 322 -41.96 -45.86 -54.53
CA SER H 322 -41.60 -44.43 -54.36
C SER H 322 -42.84 -43.58 -54.58
N THR H 323 -43.25 -42.81 -53.57
CA THR H 323 -44.46 -41.95 -53.56
C THR H 323 -44.36 -40.90 -54.68
N LYS H 324 -43.15 -40.40 -54.95
CA LYS H 324 -42.87 -39.45 -56.06
C LYS H 324 -43.33 -40.09 -57.38
N GLU H 325 -42.92 -41.33 -57.65
CA GLU H 325 -43.22 -42.05 -58.92
C GLU H 325 -44.74 -42.19 -59.06
N VAL H 326 -45.42 -42.62 -58.02
CA VAL H 326 -46.93 -42.69 -57.97
C VAL H 326 -47.46 -41.32 -58.38
N ASP H 327 -47.07 -40.27 -57.66
CA ASP H 327 -47.54 -38.87 -57.86
C ASP H 327 -47.27 -38.42 -59.31
N GLU H 328 -46.12 -38.77 -59.88
CA GLU H 328 -45.77 -38.50 -61.29
C GLU H 328 -46.81 -39.14 -62.22
N GLN H 329 -47.19 -40.39 -61.93
CA GLN H 329 -48.14 -41.19 -62.78
C GLN H 329 -49.55 -40.58 -62.69
N MET H 330 -50.04 -40.27 -61.48
CA MET H 330 -51.39 -39.70 -61.25
C MET H 330 -51.52 -38.37 -62.00
N LEU H 331 -50.46 -37.55 -61.94
CA LEU H 331 -50.36 -36.25 -62.68
C LEU H 331 -50.42 -36.53 -64.18
N ASN H 332 -49.55 -37.44 -64.68
CA ASN H 332 -49.42 -37.79 -66.12
C ASN H 332 -50.79 -38.17 -66.68
N VAL H 333 -51.53 -39.04 -65.97
CA VAL H 333 -52.89 -39.52 -66.34
C VAL H 333 -53.81 -38.31 -66.56
N GLN H 334 -53.84 -37.37 -65.62
CA GLN H 334 -54.79 -36.21 -65.61
C GLN H 334 -54.52 -35.28 -66.79
N ASN H 335 -53.25 -35.14 -67.20
CA ASN H 335 -52.84 -34.36 -68.40
C ASN H 335 -53.33 -35.06 -69.67
N LYS H 336 -53.24 -36.39 -69.71
CA LYS H 336 -53.63 -37.25 -70.86
C LYS H 336 -55.15 -37.15 -71.09
N ASN H 337 -55.92 -37.38 -70.03
CA ASN H 337 -57.40 -37.55 -70.05
C ASN H 337 -58.07 -36.18 -69.84
N SER H 338 -57.68 -35.18 -70.64
CA SER H 338 -58.12 -33.76 -70.53
C SER H 338 -59.65 -33.67 -70.59
N SER H 339 -60.29 -34.55 -71.38
CA SER H 339 -61.77 -34.60 -71.57
C SER H 339 -62.44 -35.43 -70.46
N TYR H 340 -61.79 -36.49 -69.97
CA TYR H 340 -62.39 -37.46 -69.01
C TYR H 340 -62.29 -36.97 -67.57
N PHE H 341 -61.69 -35.79 -67.33
CA PHE H 341 -61.67 -35.11 -66.02
C PHE H 341 -62.42 -33.78 -66.09
N VAL H 342 -63.38 -33.61 -65.18
CA VAL H 342 -64.18 -32.37 -64.95
C VAL H 342 -63.24 -31.15 -64.90
N GLU H 343 -63.65 -30.06 -65.53
CA GLU H 343 -62.85 -28.79 -65.66
C GLU H 343 -62.65 -28.20 -64.26
N TRP H 344 -63.76 -27.90 -63.57
CA TRP H 344 -63.75 -27.48 -62.13
C TRP H 344 -63.28 -28.66 -61.29
N ILE H 345 -62.83 -28.41 -60.06
CA ILE H 345 -62.17 -29.41 -59.16
C ILE H 345 -61.00 -30.02 -59.92
N PRO H 346 -59.87 -29.29 -60.00
CA PRO H 346 -58.63 -29.84 -60.55
C PRO H 346 -57.87 -30.70 -59.54
N ASN H 347 -56.79 -31.34 -60.00
CA ASN H 347 -56.03 -32.41 -59.28
C ASN H 347 -57.02 -33.48 -58.82
N ASN H 348 -57.82 -33.96 -59.77
CA ASN H 348 -59.04 -34.80 -59.57
C ASN H 348 -58.67 -36.12 -58.87
N ILE H 349 -57.50 -36.67 -59.14
CA ILE H 349 -57.11 -38.02 -58.61
C ILE H 349 -56.51 -37.85 -57.21
N LYS H 350 -57.05 -38.60 -56.25
CA LYS H 350 -56.47 -38.84 -54.90
C LYS H 350 -55.59 -40.10 -54.95
N SER H 351 -54.55 -40.14 -54.13
CA SER H 351 -53.60 -41.30 -54.03
C SER H 351 -53.39 -41.66 -52.55
N SER H 352 -53.43 -42.96 -52.26
CA SER H 352 -53.07 -43.57 -50.96
C SER H 352 -52.00 -44.65 -51.20
N ILE H 353 -51.03 -44.75 -50.29
CA ILE H 353 -49.92 -45.74 -50.32
C ILE H 353 -50.05 -46.61 -49.06
N CYS H 354 -50.09 -47.93 -49.23
CA CYS H 354 -50.03 -48.93 -48.12
C CYS H 354 -48.81 -49.83 -48.32
N ASP H 355 -47.94 -49.93 -47.31
CA ASP H 355 -46.61 -50.58 -47.41
C ASP H 355 -46.78 -52.08 -47.68
N ILE H 356 -47.77 -52.73 -47.04
CA ILE H 356 -47.97 -54.21 -47.10
C ILE H 356 -48.70 -54.57 -48.38
N PRO H 357 -48.09 -55.36 -49.30
CA PRO H 357 -48.76 -55.77 -50.53
C PRO H 357 -49.74 -56.91 -50.29
N PRO H 358 -50.56 -57.29 -51.30
CA PRO H 358 -51.36 -58.51 -51.21
C PRO H 358 -50.47 -59.73 -51.40
N LYS H 359 -50.86 -60.88 -50.86
CA LYS H 359 -50.04 -62.13 -50.79
C LYS H 359 -49.68 -62.61 -52.21
N GLY H 360 -48.40 -62.96 -52.42
CA GLY H 360 -47.86 -63.45 -53.70
C GLY H 360 -47.73 -62.35 -54.75
N LEU H 361 -47.67 -61.08 -54.32
CA LEU H 361 -47.52 -59.89 -55.21
C LEU H 361 -46.58 -58.88 -54.53
N LYS H 362 -45.77 -58.17 -55.34
CA LYS H 362 -44.76 -57.18 -54.89
C LYS H 362 -45.39 -55.77 -54.82
N MET H 363 -46.43 -55.52 -55.61
CA MET H 363 -47.17 -54.23 -55.75
C MET H 363 -48.58 -54.54 -56.28
N ALA H 364 -49.54 -53.68 -55.98
CA ALA H 364 -50.94 -53.77 -56.45
C ALA H 364 -51.59 -52.39 -56.38
N VAL H 365 -52.76 -52.24 -57.01
CA VAL H 365 -53.61 -51.02 -56.96
C VAL H 365 -55.08 -51.44 -56.88
N THR H 366 -55.86 -50.72 -56.08
CA THR H 366 -57.34 -50.73 -56.09
C THR H 366 -57.80 -49.33 -56.51
N PHE H 367 -58.80 -49.24 -57.40
CA PHE H 367 -59.27 -47.98 -58.01
C PHE H 367 -60.75 -47.76 -57.72
N VAL H 368 -61.08 -46.62 -57.10
CA VAL H 368 -62.48 -46.17 -56.81
C VAL H 368 -62.68 -44.86 -57.57
N GLY H 369 -63.66 -44.81 -58.49
CA GLY H 369 -63.86 -43.69 -59.43
C GLY H 369 -65.31 -43.24 -59.50
N ASN H 370 -65.61 -42.04 -58.97
CA ASN H 370 -66.91 -41.34 -59.18
C ASN H 370 -66.84 -40.66 -60.55
N SER H 371 -67.55 -41.22 -61.54
CA SER H 371 -67.69 -40.68 -62.91
C SER H 371 -69.16 -40.40 -63.21
N THR H 372 -69.41 -39.68 -64.31
CA THR H 372 -70.75 -39.44 -64.91
C THR H 372 -70.96 -40.44 -66.05
N ALA H 373 -70.23 -41.57 -66.01
CA ALA H 373 -70.43 -42.76 -66.87
C ALA H 373 -71.42 -43.70 -66.19
N ILE H 374 -71.41 -43.75 -64.85
CA ILE H 374 -72.19 -44.71 -64.01
C ILE H 374 -73.69 -44.52 -64.33
N GLN H 375 -74.11 -43.28 -64.61
CA GLN H 375 -75.49 -42.92 -65.07
C GLN H 375 -75.91 -43.77 -66.27
N GLU H 376 -74.97 -44.14 -67.16
CA GLU H 376 -75.24 -44.97 -68.37
C GLU H 376 -75.75 -46.36 -67.95
N MET H 377 -75.22 -46.94 -66.87
CA MET H 377 -75.62 -48.29 -66.38
C MET H 377 -77.03 -48.21 -65.76
N PHE H 378 -77.37 -47.09 -65.11
CA PHE H 378 -78.68 -46.84 -64.45
C PHE H 378 -79.76 -46.60 -65.51
N LYS H 379 -79.41 -45.97 -66.63
CA LYS H 379 -80.32 -45.74 -67.79
C LYS H 379 -80.85 -47.07 -68.32
N ARG H 380 -79.98 -48.09 -68.42
CA ARG H 380 -80.33 -49.46 -68.89
C ARG H 380 -81.43 -50.04 -67.99
N VAL H 381 -81.31 -49.85 -66.67
CA VAL H 381 -82.30 -50.32 -65.65
C VAL H 381 -83.58 -49.48 -65.79
N ALA H 382 -83.46 -48.17 -66.01
CA ALA H 382 -84.59 -47.21 -66.17
C ALA H 382 -85.40 -47.58 -67.42
N GLU H 383 -84.72 -47.67 -68.57
CA GLU H 383 -85.31 -48.04 -69.89
C GLU H 383 -86.10 -49.34 -69.74
N GLN H 384 -85.46 -50.40 -69.24
CA GLN H 384 -86.05 -51.74 -69.00
C GLN H 384 -87.29 -51.59 -68.09
N PHE H 385 -87.12 -50.97 -66.92
CA PHE H 385 -88.17 -50.78 -65.89
C PHE H 385 -89.39 -50.09 -66.52
N THR H 386 -89.16 -49.02 -67.28
CA THR H 386 -90.22 -48.25 -67.98
C THR H 386 -91.05 -49.21 -68.84
N ALA H 387 -90.38 -49.95 -69.73
CA ALA H 387 -90.99 -50.89 -70.71
C ALA H 387 -91.99 -51.84 -70.01
N MET H 388 -91.65 -52.31 -68.81
CA MET H 388 -92.52 -53.21 -68.00
C MET H 388 -93.63 -52.38 -67.34
N PHE H 389 -93.29 -51.26 -66.69
CA PHE H 389 -94.21 -50.44 -65.88
C PHE H 389 -95.21 -49.67 -66.76
N ARG H 390 -94.89 -49.47 -68.04
CA ARG H 390 -95.86 -48.99 -69.07
C ARG H 390 -97.10 -49.89 -69.06
N ARG H 391 -96.91 -51.21 -68.88
CA ARG H 391 -97.95 -52.27 -69.03
C ARG H 391 -98.36 -52.85 -67.67
N LYS H 392 -97.73 -52.43 -66.57
CA LYS H 392 -97.97 -52.93 -65.19
C LYS H 392 -97.75 -54.45 -65.13
N ALA H 393 -96.79 -54.97 -65.89
CA ALA H 393 -96.42 -56.39 -65.97
C ALA H 393 -95.68 -56.80 -64.70
N PHE H 394 -95.98 -57.99 -64.17
CA PHE H 394 -95.37 -58.58 -62.96
C PHE H 394 -95.54 -57.65 -61.74
N LEU H 395 -96.45 -56.68 -61.81
CA LEU H 395 -96.66 -55.68 -60.73
C LEU H 395 -97.50 -56.32 -59.61
N HIS H 396 -98.45 -57.18 -59.98
CA HIS H 396 -99.40 -57.86 -59.06
C HIS H 396 -98.67 -58.58 -57.94
N TRP H 397 -97.50 -59.19 -58.21
CA TRP H 397 -96.65 -59.82 -57.17
C TRP H 397 -96.32 -58.78 -56.11
N TYR H 398 -95.86 -57.61 -56.54
CA TYR H 398 -95.37 -56.52 -55.66
C TYR H 398 -96.55 -55.83 -54.98
N THR H 399 -97.64 -55.61 -55.73
CA THR H 399 -98.92 -55.06 -55.21
C THR H 399 -99.54 -56.02 -54.19
N GLY H 400 -99.36 -57.33 -54.38
CA GLY H 400 -99.88 -58.39 -53.48
C GLY H 400 -99.28 -58.34 -52.09
N GLU H 401 -97.97 -58.02 -51.97
CA GLU H 401 -97.24 -57.94 -50.69
C GLU H 401 -97.60 -56.64 -49.94
N GLY H 402 -98.26 -55.68 -50.61
CA GLY H 402 -98.83 -54.46 -49.98
C GLY H 402 -98.05 -53.21 -50.33
N MET H 403 -97.16 -53.28 -51.34
CA MET H 403 -96.51 -52.10 -51.96
C MET H 403 -97.48 -51.47 -52.96
N ASP H 404 -97.63 -50.15 -52.94
CA ASP H 404 -98.59 -49.39 -53.79
C ASP H 404 -97.87 -48.92 -55.06
N GLU H 405 -98.64 -48.59 -56.11
CA GLU H 405 -98.13 -48.12 -57.43
C GLU H 405 -97.35 -46.82 -57.27
N MET H 406 -97.74 -45.98 -56.31
CA MET H 406 -97.07 -44.69 -55.95
C MET H 406 -95.58 -44.93 -55.71
N GLU H 407 -95.24 -46.01 -54.98
CA GLU H 407 -93.84 -46.39 -54.61
C GLU H 407 -93.01 -46.66 -55.88
N PHE H 408 -93.60 -47.30 -56.90
CA PHE H 408 -92.91 -47.64 -58.17
C PHE H 408 -92.59 -46.37 -58.96
N THR H 409 -93.51 -45.39 -58.92
CA THR H 409 -93.37 -44.09 -59.65
C THR H 409 -92.27 -43.25 -58.98
N GLU H 410 -92.27 -43.18 -57.65
CA GLU H 410 -91.30 -42.36 -56.86
C GLU H 410 -89.90 -42.95 -57.01
N ALA H 411 -89.79 -44.29 -57.05
CA ALA H 411 -88.52 -45.02 -57.27
C ALA H 411 -87.94 -44.64 -58.63
N GLU H 412 -88.78 -44.61 -59.67
CA GLU H 412 -88.41 -44.19 -61.05
C GLU H 412 -88.01 -42.71 -61.02
N SER H 413 -88.82 -41.87 -60.37
CA SER H 413 -88.62 -40.40 -60.26
C SER H 413 -87.27 -40.10 -59.62
N ASN H 414 -86.92 -40.79 -58.53
CA ASN H 414 -85.68 -40.59 -57.74
C ASN H 414 -84.47 -41.02 -58.57
N MET H 415 -84.56 -42.15 -59.30
CA MET H 415 -83.46 -42.67 -60.14
C MET H 415 -83.23 -41.75 -61.35
N ASN H 416 -84.31 -41.19 -61.93
CA ASN H 416 -84.23 -40.24 -63.07
C ASN H 416 -83.55 -38.94 -62.62
N ASP H 417 -83.79 -38.52 -61.37
CA ASP H 417 -83.16 -37.32 -60.75
C ASP H 417 -81.65 -37.56 -60.59
N LEU H 418 -81.24 -38.76 -60.19
CA LEU H 418 -79.81 -39.18 -60.07
C LEU H 418 -79.13 -39.02 -61.43
N VAL H 419 -79.75 -39.58 -62.49
CA VAL H 419 -79.22 -39.61 -63.89
C VAL H 419 -79.09 -38.17 -64.40
N SER H 420 -80.09 -37.32 -64.11
CA SER H 420 -80.12 -35.87 -64.44
C SER H 420 -78.95 -35.14 -63.76
N GLU H 421 -78.65 -35.49 -62.50
CA GLU H 421 -77.63 -34.80 -61.68
C GLU H 421 -76.22 -35.15 -62.19
N TYR H 422 -75.97 -36.41 -62.54
CA TYR H 422 -74.66 -36.86 -63.11
C TYR H 422 -74.46 -36.20 -64.48
N GLN H 423 -75.51 -36.14 -65.30
CA GLN H 423 -75.46 -35.49 -66.65
C GLN H 423 -75.23 -33.98 -66.50
N GLN H 424 -75.79 -33.36 -65.46
CA GLN H 424 -75.54 -31.93 -65.11
C GLN H 424 -74.03 -31.72 -64.92
N TYR H 425 -73.42 -32.50 -64.02
CA TYR H 425 -72.00 -32.33 -63.58
C TYR H 425 -71.02 -32.91 -64.62
N GLN H 426 -71.50 -33.64 -65.63
CA GLN H 426 -70.73 -33.97 -66.86
C GLN H 426 -70.69 -32.72 -67.75
N ASP H 427 -71.87 -32.21 -68.10
CA ASP H 427 -72.10 -31.14 -69.10
C ASP H 427 -71.57 -29.80 -68.55
N ALA H 428 -71.65 -29.57 -67.24
CA ALA H 428 -71.26 -28.32 -66.55
C ALA H 428 -69.79 -27.99 -66.85
N THR H 429 -69.50 -26.71 -67.10
CA THR H 429 -68.15 -26.16 -67.43
C THR H 429 -67.83 -24.99 -66.49
N ALA H 430 -66.77 -25.11 -65.68
CA ALA H 430 -66.36 -24.13 -64.65
C ALA H 430 -64.86 -24.26 -64.36
N MET I 1 23.86 32.33 2.64
CA MET I 1 25.14 32.18 1.89
C MET I 1 24.86 31.69 0.47
N ARG I 2 24.37 32.60 -0.37
CA ARG I 2 24.25 32.40 -1.84
C ARG I 2 23.29 31.24 -2.15
N GLU I 3 22.25 31.04 -1.33
CA GLU I 3 21.29 29.91 -1.48
C GLU I 3 20.37 30.17 -2.69
N VAL I 4 19.98 29.09 -3.38
CA VAL I 4 19.10 29.12 -4.59
C VAL I 4 18.20 27.89 -4.57
N ILE I 5 16.90 28.08 -4.35
CA ILE I 5 15.86 27.02 -4.47
C ILE I 5 15.59 26.81 -5.97
N SER I 6 15.40 25.55 -6.39
CA SER I 6 14.93 25.15 -7.74
C SER I 6 13.50 24.61 -7.64
N ILE I 7 12.60 25.05 -8.53
CA ILE I 7 11.18 24.58 -8.58
C ILE I 7 10.92 24.00 -9.98
N HIS I 8 10.95 22.67 -10.12
CA HIS I 8 10.73 21.94 -11.39
C HIS I 8 9.24 21.58 -11.52
N VAL I 9 8.51 22.29 -12.39
CA VAL I 9 7.02 22.18 -12.53
C VAL I 9 6.71 21.58 -13.91
N GLY I 10 5.97 20.47 -13.93
CA GLY I 10 5.57 19.77 -15.16
C GLY I 10 6.64 18.81 -15.65
N GLN I 11 6.31 17.99 -16.66
CA GLN I 11 7.21 16.98 -17.27
C GLN I 11 8.41 17.70 -17.92
N GLY I 12 8.16 18.78 -18.65
CA GLY I 12 9.19 19.66 -19.25
C GLY I 12 10.12 20.24 -18.20
N GLY I 13 9.60 20.54 -17.00
CA GLY I 13 10.38 21.05 -15.86
C GLY I 13 11.23 19.98 -15.20
N ILE I 14 10.61 18.87 -14.78
CA ILE I 14 11.25 17.79 -13.96
C ILE I 14 12.41 17.18 -14.76
N GLN I 15 12.15 16.72 -15.99
CA GLN I 15 13.16 16.00 -16.83
C GLN I 15 14.33 16.92 -17.16
N VAL I 16 14.10 18.23 -17.25
CA VAL I 16 15.17 19.27 -17.35
C VAL I 16 15.96 19.28 -16.02
N GLY I 17 15.24 19.18 -14.89
CA GLY I 17 15.82 19.11 -13.53
C GLY I 17 16.74 17.90 -13.37
N ASN I 18 16.23 16.70 -13.68
CA ASN I 18 17.00 15.43 -13.58
C ASN I 18 18.42 15.65 -14.13
N ALA I 19 18.53 16.23 -15.33
CA ALA I 19 19.79 16.53 -16.04
C ALA I 19 20.58 17.61 -15.29
N CYS I 20 19.90 18.65 -14.77
CA CYS I 20 20.53 19.75 -13.99
C CYS I 20 21.28 19.17 -12.79
N TRP I 21 20.65 18.26 -12.05
CA TRP I 21 21.16 17.74 -10.74
C TRP I 21 22.23 16.67 -10.98
N GLU I 22 22.14 15.91 -12.07
CA GLU I 22 23.26 15.06 -12.59
C GLU I 22 24.53 15.92 -12.63
N LEU I 23 24.45 17.07 -13.32
CA LEU I 23 25.56 18.01 -13.58
C LEU I 23 26.06 18.59 -12.25
N PHE I 24 25.16 19.15 -11.44
CA PHE I 24 25.49 19.75 -10.13
C PHE I 24 26.21 18.70 -9.28
N CYS I 25 25.58 17.53 -9.11
CA CYS I 25 26.12 16.39 -8.32
C CYS I 25 27.57 16.10 -8.74
N LEU I 26 27.83 16.05 -10.06
CA LEU I 26 29.17 15.79 -10.65
C LEU I 26 30.10 16.98 -10.39
N GLU I 27 29.57 18.21 -10.43
CA GLU I 27 30.36 19.46 -10.30
C GLU I 27 30.96 19.58 -8.89
N HIS I 28 30.13 19.46 -7.84
CA HIS I 28 30.55 19.62 -6.43
C HIS I 28 31.32 18.38 -5.96
N GLY I 29 30.90 17.19 -6.40
CA GLY I 29 31.47 15.88 -6.05
C GLY I 29 30.53 15.03 -5.20
N ILE I 30 29.22 15.22 -5.35
CA ILE I 30 28.15 14.49 -4.61
C ILE I 30 27.82 13.21 -5.40
N GLN I 31 27.86 12.05 -4.72
CA GLN I 31 27.49 10.72 -5.27
C GLN I 31 25.97 10.58 -5.23
N PRO I 32 25.35 9.61 -5.96
CA PRO I 32 23.89 9.46 -5.99
C PRO I 32 23.20 9.31 -4.62
N ASP I 33 23.83 8.58 -3.70
CA ASP I 33 23.39 8.47 -2.28
C ASP I 33 23.24 9.89 -1.70
N GLY I 34 24.20 10.78 -1.98
CA GLY I 34 24.22 12.19 -1.55
C GLY I 34 25.47 12.56 -0.78
N GLN I 35 26.18 11.57 -0.22
CA GLN I 35 27.31 11.77 0.72
C GLN I 35 28.61 11.94 -0.08
N MET I 36 29.23 13.12 -0.03
CA MET I 36 30.55 13.42 -0.64
C MET I 36 31.60 12.50 -0.02
N PRO I 37 32.51 11.88 -0.81
CA PRO I 37 33.67 11.18 -0.26
C PRO I 37 34.75 12.20 0.15
N SER I 38 34.98 12.35 1.46
CA SER I 38 35.96 13.32 2.06
C SER I 38 37.37 12.98 1.58
N ASP I 39 37.78 13.56 0.45
CA ASP I 39 39.08 13.32 -0.24
C ASP I 39 39.93 14.61 -0.20
N LYS I 40 41.20 14.50 -0.58
CA LYS I 40 42.27 15.55 -0.57
C LYS I 40 42.68 15.92 0.87
N THR I 41 42.15 15.22 1.90
CA THR I 41 42.40 15.42 3.35
C THR I 41 42.11 16.85 3.83
N ILE I 42 41.38 17.65 3.03
CA ILE I 42 40.96 19.05 3.33
C ILE I 42 39.58 19.27 2.67
N GLY I 43 38.71 20.07 3.30
CA GLY I 43 37.46 20.55 2.68
C GLY I 43 37.75 21.54 1.57
N GLY I 44 38.22 21.04 0.41
CA GLY I 44 38.68 21.86 -0.73
C GLY I 44 37.51 22.51 -1.45
N GLY I 45 36.49 21.72 -1.79
CA GLY I 45 35.21 22.18 -2.35
C GLY I 45 34.16 22.33 -1.26
N ASP I 46 34.51 22.97 -0.15
CA ASP I 46 33.65 23.18 1.04
C ASP I 46 32.90 24.51 0.89
N ASP I 47 31.57 24.48 1.12
CA ASP I 47 30.63 25.64 1.02
C ASP I 47 30.31 25.98 -0.43
N ALA I 48 30.84 25.24 -1.41
CA ALA I 48 30.48 25.34 -2.85
C ALA I 48 29.01 24.92 -3.01
N PHE I 49 28.68 23.74 -2.47
CA PHE I 49 27.36 23.07 -2.62
C PHE I 49 26.25 23.85 -1.90
N ASN I 50 26.58 24.69 -0.91
CA ASN I 50 25.60 25.48 -0.10
C ASN I 50 24.68 26.34 -0.99
N THR I 51 25.05 26.60 -2.24
CA THR I 51 24.19 27.28 -3.25
C THR I 51 22.95 26.44 -3.56
N PHE I 52 23.14 25.14 -3.83
CA PHE I 52 22.09 24.23 -4.34
C PHE I 52 21.75 23.10 -3.36
N PHE I 53 22.70 22.63 -2.54
CA PHE I 53 22.51 21.52 -1.58
C PHE I 53 22.64 22.01 -0.13
N SER I 54 21.78 21.52 0.77
CA SER I 54 21.84 21.74 2.23
C SER I 54 22.47 20.53 2.93
N GLU I 55 23.59 20.74 3.63
CA GLU I 55 24.21 19.75 4.56
C GLU I 55 23.19 19.43 5.65
N THR I 56 22.92 18.13 5.90
CA THR I 56 21.90 17.62 6.86
C THR I 56 22.50 17.45 8.26
N GLY I 57 23.82 17.67 8.42
CA GLY I 57 24.54 17.55 9.70
C GLY I 57 24.89 16.11 10.04
N ALA I 58 24.72 15.19 9.08
CA ALA I 58 25.02 13.74 9.18
C ALA I 58 25.78 13.30 7.92
N GLY I 59 26.60 14.19 7.35
CA GLY I 59 27.49 13.92 6.20
C GLY I 59 26.75 13.63 4.90
N LYS I 60 25.54 14.16 4.72
CA LYS I 60 24.71 14.02 3.48
C LYS I 60 24.24 15.40 3.01
N HIS I 61 24.19 15.61 1.69
CA HIS I 61 23.80 16.88 1.03
C HIS I 61 22.55 16.66 0.17
N VAL I 62 21.47 17.35 0.51
CA VAL I 62 20.13 17.27 -0.17
C VAL I 62 20.00 18.45 -1.13
N PRO I 63 19.49 18.24 -2.36
CA PRO I 63 19.16 19.34 -3.27
C PRO I 63 18.09 20.28 -2.71
N ARG I 64 18.33 21.59 -2.76
CA ARG I 64 17.31 22.63 -2.51
C ARG I 64 16.40 22.67 -3.76
N ALA I 65 15.49 21.71 -3.88
CA ALA I 65 14.74 21.41 -5.13
C ALA I 65 13.39 20.74 -4.86
N VAL I 66 12.30 21.52 -4.98
CA VAL I 66 10.90 21.00 -5.03
C VAL I 66 10.59 20.63 -6.49
N PHE I 67 10.48 19.33 -6.76
CA PHE I 67 9.94 18.78 -8.03
C PHE I 67 8.42 18.74 -7.90
N LEU I 68 7.70 19.32 -8.85
CA LEU I 68 6.22 19.41 -8.83
C LEU I 68 5.63 18.91 -10.15
N ASP I 69 4.59 18.10 -10.06
CA ASP I 69 3.77 17.62 -11.21
C ASP I 69 2.33 17.40 -10.71
N LEU I 70 1.36 17.43 -11.62
CA LEU I 70 -0.03 16.96 -11.37
C LEU I 70 -0.14 15.49 -11.83
N GLU I 71 0.90 14.96 -12.49
CA GLU I 71 1.00 13.60 -13.08
C GLU I 71 2.00 12.78 -12.26
N PRO I 72 1.67 11.54 -11.83
CA PRO I 72 2.57 10.76 -10.99
C PRO I 72 3.67 9.96 -11.74
N THR I 73 3.63 9.89 -13.07
CA THR I 73 4.51 9.03 -13.91
C THR I 73 5.94 9.59 -13.96
N VAL I 74 6.09 10.89 -14.21
CA VAL I 74 7.40 11.57 -14.41
C VAL I 74 8.17 11.53 -13.08
N ILE I 75 7.52 11.95 -11.99
CA ILE I 75 8.12 12.03 -10.63
C ILE I 75 8.44 10.61 -10.12
N ASP I 76 7.63 9.60 -10.47
CA ASP I 76 7.86 8.17 -10.12
C ASP I 76 9.20 7.71 -10.71
N GLU I 77 9.53 8.13 -11.93
CA GLU I 77 10.82 7.84 -12.62
C GLU I 77 11.99 8.31 -11.74
N VAL I 78 11.81 9.42 -11.01
CA VAL I 78 12.85 10.01 -10.12
C VAL I 78 13.01 9.10 -8.88
N ARG I 79 11.90 8.71 -8.25
CA ARG I 79 11.88 7.85 -7.02
C ARG I 79 12.39 6.43 -7.35
N THR I 80 12.21 5.96 -8.60
CA THR I 80 12.74 4.67 -9.12
C THR I 80 13.87 4.97 -10.12
N GLY I 81 14.83 5.81 -9.71
CA GLY I 81 16.01 6.20 -10.50
C GLY I 81 17.28 6.03 -9.70
N THR I 82 18.42 6.48 -10.24
CA THR I 82 19.75 6.43 -9.58
C THR I 82 19.79 7.44 -8.42
N TYR I 83 19.12 8.59 -8.57
CA TYR I 83 19.06 9.69 -7.56
C TYR I 83 17.78 9.57 -6.70
N ARG I 84 17.37 8.34 -6.38
CA ARG I 84 16.20 8.07 -5.47
C ARG I 84 16.57 8.48 -4.05
N GLN I 85 17.80 8.17 -3.63
CA GLN I 85 18.32 8.42 -2.25
C GLN I 85 18.72 9.89 -2.08
N LEU I 86 18.88 10.66 -3.18
CA LEU I 86 19.31 12.08 -3.15
C LEU I 86 18.14 12.96 -2.71
N PHE I 87 17.03 12.95 -3.45
CA PHE I 87 15.89 13.89 -3.32
C PHE I 87 15.03 13.50 -2.11
N HIS I 88 14.82 14.43 -1.17
CA HIS I 88 13.89 14.35 -0.02
C HIS I 88 12.52 13.90 -0.51
N PRO I 89 11.90 12.84 0.06
CA PRO I 89 10.64 12.32 -0.45
C PRO I 89 9.46 13.30 -0.47
N GLU I 90 9.46 14.31 0.40
CA GLU I 90 8.38 15.35 0.51
C GLU I 90 8.61 16.46 -0.53
N GLN I 91 9.87 16.78 -0.85
CA GLN I 91 10.24 17.72 -1.94
C GLN I 91 9.67 17.22 -3.27
N LEU I 92 9.77 15.92 -3.53
CA LEU I 92 9.17 15.26 -4.73
C LEU I 92 7.66 15.17 -4.52
N ILE I 93 6.93 16.24 -4.86
CA ILE I 93 5.44 16.30 -4.75
C ILE I 93 4.84 15.72 -6.03
N SER I 94 3.80 14.89 -5.89
CA SER I 94 3.02 14.26 -6.98
C SER I 94 1.55 14.69 -6.87
N GLY I 95 0.78 14.51 -7.93
CA GLY I 95 -0.69 14.59 -7.95
C GLY I 95 -1.32 13.22 -8.04
N LYS I 96 -2.53 13.14 -8.61
CA LYS I 96 -3.20 11.86 -8.97
C LYS I 96 -3.70 11.92 -10.42
N GLU I 97 -4.23 13.05 -10.88
CA GLU I 97 -4.71 13.26 -12.28
C GLU I 97 -4.07 14.52 -12.86
N ASP I 98 -3.59 14.43 -14.11
CA ASP I 98 -2.77 15.48 -14.80
C ASP I 98 -3.67 16.62 -15.30
N ALA I 99 -3.07 17.80 -15.51
CA ALA I 99 -3.72 18.99 -16.10
C ALA I 99 -4.18 18.69 -17.52
N ALA I 100 -3.47 17.80 -18.23
CA ALA I 100 -3.82 17.27 -19.56
C ALA I 100 -3.82 18.42 -20.58
N ASN I 101 -2.68 19.12 -20.70
CA ASN I 101 -2.48 20.28 -21.60
C ASN I 101 -3.70 21.19 -21.52
N ASN I 102 -4.08 21.60 -20.30
CA ASN I 102 -5.28 22.43 -20.04
C ASN I 102 -4.97 23.40 -18.91
N PHE I 103 -4.52 24.61 -19.27
CA PHE I 103 -4.20 25.74 -18.34
C PHE I 103 -5.28 25.86 -17.27
N ALA I 104 -6.55 25.78 -17.69
CA ALA I 104 -7.74 25.81 -16.81
C ALA I 104 -7.56 24.83 -15.65
N ARG I 105 -7.19 23.58 -15.94
CA ARG I 105 -6.99 22.53 -14.90
C ARG I 105 -5.80 22.89 -14.01
N GLY I 106 -4.77 23.55 -14.55
CA GLY I 106 -3.56 23.96 -13.82
C GLY I 106 -3.76 25.18 -12.94
N HIS I 107 -4.71 26.07 -13.27
CA HIS I 107 -4.91 27.40 -12.62
C HIS I 107 -6.11 27.43 -11.66
N TYR I 108 -7.03 26.44 -11.72
CA TYR I 108 -8.26 26.41 -10.90
C TYR I 108 -8.52 24.99 -10.36
N THR I 109 -9.05 24.10 -11.21
CA THR I 109 -9.67 22.80 -10.82
C THR I 109 -8.67 21.97 -9.98
N ILE I 110 -7.62 21.43 -10.60
CA ILE I 110 -6.63 20.51 -9.93
C ILE I 110 -5.60 21.36 -9.20
N GLY I 111 -5.05 22.39 -9.86
CA GLY I 111 -3.93 23.23 -9.38
C GLY I 111 -4.11 23.72 -7.95
N LYS I 112 -5.33 24.09 -7.56
CA LYS I 112 -5.62 24.72 -6.24
C LYS I 112 -5.57 23.70 -5.10
N GLU I 113 -5.58 22.40 -5.38
CA GLU I 113 -5.43 21.32 -4.36
C GLU I 113 -3.97 21.25 -3.90
N ILE I 114 -3.02 21.26 -4.84
CA ILE I 114 -1.60 20.84 -4.64
C ILE I 114 -0.72 22.04 -4.27
N VAL I 115 -0.96 23.22 -4.84
CA VAL I 115 -0.16 24.46 -4.59
C VAL I 115 -0.03 24.71 -3.07
N ASP I 116 -1.11 24.46 -2.32
CA ASP I 116 -1.15 24.56 -0.83
C ASP I 116 -0.03 23.72 -0.21
N LEU I 117 0.15 22.49 -0.68
CA LEU I 117 1.19 21.54 -0.19
C LEU I 117 2.58 22.00 -0.65
N CYS I 118 2.69 22.66 -1.82
CA CYS I 118 3.98 23.10 -2.41
C CYS I 118 4.56 24.29 -1.64
N LEU I 119 3.77 25.35 -1.43
CA LEU I 119 4.21 26.61 -0.76
C LEU I 119 4.82 26.28 0.61
N ASP I 120 4.20 25.37 1.36
CA ASP I 120 4.73 24.84 2.65
C ASP I 120 6.13 24.26 2.40
N ARG I 121 6.30 23.43 1.36
CA ARG I 121 7.59 22.81 0.98
C ARG I 121 8.61 23.88 0.57
N ILE I 122 8.16 24.99 -0.01
CA ILE I 122 9.03 26.16 -0.35
C ILE I 122 9.42 26.87 0.96
N ARG I 123 8.44 27.15 1.82
CA ARG I 123 8.62 27.86 3.12
C ARG I 123 9.62 27.08 4.00
N LYS I 124 9.46 25.76 4.11
CA LYS I 124 10.36 24.88 4.90
C LYS I 124 11.80 24.97 4.36
N LEU I 125 11.97 25.06 3.05
CA LEU I 125 13.31 25.14 2.38
C LEU I 125 13.89 26.55 2.53
N ALA I 126 13.05 27.61 2.48
CA ALA I 126 13.48 29.02 2.57
C ALA I 126 13.95 29.37 3.99
N ASP I 127 13.49 28.62 5.02
CA ASP I 127 13.91 28.79 6.44
C ASP I 127 15.34 28.26 6.62
N ASN I 128 15.67 27.10 6.03
CA ASN I 128 17.04 26.52 6.02
C ASN I 128 18.02 27.51 5.37
N CYS I 129 17.56 28.26 4.38
CA CYS I 129 18.37 29.23 3.58
C CYS I 129 18.56 30.54 4.36
N THR I 130 19.81 31.01 4.47
CA THR I 130 20.23 32.22 5.25
C THR I 130 20.78 33.28 4.29
N GLY I 131 19.91 34.14 3.76
CA GLY I 131 20.24 35.13 2.73
C GLY I 131 20.07 34.55 1.33
N LEU I 132 18.86 34.04 1.04
CA LEU I 132 18.44 33.47 -0.26
C LEU I 132 18.63 34.53 -1.36
N GLN I 133 19.18 34.14 -2.52
CA GLN I 133 19.42 35.04 -3.67
C GLN I 133 18.16 35.07 -4.54
N GLY I 134 17.69 33.89 -4.97
CA GLY I 134 16.48 33.78 -5.81
C GLY I 134 16.02 32.35 -6.05
N PHE I 135 14.76 32.18 -6.44
CA PHE I 135 14.13 30.91 -6.89
C PHE I 135 14.36 30.75 -8.40
N LEU I 136 15.10 29.74 -8.84
CA LEU I 136 15.08 29.26 -10.24
C LEU I 136 13.81 28.42 -10.43
N VAL I 137 13.07 28.64 -11.51
CA VAL I 137 11.81 27.88 -11.84
C VAL I 137 11.94 27.35 -13.27
N PHE I 138 11.48 26.12 -13.50
CA PHE I 138 11.53 25.37 -14.78
C PHE I 138 10.12 24.87 -15.11
N ASN I 139 9.50 25.43 -16.15
CA ASN I 139 8.12 25.07 -16.57
C ASN I 139 8.01 25.17 -18.09
N SER I 140 7.40 24.15 -18.71
CA SER I 140 6.98 24.15 -20.14
C SER I 140 5.64 24.87 -20.26
N VAL I 141 5.59 25.98 -21.00
CA VAL I 141 4.37 26.84 -21.16
C VAL I 141 3.48 26.27 -22.29
N GLY I 142 3.93 25.22 -22.99
CA GLY I 142 3.14 24.47 -23.98
C GLY I 142 2.17 23.49 -23.33
N GLY I 143 2.60 22.82 -22.25
CA GLY I 143 1.79 21.83 -21.51
C GLY I 143 0.71 22.50 -20.67
N GLY I 144 0.14 21.76 -19.70
CA GLY I 144 -0.95 22.22 -18.81
C GLY I 144 -0.46 22.56 -17.42
N THR I 145 0.24 21.62 -16.79
CA THR I 145 0.84 21.74 -15.43
C THR I 145 1.77 22.94 -15.39
N GLY I 146 2.88 22.89 -16.16
CA GLY I 146 3.90 23.95 -16.23
C GLY I 146 3.31 25.31 -16.59
N SER I 147 2.22 25.34 -17.36
CA SER I 147 1.50 26.58 -17.76
C SER I 147 0.66 27.09 -16.59
N GLY I 148 -0.33 26.29 -16.15
CA GLY I 148 -1.36 26.69 -15.17
C GLY I 148 -0.85 26.72 -13.74
N LEU I 149 -0.38 25.57 -13.23
CA LEU I 149 0.18 25.44 -11.86
C LEU I 149 1.45 26.27 -11.77
N GLY I 150 2.38 26.06 -12.71
CA GLY I 150 3.67 26.79 -12.81
C GLY I 150 3.48 28.30 -12.75
N SER I 151 2.37 28.82 -13.29
CA SER I 151 1.96 30.24 -13.17
C SER I 151 1.38 30.49 -11.76
N LEU I 152 0.43 29.66 -11.32
CA LEU I 152 -0.26 29.81 -10.01
C LEU I 152 0.76 29.81 -8.87
N LEU I 153 1.87 29.07 -9.01
CA LEU I 153 3.02 29.11 -8.08
C LEU I 153 3.63 30.53 -8.09
N LEU I 154 3.98 31.04 -9.27
CA LEU I 154 4.71 32.33 -9.45
C LEU I 154 3.91 33.51 -8.86
N GLU I 155 2.57 33.49 -8.97
CA GLU I 155 1.66 34.50 -8.37
C GLU I 155 1.83 34.50 -6.84
N ARG I 156 1.58 33.35 -6.23
CA ARG I 156 1.55 33.17 -4.74
C ARG I 156 2.94 33.49 -4.17
N LEU I 157 4.01 33.00 -4.81
CA LEU I 157 5.42 33.25 -4.42
C LEU I 157 5.70 34.77 -4.41
N SER I 158 5.11 35.53 -5.35
CA SER I 158 5.33 37.00 -5.52
C SER I 158 4.84 37.77 -4.29
N VAL I 159 3.77 37.30 -3.64
CA VAL I 159 3.18 37.94 -2.43
C VAL I 159 3.96 37.49 -1.19
N ASP I 160 4.10 36.17 -1.00
CA ASP I 160 4.66 35.53 0.23
C ASP I 160 6.11 36.00 0.47
N TYR I 161 6.95 36.00 -0.56
CA TYR I 161 8.42 36.23 -0.47
C TYR I 161 8.77 37.64 -0.97
N GLY I 162 8.15 38.11 -2.05
CA GLY I 162 8.21 39.52 -2.49
C GLY I 162 9.44 39.83 -3.32
N LYS I 163 10.51 40.30 -2.65
CA LYS I 163 11.75 40.83 -3.30
C LYS I 163 12.54 39.69 -3.97
N LYS I 164 12.69 38.55 -3.28
CA LYS I 164 13.54 37.40 -3.71
C LYS I 164 13.36 37.14 -5.21
N SER I 165 14.46 37.13 -5.97
CA SER I 165 14.49 37.06 -7.46
C SER I 165 13.89 35.73 -7.94
N LYS I 166 13.05 35.76 -8.98
CA LYS I 166 12.42 34.55 -9.58
C LYS I 166 12.80 34.46 -11.06
N LEU I 167 13.94 33.81 -11.36
CA LEU I 167 14.41 33.60 -12.75
C LEU I 167 13.70 32.35 -13.32
N GLY I 168 13.03 32.50 -14.47
CA GLY I 168 12.11 31.49 -15.05
C GLY I 168 12.60 30.95 -16.39
N PHE I 169 13.23 29.77 -16.39
CA PHE I 169 13.74 29.06 -17.59
C PHE I 169 12.59 28.30 -18.25
N THR I 170 11.84 29.00 -19.10
CA THR I 170 10.56 28.55 -19.70
C THR I 170 10.82 27.89 -21.06
N ILE I 171 10.15 26.76 -21.34
CA ILE I 171 10.29 25.99 -22.61
C ILE I 171 9.10 26.37 -23.50
N TYR I 172 9.19 27.54 -24.14
CA TYR I 172 8.18 28.07 -25.09
C TYR I 172 8.14 27.16 -26.32
N PRO I 173 6.94 26.88 -26.89
CA PRO I 173 6.83 25.98 -28.04
C PRO I 173 7.36 26.63 -29.32
N SER I 174 8.26 25.93 -30.02
CA SER I 174 8.80 26.32 -31.35
C SER I 174 7.66 26.37 -32.36
N PRO I 175 7.64 27.35 -33.30
CA PRO I 175 6.52 27.51 -34.23
C PRO I 175 6.40 26.38 -35.27
N GLN I 176 7.52 25.89 -35.83
CA GLN I 176 7.54 24.83 -36.87
C GLN I 176 7.20 23.48 -36.21
N VAL I 177 7.98 23.07 -35.21
CA VAL I 177 7.83 21.79 -34.44
C VAL I 177 7.01 22.06 -33.17
N SER I 178 5.81 21.49 -33.07
CA SER I 178 4.92 21.54 -31.88
C SER I 178 4.44 20.13 -31.54
N THR I 179 4.42 19.79 -30.24
CA THR I 179 4.16 18.42 -29.71
C THR I 179 2.66 18.22 -29.47
N ALA I 180 1.94 19.28 -29.05
CA ALA I 180 0.47 19.27 -28.77
C ALA I 180 -0.23 20.33 -29.62
N VAL I 181 -1.56 20.20 -29.77
CA VAL I 181 -2.41 21.03 -30.67
C VAL I 181 -2.82 22.31 -29.95
N VAL I 182 -2.98 22.24 -28.62
CA VAL I 182 -3.58 23.31 -27.76
C VAL I 182 -2.48 24.08 -27.02
N GLU I 183 -1.23 24.01 -27.51
CA GLU I 183 -0.04 24.70 -26.92
C GLU I 183 -0.21 26.22 -26.97
N PRO I 184 -0.66 26.83 -28.08
CA PRO I 184 -0.84 28.29 -28.15
C PRO I 184 -1.76 28.84 -27.05
N TYR I 185 -2.91 28.19 -26.82
CA TYR I 185 -3.91 28.52 -25.76
C TYR I 185 -3.23 28.51 -24.38
N ASN I 186 -2.38 27.52 -24.10
CA ASN I 186 -1.64 27.37 -22.82
C ASN I 186 -0.64 28.51 -22.67
N SER I 187 0.31 28.61 -23.61
CA SER I 187 1.37 29.65 -23.66
C SER I 187 0.78 31.04 -23.37
N ILE I 188 -0.19 31.46 -24.18
CA ILE I 188 -0.72 32.87 -24.20
C ILE I 188 -1.25 33.22 -22.80
N LEU I 189 -1.96 32.28 -22.15
CA LEU I 189 -2.51 32.45 -20.77
C LEU I 189 -1.35 32.48 -19.78
N SER I 190 -0.41 31.52 -19.92
CA SER I 190 0.79 31.39 -19.05
C SER I 190 1.63 32.66 -19.12
N THR I 191 1.80 33.24 -20.32
CA THR I 191 2.63 34.45 -20.57
C THR I 191 2.06 35.64 -19.79
N HIS I 192 0.74 35.88 -19.87
CA HIS I 192 0.04 36.99 -19.16
C HIS I 192 0.32 36.90 -17.66
N SER I 193 0.17 35.71 -17.09
CA SER I 193 0.46 35.41 -15.66
C SER I 193 1.96 35.57 -15.38
N LEU I 194 2.82 35.08 -16.28
CA LEU I 194 4.30 35.12 -16.15
C LEU I 194 4.83 36.55 -16.28
N LEU I 195 4.19 37.39 -17.09
CA LEU I 195 4.66 38.75 -17.50
C LEU I 195 4.73 39.72 -16.30
N GLU I 196 3.99 39.44 -15.21
CA GLU I 196 3.87 40.36 -14.04
C GLU I 196 4.80 39.92 -12.91
N HIS I 197 4.94 38.61 -12.70
CA HIS I 197 5.35 37.98 -11.42
C HIS I 197 6.83 37.57 -11.43
N THR I 198 7.36 37.10 -12.57
CA THR I 198 8.80 36.80 -12.76
C THR I 198 9.58 38.11 -12.90
N ASP I 199 10.87 38.08 -12.54
CA ASP I 199 11.81 39.25 -12.59
C ASP I 199 12.64 39.18 -13.88
N VAL I 200 13.13 37.98 -14.23
CA VAL I 200 13.70 37.61 -15.56
C VAL I 200 13.03 36.29 -16.00
N ALA I 201 12.85 36.08 -17.30
CA ALA I 201 12.23 34.87 -17.90
C ALA I 201 13.02 34.43 -19.14
N VAL I 202 14.00 33.53 -18.96
CA VAL I 202 14.90 33.05 -20.05
C VAL I 202 14.09 32.11 -20.94
N MET I 203 14.07 32.37 -22.25
CA MET I 203 13.25 31.64 -23.25
C MET I 203 14.11 30.54 -23.90
N LEU I 204 13.56 29.33 -24.03
CA LEU I 204 14.20 28.16 -24.67
C LEU I 204 13.16 27.42 -25.53
N ASP I 205 13.39 27.32 -26.84
CA ASP I 205 12.55 26.57 -27.82
C ASP I 205 13.28 25.26 -28.15
N ASN I 206 12.56 24.13 -28.13
CA ASN I 206 13.13 22.76 -28.29
C ASN I 206 13.71 22.59 -29.70
N GLU I 207 13.07 23.16 -30.73
CA GLU I 207 13.50 23.06 -32.16
C GLU I 207 14.85 23.79 -32.36
N ALA I 208 15.02 24.97 -31.75
CA ALA I 208 16.27 25.77 -31.78
C ALA I 208 17.44 24.95 -31.25
N ILE I 209 17.22 24.21 -30.15
CA ILE I 209 18.27 23.42 -29.43
C ILE I 209 18.44 22.07 -30.16
N TYR I 210 17.37 21.52 -30.76
CA TYR I 210 17.40 20.32 -31.64
C TYR I 210 18.34 20.59 -32.83
N ASP I 211 18.25 21.79 -33.42
CA ASP I 211 19.06 22.23 -34.58
C ASP I 211 20.53 22.38 -34.18
N ILE I 212 20.81 22.84 -32.95
CA ILE I 212 22.20 23.00 -32.39
C ILE I 212 22.83 21.60 -32.25
N CYS I 213 22.08 20.62 -31.73
CA CYS I 213 22.54 19.21 -31.54
C CYS I 213 22.94 18.58 -32.88
N ARG I 214 22.21 18.87 -33.96
CA ARG I 214 22.48 18.33 -35.33
C ARG I 214 23.68 19.06 -35.96
N ARG I 215 23.89 20.33 -35.63
CA ARG I 215 24.88 21.24 -36.25
C ARG I 215 26.23 21.16 -35.51
N ASN I 216 26.20 21.20 -34.17
CA ASN I 216 27.40 21.36 -33.29
C ASN I 216 27.90 20.00 -32.81
N LEU I 217 27.01 19.15 -32.28
CA LEU I 217 27.34 17.81 -31.71
C LEU I 217 27.38 16.74 -32.83
N ASP I 218 26.76 17.02 -33.99
CA ASP I 218 26.72 16.14 -35.18
C ASP I 218 26.04 14.81 -34.82
N ILE I 219 24.85 14.89 -34.23
CA ILE I 219 23.95 13.73 -33.94
C ILE I 219 22.75 13.83 -34.90
N GLU I 220 22.55 12.81 -35.74
CA GLU I 220 21.45 12.73 -36.75
C GLU I 220 20.08 12.64 -36.02
N ARG I 221 20.05 12.02 -34.83
CA ARG I 221 18.83 11.69 -34.06
C ARG I 221 18.98 12.14 -32.60
N PRO I 222 18.80 13.44 -32.27
CA PRO I 222 18.76 13.89 -30.88
C PRO I 222 17.47 13.47 -30.13
N THR I 223 17.59 13.22 -28.82
CA THR I 223 16.47 12.94 -27.88
C THR I 223 16.21 14.20 -27.03
N TYR I 224 15.27 14.12 -26.09
CA TYR I 224 15.03 15.20 -25.08
C TYR I 224 16.15 15.20 -24.03
N THR I 225 16.68 14.02 -23.66
CA THR I 225 17.74 13.83 -22.65
C THR I 225 19.04 14.51 -23.09
N ASN I 226 19.40 14.41 -24.38
CA ASN I 226 20.57 15.09 -25.00
C ASN I 226 20.34 16.61 -24.97
N LEU I 227 19.10 17.05 -25.20
CA LEU I 227 18.67 18.48 -25.14
C LEU I 227 18.83 18.97 -23.69
N ASN I 228 18.20 18.26 -22.75
CA ASN I 228 18.23 18.54 -21.28
C ASN I 228 19.68 18.75 -20.81
N ARG I 229 20.61 17.92 -21.30
CA ARG I 229 22.05 17.96 -20.92
C ARG I 229 22.67 19.33 -21.27
N LEU I 230 22.26 19.94 -22.39
CA LEU I 230 22.71 21.30 -22.79
C LEU I 230 22.06 22.35 -21.88
N ILE I 231 20.75 22.20 -21.60
CA ILE I 231 19.94 23.17 -20.79
C ILE I 231 20.67 23.37 -19.46
N ALA I 232 21.04 22.26 -18.80
CA ALA I 232 21.79 22.22 -17.53
C ALA I 232 23.08 23.06 -17.64
N GLN I 233 23.86 22.82 -18.69
CA GLN I 233 25.21 23.42 -18.89
C GLN I 233 25.08 24.95 -18.99
N VAL I 234 23.92 25.46 -19.40
CA VAL I 234 23.56 26.90 -19.28
C VAL I 234 23.40 27.23 -17.78
N ILE I 235 22.42 26.60 -17.12
CA ILE I 235 22.02 26.88 -15.70
C ILE I 235 23.27 26.85 -14.81
N SER I 236 24.13 25.85 -15.02
CA SER I 236 25.45 25.69 -14.35
C SER I 236 26.26 26.98 -14.52
N SER I 237 26.45 27.42 -15.77
CA SER I 237 27.35 28.54 -16.17
C SER I 237 26.81 29.90 -15.70
N LEU I 238 25.51 30.00 -15.41
CA LEU I 238 24.85 31.25 -14.95
C LEU I 238 25.02 31.41 -13.43
N THR I 239 24.80 30.34 -12.67
CA THR I 239 24.88 30.30 -11.18
C THR I 239 26.31 30.02 -10.70
N ALA I 240 27.21 29.58 -11.59
CA ALA I 240 28.60 29.16 -11.30
C ALA I 240 29.26 30.12 -10.32
N SER I 241 29.22 31.42 -10.63
CA SER I 241 29.84 32.53 -9.87
C SER I 241 29.61 32.35 -8.36
N LEU I 242 28.41 31.92 -7.95
CA LEU I 242 28.05 31.69 -6.53
C LEU I 242 28.84 30.51 -5.97
N ARG I 243 28.85 29.40 -6.71
CA ARG I 243 29.36 28.08 -6.24
C ARG I 243 30.89 28.13 -6.20
N PHE I 244 31.53 28.49 -7.32
CA PHE I 244 33.01 28.53 -7.50
C PHE I 244 33.48 29.99 -7.60
N ASP I 245 34.75 30.21 -7.23
CA ASP I 245 35.43 31.52 -7.24
C ASP I 245 35.54 32.01 -8.69
N GLY I 246 35.63 33.34 -8.88
CA GLY I 246 35.86 34.00 -10.18
C GLY I 246 36.55 35.34 -10.04
N ALA I 247 37.26 35.79 -11.08
CA ALA I 247 37.97 37.08 -11.15
C ALA I 247 36.96 38.23 -11.09
N LEU I 248 35.91 38.15 -11.92
CA LEU I 248 34.75 39.08 -11.94
C LEU I 248 33.48 38.27 -11.68
N ASN I 249 33.05 38.20 -10.42
CA ASN I 249 31.92 37.35 -9.96
C ASN I 249 30.59 38.04 -10.27
N VAL I 250 29.61 37.25 -10.73
CA VAL I 250 28.19 37.68 -10.93
C VAL I 250 27.33 37.07 -9.80
N ASP I 251 26.05 37.47 -9.72
CA ASP I 251 25.03 36.97 -8.77
C ASP I 251 23.68 36.94 -9.51
N ILE I 252 22.72 36.14 -9.04
CA ILE I 252 21.35 35.99 -9.63
C ILE I 252 20.61 37.35 -9.54
N THR I 253 20.91 38.15 -8.51
CA THR I 253 20.30 39.49 -8.28
C THR I 253 20.88 40.54 -9.25
N GLU I 254 22.04 40.29 -9.87
CA GLU I 254 22.74 41.26 -10.76
C GLU I 254 22.05 41.32 -12.13
N PHE I 255 21.78 40.16 -12.75
CA PHE I 255 21.10 40.03 -14.07
C PHE I 255 19.85 40.90 -14.06
N GLN I 256 19.01 40.67 -13.04
CA GLN I 256 17.77 41.44 -12.76
C GLN I 256 18.07 42.92 -13.08
N THR I 257 19.09 43.51 -12.45
CA THR I 257 19.49 44.93 -12.66
C THR I 257 20.03 45.16 -14.08
N ASN I 258 20.91 44.28 -14.58
CA ASN I 258 21.80 44.55 -15.74
C ASN I 258 21.31 43.89 -17.03
N LEU I 259 20.07 43.39 -17.08
CA LEU I 259 19.46 42.81 -18.32
C LEU I 259 18.11 43.46 -18.61
N VAL I 260 17.22 43.56 -17.61
CA VAL I 260 15.86 44.18 -17.77
C VAL I 260 16.02 45.68 -17.53
N PRO I 261 15.83 46.52 -18.57
CA PRO I 261 15.79 47.97 -18.40
C PRO I 261 14.41 48.54 -18.02
N TYR I 262 13.32 47.86 -18.39
CA TYR I 262 11.92 48.27 -18.07
C TYR I 262 11.21 47.07 -17.47
N PRO I 263 10.22 47.27 -16.57
CA PRO I 263 9.58 46.14 -15.87
C PRO I 263 8.70 45.16 -16.67
N ARG I 264 8.46 45.40 -17.97
CA ARG I 264 7.61 44.53 -18.86
C ARG I 264 8.46 43.88 -19.96
N ILE I 265 9.80 44.05 -19.92
CA ILE I 265 10.74 43.68 -21.02
C ILE I 265 11.69 42.59 -20.50
N HIS I 266 11.21 41.76 -19.58
CA HIS I 266 12.03 40.84 -18.74
C HIS I 266 12.14 39.44 -19.39
N PHE I 267 11.89 39.29 -20.70
CA PHE I 267 12.16 38.05 -21.49
C PHE I 267 13.57 38.13 -22.09
N MET I 268 14.20 36.98 -22.31
CA MET I 268 15.63 36.87 -22.74
C MET I 268 15.79 35.76 -23.79
N LEU I 269 17.00 35.68 -24.38
CA LEU I 269 17.53 34.51 -25.14
C LEU I 269 18.85 34.07 -24.49
N SER I 270 19.24 32.80 -24.67
CA SER I 270 20.50 32.20 -24.16
C SER I 270 21.30 31.59 -25.32
N SER I 271 22.61 31.44 -25.15
CA SER I 271 23.55 30.85 -26.15
C SER I 271 24.87 30.44 -25.50
N TYR I 272 24.94 29.21 -24.98
CA TYR I 272 26.20 28.56 -24.54
C TYR I 272 27.00 28.22 -25.80
N ALA I 273 28.24 28.73 -25.90
CA ALA I 273 28.99 28.90 -27.18
C ALA I 273 29.75 27.64 -27.59
N PRO I 274 30.76 27.13 -26.83
CA PRO I 274 31.58 26.01 -27.31
C PRO I 274 30.88 24.66 -27.15
N ILE I 275 29.69 24.51 -27.75
CA ILE I 275 28.98 23.20 -27.93
C ILE I 275 29.69 22.51 -29.10
N ILE I 276 30.54 21.52 -28.80
CA ILE I 276 31.49 20.88 -29.77
C ILE I 276 31.56 19.39 -29.48
N SER I 277 31.52 18.56 -30.53
CA SER I 277 31.83 17.11 -30.50
C SER I 277 33.35 16.93 -30.38
N ALA I 278 33.79 16.03 -29.47
CA ALA I 278 35.22 15.71 -29.20
C ALA I 278 35.95 15.35 -30.49
N GLU I 279 35.21 14.83 -31.49
CA GLU I 279 35.65 14.63 -32.90
C GLU I 279 36.24 15.94 -33.45
N LYS I 280 35.43 17.00 -33.53
CA LYS I 280 35.81 18.31 -34.13
C LYS I 280 36.49 19.22 -33.07
N ALA I 281 36.56 18.80 -31.80
CA ALA I 281 37.29 19.48 -30.71
C ALA I 281 38.79 19.47 -31.00
N TYR I 282 39.31 18.36 -31.52
CA TYR I 282 40.73 18.16 -31.92
C TYR I 282 41.16 19.29 -32.87
N HIS I 283 40.34 19.60 -33.87
CA HIS I 283 40.69 20.52 -34.99
C HIS I 283 40.40 22.01 -34.67
N GLU I 284 39.89 22.35 -33.48
CA GLU I 284 39.49 23.73 -33.08
C GLU I 284 40.47 24.27 -32.03
N GLN I 285 40.97 25.50 -32.22
CA GLN I 285 41.83 26.26 -31.26
C GLN I 285 41.02 26.57 -29.99
N LEU I 286 39.83 27.16 -30.16
CA LEU I 286 38.91 27.59 -29.07
C LEU I 286 39.60 28.67 -28.23
N SER I 287 39.80 29.85 -28.84
CA SER I 287 40.21 31.12 -28.18
C SER I 287 38.95 31.79 -27.62
N VAL I 288 39.14 32.67 -26.63
CA VAL I 288 38.03 33.46 -26.00
C VAL I 288 37.33 34.25 -27.11
N ALA I 289 38.11 34.89 -27.98
CA ALA I 289 37.65 35.72 -29.12
C ALA I 289 36.73 34.93 -30.06
N GLU I 290 37.00 33.64 -30.28
CA GLU I 290 36.17 32.73 -31.13
C GLU I 290 34.87 32.38 -30.40
N ILE I 291 34.99 31.97 -29.12
CA ILE I 291 33.85 31.57 -28.23
C ILE I 291 32.81 32.71 -28.20
N THR I 292 33.25 33.96 -28.06
CA THR I 292 32.38 35.17 -28.09
C THR I 292 31.69 35.25 -29.46
N ASN I 293 32.46 35.15 -30.54
CA ASN I 293 31.93 35.15 -31.94
C ASN I 293 30.87 34.05 -32.07
N SER I 294 31.11 32.89 -31.47
CA SER I 294 30.22 31.70 -31.49
C SER I 294 28.95 31.97 -30.66
N ALA I 295 29.05 32.72 -29.56
CA ALA I 295 27.92 33.06 -28.66
C ALA I 295 26.89 33.93 -29.39
N PHE I 296 27.35 34.85 -30.26
CA PHE I 296 26.52 35.85 -30.97
C PHE I 296 26.06 35.34 -32.34
N GLU I 297 26.38 34.08 -32.70
CA GLU I 297 25.88 33.41 -33.93
C GLU I 297 24.36 33.26 -33.82
N PRO I 298 23.59 33.66 -34.87
CA PRO I 298 22.13 33.61 -34.81
C PRO I 298 21.56 32.19 -34.73
N ALA I 299 22.34 31.19 -35.17
CA ALA I 299 22.03 29.75 -35.09
C ALA I 299 22.22 29.23 -33.66
N ASN I 300 23.21 29.76 -32.92
CA ASN I 300 23.60 29.24 -31.57
C ASN I 300 22.62 29.71 -30.49
N MET I 301 21.68 30.62 -30.80
CA MET I 301 20.61 31.05 -29.86
C MET I 301 19.67 29.89 -29.58
N MET I 302 19.41 29.60 -28.30
CA MET I 302 18.68 28.40 -27.83
C MET I 302 17.16 28.66 -27.83
N ALA I 303 16.74 29.88 -28.15
CA ALA I 303 15.36 30.22 -28.58
C ALA I 303 15.38 30.63 -30.06
N LYS I 304 14.50 30.04 -30.88
CA LYS I 304 14.51 30.20 -32.37
C LYS I 304 13.96 31.59 -32.71
N CYS I 305 14.82 32.60 -32.56
CA CYS I 305 14.52 34.03 -32.82
C CYS I 305 15.81 34.69 -33.34
N ASP I 306 15.90 34.85 -34.67
CA ASP I 306 17.09 35.42 -35.36
C ASP I 306 17.28 36.85 -34.86
N PRO I 307 18.31 37.11 -34.02
CA PRO I 307 18.45 38.42 -33.38
C PRO I 307 18.89 39.54 -34.35
N ARG I 308 19.36 39.17 -35.54
CA ARG I 308 19.78 40.12 -36.62
C ARG I 308 18.59 40.98 -37.05
N HIS I 309 17.36 40.47 -36.93
CA HIS I 309 16.09 41.25 -37.08
C HIS I 309 16.01 42.30 -35.97
N GLY I 310 16.23 41.88 -34.72
CA GLY I 310 16.15 42.72 -33.52
C GLY I 310 17.42 43.49 -33.25
N LYS I 311 17.40 44.31 -32.20
CA LYS I 311 18.56 45.01 -31.59
C LYS I 311 18.83 44.35 -30.22
N TYR I 312 20.04 44.50 -29.69
CA TYR I 312 20.46 44.00 -28.35
C TYR I 312 20.34 45.11 -27.31
N MET I 313 19.37 44.98 -26.40
CA MET I 313 19.03 45.98 -25.34
C MET I 313 20.01 45.83 -24.17
N ALA I 314 20.48 44.61 -23.92
CA ALA I 314 21.54 44.28 -22.93
C ALA I 314 22.01 42.84 -23.14
N CYS I 315 23.32 42.61 -23.07
CA CYS I 315 23.98 41.26 -23.07
C CYS I 315 24.67 41.05 -21.72
N SER I 316 24.69 39.81 -21.23
CA SER I 316 25.39 39.39 -19.99
C SER I 316 26.24 38.14 -20.29
N MET I 317 27.48 38.36 -20.73
CA MET I 317 28.42 37.30 -21.16
C MET I 317 29.05 36.64 -19.92
N MET I 318 28.83 35.33 -19.72
CA MET I 318 29.28 34.58 -18.52
C MET I 318 30.32 33.53 -18.93
N TYR I 319 31.61 33.85 -18.76
CA TYR I 319 32.76 33.02 -19.20
C TYR I 319 33.15 32.03 -18.09
N ARG I 320 33.72 30.88 -18.48
CA ARG I 320 34.20 29.81 -17.57
C ARG I 320 35.52 29.22 -18.10
N GLY I 321 36.60 29.33 -17.32
CA GLY I 321 37.85 28.56 -17.51
C GLY I 321 39.07 29.45 -17.64
N ASP I 322 40.02 29.05 -18.50
CA ASP I 322 41.30 29.78 -18.76
C ASP I 322 40.97 31.06 -19.56
N VAL I 323 40.24 31.99 -18.92
CA VAL I 323 39.68 33.23 -19.54
C VAL I 323 40.36 34.43 -18.88
N VAL I 324 41.09 35.22 -19.68
CA VAL I 324 41.82 36.45 -19.25
C VAL I 324 40.91 37.64 -19.56
N PRO I 325 40.70 38.60 -18.61
CA PRO I 325 39.76 39.71 -18.84
C PRO I 325 40.17 40.67 -19.96
N LYS I 326 41.47 40.77 -20.28
CA LYS I 326 42.03 41.57 -21.40
C LYS I 326 41.57 41.00 -22.75
N ASP I 327 41.60 39.67 -22.90
CA ASP I 327 41.13 38.95 -24.13
C ASP I 327 39.64 39.21 -24.32
N VAL I 328 38.83 38.95 -23.28
CA VAL I 328 37.35 39.21 -23.24
C VAL I 328 37.09 40.66 -23.66
N ASN I 329 37.93 41.59 -23.20
CA ASN I 329 37.87 43.05 -23.51
C ASN I 329 37.85 43.23 -25.03
N ALA I 330 38.88 42.73 -25.72
CA ALA I 330 39.07 42.83 -27.19
C ALA I 330 37.93 42.13 -27.92
N SER I 331 37.51 40.96 -27.42
CA SER I 331 36.41 40.11 -27.97
C SER I 331 35.10 40.91 -27.99
N ILE I 332 34.74 41.52 -26.85
CA ILE I 332 33.58 42.45 -26.72
C ILE I 332 33.80 43.63 -27.68
N ALA I 333 34.98 44.27 -27.60
CA ALA I 333 35.33 45.49 -28.37
C ALA I 333 35.06 45.28 -29.87
N THR I 334 35.40 44.10 -30.41
CA THR I 334 35.19 43.72 -31.83
C THR I 334 33.69 43.53 -32.11
N ILE I 335 32.95 42.86 -31.20
CA ILE I 335 31.49 42.60 -31.33
C ILE I 335 30.74 43.95 -31.40
N LYS I 336 31.14 44.92 -30.58
CA LYS I 336 30.59 46.30 -30.60
C LYS I 336 30.83 46.93 -31.98
N THR I 337 31.93 46.57 -32.64
CA THR I 337 32.33 47.06 -33.99
C THR I 337 31.53 46.36 -35.09
N LYS I 338 31.20 45.07 -34.95
CA LYS I 338 30.48 44.24 -35.97
C LYS I 338 29.19 44.95 -36.39
N ARG I 339 28.82 44.82 -37.67
CA ARG I 339 27.63 45.49 -38.27
C ARG I 339 26.38 44.63 -38.02
N THR I 340 26.48 43.32 -38.22
CA THR I 340 25.41 42.32 -37.98
C THR I 340 24.84 42.52 -36.57
N ILE I 341 25.71 42.54 -35.56
CA ILE I 341 25.37 42.85 -34.14
C ILE I 341 25.05 44.34 -34.04
N GLN I 342 23.87 44.67 -33.50
CA GLN I 342 23.33 46.05 -33.42
C GLN I 342 22.76 46.27 -32.01
N PHE I 343 23.22 47.34 -31.33
CA PHE I 343 22.79 47.73 -29.96
C PHE I 343 21.90 48.97 -30.03
N VAL I 344 20.77 48.95 -29.32
CA VAL I 344 19.84 50.10 -29.15
C VAL I 344 20.67 51.34 -28.74
N ASP I 345 20.26 52.52 -29.21
CA ASP I 345 20.95 53.82 -28.97
C ASP I 345 21.01 54.12 -27.46
N TRP I 346 19.95 53.78 -26.73
CA TRP I 346 19.72 54.16 -25.31
C TRP I 346 20.47 53.25 -24.33
N CYS I 347 21.16 52.20 -24.80
CA CYS I 347 22.01 51.29 -23.97
C CYS I 347 23.43 51.28 -24.54
N PRO I 348 24.20 52.37 -24.36
CA PRO I 348 25.48 52.54 -25.06
C PRO I 348 26.55 51.54 -24.64
N THR I 349 26.54 51.11 -23.36
CA THR I 349 27.39 50.04 -22.77
C THR I 349 26.47 48.88 -22.38
N GLY I 350 26.37 47.85 -23.21
CA GLY I 350 25.37 46.76 -23.07
C GLY I 350 26.02 45.41 -22.81
N PHE I 351 27.07 45.36 -21.99
CA PHE I 351 27.81 44.12 -21.64
C PHE I 351 28.05 44.04 -20.13
N LYS I 352 27.50 43.00 -19.49
CA LYS I 352 27.80 42.58 -18.09
C LYS I 352 28.62 41.28 -18.16
N VAL I 353 29.96 41.37 -18.15
CA VAL I 353 30.86 40.20 -18.27
C VAL I 353 31.06 39.57 -16.89
N GLY I 354 31.24 38.25 -16.85
CA GLY I 354 31.44 37.44 -15.63
C GLY I 354 32.38 36.28 -15.89
N ILE I 355 33.47 36.20 -15.12
CA ILE I 355 34.67 35.35 -15.42
C ILE I 355 34.91 34.41 -14.24
N ASN I 356 34.60 33.12 -14.39
CA ASN I 356 34.87 32.02 -13.40
C ASN I 356 36.17 31.32 -13.80
N TYR I 357 37.04 30.99 -12.84
CA TYR I 357 38.26 30.18 -13.06
C TYR I 357 37.89 28.70 -13.26
N GLN I 358 36.73 28.28 -12.72
CA GLN I 358 36.24 26.87 -12.80
C GLN I 358 35.89 26.54 -14.25
N PRO I 359 36.53 25.53 -14.88
CA PRO I 359 36.09 25.06 -16.20
C PRO I 359 34.84 24.19 -16.08
N PRO I 360 33.99 24.11 -17.13
CA PRO I 360 32.73 23.36 -17.05
C PRO I 360 33.01 21.85 -17.04
N THR I 361 32.09 21.08 -16.46
CA THR I 361 32.25 19.62 -16.23
C THR I 361 31.76 18.86 -17.47
N VAL I 362 32.47 17.78 -17.81
CA VAL I 362 32.15 16.85 -18.95
C VAL I 362 31.40 15.65 -18.36
N VAL I 363 30.08 15.59 -18.58
CA VAL I 363 29.17 14.54 -18.02
C VAL I 363 29.42 13.24 -18.77
N PRO I 364 29.70 12.10 -18.07
CA PRO I 364 29.92 10.81 -18.74
C PRO I 364 28.62 10.26 -19.35
N GLY I 365 28.69 9.83 -20.63
CA GLY I 365 27.53 9.54 -21.48
C GLY I 365 26.87 10.80 -22.00
N GLY I 366 27.59 11.93 -21.97
CA GLY I 366 27.10 13.28 -22.34
C GLY I 366 27.68 13.73 -23.66
N ASP I 367 26.85 14.34 -24.52
CA ASP I 367 27.20 14.78 -25.89
C ASP I 367 27.85 16.17 -25.80
N LEU I 368 29.14 16.20 -25.45
CA LEU I 368 29.98 17.43 -25.32
C LEU I 368 31.46 17.02 -25.21
N ALA I 369 32.37 17.94 -25.53
CA ALA I 369 33.83 17.81 -25.39
C ALA I 369 34.30 18.61 -24.17
N LYS I 370 35.23 18.06 -23.38
CA LYS I 370 35.89 18.77 -22.25
C LYS I 370 36.68 19.95 -22.82
N VAL I 371 36.26 21.17 -22.49
CA VAL I 371 36.76 22.44 -23.11
C VAL I 371 37.22 23.38 -21.98
N MET I 372 38.36 24.05 -22.17
CA MET I 372 39.06 24.86 -21.12
C MET I 372 38.55 26.30 -21.10
N ARG I 373 37.78 26.74 -22.11
CA ARG I 373 37.10 28.07 -22.15
C ARG I 373 35.64 27.88 -22.58
N ALA I 374 34.72 28.61 -21.97
CA ALA I 374 33.28 28.60 -22.30
C ALA I 374 32.71 30.02 -22.21
N VAL I 375 31.40 30.15 -22.50
CA VAL I 375 30.58 31.32 -22.12
C VAL I 375 29.10 30.89 -22.13
N CYS I 376 28.26 31.55 -21.34
CA CYS I 376 26.78 31.42 -21.31
C CYS I 376 26.15 32.82 -21.38
N MET I 377 26.05 33.38 -22.58
CA MET I 377 25.40 34.70 -22.81
C MET I 377 23.90 34.57 -22.56
N ILE I 378 23.35 35.38 -21.65
CA ILE I 378 21.91 35.73 -21.58
C ILE I 378 21.77 37.15 -22.17
N SER I 379 20.90 37.34 -23.17
CA SER I 379 20.73 38.62 -23.91
C SER I 379 19.26 39.04 -23.90
N ASN I 380 18.99 40.29 -23.52
CA ASN I 380 17.69 40.97 -23.77
C ASN I 380 17.76 41.56 -25.18
N SER I 381 17.05 40.97 -26.14
CA SER I 381 16.99 41.42 -27.56
C SER I 381 15.55 41.81 -27.91
N THR I 382 15.40 42.84 -28.75
CA THR I 382 14.10 43.28 -29.34
C THR I 382 13.50 42.14 -30.18
N ALA I 383 14.35 41.23 -30.68
CA ALA I 383 14.02 40.04 -31.49
C ALA I 383 12.91 39.19 -30.84
N ILE I 384 12.90 39.10 -29.51
CA ILE I 384 12.00 38.21 -28.72
C ILE I 384 10.54 38.44 -29.18
N ALA I 385 10.19 39.68 -29.51
CA ALA I 385 8.90 40.10 -30.13
C ALA I 385 8.46 39.09 -31.21
N GLU I 386 9.40 38.66 -32.07
CA GLU I 386 9.17 37.72 -33.20
C GLU I 386 8.49 36.44 -32.70
N VAL I 387 8.86 35.93 -31.53
CA VAL I 387 8.31 34.67 -30.95
C VAL I 387 6.84 34.91 -30.58
N PHE I 388 6.57 36.01 -29.87
CA PHE I 388 5.23 36.34 -29.31
C PHE I 388 4.22 36.62 -30.43
N SER I 389 4.65 37.23 -31.54
CA SER I 389 3.82 37.51 -32.73
C SER I 389 3.40 36.19 -33.40
N ARG I 390 4.28 35.18 -33.42
CA ARG I 390 4.00 33.83 -33.99
C ARG I 390 2.99 33.10 -33.11
N LEU I 391 3.15 33.15 -31.78
CA LEU I 391 2.23 32.51 -30.80
C LEU I 391 0.91 33.29 -30.72
N ASP I 392 0.92 34.59 -31.01
CA ASP I 392 -0.30 35.43 -31.13
C ASP I 392 -1.05 35.01 -32.40
N HIS I 393 -0.36 34.99 -33.54
CA HIS I 393 -0.91 34.60 -34.87
C HIS I 393 -1.52 33.20 -34.80
N LYS I 394 -0.81 32.24 -34.18
CA LYS I 394 -1.22 30.81 -34.05
C LYS I 394 -2.41 30.66 -33.10
N PHE I 395 -2.60 31.61 -32.18
CA PHE I 395 -3.74 31.67 -31.24
C PHE I 395 -4.94 32.38 -31.89
N ASP I 396 -4.69 33.35 -32.78
CA ASP I 396 -5.75 34.19 -33.41
C ASP I 396 -6.49 33.38 -34.48
N LEU I 397 -5.83 32.39 -35.10
CA LEU I 397 -6.46 31.38 -35.99
C LEU I 397 -7.45 30.55 -35.16
N MET I 398 -7.02 30.13 -33.98
CA MET I 398 -7.91 29.61 -32.90
C MET I 398 -8.65 30.80 -32.28
N TYR I 399 -9.64 30.53 -31.41
CA TYR I 399 -10.44 31.55 -30.68
C TYR I 399 -11.20 32.46 -31.65
N ALA I 400 -10.81 32.53 -32.93
CA ALA I 400 -11.68 32.94 -34.05
C ALA I 400 -12.80 31.90 -34.21
N LYS I 401 -12.49 30.63 -33.94
CA LYS I 401 -13.42 29.47 -34.10
C LYS I 401 -13.98 29.05 -32.73
N ARG I 402 -13.66 29.75 -31.64
CA ARG I 402 -13.88 29.29 -30.24
C ARG I 402 -13.36 27.85 -30.17
N ALA I 403 -12.18 27.63 -30.73
CA ALA I 403 -11.69 26.37 -31.33
C ALA I 403 -11.73 25.23 -30.30
N PHE I 404 -11.03 25.36 -29.17
CA PHE I 404 -10.90 24.33 -28.11
C PHE I 404 -11.42 24.87 -26.77
N VAL I 405 -12.22 25.94 -26.79
CA VAL I 405 -12.50 26.78 -25.60
C VAL I 405 -13.30 25.96 -24.56
N HIS I 406 -14.29 25.18 -25.01
CA HIS I 406 -15.27 24.46 -24.13
C HIS I 406 -14.55 23.68 -23.03
N TRP I 407 -13.37 23.11 -23.33
CA TRP I 407 -12.47 22.44 -22.35
C TRP I 407 -12.11 23.41 -21.23
N TYR I 408 -11.62 24.60 -21.59
CA TYR I 408 -11.05 25.61 -20.65
C TYR I 408 -12.20 26.20 -19.82
N VAL I 409 -13.27 26.65 -20.48
CA VAL I 409 -14.50 27.23 -19.84
C VAL I 409 -15.08 26.22 -18.85
N GLY I 410 -15.21 24.97 -19.28
CA GLY I 410 -15.76 23.87 -18.46
C GLY I 410 -14.81 23.38 -17.38
N GLU I 411 -13.71 24.12 -17.10
CA GLU I 411 -12.76 23.82 -15.99
C GLU I 411 -12.50 25.08 -15.15
N GLY I 412 -13.37 26.11 -15.23
CA GLY I 412 -13.39 27.28 -14.33
C GLY I 412 -13.13 28.59 -15.05
N MET I 413 -12.13 28.61 -15.93
CA MET I 413 -11.68 29.76 -16.75
C MET I 413 -12.90 30.53 -17.28
N GLU I 414 -12.89 31.86 -17.17
CA GLU I 414 -13.88 32.76 -17.84
C GLU I 414 -13.48 32.88 -19.31
N GLU I 415 -14.46 33.00 -20.21
CA GLU I 415 -14.24 33.12 -21.67
C GLU I 415 -13.58 34.48 -21.97
N GLY I 416 -13.88 35.50 -21.17
CA GLY I 416 -13.15 36.79 -21.19
C GLY I 416 -11.63 36.63 -21.00
N GLU I 417 -11.20 35.70 -20.14
CA GLU I 417 -9.79 35.53 -19.68
C GLU I 417 -8.86 35.32 -20.88
N PHE I 418 -9.30 34.55 -21.89
CA PHE I 418 -8.61 34.38 -23.19
C PHE I 418 -8.41 35.75 -23.85
N SER I 419 -9.51 36.51 -23.97
CA SER I 419 -9.57 37.83 -24.66
C SER I 419 -8.66 38.84 -23.95
N GLU I 420 -8.67 38.83 -22.62
CA GLU I 420 -7.77 39.64 -21.76
C GLU I 420 -6.32 39.35 -22.15
N ALA I 421 -5.89 38.08 -22.09
CA ALA I 421 -4.49 37.62 -22.29
C ALA I 421 -3.96 38.09 -23.65
N ARG I 422 -4.73 37.87 -24.72
CA ARG I 422 -4.38 38.28 -26.11
C ARG I 422 -4.15 39.80 -26.17
N GLU I 423 -4.99 40.58 -25.48
CA GLU I 423 -4.90 42.06 -25.40
C GLU I 423 -3.60 42.45 -24.68
N ASP I 424 -3.19 41.69 -23.66
CA ASP I 424 -1.97 41.95 -22.84
C ASP I 424 -0.71 41.69 -23.66
N LEU I 425 -0.66 40.58 -24.40
CA LEU I 425 0.51 40.24 -25.27
C LEU I 425 0.51 41.10 -26.53
N ALA I 426 -0.65 41.62 -26.95
CA ALA I 426 -0.77 42.65 -28.02
C ALA I 426 -0.17 43.97 -27.53
N ALA I 427 -0.30 44.27 -26.24
CA ALA I 427 0.29 45.45 -25.57
C ALA I 427 1.81 45.24 -25.37
N LEU I 428 2.24 44.00 -25.10
CA LEU I 428 3.68 43.65 -24.94
C LEU I 428 4.42 43.93 -26.26
N GLU I 429 3.96 43.31 -27.36
CA GLU I 429 4.63 43.40 -28.69
C GLU I 429 4.52 44.83 -29.24
N LYS I 430 3.60 45.64 -28.71
CA LYS I 430 3.58 47.12 -28.92
C LYS I 430 4.79 47.73 -28.21
N ASP I 431 5.01 47.38 -26.94
CA ASP I 431 6.11 47.92 -26.09
C ASP I 431 7.47 47.57 -26.69
N TYR I 432 7.67 46.31 -27.11
CA TYR I 432 8.96 45.79 -27.63
C TYR I 432 9.36 46.54 -28.91
N GLU I 433 8.40 46.96 -29.73
CA GLU I 433 8.66 47.85 -30.90
C GLU I 433 9.02 49.24 -30.38
N GLU I 434 8.22 49.80 -29.47
CA GLU I 434 8.37 51.19 -28.93
C GLU I 434 9.79 51.43 -28.42
N VAL I 435 10.32 50.52 -27.59
CA VAL I 435 11.71 50.62 -27.04
C VAL I 435 12.70 50.51 -28.18
N GLY I 436 12.45 49.60 -29.13
CA GLY I 436 13.27 49.39 -30.35
C GLY I 436 13.48 50.66 -31.14
N ILE I 437 12.47 51.55 -31.19
CA ILE I 437 12.51 52.87 -31.88
C ILE I 437 13.67 53.68 -31.28
N GLU I 438 14.51 54.28 -32.13
CA GLU I 438 15.64 55.17 -31.74
C GLU I 438 15.10 56.39 -30.96
N THR I 439 15.96 57.01 -30.14
CA THR I 439 15.62 58.14 -29.24
C THR I 439 15.22 59.37 -30.06
N ALA I 440 14.19 60.10 -29.61
CA ALA I 440 13.66 61.33 -30.26
C ALA I 440 14.40 62.56 -29.72
N MET J 1 -1.96 5.05 -10.00
CA MET J 1 -3.45 4.97 -10.08
C MET J 1 -3.91 5.35 -11.49
N ARG J 2 -4.80 6.34 -11.66
CA ARG J 2 -5.45 6.69 -12.95
C ARG J 2 -6.04 5.43 -13.58
N GLU J 3 -6.87 4.70 -12.82
CA GLU J 3 -7.41 3.37 -13.20
C GLU J 3 -8.47 3.51 -14.29
N ILE J 4 -8.71 2.41 -15.04
CA ILE J 4 -9.68 2.32 -16.16
C ILE J 4 -10.56 1.08 -15.96
N VAL J 5 -11.88 1.26 -15.91
CA VAL J 5 -12.89 0.16 -15.82
C VAL J 5 -13.34 -0.18 -17.25
N HIS J 6 -13.07 -1.40 -17.70
CA HIS J 6 -13.45 -1.92 -19.05
C HIS J 6 -14.83 -2.56 -18.95
N ILE J 7 -15.76 -2.20 -19.86
CA ILE J 7 -17.09 -2.87 -20.03
C ILE J 7 -17.21 -3.39 -21.47
N GLN J 8 -17.05 -4.70 -21.64
CA GLN J 8 -17.15 -5.40 -22.96
C GLN J 8 -18.60 -5.86 -23.13
N GLY J 9 -19.38 -5.12 -23.92
CA GLY J 9 -20.84 -5.30 -24.08
C GLY J 9 -21.20 -5.90 -25.44
N GLY J 10 -21.96 -6.99 -25.44
CA GLY J 10 -22.46 -7.67 -26.66
C GLY J 10 -21.47 -8.69 -27.19
N GLN J 11 -21.97 -9.69 -27.93
CA GLN J 11 -21.20 -10.82 -28.50
C GLN J 11 -19.94 -10.28 -29.19
N CYS J 12 -20.04 -9.15 -29.91
CA CYS J 12 -18.88 -8.43 -30.51
C CYS J 12 -17.90 -8.02 -29.40
N GLY J 13 -18.38 -7.25 -28.43
CA GLY J 13 -17.58 -6.66 -27.33
C GLY J 13 -16.85 -7.70 -26.51
N ASN J 14 -17.55 -8.77 -26.10
CA ASN J 14 -17.01 -9.88 -25.27
C ASN J 14 -15.86 -10.58 -26.00
N GLN J 15 -15.90 -10.66 -27.34
CA GLN J 15 -14.83 -11.27 -28.18
C GLN J 15 -13.65 -10.30 -28.31
N ILE J 16 -13.92 -9.00 -28.56
CA ILE J 16 -12.86 -7.95 -28.64
C ILE J 16 -12.12 -7.89 -27.31
N GLY J 17 -12.89 -7.84 -26.21
CA GLY J 17 -12.36 -7.84 -24.83
C GLY J 17 -11.49 -9.07 -24.56
N ALA J 18 -12.01 -10.27 -24.88
CA ALA J 18 -11.32 -11.57 -24.68
C ALA J 18 -9.91 -11.50 -25.27
N LYS J 19 -9.79 -11.00 -26.51
CA LYS J 19 -8.50 -10.86 -27.22
C LYS J 19 -7.68 -9.71 -26.61
N PHE J 20 -8.32 -8.61 -26.24
CA PHE J 20 -7.67 -7.42 -25.61
C PHE J 20 -6.98 -7.83 -24.30
N TRP J 21 -7.66 -8.61 -23.45
CA TRP J 21 -7.17 -9.01 -22.10
C TRP J 21 -6.11 -10.11 -22.22
N GLU J 22 -6.03 -10.80 -23.35
CA GLU J 22 -4.87 -11.68 -23.72
C GLU J 22 -3.67 -10.78 -24.03
N VAL J 23 -3.86 -9.83 -24.96
CA VAL J 23 -2.81 -8.89 -25.47
C VAL J 23 -2.22 -8.10 -24.30
N ILE J 24 -3.06 -7.48 -23.48
CA ILE J 24 -2.63 -6.60 -22.35
C ILE J 24 -1.89 -7.45 -21.30
N SER J 25 -2.31 -8.71 -21.12
CA SER J 25 -1.71 -9.65 -20.13
C SER J 25 -0.28 -9.97 -20.53
N ASP J 26 -0.03 -10.26 -21.81
CA ASP J 26 1.32 -10.55 -22.37
C ASP J 26 2.27 -9.39 -22.06
N GLU J 27 1.80 -8.14 -22.24
CA GLU J 27 2.59 -6.90 -22.00
C GLU J 27 3.00 -6.78 -20.53
N HIS J 28 2.08 -7.13 -19.61
CA HIS J 28 2.28 -7.01 -18.14
C HIS J 28 2.82 -8.32 -17.54
N GLY J 29 3.06 -9.35 -18.37
CA GLY J 29 3.70 -10.62 -17.95
C GLY J 29 2.76 -11.54 -17.18
N ILE J 30 1.46 -11.24 -17.15
CA ILE J 30 0.41 -12.01 -16.41
C ILE J 30 0.10 -13.28 -17.19
N ASP J 31 0.03 -14.43 -16.51
CA ASP J 31 -0.26 -15.77 -17.09
C ASP J 31 -1.76 -16.04 -16.98
N PRO J 32 -2.32 -17.05 -17.70
CA PRO J 32 -3.77 -17.26 -17.74
C PRO J 32 -4.45 -17.56 -16.39
N THR J 33 -3.68 -18.01 -15.39
CA THR J 33 -4.14 -18.30 -14.00
C THR J 33 -4.00 -17.05 -13.11
N GLY J 34 -3.56 -15.90 -13.65
CA GLY J 34 -3.54 -14.61 -12.95
C GLY J 34 -2.20 -14.29 -12.29
N THR J 35 -1.33 -15.29 -12.11
CA THR J 35 0.00 -15.16 -11.46
C THR J 35 0.92 -14.31 -12.35
N TYR J 36 1.87 -13.58 -11.73
CA TYR J 36 2.92 -12.80 -12.42
C TYR J 36 4.14 -13.72 -12.69
N HIS J 37 4.53 -13.85 -13.96
CA HIS J 37 5.73 -14.59 -14.43
C HIS J 37 6.51 -13.74 -15.42
N GLY J 38 6.60 -12.42 -15.15
CA GLY J 38 7.32 -11.44 -16.00
C GLY J 38 8.78 -11.30 -15.58
N ASP J 39 9.62 -10.80 -16.49
CA ASP J 39 11.10 -10.71 -16.34
C ASP J 39 11.54 -9.28 -16.02
N SER J 40 10.71 -8.26 -16.33
CA SER J 40 10.99 -6.83 -16.10
C SER J 40 10.06 -6.27 -15.02
N ASP J 41 10.61 -5.60 -13.99
CA ASP J 41 9.86 -5.00 -12.85
C ASP J 41 8.98 -3.85 -13.34
N LEU J 42 9.32 -3.25 -14.49
CA LEU J 42 8.50 -2.23 -15.21
C LEU J 42 7.10 -2.78 -15.54
N GLN J 43 6.94 -4.10 -15.69
CA GLN J 43 5.65 -4.73 -16.11
C GLN J 43 4.62 -4.70 -14.97
N LEU J 44 5.00 -4.38 -13.72
CA LEU J 44 4.09 -4.35 -12.55
C LEU J 44 4.00 -2.97 -11.89
N GLU J 45 4.75 -1.95 -12.34
CA GLU J 45 4.78 -0.63 -11.65
C GLU J 45 3.43 0.09 -11.83
N ARG J 46 2.80 -0.05 -13.01
CA ARG J 46 1.47 0.55 -13.34
C ARG J 46 0.52 -0.56 -13.84
N ILE J 47 0.47 -1.71 -13.16
CA ILE J 47 -0.53 -2.78 -13.49
C ILE J 47 -1.91 -2.36 -12.98
N ASN J 48 -1.96 -1.69 -11.83
CA ASN J 48 -3.21 -1.31 -11.10
C ASN J 48 -4.13 -0.46 -12.00
N VAL J 49 -3.61 0.14 -13.07
CA VAL J 49 -4.38 0.92 -14.10
C VAL J 49 -5.53 0.09 -14.69
N TYR J 50 -5.32 -1.21 -14.93
CA TYR J 50 -6.31 -2.11 -15.58
C TYR J 50 -6.72 -3.27 -14.67
N TYR J 51 -5.85 -3.74 -13.77
CA TYR J 51 -6.08 -4.91 -12.87
C TYR J 51 -6.42 -4.43 -11.44
N ASN J 52 -7.14 -5.25 -10.69
CA ASN J 52 -7.35 -5.14 -9.22
C ASN J 52 -6.63 -6.30 -8.53
N GLU J 53 -5.54 -6.04 -7.80
CA GLU J 53 -4.75 -7.09 -7.10
C GLU J 53 -5.66 -7.82 -6.10
N ALA J 54 -5.76 -9.15 -6.25
CA ALA J 54 -6.56 -10.05 -5.40
C ALA J 54 -5.64 -10.81 -4.44
N THR J 55 -6.22 -11.45 -3.42
CA THR J 55 -5.51 -12.18 -2.33
C THR J 55 -4.81 -13.42 -2.90
N GLY J 56 -3.66 -13.77 -2.32
CA GLY J 56 -2.73 -14.76 -2.86
C GLY J 56 -1.87 -14.20 -3.99
N GLY J 57 -1.90 -12.87 -4.19
CA GLY J 57 -1.17 -12.15 -5.25
C GLY J 57 -1.61 -12.53 -6.65
N ARG J 58 -2.93 -12.63 -6.87
CA ARG J 58 -3.57 -12.82 -8.21
C ARG J 58 -3.93 -11.44 -8.78
N TYR J 59 -3.89 -11.30 -10.10
CA TYR J 59 -4.28 -10.07 -10.84
C TYR J 59 -5.51 -10.36 -11.68
N VAL J 60 -6.51 -9.47 -11.58
CA VAL J 60 -7.89 -9.62 -12.12
C VAL J 60 -8.18 -8.42 -13.03
N PRO J 61 -8.55 -8.63 -14.30
CA PRO J 61 -9.05 -7.56 -15.15
C PRO J 61 -10.20 -6.77 -14.52
N ARG J 62 -10.12 -5.44 -14.53
CA ARG J 62 -11.26 -4.55 -14.21
C ARG J 62 -12.18 -4.55 -15.43
N ALA J 63 -12.80 -5.70 -15.69
CA ALA J 63 -13.61 -6.04 -16.88
C ALA J 63 -15.01 -6.46 -16.44
N ILE J 64 -16.05 -5.81 -16.97
CA ILE J 64 -17.48 -6.14 -16.68
C ILE J 64 -18.11 -6.64 -17.98
N LEU J 65 -18.16 -7.97 -18.14
CA LEU J 65 -18.54 -8.65 -19.41
C LEU J 65 -20.06 -8.76 -19.47
N MET J 66 -20.74 -7.77 -20.07
CA MET J 66 -22.22 -7.73 -20.12
C MET J 66 -22.72 -8.22 -21.48
N ASP J 67 -23.93 -8.77 -21.48
CA ASP J 67 -24.65 -9.35 -22.65
C ASP J 67 -26.08 -9.70 -22.20
N LEU J 68 -26.96 -10.06 -23.14
CA LEU J 68 -28.33 -10.55 -22.85
C LEU J 68 -28.47 -12.02 -23.27
N GLU J 69 -27.38 -12.66 -23.71
CA GLU J 69 -27.33 -14.05 -24.22
C GLU J 69 -26.36 -14.84 -23.34
N PRO J 70 -26.81 -15.92 -22.64
CA PRO J 70 -25.93 -16.66 -21.73
C PRO J 70 -24.93 -17.59 -22.43
N GLY J 71 -25.03 -17.74 -23.77
CA GLY J 71 -24.10 -18.53 -24.60
C GLY J 71 -22.75 -17.87 -24.80
N THR J 72 -22.63 -16.55 -24.62
CA THR J 72 -21.37 -15.77 -24.81
C THR J 72 -20.45 -15.88 -23.59
N MET J 73 -20.97 -16.25 -22.42
CA MET J 73 -20.17 -16.63 -21.22
C MET J 73 -19.32 -17.86 -21.57
N ASP J 74 -19.95 -18.89 -22.16
CA ASP J 74 -19.32 -20.17 -22.57
C ASP J 74 -18.23 -19.92 -23.63
N SER J 75 -18.29 -18.78 -24.35
CA SER J 75 -17.28 -18.34 -25.35
C SER J 75 -16.04 -17.78 -24.64
N VAL J 76 -16.22 -16.80 -23.73
CA VAL J 76 -15.11 -16.06 -23.06
C VAL J 76 -14.45 -16.95 -21.98
N ARG J 77 -15.15 -17.98 -21.48
CA ARG J 77 -14.60 -19.01 -20.56
C ARG J 77 -13.71 -19.99 -21.34
N ALA J 78 -14.20 -20.46 -22.50
CA ALA J 78 -13.51 -21.41 -23.40
C ALA J 78 -12.15 -20.84 -23.85
N GLY J 79 -12.10 -19.53 -24.14
CA GLY J 79 -10.89 -18.82 -24.60
C GLY J 79 -9.72 -18.98 -23.63
N PRO J 80 -8.45 -19.02 -24.10
CA PRO J 80 -7.29 -18.90 -23.22
C PRO J 80 -7.28 -17.51 -22.56
N PHE J 81 -6.86 -17.42 -21.30
CA PHE J 81 -6.98 -16.24 -20.41
C PHE J 81 -8.46 -15.92 -20.14
N GLY J 82 -9.33 -16.94 -20.16
CA GLY J 82 -10.75 -16.84 -19.81
C GLY J 82 -10.96 -16.95 -18.30
N GLN J 83 -9.99 -17.52 -17.60
CA GLN J 83 -9.99 -17.72 -16.13
C GLN J 83 -9.49 -16.47 -15.41
N LEU J 84 -9.10 -15.41 -16.14
CA LEU J 84 -8.62 -14.13 -15.55
C LEU J 84 -9.80 -13.36 -14.93
N PHE J 85 -10.97 -13.40 -15.56
CA PHE J 85 -12.14 -12.51 -15.26
C PHE J 85 -12.83 -12.97 -13.96
N ARG J 86 -13.33 -12.01 -13.18
CA ARG J 86 -14.07 -12.26 -11.90
C ARG J 86 -15.50 -12.71 -12.23
N PRO J 87 -15.94 -13.92 -11.79
CA PRO J 87 -17.30 -14.42 -12.05
C PRO J 87 -18.46 -13.50 -11.60
N ASP J 88 -18.25 -12.69 -10.57
CA ASP J 88 -19.23 -11.66 -10.08
C ASP J 88 -19.40 -10.56 -11.14
N ASN J 89 -18.36 -10.27 -11.94
CA ASN J 89 -18.35 -9.20 -12.98
C ASN J 89 -19.15 -9.63 -14.21
N PHE J 90 -19.23 -10.94 -14.49
CA PHE J 90 -20.08 -11.54 -15.56
C PHE J 90 -21.54 -11.24 -15.23
N VAL J 91 -22.27 -10.55 -16.13
CA VAL J 91 -23.70 -10.17 -15.94
C VAL J 91 -24.49 -10.52 -17.21
N PHE J 92 -25.18 -11.67 -17.21
CA PHE J 92 -25.80 -12.31 -18.40
C PHE J 92 -27.29 -12.59 -18.14
N GLY J 93 -28.14 -12.17 -19.08
CA GLY J 93 -29.61 -12.38 -19.06
C GLY J 93 -29.99 -13.79 -19.49
N GLN J 94 -31.05 -13.94 -20.28
CA GLN J 94 -31.55 -15.26 -20.77
C GLN J 94 -31.98 -15.17 -22.25
N THR J 95 -32.96 -14.32 -22.57
CA THR J 95 -33.65 -14.28 -23.88
C THR J 95 -32.70 -13.85 -25.00
N GLY J 96 -32.13 -12.64 -24.88
CA GLY J 96 -31.30 -11.99 -25.91
C GLY J 96 -32.04 -10.88 -26.62
N ALA J 97 -31.32 -9.85 -27.08
CA ALA J 97 -31.88 -8.62 -27.71
C ALA J 97 -32.59 -8.95 -29.02
N GLY J 98 -32.10 -9.93 -29.78
CA GLY J 98 -32.65 -10.31 -31.10
C GLY J 98 -32.31 -9.26 -32.15
N ASN J 99 -31.05 -8.81 -32.16
CA ASN J 99 -30.53 -7.70 -33.03
C ASN J 99 -31.55 -6.54 -33.03
N ASN J 100 -32.16 -6.27 -31.88
CA ASN J 100 -33.27 -5.29 -31.73
C ASN J 100 -32.84 -4.27 -30.65
N TRP J 101 -32.58 -3.03 -31.07
CA TRP J 101 -32.14 -1.90 -30.21
C TRP J 101 -33.18 -1.62 -29.13
N ALA J 102 -34.46 -1.65 -29.50
CA ALA J 102 -35.61 -1.42 -28.60
C ALA J 102 -35.60 -2.43 -27.45
N LYS J 103 -35.36 -3.71 -27.77
CA LYS J 103 -35.38 -4.84 -26.79
C LYS J 103 -34.20 -4.68 -25.82
N GLY J 104 -33.02 -4.31 -26.32
CA GLY J 104 -31.77 -4.16 -25.54
C GLY J 104 -31.65 -2.82 -24.81
N HIS J 105 -32.63 -1.92 -24.96
CA HIS J 105 -32.65 -0.56 -24.36
C HIS J 105 -33.90 -0.33 -23.51
N TYR J 106 -35.10 -0.68 -24.00
CA TYR J 106 -36.40 -0.26 -23.41
C TYR J 106 -37.05 -1.38 -22.58
N THR J 107 -36.90 -2.66 -22.96
CA THR J 107 -37.49 -3.82 -22.23
C THR J 107 -36.39 -4.71 -21.67
N GLU J 108 -35.96 -5.75 -22.40
CA GLU J 108 -35.08 -6.86 -21.92
C GLU J 108 -33.78 -6.28 -21.32
N GLY J 109 -33.19 -5.27 -21.99
CA GLY J 109 -31.96 -4.59 -21.52
C GLY J 109 -32.19 -3.73 -20.30
N ALA J 110 -33.33 -3.05 -20.22
CA ALA J 110 -33.72 -2.13 -19.12
C ALA J 110 -33.90 -2.88 -17.79
N GLU J 111 -34.04 -4.21 -17.81
CA GLU J 111 -34.24 -5.08 -16.61
C GLU J 111 -32.91 -5.66 -16.12
N LEU J 112 -31.85 -5.66 -16.93
CA LEU J 112 -30.51 -6.18 -16.54
C LEU J 112 -29.62 -5.04 -16.03
N ILE J 113 -29.56 -3.90 -16.74
CA ILE J 113 -28.60 -2.77 -16.49
C ILE J 113 -28.52 -2.44 -15.00
N ASP J 114 -29.66 -2.44 -14.27
CA ASP J 114 -29.70 -2.16 -12.81
C ASP J 114 -28.78 -3.11 -12.05
N SER J 115 -28.65 -4.37 -12.52
CA SER J 115 -27.68 -5.37 -12.01
C SER J 115 -26.25 -5.00 -12.42
N VAL J 116 -26.06 -4.50 -13.64
CA VAL J 116 -24.72 -4.13 -14.21
C VAL J 116 -24.18 -2.91 -13.46
N LEU J 117 -25.00 -1.85 -13.34
CA LEU J 117 -24.62 -0.56 -12.68
C LEU J 117 -24.03 -0.84 -11.30
N ASP J 118 -24.67 -1.71 -10.51
CA ASP J 118 -24.19 -2.14 -9.16
C ASP J 118 -22.75 -2.65 -9.26
N VAL J 119 -22.41 -3.41 -10.32
CA VAL J 119 -21.05 -3.96 -10.57
C VAL J 119 -20.13 -2.82 -11.03
N VAL J 120 -20.61 -1.92 -11.90
CA VAL J 120 -19.82 -0.74 -12.41
C VAL J 120 -19.49 0.17 -11.21
N ARG J 121 -20.48 0.52 -10.39
CA ARG J 121 -20.33 1.29 -9.14
C ARG J 121 -19.27 0.63 -8.25
N LYS J 122 -19.31 -0.69 -8.12
CA LYS J 122 -18.43 -1.49 -7.21
C LYS J 122 -16.97 -1.37 -7.65
N GLU J 123 -16.68 -1.56 -8.94
CA GLU J 123 -15.30 -1.56 -9.51
C GLU J 123 -14.80 -0.13 -9.70
N ALA J 124 -15.70 0.85 -9.87
CA ALA J 124 -15.37 2.29 -10.02
C ALA J 124 -14.92 2.89 -8.68
N GLU J 125 -15.57 2.50 -7.58
CA GLU J 125 -15.28 3.01 -6.20
C GLU J 125 -13.94 2.44 -5.67
N GLY J 126 -13.65 1.17 -5.97
CA GLY J 126 -12.42 0.46 -5.54
C GLY J 126 -11.15 1.14 -6.01
N CYS J 127 -11.20 1.85 -7.14
CA CYS J 127 -10.11 2.72 -7.67
C CYS J 127 -9.98 3.98 -6.81
N ASP J 128 -8.74 4.39 -6.50
CA ASP J 128 -8.44 5.58 -5.66
C ASP J 128 -8.83 6.84 -6.44
N CYS J 129 -8.39 6.94 -7.70
CA CYS J 129 -8.81 7.97 -8.69
C CYS J 129 -9.07 7.31 -10.05
N LEU J 130 -10.30 7.42 -10.55
CA LEU J 130 -10.77 6.80 -11.83
C LEU J 130 -10.44 7.74 -12.99
N GLN J 131 -9.58 7.32 -13.92
CA GLN J 131 -9.28 8.08 -15.17
C GLN J 131 -10.53 8.10 -16.04
N GLY J 132 -11.17 6.93 -16.20
CA GLY J 132 -12.40 6.76 -16.99
C GLY J 132 -12.76 5.30 -17.16
N PHE J 133 -13.57 5.01 -18.18
CA PHE J 133 -13.98 3.63 -18.59
C PHE J 133 -13.44 3.38 -20.00
N GLN J 134 -13.53 2.15 -20.49
CA GLN J 134 -13.34 1.83 -21.94
C GLN J 134 -14.31 0.71 -22.33
N ILE J 135 -15.58 1.09 -22.48
CA ILE J 135 -16.64 0.24 -23.10
C ILE J 135 -16.11 -0.24 -24.46
N THR J 136 -16.40 -1.49 -24.83
CA THR J 136 -16.19 -2.03 -26.20
C THR J 136 -17.48 -2.76 -26.64
N HIS J 137 -18.11 -2.30 -27.73
CA HIS J 137 -19.48 -2.73 -28.13
C HIS J 137 -19.74 -2.38 -29.60
N SER J 138 -20.36 -3.29 -30.36
CA SER J 138 -20.80 -3.06 -31.77
C SER J 138 -22.03 -2.14 -31.77
N LEU J 139 -22.16 -1.31 -32.81
CA LEU J 139 -23.38 -0.50 -33.09
C LEU J 139 -24.31 -1.28 -34.04
N GLY J 140 -23.93 -2.51 -34.43
CA GLY J 140 -24.61 -3.32 -35.46
C GLY J 140 -25.71 -4.20 -34.89
N GLY J 141 -25.45 -4.87 -33.77
CA GLY J 141 -26.42 -5.75 -33.07
C GLY J 141 -27.34 -4.96 -32.16
N GLY J 142 -28.09 -5.67 -31.30
CA GLY J 142 -29.10 -5.10 -30.38
C GLY J 142 -28.57 -5.00 -28.96
N THR J 143 -27.90 -6.05 -28.48
CA THR J 143 -27.32 -6.15 -27.11
C THR J 143 -26.19 -5.14 -26.95
N GLY J 144 -25.15 -5.23 -27.80
CA GLY J 144 -23.99 -4.33 -27.79
C GLY J 144 -24.43 -2.88 -27.92
N SER J 145 -25.36 -2.59 -28.84
CA SER J 145 -25.87 -1.24 -29.18
C SER J 145 -26.82 -0.73 -28.09
N GLY J 146 -27.89 -1.47 -27.83
CA GLY J 146 -28.97 -1.13 -26.88
C GLY J 146 -28.45 -0.91 -25.46
N MET J 147 -28.06 -2.00 -24.78
CA MET J 147 -27.49 -1.98 -23.41
C MET J 147 -26.29 -1.03 -23.36
N GLY J 148 -25.38 -1.14 -24.33
CA GLY J 148 -24.16 -0.31 -24.45
C GLY J 148 -24.48 1.17 -24.25
N THR J 149 -25.40 1.70 -25.05
CA THR J 149 -25.82 3.12 -25.06
C THR J 149 -26.60 3.46 -23.78
N LEU J 150 -27.42 2.54 -23.28
CA LEU J 150 -28.21 2.69 -22.01
C LEU J 150 -27.24 2.76 -20.82
N LEU J 151 -26.28 1.83 -20.75
CA LEU J 151 -25.20 1.83 -19.74
C LEU J 151 -24.44 3.17 -19.84
N ILE J 152 -23.89 3.46 -21.02
CA ILE J 152 -23.12 4.70 -21.33
C ILE J 152 -23.90 5.92 -20.82
N SER J 153 -25.21 5.96 -21.07
CA SER J 153 -26.13 7.03 -20.59
C SER J 153 -26.15 7.08 -19.06
N LYS J 154 -26.30 5.92 -18.41
CA LYS J 154 -26.39 5.79 -16.93
C LYS J 154 -25.08 6.25 -16.28
N VAL J 155 -23.95 5.66 -16.68
CA VAL J 155 -22.60 5.89 -16.06
C VAL J 155 -22.19 7.37 -16.21
N ARG J 156 -22.71 8.08 -17.23
CA ARG J 156 -22.41 9.52 -17.47
C ARG J 156 -23.16 10.40 -16.46
N GLU J 157 -24.42 10.08 -16.15
CA GLU J 157 -25.27 10.81 -15.16
C GLU J 157 -24.67 10.68 -13.75
N GLU J 158 -23.98 9.56 -13.47
CA GLU J 158 -23.33 9.28 -12.16
C GLU J 158 -21.92 9.89 -12.14
N TYR J 159 -21.09 9.60 -13.15
CA TYR J 159 -19.67 10.02 -13.25
C TYR J 159 -19.49 10.99 -14.42
N PRO J 160 -19.91 12.27 -14.29
CA PRO J 160 -19.81 13.22 -15.40
C PRO J 160 -18.37 13.59 -15.79
N ASP J 161 -17.48 13.78 -14.81
CA ASP J 161 -16.09 14.29 -15.01
C ASP J 161 -15.19 13.21 -15.62
N ARG J 162 -15.46 11.93 -15.36
CA ARG J 162 -14.59 10.79 -15.75
C ARG J 162 -14.76 10.52 -17.25
N ILE J 163 -13.70 10.02 -17.89
CA ILE J 163 -13.57 9.88 -19.38
C ILE J 163 -14.31 8.61 -19.85
N MET J 164 -15.41 8.80 -20.58
CA MET J 164 -16.18 7.69 -21.22
C MET J 164 -15.57 7.39 -22.61
N GLU J 165 -14.70 6.38 -22.69
CA GLU J 165 -14.07 5.89 -23.94
C GLU J 165 -14.94 4.74 -24.51
N THR J 166 -15.01 4.61 -25.84
CA THR J 166 -15.94 3.68 -26.55
C THR J 166 -15.34 3.22 -27.88
N PHE J 167 -14.69 2.04 -27.90
CA PHE J 167 -14.23 1.33 -29.13
C PHE J 167 -15.41 0.56 -29.74
N SER J 168 -16.12 1.19 -30.68
CA SER J 168 -17.39 0.67 -31.25
C SER J 168 -17.22 0.21 -32.71
N VAL J 169 -17.66 -1.02 -33.02
CA VAL J 169 -17.68 -1.60 -34.40
C VAL J 169 -18.97 -1.11 -35.11
N VAL J 170 -18.82 -0.20 -36.07
CA VAL J 170 -19.93 0.39 -36.88
C VAL J 170 -20.25 -0.61 -37.99
N PRO J 171 -21.54 -0.81 -38.37
CA PRO J 171 -21.88 -1.70 -39.49
C PRO J 171 -21.43 -1.14 -40.85
N SER J 172 -20.57 -1.88 -41.55
CA SER J 172 -20.06 -1.58 -42.92
C SER J 172 -21.06 -2.09 -43.95
N PRO J 173 -21.43 -1.30 -44.99
CA PRO J 173 -22.34 -1.78 -46.05
C PRO J 173 -21.84 -2.97 -46.88
N LYS J 174 -20.52 -3.15 -46.98
CA LYS J 174 -19.88 -4.26 -47.73
C LYS J 174 -20.22 -5.60 -47.07
N VAL J 175 -19.96 -5.72 -45.77
CA VAL J 175 -20.18 -6.94 -44.95
C VAL J 175 -21.69 -7.18 -44.84
N SER J 176 -22.40 -6.33 -44.08
CA SER J 176 -23.88 -6.36 -43.88
C SER J 176 -24.31 -7.77 -43.47
N ASP J 177 -23.87 -8.20 -42.29
CA ASP J 177 -24.08 -9.57 -41.74
C ASP J 177 -25.38 -9.64 -40.93
N THR J 178 -26.01 -8.48 -40.65
CA THR J 178 -27.36 -8.34 -40.05
C THR J 178 -28.19 -7.37 -40.90
N VAL J 179 -29.49 -7.59 -41.02
CA VAL J 179 -30.42 -6.84 -41.92
C VAL J 179 -30.80 -5.51 -41.26
N VAL J 180 -31.09 -5.51 -39.96
CA VAL J 180 -31.61 -4.34 -39.19
C VAL J 180 -30.44 -3.56 -38.56
N GLU J 181 -29.20 -3.77 -39.05
CA GLU J 181 -27.98 -3.02 -38.64
C GLU J 181 -28.22 -1.52 -38.67
N PRO J 182 -28.72 -0.93 -39.80
CA PRO J 182 -28.95 0.51 -39.87
C PRO J 182 -29.76 1.09 -38.71
N TYR J 183 -30.91 0.49 -38.39
CA TYR J 183 -31.82 0.92 -37.29
C TYR J 183 -31.06 0.95 -35.96
N ASN J 184 -30.27 -0.09 -35.67
CA ASN J 184 -29.49 -0.22 -34.41
C ASN J 184 -28.48 0.92 -34.32
N ALA J 185 -27.62 1.05 -35.35
CA ALA J 185 -26.52 2.04 -35.43
C ALA J 185 -27.07 3.47 -35.35
N THR J 186 -28.18 3.77 -36.05
CA THR J 186 -28.80 5.12 -36.15
C THR J 186 -29.32 5.56 -34.77
N LEU J 187 -29.99 4.66 -34.05
CA LEU J 187 -30.45 4.89 -32.65
C LEU J 187 -29.25 4.95 -31.72
N SER J 188 -28.18 4.20 -32.03
CA SER J 188 -26.95 4.09 -31.19
C SER J 188 -26.21 5.44 -31.14
N VAL J 189 -25.86 5.99 -32.31
CA VAL J 189 -25.01 7.22 -32.46
C VAL J 189 -25.74 8.44 -31.86
N HIS J 190 -27.08 8.48 -31.96
CA HIS J 190 -27.95 9.50 -31.31
C HIS J 190 -27.63 9.60 -29.82
N GLN J 191 -27.45 8.46 -29.15
CA GLN J 191 -27.15 8.37 -27.70
C GLN J 191 -25.65 8.61 -27.46
N LEU J 192 -24.78 8.03 -28.29
CA LEU J 192 -23.29 8.09 -28.13
C LEU J 192 -22.81 9.54 -28.20
N VAL J 193 -23.27 10.31 -29.20
CA VAL J 193 -22.84 11.73 -29.45
C VAL J 193 -23.15 12.59 -28.22
N GLU J 194 -24.19 12.27 -27.45
CA GLU J 194 -24.57 13.01 -26.22
C GLU J 194 -23.71 12.57 -25.04
N ASN J 195 -23.43 11.27 -24.90
CA ASN J 195 -23.06 10.63 -23.61
C ASN J 195 -21.71 9.87 -23.69
N ALA J 196 -20.87 10.08 -24.72
CA ALA J 196 -19.50 9.53 -24.83
C ALA J 196 -18.49 10.66 -25.03
N ASP J 197 -17.32 10.58 -24.38
CA ASP J 197 -16.25 11.61 -24.44
C ASP J 197 -15.47 11.44 -25.74
N GLU J 198 -15.04 10.20 -26.04
CA GLU J 198 -14.32 9.84 -27.29
C GLU J 198 -14.77 8.44 -27.74
N CYS J 199 -15.07 8.29 -29.03
CA CYS J 199 -15.63 7.05 -29.65
C CYS J 199 -14.76 6.65 -30.86
N MET J 200 -13.79 5.76 -30.65
CA MET J 200 -12.90 5.21 -31.73
C MET J 200 -13.73 4.27 -32.60
N VAL J 201 -14.31 4.78 -33.69
CA VAL J 201 -15.10 3.97 -34.67
C VAL J 201 -14.17 2.94 -35.32
N ILE J 202 -14.61 1.68 -35.37
CA ILE J 202 -13.93 0.53 -36.02
C ILE J 202 -14.89 -0.05 -37.07
N ASP J 203 -14.36 -0.65 -38.14
CA ASP J 203 -15.15 -1.33 -39.20
C ASP J 203 -14.53 -2.70 -39.51
N ASN J 204 -15.36 -3.72 -39.71
CA ASN J 204 -14.95 -5.07 -40.15
C ASN J 204 -14.45 -5.00 -41.60
N GLU J 205 -15.04 -4.10 -42.42
CA GLU J 205 -14.64 -3.83 -43.83
C GLU J 205 -13.17 -3.39 -43.88
N ALA J 206 -12.78 -2.42 -43.06
CA ALA J 206 -11.40 -1.87 -42.97
C ALA J 206 -10.46 -2.89 -42.33
N LEU J 207 -10.93 -3.68 -41.36
CA LEU J 207 -10.13 -4.71 -40.64
C LEU J 207 -9.83 -5.89 -41.58
N TYR J 208 -10.78 -6.28 -42.44
CA TYR J 208 -10.58 -7.31 -43.50
C TYR J 208 -9.58 -6.81 -44.55
N ASP J 209 -9.66 -5.53 -44.93
CA ASP J 209 -8.77 -4.86 -45.91
C ASP J 209 -7.31 -4.88 -45.42
N ILE J 210 -7.08 -4.60 -44.13
CA ILE J 210 -5.73 -4.64 -43.49
C ILE J 210 -5.19 -6.07 -43.51
N CYS J 211 -6.06 -7.08 -43.40
CA CYS J 211 -5.69 -8.53 -43.35
C CYS J 211 -5.43 -9.11 -44.75
N PHE J 212 -6.01 -8.52 -45.81
CA PHE J 212 -5.86 -8.99 -47.22
C PHE J 212 -4.78 -8.18 -47.97
N ARG J 213 -4.40 -6.98 -47.51
CA ARG J 213 -3.46 -6.07 -48.21
C ARG J 213 -2.22 -5.75 -47.35
N THR J 214 -2.39 -5.01 -46.23
CA THR J 214 -1.29 -4.57 -45.33
C THR J 214 -0.58 -5.82 -44.77
N LEU J 215 -1.33 -6.68 -44.05
CA LEU J 215 -0.96 -8.09 -43.77
C LEU J 215 -1.47 -8.94 -44.95
N LYS J 216 -0.92 -10.14 -45.14
CA LYS J 216 -1.34 -11.09 -46.21
C LYS J 216 -1.75 -12.42 -45.56
N LEU J 217 -2.96 -12.46 -45.00
CA LEU J 217 -3.58 -13.65 -44.35
C LEU J 217 -4.41 -14.41 -45.39
N THR J 218 -4.28 -15.74 -45.44
CA THR J 218 -5.03 -16.65 -46.36
C THR J 218 -6.46 -16.86 -45.84
N THR J 219 -6.64 -16.90 -44.51
CA THR J 219 -7.96 -17.09 -43.83
C THR J 219 -8.07 -16.14 -42.63
N PRO J 220 -8.40 -14.84 -42.82
CA PRO J 220 -8.67 -13.94 -41.71
C PRO J 220 -10.00 -14.24 -41.01
N THR J 221 -9.94 -14.72 -39.76
CA THR J 221 -11.09 -15.00 -38.86
C THR J 221 -11.37 -13.75 -38.00
N TYR J 222 -12.42 -13.79 -37.18
CA TYR J 222 -12.81 -12.68 -36.26
C TYR J 222 -11.79 -12.58 -35.10
N GLY J 223 -11.04 -13.64 -34.81
CA GLY J 223 -9.92 -13.64 -33.85
C GLY J 223 -8.78 -12.74 -34.29
N ASP J 224 -8.42 -12.77 -35.59
CA ASP J 224 -7.34 -11.94 -36.18
C ASP J 224 -7.80 -10.48 -36.28
N LEU J 225 -9.04 -10.23 -36.71
CA LEU J 225 -9.66 -8.87 -36.74
C LEU J 225 -9.67 -8.28 -35.32
N ASN J 226 -9.99 -9.10 -34.31
CA ASN J 226 -9.91 -8.73 -32.87
C ASN J 226 -8.46 -8.38 -32.49
N HIS J 227 -7.50 -9.20 -32.92
CA HIS J 227 -6.06 -9.08 -32.56
C HIS J 227 -5.48 -7.74 -33.04
N LEU J 228 -6.02 -7.16 -34.11
CA LEU J 228 -5.65 -5.81 -34.60
C LEU J 228 -6.27 -4.76 -33.65
N VAL J 229 -7.58 -4.86 -33.39
CA VAL J 229 -8.37 -3.89 -32.56
C VAL J 229 -7.70 -3.75 -31.19
N SER J 230 -7.23 -4.86 -30.62
CA SER J 230 -6.59 -4.94 -29.27
C SER J 230 -5.25 -4.21 -29.26
N ALA J 231 -4.38 -4.48 -30.24
CA ALA J 231 -3.06 -3.84 -30.41
C ALA J 231 -3.20 -2.32 -30.32
N ALA J 232 -4.18 -1.75 -31.05
CA ALA J 232 -4.55 -0.32 -31.03
C ALA J 232 -5.07 0.06 -29.64
N MET J 233 -6.03 -0.72 -29.12
CA MET J 233 -6.68 -0.50 -27.78
C MET J 233 -5.62 -0.43 -26.68
N SER J 234 -4.53 -1.19 -26.83
CA SER J 234 -3.32 -1.14 -25.97
C SER J 234 -2.61 0.20 -26.15
N GLY J 235 -2.36 0.59 -27.41
CA GLY J 235 -1.58 1.78 -27.81
C GLY J 235 -2.18 3.11 -27.38
N VAL J 236 -3.52 3.23 -27.35
CA VAL J 236 -4.26 4.47 -26.98
C VAL J 236 -3.99 4.79 -25.51
N THR J 237 -3.97 3.77 -24.64
CA THR J 237 -3.77 3.87 -23.16
C THR J 237 -2.50 3.11 -22.75
N CYS J 238 -1.34 3.55 -23.24
CA CYS J 238 -0.01 2.93 -22.98
C CYS J 238 0.76 3.76 -21.96
N CYS J 239 0.87 5.06 -22.20
CA CYS J 239 1.68 6.03 -21.40
C CYS J 239 1.20 6.06 -19.94
N LEU J 240 -0.03 5.59 -19.67
CA LEU J 240 -0.55 5.30 -18.31
C LEU J 240 0.25 4.15 -17.68
N ARG J 241 0.44 3.09 -18.46
CA ARG J 241 0.97 1.77 -18.01
C ARG J 241 2.50 1.75 -17.99
N PHE J 242 3.17 2.67 -18.69
CA PHE J 242 4.65 2.68 -18.85
C PHE J 242 5.20 4.11 -18.88
N PRO J 243 6.50 4.31 -18.60
CA PRO J 243 7.11 5.64 -18.65
C PRO J 243 7.13 6.20 -20.08
N GLY J 244 7.45 7.50 -20.23
CA GLY J 244 7.52 8.19 -21.53
C GLY J 244 8.54 9.33 -21.51
N GLN J 245 9.24 9.53 -22.63
CA GLN J 245 10.08 10.72 -22.89
C GLN J 245 9.17 11.94 -23.01
N LEU J 246 7.96 11.74 -23.55
CA LEU J 246 6.79 12.66 -23.45
C LEU J 246 5.53 11.83 -23.19
N ASN J 247 4.99 11.89 -21.97
CA ASN J 247 3.83 11.08 -21.50
C ASN J 247 2.53 11.61 -22.12
N SER J 248 1.46 10.83 -21.98
CA SER J 248 0.06 11.15 -22.41
C SER J 248 -0.91 10.36 -21.52
N ASP J 249 -2.22 10.62 -21.68
CA ASP J 249 -3.32 9.79 -21.12
C ASP J 249 -4.63 10.16 -21.84
N LEU J 250 -5.70 9.41 -21.58
CA LEU J 250 -7.02 9.52 -22.26
C LEU J 250 -7.47 10.99 -22.31
N ARG J 251 -7.47 11.67 -21.16
CA ARG J 251 -7.94 13.08 -21.05
C ARG J 251 -7.05 13.97 -21.93
N LYS J 252 -5.74 13.76 -21.91
CA LYS J 252 -4.76 14.55 -22.71
C LYS J 252 -5.09 14.37 -24.20
N LEU J 253 -5.38 13.13 -24.63
CA LEU J 253 -5.77 12.83 -26.04
C LEU J 253 -7.07 13.57 -26.37
N ALA J 254 -8.10 13.42 -25.52
CA ALA J 254 -9.44 14.04 -25.68
C ALA J 254 -9.32 15.57 -25.83
N VAL J 255 -8.52 16.22 -24.98
CA VAL J 255 -8.31 17.70 -24.96
C VAL J 255 -7.67 18.15 -26.28
N ASN J 256 -6.95 17.28 -26.98
CA ASN J 256 -6.18 17.60 -28.21
C ASN J 256 -6.78 16.93 -29.46
N LEU J 257 -7.80 16.08 -29.32
CA LEU J 257 -8.47 15.38 -30.45
C LEU J 257 -9.89 15.92 -30.71
N ILE J 258 -10.52 16.57 -29.72
CA ILE J 258 -11.93 17.05 -29.78
C ILE J 258 -11.92 18.57 -29.79
N PRO J 259 -11.93 19.23 -30.97
CA PRO J 259 -12.02 20.68 -31.01
C PRO J 259 -13.35 21.14 -30.39
N PHE J 260 -14.47 20.55 -30.82
CA PHE J 260 -15.85 20.90 -30.38
C PHE J 260 -16.55 19.66 -29.84
N PRO J 261 -17.42 19.79 -28.81
CA PRO J 261 -17.91 18.64 -28.03
C PRO J 261 -18.54 17.47 -28.80
N ARG J 262 -19.17 17.73 -29.96
CA ARG J 262 -19.93 16.72 -30.74
C ARG J 262 -19.04 16.02 -31.78
N LEU J 263 -17.80 16.47 -31.97
CA LEU J 263 -16.81 15.86 -32.91
C LEU J 263 -15.80 15.03 -32.12
N HIS J 264 -16.18 13.82 -31.70
CA HIS J 264 -15.34 12.89 -30.90
C HIS J 264 -15.34 11.48 -31.49
N PHE J 265 -15.65 11.33 -32.78
CA PHE J 265 -15.51 10.06 -33.54
C PHE J 265 -14.13 10.09 -34.22
N PHE J 266 -13.34 9.03 -34.04
CA PHE J 266 -11.91 8.94 -34.46
C PHE J 266 -11.64 7.64 -35.23
N MET J 267 -10.62 7.68 -36.07
CA MET J 267 -10.08 6.51 -36.82
C MET J 267 -8.77 6.07 -36.16
N ILE J 268 -8.72 4.83 -35.66
CA ILE J 268 -7.49 4.24 -35.03
C ILE J 268 -6.75 3.42 -36.11
N GLY J 269 -5.42 3.39 -36.03
CA GLY J 269 -4.54 2.72 -37.01
C GLY J 269 -3.17 2.40 -36.43
N PHE J 270 -2.85 1.11 -36.31
CA PHE J 270 -1.58 0.57 -35.74
C PHE J 270 -0.54 0.45 -36.87
N ALA J 271 0.66 0.98 -36.65
CA ALA J 271 1.68 1.30 -37.70
C ALA J 271 2.54 0.10 -38.10
N PRO J 272 3.23 -0.62 -37.19
CA PRO J 272 4.30 -1.54 -37.59
C PRO J 272 3.82 -2.88 -38.17
N LEU J 273 2.50 -3.08 -38.30
CA LEU J 273 1.86 -4.29 -38.91
C LEU J 273 2.40 -4.48 -40.33
N THR J 274 3.01 -5.63 -40.60
CA THR J 274 3.62 -6.01 -41.91
C THR J 274 3.34 -7.49 -42.20
N SER J 275 3.17 -7.84 -43.49
CA SER J 275 3.09 -9.24 -43.98
C SER J 275 4.38 -9.98 -43.56
N ARG J 276 4.24 -11.24 -43.12
CA ARG J 276 5.31 -12.04 -42.49
C ARG J 276 6.46 -12.26 -43.49
N GLY J 277 6.13 -12.47 -44.76
CA GLY J 277 7.09 -12.58 -45.87
C GLY J 277 7.85 -11.29 -46.13
N SER J 278 7.15 -10.15 -46.14
CA SER J 278 7.68 -8.79 -46.45
C SER J 278 8.25 -8.14 -45.19
N GLN J 279 9.16 -8.83 -44.48
CA GLN J 279 9.72 -8.44 -43.16
C GLN J 279 11.24 -8.30 -43.28
N ARG J 282 11.46 -4.78 -45.46
CA ARG J 282 11.04 -3.58 -44.68
C ARG J 282 12.14 -3.25 -43.65
N ALA J 283 12.51 -1.97 -43.55
CA ALA J 283 13.37 -1.39 -42.49
C ALA J 283 12.47 -0.71 -41.45
N LEU J 284 12.77 -0.90 -40.16
CA LEU J 284 11.91 -0.47 -39.01
C LEU J 284 12.49 0.82 -38.44
N THR J 285 12.13 1.95 -39.07
CA THR J 285 12.54 3.33 -38.73
C THR J 285 11.29 4.21 -38.60
N VAL J 286 11.38 5.27 -37.80
CA VAL J 286 10.26 6.22 -37.48
C VAL J 286 9.62 6.72 -38.79
N PRO J 287 10.38 7.19 -39.82
CA PRO J 287 9.80 7.61 -41.08
C PRO J 287 8.99 6.54 -41.81
N GLU J 288 9.44 5.27 -41.75
CA GLU J 288 8.78 4.11 -42.42
C GLU J 288 7.45 3.81 -41.70
N LEU J 289 7.40 3.98 -40.37
CA LEU J 289 6.18 3.75 -39.53
C LEU J 289 5.20 4.92 -39.70
N THR J 290 5.70 6.17 -39.73
CA THR J 290 4.91 7.41 -39.92
C THR J 290 4.18 7.36 -41.28
N GLN J 291 4.83 6.81 -42.31
CA GLN J 291 4.22 6.65 -43.66
C GLN J 291 3.01 5.71 -43.58
N GLN J 292 3.13 4.57 -42.88
CA GLN J 292 2.09 3.50 -42.89
C GLN J 292 0.89 3.90 -42.03
N MET J 293 1.10 4.59 -40.89
CA MET J 293 -0.02 5.01 -40.00
C MET J 293 -0.88 6.09 -40.69
N PHE J 294 -0.30 6.88 -41.61
CA PHE J 294 -0.97 7.96 -42.36
C PHE J 294 -1.46 7.47 -43.73
N ASP J 295 -1.11 6.24 -44.12
CA ASP J 295 -1.67 5.56 -45.33
C ASP J 295 -3.15 5.27 -45.07
N ALA J 296 -4.03 5.70 -46.00
CA ALA J 296 -5.50 5.55 -45.93
C ALA J 296 -5.91 4.08 -46.09
N LYS J 297 -4.95 3.16 -46.25
CA LYS J 297 -5.14 1.69 -46.21
C LYS J 297 -5.15 1.21 -44.75
N ASN J 298 -4.33 1.82 -43.89
CA ASN J 298 -4.04 1.35 -42.50
C ASN J 298 -5.18 1.72 -41.54
N MET J 299 -5.97 2.76 -41.85
CA MET J 299 -7.08 3.25 -40.98
C MET J 299 -8.16 2.15 -40.85
N MET J 300 -8.57 1.82 -39.63
CA MET J 300 -9.59 0.79 -39.33
C MET J 300 -11.00 1.43 -39.42
N CYS J 301 -11.25 2.18 -40.49
CA CYS J 301 -12.53 2.88 -40.79
C CYS J 301 -12.71 2.99 -42.30
N ALA J 302 -13.86 2.51 -42.81
CA ALA J 302 -14.22 2.42 -44.25
C ALA J 302 -13.93 3.74 -44.96
N ALA J 303 -14.21 4.87 -44.29
CA ALA J 303 -13.96 6.24 -44.77
C ALA J 303 -12.46 6.48 -44.92
N ASP J 304 -12.00 6.77 -46.16
CA ASP J 304 -10.61 7.15 -46.48
C ASP J 304 -10.42 8.62 -46.13
N PRO J 305 -9.46 8.98 -45.24
CA PRO J 305 -9.20 10.37 -44.88
C PRO J 305 -9.06 11.33 -46.06
N ARG J 306 -8.52 10.85 -47.19
CA ARG J 306 -8.24 11.62 -48.44
C ARG J 306 -9.47 12.44 -48.87
N HIS J 307 -10.67 11.86 -48.77
CA HIS J 307 -11.96 12.51 -49.10
C HIS J 307 -12.21 13.66 -48.12
N GLY J 308 -11.95 13.42 -46.82
CA GLY J 308 -12.07 14.41 -45.74
C GLY J 308 -10.78 15.19 -45.52
N ARG J 309 -10.67 15.82 -44.35
CA ARG J 309 -9.48 16.61 -43.91
C ARG J 309 -9.36 16.42 -42.40
N TYR J 310 -8.15 16.16 -41.88
CA TYR J 310 -7.89 15.97 -40.43
C TYR J 310 -8.12 17.29 -39.69
N LEU J 311 -9.15 17.37 -38.85
CA LEU J 311 -9.39 18.45 -37.84
C LEU J 311 -8.22 18.47 -36.85
N THR J 312 -7.71 17.27 -36.54
CA THR J 312 -6.54 17.02 -35.67
C THR J 312 -6.17 15.54 -35.77
N ALA J 313 -4.96 15.20 -35.34
CA ALA J 313 -4.43 13.82 -35.26
C ALA J 313 -3.74 13.61 -33.91
N SER J 314 -3.27 12.38 -33.64
CA SER J 314 -2.49 12.00 -32.45
C SER J 314 -1.79 10.66 -32.69
N ALA J 315 -0.45 10.67 -32.71
CA ALA J 315 0.41 9.47 -32.76
C ALA J 315 0.95 9.20 -31.36
N LEU J 316 0.92 7.93 -30.93
CA LEU J 316 1.44 7.46 -29.61
C LEU J 316 2.56 6.45 -29.88
N PHE J 317 3.72 6.95 -30.30
CA PHE J 317 4.92 6.17 -30.69
C PHE J 317 5.39 5.34 -29.50
N ARG J 318 5.90 4.13 -29.79
CA ARG J 318 6.31 3.11 -28.79
C ARG J 318 7.78 2.73 -29.02
N GLY J 319 8.51 2.43 -27.94
CA GLY J 319 9.92 1.99 -27.99
C GLY J 319 10.89 3.14 -27.74
N ARG J 320 12.16 2.94 -28.10
CA ARG J 320 13.28 3.91 -27.89
C ARG J 320 13.53 4.65 -29.21
N MET J 321 12.89 5.80 -29.39
CA MET J 321 13.05 6.66 -30.59
C MET J 321 13.46 8.07 -30.16
N SER J 322 14.32 8.71 -30.95
CA SER J 322 14.68 10.15 -30.88
C SER J 322 13.42 10.99 -31.06
N THR J 323 13.09 11.82 -30.06
CA THR J 323 11.89 12.70 -30.03
C THR J 323 11.99 13.74 -31.16
N LYS J 324 13.21 14.17 -31.48
CA LYS J 324 13.53 15.09 -32.61
C LYS J 324 13.11 14.41 -33.93
N GLU J 325 13.52 13.16 -34.14
CA GLU J 325 13.23 12.38 -35.38
C GLU J 325 11.71 12.22 -35.53
N VAL J 326 11.02 11.86 -34.44
CA VAL J 326 9.53 11.77 -34.39
C VAL J 326 8.94 13.12 -34.85
N ASP J 327 9.26 14.19 -34.11
CA ASP J 327 8.76 15.58 -34.37
C ASP J 327 8.98 15.95 -35.85
N GLU J 328 10.21 15.80 -36.33
CA GLU J 328 10.60 16.04 -37.76
C GLU J 328 9.58 15.38 -38.69
N GLN J 329 9.27 14.10 -38.44
CA GLN J 329 8.34 13.30 -39.28
C GLN J 329 6.92 13.87 -39.16
N MET J 330 6.51 14.32 -37.97
CA MET J 330 5.15 14.89 -37.73
C MET J 330 5.02 16.22 -38.49
N LEU J 331 6.06 17.06 -38.43
CA LEU J 331 6.15 18.32 -39.21
C LEU J 331 6.07 17.99 -40.70
N ASN J 332 7.00 17.17 -41.19
CA ASN J 332 7.16 16.75 -42.61
C ASN J 332 5.78 16.36 -43.18
N VAL J 333 5.04 15.50 -42.46
CA VAL J 333 3.69 14.99 -42.86
C VAL J 333 2.76 16.18 -43.13
N GLN J 334 2.75 17.18 -42.24
CA GLN J 334 1.80 18.32 -42.33
C GLN J 334 2.16 19.24 -43.52
N ASN J 335 3.42 19.23 -43.97
CA ASN J 335 3.90 20.06 -45.11
C ASN J 335 3.55 19.37 -46.45
N LYS J 336 3.57 18.04 -46.49
CA LYS J 336 3.18 17.22 -47.67
C LYS J 336 1.67 17.38 -47.92
N ASN J 337 0.87 17.08 -46.88
CA ASN J 337 -0.60 16.91 -46.92
C ASN J 337 -1.27 18.23 -46.53
N SER J 338 -0.86 19.34 -47.14
CA SER J 338 -1.39 20.71 -46.89
C SER J 338 -2.91 20.73 -47.06
N SER J 339 -3.46 19.92 -47.97
CA SER J 339 -4.92 19.78 -48.26
C SER J 339 -5.63 19.01 -47.15
N TYR J 340 -5.00 17.95 -46.59
CA TYR J 340 -5.61 16.99 -45.64
C TYR J 340 -5.38 17.42 -44.19
N PHE J 341 -5.13 18.71 -43.93
CA PHE J 341 -4.99 19.28 -42.57
C PHE J 341 -5.65 20.66 -42.53
N VAL J 342 -6.73 20.77 -41.74
CA VAL J 342 -7.56 22.00 -41.57
C VAL J 342 -6.64 23.24 -41.45
N GLU J 343 -6.97 24.31 -42.18
CA GLU J 343 -6.17 25.55 -42.36
C GLU J 343 -5.97 26.23 -40.99
N TRP J 344 -7.06 26.58 -40.31
CA TRP J 344 -7.07 27.02 -38.89
C TRP J 344 -6.66 25.82 -38.03
N ILE J 345 -6.25 26.05 -36.78
CA ILE J 345 -5.63 25.02 -35.88
C ILE J 345 -4.40 24.49 -36.61
N PRO J 346 -3.28 25.26 -36.61
CA PRO J 346 -2.02 24.79 -37.16
C PRO J 346 -1.27 23.93 -36.12
N ASN J 347 -0.25 23.20 -36.58
CA ASN J 347 0.44 22.13 -35.82
C ASN J 347 -0.60 21.09 -35.39
N ASN J 348 -1.42 20.66 -36.35
CA ASN J 348 -2.61 19.79 -36.19
C ASN J 348 -2.23 18.51 -35.44
N ILE J 349 -1.12 17.90 -35.82
CA ILE J 349 -0.73 16.55 -35.32
C ILE J 349 -0.09 16.71 -33.92
N LYS J 350 -0.68 16.01 -32.93
CA LYS J 350 -0.07 15.77 -31.60
C LYS J 350 0.88 14.57 -31.70
N SER J 351 1.88 14.52 -30.83
CA SER J 351 2.84 13.39 -30.69
C SER J 351 2.87 12.91 -29.24
N SER J 352 3.28 11.65 -29.04
CA SER J 352 3.50 11.01 -27.72
C SER J 352 4.48 9.84 -27.87
N ILE J 353 5.39 9.70 -26.90
CA ILE J 353 6.49 8.69 -26.88
C ILE J 353 6.29 7.80 -25.65
N CYS J 354 6.49 6.49 -25.79
CA CYS J 354 6.45 5.50 -24.68
C CYS J 354 7.65 4.55 -24.82
N ASP J 355 8.64 4.69 -23.92
CA ASP J 355 9.93 3.97 -23.93
C ASP J 355 9.72 2.46 -24.14
N ILE J 356 8.67 1.88 -23.55
CA ILE J 356 8.37 0.42 -23.58
C ILE J 356 7.63 0.09 -24.87
N PRO J 357 8.20 -0.76 -25.77
CA PRO J 357 7.52 -1.17 -26.99
C PRO J 357 6.52 -2.29 -26.71
N PRO J 358 5.72 -2.72 -27.70
CA PRO J 358 4.93 -3.95 -27.56
C PRO J 358 5.84 -5.18 -27.73
N LYS J 359 5.46 -6.31 -27.13
CA LYS J 359 6.27 -7.56 -27.09
C LYS J 359 6.61 -8.01 -28.52
N GLY J 360 7.87 -8.39 -28.75
CA GLY J 360 8.37 -8.92 -30.04
C GLY J 360 8.46 -7.84 -31.11
N LEU J 361 8.68 -6.57 -30.73
CA LEU J 361 8.86 -5.42 -31.65
C LEU J 361 9.83 -4.41 -31.01
N LYS J 362 10.65 -3.75 -31.83
CA LYS J 362 11.65 -2.74 -31.41
C LYS J 362 10.98 -1.37 -31.33
N MET J 363 10.24 -0.99 -32.38
CA MET J 363 9.42 0.25 -32.46
C MET J 363 8.02 -0.08 -32.97
N ALA J 364 7.04 0.72 -32.57
CA ALA J 364 5.63 0.67 -33.01
C ALA J 364 5.02 2.07 -32.92
N VAL J 365 3.75 2.21 -33.32
CA VAL J 365 2.96 3.47 -33.18
C VAL J 365 1.50 3.07 -32.94
N THR J 366 0.68 4.02 -32.46
CA THR J 366 -0.80 3.97 -32.49
C THR J 366 -1.33 5.36 -32.87
N PHE J 367 -2.04 5.45 -33.99
CA PHE J 367 -2.59 6.71 -34.55
C PHE J 367 -4.04 6.87 -34.09
N VAL J 368 -4.48 8.13 -33.92
CA VAL J 368 -5.90 8.51 -33.64
C VAL J 368 -6.17 9.84 -34.36
N GLY J 369 -7.13 9.88 -35.30
CA GLY J 369 -7.35 11.01 -36.21
C GLY J 369 -8.81 11.42 -36.31
N ASN J 370 -9.20 12.52 -35.68
CA ASN J 370 -10.52 13.17 -35.87
C ASN J 370 -10.51 13.85 -37.24
N SER J 371 -11.27 13.31 -38.20
CA SER J 371 -11.33 13.79 -39.61
C SER J 371 -12.78 13.99 -40.04
N THR J 372 -12.96 14.83 -41.07
CA THR J 372 -14.25 15.13 -41.73
C THR J 372 -14.56 14.05 -42.78
N ALA J 373 -13.68 13.05 -42.91
CA ALA J 373 -13.91 11.81 -43.68
C ALA J 373 -14.93 10.93 -42.95
N ILE J 374 -14.97 10.97 -41.61
CA ILE J 374 -15.77 10.04 -40.75
C ILE J 374 -17.27 10.24 -41.05
N GLN J 375 -17.65 11.43 -41.55
CA GLN J 375 -18.94 11.68 -42.27
C GLN J 375 -19.30 10.50 -43.18
N GLU J 376 -18.37 10.13 -44.07
CA GLU J 376 -18.59 9.25 -45.25
C GLU J 376 -18.92 7.82 -44.80
N MET J 377 -18.80 7.48 -43.51
CA MET J 377 -19.23 6.17 -42.94
C MET J 377 -20.60 6.31 -42.25
N PHE J 378 -21.00 7.52 -41.83
CA PHE J 378 -22.31 7.82 -41.20
C PHE J 378 -23.35 8.16 -42.27
N LYS J 379 -22.93 8.62 -43.46
CA LYS J 379 -23.84 8.85 -44.62
C LYS J 379 -24.32 7.49 -45.17
N ARG J 380 -23.46 6.48 -45.20
CA ARG J 380 -23.80 5.11 -45.66
C ARG J 380 -24.94 4.58 -44.77
N VAL J 381 -24.76 4.65 -43.45
CA VAL J 381 -25.76 4.18 -42.42
C VAL J 381 -27.03 5.03 -42.57
N ALA J 382 -26.92 6.33 -42.87
CA ALA J 382 -28.05 7.26 -43.07
C ALA J 382 -28.86 6.84 -44.31
N GLU J 383 -28.22 6.83 -45.49
CA GLU J 383 -28.84 6.48 -46.80
C GLU J 383 -29.62 5.17 -46.68
N GLN J 384 -28.97 4.14 -46.13
CA GLN J 384 -29.57 2.80 -45.88
C GLN J 384 -30.81 3.00 -45.00
N PHE J 385 -30.61 3.45 -43.76
CA PHE J 385 -31.66 3.65 -42.71
C PHE J 385 -32.87 4.39 -43.30
N THR J 386 -32.64 5.41 -44.14
CA THR J 386 -33.69 6.26 -44.76
C THR J 386 -34.59 5.38 -45.63
N ALA J 387 -33.99 4.65 -46.59
CA ALA J 387 -34.70 3.73 -47.52
C ALA J 387 -35.63 2.79 -46.76
N MET J 388 -35.19 2.28 -45.60
CA MET J 388 -36.00 1.42 -44.68
C MET J 388 -37.17 2.22 -44.11
N PHE J 389 -36.90 3.40 -43.55
CA PHE J 389 -37.83 4.16 -42.69
C PHE J 389 -38.88 4.92 -43.53
N ARG J 390 -38.62 5.17 -44.82
CA ARG J 390 -39.63 5.67 -45.81
C ARG J 390 -40.88 4.79 -45.75
N ARG J 391 -40.68 3.46 -45.67
CA ARG J 391 -41.74 2.41 -45.74
C ARG J 391 -42.11 1.86 -44.37
N LYS J 392 -41.36 2.23 -43.32
CA LYS J 392 -41.55 1.71 -41.94
C LYS J 392 -41.38 0.19 -41.95
N ALA J 393 -40.30 -0.28 -42.57
CA ALA J 393 -39.93 -1.71 -42.68
C ALA J 393 -39.26 -2.16 -41.37
N PHE J 394 -39.54 -3.39 -40.94
CA PHE J 394 -38.99 -4.02 -39.71
C PHE J 394 -39.23 -3.11 -38.49
N LEU J 395 -40.26 -2.26 -38.53
CA LEU J 395 -40.48 -1.18 -37.51
C LEU J 395 -41.44 -1.67 -36.42
N HIS J 396 -42.32 -2.63 -36.75
CA HIS J 396 -43.27 -3.25 -35.79
C HIS J 396 -42.53 -3.98 -34.65
N TRP J 397 -41.30 -4.46 -34.88
CA TRP J 397 -40.45 -5.08 -33.83
C TRP J 397 -40.12 -4.05 -32.76
N TYR J 398 -39.54 -2.93 -33.20
CA TYR J 398 -38.97 -1.87 -32.34
C TYR J 398 -40.12 -1.10 -31.66
N THR J 399 -41.18 -0.80 -32.45
CA THR J 399 -42.45 -0.21 -31.99
C THR J 399 -43.06 -1.09 -30.89
N GLY J 400 -43.07 -2.41 -31.11
CA GLY J 400 -43.64 -3.44 -30.21
C GLY J 400 -43.00 -3.46 -28.83
N GLU J 401 -41.72 -3.09 -28.72
CA GLU J 401 -40.96 -3.03 -27.44
C GLU J 401 -41.12 -1.64 -26.80
N GLY J 402 -42.11 -0.85 -27.22
CA GLY J 402 -42.55 0.37 -26.53
C GLY J 402 -41.80 1.61 -26.99
N MET J 403 -41.03 1.53 -28.07
CA MET J 403 -40.39 2.69 -28.73
C MET J 403 -41.41 3.36 -29.65
N ASP J 404 -41.35 4.69 -29.80
CA ASP J 404 -42.26 5.49 -30.64
C ASP J 404 -41.57 5.81 -31.98
N GLU J 405 -42.33 6.26 -32.98
CA GLU J 405 -41.80 6.75 -34.28
C GLU J 405 -41.10 8.10 -34.09
N MET J 406 -41.31 8.78 -32.96
CA MET J 406 -40.65 10.08 -32.61
C MET J 406 -39.15 9.87 -32.41
N GLU J 407 -38.76 8.77 -31.74
CA GLU J 407 -37.34 8.42 -31.47
C GLU J 407 -36.58 8.29 -32.81
N PHE J 408 -37.04 7.39 -33.69
CA PHE J 408 -36.39 7.06 -34.99
C PHE J 408 -36.16 8.33 -35.82
N THR J 409 -37.09 9.30 -35.76
CA THR J 409 -37.02 10.58 -36.51
C THR J 409 -35.97 11.51 -35.90
N GLU J 410 -35.93 11.64 -34.57
CA GLU J 410 -34.95 12.52 -33.87
C GLU J 410 -33.55 11.91 -34.02
N ALA J 411 -33.45 10.56 -34.02
CA ALA J 411 -32.19 9.80 -34.23
C ALA J 411 -31.61 10.12 -35.61
N GLU J 412 -32.46 10.18 -36.65
CA GLU J 412 -32.08 10.61 -38.02
C GLU J 412 -31.74 12.10 -38.00
N SER J 413 -32.54 12.92 -37.31
CA SER J 413 -32.34 14.39 -37.12
C SER J 413 -30.97 14.65 -36.49
N ASN J 414 -30.74 14.06 -35.33
CA ASN J 414 -29.50 14.24 -34.52
C ASN J 414 -28.28 13.71 -35.28
N MET J 415 -28.42 12.62 -36.05
CA MET J 415 -27.30 12.02 -36.85
C MET J 415 -27.02 12.88 -38.09
N ASN J 416 -28.05 13.45 -38.72
CA ASN J 416 -27.91 14.37 -39.89
C ASN J 416 -27.26 15.69 -39.44
N ASP J 417 -27.45 16.09 -38.18
CA ASP J 417 -26.84 17.31 -37.57
C ASP J 417 -25.33 17.10 -37.42
N LEU J 418 -24.91 15.91 -36.97
CA LEU J 418 -23.47 15.51 -36.87
C LEU J 418 -22.83 15.64 -38.26
N VAL J 419 -23.41 14.98 -39.26
CA VAL J 419 -22.95 14.97 -40.68
C VAL J 419 -22.95 16.40 -41.22
N SER J 420 -23.89 17.24 -40.77
CA SER J 420 -23.93 18.68 -41.08
C SER J 420 -22.72 19.38 -40.43
N GLU J 421 -22.40 19.04 -39.19
CA GLU J 421 -21.38 19.74 -38.36
C GLU J 421 -19.97 19.50 -38.92
N TYR J 422 -19.59 18.24 -39.18
CA TYR J 422 -18.27 17.90 -39.77
C TYR J 422 -18.12 18.64 -41.10
N GLN J 423 -19.09 18.50 -42.01
CA GLN J 423 -19.11 19.10 -43.38
C GLN J 423 -18.82 20.61 -43.28
N GLN J 424 -19.40 21.29 -42.29
CA GLN J 424 -19.16 22.73 -42.01
C GLN J 424 -17.65 22.96 -41.89
N TYR J 425 -16.99 22.22 -41.01
CA TYR J 425 -15.59 22.44 -40.60
C TYR J 425 -14.61 21.99 -41.70
N GLN J 426 -15.02 21.09 -42.59
CA GLN J 426 -14.21 20.68 -43.79
C GLN J 426 -14.10 21.87 -44.74
N ASP J 427 -15.25 22.42 -45.15
CA ASP J 427 -15.36 23.49 -46.18
C ASP J 427 -14.91 24.84 -45.59
N ALA J 428 -14.94 25.00 -44.26
CA ALA J 428 -14.59 26.25 -43.53
C ALA J 428 -13.11 26.62 -43.78
N THR J 429 -12.86 27.88 -44.16
CA THR J 429 -11.53 28.46 -44.48
C THR J 429 -11.27 29.69 -43.60
N ALA J 430 -10.32 29.60 -42.66
CA ALA J 430 -9.94 30.68 -41.71
C ALA J 430 -8.42 30.77 -41.58
N MET K 1 79.95 86.78 26.11
CA MET K 1 81.29 86.64 25.45
C MET K 1 81.10 86.12 24.03
N ARG K 2 80.57 86.99 23.16
CA ARG K 2 80.42 86.76 21.70
C ARG K 2 79.40 85.65 21.41
N GLU K 3 78.46 85.37 22.33
CA GLU K 3 77.44 84.29 22.18
C GLU K 3 76.50 84.61 21.02
N VAL K 4 76.13 83.59 20.26
CA VAL K 4 75.18 83.68 19.11
C VAL K 4 74.21 82.51 19.24
N ILE K 5 72.91 82.80 19.39
CA ILE K 5 71.80 81.81 19.33
C ILE K 5 71.45 81.59 17.86
N SER K 6 71.48 80.34 17.39
CA SER K 6 71.04 79.92 16.03
C SER K 6 69.64 79.31 16.13
N ILE K 7 68.67 79.85 15.38
CA ILE K 7 67.27 79.33 15.31
C ILE K 7 67.08 78.71 13.92
N HIS K 8 66.96 77.39 13.83
CA HIS K 8 66.77 76.65 12.55
C HIS K 8 65.29 76.23 12.43
N VAL K 9 64.57 76.89 11.53
CA VAL K 9 63.09 76.73 11.32
C VAL K 9 62.87 76.16 9.92
N GLY K 10 62.11 75.07 9.81
CA GLY K 10 61.74 74.46 8.52
C GLY K 10 62.85 73.58 7.97
N GLN K 11 62.47 72.58 7.16
CA GLN K 11 63.37 71.55 6.60
C GLN K 11 64.66 72.24 6.12
N GLY K 12 64.53 73.19 5.19
CA GLY K 12 65.66 73.95 4.62
C GLY K 12 66.53 74.54 5.70
N GLY K 13 65.90 75.16 6.71
CA GLY K 13 66.59 75.64 7.92
C GLY K 13 67.41 74.56 8.58
N ILE K 14 66.75 73.49 9.03
CA ILE K 14 67.38 72.40 9.83
C ILE K 14 68.54 71.80 9.02
N GLN K 15 68.28 71.37 7.78
CA GLN K 15 69.28 70.65 6.95
C GLN K 15 70.50 71.56 6.75
N VAL K 16 70.28 72.84 6.42
CA VAL K 16 71.39 73.85 6.38
C VAL K 16 72.10 73.79 7.72
N GLY K 17 71.33 73.87 8.81
CA GLY K 17 71.84 73.81 10.20
C GLY K 17 72.81 72.64 10.38
N ASN K 18 72.34 71.42 10.08
CA ASN K 18 73.15 70.18 10.23
C ASN K 18 74.55 70.44 9.68
N ALA K 19 74.62 70.91 8.42
CA ALA K 19 75.88 71.21 7.70
C ALA K 19 76.68 72.29 8.43
N CYS K 20 76.01 73.31 8.98
CA CYS K 20 76.64 74.40 9.78
C CYS K 20 77.35 73.78 10.98
N TRP K 21 76.65 72.92 11.73
CA TRP K 21 77.12 72.41 13.04
C TRP K 21 78.21 71.34 12.85
N GLU K 22 78.20 70.61 11.73
CA GLU K 22 79.36 69.77 11.30
C GLU K 22 80.60 70.66 11.28
N LEU K 23 80.52 71.74 10.50
CA LEU K 23 81.65 72.68 10.25
C LEU K 23 82.14 73.25 11.59
N PHE K 24 81.23 73.82 12.37
CA PHE K 24 81.55 74.42 13.69
C PHE K 24 82.25 73.38 14.55
N CYS K 25 81.67 72.18 14.67
CA CYS K 25 82.19 71.06 15.51
C CYS K 25 83.64 70.77 15.10
N LEU K 26 83.92 70.71 13.79
CA LEU K 26 85.28 70.49 13.23
C LEU K 26 86.19 71.67 13.57
N GLU K 27 85.68 72.90 13.42
CA GLU K 27 86.47 74.16 13.56
C GLU K 27 87.02 74.28 14.97
N HIS K 28 86.19 74.08 15.99
CA HIS K 28 86.57 74.22 17.41
C HIS K 28 87.24 72.94 17.93
N GLY K 29 86.95 71.78 17.30
CA GLY K 29 87.51 70.46 17.65
C GLY K 29 86.59 69.66 18.55
N ILE K 30 85.30 69.99 18.59
CA ILE K 30 84.25 69.21 19.29
C ILE K 30 83.99 67.94 18.48
N GLN K 31 83.98 66.79 19.16
CA GLN K 31 83.63 65.47 18.57
C GLN K 31 82.11 65.30 18.65
N PRO K 32 81.51 64.34 17.92
CA PRO K 32 80.05 64.16 17.93
C PRO K 32 79.44 63.99 19.32
N ASP K 33 80.13 63.31 20.24
CA ASP K 33 79.70 63.12 21.66
C ASP K 33 79.43 64.49 22.27
N GLY K 34 80.27 65.49 21.95
CA GLY K 34 80.19 66.86 22.49
C GLY K 34 81.29 67.14 23.50
N GLN K 35 82.27 66.24 23.61
CA GLN K 35 83.49 66.39 24.47
C GLN K 35 84.68 66.65 23.54
N MET K 36 85.25 67.86 23.59
CA MET K 36 86.55 68.19 22.94
C MET K 36 87.61 67.30 23.59
N PRO K 37 88.53 66.67 22.80
CA PRO K 37 89.67 65.96 23.37
C PRO K 37 90.75 66.94 23.86
N SER K 38 91.03 66.96 25.17
CA SER K 38 91.96 67.91 25.84
C SER K 38 93.40 67.60 25.41
N ASP K 39 93.87 68.24 24.33
CA ASP K 39 95.19 68.01 23.70
C ASP K 39 95.97 69.33 23.59
N LYS K 40 97.26 69.24 23.24
CA LYS K 40 98.30 70.31 23.24
C LYS K 40 98.70 70.68 24.69
N THR K 41 98.22 69.95 25.70
CA THR K 41 98.49 70.11 27.16
C THR K 41 98.19 71.54 27.65
N ILE K 42 97.43 72.34 26.88
CA ILE K 42 96.99 73.73 27.19
C ILE K 42 95.61 73.92 26.52
N GLY K 43 94.71 74.68 27.14
CA GLY K 43 93.47 75.15 26.50
C GLY K 43 93.75 76.22 25.45
N GLY K 44 94.25 75.80 24.28
CA GLY K 44 94.69 76.68 23.19
C GLY K 44 93.51 77.23 22.40
N GLY K 45 92.54 76.37 22.06
CA GLY K 45 91.23 76.74 21.49
C GLY K 45 90.16 76.86 22.56
N ASP K 46 90.55 77.30 23.78
CA ASP K 46 89.65 77.56 24.93
C ASP K 46 88.93 78.90 24.68
N ASP K 47 87.60 78.91 24.81
CA ASP K 47 86.71 80.10 24.71
C ASP K 47 86.42 80.49 23.25
N ALA K 48 87.05 79.84 22.26
CA ALA K 48 86.72 79.98 20.83
C ALA K 48 85.27 79.56 20.61
N PHE K 49 84.87 78.44 21.19
CA PHE K 49 83.53 77.81 21.04
C PHE K 49 82.44 78.66 21.69
N ASN K 50 82.76 79.42 22.75
CA ASN K 50 81.75 80.12 23.59
C ASN K 50 80.89 81.04 22.72
N THR K 51 81.25 81.27 21.46
CA THR K 51 80.33 81.81 20.43
C THR K 51 79.15 80.85 20.25
N PHE K 52 79.42 79.60 19.89
CA PHE K 52 78.41 78.67 19.36
C PHE K 52 78.12 77.51 20.32
N PHE K 53 78.98 77.22 21.29
CA PHE K 53 78.77 76.09 22.23
C PHE K 53 78.93 76.51 23.69
N SER K 54 77.91 76.25 24.49
CA SER K 54 77.95 76.41 25.96
C SER K 54 78.63 75.16 26.54
N GLU K 55 79.66 75.35 27.36
CA GLU K 55 80.19 74.31 28.28
C GLU K 55 79.10 74.00 29.31
N THR K 56 78.86 72.72 29.60
CA THR K 56 77.87 72.25 30.61
C THR K 56 78.52 72.17 32.00
N GLY K 57 79.85 72.20 32.05
CA GLY K 57 80.66 72.22 33.30
C GLY K 57 81.20 70.83 33.65
N ALA K 58 80.84 69.81 32.86
CA ALA K 58 81.20 68.38 33.03
C ALA K 58 82.16 67.93 31.92
N GLY K 59 82.52 68.82 31.00
CA GLY K 59 83.34 68.52 29.81
C GLY K 59 82.53 68.19 28.57
N LYS K 60 81.21 68.47 28.58
CA LYS K 60 80.30 68.35 27.41
C LYS K 60 79.96 69.76 26.89
N HIS K 61 80.17 70.01 25.60
CA HIS K 61 79.74 71.23 24.88
C HIS K 61 78.47 70.94 24.09
N VAL K 62 77.47 71.78 24.31
CA VAL K 62 76.14 71.74 23.64
C VAL K 62 76.10 72.92 22.68
N PRO K 63 75.58 72.75 21.46
CA PRO K 63 75.27 73.87 20.57
C PRO K 63 74.17 74.77 21.14
N ARG K 64 74.42 76.09 21.18
CA ARG K 64 73.36 77.11 21.42
C ARG K 64 72.60 77.21 20.10
N ALA K 65 71.58 76.37 19.91
CA ALA K 65 70.83 76.28 18.64
C ALA K 65 69.48 75.57 18.81
N VAL K 66 68.38 76.28 18.52
CA VAL K 66 67.00 75.72 18.50
C VAL K 66 66.68 75.34 17.06
N PHE K 67 66.51 74.03 16.84
CA PHE K 67 65.98 73.42 15.59
C PHE K 67 64.47 73.28 15.73
N LEU K 68 63.71 73.96 14.88
CA LEU K 68 62.23 74.02 14.96
C LEU K 68 61.62 73.59 13.63
N ASP K 69 60.72 72.60 13.68
CA ASP K 69 59.94 72.13 12.50
C ASP K 69 58.54 71.69 12.97
N LEU K 70 57.52 72.07 12.20
CA LEU K 70 56.12 71.62 12.38
C LEU K 70 55.99 70.15 11.94
N GLU K 71 56.96 69.66 11.13
CA GLU K 71 57.08 68.26 10.63
C GLU K 71 58.08 67.50 11.50
N PRO K 72 57.81 66.23 11.85
CA PRO K 72 58.75 65.44 12.65
C PRO K 72 59.93 64.82 11.90
N THR K 73 59.85 64.67 10.57
CA THR K 73 60.77 63.81 9.77
C THR K 73 62.20 64.37 9.78
N VAL K 74 62.37 65.68 9.56
CA VAL K 74 63.71 66.32 9.42
C VAL K 74 64.41 66.30 10.78
N ILE K 75 63.70 66.68 11.86
CA ILE K 75 64.26 66.75 13.24
C ILE K 75 64.55 65.33 13.75
N ASP K 76 63.77 64.32 13.35
CA ASP K 76 64.02 62.89 13.68
C ASP K 76 65.38 62.50 13.10
N GLU K 77 65.61 62.80 11.82
CA GLU K 77 66.88 62.49 11.11
C GLU K 77 68.07 62.96 11.97
N VAL K 78 67.96 64.14 12.58
CA VAL K 78 69.01 64.70 13.48
C VAL K 78 69.10 63.81 14.73
N ARG K 79 67.96 63.40 15.30
CA ARG K 79 67.88 62.57 16.54
C ARG K 79 68.44 61.17 16.29
N THR K 80 68.27 60.61 15.08
CA THR K 80 68.85 59.32 14.63
C THR K 80 70.03 59.60 13.70
N GLY K 81 70.93 60.49 14.12
CA GLY K 81 72.10 60.96 13.34
C GLY K 81 73.38 60.84 14.14
N THR K 82 74.51 61.13 13.50
CA THR K 82 75.86 61.11 14.14
C THR K 82 75.85 62.07 15.33
N TYR K 83 75.20 63.22 15.19
CA TYR K 83 75.21 64.31 16.19
C TYR K 83 73.99 64.19 17.13
N ARG K 84 73.48 62.98 17.33
CA ARG K 84 72.34 62.73 18.25
C ARG K 84 72.73 63.19 19.66
N GLN K 85 73.95 62.88 20.10
CA GLN K 85 74.40 63.15 21.49
C GLN K 85 74.94 64.58 21.63
N LEU K 86 74.95 65.38 20.56
CA LEU K 86 75.49 66.78 20.60
C LEU K 86 74.38 67.76 21.03
N PHE K 87 73.24 67.74 20.33
CA PHE K 87 72.12 68.70 20.51
C PHE K 87 71.27 68.32 21.71
N HIS K 88 70.90 69.30 22.55
CA HIS K 88 70.04 69.14 23.75
C HIS K 88 68.64 68.71 23.36
N PRO K 89 68.09 67.60 23.90
CA PRO K 89 66.84 67.04 23.40
C PRO K 89 65.79 68.14 23.23
N GLU K 90 65.58 68.92 24.29
CA GLU K 90 64.55 69.99 24.37
C GLU K 90 64.78 70.99 23.22
N GLN K 91 66.04 71.32 22.91
CA GLN K 91 66.40 72.31 21.86
C GLN K 91 65.87 71.83 20.50
N LEU K 92 65.84 70.51 20.29
CA LEU K 92 65.22 69.90 19.09
C LEU K 92 63.72 69.79 19.34
N ILE K 93 62.95 70.80 18.90
CA ILE K 93 61.46 70.89 19.04
C ILE K 93 60.82 70.37 17.74
N SER K 94 59.78 69.56 17.88
CA SER K 94 59.05 68.87 16.77
C SER K 94 57.56 69.21 16.82
N GLY K 95 56.95 69.35 15.64
CA GLY K 95 55.48 69.38 15.46
C GLY K 95 54.98 68.06 14.93
N LYS K 96 53.68 67.79 15.11
CA LYS K 96 53.03 66.50 14.71
C LYS K 96 52.59 66.59 13.24
N GLU K 97 52.07 67.73 12.79
CA GLU K 97 51.55 67.93 11.40
C GLU K 97 52.19 69.18 10.78
N ASP K 98 52.65 69.07 9.52
CA ASP K 98 53.39 70.13 8.78
C ASP K 98 52.43 71.24 8.35
N ALA K 99 52.98 72.43 8.06
CA ALA K 99 52.26 73.61 7.52
C ALA K 99 51.83 73.35 6.08
N ALA K 100 52.48 72.42 5.38
CA ALA K 100 52.11 71.93 4.04
C ALA K 100 52.13 73.10 3.04
N ASN K 101 53.26 73.82 2.98
CA ASN K 101 53.49 74.96 2.05
C ASN K 101 52.33 75.96 2.18
N ASN K 102 51.87 76.24 3.40
CA ASN K 102 50.80 77.24 3.65
C ASN K 102 51.20 78.17 4.81
N PHE K 103 51.72 79.34 4.45
CA PHE K 103 52.05 80.43 5.38
C PHE K 103 51.02 80.44 6.50
N ALA K 104 49.73 80.46 6.13
CA ALA K 104 48.60 80.62 7.06
C ALA K 104 48.68 79.60 8.20
N ARG K 105 48.83 78.31 7.87
CA ARG K 105 48.93 77.22 8.87
C ARG K 105 50.04 77.56 9.87
N GLY K 106 51.20 77.94 9.34
CA GLY K 106 52.42 78.28 10.12
C GLY K 106 52.26 79.54 10.96
N HIS K 107 51.52 80.54 10.48
CA HIS K 107 51.40 81.87 11.13
C HIS K 107 50.24 81.90 12.12
N TYR K 108 49.20 81.09 11.93
CA TYR K 108 48.00 81.05 12.80
C TYR K 108 47.74 79.62 13.32
N THR K 109 47.25 78.72 12.47
CA THR K 109 46.60 77.45 12.85
C THR K 109 47.55 76.62 13.74
N ILE K 110 48.66 76.14 13.17
CA ILE K 110 49.59 75.14 13.79
C ILE K 110 50.67 75.89 14.59
N GLY K 111 51.28 76.91 14.00
CA GLY K 111 52.38 77.69 14.59
C GLY K 111 52.07 78.08 16.02
N LYS K 112 50.94 78.76 16.24
CA LYS K 112 50.59 79.42 17.53
C LYS K 112 50.68 78.45 18.71
N GLU K 113 50.59 77.15 18.48
CA GLU K 113 50.74 76.10 19.52
C GLU K 113 52.21 76.02 19.93
N ILE K 114 53.12 75.89 18.96
CA ILE K 114 54.56 75.51 19.12
C ILE K 114 55.38 76.73 19.56
N VAL K 115 55.19 77.89 18.91
CA VAL K 115 56.00 79.12 19.12
C VAL K 115 56.14 79.35 20.63
N ASP K 116 55.06 79.21 21.38
CA ASP K 116 55.04 79.38 22.86
C ASP K 116 56.18 78.54 23.44
N LEU K 117 56.26 77.26 23.07
CA LEU K 117 57.30 76.34 23.57
C LEU K 117 58.68 76.82 23.09
N CYS K 118 58.79 77.30 21.84
CA CYS K 118 60.08 77.74 21.24
C CYS K 118 60.66 78.92 22.04
N LEU K 119 59.89 79.99 22.22
CA LEU K 119 60.34 81.20 22.94
C LEU K 119 60.90 80.82 24.32
N ASP K 120 60.22 79.94 25.04
CA ASP K 120 60.68 79.44 26.37
C ASP K 120 62.10 78.89 26.22
N ARG K 121 62.35 78.09 25.18
CA ARG K 121 63.70 77.54 24.89
C ARG K 121 64.70 78.69 24.65
N ILE K 122 64.33 79.68 23.84
CA ILE K 122 65.23 80.81 23.47
C ILE K 122 65.55 81.60 24.75
N ARG K 123 64.58 81.77 25.64
CA ARG K 123 64.78 82.48 26.94
C ARG K 123 65.80 81.69 27.76
N LYS K 124 65.64 80.37 27.87
CA LYS K 124 66.57 79.50 28.65
C LYS K 124 67.99 79.66 28.11
N LEU K 125 68.17 79.69 26.79
CA LEU K 125 69.49 79.83 26.11
C LEU K 125 70.05 81.24 26.34
N ALA K 126 69.21 82.27 26.24
CA ALA K 126 69.60 83.70 26.39
C ALA K 126 69.94 84.01 27.85
N ASP K 127 69.44 83.24 28.82
CA ASP K 127 69.80 83.37 30.25
C ASP K 127 71.25 82.94 30.44
N ASN K 128 71.64 81.79 29.86
CA ASN K 128 73.02 81.24 29.88
C ASN K 128 73.98 82.26 29.26
N CYS K 129 73.56 82.87 28.14
CA CYS K 129 74.35 83.85 27.32
C CYS K 129 74.54 85.16 28.09
N THR K 130 75.79 85.57 28.26
CA THR K 130 76.20 86.86 28.89
C THR K 130 76.72 87.78 27.78
N GLY K 131 75.99 88.84 27.46
CA GLY K 131 76.35 89.78 26.38
C GLY K 131 76.19 89.14 25.01
N LEU K 132 75.02 88.56 24.76
CA LEU K 132 74.61 87.98 23.46
C LEU K 132 74.84 89.01 22.34
N GLN K 133 75.43 88.58 21.23
CA GLN K 133 75.74 89.46 20.06
C GLN K 133 74.48 89.55 19.18
N GLY K 134 73.87 88.41 18.84
CA GLY K 134 72.68 88.39 17.97
C GLY K 134 72.09 87.01 17.75
N PHE K 135 70.90 86.95 17.17
CA PHE K 135 70.17 85.73 16.76
C PHE K 135 70.42 85.50 15.27
N LEU K 136 71.18 84.47 14.92
CA LEU K 136 71.21 83.94 13.52
C LEU K 136 69.95 83.08 13.34
N VAL K 137 69.20 83.29 12.24
CA VAL K 137 67.97 82.53 11.90
C VAL K 137 68.11 81.96 10.48
N PHE K 138 67.66 80.72 10.29
CA PHE K 138 67.72 79.95 9.02
C PHE K 138 66.31 79.46 8.68
N ASN K 139 65.65 80.06 7.69
CA ASN K 139 64.29 79.67 7.25
C ASN K 139 64.17 79.78 5.74
N SER K 140 63.54 78.79 5.11
CA SER K 140 63.13 78.83 3.68
C SER K 140 61.88 79.71 3.58
N VAL K 141 61.83 80.65 2.64
CA VAL K 141 60.65 81.52 2.41
C VAL K 141 59.80 80.95 1.26
N GLY K 142 60.25 79.87 0.60
CA GLY K 142 59.45 79.07 -0.35
C GLY K 142 58.51 78.11 0.37
N GLY K 143 58.90 77.65 1.56
CA GLY K 143 58.20 76.60 2.34
C GLY K 143 57.36 77.15 3.48
N GLY K 144 56.37 76.39 3.94
CA GLY K 144 55.36 76.81 4.93
C GLY K 144 55.99 77.18 6.27
N THR K 145 56.51 76.18 6.98
CA THR K 145 57.12 76.32 8.33
C THR K 145 58.00 77.58 8.35
N GLY K 146 59.05 77.58 7.52
CA GLY K 146 60.09 78.62 7.45
C GLY K 146 59.51 79.99 7.14
N SER K 147 58.54 80.05 6.22
CA SER K 147 57.76 81.28 5.92
C SER K 147 56.94 81.64 7.15
N GLY K 148 55.98 80.78 7.48
CA GLY K 148 54.93 81.04 8.50
C GLY K 148 55.53 81.18 9.89
N LEU K 149 55.81 80.05 10.56
CA LEU K 149 56.28 80.02 11.96
C LEU K 149 57.54 80.89 12.11
N GLY K 150 58.45 80.80 11.12
CA GLY K 150 59.71 81.57 11.06
C GLY K 150 59.49 83.07 11.08
N SER K 151 58.41 83.54 10.44
CA SER K 151 57.96 84.96 10.50
C SER K 151 57.33 85.25 11.87
N LEU K 152 56.54 84.31 12.42
CA LEU K 152 55.87 84.48 13.74
C LEU K 152 56.92 84.58 14.84
N LEU K 153 57.92 83.70 14.82
CA LEU K 153 59.08 83.76 15.75
C LEU K 153 59.61 85.20 15.79
N LEU K 154 60.21 85.65 14.67
CA LEU K 154 60.92 86.94 14.53
C LEU K 154 60.10 88.06 15.19
N GLU K 155 58.82 88.17 14.81
CA GLU K 155 57.86 89.15 15.41
C GLU K 155 57.99 89.05 16.93
N ARG K 156 57.74 87.87 17.46
CA ARG K 156 57.73 87.64 18.91
C ARG K 156 59.11 88.00 19.47
N LEU K 157 60.19 87.56 18.81
CA LEU K 157 61.59 87.83 19.24
C LEU K 157 61.83 89.34 19.31
N SER K 158 61.27 90.10 18.38
CA SER K 158 61.50 91.57 18.24
C SER K 158 60.98 92.32 19.47
N VAL K 159 59.86 91.88 20.03
CA VAL K 159 59.27 92.55 21.23
C VAL K 159 60.07 92.12 22.46
N ASP K 160 60.38 90.82 22.57
CA ASP K 160 60.91 90.19 23.82
C ASP K 160 62.35 90.67 24.06
N TYR K 161 63.24 90.53 23.08
CA TYR K 161 64.71 90.73 23.23
C TYR K 161 65.10 92.16 22.83
N GLY K 162 64.43 92.73 21.83
CA GLY K 162 64.45 94.19 21.53
C GLY K 162 65.61 94.57 20.64
N LYS K 163 66.70 95.06 21.24
CA LYS K 163 67.89 95.54 20.51
C LYS K 163 68.57 94.36 19.81
N LYS K 164 68.85 93.27 20.55
CA LYS K 164 69.69 92.12 20.10
C LYS K 164 69.42 91.89 18.60
N SER K 165 70.45 92.02 17.77
CA SER K 165 70.38 91.95 16.28
C SER K 165 69.79 90.60 15.84
N LYS K 166 69.09 90.58 14.71
CA LYS K 166 68.45 89.37 14.13
C LYS K 166 68.88 89.22 12.67
N LEU K 167 70.03 88.59 12.43
CA LEU K 167 70.55 88.32 11.06
C LEU K 167 69.86 87.07 10.52
N GLY K 168 69.11 87.21 9.41
CA GLY K 168 68.27 86.15 8.82
C GLY K 168 68.80 85.66 7.48
N PHE K 169 69.31 84.42 7.43
CA PHE K 169 69.76 83.72 6.20
C PHE K 169 68.58 82.96 5.58
N THR K 170 68.01 83.52 4.51
CA THR K 170 66.69 83.15 3.94
C THR K 170 66.87 82.58 2.54
N ILE K 171 66.27 81.41 2.28
CA ILE K 171 66.42 80.67 1.00
C ILE K 171 65.24 81.03 0.10
N TYR K 172 65.28 82.25 -0.45
CA TYR K 172 64.27 82.78 -1.41
C TYR K 172 64.26 81.91 -2.66
N PRO K 173 63.07 81.58 -3.21
CA PRO K 173 62.99 80.70 -4.38
C PRO K 173 63.55 81.37 -5.64
N SER K 174 64.51 80.71 -6.28
CA SER K 174 65.05 81.09 -7.61
C SER K 174 63.92 81.09 -8.63
N PRO K 175 63.88 82.05 -9.57
CA PRO K 175 62.77 82.17 -10.52
C PRO K 175 62.68 81.03 -11.55
N GLN K 176 63.80 80.62 -12.13
CA GLN K 176 63.84 79.57 -13.19
C GLN K 176 63.45 78.22 -12.55
N VAL K 177 64.18 77.82 -11.50
CA VAL K 177 63.98 76.54 -10.74
C VAL K 177 63.15 76.83 -9.49
N SER K 178 61.91 76.33 -9.45
CA SER K 178 61.00 76.38 -8.29
C SER K 178 60.56 74.95 -7.93
N THR K 179 60.64 74.61 -6.63
CA THR K 179 60.35 73.25 -6.08
C THR K 179 58.83 73.07 -5.90
N ALA K 180 58.12 74.15 -5.52
CA ALA K 180 56.67 74.16 -5.22
C ALA K 180 55.98 75.28 -6.01
N VAL K 181 54.68 75.09 -6.30
CA VAL K 181 53.85 75.96 -7.19
C VAL K 181 53.34 77.17 -6.40
N VAL K 182 53.10 76.98 -5.09
CA VAL K 182 52.48 77.98 -4.18
C VAL K 182 53.56 78.82 -3.48
N GLU K 183 54.83 78.72 -3.92
CA GLU K 183 56.01 79.42 -3.33
C GLU K 183 55.82 80.94 -3.35
N PRO K 184 55.47 81.58 -4.49
CA PRO K 184 55.36 83.03 -4.55
C PRO K 184 54.48 83.57 -3.41
N TYR K 185 53.30 82.96 -3.22
CA TYR K 185 52.30 83.31 -2.18
C TYR K 185 52.96 83.34 -0.80
N ASN K 186 53.65 82.27 -0.42
CA ASN K 186 54.39 82.15 0.86
C ASN K 186 55.39 83.31 0.97
N SER K 187 56.35 83.36 0.04
CA SER K 187 57.52 84.29 0.02
C SER K 187 57.08 85.72 0.32
N ILE K 188 56.04 86.19 -0.39
CA ILE K 188 55.53 87.60 -0.31
C ILE K 188 54.95 87.86 1.08
N LEU K 189 54.10 86.96 1.57
CA LEU K 189 53.50 87.06 2.93
C LEU K 189 54.61 87.02 3.98
N SER K 190 55.67 86.23 3.74
CA SER K 190 56.86 86.12 4.64
C SER K 190 57.67 87.43 4.59
N THR K 191 57.98 87.92 3.39
CA THR K 191 58.84 89.12 3.16
C THR K 191 58.26 90.32 3.92
N HIS K 192 56.94 90.54 3.86
CA HIS K 192 56.27 91.67 4.57
C HIS K 192 56.61 91.63 6.06
N SER K 193 56.38 90.49 6.71
CA SER K 193 56.74 90.26 8.14
C SER K 193 58.23 90.53 8.31
N LEU K 194 59.05 89.81 7.55
CA LEU K 194 60.54 89.90 7.56
C LEU K 194 60.97 91.37 7.43
N LEU K 195 60.30 92.14 6.55
CA LEU K 195 60.69 93.53 6.16
C LEU K 195 60.74 94.47 7.38
N GLU K 196 60.15 94.08 8.50
CA GLU K 196 60.05 95.00 9.67
C GLU K 196 60.77 94.44 10.90
N HIS K 197 60.99 93.12 11.01
CA HIS K 197 61.41 92.46 12.27
C HIS K 197 62.89 92.04 12.26
N THR K 198 63.45 91.70 11.09
CA THR K 198 64.90 91.39 10.91
C THR K 198 65.70 92.68 10.70
N ASP K 199 66.96 92.69 11.18
CA ASP K 199 67.89 93.83 11.11
C ASP K 199 68.59 93.82 9.74
N VAL K 200 69.15 92.66 9.38
CA VAL K 200 69.82 92.35 8.08
C VAL K 200 69.26 91.00 7.62
N ALA K 201 68.86 90.88 6.36
CA ALA K 201 68.39 89.63 5.74
C ALA K 201 69.30 89.25 4.57
N VAL K 202 70.09 88.19 4.72
CA VAL K 202 71.03 87.71 3.66
C VAL K 202 70.23 86.76 2.77
N MET K 203 70.14 87.06 1.47
CA MET K 203 69.35 86.31 0.46
C MET K 203 70.24 85.26 -0.20
N LEU K 204 69.76 84.02 -0.33
CA LEU K 204 70.44 82.87 -0.99
C LEU K 204 69.43 82.08 -1.82
N ASP K 205 69.52 82.16 -3.15
CA ASP K 205 68.65 81.42 -4.10
C ASP K 205 69.36 80.13 -4.50
N ASN K 206 68.75 78.98 -4.21
CA ASN K 206 69.34 77.64 -4.47
C ASN K 206 69.96 77.64 -5.87
N GLU K 207 69.15 77.85 -6.92
CA GLU K 207 69.59 77.73 -8.34
C GLU K 207 70.95 78.37 -8.52
N ALA K 208 71.11 79.62 -8.06
CA ALA K 208 72.39 80.36 -8.16
C ALA K 208 73.51 79.47 -7.63
N ILE K 209 73.36 79.00 -6.38
CA ILE K 209 74.42 78.22 -5.68
C ILE K 209 74.60 76.90 -6.44
N TYR K 210 73.54 76.30 -6.98
CA TYR K 210 73.60 75.09 -7.83
C TYR K 210 74.54 75.35 -9.01
N ASP K 211 74.42 76.52 -9.64
CA ASP K 211 75.25 76.91 -10.82
C ASP K 211 76.72 77.03 -10.37
N ILE K 212 76.97 77.59 -9.18
CA ILE K 212 78.34 77.78 -8.62
C ILE K 212 79.01 76.41 -8.50
N CYS K 213 78.30 75.42 -7.92
CA CYS K 213 78.77 74.00 -7.77
C CYS K 213 79.18 73.46 -9.14
N ARG K 214 78.34 73.62 -10.16
CA ARG K 214 78.59 73.11 -11.55
C ARG K 214 79.77 73.85 -12.18
N ARG K 215 79.99 75.12 -11.79
CA ARG K 215 81.01 76.01 -12.39
C ARG K 215 82.35 75.87 -11.67
N ASN K 216 82.35 75.91 -10.33
CA ASN K 216 83.57 76.05 -9.49
C ASN K 216 84.02 74.68 -8.97
N LEU K 217 83.09 73.85 -8.46
CA LEU K 217 83.39 72.50 -7.91
C LEU K 217 83.37 71.45 -9.02
N ASP K 218 82.89 71.81 -10.21
CA ASP K 218 82.89 70.96 -11.43
C ASP K 218 82.14 69.65 -11.17
N ILE K 219 81.03 69.71 -10.41
CA ILE K 219 80.11 68.56 -10.17
C ILE K 219 78.95 68.67 -11.16
N GLU K 220 78.73 67.64 -11.97
CA GLU K 220 77.66 67.56 -12.99
C GLU K 220 76.29 67.48 -12.30
N ARG K 221 76.24 66.84 -11.12
CA ARG K 221 75.01 66.50 -10.36
C ARG K 221 75.16 66.94 -8.90
N PRO K 222 75.02 68.24 -8.59
CA PRO K 222 75.03 68.71 -7.20
C PRO K 222 73.76 68.31 -6.44
N THR K 223 73.89 68.06 -5.14
CA THR K 223 72.76 67.79 -4.20
C THR K 223 72.54 69.02 -3.29
N TYR K 224 71.49 69.00 -2.48
CA TYR K 224 71.24 70.00 -1.41
C TYR K 224 72.38 69.96 -0.41
N THR K 225 72.78 68.77 0.02
CA THR K 225 73.85 68.53 1.03
C THR K 225 75.15 69.22 0.56
N ASN K 226 75.48 69.15 -0.73
CA ASN K 226 76.63 69.87 -1.35
C ASN K 226 76.41 71.37 -1.25
N LEU K 227 75.17 71.81 -1.46
CA LEU K 227 74.75 73.24 -1.39
C LEU K 227 74.88 73.74 0.06
N ASN K 228 74.33 72.99 1.02
CA ASN K 228 74.29 73.34 2.46
C ASN K 228 75.71 73.58 2.99
N ARG K 229 76.69 72.78 2.54
CA ARG K 229 78.12 72.89 2.96
C ARG K 229 78.69 74.25 2.56
N LEU K 230 78.33 74.79 1.39
CA LEU K 230 78.78 76.13 0.93
C LEU K 230 78.12 77.21 1.77
N ILE K 231 76.86 77.02 2.17
CA ILE K 231 76.07 77.98 3.00
C ILE K 231 76.78 78.09 4.35
N ALA K 232 77.09 76.95 4.96
CA ALA K 232 77.80 76.83 6.25
C ALA K 232 79.07 77.70 6.22
N GLN K 233 79.94 77.45 5.24
CA GLN K 233 81.27 78.12 5.09
C GLN K 233 81.07 79.64 5.16
N VAL K 234 80.06 80.16 4.46
CA VAL K 234 79.66 81.60 4.51
C VAL K 234 79.42 81.94 5.98
N ILE K 235 78.45 81.29 6.61
CA ILE K 235 78.03 81.61 8.00
C ILE K 235 79.29 81.62 8.88
N SER K 236 80.10 80.57 8.78
CA SER K 236 81.38 80.43 9.52
C SER K 236 82.23 81.69 9.32
N SER K 237 82.46 82.09 8.07
CA SER K 237 83.33 83.23 7.67
C SER K 237 82.79 84.56 8.23
N LEU K 238 81.46 84.68 8.36
CA LEU K 238 80.81 85.91 8.87
C LEU K 238 81.09 86.03 10.38
N THR K 239 80.77 84.99 11.14
CA THR K 239 80.88 84.95 12.62
C THR K 239 82.34 84.83 13.04
N ALA K 240 83.18 84.24 12.18
CA ALA K 240 84.61 83.93 12.40
C ALA K 240 85.22 84.90 13.41
N SER K 241 85.21 86.20 13.08
CA SER K 241 85.85 87.30 13.83
C SER K 241 85.70 87.07 15.34
N LEU K 242 84.51 86.67 15.79
CA LEU K 242 84.21 86.40 17.22
C LEU K 242 85.07 85.24 17.70
N ARG K 243 84.96 84.10 17.00
CA ARG K 243 85.46 82.77 17.45
C ARG K 243 86.98 82.81 17.49
N PHE K 244 87.61 83.18 16.38
CA PHE K 244 89.09 83.17 16.21
C PHE K 244 89.60 84.60 16.36
N ASP K 245 90.91 84.75 16.57
CA ASP K 245 91.63 86.05 16.65
C ASP K 245 91.89 86.56 15.22
N GLY K 246 91.83 87.88 15.03
CA GLY K 246 92.06 88.55 13.73
C GLY K 246 92.73 89.91 13.90
N ALA K 247 93.32 90.43 12.81
CA ALA K 247 93.97 91.77 12.75
C ALA K 247 92.89 92.86 12.81
N LEU K 248 92.02 92.90 11.80
CA LEU K 248 90.84 93.81 11.76
C LEU K 248 89.59 92.97 12.07
N ASN K 249 89.17 92.99 13.34
CA ASN K 249 87.99 92.26 13.87
C ASN K 249 86.71 92.98 13.44
N VAL K 250 85.67 92.18 13.13
CA VAL K 250 84.27 92.64 12.89
C VAL K 250 83.39 92.03 13.99
N ASP K 251 82.09 92.31 13.98
CA ASP K 251 81.06 91.71 14.89
C ASP K 251 79.71 91.72 14.16
N ILE K 252 78.82 90.80 14.51
CA ILE K 252 77.44 90.67 13.94
C ILE K 252 76.72 92.03 14.08
N THR K 253 76.93 92.72 15.19
CA THR K 253 76.37 94.06 15.49
C THR K 253 76.87 95.06 14.43
N GLU K 254 78.14 94.97 14.03
CA GLU K 254 78.79 95.96 13.13
C GLU K 254 78.08 95.99 11.77
N PHE K 255 77.77 94.83 11.18
CA PHE K 255 77.17 94.73 9.83
C PHE K 255 75.94 95.64 9.75
N GLN K 256 75.06 95.53 10.76
CA GLN K 256 73.79 96.29 10.91
C GLN K 256 74.01 97.80 10.74
N THR K 257 75.16 98.33 11.17
CA THR K 257 75.52 99.77 11.03
C THR K 257 76.06 100.03 9.62
N ASN K 258 76.96 99.17 9.13
CA ASN K 258 77.81 99.44 7.93
C ASN K 258 77.14 98.99 6.63
N LEU K 259 76.10 98.14 6.68
CA LEU K 259 75.45 97.55 5.48
C LEU K 259 74.04 98.12 5.25
N VAL K 260 73.26 98.41 6.30
CA VAL K 260 71.88 98.98 6.16
C VAL K 260 71.99 100.50 6.31
N PRO K 261 71.85 101.26 5.20
CA PRO K 261 71.79 102.72 5.27
C PRO K 261 70.46 103.20 5.85
N TYR K 262 69.35 102.73 5.27
CA TYR K 262 67.95 103.06 5.64
C TYR K 262 67.31 101.79 6.20
N PRO K 263 66.31 101.89 7.12
CA PRO K 263 65.77 100.71 7.81
C PRO K 263 65.23 99.58 6.93
N ARG K 264 64.52 99.91 5.84
CA ARG K 264 63.75 98.95 5.00
C ARG K 264 64.63 98.24 3.97
N ILE K 265 65.90 98.65 3.83
CA ILE K 265 66.79 98.25 2.71
C ILE K 265 67.73 97.13 3.17
N HIS K 266 67.39 96.48 4.29
CA HIS K 266 68.20 95.46 5.01
C HIS K 266 68.38 94.15 4.23
N PHE K 267 67.84 94.02 3.02
CA PHE K 267 68.11 92.86 2.11
C PHE K 267 69.51 93.01 1.52
N MET K 268 70.23 91.89 1.34
CA MET K 268 71.66 91.83 0.93
C MET K 268 71.83 90.74 -0.15
N LEU K 269 73.09 90.45 -0.52
CA LEU K 269 73.56 89.21 -1.19
C LEU K 269 74.80 88.69 -0.46
N SER K 270 75.40 87.58 -0.90
CA SER K 270 76.65 87.01 -0.34
C SER K 270 77.42 86.22 -1.40
N SER K 271 78.76 86.25 -1.34
CA SER K 271 79.68 85.62 -2.33
C SER K 271 81.00 85.22 -1.67
N TYR K 272 81.09 83.97 -1.19
CA TYR K 272 82.32 83.28 -0.76
C TYR K 272 83.11 82.92 -2.03
N ALA K 273 84.36 83.40 -2.15
CA ALA K 273 85.10 83.56 -3.43
C ALA K 273 85.99 82.36 -3.78
N PRO K 274 86.94 81.88 -2.94
CA PRO K 274 87.79 80.74 -3.33
C PRO K 274 87.08 79.39 -3.20
N ILE K 275 85.93 79.23 -3.86
CA ILE K 275 85.22 77.94 -4.08
C ILE K 275 85.95 77.25 -5.22
N ILE K 276 86.80 76.28 -4.90
CA ILE K 276 87.72 75.63 -5.88
C ILE K 276 87.75 74.14 -5.58
N SER K 277 87.47 73.32 -6.60
CA SER K 277 87.75 71.86 -6.63
C SER K 277 89.26 71.65 -6.54
N ALA K 278 89.71 70.76 -5.66
CA ALA K 278 91.14 70.39 -5.48
C ALA K 278 91.81 70.13 -6.84
N GLU K 279 91.03 69.67 -7.83
CA GLU K 279 91.45 69.38 -9.22
C GLU K 279 92.02 70.63 -9.91
N LYS K 280 91.46 71.83 -9.65
CA LYS K 280 91.93 73.11 -10.28
C LYS K 280 92.65 74.00 -9.25
N ALA K 281 92.79 73.57 -7.99
CA ALA K 281 93.55 74.27 -6.93
C ALA K 281 95.06 74.21 -7.23
N TYR K 282 95.49 73.14 -7.88
CA TYR K 282 96.87 72.94 -8.37
C TYR K 282 97.34 74.16 -9.19
N HIS K 283 96.49 74.62 -10.11
CA HIS K 283 96.86 75.56 -11.22
C HIS K 283 96.56 77.03 -10.89
N GLU K 284 96.07 77.34 -9.68
CA GLU K 284 95.63 78.71 -9.28
C GLU K 284 96.61 79.27 -8.25
N GLN K 285 97.02 80.53 -8.41
CA GLN K 285 97.87 81.28 -7.43
C GLN K 285 97.08 81.48 -6.14
N LEU K 286 95.84 81.97 -6.27
CA LEU K 286 94.90 82.28 -5.15
C LEU K 286 95.51 83.38 -4.29
N SER K 287 95.87 84.50 -4.91
CA SER K 287 96.32 85.76 -4.27
C SER K 287 95.09 86.56 -3.84
N VAL K 288 95.26 87.39 -2.81
CA VAL K 288 94.17 88.20 -2.19
C VAL K 288 93.45 88.96 -3.31
N ALA K 289 94.21 89.67 -4.14
CA ALA K 289 93.70 90.51 -5.26
C ALA K 289 92.81 89.69 -6.20
N GLU K 290 93.12 88.40 -6.40
CA GLU K 290 92.29 87.49 -7.23
C GLU K 290 90.99 87.19 -6.47
N ILE K 291 91.11 86.70 -5.23
CA ILE K 291 89.96 86.32 -4.35
C ILE K 291 88.94 87.46 -4.34
N THR K 292 89.38 88.71 -4.19
CA THR K 292 88.50 89.91 -4.15
C THR K 292 87.73 90.04 -5.47
N ASN K 293 88.47 90.02 -6.60
CA ASN K 293 87.88 90.14 -7.95
C ASN K 293 86.87 89.00 -8.15
N SER K 294 87.22 87.79 -7.69
CA SER K 294 86.36 86.57 -7.74
C SER K 294 85.10 86.75 -6.90
N ALA K 295 85.16 87.56 -5.83
CA ALA K 295 84.01 87.85 -4.94
C ALA K 295 82.98 88.69 -5.69
N PHE K 296 83.43 89.71 -6.43
CA PHE K 296 82.58 90.68 -7.15
C PHE K 296 82.16 90.15 -8.53
N GLU K 297 82.63 88.95 -8.92
CA GLU K 297 82.14 88.24 -10.12
C GLU K 297 80.62 88.12 -10.04
N PRO K 298 79.88 88.53 -11.09
CA PRO K 298 78.42 88.46 -11.06
C PRO K 298 77.94 87.04 -10.73
N ALA K 299 78.57 86.04 -11.35
CA ALA K 299 78.23 84.60 -11.24
C ALA K 299 78.36 84.13 -9.78
N ASN K 300 79.46 84.48 -9.10
CA ASN K 300 79.83 83.90 -7.78
C ASN K 300 78.89 84.38 -6.66
N MET K 301 77.98 85.32 -6.95
CA MET K 301 76.87 85.69 -6.03
C MET K 301 75.98 84.46 -5.80
N MET K 302 75.58 84.22 -4.55
CA MET K 302 74.86 83.00 -4.10
C MET K 302 73.35 83.20 -4.20
N ALA K 303 72.87 84.44 -4.27
CA ALA K 303 71.53 84.81 -4.79
C ALA K 303 71.67 85.20 -6.26
N LYS K 304 70.70 84.80 -7.10
CA LYS K 304 70.75 84.98 -8.58
C LYS K 304 70.21 86.36 -8.95
N CYS K 305 70.89 87.40 -8.47
CA CYS K 305 70.71 88.83 -8.86
C CYS K 305 72.04 89.30 -9.47
N ASP K 306 72.03 89.72 -10.74
CA ASP K 306 73.25 90.15 -11.47
C ASP K 306 73.53 91.60 -11.08
N PRO K 307 74.51 91.86 -10.17
CA PRO K 307 74.67 93.17 -9.54
C PRO K 307 75.12 94.29 -10.50
N ARG K 308 75.40 93.95 -11.75
CA ARG K 308 75.75 94.90 -12.83
C ARG K 308 74.57 95.81 -13.15
N HIS K 309 73.32 95.34 -12.99
CA HIS K 309 72.09 96.16 -13.15
C HIS K 309 72.00 97.20 -12.04
N GLY K 310 72.39 96.81 -10.81
CA GLY K 310 72.28 97.64 -9.59
C GLY K 310 73.56 98.39 -9.27
N LYS K 311 73.50 99.20 -8.21
CA LYS K 311 74.62 99.97 -7.63
C LYS K 311 74.86 99.46 -6.21
N TYR K 312 76.10 99.12 -5.87
CA TYR K 312 76.51 98.63 -4.53
C TYR K 312 76.41 99.77 -3.50
N MET K 313 75.44 99.68 -2.60
CA MET K 313 75.13 100.72 -1.58
C MET K 313 76.10 100.57 -0.38
N ALA K 314 76.55 99.34 -0.10
CA ALA K 314 77.57 99.00 0.92
C ALA K 314 78.01 97.55 0.75
N CYS K 315 79.32 97.30 0.84
CA CYS K 315 79.95 95.94 0.82
C CYS K 315 80.60 95.67 2.17
N SER K 316 80.70 94.39 2.56
CA SER K 316 81.35 93.94 3.82
C SER K 316 82.27 92.74 3.54
N MET K 317 83.48 93.02 3.08
CA MET K 317 84.50 91.98 2.74
C MET K 317 85.06 91.38 4.04
N MET K 318 84.98 90.06 4.22
CA MET K 318 85.43 89.33 5.43
C MET K 318 86.49 88.29 5.05
N TYR K 319 87.78 88.64 5.12
CA TYR K 319 88.91 87.77 4.73
C TYR K 319 89.32 86.85 5.89
N ARG K 320 89.89 85.69 5.56
CA ARG K 320 90.33 84.65 6.53
C ARG K 320 91.63 84.00 6.03
N GLY K 321 92.70 84.05 6.82
CA GLY K 321 93.94 83.27 6.55
C GLY K 321 95.17 84.14 6.34
N ASP K 322 96.04 83.75 5.38
CA ASP K 322 97.34 84.40 5.06
C ASP K 322 97.08 85.73 4.36
N VAL K 323 96.33 86.62 5.00
CA VAL K 323 95.80 87.88 4.40
C VAL K 323 96.57 89.05 5.03
N VAL K 324 97.13 89.92 4.19
CA VAL K 324 97.90 91.13 4.57
C VAL K 324 97.03 92.36 4.29
N PRO K 325 96.83 93.28 5.27
CA PRO K 325 95.95 94.43 5.06
C PRO K 325 96.39 95.28 3.86
N LYS K 326 97.70 95.45 3.66
CA LYS K 326 98.24 96.17 2.47
C LYS K 326 97.71 95.52 1.20
N ASP K 327 97.76 94.18 1.10
CA ASP K 327 97.33 93.41 -0.10
C ASP K 327 95.85 93.66 -0.36
N VAL K 328 95.01 93.59 0.68
CA VAL K 328 93.56 93.89 0.62
C VAL K 328 93.37 95.31 0.06
N ASN K 329 94.06 96.30 0.64
CA ASN K 329 93.88 97.74 0.34
C ASN K 329 93.91 97.94 -1.18
N ALA K 330 94.97 97.47 -1.83
CA ALA K 330 95.15 97.52 -3.30
C ALA K 330 93.92 96.89 -3.98
N SER K 331 93.57 95.69 -3.55
CA SER K 331 92.48 94.86 -4.13
C SER K 331 91.18 95.65 -4.20
N ILE K 332 90.78 96.25 -3.07
CA ILE K 332 89.58 97.15 -2.98
C ILE K 332 89.81 98.33 -3.91
N ALA K 333 90.99 98.97 -3.87
CA ALA K 333 91.31 100.19 -4.64
C ALA K 333 91.07 99.95 -6.14
N THR K 334 91.48 98.80 -6.66
CA THR K 334 91.30 98.39 -8.08
C THR K 334 89.81 98.20 -8.37
N ILE K 335 89.07 97.53 -7.46
CA ILE K 335 87.60 97.35 -7.55
C ILE K 335 86.92 98.73 -7.61
N LYS K 336 87.35 99.68 -6.76
CA LYS K 336 86.78 101.05 -6.71
C LYS K 336 87.02 101.75 -8.05
N THR K 337 88.11 101.41 -8.73
CA THR K 337 88.52 101.99 -10.04
C THR K 337 87.75 101.33 -11.20
N LYS K 338 87.39 100.05 -11.10
CA LYS K 338 86.68 99.28 -12.17
C LYS K 338 85.41 100.02 -12.61
N ARG K 339 84.93 99.74 -13.82
CA ARG K 339 83.70 100.35 -14.39
C ARG K 339 82.50 99.44 -14.12
N THR K 340 82.62 98.13 -14.39
CA THR K 340 81.56 97.10 -14.21
C THR K 340 80.96 97.24 -12.81
N ILE K 341 81.82 97.22 -11.78
CA ILE K 341 81.45 97.55 -10.37
C ILE K 341 81.16 99.05 -10.31
N GLN K 342 79.93 99.40 -9.92
CA GLN K 342 79.41 100.78 -9.84
C GLN K 342 78.83 100.98 -8.44
N PHE K 343 79.17 102.09 -7.78
CA PHE K 343 78.70 102.46 -6.42
C PHE K 343 77.76 103.66 -6.52
N VAL K 344 76.71 103.65 -5.69
CA VAL K 344 75.82 104.83 -5.45
C VAL K 344 76.70 106.02 -5.09
N ASP K 345 76.19 107.21 -5.38
CA ASP K 345 76.85 108.50 -5.08
C ASP K 345 76.90 108.66 -3.56
N TRP K 346 75.74 108.71 -2.92
CA TRP K 346 75.57 109.05 -1.47
C TRP K 346 76.47 108.19 -0.57
N CYS K 347 76.98 107.05 -1.06
CA CYS K 347 78.03 106.23 -0.38
C CYS K 347 79.38 106.52 -1.01
N PRO K 348 80.23 107.37 -0.37
CA PRO K 348 81.55 107.69 -0.89
C PRO K 348 82.59 106.60 -0.56
N THR K 349 82.57 106.06 0.68
CA THR K 349 83.39 104.91 1.14
C THR K 349 82.46 103.80 1.62
N GLY K 350 82.21 102.79 0.78
CA GLY K 350 81.21 101.73 1.00
C GLY K 350 81.79 100.51 1.72
N PHE K 351 83.09 100.25 1.57
CA PHE K 351 83.74 99.00 2.03
C PHE K 351 83.92 99.03 3.56
N LYS K 352 83.53 97.92 4.20
CA LYS K 352 83.94 97.49 5.56
C LYS K 352 84.76 96.21 5.39
N VAL K 353 86.04 96.24 5.75
CA VAL K 353 86.97 95.07 5.58
C VAL K 353 87.19 94.42 6.95
N GLY K 354 87.22 93.08 6.99
CA GLY K 354 87.44 92.26 8.20
C GLY K 354 88.43 91.14 7.95
N ILE K 355 89.59 91.19 8.61
CA ILE K 355 90.75 90.28 8.35
C ILE K 355 90.91 89.38 9.59
N ASN K 356 90.81 88.05 9.39
CA ASN K 356 91.02 86.98 10.40
C ASN K 356 92.23 86.14 9.97
N TYR K 357 93.14 85.83 10.90
CA TYR K 357 94.35 85.00 10.60
C TYR K 357 93.93 83.55 10.37
N GLN K 358 92.83 83.09 11.00
CA GLN K 358 92.36 81.69 10.92
C GLN K 358 91.94 81.39 9.48
N PRO K 359 92.51 80.36 8.83
CA PRO K 359 92.05 79.95 7.51
C PRO K 359 90.80 79.09 7.63
N PRO K 360 90.02 78.90 6.54
CA PRO K 360 88.82 78.09 6.57
C PRO K 360 89.14 76.58 6.61
N THR K 361 88.35 75.80 7.36
CA THR K 361 88.53 74.34 7.56
C THR K 361 88.01 73.57 6.34
N VAL K 362 88.72 72.52 5.95
CA VAL K 362 88.33 71.59 4.85
C VAL K 362 87.54 70.44 5.47
N VAL K 363 86.22 70.39 5.25
CA VAL K 363 85.33 69.33 5.77
C VAL K 363 85.61 68.04 4.99
N PRO K 364 85.89 66.89 5.65
CA PRO K 364 86.09 65.61 4.96
C PRO K 364 84.81 65.07 4.30
N GLY K 365 84.93 64.64 3.04
CA GLY K 365 83.79 64.36 2.14
C GLY K 365 83.28 65.62 1.45
N GLY K 366 83.88 66.76 1.75
CA GLY K 366 83.41 68.11 1.35
C GLY K 366 83.96 68.50 -0.01
N ASP K 367 83.10 69.06 -0.85
CA ASP K 367 83.45 69.51 -2.22
C ASP K 367 84.07 70.91 -2.09
N LEU K 368 85.35 70.95 -1.72
CA LEU K 368 86.19 72.18 -1.59
C LEU K 368 87.65 71.78 -1.46
N ALA K 369 88.57 72.67 -1.85
CA ALA K 369 90.03 72.54 -1.67
C ALA K 369 90.44 73.26 -0.37
N LYS K 370 91.32 72.65 0.43
CA LYS K 370 91.99 73.36 1.55
C LYS K 370 92.76 74.53 0.94
N VAL K 371 92.44 75.74 1.37
CA VAL K 371 92.98 77.02 0.81
C VAL K 371 93.48 77.87 1.98
N MET K 372 94.49 78.70 1.73
CA MET K 372 95.18 79.49 2.77
C MET K 372 94.60 80.92 2.85
N ARG K 373 93.75 81.32 1.90
CA ARG K 373 93.04 82.64 1.91
C ARG K 373 91.57 82.43 1.57
N ALA K 374 90.72 83.37 1.96
CA ALA K 374 89.26 83.37 1.65
C ALA K 374 88.68 84.78 1.80
N VAL K 375 87.40 84.92 1.44
CA VAL K 375 86.59 86.15 1.70
C VAL K 375 85.10 85.83 1.53
N CYS K 376 84.27 86.25 2.50
CA CYS K 376 82.79 86.30 2.42
C CYS K 376 82.36 87.77 2.31
N MET K 377 81.86 88.17 1.13
CA MET K 377 81.34 89.54 0.90
C MET K 377 79.81 89.55 0.95
N ILE K 378 79.24 90.01 2.07
CA ILE K 378 77.82 90.44 2.16
C ILE K 378 77.76 91.82 1.52
N SER K 379 76.92 92.01 0.50
CA SER K 379 76.81 93.27 -0.28
C SER K 379 75.35 93.75 -0.35
N ASN K 380 75.05 94.93 0.18
CA ASN K 380 73.78 95.65 -0.07
C ASN K 380 73.84 96.20 -1.50
N SER K 381 72.99 95.70 -2.38
CA SER K 381 72.94 96.06 -3.83
C SER K 381 71.53 96.50 -4.19
N THR K 382 71.40 97.57 -5.00
CA THR K 382 70.13 98.03 -5.61
C THR K 382 69.56 96.94 -6.52
N ALA K 383 70.42 96.01 -6.99
CA ALA K 383 70.08 94.86 -7.86
C ALA K 383 69.08 93.91 -7.17
N ILE K 384 69.08 93.85 -5.84
CA ILE K 384 68.18 92.95 -5.03
C ILE K 384 66.74 93.14 -5.51
N ALA K 385 66.34 94.39 -5.77
CA ALA K 385 65.05 94.80 -6.37
C ALA K 385 64.60 93.76 -7.41
N GLU K 386 65.49 93.40 -8.34
CA GLU K 386 65.23 92.47 -9.47
C GLU K 386 64.54 91.21 -8.96
N VAL K 387 65.07 90.59 -7.90
CA VAL K 387 64.52 89.32 -7.33
C VAL K 387 63.09 89.59 -6.86
N PHE K 388 62.86 90.72 -6.18
CA PHE K 388 61.54 91.10 -5.61
C PHE K 388 60.54 91.39 -6.72
N SER K 389 60.96 91.98 -7.83
CA SER K 389 60.10 92.25 -9.02
C SER K 389 59.63 90.94 -9.64
N ARG K 390 60.52 89.94 -9.73
CA ARG K 390 60.23 88.61 -10.32
C ARG K 390 59.29 87.81 -9.40
N LEU K 391 59.38 88.00 -8.09
CA LEU K 391 58.46 87.35 -7.10
C LEU K 391 57.13 88.12 -7.03
N ASP K 392 57.12 89.38 -7.49
CA ASP K 392 55.89 90.24 -7.57
C ASP K 392 55.13 89.92 -8.86
N HIS K 393 55.84 89.88 -10.00
CA HIS K 393 55.29 89.47 -11.32
C HIS K 393 54.66 88.06 -11.20
N LYS K 394 55.44 87.08 -10.72
CA LYS K 394 55.02 85.64 -10.58
C LYS K 394 53.82 85.51 -9.63
N PHE K 395 53.64 86.45 -8.71
CA PHE K 395 52.51 86.52 -7.75
C PHE K 395 51.31 87.24 -8.38
N ASP K 396 51.55 88.24 -9.24
CA ASP K 396 50.49 89.08 -9.87
C ASP K 396 49.70 88.26 -10.91
N LEU K 397 50.33 87.25 -11.53
CA LEU K 397 49.66 86.24 -12.38
C LEU K 397 48.59 85.53 -11.54
N MET K 398 48.99 85.03 -10.36
CA MET K 398 48.07 84.59 -9.28
C MET K 398 47.31 85.80 -8.76
N TYR K 399 46.33 85.56 -7.89
CA TYR K 399 45.61 86.62 -7.14
C TYR K 399 44.91 87.59 -8.10
N ALA K 400 45.16 87.48 -9.40
CA ALA K 400 44.22 87.87 -10.49
C ALA K 400 43.12 86.81 -10.54
N LYS K 401 43.50 85.52 -10.55
CA LYS K 401 42.58 84.35 -10.62
C LYS K 401 42.07 84.00 -9.22
N ARG K 402 42.66 84.57 -8.17
CA ARG K 402 42.43 84.17 -6.76
C ARG K 402 42.88 82.71 -6.62
N ALA K 403 43.99 82.39 -7.28
CA ALA K 403 44.41 81.02 -7.66
C ALA K 403 44.26 80.07 -6.47
N PHE K 404 45.16 80.13 -5.50
CA PHE K 404 45.29 79.10 -4.44
C PHE K 404 44.72 79.61 -3.13
N VAL K 405 44.02 80.74 -3.16
CA VAL K 405 43.75 81.56 -1.95
C VAL K 405 42.93 80.72 -0.96
N HIS K 406 41.96 79.96 -1.48
CA HIS K 406 40.99 79.18 -0.65
C HIS K 406 41.74 78.54 0.51
N TRP K 407 42.84 77.85 0.23
CA TRP K 407 43.67 77.19 1.27
C TRP K 407 43.98 78.21 2.36
N TYR K 408 44.68 79.27 1.98
CA TYR K 408 45.22 80.29 2.91
C TYR K 408 44.05 80.83 3.74
N VAL K 409 42.95 81.19 3.08
CA VAL K 409 41.77 81.81 3.73
C VAL K 409 41.17 80.83 4.75
N GLY K 410 41.06 79.56 4.37
CA GLY K 410 40.49 78.49 5.21
C GLY K 410 41.22 78.36 6.54
N GLU K 411 42.51 78.69 6.58
CA GLU K 411 43.42 78.45 7.73
C GLU K 411 43.64 79.73 8.53
N GLY K 412 42.88 80.81 8.25
CA GLY K 412 42.72 81.98 9.15
C GLY K 412 43.07 83.30 8.50
N MET K 413 44.07 83.32 7.62
CA MET K 413 44.52 84.50 6.84
C MET K 413 43.31 85.11 6.12
N GLU K 414 42.93 86.34 6.48
CA GLU K 414 41.93 87.17 5.73
C GLU K 414 42.51 87.46 4.34
N GLU K 415 41.66 87.47 3.30
CA GLU K 415 42.10 87.65 1.89
C GLU K 415 42.96 88.92 1.82
N GLY K 416 42.43 90.04 2.33
CA GLY K 416 43.07 91.38 2.32
C GLY K 416 44.54 91.37 2.69
N GLU K 417 44.98 90.41 3.52
CA GLU K 417 46.40 90.30 3.93
C GLU K 417 47.26 90.18 2.68
N PHE K 418 46.89 89.29 1.75
CA PHE K 418 47.62 89.08 0.47
C PHE K 418 47.81 90.42 -0.25
N SER K 419 46.75 91.22 -0.34
CA SER K 419 46.73 92.54 -1.02
C SER K 419 47.66 93.51 -0.28
N GLU K 420 47.55 93.58 1.05
CA GLU K 420 48.44 94.40 1.92
C GLU K 420 49.89 94.09 1.56
N ALA K 421 50.28 92.80 1.62
CA ALA K 421 51.65 92.30 1.40
C ALA K 421 52.18 92.81 0.05
N ARG K 422 51.48 92.48 -1.04
CA ARG K 422 51.86 92.90 -2.42
C ARG K 422 52.01 94.42 -2.47
N GLU K 423 51.19 95.17 -1.71
CA GLU K 423 51.24 96.66 -1.67
C GLU K 423 52.51 97.13 -0.95
N ASP K 424 52.99 96.39 0.06
CA ASP K 424 54.20 96.76 0.83
C ASP K 424 55.47 96.38 0.07
N LEU K 425 55.46 95.26 -0.68
CA LEU K 425 56.60 94.84 -1.53
C LEU K 425 56.75 95.77 -2.72
N ALA K 426 55.64 96.21 -3.32
CA ALA K 426 55.60 97.23 -4.39
C ALA K 426 56.21 98.54 -3.86
N ALA K 427 55.93 98.88 -2.59
CA ALA K 427 56.48 100.05 -1.89
C ALA K 427 57.99 99.88 -1.70
N LEU K 428 58.45 98.65 -1.41
CA LEU K 428 59.90 98.34 -1.29
C LEU K 428 60.58 98.64 -2.64
N GLU K 429 60.11 98.03 -3.73
CA GLU K 429 60.76 98.14 -5.06
C GLU K 429 60.64 99.58 -5.58
N LYS K 430 59.71 100.39 -5.02
CA LYS K 430 59.71 101.87 -5.19
C LYS K 430 60.96 102.43 -4.50
N ASP K 431 61.15 102.12 -3.22
CA ASP K 431 62.28 102.64 -2.39
C ASP K 431 63.61 102.29 -3.04
N TYR K 432 63.77 101.04 -3.49
CA TYR K 432 65.06 100.50 -4.00
C TYR K 432 65.53 101.31 -5.21
N GLU K 433 64.60 101.75 -6.07
CA GLU K 433 64.90 102.67 -7.20
C GLU K 433 65.23 104.07 -6.64
N GLU K 434 64.43 104.58 -5.70
CA GLU K 434 64.55 105.94 -5.08
C GLU K 434 65.96 106.18 -4.53
N VAL K 435 66.54 105.19 -3.83
CA VAL K 435 67.91 105.28 -3.26
C VAL K 435 68.93 105.16 -4.41
N GLY K 436 68.70 104.25 -5.36
CA GLY K 436 69.48 104.10 -6.60
C GLY K 436 69.62 105.41 -7.37
N ILE K 437 68.58 106.25 -7.36
CA ILE K 437 68.56 107.60 -8.02
C ILE K 437 69.70 108.44 -7.43
N GLU K 438 70.56 108.99 -8.31
CA GLU K 438 71.67 109.91 -7.97
C GLU K 438 71.13 111.11 -7.18
N THR K 439 71.96 111.64 -6.26
CA THR K 439 71.59 112.70 -5.27
C THR K 439 71.21 114.00 -6.01
N ALA K 440 70.15 114.67 -5.56
CA ALA K 440 69.63 115.96 -6.09
C ALA K 440 70.18 117.11 -5.26
N MET L 1 54.13 59.84 13.64
CA MET L 1 52.64 59.71 13.58
C MET L 1 52.16 60.04 12.16
N ARG L 2 51.36 61.09 11.95
CA ARG L 2 50.71 61.39 10.64
C ARG L 2 50.14 60.09 10.06
N GLU L 3 49.35 59.36 10.86
CA GLU L 3 48.79 58.02 10.50
C GLU L 3 47.72 58.14 9.41
N ILE L 4 47.53 57.07 8.63
CA ILE L 4 46.57 56.99 7.49
C ILE L 4 45.70 55.75 7.68
N VAL L 5 44.41 55.96 7.90
CA VAL L 5 43.39 54.87 7.93
C VAL L 5 43.02 54.57 6.47
N HIS L 6 43.05 53.30 6.06
CA HIS L 6 42.68 52.83 4.69
C HIS L 6 41.30 52.15 4.74
N ILE L 7 40.38 52.54 3.85
CA ILE L 7 39.09 51.84 3.64
C ILE L 7 39.08 51.30 2.20
N GLN L 8 38.96 49.98 2.04
CA GLN L 8 38.91 49.28 0.73
C GLN L 8 37.49 48.74 0.55
N GLY L 9 36.65 49.51 -0.16
CA GLY L 9 35.18 49.36 -0.18
C GLY L 9 34.64 48.91 -1.53
N GLY L 10 33.98 47.76 -1.58
CA GLY L 10 33.49 47.13 -2.82
C GLY L 10 34.53 46.20 -3.43
N GLN L 11 34.08 45.10 -4.03
CA GLN L 11 34.93 44.00 -4.57
C GLN L 11 36.25 44.59 -5.11
N CYS L 12 36.17 45.40 -6.17
CA CYS L 12 37.34 46.05 -6.82
C CYS L 12 38.28 46.62 -5.75
N GLY L 13 37.73 47.46 -4.87
CA GLY L 13 38.43 48.12 -3.76
C GLY L 13 39.18 47.12 -2.88
N ASN L 14 38.53 46.04 -2.48
CA ASN L 14 39.12 44.97 -1.64
C ASN L 14 40.28 44.29 -2.36
N GLN L 15 40.15 44.02 -3.67
CA GLN L 15 41.20 43.36 -4.49
C GLN L 15 42.39 44.32 -4.65
N ILE L 16 42.13 45.61 -4.89
CA ILE L 16 43.20 46.65 -4.96
C ILE L 16 43.90 46.66 -3.61
N GLY L 17 43.12 46.79 -2.54
CA GLY L 17 43.59 46.79 -1.15
C GLY L 17 44.46 45.58 -0.85
N ALA L 18 44.03 44.38 -1.26
CA ALA L 18 44.75 43.11 -1.07
C ALA L 18 46.17 43.23 -1.62
N LYS L 19 46.31 43.68 -2.88
CA LYS L 19 47.62 43.86 -3.56
C LYS L 19 48.41 44.99 -2.88
N PHE L 20 47.76 46.12 -2.58
CA PHE L 20 48.40 47.30 -1.93
C PHE L 20 49.08 46.87 -0.64
N TRP L 21 48.35 46.20 0.25
CA TRP L 21 48.85 45.79 1.59
C TRP L 21 49.90 44.69 1.48
N GLU L 22 50.02 44.01 0.32
CA GLU L 22 51.21 43.17 0.00
C GLU L 22 52.39 44.09 -0.32
N VAL L 23 52.18 45.06 -1.21
CA VAL L 23 53.23 46.00 -1.72
C VAL L 23 53.88 46.72 -0.54
N ILE L 24 53.09 47.24 0.38
CA ILE L 24 53.57 48.10 1.51
C ILE L 24 54.30 47.21 2.54
N SER L 25 53.88 45.96 2.69
CA SER L 25 54.50 44.99 3.64
C SER L 25 55.91 44.60 3.17
N ASP L 26 56.17 44.62 1.86
CA ASP L 26 57.51 44.39 1.25
C ASP L 26 58.44 45.55 1.64
N GLU L 27 57.99 46.79 1.41
CA GLU L 27 58.77 48.05 1.61
C GLU L 27 59.08 48.25 3.10
N HIS L 28 58.18 47.83 3.98
CA HIS L 28 58.33 47.89 5.46
C HIS L 28 58.84 46.55 6.01
N GLY L 29 58.92 45.51 5.17
CA GLY L 29 59.54 44.22 5.50
C GLY L 29 58.67 43.35 6.40
N ILE L 30 57.38 43.69 6.53
CA ILE L 30 56.40 42.89 7.32
C ILE L 30 56.14 41.60 6.53
N ASP L 31 56.08 40.46 7.23
CA ASP L 31 55.86 39.11 6.67
C ASP L 31 54.41 38.71 6.89
N PRO L 32 53.85 37.83 6.05
CA PRO L 32 52.39 37.63 5.98
C PRO L 32 51.73 37.31 7.32
N THR L 33 52.50 36.82 8.29
CA THR L 33 52.02 36.48 9.66
C THR L 33 52.09 37.70 10.59
N GLY L 34 52.59 38.84 10.11
CA GLY L 34 52.58 40.13 10.84
C GLY L 34 53.85 40.37 11.63
N THR L 35 54.87 39.51 11.48
CA THR L 35 56.21 39.67 12.11
C THR L 35 57.08 40.54 11.20
N TYR L 36 58.03 41.27 11.78
CA TYR L 36 59.05 42.07 11.05
C TYR L 36 60.28 41.20 10.79
N HIS L 37 60.57 40.95 9.51
CA HIS L 37 61.79 40.26 9.02
C HIS L 37 62.44 41.12 7.93
N GLY L 38 62.49 42.43 8.18
CA GLY L 38 63.24 43.41 7.37
C GLY L 38 64.68 43.52 7.87
N ASP L 39 65.60 43.91 7.00
CA ASP L 39 67.06 43.97 7.29
C ASP L 39 67.44 45.38 7.77
N SER L 40 66.79 46.42 7.23
CA SER L 40 67.06 47.85 7.54
C SER L 40 66.15 48.34 8.66
N ASP L 41 66.70 49.16 9.57
CA ASP L 41 65.96 49.79 10.70
C ASP L 41 65.13 50.98 10.18
N LEU L 42 65.44 51.48 8.97
CA LEU L 42 64.64 52.51 8.27
C LEU L 42 63.24 51.98 7.90
N GLN L 43 63.05 50.66 7.85
CA GLN L 43 61.76 50.03 7.49
C GLN L 43 60.73 50.18 8.62
N LEU L 44 61.15 50.34 9.89
CA LEU L 44 60.22 50.37 11.06
C LEU L 44 60.25 51.72 11.81
N GLU L 45 60.87 52.76 11.25
CA GLU L 45 60.91 54.07 11.94
C GLU L 45 59.52 54.71 11.90
N ARG L 46 58.83 54.63 10.76
CA ARG L 46 57.55 55.35 10.51
C ARG L 46 56.41 54.37 10.20
N ILE L 47 56.61 53.07 10.42
CA ILE L 47 55.60 52.01 10.08
C ILE L 47 54.21 52.45 10.55
N ASN L 48 54.14 53.03 11.76
CA ASN L 48 52.88 53.41 12.43
C ASN L 48 51.99 54.19 11.45
N VAL L 49 52.59 54.84 10.42
CA VAL L 49 51.83 55.55 9.35
C VAL L 49 50.75 54.62 8.76
N TYR L 50 51.04 53.33 8.54
CA TYR L 50 50.07 52.40 7.92
C TYR L 50 49.65 51.31 8.91
N TYR L 51 50.55 50.78 9.75
CA TYR L 51 50.25 49.66 10.67
C TYR L 51 50.07 50.17 12.11
N ASN L 52 49.16 49.54 12.86
CA ASN L 52 48.97 49.76 14.32
C ASN L 52 49.54 48.56 15.07
N GLU L 53 50.75 48.72 15.63
CA GLU L 53 51.45 47.69 16.44
C GLU L 53 50.43 47.00 17.34
N ALA L 54 50.19 45.71 17.10
CA ALA L 54 49.43 44.82 18.00
C ALA L 54 50.40 44.25 19.05
N THR L 55 49.85 43.54 20.03
CA THR L 55 50.61 42.81 21.07
C THR L 55 51.47 41.73 20.41
N GLY L 56 52.44 41.21 21.15
CA GLY L 56 53.40 40.19 20.68
C GLY L 56 54.11 40.63 19.41
N GLY L 57 54.34 41.94 19.25
CA GLY L 57 55.04 42.55 18.10
C GLY L 57 54.53 42.08 16.76
N ARG L 58 53.21 41.86 16.63
CA ARG L 58 52.54 41.69 15.32
C ARG L 58 52.21 43.10 14.80
N TYR L 59 52.27 43.29 13.48
CA TYR L 59 51.82 44.52 12.79
C TYR L 59 50.53 44.22 12.02
N VAL L 60 49.53 45.09 12.21
CA VAL L 60 48.17 44.96 11.65
C VAL L 60 47.91 46.19 10.79
N PRO L 61 47.51 46.02 9.52
CA PRO L 61 47.04 47.14 8.71
C PRO L 61 45.86 47.87 9.37
N ARG L 62 45.89 49.20 9.27
CA ARG L 62 44.78 50.11 9.65
C ARG L 62 43.86 50.22 8.44
N ALA L 63 43.38 49.06 7.97
CA ALA L 63 42.47 48.89 6.81
C ALA L 63 41.07 48.65 7.34
N ILE L 64 40.05 49.22 6.70
CA ILE L 64 38.63 48.87 6.95
C ILE L 64 38.08 48.30 5.64
N LEU L 65 37.94 46.97 5.62
CA LEU L 65 37.47 46.18 4.46
C LEU L 65 35.94 46.12 4.53
N MET L 66 35.26 46.95 3.76
CA MET L 66 33.79 47.00 3.70
C MET L 66 33.33 46.50 2.34
N ASP L 67 32.27 45.68 2.34
CA ASP L 67 31.50 45.27 1.14
C ASP L 67 30.09 44.88 1.59
N LEU L 68 29.17 44.77 0.62
CA LEU L 68 27.79 44.28 0.82
C LEU L 68 27.67 42.81 0.39
N GLU L 69 28.79 42.21 -0.07
CA GLU L 69 28.89 40.80 -0.56
C GLU L 69 29.81 40.02 0.38
N PRO L 70 29.35 38.93 1.03
CA PRO L 70 30.16 38.18 1.99
C PRO L 70 31.25 37.34 1.33
N GLY L 71 31.13 37.04 0.03
CA GLY L 71 32.10 36.26 -0.78
C GLY L 71 33.49 36.90 -0.81
N THR L 72 33.55 38.24 -0.92
CA THR L 72 34.80 39.04 -1.01
C THR L 72 35.72 38.70 0.16
N MET L 73 35.19 38.57 1.39
CA MET L 73 35.97 38.19 2.61
C MET L 73 36.81 36.95 2.29
N ASP L 74 36.19 35.92 1.71
CA ASP L 74 36.87 34.66 1.34
C ASP L 74 38.04 34.99 0.40
N SER L 75 37.84 35.92 -0.55
CA SER L 75 38.84 36.34 -1.57
C SER L 75 40.06 37.02 -0.91
N VAL L 76 39.83 37.99 -0.02
CA VAL L 76 40.92 38.74 0.69
C VAL L 76 41.58 37.82 1.72
N ARG L 77 40.87 36.81 2.24
CA ARG L 77 41.43 35.76 3.13
C ARG L 77 42.24 34.75 2.33
N ALA L 78 41.84 34.48 1.09
CA ALA L 78 42.52 33.53 0.17
C ALA L 78 43.92 34.06 -0.19
N GLY L 79 44.03 35.37 -0.46
CA GLY L 79 45.27 36.03 -0.90
C GLY L 79 46.45 35.77 0.04
N PRO L 80 47.71 35.77 -0.46
CA PRO L 80 48.87 35.88 0.42
C PRO L 80 48.83 37.25 1.11
N PHE L 81 49.30 37.33 2.36
CA PHE L 81 49.17 38.52 3.24
C PHE L 81 47.69 38.79 3.54
N GLY L 82 46.86 37.74 3.54
CA GLY L 82 45.42 37.82 3.89
C GLY L 82 45.22 37.76 5.39
N GLN L 83 46.16 37.15 6.10
CA GLN L 83 46.13 37.00 7.56
C GLN L 83 46.57 38.30 8.25
N LEU L 84 47.01 39.31 7.48
CA LEU L 84 47.47 40.62 8.05
C LEU L 84 46.28 41.40 8.61
N PHE L 85 45.13 41.39 7.93
CA PHE L 85 43.98 42.29 8.22
C PHE L 85 43.21 41.81 9.46
N ARG L 86 42.72 42.75 10.27
CA ARG L 86 42.05 42.48 11.59
C ARG L 86 40.61 42.01 11.37
N PRO L 87 40.20 40.85 11.93
CA PRO L 87 38.87 40.28 11.69
C PRO L 87 37.78 41.33 11.98
N ASP L 88 37.83 41.90 13.17
CA ASP L 88 36.93 42.99 13.61
C ASP L 88 36.79 44.01 12.47
N ASN L 89 37.90 44.37 11.80
CA ASN L 89 37.96 45.41 10.73
C ASN L 89 37.19 44.96 9.49
N PHE L 90 37.08 43.65 9.23
CA PHE L 90 36.23 43.09 8.15
C PHE L 90 34.76 43.35 8.53
N VAL L 91 34.03 44.13 7.72
CA VAL L 91 32.56 44.41 7.88
C VAL L 91 31.86 44.09 6.57
N PHE L 92 31.01 43.06 6.53
CA PHE L 92 30.38 42.55 5.28
C PHE L 92 28.88 42.34 5.48
N GLY L 93 28.06 42.74 4.50
CA GLY L 93 26.60 42.56 4.46
C GLY L 93 26.22 41.13 4.14
N GLN L 94 25.12 40.92 3.39
CA GLN L 94 24.74 39.57 2.88
C GLN L 94 24.27 39.63 1.43
N THR L 95 23.34 40.53 1.08
CA THR L 95 22.63 40.55 -0.23
C THR L 95 23.57 40.99 -1.35
N GLY L 96 24.27 42.12 -1.17
CA GLY L 96 25.05 42.80 -2.23
C GLY L 96 24.26 43.95 -2.84
N ALA L 97 24.96 44.86 -3.53
CA ALA L 97 24.40 46.10 -4.14
C ALA L 97 23.76 45.80 -5.49
N GLY L 98 24.24 44.76 -6.19
CA GLY L 98 23.71 44.38 -7.52
C GLY L 98 23.98 45.47 -8.54
N ASN L 99 25.20 45.99 -8.57
CA ASN L 99 25.67 47.09 -9.46
C ASN L 99 24.71 48.28 -9.39
N ASN L 100 24.09 48.50 -8.23
CA ASN L 100 23.02 49.53 -8.01
C ASN L 100 23.45 50.49 -6.90
N TRP L 101 23.95 51.66 -7.29
CA TRP L 101 24.31 52.79 -6.40
C TRP L 101 23.28 52.91 -5.28
N ALA L 102 22.00 52.93 -5.67
CA ALA L 102 20.85 53.15 -4.77
C ALA L 102 20.84 52.07 -3.69
N LYS L 103 21.00 50.81 -4.08
CA LYS L 103 20.98 49.69 -3.12
C LYS L 103 22.12 49.90 -2.12
N GLY L 104 23.29 50.36 -2.61
CA GLY L 104 24.51 50.55 -1.79
C GLY L 104 24.58 51.89 -1.07
N HIS L 105 23.67 52.83 -1.36
CA HIS L 105 23.66 54.22 -0.80
C HIS L 105 22.42 54.52 0.06
N TYR L 106 21.23 54.05 -0.32
CA TYR L 106 19.96 54.50 0.30
C TYR L 106 19.30 53.39 1.13
N THR L 107 19.43 52.10 0.75
CA THR L 107 18.74 50.95 1.40
C THR L 107 19.76 50.01 2.08
N GLU L 108 20.30 49.03 1.34
CA GLU L 108 21.14 47.93 1.91
C GLU L 108 22.40 48.54 2.54
N GLY L 109 23.13 49.38 1.80
CA GLY L 109 24.35 50.07 2.26
C GLY L 109 24.09 50.99 3.43
N ALA L 110 22.91 51.62 3.47
CA ALA L 110 22.48 52.60 4.50
C ALA L 110 22.33 51.93 5.88
N GLU L 111 22.09 50.62 5.92
CA GLU L 111 21.99 49.86 7.19
C GLU L 111 23.40 49.52 7.67
N LEU L 112 24.32 49.20 6.75
CA LEU L 112 25.68 48.70 7.10
C LEU L 112 26.57 49.84 7.62
N ILE L 113 26.67 50.96 6.89
CA ILE L 113 27.64 52.07 7.17
C ILE L 113 27.71 52.39 8.67
N ASP L 114 26.58 52.43 9.36
CA ASP L 114 26.53 52.73 10.82
C ASP L 114 27.55 51.82 11.52
N SER L 115 27.50 50.52 11.25
CA SER L 115 28.46 49.51 11.79
C SER L 115 29.89 49.89 11.38
N VAL L 116 30.11 50.28 10.12
CA VAL L 116 31.46 50.59 9.57
C VAL L 116 32.00 51.81 10.31
N LEU L 117 31.24 52.91 10.33
CA LEU L 117 31.66 54.14 11.03
C LEU L 117 32.25 53.75 12.38
N ASP L 118 31.55 52.94 13.18
CA ASP L 118 31.99 52.56 14.56
C ASP L 118 33.40 51.96 14.52
N VAL L 119 33.77 51.29 13.44
CA VAL L 119 35.16 50.80 13.20
C VAL L 119 36.02 52.01 12.81
N VAL L 120 35.60 52.79 11.80
CA VAL L 120 36.38 53.98 11.32
C VAL L 120 36.75 54.81 12.55
N ARG L 121 35.75 55.24 13.33
CA ARG L 121 35.93 56.07 14.56
C ARG L 121 36.99 55.41 15.45
N LYS L 122 36.90 54.08 15.64
CA LYS L 122 37.79 53.31 16.55
C LYS L 122 39.25 53.44 16.10
N GLU L 123 39.52 53.28 14.80
CA GLU L 123 40.90 53.23 14.23
C GLU L 123 41.45 54.67 14.07
N ALA L 124 40.59 55.66 13.83
CA ALA L 124 40.95 57.08 13.70
C ALA L 124 41.34 57.66 15.07
N GLU L 125 40.61 57.30 16.13
CA GLU L 125 40.83 57.78 17.53
C GLU L 125 42.13 57.20 18.11
N GLY L 126 42.55 56.01 17.67
CA GLY L 126 43.81 55.36 18.06
C GLY L 126 45.03 56.18 17.65
N CYS L 127 45.01 56.74 16.42
CA CYS L 127 46.04 57.65 15.87
C CYS L 127 46.14 58.91 16.74
N ASP L 128 47.36 59.25 17.18
CA ASP L 128 47.64 60.47 17.98
C ASP L 128 47.37 61.70 17.11
N CYS L 129 47.90 61.70 15.88
CA CYS L 129 47.61 62.68 14.80
C CYS L 129 47.22 61.93 13.53
N LEU L 130 45.99 62.13 13.04
CA LEU L 130 45.48 61.53 11.79
C LEU L 130 45.75 62.48 10.61
N GLN L 131 46.63 62.06 9.69
CA GLN L 131 46.90 62.74 8.40
C GLN L 131 45.58 62.84 7.62
N GLY L 132 44.91 61.70 7.49
CA GLY L 132 43.63 61.56 6.75
C GLY L 132 43.33 60.11 6.42
N PHE L 133 42.60 59.90 5.32
CA PHE L 133 42.14 58.57 4.85
C PHE L 133 42.49 58.40 3.38
N GLN L 134 42.79 57.16 2.98
CA GLN L 134 42.88 56.71 1.57
C GLN L 134 41.78 55.68 1.33
N ILE L 135 40.67 56.12 0.75
CA ILE L 135 39.53 55.24 0.33
C ILE L 135 39.93 54.66 -1.04
N THR L 136 39.79 53.33 -1.23
CA THR L 136 39.98 52.65 -2.54
C THR L 136 38.67 51.95 -2.91
N HIS L 137 37.96 52.47 -3.93
CA HIS L 137 36.60 52.04 -4.36
C HIS L 137 36.43 52.26 -5.85
N SER L 138 35.60 51.43 -6.50
CA SER L 138 35.18 51.60 -7.91
C SER L 138 33.99 52.56 -7.95
N LEU L 139 33.96 53.48 -8.93
CA LEU L 139 32.79 54.35 -9.24
C LEU L 139 31.76 53.56 -10.06
N GLY L 140 32.20 52.49 -10.73
CA GLY L 140 31.41 51.72 -11.72
C GLY L 140 30.36 50.82 -11.09
N GLY L 141 30.74 50.07 -10.05
CA GLY L 141 29.86 49.09 -9.36
C GLY L 141 29.17 49.70 -8.16
N GLY L 142 28.10 49.05 -7.69
CA GLY L 142 27.18 49.56 -6.66
C GLY L 142 27.90 49.78 -5.34
N THR L 143 28.26 48.69 -4.66
CA THR L 143 28.86 48.68 -3.30
C THR L 143 29.91 49.79 -3.21
N GLY L 144 30.98 49.69 -4.01
CA GLY L 144 32.11 50.64 -4.01
C GLY L 144 31.66 52.06 -4.26
N SER L 145 30.71 52.26 -5.18
CA SER L 145 30.18 53.61 -5.54
C SER L 145 29.16 54.06 -4.49
N GLY L 146 28.20 53.19 -4.14
CA GLY L 146 27.10 53.47 -3.19
C GLY L 146 27.61 53.73 -1.79
N MET L 147 28.02 52.68 -1.07
CA MET L 147 28.62 52.79 0.28
C MET L 147 29.77 53.79 0.24
N GLY L 148 30.78 53.52 -0.62
CA GLY L 148 32.02 54.32 -0.74
C GLY L 148 31.74 55.80 -0.58
N THR L 149 30.84 56.34 -1.42
CA THR L 149 30.42 57.77 -1.40
C THR L 149 29.70 58.07 -0.08
N LEU L 150 28.80 57.20 0.37
CA LEU L 150 27.99 57.41 1.61
C LEU L 150 28.92 57.50 2.81
N LEU L 151 29.86 56.55 2.93
CA LEU L 151 30.94 56.59 3.97
C LEU L 151 31.68 57.93 3.84
N ILE L 152 32.28 58.20 2.68
CA ILE L 152 33.08 59.44 2.42
C ILE L 152 32.28 60.65 2.93
N SER L 153 30.99 60.74 2.56
CA SER L 153 30.07 61.81 3.01
C SER L 153 30.04 61.79 4.54
N LYS L 154 29.93 60.61 5.16
CA LYS L 154 29.86 60.46 6.63
C LYS L 154 31.17 60.92 7.30
N VAL L 155 32.31 60.30 6.98
CA VAL L 155 33.63 60.57 7.61
C VAL L 155 33.95 62.07 7.55
N ARG L 156 33.62 62.73 6.44
CA ARG L 156 33.91 64.17 6.18
C ARG L 156 33.11 65.04 7.15
N GLU L 157 31.85 64.68 7.43
CA GLU L 157 30.98 65.38 8.42
C GLU L 157 31.59 65.26 9.82
N GLU L 158 32.28 64.14 10.10
CA GLU L 158 32.88 63.88 11.43
C GLU L 158 34.30 64.46 11.52
N TYR L 159 35.10 64.45 10.43
CA TYR L 159 36.54 64.80 10.43
C TYR L 159 36.88 65.79 9.33
N PRO L 160 36.37 67.04 9.38
CA PRO L 160 36.46 67.96 8.24
C PRO L 160 37.92 68.25 7.85
N ASP L 161 38.73 68.61 8.84
CA ASP L 161 40.14 69.07 8.66
C ASP L 161 41.00 67.95 8.06
N ARG L 162 40.71 66.69 8.42
CA ARG L 162 41.52 65.52 7.99
C ARG L 162 41.34 65.34 6.49
N ILE L 163 42.44 65.18 5.75
CA ILE L 163 42.48 64.95 4.28
C ILE L 163 41.59 63.75 3.96
N MET L 164 40.85 63.81 2.85
CA MET L 164 40.08 62.67 2.28
C MET L 164 40.62 62.37 0.89
N GLU L 165 41.53 61.39 0.80
CA GLU L 165 42.16 60.92 -0.45
C GLU L 165 41.39 59.68 -0.94
N THR L 166 41.11 59.60 -2.24
CA THR L 166 40.33 58.50 -2.89
C THR L 166 41.05 58.01 -4.16
N PHE L 167 41.38 56.72 -4.20
CA PHE L 167 41.87 55.99 -5.42
C PHE L 167 40.72 55.21 -6.04
N SER L 168 40.01 55.83 -7.00
CA SER L 168 38.73 55.33 -7.57
C SER L 168 38.92 54.87 -9.02
N VAL L 169 38.44 53.66 -9.35
CA VAL L 169 38.43 53.10 -10.74
C VAL L 169 37.17 53.57 -11.46
N VAL L 170 37.30 54.62 -12.28
CA VAL L 170 36.19 55.19 -13.11
C VAL L 170 35.87 54.15 -14.18
N PRO L 171 34.59 53.93 -14.56
CA PRO L 171 34.28 53.02 -15.67
C PRO L 171 34.69 53.58 -17.04
N SER L 172 35.46 52.79 -17.80
CA SER L 172 35.97 53.10 -19.16
C SER L 172 34.97 52.61 -20.21
N PRO L 173 34.65 53.40 -21.25
CA PRO L 173 33.76 52.94 -22.33
C PRO L 173 34.25 51.72 -23.11
N LYS L 174 35.57 51.57 -23.25
CA LYS L 174 36.23 50.47 -24.00
C LYS L 174 35.89 49.13 -23.36
N VAL L 175 36.18 49.00 -22.06
CA VAL L 175 35.99 47.75 -21.26
C VAL L 175 34.49 47.49 -21.11
N SER L 176 33.77 48.39 -20.41
CA SER L 176 32.30 48.35 -20.21
C SER L 176 31.90 46.96 -19.73
N ASP L 177 32.39 46.56 -18.56
CA ASP L 177 32.17 45.21 -17.95
C ASP L 177 30.86 45.19 -17.15
N THR L 178 30.13 46.32 -17.11
CA THR L 178 28.75 46.44 -16.55
C THR L 178 27.93 47.36 -17.46
N VAL L 179 26.61 47.21 -17.47
CA VAL L 179 25.68 48.00 -18.34
C VAL L 179 25.35 49.34 -17.64
N VAL L 180 25.06 49.31 -16.35
CA VAL L 180 24.52 50.48 -15.57
C VAL L 180 25.67 51.31 -14.99
N GLU L 181 26.93 51.05 -15.36
CA GLU L 181 28.14 51.84 -14.98
C GLU L 181 27.87 53.34 -15.09
N PRO L 182 27.40 53.87 -16.24
CA PRO L 182 27.17 55.31 -16.40
C PRO L 182 26.34 55.92 -15.26
N TYR L 183 25.28 55.23 -14.83
CA TYR L 183 24.38 55.67 -13.73
C TYR L 183 25.15 55.74 -12.41
N ASN L 184 25.78 54.64 -12.00
CA ASN L 184 26.58 54.55 -10.75
C ASN L 184 27.56 55.72 -10.72
N ALA L 185 28.42 55.82 -11.75
CA ALA L 185 29.56 56.77 -11.84
C ALA L 185 29.08 58.23 -11.81
N THR L 186 27.97 58.55 -12.46
CA THR L 186 27.38 59.92 -12.52
C THR L 186 26.90 60.32 -11.13
N LEU L 187 26.18 59.42 -10.45
CA LEU L 187 25.66 59.67 -9.08
C LEU L 187 26.82 59.70 -8.09
N SER L 188 27.92 59.00 -8.40
CA SER L 188 29.13 58.93 -7.54
C SER L 188 29.82 60.30 -7.49
N VAL L 189 30.26 60.81 -8.66
CA VAL L 189 31.12 62.04 -8.79
C VAL L 189 30.46 63.22 -8.08
N HIS L 190 29.13 63.34 -8.18
CA HIS L 190 28.31 64.32 -7.44
C HIS L 190 28.70 64.31 -5.96
N GLN L 191 28.72 63.12 -5.35
CA GLN L 191 29.02 62.96 -3.91
C GLN L 191 30.52 63.15 -3.68
N LEU L 192 31.37 62.68 -4.59
CA LEU L 192 32.85 62.75 -4.46
C LEU L 192 33.30 64.22 -4.51
N VAL L 193 32.87 64.99 -5.51
CA VAL L 193 33.36 66.38 -5.76
C VAL L 193 33.05 67.29 -4.56
N GLU L 194 32.03 67.00 -3.78
CA GLU L 194 31.67 67.81 -2.59
C GLU L 194 32.49 67.36 -1.37
N ASN L 195 32.82 66.06 -1.26
CA ASN L 195 33.29 65.45 0.02
C ASN L 195 34.72 64.91 -0.06
N ALA L 196 35.34 64.79 -1.25
CA ALA L 196 36.72 64.28 -1.45
C ALA L 196 37.68 65.47 -1.62
N ASP L 197 38.79 65.47 -0.89
CA ASP L 197 39.82 66.53 -0.95
C ASP L 197 40.55 66.37 -2.28
N GLU L 198 41.12 65.19 -2.51
CA GLU L 198 41.91 64.83 -3.71
C GLU L 198 41.48 63.43 -4.16
N CYS L 199 40.93 63.30 -5.37
CA CYS L 199 40.51 62.01 -5.97
C CYS L 199 41.47 61.67 -7.11
N MET L 200 42.15 60.52 -7.01
CA MET L 200 43.05 59.99 -8.07
C MET L 200 42.25 59.04 -8.96
N VAL L 201 41.76 59.53 -10.10
CA VAL L 201 40.99 58.72 -11.09
C VAL L 201 41.95 57.70 -11.73
N ILE L 202 41.57 56.42 -11.64
CA ILE L 202 42.25 55.24 -12.29
C ILE L 202 41.26 54.70 -13.32
N ASP L 203 41.76 54.14 -14.43
CA ASP L 203 40.93 53.51 -15.50
C ASP L 203 41.57 52.19 -15.95
N ASN L 204 40.76 51.13 -16.02
CA ASN L 204 41.20 49.77 -16.42
C ASN L 204 41.80 49.85 -17.84
N GLU L 205 41.13 50.57 -18.74
CA GLU L 205 41.58 50.73 -20.16
C GLU L 205 43.06 51.09 -20.14
N ALA L 206 43.41 52.22 -19.53
CA ALA L 206 44.79 52.74 -19.43
C ALA L 206 45.70 51.65 -18.85
N LEU L 207 45.32 51.08 -17.70
CA LEU L 207 46.11 50.05 -16.98
C LEU L 207 46.41 48.88 -17.93
N TYR L 208 45.41 48.44 -18.71
CA TYR L 208 45.58 47.41 -19.78
C TYR L 208 46.55 47.94 -20.83
N ASP L 209 46.41 49.21 -21.22
CA ASP L 209 47.30 49.88 -22.21
C ASP L 209 48.74 49.88 -21.70
N ILE L 210 48.96 50.11 -20.41
CA ILE L 210 50.31 50.10 -19.78
C ILE L 210 50.85 48.66 -19.84
N CYS L 211 49.98 47.65 -19.76
CA CYS L 211 50.35 46.21 -19.71
C CYS L 211 50.63 45.64 -21.11
N PHE L 212 50.04 46.19 -22.18
CA PHE L 212 50.24 45.73 -23.59
C PHE L 212 51.31 46.56 -24.30
N ARG L 213 51.68 47.75 -23.79
CA ARG L 213 52.65 48.66 -24.45
C ARG L 213 53.86 48.93 -23.54
N THR L 214 53.72 49.74 -22.48
CA THR L 214 54.85 50.14 -21.58
C THR L 214 55.54 48.87 -21.06
N LEU L 215 54.81 48.03 -20.32
CA LEU L 215 55.18 46.62 -20.06
C LEU L 215 54.66 45.77 -21.23
N LYS L 216 55.22 44.58 -21.44
CA LYS L 216 54.80 43.62 -22.51
C LYS L 216 54.39 42.31 -21.84
N LEU L 217 53.17 42.27 -21.30
CA LEU L 217 52.55 41.10 -20.63
C LEU L 217 51.69 40.37 -21.65
N THR L 218 51.86 39.05 -21.76
CA THR L 218 51.09 38.17 -22.69
C THR L 218 49.65 38.04 -22.16
N THR L 219 49.50 37.92 -20.83
CA THR L 219 48.21 37.76 -20.13
C THR L 219 48.16 38.71 -18.93
N PRO L 220 47.87 40.01 -19.14
CA PRO L 220 47.57 40.91 -18.03
C PRO L 220 46.25 40.53 -17.35
N THR L 221 46.33 40.17 -16.05
CA THR L 221 45.17 39.86 -15.17
C THR L 221 44.90 41.05 -14.26
N TYR L 222 43.73 41.09 -13.63
CA TYR L 222 43.33 42.18 -12.68
C TYR L 222 44.37 42.28 -11.57
N GLY L 223 45.01 41.17 -11.20
CA GLY L 223 46.21 41.14 -10.35
C GLY L 223 47.27 42.12 -10.83
N ASP L 224 47.66 42.00 -12.11
CA ASP L 224 48.73 42.83 -12.73
C ASP L 224 48.24 44.28 -12.87
N LEU L 225 46.95 44.50 -13.09
CA LEU L 225 46.35 45.86 -13.13
C LEU L 225 46.39 46.47 -11.72
N ASN L 226 46.07 45.68 -10.68
CA ASN L 226 46.10 46.12 -9.26
C ASN L 226 47.53 46.47 -8.84
N HIS L 227 48.52 45.71 -9.33
CA HIS L 227 49.96 45.83 -8.94
C HIS L 227 50.52 47.19 -9.37
N LEU L 228 50.05 47.74 -10.49
CA LEU L 228 50.45 49.08 -10.98
C LEU L 228 49.81 50.15 -10.10
N VAL L 229 48.52 49.99 -9.78
CA VAL L 229 47.75 50.93 -8.91
C VAL L 229 48.44 51.01 -7.55
N SER L 230 48.77 49.85 -6.97
CA SER L 230 49.41 49.68 -5.64
C SER L 230 50.80 50.34 -5.60
N ALA L 231 51.58 50.18 -6.67
CA ALA L 231 52.91 50.80 -6.83
C ALA L 231 52.79 52.32 -6.71
N ALA L 232 51.86 52.92 -7.46
CA ALA L 232 51.55 54.36 -7.44
C ALA L 232 51.08 54.76 -6.03
N MET L 233 50.16 53.99 -5.46
CA MET L 233 49.52 54.24 -4.14
C MET L 233 50.58 54.42 -3.04
N SER L 234 51.67 53.63 -3.10
CA SER L 234 52.85 53.76 -2.22
C SER L 234 53.50 55.13 -2.47
N GLY L 235 53.85 55.40 -3.74
CA GLY L 235 54.54 56.64 -4.18
C GLY L 235 53.91 57.90 -3.64
N VAL L 236 52.58 58.02 -3.73
CA VAL L 236 51.80 59.24 -3.34
C VAL L 236 52.12 59.58 -1.87
N THR L 237 52.30 58.56 -1.01
CA THR L 237 52.49 58.70 0.46
C THR L 237 53.72 57.92 0.92
N CYS L 238 54.90 58.32 0.46
CA CYS L 238 56.22 57.72 0.82
C CYS L 238 56.97 58.63 1.80
N CYS L 239 57.08 59.91 1.45
CA CYS L 239 57.84 60.94 2.20
C CYS L 239 57.27 61.12 3.62
N LEU L 240 56.14 60.45 3.93
CA LEU L 240 55.65 60.19 5.31
C LEU L 240 56.46 59.05 5.97
N ARG L 241 56.64 57.94 5.24
CA ARG L 241 57.12 56.63 5.75
C ARG L 241 58.66 56.57 5.80
N PHE L 242 59.34 57.50 5.13
CA PHE L 242 60.81 57.46 4.95
C PHE L 242 61.37 58.89 4.99
N PRO L 243 62.71 59.07 5.13
CA PRO L 243 63.34 60.37 4.97
C PRO L 243 63.32 60.88 3.51
N GLY L 244 63.63 62.16 3.32
CA GLY L 244 63.80 62.79 2.00
C GLY L 244 64.77 63.96 2.05
N GLN L 245 65.41 64.28 0.92
CA GLN L 245 66.24 65.49 0.73
C GLN L 245 65.32 66.72 0.75
N LEU L 246 64.12 66.59 0.18
CA LEU L 246 62.99 67.54 0.28
C LEU L 246 61.71 66.76 0.60
N ASN L 247 61.15 66.95 1.79
CA ASN L 247 59.99 66.16 2.29
C ASN L 247 58.69 66.75 1.73
N SER L 248 57.68 65.88 1.61
CA SER L 248 56.28 66.21 1.25
C SER L 248 55.34 65.31 2.06
N ASP L 249 54.02 65.50 1.89
CA ASP L 249 52.96 64.65 2.49
C ASP L 249 51.66 64.91 1.71
N LEU L 250 50.60 64.15 2.04
CA LEU L 250 49.28 64.23 1.37
C LEU L 250 48.81 65.69 1.32
N ARG L 251 48.74 66.35 2.48
CA ARG L 251 48.27 67.75 2.59
C ARG L 251 49.15 68.63 1.70
N LYS L 252 50.46 68.40 1.70
CA LYS L 252 51.43 69.22 0.91
C LYS L 252 51.08 69.08 -0.57
N LEU L 253 50.80 67.85 -1.04
CA LEU L 253 50.44 67.59 -2.46
C LEU L 253 49.12 68.32 -2.79
N ALA L 254 48.08 68.13 -1.97
CA ALA L 254 46.76 68.78 -2.09
C ALA L 254 46.92 70.29 -2.26
N VAL L 255 47.64 70.96 -1.34
CA VAL L 255 47.87 72.43 -1.31
C VAL L 255 48.44 72.90 -2.66
N ASN L 256 49.23 72.07 -3.33
CA ASN L 256 49.97 72.45 -4.56
C ASN L 256 49.36 71.79 -5.81
N LEU L 257 48.39 70.88 -5.65
CA LEU L 257 47.72 70.19 -6.79
C LEU L 257 46.33 70.79 -7.06
N ILE L 258 45.63 71.27 -6.04
CA ILE L 258 44.22 71.75 -6.12
C ILE L 258 44.24 73.27 -6.11
N PRO L 259 44.22 73.96 -7.27
CA PRO L 259 44.22 75.42 -7.27
C PRO L 259 42.90 75.93 -6.68
N PHE L 260 41.77 75.42 -7.16
CA PHE L 260 40.40 75.76 -6.68
C PHE L 260 39.73 74.48 -6.19
N PRO L 261 38.87 74.55 -5.13
CA PRO L 261 38.39 73.34 -4.44
C PRO L 261 37.76 72.22 -5.26
N ARG L 262 37.11 72.55 -6.38
CA ARG L 262 36.28 71.61 -7.19
C ARG L 262 37.16 70.79 -8.15
N LEU L 263 38.19 71.40 -8.76
CA LEU L 263 39.14 70.69 -9.66
C LEU L 263 40.17 69.93 -8.81
N HIS L 264 39.81 68.76 -8.27
CA HIS L 264 40.69 67.88 -7.44
C HIS L 264 40.72 66.43 -7.95
N PHE L 265 40.49 66.22 -9.25
CA PHE L 265 40.70 64.93 -9.94
C PHE L 265 42.09 64.97 -10.58
N PHE L 266 42.87 63.88 -10.44
CA PHE L 266 44.28 63.79 -10.88
C PHE L 266 44.50 62.49 -11.66
N MET L 267 45.58 62.44 -12.45
CA MET L 267 46.02 61.26 -13.24
C MET L 267 47.32 60.72 -12.65
N ILE L 268 47.23 59.67 -11.84
CA ILE L 268 48.44 58.99 -11.25
C ILE L 268 49.14 58.17 -12.34
N GLY L 269 50.45 57.98 -12.17
CA GLY L 269 51.34 57.23 -13.08
C GLY L 269 52.63 56.84 -12.37
N PHE L 270 53.31 55.81 -12.87
CA PHE L 270 54.55 55.24 -12.27
C PHE L 270 55.61 55.09 -13.36
N ALA L 271 56.75 55.77 -13.21
CA ALA L 271 57.74 56.07 -14.29
C ALA L 271 58.74 54.94 -14.56
N PRO L 272 59.29 54.21 -13.58
CA PRO L 272 60.34 53.23 -13.85
C PRO L 272 59.85 51.91 -14.48
N LEU L 273 58.54 51.77 -14.73
CA LEU L 273 57.91 50.56 -15.33
C LEU L 273 58.44 50.35 -16.76
N THR L 274 59.08 49.20 -16.99
CA THR L 274 59.70 48.81 -18.28
C THR L 274 59.41 47.35 -18.58
N SER L 275 59.17 47.02 -19.86
CA SER L 275 59.13 45.64 -20.40
C SER L 275 60.41 44.91 -19.98
N ARG L 276 60.28 43.64 -19.60
CA ARG L 276 61.35 42.81 -18.96
C ARG L 276 62.50 42.57 -19.95
N GLY L 277 62.18 42.36 -21.22
CA GLY L 277 63.15 42.31 -22.33
C GLY L 277 63.87 43.64 -22.54
N SER L 278 63.12 44.76 -22.48
CA SER L 278 63.60 46.13 -22.81
C SER L 278 64.43 46.73 -21.66
N GLN L 279 64.88 45.94 -20.68
CA GLN L 279 65.57 46.44 -19.45
C GLN L 279 67.05 46.74 -19.75
N GLN L 280 67.81 45.72 -20.17
CA GLN L 280 69.21 45.86 -20.65
C GLN L 280 69.43 47.29 -21.16
N TYR L 281 68.63 47.67 -22.17
CA TYR L 281 68.88 48.77 -23.13
C TYR L 281 68.61 50.11 -22.44
N ARG L 282 67.42 50.24 -21.88
CA ARG L 282 67.00 51.38 -21.03
C ARG L 282 68.07 51.64 -19.97
N ALA L 283 68.52 52.90 -19.87
CA ALA L 283 69.44 53.42 -18.83
C ALA L 283 68.60 54.16 -17.77
N LEU L 284 68.71 53.73 -16.51
CA LEU L 284 67.90 54.26 -15.38
C LEU L 284 68.52 55.59 -14.91
N THR L 285 68.07 56.70 -15.50
CA THR L 285 68.54 58.09 -15.22
C THR L 285 67.34 59.02 -15.09
N VAL L 286 67.45 60.03 -14.21
CA VAL L 286 66.38 61.02 -13.89
C VAL L 286 65.74 61.50 -15.19
N PRO L 287 66.50 61.94 -16.22
CA PRO L 287 65.92 62.35 -17.50
C PRO L 287 65.01 61.28 -18.10
N GLU L 288 65.52 60.04 -18.20
CA GLU L 288 64.80 58.89 -18.80
C GLU L 288 63.43 58.76 -18.11
N LEU L 289 63.43 58.65 -16.78
CA LEU L 289 62.18 58.45 -15.97
C LEU L 289 61.27 59.67 -16.14
N THR L 290 61.83 60.88 -16.19
CA THR L 290 61.05 62.13 -16.40
C THR L 290 60.34 62.06 -17.75
N GLN L 291 60.98 61.51 -18.78
CA GLN L 291 60.36 61.37 -20.12
C GLN L 291 59.12 60.47 -20.03
N GLN L 292 59.25 59.32 -19.37
CA GLN L 292 58.14 58.33 -19.28
C GLN L 292 56.99 58.93 -18.47
N MET L 293 57.26 59.61 -17.36
CA MET L 293 56.20 60.09 -16.44
C MET L 293 55.35 61.16 -17.13
N PHE L 294 55.89 61.87 -18.11
CA PHE L 294 55.15 62.92 -18.87
C PHE L 294 54.70 62.39 -20.25
N ASP L 295 54.99 61.13 -20.57
CA ASP L 295 54.35 60.42 -21.71
C ASP L 295 52.90 60.13 -21.32
N ALA L 296 51.95 60.57 -22.14
CA ALA L 296 50.49 60.34 -21.98
C ALA L 296 50.22 58.84 -21.77
N LYS L 297 50.98 57.98 -22.45
CA LYS L 297 50.89 56.49 -22.40
C LYS L 297 50.97 56.01 -20.95
N ASN L 298 51.88 56.58 -20.16
CA ASN L 298 52.19 56.15 -18.77
C ASN L 298 50.99 56.38 -17.86
N MET L 299 50.14 57.36 -18.16
CA MET L 299 49.01 57.79 -17.28
C MET L 299 47.99 56.65 -17.16
N MET L 300 47.50 56.40 -15.93
CA MET L 300 46.49 55.36 -15.60
C MET L 300 45.09 55.96 -15.73
N CYS L 301 44.91 56.90 -16.66
CA CYS L 301 43.61 57.51 -17.06
C CYS L 301 43.51 57.52 -18.59
N ALA L 302 42.29 57.37 -19.12
CA ALA L 302 41.98 57.20 -20.56
C ALA L 302 42.32 58.47 -21.34
N ALA L 303 42.01 59.65 -20.78
CA ALA L 303 42.21 60.97 -21.41
C ALA L 303 43.71 61.30 -21.47
N ASP L 304 44.21 61.62 -22.67
CA ASP L 304 45.63 61.99 -22.92
C ASP L 304 45.82 63.44 -22.53
N PRO L 305 46.79 63.77 -21.64
CA PRO L 305 47.03 65.16 -21.23
C PRO L 305 47.09 66.14 -22.41
N ARG L 306 47.62 65.69 -23.55
CA ARG L 306 47.81 66.49 -24.80
C ARG L 306 46.57 67.33 -25.14
N HIS L 307 45.37 66.79 -24.99
CA HIS L 307 44.09 67.50 -25.27
C HIS L 307 43.90 68.59 -24.20
N GLY L 308 44.12 68.24 -22.93
CA GLY L 308 44.07 69.20 -21.80
C GLY L 308 45.32 70.06 -21.72
N ARG L 309 45.42 70.85 -20.65
CA ARG L 309 46.59 71.69 -20.30
C ARG L 309 46.75 71.63 -18.78
N TYR L 310 47.83 71.00 -18.30
CA TYR L 310 48.16 70.84 -16.86
C TYR L 310 47.97 72.18 -16.13
N LEU L 311 47.05 72.22 -15.17
CA LEU L 311 46.87 73.32 -14.16
C LEU L 311 48.06 73.29 -13.22
N THR L 312 48.49 72.08 -12.89
CA THR L 312 49.70 71.75 -12.09
C THR L 312 50.03 70.27 -12.29
N ALA L 313 51.19 69.87 -11.80
CA ALA L 313 51.62 68.47 -11.66
C ALA L 313 52.38 68.32 -10.35
N SER L 314 52.71 67.09 -9.97
CA SER L 314 53.61 66.75 -8.85
C SER L 314 54.36 65.46 -9.18
N ALA L 315 55.66 65.45 -8.94
CA ALA L 315 56.55 64.26 -9.01
C ALA L 315 57.04 63.95 -7.61
N LEU L 316 57.17 62.66 -7.30
CA LEU L 316 57.67 62.15 -6.01
C LEU L 316 58.79 61.15 -6.30
N PHE L 317 59.97 61.68 -6.64
CA PHE L 317 61.17 60.91 -7.00
C PHE L 317 61.68 60.11 -5.79
N ARG L 318 62.09 58.87 -6.04
CA ARG L 318 62.57 57.90 -5.03
C ARG L 318 64.05 57.59 -5.28
N GLY L 319 64.75 57.05 -4.29
CA GLY L 319 66.17 56.67 -4.40
C GLY L 319 67.10 57.86 -4.26
N ARG L 320 68.38 57.66 -4.53
CA ARG L 320 69.45 58.68 -4.35
C ARG L 320 69.67 59.38 -5.69
N MET L 321 69.09 60.57 -5.85
CA MET L 321 69.29 61.43 -7.05
C MET L 321 69.69 62.83 -6.60
N SER L 322 70.51 63.50 -7.41
CA SER L 322 70.89 64.92 -7.28
C SER L 322 69.65 65.79 -7.53
N THR L 323 69.23 66.53 -6.49
CA THR L 323 68.04 67.41 -6.50
C THR L 323 68.16 68.43 -7.63
N LYS L 324 69.38 68.95 -7.85
CA LYS L 324 69.70 69.87 -8.98
C LYS L 324 69.25 69.23 -10.29
N GLU L 325 69.67 67.98 -10.54
CA GLU L 325 69.38 67.26 -11.81
C GLU L 325 67.87 67.13 -11.97
N VAL L 326 67.16 66.69 -10.93
CA VAL L 326 65.67 66.64 -10.90
C VAL L 326 65.15 68.01 -11.36
N ASP L 327 65.50 69.06 -10.61
CA ASP L 327 65.03 70.45 -10.81
C ASP L 327 65.32 70.88 -12.26
N GLU L 328 66.51 70.54 -12.79
CA GLU L 328 66.87 70.79 -14.21
C GLU L 328 65.81 70.15 -15.12
N GLN L 329 65.46 68.88 -14.85
CA GLN L 329 64.53 68.09 -15.70
C GLN L 329 63.13 68.71 -15.64
N MET L 330 62.63 69.02 -14.44
CA MET L 330 61.26 69.58 -14.22
C MET L 330 61.15 70.91 -14.98
N LEU L 331 62.19 71.75 -14.88
CA LEU L 331 62.30 73.03 -15.66
C LEU L 331 62.23 72.69 -17.15
N ASN L 332 63.14 71.84 -17.62
CA ASN L 332 63.28 71.45 -19.05
C ASN L 332 61.90 71.05 -19.60
N VAL L 333 61.17 70.20 -18.87
CA VAL L 333 59.81 69.70 -19.26
C VAL L 333 58.88 70.90 -19.49
N GLN L 334 58.92 71.91 -18.61
CA GLN L 334 57.96 73.04 -18.66
C GLN L 334 58.24 73.97 -19.86
N ASN L 335 59.49 74.07 -20.33
CA ASN L 335 59.88 74.88 -21.51
C ASN L 335 59.43 74.20 -22.82
N LYS L 336 59.50 72.87 -22.87
CA LYS L 336 59.12 72.01 -24.03
C LYS L 336 57.60 72.12 -24.29
N ASN L 337 56.81 71.85 -23.24
CA ASN L 337 55.33 71.64 -23.28
C ASN L 337 54.63 72.98 -23.11
N SER L 338 55.14 74.05 -23.74
CA SER L 338 54.68 75.45 -23.56
C SER L 338 53.15 75.50 -23.59
N SER L 339 52.51 74.73 -24.48
CA SER L 339 51.03 74.67 -24.67
C SER L 339 50.36 73.87 -23.55
N TYR L 340 50.96 72.75 -23.12
CA TYR L 340 50.37 71.77 -22.17
C TYR L 340 50.49 72.27 -20.72
N PHE L 341 51.08 73.46 -20.51
CA PHE L 341 51.10 74.15 -19.20
C PHE L 341 50.33 75.47 -19.28
N VAL L 342 49.43 75.65 -18.32
CA VAL L 342 48.61 76.87 -18.11
C VAL L 342 49.55 78.10 -18.02
N GLU L 343 49.12 79.20 -18.63
CA GLU L 343 49.87 80.49 -18.74
C GLU L 343 50.04 81.05 -17.34
N TRP L 344 48.93 81.42 -16.69
CA TRP L 344 48.92 81.86 -15.28
C TRP L 344 49.37 80.67 -14.42
N ILE L 345 49.82 80.93 -13.19
CA ILE L 345 50.46 79.94 -12.26
C ILE L 345 51.66 79.33 -12.96
N PRO L 346 52.79 80.06 -13.03
CA PRO L 346 54.03 79.52 -13.59
C PRO L 346 54.79 78.66 -12.57
N ASN L 347 55.83 77.98 -13.04
CA ASN L 347 56.58 76.91 -12.34
C ASN L 347 55.58 75.85 -11.86
N ASN L 348 54.76 75.38 -12.80
CA ASN L 348 53.57 74.51 -12.56
C ASN L 348 53.98 73.24 -11.83
N ILE L 349 55.13 72.66 -12.16
CA ILE L 349 55.51 71.32 -11.63
C ILE L 349 56.10 71.50 -10.23
N LYS L 350 55.57 70.73 -9.27
CA LYS L 350 56.13 70.49 -7.92
C LYS L 350 57.00 69.23 -7.96
N SER L 351 58.05 69.17 -7.14
CA SER L 351 58.97 68.02 -7.03
C SER L 351 59.26 67.71 -5.55
N SER L 352 59.00 66.46 -5.14
CA SER L 352 59.41 65.87 -3.84
C SER L 352 60.48 64.81 -4.09
N ILE L 353 61.44 64.71 -3.18
CA ILE L 353 62.52 63.68 -3.18
C ILE L 353 62.32 62.85 -1.90
N CYS L 354 62.33 61.53 -2.01
CA CYS L 354 62.49 60.61 -0.86
C CYS L 354 63.75 59.76 -1.05
N ASP L 355 64.53 59.57 0.01
CA ASP L 355 65.85 58.89 -0.05
C ASP L 355 65.64 57.41 -0.37
N ILE L 356 64.63 56.77 0.24
CA ILE L 356 64.46 55.30 0.14
C ILE L 356 63.73 54.98 -1.16
N PRO L 357 64.31 54.12 -2.03
CA PRO L 357 63.66 53.71 -3.27
C PRO L 357 62.63 52.62 -3.00
N PRO L 358 61.89 52.16 -4.03
CA PRO L 358 61.11 50.91 -3.95
C PRO L 358 62.01 49.69 -4.13
N LYS L 359 61.62 48.55 -3.53
CA LYS L 359 62.46 47.31 -3.48
C LYS L 359 62.84 46.86 -4.90
N GLY L 360 64.10 46.43 -5.08
CA GLY L 360 64.65 45.89 -6.33
C GLY L 360 64.84 46.96 -7.41
N LEU L 361 64.81 48.24 -7.04
CA LEU L 361 65.00 49.40 -7.97
C LEU L 361 65.98 50.40 -7.33
N LYS L 362 66.72 51.14 -8.15
CA LYS L 362 67.73 52.15 -7.73
C LYS L 362 67.06 53.53 -7.66
N MET L 363 66.28 53.88 -8.68
CA MET L 363 65.46 55.12 -8.74
C MET L 363 64.05 54.74 -9.18
N ALA L 364 63.08 55.60 -8.88
CA ALA L 364 61.67 55.51 -9.32
C ALA L 364 61.06 56.91 -9.32
N VAL L 365 59.81 57.03 -9.79
CA VAL L 365 58.99 58.26 -9.74
C VAL L 365 57.53 57.84 -9.53
N THR L 366 56.74 58.73 -8.96
CA THR L 366 55.26 58.67 -8.96
C THR L 366 54.72 60.05 -9.33
N PHE L 367 53.81 60.12 -10.29
CA PHE L 367 53.31 61.37 -10.91
C PHE L 367 51.84 61.59 -10.53
N VAL L 368 51.47 62.82 -10.17
CA VAL L 368 50.08 63.24 -9.87
C VAL L 368 49.83 64.57 -10.59
N GLY L 369 48.91 64.59 -11.57
CA GLY L 369 48.76 65.71 -12.52
C GLY L 369 47.32 66.17 -12.69
N ASN L 370 46.95 67.29 -12.07
CA ASN L 370 45.64 67.96 -12.30
C ASN L 370 45.70 68.62 -13.67
N SER L 371 45.03 68.04 -14.68
CA SER L 371 44.88 68.61 -16.03
C SER L 371 43.42 68.93 -16.30
N THR L 372 43.17 69.63 -17.41
CA THR L 372 41.81 69.85 -17.99
C THR L 372 41.55 68.75 -19.02
N ALA L 373 42.45 67.77 -19.14
CA ALA L 373 42.27 66.54 -19.95
C ALA L 373 41.30 65.59 -19.25
N ILE L 374 41.28 65.59 -17.90
CA ILE L 374 40.47 64.64 -17.07
C ILE L 374 38.99 64.84 -17.39
N GLN L 375 38.58 66.08 -17.69
CA GLN L 375 37.28 66.48 -18.30
C GLN L 375 36.82 65.46 -19.36
N GLU L 376 37.69 65.15 -20.32
CA GLU L 376 37.39 64.27 -21.50
C GLU L 376 36.81 62.93 -21.00
N MET L 377 37.45 62.30 -20.01
CA MET L 377 37.04 60.98 -19.47
C MET L 377 35.64 61.10 -18.85
N PHE L 378 35.31 62.25 -18.25
CA PHE L 378 33.99 62.53 -17.59
C PHE L 378 32.91 62.80 -18.64
N LYS L 379 33.28 63.41 -19.77
CA LYS L 379 32.36 63.63 -20.91
C LYS L 379 31.84 62.28 -21.41
N ARG L 380 32.72 61.29 -21.53
CA ARG L 380 32.38 59.90 -21.98
C ARG L 380 31.23 59.40 -21.10
N VAL L 381 31.39 59.48 -19.77
CA VAL L 381 30.38 59.00 -18.76
C VAL L 381 29.08 59.81 -18.92
N ALA L 382 29.18 61.12 -19.20
CA ALA L 382 28.02 62.03 -19.37
C ALA L 382 27.21 61.62 -20.62
N GLU L 383 27.88 61.63 -21.79
CA GLU L 383 27.30 61.23 -23.10
C GLU L 383 26.52 59.92 -22.92
N GLN L 384 27.17 58.91 -22.33
CA GLN L 384 26.60 57.56 -22.08
C GLN L 384 25.36 57.70 -21.17
N PHE L 385 25.51 58.39 -20.04
CA PHE L 385 24.46 58.55 -19.00
C PHE L 385 23.24 59.24 -19.61
N THR L 386 23.48 60.36 -20.29
CA THR L 386 22.44 61.11 -21.04
C THR L 386 21.62 60.10 -21.86
N ALA L 387 22.28 59.41 -22.81
CA ALA L 387 21.68 58.47 -23.79
C ALA L 387 20.74 57.48 -23.08
N MET L 388 21.15 56.95 -21.93
CA MET L 388 20.28 56.12 -21.05
C MET L 388 19.18 56.99 -20.48
N PHE L 389 19.53 58.14 -19.91
CA PHE L 389 18.58 58.97 -19.13
C PHE L 389 17.56 59.68 -20.02
N ARG L 390 17.85 59.84 -21.32
CA ARG L 390 16.87 60.34 -22.33
C ARG L 390 15.60 59.49 -22.28
N ARG L 391 15.74 58.17 -22.10
CA ARG L 391 14.64 57.16 -22.19
C ARG L 391 14.19 56.66 -20.83
N LYS L 392 14.93 56.97 -19.76
CA LYS L 392 14.70 56.48 -18.37
C LYS L 392 14.90 54.96 -18.32
N ALA L 393 15.89 54.46 -19.08
CA ALA L 393 16.29 53.03 -19.11
C ALA L 393 16.89 52.64 -17.76
N PHE L 394 16.63 51.40 -17.34
CA PHE L 394 17.17 50.77 -16.11
C PHE L 394 16.78 51.60 -14.88
N LEU L 395 15.95 52.63 -15.04
CA LEU L 395 15.80 53.66 -13.99
C LEU L 395 14.93 53.11 -12.86
N HIS L 396 14.10 52.13 -13.17
CA HIS L 396 13.15 51.49 -12.22
C HIS L 396 13.84 50.76 -11.06
N TRP L 397 15.09 50.29 -11.20
CA TRP L 397 15.86 49.64 -10.09
C TRP L 397 16.15 50.69 -9.02
N TYR L 398 16.82 51.75 -9.43
CA TYR L 398 17.28 52.88 -8.60
C TYR L 398 16.05 53.52 -7.93
N THR L 399 15.03 53.85 -8.74
CA THR L 399 13.73 54.43 -8.31
C THR L 399 13.03 53.47 -7.33
N GLY L 400 13.16 52.16 -7.56
CA GLY L 400 12.66 51.10 -6.67
C GLY L 400 13.19 51.25 -5.26
N GLU L 401 14.50 51.49 -5.11
CA GLU L 401 15.20 51.55 -3.79
C GLU L 401 14.73 52.78 -3.01
N GLY L 402 14.31 53.84 -3.71
CA GLY L 402 13.71 55.06 -3.12
C GLY L 402 14.36 56.35 -3.58
N MET L 403 15.41 56.27 -4.41
CA MET L 403 16.01 57.44 -5.11
C MET L 403 14.96 58.06 -6.05
N ASP L 404 15.02 59.39 -6.26
CA ASP L 404 14.02 60.18 -7.02
C ASP L 404 14.70 60.80 -8.24
N GLU L 405 14.00 60.82 -9.38
CA GLU L 405 14.51 61.30 -10.69
C GLU L 405 15.30 62.61 -10.48
N MET L 406 14.82 63.50 -9.61
CA MET L 406 15.49 64.77 -9.23
C MET L 406 16.99 64.52 -9.03
N GLU L 407 17.34 63.51 -8.24
CA GLU L 407 18.75 63.15 -7.90
C GLU L 407 19.51 62.97 -9.22
N PHE L 408 19.04 62.09 -10.11
CA PHE L 408 19.71 61.75 -11.38
C PHE L 408 19.99 63.01 -12.20
N THR L 409 19.10 64.00 -12.15
CA THR L 409 19.23 65.28 -12.88
C THR L 409 20.36 66.10 -12.23
N GLU L 410 20.32 66.25 -10.91
CA GLU L 410 21.29 67.09 -10.14
C GLU L 410 22.70 66.50 -10.32
N ALA L 411 22.83 65.17 -10.34
CA ALA L 411 24.11 64.45 -10.55
C ALA L 411 24.69 64.84 -11.92
N GLU L 412 23.88 64.78 -12.97
CA GLU L 412 24.26 65.18 -14.35
C GLU L 412 24.67 66.66 -14.35
N SER L 413 23.83 67.52 -13.76
CA SER L 413 24.08 68.99 -13.63
C SER L 413 25.46 69.20 -13.01
N ASN L 414 25.66 68.63 -11.82
CA ASN L 414 26.88 68.81 -10.98
C ASN L 414 28.10 68.32 -11.76
N MET L 415 27.99 67.22 -12.52
CA MET L 415 29.10 66.68 -13.34
C MET L 415 29.32 67.60 -14.57
N ASN L 416 28.25 68.19 -15.11
CA ASN L 416 28.35 69.12 -16.27
C ASN L 416 29.09 70.39 -15.82
N ASP L 417 28.84 70.87 -14.60
CA ASP L 417 29.48 72.08 -14.02
C ASP L 417 30.99 71.85 -13.90
N LEU L 418 31.41 70.70 -13.34
CA LEU L 418 32.83 70.26 -13.28
C LEU L 418 33.42 70.42 -14.68
N VAL L 419 32.80 69.79 -15.68
CA VAL L 419 33.25 69.72 -17.10
C VAL L 419 33.38 71.15 -17.66
N SER L 420 32.46 72.04 -17.31
CA SER L 420 32.49 73.48 -17.71
C SER L 420 33.69 74.18 -17.06
N GLU L 421 33.95 73.89 -15.78
CA GLU L 421 35.04 74.53 -15.00
C GLU L 421 36.39 74.17 -15.62
N TYR L 422 36.69 72.87 -15.80
CA TYR L 422 37.97 72.39 -16.38
C TYR L 422 38.20 73.02 -17.75
N GLN L 423 37.14 73.19 -18.54
CA GLN L 423 37.23 73.88 -19.87
C GLN L 423 37.54 75.37 -19.63
N GLN L 424 36.97 75.98 -18.59
CA GLN L 424 37.18 77.41 -18.24
C GLN L 424 38.67 77.71 -18.01
N TYR L 425 39.44 76.78 -17.46
CA TYR L 425 40.91 76.94 -17.22
C TYR L 425 41.70 77.05 -18.53
N GLN L 426 41.08 76.81 -19.69
CA GLN L 426 41.65 77.11 -21.04
C GLN L 426 41.23 78.51 -21.51
N ASP L 427 40.15 79.08 -20.94
CA ASP L 427 39.62 80.44 -21.26
C ASP L 427 40.38 81.52 -20.47
N ALA L 428 41.00 81.19 -19.33
CA ALA L 428 41.82 82.11 -18.51
C ALA L 428 43.22 82.24 -19.10
N THR L 429 43.69 81.22 -19.85
CA THR L 429 44.88 81.28 -20.75
C THR L 429 44.53 82.10 -22.00
N ALA L 430 43.30 81.95 -22.50
CA ALA L 430 42.74 82.69 -23.66
C ALA L 430 42.75 84.21 -23.39
N GLU L 431 43.19 84.64 -22.20
CA GLU L 431 43.60 86.04 -21.88
C GLU L 431 44.53 86.58 -22.98
N GLU L 432 45.63 85.85 -23.27
CA GLU L 432 46.64 86.10 -24.35
C GLU L 432 46.75 87.61 -24.67
N GLU L 433 45.86 88.13 -25.53
CA GLU L 433 45.83 89.56 -25.99
C GLU L 433 44.68 90.30 -25.28
N GLY L 434 44.99 91.40 -24.59
CA GLY L 434 44.03 92.20 -23.81
C GLY L 434 43.12 93.06 -24.66
N GLU L 435 43.56 93.43 -25.88
CA GLU L 435 42.81 94.31 -26.82
C GLU L 435 41.62 93.56 -27.42
N PHE L 436 41.84 92.33 -27.91
CA PHE L 436 40.81 91.47 -28.56
C PHE L 436 41.15 89.98 -28.36
N GLU L 437 40.12 89.12 -28.40
CA GLU L 437 40.23 87.64 -28.24
C GLU L 437 40.78 87.01 -29.53
N GLU L 438 41.33 85.80 -29.43
CA GLU L 438 42.02 85.07 -30.53
C GLU L 438 41.01 84.55 -31.56
N GLU L 439 39.78 84.22 -31.12
CA GLU L 439 38.66 83.78 -31.99
C GLU L 439 38.08 85.02 -32.70
N GLU L 440 38.04 85.00 -34.04
CA GLU L 440 37.52 86.11 -34.90
C GLU L 440 36.91 85.53 -36.18
N MET M 1 -45.90 -41.47 22.30
CA MET M 1 -44.78 -41.25 21.35
C MET M 1 -45.29 -41.41 19.92
N ARG M 2 -46.02 -40.40 19.43
CA ARG M 2 -46.51 -40.27 18.03
C ARG M 2 -47.52 -41.38 17.71
N GLU M 3 -48.20 -41.93 18.72
CA GLU M 3 -49.15 -43.08 18.58
C GLU M 3 -50.40 -42.63 17.82
N VAL M 4 -50.81 -43.42 16.81
CA VAL M 4 -52.04 -43.23 16.00
C VAL M 4 -52.86 -44.53 16.07
N ILE M 5 -54.09 -44.46 16.57
CA ILE M 5 -55.08 -45.57 16.52
C ILE M 5 -55.80 -45.50 15.17
N SER M 6 -55.88 -46.63 14.46
CA SER M 6 -56.52 -46.77 13.13
C SER M 6 -57.82 -47.59 13.27
N ILE M 7 -58.98 -46.95 13.05
CA ILE M 7 -60.33 -47.59 13.14
C ILE M 7 -60.81 -47.85 11.71
N HIS M 8 -60.86 -49.12 11.28
CA HIS M 8 -61.30 -49.55 9.93
C HIS M 8 -62.72 -50.13 10.02
N VAL M 9 -63.72 -49.37 9.56
CA VAL M 9 -65.17 -49.70 9.68
C VAL M 9 -65.73 -50.00 8.29
N GLY M 10 -66.46 -51.11 8.14
CA GLY M 10 -67.11 -51.50 6.87
C GLY M 10 -66.12 -52.15 5.91
N GLN M 11 -66.64 -52.87 4.91
CA GLN M 11 -65.82 -53.58 3.89
C GLN M 11 -64.75 -52.63 3.35
N GLY M 12 -65.16 -51.53 2.73
CA GLY M 12 -64.27 -50.52 2.14
C GLY M 12 -63.19 -50.07 3.10
N GLY M 13 -63.55 -49.86 4.38
CA GLY M 13 -62.63 -49.50 5.47
C GLY M 13 -61.59 -50.59 5.72
N ILE M 14 -62.03 -51.83 5.88
CA ILE M 14 -61.15 -52.99 6.19
C ILE M 14 -60.21 -53.25 5.01
N GLN M 15 -60.75 -53.33 3.78
CA GLN M 15 -59.97 -53.69 2.57
C GLN M 15 -58.95 -52.59 2.25
N VAL M 16 -59.31 -51.31 2.45
CA VAL M 16 -58.34 -50.16 2.43
C VAL M 16 -57.30 -50.42 3.53
N GLY M 17 -57.77 -50.76 4.74
CA GLY M 17 -56.93 -51.09 5.90
C GLY M 17 -55.87 -52.12 5.55
N ASN M 18 -56.28 -53.26 4.99
CA ASN M 18 -55.37 -54.37 4.59
C ASN M 18 -54.19 -53.81 3.80
N ALA M 19 -54.47 -53.01 2.76
CA ALA M 19 -53.48 -52.38 1.87
C ALA M 19 -52.56 -51.44 2.65
N CYS M 20 -53.11 -50.68 3.61
CA CYS M 20 -52.33 -49.75 4.49
C CYS M 20 -51.32 -50.53 5.34
N TRP M 21 -51.75 -51.66 5.91
CA TRP M 21 -50.94 -52.46 6.88
C TRP M 21 -49.95 -53.38 6.16
N GLU M 22 -50.13 -53.64 4.87
CA GLU M 22 -49.09 -54.21 3.98
C GLU M 22 -47.94 -53.20 3.88
N LEU M 23 -48.28 -51.95 3.53
CA LEU M 23 -47.33 -50.84 3.30
C LEU M 23 -46.56 -50.55 4.60
N PHE M 24 -47.29 -50.35 5.70
CA PHE M 24 -46.71 -50.02 7.04
C PHE M 24 -45.73 -51.13 7.47
N CYS M 25 -46.13 -52.39 7.31
CA CYS M 25 -45.31 -53.59 7.63
C CYS M 25 -44.03 -53.59 6.81
N LEU M 26 -44.12 -53.24 5.52
CA LEU M 26 -42.95 -53.16 4.60
C LEU M 26 -42.04 -51.98 5.00
N GLU M 27 -42.64 -50.82 5.32
CA GLU M 27 -41.92 -49.56 5.63
C GLU M 27 -41.00 -49.76 6.85
N HIS M 28 -41.57 -50.26 7.95
CA HIS M 28 -40.86 -50.48 9.25
C HIS M 28 -40.05 -51.78 9.18
N GLY M 29 -40.41 -52.71 8.28
CA GLY M 29 -39.71 -53.97 8.04
C GLY M 29 -40.38 -55.17 8.70
N ILE M 30 -41.52 -54.95 9.36
CA ILE M 30 -42.29 -56.01 10.09
C ILE M 30 -42.68 -57.10 9.09
N GLN M 31 -42.41 -58.36 9.43
CA GLN M 31 -42.77 -59.56 8.63
C GLN M 31 -44.20 -59.96 9.01
N PRO M 32 -44.84 -60.91 8.29
CA PRO M 32 -46.22 -61.32 8.61
C PRO M 32 -46.48 -61.93 9.99
N ASP M 33 -45.45 -62.49 10.64
CA ASP M 33 -45.55 -63.08 12.02
C ASP M 33 -45.71 -61.97 13.07
N GLY M 34 -45.24 -60.76 12.77
CA GLY M 34 -45.24 -59.60 13.69
C GLY M 34 -43.86 -59.33 14.28
N GLN M 35 -42.85 -60.11 13.90
CA GLN M 35 -41.45 -60.04 14.40
C GLN M 35 -40.54 -59.43 13.33
N MET M 36 -40.11 -58.17 13.54
CA MET M 36 -39.02 -57.51 12.75
C MET M 36 -37.78 -58.38 12.86
N PRO M 37 -37.04 -58.63 11.75
CA PRO M 37 -35.72 -59.26 11.85
C PRO M 37 -34.68 -58.23 12.31
N SER M 38 -34.04 -58.49 13.47
CA SER M 38 -33.02 -57.60 14.10
C SER M 38 -31.72 -57.64 13.29
N ASP M 39 -31.61 -56.77 12.27
CA ASP M 39 -30.46 -56.68 11.33
C ASP M 39 -29.83 -55.28 11.41
N LYS M 40 -28.64 -55.13 10.81
CA LYS M 40 -27.71 -53.95 10.84
C LYS M 40 -26.98 -53.87 12.19
N THR M 41 -27.14 -54.87 13.08
CA THR M 41 -26.51 -55.02 14.43
C THR M 41 -26.78 -53.80 15.34
N ILE M 42 -27.77 -52.96 15.00
CA ILE M 42 -28.23 -51.76 15.76
C ILE M 42 -29.74 -51.60 15.52
N GLY M 43 -30.50 -51.15 16.51
CA GLY M 43 -31.90 -50.74 16.36
C GLY M 43 -32.01 -49.43 15.59
N GLY M 44 -31.83 -49.48 14.27
CA GLY M 44 -31.74 -48.31 13.37
C GLY M 44 -33.10 -47.73 13.02
N GLY M 45 -34.08 -48.60 12.74
CA GLY M 45 -35.50 -48.24 12.57
C GLY M 45 -36.31 -48.47 13.84
N ASP M 46 -35.63 -48.50 15.00
CA ASP M 46 -36.25 -48.67 16.35
C ASP M 46 -37.08 -47.42 16.67
N ASP M 47 -38.29 -47.60 17.21
CA ASP M 47 -39.26 -46.55 17.64
C ASP M 47 -39.95 -45.88 16.44
N ALA M 48 -39.53 -46.19 15.20
CA ALA M 48 -40.20 -45.74 13.95
C ALA M 48 -41.64 -46.26 13.94
N PHE M 49 -41.82 -47.53 14.33
CA PHE M 49 -43.10 -48.28 14.29
C PHE M 49 -44.06 -47.83 15.40
N ASN M 50 -43.55 -47.30 16.52
CA ASN M 50 -44.35 -46.98 17.73
C ASN M 50 -45.55 -46.09 17.38
N THR M 51 -45.50 -45.36 16.25
CA THR M 51 -46.66 -44.66 15.65
C THR M 51 -47.83 -45.65 15.48
N PHE M 52 -47.59 -46.76 14.78
CA PHE M 52 -48.65 -47.67 14.26
C PHE M 52 -48.62 -49.04 14.96
N PHE M 53 -47.46 -49.53 15.40
CA PHE M 53 -47.32 -50.88 16.02
C PHE M 53 -46.87 -50.76 17.48
N SER M 54 -47.54 -51.50 18.38
CA SER M 54 -47.18 -51.62 19.82
C SER M 54 -46.30 -52.86 20.00
N GLU M 55 -45.09 -52.69 20.54
CA GLU M 55 -44.18 -53.78 20.97
C GLU M 55 -44.82 -54.48 22.18
N THR M 56 -44.99 -55.82 22.12
CA THR M 56 -45.62 -56.66 23.17
C THR M 56 -44.60 -57.02 24.26
N GLY M 57 -43.31 -56.73 24.04
CA GLY M 57 -42.21 -56.96 25.00
C GLY M 57 -41.53 -58.31 24.80
N ALA M 58 -42.03 -59.11 23.85
CA ALA M 58 -41.54 -60.47 23.51
C ALA M 58 -40.95 -60.51 22.08
N GLY M 59 -40.84 -59.36 21.41
CA GLY M 59 -40.31 -59.23 20.03
C GLY M 59 -41.39 -59.26 18.96
N LYS M 60 -42.68 -59.35 19.33
CA LYS M 60 -43.84 -59.31 18.40
C LYS M 60 -44.45 -57.90 18.42
N HIS M 61 -44.63 -57.29 17.25
CA HIS M 61 -45.22 -55.93 17.05
C HIS M 61 -46.63 -56.06 16.49
N VAL M 62 -47.61 -55.57 17.25
CA VAL M 62 -49.07 -55.66 16.94
C VAL M 62 -49.50 -54.29 16.39
N PRO M 63 -50.26 -54.25 15.28
CA PRO M 63 -50.86 -53.00 14.81
C PRO M 63 -51.82 -52.39 15.84
N ARG M 64 -51.72 -51.09 16.07
CA ARG M 64 -52.70 -50.32 16.89
C ARG M 64 -53.89 -50.00 15.98
N ALA M 65 -54.74 -50.99 15.69
CA ALA M 65 -55.86 -50.87 14.75
C ALA M 65 -57.02 -51.80 15.11
N VAL M 66 -58.23 -51.26 15.17
CA VAL M 66 -59.52 -52.00 15.33
C VAL M 66 -60.20 -52.11 13.96
N PHE M 67 -60.31 -53.33 13.44
CA PHE M 67 -61.07 -53.67 12.21
C PHE M 67 -62.49 -54.07 12.60
N LEU M 68 -63.46 -53.22 12.25
CA LEU M 68 -64.88 -53.39 12.63
C LEU M 68 -65.73 -53.61 11.37
N ASP M 69 -66.59 -54.64 11.40
CA ASP M 69 -67.61 -54.91 10.35
C ASP M 69 -68.80 -55.63 10.99
N LEU M 70 -70.01 -55.22 10.64
CA LEU M 70 -71.29 -55.89 11.03
C LEU M 70 -71.42 -57.21 10.24
N GLU M 71 -70.66 -57.35 9.15
CA GLU M 71 -70.58 -58.55 8.27
C GLU M 71 -69.34 -59.37 8.63
N PRO M 72 -69.42 -60.71 8.72
CA PRO M 72 -68.25 -61.54 9.04
C PRO M 72 -67.26 -61.86 7.90
N THR M 73 -67.62 -61.65 6.64
CA THR M 73 -66.88 -62.18 5.45
C THR M 73 -65.54 -61.44 5.27
N VAL M 74 -65.55 -60.11 5.30
CA VAL M 74 -64.34 -59.27 5.03
C VAL M 74 -63.31 -59.54 6.14
N ILE M 75 -63.74 -59.44 7.40
CA ILE M 75 -62.87 -59.65 8.59
C ILE M 75 -62.37 -61.10 8.60
N ASP M 76 -63.16 -62.06 8.11
CA ASP M 76 -62.76 -63.49 7.98
C ASP M 76 -61.62 -63.61 6.95
N GLU M 77 -61.68 -62.82 5.86
CA GLU M 77 -60.62 -62.79 4.82
C GLU M 77 -59.29 -62.36 5.43
N VAL M 78 -59.31 -61.46 6.42
CA VAL M 78 -58.10 -60.98 7.16
C VAL M 78 -57.60 -62.13 8.06
N ARG M 79 -58.51 -62.80 8.77
CA ARG M 79 -58.21 -63.92 9.71
C ARG M 79 -57.63 -65.13 8.95
N THR M 80 -58.12 -65.38 7.73
CA THR M 80 -57.59 -66.42 6.80
C THR M 80 -56.75 -65.72 5.72
N GLY M 81 -55.73 -64.97 6.15
CA GLY M 81 -54.82 -64.19 5.28
C GLY M 81 -53.37 -64.39 5.67
N THR M 82 -52.46 -63.69 4.99
CA THR M 82 -51.00 -63.71 5.24
C THR M 82 -50.71 -63.05 6.60
N TYR M 83 -51.48 -62.02 6.98
CA TYR M 83 -51.29 -61.20 8.21
C TYR M 83 -52.20 -61.66 9.33
N ARG M 84 -52.61 -62.94 9.33
CA ARG M 84 -53.49 -63.55 10.37
C ARG M 84 -52.83 -63.41 11.75
N GLN M 85 -51.52 -63.66 11.83
CA GLN M 85 -50.73 -63.67 13.09
C GLN M 85 -50.31 -62.25 13.50
N LEU M 86 -50.48 -61.27 12.61
CA LEU M 86 -50.09 -59.85 12.86
C LEU M 86 -51.15 -59.18 13.74
N PHE M 87 -52.44 -59.28 13.37
CA PHE M 87 -53.56 -58.55 14.02
C PHE M 87 -54.05 -59.31 15.24
N HIS M 88 -54.23 -58.60 16.36
CA HIS M 88 -54.79 -59.11 17.63
C HIS M 88 -56.19 -59.65 17.38
N PRO M 89 -56.51 -60.90 17.79
CA PRO M 89 -57.82 -61.50 17.54
C PRO M 89 -59.01 -60.63 18.00
N GLU M 90 -58.90 -59.99 19.16
CA GLU M 90 -59.97 -59.13 19.75
C GLU M 90 -60.13 -57.84 18.92
N GLN M 91 -59.01 -57.26 18.43
CA GLN M 91 -59.00 -56.05 17.56
C GLN M 91 -59.88 -56.29 16.33
N LEU M 92 -59.82 -57.50 15.76
CA LEU M 92 -60.67 -57.91 14.61
C LEU M 92 -62.05 -58.31 15.14
N ILE M 93 -62.93 -57.31 15.32
CA ILE M 93 -64.32 -57.49 15.82
C ILE M 93 -65.19 -57.84 14.61
N SER M 94 -66.15 -58.76 14.78
CA SER M 94 -67.06 -59.27 13.74
C SER M 94 -68.52 -59.13 14.19
N GLY M 95 -69.42 -58.86 13.24
CA GLY M 95 -70.88 -58.95 13.40
C GLY M 95 -71.42 -60.16 12.67
N LYS M 96 -72.60 -60.63 13.06
CA LYS M 96 -73.29 -61.82 12.48
C LYS M 96 -74.04 -61.41 11.22
N GLU M 97 -74.77 -60.28 11.25
CA GLU M 97 -75.65 -59.80 10.15
C GLU M 97 -75.26 -58.37 9.76
N ASP M 98 -75.11 -58.10 8.45
CA ASP M 98 -74.67 -56.79 7.89
C ASP M 98 -75.80 -55.77 7.98
N ALA M 99 -75.46 -54.47 7.94
CA ALA M 99 -76.41 -53.34 7.92
C ALA M 99 -77.18 -53.31 6.58
N ALA M 100 -76.63 -53.94 5.54
CA ALA M 100 -77.28 -54.18 4.23
C ALA M 100 -77.59 -52.84 3.56
N ASN M 101 -76.61 -51.94 3.51
CA ASN M 101 -76.73 -50.57 2.93
C ASN M 101 -77.94 -49.87 3.56
N ASN M 102 -78.05 -49.90 4.90
CA ASN M 102 -79.07 -49.12 5.65
C ASN M 102 -78.42 -48.50 6.88
N PHE M 103 -78.11 -47.19 6.79
CA PHE M 103 -77.65 -46.30 7.89
C PHE M 103 -78.37 -46.68 9.19
N ALA M 104 -79.70 -46.76 9.12
CA ALA M 104 -80.61 -47.00 10.27
C ALA M 104 -80.27 -48.33 10.96
N ARG M 105 -79.88 -49.36 10.22
CA ARG M 105 -79.39 -50.63 10.81
C ARG M 105 -78.08 -50.37 11.54
N GLY M 106 -77.15 -49.67 10.88
CA GLY M 106 -75.79 -49.38 11.38
C GLY M 106 -75.78 -48.45 12.58
N HIS M 107 -76.77 -47.55 12.71
CA HIS M 107 -76.78 -46.46 13.72
C HIS M 107 -77.61 -46.85 14.96
N TYR M 108 -78.69 -47.63 14.80
CA TYR M 108 -79.63 -48.01 15.90
C TYR M 108 -79.69 -49.52 16.08
N THR M 109 -80.27 -50.25 15.12
CA THR M 109 -80.72 -51.66 15.27
C THR M 109 -79.52 -52.56 15.63
N ILE M 110 -78.56 -52.71 14.71
CA ILE M 110 -77.42 -53.67 14.80
C ILE M 110 -76.22 -52.99 15.47
N GLY M 111 -75.92 -51.74 15.10
CA GLY M 111 -74.73 -50.99 15.53
C GLY M 111 -74.63 -50.84 17.04
N LYS M 112 -75.76 -50.66 17.74
CA LYS M 112 -75.82 -50.35 19.19
C LYS M 112 -75.37 -51.55 20.04
N GLU M 113 -75.35 -52.76 19.46
CA GLU M 113 -74.89 -54.01 20.13
C GLU M 113 -73.36 -54.06 20.12
N ILE M 114 -72.74 -53.73 18.97
CA ILE M 114 -71.30 -53.95 18.66
C ILE M 114 -70.47 -52.76 19.18
N VAL M 115 -70.95 -51.52 19.00
CA VAL M 115 -70.21 -50.27 19.34
C VAL M 115 -69.69 -50.35 20.79
N ASP M 116 -70.47 -50.93 21.70
CA ASP M 116 -70.12 -51.11 23.14
C ASP M 116 -68.80 -51.90 23.24
N LEU M 117 -68.66 -52.97 22.46
CA LEU M 117 -67.45 -53.83 22.46
C LEU M 117 -66.27 -53.08 21.83
N CYS M 118 -66.51 -52.31 20.75
CA CYS M 118 -65.45 -51.57 20.01
C CYS M 118 -64.82 -50.50 20.92
N LEU M 119 -65.64 -49.72 21.64
CA LEU M 119 -65.17 -48.62 22.54
C LEU M 119 -64.29 -49.18 23.66
N ASP M 120 -64.56 -50.41 24.13
CA ASP M 120 -63.71 -51.10 25.14
C ASP M 120 -62.34 -51.39 24.53
N ARG M 121 -62.29 -51.88 23.28
CA ARG M 121 -61.05 -52.19 22.53
C ARG M 121 -60.21 -50.92 22.31
N ILE M 122 -60.87 -49.82 21.91
CA ILE M 122 -60.22 -48.50 21.67
C ILE M 122 -59.60 -48.04 23.00
N ARG M 123 -60.34 -48.16 24.12
CA ARG M 123 -59.91 -47.77 25.49
C ARG M 123 -58.68 -48.58 25.91
N LYS M 124 -58.65 -49.88 25.57
CA LYS M 124 -57.50 -50.78 25.86
C LYS M 124 -56.28 -50.33 25.05
N LEU M 125 -56.49 -49.99 23.77
CA LEU M 125 -55.41 -49.51 22.86
C LEU M 125 -54.91 -48.14 23.32
N ALA M 126 -55.82 -47.23 23.70
CA ALA M 126 -55.51 -45.84 24.14
C ALA M 126 -54.75 -45.85 25.48
N ASP M 127 -54.99 -46.85 26.35
CA ASP M 127 -54.28 -47.02 27.64
C ASP M 127 -52.81 -47.38 27.38
N ASN M 128 -52.52 -48.16 26.33
CA ASN M 128 -51.14 -48.54 25.91
C ASN M 128 -50.42 -47.31 25.32
N CYS M 129 -51.15 -46.47 24.57
CA CYS M 129 -50.64 -45.24 23.92
C CYS M 129 -50.27 -44.18 24.98
N THR M 130 -49.10 -43.55 24.83
CA THR M 130 -48.59 -42.45 25.70
C THR M 130 -48.37 -41.20 24.85
N GLY M 131 -49.26 -40.21 24.94
CA GLY M 131 -49.28 -39.04 24.05
C GLY M 131 -49.75 -39.43 22.66
N LEU M 132 -50.93 -40.06 22.57
CA LEU M 132 -51.65 -40.35 21.31
C LEU M 132 -51.81 -39.05 20.51
N GLN M 133 -51.54 -39.10 19.20
CA GLN M 133 -51.61 -37.90 18.31
C GLN M 133 -53.04 -37.75 17.78
N GLY M 134 -53.67 -38.83 17.31
CA GLY M 134 -55.05 -38.79 16.79
C GLY M 134 -55.60 -40.16 16.41
N PHE M 135 -56.88 -40.17 16.00
CA PHE M 135 -57.65 -41.37 15.56
C PHE M 135 -57.86 -41.29 14.05
N LEU M 136 -57.06 -42.01 13.26
CA LEU M 136 -57.35 -42.23 11.82
C LEU M 136 -58.55 -43.20 11.73
N VAL M 137 -59.59 -42.84 10.98
CA VAL M 137 -60.81 -43.68 10.76
C VAL M 137 -61.01 -43.85 9.26
N PHE M 138 -61.38 -45.06 8.84
CA PHE M 138 -61.59 -45.47 7.43
C PHE M 138 -62.99 -46.07 7.29
N ASN M 139 -63.91 -45.33 6.66
CA ASN M 139 -65.31 -45.79 6.42
C ASN M 139 -65.72 -45.42 4.99
N SER M 140 -66.63 -46.20 4.41
CA SER M 140 -67.33 -45.91 3.14
C SER M 140 -68.69 -45.31 3.48
N VAL M 141 -68.96 -44.07 3.04
CA VAL M 141 -70.21 -43.34 3.38
C VAL M 141 -71.32 -43.78 2.39
N GLY M 142 -70.97 -44.50 1.31
CA GLY M 142 -71.94 -45.15 0.40
C GLY M 142 -72.58 -46.38 1.04
N GLY M 143 -71.85 -47.10 1.89
CA GLY M 143 -72.27 -48.37 2.51
C GLY M 143 -72.90 -48.17 3.88
N GLY M 144 -73.61 -49.20 4.36
CA GLY M 144 -74.38 -49.17 5.63
C GLY M 144 -73.49 -49.05 6.85
N THR M 145 -72.64 -50.04 7.09
CA THR M 145 -71.76 -50.16 8.29
C THR M 145 -70.94 -48.88 8.47
N GLY M 146 -70.16 -48.53 7.44
CA GLY M 146 -69.27 -47.36 7.43
C GLY M 146 -70.03 -46.06 7.65
N SER M 147 -71.22 -45.94 7.05
CA SER M 147 -72.14 -44.77 7.22
C SER M 147 -72.74 -44.81 8.63
N GLY M 148 -73.40 -45.92 8.99
CA GLY M 148 -74.22 -46.05 10.20
C GLY M 148 -73.39 -46.21 11.46
N LEU M 149 -72.65 -47.31 11.59
CA LEU M 149 -71.84 -47.62 12.80
C LEU M 149 -70.66 -46.65 12.87
N GLY M 150 -69.99 -46.42 11.74
CA GLY M 150 -68.84 -45.49 11.62
C GLY M 150 -69.17 -44.10 12.14
N SER M 151 -70.38 -43.60 11.87
CA SER M 151 -70.90 -42.32 12.42
C SER M 151 -71.15 -42.47 13.92
N LEU M 152 -71.78 -43.57 14.35
CA LEU M 152 -72.09 -43.86 15.78
C LEU M 152 -70.80 -43.94 16.58
N LEU M 153 -69.74 -44.54 16.03
CA LEU M 153 -68.39 -44.61 16.65
C LEU M 153 -67.91 -43.18 16.94
N LEU M 154 -67.79 -42.35 15.90
CA LEU M 154 -67.21 -40.97 15.95
C LEU M 154 -67.91 -40.14 17.02
N GLU M 155 -69.25 -40.19 17.10
CA GLU M 155 -70.08 -39.51 18.14
C GLU M 155 -69.59 -39.92 19.53
N ARG M 156 -69.48 -41.23 19.75
CA ARG M 156 -69.12 -41.83 21.06
C ARG M 156 -67.66 -41.51 21.40
N LEU M 157 -66.76 -41.58 20.40
CA LEU M 157 -65.32 -41.25 20.56
C LEU M 157 -65.15 -39.78 20.99
N SER M 158 -65.97 -38.86 20.45
CA SER M 158 -65.87 -37.39 20.68
C SER M 158 -66.16 -37.04 22.15
N VAL M 159 -67.06 -37.78 22.80
CA VAL M 159 -67.44 -37.57 24.24
C VAL M 159 -66.37 -38.21 25.13
N ASP M 160 -65.83 -39.37 24.75
CA ASP M 160 -64.96 -40.23 25.60
C ASP M 160 -63.52 -39.71 25.61
N TYR M 161 -62.99 -39.26 24.47
CA TYR M 161 -61.55 -38.91 24.29
C TYR M 161 -61.35 -37.40 24.10
N GLY M 162 -62.40 -36.65 23.76
CA GLY M 162 -62.42 -35.18 23.80
C GLY M 162 -61.50 -34.56 22.75
N LYS M 163 -60.29 -34.17 23.15
CA LYS M 163 -59.38 -33.31 22.35
C LYS M 163 -58.68 -34.12 21.25
N LYS M 164 -58.40 -35.42 21.48
CA LYS M 164 -57.63 -36.28 20.55
C LYS M 164 -58.22 -36.16 19.14
N SER M 165 -57.41 -35.78 18.15
CA SER M 165 -57.83 -35.48 16.75
C SER M 165 -58.44 -36.73 16.10
N LYS M 166 -59.45 -36.55 15.25
CA LYS M 166 -60.16 -37.64 14.51
C LYS M 166 -60.13 -37.34 13.01
N LEU M 167 -59.08 -37.76 12.31
CA LEU M 167 -58.91 -37.55 10.84
C LEU M 167 -59.59 -38.70 10.08
N GLY M 168 -60.75 -38.42 9.46
CA GLY M 168 -61.59 -39.42 8.76
C GLY M 168 -61.32 -39.47 7.27
N PHE M 169 -60.80 -40.60 6.78
CA PHE M 169 -60.63 -40.90 5.33
C PHE M 169 -61.86 -41.65 4.81
N THR M 170 -62.74 -40.92 4.12
CA THR M 170 -64.11 -41.35 3.76
C THR M 170 -64.18 -41.59 2.25
N ILE M 171 -64.89 -42.64 1.84
CA ILE M 171 -65.06 -43.04 0.41
C ILE M 171 -66.47 -42.65 -0.04
N TYR M 172 -66.66 -41.35 -0.29
CA TYR M 172 -67.93 -40.75 -0.80
C TYR M 172 -68.23 -41.34 -2.17
N PRO M 173 -69.51 -41.63 -2.50
CA PRO M 173 -69.86 -42.22 -3.79
C PRO M 173 -69.72 -41.21 -4.93
N SER M 174 -68.89 -41.54 -5.92
CA SER M 174 -68.72 -40.79 -7.20
C SER M 174 -70.07 -40.68 -7.89
N PRO M 175 -70.42 -39.52 -8.49
CA PRO M 175 -71.74 -39.32 -9.08
C PRO M 175 -72.01 -40.21 -10.31
N GLN M 176 -71.10 -40.22 -11.28
CA GLN M 176 -71.25 -41.01 -12.55
C GLN M 176 -71.36 -42.49 -12.17
N VAL M 177 -70.32 -43.04 -11.52
CA VAL M 177 -70.20 -44.46 -11.11
C VAL M 177 -70.67 -44.59 -9.65
N SER M 178 -71.81 -45.27 -9.43
CA SER M 178 -72.35 -45.65 -8.10
C SER M 178 -72.57 -47.17 -8.05
N THR M 179 -72.19 -47.79 -6.95
CA THR M 179 -72.20 -49.27 -6.73
C THR M 179 -73.58 -49.72 -6.23
N ALA M 180 -74.26 -48.87 -5.44
CA ALA M 180 -75.57 -49.15 -4.80
C ALA M 180 -76.54 -47.98 -5.07
N VAL M 181 -77.84 -48.28 -5.10
CA VAL M 181 -78.93 -47.36 -5.53
C VAL M 181 -79.32 -46.45 -4.36
N VAL M 182 -79.16 -46.95 -3.13
CA VAL M 182 -79.61 -46.28 -1.86
C VAL M 182 -78.44 -45.48 -1.25
N GLU M 183 -77.30 -45.39 -1.95
CA GLU M 183 -76.09 -44.65 -1.51
C GLU M 183 -76.46 -43.23 -1.07
N PRO M 184 -77.14 -42.40 -1.89
CA PRO M 184 -77.39 -41.00 -1.53
C PRO M 184 -77.99 -40.84 -0.13
N TYR M 185 -78.99 -41.67 0.20
CA TYR M 185 -79.68 -41.69 1.52
C TYR M 185 -78.65 -41.88 2.64
N ASN M 186 -77.82 -42.91 2.55
CA ASN M 186 -76.75 -43.22 3.53
C ASN M 186 -75.83 -42.00 3.68
N SER M 187 -75.19 -41.58 2.57
CA SER M 187 -74.15 -40.53 2.50
C SER M 187 -74.58 -39.28 3.26
N ILE M 188 -75.81 -38.81 3.01
CA ILE M 188 -76.37 -37.56 3.58
C ILE M 188 -76.58 -37.72 5.10
N LEU M 189 -77.15 -38.85 5.52
CA LEU M 189 -77.37 -39.18 6.95
C LEU M 189 -76.02 -39.30 7.66
N SER M 190 -75.02 -39.86 6.98
CA SER M 190 -73.62 -40.00 7.48
C SER M 190 -72.97 -38.61 7.61
N THR M 191 -73.04 -37.81 6.54
CA THR M 191 -72.36 -36.48 6.45
C THR M 191 -72.81 -35.59 7.61
N HIS M 192 -74.10 -35.61 7.98
CA HIS M 192 -74.68 -34.78 9.07
C HIS M 192 -74.00 -35.10 10.41
N SER M 193 -73.81 -36.39 10.72
CA SER M 193 -73.06 -36.87 11.92
C SER M 193 -71.58 -36.49 11.78
N LEU M 194 -70.97 -36.85 10.66
CA LEU M 194 -69.54 -36.57 10.33
C LEU M 194 -69.24 -35.06 10.40
N LEU M 195 -70.19 -34.20 9.99
CA LEU M 195 -70.05 -32.72 9.91
C LEU M 195 -69.74 -32.11 11.30
N GLU M 196 -70.05 -32.81 12.38
CA GLU M 196 -69.93 -32.30 13.78
C GLU M 196 -68.75 -32.97 14.52
N HIS M 197 -68.52 -34.26 14.29
CA HIS M 197 -67.75 -35.15 15.21
C HIS M 197 -66.31 -35.38 14.72
N THR M 198 -66.05 -35.25 13.42
CA THR M 198 -64.67 -35.29 12.83
C THR M 198 -64.04 -33.89 12.89
N ASP M 199 -62.71 -33.85 12.90
CA ASP M 199 -61.88 -32.61 12.96
C ASP M 199 -61.44 -32.23 11.55
N VAL M 200 -60.95 -33.20 10.78
CA VAL M 200 -60.61 -33.10 9.32
C VAL M 200 -61.13 -34.35 8.63
N ALA M 201 -61.95 -34.20 7.59
CA ALA M 201 -62.49 -35.30 6.75
C ALA M 201 -61.86 -35.23 5.35
N VAL M 202 -61.05 -36.23 4.98
CA VAL M 202 -60.39 -36.31 3.64
C VAL M 202 -61.29 -37.15 2.73
N MET M 203 -61.84 -36.52 1.69
CA MET M 203 -62.83 -37.12 0.75
C MET M 203 -62.07 -37.82 -0.38
N LEU M 204 -62.47 -39.06 -0.72
CA LEU M 204 -61.91 -39.88 -1.82
C LEU M 204 -63.07 -40.56 -2.56
N ASP M 205 -63.26 -40.24 -3.85
CA ASP M 205 -64.34 -40.81 -4.72
C ASP M 205 -63.72 -41.86 -5.62
N ASN M 206 -64.23 -43.10 -5.59
CA ASN M 206 -63.61 -44.27 -6.25
C ASN M 206 -63.34 -43.96 -7.72
N GLU M 207 -64.35 -43.44 -8.45
CA GLU M 207 -64.26 -43.16 -9.91
C GLU M 207 -63.02 -42.33 -10.21
N ALA M 208 -62.83 -41.23 -9.48
CA ALA M 208 -61.69 -40.30 -9.67
C ALA M 208 -60.37 -41.09 -9.64
N ILE M 209 -60.19 -41.90 -8.60
CA ILE M 209 -58.93 -42.68 -8.39
C ILE M 209 -58.86 -43.76 -9.48
N TYR M 210 -60.00 -44.33 -9.89
CA TYR M 210 -60.09 -45.28 -11.04
C TYR M 210 -59.49 -44.61 -12.29
N ASP M 211 -59.87 -43.37 -12.56
CA ASP M 211 -59.40 -42.58 -13.73
C ASP M 211 -57.89 -42.37 -13.63
N ILE M 212 -57.36 -42.11 -12.42
CA ILE M 212 -55.90 -41.88 -12.18
C ILE M 212 -55.14 -43.15 -12.59
N CYS M 213 -55.62 -44.32 -12.21
CA CYS M 213 -55.02 -45.65 -12.53
C CYS M 213 -54.96 -45.84 -14.05
N ARG M 214 -56.01 -45.46 -14.78
CA ARG M 214 -56.08 -45.59 -16.26
C ARG M 214 -55.16 -44.56 -16.93
N ARG M 215 -54.91 -43.42 -16.27
CA ARG M 215 -54.19 -42.26 -16.85
C ARG M 215 -52.69 -42.32 -16.51
N ASN M 216 -52.34 -42.65 -15.26
CA ASN M 216 -50.95 -42.56 -14.73
C ASN M 216 -50.28 -43.94 -14.71
N LEU M 217 -50.98 -44.98 -14.23
CA LEU M 217 -50.46 -46.37 -14.16
C LEU M 217 -50.70 -47.10 -15.49
N ASP M 218 -51.55 -46.55 -16.37
CA ASP M 218 -51.83 -47.05 -17.74
C ASP M 218 -52.39 -48.49 -17.66
N ILE M 219 -53.22 -48.79 -16.64
CA ILE M 219 -53.94 -50.08 -16.52
C ILE M 219 -55.32 -49.91 -17.13
N GLU M 220 -55.66 -50.74 -18.13
CA GLU M 220 -56.95 -50.73 -18.87
C GLU M 220 -58.07 -51.15 -17.91
N ARG M 221 -57.76 -52.06 -16.97
CA ARG M 221 -58.71 -52.75 -16.06
C ARG M 221 -58.21 -52.65 -14.62
N PRO M 222 -58.39 -51.49 -13.93
CA PRO M 222 -58.06 -51.38 -12.51
C PRO M 222 -59.06 -52.13 -11.61
N THR M 223 -58.59 -52.66 -10.47
CA THR M 223 -59.43 -53.28 -9.39
C THR M 223 -59.48 -52.35 -8.18
N TYR M 224 -60.22 -52.74 -7.14
CA TYR M 224 -60.23 -52.06 -5.82
C TYR M 224 -58.85 -52.18 -5.16
N THR M 225 -58.23 -53.36 -5.24
CA THR M 225 -56.93 -53.69 -4.59
C THR M 225 -55.82 -52.77 -5.13
N ASN M 226 -55.86 -52.44 -6.42
CA ASN M 226 -54.96 -51.44 -7.07
C ASN M 226 -55.26 -50.05 -6.50
N LEU M 227 -56.55 -49.75 -6.31
CA LEU M 227 -57.04 -48.44 -5.77
C LEU M 227 -56.57 -48.30 -4.32
N ASN M 228 -56.89 -49.27 -3.48
CA ASN M 228 -56.57 -49.31 -2.02
C ASN M 228 -55.07 -49.03 -1.81
N ARG M 229 -54.22 -49.55 -2.69
CA ARG M 229 -52.73 -49.36 -2.65
C ARG M 229 -52.38 -47.88 -2.79
N LEU M 230 -53.05 -47.15 -3.69
CA LEU M 230 -52.83 -45.69 -3.87
C LEU M 230 -53.33 -44.93 -2.63
N ILE M 231 -54.43 -45.40 -2.01
CA ILE M 231 -55.02 -44.79 -0.78
C ILE M 231 -53.98 -44.92 0.34
N ALA M 232 -53.40 -46.11 0.49
CA ALA M 232 -52.37 -46.44 1.50
C ALA M 232 -51.19 -45.46 1.40
N GLN M 233 -50.68 -45.24 0.19
CA GLN M 233 -49.48 -44.40 -0.09
C GLN M 233 -49.73 -42.96 0.42
N VAL M 234 -50.96 -42.46 0.24
CA VAL M 234 -51.42 -41.13 0.77
C VAL M 234 -51.31 -41.14 2.29
N ILE M 235 -51.98 -42.09 2.95
CA ILE M 235 -52.04 -42.19 4.44
C ILE M 235 -50.61 -42.26 4.98
N SER M 236 -49.78 -43.14 4.42
CA SER M 236 -48.34 -43.31 4.76
C SER M 236 -47.65 -41.94 4.74
N SER M 237 -47.79 -41.21 3.62
CA SER M 237 -47.15 -39.90 3.37
C SER M 237 -47.63 -38.85 4.37
N LEU M 238 -48.88 -38.93 4.82
CA LEU M 238 -49.50 -37.96 5.75
C LEU M 238 -48.92 -38.18 7.17
N THR M 239 -48.83 -39.44 7.62
CA THR M 239 -48.34 -39.84 8.96
C THR M 239 -46.81 -40.02 8.95
N ALA M 240 -46.15 -39.86 7.79
CA ALA M 240 -44.71 -40.11 7.56
C ALA M 240 -43.85 -39.34 8.58
N SER M 241 -44.13 -38.04 8.74
CA SER M 241 -43.37 -37.08 9.58
C SER M 241 -43.13 -37.63 10.99
N LEU M 242 -44.13 -38.32 11.55
CA LEU M 242 -44.05 -38.99 12.87
C LEU M 242 -43.03 -40.14 12.79
N ARG M 243 -43.19 -41.01 11.81
CA ARG M 243 -42.54 -42.35 11.74
C ARG M 243 -41.06 -42.18 11.35
N PHE M 244 -40.77 -41.31 10.38
CA PHE M 244 -39.42 -41.11 9.82
C PHE M 244 -38.96 -39.66 10.08
N ASP M 245 -37.64 -39.47 10.18
CA ASP M 245 -37.00 -38.15 10.44
C ASP M 245 -37.13 -37.29 9.18
N GLY M 246 -37.36 -35.98 9.36
CA GLY M 246 -37.51 -34.99 8.28
C GLY M 246 -36.88 -33.66 8.64
N ALA M 247 -36.64 -32.80 7.63
CA ALA M 247 -36.13 -31.41 7.79
C ALA M 247 -37.23 -30.55 8.42
N LEU M 248 -38.40 -30.50 7.78
CA LEU M 248 -39.58 -29.75 8.26
C LEU M 248 -40.69 -30.75 8.64
N ASN M 249 -40.77 -31.07 9.93
CA ASN M 249 -41.72 -32.06 10.49
C ASN M 249 -43.11 -31.44 10.62
N VAL M 250 -44.14 -32.20 10.26
CA VAL M 250 -45.58 -31.92 10.50
C VAL M 250 -46.07 -32.93 11.56
N ASP M 251 -47.33 -32.84 11.97
CA ASP M 251 -48.01 -33.81 12.85
C ASP M 251 -49.52 -33.76 12.55
N ILE M 252 -50.25 -34.84 12.86
CA ILE M 252 -51.71 -34.98 12.63
C ILE M 252 -52.47 -33.82 13.32
N THR M 253 -51.95 -33.30 14.43
CA THR M 253 -52.54 -32.17 15.21
C THR M 253 -52.35 -30.84 14.46
N GLU M 254 -51.37 -30.72 13.57
CA GLU M 254 -51.06 -29.48 12.82
C GLU M 254 -52.13 -29.24 11.75
N PHE M 255 -52.37 -30.22 10.86
CA PHE M 255 -53.32 -30.12 9.73
C PHE M 255 -54.61 -29.45 10.20
N GLN M 256 -55.17 -30.00 11.28
CA GLN M 256 -56.36 -29.50 12.00
C GLN M 256 -56.29 -27.96 12.09
N THR M 257 -55.19 -27.41 12.59
CA THR M 257 -54.98 -25.94 12.71
C THR M 257 -54.79 -25.32 11.32
N ASN M 258 -54.04 -25.96 10.44
CA ASN M 258 -53.52 -25.37 9.18
C ASN M 258 -54.43 -25.63 7.98
N LEU M 259 -55.55 -26.37 8.13
CA LEU M 259 -56.43 -26.71 6.98
C LEU M 259 -57.91 -26.34 7.23
N VAL M 260 -58.40 -26.34 8.48
CA VAL M 260 -59.81 -25.95 8.78
C VAL M 260 -59.81 -24.51 9.28
N PRO M 261 -60.26 -23.54 8.46
CA PRO M 261 -60.44 -22.16 8.91
C PRO M 261 -61.64 -21.96 9.86
N TYR M 262 -62.78 -22.54 9.50
CA TYR M 262 -64.05 -22.47 10.27
C TYR M 262 -64.48 -23.90 10.61
N PRO M 263 -65.12 -24.15 11.78
CA PRO M 263 -65.31 -25.51 12.28
C PRO M 263 -65.97 -26.53 11.32
N ARG M 264 -66.97 -26.08 10.56
CA ARG M 264 -67.82 -26.95 9.68
C ARG M 264 -67.13 -27.24 8.34
N ILE M 265 -66.08 -26.49 7.98
CA ILE M 265 -65.48 -26.47 6.62
C ILE M 265 -64.37 -27.55 6.52
N HIS M 266 -64.37 -28.51 7.44
CA HIS M 266 -63.30 -29.52 7.69
C HIS M 266 -63.19 -30.56 6.57
N PHE M 267 -64.05 -30.53 5.55
CA PHE M 267 -63.93 -31.44 4.37
C PHE M 267 -62.71 -31.02 3.54
N MET M 268 -62.00 -31.99 2.97
CA MET M 268 -60.74 -31.77 2.20
C MET M 268 -60.75 -32.67 0.95
N LEU M 269 -59.79 -32.44 0.04
CA LEU M 269 -59.39 -33.35 -1.07
C LEU M 269 -57.96 -33.84 -0.80
N SER M 270 -57.40 -34.65 -1.70
CA SER M 270 -56.01 -35.16 -1.62
C SER M 270 -55.46 -35.46 -3.02
N SER M 271 -54.13 -35.43 -3.17
CA SER M 271 -53.42 -35.65 -4.46
C SER M 271 -51.95 -36.03 -4.20
N TYR M 272 -51.67 -37.34 -4.19
CA TYR M 272 -50.30 -37.92 -4.27
C TYR M 272 -49.87 -37.82 -5.74
N ALA M 273 -48.78 -37.09 -6.01
CA ALA M 273 -48.43 -36.56 -7.36
C ALA M 273 -47.64 -37.55 -8.20
N PRO M 274 -46.45 -38.07 -7.78
CA PRO M 274 -45.65 -38.94 -8.66
C PRO M 274 -46.20 -40.36 -8.77
N ILE M 275 -47.47 -40.49 -9.17
CA ILE M 275 -48.09 -41.79 -9.57
C ILE M 275 -47.67 -42.03 -11.02
N ILE M 276 -46.75 -42.98 -11.23
CA ILE M 276 -46.08 -43.22 -12.54
C ILE M 276 -45.90 -44.72 -12.70
N SER M 277 -46.30 -45.24 -13.87
CA SER M 277 -45.93 -46.61 -14.33
C SER M 277 -44.43 -46.64 -14.62
N ALA M 278 -43.70 -47.61 -14.07
CA ALA M 278 -42.25 -47.83 -14.27
C ALA M 278 -41.89 -47.79 -15.76
N GLU M 279 -42.86 -48.09 -16.63
CA GLU M 279 -42.75 -47.97 -18.11
C GLU M 279 -42.43 -46.52 -18.51
N LYS M 280 -43.08 -45.52 -17.92
CA LYS M 280 -42.92 -44.08 -18.29
C LYS M 280 -42.02 -43.34 -17.27
N ALA M 281 -41.64 -43.97 -16.16
CA ALA M 281 -40.66 -43.43 -15.17
C ALA M 281 -39.34 -43.14 -15.90
N TYR M 282 -38.92 -44.06 -16.76
CA TYR M 282 -37.71 -43.97 -17.63
C TYR M 282 -37.64 -42.58 -18.29
N HIS M 283 -38.77 -42.06 -18.76
CA HIS M 283 -38.86 -40.84 -19.61
C HIS M 283 -39.28 -39.60 -18.82
N GLU M 284 -39.07 -39.56 -17.50
CA GLU M 284 -39.48 -38.42 -16.65
C GLU M 284 -38.27 -37.93 -15.85
N GLN M 285 -38.18 -36.62 -15.64
CA GLN M 285 -37.14 -35.97 -14.80
C GLN M 285 -37.55 -36.07 -13.33
N LEU M 286 -38.85 -35.86 -13.03
CA LEU M 286 -39.45 -35.99 -11.68
C LEU M 286 -38.68 -35.10 -10.70
N SER M 287 -38.46 -33.83 -11.09
CA SER M 287 -37.95 -32.76 -10.22
C SER M 287 -39.08 -32.28 -9.31
N VAL M 288 -38.74 -31.63 -8.20
CA VAL M 288 -39.71 -31.18 -7.15
C VAL M 288 -40.76 -30.30 -7.82
N ALA M 289 -40.31 -29.32 -8.64
CA ALA M 289 -41.14 -28.31 -9.31
C ALA M 289 -42.15 -28.95 -10.28
N GLU M 290 -41.88 -30.16 -10.78
CA GLU M 290 -42.83 -30.94 -11.61
C GLU M 290 -43.85 -31.65 -10.71
N ILE M 291 -43.37 -32.32 -9.65
CA ILE M 291 -44.21 -33.06 -8.66
C ILE M 291 -45.28 -32.11 -8.10
N THR M 292 -44.91 -30.89 -7.73
CA THR M 292 -45.84 -29.86 -7.16
C THR M 292 -46.92 -29.51 -8.17
N ASN M 293 -46.51 -29.15 -9.40
CA ASN M 293 -47.43 -28.80 -10.51
C ASN M 293 -48.36 -29.98 -10.78
N SER M 294 -47.84 -31.21 -10.71
CA SER M 294 -48.59 -32.47 -10.92
C SER M 294 -49.58 -32.73 -9.78
N ALA M 295 -49.33 -32.18 -8.58
CA ALA M 295 -50.21 -32.29 -7.39
C ALA M 295 -51.48 -31.46 -7.59
N PHE M 296 -51.32 -30.25 -8.12
CA PHE M 296 -52.42 -29.25 -8.30
C PHE M 296 -53.18 -29.48 -9.61
N GLU M 297 -52.72 -30.44 -10.45
CA GLU M 297 -53.46 -30.89 -11.66
C GLU M 297 -54.91 -31.20 -11.26
N PRO M 298 -55.92 -30.71 -12.01
CA PRO M 298 -57.32 -30.95 -11.67
C PRO M 298 -57.70 -32.46 -11.72
N ALA M 299 -57.02 -33.23 -12.57
CA ALA M 299 -57.24 -34.68 -12.79
C ALA M 299 -56.71 -35.49 -11.59
N ASN M 300 -55.48 -35.22 -11.14
CA ASN M 300 -54.73 -36.03 -10.15
C ASN M 300 -55.41 -36.00 -8.77
N MET M 301 -56.38 -35.10 -8.55
CA MET M 301 -57.24 -35.07 -7.33
C MET M 301 -57.98 -36.40 -7.19
N MET M 302 -57.89 -37.01 -6.00
CA MET M 302 -58.38 -38.40 -5.73
C MET M 302 -59.90 -38.39 -5.51
N ALA M 303 -60.46 -37.27 -5.05
CA ALA M 303 -61.92 -36.99 -5.11
C ALA M 303 -62.23 -36.28 -6.43
N LYS M 304 -63.38 -36.57 -7.04
CA LYS M 304 -63.79 -35.99 -8.35
C LYS M 304 -64.54 -34.68 -8.10
N CYS M 305 -63.77 -33.64 -7.72
CA CYS M 305 -64.17 -32.21 -7.66
C CYS M 305 -63.09 -31.41 -8.39
N ASP M 306 -63.44 -30.73 -9.48
CA ASP M 306 -62.48 -29.91 -10.27
C ASP M 306 -62.24 -28.61 -9.50
N PRO M 307 -61.05 -28.43 -8.89
CA PRO M 307 -60.81 -27.29 -8.00
C PRO M 307 -60.75 -25.93 -8.71
N ARG M 308 -60.69 -25.94 -10.06
CA ARG M 308 -60.69 -24.72 -10.93
C ARG M 308 -62.01 -23.95 -10.79
N HIS M 309 -63.10 -24.60 -10.34
CA HIS M 309 -64.39 -23.93 -10.00
C HIS M 309 -64.27 -23.17 -8.68
N GLY M 310 -63.61 -23.78 -7.69
CA GLY M 310 -63.50 -23.25 -6.31
C GLY M 310 -62.37 -22.26 -6.14
N LYS M 311 -61.97 -22.07 -4.88
CA LYS M 311 -60.80 -21.27 -4.44
C LYS M 311 -60.15 -22.01 -3.27
N TYR M 312 -58.88 -22.39 -3.38
CA TYR M 312 -58.12 -23.11 -2.33
C TYR M 312 -58.06 -22.23 -1.07
N MET M 313 -58.65 -22.71 0.01
CA MET M 313 -58.76 -22.00 1.32
C MET M 313 -57.52 -22.29 2.17
N ALA M 314 -56.92 -23.48 2.00
CA ALA M 314 -55.62 -23.87 2.61
C ALA M 314 -55.12 -25.17 1.96
N CYS M 315 -53.82 -25.23 1.64
CA CYS M 315 -53.12 -26.42 1.09
C CYS M 315 -52.14 -26.94 2.15
N SER M 316 -51.83 -28.25 2.11
CA SER M 316 -50.87 -28.91 3.02
C SER M 316 -49.99 -29.89 2.22
N MET M 317 -48.94 -29.37 1.57
CA MET M 317 -47.99 -30.16 0.74
C MET M 317 -47.08 -30.97 1.66
N MET M 318 -47.01 -32.29 1.50
CA MET M 318 -46.22 -33.22 2.38
C MET M 318 -45.19 -33.99 1.56
N TYR M 319 -43.99 -33.43 1.41
CA TYR M 319 -42.93 -33.95 0.51
C TYR M 319 -42.18 -35.10 1.20
N ARG M 320 -41.66 -36.03 0.38
CA ARG M 320 -40.88 -37.21 0.81
C ARG M 320 -39.74 -37.45 -0.19
N GLY M 321 -38.52 -37.71 0.30
CA GLY M 321 -37.37 -38.20 -0.50
C GLY M 321 -36.30 -37.13 -0.71
N ASP M 322 -35.66 -37.12 -1.88
CA ASP M 322 -34.56 -36.19 -2.24
C ASP M 322 -35.15 -34.79 -2.49
N VAL M 323 -35.67 -34.17 -1.44
CA VAL M 323 -36.43 -32.88 -1.50
C VAL M 323 -35.61 -31.83 -0.74
N VAL M 324 -35.25 -30.75 -1.43
CA VAL M 324 -34.54 -29.55 -0.89
C VAL M 324 -35.60 -28.48 -0.62
N PRO M 325 -35.60 -27.81 0.55
CA PRO M 325 -36.62 -26.80 0.85
C PRO M 325 -36.60 -25.54 -0.02
N LYS M 326 -35.44 -25.17 -0.59
CA LYS M 326 -35.26 -24.07 -1.58
C LYS M 326 -36.03 -24.41 -2.86
N ASP M 327 -35.86 -25.63 -3.36
CA ASP M 327 -36.53 -26.16 -4.59
C ASP M 327 -38.05 -26.13 -4.40
N VAL M 328 -38.54 -26.57 -3.23
CA VAL M 328 -39.98 -26.51 -2.82
C VAL M 328 -40.45 -25.04 -2.87
N ASN M 329 -39.62 -24.13 -2.35
CA ASN M 329 -39.96 -22.68 -2.21
C ASN M 329 -40.39 -22.12 -3.57
N ALA M 330 -39.52 -22.27 -4.58
CA ALA M 330 -39.73 -21.81 -5.98
C ALA M 330 -41.02 -22.44 -6.53
N SER M 331 -41.21 -23.74 -6.29
CA SER M 331 -42.35 -24.55 -6.80
C SER M 331 -43.67 -23.96 -6.32
N ILE M 332 -43.80 -23.72 -5.01
CA ILE M 332 -44.99 -23.06 -4.39
C ILE M 332 -45.13 -21.66 -4.99
N ALA M 333 -44.03 -20.89 -5.04
CA ALA M 333 -43.99 -19.49 -5.51
C ALA M 333 -44.57 -19.38 -6.94
N THR M 334 -44.22 -20.32 -7.81
CA THR M 334 -44.73 -20.41 -9.21
C THR M 334 -46.23 -20.77 -9.20
N ILE M 335 -46.66 -21.63 -8.27
CA ILE M 335 -48.10 -22.04 -8.08
C ILE M 335 -48.93 -20.83 -7.62
N LYS M 336 -48.43 -20.05 -6.66
CA LYS M 336 -49.10 -18.83 -6.14
C LYS M 336 -49.33 -17.84 -7.30
N THR M 337 -48.34 -17.73 -8.19
CA THR M 337 -48.33 -16.82 -9.38
C THR M 337 -49.35 -17.28 -10.43
N LYS M 338 -49.51 -18.60 -10.62
CA LYS M 338 -50.41 -19.21 -11.64
C LYS M 338 -51.82 -18.64 -11.51
N ARG M 339 -52.56 -18.60 -12.62
CA ARG M 339 -53.94 -18.06 -12.71
C ARG M 339 -54.96 -19.18 -12.46
N THR M 340 -54.77 -20.35 -13.10
CA THR M 340 -55.64 -21.56 -13.00
C THR M 340 -55.85 -21.90 -11.52
N ILE M 341 -54.76 -21.96 -10.75
CA ILE M 341 -54.79 -22.05 -9.26
C ILE M 341 -55.18 -20.67 -8.73
N GLN M 342 -56.28 -20.61 -7.98
CA GLN M 342 -56.86 -19.38 -7.38
C GLN M 342 -57.05 -19.62 -5.88
N PHE M 343 -56.58 -18.70 -5.04
CA PHE M 343 -56.71 -18.72 -3.56
C PHE M 343 -57.74 -17.68 -3.11
N VAL M 344 -58.48 -17.98 -2.05
CA VAL M 344 -59.38 -17.03 -1.34
C VAL M 344 -58.57 -15.80 -0.88
N ASP M 345 -59.24 -14.65 -0.77
CA ASP M 345 -58.64 -13.35 -0.37
C ASP M 345 -58.22 -13.40 1.09
N TRP M 346 -59.09 -13.89 1.98
CA TRP M 346 -58.90 -13.91 3.45
C TRP M 346 -57.79 -14.87 3.88
N CYS M 347 -57.29 -15.73 2.97
CA CYS M 347 -56.05 -16.54 3.15
C CYS M 347 -54.96 -15.95 2.26
N PRO M 348 -54.13 -15.02 2.79
CA PRO M 348 -53.07 -14.39 2.00
C PRO M 348 -51.93 -15.41 1.79
N THR M 349 -51.70 -16.25 2.80
CA THR M 349 -50.70 -17.34 2.84
C THR M 349 -51.43 -18.63 3.17
N GLY M 350 -51.49 -19.57 2.22
CA GLY M 350 -52.36 -20.76 2.29
C GLY M 350 -51.64 -22.07 2.01
N PHE M 351 -50.34 -22.15 2.31
CA PHE M 351 -49.53 -23.40 2.19
C PHE M 351 -48.99 -23.81 3.56
N LYS M 352 -49.06 -25.12 3.85
CA LYS M 352 -48.32 -25.80 4.93
C LYS M 352 -47.46 -26.90 4.31
N VAL M 353 -46.16 -26.66 4.10
CA VAL M 353 -45.23 -27.65 3.48
C VAL M 353 -44.56 -28.47 4.57
N GLY M 354 -44.29 -29.76 4.29
CA GLY M 354 -43.67 -30.73 5.22
C GLY M 354 -42.73 -31.68 4.49
N ILE M 355 -41.43 -31.58 4.78
CA ILE M 355 -40.33 -32.23 4.03
C ILE M 355 -39.74 -33.35 4.89
N ASN M 356 -39.89 -34.61 4.44
CA ASN M 356 -39.25 -35.82 5.02
C ASN M 356 -38.11 -36.27 4.11
N TYR M 357 -37.02 -36.80 4.68
CA TYR M 357 -35.89 -37.37 3.89
C TYR M 357 -36.26 -38.77 3.39
N GLN M 358 -37.09 -39.51 4.15
CA GLN M 358 -37.49 -40.90 3.82
C GLN M 358 -38.27 -40.90 2.51
N PRO M 359 -37.79 -41.60 1.45
CA PRO M 359 -38.54 -41.72 0.21
C PRO M 359 -39.65 -42.76 0.37
N PRO M 360 -40.66 -42.80 -0.53
CA PRO M 360 -41.77 -43.75 -0.42
C PRO M 360 -41.34 -45.16 -0.85
N THR M 361 -41.92 -46.17 -0.19
CA THR M 361 -41.62 -47.62 -0.43
C THR M 361 -42.38 -48.08 -1.68
N VAL M 362 -41.75 -48.96 -2.46
CA VAL M 362 -42.33 -49.62 -3.68
C VAL M 362 -42.83 -51.01 -3.25
N VAL M 363 -44.15 -51.17 -3.11
CA VAL M 363 -44.78 -52.45 -2.68
C VAL M 363 -44.61 -53.46 -3.83
N PRO M 364 -44.07 -54.69 -3.57
CA PRO M 364 -43.97 -55.71 -4.61
C PRO M 364 -45.34 -56.25 -5.04
N GLY M 365 -45.53 -56.41 -6.37
CA GLY M 365 -46.84 -56.65 -6.99
C GLY M 365 -47.69 -55.38 -7.03
N GLY M 366 -47.05 -54.21 -6.82
CA GLY M 366 -47.70 -52.89 -6.73
C GLY M 366 -47.55 -52.12 -8.02
N ASP M 367 -48.63 -51.47 -8.45
CA ASP M 367 -48.67 -50.65 -9.70
C ASP M 367 -48.17 -49.24 -9.34
N LEU M 368 -46.84 -49.08 -9.35
CA LEU M 368 -46.11 -47.81 -9.11
C LEU M 368 -44.65 -48.00 -9.54
N ALA M 369 -43.88 -46.91 -9.57
CA ALA M 369 -42.42 -46.90 -9.79
C ALA M 369 -41.73 -46.42 -8.52
N LYS M 370 -40.62 -47.07 -8.13
CA LYS M 370 -39.71 -46.56 -7.07
C LYS M 370 -39.21 -45.19 -7.52
N VAL M 371 -39.51 -44.15 -6.75
CA VAL M 371 -39.28 -42.72 -7.12
C VAL M 371 -38.60 -42.02 -5.92
N MET M 372 -37.61 -41.18 -6.19
CA MET M 372 -36.74 -40.57 -5.15
C MET M 372 -37.42 -39.35 -4.52
N ARG M 373 -38.52 -38.86 -5.08
CA ARG M 373 -39.31 -37.71 -4.52
C ARG M 373 -40.80 -38.02 -4.57
N ALA M 374 -41.58 -37.40 -3.70
CA ALA M 374 -43.07 -37.50 -3.67
C ALA M 374 -43.68 -36.31 -2.92
N VAL M 375 -45.02 -36.21 -2.98
CA VAL M 375 -45.81 -35.22 -2.19
C VAL M 375 -47.25 -35.71 -2.09
N CYS M 376 -47.86 -35.61 -0.90
CA CYS M 376 -49.32 -35.75 -0.66
C CYS M 376 -49.88 -34.38 -0.22
N MET M 377 -50.59 -33.70 -1.12
CA MET M 377 -51.29 -32.43 -0.81
C MET M 377 -52.71 -32.76 -0.34
N ILE M 378 -53.03 -32.46 0.92
CA ILE M 378 -54.42 -32.37 1.45
C ILE M 378 -54.83 -30.89 1.31
N SER M 379 -55.86 -30.62 0.50
CA SER M 379 -56.33 -29.24 0.18
C SER M 379 -57.76 -29.04 0.71
N ASN M 380 -57.99 -27.92 1.40
CA ASN M 380 -59.34 -27.38 1.69
C ASN M 380 -59.69 -26.41 0.56
N SER M 381 -60.63 -26.79 -0.31
CA SER M 381 -61.08 -26.02 -1.49
C SER M 381 -62.59 -25.75 -1.38
N THR M 382 -63.04 -24.61 -1.87
CA THR M 382 -64.47 -24.22 -1.98
C THR M 382 -65.18 -25.12 -3.01
N ALA M 383 -64.40 -25.76 -3.90
CA ALA M 383 -64.86 -26.71 -4.94
C ALA M 383 -65.53 -27.95 -4.34
N ILE M 384 -65.26 -28.28 -3.07
CA ILE M 384 -65.84 -29.45 -2.34
C ILE M 384 -67.37 -29.34 -2.33
N ALA M 385 -67.89 -28.10 -2.31
CA ALA M 385 -69.33 -27.75 -2.42
C ALA M 385 -70.00 -28.55 -3.57
N GLU M 386 -69.32 -28.66 -4.72
CA GLU M 386 -69.83 -29.32 -5.96
C GLU M 386 -70.25 -30.77 -5.67
N VAL M 387 -69.42 -31.54 -4.94
CA VAL M 387 -69.70 -32.98 -4.64
C VAL M 387 -70.95 -33.07 -3.76
N PHE M 388 -71.09 -32.17 -2.80
CA PHE M 388 -72.24 -32.12 -1.85
C PHE M 388 -73.53 -31.79 -2.59
N SER M 389 -73.49 -30.78 -3.48
CA SER M 389 -74.65 -30.34 -4.30
C SER M 389 -75.16 -31.50 -5.17
N ARG M 390 -74.26 -32.29 -5.77
CA ARG M 390 -74.61 -33.46 -6.61
C ARG M 390 -75.28 -34.54 -5.74
N LEU M 391 -74.75 -34.79 -4.55
CA LEU M 391 -75.31 -35.79 -3.58
C LEU M 391 -76.65 -35.29 -3.03
N ASP M 392 -76.84 -33.97 -2.98
CA ASP M 392 -78.12 -33.32 -2.55
C ASP M 392 -79.14 -33.45 -3.68
N HIS M 393 -78.76 -33.13 -4.92
CA HIS M 393 -79.59 -33.26 -6.15
C HIS M 393 -80.01 -34.73 -6.32
N LYS M 394 -79.08 -35.67 -6.21
CA LYS M 394 -79.30 -37.14 -6.38
C LYS M 394 -80.17 -37.70 -5.25
N PHE M 395 -80.22 -37.01 -4.11
CA PHE M 395 -81.08 -37.35 -2.94
C PHE M 395 -82.46 -36.72 -3.07
N ASP M 396 -82.53 -35.47 -3.51
CA ASP M 396 -83.79 -34.67 -3.59
C ASP M 396 -84.74 -35.28 -4.62
N LEU M 397 -84.20 -35.96 -5.64
CA LEU M 397 -84.98 -36.82 -6.60
C LEU M 397 -85.74 -37.87 -5.81
N MET M 398 -85.05 -38.54 -4.89
CA MET M 398 -85.66 -39.39 -3.84
C MET M 398 -86.33 -38.47 -2.82
N TYR M 399 -87.07 -39.04 -1.87
CA TYR M 399 -87.68 -38.34 -0.72
C TYR M 399 -88.75 -37.36 -1.22
N ALA M 400 -88.71 -36.93 -2.49
CA ALA M 400 -89.87 -36.42 -3.24
C ALA M 400 -90.91 -37.55 -3.32
N LYS M 401 -90.49 -38.74 -3.75
CA LYS M 401 -91.35 -39.95 -3.87
C LYS M 401 -91.44 -40.67 -2.51
N ARG M 402 -90.55 -40.36 -1.56
CA ARG M 402 -90.33 -41.10 -0.29
C ARG M 402 -89.82 -42.49 -0.67
N ALA M 403 -88.82 -42.52 -1.55
CA ALA M 403 -88.46 -43.64 -2.44
C ALA M 403 -88.22 -44.92 -1.64
N PHE M 404 -87.18 -44.96 -0.81
CA PHE M 404 -86.69 -46.18 -0.11
C PHE M 404 -86.89 -46.05 1.41
N VAL M 405 -87.76 -45.13 1.85
CA VAL M 405 -87.77 -44.63 3.27
C VAL M 405 -88.27 -45.75 4.19
N HIS M 406 -89.20 -46.58 3.73
CA HIS M 406 -89.88 -47.65 4.50
C HIS M 406 -88.86 -48.58 5.19
N TRP M 407 -87.71 -48.84 4.55
CA TRP M 407 -86.58 -49.60 5.15
C TRP M 407 -86.07 -48.85 6.37
N TYR M 408 -85.53 -47.65 6.15
CA TYR M 408 -84.83 -46.81 7.15
C TYR M 408 -85.78 -46.58 8.34
N VAL M 409 -87.06 -46.29 8.07
CA VAL M 409 -88.10 -46.02 9.10
C VAL M 409 -88.40 -47.29 9.90
N GLY M 410 -88.51 -48.43 9.21
CA GLY M 410 -88.71 -49.75 9.83
C GLY M 410 -87.64 -50.07 10.87
N GLU M 411 -86.42 -49.57 10.68
CA GLU M 411 -85.22 -49.91 11.48
C GLU M 411 -84.92 -48.83 12.52
N GLY M 412 -85.82 -47.85 12.71
CA GLY M 412 -85.85 -46.95 13.89
C GLY M 412 -85.66 -45.47 13.57
N MET M 413 -85.08 -45.15 12.41
CA MET M 413 -84.87 -43.74 11.95
C MET M 413 -86.22 -43.09 11.67
N GLU M 414 -86.64 -42.14 12.51
CA GLU M 414 -87.84 -41.27 12.27
C GLU M 414 -87.65 -40.50 10.96
N GLU M 415 -88.73 -40.32 10.18
CA GLU M 415 -88.69 -39.77 8.79
C GLU M 415 -88.08 -38.36 8.79
N GLY M 416 -88.37 -37.56 9.82
CA GLY M 416 -87.86 -36.17 9.98
C GLY M 416 -86.35 -36.08 10.04
N GLU M 417 -85.65 -37.17 10.36
CA GLU M 417 -84.17 -37.23 10.42
C GLU M 417 -83.58 -37.01 9.03
N PHE M 418 -84.21 -37.56 7.99
CA PHE M 418 -83.84 -37.33 6.56
C PHE M 418 -83.94 -35.84 6.24
N SER M 419 -85.08 -35.24 6.57
CA SER M 419 -85.41 -33.80 6.33
C SER M 419 -84.40 -32.90 7.07
N GLU M 420 -84.11 -33.24 8.33
CA GLU M 420 -83.04 -32.62 9.17
C GLU M 420 -81.73 -32.60 8.37
N ALA M 421 -81.22 -33.79 8.03
CA ALA M 421 -79.91 -34.01 7.38
C ALA M 421 -79.80 -33.13 6.12
N ARG M 422 -80.77 -33.22 5.19
CA ARG M 422 -80.81 -32.45 3.92
C ARG M 422 -80.77 -30.94 4.23
N GLU M 423 -81.47 -30.50 5.28
CA GLU M 423 -81.53 -29.07 5.70
C GLU M 423 -80.14 -28.61 6.18
N ASP M 424 -79.38 -29.49 6.83
CA ASP M 424 -78.04 -29.18 7.39
C ASP M 424 -76.97 -29.19 6.29
N LEU M 425 -77.05 -30.11 5.34
CA LEU M 425 -76.15 -30.14 4.16
C LEU M 425 -76.41 -28.93 3.27
N ALA M 426 -77.68 -28.52 3.15
CA ALA M 426 -78.09 -27.29 2.43
C ALA M 426 -77.50 -26.06 3.13
N ALA M 427 -77.41 -26.09 4.46
CA ALA M 427 -76.77 -25.04 5.28
C ALA M 427 -75.25 -25.04 5.04
N LEU M 428 -74.63 -26.22 4.87
CA LEU M 428 -73.19 -26.36 4.56
C LEU M 428 -72.89 -25.69 3.21
N GLU M 429 -73.60 -26.06 2.15
CA GLU M 429 -73.34 -25.56 0.77
C GLU M 429 -73.70 -24.07 0.69
N LYS M 430 -74.46 -23.53 1.67
CA LYS M 430 -74.61 -22.06 1.89
C LYS M 430 -73.28 -21.50 2.43
N ASP M 431 -72.71 -22.14 3.46
CA ASP M 431 -71.46 -21.71 4.13
C ASP M 431 -70.30 -21.68 3.13
N TYR M 432 -70.15 -22.73 2.34
CA TYR M 432 -69.02 -22.93 1.38
C TYR M 432 -68.97 -21.78 0.38
N GLU M 433 -70.12 -21.30 -0.10
CA GLU M 433 -70.20 -20.12 -0.99
C GLU M 433 -69.87 -18.85 -0.19
N GLU M 434 -70.40 -18.71 1.03
CA GLU M 434 -70.24 -17.53 1.92
C GLU M 434 -68.76 -17.24 2.20
N VAL M 435 -67.95 -18.27 2.44
CA VAL M 435 -66.48 -18.13 2.67
C VAL M 435 -65.79 -17.79 1.33
N GLY M 436 -66.21 -18.46 0.24
CA GLY M 436 -65.73 -18.20 -1.13
C GLY M 436 -65.93 -16.76 -1.59
N ILE M 437 -66.97 -16.07 -1.09
CA ILE M 437 -67.25 -14.63 -1.36
C ILE M 437 -66.06 -13.81 -0.87
N GLU M 438 -65.52 -12.95 -1.75
CA GLU M 438 -64.41 -11.99 -1.45
C GLU M 438 -64.80 -11.09 -0.27
N THR M 439 -63.80 -10.66 0.51
CA THR M 439 -63.95 -9.88 1.77
C THR M 439 -64.63 -8.53 1.48
N ALA M 440 -65.55 -8.11 2.35
CA ALA M 440 -66.34 -6.86 2.22
C ALA M 440 -65.65 -5.72 2.98
N MET N 1 -72.09 -67.90 9.56
CA MET N 1 -73.53 -68.22 9.79
C MET N 1 -74.36 -67.63 8.64
N ARG N 2 -75.28 -66.68 8.91
CA ARG N 2 -76.25 -66.13 7.93
C ARG N 2 -76.93 -67.30 7.19
N GLU N 3 -77.45 -68.27 7.95
CA GLU N 3 -77.96 -69.56 7.42
C GLU N 3 -79.28 -69.34 6.66
N ILE N 4 -79.54 -70.18 5.66
CA ILE N 4 -80.76 -70.14 4.79
C ILE N 4 -81.46 -71.50 4.87
N VAL N 5 -82.70 -71.53 5.36
CA VAL N 5 -83.60 -72.72 5.35
C VAL N 5 -84.34 -72.72 4.02
N HIS N 6 -84.31 -73.84 3.27
CA HIS N 6 -84.97 -73.99 1.95
C HIS N 6 -86.22 -74.88 2.12
N ILE N 7 -87.39 -74.36 1.77
CA ILE N 7 -88.66 -75.15 1.65
C ILE N 7 -88.95 -75.31 0.15
N GLN N 8 -89.00 -76.57 -0.33
CA GLN N 8 -89.37 -76.92 -1.73
C GLN N 8 -90.76 -77.55 -1.72
N GLY N 9 -91.80 -76.73 -1.92
CA GLY N 9 -93.22 -77.09 -1.75
C GLY N 9 -93.92 -77.33 -3.07
N GLY N 10 -94.55 -78.50 -3.23
CA GLY N 10 -95.26 -78.91 -4.45
C GLY N 10 -94.33 -79.63 -5.42
N GLN N 11 -94.92 -80.42 -6.34
CA GLN N 11 -94.19 -81.27 -7.32
C GLN N 11 -93.12 -80.43 -8.01
N CYS N 12 -93.53 -79.37 -8.73
CA CYS N 12 -92.64 -78.40 -9.43
C CYS N 12 -91.50 -77.98 -8.50
N GLY N 13 -91.85 -77.50 -7.30
CA GLY N 13 -90.92 -77.01 -6.27
C GLY N 13 -89.89 -78.06 -5.85
N ASN N 14 -90.34 -79.30 -5.67
CA ASN N 14 -89.47 -80.44 -5.24
C ASN N 14 -88.48 -80.79 -6.36
N GLN N 15 -88.91 -80.73 -7.62
CA GLN N 15 -88.07 -81.05 -8.81
C GLN N 15 -87.04 -79.95 -9.07
N ILE N 16 -87.41 -78.67 -8.83
CA ILE N 16 -86.47 -77.52 -8.87
C ILE N 16 -85.42 -77.73 -7.77
N GLY N 17 -85.90 -77.93 -6.53
CA GLY N 17 -85.07 -78.17 -5.33
C GLY N 17 -84.08 -79.31 -5.55
N ALA N 18 -84.57 -80.44 -6.06
CA ALA N 18 -83.73 -81.60 -6.45
C ALA N 18 -82.53 -81.10 -7.24
N LYS N 19 -82.78 -80.41 -8.35
CA LYS N 19 -81.73 -79.89 -9.26
C LYS N 19 -80.88 -78.84 -8.51
N PHE N 20 -81.51 -77.98 -7.72
CA PHE N 20 -80.81 -76.90 -6.95
C PHE N 20 -79.79 -77.53 -6.00
N TRP N 21 -80.19 -78.56 -5.25
CA TRP N 21 -79.35 -79.24 -4.23
C TRP N 21 -78.36 -80.20 -4.88
N GLU N 22 -78.42 -80.39 -6.20
CA GLU N 22 -77.33 -80.99 -7.02
C GLU N 22 -76.31 -79.90 -7.39
N VAL N 23 -76.81 -78.74 -7.85
CA VAL N 23 -75.98 -77.59 -8.34
C VAL N 23 -75.10 -77.08 -7.19
N ILE N 24 -75.70 -76.80 -6.02
CA ILE N 24 -74.98 -76.23 -4.84
C ILE N 24 -73.94 -77.24 -4.33
N SER N 25 -74.23 -78.54 -4.41
CA SER N 25 -73.35 -79.66 -3.96
C SER N 25 -72.06 -79.71 -4.79
N ASP N 26 -72.16 -79.42 -6.09
CA ASP N 26 -70.98 -79.34 -7.00
C ASP N 26 -70.08 -78.19 -6.53
N GLU N 27 -70.67 -77.00 -6.32
CA GLU N 27 -69.95 -75.75 -5.92
C GLU N 27 -69.23 -75.97 -4.59
N HIS N 28 -69.91 -76.57 -3.62
CA HIS N 28 -69.39 -76.85 -2.25
C HIS N 28 -68.66 -78.21 -2.22
N GLY N 29 -68.70 -78.98 -3.32
CA GLY N 29 -67.92 -80.21 -3.50
C GLY N 29 -68.50 -81.41 -2.77
N ILE N 30 -69.69 -81.26 -2.16
CA ILE N 30 -70.37 -82.35 -1.41
C ILE N 30 -70.77 -83.42 -2.43
N ASP N 31 -70.50 -84.69 -2.11
CA ASP N 31 -70.79 -85.88 -2.97
C ASP N 31 -72.16 -86.44 -2.58
N PRO N 32 -72.81 -87.27 -3.44
CA PRO N 32 -74.19 -87.69 -3.23
C PRO N 32 -74.47 -88.46 -1.92
N THR N 33 -73.44 -88.93 -1.21
CA THR N 33 -73.53 -89.63 0.09
C THR N 33 -73.26 -88.66 1.26
N GLY N 34 -73.07 -87.36 0.97
CA GLY N 34 -72.93 -86.30 1.98
C GLY N 34 -71.49 -86.08 2.44
N THR N 35 -70.52 -86.75 1.81
CA THR N 35 -69.07 -86.65 2.11
C THR N 35 -68.46 -85.51 1.29
N TYR N 36 -67.63 -84.66 1.90
CA TYR N 36 -66.85 -83.61 1.21
C TYR N 36 -65.66 -84.27 0.49
N HIS N 37 -65.61 -84.14 -0.84
CA HIS N 37 -64.49 -84.60 -1.71
C HIS N 37 -63.91 -83.44 -2.51
N GLY N 38 -64.28 -82.20 -2.16
CA GLY N 38 -63.80 -80.96 -2.82
C GLY N 38 -62.30 -80.79 -2.65
N ASP N 39 -61.67 -80.04 -3.56
CA ASP N 39 -60.20 -79.86 -3.65
C ASP N 39 -59.77 -78.53 -3.01
N SER N 40 -60.67 -77.56 -2.90
CA SER N 40 -60.42 -76.19 -2.34
C SER N 40 -61.10 -76.06 -0.98
N ASP N 41 -60.38 -75.54 0.02
CA ASP N 41 -60.88 -75.32 1.42
C ASP N 41 -61.92 -74.19 1.43
N LEU N 42 -61.87 -73.29 0.44
CA LEU N 42 -62.88 -72.22 0.20
C LEU N 42 -64.28 -72.82 0.03
N GLN N 43 -64.40 -74.08 -0.41
CA GLN N 43 -65.69 -74.76 -0.65
C GLN N 43 -66.44 -75.03 0.67
N LEU N 44 -65.74 -75.16 1.81
CA LEU N 44 -66.37 -75.53 3.11
C LEU N 44 -66.39 -74.38 4.13
N GLU N 45 -65.71 -73.25 3.86
CA GLU N 45 -65.56 -72.15 4.86
C GLU N 45 -66.94 -71.66 5.33
N ARG N 46 -67.91 -71.56 4.41
CA ARG N 46 -69.27 -70.99 4.68
C ARG N 46 -70.36 -72.01 4.33
N ILE N 47 -70.05 -73.31 4.35
CA ILE N 47 -71.01 -74.39 3.95
C ILE N 47 -72.27 -74.31 4.82
N ASN N 48 -72.10 -73.95 6.09
CA ASN N 48 -73.19 -73.90 7.11
C ASN N 48 -74.35 -73.01 6.63
N VAL N 49 -74.15 -72.15 5.62
CA VAL N 49 -75.21 -71.31 5.01
C VAL N 49 -76.36 -72.19 4.49
N TYR N 50 -76.04 -73.32 3.84
CA TYR N 50 -77.04 -74.19 3.17
C TYR N 50 -77.12 -75.56 3.87
N TYR N 51 -75.98 -76.14 4.27
CA TYR N 51 -75.90 -77.49 4.90
C TYR N 51 -75.74 -77.37 6.42
N ASN N 52 -76.46 -78.20 7.18
CA ASN N 52 -76.21 -78.45 8.63
C ASN N 52 -75.30 -79.67 8.74
N GLU N 53 -74.10 -79.51 9.29
CA GLU N 53 -73.12 -80.59 9.55
C GLU N 53 -73.75 -81.63 10.47
N ALA N 54 -73.96 -82.85 9.95
CA ALA N 54 -74.43 -84.02 10.73
C ALA N 54 -73.22 -84.79 11.27
N THR N 55 -73.45 -85.79 12.12
CA THR N 55 -72.42 -86.64 12.77
C THR N 55 -71.69 -87.47 11.71
N GLY N 56 -70.41 -87.79 11.96
CA GLY N 56 -69.56 -88.58 11.05
C GLY N 56 -69.12 -87.79 9.82
N GLY N 57 -69.15 -86.44 9.89
CA GLY N 57 -68.73 -85.54 8.81
C GLY N 57 -69.55 -85.70 7.55
N ARG N 58 -70.85 -86.00 7.69
CA ARG N 58 -71.86 -85.94 6.60
C ARG N 58 -72.46 -84.52 6.58
N TYR N 59 -72.73 -84.00 5.37
CA TYR N 59 -73.41 -82.70 5.15
C TYR N 59 -74.84 -82.96 4.69
N VAL N 60 -75.78 -82.32 5.36
CA VAL N 60 -77.25 -82.49 5.15
C VAL N 60 -77.82 -81.13 4.71
N PRO N 61 -78.54 -81.07 3.57
CA PRO N 61 -79.28 -79.87 3.19
C PRO N 61 -80.34 -79.50 4.23
N ARG N 62 -80.40 -78.21 4.57
CA ARG N 62 -81.45 -77.60 5.42
C ARG N 62 -82.69 -77.39 4.53
N ALA N 63 -83.24 -78.50 4.02
CA ALA N 63 -84.33 -78.55 3.03
C ALA N 63 -85.55 -79.27 3.63
N ILE N 64 -86.69 -78.58 3.69
CA ILE N 64 -88.00 -79.12 4.17
C ILE N 64 -88.86 -79.41 2.94
N LEU N 65 -88.88 -80.67 2.49
CA LEU N 65 -89.55 -81.09 1.24
C LEU N 65 -91.02 -81.42 1.56
N MET N 66 -91.90 -80.44 1.37
CA MET N 66 -93.37 -80.57 1.64
C MET N 66 -94.11 -80.83 0.33
N ASP N 67 -95.09 -81.73 0.36
CA ASP N 67 -96.08 -81.95 -0.73
C ASP N 67 -97.28 -82.70 -0.13
N LEU N 68 -98.45 -82.59 -0.79
CA LEU N 68 -99.71 -83.27 -0.36
C LEU N 68 -99.83 -84.62 -1.10
N GLU N 69 -98.91 -84.90 -2.03
CA GLU N 69 -98.84 -86.15 -2.83
C GLU N 69 -97.67 -86.98 -2.32
N PRO N 70 -97.86 -88.29 -1.99
CA PRO N 70 -96.77 -89.15 -1.55
C PRO N 70 -95.84 -89.66 -2.66
N GLY N 71 -96.28 -89.62 -3.93
CA GLY N 71 -95.52 -90.02 -5.12
C GLY N 71 -94.29 -89.16 -5.40
N THR N 72 -94.27 -87.91 -4.91
CA THR N 72 -93.18 -86.92 -5.12
C THR N 72 -91.91 -87.34 -4.35
N MET N 73 -92.05 -87.87 -3.12
CA MET N 73 -90.93 -88.41 -2.30
C MET N 73 -90.12 -89.40 -3.14
N ASP N 74 -90.80 -90.34 -3.80
CA ASP N 74 -90.19 -91.38 -4.68
C ASP N 74 -89.33 -90.69 -5.73
N SER N 75 -89.82 -89.59 -6.31
CA SER N 75 -89.17 -88.81 -7.38
C SER N 75 -87.87 -88.16 -6.86
N VAL N 76 -87.91 -87.54 -5.67
CA VAL N 76 -86.75 -86.80 -5.08
C VAL N 76 -85.73 -87.79 -4.51
N ARG N 77 -86.15 -89.01 -4.14
CA ARG N 77 -85.25 -90.12 -3.72
C ARG N 77 -84.55 -90.72 -4.95
N ALA N 78 -85.29 -90.90 -6.04
CA ALA N 78 -84.84 -91.47 -7.33
C ALA N 78 -83.66 -90.68 -7.88
N GLY N 79 -83.76 -89.34 -7.87
CA GLY N 79 -82.74 -88.40 -8.39
C GLY N 79 -81.35 -88.70 -7.82
N PRO N 80 -80.26 -88.46 -8.59
CA PRO N 80 -78.91 -88.43 -8.02
C PRO N 80 -78.86 -87.27 -7.01
N PHE N 81 -78.15 -87.44 -5.90
CA PHE N 81 -78.17 -86.51 -4.74
C PHE N 81 -79.57 -86.48 -4.12
N GLY N 82 -80.26 -87.64 -4.12
CA GLY N 82 -81.55 -87.86 -3.44
C GLY N 82 -81.36 -88.41 -2.03
N GLN N 83 -80.16 -88.95 -1.74
CA GLN N 83 -79.76 -89.46 -0.40
C GLN N 83 -79.21 -88.32 0.46
N LEU N 84 -79.10 -87.10 -0.08
CA LEU N 84 -78.63 -85.92 0.68
C LEU N 84 -79.70 -85.46 1.68
N PHE N 85 -80.99 -85.60 1.36
CA PHE N 85 -82.10 -84.93 2.08
C PHE N 85 -82.54 -85.78 3.29
N ARG N 86 -82.87 -85.10 4.41
CA ARG N 86 -83.17 -85.72 5.74
C ARG N 86 -84.57 -86.33 5.75
N PRO N 87 -84.72 -87.64 6.10
CA PRO N 87 -86.01 -88.33 6.05
C PRO N 87 -87.06 -87.71 6.99
N ASP N 88 -86.61 -87.17 8.12
CA ASP N 88 -87.42 -86.36 9.06
C ASP N 88 -87.95 -85.10 8.35
N ASN N 89 -87.13 -84.47 7.49
CA ASN N 89 -87.48 -83.22 6.76
C ASN N 89 -88.57 -83.49 5.71
N PHE N 90 -88.60 -84.69 5.12
CA PHE N 90 -89.65 -85.14 4.16
C PHE N 90 -91.00 -85.22 4.88
N VAL N 91 -91.92 -84.29 4.58
CA VAL N 91 -93.31 -84.25 5.11
C VAL N 91 -94.26 -84.35 3.92
N PHE N 92 -95.02 -85.45 3.80
CA PHE N 92 -95.90 -85.74 2.63
C PHE N 92 -97.27 -86.27 3.08
N GLY N 93 -98.32 -85.69 2.50
CA GLY N 93 -99.73 -86.14 2.64
C GLY N 93 -100.02 -87.32 1.72
N GLN N 94 -101.31 -87.66 1.56
CA GLN N 94 -101.77 -88.86 0.82
C GLN N 94 -102.61 -88.47 -0.41
N THR N 95 -103.62 -87.62 -0.24
CA THR N 95 -104.66 -87.31 -1.27
C THR N 95 -104.06 -86.48 -2.42
N GLY N 96 -103.43 -85.35 -2.10
CA GLY N 96 -102.94 -84.35 -3.08
C GLY N 96 -103.98 -83.29 -3.33
N ALA N 97 -103.54 -82.07 -3.69
CA ALA N 97 -104.39 -80.87 -3.87
C ALA N 97 -105.30 -81.03 -5.09
N GLY N 98 -104.87 -81.80 -6.10
CA GLY N 98 -105.61 -81.99 -7.37
C GLY N 98 -105.73 -80.69 -8.13
N ASN N 99 -104.67 -79.87 -8.14
CA ASN N 99 -104.59 -78.55 -8.80
C ASN N 99 -105.65 -77.61 -8.20
N ASN N 100 -105.84 -77.64 -6.87
CA ASN N 100 -106.86 -76.84 -6.14
C ASN N 100 -106.20 -76.08 -4.97
N TRP N 101 -105.97 -74.77 -5.13
CA TRP N 101 -105.45 -73.84 -4.10
C TRP N 101 -106.17 -74.11 -2.77
N ALA N 102 -107.50 -74.10 -2.81
CA ALA N 102 -108.39 -74.27 -1.64
C ALA N 102 -108.03 -75.56 -0.89
N LYS N 103 -107.96 -76.68 -1.61
CA LYS N 103 -107.65 -77.99 -1.01
C LYS N 103 -106.28 -77.91 -0.34
N GLY N 104 -105.32 -77.24 -0.99
CA GLY N 104 -103.93 -77.09 -0.51
C GLY N 104 -103.77 -76.00 0.55
N HIS N 105 -104.78 -75.15 0.74
CA HIS N 105 -104.74 -73.99 1.68
C HIS N 105 -105.70 -74.22 2.86
N TYR N 106 -106.99 -74.43 2.60
CA TYR N 106 -108.08 -74.33 3.60
C TYR N 106 -108.39 -75.70 4.24
N THR N 107 -108.28 -76.82 3.51
CA THR N 107 -108.67 -78.18 3.99
C THR N 107 -107.44 -79.08 4.13
N GLU N 108 -107.10 -79.86 3.09
CA GLU N 108 -106.10 -80.96 3.16
C GLU N 108 -104.76 -80.40 3.65
N GLY N 109 -104.28 -79.33 3.02
CA GLY N 109 -103.02 -78.65 3.36
C GLY N 109 -103.05 -78.03 4.74
N ALA N 110 -104.22 -77.50 5.16
CA ALA N 110 -104.45 -76.88 6.48
C ALA N 110 -104.16 -77.88 7.61
N GLU N 111 -104.33 -79.17 7.36
CA GLU N 111 -104.06 -80.28 8.34
C GLU N 111 -102.56 -80.57 8.38
N LEU N 112 -101.87 -80.53 7.24
CA LEU N 112 -100.44 -80.92 7.13
C LEU N 112 -99.55 -79.81 7.75
N ILE N 113 -99.73 -78.54 7.34
CA ILE N 113 -98.82 -77.40 7.64
C ILE N 113 -98.36 -77.40 9.11
N ASP N 114 -99.23 -77.76 10.06
CA ASP N 114 -98.89 -77.79 11.52
C ASP N 114 -97.70 -78.73 11.76
N SER N 115 -97.60 -79.84 11.02
CA SER N 115 -96.44 -80.79 11.06
C SER N 115 -95.19 -80.14 10.46
N VAL N 116 -95.34 -79.41 9.35
CA VAL N 116 -94.23 -78.77 8.59
C VAL N 116 -93.61 -77.68 9.48
N LEU N 117 -94.45 -76.78 10.02
CA LEU N 117 -94.03 -75.66 10.91
C LEU N 117 -93.11 -76.20 12.03
N ASP N 118 -93.41 -77.38 12.58
CA ASP N 118 -92.62 -78.04 13.66
C ASP N 118 -91.23 -78.43 13.13
N VAL N 119 -91.10 -78.73 11.83
CA VAL N 119 -89.79 -79.01 11.15
C VAL N 119 -89.11 -77.67 10.84
N VAL N 120 -89.85 -76.69 10.29
CA VAL N 120 -89.35 -75.32 9.98
C VAL N 120 -88.73 -74.73 11.25
N ARG N 121 -89.51 -74.69 12.34
CA ARG N 121 -89.08 -74.21 13.69
C ARG N 121 -87.79 -74.93 14.10
N LYS N 122 -87.72 -76.24 13.89
CA LYS N 122 -86.57 -77.10 14.31
C LYS N 122 -85.29 -76.66 13.59
N GLU N 123 -85.35 -76.56 12.25
CA GLU N 123 -84.17 -76.22 11.41
C GLU N 123 -83.80 -74.74 11.61
N ALA N 124 -84.80 -73.85 11.74
CA ALA N 124 -84.62 -72.39 11.94
C ALA N 124 -83.94 -72.10 13.28
N GLU N 125 -84.29 -72.85 14.34
CA GLU N 125 -83.70 -72.69 15.71
C GLU N 125 -82.26 -73.22 15.74
N GLY N 126 -81.92 -74.19 14.88
CA GLY N 126 -80.56 -74.77 14.76
C GLY N 126 -79.53 -73.73 14.34
N CYS N 127 -79.90 -72.84 13.42
CA CYS N 127 -79.08 -71.69 12.93
C CYS N 127 -78.78 -70.73 14.10
N ASP N 128 -77.53 -70.26 14.21
CA ASP N 128 -77.11 -69.24 15.21
C ASP N 128 -77.67 -67.88 14.78
N CYS N 129 -77.52 -67.54 13.50
CA CYS N 129 -78.13 -66.37 12.83
C CYS N 129 -78.79 -66.79 11.51
N LEU N 130 -80.12 -66.85 11.49
CA LEU N 130 -80.93 -67.14 10.27
C LEU N 130 -80.98 -65.88 9.40
N GLN N 131 -80.37 -65.92 8.21
CA GLN N 131 -80.54 -64.89 7.15
C GLN N 131 -82.02 -64.79 6.79
N GLY N 132 -82.63 -65.95 6.50
CA GLY N 132 -84.05 -66.07 6.12
C GLY N 132 -84.35 -67.43 5.53
N PHE N 133 -85.31 -67.49 4.59
CA PHE N 133 -85.75 -68.71 3.89
C PHE N 133 -85.59 -68.51 2.38
N GLN N 134 -85.57 -69.61 1.62
CA GLN N 134 -85.79 -69.61 0.14
C GLN N 134 -86.84 -70.67 -0.19
N ILE N 135 -88.11 -70.24 -0.23
CA ILE N 135 -89.26 -71.09 -0.63
C ILE N 135 -89.18 -71.24 -2.15
N THR N 136 -89.27 -72.47 -2.68
CA THR N 136 -89.38 -72.77 -4.14
C THR N 136 -90.68 -73.55 -4.37
N HIS N 137 -91.69 -72.88 -4.94
CA HIS N 137 -93.03 -73.47 -5.22
C HIS N 137 -93.48 -73.06 -6.62
N SER N 138 -94.66 -73.53 -7.03
CA SER N 138 -95.38 -73.08 -8.26
C SER N 138 -96.68 -72.39 -7.83
N LEU N 139 -96.97 -71.23 -8.42
CA LEU N 139 -98.23 -70.48 -8.20
C LEU N 139 -99.39 -71.21 -8.91
N GLY N 140 -99.08 -72.01 -9.94
CA GLY N 140 -100.05 -72.65 -10.85
C GLY N 140 -100.76 -73.83 -10.23
N GLY N 141 -100.02 -74.80 -9.69
CA GLY N 141 -100.56 -76.02 -9.07
C GLY N 141 -101.32 -75.70 -7.80
N GLY N 142 -101.92 -76.71 -7.16
CA GLY N 142 -102.69 -76.58 -5.92
C GLY N 142 -101.78 -76.62 -4.70
N THR N 143 -100.89 -77.62 -4.65
CA THR N 143 -99.97 -77.88 -3.51
C THR N 143 -99.03 -76.68 -3.32
N GLY N 144 -98.17 -76.42 -4.31
CA GLY N 144 -97.16 -75.36 -4.29
C GLY N 144 -97.78 -74.01 -3.97
N SER N 145 -98.96 -73.74 -4.53
CA SER N 145 -99.68 -72.44 -4.40
C SER N 145 -100.47 -72.41 -3.08
N GLY N 146 -101.19 -73.49 -2.76
CA GLY N 146 -102.06 -73.60 -1.55
C GLY N 146 -101.24 -73.63 -0.27
N MET N 147 -100.45 -74.68 -0.07
CA MET N 147 -99.57 -74.85 1.12
C MET N 147 -98.51 -73.75 1.14
N GLY N 148 -97.77 -73.61 0.03
CA GLY N 148 -96.68 -72.64 -0.15
C GLY N 148 -97.04 -71.29 0.44
N THR N 149 -98.15 -70.70 0.00
CA THR N 149 -98.69 -69.41 0.50
C THR N 149 -99.09 -69.51 1.97
N LEU N 150 -99.69 -70.64 2.37
CA LEU N 150 -100.18 -70.87 3.77
C LEU N 150 -99.00 -70.97 4.73
N LEU N 151 -97.95 -71.73 4.35
CA LEU N 151 -96.67 -71.81 5.09
C LEU N 151 -96.06 -70.41 5.19
N ILE N 152 -95.85 -69.75 4.04
CA ILE N 152 -95.25 -68.38 3.93
C ILE N 152 -95.98 -67.42 4.89
N SER N 153 -97.32 -67.51 4.95
CA SER N 153 -98.18 -66.73 5.88
C SER N 153 -97.82 -67.07 7.34
N LYS N 154 -97.56 -68.35 7.63
CA LYS N 154 -97.26 -68.87 9.00
C LYS N 154 -95.85 -68.47 9.45
N VAL N 155 -94.83 -68.81 8.66
CA VAL N 155 -93.39 -68.53 8.96
C VAL N 155 -93.21 -67.03 9.23
N ARG N 156 -93.86 -66.16 8.45
CA ARG N 156 -93.72 -64.69 8.55
C ARG N 156 -94.38 -64.18 9.84
N GLU N 157 -95.43 -64.85 10.34
CA GLU N 157 -96.10 -64.52 11.63
C GLU N 157 -95.22 -64.93 12.80
N GLU N 158 -94.30 -65.88 12.62
CA GLU N 158 -93.33 -66.33 13.65
C GLU N 158 -92.02 -65.54 13.54
N TYR N 159 -91.53 -65.29 12.31
CA TYR N 159 -90.22 -64.67 12.01
C TYR N 159 -90.40 -63.45 11.11
N PRO N 160 -90.85 -62.30 11.65
CA PRO N 160 -91.11 -61.12 10.82
C PRO N 160 -89.83 -60.53 10.20
N ASP N 161 -88.78 -60.36 11.01
CA ASP N 161 -87.50 -59.70 10.64
C ASP N 161 -86.74 -60.50 9.58
N ARG N 162 -86.80 -61.84 9.66
CA ARG N 162 -86.01 -62.77 8.78
C ARG N 162 -86.56 -62.66 7.35
N ILE N 163 -85.66 -62.54 6.36
CA ILE N 163 -85.99 -62.38 4.91
C ILE N 163 -86.83 -63.58 4.46
N MET N 164 -87.91 -63.32 3.72
CA MET N 164 -88.72 -64.37 3.03
C MET N 164 -88.55 -64.20 1.52
N GLU N 165 -87.66 -65.01 0.93
CA GLU N 165 -87.36 -65.03 -0.52
C GLU N 165 -88.13 -66.20 -1.15
N THR N 166 -88.72 -65.99 -2.32
CA THR N 166 -89.57 -67.00 -3.03
C THR N 166 -89.17 -67.07 -4.51
N PHE N 167 -88.80 -68.26 -4.99
CA PHE N 167 -88.59 -68.59 -6.43
C PHE N 167 -89.83 -69.33 -6.95
N SER N 168 -90.80 -68.57 -7.46
CA SER N 168 -92.17 -69.05 -7.79
C SER N 168 -92.38 -69.10 -9.31
N VAL N 169 -92.71 -70.28 -9.86
CA VAL N 169 -93.06 -70.47 -11.29
C VAL N 169 -94.50 -69.99 -11.51
N VAL N 170 -94.68 -68.82 -12.13
CA VAL N 170 -96.00 -68.23 -12.49
C VAL N 170 -96.52 -69.02 -13.69
N PRO N 171 -97.83 -69.31 -13.80
CA PRO N 171 -98.37 -69.97 -14.99
C PRO N 171 -98.36 -69.06 -16.23
N SER N 172 -97.78 -69.54 -17.34
CA SER N 172 -97.66 -68.83 -18.63
C SER N 172 -98.85 -69.17 -19.52
N PRO N 173 -99.47 -68.19 -20.22
CA PRO N 173 -100.59 -68.48 -21.13
C PRO N 173 -100.25 -69.39 -22.33
N LYS N 174 -98.99 -69.39 -22.76
CA LYS N 174 -98.49 -70.18 -23.92
C LYS N 174 -98.62 -71.68 -23.61
N VAL N 175 -97.97 -72.15 -22.55
CA VAL N 175 -97.92 -73.57 -22.12
C VAL N 175 -99.33 -73.96 -21.63
N SER N 176 -99.78 -73.37 -20.52
CA SER N 176 -101.14 -73.53 -19.93
C SER N 176 -101.48 -75.02 -19.77
N ASP N 177 -100.57 -75.79 -19.13
CA ASP N 177 -100.65 -77.28 -19.03
C ASP N 177 -101.79 -77.68 -18.09
N THR N 178 -102.29 -76.75 -17.26
CA THR N 178 -103.50 -76.90 -16.40
C THR N 178 -104.58 -75.93 -16.88
N VAL N 179 -105.84 -76.18 -16.52
CA VAL N 179 -107.02 -75.34 -16.91
C VAL N 179 -107.35 -74.33 -15.81
N VAL N 180 -107.13 -74.68 -14.53
CA VAL N 180 -107.50 -73.84 -13.34
C VAL N 180 -106.28 -73.08 -12.81
N GLU N 181 -105.20 -72.95 -13.59
CA GLU N 181 -104.00 -72.13 -13.25
C GLU N 181 -104.41 -70.71 -12.86
N PRO N 182 -105.23 -69.98 -13.67
CA PRO N 182 -105.59 -68.60 -13.37
C PRO N 182 -106.11 -68.37 -11.94
N TYR N 183 -107.03 -69.23 -11.48
CA TYR N 183 -107.63 -69.18 -10.12
C TYR N 183 -106.52 -69.28 -9.07
N ASN N 184 -105.74 -70.36 -9.14
CA ASN N 184 -104.65 -70.68 -8.18
C ASN N 184 -103.73 -69.46 -8.06
N ALA N 185 -103.17 -69.02 -9.19
CA ALA N 185 -102.17 -67.93 -9.30
C ALA N 185 -102.73 -66.61 -8.76
N THR N 186 -104.01 -66.33 -9.04
CA THR N 186 -104.71 -65.10 -8.57
C THR N 186 -104.82 -65.13 -7.04
N LEU N 187 -105.18 -66.28 -6.48
CA LEU N 187 -105.33 -66.47 -5.01
C LEU N 187 -103.96 -66.54 -4.33
N SER N 188 -102.93 -66.94 -5.06
CA SER N 188 -101.54 -67.03 -4.56
C SER N 188 -100.99 -65.63 -4.29
N VAL N 189 -100.90 -64.81 -5.35
CA VAL N 189 -100.22 -63.47 -5.37
C VAL N 189 -100.78 -62.60 -4.23
N HIS N 190 -102.08 -62.70 -3.96
CA HIS N 190 -102.78 -62.01 -2.84
C HIS N 190 -102.04 -62.29 -1.52
N GLN N 191 -101.71 -63.56 -1.27
CA GLN N 191 -101.03 -64.01 -0.03
C GLN N 191 -99.53 -63.67 -0.10
N LEU N 192 -98.91 -63.85 -1.27
CA LEU N 192 -97.46 -63.61 -1.49
C LEU N 192 -97.14 -62.14 -1.24
N VAL N 193 -97.84 -61.20 -1.90
CA VAL N 193 -97.52 -59.74 -1.86
C VAL N 193 -97.55 -59.23 -0.40
N GLU N 194 -98.38 -59.83 0.46
CA GLU N 194 -98.52 -59.40 1.87
C GLU N 194 -97.46 -60.05 2.77
N ASN N 195 -96.84 -61.17 2.35
CA ASN N 195 -96.02 -62.03 3.26
C ASN N 195 -94.64 -62.41 2.67
N ALA N 196 -94.35 -62.12 1.40
CA ALA N 196 -93.04 -62.38 0.75
C ALA N 196 -92.24 -61.07 0.70
N ASP N 197 -90.98 -61.11 1.14
CA ASP N 197 -90.05 -59.95 1.16
C ASP N 197 -89.59 -59.69 -0.28
N GLU N 198 -89.11 -60.74 -0.97
CA GLU N 198 -88.64 -60.67 -2.38
C GLU N 198 -89.06 -61.94 -3.12
N CYS N 199 -89.97 -61.79 -4.10
CA CYS N 199 -90.46 -62.86 -5.00
C CYS N 199 -89.74 -62.74 -6.35
N MET N 200 -89.03 -63.79 -6.76
CA MET N 200 -88.39 -63.91 -8.11
C MET N 200 -89.30 -64.72 -9.02
N VAL N 201 -90.13 -64.04 -9.81
CA VAL N 201 -91.10 -64.67 -10.75
C VAL N 201 -90.31 -65.40 -11.86
N ILE N 202 -90.56 -66.70 -12.00
CA ILE N 202 -90.01 -67.57 -13.07
C ILE N 202 -91.19 -67.97 -13.96
N ASP N 203 -90.94 -68.23 -15.25
CA ASP N 203 -91.96 -68.67 -16.24
C ASP N 203 -91.38 -69.76 -17.14
N ASN N 204 -92.14 -70.84 -17.36
CA ASN N 204 -91.74 -71.99 -18.21
C ASN N 204 -91.54 -71.50 -19.64
N GLU N 205 -92.47 -70.68 -20.14
CA GLU N 205 -92.40 -70.10 -21.51
C GLU N 205 -90.98 -69.55 -21.73
N ALA N 206 -90.55 -68.60 -20.90
CA ALA N 206 -89.24 -67.92 -20.99
C ALA N 206 -88.12 -68.96 -20.94
N LEU N 207 -88.19 -69.88 -19.99
CA LEU N 207 -87.16 -70.95 -19.80
C LEU N 207 -87.05 -71.79 -21.08
N TYR N 208 -88.19 -72.17 -21.68
CA TYR N 208 -88.24 -72.89 -22.99
C TYR N 208 -87.56 -72.03 -24.07
N ASP N 209 -87.84 -70.72 -24.09
CA ASP N 209 -87.28 -69.76 -25.08
C ASP N 209 -85.75 -69.70 -24.92
N ILE N 210 -85.24 -69.64 -23.69
CA ILE N 210 -83.77 -69.62 -23.42
C ILE N 210 -83.16 -70.93 -23.97
N CYS N 211 -83.91 -72.04 -23.90
CA CYS N 211 -83.46 -73.38 -24.34
C CYS N 211 -83.50 -73.53 -25.87
N PHE N 212 -84.39 -72.85 -26.58
CA PHE N 212 -84.50 -72.93 -28.06
C PHE N 212 -83.62 -71.86 -28.72
N ARG N 213 -83.38 -70.71 -28.07
CA ARG N 213 -82.67 -69.55 -28.67
C ARG N 213 -81.29 -69.36 -28.03
N THR N 214 -81.19 -68.83 -26.80
CA THR N 214 -79.90 -68.52 -26.13
C THR N 214 -79.02 -69.78 -26.16
N LEU N 215 -79.49 -70.87 -25.54
CA LEU N 215 -78.97 -72.24 -25.76
C LEU N 215 -79.74 -72.82 -26.95
N LYS N 216 -79.20 -73.85 -27.62
CA LYS N 216 -79.82 -74.51 -28.80
C LYS N 216 -80.00 -76.00 -28.49
N LEU N 217 -80.95 -76.32 -27.63
CA LEU N 217 -81.28 -77.70 -27.18
C LEU N 217 -82.33 -78.26 -28.15
N THR N 218 -82.12 -79.49 -28.61
CA THR N 218 -83.05 -80.23 -29.53
C THR N 218 -84.27 -80.71 -28.73
N THR N 219 -84.06 -81.18 -27.49
CA THR N 219 -85.09 -81.70 -26.56
C THR N 219 -84.90 -81.10 -25.16
N PRO N 220 -85.31 -79.83 -24.93
CA PRO N 220 -85.39 -79.29 -23.57
C PRO N 220 -86.47 -80.00 -22.74
N THR N 221 -86.06 -80.63 -21.65
CA THR N 221 -86.93 -81.30 -20.65
C THR N 221 -87.05 -80.42 -19.41
N TYR N 222 -87.94 -80.76 -18.47
CA TYR N 222 -88.13 -80.02 -17.19
C TYR N 222 -86.84 -80.12 -16.35
N GLY N 223 -86.00 -81.14 -16.60
CA GLY N 223 -84.62 -81.22 -16.08
C GLY N 223 -83.80 -80.00 -16.45
N ASP N 224 -83.75 -79.67 -17.75
CA ASP N 224 -82.95 -78.55 -18.31
C ASP N 224 -83.53 -77.22 -17.84
N LEU N 225 -84.85 -77.06 -17.84
CA LEU N 225 -85.54 -75.82 -17.35
C LEU N 225 -85.19 -75.61 -15.88
N ASN N 226 -85.23 -76.67 -15.06
CA ASN N 226 -84.87 -76.62 -13.62
C ASN N 226 -83.39 -76.22 -13.47
N HIS N 227 -82.51 -76.70 -14.35
CA HIS N 227 -81.05 -76.45 -14.31
C HIS N 227 -80.78 -74.94 -14.39
N LEU N 228 -81.51 -74.22 -15.25
CA LEU N 228 -81.34 -72.76 -15.47
C LEU N 228 -81.78 -72.01 -14.22
N VAL N 229 -82.96 -72.35 -13.67
CA VAL N 229 -83.54 -71.75 -12.43
C VAL N 229 -82.51 -71.92 -11.30
N SER N 230 -81.97 -73.13 -11.16
CA SER N 230 -80.96 -73.52 -10.13
C SER N 230 -79.70 -72.65 -10.28
N ALA N 231 -79.19 -72.53 -11.51
CA ALA N 231 -77.98 -71.75 -11.84
C ALA N 231 -78.12 -70.31 -11.32
N ALA N 232 -79.29 -69.70 -11.55
CA ALA N 232 -79.65 -68.35 -11.04
C ALA N 232 -79.75 -68.39 -9.51
N MET N 233 -80.44 -69.39 -8.96
CA MET N 233 -80.72 -69.54 -7.50
C MET N 233 -79.43 -69.49 -6.69
N SER N 234 -78.37 -70.12 -7.19
CA SER N 234 -76.98 -70.05 -6.64
C SER N 234 -76.51 -68.60 -6.64
N GLY N 235 -76.58 -67.95 -7.81
CA GLY N 235 -76.12 -66.57 -8.06
C GLY N 235 -76.68 -65.57 -7.06
N VAL N 236 -77.99 -65.65 -6.78
CA VAL N 236 -78.74 -64.69 -5.90
C VAL N 236 -78.09 -64.68 -4.50
N THR N 237 -77.57 -65.82 -4.04
CA THR N 237 -76.99 -66.01 -2.68
C THR N 237 -75.62 -66.71 -2.77
N CYS N 238 -74.62 -66.02 -3.31
CA CYS N 238 -73.23 -66.52 -3.46
C CYS N 238 -72.27 -65.80 -2.52
N CYS N 239 -72.35 -64.46 -2.50
CA CYS N 239 -71.49 -63.56 -1.68
C CYS N 239 -71.60 -63.89 -0.19
N LEU N 240 -72.67 -64.59 0.23
CA LEU N 240 -72.78 -65.27 1.55
C LEU N 240 -71.74 -66.39 1.65
N ARG N 241 -71.73 -67.28 0.65
CA ARG N 241 -71.02 -68.59 0.68
C ARG N 241 -69.55 -68.44 0.31
N PHE N 242 -69.15 -67.32 -0.29
CA PHE N 242 -67.78 -67.13 -0.85
C PHE N 242 -67.31 -65.69 -0.63
N PRO N 243 -65.98 -65.43 -0.68
CA PRO N 243 -65.45 -64.06 -0.59
C PRO N 243 -65.84 -63.22 -1.82
N GLY N 244 -65.72 -61.89 -1.70
CA GLY N 244 -66.01 -60.93 -2.78
C GLY N 244 -65.19 -59.67 -2.65
N GLN N 245 -64.82 -59.05 -3.77
CA GLN N 245 -64.17 -57.72 -3.83
C GLN N 245 -65.14 -56.69 -3.25
N LEU N 246 -66.43 -56.82 -3.59
CA LEU N 246 -67.56 -56.08 -2.96
C LEU N 246 -68.64 -57.10 -2.58
N ASN N 247 -68.90 -57.24 -1.28
CA ASN N 247 -69.83 -58.26 -0.71
C ASN N 247 -71.26 -57.74 -0.77
N SER N 248 -72.21 -58.68 -0.82
CA SER N 248 -73.68 -58.46 -0.73
C SER N 248 -74.30 -59.65 0.01
N ASP N 249 -75.63 -59.60 0.21
CA ASP N 249 -76.43 -60.72 0.77
C ASP N 249 -77.90 -60.48 0.41
N LEU N 250 -78.79 -61.40 0.82
CA LEU N 250 -80.25 -61.34 0.50
C LEU N 250 -80.84 -60.00 0.95
N ARG N 251 -80.58 -59.59 2.19
CA ARG N 251 -81.14 -58.34 2.78
C ARG N 251 -80.61 -57.15 1.99
N LYS N 252 -79.32 -57.16 1.62
CA LYS N 252 -78.67 -56.07 0.84
C LYS N 252 -79.41 -55.92 -0.49
N LEU N 253 -79.63 -57.02 -1.21
CA LEU N 253 -80.36 -57.02 -2.51
C LEU N 253 -81.76 -56.44 -2.28
N ALA N 254 -82.50 -57.00 -1.31
CA ALA N 254 -83.85 -56.54 -0.91
C ALA N 254 -83.87 -55.03 -0.69
N VAL N 255 -82.96 -54.52 0.17
CA VAL N 255 -82.86 -53.07 0.55
C VAL N 255 -82.75 -52.22 -0.73
N ASN N 256 -82.02 -52.69 -1.74
CA ASN N 256 -81.72 -51.91 -2.96
C ASN N 256 -82.67 -52.28 -4.11
N LEU N 257 -83.37 -53.42 -4.05
CA LEU N 257 -84.28 -53.89 -5.13
C LEU N 257 -85.72 -53.45 -4.90
N ILE N 258 -86.12 -53.16 -3.65
CA ILE N 258 -87.54 -52.88 -3.28
C ILE N 258 -87.66 -51.42 -2.88
N PRO N 259 -88.06 -50.50 -3.78
CA PRO N 259 -88.21 -49.09 -3.41
C PRO N 259 -89.37 -48.94 -2.41
N PHE N 260 -90.53 -49.55 -2.72
CA PHE N 260 -91.75 -49.54 -1.87
C PHE N 260 -92.16 -50.98 -1.59
N PRO N 261 -92.74 -51.29 -0.40
CA PRO N 261 -92.93 -52.66 0.07
C PRO N 261 -93.67 -53.64 -0.85
N ARG N 262 -94.63 -53.14 -1.63
CA ARG N 262 -95.53 -53.96 -2.49
C ARG N 262 -94.82 -54.36 -3.80
N LEU N 263 -93.78 -53.62 -4.22
CA LEU N 263 -93.05 -53.84 -5.50
C LEU N 263 -91.84 -54.75 -5.23
N HIS N 264 -92.06 -56.04 -5.04
CA HIS N 264 -90.97 -57.00 -4.71
C HIS N 264 -90.98 -58.21 -5.63
N PHE N 265 -91.59 -58.10 -6.81
CA PHE N 265 -91.52 -59.11 -7.90
C PHE N 265 -90.33 -58.74 -8.78
N PHE N 266 -89.46 -59.70 -9.11
CA PHE N 266 -88.22 -59.48 -9.89
C PHE N 266 -88.10 -60.53 -11.00
N MET N 267 -87.33 -60.19 -12.04
CA MET N 267 -86.98 -61.07 -13.18
C MET N 267 -85.53 -61.52 -13.01
N ILE N 268 -85.32 -62.80 -12.69
CA ILE N 268 -83.95 -63.40 -12.57
C ILE N 268 -83.49 -63.83 -13.96
N GLY N 269 -82.17 -63.78 -14.21
CA GLY N 269 -81.54 -64.14 -15.49
C GLY N 269 -80.05 -64.39 -15.35
N PHE N 270 -79.54 -65.43 -16.02
CA PHE N 270 -78.14 -65.91 -15.93
C PHE N 270 -77.44 -65.61 -17.27
N ALA N 271 -76.31 -64.88 -17.22
CA ALA N 271 -75.63 -64.25 -18.38
C ALA N 271 -74.75 -65.22 -19.16
N PRO N 272 -73.83 -66.00 -18.54
CA PRO N 272 -72.80 -66.72 -19.31
C PRO N 272 -73.32 -67.93 -20.10
N LEU N 273 -74.64 -68.19 -20.08
CA LEU N 273 -75.30 -69.27 -20.84
C LEU N 273 -75.12 -69.04 -22.34
N THR N 274 -74.52 -70.02 -23.03
CA THR N 274 -74.24 -69.99 -24.49
C THR N 274 -74.54 -71.35 -25.11
N SER N 275 -75.10 -71.35 -26.31
CA SER N 275 -75.18 -72.53 -27.22
C SER N 275 -73.80 -73.18 -27.31
N ARG N 276 -73.76 -74.52 -27.30
CA ARG N 276 -72.52 -75.33 -27.23
C ARG N 276 -71.71 -75.16 -28.51
N GLY N 277 -72.37 -75.02 -29.66
CA GLY N 277 -71.75 -74.75 -30.97
C GLY N 277 -71.21 -73.32 -31.08
N SER N 278 -71.83 -72.36 -30.39
CA SER N 278 -71.55 -70.91 -30.47
C SER N 278 -70.42 -70.48 -29.50
N GLN N 279 -69.92 -71.39 -28.66
CA GLN N 279 -68.96 -71.09 -27.58
C GLN N 279 -67.64 -70.56 -28.16
N GLN N 280 -67.03 -71.34 -29.07
CA GLN N 280 -65.77 -70.99 -29.79
C GLN N 280 -65.72 -69.49 -30.08
N TYR N 281 -66.81 -68.97 -30.65
CA TYR N 281 -66.89 -67.65 -31.30
C TYR N 281 -67.10 -66.54 -30.27
N ARG N 282 -67.94 -66.81 -29.27
CA ARG N 282 -68.22 -65.87 -28.16
C ARG N 282 -66.93 -65.65 -27.35
N ALA N 283 -66.63 -64.38 -27.03
CA ALA N 283 -65.59 -63.98 -26.04
C ALA N 283 -66.25 -63.82 -24.67
N LEU N 284 -65.53 -64.15 -23.59
CA LEU N 284 -66.09 -64.24 -22.21
C LEU N 284 -65.54 -63.06 -21.40
N THR N 285 -66.05 -61.86 -21.71
CA THR N 285 -65.63 -60.57 -21.15
C THR N 285 -66.82 -59.92 -20.45
N VAL N 286 -66.55 -59.07 -19.45
CA VAL N 286 -67.58 -58.33 -18.65
C VAL N 286 -68.55 -57.62 -19.59
N PRO N 287 -68.10 -56.88 -20.63
CA PRO N 287 -69.02 -56.27 -21.59
C PRO N 287 -69.96 -57.27 -22.27
N GLU N 288 -69.43 -58.41 -22.73
CA GLU N 288 -70.20 -59.44 -23.48
C GLU N 288 -71.32 -59.98 -22.57
N LEU N 289 -71.01 -60.30 -21.31
CA LEU N 289 -71.97 -60.89 -20.33
C LEU N 289 -73.02 -59.85 -19.93
N THR N 290 -72.60 -58.58 -19.76
CA THR N 290 -73.49 -57.43 -19.41
C THR N 290 -74.53 -57.22 -20.51
N GLN N 291 -74.18 -57.43 -21.78
CA GLN N 291 -75.11 -57.28 -22.94
C GLN N 291 -76.17 -58.39 -22.89
N GLN N 292 -75.78 -59.63 -22.55
CA GLN N 292 -76.71 -60.78 -22.50
C GLN N 292 -77.67 -60.61 -21.31
N MET N 293 -77.17 -60.23 -20.14
CA MET N 293 -78.00 -60.17 -18.89
C MET N 293 -79.13 -59.14 -19.06
N PHE N 294 -78.91 -58.05 -19.81
CA PHE N 294 -79.91 -56.98 -20.04
C PHE N 294 -80.77 -57.26 -21.27
N ASP N 295 -80.35 -58.20 -22.13
CA ASP N 295 -81.16 -58.69 -23.27
C ASP N 295 -82.47 -59.27 -22.71
N ALA N 296 -83.61 -58.84 -23.25
CA ALA N 296 -84.98 -59.23 -22.82
C ALA N 296 -85.21 -60.73 -23.07
N LYS N 297 -84.39 -61.35 -23.94
CA LYS N 297 -84.40 -62.81 -24.23
C LYS N 297 -83.95 -63.58 -22.98
N ASN N 298 -82.85 -63.15 -22.35
CA ASN N 298 -82.16 -63.84 -21.24
C ASN N 298 -83.07 -64.00 -20.01
N MET N 299 -84.01 -63.07 -19.80
CA MET N 299 -84.89 -63.03 -18.60
C MET N 299 -85.74 -64.30 -18.56
N MET N 300 -85.93 -64.87 -17.35
CA MET N 300 -86.74 -66.09 -17.10
C MET N 300 -88.18 -65.69 -16.72
N CYS N 301 -88.68 -64.59 -17.30
CA CYS N 301 -90.09 -64.11 -17.22
C CYS N 301 -90.60 -63.79 -18.62
N ALA N 302 -91.91 -63.90 -18.83
CA ALA N 302 -92.58 -63.72 -20.14
C ALA N 302 -92.50 -62.26 -20.58
N ALA N 303 -92.64 -61.31 -19.65
CA ALA N 303 -92.74 -59.86 -19.92
C ALA N 303 -91.36 -59.29 -20.27
N ASP N 304 -91.22 -58.70 -21.46
CA ASP N 304 -90.00 -58.01 -21.94
C ASP N 304 -89.83 -56.73 -21.14
N PRO N 305 -88.66 -56.48 -20.51
CA PRO N 305 -88.38 -55.20 -19.84
C PRO N 305 -88.52 -53.95 -20.72
N ARG N 306 -88.53 -54.10 -22.05
CA ARG N 306 -88.70 -53.00 -23.05
C ARG N 306 -90.03 -52.28 -22.87
N HIS N 307 -91.09 -52.99 -22.46
CA HIS N 307 -92.46 -52.44 -22.25
C HIS N 307 -92.52 -51.65 -20.94
N GLY N 308 -91.88 -52.17 -19.89
CA GLY N 308 -91.75 -51.51 -18.57
C GLY N 308 -90.51 -50.64 -18.50
N ARG N 309 -90.25 -50.06 -17.32
CA ARG N 309 -89.05 -49.25 -17.01
C ARG N 309 -88.50 -49.73 -15.67
N TYR N 310 -87.32 -50.36 -15.67
CA TYR N 310 -86.60 -50.85 -14.46
C TYR N 310 -86.66 -49.80 -13.36
N LEU N 311 -87.41 -50.07 -12.28
CA LEU N 311 -87.39 -49.27 -11.03
C LEU N 311 -86.00 -49.37 -10.41
N THR N 312 -85.38 -50.53 -10.56
CA THR N 312 -83.96 -50.83 -10.20
C THR N 312 -83.55 -52.15 -10.85
N ALA N 313 -82.25 -52.47 -10.75
CA ALA N 313 -81.66 -53.77 -11.15
C ALA N 313 -80.53 -54.10 -10.18
N SER N 314 -80.08 -55.35 -10.19
CA SER N 314 -78.92 -55.84 -9.39
C SER N 314 -78.19 -56.94 -10.17
N ALA N 315 -76.87 -56.80 -10.32
CA ALA N 315 -75.96 -57.81 -10.91
C ALA N 315 -75.08 -58.39 -9.79
N LEU N 316 -74.79 -59.69 -9.87
CA LEU N 316 -73.94 -60.43 -8.90
C LEU N 316 -72.88 -61.19 -9.70
N PHE N 317 -71.89 -60.44 -10.20
CA PHE N 317 -70.80 -60.92 -11.07
C PHE N 317 -69.94 -61.93 -10.30
N ARG N 318 -69.41 -62.94 -11.01
CA ARG N 318 -68.66 -64.10 -10.47
C ARG N 318 -67.28 -64.16 -11.13
N GLY N 319 -66.31 -64.79 -10.45
CA GLY N 319 -64.93 -64.95 -10.94
C GLY N 319 -64.07 -63.74 -10.63
N ARG N 320 -62.93 -63.61 -11.33
CA ARG N 320 -61.91 -62.54 -11.12
C ARG N 320 -62.06 -61.51 -12.24
N MET N 321 -62.79 -60.41 -11.97
CA MET N 321 -62.98 -59.28 -12.92
C MET N 321 -62.60 -57.98 -12.20
N SER N 322 -62.02 -57.04 -12.95
CA SER N 322 -61.71 -55.66 -12.50
C SER N 322 -63.00 -54.91 -12.20
N THR N 323 -63.19 -54.49 -10.94
CA THR N 323 -64.41 -53.83 -10.41
C THR N 323 -64.67 -52.54 -11.20
N LYS N 324 -63.61 -51.83 -11.58
CA LYS N 324 -63.67 -50.64 -12.47
C LYS N 324 -64.41 -51.01 -13.75
N GLU N 325 -63.98 -52.08 -14.43
CA GLU N 325 -64.53 -52.52 -15.74
C GLU N 325 -66.02 -52.86 -15.58
N VAL N 326 -66.39 -53.55 -14.50
CA VAL N 326 -67.82 -53.83 -14.15
C VAL N 326 -68.56 -52.49 -14.08
N ASP N 327 -68.08 -51.58 -13.23
CA ASP N 327 -68.70 -50.26 -12.95
C ASP N 327 -68.85 -49.46 -14.25
N GLU N 328 -67.85 -49.50 -15.14
CA GLU N 328 -67.88 -48.86 -16.48
C GLU N 328 -69.06 -49.42 -17.28
N GLN N 329 -69.27 -50.74 -17.24
CA GLN N 329 -70.34 -51.44 -18.02
C GLN N 329 -71.72 -51.07 -17.48
N MET N 330 -71.90 -51.05 -16.15
CA MET N 330 -73.20 -50.75 -15.48
C MET N 330 -73.61 -49.31 -15.80
N LEU N 331 -72.65 -48.38 -15.74
CA LEU N 331 -72.82 -46.96 -16.15
C LEU N 331 -73.24 -46.90 -17.61
N ASN N 332 -72.42 -47.49 -18.50
CA ASN N 332 -72.62 -47.52 -19.97
C ASN N 332 -74.07 -47.95 -20.27
N VAL N 333 -74.53 -49.04 -19.65
CA VAL N 333 -75.90 -49.62 -19.82
C VAL N 333 -76.95 -48.55 -19.49
N GLN N 334 -76.79 -47.84 -18.38
CA GLN N 334 -77.82 -46.89 -17.86
C GLN N 334 -77.97 -45.68 -18.81
N ASN N 335 -76.86 -45.22 -19.39
CA ASN N 335 -76.86 -44.10 -20.39
C ASN N 335 -77.61 -44.55 -21.65
N LYS N 336 -77.30 -45.74 -22.16
CA LYS N 336 -77.90 -46.38 -23.37
C LYS N 336 -79.42 -46.46 -23.21
N ASN N 337 -79.86 -47.07 -22.11
CA ASN N 337 -81.28 -47.39 -21.80
C ASN N 337 -81.87 -46.23 -20.99
N SER N 338 -81.82 -45.01 -21.55
CA SER N 338 -82.36 -43.77 -20.93
C SER N 338 -83.84 -43.96 -20.55
N SER N 339 -84.63 -44.52 -21.47
CA SER N 339 -86.11 -44.75 -21.32
C SER N 339 -86.37 -45.87 -20.31
N TYR N 340 -85.67 -47.01 -20.45
CA TYR N 340 -85.94 -48.26 -19.69
C TYR N 340 -85.49 -48.12 -18.23
N PHE N 341 -84.87 -47.00 -17.85
CA PHE N 341 -84.58 -46.66 -16.43
C PHE N 341 -85.47 -45.50 -16.00
N VAL N 342 -86.03 -45.63 -14.79
CA VAL N 342 -86.89 -44.62 -14.11
C VAL N 342 -86.09 -43.31 -13.94
N GLU N 343 -86.75 -42.17 -14.17
CA GLU N 343 -86.15 -40.80 -14.15
C GLU N 343 -85.64 -40.51 -12.74
N TRP N 344 -86.53 -40.54 -11.75
CA TRP N 344 -86.19 -40.45 -10.30
C TRP N 344 -85.45 -41.73 -9.90
N ILE N 345 -84.68 -41.69 -8.82
CA ILE N 345 -83.76 -42.77 -8.38
C ILE N 345 -82.76 -43.02 -9.50
N PRO N 346 -81.75 -42.14 -9.65
CA PRO N 346 -80.65 -42.38 -10.59
C PRO N 346 -79.63 -43.36 -10.02
N ASN N 347 -78.65 -43.73 -10.85
CA ASN N 347 -77.71 -44.85 -10.62
C ASN N 347 -78.53 -46.08 -10.16
N ASN N 348 -79.48 -46.46 -11.03
CA ASN N 348 -80.54 -47.49 -10.81
C ASN N 348 -79.92 -48.87 -10.56
N ILE N 349 -78.85 -49.22 -11.29
CA ILE N 349 -78.24 -50.57 -11.22
C ILE N 349 -77.34 -50.63 -9.98
N LYS N 350 -77.49 -51.72 -9.21
CA LYS N 350 -76.55 -52.13 -8.13
C LYS N 350 -75.65 -53.25 -8.67
N SER N 351 -74.41 -53.32 -8.21
CA SER N 351 -73.41 -54.36 -8.59
C SER N 351 -72.86 -55.03 -7.33
N SER N 352 -72.63 -56.34 -7.41
CA SER N 352 -71.92 -57.17 -6.40
C SER N 352 -70.90 -58.07 -7.11
N ILE N 353 -69.68 -58.15 -6.56
CA ILE N 353 -68.55 -58.96 -7.09
C ILE N 353 -68.30 -60.11 -6.13
N CYS N 354 -68.32 -61.35 -6.64
CA CYS N 354 -67.89 -62.56 -5.88
C CYS N 354 -66.69 -63.18 -6.60
N ASP N 355 -65.61 -63.45 -5.85
CA ASP N 355 -64.30 -63.91 -6.38
C ASP N 355 -64.42 -65.32 -6.99
N ILE N 356 -65.17 -66.22 -6.34
CA ILE N 356 -65.26 -67.65 -6.72
C ILE N 356 -66.28 -67.79 -7.86
N PRO N 357 -65.86 -68.27 -9.05
CA PRO N 357 -66.78 -68.46 -10.17
C PRO N 357 -67.61 -69.73 -10.00
N PRO N 358 -68.63 -69.97 -10.86
CA PRO N 358 -69.31 -71.26 -10.92
C PRO N 358 -68.41 -72.28 -11.62
N LYS N 359 -68.58 -73.58 -11.31
CA LYS N 359 -67.68 -74.67 -11.77
C LYS N 359 -67.66 -74.73 -13.31
N GLY N 360 -66.46 -74.90 -13.88
CA GLY N 360 -66.22 -75.00 -15.33
C GLY N 360 -66.50 -73.68 -16.05
N LEU N 361 -66.34 -72.55 -15.37
CA LEU N 361 -66.51 -71.18 -15.94
C LEU N 361 -65.49 -70.22 -15.29
N LYS N 362 -65.04 -69.22 -16.06
CA LYS N 362 -64.01 -68.22 -15.66
C LYS N 362 -64.74 -67.00 -15.08
N MET N 363 -65.79 -66.53 -15.76
CA MET N 363 -66.69 -65.44 -15.29
C MET N 363 -68.15 -65.86 -15.48
N ALA N 364 -69.05 -65.28 -14.68
CA ALA N 364 -70.52 -65.45 -14.75
C ALA N 364 -71.21 -64.21 -14.18
N VAL N 365 -72.51 -64.08 -14.44
CA VAL N 365 -73.40 -63.01 -13.90
C VAL N 365 -74.76 -63.61 -13.59
N THR N 366 -75.38 -63.16 -12.49
CA THR N 366 -76.81 -63.38 -12.17
C THR N 366 -77.48 -62.01 -12.04
N PHE N 367 -78.65 -61.86 -12.67
CA PHE N 367 -79.39 -60.58 -12.77
C PHE N 367 -80.71 -60.70 -11.99
N VAL N 368 -81.05 -59.66 -11.22
CA VAL N 368 -82.34 -59.52 -10.48
C VAL N 368 -82.86 -58.10 -10.73
N GLY N 369 -83.98 -57.97 -11.45
CA GLY N 369 -84.49 -56.68 -11.95
C GLY N 369 -85.93 -56.44 -11.55
N ASN N 370 -86.17 -55.41 -10.72
CA ASN N 370 -87.53 -54.88 -10.42
C ASN N 370 -87.91 -53.88 -11.52
N SER N 371 -88.73 -54.31 -12.47
CA SER N 371 -89.30 -53.47 -13.56
C SER N 371 -90.82 -53.40 -13.42
N THR N 372 -91.42 -52.46 -14.14
CA THR N 372 -92.89 -52.30 -14.27
C THR N 372 -93.40 -53.21 -15.39
N ALA N 373 -92.49 -53.84 -16.12
CA ALA N 373 -92.79 -54.85 -17.15
C ALA N 373 -93.49 -56.05 -16.51
N ILE N 374 -93.13 -56.39 -15.27
CA ILE N 374 -93.60 -57.62 -14.56
C ILE N 374 -95.13 -57.58 -14.44
N GLN N 375 -95.68 -56.39 -14.28
CA GLN N 375 -97.13 -56.07 -14.41
C GLN N 375 -97.77 -56.83 -15.59
N GLU N 376 -97.14 -56.78 -16.76
CA GLU N 376 -97.66 -57.32 -18.05
C GLU N 376 -97.94 -58.81 -17.94
N MET N 377 -97.13 -59.56 -17.18
CA MET N 377 -97.30 -61.03 -16.98
C MET N 377 -98.48 -61.29 -16.04
N PHE N 378 -98.78 -60.37 -15.11
CA PHE N 378 -99.88 -60.47 -14.12
C PHE N 378 -101.22 -60.10 -14.75
N LYS N 379 -101.22 -59.16 -15.70
CA LYS N 379 -102.39 -58.83 -16.55
C LYS N 379 -102.89 -60.11 -17.25
N ARG N 380 -101.98 -60.89 -17.84
CA ARG N 380 -102.29 -62.15 -18.58
C ARG N 380 -103.09 -63.09 -17.66
N VAL N 381 -102.72 -63.17 -16.38
CA VAL N 381 -103.38 -64.03 -15.35
C VAL N 381 -104.73 -63.39 -14.98
N ALA N 382 -104.77 -62.05 -14.84
CA ALA N 382 -105.98 -61.27 -14.51
C ALA N 382 -107.04 -61.45 -15.61
N GLU N 383 -106.65 -61.17 -16.86
CA GLU N 383 -107.49 -61.30 -18.09
C GLU N 383 -108.09 -62.70 -18.16
N GLN N 384 -107.26 -63.74 -17.95
CA GLN N 384 -107.66 -65.18 -17.97
C GLN N 384 -108.62 -65.46 -16.81
N PHE N 385 -108.27 -65.02 -15.59
CA PHE N 385 -109.04 -65.24 -14.35
C PHE N 385 -110.45 -64.68 -14.50
N THR N 386 -110.54 -63.39 -14.85
CA THR N 386 -111.81 -62.64 -15.01
C THR N 386 -112.74 -63.46 -15.90
N ALA N 387 -112.29 -63.80 -17.12
CA ALA N 387 -113.06 -64.53 -18.18
C ALA N 387 -113.74 -65.77 -17.61
N MET N 388 -113.07 -66.49 -16.70
CA MET N 388 -113.60 -67.71 -16.03
C MET N 388 -114.51 -67.31 -14.87
N PHE N 389 -114.17 -66.25 -14.12
CA PHE N 389 -114.92 -65.82 -12.91
C PHE N 389 -116.22 -65.09 -13.28
N ARG N 390 -116.20 -64.30 -14.37
CA ARG N 390 -117.40 -63.69 -15.01
C ARG N 390 -118.56 -64.69 -14.91
N ARG N 391 -118.33 -65.93 -15.38
CA ARG N 391 -119.33 -67.03 -15.53
C ARG N 391 -119.47 -67.83 -14.23
N LYS N 392 -118.45 -67.79 -13.36
CA LYS N 392 -118.29 -68.66 -12.16
C LYS N 392 -118.08 -70.11 -12.60
N ALA N 393 -117.11 -70.32 -13.49
CA ALA N 393 -116.68 -71.65 -14.01
C ALA N 393 -115.67 -72.27 -13.05
N PHE N 394 -115.73 -73.58 -12.85
CA PHE N 394 -114.81 -74.36 -11.98
C PHE N 394 -114.70 -73.71 -10.60
N LEU N 395 -115.75 -73.03 -10.13
CA LEU N 395 -115.76 -72.33 -8.81
C LEU N 395 -116.35 -73.25 -7.73
N HIS N 396 -117.07 -74.30 -8.14
CA HIS N 396 -117.75 -75.29 -7.24
C HIS N 396 -116.76 -76.23 -6.55
N TRP N 397 -115.56 -76.44 -7.10
CA TRP N 397 -114.44 -77.17 -6.44
C TRP N 397 -113.97 -76.36 -5.25
N TYR N 398 -113.51 -75.13 -5.52
CA TYR N 398 -112.90 -74.18 -4.54
C TYR N 398 -113.93 -73.83 -3.47
N THR N 399 -115.18 -73.56 -3.88
CA THR N 399 -116.34 -73.26 -2.99
C THR N 399 -116.70 -74.50 -2.16
N GLY N 400 -116.52 -75.70 -2.74
CA GLY N 400 -116.73 -76.99 -2.06
C GLY N 400 -115.84 -77.17 -0.84
N GLU N 401 -114.60 -76.68 -0.89
CA GLU N 401 -113.58 -76.85 0.18
C GLU N 401 -113.88 -75.89 1.36
N GLY N 402 -114.56 -74.76 1.11
CA GLY N 402 -115.00 -73.82 2.16
C GLY N 402 -114.49 -72.40 1.95
N MET N 403 -113.76 -72.14 0.86
CA MET N 403 -113.46 -70.77 0.37
C MET N 403 -114.78 -70.12 -0.07
N ASP N 404 -114.89 -68.79 0.07
CA ASP N 404 -116.11 -67.99 -0.26
C ASP N 404 -115.80 -67.06 -1.45
N GLU N 405 -116.82 -66.75 -2.26
CA GLU N 405 -116.70 -65.89 -3.48
C GLU N 405 -115.99 -64.57 -3.15
N MET N 406 -116.21 -64.04 -1.93
CA MET N 406 -115.56 -62.81 -1.40
C MET N 406 -114.04 -62.90 -1.56
N GLU N 407 -113.46 -64.06 -1.27
CA GLU N 407 -111.99 -64.32 -1.37
C GLU N 407 -111.54 -64.12 -2.82
N PHE N 408 -112.27 -64.67 -3.80
CA PHE N 408 -111.93 -64.59 -5.24
C PHE N 408 -111.91 -63.13 -5.72
N THR N 409 -112.84 -62.31 -5.21
CA THR N 409 -112.99 -60.88 -5.58
C THR N 409 -111.83 -60.07 -4.99
N GLU N 410 -111.46 -60.35 -3.73
CA GLU N 410 -110.39 -59.62 -2.99
C GLU N 410 -109.04 -59.92 -3.63
N ALA N 411 -108.82 -61.18 -4.06
CA ALA N 411 -107.60 -61.64 -4.76
C ALA N 411 -107.40 -60.83 -6.04
N GLU N 412 -108.46 -60.74 -6.86
CA GLU N 412 -108.50 -59.92 -8.10
C GLU N 412 -108.27 -58.45 -7.74
N SER N 413 -108.97 -57.97 -6.70
CA SER N 413 -108.89 -56.58 -6.18
C SER N 413 -107.44 -56.25 -5.80
N ASN N 414 -106.75 -57.15 -5.10
CA ASN N 414 -105.36 -56.95 -4.61
C ASN N 414 -104.39 -57.01 -5.80
N MET N 415 -104.56 -57.95 -6.73
CA MET N 415 -103.67 -58.10 -7.90
C MET N 415 -103.81 -56.88 -8.82
N ASN N 416 -105.04 -56.36 -8.99
CA ASN N 416 -105.31 -55.16 -9.83
C ASN N 416 -104.61 -53.93 -9.23
N ASP N 417 -104.53 -53.84 -7.90
CA ASP N 417 -103.84 -52.73 -7.18
C ASP N 417 -102.33 -52.80 -7.44
N LEU N 418 -101.75 -54.00 -7.41
CA LEU N 418 -100.33 -54.25 -7.77
C LEU N 418 -100.08 -53.69 -9.18
N VAL N 419 -100.90 -54.11 -10.14
CA VAL N 419 -100.80 -53.77 -11.59
C VAL N 419 -100.86 -52.24 -11.74
N SER N 420 -101.81 -51.58 -11.04
CA SER N 420 -101.98 -50.11 -11.01
C SER N 420 -100.69 -49.45 -10.48
N GLU N 421 -100.11 -50.01 -9.41
CA GLU N 421 -98.99 -49.39 -8.66
C GLU N 421 -97.71 -49.42 -9.50
N TYR N 422 -97.42 -50.53 -10.19
CA TYR N 422 -96.31 -50.61 -11.16
C TYR N 422 -96.53 -49.58 -12.26
N GLN N 423 -97.74 -49.50 -12.83
CA GLN N 423 -98.09 -48.57 -13.93
C GLN N 423 -97.98 -47.11 -13.45
N GLN N 424 -98.26 -46.86 -12.16
CA GLN N 424 -98.01 -45.55 -11.51
C GLN N 424 -96.53 -45.18 -11.63
N TYR N 425 -95.64 -46.09 -11.21
CA TYR N 425 -94.18 -45.84 -11.08
C TYR N 425 -93.46 -46.02 -12.44
N GLN N 426 -94.14 -46.51 -13.47
CA GLN N 426 -93.66 -46.47 -14.89
C GLN N 426 -93.90 -45.07 -15.45
N ASP N 427 -95.16 -44.63 -15.39
CA ASP N 427 -95.68 -43.37 -16.00
C ASP N 427 -95.14 -42.14 -15.25
N ALA N 428 -94.91 -42.26 -13.93
CA ALA N 428 -94.45 -41.16 -13.04
C ALA N 428 -93.12 -40.58 -13.56
N THR N 429 -93.00 -39.25 -13.51
CA THR N 429 -91.82 -38.46 -13.98
C THR N 429 -91.37 -37.51 -12.88
N ALA N 430 -90.13 -37.64 -12.40
CA ALA N 430 -89.55 -36.86 -11.28
C ALA N 430 -88.02 -36.82 -11.40
N MET O 1 66.62 67.54 69.61
CA MET O 1 67.73 67.79 68.64
C MET O 1 67.20 67.64 67.21
N ARG O 2 66.41 68.62 66.77
CA ARG O 2 65.91 68.77 65.37
C ARG O 2 64.89 67.65 65.05
N GLU O 3 64.25 67.05 66.06
CA GLU O 3 63.32 65.91 65.90
C GLU O 3 62.05 66.36 65.17
N VAL O 4 61.60 65.58 64.18
CA VAL O 4 60.36 65.79 63.39
C VAL O 4 59.55 64.49 63.43
N ILE O 5 58.31 64.55 63.95
CA ILE O 5 57.33 63.41 63.89
C ILE O 5 56.60 63.50 62.55
N SER O 6 56.55 62.39 61.81
CA SER O 6 55.88 62.26 60.48
C SER O 6 54.59 61.43 60.61
N ILE O 7 53.43 62.06 60.43
CA ILE O 7 52.09 61.41 60.54
C ILE O 7 51.56 61.17 59.11
N HIS O 8 51.58 59.91 58.65
CA HIS O 8 51.09 59.50 57.31
C HIS O 8 49.68 58.92 57.45
N VAL O 9 48.66 59.65 56.98
CA VAL O 9 47.22 59.31 57.13
C VAL O 9 46.61 59.06 55.74
N GLY O 10 45.91 57.95 55.57
CA GLY O 10 45.27 57.58 54.30
C GLY O 10 46.26 56.97 53.32
N GLN O 11 45.76 56.23 52.33
CA GLN O 11 46.56 55.51 51.31
C GLN O 11 47.62 56.46 50.74
N GLY O 12 47.16 57.59 50.18
CA GLY O 12 48.02 58.63 49.60
C GLY O 12 49.08 59.11 50.57
N GLY O 13 48.72 59.24 51.85
CA GLY O 13 49.66 59.57 52.94
C GLY O 13 50.72 58.50 53.12
N ILE O 14 50.29 57.24 53.28
CA ILE O 14 51.21 56.08 53.54
C ILE O 14 52.13 55.90 52.34
N GLN O 15 51.58 55.79 51.12
CA GLN O 15 52.35 55.44 49.90
C GLN O 15 53.37 56.54 49.59
N VAL O 16 53.02 57.82 49.78
CA VAL O 16 53.98 58.97 49.76
C VAL O 16 55.04 58.71 50.83
N GLY O 17 54.60 58.35 52.04
CA GLY O 17 55.47 58.03 53.20
C GLY O 17 56.54 57.02 52.82
N ASN O 18 56.12 55.84 52.33
CA ASN O 18 57.04 54.76 51.89
C ASN O 18 58.19 55.39 51.11
N ALA O 19 57.86 56.13 50.04
CA ALA O 19 58.82 56.81 49.14
C ALA O 19 59.72 57.78 49.93
N CYS O 20 59.16 58.50 50.90
CA CYS O 20 59.92 59.44 51.79
C CYS O 20 60.98 58.65 52.57
N TRP O 21 60.59 57.51 53.14
CA TRP O 21 61.44 56.74 54.09
C TRP O 21 62.48 55.90 53.34
N GLU O 22 62.20 55.52 52.09
CA GLU O 22 63.25 55.02 51.15
C GLU O 22 64.37 56.05 51.07
N LEU O 23 64.00 57.29 50.71
CA LEU O 23 64.93 58.42 50.46
C LEU O 23 65.73 58.71 51.74
N PHE O 24 65.03 58.88 52.87
CA PHE O 24 65.65 59.18 54.18
C PHE O 24 66.65 58.08 54.54
N CYS O 25 66.25 56.81 54.41
CA CYS O 25 67.08 55.62 54.72
C CYS O 25 68.38 55.66 53.89
N LEU O 26 68.27 55.99 52.60
CA LEU O 26 69.43 56.10 51.67
C LEU O 26 70.31 57.29 52.08
N GLU O 27 69.69 58.43 52.43
CA GLU O 27 70.39 59.70 52.76
C GLU O 27 71.32 59.51 53.96
N HIS O 28 70.79 58.94 55.04
CA HIS O 28 71.53 58.73 56.32
C HIS O 28 72.34 57.44 56.26
N GLY O 29 72.01 56.53 55.33
CA GLY O 29 72.74 55.26 55.10
C GLY O 29 72.16 54.10 55.89
N ILE O 30 70.96 54.25 56.46
CA ILE O 30 70.22 53.18 57.19
C ILE O 30 69.81 52.11 56.17
N GLN O 31 70.10 50.84 56.46
CA GLN O 31 69.71 49.67 55.64
C GLN O 31 68.29 49.26 56.04
N PRO O 32 67.61 48.37 55.27
CA PRO O 32 66.23 47.97 55.59
C PRO O 32 66.00 47.34 56.97
N ASP O 33 67.01 46.64 57.51
CA ASP O 33 66.98 46.04 58.88
C ASP O 33 66.84 47.15 59.93
N GLY O 34 67.34 48.35 59.64
CA GLY O 34 67.33 49.52 60.53
C GLY O 34 68.70 49.81 61.14
N GLN O 35 69.71 49.00 60.79
CA GLN O 35 71.10 49.12 61.28
C GLN O 35 71.94 49.80 60.21
N MET O 36 72.45 51.01 60.49
CA MET O 36 73.51 51.67 59.69
C MET O 36 74.77 50.81 59.77
N PRO O 37 75.49 50.56 58.65
CA PRO O 37 76.81 49.94 58.73
C PRO O 37 77.86 50.96 59.19
N SER O 38 78.55 50.67 60.31
CA SER O 38 79.57 51.55 60.94
C SER O 38 80.84 51.58 60.09
N ASP O 39 80.90 52.47 59.09
CA ASP O 39 82.01 52.61 58.10
C ASP O 39 82.64 54.01 58.22
N LYS O 40 83.81 54.19 57.59
CA LYS O 40 84.73 55.37 57.62
C LYS O 40 85.52 55.43 58.95
N THR O 41 85.36 54.43 59.84
CA THR O 41 86.03 54.27 61.17
C THR O 41 85.76 55.47 62.10
N ILE O 42 84.76 56.30 61.80
CA ILE O 42 84.30 57.49 62.59
C ILE O 42 82.79 57.63 62.37
N GLY O 43 82.05 58.07 63.40
CA GLY O 43 80.63 58.47 63.27
C GLY O 43 80.51 59.79 62.51
N GLY O 44 80.67 59.75 61.18
CA GLY O 44 80.74 60.92 60.30
C GLY O 44 79.36 61.51 60.01
N GLY O 45 78.38 60.64 59.72
CA GLY O 45 76.95 61.00 59.59
C GLY O 45 76.18 60.77 60.87
N ASP O 46 76.87 60.74 62.02
CA ASP O 46 76.27 60.55 63.38
C ASP O 46 75.45 61.79 63.74
N ASP O 47 74.24 61.59 64.27
CA ASP O 47 73.26 62.61 64.74
C ASP O 47 72.52 63.27 63.56
N ALA O 48 72.91 62.99 62.31
CA ALA O 48 72.18 63.42 61.09
C ALA O 48 70.75 62.89 61.14
N PHE O 49 70.62 61.58 61.41
CA PHE O 49 69.34 60.81 61.40
C PHE O 49 68.41 61.24 62.55
N ASN O 50 68.95 61.77 63.66
CA ASN O 50 68.18 62.05 64.89
C ASN O 50 66.96 62.93 64.59
N THR O 51 66.98 63.70 63.50
CA THR O 51 65.79 64.38 62.91
C THR O 51 64.63 63.38 62.77
N PHE O 52 64.86 62.32 62.00
CA PHE O 52 63.79 61.42 61.49
C PHE O 52 63.82 60.05 62.17
N PHE O 53 64.99 59.53 62.58
CA PHE O 53 65.14 58.19 63.19
C PHE O 53 65.57 58.31 64.66
N SER O 54 65.01 57.47 65.52
CA SER O 54 65.39 57.31 66.95
C SER O 54 66.28 56.09 67.10
N GLU O 55 67.52 56.28 67.56
CA GLU O 55 68.45 55.19 67.98
C GLU O 55 67.82 54.49 69.21
N THR O 56 67.61 53.18 69.14
CA THR O 56 67.01 52.36 70.24
C THR O 56 68.07 52.07 71.31
N GLY O 57 69.36 52.24 71.00
CA GLY O 57 70.50 52.06 71.92
C GLY O 57 71.28 50.79 71.62
N ALA O 58 70.71 49.89 70.80
CA ALA O 58 71.25 48.57 70.44
C ALA O 58 71.88 48.60 69.03
N GLY O 59 71.90 49.77 68.38
CA GLY O 59 72.41 49.96 67.01
C GLY O 59 71.31 50.09 65.98
N LYS O 60 70.08 49.68 66.31
CA LYS O 60 68.89 49.73 65.40
C LYS O 60 68.23 51.10 65.50
N HIS O 61 68.04 51.78 64.37
CA HIS O 61 67.36 53.10 64.25
C HIS O 61 65.93 52.87 63.75
N VAL O 62 64.96 53.52 64.39
CA VAL O 62 63.51 53.40 64.09
C VAL O 62 63.04 54.75 63.58
N PRO O 63 62.28 54.80 62.46
CA PRO O 63 61.65 56.04 62.00
C PRO O 63 60.69 56.62 63.04
N ARG O 64 60.79 57.92 63.30
CA ARG O 64 59.82 58.67 64.14
C ARG O 64 58.62 59.01 63.25
N ALA O 65 57.75 58.03 62.98
CA ALA O 65 56.62 58.18 62.04
C ALA O 65 55.47 57.23 62.38
N VAL O 66 54.25 57.78 62.46
CA VAL O 66 52.99 57.01 62.65
C VAL O 66 52.27 56.92 61.29
N PHE O 67 52.23 55.71 60.73
CA PHE O 67 51.42 55.35 59.54
C PHE O 67 50.02 54.96 60.01
N LEU O 68 49.00 55.71 59.61
CA LEU O 68 47.60 55.53 60.06
C LEU O 68 46.70 55.33 58.83
N ASP O 69 45.87 54.28 58.86
CA ASP O 69 44.83 54.02 57.82
C ASP O 69 43.66 53.28 58.46
N LEU O 70 42.44 53.64 58.06
CA LEU O 70 41.17 52.96 58.45
C LEU O 70 41.02 51.66 57.64
N GLU O 71 41.80 51.53 56.55
CA GLU O 71 41.88 50.34 55.65
C GLU O 71 43.15 49.55 55.99
N PRO O 72 43.09 48.20 56.07
CA PRO O 72 44.28 47.39 56.36
C PRO O 72 45.26 47.14 55.21
N THR O 73 44.85 47.34 53.94
CA THR O 73 45.57 46.85 52.74
C THR O 73 46.88 47.61 52.54
N VAL O 74 46.86 48.95 52.62
CA VAL O 74 48.05 49.80 52.33
C VAL O 74 49.09 49.54 53.42
N ILE O 75 48.70 49.57 54.69
CA ILE O 75 49.62 49.37 55.85
C ILE O 75 50.16 47.93 55.82
N ASP O 76 49.37 46.95 55.38
CA ASP O 76 49.80 45.53 55.21
C ASP O 76 50.92 45.46 54.19
N GLU O 77 50.82 46.22 53.08
CA GLU O 77 51.85 46.28 52.01
C GLU O 77 53.19 46.75 52.61
N VAL O 78 53.16 47.62 53.63
CA VAL O 78 54.38 48.09 54.35
C VAL O 78 54.90 46.95 55.23
N ARG O 79 54.01 46.20 55.89
CA ARG O 79 54.35 45.09 56.83
C ARG O 79 54.94 43.89 56.07
N THR O 80 54.50 43.63 54.83
CA THR O 80 55.03 42.57 53.92
C THR O 80 55.90 43.24 52.84
N GLY O 81 56.78 44.16 53.26
CA GLY O 81 57.66 44.96 52.37
C GLY O 81 59.12 44.78 52.74
N THR O 82 60.01 45.48 52.03
CA THR O 82 61.48 45.48 52.28
C THR O 82 61.77 46.13 53.64
N TYR O 83 60.98 47.13 54.04
CA TYR O 83 61.17 47.94 55.26
C TYR O 83 60.28 47.44 56.41
N ARG O 84 59.88 46.17 56.37
CA ARG O 84 59.04 45.54 57.43
C ARG O 84 59.75 45.67 58.79
N GLN O 85 61.06 45.40 58.84
CA GLN O 85 61.89 45.39 60.08
C GLN O 85 62.32 46.79 60.48
N LEU O 86 62.10 47.80 59.62
CA LEU O 86 62.48 49.21 59.92
C LEU O 86 61.44 49.83 60.85
N PHE O 87 60.15 49.77 60.50
CA PHE O 87 59.05 50.50 61.17
C PHE O 87 58.56 49.71 62.39
N HIS O 88 58.32 50.42 63.50
CA HIS O 88 57.79 49.88 64.78
C HIS O 88 56.39 49.31 64.59
N PRO O 89 56.13 48.04 64.96
CA PRO O 89 54.83 47.42 64.71
C PRO O 89 53.62 48.24 65.22
N GLU O 90 53.76 48.92 66.37
CA GLU O 90 52.67 49.73 66.98
C GLU O 90 52.51 51.05 66.20
N GLN O 91 53.60 51.63 65.69
CA GLN O 91 53.58 52.88 64.86
C GLN O 91 52.69 52.67 63.63
N LEU O 92 52.76 51.49 63.02
CA LEU O 92 51.91 51.10 61.86
C LEU O 92 50.52 50.70 62.38
N ILE O 93 49.64 51.68 62.56
CA ILE O 93 48.26 51.48 63.08
C ILE O 93 47.34 51.18 61.89
N SER O 94 46.45 50.21 62.07
CA SER O 94 45.48 49.71 61.05
C SER O 94 44.05 49.93 61.54
N GLY O 95 43.11 50.02 60.59
CA GLY O 95 41.66 49.91 60.82
C GLY O 95 41.08 48.74 60.03
N LYS O 96 39.98 48.18 60.52
CA LYS O 96 39.30 47.01 59.90
C LYS O 96 38.55 47.47 58.64
N GLU O 97 37.78 48.57 58.73
CA GLU O 97 36.88 49.07 57.65
C GLU O 97 37.26 50.50 57.28
N ASP O 98 37.41 50.77 55.97
CA ASP O 98 37.83 52.09 55.41
C ASP O 98 36.70 53.11 55.52
N ALA O 99 37.03 54.40 55.44
CA ALA O 99 36.07 55.54 55.46
C ALA O 99 35.28 55.59 54.14
N ALA O 100 35.80 54.97 53.07
CA ALA O 100 35.10 54.75 51.80
C ALA O 100 34.77 56.09 51.13
N ASN O 101 35.73 57.02 51.13
CA ASN O 101 35.61 58.39 50.55
C ASN O 101 34.44 59.13 51.22
N ASN O 102 34.27 59.01 52.54
CA ASN O 102 33.24 59.76 53.30
C ASN O 102 33.88 60.39 54.54
N PHE O 103 34.17 61.69 54.46
CA PHE O 103 34.68 62.55 55.56
C PHE O 103 34.01 62.13 56.87
N ALA O 104 32.67 62.03 56.85
CA ALA O 104 31.80 61.75 58.02
C ALA O 104 32.25 60.47 58.72
N ARG O 105 32.52 59.39 57.98
CA ARG O 105 33.05 58.12 58.56
C ARG O 105 34.40 58.40 59.21
N GLY O 106 35.27 59.12 58.51
CA GLY O 106 36.63 59.46 58.97
C GLY O 106 36.64 60.42 60.16
N HIS O 107 35.62 61.28 60.30
CA HIS O 107 35.58 62.36 61.32
C HIS O 107 34.76 61.97 62.56
N TYR O 108 33.76 61.08 62.44
CA TYR O 108 32.88 60.67 63.56
C TYR O 108 32.88 59.14 63.72
N THR O 109 32.18 58.42 62.83
CA THR O 109 31.77 57.00 63.00
C THR O 109 33.01 56.14 63.32
N ILE O 110 33.93 56.00 62.36
CA ILE O 110 35.09 55.07 62.43
C ILE O 110 36.27 55.78 63.10
N GLY O 111 36.55 57.03 62.70
CA GLY O 111 37.74 57.81 63.10
C GLY O 111 37.90 57.92 64.61
N LYS O 112 36.78 58.09 65.36
CA LYS O 112 36.78 58.35 66.82
C LYS O 112 37.29 57.15 67.62
N GLU O 113 37.23 55.94 67.06
CA GLU O 113 37.73 54.69 67.69
C GLU O 113 39.27 54.69 67.66
N ILE O 114 39.84 54.98 66.49
CA ILE O 114 41.28 54.79 66.16
C ILE O 114 42.11 55.96 66.71
N VAL O 115 41.62 57.20 66.54
CA VAL O 115 42.35 58.46 66.90
C VAL O 115 42.91 58.36 68.32
N ASP O 116 42.15 57.77 69.25
CA ASP O 116 42.55 57.58 70.67
C ASP O 116 43.88 56.82 70.72
N LEU O 117 44.01 55.75 69.92
CA LEU O 117 45.23 54.89 69.89
C LEU O 117 46.39 55.64 69.23
N CYS O 118 46.13 56.43 68.19
CA CYS O 118 47.17 57.21 67.44
C CYS O 118 47.81 58.24 68.37
N LEU O 119 47.01 59.06 69.06
CA LEU O 119 47.50 60.14 69.97
C LEU O 119 48.44 59.56 71.02
N ASP O 120 48.10 58.39 71.59
CA ASP O 120 48.96 57.67 72.55
C ASP O 120 50.32 57.39 71.90
N ARG O 121 50.32 56.89 70.66
CA ARG O 121 51.56 56.60 69.87
C ARG O 121 52.36 57.88 69.65
N ILE O 122 51.68 58.99 69.32
CA ILE O 122 52.35 60.31 69.08
C ILE O 122 53.00 60.76 70.40
N ARG O 123 52.28 60.66 71.52
CA ARG O 123 52.75 61.05 72.87
C ARG O 123 54.03 60.26 73.19
N LYS O 124 54.01 58.93 72.98
CA LYS O 124 55.19 58.05 73.21
C LYS O 124 56.36 58.52 72.36
N LEU O 125 56.11 58.89 71.10
CA LEU O 125 57.14 59.40 70.15
C LEU O 125 57.61 60.80 70.57
N ALA O 126 56.70 61.64 71.08
CA ALA O 126 56.99 63.01 71.55
C ALA O 126 57.80 63.00 72.84
N ASP O 127 57.62 61.97 73.69
CA ASP O 127 58.37 61.78 74.97
C ASP O 127 59.85 61.50 74.68
N ASN O 128 60.14 60.64 73.70
CA ASN O 128 61.51 60.30 73.24
C ASN O 128 62.19 61.56 72.69
N CYS O 129 61.45 62.38 71.93
CA CYS O 129 61.93 63.63 71.27
C CYS O 129 62.30 64.68 72.33
N THR O 130 63.47 65.31 72.17
CA THR O 130 63.99 66.41 73.04
C THR O 130 64.21 67.66 72.19
N GLY O 131 63.31 68.64 72.31
CA GLY O 131 63.27 69.82 71.41
C GLY O 131 62.78 69.43 70.04
N LEU O 132 61.56 68.86 69.97
CA LEU O 132 60.82 68.58 68.71
C LEU O 132 60.63 69.88 67.94
N GLN O 133 60.88 69.86 66.63
CA GLN O 133 60.78 71.07 65.75
C GLN O 133 59.34 71.23 65.25
N GLY O 134 58.73 70.14 64.76
CA GLY O 134 57.35 70.18 64.25
C GLY O 134 56.79 68.81 63.89
N PHE O 135 55.52 68.78 63.48
CA PHE O 135 54.75 67.60 63.04
C PHE O 135 54.49 67.68 61.53
N LEU O 136 55.30 67.00 60.71
CA LEU O 136 54.98 66.80 59.28
C LEU O 136 53.79 65.83 59.19
N VAL O 137 52.74 66.19 58.45
CA VAL O 137 51.52 65.35 58.24
C VAL O 137 51.30 65.20 56.73
N PHE O 138 50.95 63.98 56.29
CA PHE O 138 50.72 63.60 54.88
C PHE O 138 49.32 63.00 54.78
N ASN O 139 48.39 63.72 54.14
CA ASN O 139 46.98 63.27 53.95
C ASN O 139 46.46 63.72 52.59
N SER O 140 45.72 62.84 51.91
CA SER O 140 44.96 63.14 50.68
C SER O 140 43.60 63.72 51.10
N VAL O 141 43.28 64.95 50.68
CA VAL O 141 42.01 65.64 51.06
C VAL O 141 40.89 65.20 50.09
N GLY O 142 41.23 64.54 48.98
CA GLY O 142 40.27 63.88 48.07
C GLY O 142 39.62 62.65 48.71
N GLY O 143 40.35 61.95 49.57
CA GLY O 143 39.97 60.64 50.15
C GLY O 143 39.39 60.76 51.55
N GLY O 144 38.70 59.70 51.99
CA GLY O 144 37.96 59.65 53.27
C GLY O 144 38.89 59.80 54.47
N THR O 145 39.77 58.82 54.68
CA THR O 145 40.67 58.71 55.87
C THR O 145 41.48 60.01 56.02
N GLY O 146 42.24 60.37 54.98
CA GLY O 146 43.11 61.56 54.95
C GLY O 146 42.35 62.84 55.24
N SER O 147 41.15 62.98 54.69
CA SER O 147 40.24 64.11 54.94
C SER O 147 39.72 64.03 56.38
N GLY O 148 38.96 62.98 56.69
CA GLY O 148 38.15 62.84 57.93
C GLY O 148 39.01 62.65 59.16
N LEU O 149 39.74 61.54 59.26
CA LEU O 149 40.59 61.21 60.43
C LEU O 149 41.77 62.18 60.48
N GLY O 150 42.38 62.47 59.32
CA GLY O 150 43.52 63.40 59.19
C GLY O 150 43.19 64.78 59.75
N SER O 151 41.97 65.27 59.53
CA SER O 151 41.45 66.53 60.12
C SER O 151 41.29 66.36 61.63
N LEU O 152 40.60 65.29 62.06
CA LEU O 152 40.34 64.99 63.50
C LEU O 152 41.68 64.94 64.25
N LEU O 153 42.71 64.30 63.67
CA LEU O 153 44.07 64.23 64.26
C LEU O 153 44.56 65.65 64.56
N LEU O 154 44.63 66.50 63.52
CA LEU O 154 45.19 67.88 63.59
C LEU O 154 44.50 68.69 64.69
N GLU O 155 43.17 68.60 64.77
CA GLU O 155 42.35 69.26 65.83
C GLU O 155 42.87 68.84 67.20
N ARG O 156 42.94 67.53 67.44
CA ARG O 156 43.33 66.93 68.73
C ARG O 156 44.78 67.31 69.05
N LEU O 157 45.69 67.14 68.09
CA LEU O 157 47.13 67.48 68.21
C LEU O 157 47.27 68.94 68.68
N SER O 158 46.52 69.86 68.09
CA SER O 158 46.60 71.33 68.32
C SER O 158 46.29 71.67 69.79
N VAL O 159 45.38 70.93 70.44
CA VAL O 159 45.06 71.12 71.89
C VAL O 159 46.18 70.51 72.74
N ASP O 160 46.64 69.31 72.37
CA ASP O 160 47.57 68.49 73.19
C ASP O 160 48.98 69.11 73.18
N TYR O 161 49.52 69.43 72.00
CA TYR O 161 50.94 69.81 71.80
C TYR O 161 51.11 71.33 71.65
N GLY O 162 50.03 72.06 71.34
CA GLY O 162 50.00 73.54 71.41
C GLY O 162 50.91 74.19 70.36
N LYS O 163 52.10 74.62 70.78
CA LYS O 163 53.00 75.50 69.99
C LYS O 163 53.67 74.72 68.84
N LYS O 164 54.05 73.46 69.08
CA LYS O 164 54.81 72.62 68.11
C LYS O 164 54.16 72.77 66.73
N SER O 165 54.95 73.17 65.72
CA SER O 165 54.49 73.49 64.34
C SER O 165 53.89 72.24 63.68
N LYS O 166 52.86 72.42 62.83
CA LYS O 166 52.16 71.34 62.08
C LYS O 166 52.17 71.68 60.58
N LEU O 167 53.22 71.27 59.86
CA LEU O 167 53.36 71.47 58.39
C LEU O 167 52.67 70.34 57.65
N GLY O 168 51.54 70.61 57.01
CA GLY O 168 50.70 69.61 56.31
C GLY O 168 50.94 69.58 54.82
N PHE O 169 51.46 68.45 54.29
CA PHE O 169 51.61 68.18 52.83
C PHE O 169 50.38 67.44 52.33
N THR O 170 49.49 68.17 51.66
CA THR O 170 48.11 67.74 51.32
C THR O 170 47.99 67.54 49.80
N ILE O 171 47.35 66.46 49.38
CA ILE O 171 47.19 66.08 47.96
C ILE O 171 45.77 66.47 47.51
N TYR O 172 45.54 67.77 47.34
CA TYR O 172 44.25 68.35 46.86
C TYR O 172 43.94 67.78 45.49
N PRO O 173 42.67 67.45 45.18
CA PRO O 173 42.33 66.87 43.88
C PRO O 173 42.45 67.92 42.76
N SER O 174 43.22 67.59 41.71
CA SER O 174 43.36 68.40 40.48
C SER O 174 41.99 68.53 39.81
N PRO O 175 41.64 69.69 39.22
CA PRO O 175 40.30 69.91 38.66
C PRO O 175 39.99 69.08 37.39
N GLN O 176 40.92 69.02 36.43
CA GLN O 176 40.72 68.26 35.17
C GLN O 176 40.62 66.77 35.52
N VAL O 177 41.68 66.21 36.11
CA VAL O 177 41.81 64.77 36.50
C VAL O 177 41.34 64.60 37.95
N SER O 178 40.25 63.88 38.16
CA SER O 178 39.74 63.46 39.50
C SER O 178 39.55 61.94 39.51
N THR O 179 39.95 61.31 40.62
CA THR O 179 39.94 59.83 40.85
C THR O 179 38.57 59.38 41.35
N ALA O 180 37.88 60.22 42.13
CA ALA O 180 36.59 59.94 42.80
C ALA O 180 35.62 61.11 42.57
N VAL O 181 34.32 60.80 42.55
CA VAL O 181 33.21 61.73 42.17
C VAL O 181 32.86 62.63 43.37
N VAL O 182 33.00 62.09 44.59
CA VAL O 182 32.59 62.73 45.87
C VAL O 182 33.79 63.52 46.46
N GLU O 183 34.85 63.73 45.68
CA GLU O 183 36.12 64.39 46.10
C GLU O 183 35.88 65.83 46.56
N PRO O 184 35.09 66.66 45.83
CA PRO O 184 34.84 68.03 46.26
C PRO O 184 34.32 68.08 47.72
N TYR O 185 33.22 67.37 48.00
CA TYR O 185 32.55 67.29 49.34
C TYR O 185 33.59 67.07 50.44
N ASN O 186 34.41 66.03 50.31
CA ASN O 186 35.53 65.70 51.22
C ASN O 186 36.42 66.95 51.38
N SER O 187 37.01 67.41 50.27
CA SER O 187 38.02 68.50 50.21
C SER O 187 37.56 69.72 51.02
N ILE O 188 36.33 70.17 50.74
CA ILE O 188 35.73 71.40 51.34
C ILE O 188 35.63 71.20 52.86
N LEU O 189 35.04 70.10 53.31
CA LEU O 189 34.86 69.76 54.75
C LEU O 189 36.23 69.62 55.42
N SER O 190 37.23 69.08 54.72
CA SER O 190 38.62 68.93 55.21
C SER O 190 39.28 70.29 55.36
N THR O 191 39.17 71.13 54.33
CA THR O 191 39.84 72.46 54.26
C THR O 191 39.44 73.30 55.48
N HIS O 192 38.14 73.37 55.80
CA HIS O 192 37.60 74.16 56.94
C HIS O 192 38.33 73.78 58.24
N SER O 193 38.43 72.49 58.53
CA SER O 193 39.20 71.95 59.67
C SER O 193 40.68 72.34 59.50
N LEU O 194 41.25 72.07 58.32
CA LEU O 194 42.67 72.34 58.00
C LEU O 194 42.97 73.84 58.11
N LEU O 195 41.98 74.71 57.80
CA LEU O 195 42.13 76.21 57.74
C LEU O 195 42.47 76.81 59.10
N GLU O 196 42.21 76.08 60.21
CA GLU O 196 42.39 76.58 61.60
C GLU O 196 43.58 75.91 62.27
N HIS O 197 43.77 74.61 62.05
CA HIS O 197 44.56 73.71 62.93
C HIS O 197 46.00 73.56 62.42
N THR O 198 46.23 73.68 61.11
CA THR O 198 47.59 73.65 60.49
C THR O 198 48.23 75.05 60.56
N ASP O 199 49.56 75.10 60.60
CA ASP O 199 50.38 76.33 60.66
C ASP O 199 50.75 76.75 59.23
N VAL O 200 51.26 75.80 58.45
CA VAL O 200 51.59 75.92 56.99
C VAL O 200 51.06 74.66 56.29
N ALA O 201 50.28 74.83 55.22
CA ALA O 201 49.73 73.73 54.38
C ALA O 201 50.31 73.83 52.97
N VAL O 202 51.14 72.85 52.58
CA VAL O 202 51.80 72.80 51.24
C VAL O 202 50.91 71.97 50.31
N MET O 203 50.26 72.63 49.35
CA MET O 203 49.29 72.02 48.41
C MET O 203 50.06 71.33 47.27
N LEU O 204 49.67 70.10 46.93
CA LEU O 204 50.23 69.29 45.81
C LEU O 204 49.08 68.61 45.06
N ASP O 205 48.81 69.02 43.82
CA ASP O 205 47.77 68.41 42.94
C ASP O 205 48.46 67.38 42.05
N ASN O 206 47.96 66.14 42.05
CA ASN O 206 48.57 65.01 41.30
C ASN O 206 48.80 65.44 39.85
N GLU O 207 47.74 65.79 39.13
CA GLU O 207 47.78 66.09 37.67
C GLU O 207 48.99 66.96 37.35
N ALA O 208 49.17 68.06 38.10
CA ALA O 208 50.29 69.00 37.90
C ALA O 208 51.61 68.23 37.91
N ILE O 209 51.82 67.38 38.92
CA ILE O 209 53.09 66.62 39.09
C ILE O 209 53.18 65.58 37.97
N TYR O 210 52.06 64.96 37.58
CA TYR O 210 51.98 64.04 36.41
C TYR O 210 52.57 64.73 35.18
N ASP O 211 52.13 65.96 34.91
CA ASP O 211 52.57 66.78 33.75
C ASP O 211 54.08 66.99 33.84
N ILE O 212 54.61 67.27 35.04
CA ILE O 212 56.06 67.53 35.28
C ILE O 212 56.85 66.28 34.86
N CYS O 213 56.37 65.09 35.22
CA CYS O 213 57.00 63.79 34.86
C CYS O 213 57.06 63.64 33.33
N ARG O 214 55.97 63.96 32.63
CA ARG O 214 55.89 63.84 31.15
C ARG O 214 56.82 64.87 30.48
N ARG O 215 57.05 66.01 31.13
CA ARG O 215 57.75 67.19 30.56
C ARG O 215 59.25 67.12 30.86
N ASN O 216 59.63 66.82 32.11
CA ASN O 216 61.02 66.92 32.61
C ASN O 216 61.70 65.55 32.59
N LEU O 217 61.01 64.52 33.09
CA LEU O 217 61.54 63.11 33.13
C LEU O 217 61.25 62.41 31.80
N ASP O 218 60.36 62.98 30.97
CA ASP O 218 60.04 62.52 29.60
C ASP O 218 59.48 61.08 29.63
N ILE O 219 58.72 60.75 30.68
CA ILE O 219 58.01 59.44 30.79
C ILE O 219 56.61 59.60 30.19
N GLU O 220 56.29 58.79 29.19
CA GLU O 220 54.98 58.78 28.47
C GLU O 220 53.89 58.31 29.44
N ARG O 221 54.23 57.40 30.35
CA ARG O 221 53.30 56.70 31.28
C ARG O 221 53.83 56.78 32.71
N PRO O 222 53.64 57.92 33.43
CA PRO O 222 53.99 58.02 34.85
C PRO O 222 53.02 57.26 35.78
N THR O 223 53.55 56.67 36.85
CA THR O 223 52.76 56.02 37.94
C THR O 223 52.75 56.92 39.18
N TYR O 224 51.97 56.54 40.20
CA TYR O 224 51.95 57.21 41.54
C TYR O 224 53.33 57.09 42.20
N THR O 225 53.96 55.91 42.10
CA THR O 225 55.27 55.60 42.72
C THR O 225 56.33 56.59 42.20
N ASN O 226 56.33 56.87 40.89
CA ASN O 226 57.20 57.89 40.24
C ASN O 226 56.90 59.27 40.84
N LEU O 227 55.62 59.58 41.02
CA LEU O 227 55.12 60.85 41.60
C LEU O 227 55.64 60.97 43.03
N ASN O 228 55.33 59.97 43.86
CA ASN O 228 55.65 59.91 45.31
C ASN O 228 57.15 60.17 45.53
N ARG O 229 58.00 59.71 44.60
CA ARG O 229 59.48 59.91 44.65
C ARG O 229 59.81 61.40 44.54
N LEU O 230 59.14 62.15 43.65
CA LEU O 230 59.35 63.62 43.50
C LEU O 230 58.89 64.33 44.78
N ILE O 231 57.76 63.90 45.36
CA ILE O 231 57.18 64.48 46.60
C ILE O 231 58.22 64.34 47.71
N ALA O 232 58.81 63.15 47.84
CA ALA O 232 59.86 62.81 48.84
C ALA O 232 61.01 63.82 48.73
N GLN O 233 61.52 64.03 47.52
CA GLN O 233 62.70 64.88 47.23
C GLN O 233 62.46 66.29 47.77
N VAL O 234 61.24 66.80 47.59
CA VAL O 234 60.76 68.11 48.15
C VAL O 234 60.92 68.06 49.68
N ILE O 235 60.23 67.12 50.32
CA ILE O 235 60.19 67.00 51.82
C ILE O 235 61.63 66.94 52.33
N SER O 236 62.45 66.05 51.75
CA SER O 236 63.90 65.91 52.06
C SER O 236 64.54 67.31 52.06
N SER O 237 64.41 68.03 50.96
CA SER O 237 65.04 69.36 50.71
C SER O 237 64.57 70.39 51.74
N LEU O 238 63.33 70.28 52.22
CA LEU O 238 62.72 71.23 53.19
C LEU O 238 63.33 71.01 54.58
N THR O 239 63.42 69.74 55.01
CA THR O 239 63.93 69.32 56.34
C THR O 239 65.46 69.18 56.33
N ALA O 240 66.09 69.28 55.14
CA ALA O 240 67.54 69.07 54.91
C ALA O 240 68.38 69.84 55.93
N SER O 241 68.10 71.15 56.08
CA SER O 241 68.86 72.12 56.92
C SER O 241 69.14 71.55 58.32
N LEU O 242 68.18 70.83 58.89
CA LEU O 242 68.30 70.16 60.20
C LEU O 242 69.33 69.02 60.10
N ARG O 243 69.15 68.16 59.10
CA ARG O 243 69.81 66.83 58.99
C ARG O 243 71.27 67.01 58.60
N PHE O 244 71.55 67.87 57.62
CA PHE O 244 72.91 68.10 57.05
C PHE O 244 73.34 69.54 57.37
N ASP O 245 74.66 69.76 57.43
CA ASP O 245 75.26 71.08 57.70
C ASP O 245 75.09 71.97 56.46
N GLY O 246 74.90 73.28 56.66
CA GLY O 246 74.73 74.29 55.60
C GLY O 246 75.34 75.64 55.97
N ALA O 247 75.50 76.53 54.99
CA ALA O 247 75.98 77.91 55.18
C ALA O 247 74.89 78.74 55.85
N LEU O 248 73.74 78.91 55.16
CA LEU O 248 72.55 79.63 55.66
C LEU O 248 71.49 78.59 56.03
N ASN O 249 71.42 78.26 57.34
CA ASN O 249 70.51 77.21 57.89
C ASN O 249 69.11 77.80 58.07
N VAL O 250 68.10 77.01 57.71
CA VAL O 250 66.64 77.26 57.97
C VAL O 250 66.18 76.26 59.03
N ASP O 251 64.91 76.32 59.43
CA ASP O 251 64.23 75.35 60.33
C ASP O 251 62.73 75.34 60.01
N ILE O 252 62.04 74.24 60.32
CA ILE O 252 60.57 74.07 60.10
C ILE O 252 59.81 75.19 60.83
N THR O 253 60.33 75.69 61.95
CA THR O 253 59.74 76.78 62.76
C THR O 253 59.88 78.13 62.03
N GLU O 254 60.88 78.29 61.15
CA GLU O 254 61.19 79.57 60.45
C GLU O 254 60.14 79.85 59.36
N PHE O 255 59.80 78.86 58.54
CA PHE O 255 58.83 79.00 57.41
C PHE O 255 57.56 79.70 57.94
N GLN O 256 57.01 79.16 59.03
CA GLN O 256 55.77 79.62 59.72
C GLN O 256 55.79 81.14 59.95
N THR O 257 56.96 81.73 60.22
CA THR O 257 57.13 83.20 60.39
C THR O 257 57.26 83.87 59.02
N ASN O 258 58.12 83.34 58.15
CA ASN O 258 58.57 84.01 56.90
C ASN O 258 57.52 83.87 55.79
N LEU O 259 56.71 82.80 55.79
CA LEU O 259 55.80 82.47 54.66
C LEU O 259 54.36 82.90 54.96
N VAL O 260 53.86 82.73 56.19
CA VAL O 260 52.47 83.13 56.56
C VAL O 260 52.54 84.56 57.10
N PRO O 261 51.99 85.56 56.36
CA PRO O 261 51.82 86.91 56.87
C PRO O 261 50.64 87.07 57.84
N TYR O 262 49.47 86.55 57.48
CA TYR O 262 48.20 86.57 58.26
C TYR O 262 47.81 85.12 58.56
N PRO O 263 47.12 84.83 59.68
CA PRO O 263 46.91 83.46 60.13
C PRO O 263 46.26 82.50 59.12
N ARG O 264 45.22 82.96 58.43
CA ARG O 264 44.34 82.11 57.56
C ARG O 264 45.00 81.82 56.21
N ILE O 265 46.08 82.53 55.86
CA ILE O 265 46.66 82.57 54.48
C ILE O 265 47.77 81.50 54.35
N HIS O 266 47.78 80.53 55.27
CA HIS O 266 48.84 79.51 55.47
C HIS O 266 48.97 78.53 54.29
N PHE O 267 48.08 78.57 53.29
CA PHE O 267 48.19 77.69 52.09
C PHE O 267 49.39 78.14 51.25
N MET O 268 50.11 77.17 50.68
CA MET O 268 51.36 77.38 49.90
C MET O 268 51.35 76.48 48.65
N LEU O 269 52.27 76.75 47.71
CA LEU O 269 52.66 75.84 46.59
C LEU O 269 54.11 75.38 46.83
N SER O 270 54.65 74.57 45.93
CA SER O 270 56.05 74.08 46.00
C SER O 270 56.59 73.79 44.60
N SER O 271 57.90 73.92 44.41
CA SER O 271 58.61 73.67 43.13
C SER O 271 60.08 73.31 43.39
N TYR O 272 60.41 72.01 43.31
CA TYR O 272 61.78 71.47 43.18
C TYR O 272 62.17 71.59 41.70
N ALA O 273 63.26 72.30 41.40
CA ALA O 273 63.58 72.85 40.06
C ALA O 273 64.38 71.89 39.18
N PRO O 274 65.57 71.37 39.57
CA PRO O 274 66.38 70.56 38.66
C PRO O 274 65.85 69.12 38.48
N ILE O 275 64.56 68.97 38.16
CA ILE O 275 63.94 67.67 37.76
C ILE O 275 64.37 67.43 36.32
N ILE O 276 65.31 66.51 36.11
CA ILE O 276 65.97 66.28 34.79
C ILE O 276 66.20 64.78 34.61
N SER O 277 65.71 64.24 33.50
CA SER O 277 66.09 62.91 32.97
C SER O 277 67.58 62.92 32.65
N ALA O 278 68.33 61.93 33.13
CA ALA O 278 69.77 61.74 32.88
C ALA O 278 70.09 61.85 31.38
N GLU O 279 69.12 61.53 30.53
CA GLU O 279 69.17 61.68 29.05
C GLU O 279 69.47 63.14 28.67
N LYS O 280 68.82 64.12 29.29
CA LYS O 280 68.96 65.56 28.95
C LYS O 280 69.86 66.29 29.97
N ALA O 281 70.26 65.64 31.07
CA ALA O 281 71.25 66.17 32.05
C ALA O 281 72.58 66.45 31.35
N TYR O 282 72.99 65.55 30.45
CA TYR O 282 74.18 65.67 29.58
C TYR O 282 74.30 67.09 29.04
N HIS O 283 73.19 67.65 28.53
CA HIS O 283 73.17 68.88 27.70
C HIS O 283 72.79 70.13 28.51
N GLU O 284 72.81 70.10 29.85
CA GLU O 284 72.33 71.23 30.69
C GLU O 284 73.47 71.70 31.60
N GLN O 285 73.76 73.01 31.58
CA GLN O 285 74.77 73.68 32.44
C GLN O 285 74.39 73.48 33.92
N LEU O 286 73.11 73.70 34.25
CA LEU O 286 72.55 73.55 35.63
C LEU O 286 73.35 74.44 36.60
N SER O 287 73.50 75.71 36.25
CA SER O 287 74.00 76.79 37.15
C SER O 287 72.87 77.18 38.09
N VAL O 288 73.19 77.93 39.14
CA VAL O 288 72.23 78.34 40.21
C VAL O 288 71.17 79.24 39.57
N ALA O 289 71.60 80.23 38.78
CA ALA O 289 70.73 81.25 38.13
C ALA O 289 69.70 80.61 37.19
N GLU O 290 69.98 79.41 36.65
CA GLU O 290 69.01 78.63 35.83
C GLU O 290 68.00 77.95 36.75
N ILE O 291 68.51 77.19 37.73
CA ILE O 291 67.70 76.42 38.73
C ILE O 291 66.64 77.36 39.34
N THR O 292 67.00 78.59 39.71
CA THR O 292 66.09 79.60 40.30
C THR O 292 64.99 79.95 39.30
N ASN O 293 65.37 80.30 38.07
CA ASN O 293 64.42 80.63 36.96
C ASN O 293 63.49 79.44 36.74
N SER O 294 64.04 78.22 36.72
CA SER O 294 63.31 76.95 36.52
C SER O 294 62.33 76.68 37.68
N ALA O 295 62.61 77.21 38.87
CA ALA O 295 61.74 77.11 40.06
C ALA O 295 60.47 77.94 39.83
N PHE O 296 60.63 79.19 39.39
CA PHE O 296 59.54 80.18 39.23
C PHE O 296 58.77 79.97 37.92
N GLU O 297 59.19 79.02 37.09
CA GLU O 297 58.43 78.58 35.89
C GLU O 297 56.99 78.26 36.30
N PRO O 298 55.96 78.73 35.57
CA PRO O 298 54.58 78.43 35.91
C PRO O 298 54.24 76.94 35.85
N ALA O 299 54.95 76.17 35.01
CA ALA O 299 54.75 74.72 34.78
C ALA O 299 55.31 73.90 35.95
N ASN O 300 56.51 74.24 36.46
CA ASN O 300 57.28 73.42 37.44
C ASN O 300 56.63 73.45 38.83
N MET O 301 55.59 74.27 39.05
CA MET O 301 54.76 74.25 40.29
C MET O 301 54.05 72.91 40.41
N MET O 302 54.14 72.28 41.59
CA MET O 302 53.67 70.90 41.83
C MET O 302 52.15 70.90 42.08
N ALA O 303 51.58 72.00 42.57
CA ALA O 303 50.13 72.27 42.51
C ALA O 303 49.82 72.99 41.21
N LYS O 304 48.66 72.71 40.59
CA LYS O 304 48.25 73.27 39.28
C LYS O 304 47.51 74.59 39.51
N CYS O 305 48.26 75.59 39.99
CA CYS O 305 47.87 77.02 40.06
C CYS O 305 48.93 77.82 39.31
N ASP O 306 48.51 78.59 38.30
CA ASP O 306 49.41 79.43 37.47
C ASP O 306 49.67 80.73 38.24
N PRO O 307 50.87 80.89 38.86
CA PRO O 307 51.11 82.01 39.77
C PRO O 307 51.16 83.39 39.07
N ARG O 308 51.19 83.40 37.73
CA ARG O 308 51.15 84.63 36.89
C ARG O 308 49.84 85.39 37.09
N HIS O 309 48.76 84.71 37.47
CA HIS O 309 47.46 85.35 37.84
C HIS O 309 47.61 86.06 39.19
N GLY O 310 48.25 85.39 40.15
CA GLY O 310 48.42 85.87 41.54
C GLY O 310 49.58 86.82 41.70
N LYS O 311 49.89 87.13 42.96
CA LYS O 311 51.07 87.90 43.42
C LYS O 311 51.72 87.10 44.55
N TYR O 312 53.02 86.82 44.45
CA TYR O 312 53.80 86.12 45.49
C TYR O 312 53.87 87.00 46.74
N MET O 313 53.33 86.49 47.84
CA MET O 313 53.25 87.17 49.15
C MET O 313 54.53 86.90 49.95
N ALA O 314 55.12 85.71 49.79
CA ALA O 314 56.44 85.31 50.34
C ALA O 314 56.92 84.03 49.65
N CYS O 315 58.23 83.96 49.35
CA CYS O 315 58.92 82.79 48.74
C CYS O 315 60.00 82.27 49.68
N SER O 316 60.20 80.95 49.73
CA SER O 316 61.21 80.28 50.60
C SER O 316 62.08 79.33 49.78
N MET O 317 63.13 79.88 49.14
CA MET O 317 64.08 79.13 48.28
C MET O 317 65.04 78.31 49.17
N MET O 318 65.08 76.98 49.00
CA MET O 318 65.88 76.04 49.85
C MET O 318 66.92 75.30 48.98
N TYR O 319 68.09 75.89 48.78
CA TYR O 319 69.14 75.39 47.85
C TYR O 319 69.91 74.25 48.52
N ARG O 320 70.45 73.34 47.69
CA ARG O 320 71.26 72.18 48.11
C ARG O 320 72.38 71.93 47.10
N GLY O 321 73.62 71.75 47.57
CA GLY O 321 74.75 71.25 46.77
C GLY O 321 75.84 72.30 46.56
N ASP O 322 76.43 72.34 45.35
CA ASP O 322 77.52 73.29 44.97
C ASP O 322 76.90 74.68 44.76
N VAL O 323 76.40 75.28 45.84
CA VAL O 323 75.64 76.57 45.81
C VAL O 323 76.46 77.62 46.57
N VAL O 324 76.76 78.73 45.89
CA VAL O 324 77.49 79.91 46.45
C VAL O 324 76.45 81.00 46.75
N PRO O 325 76.50 81.66 47.93
CA PRO O 325 75.51 82.69 48.27
C PRO O 325 75.48 83.90 47.32
N LYS O 326 76.63 84.33 46.82
CA LYS O 326 76.78 85.42 45.80
C LYS O 326 75.95 85.06 44.55
N ASP O 327 76.11 83.84 44.05
CA ASP O 327 75.40 83.32 42.84
C ASP O 327 73.88 83.36 43.08
N VAL O 328 73.42 82.91 44.25
CA VAL O 328 71.99 82.94 44.68
C VAL O 328 71.52 84.40 44.65
N ASN O 329 72.34 85.32 45.17
CA ASN O 329 71.97 86.76 45.35
C ASN O 329 71.56 87.36 44.01
N ALA O 330 72.38 87.17 42.97
CA ALA O 330 72.15 87.66 41.58
C ALA O 330 70.86 87.06 41.01
N SER O 331 70.66 85.75 41.24
CA SER O 331 69.53 84.96 40.72
C SER O 331 68.20 85.52 41.24
N ILE O 332 68.09 85.72 42.55
CA ILE O 332 66.91 86.37 43.20
C ILE O 332 66.74 87.78 42.63
N ALA O 333 67.82 88.56 42.60
CA ALA O 333 67.83 89.97 42.14
C ALA O 333 67.22 90.08 40.74
N THR O 334 67.60 89.17 39.83
CA THR O 334 67.08 89.12 38.43
C THR O 334 65.59 88.73 38.46
N ILE O 335 65.19 87.80 39.35
CA ILE O 335 63.77 87.40 39.54
C ILE O 335 62.96 88.61 40.03
N LYS O 336 63.47 89.34 41.02
CA LYS O 336 62.80 90.56 41.59
C LYS O 336 62.55 91.57 40.47
N THR O 337 63.50 91.68 39.53
CA THR O 337 63.47 92.62 38.37
C THR O 337 62.41 92.17 37.34
N LYS O 338 62.26 90.86 37.12
CA LYS O 338 61.34 90.28 36.10
C LYS O 338 59.93 90.86 36.26
N ARG O 339 59.18 90.89 35.16
CA ARG O 339 57.79 91.40 35.10
C ARG O 339 56.81 90.25 35.40
N THR O 340 56.97 89.11 34.70
CA THR O 340 56.12 87.90 34.80
C THR O 340 55.93 87.53 36.28
N ILE O 341 57.04 87.46 37.03
CA ILE O 341 57.03 87.35 38.52
C ILE O 341 56.64 88.73 39.08
N GLN O 342 55.53 88.77 39.82
CA GLN O 342 54.96 89.99 40.43
C GLN O 342 54.79 89.75 41.93
N PHE O 343 55.28 90.67 42.76
CA PHE O 343 55.18 90.61 44.25
C PHE O 343 54.16 91.64 44.75
N VAL O 344 53.41 91.27 45.79
CA VAL O 344 52.52 92.19 46.58
C VAL O 344 53.33 93.41 47.02
N ASP O 345 52.65 94.54 47.21
CA ASP O 345 53.27 95.84 47.62
C ASP O 345 53.72 95.74 49.08
N TRP O 346 52.84 95.27 49.97
CA TRP O 346 53.04 95.25 51.45
C TRP O 346 54.20 94.33 51.85
N CYS O 347 54.68 93.45 50.95
CA CYS O 347 55.91 92.63 51.10
C CYS O 347 57.03 93.23 50.25
N PRO O 348 57.92 94.07 50.85
CA PRO O 348 58.99 94.71 50.09
C PRO O 348 60.13 93.72 49.78
N THR O 349 60.52 92.90 50.77
CA THR O 349 61.51 91.79 50.67
C THR O 349 60.82 90.48 51.02
N GLY O 350 60.51 89.65 50.01
CA GLY O 350 59.65 88.45 50.14
C GLY O 350 60.41 87.15 50.09
N PHE O 351 61.75 87.17 50.01
CA PHE O 351 62.60 85.97 49.88
C PHE O 351 63.25 85.61 51.23
N LYS O 352 63.14 84.32 51.59
CA LYS O 352 63.92 83.62 52.64
C LYS O 352 64.75 82.54 51.95
N VAL O 353 66.07 82.68 51.92
CA VAL O 353 67.00 81.76 51.20
C VAL O 353 67.68 80.82 52.22
N GLY O 354 67.89 79.55 51.84
CA GLY O 354 68.39 78.48 52.73
C GLY O 354 69.34 77.53 52.01
N ILE O 355 70.64 77.76 52.18
CA ILE O 355 71.74 77.08 51.42
C ILE O 355 72.30 75.95 52.30
N ASN O 356 72.29 74.72 51.78
CA ASN O 356 72.93 73.50 52.36
C ASN O 356 74.05 73.04 51.43
N TYR O 357 75.14 72.50 51.97
CA TYR O 357 76.28 71.96 51.16
C TYR O 357 75.93 70.56 50.65
N GLN O 358 75.14 69.80 51.41
CA GLN O 358 74.76 68.42 51.05
C GLN O 358 73.97 68.44 49.75
N PRO O 359 74.42 67.73 48.69
CA PRO O 359 73.64 67.60 47.46
C PRO O 359 72.54 66.55 47.63
N PRO O 360 71.50 66.55 46.77
CA PRO O 360 70.41 65.60 46.88
C PRO O 360 70.86 64.20 46.45
N THR O 361 70.25 63.16 47.01
CA THR O 361 70.59 61.73 46.75
C THR O 361 69.80 61.22 45.54
N VAL O 362 70.48 60.48 44.66
CA VAL O 362 69.88 59.78 43.48
C VAL O 362 69.43 58.40 43.95
N VAL O 363 68.11 58.20 44.09
CA VAL O 363 67.50 56.90 44.50
C VAL O 363 67.65 55.92 43.34
N PRO O 364 68.16 54.68 43.56
CA PRO O 364 68.24 53.66 42.50
C PRO O 364 66.87 53.15 42.04
N GLY O 365 66.69 53.01 40.71
CA GLY O 365 65.38 52.77 40.06
C GLY O 365 64.54 54.04 40.02
N GLY O 366 65.17 55.20 40.23
CA GLY O 366 64.52 56.51 40.41
C GLY O 366 64.64 57.37 39.17
N ASP O 367 63.53 57.93 38.72
CA ASP O 367 63.44 58.78 37.51
C ASP O 367 63.95 60.17 37.88
N LEU O 368 65.28 60.32 37.92
CA LEU O 368 65.99 61.59 38.20
C LEU O 368 67.48 61.42 37.83
N ALA O 369 68.16 62.53 37.57
CA ALA O 369 69.62 62.61 37.36
C ALA O 369 70.30 63.00 38.68
N LYS O 370 71.46 62.42 38.98
CA LYS O 370 72.36 62.91 40.05
C LYS O 370 72.85 64.30 39.62
N VAL O 371 72.55 65.31 40.43
CA VAL O 371 72.76 66.76 40.11
C VAL O 371 73.46 67.42 41.31
N MET O 372 74.42 68.30 41.04
CA MET O 372 75.33 68.89 42.06
C MET O 372 74.66 70.08 42.76
N ARG O 373 73.55 70.61 42.23
CA ARG O 373 72.76 71.73 42.83
C ARG O 373 71.28 71.36 42.84
N ALA O 374 70.47 72.06 43.65
CA ALA O 374 69.00 71.93 43.67
C ALA O 374 68.38 73.13 44.40
N VAL O 375 67.04 73.18 44.39
CA VAL O 375 66.25 74.15 45.22
C VAL O 375 64.81 73.63 45.33
N CYS O 376 64.22 73.72 46.52
CA CYS O 376 62.77 73.54 46.79
C CYS O 376 62.19 74.88 47.23
N MET O 377 61.46 75.56 46.35
CA MET O 377 60.75 76.82 46.68
C MET O 377 59.34 76.47 47.16
N ILE O 378 59.05 76.71 48.45
CA ILE O 378 57.68 76.82 49.01
C ILE O 378 57.29 78.31 48.87
N SER O 379 56.21 78.60 48.14
CA SER O 379 55.74 79.98 47.83
C SER O 379 54.31 80.18 48.35
N ASN O 380 54.06 81.27 49.09
CA ASN O 380 52.70 81.79 49.39
C ASN O 380 52.31 82.77 48.29
N SER O 381 51.39 82.37 47.41
CA SER O 381 50.94 83.16 46.23
C SER O 381 49.42 83.41 46.33
N THR O 382 48.96 84.57 45.89
CA THR O 382 47.53 84.95 45.81
C THR O 382 46.80 84.07 44.78
N ALA O 383 47.55 83.42 43.90
CA ALA O 383 47.05 82.49 42.85
C ALA O 383 46.33 81.30 43.48
N ILE O 384 46.77 80.84 44.66
CA ILE O 384 46.20 79.66 45.38
C ILE O 384 44.66 79.76 45.36
N ALA O 385 44.12 80.99 45.52
CA ALA O 385 42.69 81.35 45.42
C ALA O 385 42.01 80.57 44.29
N GLU O 386 42.64 80.52 43.12
CA GLU O 386 42.11 79.87 41.88
C GLU O 386 41.71 78.42 42.17
N VAL O 387 42.57 77.63 42.83
CA VAL O 387 42.31 76.19 43.12
C VAL O 387 41.05 76.09 43.99
N PHE O 388 40.95 76.95 45.01
CA PHE O 388 39.84 76.95 46.00
C PHE O 388 38.52 77.28 45.29
N SER O 389 38.50 78.33 44.47
CA SER O 389 37.31 78.76 43.68
C SER O 389 36.80 77.60 42.80
N ARG O 390 37.70 76.86 42.15
CA ARG O 390 37.35 75.70 41.29
C ARG O 390 36.68 74.60 42.14
N LEU O 391 37.28 74.27 43.29
CA LEU O 391 36.72 73.28 44.25
C LEU O 391 35.39 73.81 44.80
N ASP O 392 35.23 75.12 44.92
CA ASP O 392 33.96 75.78 45.35
C ASP O 392 32.92 75.61 44.24
N HIS O 393 33.25 76.03 43.02
CA HIS O 393 32.39 75.88 41.82
C HIS O 393 31.96 74.41 41.69
N LYS O 394 32.92 73.47 41.72
CA LYS O 394 32.70 72.00 41.57
C LYS O 394 31.84 71.48 42.73
N PHE O 395 31.96 72.09 43.91
CA PHE O 395 31.13 71.75 45.11
C PHE O 395 29.72 72.32 44.95
N ASP O 396 29.59 73.57 44.51
CA ASP O 396 28.29 74.28 44.46
C ASP O 396 27.35 73.64 43.43
N LEU O 397 27.89 72.96 42.42
CA LEU O 397 27.09 72.15 41.44
C LEU O 397 26.34 71.07 42.22
N MET O 398 27.04 70.38 43.11
CA MET O 398 26.43 69.53 44.16
C MET O 398 25.74 70.45 45.16
N TYR O 399 25.01 69.89 46.13
CA TYR O 399 24.43 70.60 47.28
C TYR O 399 23.35 71.57 46.80
N ALA O 400 23.36 71.92 45.50
CA ALA O 400 22.19 72.43 44.76
C ALA O 400 21.18 71.31 44.62
N LYS O 401 21.65 70.11 44.28
CA LYS O 401 20.82 68.87 44.14
C LYS O 401 20.75 68.12 45.47
N ARG O 402 21.59 68.48 46.46
CA ARG O 402 21.82 67.69 47.70
C ARG O 402 22.34 66.32 47.26
N ALA O 403 23.39 66.35 46.44
CA ALA O 403 23.73 65.31 45.43
C ALA O 403 24.09 63.99 46.12
N PHE O 404 25.01 64.01 47.09
CA PHE O 404 25.55 62.80 47.75
C PHE O 404 25.46 62.94 49.27
N VAL O 405 24.52 63.76 49.75
CA VAL O 405 24.53 64.21 51.18
C VAL O 405 24.07 63.05 52.06
N HIS O 406 23.06 62.28 51.61
CA HIS O 406 22.41 61.17 52.37
C HIS O 406 23.46 60.25 53.01
N TRP O 407 24.59 60.01 52.33
CA TRP O 407 25.75 59.25 52.88
C TRP O 407 26.27 59.99 54.12
N TYR O 408 26.75 61.22 53.91
CA TYR O 408 27.45 62.03 54.94
C TYR O 408 26.55 62.20 56.17
N VAL O 409 25.26 62.46 55.94
CA VAL O 409 24.25 62.71 57.02
C VAL O 409 23.99 61.42 57.80
N GLY O 410 23.84 60.29 57.10
CA GLY O 410 23.69 58.95 57.70
C GLY O 410 24.80 58.66 58.71
N GLU O 411 26.00 59.16 58.45
CA GLU O 411 27.25 58.84 59.20
C GLU O 411 27.60 59.97 60.20
N GLY O 412 26.64 60.84 60.55
CA GLY O 412 26.65 61.67 61.77
C GLY O 412 26.94 63.15 61.52
N MET O 413 27.34 63.54 60.31
CA MET O 413 27.54 64.95 59.91
C MET O 413 26.18 65.60 59.66
N GLU O 414 25.79 66.59 60.46
CA GLU O 414 24.57 67.41 60.25
C GLU O 414 24.70 68.20 58.93
N GLU O 415 23.60 68.42 58.20
CA GLU O 415 23.59 68.97 56.81
C GLU O 415 24.15 70.41 56.79
N GLY O 416 23.89 71.20 57.84
CA GLY O 416 24.40 72.57 58.00
C GLY O 416 25.92 72.65 58.09
N GLU O 417 26.62 71.52 58.29
CA GLU O 417 28.11 71.46 58.37
C GLU O 417 28.72 71.64 56.97
N PHE O 418 28.03 71.18 55.92
CA PHE O 418 28.38 71.46 54.50
C PHE O 418 28.27 72.96 54.23
N SER O 419 27.12 73.56 54.58
CA SER O 419 26.79 74.99 54.36
C SER O 419 27.82 75.88 55.07
N GLU O 420 28.07 75.60 56.34
CA GLU O 420 29.16 76.19 57.16
C GLU O 420 30.46 76.23 56.33
N ALA O 421 30.98 75.06 55.97
CA ALA O 421 32.30 74.86 55.32
C ALA O 421 32.40 75.78 54.10
N ARG O 422 31.46 75.66 53.16
CA ARG O 422 31.41 76.46 51.90
C ARG O 422 31.46 77.95 52.25
N GLU O 423 30.70 78.38 53.27
CA GLU O 423 30.64 79.79 53.74
C GLU O 423 32.02 80.24 54.21
N ASP O 424 32.77 79.37 54.89
CA ASP O 424 34.12 79.66 55.44
C ASP O 424 35.16 79.69 54.31
N LEU O 425 35.06 78.78 53.34
CA LEU O 425 35.95 78.78 52.14
C LEU O 425 35.63 79.99 51.27
N ALA O 426 34.34 80.34 51.17
CA ALA O 426 33.89 81.59 50.50
C ALA O 426 34.51 82.80 51.21
N ALA O 427 34.64 82.73 52.54
CA ALA O 427 35.28 83.79 53.37
C ALA O 427 36.80 83.80 53.14
N LEU O 428 37.42 82.65 52.81
CA LEU O 428 38.88 82.56 52.50
C LEU O 428 39.16 83.29 51.17
N GLU O 429 38.46 82.92 50.10
CA GLU O 429 38.72 83.46 48.74
C GLU O 429 38.38 84.96 48.71
N LYS O 430 37.55 85.45 49.65
CA LYS O 430 37.37 86.89 49.93
C LYS O 430 38.70 87.45 50.45
N ASP O 431 39.28 86.81 51.47
CA ASP O 431 40.54 87.24 52.14
C ASP O 431 41.68 87.32 51.13
N TYR O 432 41.83 86.27 50.31
CA TYR O 432 42.95 86.12 49.35
C TYR O 432 42.98 87.29 48.36
N GLU O 433 41.81 87.77 47.91
CA GLU O 433 41.71 88.96 47.03
C GLU O 433 42.05 90.22 47.84
N GLU O 434 41.47 90.36 49.04
CA GLU O 434 41.67 91.53 49.95
C GLU O 434 43.15 91.80 50.19
N VAL O 435 43.98 90.76 50.41
CA VAL O 435 45.45 90.91 50.62
C VAL O 435 46.11 91.22 49.27
N GLY O 436 45.66 90.59 48.17
CA GLY O 436 46.08 90.88 46.80
C GLY O 436 45.88 92.33 46.40
N ILE O 437 44.87 93.01 46.97
CA ILE O 437 44.57 94.46 46.75
C ILE O 437 45.78 95.29 47.22
N GLU O 438 46.28 96.17 46.35
CA GLU O 438 47.39 97.13 46.63
C GLU O 438 47.01 98.01 47.84
N THR O 439 48.01 98.41 48.63
CA THR O 439 47.84 99.14 49.93
C THR O 439 47.21 100.52 49.66
N ALA O 440 46.24 100.91 50.49
CA ALA O 440 45.48 102.18 50.40
C ALA O 440 46.23 103.28 51.16
N MET P 1 40.53 41.11 56.86
CA MET P 1 39.09 40.79 57.11
C MET P 1 38.23 41.41 55.99
N ARG P 2 37.29 42.33 56.31
CA ARG P 2 36.30 42.88 55.36
C ARG P 2 35.60 41.74 54.63
N GLU P 3 35.10 40.74 55.37
CA GLU P 3 34.60 39.46 54.80
C GLU P 3 33.25 39.69 54.09
N ILE P 4 32.98 38.85 53.08
CA ILE P 4 31.76 38.90 52.21
C ILE P 4 31.05 37.54 52.28
N VAL P 5 29.79 37.52 52.70
CA VAL P 5 28.91 36.31 52.73
C VAL P 5 28.09 36.28 51.43
N HIS P 6 28.33 35.29 50.57
CA HIS P 6 27.60 35.08 49.30
C HIS P 6 26.36 34.22 49.56
N ILE P 7 25.19 34.68 49.10
CA ILE P 7 23.94 33.86 49.01
C ILE P 7 23.59 33.70 47.53
N GLN P 8 23.54 32.46 47.04
CA GLN P 8 23.18 32.12 45.64
C GLN P 8 21.79 31.46 45.65
N GLY P 9 20.74 32.27 45.48
CA GLY P 9 19.33 31.90 45.69
C GLY P 9 18.59 31.69 44.38
N GLY P 10 17.95 30.52 44.21
CA GLY P 10 17.19 30.17 43.00
C GLY P 10 18.09 29.57 41.92
N GLN P 11 17.54 28.67 41.11
CA GLN P 11 18.30 27.84 40.12
C GLN P 11 19.35 28.71 39.43
N CYS P 12 18.92 29.76 38.73
CA CYS P 12 19.78 30.74 38.03
C CYS P 12 20.93 31.17 38.95
N GLY P 13 20.60 31.60 40.18
CA GLY P 13 21.55 32.04 41.21
C GLY P 13 22.58 30.97 41.54
N ASN P 14 22.14 29.72 41.75
CA ASN P 14 23.02 28.58 42.12
C ASN P 14 23.99 28.28 40.97
N GLN P 15 23.53 28.37 39.71
CA GLN P 15 24.36 28.07 38.51
C GLN P 15 25.39 29.19 38.31
N ILE P 16 25.02 30.46 38.54
CA ILE P 16 25.95 31.63 38.50
C ILE P 16 27.02 31.42 39.57
N GLY P 17 26.59 31.17 40.81
CA GLY P 17 27.46 30.92 41.98
C GLY P 17 28.46 29.81 41.71
N ALA P 18 27.98 28.66 41.23
CA ALA P 18 28.81 27.51 40.81
C ALA P 18 30.00 28.04 40.01
N LYS P 19 29.72 28.75 38.91
CA LYS P 19 30.75 29.31 38.00
C LYS P 19 31.57 30.37 38.74
N PHE P 20 30.93 31.23 39.54
CA PHE P 20 31.63 32.31 40.29
C PHE P 20 32.69 31.69 41.21
N TRP P 21 32.32 30.66 41.97
CA TRP P 21 33.19 30.02 42.99
C TRP P 21 34.26 29.15 42.33
N GLU P 22 34.10 28.81 41.04
CA GLU P 22 35.19 28.25 40.20
C GLU P 22 36.18 29.37 39.85
N VAL P 23 35.67 30.51 39.38
CA VAL P 23 36.46 31.67 38.89
C VAL P 23 37.35 32.20 40.02
N ILE P 24 36.77 32.43 41.20
CA ILE P 24 37.49 32.99 42.38
C ILE P 24 38.55 31.98 42.86
N SER P 25 38.28 30.68 42.73
CA SER P 25 39.18 29.57 43.14
C SER P 25 40.47 29.60 42.30
N ASP P 26 40.35 29.82 40.98
CA ASP P 26 41.51 29.95 40.05
C ASP P 26 42.41 31.09 40.51
N GLU P 27 41.81 32.26 40.82
CA GLU P 27 42.52 33.50 41.22
C GLU P 27 43.27 33.27 42.54
N HIS P 28 42.60 32.66 43.52
CA HIS P 28 43.16 32.36 44.88
C HIS P 28 43.93 31.04 44.87
N GLY P 29 43.83 30.25 43.79
CA GLY P 29 44.63 29.03 43.58
C GLY P 29 44.07 27.80 44.26
N ILE P 30 42.91 27.91 44.94
CA ILE P 30 42.25 26.81 45.68
C ILE P 30 41.85 25.75 44.66
N ASP P 31 42.13 24.47 44.94
CA ASP P 31 41.83 23.30 44.08
C ASP P 31 40.45 22.76 44.45
N PRO P 32 39.80 21.95 43.59
CA PRO P 32 38.42 21.52 43.82
C PRO P 32 38.14 20.72 45.10
N THR P 33 39.19 20.24 45.78
CA THR P 33 39.12 19.51 47.08
C THR P 33 39.38 20.47 48.26
N GLY P 34 39.59 21.76 48.00
CA GLY P 34 39.72 22.82 49.02
C GLY P 34 41.16 23.05 49.47
N THR P 35 42.14 22.39 48.82
CA THR P 35 43.60 22.53 49.10
C THR P 35 44.15 23.70 48.28
N TYR P 36 45.03 24.52 48.88
CA TYR P 36 45.79 25.58 48.18
C TYR P 36 46.96 24.94 47.42
N HIS P 37 47.02 25.12 46.11
CA HIS P 37 48.12 24.67 45.23
C HIS P 37 48.66 25.84 44.40
N GLY P 38 48.37 27.08 44.82
CA GLY P 38 48.85 28.30 44.17
C GLY P 38 50.35 28.47 44.32
N ASP P 39 50.96 29.26 43.43
CA ASP P 39 52.42 29.47 43.35
C ASP P 39 52.81 30.80 44.00
N SER P 40 51.87 31.77 44.10
CA SER P 40 52.10 33.14 44.64
C SER P 40 51.44 33.27 46.02
N ASP P 41 52.16 33.79 47.01
CA ASP P 41 51.70 33.95 48.43
C ASP P 41 50.66 35.09 48.52
N LEU P 42 50.65 36.00 47.54
CA LEU P 42 49.62 37.05 47.36
C LEU P 42 48.22 36.44 47.23
N GLN P 43 48.11 35.20 46.72
CA GLN P 43 46.81 34.51 46.49
C GLN P 43 46.10 34.22 47.81
N LEU P 44 46.81 34.04 48.93
CA LEU P 44 46.23 33.64 50.23
C LEU P 44 46.24 34.77 51.27
N GLU P 45 46.89 35.91 50.99
CA GLU P 45 47.04 36.99 52.00
C GLU P 45 45.66 37.49 52.46
N ARG P 46 44.68 37.59 51.54
CA ARG P 46 43.31 38.09 51.83
C ARG P 46 42.27 37.06 51.37
N ILE P 47 42.54 35.76 51.54
CA ILE P 47 41.58 34.70 51.13
C ILE P 47 40.34 34.75 52.03
N ASN P 48 40.52 35.12 53.30
CA ASN P 48 39.44 35.13 54.33
C ASN P 48 38.25 35.97 53.87
N VAL P 49 38.44 36.92 52.93
CA VAL P 49 37.35 37.76 52.36
C VAL P 49 36.19 36.86 51.89
N TYR P 50 36.50 35.79 51.15
CA TYR P 50 35.49 34.92 50.48
C TYR P 50 35.41 33.56 51.17
N TYR P 51 36.54 32.94 51.49
CA TYR P 51 36.63 31.60 52.12
C TYR P 51 36.74 31.74 53.64
N ASN P 52 36.23 30.75 54.38
CA ASN P 52 36.50 30.54 55.82
C ASN P 52 37.40 29.31 55.96
N GLU P 53 38.60 29.48 56.51
CA GLU P 53 39.58 28.39 56.74
C GLU P 53 38.95 27.36 57.69
N ALA P 54 38.64 26.17 57.16
CA ALA P 54 38.21 24.98 57.95
C ALA P 54 39.45 24.26 58.50
N THR P 55 39.24 23.19 59.27
CA THR P 55 40.32 22.37 59.87
C THR P 55 41.02 21.56 58.78
N GLY P 56 42.34 21.33 58.95
CA GLY P 56 43.17 20.53 58.02
C GLY P 56 43.65 21.32 56.82
N GLY P 57 43.59 22.67 56.88
CA GLY P 57 44.01 23.57 55.80
C GLY P 57 43.15 23.48 54.55
N ARG P 58 41.90 23.01 54.68
CA ARG P 58 40.87 23.09 53.62
C ARG P 58 40.26 24.50 53.64
N TYR P 59 39.99 25.07 52.48
CA TYR P 59 39.29 26.36 52.31
C TYR P 59 37.85 26.07 51.89
N VAL P 60 36.89 26.68 52.59
CA VAL P 60 35.44 26.54 52.35
C VAL P 60 34.89 27.89 51.94
N PRO P 61 34.19 27.98 50.80
CA PRO P 61 33.45 29.21 50.44
C PRO P 61 32.40 29.57 51.50
N ARG P 62 32.24 30.86 51.77
CA ARG P 62 31.21 31.41 52.69
C ARG P 62 29.92 31.63 51.89
N ALA P 63 29.45 30.56 51.22
CA ALA P 63 28.28 30.53 50.32
C ALA P 63 27.11 29.87 51.04
N ILE P 64 25.92 30.47 50.96
CA ILE P 64 24.65 29.89 51.48
C ILE P 64 23.76 29.60 50.27
N LEU P 65 23.79 28.36 49.78
CA LEU P 65 23.08 27.90 48.57
C LEU P 65 21.63 27.59 48.95
N MET P 66 20.71 28.50 48.68
CA MET P 66 19.26 28.35 48.99
C MET P 66 18.47 28.15 47.70
N ASP P 67 17.52 27.21 47.71
CA ASP P 67 16.52 26.99 46.63
C ASP P 67 15.37 26.15 47.20
N LEU P 68 14.17 26.33 46.64
CA LEU P 68 12.94 25.62 47.07
C LEU P 68 12.83 24.28 46.33
N GLU P 69 13.71 24.05 45.35
CA GLU P 69 13.80 22.80 44.54
C GLU P 69 14.99 21.98 45.04
N PRO P 70 14.82 20.68 45.36
CA PRO P 70 15.94 19.83 45.78
C PRO P 70 16.87 19.37 44.64
N GLY P 71 16.38 19.38 43.39
CA GLY P 71 17.12 18.99 42.17
C GLY P 71 18.33 19.87 41.88
N THR P 72 18.34 21.12 42.36
CA THR P 72 19.44 22.11 42.15
C THR P 72 20.71 21.68 42.90
N MET P 73 20.58 21.11 44.11
CA MET P 73 21.72 20.59 44.91
C MET P 73 22.54 19.62 44.06
N ASP P 74 21.87 18.66 43.41
CA ASP P 74 22.50 17.66 42.51
C ASP P 74 23.34 18.40 41.46
N SER P 75 22.79 19.48 40.90
CA SER P 75 23.42 20.31 39.83
C SER P 75 24.69 20.99 40.33
N VAL P 76 24.67 21.56 41.55
CA VAL P 76 25.83 22.31 42.14
C VAL P 76 26.86 21.31 42.69
N ARG P 77 26.45 20.08 43.04
CA ARG P 77 27.36 18.97 43.42
C ARG P 77 28.07 18.43 42.17
N ALA P 78 27.30 18.21 41.09
CA ALA P 78 27.77 17.68 39.78
C ALA P 78 28.96 18.50 39.26
N GLY P 79 28.83 19.83 39.29
CA GLY P 79 29.83 20.79 38.78
C GLY P 79 31.23 20.50 39.31
N PRO P 80 32.31 20.77 38.52
CA PRO P 80 33.66 20.81 39.06
C PRO P 80 33.72 21.94 40.09
N PHE P 81 34.46 21.75 41.19
CA PHE P 81 34.47 22.65 42.37
C PHE P 81 33.07 22.65 43.03
N GLY P 82 32.40 21.50 43.00
CA GLY P 82 31.10 21.25 43.67
C GLY P 82 31.29 20.71 45.08
N GLN P 83 32.48 20.19 45.39
CA GLN P 83 32.85 19.65 46.73
C GLN P 83 33.33 20.76 47.66
N LEU P 84 33.62 21.96 47.12
CA LEU P 84 34.08 23.14 47.91
C LEU P 84 33.01 23.54 48.93
N PHE P 85 31.73 23.51 48.56
CA PHE P 85 30.62 24.16 49.31
C PHE P 85 30.23 23.30 50.52
N ARG P 86 29.80 23.93 51.61
CA ARG P 86 29.58 23.29 52.95
C ARG P 86 28.19 22.68 53.03
N PRO P 87 28.05 21.37 53.37
CA PRO P 87 26.76 20.67 53.31
C PRO P 87 25.74 21.21 54.31
N ASP P 88 26.22 21.82 55.41
CA ASP P 88 25.38 22.60 56.36
C ASP P 88 24.83 23.86 55.68
N ASN P 89 25.59 24.46 54.75
CA ASN P 89 25.24 25.74 54.06
C ASN P 89 24.11 25.51 53.05
N PHE P 90 24.13 24.39 52.33
CA PHE P 90 23.07 23.96 51.37
C PHE P 90 21.74 23.84 52.14
N VAL P 91 20.76 24.70 51.82
CA VAL P 91 19.39 24.67 52.41
C VAL P 91 18.37 24.60 51.27
N PHE P 92 17.69 23.45 51.12
CA PHE P 92 16.78 23.18 49.98
C PHE P 92 15.44 22.62 50.47
N GLY P 93 14.34 23.13 49.88
CA GLY P 93 12.96 22.67 50.09
C GLY P 93 12.67 21.42 49.27
N GLN P 94 11.39 21.17 48.97
CA GLN P 94 10.92 19.97 48.20
C GLN P 94 10.05 20.37 47.01
N THR P 95 9.02 21.20 47.21
CA THR P 95 7.97 21.53 46.19
C THR P 95 8.56 22.38 45.07
N GLY P 96 9.16 23.52 45.41
CA GLY P 96 9.62 24.55 44.44
C GLY P 96 8.58 25.64 44.25
N ALA P 97 9.02 26.83 43.84
CA ALA P 97 8.20 28.06 43.73
C ALA P 97 7.21 27.94 42.56
N GLY P 98 7.59 27.25 41.48
CA GLY P 98 6.77 27.11 40.27
C GLY P 98 6.68 28.42 39.49
N ASN P 99 7.78 29.17 39.43
CA ASN P 99 7.90 30.50 38.78
C ASN P 99 6.88 31.48 39.40
N ASN P 100 6.60 31.35 40.70
CA ASN P 100 5.60 32.16 41.44
C ASN P 100 6.30 32.90 42.60
N TRP P 101 6.44 34.23 42.47
CA TRP P 101 6.94 35.15 43.52
C TRP P 101 6.26 34.83 44.86
N ALA P 102 4.93 34.80 44.84
CA ALA P 102 4.06 34.58 46.02
C ALA P 102 4.50 33.31 46.74
N LYS P 103 4.54 32.17 46.04
CA LYS P 103 4.90 30.84 46.62
C LYS P 103 6.30 30.95 47.23
N GLY P 104 7.22 31.63 46.54
CA GLY P 104 8.63 31.82 46.97
C GLY P 104 8.78 32.88 48.05
N HIS P 105 7.76 33.71 48.29
CA HIS P 105 7.78 34.82 49.27
C HIS P 105 6.85 34.53 50.46
N TYR P 106 5.55 34.35 50.22
CA TYR P 106 4.48 34.41 51.27
C TYR P 106 4.19 33.04 51.89
N THR P 107 4.31 31.93 51.13
CA THR P 107 3.99 30.55 51.61
C THR P 107 5.27 29.70 51.68
N GLU P 108 5.53 28.86 50.67
CA GLU P 108 6.57 27.80 50.70
C GLU P 108 7.89 28.40 51.18
N GLY P 109 8.33 29.49 50.55
CA GLY P 109 9.59 30.20 50.87
C GLY P 109 9.56 30.80 52.26
N ALA P 110 8.40 31.27 52.72
CA ALA P 110 8.19 31.86 54.07
C ALA P 110 8.54 30.83 55.16
N GLU P 111 8.36 29.53 54.89
CA GLU P 111 8.67 28.42 55.82
C GLU P 111 10.18 28.17 55.87
N LEU P 112 10.86 28.23 54.73
CA LEU P 112 12.30 27.86 54.61
C LEU P 112 13.18 28.96 55.22
N ILE P 113 12.97 30.23 54.84
CA ILE P 113 13.88 31.39 55.15
C ILE P 113 14.35 31.36 56.61
N ASP P 114 13.50 30.99 57.57
CA ASP P 114 13.85 30.94 59.02
C ASP P 114 15.05 30.00 59.22
N SER P 115 15.11 28.89 58.48
CA SER P 115 16.25 27.94 58.47
C SER P 115 17.50 28.61 57.85
N VAL P 116 17.34 29.38 56.77
CA VAL P 116 18.45 30.04 56.02
C VAL P 116 19.07 31.12 56.90
N LEU P 117 18.24 32.00 57.48
CA LEU P 117 18.68 33.11 58.38
C LEU P 117 19.62 32.58 59.46
N ASP P 118 19.33 31.41 60.02
CA ASP P 118 20.16 30.74 61.06
C ASP P 118 21.55 30.44 60.49
N VAL P 119 21.64 30.06 59.22
CA VAL P 119 22.95 29.81 58.51
C VAL P 119 23.60 31.17 58.22
N VAL P 120 22.85 32.13 57.68
CA VAL P 120 23.33 33.51 57.37
C VAL P 120 23.98 34.08 58.64
N ARG P 121 23.22 34.15 59.74
CA ARG P 121 23.67 34.62 61.08
C ARG P 121 24.99 33.94 61.43
N LYS P 122 25.05 32.62 61.31
CA LYS P 122 26.22 31.77 61.68
C LYS P 122 27.46 32.23 60.92
N GLU P 123 27.37 32.30 59.59
CA GLU P 123 28.51 32.67 58.70
C GLU P 123 28.85 34.15 58.88
N ALA P 124 27.85 35.00 59.12
CA ALA P 124 28.02 36.47 59.34
C ALA P 124 28.74 36.74 60.67
N GLU P 125 28.44 35.96 61.72
CA GLU P 125 29.03 36.12 63.07
C GLU P 125 30.48 35.62 63.09
N GLY P 126 30.82 34.63 62.26
CA GLY P 126 32.19 34.08 62.12
C GLY P 126 33.20 35.13 61.68
N CYS P 127 32.78 36.06 60.81
CA CYS P 127 33.58 37.20 60.29
C CYS P 127 33.85 38.20 61.42
N ASP P 128 35.11 38.64 61.57
CA ASP P 128 35.54 39.66 62.57
C ASP P 128 34.95 41.02 62.18
N CYS P 129 35.09 41.38 60.89
CA CYS P 129 34.45 42.57 60.26
C CYS P 129 33.80 42.17 58.93
N LEU P 130 32.47 42.09 58.91
CA LEU P 130 31.66 41.79 57.70
C LEU P 130 31.58 43.06 56.84
N GLN P 131 32.18 43.05 55.65
CA GLN P 131 31.97 44.09 54.60
C GLN P 131 30.48 44.16 54.29
N GLY P 132 29.89 43.00 53.98
CA GLY P 132 28.48 42.86 53.62
C GLY P 132 28.18 41.52 52.98
N PHE P 133 27.21 41.49 52.07
CA PHE P 133 26.75 40.27 51.33
C PHE P 133 26.84 40.53 49.83
N GLN P 134 26.88 39.47 49.03
CA GLN P 134 26.70 39.52 47.55
C GLN P 134 25.67 38.46 47.15
N ILE P 135 24.38 38.84 47.23
CA ILE P 135 23.23 37.96 46.84
C ILE P 135 23.29 37.82 45.31
N THR P 136 23.18 36.60 44.80
CA THR P 136 23.06 36.32 43.33
C THR P 136 21.77 35.54 43.10
N HIS P 137 20.76 36.19 42.53
CA HIS P 137 19.42 35.61 42.26
C HIS P 137 18.94 36.05 40.87
N SER P 138 17.79 35.54 40.44
CA SER P 138 17.04 35.98 39.23
C SER P 138 15.73 36.64 39.67
N LEU P 139 15.43 37.81 39.13
CA LEU P 139 14.16 38.54 39.40
C LEU P 139 13.00 37.79 38.69
N GLY P 140 13.32 37.04 37.63
CA GLY P 140 12.36 36.36 36.75
C GLY P 140 11.68 35.18 37.42
N GLY P 141 12.47 34.22 37.93
CA GLY P 141 11.96 32.98 38.55
C GLY P 141 11.39 33.22 39.93
N GLY P 142 10.56 32.29 40.41
CA GLY P 142 9.80 32.43 41.67
C GLY P 142 10.69 32.33 42.89
N THR P 143 11.59 31.34 42.91
CA THR P 143 12.52 31.06 44.03
C THR P 143 13.46 32.25 44.23
N GLY P 144 14.32 32.53 43.23
CA GLY P 144 15.32 33.60 43.25
C GLY P 144 14.69 34.94 43.59
N SER P 145 13.51 35.22 43.03
CA SER P 145 12.77 36.49 43.21
C SER P 145 12.04 36.49 44.56
N GLY P 146 11.29 35.42 44.86
CA GLY P 146 10.48 35.27 46.08
C GLY P 146 11.31 35.23 47.34
N MET P 147 12.09 34.17 47.53
CA MET P 147 13.00 33.99 48.70
C MET P 147 14.06 35.10 48.71
N GLY P 148 14.76 35.29 47.59
CA GLY P 148 15.85 36.28 47.43
C GLY P 148 15.48 37.62 48.04
N THR P 149 14.36 38.21 47.62
CA THR P 149 13.82 39.49 48.14
C THR P 149 13.46 39.34 49.62
N LEU P 150 12.81 38.23 50.00
CA LEU P 150 12.36 37.98 51.39
C LEU P 150 13.57 37.88 52.33
N LEU P 151 14.60 37.12 51.91
CA LEU P 151 15.90 37.04 52.64
C LEU P 151 16.50 38.45 52.73
N ILE P 152 16.65 39.13 51.59
CA ILE P 152 17.25 40.51 51.49
C ILE P 152 16.55 41.44 52.49
N SER P 153 15.22 41.38 52.54
CA SER P 153 14.38 42.12 53.53
C SER P 153 14.84 41.77 54.95
N LYS P 154 14.98 40.47 55.25
CA LYS P 154 15.34 39.94 56.59
C LYS P 154 16.76 40.40 56.97
N VAL P 155 17.77 40.00 56.19
CA VAL P 155 19.22 40.28 56.46
C VAL P 155 19.41 41.78 56.74
N ARG P 156 18.69 42.65 56.02
CA ARG P 156 18.83 44.13 56.14
C ARG P 156 18.27 44.59 57.49
N GLU P 157 17.16 44.00 57.97
CA GLU P 157 16.54 44.31 59.28
C GLU P 157 17.49 43.95 60.43
N GLU P 158 18.28 42.88 60.26
CA GLU P 158 19.28 42.42 61.26
C GLU P 158 20.59 43.21 61.12
N TYR P 159 21.04 43.43 59.87
CA TYR P 159 22.35 44.07 59.54
C TYR P 159 22.12 45.30 58.67
N PRO P 160 21.69 46.45 59.24
CA PRO P 160 21.42 47.65 58.44
C PRO P 160 22.70 48.23 57.80
N ASP P 161 23.73 48.50 58.61
CA ASP P 161 24.98 49.19 58.21
C ASP P 161 25.71 48.39 57.12
N ARG P 162 25.73 47.07 57.24
CA ARG P 162 26.49 46.16 56.33
C ARG P 162 25.91 46.30 54.91
N ILE P 163 26.80 46.46 53.91
CA ILE P 163 26.44 46.63 52.47
C ILE P 163 25.61 45.42 52.02
N MET P 164 24.53 45.66 51.28
CA MET P 164 23.74 44.61 50.59
C MET P 164 23.89 44.81 49.08
N GLU P 165 24.82 44.06 48.48
CA GLU P 165 25.08 44.04 47.02
C GLU P 165 24.28 42.88 46.41
N THR P 166 23.71 43.09 45.22
CA THR P 166 22.89 42.08 44.49
C THR P 166 23.30 42.05 43.02
N PHE P 167 23.62 40.86 42.50
CA PHE P 167 23.83 40.57 41.05
C PHE P 167 22.61 39.84 40.49
N SER P 168 21.60 40.59 40.05
CA SER P 168 20.25 40.08 39.70
C SER P 168 20.05 40.02 38.19
N VAL P 169 19.69 38.85 37.65
CA VAL P 169 19.31 38.65 36.22
C VAL P 169 17.85 39.11 36.04
N VAL P 170 17.66 40.29 35.45
CA VAL P 170 16.32 40.86 35.12
C VAL P 170 15.79 40.08 33.91
N PRO P 171 14.48 39.78 33.81
CA PRO P 171 13.94 39.15 32.61
C PRO P 171 13.95 40.10 31.40
N SER P 172 14.47 39.62 30.26
CA SER P 172 14.59 40.37 28.98
C SER P 172 13.41 40.03 28.08
N PRO P 173 12.75 41.03 27.42
CA PRO P 173 11.62 40.74 26.51
C PRO P 173 11.97 39.86 25.30
N LYS P 174 13.22 39.90 24.85
CA LYS P 174 13.73 39.13 23.68
C LYS P 174 13.66 37.63 23.99
N VAL P 175 14.31 37.22 25.09
CA VAL P 175 14.43 35.80 25.53
C VAL P 175 13.04 35.31 25.93
N SER P 176 12.47 35.88 27.00
CA SER P 176 11.12 35.57 27.54
C SER P 176 10.98 34.05 27.73
N ASP P 177 11.85 33.46 28.56
CA ASP P 177 11.92 32.00 28.81
C ASP P 177 10.89 31.58 29.86
N THR P 178 10.10 32.53 30.38
CA THR P 178 8.92 32.29 31.26
C THR P 178 7.83 33.30 30.90
N VAL P 179 6.55 32.94 31.16
CA VAL P 179 5.37 33.76 30.80
C VAL P 179 5.10 34.80 31.91
N VAL P 180 5.17 34.40 33.17
CA VAL P 180 4.79 35.23 34.37
C VAL P 180 5.99 36.06 34.85
N GLU P 181 7.09 36.10 34.09
CA GLU P 181 8.31 36.93 34.36
C GLU P 181 7.92 38.36 34.77
N PRO P 182 7.06 39.08 34.00
CA PRO P 182 6.70 40.45 34.33
C PRO P 182 6.19 40.65 35.77
N TYR P 183 5.32 39.76 36.25
CA TYR P 183 4.75 39.78 37.63
C TYR P 183 5.87 39.66 38.65
N ASN P 184 6.63 38.56 38.58
CA ASN P 184 7.74 38.24 39.51
C ASN P 184 8.64 39.47 39.64
N ALA P 185 9.17 39.94 38.51
CA ALA P 185 10.17 41.04 38.40
C ALA P 185 9.62 42.35 38.98
N THR P 186 8.35 42.67 38.70
CA THR P 186 7.67 43.90 39.19
C THR P 186 7.57 43.85 40.72
N LEU P 187 7.19 42.69 41.27
CA LEU P 187 7.06 42.50 42.74
C LEU P 187 8.44 42.48 43.39
N SER P 188 9.46 42.03 42.66
CA SER P 188 10.86 41.94 43.15
C SER P 188 11.40 43.35 43.41
N VAL P 189 11.48 44.18 42.37
CA VAL P 189 12.16 45.50 42.37
C VAL P 189 11.60 46.36 43.52
N HIS P 190 10.29 46.24 43.79
CA HIS P 190 9.58 46.88 44.94
C HIS P 190 10.35 46.60 46.24
N GLN P 191 10.69 45.32 46.48
CA GLN P 191 11.40 44.88 47.70
C GLN P 191 12.89 45.23 47.59
N LEU P 192 13.49 45.08 46.40
CA LEU P 192 14.93 45.33 46.16
C LEU P 192 15.25 46.81 46.40
N VAL P 193 14.48 47.75 45.82
CA VAL P 193 14.78 49.21 45.86
C VAL P 193 14.81 49.71 47.31
N GLU P 194 14.02 49.10 48.21
CA GLU P 194 13.94 49.51 49.64
C GLU P 194 15.10 48.90 50.43
N ASN P 195 15.59 47.71 50.06
CA ASN P 195 16.44 46.85 50.93
C ASN P 195 17.80 46.50 50.31
N ALA P 196 18.06 46.84 49.04
CA ALA P 196 19.36 46.60 48.36
C ALA P 196 20.15 47.92 48.29
N ASP P 197 21.40 47.90 48.76
CA ASP P 197 22.30 49.09 48.79
C ASP P 197 22.76 49.37 47.37
N GLU P 198 23.26 48.35 46.66
CA GLU P 198 23.72 48.44 45.25
C GLU P 198 23.28 47.17 44.49
N CYS P 199 22.42 47.34 43.48
CA CYS P 199 21.92 46.27 42.57
C CYS P 199 22.60 46.40 41.21
N MET P 200 23.32 45.36 40.77
CA MET P 200 23.98 45.29 39.43
C MET P 200 23.10 44.47 38.49
N VAL P 201 22.20 45.14 37.76
CA VAL P 201 21.23 44.48 36.83
C VAL P 201 22.03 43.78 35.73
N ILE P 202 21.75 42.49 35.55
CA ILE P 202 22.29 41.62 34.46
C ILE P 202 21.10 41.23 33.58
N ASP P 203 21.33 40.99 32.29
CA ASP P 203 20.29 40.55 31.31
C ASP P 203 20.86 39.47 30.38
N ASN P 204 20.12 38.39 30.17
CA ASN P 204 20.53 37.26 29.31
C ASN P 204 20.71 37.77 27.87
N GLU P 205 19.78 38.60 27.40
CA GLU P 205 19.80 39.17 26.03
C GLU P 205 21.19 39.77 25.77
N ALA P 206 21.63 40.68 26.63
CA ALA P 206 22.94 41.38 26.53
C ALA P 206 24.07 40.34 26.54
N LEU P 207 24.05 39.39 27.48
CA LEU P 207 25.10 38.36 27.65
C LEU P 207 25.23 37.53 26.37
N TYR P 208 24.10 37.17 25.74
CA TYR P 208 24.07 36.48 24.42
C TYR P 208 24.70 37.36 23.34
N ASP P 209 24.38 38.66 23.36
CA ASP P 209 24.90 39.66 22.37
C ASP P 209 26.43 39.78 22.52
N ILE P 210 26.94 39.76 23.75
CA ILE P 210 28.42 39.78 24.01
C ILE P 210 29.02 38.49 23.43
N CYS P 211 28.27 37.38 23.48
CA CYS P 211 28.73 36.04 23.04
C CYS P 211 28.73 35.90 21.51
N PHE P 212 27.81 36.56 20.80
CA PHE P 212 27.72 36.48 19.31
C PHE P 212 28.59 37.57 18.66
N ARG P 213 28.77 38.73 19.30
CA ARG P 213 29.47 39.91 18.72
C ARG P 213 30.85 40.09 19.35
N THR P 214 30.96 40.61 20.58
CA THR P 214 32.25 40.95 21.26
C THR P 214 33.16 39.71 21.24
N LEU P 215 32.69 38.61 21.83
CA LEU P 215 33.24 37.25 21.60
C LEU P 215 32.49 36.65 20.40
N LYS P 216 33.08 35.65 19.73
CA LYS P 216 32.46 34.92 18.59
C LYS P 216 32.39 33.44 18.96
N LEU P 217 31.33 33.07 19.70
CA LEU P 217 31.01 31.70 20.14
C LEU P 217 29.96 31.13 19.19
N THR P 218 30.19 29.92 18.68
CA THR P 218 29.25 29.21 17.76
C THR P 218 28.04 28.72 18.57
N THR P 219 28.26 28.26 19.81
CA THR P 219 27.23 27.72 20.73
C THR P 219 27.43 28.30 22.13
N PRO P 220 27.00 29.57 22.38
CA PRO P 220 26.96 30.10 23.74
C PRO P 220 25.91 29.36 24.58
N THR P 221 26.35 28.76 25.69
CA THR P 221 25.50 28.04 26.68
C THR P 221 25.40 28.90 27.94
N TYR P 222 24.47 28.58 28.85
CA TYR P 222 24.28 29.29 30.14
C TYR P 222 25.56 29.22 30.96
N GLY P 223 26.39 28.20 30.75
CA GLY P 223 27.77 28.12 31.27
C GLY P 223 28.60 29.33 30.88
N ASP P 224 28.62 29.65 29.58
CA ASP P 224 29.41 30.77 29.00
C ASP P 224 28.84 32.11 29.50
N LEU P 225 27.50 32.27 29.45
CA LEU P 225 26.79 33.47 29.97
C LEU P 225 27.18 33.68 31.44
N ASN P 226 27.15 32.62 32.25
CA ASN P 226 27.50 32.65 33.69
C ASN P 226 28.97 33.06 33.85
N HIS P 227 29.85 32.59 32.96
CA HIS P 227 31.32 32.86 33.01
C HIS P 227 31.59 34.37 32.93
N LEU P 228 30.83 35.08 32.09
CA LEU P 228 30.97 36.54 31.88
C LEU P 228 30.53 37.27 33.17
N VAL P 229 29.37 36.89 33.72
CA VAL P 229 28.79 37.46 34.97
C VAL P 229 29.83 37.30 36.09
N SER P 230 30.39 36.09 36.20
CA SER P 230 31.41 35.70 37.22
C SER P 230 32.66 36.57 37.08
N ALA P 231 33.19 36.69 35.86
CA ALA P 231 34.38 37.51 35.53
C ALA P 231 34.20 38.91 36.11
N ALA P 232 33.05 39.54 35.84
CA ALA P 232 32.67 40.88 36.36
C ALA P 232 32.57 40.83 37.89
N MET P 233 31.90 39.80 38.43
CA MET P 233 31.65 39.62 39.90
C MET P 233 32.97 39.68 40.67
N SER P 234 34.04 39.07 40.13
CA SER P 234 35.42 39.15 40.67
C SER P 234 35.86 40.61 40.71
N GLY P 235 35.83 41.28 39.56
CA GLY P 235 36.28 42.68 39.36
C GLY P 235 35.70 43.64 40.39
N VAL P 236 34.39 43.55 40.66
CA VAL P 236 33.64 44.50 41.55
C VAL P 236 34.30 44.50 42.93
N THR P 237 34.83 43.35 43.39
CA THR P 237 35.43 43.15 44.73
C THR P 237 36.80 42.46 44.63
N CYS P 238 37.78 43.15 44.06
CA CYS P 238 39.19 42.66 43.89
C CYS P 238 40.14 43.42 44.82
N CYS P 239 40.04 44.75 44.86
CA CYS P 239 40.88 45.67 45.67
C CYS P 239 40.77 45.33 47.16
N LEU P 240 39.75 44.57 47.56
CA LEU P 240 39.67 43.86 48.88
C LEU P 240 40.74 42.76 48.91
N ARG P 241 40.73 41.88 47.92
CA ARG P 241 41.45 40.57 47.92
C ARG P 241 42.93 40.74 47.56
N PHE P 242 43.31 41.87 46.94
CA PHE P 242 44.68 42.08 46.40
C PHE P 242 45.13 43.51 46.66
N PRO P 243 46.45 43.80 46.58
CA PRO P 243 46.95 45.18 46.69
C PRO P 243 46.48 46.06 45.52
N GLY P 244 46.67 47.37 45.65
CA GLY P 244 46.35 48.36 44.60
C GLY P 244 47.21 49.61 44.71
N GLN P 245 47.51 50.24 43.58
CA GLN P 245 48.15 51.58 43.52
C GLN P 245 47.16 52.61 44.08
N LEU P 246 45.87 52.43 43.79
CA LEU P 246 44.72 53.14 44.43
C LEU P 246 43.67 52.09 44.82
N ASN P 247 43.45 51.91 46.12
CA ASN P 247 42.53 50.88 46.67
C ASN P 247 41.09 51.39 46.62
N SER P 248 40.15 50.45 46.63
CA SER P 248 38.69 50.68 46.76
C SER P 248 38.08 49.48 47.49
N ASP P 249 36.76 49.50 47.72
CA ASP P 249 35.98 48.36 48.26
C ASP P 249 34.50 48.61 47.95
N LEU P 250 33.62 47.69 48.35
CA LEU P 250 32.17 47.72 48.04
C LEU P 250 31.55 49.05 48.50
N ARG P 251 31.83 49.45 49.74
CA ARG P 251 31.26 50.69 50.35
C ARG P 251 31.78 51.91 49.57
N LYS P 252 33.05 51.91 49.17
CA LYS P 252 33.68 53.04 48.43
C LYS P 252 32.91 53.21 47.11
N LEU P 253 32.72 52.13 46.35
CA LEU P 253 31.98 52.14 45.06
C LEU P 253 30.58 52.72 45.29
N ALA P 254 29.85 52.14 46.27
CA ALA P 254 28.49 52.56 46.67
C ALA P 254 28.45 54.07 46.96
N VAL P 255 29.37 54.56 47.80
CA VAL P 255 29.46 56.01 48.21
C VAL P 255 29.58 56.88 46.95
N ASN P 256 30.24 56.39 45.89
CA ASN P 256 30.55 57.18 44.67
C ASN P 256 29.66 56.78 43.49
N LEU P 257 28.87 55.70 43.60
CA LEU P 257 27.98 55.24 42.50
C LEU P 257 26.52 55.66 42.76
N ILE P 258 26.12 55.88 44.01
CA ILE P 258 24.71 56.15 44.41
C ILE P 258 24.62 57.61 44.86
N PRO P 259 24.20 58.56 43.99
CA PRO P 259 24.04 59.95 44.42
C PRO P 259 22.89 60.04 45.42
N PHE P 260 21.73 59.46 45.08
CA PHE P 260 20.50 59.46 45.91
C PHE P 260 20.04 58.03 46.13
N PRO P 261 19.54 57.69 47.33
CA PRO P 261 19.44 56.28 47.76
C PRO P 261 18.73 55.32 46.79
N ARG P 262 17.69 55.81 46.12
CA ARG P 262 16.77 54.99 45.29
C ARG P 262 17.46 54.61 43.96
N LEU P 263 18.50 55.36 43.54
CA LEU P 263 19.20 55.18 42.24
C LEU P 263 20.42 54.27 42.45
N HIS P 264 20.22 52.99 42.71
CA HIS P 264 21.31 52.03 43.01
C HIS P 264 21.28 50.85 42.03
N PHE P 265 20.67 51.03 40.86
CA PHE P 265 20.74 50.05 39.74
C PHE P 265 21.92 50.48 38.86
N PHE P 266 22.79 49.54 38.51
CA PHE P 266 24.02 49.77 37.71
C PHE P 266 24.12 48.73 36.60
N MET P 267 24.92 49.06 35.58
CA MET P 267 25.25 48.16 34.44
C MET P 267 26.71 47.73 34.60
N ILE P 268 26.94 46.44 34.83
CA ILE P 268 28.32 45.85 34.92
C ILE P 268 28.77 45.47 33.50
N GLY P 269 30.08 45.58 33.24
CA GLY P 269 30.70 45.27 31.93
C GLY P 269 32.19 45.02 32.04
N PHE P 270 32.67 43.92 31.44
CA PHE P 270 34.08 43.44 31.51
C PHE P 270 34.77 43.78 30.17
N ALA P 271 35.92 44.47 30.24
CA ALA P 271 36.59 45.14 29.09
C ALA P 271 37.48 44.21 28.26
N PRO P 272 38.42 43.43 28.83
CA PRO P 272 39.42 42.72 28.01
C PRO P 272 38.90 41.52 27.23
N LEU P 273 37.58 41.26 27.26
CA LEU P 273 36.90 40.17 26.51
C LEU P 273 37.08 40.41 25.01
N THR P 274 37.64 39.44 24.30
CA THR P 274 37.91 39.48 22.84
C THR P 274 37.60 38.12 22.21
N SER P 275 37.02 38.12 21.01
CA SER P 275 36.96 36.96 20.09
C SER P 275 38.36 36.35 19.97
N ARG P 276 38.44 35.03 19.96
CA ARG P 276 39.72 34.26 20.03
C ARG P 276 40.52 34.51 18.75
N GLY P 277 39.85 34.58 17.60
CA GLY P 277 40.46 34.87 16.28
C GLY P 277 41.03 36.27 16.18
N SER P 278 40.36 37.26 16.79
CA SER P 278 40.68 38.71 16.68
C SER P 278 41.82 39.12 17.63
N GLN P 279 42.33 38.21 18.46
CA GLN P 279 43.26 38.50 19.58
C GLN P 279 44.61 39.03 19.05
N GLN P 280 45.19 38.32 18.09
CA GLN P 280 46.45 38.69 17.38
C GLN P 280 46.48 40.20 17.14
N TYR P 281 45.39 40.71 16.60
CA TYR P 281 45.29 42.05 15.95
C TYR P 281 45.10 43.12 17.03
N ARG P 282 44.18 42.87 17.97
CA ARG P 282 43.89 43.76 19.13
C ARG P 282 45.17 43.98 19.95
N ALA P 283 45.45 45.25 20.29
CA ALA P 283 46.54 45.68 21.19
C ALA P 283 45.97 45.91 22.60
N LEU P 284 46.60 45.35 23.63
CA LEU P 284 46.10 45.32 25.02
C LEU P 284 46.71 46.50 25.78
N THR P 285 46.09 47.67 25.61
CA THR P 285 46.52 48.99 26.16
C THR P 285 45.34 49.64 26.89
N VAL P 286 45.62 50.44 27.92
CA VAL P 286 44.60 51.14 28.76
C VAL P 286 43.60 51.84 27.83
N PRO P 287 44.01 52.61 26.81
CA PRO P 287 43.05 53.22 25.87
C PRO P 287 42.11 52.21 25.21
N GLU P 288 42.66 51.10 24.70
CA GLU P 288 41.89 50.07 23.95
C GLU P 288 40.77 49.53 24.85
N LEU P 289 41.09 49.17 26.10
CA LEU P 289 40.13 48.55 27.06
C LEU P 289 39.08 49.59 27.47
N THR P 290 39.49 50.84 27.69
CA THR P 290 38.61 51.99 28.04
C THR P 290 37.58 52.23 26.93
N GLN P 291 37.97 52.01 25.66
CA GLN P 291 37.05 52.14 24.51
C GLN P 291 36.00 51.03 24.54
N GLN P 292 36.39 49.79 24.91
CA GLN P 292 35.44 48.65 24.94
C GLN P 292 34.49 48.81 26.14
N MET P 293 34.98 49.21 27.31
CA MET P 293 34.17 49.24 28.57
C MET P 293 33.01 50.24 28.44
N PHE P 294 33.21 51.36 27.70
CA PHE P 294 32.19 52.42 27.51
C PHE P 294 31.34 52.15 26.26
N ASP P 295 31.73 51.19 25.42
CA ASP P 295 30.91 50.70 24.29
C ASP P 295 29.62 50.08 24.85
N ALA P 296 28.47 50.56 24.39
CA ALA P 296 27.12 50.13 24.81
C ALA P 296 26.90 48.63 24.54
N LYS P 297 27.68 48.06 23.62
CA LYS P 297 27.71 46.60 23.29
C LYS P 297 28.20 45.79 24.49
N ASN P 298 29.25 46.28 25.16
CA ASN P 298 29.99 45.58 26.24
C ASN P 298 29.11 45.38 27.48
N MET P 299 28.14 46.27 27.72
CA MET P 299 27.28 46.26 28.94
C MET P 299 26.43 44.99 28.96
N MET P 300 26.25 44.41 30.15
CA MET P 300 25.48 43.16 30.39
C MET P 300 24.03 43.51 30.75
N CYS P 301 23.54 44.67 30.27
CA CYS P 301 22.13 45.15 30.38
C CYS P 301 21.62 45.52 28.98
N ALA P 302 20.32 45.33 28.74
CA ALA P 302 19.64 45.53 27.45
C ALA P 302 19.72 47.01 27.02
N ALA P 303 19.48 47.92 27.97
CA ALA P 303 19.38 49.38 27.72
C ALA P 303 20.75 49.95 27.35
N ASP P 304 20.83 50.63 26.21
CA ASP P 304 22.05 51.32 25.71
C ASP P 304 22.24 52.60 26.53
N PRO P 305 23.42 52.82 27.15
CA PRO P 305 23.72 54.09 27.84
C PRO P 305 23.51 55.36 26.99
N ARG P 306 23.52 55.24 25.66
CA ARG P 306 23.32 56.35 24.68
C ARG P 306 21.99 57.06 24.90
N HIS P 307 20.94 56.33 25.29
CA HIS P 307 19.58 56.88 25.53
C HIS P 307 19.56 57.67 26.85
N GLY P 308 20.18 57.10 27.89
CA GLY P 308 20.36 57.75 29.21
C GLY P 308 21.57 58.67 29.24
N ARG P 309 21.91 59.17 30.43
CA ARG P 309 23.11 60.01 30.70
C ARG P 309 23.67 59.57 32.05
N TYR P 310 24.86 58.98 32.06
CA TYR P 310 25.58 58.49 33.26
C TYR P 310 25.50 59.54 34.38
N LEU P 311 24.77 59.23 35.46
CA LEU P 311 24.78 59.98 36.74
C LEU P 311 26.18 59.86 37.35
N THR P 312 26.82 58.71 37.13
CA THR P 312 28.22 58.39 37.50
C THR P 312 28.63 57.06 36.87
N ALA P 313 29.92 56.78 36.87
CA ALA P 313 30.52 55.49 36.45
C ALA P 313 31.70 55.17 37.36
N SER P 314 32.13 53.91 37.38
CA SER P 314 33.31 53.42 38.13
C SER P 314 34.05 52.35 37.31
N ALA P 315 35.37 52.46 37.23
CA ALA P 315 36.27 51.48 36.60
C ALA P 315 37.20 50.89 37.66
N LEU P 316 37.43 49.58 37.60
CA LEU P 316 38.32 48.82 38.51
C LEU P 316 39.37 48.08 37.67
N PHE P 317 40.35 48.84 37.18
CA PHE P 317 41.44 48.37 36.30
C PHE P 317 42.32 47.38 37.07
N ARG P 318 42.90 46.42 36.34
CA ARG P 318 43.66 45.26 36.88
C ARG P 318 45.04 45.21 36.19
N GLY P 319 46.00 44.51 36.80
CA GLY P 319 47.38 44.40 36.29
C GLY P 319 48.20 45.64 36.60
N ARG P 320 49.34 45.80 35.92
CA ARG P 320 50.33 46.89 36.16
C ARG P 320 50.14 47.96 35.07
N MET P 321 49.41 49.03 35.38
CA MET P 321 49.22 50.20 34.48
C MET P 321 49.62 51.47 35.23
N SER P 322 50.26 52.39 34.51
CA SER P 322 50.54 53.78 34.94
C SER P 322 49.21 54.49 35.25
N THR P 323 49.05 54.94 36.50
CA THR P 323 47.81 55.58 37.02
C THR P 323 47.51 56.85 36.24
N LYS P 324 48.55 57.59 35.83
CA LYS P 324 48.45 58.79 34.95
C LYS P 324 47.69 58.41 33.68
N GLU P 325 48.15 57.37 32.99
CA GLU P 325 47.58 56.94 31.68
C GLU P 325 46.10 56.61 31.87
N VAL P 326 45.74 55.86 32.91
CA VAL P 326 44.33 55.57 33.29
C VAL P 326 43.59 56.92 33.39
N ASP P 327 44.09 57.81 34.23
CA ASP P 327 43.45 59.12 34.55
C ASP P 327 43.27 59.95 33.26
N GLU P 328 44.27 59.96 32.38
CA GLU P 328 44.19 60.61 31.04
C GLU P 328 42.97 60.04 30.29
N GLN P 329 42.83 58.71 30.28
CA GLN P 329 41.77 58.01 29.50
C GLN P 329 40.39 58.37 30.06
N MET P 330 40.21 58.35 31.38
CA MET P 330 38.91 58.61 32.06
C MET P 330 38.47 60.06 31.77
N LEU P 331 39.43 61.00 31.84
CA LEU P 331 39.22 62.43 31.47
C LEU P 331 38.78 62.51 30.01
N ASN P 332 39.58 61.92 29.11
CA ASN P 332 39.36 61.92 27.64
C ASN P 332 37.92 61.49 27.34
N VAL P 333 37.48 60.38 27.95
CA VAL P 333 36.10 59.80 27.78
C VAL P 333 35.06 60.86 28.13
N GLN P 334 35.21 61.55 29.27
CA GLN P 334 34.18 62.48 29.81
C GLN P 334 34.00 63.70 28.91
N ASN P 335 35.09 64.20 28.31
CA ASN P 335 35.06 65.33 27.34
C ASN P 335 34.25 64.88 26.11
N LYS P 336 34.62 63.74 25.53
CA LYS P 336 34.01 63.10 24.32
C LYS P 336 32.50 62.99 24.49
N ASN P 337 32.07 62.35 25.58
CA ASN P 337 30.66 61.99 25.88
C ASN P 337 29.99 63.14 26.65
N SER P 338 30.11 64.37 26.13
CA SER P 338 29.61 65.62 26.77
C SER P 338 28.12 65.52 27.09
N SER P 339 27.33 64.84 26.25
CA SER P 339 25.87 64.60 26.43
C SER P 339 25.63 63.46 27.42
N TYR P 340 26.39 62.37 27.31
CA TYR P 340 26.15 61.10 28.06
C TYR P 340 26.61 61.23 29.51
N PHE P 341 27.18 62.39 29.90
CA PHE P 341 27.49 62.73 31.31
C PHE P 341 26.61 63.89 31.77
N VAL P 342 25.93 63.66 32.90
CA VAL P 342 25.11 64.66 33.66
C VAL P 342 25.93 65.95 33.83
N GLU P 343 25.28 67.10 33.64
CA GLU P 343 25.90 68.46 33.69
C GLU P 343 26.43 68.69 35.11
N TRP P 344 25.54 68.65 36.10
CA TRP P 344 25.90 68.72 37.54
C TRP P 344 26.69 67.46 37.89
N ILE P 345 27.41 67.48 39.02
CA ILE P 345 28.34 66.40 39.46
C ILE P 345 29.34 66.15 38.32
N PRO P 346 30.35 67.05 38.18
CA PRO P 346 31.43 66.84 37.23
C PRO P 346 32.47 65.86 37.77
N ASN P 347 33.43 65.49 36.92
CA ASN P 347 34.41 64.40 37.14
C ASN P 347 33.62 63.15 37.56
N ASN P 348 32.66 62.78 36.72
CA ASN P 348 31.62 61.73 36.95
C ASN P 348 32.25 60.35 37.13
N ILE P 349 33.32 60.04 36.40
CA ILE P 349 33.94 58.68 36.41
C ILE P 349 34.86 58.58 37.63
N LYS P 350 34.70 57.51 38.40
CA LYS P 350 35.64 57.05 39.45
C LYS P 350 36.57 56.01 38.83
N SER P 351 37.80 55.91 39.33
CA SER P 351 38.83 54.92 38.89
C SER P 351 39.47 54.25 40.11
N SER P 352 39.64 52.93 40.05
CA SER P 352 40.36 52.09 41.04
C SER P 352 41.40 51.23 40.31
N ILE P 353 42.61 51.12 40.87
CA ILE P 353 43.75 50.35 40.30
C ILE P 353 44.03 49.17 41.25
N CYS P 354 44.02 47.95 40.73
CA CYS P 354 44.46 46.73 41.45
C CYS P 354 45.66 46.11 40.72
N ASP P 355 46.77 45.89 41.43
CA ASP P 355 48.07 45.45 40.86
C ASP P 355 47.93 44.05 40.23
N ILE P 356 47.20 43.15 40.89
CA ILE P 356 47.11 41.71 40.46
C ILE P 356 46.08 41.62 39.33
N PRO P 357 46.49 41.12 38.14
CA PRO P 357 45.55 40.93 37.03
C PRO P 357 44.75 39.64 37.21
N PRO P 358 43.72 39.40 36.35
CA PRO P 358 43.08 38.08 36.29
C PRO P 358 44.01 37.09 35.58
N LYS P 359 43.80 35.79 35.80
CA LYS P 359 44.72 34.70 35.34
C LYS P 359 44.75 34.67 33.81
N GLY P 360 45.95 34.55 33.23
CA GLY P 360 46.19 34.47 31.78
C GLY P 360 45.90 35.77 31.06
N LEU P 361 46.01 36.91 31.75
CA LEU P 361 45.82 38.27 31.19
C LEU P 361 46.84 39.23 31.82
N LYS P 362 47.24 40.27 31.08
CA LYS P 362 48.26 41.28 31.49
C LYS P 362 47.56 42.49 32.09
N MET P 363 46.45 42.93 31.47
CA MET P 363 45.55 44.01 31.98
C MET P 363 44.10 43.58 31.80
N ALA P 364 43.21 44.16 32.60
CA ALA P 364 41.74 43.98 32.51
C ALA P 364 41.04 45.21 33.09
N VAL P 365 39.72 45.28 32.94
CA VAL P 365 38.84 46.33 33.54
C VAL P 365 37.49 45.70 33.85
N THR P 366 36.87 46.12 34.95
CA THR P 366 35.45 45.90 35.26
C THR P 366 34.78 47.26 35.40
N PHE P 367 33.60 47.41 34.80
CA PHE P 367 32.85 48.68 34.70
C PHE P 367 31.54 48.56 35.49
N VAL P 368 31.23 49.57 36.31
CA VAL P 368 29.93 49.71 37.05
C VAL P 368 29.42 51.14 36.79
N GLY P 369 28.25 51.28 36.15
CA GLY P 369 27.73 52.57 35.67
C GLY P 369 26.28 52.81 36.08
N ASN P 370 26.05 53.81 36.93
CA ASN P 370 24.68 54.31 37.27
C ASN P 370 24.25 55.32 36.21
N SER P 371 23.51 54.86 35.19
CA SER P 371 22.94 55.71 34.11
C SER P 371 21.43 55.82 34.28
N THR P 372 20.83 56.77 33.57
CA THR P 372 19.36 56.94 33.45
C THR P 372 18.85 56.11 32.27
N ALA P 373 19.75 55.36 31.62
CA ALA P 373 19.40 54.37 30.57
C ALA P 373 18.68 53.18 31.20
N ILE P 374 19.06 52.83 32.43
CA ILE P 374 18.59 51.59 33.12
C ILE P 374 17.06 51.64 33.23
N GLN P 375 16.48 52.84 33.32
CA GLN P 375 15.00 53.06 33.32
C GLN P 375 14.34 52.38 32.11
N GLU P 376 15.01 52.37 30.95
CA GLU P 376 14.47 51.84 29.67
C GLU P 376 14.20 50.34 29.79
N MET P 377 15.03 49.60 30.52
CA MET P 377 14.88 48.12 30.71
C MET P 377 13.69 47.86 31.66
N PHE P 378 13.45 48.73 32.64
CA PHE P 378 12.35 48.64 33.65
C PHE P 378 11.01 49.02 33.01
N LYS P 379 11.02 49.94 32.05
CA LYS P 379 9.83 50.32 31.24
C LYS P 379 9.31 49.09 30.49
N ARG P 380 10.20 48.28 29.91
CA ARG P 380 9.86 47.02 29.18
C ARG P 380 9.03 46.15 30.13
N VAL P 381 9.52 45.91 31.35
CA VAL P 381 8.86 45.04 32.39
C VAL P 381 7.51 45.65 32.77
N ALA P 382 7.45 46.98 32.96
CA ALA P 382 6.22 47.73 33.34
C ALA P 382 5.17 47.55 32.24
N GLU P 383 5.50 47.94 31.01
CA GLU P 383 4.65 47.84 29.79
C GLU P 383 4.06 46.43 29.71
N GLN P 384 4.91 45.41 29.86
CA GLN P 384 4.54 43.97 29.86
C GLN P 384 3.57 43.73 31.03
N PHE P 385 4.03 44.02 32.25
CA PHE P 385 3.27 43.78 33.50
C PHE P 385 1.85 44.36 33.37
N THR P 386 1.77 45.65 33.01
CA THR P 386 0.50 46.40 32.86
C THR P 386 -0.47 45.58 32.00
N ALA P 387 -0.06 45.22 30.77
CA ALA P 387 -0.85 44.47 29.77
C ALA P 387 -1.51 43.24 30.42
N MET P 388 -0.75 42.49 31.22
CA MET P 388 -1.27 41.32 31.99
C MET P 388 -2.27 41.83 33.04
N PHE P 389 -1.89 42.84 33.81
CA PHE P 389 -2.64 43.31 35.00
C PHE P 389 -3.91 44.08 34.61
N ARG P 390 -3.94 44.67 33.41
CA ARG P 390 -5.17 45.29 32.83
C ARG P 390 -6.33 44.30 32.92
N ARG P 391 -6.05 43.00 32.70
CA ARG P 391 -7.06 41.91 32.62
C ARG P 391 -7.09 41.04 33.89
N LYS P 392 -6.04 41.09 34.71
CA LYS P 392 -5.85 40.23 35.91
C LYS P 392 -5.56 38.79 35.46
N ALA P 393 -4.70 38.65 34.43
CA ALA P 393 -4.24 37.36 33.88
C ALA P 393 -3.22 36.73 34.83
N PHE P 394 -3.25 35.40 34.97
CA PHE P 394 -2.32 34.58 35.78
C PHE P 394 -2.31 35.05 37.24
N LEU P 395 -3.27 35.90 37.65
CA LEU P 395 -3.23 36.60 38.95
C LEU P 395 -3.70 35.66 40.06
N HIS P 396 -4.66 34.78 39.75
CA HIS P 396 -5.27 33.79 40.67
C HIS P 396 -4.22 32.92 41.38
N TRP P 397 -3.10 32.58 40.72
CA TRP P 397 -1.99 31.83 41.36
C TRP P 397 -1.47 32.62 42.56
N TYR P 398 -1.03 33.84 42.28
CA TYR P 398 -0.42 34.78 43.25
C TYR P 398 -1.46 35.09 44.34
N THR P 399 -2.70 35.33 43.95
CA THR P 399 -3.86 35.55 44.86
C THR P 399 -4.13 34.29 45.68
N GLY P 400 -3.97 33.11 45.08
CA GLY P 400 -4.15 31.79 45.72
C GLY P 400 -3.19 31.57 46.88
N GLU P 401 -1.94 32.07 46.78
CA GLU P 401 -0.89 31.94 47.83
C GLU P 401 -1.13 32.95 48.96
N GLY P 402 -2.06 33.89 48.81
CA GLY P 402 -2.51 34.82 49.86
C GLY P 402 -1.95 36.23 49.68
N MET P 403 -1.50 36.57 48.46
CA MET P 403 -1.11 37.94 48.04
C MET P 403 -2.35 38.67 47.54
N ASP P 404 -2.53 39.94 47.95
CA ASP P 404 -3.72 40.77 47.60
C ASP P 404 -3.38 41.66 46.40
N GLU P 405 -4.39 42.02 45.61
CA GLU P 405 -4.27 42.89 44.40
C GLU P 405 -3.57 44.21 44.77
N MET P 406 -3.81 44.71 45.99
CA MET P 406 -3.16 45.94 46.55
C MET P 406 -1.65 45.88 46.36
N GLU P 407 -1.03 44.71 46.65
CA GLU P 407 0.43 44.47 46.51
C GLU P 407 0.86 44.67 45.06
N PHE P 408 0.09 44.16 44.08
CA PHE P 408 0.41 44.25 42.63
C PHE P 408 0.38 45.72 42.16
N THR P 409 -0.50 46.53 42.75
CA THR P 409 -0.67 47.96 42.40
C THR P 409 0.46 48.79 43.01
N GLU P 410 0.87 48.49 44.25
CA GLU P 410 1.95 49.23 44.97
C GLU P 410 3.30 48.93 44.31
N ALA P 411 3.52 47.69 43.85
CA ALA P 411 4.74 47.24 43.14
C ALA P 411 4.91 48.04 41.84
N GLU P 412 3.84 48.17 41.06
CA GLU P 412 3.78 48.97 39.80
C GLU P 412 4.00 50.45 40.14
N SER P 413 3.32 50.95 41.16
CA SER P 413 3.41 52.36 41.65
C SER P 413 4.85 52.68 42.04
N ASN P 414 5.52 51.77 42.76
CA ASN P 414 6.91 51.97 43.27
C ASN P 414 7.91 51.88 42.12
N MET P 415 7.69 50.99 41.13
CA MET P 415 8.58 50.84 39.95
C MET P 415 8.43 52.07 39.04
N ASN P 416 7.22 52.62 38.89
CA ASN P 416 6.95 53.83 38.07
C ASN P 416 7.67 55.04 38.69
N ASP P 417 7.69 55.13 40.03
CA ASP P 417 8.38 56.21 40.79
C ASP P 417 9.88 56.18 40.48
N LEU P 418 10.49 54.99 40.48
CA LEU P 418 11.91 54.76 40.10
C LEU P 418 12.14 55.36 38.70
N VAL P 419 11.31 54.95 37.73
CA VAL P 419 11.41 55.35 36.29
C VAL P 419 11.26 56.87 36.20
N SER P 420 10.35 57.46 36.97
CA SER P 420 10.13 58.92 37.07
C SER P 420 11.39 59.61 37.61
N GLU P 421 12.06 59.00 38.59
CA GLU P 421 13.20 59.61 39.30
C GLU P 421 14.45 59.62 38.40
N TYR P 422 14.72 58.53 37.68
CA TYR P 422 15.85 58.46 36.71
C TYR P 422 15.62 59.51 35.61
N GLN P 423 14.39 59.57 35.06
CA GLN P 423 14.02 60.51 33.97
C GLN P 423 14.19 61.96 34.47
N GLN P 424 13.86 62.24 35.73
CA GLN P 424 14.08 63.55 36.39
C GLN P 424 15.57 63.92 36.26
N TYR P 425 16.46 63.06 36.75
CA TYR P 425 17.92 63.30 36.86
C TYR P 425 18.60 63.18 35.48
N GLN P 426 17.92 62.63 34.47
CA GLN P 426 18.35 62.69 33.05
C GLN P 426 18.08 64.10 32.52
N ASP P 427 16.80 64.52 32.61
CA ASP P 427 16.28 65.77 32.02
C ASP P 427 16.85 66.98 32.76
N ALA P 428 17.12 66.86 34.06
CA ALA P 428 17.60 67.94 34.97
C ALA P 428 18.90 68.55 34.42
N THR P 429 19.03 69.88 34.55
CA THR P 429 20.18 70.70 34.06
C THR P 429 20.61 71.68 35.16
N ALA P 430 21.87 71.58 35.62
CA ALA P 430 22.41 72.35 36.75
C ALA P 430 23.94 72.49 36.61
N MET Q 1 -42.47 -75.50 59.38
CA MET Q 1 -41.80 -74.77 58.26
C MET Q 1 -42.79 -74.56 57.11
N ARG Q 2 -43.69 -73.59 57.29
CA ARG Q 2 -44.63 -73.07 56.27
C ARG Q 2 -45.64 -74.17 55.88
N GLU Q 3 -45.88 -75.16 56.76
CA GLU Q 3 -46.74 -76.34 56.50
C GLU Q 3 -48.21 -75.91 56.43
N VAL Q 4 -48.93 -76.40 55.41
CA VAL Q 4 -50.39 -76.17 55.17
C VAL Q 4 -51.06 -77.53 55.00
N ILE Q 5 -52.10 -77.84 55.79
CA ILE Q 5 -52.91 -79.10 55.67
C ILE Q 5 -54.09 -78.84 54.74
N SER Q 6 -54.23 -79.65 53.67
CA SER Q 6 -55.26 -79.52 52.60
C SER Q 6 -56.38 -80.57 52.79
N ILE Q 7 -57.57 -80.13 53.22
CA ILE Q 7 -58.76 -81.02 53.46
C ILE Q 7 -59.71 -80.88 52.27
N HIS Q 8 -59.96 -81.96 51.52
CA HIS Q 8 -60.78 -81.99 50.28
C HIS Q 8 -62.03 -82.86 50.46
N VAL Q 9 -63.19 -82.21 50.71
CA VAL Q 9 -64.46 -82.85 51.18
C VAL Q 9 -65.53 -82.68 50.10
N GLY Q 10 -66.28 -83.74 49.81
CA GLY Q 10 -67.26 -83.75 48.71
C GLY Q 10 -66.57 -83.76 47.36
N GLN Q 11 -67.28 -84.22 46.33
CA GLN Q 11 -66.77 -84.43 44.94
C GLN Q 11 -66.03 -83.18 44.45
N GLY Q 12 -66.70 -82.03 44.45
CA GLY Q 12 -66.11 -80.73 44.09
C GLY Q 12 -64.79 -80.53 44.81
N GLY Q 13 -64.80 -80.70 46.14
CA GLY Q 13 -63.60 -80.65 46.99
C GLY Q 13 -62.48 -81.52 46.47
N ILE Q 14 -62.74 -82.81 46.24
CA ILE Q 14 -61.70 -83.79 45.80
C ILE Q 14 -61.24 -83.43 44.38
N GLN Q 15 -62.16 -83.25 43.44
CA GLN Q 15 -61.84 -83.08 41.99
C GLN Q 15 -61.03 -81.78 41.80
N VAL Q 16 -61.41 -80.70 42.50
CA VAL Q 16 -60.60 -79.44 42.61
C VAL Q 16 -59.23 -79.84 43.16
N GLY Q 17 -59.22 -80.61 44.25
CA GLY Q 17 -58.01 -81.20 44.85
C GLY Q 17 -57.13 -81.80 43.77
N ASN Q 18 -57.68 -82.71 42.96
CA ASN Q 18 -56.93 -83.43 41.90
C ASN Q 18 -56.12 -82.43 41.07
N ALA Q 19 -56.73 -81.32 40.65
CA ALA Q 19 -56.12 -80.27 39.81
C ALA Q 19 -55.00 -79.54 40.58
N CYS Q 20 -55.26 -79.13 41.83
CA CYS Q 20 -54.31 -78.42 42.73
C CYS Q 20 -53.00 -79.21 42.83
N TRP Q 21 -53.10 -80.51 43.06
CA TRP Q 21 -51.97 -81.43 43.35
C TRP Q 21 -51.31 -81.93 42.07
N GLU Q 22 -51.91 -81.70 40.90
CA GLU Q 22 -51.21 -81.76 39.58
C GLU Q 22 -50.25 -80.57 39.49
N LEU Q 23 -50.75 -79.38 39.85
CA LEU Q 23 -50.04 -78.09 39.73
C LEU Q 23 -48.86 -78.07 40.72
N PHE Q 24 -49.12 -78.30 42.00
CA PHE Q 24 -48.09 -78.31 43.08
C PHE Q 24 -46.94 -79.25 42.67
N CYS Q 25 -47.29 -80.48 42.27
CA CYS Q 25 -46.35 -81.55 41.84
C CYS Q 25 -45.48 -81.07 40.67
N LEU Q 26 -46.07 -80.36 39.70
CA LEU Q 26 -45.33 -79.74 38.57
C LEU Q 26 -44.48 -78.58 39.09
N GLU Q 27 -44.97 -77.82 40.08
CA GLU Q 27 -44.32 -76.61 40.64
C GLU Q 27 -43.03 -76.98 41.39
N HIS Q 28 -43.09 -78.00 42.24
CA HIS Q 28 -41.97 -78.46 43.09
C HIS Q 28 -41.08 -79.48 42.35
N GLY Q 29 -41.58 -80.05 41.23
CA GLY Q 29 -40.84 -81.01 40.37
C GLY Q 29 -41.19 -82.46 40.67
N ILE Q 30 -42.04 -82.70 41.68
CA ILE Q 30 -42.42 -84.06 42.17
C ILE Q 30 -43.12 -84.81 41.03
N GLN Q 31 -42.61 -86.00 40.70
CA GLN Q 31 -43.17 -86.91 39.66
C GLN Q 31 -44.36 -87.64 40.30
N PRO Q 32 -45.18 -88.39 39.52
CA PRO Q 32 -46.33 -89.11 40.08
C PRO Q 32 -45.98 -90.03 41.27
N ASP Q 33 -44.92 -90.84 41.15
CA ASP Q 33 -44.45 -91.79 42.19
C ASP Q 33 -44.32 -91.07 43.54
N GLY Q 34 -43.89 -89.81 43.53
CA GLY Q 34 -43.76 -88.96 44.73
C GLY Q 34 -42.31 -88.62 45.06
N GLN Q 35 -41.34 -89.23 44.37
CA GLN Q 35 -39.90 -88.89 44.45
C GLN Q 35 -39.63 -87.74 43.49
N MET Q 36 -38.85 -86.74 43.90
CA MET Q 36 -38.28 -85.69 43.00
C MET Q 36 -37.04 -86.24 42.31
N PRO Q 37 -36.79 -86.00 41.01
CA PRO Q 37 -35.51 -86.36 40.39
C PRO Q 37 -34.41 -85.36 40.78
N SER Q 38 -33.43 -85.79 41.57
CA SER Q 38 -32.33 -84.95 42.13
C SER Q 38 -31.43 -84.44 41.00
N ASP Q 39 -31.75 -83.27 40.43
CA ASP Q 39 -31.05 -82.64 39.28
C ASP Q 39 -30.50 -81.27 39.69
N LYS Q 40 -29.63 -80.69 38.84
CA LYS Q 40 -28.84 -79.43 39.02
C LYS Q 40 -27.65 -79.66 39.99
N THR Q 41 -27.42 -80.89 40.45
CA THR Q 41 -26.31 -81.35 41.35
C THR Q 41 -26.32 -80.58 42.70
N ILE Q 42 -27.43 -79.89 43.03
CA ILE Q 42 -27.67 -79.14 44.30
C ILE Q 42 -29.17 -79.23 44.60
N GLY Q 43 -29.56 -79.27 45.89
CA GLY Q 43 -30.96 -79.15 46.32
C GLY Q 43 -31.46 -77.72 46.17
N GLY Q 44 -31.76 -77.32 44.94
CA GLY Q 44 -32.13 -75.93 44.57
C GLY Q 44 -33.58 -75.62 44.89
N GLY Q 45 -34.49 -76.58 44.65
CA GLY Q 45 -35.91 -76.53 45.07
C GLY Q 45 -36.15 -77.33 46.35
N ASP Q 46 -35.11 -77.53 47.17
CA ASP Q 46 -35.17 -78.18 48.50
C ASP Q 46 -35.89 -77.24 49.48
N ASP Q 47 -36.82 -77.78 50.29
CA ASP Q 47 -37.61 -77.07 51.34
C ASP Q 47 -38.62 -76.10 50.72
N ALA Q 48 -38.87 -76.15 49.40
CA ALA Q 48 -39.96 -75.42 48.71
C ALA Q 48 -41.28 -76.17 48.95
N PHE Q 49 -41.21 -77.50 48.90
CA PHE Q 49 -42.36 -78.45 48.98
C PHE Q 49 -42.90 -78.54 50.43
N ASN Q 50 -42.06 -78.28 51.45
CA ASN Q 50 -42.35 -78.58 52.89
C ASN Q 50 -43.55 -77.77 53.39
N THR Q 51 -44.14 -76.91 52.57
CA THR Q 51 -45.50 -76.34 52.78
C THR Q 51 -46.55 -77.45 52.62
N PHE Q 52 -46.51 -78.18 51.51
CA PHE Q 52 -47.61 -79.06 51.01
C PHE Q 52 -47.24 -80.54 51.09
N PHE Q 53 -45.99 -80.92 50.81
CA PHE Q 53 -45.49 -82.33 50.79
C PHE Q 53 -44.59 -82.60 52.01
N SER Q 54 -44.73 -83.78 52.62
CA SER Q 54 -43.89 -84.27 53.75
C SER Q 54 -42.89 -85.31 53.23
N GLU Q 55 -41.60 -85.06 53.43
CA GLU Q 55 -40.50 -86.04 53.19
C GLU Q 55 -40.64 -87.18 54.22
N THR Q 56 -40.75 -88.43 53.75
CA THR Q 56 -40.86 -89.65 54.59
C THR Q 56 -39.48 -90.06 55.11
N GLY Q 57 -38.40 -89.67 54.41
CA GLY Q 57 -36.99 -89.90 54.78
C GLY Q 57 -36.29 -90.90 53.87
N ALA Q 58 -36.96 -91.40 52.82
CA ALA Q 58 -36.47 -92.42 51.87
C ALA Q 58 -36.29 -91.85 50.44
N GLY Q 59 -36.74 -90.61 50.19
CA GLY Q 59 -36.74 -89.97 48.86
C GLY Q 59 -38.15 -89.70 48.33
N LYS Q 60 -39.18 -90.32 48.92
CA LYS Q 60 -40.61 -90.16 48.54
C LYS Q 60 -41.21 -88.96 49.28
N HIS Q 61 -41.96 -88.12 48.55
CA HIS Q 61 -42.69 -86.94 49.09
C HIS Q 61 -44.20 -87.28 49.05
N VAL Q 62 -44.86 -87.17 50.20
CA VAL Q 62 -46.29 -87.49 50.42
C VAL Q 62 -47.04 -86.18 50.68
N PRO Q 63 -48.10 -85.86 49.89
CA PRO Q 63 -48.90 -84.66 50.13
C PRO Q 63 -49.45 -84.59 51.56
N ARG Q 64 -49.41 -83.41 52.15
CA ARG Q 64 -50.11 -83.10 53.43
C ARG Q 64 -51.55 -82.73 53.07
N ALA Q 65 -52.39 -83.73 52.76
CA ALA Q 65 -53.78 -83.53 52.33
C ALA Q 65 -54.65 -84.75 52.68
N VAL Q 66 -55.84 -84.51 53.24
CA VAL Q 66 -56.88 -85.54 53.54
C VAL Q 66 -58.05 -85.36 52.55
N PHE Q 67 -58.19 -86.29 51.60
CA PHE Q 67 -59.33 -86.38 50.65
C PHE Q 67 -60.45 -87.16 51.33
N LEU Q 68 -61.59 -86.51 51.58
CA LEU Q 68 -62.74 -87.11 52.33
C LEU Q 68 -64.00 -87.10 51.47
N ASP Q 69 -64.69 -88.25 51.37
CA ASP Q 69 -65.95 -88.41 50.61
C ASP Q 69 -66.78 -89.52 51.26
N LEU Q 70 -68.08 -89.24 51.50
CA LEU Q 70 -69.07 -90.23 51.99
C LEU Q 70 -69.41 -91.22 50.86
N GLU Q 71 -69.13 -90.83 49.61
CA GLU Q 71 -69.27 -91.66 48.39
C GLU Q 71 -67.90 -92.26 48.04
N PRO Q 72 -67.85 -93.52 47.58
CA PRO Q 72 -66.58 -94.13 47.16
C PRO Q 72 -66.05 -93.81 45.75
N THR Q 73 -66.85 -93.25 44.84
CA THR Q 73 -66.56 -93.19 43.38
C THR Q 73 -65.43 -92.20 43.08
N VAL Q 74 -65.50 -90.98 43.62
CA VAL Q 74 -64.54 -89.88 43.30
C VAL Q 74 -63.16 -90.28 43.85
N ILE Q 75 -63.09 -90.69 45.13
CA ILE Q 75 -61.83 -91.09 45.81
C ILE Q 75 -61.23 -92.28 45.05
N ASP Q 76 -62.05 -93.25 44.63
CA ASP Q 76 -61.61 -94.43 43.82
C ASP Q 76 -60.92 -93.91 42.56
N GLU Q 77 -61.53 -92.94 41.87
CA GLU Q 77 -60.93 -92.32 40.65
C GLU Q 77 -59.51 -91.86 40.97
N VAL Q 78 -59.27 -91.34 42.17
CA VAL Q 78 -57.91 -90.93 42.62
C VAL Q 78 -57.04 -92.19 42.79
N ARG Q 79 -57.60 -93.26 43.38
CA ARG Q 79 -56.87 -94.52 43.70
C ARG Q 79 -56.51 -95.29 42.42
N THR Q 80 -57.30 -95.16 41.35
CA THR Q 80 -57.01 -95.73 39.99
C THR Q 80 -56.61 -94.58 39.05
N GLY Q 81 -55.74 -93.69 39.51
CA GLY Q 81 -55.28 -92.49 38.78
C GLY Q 81 -53.78 -92.52 38.56
N THR Q 82 -53.23 -91.47 37.92
CA THR Q 82 -51.77 -91.26 37.73
C THR Q 82 -51.10 -90.99 39.08
N TYR Q 83 -51.83 -90.36 40.02
CA TYR Q 83 -51.35 -90.00 41.39
C TYR Q 83 -51.92 -90.98 42.44
N ARG Q 84 -51.96 -92.27 42.11
CA ARG Q 84 -52.34 -93.37 43.04
C ARG Q 84 -51.25 -93.53 44.11
N GLN Q 85 -49.97 -93.64 43.69
CA GLN Q 85 -48.80 -93.91 44.56
C GLN Q 85 -48.48 -92.66 45.39
N LEU Q 86 -48.65 -91.47 44.81
CA LEU Q 86 -48.31 -90.16 45.44
C LEU Q 86 -48.99 -90.05 46.82
N PHE Q 87 -50.33 -90.04 46.85
CA PHE Q 87 -51.13 -89.88 48.10
C PHE Q 87 -50.95 -91.10 48.99
N HIS Q 88 -50.79 -90.89 50.29
CA HIS Q 88 -50.74 -91.97 51.31
C HIS Q 88 -52.12 -92.61 51.38
N PRO Q 89 -52.24 -93.97 51.43
CA PRO Q 89 -53.55 -94.64 51.42
C PRO Q 89 -54.56 -94.22 52.50
N GLU Q 90 -54.10 -94.05 53.76
CA GLU Q 90 -54.95 -93.73 54.95
C GLU Q 90 -55.50 -92.30 54.88
N GLN Q 91 -54.83 -91.41 54.15
CA GLN Q 91 -55.29 -90.01 53.87
C GLN Q 91 -56.57 -90.05 53.01
N LEU Q 92 -56.60 -90.92 51.99
CA LEU Q 92 -57.75 -91.06 51.05
C LEU Q 92 -58.86 -91.85 51.75
N ILE Q 93 -59.62 -91.17 52.62
CA ILE Q 93 -60.73 -91.76 53.42
C ILE Q 93 -61.97 -91.81 52.52
N SER Q 94 -62.72 -92.91 52.59
CA SER Q 94 -63.95 -93.18 51.79
C SER Q 94 -65.13 -93.44 52.73
N GLY Q 95 -66.35 -93.21 52.23
CA GLY Q 95 -67.61 -93.66 52.84
C GLY Q 95 -68.35 -94.60 51.90
N LYS Q 96 -69.19 -95.47 52.46
CA LYS Q 96 -69.94 -96.49 51.68
C LYS Q 96 -71.12 -95.83 50.97
N GLU Q 97 -71.91 -95.01 51.68
CA GLU Q 97 -73.15 -94.38 51.16
C GLU Q 97 -73.02 -92.85 51.22
N ASP Q 98 -73.39 -92.17 50.12
CA ASP Q 98 -73.27 -90.69 49.94
C ASP Q 98 -74.36 -89.98 50.74
N ALA Q 99 -74.14 -88.70 51.06
CA ALA Q 99 -75.10 -87.82 51.78
C ALA Q 99 -76.29 -87.48 50.86
N ALA Q 100 -76.13 -87.66 49.54
CA ALA Q 100 -77.21 -87.61 48.55
C ALA Q 100 -77.88 -86.23 48.58
N ASN Q 101 -77.09 -85.16 48.56
CA ASN Q 101 -77.56 -83.75 48.60
C ASN Q 101 -78.51 -83.58 49.80
N ASN Q 102 -78.09 -84.02 50.98
CA ASN Q 102 -78.82 -83.74 52.25
C ASN Q 102 -77.82 -83.46 53.38
N PHE Q 103 -77.67 -82.17 53.70
CA PHE Q 103 -76.88 -81.64 54.84
C PHE Q 103 -77.05 -82.56 56.05
N ALA Q 104 -78.31 -82.79 56.44
CA ALA Q 104 -78.69 -83.59 57.63
C ALA Q 104 -77.86 -84.88 57.65
N ARG Q 105 -77.89 -85.67 56.56
CA ARG Q 105 -77.11 -86.94 56.43
C ARG Q 105 -75.65 -86.65 56.75
N GLY Q 106 -75.08 -85.65 56.07
CA GLY Q 106 -73.67 -85.26 56.16
C GLY Q 106 -73.29 -84.70 57.52
N HIS Q 107 -74.24 -84.10 58.26
CA HIS Q 107 -73.98 -83.47 59.59
C HIS Q 107 -74.21 -84.47 60.72
N TYR Q 108 -75.26 -85.29 60.64
CA TYR Q 108 -75.64 -86.28 61.68
C TYR Q 108 -75.42 -87.70 61.14
N THR Q 109 -76.37 -88.23 60.35
CA THR Q 109 -76.58 -89.68 60.09
C THR Q 109 -75.26 -90.34 59.70
N ILE Q 110 -74.70 -89.98 58.54
CA ILE Q 110 -73.53 -90.68 57.91
C ILE Q 110 -72.22 -90.02 58.38
N GLY Q 111 -72.20 -88.69 58.49
CA GLY Q 111 -70.99 -87.90 58.79
C GLY Q 111 -70.35 -88.28 60.12
N LYS Q 112 -71.16 -88.45 61.17
CA LYS Q 112 -70.70 -88.69 62.57
C LYS Q 112 -69.87 -89.97 62.68
N GLU Q 113 -70.07 -90.92 61.76
CA GLU Q 113 -69.28 -92.19 61.69
C GLU Q 113 -67.87 -91.87 61.17
N ILE Q 114 -67.76 -91.06 60.12
CA ILE Q 114 -66.52 -90.87 59.30
C ILE Q 114 -65.64 -89.76 59.89
N VAL Q 115 -66.23 -88.73 60.51
CA VAL Q 115 -65.50 -87.53 61.05
C VAL Q 115 -64.47 -87.98 62.10
N ASP Q 116 -64.77 -89.01 62.89
CA ASP Q 116 -63.89 -89.56 63.96
C ASP Q 116 -62.58 -90.05 63.35
N LEU Q 117 -62.63 -90.71 62.18
CA LEU Q 117 -61.44 -91.28 61.47
C LEU Q 117 -60.63 -90.17 60.80
N CYS Q 118 -61.29 -89.12 60.29
CA CYS Q 118 -60.64 -87.97 59.60
C CYS Q 118 -59.80 -87.17 60.60
N LEU Q 119 -60.38 -86.77 61.74
CA LEU Q 119 -59.70 -85.98 62.81
C LEU Q 119 -58.42 -86.68 63.27
N ASP Q 120 -58.46 -88.00 63.41
CA ASP Q 120 -57.28 -88.85 63.71
C ASP Q 120 -56.24 -88.62 62.61
N ARG Q 121 -56.65 -88.68 61.33
CA ARG Q 121 -55.76 -88.46 60.15
C ARG Q 121 -55.22 -87.01 60.16
N ILE Q 122 -55.99 -86.03 60.64
CA ILE Q 122 -55.57 -84.59 60.70
C ILE Q 122 -54.59 -84.39 61.87
N ARG Q 123 -54.80 -85.09 62.99
CA ARG Q 123 -53.90 -85.06 64.17
C ARG Q 123 -52.53 -85.62 63.78
N LYS Q 124 -52.49 -86.77 63.07
CA LYS Q 124 -51.25 -87.45 62.61
C LYS Q 124 -50.44 -86.53 61.69
N LEU Q 125 -51.11 -85.86 60.74
CA LEU Q 125 -50.48 -84.87 59.81
C LEU Q 125 -50.04 -83.63 60.58
N ALA Q 126 -50.83 -83.18 61.56
CA ALA Q 126 -50.55 -82.00 62.43
C ALA Q 126 -49.32 -82.27 63.32
N ASP Q 127 -49.09 -83.53 63.71
CA ASP Q 127 -47.92 -83.96 64.53
C ASP Q 127 -46.64 -83.86 63.70
N ASN Q 128 -46.65 -84.35 62.45
CA ASN Q 128 -45.52 -84.25 61.49
C ASN Q 128 -45.16 -82.78 61.26
N CYS Q 129 -46.17 -81.91 61.18
CA CYS Q 129 -46.03 -80.44 60.91
C CYS Q 129 -45.40 -79.74 62.12
N THR Q 130 -44.43 -78.85 61.87
CA THR Q 130 -43.71 -78.02 62.87
C THR Q 130 -43.91 -76.53 62.56
N GLY Q 131 -44.80 -75.86 63.30
CA GLY Q 131 -45.23 -74.47 63.03
C GLY Q 131 -46.16 -74.42 61.83
N LEU Q 132 -47.24 -75.21 61.85
CA LEU Q 132 -48.28 -75.26 60.79
C LEU Q 132 -48.84 -73.85 60.59
N GLN Q 133 -48.95 -73.41 59.34
CA GLN Q 133 -49.44 -72.05 59.00
C GLN Q 133 -50.97 -72.09 59.09
N GLY Q 134 -51.61 -73.07 58.45
CA GLY Q 134 -53.09 -73.17 58.47
C GLY Q 134 -53.66 -74.43 57.83
N PHE Q 135 -54.99 -74.44 57.72
CA PHE Q 135 -55.84 -75.51 57.14
C PHE Q 135 -56.63 -74.95 55.95
N LEU Q 136 -56.15 -75.17 54.73
CA LEU Q 136 -56.94 -74.94 53.48
C LEU Q 136 -57.99 -76.05 53.37
N VAL Q 137 -59.25 -75.70 53.16
CA VAL Q 137 -60.38 -76.66 53.03
C VAL Q 137 -61.12 -76.39 51.70
N PHE Q 138 -61.57 -77.44 51.04
CA PHE Q 138 -62.21 -77.43 49.69
C PHE Q 138 -63.52 -78.21 49.77
N ASN Q 139 -64.66 -77.50 49.83
CA ASN Q 139 -66.01 -78.11 49.94
C ASN Q 139 -67.01 -77.35 49.06
N SER Q 140 -67.84 -78.08 48.32
CA SER Q 140 -68.99 -77.54 47.55
C SER Q 140 -70.17 -77.38 48.52
N VAL Q 141 -70.70 -76.18 48.70
CA VAL Q 141 -71.79 -75.89 49.70
C VAL Q 141 -73.16 -76.19 49.09
N GLY Q 142 -73.20 -76.51 47.79
CA GLY Q 142 -74.40 -77.02 47.07
C GLY Q 142 -74.64 -78.50 47.33
N GLY Q 143 -73.57 -79.29 47.49
CA GLY Q 143 -73.61 -80.74 47.70
C GLY Q 143 -73.92 -81.15 49.14
N GLY Q 144 -74.16 -82.44 49.37
CA GLY Q 144 -74.42 -83.02 50.69
C GLY Q 144 -73.15 -83.04 51.52
N THR Q 145 -72.25 -83.96 51.20
CA THR Q 145 -70.95 -84.21 51.89
C THR Q 145 -70.29 -82.88 52.27
N GLY Q 146 -69.99 -82.05 51.26
CA GLY Q 146 -69.27 -80.77 51.39
C GLY Q 146 -69.97 -79.81 52.33
N SER Q 147 -71.30 -79.66 52.21
CA SER Q 147 -72.12 -78.80 53.12
C SER Q 147 -72.19 -79.43 54.50
N GLY Q 148 -72.58 -80.71 54.58
CA GLY Q 148 -72.77 -81.44 55.84
C GLY Q 148 -71.47 -81.73 56.56
N LEU Q 149 -70.77 -82.80 56.15
CA LEU Q 149 -69.56 -83.29 56.83
C LEU Q 149 -68.48 -82.20 56.85
N GLY Q 150 -68.41 -81.39 55.79
CA GLY Q 150 -67.47 -80.25 55.68
C GLY Q 150 -67.69 -79.21 56.76
N SER Q 151 -68.95 -78.96 57.17
CA SER Q 151 -69.33 -78.03 58.26
C SER Q 151 -69.04 -78.66 59.63
N LEU Q 152 -69.26 -79.98 59.76
CA LEU Q 152 -68.95 -80.77 60.98
C LEU Q 152 -67.43 -80.79 61.23
N LEU Q 153 -66.63 -81.02 60.17
CA LEU Q 153 -65.14 -81.00 60.23
C LEU Q 153 -64.66 -79.66 60.83
N LEU Q 154 -65.16 -78.54 60.31
CA LEU Q 154 -64.74 -77.15 60.69
C LEU Q 154 -65.13 -76.82 62.14
N GLU Q 155 -66.27 -77.35 62.63
CA GLU Q 155 -66.71 -77.19 64.04
C GLU Q 155 -65.78 -77.93 64.99
N ARG Q 156 -65.35 -79.13 64.60
CA ARG Q 156 -64.46 -80.03 65.39
C ARG Q 156 -63.01 -79.52 65.36
N LEU Q 157 -62.52 -79.07 64.20
CA LEU Q 157 -61.13 -78.55 64.00
C LEU Q 157 -60.89 -77.26 64.81
N SER Q 158 -61.95 -76.46 65.07
CA SER Q 158 -61.90 -75.15 65.77
C SER Q 158 -61.69 -75.32 67.29
N VAL Q 159 -62.22 -76.39 67.87
CA VAL Q 159 -62.04 -76.75 69.32
C VAL Q 159 -60.66 -77.39 69.49
N ASP Q 160 -60.32 -78.35 68.62
CA ASP Q 160 -59.12 -79.22 68.72
C ASP Q 160 -57.84 -78.40 68.45
N TYR Q 161 -57.80 -77.65 67.35
CA TYR Q 161 -56.57 -76.95 66.84
C TYR Q 161 -56.59 -75.45 67.21
N GLY Q 162 -57.76 -74.86 67.50
CA GLY Q 162 -57.89 -73.56 68.19
C GLY Q 162 -57.54 -72.37 67.31
N LYS Q 163 -56.27 -71.96 67.34
CA LYS Q 163 -55.76 -70.70 66.70
C LYS Q 163 -55.48 -70.94 65.21
N LYS Q 164 -54.81 -72.05 64.87
CA LYS Q 164 -54.37 -72.40 63.48
C LYS Q 164 -55.45 -71.97 62.48
N SER Q 165 -55.07 -71.21 61.44
CA SER Q 165 -56.00 -70.58 60.46
C SER Q 165 -56.68 -71.66 59.61
N LYS Q 166 -57.97 -71.48 59.30
CA LYS Q 166 -58.77 -72.36 58.41
C LYS Q 166 -59.33 -71.53 57.26
N LEU Q 167 -58.62 -71.51 56.12
CA LEU Q 167 -59.02 -70.73 54.91
C LEU Q 167 -59.85 -71.61 53.99
N GLY Q 168 -61.18 -71.47 54.02
CA GLY Q 168 -62.13 -72.30 53.27
C GLY Q 168 -62.40 -71.77 51.87
N PHE Q 169 -62.05 -72.54 50.84
CA PHE Q 169 -62.44 -72.29 49.42
C PHE Q 169 -63.72 -73.06 49.12
N THR Q 170 -64.84 -72.34 48.95
CA THR Q 170 -66.22 -72.88 48.97
C THR Q 170 -66.92 -72.58 47.64
N ILE Q 171 -67.45 -73.62 46.99
CA ILE Q 171 -68.09 -73.55 45.64
C ILE Q 171 -69.58 -73.31 45.87
N TYR Q 172 -69.95 -72.06 46.18
CA TYR Q 172 -71.35 -71.60 46.36
C TYR Q 172 -72.08 -71.75 45.04
N PRO Q 173 -73.36 -72.20 45.05
CA PRO Q 173 -74.11 -72.37 43.81
C PRO Q 173 -74.44 -71.00 43.18
N SER Q 174 -74.00 -70.82 41.93
CA SER Q 174 -74.42 -69.69 41.05
C SER Q 174 -75.93 -69.68 40.94
N PRO Q 175 -76.58 -68.49 40.91
CA PRO Q 175 -78.03 -68.42 40.87
C PRO Q 175 -78.64 -68.91 39.55
N GLN Q 176 -78.11 -68.45 38.41
CA GLN Q 176 -78.68 -68.71 37.06
C GLN Q 176 -78.56 -70.21 36.76
N VAL Q 177 -77.34 -70.74 36.85
CA VAL Q 177 -77.01 -72.18 36.61
C VAL Q 177 -76.92 -72.89 37.97
N SER Q 178 -77.83 -73.83 38.22
CA SER Q 178 -77.82 -74.72 39.41
C SER Q 178 -77.86 -76.19 38.93
N THR Q 179 -77.11 -77.05 39.62
CA THR Q 179 -76.91 -78.49 39.30
C THR Q 179 -77.96 -79.35 40.04
N ALA Q 180 -78.34 -78.97 41.26
CA ALA Q 180 -79.28 -79.71 42.15
C ALA Q 180 -80.34 -78.76 42.71
N VAL Q 181 -81.59 -79.22 42.74
CA VAL Q 181 -82.81 -78.42 43.07
C VAL Q 181 -82.75 -78.01 44.54
N VAL Q 182 -82.25 -78.89 45.41
CA VAL Q 182 -82.31 -78.78 46.89
C VAL Q 182 -81.15 -77.91 47.41
N GLU Q 183 -80.21 -77.54 46.53
CA GLU Q 183 -79.00 -76.72 46.86
C GLU Q 183 -79.34 -75.65 47.91
N PRO Q 184 -80.28 -74.71 47.69
CA PRO Q 184 -80.49 -73.60 48.62
C PRO Q 184 -80.60 -74.02 50.09
N TYR Q 185 -81.24 -75.16 50.34
CA TYR Q 185 -81.41 -75.75 51.69
C TYR Q 185 -80.04 -76.06 52.29
N ASN Q 186 -79.22 -76.82 51.57
CA ASN Q 186 -77.83 -77.17 51.96
C ASN Q 186 -77.03 -75.90 52.24
N SER Q 187 -76.83 -75.07 51.21
CA SER Q 187 -75.98 -73.84 51.21
C SER Q 187 -76.23 -73.00 52.47
N ILE Q 188 -77.50 -72.79 52.83
CA ILE Q 188 -77.91 -71.88 53.94
C ILE Q 188 -77.55 -72.54 55.28
N LEU Q 189 -77.91 -73.81 55.44
CA LEU Q 189 -77.55 -74.60 56.66
C LEU Q 189 -76.02 -74.64 56.82
N SER Q 190 -75.30 -74.79 55.70
CA SER Q 190 -73.81 -74.88 55.64
C SER Q 190 -73.17 -73.53 55.99
N THR Q 191 -73.70 -72.43 55.47
CA THR Q 191 -73.18 -71.05 55.68
C THR Q 191 -73.24 -70.70 57.18
N HIS Q 192 -74.32 -71.07 57.88
CA HIS Q 192 -74.55 -70.73 59.31
C HIS Q 192 -73.44 -71.31 60.20
N SER Q 193 -73.08 -72.57 59.98
CA SER Q 193 -71.90 -73.23 60.59
C SER Q 193 -70.63 -72.46 60.17
N LEU Q 194 -70.39 -72.39 58.85
CA LEU Q 194 -69.19 -71.77 58.21
C LEU Q 194 -68.99 -70.34 58.74
N LEU Q 195 -70.08 -69.59 58.95
CA LEU Q 195 -70.10 -68.17 59.40
C LEU Q 195 -69.35 -67.98 60.72
N GLU Q 196 -69.11 -69.06 61.47
CA GLU Q 196 -68.46 -69.01 62.80
C GLU Q 196 -67.06 -69.62 62.70
N HIS Q 197 -66.98 -70.87 62.22
CA HIS Q 197 -65.83 -71.78 62.44
C HIS Q 197 -64.65 -71.42 61.53
N THR Q 198 -64.92 -70.91 60.32
CA THR Q 198 -63.87 -70.48 59.35
C THR Q 198 -63.34 -69.10 59.74
N ASP Q 199 -62.09 -68.83 59.37
CA ASP Q 199 -61.37 -67.54 59.63
C ASP Q 199 -61.53 -66.64 58.41
N VAL Q 200 -61.26 -67.17 57.21
CA VAL Q 200 -61.52 -66.52 55.89
C VAL Q 200 -62.21 -67.56 55.00
N ALA Q 201 -63.26 -67.14 54.27
CA ALA Q 201 -64.05 -67.98 53.33
C ALA Q 201 -64.04 -67.36 51.93
N VAL Q 202 -63.25 -67.94 51.01
CA VAL Q 202 -63.11 -67.48 49.59
C VAL Q 202 -64.25 -68.12 48.80
N MET Q 203 -65.21 -67.31 48.33
CA MET Q 203 -66.42 -67.77 47.59
C MET Q 203 -66.09 -67.82 46.09
N LEU Q 204 -66.41 -68.95 45.44
CA LEU Q 204 -66.27 -69.18 43.98
C LEU Q 204 -67.61 -69.76 43.47
N ASP Q 205 -68.12 -69.23 42.36
CA ASP Q 205 -69.42 -69.67 41.74
C ASP Q 205 -69.11 -70.20 40.34
N ASN Q 206 -69.44 -71.48 40.08
CA ASN Q 206 -69.04 -72.23 38.85
C ASN Q 206 -69.42 -71.41 37.61
N GLU Q 207 -70.67 -70.96 37.52
CA GLU Q 207 -71.15 -70.18 36.34
C GLU Q 207 -70.16 -69.06 36.03
N ALA Q 208 -69.81 -68.24 37.02
CA ALA Q 208 -68.92 -67.08 36.83
C ALA Q 208 -67.66 -67.57 36.11
N ILE Q 209 -66.98 -68.55 36.70
CA ILE Q 209 -65.68 -69.06 36.18
C ILE Q 209 -65.92 -69.65 34.79
N TYR Q 210 -67.06 -70.34 34.56
CA TYR Q 210 -67.46 -70.85 33.23
C TYR Q 210 -67.38 -69.71 32.22
N ASP Q 211 -68.00 -68.58 32.55
CA ASP Q 211 -68.03 -67.38 31.67
C ASP Q 211 -66.59 -66.96 31.39
N ILE Q 212 -65.72 -66.96 32.40
CA ILE Q 212 -64.29 -66.53 32.27
C ILE Q 212 -63.62 -67.41 31.20
N CYS Q 213 -63.84 -68.73 31.24
CA CYS Q 213 -63.26 -69.71 30.27
C CYS Q 213 -63.76 -69.42 28.85
N ARG Q 214 -65.03 -69.07 28.70
CA ARG Q 214 -65.64 -68.69 27.40
C ARG Q 214 -65.07 -67.35 26.93
N ARG Q 215 -64.80 -66.44 27.86
CA ARG Q 215 -64.40 -65.03 27.57
C ARG Q 215 -62.89 -64.96 27.32
N ASN Q 216 -62.09 -65.51 28.23
CA ASN Q 216 -60.61 -65.34 28.27
C ASN Q 216 -59.93 -66.46 27.49
N LEU Q 217 -60.25 -67.72 27.80
CA LEU Q 217 -59.56 -68.90 27.21
C LEU Q 217 -60.13 -69.20 25.82
N ASP Q 218 -61.28 -68.62 25.49
CA ASP Q 218 -61.94 -68.76 24.16
C ASP Q 218 -62.19 -70.24 23.89
N ILE Q 219 -62.80 -70.93 24.86
CA ILE Q 219 -63.35 -72.31 24.71
C ILE Q 219 -64.87 -72.20 24.71
N GLU Q 220 -65.50 -72.75 23.66
CA GLU Q 220 -66.97 -72.71 23.43
C GLU Q 220 -67.66 -73.65 24.43
N ARG Q 221 -66.96 -74.70 24.85
CA ARG Q 221 -67.49 -75.83 25.66
C ARG Q 221 -66.55 -76.12 26.83
N PRO Q 222 -66.54 -75.29 27.90
CA PRO Q 222 -65.74 -75.57 29.09
C PRO Q 222 -66.26 -76.77 29.87
N THR Q 223 -65.35 -77.48 30.55
CA THR Q 223 -65.65 -78.60 31.48
C THR Q 223 -65.31 -78.15 32.91
N TYR Q 224 -65.61 -79.01 33.88
CA TYR Q 224 -65.19 -78.85 35.30
C TYR Q 224 -63.65 -78.89 35.38
N THR Q 225 -63.02 -79.84 34.69
CA THR Q 225 -61.54 -80.09 34.69
C THR Q 225 -60.79 -78.87 34.11
N ASN Q 226 -61.44 -78.05 33.28
CA ASN Q 226 -60.92 -76.74 32.79
C ASN Q 226 -61.18 -75.64 33.82
N LEU Q 227 -62.22 -75.81 34.64
CA LEU Q 227 -62.58 -74.87 35.72
C LEU Q 227 -61.63 -75.06 36.90
N ASN Q 228 -61.47 -76.30 37.34
CA ASN Q 228 -60.68 -76.68 38.55
C ASN Q 228 -59.22 -76.22 38.37
N ARG Q 229 -58.65 -76.35 37.18
CA ARG Q 229 -57.27 -75.88 36.83
C ARG Q 229 -57.11 -74.39 37.14
N LEU Q 230 -58.15 -73.58 36.90
CA LEU Q 230 -58.15 -72.11 37.19
C LEU Q 230 -58.24 -71.90 38.71
N ILE Q 231 -59.02 -72.73 39.39
CA ILE Q 231 -59.17 -72.67 40.88
C ILE Q 231 -57.77 -72.90 41.45
N ALA Q 232 -57.11 -73.98 41.02
CA ALA Q 232 -55.75 -74.41 41.45
C ALA Q 232 -54.78 -73.23 41.37
N GLN Q 233 -54.72 -72.56 40.22
CA GLN Q 233 -53.77 -71.44 39.92
C GLN Q 233 -54.01 -70.30 40.91
N VAL Q 234 -55.24 -70.14 41.42
CA VAL Q 234 -55.58 -69.15 42.49
C VAL Q 234 -54.94 -69.61 43.81
N ILE Q 235 -55.18 -70.86 44.19
CA ILE Q 235 -54.66 -71.44 45.47
C ILE Q 235 -53.13 -71.32 45.46
N SER Q 236 -52.47 -71.89 44.44
CA SER Q 236 -51.00 -71.86 44.22
C SER Q 236 -50.47 -70.45 44.48
N SER Q 237 -51.06 -69.45 43.81
CA SER Q 237 -50.67 -68.02 43.88
C SER Q 237 -50.86 -67.46 45.29
N LEU Q 238 -51.89 -67.93 46.00
CA LEU Q 238 -52.17 -67.47 47.39
C LEU Q 238 -51.06 -67.97 48.32
N THR Q 239 -50.77 -69.28 48.29
CA THR Q 239 -49.77 -69.95 49.16
C THR Q 239 -48.33 -69.72 48.65
N ALA Q 240 -48.17 -69.16 47.45
CA ALA Q 240 -46.87 -69.02 46.72
C ALA Q 240 -45.80 -68.42 47.63
N SER Q 241 -46.16 -67.37 48.38
CA SER Q 241 -45.27 -66.59 49.28
C SER Q 241 -44.43 -67.51 50.17
N LEU Q 242 -45.04 -68.59 50.66
CA LEU Q 242 -44.40 -69.60 51.54
C LEU Q 242 -43.41 -70.44 50.70
N ARG Q 243 -43.87 -70.97 49.58
CA ARG Q 243 -43.20 -72.05 48.80
C ARG Q 243 -42.03 -71.47 48.00
N PHE Q 244 -42.15 -70.23 47.53
CA PHE Q 244 -41.14 -69.56 46.69
C PHE Q 244 -40.76 -68.22 47.33
N ASP Q 245 -39.49 -67.84 47.18
CA ASP Q 245 -38.91 -66.57 47.71
C ASP Q 245 -39.58 -65.39 47.00
N GLY Q 246 -39.93 -64.33 47.73
CA GLY Q 246 -40.55 -63.11 47.19
C GLY Q 246 -39.98 -61.86 47.82
N ALA Q 247 -40.09 -60.72 47.13
CA ALA Q 247 -39.63 -59.38 47.59
C ALA Q 247 -40.45 -58.96 48.81
N LEU Q 248 -41.78 -58.91 48.68
CA LEU Q 248 -42.73 -58.54 49.76
C LEU Q 248 -43.56 -59.77 50.15
N ASN Q 249 -43.06 -60.56 51.10
CA ASN Q 249 -43.63 -61.87 51.49
C ASN Q 249 -44.91 -61.65 52.31
N VAL Q 250 -45.93 -62.46 52.01
CA VAL Q 250 -47.21 -62.57 52.76
C VAL Q 250 -47.20 -63.94 53.46
N ASP Q 251 -48.29 -64.31 54.14
CA ASP Q 251 -48.51 -65.66 54.72
C ASP Q 251 -50.02 -65.83 54.96
N ILE Q 252 -50.50 -67.07 55.01
CA ILE Q 252 -51.94 -67.44 55.21
C ILE Q 252 -52.47 -66.75 56.48
N THR Q 253 -51.62 -66.58 57.51
CA THR Q 253 -51.96 -65.90 58.79
C THR Q 253 -52.16 -64.40 58.56
N GLU Q 254 -51.51 -63.81 57.55
CA GLU Q 254 -51.57 -62.36 57.25
C GLU Q 254 -52.99 -62.01 56.77
N PHE Q 255 -53.44 -62.60 55.65
CA PHE Q 255 -54.77 -62.32 55.04
C PHE Q 255 -55.80 -62.12 56.15
N GLN Q 256 -55.87 -63.10 57.06
CA GLN Q 256 -56.78 -63.11 58.24
C GLN Q 256 -56.81 -61.71 58.84
N THR Q 257 -55.65 -61.15 59.17
CA THR Q 257 -55.52 -59.80 59.77
C THR Q 257 -55.93 -58.71 58.77
N ASN Q 258 -55.56 -58.86 57.49
CA ASN Q 258 -55.59 -57.78 56.46
C ASN Q 258 -56.85 -57.83 55.58
N LEU Q 259 -57.82 -58.71 55.84
CA LEU Q 259 -59.02 -58.86 54.98
C LEU Q 259 -60.33 -58.88 55.77
N VAL Q 260 -60.37 -59.43 57.00
CA VAL Q 260 -61.62 -59.50 57.82
C VAL Q 260 -61.58 -58.38 58.86
N PRO Q 261 -62.29 -57.25 58.61
CA PRO Q 261 -62.35 -56.14 59.55
C PRO Q 261 -63.20 -56.43 60.79
N TYR Q 262 -64.24 -57.26 60.64
CA TYR Q 262 -65.15 -57.71 61.72
C TYR Q 262 -65.29 -59.23 61.60
N PRO Q 263 -65.43 -59.98 62.72
CA PRO Q 263 -65.34 -61.45 62.68
C PRO Q 263 -66.24 -62.15 61.66
N ARG Q 264 -67.51 -61.74 61.55
CA ARG Q 264 -68.58 -62.41 60.77
C ARG Q 264 -68.45 -62.13 59.27
N ILE Q 265 -67.71 -61.09 58.89
CA ILE Q 265 -67.68 -60.51 57.52
C ILE Q 265 -66.68 -61.28 56.64
N HIS Q 266 -66.06 -62.34 57.20
CA HIS Q 266 -64.92 -63.12 56.63
C HIS Q 266 -65.18 -63.67 55.22
N PHE Q 267 -66.35 -63.45 54.61
CA PHE Q 267 -66.61 -63.84 53.20
C PHE Q 267 -65.85 -62.91 52.26
N MET Q 268 -65.33 -63.47 51.17
CA MET Q 268 -64.48 -62.76 50.19
C MET Q 268 -64.96 -63.13 48.78
N LEU Q 269 -64.26 -62.60 47.76
CA LEU Q 269 -64.25 -63.06 46.34
C LEU Q 269 -62.81 -63.44 45.97
N SER Q 270 -62.49 -63.52 44.67
CA SER Q 270 -61.11 -63.69 44.16
C SER Q 270 -61.06 -63.32 42.68
N SER Q 271 -59.86 -63.08 42.14
CA SER Q 271 -59.64 -62.83 40.69
C SER Q 271 -58.17 -63.02 40.33
N TYR Q 272 -57.85 -64.18 39.73
CA TYR Q 272 -56.60 -64.39 38.96
C TYR Q 272 -56.80 -63.66 37.63
N ALA Q 273 -55.87 -62.78 37.25
CA ALA Q 273 -56.03 -61.76 36.19
C ALA Q 273 -55.53 -62.26 34.83
N PRO Q 274 -54.22 -62.57 34.63
CA PRO Q 274 -53.72 -62.88 33.28
C PRO Q 274 -54.14 -64.27 32.77
N ILE Q 275 -55.44 -64.52 32.73
CA ILE Q 275 -56.06 -65.74 32.12
C ILE Q 275 -56.14 -65.46 30.62
N ILE Q 276 -55.24 -66.05 29.84
CA ILE Q 276 -55.03 -65.68 28.41
C ILE Q 276 -54.71 -66.94 27.60
N SER Q 277 -55.57 -67.26 26.64
CA SER Q 277 -55.31 -68.25 25.57
C SER Q 277 -54.04 -67.84 24.83
N ALA Q 278 -53.12 -68.80 24.63
CA ALA Q 278 -51.82 -68.64 23.92
C ALA Q 278 -52.02 -68.00 22.55
N GLU Q 279 -53.19 -68.24 21.96
CA GLU Q 279 -53.68 -67.55 20.74
C GLU Q 279 -53.54 -66.03 20.94
N LYS Q 280 -54.22 -65.47 21.95
CA LYS Q 280 -54.25 -63.99 22.16
C LYS Q 280 -53.04 -63.52 23.00
N ALA Q 281 -52.08 -64.40 23.33
CA ALA Q 281 -50.87 -64.07 24.14
C ALA Q 281 -49.78 -63.45 23.26
N TYR Q 282 -49.79 -63.73 21.96
CA TYR Q 282 -48.87 -63.08 20.98
C TYR Q 282 -49.07 -61.56 20.97
N HIS Q 283 -50.28 -61.06 21.25
CA HIS Q 283 -50.70 -59.67 20.96
C HIS Q 283 -50.85 -58.79 22.21
N GLU Q 284 -50.64 -59.32 23.43
CA GLU Q 284 -50.91 -58.60 24.72
C GLU Q 284 -49.58 -58.23 25.38
N GLN Q 285 -49.45 -56.95 25.78
CA GLN Q 285 -48.23 -56.39 26.46
C GLN Q 285 -48.06 -57.11 27.79
N LEU Q 286 -49.15 -57.22 28.55
CA LEU Q 286 -49.15 -57.89 29.87
C LEU Q 286 -48.08 -57.24 30.75
N SER Q 287 -48.15 -55.91 30.82
CA SER Q 287 -47.47 -55.09 31.87
C SER Q 287 -48.26 -55.26 33.17
N VAL Q 288 -47.65 -54.84 34.28
CA VAL Q 288 -48.22 -55.01 35.65
C VAL Q 288 -49.53 -54.19 35.70
N ALA Q 289 -49.47 -52.92 35.33
CA ALA Q 289 -50.60 -51.96 35.40
C ALA Q 289 -51.85 -52.53 34.69
N GLU Q 290 -51.69 -53.34 33.64
CA GLU Q 290 -52.82 -53.93 32.86
C GLU Q 290 -53.43 -55.08 33.66
N ILE Q 291 -52.59 -56.04 34.03
CA ILE Q 291 -52.96 -57.17 34.93
C ILE Q 291 -53.81 -56.61 36.07
N THR Q 292 -53.31 -55.63 36.81
CA THR Q 292 -54.00 -55.02 37.98
C THR Q 292 -55.39 -54.52 37.58
N ASN Q 293 -55.48 -53.78 36.47
CA ASN Q 293 -56.76 -53.26 35.93
C ASN Q 293 -57.67 -54.43 35.54
N SER Q 294 -57.08 -55.49 34.97
CA SER Q 294 -57.78 -56.74 34.59
C SER Q 294 -58.33 -57.47 35.83
N ALA Q 295 -57.70 -57.31 36.99
CA ALA Q 295 -58.08 -57.97 38.28
C ALA Q 295 -59.39 -57.37 38.80
N PHE Q 296 -59.48 -56.05 38.82
CA PHE Q 296 -60.65 -55.31 39.34
C PHE Q 296 -61.75 -55.23 38.29
N GLU Q 297 -61.54 -55.78 37.08
CA GLU Q 297 -62.63 -55.99 36.09
C GLU Q 297 -63.77 -56.74 36.78
N PRO Q 298 -65.02 -56.25 36.69
CA PRO Q 298 -66.14 -56.90 37.37
C PRO Q 298 -66.28 -58.37 36.91
N ALA Q 299 -66.11 -58.59 35.60
CA ALA Q 299 -66.27 -59.89 34.89
C ALA Q 299 -65.32 -60.94 35.47
N ASN Q 300 -64.04 -60.59 35.63
CA ASN Q 300 -62.94 -61.53 35.98
C ASN Q 300 -63.11 -62.08 37.41
N MET Q 301 -64.05 -61.54 38.20
CA MET Q 301 -64.41 -62.09 39.54
C MET Q 301 -64.94 -63.51 39.40
N MET Q 302 -64.32 -64.47 40.10
CA MET Q 302 -64.56 -65.92 39.96
C MET Q 302 -65.88 -66.32 40.62
N ALA Q 303 -66.30 -65.60 41.67
CA ALA Q 303 -67.70 -65.57 42.14
C ALA Q 303 -68.45 -64.52 41.31
N LYS Q 304 -69.73 -64.77 41.01
CA LYS Q 304 -70.56 -63.89 40.14
C LYS Q 304 -71.28 -62.85 40.99
N CYS Q 305 -70.49 -62.00 41.67
CA CYS Q 305 -70.94 -60.78 42.37
C CYS Q 305 -70.28 -59.59 41.69
N ASP Q 306 -71.06 -58.65 41.15
CA ASP Q 306 -70.56 -57.44 40.47
C ASP Q 306 -70.13 -56.43 41.54
N PRO Q 307 -68.81 -56.22 41.75
CA PRO Q 307 -68.34 -55.40 42.87
C PRO Q 307 -68.62 -53.90 42.71
N ARG Q 308 -69.26 -53.49 41.60
CA ARG Q 308 -69.74 -52.10 41.34
C ARG Q 308 -71.04 -51.80 42.11
N HIS Q 309 -71.60 -52.77 42.83
CA HIS Q 309 -72.75 -52.58 43.76
C HIS Q 309 -72.27 -52.39 45.20
N GLY Q 310 -71.21 -53.10 45.59
CA GLY Q 310 -70.60 -53.01 46.92
C GLY Q 310 -69.57 -51.89 47.01
N LYS Q 311 -68.83 -51.87 48.11
CA LYS Q 311 -67.63 -51.03 48.39
C LYS Q 311 -66.54 -51.95 48.95
N TYR Q 312 -65.39 -52.03 48.29
CA TYR Q 312 -64.25 -52.89 48.70
C TYR Q 312 -63.81 -52.47 50.11
N MET Q 313 -63.87 -53.40 51.07
CA MET Q 313 -63.53 -53.20 52.50
C MET Q 313 -62.05 -53.54 52.75
N ALA Q 314 -61.48 -54.43 51.93
CA ALA Q 314 -60.04 -54.78 51.90
C ALA Q 314 -59.73 -55.55 50.61
N CYS Q 315 -58.53 -55.37 50.05
CA CYS Q 315 -58.06 -55.99 48.78
C CYS Q 315 -56.62 -56.51 48.93
N SER Q 316 -56.38 -57.80 48.63
CA SER Q 316 -55.07 -58.47 48.82
C SER Q 316 -54.52 -58.93 47.46
N MET Q 317 -53.72 -58.07 46.81
CA MET Q 317 -53.11 -58.30 45.47
C MET Q 317 -51.84 -59.15 45.62
N MET Q 318 -51.81 -60.36 45.05
CA MET Q 318 -50.68 -61.32 45.22
C MET Q 318 -49.96 -61.54 43.89
N TYR Q 319 -48.91 -60.76 43.61
CA TYR Q 319 -48.19 -60.71 42.30
C TYR Q 319 -47.10 -61.78 42.24
N ARG Q 320 -46.95 -62.34 41.05
CA ARG Q 320 -45.95 -63.39 40.74
C ARG Q 320 -45.21 -62.97 39.47
N GLY Q 321 -43.91 -63.30 39.38
CA GLY Q 321 -43.12 -63.15 38.14
C GLY Q 321 -42.38 -61.83 38.06
N ASP Q 322 -42.10 -61.37 36.84
CA ASP Q 322 -41.30 -60.14 36.56
C ASP Q 322 -42.12 -58.93 37.00
N VAL Q 323 -42.20 -58.72 38.32
CA VAL Q 323 -43.02 -57.67 38.96
C VAL Q 323 -42.08 -56.74 39.74
N VAL Q 324 -42.19 -55.43 39.50
CA VAL Q 324 -41.37 -54.37 40.16
C VAL Q 324 -42.27 -53.58 41.10
N PRO Q 325 -41.96 -53.52 42.41
CA PRO Q 325 -42.88 -52.93 43.38
C PRO Q 325 -43.25 -51.47 43.07
N LYS Q 326 -42.33 -50.75 42.41
CA LYS Q 326 -42.55 -49.38 41.88
C LYS Q 326 -43.69 -49.39 40.87
N ASP Q 327 -43.70 -50.39 39.97
CA ASP Q 327 -44.75 -50.54 38.93
C ASP Q 327 -46.09 -50.82 39.61
N VAL Q 328 -46.12 -51.78 40.57
CA VAL Q 328 -47.31 -52.14 41.39
C VAL Q 328 -47.87 -50.88 42.06
N ASN Q 329 -46.98 -50.08 42.64
CA ASN Q 329 -47.29 -48.79 43.31
C ASN Q 329 -48.28 -48.01 42.43
N ALA Q 330 -47.81 -47.58 41.24
CA ALA Q 330 -48.54 -46.71 40.28
C ALA Q 330 -49.89 -47.33 39.92
N SER Q 331 -49.91 -48.65 39.75
CA SER Q 331 -51.11 -49.44 39.35
C SER Q 331 -52.20 -49.30 40.42
N ILE Q 332 -51.89 -49.65 41.68
CA ILE Q 332 -52.82 -49.51 42.85
C ILE Q 332 -53.29 -48.05 42.92
N ALA Q 333 -52.36 -47.10 42.82
CA ALA Q 333 -52.64 -45.64 42.89
C ALA Q 333 -53.70 -45.26 41.86
N THR Q 334 -53.56 -45.73 40.60
CA THR Q 334 -54.52 -45.47 39.50
C THR Q 334 -55.87 -46.13 39.81
N ILE Q 335 -55.86 -47.25 40.54
CA ILE Q 335 -57.10 -47.96 41.02
C ILE Q 335 -57.76 -47.16 42.15
N LYS Q 336 -57.00 -46.69 43.14
CA LYS Q 336 -57.52 -45.85 44.26
C LYS Q 336 -58.21 -44.60 43.68
N THR Q 337 -57.66 -44.05 42.59
CA THR Q 337 -58.13 -42.83 41.89
C THR Q 337 -59.41 -43.09 41.10
N LYS Q 338 -59.55 -44.26 40.46
CA LYS Q 338 -60.72 -44.64 39.62
C LYS Q 338 -62.02 -44.44 40.40
N ARG Q 339 -63.11 -44.16 39.68
CA ARG Q 339 -64.47 -43.92 40.24
C ARG Q 339 -65.20 -45.25 40.40
N THR Q 340 -65.24 -46.04 39.32
CA THR Q 340 -65.89 -47.38 39.22
C THR Q 340 -65.55 -48.17 40.48
N ILE Q 341 -64.25 -48.35 40.76
CA ILE Q 341 -63.75 -48.91 42.04
C ILE Q 341 -64.07 -47.91 43.15
N GLN Q 342 -64.84 -48.36 44.14
CA GLN Q 342 -65.29 -47.56 45.29
C GLN Q 342 -64.96 -48.31 46.59
N PHE Q 343 -64.25 -47.64 47.49
CA PHE Q 343 -63.84 -48.16 48.82
C PHE Q 343 -64.77 -47.58 49.90
N VAL Q 344 -64.93 -48.32 51.00
CA VAL Q 344 -65.60 -47.87 52.26
C VAL Q 344 -64.81 -46.70 52.84
N ASP Q 345 -65.48 -45.81 53.57
CA ASP Q 345 -64.86 -44.62 54.22
C ASP Q 345 -63.86 -45.10 55.28
N TRP Q 346 -64.25 -46.08 56.10
CA TRP Q 346 -63.49 -46.54 57.29
C TRP Q 346 -62.24 -47.36 56.92
N CYS Q 347 -62.06 -47.70 55.64
CA CYS Q 347 -60.79 -48.29 55.12
C CYS Q 347 -60.10 -47.26 54.25
N PRO Q 348 -59.25 -46.37 54.84
CA PRO Q 348 -58.58 -45.32 54.09
C PRO Q 348 -57.46 -45.91 53.20
N THR Q 349 -56.72 -46.90 53.74
CA THR Q 349 -55.73 -47.75 53.03
C THR Q 349 -56.28 -49.18 53.01
N GLY Q 350 -56.75 -49.64 51.84
CA GLY Q 350 -57.40 -50.95 51.67
C GLY Q 350 -56.71 -51.80 50.62
N PHE Q 351 -55.38 -51.86 50.67
CA PHE Q 351 -54.55 -52.80 49.88
C PHE Q 351 -53.46 -53.43 50.75
N LYS Q 352 -53.40 -54.77 50.72
CA LYS Q 352 -52.21 -55.58 51.08
C LYS Q 352 -51.66 -56.11 49.75
N VAL Q 353 -50.39 -55.82 49.45
CA VAL Q 353 -49.73 -56.36 48.23
C VAL Q 353 -48.65 -57.36 48.66
N GLY Q 354 -48.51 -58.44 47.91
CA GLY Q 354 -47.39 -59.39 47.99
C GLY Q 354 -46.79 -59.58 46.62
N ILE Q 355 -45.46 -59.62 46.52
CA ILE Q 355 -44.72 -59.72 45.22
C ILE Q 355 -43.74 -60.88 45.32
N ASN Q 356 -44.02 -61.97 44.58
CA ASN Q 356 -43.11 -63.15 44.45
C ASN Q 356 -42.36 -63.03 43.13
N TYR Q 357 -41.08 -63.44 43.11
CA TYR Q 357 -40.27 -63.47 41.87
C TYR Q 357 -40.70 -64.66 41.01
N GLN Q 358 -41.05 -65.79 41.63
CA GLN Q 358 -41.51 -67.01 40.92
C GLN Q 358 -42.70 -66.63 40.05
N PRO Q 359 -42.64 -66.84 38.72
CA PRO Q 359 -43.81 -66.68 37.87
C PRO Q 359 -44.74 -67.87 38.09
N PRO Q 360 -45.94 -67.91 37.47
CA PRO Q 360 -46.78 -69.10 37.51
C PRO Q 360 -46.37 -70.19 36.52
N THR Q 361 -46.73 -71.45 36.81
CA THR Q 361 -46.38 -72.66 36.01
C THR Q 361 -47.47 -72.92 34.96
N VAL Q 362 -47.05 -73.31 33.75
CA VAL Q 362 -47.94 -73.68 32.60
C VAL Q 362 -48.12 -75.20 32.64
N VAL Q 363 -49.31 -75.68 33.02
CA VAL Q 363 -49.66 -77.12 33.09
C VAL Q 363 -49.86 -77.62 31.64
N PRO Q 364 -49.16 -78.69 31.19
CA PRO Q 364 -49.37 -79.22 29.84
C PRO Q 364 -50.76 -79.84 29.67
N GLY Q 365 -51.39 -79.62 28.52
CA GLY Q 365 -52.82 -79.94 28.28
C GLY Q 365 -53.73 -78.98 29.03
N GLY Q 366 -53.19 -77.83 29.46
CA GLY Q 366 -53.87 -76.81 30.26
C GLY Q 366 -54.21 -75.59 29.42
N ASP Q 367 -55.42 -75.07 29.59
CA ASP Q 367 -55.95 -73.91 28.82
C ASP Q 367 -55.44 -72.64 29.52
N LEU Q 368 -54.18 -72.28 29.24
CA LEU Q 368 -53.49 -71.07 29.75
C LEU Q 368 -52.19 -70.85 28.96
N ALA Q 369 -51.79 -69.59 28.80
CA ALA Q 369 -50.50 -69.18 28.23
C ALA Q 369 -49.46 -69.06 29.36
N LYS Q 370 -48.23 -69.52 29.12
CA LYS Q 370 -47.05 -69.20 29.98
C LYS Q 370 -46.86 -67.69 29.94
N VAL Q 371 -46.97 -67.04 31.11
CA VAL Q 371 -47.03 -65.55 31.24
C VAL Q 371 -46.02 -65.15 32.32
N MET Q 372 -45.18 -64.15 32.03
CA MET Q 372 -44.06 -63.78 32.92
C MET Q 372 -44.63 -63.22 34.24
N ARG Q 373 -45.80 -62.57 34.20
CA ARG Q 373 -46.40 -61.89 35.38
C ARG Q 373 -47.79 -62.49 35.68
N ALA Q 374 -48.35 -62.16 36.85
CA ALA Q 374 -49.72 -62.52 37.28
C ALA Q 374 -50.10 -61.78 38.56
N VAL Q 375 -51.39 -61.88 38.93
CA VAL Q 375 -51.93 -61.49 40.27
C VAL Q 375 -53.23 -62.24 40.55
N CYS Q 376 -53.31 -62.86 41.73
CA CYS Q 376 -54.58 -63.15 42.43
C CYS Q 376 -54.96 -61.92 43.23
N MET Q 377 -56.25 -61.59 43.29
CA MET Q 377 -56.79 -60.63 44.28
C MET Q 377 -57.97 -61.27 45.01
N ILE Q 378 -57.72 -61.72 46.24
CA ILE Q 378 -58.76 -62.00 47.27
C ILE Q 378 -59.22 -60.63 47.76
N SER Q 379 -60.48 -60.28 47.57
CA SER Q 379 -61.09 -59.01 48.02
C SER Q 379 -62.21 -59.33 49.03
N ASN Q 380 -62.28 -58.57 50.12
CA ASN Q 380 -63.51 -58.40 50.93
C ASN Q 380 -64.28 -57.23 50.31
N SER Q 381 -65.48 -57.48 49.81
CA SER Q 381 -66.37 -56.47 49.18
C SER Q 381 -67.76 -56.57 49.80
N THR Q 382 -68.46 -55.44 49.98
CA THR Q 382 -69.86 -55.37 50.50
C THR Q 382 -70.84 -55.97 49.48
N ALA Q 383 -70.41 -56.13 48.22
CA ALA Q 383 -71.17 -56.72 47.09
C ALA Q 383 -71.47 -58.22 47.34
N ILE Q 384 -70.69 -58.90 48.18
CA ILE Q 384 -70.86 -60.34 48.55
C ILE Q 384 -72.30 -60.57 49.04
N ALA Q 385 -72.84 -59.61 49.80
CA ALA Q 385 -74.24 -59.57 50.31
C ALA Q 385 -75.23 -60.04 49.22
N GLU Q 386 -75.06 -59.53 47.99
CA GLU Q 386 -75.93 -59.79 46.80
C GLU Q 386 -76.13 -61.30 46.63
N VAL Q 387 -75.04 -62.08 46.59
CA VAL Q 387 -75.08 -63.57 46.44
C VAL Q 387 -75.96 -64.10 47.57
N PHE Q 388 -75.67 -63.70 48.82
CA PHE Q 388 -76.37 -64.16 50.04
C PHE Q 388 -77.84 -63.79 49.98
N SER Q 389 -78.18 -62.64 49.40
CA SER Q 389 -79.58 -62.19 49.22
C SER Q 389 -80.30 -63.08 48.20
N ARG Q 390 -79.60 -63.58 47.17
CA ARG Q 390 -80.18 -64.45 46.11
C ARG Q 390 -80.36 -65.88 46.62
N LEU Q 391 -79.52 -66.34 47.56
CA LEU Q 391 -79.62 -67.70 48.16
C LEU Q 391 -80.68 -67.74 49.27
N ASP Q 392 -81.09 -66.58 49.80
CA ASP Q 392 -82.15 -66.44 50.83
C ASP Q 392 -83.52 -66.32 50.16
N HIS Q 393 -83.63 -65.55 49.08
CA HIS Q 393 -84.82 -65.45 48.19
C HIS Q 393 -85.16 -66.84 47.63
N LYS Q 394 -84.18 -67.50 47.00
CA LYS Q 394 -84.29 -68.87 46.39
C LYS Q 394 -84.62 -69.92 47.47
N PHE Q 395 -84.30 -69.63 48.74
CA PHE Q 395 -84.65 -70.46 49.92
C PHE Q 395 -86.02 -70.06 50.47
N ASP Q 396 -86.37 -68.77 50.46
CA ASP Q 396 -87.62 -68.27 51.10
C ASP Q 396 -88.84 -68.70 50.28
N LEU Q 397 -88.67 -68.93 48.98
CA LEU Q 397 -89.69 -69.60 48.09
C LEU Q 397 -90.02 -70.98 48.65
N MET Q 398 -88.98 -71.73 49.04
CA MET Q 398 -89.09 -72.97 49.87
C MET Q 398 -89.35 -72.56 51.33
N TYR Q 399 -89.63 -73.54 52.20
CA TYR Q 399 -89.89 -73.34 53.66
C TYR Q 399 -91.08 -72.39 53.88
N ALA Q 400 -91.65 -71.85 52.80
CA ALA Q 400 -93.06 -71.42 52.71
C ALA Q 400 -93.94 -72.66 52.58
N LYS Q 401 -93.65 -73.47 51.55
CA LYS Q 401 -94.35 -74.75 51.24
C LYS Q 401 -93.94 -75.84 52.25
N ARG Q 402 -92.73 -75.73 52.82
CA ARG Q 402 -92.01 -76.76 53.65
C ARG Q 402 -91.47 -77.84 52.70
N ALA Q 403 -90.98 -77.38 51.56
CA ALA Q 403 -90.94 -78.10 50.27
C ALA Q 403 -90.32 -79.49 50.50
N PHE Q 404 -89.02 -79.52 50.74
CA PHE Q 404 -88.24 -80.77 50.75
C PHE Q 404 -87.96 -81.17 52.21
N VAL Q 405 -88.71 -80.65 53.16
CA VAL Q 405 -88.22 -80.61 54.56
C VAL Q 405 -88.22 -82.03 55.13
N HIS Q 406 -89.18 -82.85 54.71
CA HIS Q 406 -89.37 -84.25 55.17
C HIS Q 406 -88.05 -85.03 55.18
N TRP Q 407 -87.23 -84.89 54.13
CA TRP Q 407 -85.92 -85.60 53.97
C TRP Q 407 -85.00 -85.23 55.15
N TYR Q 408 -84.66 -83.95 55.26
CA TYR Q 408 -83.70 -83.39 56.26
C TYR Q 408 -84.20 -83.74 57.67
N VAL Q 409 -85.51 -83.60 57.92
CA VAL Q 409 -86.16 -83.92 59.22
C VAL Q 409 -86.10 -85.43 59.48
N GLY Q 410 -86.18 -86.24 58.42
CA GLY Q 410 -86.09 -87.72 58.48
C GLY Q 410 -84.70 -88.22 58.88
N GLU Q 411 -83.65 -87.41 58.72
CA GLU Q 411 -82.22 -87.80 58.90
C GLU Q 411 -81.60 -87.07 60.11
N GLY Q 412 -82.42 -86.48 60.99
CA GLY Q 412 -82.01 -85.96 62.30
C GLY Q 412 -81.61 -84.49 62.29
N MET Q 413 -82.33 -83.66 61.51
CA MET Q 413 -82.31 -82.17 61.59
C MET Q 413 -83.72 -81.70 61.98
N GLU Q 414 -83.88 -81.17 63.20
CA GLU Q 414 -85.14 -80.53 63.68
C GLU Q 414 -85.47 -79.34 62.76
N GLU Q 415 -86.77 -79.09 62.53
CA GLU Q 415 -87.28 -78.11 61.52
C GLU Q 415 -86.87 -76.68 61.88
N GLY Q 416 -86.77 -76.38 63.18
CA GLY Q 416 -86.30 -75.08 63.71
C GLY Q 416 -84.89 -74.71 63.25
N GLU Q 417 -84.07 -75.70 62.89
CA GLU Q 417 -82.65 -75.51 62.47
C GLU Q 417 -82.59 -74.77 61.12
N PHE Q 418 -83.60 -74.95 60.26
CA PHE Q 418 -83.79 -74.18 59.00
C PHE Q 418 -84.14 -72.73 59.34
N SER Q 419 -85.11 -72.52 60.25
CA SER Q 419 -85.64 -71.19 60.66
C SER Q 419 -84.58 -70.40 61.43
N GLU Q 420 -83.71 -71.09 62.19
CA GLU Q 420 -82.49 -70.55 62.83
C GLU Q 420 -81.54 -70.00 61.75
N ALA Q 421 -81.17 -70.84 60.78
CA ALA Q 421 -80.15 -70.57 59.73
C ALA Q 421 -80.54 -69.35 58.89
N ARG Q 422 -81.81 -69.24 58.45
CA ARG Q 422 -82.35 -68.11 57.64
C ARG Q 422 -82.27 -66.80 58.44
N GLU Q 423 -82.67 -66.85 59.72
CA GLU Q 423 -82.63 -65.68 60.65
C GLU Q 423 -81.19 -65.18 60.77
N ASP Q 424 -80.21 -66.08 60.86
CA ASP Q 424 -78.77 -65.76 61.06
C ASP Q 424 -78.17 -65.22 59.75
N LEU Q 425 -78.56 -65.77 58.59
CA LEU Q 425 -78.14 -65.24 57.26
C LEU Q 425 -78.85 -63.91 56.98
N ALA Q 426 -80.07 -63.72 57.51
CA ALA Q 426 -80.81 -62.45 57.45
C ALA Q 426 -80.10 -61.41 58.33
N ALA Q 427 -79.51 -61.84 59.44
CA ALA Q 427 -78.70 -61.01 60.37
C ALA Q 427 -77.36 -60.62 59.71
N LEU Q 428 -76.78 -61.49 58.86
CA LEU Q 428 -75.52 -61.23 58.12
C LEU Q 428 -75.74 -60.11 57.09
N GLU Q 429 -76.79 -60.24 56.26
CA GLU Q 429 -77.09 -59.27 55.16
C GLU Q 429 -77.59 -57.94 55.75
N LYS Q 430 -77.97 -57.92 57.04
CA LYS Q 430 -78.13 -56.68 57.84
C LYS Q 430 -76.74 -56.07 58.08
N ASP Q 431 -75.81 -56.87 58.59
CA ASP Q 431 -74.42 -56.45 58.98
C ASP Q 431 -73.69 -55.86 57.76
N TYR Q 432 -73.79 -56.51 56.60
CA TYR Q 432 -73.03 -56.15 55.36
C TYR Q 432 -73.41 -54.74 54.90
N GLU Q 433 -74.70 -54.36 55.00
CA GLU Q 433 -75.19 -52.99 54.69
C GLU Q 433 -74.67 -52.02 55.76
N GLU Q 434 -74.75 -52.40 57.05
CA GLU Q 434 -74.34 -51.58 58.23
C GLU Q 434 -72.89 -51.09 58.10
N VAL Q 435 -71.96 -51.93 57.67
CA VAL Q 435 -70.52 -51.57 57.44
C VAL Q 435 -70.41 -50.78 56.13
N GLY Q 436 -71.24 -51.11 55.14
CA GLY Q 436 -71.37 -50.39 53.84
C GLY Q 436 -71.97 -49.00 54.00
N ILE Q 437 -72.62 -48.71 55.13
CA ILE Q 437 -73.05 -47.33 55.53
C ILE Q 437 -71.79 -46.50 55.82
N GLU Q 438 -71.80 -45.22 55.43
CA GLU Q 438 -70.69 -44.25 55.68
C GLU Q 438 -70.65 -43.86 57.17
N THR Q 439 -69.45 -43.60 57.70
CA THR Q 439 -69.16 -43.29 59.14
C THR Q 439 -70.06 -42.14 59.62
N ALA Q 440 -70.64 -42.26 60.83
CA ALA Q 440 -71.53 -41.25 61.44
C ALA Q 440 -70.70 -40.29 62.31
N MET R 1 -69.39 -100.70 46.52
CA MET R 1 -70.64 -101.36 47.01
C MET R 1 -71.86 -100.58 46.48
N ARG R 2 -72.72 -100.04 47.36
CA ARG R 2 -74.03 -99.42 47.01
C ARG R 2 -74.84 -100.40 46.15
N GLU R 3 -74.96 -101.64 46.61
CA GLU R 3 -75.54 -102.77 45.82
C GLU R 3 -77.06 -102.61 45.71
N ILE R 4 -77.62 -103.09 44.59
CA ILE R 4 -79.07 -103.01 44.24
C ILE R 4 -79.60 -104.43 44.08
N VAL R 5 -80.68 -104.78 44.79
CA VAL R 5 -81.37 -106.10 44.66
C VAL R 5 -82.57 -105.92 43.72
N HIS R 6 -82.58 -106.65 42.59
CA HIS R 6 -83.62 -106.59 41.53
C HIS R 6 -84.63 -107.71 41.75
N ILE R 7 -85.90 -107.38 41.96
CA ILE R 7 -87.03 -108.37 41.94
C ILE R 7 -87.84 -108.12 40.66
N GLN R 8 -87.97 -109.14 39.80
CA GLN R 8 -88.73 -109.07 38.51
C GLN R 8 -89.97 -109.95 38.64
N GLY R 9 -91.10 -109.33 39.00
CA GLY R 9 -92.34 -109.99 39.47
C GLY R 9 -93.44 -109.97 38.41
N GLY R 10 -94.15 -111.08 38.26
CA GLY R 10 -95.21 -111.22 37.25
C GLY R 10 -94.62 -111.33 35.86
N GLN R 11 -95.37 -111.97 34.95
CA GLN R 11 -94.98 -112.24 33.54
C GLN R 11 -94.30 -110.99 32.96
N CYS R 12 -94.99 -109.85 33.00
CA CYS R 12 -94.55 -108.55 32.43
C CYS R 12 -93.20 -108.14 33.04
N GLY R 13 -93.12 -108.12 34.37
CA GLY R 13 -91.86 -107.89 35.10
C GLY R 13 -90.74 -108.76 34.56
N ASN R 14 -90.93 -110.08 34.57
CA ASN R 14 -89.90 -111.11 34.26
C ASN R 14 -89.36 -110.90 32.83
N GLN R 15 -90.24 -110.61 31.86
CA GLN R 15 -89.84 -110.39 30.44
C GLN R 15 -89.06 -109.07 30.34
N ILE R 16 -89.36 -108.08 31.17
CA ILE R 16 -88.61 -106.78 31.25
C ILE R 16 -87.22 -107.07 31.82
N GLY R 17 -87.16 -107.77 32.95
CA GLY R 17 -85.92 -108.22 33.60
C GLY R 17 -85.01 -108.98 32.65
N ALA R 18 -85.58 -109.93 31.90
CA ALA R 18 -84.86 -110.76 30.89
C ALA R 18 -84.09 -109.85 29.94
N LYS R 19 -84.74 -108.80 29.42
CA LYS R 19 -84.11 -107.83 28.49
C LYS R 19 -83.13 -106.94 29.25
N PHE R 20 -83.51 -106.43 30.43
CA PHE R 20 -82.66 -105.54 31.27
C PHE R 20 -81.31 -106.20 31.56
N TRP R 21 -81.36 -107.44 32.03
CA TRP R 21 -80.17 -108.22 32.48
C TRP R 21 -79.35 -108.71 31.27
N GLU R 22 -79.89 -108.60 30.04
CA GLU R 22 -79.10 -108.65 28.78
C GLU R 22 -78.40 -107.31 28.56
N VAL R 23 -79.14 -106.20 28.77
CA VAL R 23 -78.67 -104.81 28.53
C VAL R 23 -77.50 -104.50 29.46
N ILE R 24 -77.63 -104.79 30.76
CA ILE R 24 -76.59 -104.51 31.79
C ILE R 24 -75.35 -105.37 31.52
N SER R 25 -75.56 -106.58 30.97
CA SER R 25 -74.49 -107.58 30.67
C SER R 25 -73.60 -107.11 29.52
N ASP R 26 -74.16 -106.37 28.54
CA ASP R 26 -73.38 -105.80 27.41
C ASP R 26 -72.55 -104.60 27.91
N GLU R 27 -73.06 -103.85 28.89
CA GLU R 27 -72.40 -102.62 29.47
C GLU R 27 -71.29 -103.01 30.45
N HIS R 28 -71.37 -104.19 31.07
CA HIS R 28 -70.37 -104.73 32.02
C HIS R 28 -69.49 -105.80 31.38
N GLY R 29 -69.77 -106.22 30.14
CA GLY R 29 -68.96 -107.18 29.36
C GLY R 29 -69.25 -108.63 29.69
N ILE R 30 -70.19 -108.89 30.61
CA ILE R 30 -70.55 -110.26 31.11
C ILE R 30 -71.21 -111.01 29.94
N ASP R 31 -70.66 -112.16 29.56
CA ASP R 31 -71.18 -113.06 28.50
C ASP R 31 -72.33 -113.88 29.09
N PRO R 32 -73.20 -114.51 28.27
CA PRO R 32 -74.38 -115.21 28.78
C PRO R 32 -74.10 -116.21 29.92
N THR R 33 -73.01 -116.96 29.82
CA THR R 33 -72.63 -118.04 30.77
C THR R 33 -72.36 -117.43 32.16
N GLY R 34 -71.77 -116.23 32.24
CA GLY R 34 -71.42 -115.54 33.50
C GLY R 34 -69.94 -115.16 33.62
N THR R 35 -69.11 -115.55 32.66
CA THR R 35 -67.68 -115.12 32.54
C THR R 35 -67.65 -113.64 32.16
N TYR R 36 -66.51 -112.96 32.36
CA TYR R 36 -66.25 -111.57 31.90
C TYR R 36 -65.45 -111.60 30.58
N HIS R 37 -66.10 -111.21 29.48
CA HIS R 37 -65.48 -110.90 28.16
C HIS R 37 -65.83 -109.45 27.80
N GLY R 38 -65.32 -108.50 28.59
CA GLY R 38 -65.24 -107.07 28.28
C GLY R 38 -63.78 -106.65 28.11
N ASP R 39 -63.52 -105.59 27.34
CA ASP R 39 -62.16 -105.15 26.93
C ASP R 39 -61.61 -104.09 27.90
N SER R 40 -62.50 -103.35 28.59
CA SER R 40 -62.17 -102.22 29.49
C SER R 40 -62.33 -102.64 30.97
N ASP R 41 -61.33 -102.36 31.81
CA ASP R 41 -61.32 -102.69 33.27
C ASP R 41 -62.33 -101.81 34.02
N LEU R 42 -62.72 -100.67 33.42
CA LEU R 42 -63.83 -99.81 33.92
C LEU R 42 -65.13 -100.59 34.01
N GLN R 43 -65.34 -101.59 33.15
CA GLN R 43 -66.60 -102.39 33.08
C GLN R 43 -66.83 -103.10 34.42
N LEU R 44 -65.79 -103.69 35.03
CA LEU R 44 -65.94 -104.57 36.23
C LEU R 44 -65.78 -103.79 37.54
N GLU R 45 -65.19 -102.59 37.53
CA GLU R 45 -64.72 -101.90 38.77
C GLU R 45 -65.85 -101.83 39.81
N ARG R 46 -67.10 -101.64 39.38
CA ARG R 46 -68.29 -101.48 40.27
C ARG R 46 -69.34 -102.56 39.96
N ILE R 47 -68.95 -103.68 39.35
CA ILE R 47 -69.89 -104.75 38.89
C ILE R 47 -70.76 -105.24 40.07
N ASN R 48 -70.21 -105.19 41.29
CA ASN R 48 -70.85 -105.67 42.54
C ASN R 48 -72.20 -104.98 42.77
N VAL R 49 -72.42 -103.78 42.24
CA VAL R 49 -73.71 -103.03 42.35
C VAL R 49 -74.90 -103.92 41.97
N TYR R 50 -74.78 -104.75 40.91
CA TYR R 50 -75.90 -105.53 40.32
C TYR R 50 -75.65 -107.05 40.40
N TYR R 51 -74.45 -107.50 40.07
CA TYR R 51 -74.03 -108.92 40.10
C TYR R 51 -73.43 -109.24 41.47
N ASN R 52 -73.53 -110.50 41.93
CA ASN R 52 -72.75 -111.06 43.06
C ASN R 52 -71.77 -112.09 42.48
N GLU R 53 -70.47 -111.86 42.66
CA GLU R 53 -69.39 -112.79 42.23
C GLU R 53 -69.65 -114.15 42.88
N ALA R 54 -69.89 -115.18 42.06
CA ALA R 54 -69.97 -116.60 42.47
C ALA R 54 -68.58 -117.23 42.41
N THR R 55 -68.47 -118.50 42.77
CA THR R 55 -67.20 -119.28 42.78
C THR R 55 -66.86 -119.75 41.36
N GLY R 56 -65.64 -119.47 40.89
CA GLY R 56 -65.12 -119.82 39.55
C GLY R 56 -65.00 -118.63 38.61
N GLY R 57 -65.15 -117.40 39.12
CA GLY R 57 -65.15 -116.16 38.32
C GLY R 57 -66.41 -115.99 37.50
N ARG R 58 -67.52 -116.61 37.93
CA ARG R 58 -68.87 -116.46 37.33
C ARG R 58 -69.57 -115.27 37.99
N TYR R 59 -70.19 -114.40 37.18
CA TYR R 59 -70.99 -113.24 37.63
C TYR R 59 -72.47 -113.63 37.57
N VAL R 60 -73.11 -113.68 38.74
CA VAL R 60 -74.54 -114.06 38.92
C VAL R 60 -75.32 -112.78 39.23
N PRO R 61 -76.36 -112.44 38.43
CA PRO R 61 -77.26 -111.33 38.77
C PRO R 61 -77.88 -111.49 40.16
N ARG R 62 -78.04 -110.38 40.89
CA ARG R 62 -78.76 -110.32 42.18
C ARG R 62 -80.25 -110.10 41.89
N ALA R 63 -80.85 -110.98 41.07
CA ALA R 63 -82.26 -110.93 40.60
C ALA R 63 -83.08 -112.03 41.28
N ILE R 64 -84.23 -111.68 41.85
CA ILE R 64 -85.20 -112.63 42.48
C ILE R 64 -86.45 -112.70 41.59
N LEU R 65 -86.49 -113.70 40.70
CA LEU R 65 -87.54 -113.89 39.67
C LEU R 65 -88.76 -114.58 40.32
N MET R 66 -89.74 -113.81 40.78
CA MET R 66 -90.98 -114.33 41.43
C MET R 66 -92.14 -114.29 40.42
N ASP R 67 -92.99 -115.31 40.45
CA ASP R 67 -94.29 -115.38 39.73
C ASP R 67 -95.14 -116.47 40.42
N LEU R 68 -96.41 -116.56 40.08
CA LEU R 68 -97.33 -117.61 40.57
C LEU R 68 -97.58 -118.65 39.47
N GLU R 69 -97.02 -118.42 38.28
CA GLU R 69 -97.17 -119.25 37.07
C GLU R 69 -95.84 -119.93 36.77
N PRO R 70 -95.78 -121.27 36.70
CA PRO R 70 -94.51 -121.97 36.48
C PRO R 70 -93.96 -121.82 35.04
N GLY R 71 -94.83 -121.58 34.06
CA GLY R 71 -94.49 -121.40 32.63
C GLY R 71 -93.45 -120.31 32.40
N THR R 72 -93.47 -119.25 33.20
CA THR R 72 -92.61 -118.04 33.06
C THR R 72 -91.12 -118.42 33.16
N MET R 73 -90.74 -119.33 34.07
CA MET R 73 -89.34 -119.83 34.25
C MET R 73 -88.80 -120.29 32.90
N ASP R 74 -89.56 -121.18 32.23
CA ASP R 74 -89.23 -121.70 30.89
C ASP R 74 -88.92 -120.52 29.97
N SER R 75 -89.75 -119.47 30.01
CA SER R 75 -89.63 -118.25 29.16
C SER R 75 -88.33 -117.51 29.47
N VAL R 76 -88.01 -117.31 30.75
CA VAL R 76 -86.76 -116.59 31.18
C VAL R 76 -85.55 -117.50 30.97
N ARG R 77 -85.73 -118.83 31.00
CA ARG R 77 -84.65 -119.81 30.67
C ARG R 77 -84.38 -119.79 29.16
N ALA R 78 -85.43 -119.74 28.34
CA ALA R 78 -85.36 -119.74 26.86
C ALA R 78 -84.53 -118.55 26.36
N GLY R 79 -84.77 -117.36 26.92
CA GLY R 79 -84.13 -116.08 26.52
C GLY R 79 -82.61 -116.17 26.55
N PRO R 80 -81.89 -115.55 25.57
CA PRO R 80 -80.44 -115.42 25.67
C PRO R 80 -80.12 -114.63 26.95
N PHE R 81 -79.01 -114.98 27.62
CA PHE R 81 -78.64 -114.51 28.98
C PHE R 81 -79.74 -114.93 29.97
N GLY R 82 -80.29 -116.13 29.78
CA GLY R 82 -81.22 -116.80 30.73
C GLY R 82 -80.46 -117.66 31.74
N GLN R 83 -79.32 -118.22 31.33
CA GLN R 83 -78.46 -119.10 32.17
C GLN R 83 -77.87 -118.28 33.32
N LEU R 84 -77.54 -117.01 33.09
CA LEU R 84 -76.95 -116.07 34.10
C LEU R 84 -77.66 -116.24 35.45
N PHE R 85 -78.99 -116.17 35.46
CA PHE R 85 -79.80 -116.15 36.71
C PHE R 85 -79.55 -117.44 37.48
N ARG R 86 -79.18 -117.31 38.76
CA ARG R 86 -78.94 -118.44 39.70
C ARG R 86 -80.26 -119.20 39.87
N PRO R 87 -80.24 -120.56 39.87
CA PRO R 87 -81.47 -121.35 40.03
C PRO R 87 -82.27 -121.23 41.36
N ASP R 88 -81.59 -121.01 42.51
CA ASP R 88 -82.21 -120.90 43.87
C ASP R 88 -83.06 -119.63 43.99
N ASN R 89 -82.72 -118.58 43.24
CA ASN R 89 -83.43 -117.28 43.21
C ASN R 89 -84.82 -117.44 42.58
N PHE R 90 -84.95 -118.28 41.54
CA PHE R 90 -86.24 -118.61 40.85
C PHE R 90 -87.22 -119.17 41.88
N VAL R 91 -88.28 -118.42 42.20
CA VAL R 91 -89.37 -118.85 43.14
C VAL R 91 -90.72 -118.73 42.40
N PHE R 92 -91.31 -119.85 41.99
CA PHE R 92 -92.54 -119.90 41.16
C PHE R 92 -93.62 -120.74 41.86
N GLY R 93 -94.86 -120.23 41.86
CA GLY R 93 -96.09 -120.96 42.25
C GLY R 93 -96.67 -121.70 41.05
N GLN R 94 -97.78 -122.42 41.25
CA GLN R 94 -98.35 -123.37 40.24
C GLN R 94 -99.57 -122.76 39.52
N THR R 95 -100.57 -122.32 40.30
CA THR R 95 -101.93 -121.98 39.79
C THR R 95 -101.87 -120.74 38.88
N GLY R 96 -101.25 -119.64 39.37
CA GLY R 96 -101.26 -118.33 38.70
C GLY R 96 -102.40 -117.46 39.20
N ALA R 97 -102.21 -116.14 39.22
CA ALA R 97 -103.16 -115.14 39.78
C ALA R 97 -104.46 -115.10 38.97
N GLY R 98 -104.41 -115.44 37.68
CA GLY R 98 -105.57 -115.39 36.75
C GLY R 98 -106.05 -113.98 36.53
N ASN R 99 -105.13 -113.01 36.52
CA ASN R 99 -105.41 -111.56 36.40
C ASN R 99 -106.31 -111.11 37.57
N ASN R 100 -106.00 -111.56 38.80
CA ASN R 100 -106.72 -111.19 40.05
C ASN R 100 -105.71 -110.68 41.10
N TRP R 101 -105.84 -109.40 41.47
CA TRP R 101 -105.05 -108.74 42.56
C TRP R 101 -105.25 -109.52 43.87
N ALA R 102 -106.48 -109.90 44.16
CA ALA R 102 -106.91 -110.56 45.42
C ALA R 102 -106.27 -111.95 45.52
N LYS R 103 -106.06 -112.64 44.39
CA LYS R 103 -105.46 -114.00 44.35
C LYS R 103 -103.95 -113.89 44.57
N GLY R 104 -103.30 -112.87 43.97
CA GLY R 104 -101.84 -112.65 44.04
C GLY R 104 -101.38 -111.89 45.27
N HIS R 105 -102.32 -111.36 46.06
CA HIS R 105 -102.07 -110.68 47.36
C HIS R 105 -102.54 -111.60 48.51
N TYR R 106 -103.85 -111.78 48.67
CA TYR R 106 -104.49 -112.27 49.93
C TYR R 106 -104.43 -113.80 50.06
N THR R 107 -104.47 -114.56 48.95
CA THR R 107 -104.53 -116.05 48.96
C THR R 107 -103.25 -116.63 48.35
N GLU R 108 -103.30 -117.06 47.08
CA GLU R 108 -102.21 -117.84 46.38
C GLU R 108 -100.86 -117.10 46.57
N GLY R 109 -100.85 -115.79 46.32
CA GLY R 109 -99.66 -114.93 46.50
C GLY R 109 -99.25 -114.80 47.95
N ALA R 110 -100.20 -114.82 48.88
CA ALA R 110 -99.96 -114.75 50.34
C ALA R 110 -99.14 -115.95 50.82
N GLU R 111 -99.26 -117.11 50.17
CA GLU R 111 -98.56 -118.37 50.53
C GLU R 111 -97.11 -118.35 50.03
N LEU R 112 -96.85 -117.79 48.84
CA LEU R 112 -95.52 -117.84 48.18
C LEU R 112 -94.56 -116.82 48.81
N ILE R 113 -95.00 -115.57 49.07
CA ILE R 113 -94.13 -114.41 49.49
C ILE R 113 -93.20 -114.76 50.66
N ASP R 114 -93.63 -115.62 51.60
CA ASP R 114 -92.80 -116.04 52.75
C ASP R 114 -91.55 -116.78 52.26
N SER R 115 -91.65 -117.50 51.13
CA SER R 115 -90.51 -118.18 50.45
C SER R 115 -89.62 -117.18 49.71
N VAL R 116 -90.20 -116.11 49.14
CA VAL R 116 -89.45 -115.06 48.36
C VAL R 116 -88.67 -114.18 49.35
N LEU R 117 -89.33 -113.70 50.41
CA LEU R 117 -88.71 -112.84 51.46
C LEU R 117 -87.39 -113.47 51.92
N ASP R 118 -87.39 -114.77 52.21
CA ASP R 118 -86.19 -115.55 52.62
C ASP R 118 -85.07 -115.33 51.59
N VAL R 119 -85.38 -115.41 50.29
CA VAL R 119 -84.39 -115.17 49.18
C VAL R 119 -84.05 -113.67 49.15
N VAL R 120 -85.01 -112.77 49.44
CA VAL R 120 -84.80 -111.29 49.52
C VAL R 120 -83.85 -110.97 50.68
N ARG R 121 -84.11 -111.52 51.87
CA ARG R 121 -83.24 -111.34 53.07
C ARG R 121 -81.82 -111.81 52.75
N LYS R 122 -81.69 -112.97 52.10
CA LYS R 122 -80.39 -113.65 51.80
C LYS R 122 -79.50 -112.75 50.91
N GLU R 123 -80.00 -112.32 49.76
CA GLU R 123 -79.24 -111.47 48.78
C GLU R 123 -79.00 -110.08 49.37
N ALA R 124 -79.94 -109.55 50.16
CA ALA R 124 -79.89 -108.23 50.82
C ALA R 124 -78.79 -108.22 51.90
N GLU R 125 -78.64 -109.33 52.64
CA GLU R 125 -77.60 -109.49 53.70
C GLU R 125 -76.21 -109.70 53.07
N GLY R 126 -76.14 -110.24 51.84
CA GLY R 126 -74.89 -110.48 51.10
C GLY R 126 -74.17 -109.18 50.76
N CYS R 127 -74.92 -108.11 50.46
CA CYS R 127 -74.41 -106.73 50.22
C CYS R 127 -73.81 -106.16 51.51
N ASP R 128 -72.64 -105.52 51.43
CA ASP R 128 -71.98 -104.82 52.56
C ASP R 128 -72.76 -103.54 52.86
N CYS R 129 -73.09 -102.76 51.82
CA CYS R 129 -74.01 -101.58 51.86
C CYS R 129 -75.04 -101.70 50.73
N LEU R 130 -76.28 -102.06 51.08
CA LEU R 130 -77.41 -102.11 50.12
C LEU R 130 -77.89 -100.68 49.85
N GLN R 131 -77.76 -100.21 48.61
CA GLN R 131 -78.40 -98.96 48.12
C GLN R 131 -79.92 -99.12 48.30
N GLY R 132 -80.48 -100.19 47.73
CA GLY R 132 -81.92 -100.50 47.80
C GLY R 132 -82.34 -101.55 46.78
N PHE R 133 -83.58 -101.46 46.30
CA PHE R 133 -84.23 -102.45 45.39
C PHE R 133 -84.79 -101.76 44.15
N GLN R 134 -84.71 -102.44 43.00
CA GLN R 134 -85.42 -102.09 41.73
C GLN R 134 -86.41 -103.22 41.39
N ILE R 135 -87.67 -103.07 41.84
CA ILE R 135 -88.79 -104.01 41.57
C ILE R 135 -89.30 -103.70 40.15
N THR R 136 -89.35 -104.69 39.25
CA THR R 136 -89.92 -104.54 37.88
C THR R 136 -91.17 -105.43 37.78
N HIS R 137 -92.35 -104.83 37.87
CA HIS R 137 -93.67 -105.52 37.84
C HIS R 137 -94.61 -104.77 36.87
N SER R 138 -95.84 -105.27 36.74
CA SER R 138 -96.99 -104.58 36.06
C SER R 138 -98.07 -104.32 37.11
N LEU R 139 -98.77 -103.19 36.98
CA LEU R 139 -99.90 -102.81 37.88
C LEU R 139 -101.22 -103.44 37.39
N GLY R 140 -101.25 -103.98 36.17
CA GLY R 140 -102.48 -104.45 35.47
C GLY R 140 -102.78 -105.93 35.71
N GLY R 141 -101.78 -106.79 35.58
CA GLY R 141 -101.91 -108.25 35.80
C GLY R 141 -101.87 -108.59 37.29
N GLY R 142 -102.44 -109.74 37.65
CA GLY R 142 -102.68 -110.15 39.04
C GLY R 142 -101.37 -110.32 39.78
N THR R 143 -100.55 -111.26 39.31
CA THR R 143 -99.25 -111.67 39.93
C THR R 143 -98.42 -110.44 40.27
N GLY R 144 -98.09 -109.64 39.24
CA GLY R 144 -97.24 -108.43 39.36
C GLY R 144 -97.83 -107.40 40.30
N SER R 145 -99.15 -107.20 40.25
CA SER R 145 -99.89 -106.17 41.04
C SER R 145 -100.24 -106.71 42.43
N GLY R 146 -100.58 -107.99 42.53
CA GLY R 146 -100.83 -108.71 43.80
C GLY R 146 -99.57 -108.91 44.60
N MET R 147 -98.76 -109.91 44.24
CA MET R 147 -97.49 -110.26 44.95
C MET R 147 -96.58 -109.04 45.08
N GLY R 148 -96.39 -108.28 43.99
CA GLY R 148 -95.50 -107.10 43.92
C GLY R 148 -95.76 -106.11 45.06
N THR R 149 -97.01 -105.68 45.20
CA THR R 149 -97.50 -104.69 46.21
C THR R 149 -97.55 -105.30 47.61
N LEU R 150 -97.57 -106.63 47.70
CA LEU R 150 -97.43 -107.38 48.98
C LEU R 150 -95.95 -107.49 49.34
N LEU R 151 -95.08 -107.85 48.39
CA LEU R 151 -93.61 -107.96 48.59
C LEU R 151 -93.03 -106.58 48.95
N ILE R 152 -93.47 -105.51 48.26
CA ILE R 152 -93.04 -104.09 48.47
C ILE R 152 -93.51 -103.59 49.85
N SER R 153 -94.68 -104.06 50.32
CA SER R 153 -95.17 -103.83 51.71
C SER R 153 -94.25 -104.50 52.73
N LYS R 154 -93.84 -105.75 52.46
CA LYS R 154 -92.99 -106.59 53.35
C LYS R 154 -91.57 -106.02 53.46
N VAL R 155 -90.82 -105.96 52.34
CA VAL R 155 -89.39 -105.50 52.27
C VAL R 155 -89.25 -104.13 52.95
N ARG R 156 -90.25 -103.24 52.80
CA ARG R 156 -90.24 -101.86 53.36
C ARG R 156 -90.39 -101.92 54.89
N GLU R 157 -91.13 -102.89 55.43
CA GLU R 157 -91.29 -103.12 56.90
C GLU R 157 -89.96 -103.63 57.49
N GLU R 158 -89.15 -104.33 56.70
CA GLU R 158 -87.85 -104.93 57.13
C GLU R 158 -86.69 -103.95 56.88
N TYR R 159 -86.74 -103.20 55.77
CA TYR R 159 -85.66 -102.28 55.33
C TYR R 159 -86.24 -100.88 55.08
N PRO R 160 -86.61 -100.10 56.13
CA PRO R 160 -87.26 -98.80 55.94
C PRO R 160 -86.38 -97.75 55.25
N ASP R 161 -85.11 -97.66 55.66
CA ASP R 161 -84.12 -96.68 55.16
C ASP R 161 -83.83 -96.94 53.67
N ARG R 162 -83.60 -98.21 53.30
CA ARG R 162 -83.11 -98.62 51.96
C ARG R 162 -84.12 -98.17 50.90
N ILE R 163 -83.65 -97.64 49.78
CA ILE R 163 -84.47 -97.08 48.66
C ILE R 163 -85.29 -98.22 48.04
N MET R 164 -86.61 -98.02 47.86
CA MET R 164 -87.50 -98.95 47.12
C MET R 164 -87.91 -98.29 45.80
N GLU R 165 -87.15 -98.60 44.75
CA GLU R 165 -87.39 -98.08 43.37
C GLU R 165 -88.21 -99.12 42.61
N THR R 166 -89.26 -98.68 41.92
CA THR R 166 -90.17 -99.54 41.11
C THR R 166 -90.22 -99.02 39.68
N PHE R 167 -90.06 -99.92 38.70
CA PHE R 167 -90.40 -99.72 37.28
C PHE R 167 -91.68 -100.50 36.97
N SER R 168 -92.84 -99.84 37.02
CA SER R 168 -94.19 -100.45 36.95
C SER R 168 -94.92 -100.03 35.66
N VAL R 169 -95.30 -101.01 34.82
CA VAL R 169 -96.13 -100.79 33.60
C VAL R 169 -97.58 -100.58 34.04
N VAL R 170 -98.04 -99.34 33.97
CA VAL R 170 -99.46 -98.97 34.28
C VAL R 170 -100.28 -99.45 33.08
N PRO R 171 -101.52 -99.95 33.28
CA PRO R 171 -102.41 -100.24 32.14
C PRO R 171 -102.87 -98.95 31.45
N SER R 172 -102.76 -98.92 30.12
CA SER R 172 -103.17 -97.79 29.24
C SER R 172 -104.54 -98.11 28.64
N PRO R 173 -105.50 -97.15 28.61
CA PRO R 173 -106.83 -97.44 28.06
C PRO R 173 -106.86 -97.82 26.58
N LYS R 174 -105.87 -97.36 25.80
CA LYS R 174 -105.75 -97.61 24.34
C LYS R 174 -105.66 -99.13 24.09
N VAL R 175 -104.61 -99.77 24.61
CA VAL R 175 -104.33 -101.23 24.43
C VAL R 175 -105.46 -102.01 25.10
N SER R 176 -105.53 -101.96 26.44
CA SER R 176 -106.60 -102.59 27.27
C SER R 176 -106.70 -104.09 26.96
N ASP R 177 -105.58 -104.83 27.10
CA ASP R 177 -105.43 -106.26 26.69
C ASP R 177 -106.10 -107.18 27.73
N THR R 178 -106.41 -106.66 28.93
CA THR R 178 -107.17 -107.38 30.00
C THR R 178 -108.35 -106.50 30.46
N VAL R 179 -109.47 -107.14 30.81
CA VAL R 179 -110.77 -106.48 31.12
C VAL R 179 -110.74 -105.91 32.55
N VAL R 180 -110.05 -106.59 33.48
CA VAL R 180 -110.09 -106.32 34.95
C VAL R 180 -108.88 -105.45 35.37
N GLU R 181 -108.09 -104.94 34.42
CA GLU R 181 -106.94 -104.02 34.66
C GLU R 181 -107.32 -102.94 35.67
N PRO R 182 -108.39 -102.14 35.46
CA PRO R 182 -108.73 -101.04 36.37
C PRO R 182 -108.85 -101.43 37.85
N TYR R 183 -109.29 -102.64 38.16
CA TYR R 183 -109.40 -103.11 39.57
C TYR R 183 -108.00 -103.28 40.14
N ASN R 184 -107.22 -104.12 39.48
CA ASN R 184 -105.82 -104.45 39.87
C ASN R 184 -105.05 -103.16 40.15
N ALA R 185 -104.88 -102.31 39.11
CA ALA R 185 -104.07 -101.06 39.13
C ALA R 185 -104.53 -100.14 40.26
N THR R 186 -105.85 -99.92 40.40
CA THR R 186 -106.44 -99.06 41.45
C THR R 186 -106.05 -99.60 42.83
N LEU R 187 -106.10 -100.92 43.01
CA LEU R 187 -105.69 -101.56 44.27
C LEU R 187 -104.17 -101.48 44.42
N SER R 188 -103.43 -101.49 43.31
CA SER R 188 -101.93 -101.55 43.28
C SER R 188 -101.32 -100.23 43.76
N VAL R 189 -101.82 -99.09 43.25
CA VAL R 189 -101.31 -97.72 43.57
C VAL R 189 -101.48 -97.43 45.07
N HIS R 190 -102.64 -97.81 45.64
CA HIS R 190 -103.00 -97.66 47.07
C HIS R 190 -101.85 -98.16 47.95
N GLN R 191 -101.32 -99.34 47.64
CA GLN R 191 -100.20 -99.96 48.38
C GLN R 191 -98.90 -99.24 48.00
N LEU R 192 -98.63 -99.09 46.69
CA LEU R 192 -97.39 -98.48 46.16
C LEU R 192 -97.13 -97.14 46.85
N VAL R 193 -98.08 -96.19 46.78
CA VAL R 193 -97.90 -94.78 47.24
C VAL R 193 -97.45 -94.75 48.71
N GLU R 194 -97.77 -95.78 49.49
CA GLU R 194 -97.34 -95.88 50.90
C GLU R 194 -95.91 -96.43 50.99
N ASN R 195 -95.55 -97.46 50.21
CA ASN R 195 -94.36 -98.30 50.45
C ASN R 195 -93.25 -98.11 49.40
N ALA R 196 -93.50 -97.40 48.28
CA ALA R 196 -92.53 -97.17 47.19
C ALA R 196 -91.91 -95.78 47.32
N ASP R 197 -90.57 -95.70 47.36
CA ASP R 197 -89.80 -94.45 47.53
C ASP R 197 -89.93 -93.64 46.24
N GLU R 198 -89.65 -94.28 45.10
CA GLU R 198 -89.73 -93.67 43.74
C GLU R 198 -90.33 -94.68 42.76
N CYS R 199 -91.50 -94.37 42.19
CA CYS R 199 -92.22 -95.18 41.18
C CYS R 199 -92.09 -94.53 39.79
N MET R 200 -91.35 -95.19 38.89
CA MET R 200 -91.25 -94.80 37.46
C MET R 200 -92.38 -95.49 36.69
N VAL R 201 -93.47 -94.77 36.44
CA VAL R 201 -94.65 -95.27 35.69
C VAL R 201 -94.26 -95.43 34.21
N ILE R 202 -94.53 -96.60 33.63
CA ILE R 202 -94.31 -96.95 32.19
C ILE R 202 -95.68 -97.28 31.57
N ASP R 203 -95.87 -97.05 30.26
CA ASP R 203 -97.15 -97.26 29.52
C ASP R 203 -96.92 -97.86 28.14
N ASN R 204 -97.54 -99.01 27.85
CA ASN R 204 -97.37 -99.76 26.58
C ASN R 204 -97.78 -98.88 25.39
N GLU R 205 -98.82 -98.07 25.57
CA GLU R 205 -99.26 -97.10 24.54
C GLU R 205 -98.03 -96.31 24.10
N ALA R 206 -97.47 -95.54 25.03
CA ALA R 206 -96.34 -94.62 24.78
C ALA R 206 -95.22 -95.37 24.07
N LEU R 207 -94.77 -96.49 24.66
CA LEU R 207 -93.64 -97.32 24.13
C LEU R 207 -93.90 -97.67 22.67
N TYR R 208 -95.13 -98.13 22.35
CA TYR R 208 -95.58 -98.40 20.97
C TYR R 208 -95.42 -97.13 20.12
N ASP R 209 -95.85 -95.98 20.67
CA ASP R 209 -95.78 -94.67 19.97
C ASP R 209 -94.32 -94.35 19.64
N ILE R 210 -93.40 -94.52 20.61
CA ILE R 210 -91.94 -94.27 20.43
C ILE R 210 -91.45 -95.15 19.28
N CYS R 211 -91.95 -96.38 19.19
CA CYS R 211 -91.56 -97.38 18.16
C CYS R 211 -92.10 -97.00 16.79
N PHE R 212 -93.31 -96.43 16.71
CA PHE R 212 -93.96 -96.05 15.43
C PHE R 212 -93.45 -94.68 14.99
N ARG R 213 -93.14 -93.77 15.91
CA ARG R 213 -92.81 -92.35 15.59
C ARG R 213 -91.30 -92.10 15.75
N THR R 214 -90.79 -91.94 16.99
CA THR R 214 -89.37 -91.60 17.28
C THR R 214 -88.47 -92.57 16.50
N LEU R 215 -88.57 -93.86 16.80
CA LEU R 215 -88.01 -94.96 15.98
C LEU R 215 -89.05 -95.29 14.90
N LYS R 216 -88.64 -95.91 13.80
CA LYS R 216 -89.56 -96.37 12.72
C LYS R 216 -89.41 -97.88 12.56
N LEU R 217 -90.14 -98.61 13.40
CA LEU R 217 -90.24 -100.09 13.42
C LEU R 217 -91.54 -100.48 12.72
N THR R 218 -91.46 -101.41 11.75
CA THR R 218 -92.62 -101.94 10.99
C THR R 218 -93.44 -102.83 11.94
N THR R 219 -92.76 -103.70 12.69
CA THR R 219 -93.34 -104.70 13.62
C THR R 219 -92.72 -104.55 15.01
N PRO R 220 -93.11 -103.53 15.79
CA PRO R 220 -92.76 -103.49 17.20
C PRO R 220 -93.40 -104.66 17.95
N THR R 221 -92.56 -105.41 18.68
CA THR R 221 -92.95 -106.55 19.55
C THR R 221 -92.69 -106.17 21.01
N TYR R 222 -93.13 -107.01 21.95
CA TYR R 222 -92.87 -106.83 23.40
C TYR R 222 -91.36 -106.97 23.67
N GLY R 223 -90.63 -107.65 22.78
CA GLY R 223 -89.15 -107.63 22.75
C GLY R 223 -88.59 -106.23 22.63
N ASP R 224 -89.17 -105.40 21.76
CA ASP R 224 -88.65 -104.06 21.39
C ASP R 224 -89.23 -102.96 22.28
N LEU R 225 -90.39 -103.19 22.93
CA LEU R 225 -90.90 -102.26 23.97
C LEU R 225 -90.03 -102.38 25.22
N ASN R 226 -89.69 -103.61 25.61
CA ASN R 226 -88.92 -103.90 26.85
C ASN R 226 -87.50 -103.34 26.72
N HIS R 227 -86.89 -103.46 25.53
CA HIS R 227 -85.54 -102.93 25.22
C HIS R 227 -85.46 -101.45 25.63
N LEU R 228 -86.50 -100.66 25.32
CA LEU R 228 -86.58 -99.20 25.61
C LEU R 228 -86.65 -98.99 27.12
N VAL R 229 -87.53 -99.73 27.80
CA VAL R 229 -87.67 -99.70 29.28
C VAL R 229 -86.31 -100.03 29.90
N SER R 230 -85.63 -101.05 29.36
CA SER R 230 -84.30 -101.54 29.80
C SER R 230 -83.24 -100.44 29.65
N ALA R 231 -83.17 -99.82 28.47
CA ALA R 231 -82.22 -98.72 28.14
C ALA R 231 -82.35 -97.60 29.18
N ALA R 232 -83.58 -97.24 29.56
CA ALA R 232 -83.90 -96.20 30.57
C ALA R 232 -83.52 -96.68 31.97
N MET R 233 -83.78 -97.95 32.28
CA MET R 233 -83.48 -98.58 33.59
C MET R 233 -81.98 -98.49 33.90
N SER R 234 -81.11 -98.70 32.89
CA SER R 234 -79.63 -98.59 32.98
C SER R 234 -79.24 -97.15 33.37
N GLY R 235 -79.74 -96.18 32.62
CA GLY R 235 -79.48 -94.74 32.82
C GLY R 235 -79.76 -94.28 34.24
N VAL R 236 -80.91 -94.66 34.80
CA VAL R 236 -81.40 -94.21 36.15
C VAL R 236 -80.30 -94.50 37.17
N THR R 237 -79.56 -95.62 37.03
CA THR R 237 -78.50 -96.08 37.97
C THR R 237 -77.21 -96.41 37.22
N CYS R 238 -76.55 -95.40 36.65
CA CYS R 238 -75.22 -95.52 35.98
C CYS R 238 -74.13 -94.84 36.81
N CYS R 239 -74.44 -93.69 37.41
CA CYS R 239 -73.54 -92.89 38.28
C CYS R 239 -73.14 -93.66 39.53
N LEU R 240 -73.73 -94.85 39.75
CA LEU R 240 -73.24 -95.90 40.68
C LEU R 240 -72.15 -96.73 40.01
N ARG R 241 -72.43 -97.25 38.82
CA ARG R 241 -71.64 -98.32 38.16
C ARG R 241 -70.43 -97.74 37.44
N PHE R 242 -70.38 -96.43 37.20
CA PHE R 242 -69.31 -95.79 36.39
C PHE R 242 -68.89 -94.46 37.00
N PRO R 243 -67.69 -93.93 36.64
CA PRO R 243 -67.29 -92.58 37.06
C PRO R 243 -68.22 -91.49 36.48
N GLY R 244 -68.06 -90.26 36.96
CA GLY R 244 -68.78 -89.08 36.42
C GLY R 244 -68.01 -87.80 36.68
N GLN R 245 -68.24 -86.77 35.86
CA GLN R 245 -67.76 -85.37 36.08
C GLN R 245 -68.54 -84.77 37.27
N LEU R 246 -69.82 -85.15 37.41
CA LEU R 246 -70.69 -84.84 38.58
C LEU R 246 -71.50 -86.09 38.95
N ASN R 247 -71.22 -86.70 40.10
CA ASN R 247 -71.77 -88.03 40.47
C ASN R 247 -73.20 -87.85 40.97
N SER R 248 -73.94 -88.97 40.95
CA SER R 248 -75.33 -89.10 41.47
C SER R 248 -75.57 -90.56 41.86
N ASP R 249 -76.72 -90.84 42.47
CA ASP R 249 -77.22 -92.22 42.77
C ASP R 249 -78.71 -92.15 43.09
N LEU R 250 -79.33 -93.30 43.35
CA LEU R 250 -80.80 -93.46 43.51
C LEU R 250 -81.35 -92.47 44.56
N ARG R 251 -80.74 -92.44 45.75
CA ARG R 251 -81.20 -91.59 46.88
C ARG R 251 -81.11 -90.11 46.47
N LYS R 252 -79.99 -89.75 45.83
CA LYS R 252 -79.77 -88.38 45.30
C LYS R 252 -80.98 -88.05 44.44
N LEU R 253 -81.20 -88.82 43.37
CA LEU R 253 -82.38 -88.64 42.47
C LEU R 253 -83.62 -88.56 43.35
N ALA R 254 -83.73 -89.45 44.35
CA ALA R 254 -84.87 -89.50 45.28
C ALA R 254 -84.96 -88.20 46.09
N VAL R 255 -83.81 -87.64 46.50
CA VAL R 255 -83.76 -86.43 47.37
C VAL R 255 -84.21 -85.17 46.59
N ASN R 256 -83.98 -85.11 45.26
CA ASN R 256 -84.23 -83.91 44.42
C ASN R 256 -85.53 -84.04 43.61
N LEU R 257 -85.96 -85.26 43.27
CA LEU R 257 -87.17 -85.50 42.44
C LEU R 257 -88.45 -85.46 43.30
N ILE R 258 -88.35 -85.79 44.59
CA ILE R 258 -89.53 -85.91 45.50
C ILE R 258 -89.57 -84.67 46.38
N PRO R 259 -90.46 -83.70 46.12
CA PRO R 259 -90.64 -82.56 47.01
C PRO R 259 -91.38 -83.00 48.29
N PHE R 260 -92.55 -83.63 48.14
CA PHE R 260 -93.40 -84.15 49.26
C PHE R 260 -93.54 -85.66 49.08
N PRO R 261 -93.61 -86.44 50.18
CA PRO R 261 -93.47 -87.91 50.11
C PRO R 261 -94.37 -88.67 49.13
N ARG R 262 -95.62 -88.20 48.97
CA ARG R 262 -96.68 -88.90 48.20
C ARG R 262 -96.43 -88.76 46.70
N LEU R 263 -95.78 -87.66 46.27
CA LEU R 263 -95.58 -87.31 44.84
C LEU R 263 -94.28 -87.95 44.33
N HIS R 264 -94.25 -89.27 44.15
CA HIS R 264 -93.01 -89.98 43.77
C HIS R 264 -93.21 -90.79 42.49
N PHE R 265 -94.26 -90.50 41.74
CA PHE R 265 -94.51 -91.08 40.39
C PHE R 265 -93.76 -90.22 39.39
N PHE R 266 -93.01 -90.84 38.47
CA PHE R 266 -92.19 -90.12 37.47
C PHE R 266 -92.39 -90.75 36.10
N MET R 267 -92.16 -89.95 35.06
CA MET R 267 -92.07 -90.39 33.64
C MET R 267 -90.59 -90.58 33.32
N ILE R 268 -90.21 -91.77 32.89
CA ILE R 268 -88.83 -92.03 32.37
C ILE R 268 -88.84 -91.81 30.86
N GLY R 269 -87.64 -91.67 30.27
CA GLY R 269 -87.41 -91.43 28.83
C GLY R 269 -85.95 -91.66 28.47
N PHE R 270 -85.66 -91.83 27.18
CA PHE R 270 -84.31 -92.13 26.66
C PHE R 270 -84.08 -91.35 25.38
N ALA R 271 -83.15 -90.39 25.42
CA ALA R 271 -83.01 -89.27 24.46
C ALA R 271 -82.38 -89.68 23.13
N PRO R 272 -81.27 -90.44 23.08
CA PRO R 272 -80.54 -90.63 21.82
C PRO R 272 -81.20 -91.62 20.85
N LEU R 273 -82.43 -92.07 21.15
CA LEU R 273 -83.21 -93.02 20.30
C LEU R 273 -83.55 -92.37 18.97
N THR R 274 -83.04 -92.95 17.87
CA THR R 274 -83.27 -92.46 16.48
C THR R 274 -83.55 -93.65 15.56
N SER R 275 -84.67 -93.58 14.85
CA SER R 275 -84.95 -94.33 13.60
C SER R 275 -83.65 -94.47 12.82
N ARG R 276 -83.45 -95.61 12.18
CA ARG R 276 -82.14 -96.06 11.63
C ARG R 276 -81.79 -95.27 10.35
N GLY R 277 -82.77 -95.08 9.46
CA GLY R 277 -82.67 -94.18 8.30
C GLY R 277 -82.21 -92.80 8.74
N SER R 278 -82.93 -92.19 9.68
CA SER R 278 -82.77 -90.77 10.13
C SER R 278 -81.48 -90.56 10.94
N GLN R 279 -80.51 -91.49 10.89
CA GLN R 279 -79.26 -91.42 11.70
C GLN R 279 -78.23 -90.50 11.05
N GLN R 280 -77.81 -90.82 9.82
CA GLN R 280 -77.01 -89.95 8.94
C GLN R 280 -77.23 -88.50 9.36
N TYR R 281 -78.47 -88.06 9.23
CA TYR R 281 -78.90 -86.64 9.12
C TYR R 281 -78.83 -85.98 10.50
N ARG R 282 -79.34 -86.66 11.52
CA ARG R 282 -79.35 -86.20 12.93
C ARG R 282 -77.90 -86.09 13.44
N ALA R 283 -77.53 -84.89 13.91
CA ALA R 283 -76.31 -84.61 14.67
C ALA R 283 -76.53 -85.09 16.12
N LEU R 284 -75.47 -85.39 16.85
CA LEU R 284 -75.54 -86.03 18.19
C LEU R 284 -74.87 -85.10 19.20
N THR R 285 -75.52 -83.98 19.47
CA THR R 285 -75.01 -82.86 20.29
C THR R 285 -75.92 -82.71 21.51
N VAL R 286 -75.34 -82.26 22.63
CA VAL R 286 -76.07 -82.03 23.92
C VAL R 286 -77.38 -81.31 23.61
N PRO R 287 -77.38 -80.17 22.89
CA PRO R 287 -78.63 -79.50 22.55
C PRO R 287 -79.64 -80.47 21.92
N GLU R 288 -79.22 -81.18 20.87
CA GLU R 288 -80.11 -82.06 20.05
C GLU R 288 -80.82 -83.04 20.99
N LEU R 289 -80.06 -83.68 21.88
CA LEU R 289 -80.61 -84.73 22.78
C LEU R 289 -81.56 -84.07 23.80
N THR R 290 -81.16 -82.93 24.36
CA THR R 290 -81.98 -82.16 25.34
C THR R 290 -83.37 -81.86 24.75
N GLN R 291 -83.42 -81.48 23.47
CA GLN R 291 -84.70 -81.29 22.75
C GLN R 291 -85.55 -82.54 22.92
N GLN R 292 -85.03 -83.68 22.46
CA GLN R 292 -85.81 -84.94 22.41
C GLN R 292 -86.30 -85.31 23.80
N MET R 293 -85.46 -85.18 24.84
CA MET R 293 -85.74 -85.74 26.20
C MET R 293 -86.94 -85.00 26.83
N PHE R 294 -87.14 -83.73 26.48
CA PHE R 294 -88.27 -82.92 26.99
C PHE R 294 -89.50 -83.09 26.09
N ASP R 295 -89.30 -83.43 24.80
CA ASP R 295 -90.41 -83.72 23.85
C ASP R 295 -91.35 -84.75 24.49
N ALA R 296 -92.61 -84.35 24.72
CA ALA R 296 -93.67 -85.17 25.35
C ALA R 296 -93.75 -86.55 24.70
N LYS R 297 -93.61 -86.59 23.37
CA LYS R 297 -93.52 -87.82 22.55
C LYS R 297 -92.65 -88.84 23.29
N ASN R 298 -91.39 -88.46 23.55
CA ASN R 298 -90.29 -89.33 24.05
C ASN R 298 -90.71 -90.01 25.37
N MET R 299 -91.57 -89.38 26.17
CA MET R 299 -91.95 -89.89 27.51
C MET R 299 -92.70 -91.22 27.37
N MET R 300 -92.29 -92.22 28.18
CA MET R 300 -92.80 -93.62 28.15
C MET R 300 -94.08 -93.73 28.98
N CYS R 301 -94.68 -92.60 29.38
CA CYS R 301 -96.08 -92.50 29.88
C CYS R 301 -96.98 -91.92 28.79
N ALA R 302 -98.28 -92.16 28.92
CA ALA R 302 -99.34 -91.65 28.02
C ALA R 302 -99.43 -90.12 28.14
N ALA R 303 -99.51 -89.61 29.37
CA ALA R 303 -99.78 -88.19 29.71
C ALA R 303 -98.66 -87.30 29.19
N ASP R 304 -99.02 -86.32 28.34
CA ASP R 304 -98.11 -85.26 27.83
C ASP R 304 -97.77 -84.32 28.99
N PRO R 305 -96.48 -84.06 29.29
CA PRO R 305 -96.10 -83.05 30.29
C PRO R 305 -96.77 -81.67 30.08
N ARG R 306 -97.15 -81.35 28.84
CA ARG R 306 -97.82 -80.08 28.42
C ARG R 306 -99.05 -79.79 29.28
N HIS R 307 -99.77 -80.82 29.73
CA HIS R 307 -101.01 -80.68 30.55
C HIS R 307 -100.65 -80.41 32.01
N GLY R 308 -99.61 -81.07 32.53
CA GLY R 308 -99.07 -80.80 33.88
C GLY R 308 -98.10 -79.64 33.86
N ARG R 309 -97.43 -79.40 35.00
CA ARG R 309 -96.24 -78.52 35.12
C ARG R 309 -95.22 -79.24 36.02
N TYR R 310 -94.09 -79.65 35.44
CA TYR R 310 -92.96 -80.35 36.12
C TYR R 310 -92.68 -79.70 37.48
N LEU R 311 -93.00 -80.43 38.56
CA LEU R 311 -92.59 -80.08 39.96
C LEU R 311 -91.06 -80.10 40.03
N THR R 312 -90.44 -80.98 39.25
CA THR R 312 -88.97 -81.06 39.02
C THR R 312 -88.70 -81.95 37.81
N ALA R 313 -87.43 -82.18 37.51
CA ALA R 313 -86.94 -83.12 36.49
C ALA R 313 -85.51 -83.53 36.87
N SER R 314 -85.00 -84.59 36.23
CA SER R 314 -83.59 -85.05 36.36
C SER R 314 -83.10 -85.59 35.02
N ALA R 315 -81.88 -85.19 34.61
CA ALA R 315 -81.18 -85.70 33.42
C ALA R 315 -79.90 -86.40 33.85
N LEU R 316 -79.62 -87.57 33.24
CA LEU R 316 -78.43 -88.39 33.53
C LEU R 316 -77.68 -88.63 32.22
N PHE R 317 -77.06 -87.57 31.71
CA PHE R 317 -76.29 -87.54 30.44
C PHE R 317 -75.17 -88.58 30.52
N ARG R 318 -74.75 -89.06 29.36
CA ARG R 318 -73.75 -90.14 29.21
C ARG R 318 -72.74 -89.74 28.14
N GLY R 319 -71.55 -90.34 28.17
CA GLY R 319 -70.44 -90.02 27.26
C GLY R 319 -69.66 -88.81 27.75
N ARG R 320 -68.80 -88.27 26.89
CA ARG R 320 -67.89 -87.13 27.19
C ARG R 320 -68.52 -85.85 26.64
N MET R 321 -69.09 -85.03 27.52
CA MET R 321 -69.73 -83.72 27.17
C MET R 321 -69.26 -82.67 28.17
N SER R 322 -69.07 -81.44 27.67
CA SER R 322 -68.74 -80.24 28.48
C SER R 322 -69.92 -79.92 29.41
N THR R 323 -69.73 -80.14 30.71
CA THR R 323 -70.74 -79.86 31.77
C THR R 323 -71.35 -78.49 31.52
N LYS R 324 -70.51 -77.47 31.34
CA LYS R 324 -70.95 -76.09 31.02
C LYS R 324 -72.05 -76.20 29.95
N GLU R 325 -71.75 -76.86 28.83
CA GLU R 325 -72.71 -76.94 27.69
C GLU R 325 -73.99 -77.61 28.18
N VAL R 326 -73.88 -78.68 28.97
CA VAL R 326 -75.07 -79.34 29.57
C VAL R 326 -75.86 -78.28 30.34
N ASP R 327 -75.19 -77.60 31.27
CA ASP R 327 -75.83 -76.62 32.20
C ASP R 327 -76.54 -75.51 31.41
N GLU R 328 -75.91 -75.01 30.31
CA GLU R 328 -76.47 -73.98 29.39
C GLU R 328 -77.81 -74.46 28.83
N GLN R 329 -77.88 -75.73 28.41
CA GLN R 329 -79.10 -76.34 27.83
C GLN R 329 -80.20 -76.40 28.90
N MET R 330 -79.89 -76.94 30.08
CA MET R 330 -80.85 -77.14 31.20
C MET R 330 -81.45 -75.80 31.60
N LEU R 331 -80.61 -74.77 31.67
CA LEU R 331 -81.05 -73.36 31.89
C LEU R 331 -81.98 -72.95 30.75
N ASN R 332 -81.51 -73.06 29.50
CA ASN R 332 -82.23 -72.60 28.28
C ASN R 332 -83.64 -73.21 28.26
N VAL R 333 -83.75 -74.50 28.56
CA VAL R 333 -85.04 -75.27 28.62
C VAL R 333 -85.98 -74.58 29.62
N GLN R 334 -85.51 -74.36 30.84
CA GLN R 334 -86.33 -73.87 31.98
C GLN R 334 -86.88 -72.45 31.70
N ASN R 335 -86.15 -71.65 30.93
CA ASN R 335 -86.59 -70.31 30.45
C ASN R 335 -87.75 -70.50 29.46
N LYS R 336 -87.52 -71.30 28.41
CA LYS R 336 -88.45 -71.60 27.29
C LYS R 336 -89.82 -72.03 27.81
N ASN R 337 -89.85 -73.01 28.73
CA ASN R 337 -91.05 -73.73 29.21
C ASN R 337 -91.57 -73.05 30.49
N SER R 338 -91.56 -71.72 30.53
CA SER R 338 -91.92 -70.86 31.69
C SER R 338 -93.12 -71.46 32.43
N SER R 339 -94.16 -71.85 31.67
CA SER R 339 -95.44 -72.42 32.18
C SER R 339 -95.23 -73.83 32.73
N TYR R 340 -94.57 -74.70 31.97
CA TYR R 340 -94.46 -76.15 32.26
C TYR R 340 -93.60 -76.41 33.49
N PHE R 341 -92.95 -75.37 34.04
CA PHE R 341 -92.24 -75.45 35.33
C PHE R 341 -93.07 -74.73 36.41
N VAL R 342 -93.00 -75.26 37.63
CA VAL R 342 -93.64 -74.72 38.85
C VAL R 342 -92.99 -73.37 39.22
N GLU R 343 -93.79 -72.39 39.61
CA GLU R 343 -93.34 -71.01 39.95
C GLU R 343 -92.40 -71.09 41.15
N TRP R 344 -92.87 -71.68 42.26
CA TRP R 344 -92.03 -71.95 43.47
C TRP R 344 -91.08 -73.11 43.14
N ILE R 345 -89.99 -73.23 43.92
CA ILE R 345 -88.86 -74.17 43.66
C ILE R 345 -88.30 -73.87 42.28
N PRO R 346 -87.46 -72.81 42.15
CA PRO R 346 -86.77 -72.52 40.90
C PRO R 346 -85.51 -73.37 40.71
N ASN R 347 -84.85 -73.21 39.56
CA ASN R 347 -83.82 -74.14 39.04
C ASN R 347 -84.33 -75.56 39.27
N ASN R 348 -85.44 -75.89 38.61
CA ASN R 348 -86.23 -77.14 38.75
C ASN R 348 -85.43 -78.36 38.25
N ILE R 349 -84.68 -78.21 37.15
CA ILE R 349 -83.97 -79.35 36.48
C ILE R 349 -82.64 -79.60 37.20
N LYS R 350 -82.51 -80.81 37.76
CA LYS R 350 -81.23 -81.39 38.22
C LYS R 350 -80.54 -82.05 37.03
N SER R 351 -79.21 -82.00 36.99
CA SER R 351 -78.37 -82.75 36.03
C SER R 351 -77.49 -83.74 36.80
N SER R 352 -77.03 -84.76 36.09
CA SER R 352 -75.89 -85.64 36.47
C SER R 352 -75.14 -86.01 35.19
N ILE R 353 -73.81 -86.06 35.27
CA ILE R 353 -72.90 -86.44 34.15
C ILE R 353 -72.22 -87.76 34.51
N CYS R 354 -72.34 -88.78 33.68
CA CYS R 354 -71.44 -89.96 33.69
C CYS R 354 -70.48 -89.84 32.51
N ASP R 355 -69.26 -90.31 32.69
CA ASP R 355 -68.21 -90.33 31.65
C ASP R 355 -68.54 -91.45 30.65
N ILE R 356 -68.87 -92.65 31.13
CA ILE R 356 -68.99 -93.87 30.27
C ILE R 356 -70.34 -93.84 29.55
N PRO R 357 -70.35 -93.79 28.19
CA PRO R 357 -71.60 -93.81 27.43
C PRO R 357 -72.20 -95.22 27.37
N PRO R 358 -73.38 -95.41 26.73
CA PRO R 358 -73.90 -96.76 26.44
C PRO R 358 -73.29 -97.30 25.14
N LYS R 359 -73.16 -98.62 25.04
CA LYS R 359 -72.39 -99.31 23.97
C LYS R 359 -72.89 -98.86 22.58
N GLY R 360 -71.95 -98.57 21.67
CA GLY R 360 -72.21 -98.18 20.27
C GLY R 360 -72.53 -96.70 20.10
N LEU R 361 -72.69 -95.95 21.21
CA LEU R 361 -73.14 -94.53 21.22
C LEU R 361 -72.05 -93.64 21.83
N LYS R 362 -71.93 -92.42 21.32
CA LYS R 362 -70.94 -91.41 21.79
C LYS R 362 -71.55 -90.72 23.02
N MET R 363 -72.80 -90.26 22.93
CA MET R 363 -73.55 -89.58 24.02
C MET R 363 -74.91 -90.24 24.21
N ALA R 364 -75.59 -89.94 25.32
CA ALA R 364 -76.94 -90.47 25.68
C ALA R 364 -77.47 -89.83 26.97
N VAL R 365 -78.80 -89.68 27.06
CA VAL R 365 -79.54 -89.02 28.18
C VAL R 365 -80.75 -89.87 28.59
N THR R 366 -80.85 -90.16 29.89
CA THR R 366 -82.08 -90.67 30.52
C THR R 366 -82.72 -89.53 31.27
N PHE R 367 -84.04 -89.47 31.21
CA PHE R 367 -84.87 -88.39 31.80
C PHE R 367 -85.84 -89.01 32.81
N VAL R 368 -85.92 -88.40 34.00
CA VAL R 368 -86.89 -88.75 35.07
C VAL R 368 -87.60 -87.44 35.43
N GLY R 369 -88.91 -87.37 35.26
CA GLY R 369 -89.70 -86.15 35.51
C GLY R 369 -90.85 -86.40 36.47
N ASN R 370 -90.84 -85.71 37.63
CA ASN R 370 -92.05 -85.54 38.48
C ASN R 370 -92.82 -84.33 37.94
N SER R 371 -93.97 -84.57 37.31
CA SER R 371 -94.93 -83.54 36.87
C SER R 371 -96.32 -83.88 37.43
N THR R 372 -97.28 -82.94 37.29
CA THR R 372 -98.70 -83.09 37.69
C THR R 372 -99.52 -83.59 36.48
N ALA R 373 -98.84 -83.82 35.34
CA ALA R 373 -99.38 -84.48 34.12
C ALA R 373 -99.64 -85.96 34.40
N ILE R 374 -98.87 -86.56 35.32
CA ILE R 374 -98.93 -88.01 35.66
C ILE R 374 -100.30 -88.33 36.28
N GLN R 375 -100.91 -87.37 36.97
CA GLN R 375 -102.31 -87.47 37.46
C GLN R 375 -103.26 -87.86 36.32
N GLU R 376 -103.08 -87.30 35.12
CA GLU R 376 -103.98 -87.45 33.94
C GLU R 376 -104.08 -88.92 33.52
N MET R 377 -103.00 -89.71 33.68
CA MET R 377 -102.97 -91.17 33.38
C MET R 377 -103.65 -91.94 34.52
N PHE R 378 -103.65 -91.41 35.76
CA PHE R 378 -104.34 -91.98 36.95
C PHE R 378 -105.84 -91.65 36.96
N LYS R 379 -106.25 -90.60 36.22
CA LYS R 379 -107.68 -90.25 36.02
C LYS R 379 -108.33 -91.29 35.12
N ARG R 380 -107.64 -91.70 34.05
CA ARG R 380 -108.12 -92.73 33.09
C ARG R 380 -108.47 -94.01 33.87
N VAL R 381 -107.59 -94.46 34.78
CA VAL R 381 -107.74 -95.71 35.59
C VAL R 381 -108.90 -95.52 36.57
N ALA R 382 -109.00 -94.33 37.18
CA ALA R 382 -110.09 -93.95 38.12
C ALA R 382 -111.43 -94.02 37.39
N GLU R 383 -111.57 -93.26 36.29
CA GLU R 383 -112.79 -93.18 35.44
C GLU R 383 -113.25 -94.60 35.07
N GLN R 384 -112.33 -95.41 34.54
CA GLN R 384 -112.55 -96.83 34.14
C GLN R 384 -113.02 -97.64 35.36
N PHE R 385 -112.31 -97.51 36.49
CA PHE R 385 -112.56 -98.26 37.74
C PHE R 385 -113.95 -97.93 38.29
N THR R 386 -114.28 -96.65 38.36
CA THR R 386 -115.57 -96.14 38.91
C THR R 386 -116.73 -96.79 38.14
N ALA R 387 -116.67 -96.77 36.79
CA ALA R 387 -117.70 -97.30 35.86
C ALA R 387 -118.03 -98.77 36.16
N MET R 388 -117.02 -99.59 36.48
CA MET R 388 -117.19 -101.03 36.82
C MET R 388 -117.61 -101.21 38.29
N PHE R 389 -117.25 -100.27 39.18
CA PHE R 389 -117.55 -100.31 40.65
C PHE R 389 -118.90 -99.65 40.97
N ARG R 390 -119.38 -98.76 40.10
CA ARG R 390 -120.79 -98.28 40.10
C ARG R 390 -121.74 -99.48 40.15
N ARG R 391 -121.48 -100.52 39.35
CA ARG R 391 -122.38 -101.69 39.12
C ARG R 391 -121.97 -102.88 39.99
N LYS R 392 -120.69 -102.96 40.40
CA LYS R 392 -120.02 -104.04 41.20
C LYS R 392 -119.67 -105.23 40.28
N ALA R 393 -119.35 -104.93 39.01
CA ALA R 393 -119.01 -105.90 37.95
C ALA R 393 -117.67 -106.55 38.30
N PHE R 394 -117.52 -107.84 37.98
CA PHE R 394 -116.29 -108.63 38.22
C PHE R 394 -115.77 -108.39 39.65
N LEU R 395 -116.66 -108.18 40.62
CA LEU R 395 -116.24 -107.95 42.03
C LEU R 395 -116.25 -109.26 42.81
N HIS R 396 -117.06 -110.23 42.36
CA HIS R 396 -117.24 -111.59 42.95
C HIS R 396 -115.95 -112.42 42.93
N TRP R 397 -115.11 -112.30 41.90
CA TRP R 397 -113.77 -112.96 41.83
C TRP R 397 -112.92 -112.48 43.02
N TYR R 398 -112.77 -111.15 43.14
CA TYR R 398 -111.95 -110.46 44.18
C TYR R 398 -112.56 -110.70 45.57
N THR R 399 -113.88 -110.55 45.69
CA THR R 399 -114.66 -110.82 46.94
C THR R 399 -114.50 -112.29 47.35
N GLY R 400 -114.35 -113.19 46.37
CA GLY R 400 -114.20 -114.65 46.56
C GLY R 400 -112.88 -115.04 47.20
N GLU R 401 -111.79 -114.31 46.93
CA GLU R 401 -110.44 -114.56 47.51
C GLU R 401 -110.37 -114.05 48.97
N GLY R 402 -111.37 -113.27 49.41
CA GLY R 402 -111.54 -112.84 50.82
C GLY R 402 -111.44 -111.33 51.01
N MET R 403 -111.11 -110.58 49.96
CA MET R 403 -111.07 -109.09 49.95
C MET R 403 -112.49 -108.55 50.12
N ASP R 404 -112.63 -107.41 50.79
CA ASP R 404 -113.94 -106.79 51.14
C ASP R 404 -114.15 -105.55 50.27
N GLU R 405 -115.40 -105.08 50.16
CA GLU R 405 -115.80 -103.86 49.41
C GLU R 405 -115.15 -102.62 50.04
N MET R 406 -114.85 -102.65 51.34
CA MET R 406 -114.16 -101.55 52.09
C MET R 406 -112.79 -101.27 51.45
N GLU R 407 -112.08 -102.32 51.00
CA GLU R 407 -110.73 -102.25 50.38
C GLU R 407 -110.79 -101.57 49.01
N PHE R 408 -111.86 -101.75 48.24
CA PHE R 408 -112.06 -101.14 46.90
C PHE R 408 -112.39 -99.65 47.02
N THR R 409 -113.06 -99.23 48.10
CA THR R 409 -113.53 -97.83 48.36
C THR R 409 -112.39 -96.98 48.94
N GLU R 410 -111.46 -97.60 49.68
CA GLU R 410 -110.25 -96.94 50.23
C GLU R 410 -109.21 -96.74 49.11
N ALA R 411 -109.11 -97.71 48.18
CA ALA R 411 -108.16 -97.71 47.03
C ALA R 411 -108.50 -96.59 46.05
N GLU R 412 -109.80 -96.33 45.82
CA GLU R 412 -110.31 -95.21 44.98
C GLU R 412 -110.13 -93.88 45.73
N SER R 413 -110.45 -93.88 47.03
CA SER R 413 -110.26 -92.74 47.97
C SER R 413 -108.81 -92.25 47.90
N ASN R 414 -107.85 -93.16 48.12
CA ASN R 414 -106.39 -92.88 48.19
C ASN R 414 -105.89 -92.38 46.83
N MET R 415 -106.32 -92.99 45.71
CA MET R 415 -105.90 -92.58 44.35
C MET R 415 -106.50 -91.22 44.00
N ASN R 416 -107.69 -90.89 44.53
CA ASN R 416 -108.36 -89.57 44.27
C ASN R 416 -107.65 -88.47 45.08
N ASP R 417 -107.06 -88.80 46.23
CA ASP R 417 -106.27 -87.85 47.07
C ASP R 417 -104.97 -87.49 46.35
N LEU R 418 -104.33 -88.47 45.70
CA LEU R 418 -103.08 -88.31 44.88
C LEU R 418 -103.35 -87.32 43.75
N VAL R 419 -104.40 -87.57 42.95
CA VAL R 419 -104.79 -86.75 41.76
C VAL R 419 -105.07 -85.31 42.22
N SER R 420 -105.77 -85.16 43.36
CA SER R 420 -106.02 -83.89 44.06
C SER R 420 -104.69 -83.19 44.36
N GLU R 421 -103.77 -83.93 45.02
CA GLU R 421 -102.49 -83.39 45.51
C GLU R 421 -101.64 -82.88 44.34
N TYR R 422 -101.57 -83.61 43.22
CA TYR R 422 -100.86 -83.16 41.98
C TYR R 422 -101.57 -81.91 41.43
N GLN R 423 -102.90 -81.88 41.45
CA GLN R 423 -103.70 -80.74 40.92
C GLN R 423 -103.51 -79.50 41.82
N GLN R 424 -103.35 -79.69 43.12
CA GLN R 424 -102.98 -78.62 44.09
C GLN R 424 -101.70 -77.94 43.61
N TYR R 425 -100.61 -78.70 43.55
CA TYR R 425 -99.23 -78.22 43.31
C TYR R 425 -99.09 -77.69 41.86
N GLN R 426 -99.96 -78.14 40.95
CA GLN R 426 -100.06 -77.57 39.56
C GLN R 426 -100.68 -76.17 39.65
N ASP R 427 -101.85 -76.07 40.29
CA ASP R 427 -102.66 -74.84 40.37
C ASP R 427 -102.01 -73.85 41.34
N ALA R 428 -101.26 -74.34 42.33
CA ALA R 428 -100.57 -73.54 43.38
C ALA R 428 -99.58 -72.56 42.73
N THR R 429 -99.58 -71.31 43.19
CA THR R 429 -98.70 -70.20 42.72
C THR R 429 -97.94 -69.62 43.91
N ALA R 430 -96.61 -69.74 43.93
CA ALA R 430 -95.72 -69.25 45.01
C ALA R 430 -94.33 -68.94 44.45
N MET S 1 13.53 -20.48 83.33
CA MET S 1 14.22 -19.73 82.23
C MET S 1 13.23 -19.52 81.07
N ARG S 2 12.31 -18.58 81.25
CA ARG S 2 11.34 -18.10 80.24
C ARG S 2 10.33 -19.21 79.91
N GLU S 3 10.01 -20.07 80.88
CA GLU S 3 9.21 -21.31 80.66
C GLU S 3 7.72 -20.97 80.57
N VAL S 4 7.10 -21.42 79.49
CA VAL S 4 5.65 -21.27 79.20
C VAL S 4 5.10 -22.70 79.05
N ILE S 5 4.02 -23.03 79.75
CA ILE S 5 3.23 -24.28 79.55
C ILE S 5 2.09 -23.95 78.58
N SER S 6 1.88 -24.81 77.57
CA SER S 6 0.86 -24.66 76.49
C SER S 6 -0.26 -25.71 76.68
N ILE S 7 -1.45 -25.29 77.12
CA ILE S 7 -2.63 -26.19 77.37
C ILE S 7 -3.59 -26.08 76.18
N HIS S 8 -3.56 -27.06 75.27
CA HIS S 8 -4.40 -27.10 74.04
C HIS S 8 -5.63 -27.98 74.27
N VAL S 9 -6.81 -27.36 74.43
CA VAL S 9 -8.08 -28.04 74.83
C VAL S 9 -9.05 -28.01 73.64
N GLY S 10 -9.75 -29.12 73.42
CA GLY S 10 -10.75 -29.22 72.36
C GLY S 10 -10.09 -29.22 71.00
N GLN S 11 -10.80 -29.75 69.99
CA GLN S 11 -10.32 -29.97 68.60
C GLN S 11 -9.58 -28.72 68.10
N GLY S 12 -10.23 -27.56 68.19
CA GLY S 12 -9.65 -26.25 67.82
C GLY S 12 -8.36 -25.98 68.57
N GLY S 13 -8.41 -26.04 69.90
CA GLY S 13 -7.22 -25.97 70.76
C GLY S 13 -6.10 -26.82 70.20
N ILE S 14 -6.33 -28.13 70.02
CA ILE S 14 -5.31 -29.13 69.57
C ILE S 14 -4.88 -28.79 68.14
N GLN S 15 -5.83 -28.65 67.21
CA GLN S 15 -5.52 -28.47 65.76
C GLN S 15 -4.81 -27.13 65.55
N VAL S 16 -5.10 -26.11 66.37
CA VAL S 16 -4.30 -24.84 66.45
C VAL S 16 -2.91 -25.18 66.99
N GLY S 17 -2.84 -26.04 68.02
CA GLY S 17 -1.60 -26.54 68.63
C GLY S 17 -0.66 -27.16 67.60
N ASN S 18 -1.12 -28.17 66.86
CA ASN S 18 -0.32 -28.89 65.82
C ASN S 18 0.44 -27.88 64.97
N ALA S 19 -0.27 -26.86 64.45
CA ALA S 19 0.29 -25.76 63.62
C ALA S 19 1.35 -24.98 64.42
N CYS S 20 1.05 -24.62 65.68
CA CYS S 20 1.98 -23.89 66.59
C CYS S 20 3.28 -24.67 66.76
N TRP S 21 3.21 -26.00 66.86
CA TRP S 21 4.35 -26.91 67.19
C TRP S 21 5.00 -27.49 65.92
N GLU S 22 4.56 -27.07 64.73
CA GLU S 22 5.33 -27.19 63.46
C GLU S 22 6.29 -26.01 63.35
N LEU S 23 5.77 -24.81 63.61
CA LEU S 23 6.45 -23.49 63.56
C LEU S 23 7.60 -23.49 64.59
N PHE S 24 7.27 -23.64 65.89
CA PHE S 24 8.25 -23.67 67.01
C PHE S 24 9.37 -24.68 66.71
N CYS S 25 9.00 -25.85 66.17
CA CYS S 25 9.92 -26.94 65.77
C CYS S 25 10.84 -26.47 64.64
N LEU S 26 10.27 -25.82 63.62
CA LEU S 26 11.06 -25.24 62.50
C LEU S 26 11.99 -24.14 63.05
N GLU S 27 11.43 -23.21 63.85
CA GLU S 27 12.11 -22.00 64.40
C GLU S 27 13.43 -22.39 65.11
N HIS S 28 13.31 -23.17 66.19
CA HIS S 28 14.44 -23.58 67.07
C HIS S 28 15.36 -24.54 66.29
N GLY S 29 14.79 -25.28 65.32
CA GLY S 29 15.49 -26.25 64.45
C GLY S 29 15.25 -27.69 64.87
N ILE S 30 14.25 -27.95 65.74
CA ILE S 30 13.88 -29.32 66.23
C ILE S 30 13.22 -30.09 65.08
N GLN S 31 13.77 -31.26 64.75
CA GLN S 31 13.22 -32.20 63.73
C GLN S 31 12.08 -32.99 64.37
N PRO S 32 11.28 -33.77 63.59
CA PRO S 32 10.14 -34.50 64.16
C PRO S 32 10.45 -35.53 65.27
N ASP S 33 11.67 -36.09 65.30
CA ASP S 33 12.11 -37.11 66.30
C ASP S 33 12.32 -36.46 67.68
N GLY S 34 12.53 -35.14 67.76
CA GLY S 34 12.69 -34.38 69.01
C GLY S 34 14.15 -34.09 69.35
N GLN S 35 15.10 -34.43 68.46
CA GLN S 35 16.56 -34.16 68.58
C GLN S 35 16.96 -33.07 67.58
N MET S 36 17.45 -31.92 68.06
CA MET S 36 18.03 -30.87 67.18
C MET S 36 19.29 -31.44 66.55
N PRO S 37 19.57 -31.20 65.24
CA PRO S 37 20.89 -31.52 64.67
C PRO S 37 21.93 -30.48 65.14
N SER S 38 22.99 -30.92 65.82
CA SER S 38 24.05 -30.06 66.42
C SER S 38 25.00 -29.56 65.31
N ASP S 39 24.61 -28.48 64.62
CA ASP S 39 25.36 -27.85 63.48
C ASP S 39 25.93 -26.50 63.92
N LYS S 40 26.78 -25.90 63.05
CA LYS S 40 27.55 -24.63 63.25
C LYS S 40 28.72 -24.83 64.24
N THR S 41 28.95 -26.07 64.72
CA THR S 41 30.02 -26.49 65.68
C THR S 41 29.96 -25.70 67.00
N ILE S 42 28.86 -25.00 67.27
CA ILE S 42 28.57 -24.21 68.52
C ILE S 42 27.06 -24.30 68.77
N GLY S 43 26.64 -24.36 70.03
CA GLY S 43 25.22 -24.26 70.43
C GLY S 43 24.70 -22.84 70.23
N GLY S 44 24.45 -22.44 68.99
CA GLY S 44 24.05 -21.07 68.59
C GLY S 44 22.61 -20.78 68.95
N GLY S 45 21.70 -21.72 68.69
CA GLY S 45 20.29 -21.69 69.13
C GLY S 45 20.06 -22.54 70.37
N ASP S 46 21.08 -22.65 71.23
CA ASP S 46 21.02 -23.31 72.57
C ASP S 46 20.26 -22.38 73.53
N ASP S 47 19.36 -22.95 74.35
CA ASP S 47 18.55 -22.25 75.39
C ASP S 47 17.49 -21.34 74.75
N ALA S 48 17.31 -21.37 73.42
CA ALA S 48 16.24 -20.64 72.69
C ALA S 48 14.91 -21.39 72.84
N PHE S 49 14.99 -22.72 73.00
CA PHE S 49 13.85 -23.68 73.03
C PHE S 49 13.29 -23.83 74.46
N ASN S 50 14.13 -23.62 75.49
CA ASN S 50 13.80 -23.86 76.92
C ASN S 50 12.49 -23.17 77.29
N THR S 51 12.13 -22.07 76.61
CA THR S 51 10.78 -21.47 76.64
C THR S 51 9.73 -22.58 76.51
N PHE S 52 9.74 -23.28 75.37
CA PHE S 52 8.63 -24.16 74.92
C PHE S 52 8.99 -25.65 75.06
N PHE S 53 10.25 -26.05 74.79
CA PHE S 53 10.72 -27.46 74.83
C PHE S 53 11.60 -27.69 76.07
N SER S 54 11.52 -28.89 76.65
CA SER S 54 12.33 -29.37 77.79
C SER S 54 13.36 -30.40 77.29
N GLU S 55 14.65 -30.14 77.51
CA GLU S 55 15.78 -31.08 77.26
C GLU S 55 15.69 -32.21 78.30
N THR S 56 15.52 -33.47 77.86
CA THR S 56 15.40 -34.67 78.72
C THR S 56 16.77 -35.07 79.28
N GLY S 57 17.87 -34.64 78.63
CA GLY S 57 19.27 -34.92 79.02
C GLY S 57 19.92 -35.98 78.13
N ALA S 58 19.19 -36.46 77.10
CA ALA S 58 19.63 -37.49 76.13
C ALA S 58 19.62 -36.94 74.69
N GLY S 59 19.52 -35.62 74.53
CA GLY S 59 19.51 -34.93 73.22
C GLY S 59 18.12 -34.76 72.65
N LYS S 60 17.10 -35.44 73.21
CA LYS S 60 15.67 -35.31 72.77
C LYS S 60 15.05 -34.10 73.46
N HIS S 61 14.36 -33.26 72.70
CA HIS S 61 13.59 -32.08 73.18
C HIS S 61 12.10 -32.39 73.08
N VAL S 62 11.44 -32.46 74.25
CA VAL S 62 9.98 -32.72 74.41
C VAL S 62 9.30 -31.37 74.55
N PRO S 63 8.20 -31.11 73.81
CA PRO S 63 7.37 -29.92 74.04
C PRO S 63 6.76 -29.84 75.44
N ARG S 64 6.82 -28.65 76.08
CA ARG S 64 6.04 -28.31 77.30
C ARG S 64 4.63 -27.94 76.84
N ALA S 65 3.76 -28.95 76.66
CA ALA S 65 2.38 -28.78 76.14
C ALA S 65 1.51 -30.01 76.41
N VAL S 66 0.41 -29.83 77.16
CA VAL S 66 -0.66 -30.84 77.43
C VAL S 66 -1.78 -30.66 76.40
N PHE S 67 -1.96 -31.64 75.51
CA PHE S 67 -3.07 -31.73 74.53
C PHE S 67 -4.23 -32.52 75.16
N LEU S 68 -5.36 -31.86 75.42
CA LEU S 68 -6.53 -32.43 76.14
C LEU S 68 -7.76 -32.43 75.23
N ASP S 69 -8.45 -33.56 75.15
CA ASP S 69 -9.72 -33.72 74.37
C ASP S 69 -10.54 -34.86 74.97
N LEU S 70 -11.82 -34.60 75.26
CA LEU S 70 -12.82 -35.61 75.73
C LEU S 70 -13.11 -36.60 74.60
N GLU S 71 -12.81 -36.20 73.36
CA GLU S 71 -12.91 -37.00 72.11
C GLU S 71 -11.54 -37.57 71.74
N PRO S 72 -11.44 -38.87 71.36
CA PRO S 72 -10.14 -39.47 71.01
C PRO S 72 -9.58 -39.15 69.62
N THR S 73 -10.43 -38.74 68.67
CA THR S 73 -10.11 -38.68 67.21
C THR S 73 -8.99 -37.67 66.94
N VAL S 74 -9.12 -36.44 67.47
CA VAL S 74 -8.16 -35.33 67.17
C VAL S 74 -6.81 -35.73 67.77
N ILE S 75 -6.78 -36.17 69.04
CA ILE S 75 -5.51 -36.56 69.72
C ILE S 75 -4.92 -37.77 69.01
N ASP S 76 -5.76 -38.68 68.47
CA ASP S 76 -5.31 -39.87 67.71
C ASP S 76 -4.58 -39.45 66.44
N GLU S 77 -5.06 -38.40 65.76
CA GLU S 77 -4.44 -37.84 64.53
C GLU S 77 -3.01 -37.38 64.84
N VAL S 78 -2.77 -36.80 66.03
CA VAL S 78 -1.42 -36.34 66.48
C VAL S 78 -0.54 -37.58 66.68
N ARG S 79 -1.05 -38.58 67.42
CA ARG S 79 -0.34 -39.85 67.75
C ARG S 79 0.01 -40.60 66.46
N THR S 80 -0.84 -40.50 65.43
CA THR S 80 -0.60 -41.06 64.07
C THR S 80 -0.27 -39.89 63.13
N GLY S 81 0.79 -39.13 63.47
CA GLY S 81 1.26 -37.96 62.70
C GLY S 81 2.74 -38.05 62.39
N THR S 82 3.33 -36.93 61.95
CA THR S 82 4.80 -36.76 61.75
C THR S 82 5.47 -36.53 63.10
N TYR S 83 4.81 -35.81 64.00
CA TYR S 83 5.34 -35.39 65.33
C TYR S 83 4.90 -36.38 66.42
N ARG S 84 4.62 -37.64 66.05
CA ARG S 84 4.20 -38.71 66.98
C ARG S 84 5.25 -38.91 68.07
N GLN S 85 6.53 -38.92 67.69
CA GLN S 85 7.69 -39.14 68.59
C GLN S 85 7.91 -37.88 69.45
N LEU S 86 7.76 -36.69 68.86
CA LEU S 86 8.04 -35.39 69.51
C LEU S 86 7.27 -35.30 70.84
N PHE S 87 5.95 -35.48 70.81
CA PHE S 87 5.07 -35.33 72.00
C PHE S 87 5.21 -36.58 72.88
N HIS S 88 5.60 -36.35 74.15
CA HIS S 88 5.51 -37.32 75.27
C HIS S 88 4.12 -37.94 75.25
N PRO S 89 3.99 -39.29 75.32
CA PRO S 89 2.68 -39.93 75.32
C PRO S 89 1.72 -39.43 76.41
N GLU S 90 2.19 -39.29 77.66
CA GLU S 90 1.36 -38.95 78.86
C GLU S 90 0.77 -37.54 78.75
N GLN S 91 1.45 -36.61 78.05
CA GLN S 91 0.96 -35.22 77.81
C GLN S 91 -0.28 -35.25 76.89
N LEU S 92 -0.33 -36.17 75.93
CA LEU S 92 -1.45 -36.30 74.94
C LEU S 92 -2.61 -37.06 75.59
N ILE S 93 -3.37 -36.39 76.47
CA ILE S 93 -4.48 -37.01 77.25
C ILE S 93 -5.71 -37.12 76.33
N SER S 94 -6.39 -38.29 76.38
CA SER S 94 -7.55 -38.64 75.54
C SER S 94 -8.75 -38.97 76.43
N GLY S 95 -9.96 -38.71 75.93
CA GLY S 95 -11.25 -39.10 76.54
C GLY S 95 -12.01 -40.03 75.62
N LYS S 96 -12.82 -40.93 76.20
CA LYS S 96 -13.60 -41.94 75.43
C LYS S 96 -14.74 -41.24 74.68
N GLU S 97 -15.54 -40.42 75.38
CA GLU S 97 -16.78 -39.79 74.82
C GLU S 97 -16.65 -38.26 74.92
N ASP S 98 -17.04 -37.55 73.85
CA ASP S 98 -16.92 -36.07 73.72
C ASP S 98 -18.07 -35.38 74.46
N ALA S 99 -17.88 -34.11 74.82
CA ALA S 99 -18.89 -33.24 75.49
C ALA S 99 -20.04 -32.94 74.53
N ALA S 100 -19.80 -33.04 73.21
CA ALA S 100 -20.84 -33.04 72.15
C ALA S 100 -21.54 -31.67 72.08
N ASN S 101 -20.77 -30.58 72.13
CA ASN S 101 -21.27 -29.18 72.13
C ASN S 101 -22.25 -28.96 73.30
N ASN S 102 -21.95 -29.54 74.47
CA ASN S 102 -22.59 -29.18 75.78
C ASN S 102 -21.49 -28.80 76.77
N PHE S 103 -21.48 -27.53 77.18
CA PHE S 103 -20.70 -27.01 78.32
C PHE S 103 -20.89 -27.91 79.54
N ALA S 104 -22.15 -28.26 79.86
CA ALA S 104 -22.53 -29.01 81.08
C ALA S 104 -21.78 -30.35 81.13
N ARG S 105 -21.68 -31.08 80.00
CA ARG S 105 -20.91 -32.35 79.91
C ARG S 105 -19.44 -32.08 80.24
N GLY S 106 -18.81 -31.15 79.51
CA GLY S 106 -17.45 -30.67 79.82
C GLY S 106 -17.29 -30.41 81.31
N HIS S 107 -18.08 -29.49 81.87
CA HIS S 107 -17.81 -28.90 83.22
C HIS S 107 -18.05 -29.92 84.33
N TYR S 108 -19.10 -30.75 84.25
CA TYR S 108 -19.60 -31.58 85.39
C TYR S 108 -19.51 -33.09 85.10
N THR S 109 -20.16 -33.57 84.03
CA THR S 109 -20.43 -35.03 83.77
C THR S 109 -19.13 -35.75 83.34
N ILE S 110 -18.45 -35.28 82.28
CA ILE S 110 -17.30 -35.98 81.61
C ILE S 110 -15.96 -35.35 82.01
N GLY S 111 -15.88 -34.02 82.06
CA GLY S 111 -14.63 -33.29 82.40
C GLY S 111 -14.09 -33.69 83.76
N LYS S 112 -14.93 -33.64 84.80
CA LYS S 112 -14.56 -33.90 86.22
C LYS S 112 -13.74 -35.19 86.35
N GLU S 113 -13.93 -36.16 85.44
CA GLU S 113 -13.18 -37.44 85.40
C GLU S 113 -11.74 -37.17 84.94
N ILE S 114 -11.58 -36.43 83.86
CA ILE S 114 -10.27 -36.26 83.15
C ILE S 114 -9.44 -35.14 83.80
N VAL S 115 -10.06 -34.06 84.31
CA VAL S 115 -9.37 -32.83 84.81
C VAL S 115 -8.32 -33.21 85.87
N ASP S 116 -8.65 -34.15 86.77
CA ASP S 116 -7.74 -34.64 87.84
C ASP S 116 -6.40 -35.06 87.22
N LEU S 117 -6.45 -35.87 86.16
CA LEU S 117 -5.27 -36.41 85.44
C LEU S 117 -4.49 -35.26 84.78
N CYS S 118 -5.19 -34.31 84.16
CA CYS S 118 -4.57 -33.14 83.46
C CYS S 118 -3.77 -32.31 84.47
N LEU S 119 -4.36 -31.99 85.63
CA LEU S 119 -3.72 -31.18 86.70
C LEU S 119 -2.45 -31.86 87.20
N ASP S 120 -2.44 -33.20 87.26
CA ASP S 120 -1.25 -34.00 87.65
C ASP S 120 -0.14 -33.83 86.60
N ARG S 121 -0.51 -33.80 85.30
CA ARG S 121 0.44 -33.62 84.17
C ARG S 121 1.02 -32.20 84.18
N ILE S 122 0.19 -31.18 84.44
CA ILE S 122 0.59 -29.75 84.48
C ILE S 122 1.60 -29.55 85.62
N ARG S 123 1.36 -30.16 86.79
CA ARG S 123 2.23 -30.11 87.99
C ARG S 123 3.60 -30.69 87.65
N LYS S 124 3.65 -31.87 87.02
CA LYS S 124 4.89 -32.57 86.57
C LYS S 124 5.70 -31.63 85.67
N LEU S 125 5.04 -31.04 84.67
CA LEU S 125 5.64 -30.03 83.75
C LEU S 125 6.09 -28.81 84.58
N ALA S 126 5.24 -28.33 85.49
CA ALA S 126 5.49 -27.13 86.34
C ALA S 126 6.64 -27.41 87.32
N ASP S 127 6.89 -28.67 87.66
CA ASP S 127 8.04 -29.09 88.52
C ASP S 127 9.35 -28.98 87.72
N ASN S 128 9.34 -29.36 86.43
CA ASN S 128 10.52 -29.28 85.53
C ASN S 128 10.90 -27.82 85.28
N CYS S 129 9.89 -26.94 85.16
CA CYS S 129 10.05 -25.48 84.88
C CYS S 129 10.68 -24.76 86.09
N THR S 130 11.64 -23.87 85.83
CA THR S 130 12.33 -23.01 86.84
C THR S 130 12.15 -21.53 86.46
N GLY S 131 11.25 -20.82 87.14
CA GLY S 131 10.82 -19.46 86.76
C GLY S 131 9.94 -19.51 85.52
N LEU S 132 8.87 -20.30 85.57
CA LEU S 132 7.78 -20.34 84.55
C LEU S 132 7.23 -18.93 84.38
N GLN S 133 7.04 -18.49 83.14
CA GLN S 133 6.53 -17.12 82.81
C GLN S 133 5.00 -17.12 82.83
N GLY S 134 4.37 -18.15 82.26
CA GLY S 134 2.90 -18.25 82.28
C GLY S 134 2.35 -19.51 81.64
N PHE S 135 1.03 -19.60 81.62
CA PHE S 135 0.21 -20.66 80.98
C PHE S 135 -0.46 -20.06 79.74
N LEU S 136 -0.01 -20.43 78.54
CA LEU S 136 -0.80 -20.20 77.29
C LEU S 136 -1.85 -21.32 77.18
N VAL S 137 -3.10 -20.97 76.90
CA VAL S 137 -4.24 -21.94 76.76
C VAL S 137 -4.91 -21.70 75.40
N PHE S 138 -5.35 -22.79 74.76
CA PHE S 138 -5.99 -22.83 73.41
C PHE S 138 -7.30 -23.61 73.50
N ASN S 139 -8.44 -22.91 73.53
CA ASN S 139 -9.80 -23.50 73.64
C ASN S 139 -10.76 -22.77 72.68
N SER S 140 -11.66 -23.52 72.03
CA SER S 140 -12.78 -22.98 71.22
C SER S 140 -14.00 -22.82 72.14
N VAL S 141 -14.56 -21.61 72.27
CA VAL S 141 -15.67 -21.30 73.23
C VAL S 141 -17.03 -21.60 72.58
N GLY S 142 -17.07 -21.94 71.28
CA GLY S 142 -18.25 -22.46 70.58
C GLY S 142 -18.54 -23.91 70.95
N GLY S 143 -17.49 -24.72 71.11
CA GLY S 143 -17.56 -26.18 71.30
C GLY S 143 -17.70 -26.57 72.76
N GLY S 144 -17.77 -27.89 73.03
CA GLY S 144 -18.16 -28.48 74.33
C GLY S 144 -16.99 -28.77 75.26
N THR S 145 -15.85 -29.23 74.72
CA THR S 145 -14.59 -29.52 75.48
C THR S 145 -13.91 -28.21 75.91
N GLY S 146 -13.64 -27.34 74.95
CA GLY S 146 -12.92 -26.07 75.13
C GLY S 146 -13.65 -25.12 76.06
N SER S 147 -14.97 -25.01 75.93
CA SER S 147 -15.84 -24.20 76.84
C SER S 147 -15.92 -24.90 78.20
N GLY S 148 -16.46 -26.13 78.22
CA GLY S 148 -16.72 -26.90 79.44
C GLY S 148 -15.46 -27.24 80.21
N LEU S 149 -14.55 -28.03 79.62
CA LEU S 149 -13.32 -28.55 80.31
C LEU S 149 -12.24 -27.46 80.34
N GLY S 150 -12.14 -26.63 79.31
CA GLY S 150 -11.20 -25.49 79.27
C GLY S 150 -11.46 -24.50 80.40
N SER S 151 -12.73 -24.21 80.72
CA SER S 151 -13.15 -23.32 81.84
C SER S 151 -12.79 -23.95 83.19
N LEU S 152 -13.11 -25.24 83.36
CA LEU S 152 -12.84 -26.02 84.61
C LEU S 152 -11.32 -26.09 84.86
N LEU S 153 -10.52 -26.27 83.82
CA LEU S 153 -9.03 -26.27 83.90
C LEU S 153 -8.56 -24.94 84.52
N LEU S 154 -8.98 -23.82 83.92
CA LEU S 154 -8.58 -22.44 84.32
C LEU S 154 -8.97 -22.17 85.78
N GLU S 155 -10.18 -22.57 86.20
CA GLU S 155 -10.68 -22.45 87.60
C GLU S 155 -9.72 -23.17 88.55
N ARG S 156 -9.28 -24.37 88.17
CA ARG S 156 -8.43 -25.27 88.97
C ARG S 156 -6.96 -24.80 88.93
N LEU S 157 -6.51 -24.21 87.80
CA LEU S 157 -5.14 -23.64 87.64
C LEU S 157 -4.97 -22.39 88.50
N SER S 158 -6.04 -21.61 88.72
CA SER S 158 -6.02 -20.29 89.42
C SER S 158 -5.85 -20.46 90.94
N VAL S 159 -6.35 -21.56 91.52
CA VAL S 159 -6.20 -21.89 92.97
C VAL S 159 -4.84 -22.57 93.19
N ASP S 160 -4.42 -23.46 92.28
CA ASP S 160 -3.21 -24.31 92.42
C ASP S 160 -1.94 -23.47 92.22
N TYR S 161 -1.86 -22.69 91.14
CA TYR S 161 -0.61 -22.02 90.66
C TYR S 161 -0.59 -20.53 91.05
N GLY S 162 -1.76 -19.88 91.19
CA GLY S 162 -1.89 -18.55 91.84
C GLY S 162 -1.49 -17.41 90.92
N LYS S 163 -0.22 -16.97 91.00
CA LYS S 163 0.29 -15.71 90.38
C LYS S 163 0.73 -15.95 88.93
N LYS S 164 1.11 -17.17 88.55
CA LYS S 164 1.60 -17.52 87.19
C LYS S 164 0.54 -17.09 86.17
N SER S 165 0.92 -16.32 85.14
CA SER S 165 0.00 -15.67 84.17
C SER S 165 -0.69 -16.74 83.31
N LYS S 166 -1.99 -16.54 83.00
CA LYS S 166 -2.83 -17.44 82.17
C LYS S 166 -3.37 -16.67 80.95
N LEU S 167 -2.60 -16.62 79.86
CA LEU S 167 -2.99 -15.92 78.60
C LEU S 167 -3.78 -16.87 77.70
N GLY S 168 -5.12 -16.72 77.64
CA GLY S 168 -6.05 -17.62 76.94
C GLY S 168 -6.36 -17.15 75.53
N PHE S 169 -5.89 -17.88 74.50
CA PHE S 169 -6.23 -17.65 73.07
C PHE S 169 -7.50 -18.44 72.71
N THR S 170 -8.60 -17.71 72.56
CA THR S 170 -9.98 -18.27 72.45
C THR S 170 -10.50 -18.04 71.02
N ILE S 171 -11.24 -19.01 70.48
CA ILE S 171 -11.81 -18.99 69.10
C ILE S 171 -13.31 -18.74 69.19
N TYR S 172 -13.69 -17.53 69.60
CA TYR S 172 -15.11 -17.08 69.76
C TYR S 172 -15.81 -17.24 68.42
N PRO S 173 -17.09 -17.70 68.40
CA PRO S 173 -17.80 -17.91 67.14
C PRO S 173 -18.12 -16.57 66.46
N SER S 174 -17.73 -16.45 65.19
CA SER S 174 -18.09 -15.31 64.29
C SER S 174 -19.60 -15.27 64.13
N PRO S 175 -20.26 -14.08 64.23
CA PRO S 175 -21.72 -14.02 64.20
C PRO S 175 -22.35 -14.47 62.87
N GLN S 176 -21.79 -14.06 61.72
CA GLN S 176 -22.34 -14.39 60.38
C GLN S 176 -22.14 -15.89 60.10
N VAL S 177 -20.91 -16.39 60.28
CA VAL S 177 -20.52 -17.80 60.03
C VAL S 177 -20.38 -18.54 61.36
N SER S 178 -21.36 -19.38 61.67
CA SER S 178 -21.33 -20.35 62.80
C SER S 178 -21.14 -21.74 62.22
N THR S 179 -20.62 -22.66 63.04
CA THR S 179 -20.49 -24.10 62.73
C THR S 179 -21.62 -24.89 63.41
N ALA S 180 -21.99 -24.52 64.66
CA ALA S 180 -22.98 -25.24 65.51
C ALA S 180 -24.08 -24.27 65.98
N VAL S 181 -25.28 -24.80 66.19
CA VAL S 181 -26.53 -24.03 66.48
C VAL S 181 -26.51 -23.60 67.95
N VAL S 182 -25.92 -24.41 68.83
CA VAL S 182 -25.99 -24.27 70.31
C VAL S 182 -24.79 -23.45 70.82
N GLU S 183 -23.91 -22.97 69.93
CA GLU S 183 -22.68 -22.19 70.26
C GLU S 183 -22.96 -21.07 71.27
N PRO S 184 -24.03 -20.24 71.10
CA PRO S 184 -24.31 -19.15 72.04
C PRO S 184 -24.39 -19.61 73.50
N TYR S 185 -25.09 -20.73 73.74
CA TYR S 185 -25.26 -21.34 75.08
C TYR S 185 -23.89 -21.64 75.72
N ASN S 186 -22.96 -22.18 74.95
CA ASN S 186 -21.58 -22.51 75.39
C ASN S 186 -20.79 -21.21 75.65
N SER S 187 -20.48 -20.47 74.59
CA SER S 187 -19.73 -19.19 74.58
C SER S 187 -20.01 -18.41 75.87
N ILE S 188 -21.29 -18.17 76.17
CA ILE S 188 -21.74 -17.28 77.29
C ILE S 188 -21.40 -17.92 78.64
N LEU S 189 -21.79 -19.18 78.83
CA LEU S 189 -21.46 -19.96 80.05
C LEU S 189 -19.93 -20.02 80.20
N SER S 190 -19.22 -20.15 79.07
CA SER S 190 -17.73 -20.25 78.96
C SER S 190 -17.07 -18.94 79.41
N THR S 191 -17.50 -17.82 78.83
CA THR S 191 -17.02 -16.44 79.15
C THR S 191 -17.10 -16.26 80.67
N HIS S 192 -18.27 -16.53 81.28
CA HIS S 192 -18.57 -16.24 82.71
C HIS S 192 -17.42 -16.72 83.60
N SER S 193 -17.00 -17.97 83.44
CA SER S 193 -15.81 -18.54 84.11
C SER S 193 -14.57 -17.76 83.68
N LEU S 194 -14.30 -17.75 82.37
CA LEU S 194 -13.11 -17.11 81.75
C LEU S 194 -12.91 -15.72 82.37
N LEU S 195 -13.97 -14.88 82.31
CA LEU S 195 -14.02 -13.46 82.75
C LEU S 195 -13.26 -13.26 84.06
N GLU S 196 -13.30 -14.25 84.95
CA GLU S 196 -12.64 -14.19 86.28
C GLU S 196 -11.24 -14.79 86.16
N HIS S 197 -11.14 -16.00 85.62
CA HIS S 197 -10.01 -16.92 85.85
C HIS S 197 -8.83 -16.61 84.92
N THR S 198 -9.08 -15.94 83.79
CA THR S 198 -8.02 -15.52 82.82
C THR S 198 -7.52 -14.11 83.16
N ASP S 199 -6.22 -13.87 82.93
CA ASP S 199 -5.51 -12.58 83.20
C ASP S 199 -5.61 -11.70 81.95
N VAL S 200 -5.32 -12.26 80.77
CA VAL S 200 -5.51 -11.65 79.42
C VAL S 200 -6.13 -12.73 78.51
N ALA S 201 -7.25 -12.41 77.84
CA ALA S 201 -7.94 -13.31 76.88
C ALA S 201 -7.90 -12.71 75.49
N VAL S 202 -7.18 -13.35 74.55
CA VAL S 202 -7.01 -12.88 73.14
C VAL S 202 -8.09 -13.58 72.30
N MET S 203 -9.08 -12.81 71.85
CA MET S 203 -10.25 -13.30 71.07
C MET S 203 -9.86 -13.41 69.59
N LEU S 204 -10.25 -14.51 68.92
CA LEU S 204 -10.03 -14.78 67.47
C LEU S 204 -11.29 -15.43 66.88
N ASP S 205 -12.01 -14.75 65.98
CA ASP S 205 -13.20 -15.29 65.26
C ASP S 205 -12.75 -15.84 63.91
N ASN S 206 -13.26 -17.01 63.51
CA ASN S 206 -12.79 -17.78 62.32
C ASN S 206 -13.11 -17.03 61.03
N GLU S 207 -14.35 -16.52 60.89
CA GLU S 207 -14.81 -15.76 59.70
C GLU S 207 -13.84 -14.62 59.37
N ALA S 208 -13.47 -13.81 60.36
CA ALA S 208 -12.58 -12.65 60.21
C ALA S 208 -11.28 -13.10 59.53
N ILE S 209 -10.58 -14.03 60.17
CA ILE S 209 -9.26 -14.56 59.70
C ILE S 209 -9.51 -15.19 58.32
N TYR S 210 -10.65 -15.85 58.13
CA TYR S 210 -11.07 -16.43 56.83
C TYR S 210 -11.01 -15.34 55.76
N ASP S 211 -11.59 -14.17 56.04
CA ASP S 211 -11.62 -13.02 55.09
C ASP S 211 -10.18 -12.57 54.82
N ILE S 212 -9.35 -12.51 55.87
CA ILE S 212 -7.91 -12.06 55.76
C ILE S 212 -7.24 -12.94 54.71
N CYS S 213 -7.42 -14.27 54.80
CA CYS S 213 -6.84 -15.28 53.87
C CYS S 213 -7.34 -15.03 52.44
N ARG S 214 -8.61 -14.67 52.26
CA ARG S 214 -9.18 -14.32 50.94
C ARG S 214 -8.61 -12.98 50.47
N ARG S 215 -8.35 -12.05 51.41
CA ARG S 215 -7.97 -10.65 51.11
C ARG S 215 -6.47 -10.53 50.86
N ASN S 216 -5.63 -11.10 51.74
CA ASN S 216 -4.16 -10.86 51.80
C ASN S 216 -3.42 -11.98 51.06
N LEU S 217 -3.72 -13.25 51.37
CA LEU S 217 -3.04 -14.44 50.78
C LEU S 217 -3.63 -14.74 49.40
N ASP S 218 -4.82 -14.22 49.11
CA ASP S 218 -5.54 -14.33 47.80
C ASP S 218 -5.82 -15.81 47.52
N ILE S 219 -6.35 -16.54 48.51
CA ILE S 219 -6.89 -17.92 48.35
C ILE S 219 -8.42 -17.82 48.32
N GLU S 220 -9.02 -18.33 47.25
CA GLU S 220 -10.50 -18.32 47.01
C GLU S 220 -11.17 -19.25 48.03
N ARG S 221 -10.48 -20.34 48.40
CA ARG S 221 -10.96 -21.44 49.29
C ARG S 221 -9.98 -21.67 50.44
N PRO S 222 -10.05 -20.90 51.55
CA PRO S 222 -9.27 -21.19 52.75
C PRO S 222 -9.80 -22.37 53.56
N THR S 223 -8.90 -23.18 54.15
CA THR S 223 -9.21 -24.28 55.11
C THR S 223 -8.93 -23.81 56.54
N TYR S 224 -9.16 -24.68 57.53
CA TYR S 224 -8.74 -24.48 58.95
C TYR S 224 -7.20 -24.54 59.06
N THR S 225 -6.56 -25.43 58.29
CA THR S 225 -5.08 -25.70 58.33
C THR S 225 -4.28 -24.55 57.71
N ASN S 226 -4.93 -23.63 56.99
CA ASN S 226 -4.35 -22.34 56.50
C ASN S 226 -4.61 -21.24 57.54
N LEU S 227 -5.75 -21.31 58.24
CA LEU S 227 -6.12 -20.37 59.35
C LEU S 227 -5.17 -20.60 60.54
N ASN S 228 -5.05 -21.86 60.99
CA ASN S 228 -4.28 -22.28 62.21
C ASN S 228 -2.80 -21.87 62.08
N ARG S 229 -2.28 -21.78 60.85
CA ARG S 229 -0.89 -21.32 60.55
C ARG S 229 -0.75 -19.83 60.88
N LEU S 230 -1.74 -19.01 60.53
CA LEU S 230 -1.75 -17.55 60.84
C LEU S 230 -1.85 -17.34 62.35
N ILE S 231 -2.62 -18.18 63.06
CA ILE S 231 -2.79 -18.14 64.54
C ILE S 231 -1.40 -18.43 65.15
N ALA S 232 -0.70 -19.43 64.63
CA ALA S 232 0.64 -19.88 65.10
C ALA S 232 1.67 -18.74 64.97
N GLN S 233 1.60 -17.96 63.88
CA GLN S 233 2.54 -16.85 63.62
C GLN S 233 2.31 -15.72 64.63
N VAL S 234 1.07 -15.55 65.12
CA VAL S 234 0.69 -14.56 66.18
C VAL S 234 1.28 -15.01 67.52
N ILE S 235 1.15 -16.29 67.87
CA ILE S 235 1.61 -16.86 69.17
C ILE S 235 3.15 -16.86 69.21
N SER S 236 3.82 -17.18 68.09
CA SER S 236 5.29 -17.16 67.94
C SER S 236 5.85 -15.75 68.21
N SER S 237 5.25 -14.74 67.57
CA SER S 237 5.64 -13.30 67.63
C SER S 237 5.40 -12.72 69.03
N LEU S 238 4.40 -13.21 69.76
CA LEU S 238 4.06 -12.76 71.14
C LEU S 238 5.09 -13.31 72.14
N THR S 239 5.49 -14.58 71.96
CA THR S 239 6.46 -15.32 72.83
C THR S 239 7.89 -15.27 72.25
N ALA S 240 8.12 -14.54 71.15
CA ALA S 240 9.42 -14.47 70.44
C ALA S 240 10.50 -13.83 71.32
N SER S 241 10.14 -12.78 72.06
CA SER S 241 11.02 -11.93 72.92
C SER S 241 11.77 -12.77 73.95
N LEU S 242 11.12 -13.80 74.50
CA LEU S 242 11.72 -14.80 75.41
C LEU S 242 12.74 -15.64 74.62
N ARG S 243 12.31 -16.17 73.48
CA ARG S 243 13.01 -17.22 72.71
C ARG S 243 14.20 -16.63 71.94
N PHE S 244 14.05 -15.42 71.41
CA PHE S 244 15.05 -14.75 70.53
C PHE S 244 15.46 -13.41 71.13
N ASP S 245 16.72 -13.00 70.89
CA ASP S 245 17.31 -11.75 71.42
C ASP S 245 16.75 -10.56 70.64
N GLY S 246 16.38 -9.47 71.35
CA GLY S 246 15.83 -8.23 70.78
C GLY S 246 16.46 -6.99 71.38
N ALA S 247 16.07 -5.81 70.89
CA ALA S 247 16.49 -4.49 71.41
C ALA S 247 15.64 -4.11 72.63
N LEU S 248 14.32 -4.03 72.42
CA LEU S 248 13.31 -3.73 73.48
C LEU S 248 12.53 -5.01 73.78
N ASN S 249 12.97 -5.77 74.79
CA ASN S 249 12.40 -7.09 75.16
C ASN S 249 11.08 -6.88 75.93
N VAL S 250 10.08 -7.71 75.62
CA VAL S 250 8.78 -7.83 76.34
C VAL S 250 8.75 -9.20 77.03
N ASP S 251 7.77 -9.44 77.92
CA ASP S 251 7.50 -10.79 78.50
C ASP S 251 6.03 -10.93 78.84
N ILE S 252 5.52 -12.15 78.68
CA ILE S 252 4.09 -12.54 78.90
C ILE S 252 3.55 -11.86 80.17
N THR S 253 4.39 -11.67 81.19
CA THR S 253 4.05 -10.97 82.47
C THR S 253 3.83 -9.46 82.22
N GLU S 254 4.46 -8.87 81.21
CA GLU S 254 4.38 -7.42 80.89
C GLU S 254 2.99 -7.06 80.35
N PHE S 255 2.50 -7.80 79.34
CA PHE S 255 1.19 -7.55 78.65
C PHE S 255 0.10 -7.37 79.71
N GLN S 256 0.04 -8.30 80.67
CA GLN S 256 -0.88 -8.26 81.84
C GLN S 256 -0.91 -6.82 82.37
N THR S 257 0.24 -6.26 82.77
CA THR S 257 0.35 -4.90 83.36
C THR S 257 0.02 -3.79 82.34
N ASN S 258 0.39 -3.97 81.06
CA ASN S 258 0.39 -2.89 80.03
C ASN S 258 -0.88 -2.90 79.16
N LEU S 259 -1.75 -3.91 79.27
CA LEU S 259 -2.96 -4.03 78.40
C LEU S 259 -4.25 -4.03 79.22
N VAL S 260 -4.31 -4.64 80.40
CA VAL S 260 -5.56 -4.68 81.21
C VAL S 260 -5.48 -3.53 82.21
N PRO S 261 -6.28 -2.46 82.00
CA PRO S 261 -6.34 -1.32 82.91
C PRO S 261 -7.21 -1.51 84.16
N TYR S 262 -8.21 -2.38 84.06
CA TYR S 262 -9.11 -2.82 85.15
C TYR S 262 -9.18 -4.34 85.02
N PRO S 263 -9.42 -5.11 86.11
CA PRO S 263 -9.37 -6.57 86.02
C PRO S 263 -10.23 -7.19 84.88
N ARG S 264 -11.56 -7.05 84.96
CA ARG S 264 -12.58 -7.75 84.11
C ARG S 264 -12.37 -7.45 82.62
N ILE S 265 -11.73 -6.33 82.29
CA ILE S 265 -11.64 -5.76 80.91
C ILE S 265 -10.59 -6.54 80.09
N HIS S 266 -9.94 -7.52 80.71
CA HIS S 266 -8.84 -8.34 80.16
C HIS S 266 -9.06 -8.82 78.71
N PHE S 267 -10.26 -8.72 78.12
CA PHE S 267 -10.48 -9.11 76.70
C PHE S 267 -9.72 -8.17 75.77
N MET S 268 -9.24 -8.68 74.64
CA MET S 268 -8.38 -7.97 73.65
C MET S 268 -8.85 -8.31 72.23
N LEU S 269 -8.03 -7.96 71.22
CA LEU S 269 -8.07 -8.47 69.82
C LEU S 269 -6.64 -8.89 69.43
N SER S 270 -6.32 -8.94 68.12
CA SER S 270 -4.93 -9.11 67.59
C SER S 270 -4.90 -8.78 66.10
N SER S 271 -3.72 -8.53 65.52
CA SER S 271 -3.52 -8.20 64.08
C SER S 271 -2.05 -8.34 63.67
N TYR S 272 -1.64 -9.54 63.25
CA TYR S 272 -0.37 -9.76 62.51
C TYR S 272 -0.56 -9.05 61.15
N ALA S 273 0.32 -8.08 60.88
CA ALA S 273 0.17 -7.12 59.78
C ALA S 273 0.72 -7.67 58.46
N PRO S 274 2.02 -8.00 58.31
CA PRO S 274 2.57 -8.37 57.00
C PRO S 274 2.15 -9.79 56.55
N ILE S 275 0.83 -9.99 56.37
CA ILE S 275 0.22 -11.21 55.75
C ILE S 275 0.18 -10.91 54.24
N ILE S 276 1.09 -11.52 53.47
CA ILE S 276 1.33 -11.20 52.04
C ILE S 276 1.69 -12.48 51.30
N SER S 277 0.86 -12.86 50.33
CA SER S 277 1.19 -13.89 49.31
C SER S 277 2.48 -13.46 48.59
N ALA S 278 3.33 -14.43 48.22
CA ALA S 278 4.64 -14.23 47.53
C ALA S 278 4.46 -13.86 46.05
N GLU S 279 3.21 -13.68 45.62
CA GLU S 279 2.81 -13.11 44.32
C GLU S 279 2.83 -11.57 44.41
N LYS S 280 2.33 -10.98 45.51
CA LYS S 280 2.18 -9.51 45.70
C LYS S 280 3.33 -8.94 46.55
N ALA S 281 4.15 -9.79 47.21
CA ALA S 281 5.34 -9.39 47.99
C ALA S 281 6.36 -8.64 47.11
N TYR S 282 6.58 -9.12 45.88
CA TYR S 282 7.53 -8.55 44.89
C TYR S 282 7.36 -7.03 44.78
N HIS S 283 6.12 -6.55 44.85
CA HIS S 283 5.73 -5.13 44.57
C HIS S 283 5.29 -4.41 45.85
N GLU S 284 5.76 -4.83 47.02
CA GLU S 284 5.49 -4.13 48.31
C GLU S 284 6.83 -3.72 48.93
N GLN S 285 6.98 -2.42 49.23
CA GLN S 285 8.16 -1.84 49.94
C GLN S 285 8.32 -2.60 51.27
N LEU S 286 7.23 -2.69 52.04
CA LEU S 286 7.18 -3.36 53.37
C LEU S 286 8.18 -2.69 54.31
N SER S 287 8.03 -1.37 54.47
CA SER S 287 8.71 -0.57 55.52
C SER S 287 7.99 -0.81 56.84
N VAL S 288 8.58 -0.33 57.93
CA VAL S 288 8.02 -0.44 59.29
C VAL S 288 6.73 0.39 59.36
N ALA S 289 6.78 1.64 58.91
CA ALA S 289 5.66 2.63 58.96
C ALA S 289 4.40 2.07 58.26
N GLU S 290 4.56 1.32 57.17
CA GLU S 290 3.44 0.68 56.42
C GLU S 290 2.82 -0.40 57.30
N ILE S 291 3.56 -1.50 57.50
CA ILE S 291 3.21 -2.59 58.45
C ILE S 291 2.38 -1.96 59.57
N THR S 292 2.96 -1.05 60.35
CA THR S 292 2.27 -0.39 61.49
C THR S 292 0.89 0.08 61.04
N ASN S 293 0.84 0.79 59.92
CA ASN S 293 -0.42 1.28 59.33
C ASN S 293 -1.32 0.07 59.12
N SER S 294 -0.80 -0.94 58.42
CA SER S 294 -1.54 -2.18 58.11
C SER S 294 -2.11 -2.78 59.40
N ALA S 295 -1.35 -2.72 60.51
CA ALA S 295 -1.72 -3.32 61.82
C ALA S 295 -2.97 -2.64 62.40
N PHE S 296 -3.15 -1.35 62.11
CA PHE S 296 -4.33 -0.57 62.56
C PHE S 296 -5.34 -0.44 61.42
N GLU S 297 -5.34 -1.36 60.45
CA GLU S 297 -6.44 -1.53 59.46
C GLU S 297 -7.59 -2.28 60.14
N PRO S 298 -8.85 -1.77 60.04
CA PRO S 298 -9.98 -2.41 60.71
C PRO S 298 -10.17 -3.87 60.28
N ALA S 299 -9.92 -4.13 58.99
CA ALA S 299 -10.03 -5.45 58.34
C ALA S 299 -9.07 -6.45 59.00
N ASN S 300 -7.79 -6.09 59.10
CA ASN S 300 -6.67 -7.02 59.46
C ASN S 300 -6.84 -7.57 60.88
N MET S 301 -7.78 -7.05 61.69
CA MET S 301 -8.16 -7.60 63.02
C MET S 301 -8.65 -9.05 62.84
N MET S 302 -8.08 -9.98 63.63
CA MET S 302 -8.31 -11.44 63.54
C MET S 302 -9.59 -11.84 64.30
N ALA S 303 -10.10 -10.98 65.19
CA ALA S 303 -11.48 -11.04 65.73
C ALA S 303 -12.33 -10.02 64.96
N LYS S 304 -13.46 -10.45 64.39
CA LYS S 304 -14.33 -9.59 63.56
C LYS S 304 -14.99 -8.57 64.50
N CYS S 305 -14.22 -7.54 64.85
CA CYS S 305 -14.63 -6.36 65.64
C CYS S 305 -13.94 -5.14 65.02
N ASP S 306 -14.72 -4.23 64.44
CA ASP S 306 -14.23 -3.04 63.71
C ASP S 306 -13.89 -1.96 64.75
N PRO S 307 -12.60 -1.70 65.01
CA PRO S 307 -12.18 -0.90 66.16
C PRO S 307 -12.41 0.62 66.02
N ARG S 308 -13.07 1.05 64.93
CA ARG S 308 -13.49 2.46 64.69
C ARG S 308 -14.70 2.83 65.55
N HIS S 309 -15.52 1.86 65.98
CA HIS S 309 -16.66 2.05 66.93
C HIS S 309 -16.14 2.15 68.37
N GLY S 310 -14.98 1.54 68.65
CA GLY S 310 -14.34 1.51 69.98
C GLY S 310 -13.14 2.44 70.07
N LYS S 311 -12.75 2.77 71.29
CA LYS S 311 -11.50 3.50 71.65
C LYS S 311 -10.48 2.45 72.12
N TYR S 312 -9.24 2.51 71.61
CA TYR S 312 -8.11 1.63 72.03
C TYR S 312 -7.64 2.01 73.44
N MET S 313 -7.76 1.08 74.39
CA MET S 313 -7.52 1.29 75.85
C MET S 313 -6.05 0.98 76.21
N ALA S 314 -5.41 0.06 75.48
CA ALA S 314 -3.96 -0.25 75.58
C ALA S 314 -3.52 -1.16 74.43
N CYS S 315 -2.63 -0.65 73.57
CA CYS S 315 -1.99 -1.39 72.44
C CYS S 315 -0.77 -2.15 72.99
N SER S 316 -0.20 -3.04 72.19
CA SER S 316 1.14 -3.66 72.43
C SER S 316 1.71 -4.18 71.10
N MET S 317 2.45 -3.33 70.38
CA MET S 317 3.07 -3.64 69.05
C MET S 317 4.36 -4.45 69.24
N MET S 318 4.44 -5.70 68.75
CA MET S 318 5.58 -6.62 68.99
C MET S 318 6.34 -6.88 67.69
N TYR S 319 7.25 -5.96 67.31
CA TYR S 319 7.92 -5.95 65.99
C TYR S 319 9.02 -7.01 65.95
N ARG S 320 9.26 -7.54 64.75
CA ARG S 320 10.31 -8.55 64.47
C ARG S 320 11.04 -8.12 63.21
N GLY S 321 12.37 -8.29 63.20
CA GLY S 321 13.19 -8.34 61.97
C GLY S 321 14.15 -7.16 61.84
N ASP S 322 14.23 -6.58 60.63
CA ASP S 322 15.09 -5.41 60.28
C ASP S 322 14.38 -4.14 60.77
N VAL S 323 14.01 -4.09 62.05
CA VAL S 323 13.19 -3.02 62.69
C VAL S 323 14.17 -2.06 63.40
N VAL S 324 13.98 -0.76 63.24
CA VAL S 324 14.78 0.32 63.89
C VAL S 324 13.85 1.13 64.80
N PRO S 325 14.16 1.26 66.10
CA PRO S 325 13.22 1.87 67.06
C PRO S 325 12.87 3.32 66.71
N LYS S 326 13.81 4.03 66.07
CA LYS S 326 13.59 5.35 65.43
C LYS S 326 12.40 5.27 64.48
N ASP S 327 12.42 4.27 63.59
CA ASP S 327 11.39 4.09 62.53
C ASP S 327 10.04 3.84 63.21
N VAL S 328 9.99 2.82 64.08
CA VAL S 328 8.80 2.49 64.91
C VAL S 328 8.21 3.79 65.45
N ASN S 329 9.07 4.61 66.05
CA ASN S 329 8.68 5.86 66.75
C ASN S 329 7.74 6.67 65.85
N ALA S 330 8.24 7.09 64.68
CA ALA S 330 7.51 7.90 63.67
C ALA S 330 6.20 7.20 63.29
N SER S 331 6.22 5.87 63.25
CA SER S 331 5.05 5.02 62.94
C SER S 331 3.95 5.24 63.99
N ILE S 332 4.24 4.99 65.27
CA ILE S 332 3.28 5.17 66.40
C ILE S 332 2.80 6.63 66.43
N ALA S 333 3.73 7.58 66.31
CA ALA S 333 3.48 9.04 66.35
C ALA S 333 2.43 9.43 65.30
N THR S 334 2.54 8.89 64.09
CA THR S 334 1.60 9.15 62.95
C THR S 334 0.25 8.49 63.27
N ILE S 335 0.22 7.33 63.94
CA ILE S 335 -1.01 6.60 64.38
C ILE S 335 -1.73 7.41 65.46
N LYS S 336 -1.02 7.87 66.49
CA LYS S 336 -1.56 8.71 67.57
C LYS S 336 -2.25 9.96 66.97
N THR S 337 -1.66 10.53 65.91
CA THR S 337 -2.13 11.75 65.19
C THR S 337 -3.43 11.46 64.45
N LYS S 338 -3.54 10.29 63.79
CA LYS S 338 -4.71 9.88 62.95
C LYS S 338 -6.02 10.09 63.74
N ARG S 339 -7.11 10.34 63.01
CA ARG S 339 -8.48 10.58 63.56
C ARG S 339 -9.24 9.25 63.66
N THR S 340 -9.18 8.47 62.58
CA THR S 340 -9.78 7.11 62.44
C THR S 340 -9.43 6.29 63.69
N ILE S 341 -8.14 6.19 64.01
CA ILE S 341 -7.63 5.66 65.31
C ILE S 341 -7.95 6.68 66.39
N GLN S 342 -8.67 6.25 67.43
CA GLN S 342 -9.20 7.09 68.53
C GLN S 342 -8.98 6.37 69.86
N PHE S 343 -8.15 6.93 70.74
CA PHE S 343 -7.87 6.37 72.08
C PHE S 343 -8.92 6.85 73.08
N VAL S 344 -8.88 6.31 74.30
CA VAL S 344 -9.66 6.76 75.49
C VAL S 344 -8.96 8.01 76.07
N ASP S 345 -9.66 8.77 76.92
CA ASP S 345 -9.14 10.01 77.53
C ASP S 345 -8.19 9.69 78.70
N TRP S 346 -8.45 8.58 79.42
CA TRP S 346 -7.70 8.17 80.65
C TRP S 346 -6.41 7.41 80.31
N CYS S 347 -6.13 7.12 79.04
CA CYS S 347 -4.85 6.50 78.57
C CYS S 347 -4.13 7.49 77.66
N PRO S 348 -3.35 8.45 78.23
CA PRO S 348 -2.70 9.50 77.43
C PRO S 348 -1.53 8.93 76.61
N THR S 349 -0.87 7.90 77.15
CA THR S 349 0.10 7.01 76.45
C THR S 349 -0.48 5.61 76.49
N GLY S 350 -0.74 5.03 75.31
CA GLY S 350 -1.40 3.71 75.14
C GLY S 350 -0.71 2.87 74.08
N PHE S 351 0.63 2.80 74.13
CA PHE S 351 1.47 1.86 73.34
C PHE S 351 2.54 1.23 74.23
N LYS S 352 2.70 -0.11 74.13
CA LYS S 352 3.83 -0.89 74.69
C LYS S 352 4.53 -1.62 73.53
N VAL S 353 5.63 -1.07 73.03
CA VAL S 353 6.35 -1.64 71.86
C VAL S 353 7.35 -2.70 72.38
N GLY S 354 7.79 -3.58 71.48
CA GLY S 354 8.72 -4.68 71.76
C GLY S 354 9.41 -5.17 70.50
N ILE S 355 10.68 -4.81 70.31
CA ILE S 355 11.45 -4.93 69.02
C ILE S 355 12.45 -6.08 69.14
N ASN S 356 12.20 -7.19 68.43
CA ASN S 356 13.14 -8.34 68.28
C ASN S 356 13.95 -8.12 67.00
N TYR S 357 15.11 -8.77 66.90
CA TYR S 357 15.96 -8.79 65.68
C TYR S 357 15.63 -10.01 64.80
N GLN S 358 15.14 -11.11 65.39
CA GLN S 358 14.82 -12.38 64.69
C GLN S 358 13.66 -12.15 63.72
N PRO S 359 13.82 -12.42 62.39
CA PRO S 359 12.71 -12.34 61.45
C PRO S 359 11.79 -13.57 61.50
N PRO S 360 10.48 -13.46 61.14
CA PRO S 360 9.53 -14.56 61.28
C PRO S 360 9.78 -15.66 60.24
N THR S 361 9.59 -16.92 60.64
CA THR S 361 9.95 -18.12 59.84
C THR S 361 8.88 -18.36 58.77
N VAL S 362 9.30 -18.81 57.58
CA VAL S 362 8.43 -19.15 56.41
C VAL S 362 8.24 -20.67 56.40
N VAL S 363 7.10 -21.14 56.91
CA VAL S 363 6.75 -22.59 57.02
C VAL S 363 6.59 -23.14 55.60
N PRO S 364 7.31 -24.23 55.21
CA PRO S 364 7.13 -24.84 53.89
C PRO S 364 5.73 -25.46 53.71
N GLY S 365 5.12 -25.25 52.52
CA GLY S 365 3.70 -25.54 52.25
C GLY S 365 2.80 -24.49 52.89
N GLY S 366 3.36 -23.32 53.23
CA GLY S 366 2.70 -22.24 53.98
C GLY S 366 2.28 -21.11 53.07
N ASP S 367 1.06 -20.60 53.28
CA ASP S 367 0.48 -19.46 52.53
C ASP S 367 0.96 -18.17 53.21
N LEU S 368 2.21 -17.79 52.94
CA LEU S 368 2.87 -16.55 53.43
C LEU S 368 4.14 -16.31 52.60
N ALA S 369 4.60 -15.06 52.56
CA ALA S 369 5.90 -14.64 51.99
C ALA S 369 6.92 -14.52 53.13
N LYS S 370 8.17 -14.92 52.88
CA LYS S 370 9.32 -14.59 53.76
C LYS S 370 9.47 -13.07 53.79
N VAL S 371 9.20 -12.46 54.94
CA VAL S 371 9.12 -10.98 55.13
C VAL S 371 10.12 -10.57 56.22
N MET S 372 11.11 -9.73 55.85
CA MET S 372 12.21 -9.32 56.75
C MET S 372 11.61 -8.64 57.99
N ARG S 373 10.49 -7.94 57.86
CA ARG S 373 9.86 -7.21 58.99
C ARG S 373 8.52 -7.85 59.35
N ALA S 374 8.05 -7.60 60.58
CA ALA S 374 6.69 -7.94 61.08
C ALA S 374 6.29 -7.12 62.30
N VAL S 375 5.03 -7.28 62.70
CA VAL S 375 4.44 -6.89 64.02
C VAL S 375 3.18 -7.74 64.27
N CYS S 376 3.02 -8.19 65.51
CA CYS S 376 1.71 -8.48 66.13
C CYS S 376 1.32 -7.24 66.92
N MET S 377 0.02 -6.94 67.00
CA MET S 377 -0.54 -5.97 67.98
C MET S 377 -1.70 -6.62 68.74
N ILE S 378 -1.48 -6.95 70.02
CA ILE S 378 -2.56 -7.30 70.98
C ILE S 378 -3.12 -5.98 71.54
N SER S 379 -4.36 -5.65 71.21
CA SER S 379 -5.05 -4.41 71.62
C SER S 379 -6.21 -4.74 72.56
N ASN S 380 -6.32 -4.00 73.67
CA ASN S 380 -7.61 -3.81 74.38
C ASN S 380 -8.32 -2.64 73.69
N SER S 381 -9.54 -2.85 73.18
CA SER S 381 -10.40 -1.80 72.60
C SER S 381 -11.83 -1.94 73.16
N THR S 382 -12.54 -0.82 73.32
CA THR S 382 -13.96 -0.75 73.81
C THR S 382 -14.90 -1.31 72.72
N ALA S 383 -14.40 -1.50 71.49
CA ALA S 383 -15.11 -2.13 70.35
C ALA S 383 -15.42 -3.60 70.66
N ILE S 384 -14.65 -4.25 71.55
CA ILE S 384 -14.80 -5.69 71.94
C ILE S 384 -16.24 -5.95 72.41
N ALA S 385 -16.85 -4.96 73.10
CA ALA S 385 -18.25 -4.97 73.58
C ALA S 385 -19.22 -5.43 72.48
N GLU S 386 -19.00 -5.00 71.23
CA GLU S 386 -19.85 -5.31 70.04
C GLU S 386 -19.98 -6.83 69.86
N VAL S 387 -18.87 -7.57 69.95
CA VAL S 387 -18.87 -9.06 69.77
C VAL S 387 -19.72 -9.69 70.88
N PHE S 388 -19.60 -9.19 72.11
CA PHE S 388 -20.32 -9.71 73.30
C PHE S 388 -21.83 -9.45 73.16
N SER S 389 -22.22 -8.24 72.75
CA SER S 389 -23.64 -7.83 72.54
C SER S 389 -24.32 -8.76 71.53
N ARG S 390 -23.63 -9.13 70.45
CA ARG S 390 -24.16 -10.03 69.38
C ARG S 390 -24.36 -11.44 69.94
N LEU S 391 -23.41 -11.94 70.74
CA LEU S 391 -23.51 -13.27 71.40
C LEU S 391 -24.60 -13.24 72.47
N ASP S 392 -24.83 -12.07 73.08
CA ASP S 392 -25.90 -11.86 74.09
C ASP S 392 -27.25 -11.75 73.35
N HIS S 393 -27.29 -11.08 72.18
CA HIS S 393 -28.49 -11.00 71.29
C HIS S 393 -28.80 -12.37 70.71
N LYS S 394 -27.79 -13.12 70.24
CA LYS S 394 -27.94 -14.47 69.64
C LYS S 394 -28.18 -15.53 70.72
N PHE S 395 -28.00 -15.17 71.99
CA PHE S 395 -28.37 -16.00 73.16
C PHE S 395 -29.80 -15.67 73.61
N ASP S 396 -30.21 -14.39 73.67
CA ASP S 396 -31.51 -13.97 74.27
C ASP S 396 -32.69 -14.35 73.37
N LEU S 397 -32.44 -14.74 72.10
CA LEU S 397 -33.43 -15.39 71.19
C LEU S 397 -33.74 -16.80 71.69
N MET S 398 -32.73 -17.52 72.18
CA MET S 398 -32.87 -18.73 73.03
C MET S 398 -33.30 -18.29 74.42
N TYR S 399 -33.58 -19.23 75.32
CA TYR S 399 -33.80 -18.99 76.77
C TYR S 399 -35.02 -18.07 77.00
N ALA S 400 -35.51 -17.37 75.97
CA ALA S 400 -36.91 -16.92 75.84
C ALA S 400 -37.78 -18.14 75.57
N LYS S 401 -37.28 -19.05 74.72
CA LYS S 401 -37.94 -20.34 74.37
C LYS S 401 -37.41 -21.49 75.25
N ARG S 402 -36.39 -21.24 76.09
CA ARG S 402 -35.69 -22.25 76.95
C ARG S 402 -35.10 -23.32 76.02
N ALA S 403 -34.56 -22.83 74.90
CA ALA S 403 -34.61 -23.47 73.58
C ALA S 403 -34.02 -24.89 73.70
N PHE S 404 -32.74 -25.01 74.03
CA PHE S 404 -31.98 -26.29 74.05
C PHE S 404 -31.70 -26.71 75.50
N VAL S 405 -32.47 -26.19 76.46
CA VAL S 405 -32.09 -26.16 77.90
C VAL S 405 -32.17 -27.57 78.51
N HIS S 406 -32.84 -28.53 77.86
CA HIS S 406 -33.06 -29.93 78.35
C HIS S 406 -31.79 -30.80 78.28
N TRP S 407 -30.83 -30.48 77.40
CA TRP S 407 -29.50 -31.14 77.32
C TRP S 407 -28.66 -30.80 78.54
N TYR S 408 -28.32 -29.52 78.68
CA TYR S 408 -27.41 -28.93 79.69
C TYR S 408 -27.93 -29.26 81.10
N VAL S 409 -29.22 -29.04 81.36
CA VAL S 409 -29.90 -29.32 82.66
C VAL S 409 -29.80 -30.83 82.96
N GLY S 410 -30.01 -31.67 81.94
CA GLY S 410 -29.94 -33.14 82.03
C GLY S 410 -28.59 -33.64 82.51
N GLU S 411 -27.51 -32.90 82.23
CA GLU S 411 -26.10 -33.31 82.53
C GLU S 411 -25.62 -32.71 83.86
N GLY S 412 -26.27 -31.66 84.37
CA GLY S 412 -26.09 -31.16 85.76
C GLY S 412 -25.93 -29.66 85.90
N MET S 413 -26.07 -28.86 84.84
CA MET S 413 -26.20 -27.39 84.96
C MET S 413 -27.62 -27.06 85.41
N GLU S 414 -27.78 -26.48 86.60
CA GLU S 414 -29.04 -25.85 87.07
C GLU S 414 -29.41 -24.71 86.11
N GLU S 415 -30.71 -24.49 85.86
CA GLU S 415 -31.24 -23.55 84.83
C GLU S 415 -30.85 -22.10 85.18
N GLY S 416 -30.69 -21.79 86.47
CA GLY S 416 -30.27 -20.46 86.97
C GLY S 416 -28.81 -20.11 86.68
N GLU S 417 -28.00 -21.07 86.20
CA GLU S 417 -26.57 -20.89 85.82
C GLU S 417 -26.47 -20.09 84.52
N PHE S 418 -27.40 -20.32 83.59
CA PHE S 418 -27.55 -19.57 82.32
C PHE S 418 -27.93 -18.11 82.62
N SER S 419 -29.01 -17.92 83.40
CA SER S 419 -29.54 -16.59 83.82
C SER S 419 -28.45 -15.80 84.57
N GLU S 420 -27.67 -16.50 85.40
CA GLU S 420 -26.45 -15.95 86.08
C GLU S 420 -25.45 -15.46 85.02
N ALA S 421 -25.13 -16.31 84.03
CA ALA S 421 -24.07 -16.08 83.02
C ALA S 421 -24.43 -14.87 82.13
N ARG S 422 -25.68 -14.75 81.67
CA ARG S 422 -26.18 -13.60 80.84
C ARG S 422 -26.09 -12.30 81.66
N GLU S 423 -26.55 -12.31 82.92
CA GLU S 423 -26.60 -11.12 83.83
C GLU S 423 -25.17 -10.57 84.03
N ASP S 424 -24.16 -11.45 84.08
CA ASP S 424 -22.73 -11.09 84.27
C ASP S 424 -22.11 -10.60 82.96
N LEU S 425 -22.58 -11.07 81.81
CA LEU S 425 -22.17 -10.57 80.46
C LEU S 425 -22.91 -9.27 80.12
N ALA S 426 -24.08 -9.05 80.72
CA ALA S 426 -24.85 -7.79 80.65
C ALA S 426 -24.25 -6.74 81.61
N ALA S 427 -23.42 -7.18 82.57
CA ALA S 427 -22.67 -6.33 83.52
C ALA S 427 -21.28 -5.97 82.96
N LEU S 428 -20.77 -6.72 81.98
CA LEU S 428 -19.43 -6.49 81.33
C LEU S 428 -19.55 -5.42 80.23
N GLU S 429 -20.56 -5.55 79.36
CA GLU S 429 -20.83 -4.59 78.26
C GLU S 429 -21.32 -3.26 78.86
N LYS S 430 -21.85 -3.26 80.10
CA LYS S 430 -22.06 -2.03 80.93
C LYS S 430 -20.70 -1.45 81.31
N ASP S 431 -19.75 -2.28 81.77
CA ASP S 431 -18.37 -1.87 82.15
C ASP S 431 -17.63 -1.28 80.95
N TYR S 432 -17.79 -1.89 79.76
CA TYR S 432 -17.06 -1.53 78.52
C TYR S 432 -17.41 -0.10 78.07
N GLU S 433 -18.69 0.27 78.15
CA GLU S 433 -19.19 1.64 77.86
C GLU S 433 -18.68 2.60 78.97
N GLU S 434 -18.81 2.21 80.25
CA GLU S 434 -18.44 3.02 81.46
C GLU S 434 -16.97 3.48 81.38
N VAL S 435 -16.06 2.62 80.90
CA VAL S 435 -14.62 2.96 80.67
C VAL S 435 -14.51 3.76 79.36
N GLY S 436 -15.31 3.45 78.34
CA GLY S 436 -15.41 4.20 77.08
C GLY S 436 -15.88 5.65 77.25
N ILE S 437 -16.67 5.94 78.29
CA ILE S 437 -17.15 7.32 78.66
C ILE S 437 -15.90 8.18 78.97
N GLU S 438 -15.86 9.41 78.47
CA GLU S 438 -14.78 10.42 78.74
C GLU S 438 -14.78 10.79 80.22
N THR S 439 -13.61 11.22 80.73
CA THR S 439 -13.36 11.53 82.18
C THR S 439 -14.32 12.63 82.66
N ALA S 440 -14.82 12.53 83.90
CA ALA S 440 -15.69 13.52 84.56
C ALA S 440 -14.87 14.36 85.54
N MET T 1 69.66 34.61 107.05
CA MET T 1 70.32 35.28 105.88
C MET T 1 69.30 35.43 104.75
N ARG T 2 68.41 36.42 104.90
CA ARG T 2 67.45 36.89 103.86
C ARG T 2 66.43 35.79 103.53
N GLU T 3 66.16 34.87 104.46
CA GLU T 3 65.35 33.64 104.24
C GLU T 3 63.85 34.00 104.15
N VAL T 4 63.19 33.50 103.10
CA VAL T 4 61.74 33.69 102.81
C VAL T 4 61.12 32.30 102.64
N ILE T 5 60.10 31.96 103.44
CA ILE T 5 59.32 30.69 103.31
C ILE T 5 58.17 30.94 102.33
N SER T 6 57.99 30.06 101.33
CA SER T 6 56.97 30.18 100.24
C SER T 6 55.87 29.13 100.42
N ILE T 7 54.67 29.55 100.83
CA ILE T 7 53.49 28.68 101.08
C ILE T 7 52.56 28.78 99.86
N HIS T 8 52.35 27.68 99.14
CA HIS T 8 51.50 27.61 97.91
C HIS T 8 50.26 26.75 98.18
N VAL T 9 49.08 27.37 98.22
CA VAL T 9 47.80 26.74 98.70
C VAL T 9 46.75 26.85 97.59
N GLY T 10 46.01 25.77 97.34
CA GLY T 10 44.99 25.72 96.28
C GLY T 10 45.63 25.79 94.90
N GLN T 11 45.00 25.14 93.91
CA GLN T 11 45.53 24.88 92.53
C GLN T 11 46.33 26.09 92.02
N GLY T 12 45.66 27.25 91.91
CA GLY T 12 46.29 28.52 91.48
C GLY T 12 47.61 28.73 92.19
N GLY T 13 47.58 28.72 93.52
CA GLY T 13 48.75 28.86 94.41
C GLY T 13 49.90 27.97 93.99
N ILE T 14 49.67 26.67 93.87
CA ILE T 14 50.70 25.69 93.44
C ILE T 14 51.15 26.06 92.04
N GLN T 15 50.23 26.12 91.07
CA GLN T 15 50.57 26.28 89.62
C GLN T 15 51.33 27.60 89.41
N VAL T 16 50.94 28.67 90.11
CA VAL T 16 51.71 29.95 90.19
C VAL T 16 53.09 29.62 90.75
N GLY T 17 53.15 28.86 91.85
CA GLY T 17 54.39 28.35 92.45
C GLY T 17 55.30 27.73 91.41
N ASN T 18 54.82 26.71 90.69
CA ASN T 18 55.60 26.01 89.63
C ASN T 18 56.41 27.06 88.88
N ALA T 19 55.70 28.01 88.26
CA ALA T 19 56.26 29.09 87.42
C ALA T 19 57.30 29.89 88.20
N CYS T 20 56.99 30.28 89.45
CA CYS T 20 57.92 31.04 90.34
C CYS T 20 59.24 30.28 90.46
N TRP T 21 59.15 28.98 90.70
CA TRP T 21 60.32 28.14 91.05
C TRP T 21 61.10 27.75 89.78
N GLU T 22 60.47 27.76 88.59
CA GLU T 22 61.18 27.70 87.28
C GLU T 22 62.12 28.90 87.17
N LEU T 23 61.58 30.08 87.50
CA LEU T 23 62.31 31.37 87.42
C LEU T 23 63.46 31.36 88.43
N PHE T 24 63.18 31.04 89.70
CA PHE T 24 64.18 31.08 90.81
C PHE T 24 65.34 30.13 90.50
N CYS T 25 65.03 28.93 89.99
CA CYS T 25 66.01 27.89 89.57
C CYS T 25 66.91 28.43 88.44
N LEU T 26 66.33 29.11 87.45
CA LEU T 26 67.07 29.73 86.32
C LEU T 26 67.91 30.92 86.83
N GLU T 27 67.40 31.66 87.82
CA GLU T 27 68.01 32.91 88.35
C GLU T 27 69.27 32.58 89.18
N HIS T 28 69.22 31.53 89.99
CA HIS T 28 70.36 31.08 90.86
C HIS T 28 71.23 30.04 90.14
N GLY T 29 70.77 29.51 88.99
CA GLY T 29 71.51 28.54 88.16
C GLY T 29 71.16 27.09 88.49
N ILE T 30 70.34 26.87 89.52
CA ILE T 30 69.95 25.52 90.05
C ILE T 30 69.28 24.72 88.92
N GLN T 31 69.75 23.49 88.68
CA GLN T 31 69.21 22.56 87.67
C GLN T 31 68.04 21.81 88.31
N PRO T 32 67.20 21.08 87.53
CA PRO T 32 66.04 20.38 88.10
C PRO T 32 66.40 19.42 89.26
N ASP T 33 67.53 18.72 89.15
CA ASP T 33 68.08 17.81 90.20
C ASP T 33 68.32 18.61 91.50
N GLY T 34 68.60 19.91 91.39
CA GLY T 34 68.67 20.84 92.54
C GLY T 34 70.08 21.27 92.83
N GLN T 35 71.07 20.43 92.57
CA GLN T 35 72.48 20.83 92.69
C GLN T 35 72.67 22.04 91.77
N MET T 36 73.65 22.92 92.05
CA MET T 36 74.16 23.94 91.08
C MET T 36 75.41 23.38 90.40
N PRO T 37 75.64 23.59 89.07
CA PRO T 37 76.92 23.23 88.45
C PRO T 37 78.02 24.24 88.81
N SER T 38 79.02 23.82 89.61
CA SER T 38 80.11 24.68 90.13
C SER T 38 81.02 25.15 88.99
N ASP T 39 80.71 26.33 88.43
CA ASP T 39 81.42 26.95 87.26
C ASP T 39 81.95 28.34 87.65
N LYS T 40 82.78 28.93 86.78
CA LYS T 40 83.56 30.20 86.96
C LYS T 40 84.72 30.01 87.96
N THR T 41 84.98 28.77 88.41
CA THR T 41 86.06 28.35 89.36
C THR T 41 86.01 29.14 90.68
N ILE T 42 84.90 29.83 90.98
CA ILE T 42 84.64 30.63 92.21
C ILE T 42 83.14 30.54 92.50
N GLY T 43 82.74 30.51 93.78
CA GLY T 43 81.34 30.68 94.21
C GLY T 43 80.87 32.11 93.99
N GLY T 44 80.52 32.46 92.75
CA GLY T 44 80.17 33.82 92.31
C GLY T 44 78.72 34.18 92.59
N GLY T 45 77.81 33.21 92.41
CA GLY T 45 76.39 33.29 92.83
C GLY T 45 76.13 32.50 94.11
N ASP T 46 77.15 32.33 94.96
CA ASP T 46 77.07 31.67 96.28
C ASP T 46 76.30 32.59 97.26
N ASP T 47 75.39 32.01 98.05
CA ASP T 47 74.60 32.67 99.11
C ASP T 47 73.50 33.59 98.53
N ALA T 48 73.34 33.64 97.20
CA ALA T 48 72.22 34.32 96.52
C ALA T 48 70.91 33.55 96.80
N PHE T 49 70.99 32.22 96.74
CA PHE T 49 69.84 31.28 96.78
C PHE T 49 69.30 31.15 98.20
N ASN T 50 70.10 31.46 99.24
CA ASN T 50 69.80 31.20 100.68
C ASN T 50 68.52 31.93 101.15
N THR T 51 68.04 32.89 100.36
CA THR T 51 66.67 33.46 100.45
C THR T 51 65.63 32.33 100.34
N PHE T 52 65.68 31.58 99.24
CA PHE T 52 64.59 30.69 98.75
C PHE T 52 64.97 29.20 98.85
N PHE T 53 66.22 28.83 98.53
CA PHE T 53 66.74 27.43 98.58
C PHE T 53 67.54 27.24 99.88
N SER T 54 67.52 26.02 100.43
CA SER T 54 68.36 25.59 101.59
C SER T 54 69.36 24.51 101.14
N GLU T 55 70.65 24.80 101.26
CA GLU T 55 71.78 23.82 101.06
C GLU T 55 71.66 22.72 102.11
N THR T 56 71.54 21.46 101.69
CA THR T 56 71.43 20.25 102.57
C THR T 56 72.83 19.88 103.11
N GLY T 57 73.89 20.25 102.39
CA GLY T 57 75.31 20.03 102.75
C GLY T 57 75.99 18.95 101.91
N ALA T 58 75.35 18.51 100.81
CA ALA T 58 75.82 17.42 99.91
C ALA T 58 75.92 17.88 98.44
N GLY T 59 75.65 19.16 98.14
CA GLY T 59 75.63 19.72 96.78
C GLY T 59 74.22 19.96 96.24
N LYS T 60 73.18 19.50 96.95
CA LYS T 60 71.74 19.65 96.59
C LYS T 60 71.15 20.85 97.35
N HIS T 61 70.41 21.73 96.66
CA HIS T 61 69.66 22.87 97.25
C HIS T 61 68.16 22.59 97.12
N VAL T 62 67.46 22.54 98.25
CA VAL T 62 66.01 22.22 98.34
C VAL T 62 65.23 23.52 98.53
N PRO T 63 64.20 23.81 97.70
CA PRO T 63 63.39 25.02 97.88
C PRO T 63 62.82 25.09 99.30
N ARG T 64 62.91 26.27 99.92
CA ARG T 64 62.21 26.55 101.19
C ARG T 64 60.75 26.92 100.83
N ALA T 65 59.92 25.93 100.46
CA ALA T 65 58.53 26.14 99.99
C ALA T 65 57.65 24.92 100.27
N VAL T 66 56.50 25.14 100.94
CA VAL T 66 55.44 24.12 101.19
C VAL T 66 54.34 24.30 100.14
N PHE T 67 54.07 23.25 99.35
CA PHE T 67 52.97 23.17 98.35
C PHE T 67 51.81 22.39 98.96
N LEU T 68 50.71 23.09 99.30
CA LEU T 68 49.56 22.54 100.06
C LEU T 68 48.29 22.55 99.21
N ASP T 69 47.62 21.40 99.07
CA ASP T 69 46.32 21.27 98.39
C ASP T 69 45.51 20.14 99.05
N LEU T 70 44.19 20.35 99.17
CA LEU T 70 43.22 19.33 99.65
C LEU T 70 42.92 18.33 98.52
N GLU T 71 43.33 18.68 97.29
CA GLU T 71 43.18 17.85 96.05
C GLU T 71 44.54 17.29 95.64
N PRO T 72 44.63 15.99 95.29
CA PRO T 72 45.92 15.39 94.96
C PRO T 72 46.45 15.72 93.55
N THR T 73 45.58 16.14 92.62
CA THR T 73 45.87 16.18 91.15
C THR T 73 47.01 17.17 90.84
N VAL T 74 46.92 18.40 91.37
CA VAL T 74 47.89 19.48 91.06
C VAL T 74 49.25 19.06 91.62
N ILE T 75 49.32 18.78 92.93
CA ILE T 75 50.58 18.38 93.63
C ILE T 75 51.17 17.17 92.90
N ASP T 76 50.33 16.20 92.53
CA ASP T 76 50.76 15.04 91.71
C ASP T 76 51.54 15.64 90.55
N GLU T 77 50.90 16.46 89.73
CA GLU T 77 51.51 17.00 88.49
C GLU T 77 52.93 17.48 88.80
N VAL T 78 53.16 18.06 89.98
CA VAL T 78 54.51 18.52 90.43
C VAL T 78 55.40 17.28 90.63
N ARG T 79 54.88 16.25 91.30
CA ARG T 79 55.61 14.99 91.64
C ARG T 79 55.99 14.21 90.38
N THR T 80 55.18 14.26 89.32
CA THR T 80 55.50 13.71 87.97
C THR T 80 55.84 14.88 87.04
N GLY T 81 56.71 15.79 87.49
CA GLY T 81 57.08 17.03 86.79
C GLY T 81 58.57 17.30 86.89
N THR T 82 59.15 17.90 85.84
CA THR T 82 60.61 18.11 85.63
C THR T 82 61.31 18.44 86.95
N TYR T 83 60.64 19.17 87.86
CA TYR T 83 61.07 19.49 89.24
C TYR T 83 60.40 18.53 90.23
N ARG T 84 60.50 17.22 89.97
CA ARG T 84 60.12 16.15 90.94
C ARG T 84 61.21 16.05 92.00
N GLN T 85 62.49 15.98 91.59
CA GLN T 85 63.66 15.73 92.47
C GLN T 85 63.96 16.98 93.30
N LEU T 86 63.84 18.16 92.69
CA LEU T 86 64.12 19.49 93.33
C LEU T 86 63.43 19.56 94.70
N PHE T 87 62.09 19.44 94.73
CA PHE T 87 61.29 19.54 95.97
C PHE T 87 61.54 18.29 96.83
N HIS T 88 61.89 18.52 98.09
CA HIS T 88 61.80 17.53 99.19
C HIS T 88 60.37 16.96 99.18
N PRO T 89 60.19 15.61 99.28
CA PRO T 89 58.85 15.00 99.27
C PRO T 89 57.83 15.50 100.31
N GLU T 90 58.25 15.65 101.58
CA GLU T 90 57.37 15.98 102.74
C GLU T 90 56.76 17.39 102.60
N GLN T 91 57.47 18.32 101.93
CA GLN T 91 56.99 19.70 101.65
C GLN T 91 55.75 19.65 100.74
N LEU T 92 55.73 18.72 99.78
CA LEU T 92 54.59 18.54 98.83
C LEU T 92 53.48 17.77 99.55
N ILE T 93 52.70 18.47 100.38
CA ILE T 93 51.59 17.90 101.20
C ILE T 93 50.33 17.86 100.33
N SER T 94 49.57 16.76 100.44
CA SER T 94 48.33 16.50 99.66
C SER T 94 47.14 16.35 100.62
N GLY T 95 45.92 16.46 100.07
CA GLY T 95 44.66 16.05 100.70
C GLY T 95 43.90 15.10 99.79
N LYS T 96 43.09 14.20 100.36
CA LYS T 96 42.41 13.11 99.61
C LYS T 96 41.21 13.68 98.86
N GLU T 97 40.44 14.59 99.48
CA GLU T 97 39.22 15.19 98.89
C GLU T 97 39.37 16.71 98.88
N ASP T 98 39.06 17.34 97.75
CA ASP T 98 39.14 18.81 97.52
C ASP T 98 38.00 19.53 98.25
N ALA T 99 38.20 20.81 98.58
CA ALA T 99 37.21 21.70 99.26
C ALA T 99 36.05 22.04 98.33
N ALA T 100 36.25 21.87 97.02
CA ALA T 100 35.19 21.86 95.97
C ALA T 100 34.53 23.24 95.89
N ASN T 101 35.32 24.30 95.98
CA ASN T 101 34.84 25.72 96.01
C ASN T 101 33.87 25.89 97.19
N ASN T 102 34.25 25.44 98.40
CA ASN T 102 33.50 25.76 99.65
C ASN T 102 34.47 26.02 100.80
N PHE T 103 34.71 27.31 101.07
CA PHE T 103 35.45 27.86 102.22
C PHE T 103 35.26 26.99 103.47
N ALA T 104 34.00 26.78 103.85
CA ALA T 104 33.58 26.08 105.09
C ALA T 104 34.21 24.68 105.12
N ARG T 105 34.35 23.99 103.98
CA ARG T 105 35.09 22.71 103.90
C ARG T 105 36.54 22.97 104.30
N GLY T 106 37.18 23.91 103.58
CA GLY T 106 38.59 24.27 103.76
C GLY T 106 38.91 24.79 105.15
N HIS T 107 38.02 25.60 105.75
CA HIS T 107 38.29 26.32 107.03
C HIS T 107 37.97 25.42 108.25
N TYR T 108 37.06 24.45 108.10
CA TYR T 108 36.66 23.50 109.18
C TYR T 108 36.89 22.07 108.68
N THR T 109 35.96 21.54 107.88
CA THR T 109 35.71 20.08 107.72
C THR T 109 37.01 19.36 107.32
N ILE T 110 37.61 19.72 106.19
CA ILE T 110 38.77 18.99 105.55
C ILE T 110 40.10 19.63 105.96
N GLY T 111 40.17 20.97 106.06
CA GLY T 111 41.42 21.71 106.36
C GLY T 111 41.97 21.38 107.74
N LYS T 112 41.11 21.32 108.77
CA LYS T 112 41.50 21.11 110.20
C LYS T 112 42.26 19.80 110.37
N GLU T 113 42.16 18.87 109.42
CA GLU T 113 42.93 17.61 109.37
C GLU T 113 44.37 17.88 108.89
N ILE T 114 44.53 18.71 107.86
CA ILE T 114 45.78 18.88 107.05
C ILE T 114 46.66 20.01 107.63
N VAL T 115 46.05 21.08 108.17
CA VAL T 115 46.77 22.29 108.68
C VAL T 115 47.78 21.89 109.78
N ASP T 116 47.42 20.91 110.63
CA ASP T 116 48.30 20.37 111.71
C ASP T 116 49.64 19.91 111.11
N LEU T 117 49.59 19.19 109.98
CA LEU T 117 50.78 18.62 109.29
C LEU T 117 51.59 19.74 108.60
N CYS T 118 50.91 20.74 108.02
CA CYS T 118 51.56 21.89 107.31
C CYS T 118 52.39 22.70 108.29
N LEU T 119 51.78 23.19 109.37
CA LEU T 119 52.48 23.99 110.41
C LEU T 119 53.78 23.27 110.79
N ASP T 120 53.69 22.00 111.17
CA ASP T 120 54.88 21.16 111.52
C ASP T 120 55.93 21.41 110.42
N ARG T 121 55.56 21.17 109.16
CA ARG T 121 56.44 21.36 107.98
C ARG T 121 56.98 22.79 107.97
N ILE T 122 56.15 23.79 108.32
CA ILE T 122 56.59 25.22 108.39
C ILE T 122 57.55 25.36 109.57
N ARG T 123 57.32 24.64 110.68
CA ARG T 123 58.18 24.74 111.89
C ARG T 123 59.58 24.27 111.56
N LYS T 124 59.68 23.16 110.82
CA LYS T 124 60.96 22.49 110.42
C LYS T 124 61.76 23.40 109.48
N LEU T 125 61.08 24.07 108.53
CA LEU T 125 61.69 25.03 107.57
C LEU T 125 62.16 26.29 108.31
N ALA T 126 61.34 26.81 109.24
CA ALA T 126 61.63 27.99 110.09
C ALA T 126 62.86 27.72 110.97
N ASP T 127 63.03 26.49 111.46
CA ASP T 127 64.18 26.06 112.32
C ASP T 127 65.48 26.08 111.52
N ASN T 128 65.44 25.64 110.25
CA ASN T 128 66.59 25.71 109.31
C ASN T 128 66.97 27.18 109.09
N CYS T 129 65.98 28.05 108.92
CA CYS T 129 66.14 29.50 108.59
C CYS T 129 66.74 30.26 109.80
N THR T 130 67.71 31.13 109.53
CA THR T 130 68.40 32.02 110.52
C THR T 130 68.16 33.49 110.12
N GLY T 131 67.33 34.21 110.86
CA GLY T 131 66.86 35.56 110.47
C GLY T 131 65.96 35.48 109.25
N LEU T 132 64.88 34.69 109.33
CA LEU T 132 63.82 34.61 108.31
C LEU T 132 63.27 36.02 108.09
N GLN T 133 63.12 36.44 106.82
CA GLN T 133 62.64 37.80 106.46
C GLN T 133 61.10 37.83 106.52
N GLY T 134 60.43 36.80 105.99
CA GLY T 134 58.96 36.72 106.01
C GLY T 134 58.38 35.47 105.37
N PHE T 135 57.05 35.46 105.24
CA PHE T 135 56.22 34.38 104.64
C PHE T 135 55.46 34.94 103.43
N LEU T 136 55.97 34.69 102.22
CA LEU T 136 55.19 34.84 100.96
C LEU T 136 54.17 33.71 100.91
N VAL T 137 52.90 34.01 100.62
CA VAL T 137 51.82 32.99 100.46
C VAL T 137 51.14 33.23 99.11
N PHE T 138 50.69 32.16 98.46
CA PHE T 138 50.05 32.16 97.10
C PHE T 138 48.75 31.36 97.17
N ASN T 139 47.60 32.05 97.25
CA ASN T 139 46.26 31.42 97.34
C ASN T 139 45.31 32.13 96.36
N SER T 140 44.35 31.38 95.80
CA SER T 140 43.24 31.89 94.97
C SER T 140 42.01 32.05 95.87
N VAL T 141 41.54 33.29 96.08
CA VAL T 141 40.45 33.59 97.06
C VAL T 141 39.08 33.25 96.44
N GLY T 142 39.03 32.97 95.12
CA GLY T 142 37.86 32.42 94.42
C GLY T 142 37.67 30.93 94.71
N GLY T 143 38.77 30.18 94.84
CA GLY T 143 38.79 28.72 95.08
C GLY T 143 38.61 28.36 96.54
N GLY T 144 38.23 27.12 96.82
CA GLY T 144 37.98 26.59 98.18
C GLY T 144 39.24 26.56 99.01
N THR T 145 40.08 25.54 98.80
CA THR T 145 41.38 25.32 99.49
C THR T 145 41.99 26.67 99.90
N GLY T 146 42.28 27.51 98.91
CA GLY T 146 42.98 28.81 99.04
C GLY T 146 42.20 29.80 99.90
N SER T 147 40.89 29.93 99.68
CA SER T 147 39.98 30.76 100.51
C SER T 147 39.93 30.15 101.92
N GLY T 148 39.56 28.87 102.00
CA GLY T 148 39.30 28.14 103.25
C GLY T 148 40.57 27.83 104.01
N LEU T 149 41.38 26.87 103.54
CA LEU T 149 42.57 26.39 104.28
C LEU T 149 43.61 27.51 104.37
N GLY T 150 43.81 28.25 103.28
CA GLY T 150 44.81 29.34 103.18
C GLY T 150 44.62 30.39 104.26
N SER T 151 43.37 30.84 104.45
CA SER T 151 43.00 31.76 105.56
C SER T 151 43.36 31.10 106.89
N LEU T 152 42.90 29.86 107.12
CA LEU T 152 43.15 29.10 108.39
C LEU T 152 44.65 29.04 108.66
N LEU T 153 45.46 28.80 107.63
CA LEU T 153 46.96 28.81 107.74
C LEU T 153 47.39 30.17 108.33
N LEU T 154 46.96 31.28 107.73
CA LEU T 154 47.37 32.66 108.10
C LEU T 154 47.02 32.95 109.56
N GLU T 155 45.84 32.51 110.00
CA GLU T 155 45.37 32.67 111.40
C GLU T 155 46.37 32.00 112.32
N ARG T 156 46.66 30.74 112.05
CA ARG T 156 47.53 29.87 112.89
C ARG T 156 48.96 30.42 112.87
N LEU T 157 49.52 30.68 111.69
CA LEU T 157 50.90 31.23 111.50
C LEU T 157 51.07 32.48 112.37
N SER T 158 50.12 33.42 112.30
CA SER T 158 50.14 34.71 113.05
C SER T 158 50.49 34.46 114.53
N VAL T 159 49.79 33.51 115.16
CA VAL T 159 49.97 33.22 116.61
C VAL T 159 51.37 32.62 116.79
N ASP T 160 51.70 31.62 115.96
CA ASP T 160 52.90 30.76 116.14
C ASP T 160 54.19 31.57 115.96
N TYR T 161 54.26 32.41 114.91
CA TYR T 161 55.51 33.10 114.45
C TYR T 161 55.47 34.61 114.79
N GLY T 162 54.30 35.18 115.07
CA GLY T 162 54.15 36.55 115.58
C GLY T 162 54.61 37.60 114.59
N LYS T 163 55.80 38.16 114.80
CA LYS T 163 56.30 39.38 114.11
C LYS T 163 56.56 39.09 112.63
N LYS T 164 57.14 37.92 112.31
CA LYS T 164 57.60 37.56 110.93
C LYS T 164 56.53 37.98 109.92
N SER T 165 56.90 38.77 108.91
CA SER T 165 55.99 39.36 107.89
C SER T 165 55.32 38.24 107.07
N LYS T 166 54.06 38.46 106.67
CA LYS T 166 53.26 37.50 105.84
C LYS T 166 52.73 38.23 104.61
N LEU T 167 53.52 38.25 103.52
CA LEU T 167 53.17 38.95 102.26
C LEU T 167 52.36 38.00 101.37
N GLY T 168 51.04 38.21 101.33
CA GLY T 168 50.09 37.38 100.55
C GLY T 168 49.95 37.88 99.13
N PHE T 169 50.15 37.00 98.15
CA PHE T 169 49.82 37.21 96.71
C PHE T 169 48.53 36.44 96.39
N THR T 170 47.41 37.17 96.26
CA THR T 170 46.03 36.64 96.24
C THR T 170 45.38 36.90 94.88
N ILE T 171 44.83 35.85 94.27
CA ILE T 171 44.21 35.90 92.90
C ILE T 171 42.71 36.12 93.08
N TYR T 172 42.33 37.37 93.40
CA TYR T 172 40.93 37.79 93.55
C TYR T 172 40.22 37.59 92.21
N PRO T 173 38.96 37.12 92.20
CA PRO T 173 38.24 36.92 90.94
C PRO T 173 37.91 38.28 90.30
N SER T 174 38.31 38.44 89.05
CA SER T 174 37.89 39.56 88.16
C SER T 174 36.37 39.56 88.06
N PRO T 175 35.74 40.75 87.99
CA PRO T 175 34.28 40.83 87.91
C PRO T 175 33.71 40.32 86.58
N GLN T 176 34.26 40.75 85.44
CA GLN T 176 33.70 40.46 84.09
C GLN T 176 33.85 38.95 83.83
N VAL T 177 35.05 38.42 84.01
CA VAL T 177 35.40 36.97 83.81
C VAL T 177 35.47 36.29 85.17
N SER T 178 34.56 35.35 85.44
CA SER T 178 34.53 34.50 86.66
C SER T 178 34.51 33.02 86.24
N THR T 179 35.28 32.18 86.94
CA THR T 179 35.47 30.73 86.64
C THR T 179 34.41 29.89 87.37
N ALA T 180 34.03 30.27 88.60
CA ALA T 180 33.06 29.55 89.46
C ALA T 180 31.99 30.52 89.99
N VAL T 181 30.73 30.07 89.98
CA VAL T 181 29.52 30.89 90.29
C VAL T 181 29.56 31.31 91.77
N VAL T 182 30.07 30.43 92.63
CA VAL T 182 29.99 30.55 94.12
C VAL T 182 31.14 31.43 94.63
N GLU T 183 32.11 31.77 93.77
CA GLU T 183 33.29 32.62 94.10
C GLU T 183 32.90 33.66 95.15
N PRO T 184 32.02 34.65 94.85
CA PRO T 184 31.86 35.81 95.73
C PRO T 184 31.79 35.39 97.21
N TYR T 185 31.04 34.34 97.50
CA TYR T 185 30.85 33.82 98.87
C TYR T 185 32.23 33.58 99.47
N ASN T 186 33.01 32.72 98.82
CA ASN T 186 34.40 32.36 99.20
C ASN T 186 35.22 33.63 99.44
N SER T 187 35.41 34.43 98.39
CA SER T 187 36.25 35.66 98.38
C SER T 187 35.96 36.50 99.64
N ILE T 188 34.69 36.77 99.91
CA ILE T 188 34.25 37.66 101.03
C ILE T 188 34.62 37.00 102.35
N LEU T 189 34.27 35.73 102.51
CA LEU T 189 34.57 34.97 103.75
C LEU T 189 36.09 35.00 104.02
N SER T 190 36.91 34.76 102.99
CA SER T 190 38.40 34.70 103.09
C SER T 190 38.96 36.08 103.43
N THR T 191 38.56 37.12 102.67
CA THR T 191 38.99 38.53 102.86
C THR T 191 38.87 38.89 104.34
N HIS T 192 37.73 38.59 104.97
CA HIS T 192 37.45 38.93 106.39
C HIS T 192 38.59 38.44 107.28
N SER T 193 38.95 37.17 107.15
CA SER T 193 40.09 36.60 107.90
C SER T 193 41.39 37.29 107.43
N LEU T 194 41.61 37.34 106.12
CA LEU T 194 42.82 37.93 105.46
C LEU T 194 43.02 39.37 105.95
N LEU T 195 41.93 40.13 106.11
CA LEU T 195 41.93 41.57 106.51
C LEU T 195 42.67 41.75 107.84
N GLU T 196 42.84 40.68 108.62
CA GLU T 196 43.43 40.74 109.99
C GLU T 196 44.87 40.24 109.96
N HIS T 197 45.08 39.04 109.41
CA HIS T 197 46.23 38.17 109.74
C HIS T 197 47.44 38.47 108.84
N THR T 198 47.21 38.84 107.57
CA THR T 198 48.27 39.26 106.60
C THR T 198 48.78 40.65 106.97
N ASP T 199 50.00 40.97 106.53
CA ASP T 199 50.68 42.28 106.78
C ASP T 199 50.55 43.15 105.53
N VAL T 200 50.80 42.57 104.34
CA VAL T 200 50.58 43.20 103.01
C VAL T 200 49.95 42.14 102.09
N ALA T 201 48.81 42.49 101.46
CA ALA T 201 48.06 41.64 100.51
C ALA T 201 48.11 42.26 99.10
N VAL T 202 48.88 41.65 98.20
CA VAL T 202 49.05 42.10 96.78
C VAL T 202 47.95 41.42 95.95
N MET T 203 46.95 42.20 95.54
CA MET T 203 45.78 41.71 94.76
C MET T 203 46.16 41.57 93.29
N LEU T 204 45.80 40.45 92.66
CA LEU T 204 45.93 40.17 91.21
C LEU T 204 44.59 39.59 90.71
N ASP T 205 44.10 40.07 89.55
CA ASP T 205 42.76 39.70 88.99
C ASP T 205 42.93 39.15 87.57
N ASN T 206 42.82 37.82 87.42
CA ASN T 206 43.23 37.08 86.20
C ASN T 206 42.84 37.86 84.95
N GLU T 207 41.60 38.33 84.84
CA GLU T 207 41.12 39.03 83.62
C GLU T 207 42.10 40.14 83.24
N ALA T 208 42.51 40.97 84.22
CA ALA T 208 43.37 42.14 83.99
C ALA T 208 44.68 41.70 83.28
N ILE T 209 45.37 40.72 83.86
CA ILE T 209 46.69 40.23 83.37
C ILE T 209 46.48 39.65 81.96
N TYR T 210 45.43 38.85 81.77
CA TYR T 210 45.05 38.29 80.43
C TYR T 210 45.14 39.42 79.41
N ASP T 211 44.38 40.50 79.65
CA ASP T 211 44.35 41.69 78.78
C ASP T 211 45.80 42.10 78.49
N ILE T 212 46.62 42.23 79.54
CA ILE T 212 48.04 42.68 79.42
C ILE T 212 48.71 41.81 78.36
N CYS T 213 48.58 40.49 78.47
CA CYS T 213 49.15 39.50 77.52
C CYS T 213 48.63 39.78 76.10
N ARG T 214 47.36 40.16 75.97
CA ARG T 214 46.74 40.50 74.67
C ARG T 214 47.25 41.86 74.18
N ARG T 215 47.73 42.72 75.08
CA ARG T 215 48.11 44.12 74.76
C ARG T 215 49.62 44.24 74.54
N ASN T 216 50.43 43.58 75.37
CA ASN T 216 51.90 43.78 75.47
C ASN T 216 52.65 42.64 74.78
N LEU T 217 52.22 41.39 74.98
CA LEU T 217 52.89 40.17 74.45
C LEU T 217 52.32 39.80 73.07
N ASP T 218 51.21 40.40 72.68
CA ASP T 218 50.56 40.23 71.35
C ASP T 218 50.28 38.75 71.09
N ILE T 219 49.75 38.06 72.12
CA ILE T 219 49.21 36.67 72.02
C ILE T 219 47.69 36.75 71.95
N GLU T 220 47.09 36.20 70.89
CA GLU T 220 45.62 36.20 70.65
C GLU T 220 44.95 35.28 71.68
N ARG T 221 45.67 34.24 72.12
CA ARG T 221 45.15 33.13 72.96
C ARG T 221 46.10 32.90 74.14
N PRO T 222 46.02 33.71 75.22
CA PRO T 222 46.81 33.47 76.43
C PRO T 222 46.26 32.33 77.30
N THR T 223 47.16 31.60 77.96
CA THR T 223 46.86 30.51 78.93
C THR T 223 47.27 30.94 80.34
N TYR T 224 46.85 30.16 81.34
CA TYR T 224 47.29 30.35 82.76
C TYR T 224 48.82 30.34 82.80
N THR T 225 49.43 29.33 82.18
CA THR T 225 50.91 29.10 82.17
C THR T 225 51.64 30.28 81.51
N ASN T 226 50.94 31.10 80.73
CA ASN T 226 51.44 32.42 80.23
C ASN T 226 51.22 33.47 81.31
N LEU T 227 50.09 33.39 82.01
CA LEU T 227 49.74 34.37 83.07
C LEU T 227 50.70 34.22 84.25
N ASN T 228 50.83 33.00 84.76
CA ASN T 228 51.63 32.67 85.96
C ASN T 228 53.10 33.12 85.79
N ARG T 229 53.65 33.03 84.57
CA ARG T 229 55.06 33.42 84.25
C ARG T 229 55.28 34.91 84.52
N LEU T 230 54.30 35.74 84.21
CA LEU T 230 54.34 37.19 84.54
C LEU T 230 54.34 37.34 86.06
N ILE T 231 53.37 36.70 86.73
CA ILE T 231 53.20 36.77 88.22
C ILE T 231 54.60 36.57 88.81
N ALA T 232 55.21 35.43 88.49
CA ALA T 232 56.58 35.05 88.92
C ALA T 232 57.48 36.28 88.82
N GLN T 233 57.60 36.83 87.61
CA GLN T 233 58.54 37.94 87.29
C GLN T 233 58.30 39.07 88.30
N VAL T 234 57.05 39.28 88.70
CA VAL T 234 56.73 40.25 89.79
C VAL T 234 57.46 39.78 91.05
N ILE T 235 57.09 38.60 91.56
CA ILE T 235 57.58 38.08 92.87
C ILE T 235 59.11 38.20 92.91
N SER T 236 59.79 37.67 91.90
CA SER T 236 61.27 37.76 91.74
C SER T 236 61.70 39.19 92.05
N SER T 237 61.25 40.13 91.22
CA SER T 237 61.62 41.57 91.26
C SER T 237 61.44 42.11 92.68
N LEU T 238 60.37 41.71 93.36
CA LEU T 238 60.04 42.20 94.73
C LEU T 238 61.15 41.74 95.69
N THR T 239 61.41 40.43 95.72
CA THR T 239 62.39 39.79 96.63
C THR T 239 63.80 40.24 96.21
N ALA T 240 64.04 40.31 94.90
CA ALA T 240 65.35 40.49 94.22
C ALA T 240 66.40 41.13 95.14
N SER T 241 66.05 42.25 95.78
CA SER T 241 66.92 43.08 96.66
C SER T 241 67.73 42.20 97.61
N LEU T 242 67.10 41.15 98.15
CA LEU T 242 67.75 40.16 99.05
C LEU T 242 68.74 39.32 98.23
N ARG T 243 68.29 38.75 97.11
CA ARG T 243 69.00 37.70 96.34
C ARG T 243 70.17 38.29 95.56
N PHE T 244 70.02 39.50 95.04
CA PHE T 244 71.03 40.14 94.15
C PHE T 244 71.44 41.51 94.73
N ASP T 245 72.71 41.86 94.56
CA ASP T 245 73.34 43.13 95.06
C ASP T 245 72.74 44.32 94.30
N GLY T 246 72.39 45.39 95.02
CA GLY T 246 71.78 46.61 94.47
C GLY T 246 72.32 47.88 95.10
N ALA T 247 72.14 49.02 94.44
CA ALA T 247 72.57 50.37 94.91
C ALA T 247 71.72 50.79 96.11
N LEU T 248 70.39 50.85 95.92
CA LEU T 248 69.39 51.18 96.97
C LEU T 248 68.59 49.91 97.30
N ASN T 249 69.04 49.16 98.32
CA ASN T 249 68.48 47.84 98.72
C ASN T 249 67.20 48.06 99.53
N VAL T 250 66.17 47.26 99.22
CA VAL T 250 64.87 47.16 99.96
C VAL T 250 64.87 45.82 100.72
N ASP T 251 63.82 45.54 101.48
CA ASP T 251 63.55 44.21 102.09
C ASP T 251 62.04 44.06 102.29
N ILE T 252 61.57 42.81 102.29
CA ILE T 252 60.12 42.44 102.49
C ILE T 252 59.58 43.20 103.72
N THR T 253 60.37 43.28 104.79
CA THR T 253 60.03 43.98 106.06
C THR T 253 59.84 45.48 105.80
N GLU T 254 60.58 46.07 104.85
CA GLU T 254 60.47 47.51 104.54
C GLU T 254 59.06 47.82 104.04
N PHE T 255 58.56 47.09 103.03
CA PHE T 255 57.25 47.36 102.37
C PHE T 255 56.17 47.62 103.43
N GLN T 256 56.11 46.74 104.44
CA GLN T 256 55.12 46.72 105.55
C GLN T 256 55.02 48.10 106.22
N THR T 257 56.13 48.81 106.36
CA THR T 257 56.17 50.17 106.98
C THR T 257 55.80 51.20 105.91
N ASN T 258 56.42 51.13 104.72
CA ASN T 258 56.40 52.20 103.67
C ASN T 258 55.24 51.98 102.67
N LEU T 259 54.38 50.98 102.87
CA LEU T 259 53.15 50.82 102.02
C LEU T 259 51.86 50.80 102.85
N VAL T 260 51.88 50.31 104.10
CA VAL T 260 50.65 50.33 104.98
C VAL T 260 50.78 51.53 105.92
N PRO T 261 49.92 52.56 105.73
CA PRO T 261 49.77 53.66 106.69
C PRO T 261 48.96 53.28 107.94
N TYR T 262 47.80 52.65 107.74
CA TYR T 262 46.81 52.24 108.78
C TYR T 262 46.60 50.73 108.67
N PRO T 263 46.41 50.01 109.79
CA PRO T 263 46.50 48.54 109.80
C PRO T 263 45.66 47.76 108.76
N ARG T 264 44.39 48.13 108.60
CA ARG T 264 43.40 47.40 107.75
C ARG T 264 43.62 47.69 106.25
N ILE T 265 44.39 48.71 105.90
CA ILE T 265 44.49 49.30 104.53
C ILE T 265 45.60 48.57 103.74
N HIS T 266 45.93 47.36 104.17
CA HIS T 266 47.12 46.59 103.75
C HIS T 266 46.97 46.01 102.34
N PHE T 267 45.79 46.10 101.72
CA PHE T 267 45.59 45.63 100.32
C PHE T 267 46.43 46.50 99.37
N MET T 268 46.93 45.91 98.29
CA MET T 268 47.76 46.61 97.27
C MET T 268 47.38 46.15 95.86
N LEU T 269 47.84 46.89 94.84
CA LEU T 269 47.95 46.45 93.43
C LEU T 269 49.41 46.11 93.13
N SER T 270 49.74 45.81 91.87
CA SER T 270 51.14 45.66 91.38
C SER T 270 51.22 46.06 89.90
N SER T 271 52.44 46.32 89.41
CA SER T 271 52.76 46.57 87.99
C SER T 271 54.24 46.34 87.70
N TYR T 272 54.55 45.19 87.12
CA TYR T 272 55.75 44.95 86.29
C TYR T 272 55.48 45.64 84.95
N ALA T 273 56.38 46.56 84.55
CA ALA T 273 56.22 47.51 83.42
C ALA T 273 56.78 46.95 82.11
N PRO T 274 58.10 46.70 81.96
CA PRO T 274 58.65 46.36 80.64
C PRO T 274 58.21 44.97 80.12
N ILE T 275 56.91 44.76 80.01
CA ILE T 275 56.29 43.54 79.40
C ILE T 275 56.25 43.81 77.90
N ILE T 276 57.12 43.15 77.14
CA ILE T 276 57.34 43.45 75.70
C ILE T 276 57.64 42.14 74.97
N SER T 277 56.86 41.87 73.92
CA SER T 277 57.15 40.85 72.89
C SER T 277 58.39 41.26 72.12
N ALA T 278 59.40 40.39 72.08
CA ALA T 278 60.68 40.55 71.34
C ALA T 278 60.42 41.22 69.99
N GLU T 279 59.29 40.87 69.37
CA GLU T 279 58.77 41.49 68.11
C GLU T 279 58.88 43.01 68.22
N LYS T 280 58.32 43.61 69.27
CA LYS T 280 58.26 45.09 69.44
C LYS T 280 59.43 45.59 70.31
N ALA T 281 60.34 44.72 70.77
CA ALA T 281 61.53 45.08 71.58
C ALA T 281 62.56 45.78 70.71
N TYR T 282 62.67 45.34 69.46
CA TYR T 282 63.43 46.00 68.37
C TYR T 282 63.35 47.51 68.55
N HIS T 283 62.13 48.02 68.44
CA HIS T 283 61.86 49.43 68.09
C HIS T 283 61.71 50.31 69.33
N GLU T 284 61.80 49.75 70.55
CA GLU T 284 61.54 50.46 71.83
C GLU T 284 62.88 50.81 72.49
N GLN T 285 63.05 52.09 72.83
CA GLN T 285 64.26 52.64 73.52
C GLN T 285 64.42 51.91 74.85
N LEU T 286 63.34 51.87 75.63
CA LEU T 286 63.31 51.29 77.00
C LEU T 286 64.36 52.00 77.85
N SER T 287 64.15 53.32 77.98
CA SER T 287 64.78 54.20 79.00
C SER T 287 63.96 54.14 80.28
N VAL T 288 64.62 54.38 81.41
CA VAL T 288 64.01 54.32 82.77
C VAL T 288 62.72 55.14 82.71
N ALA T 289 62.85 56.41 82.35
CA ALA T 289 61.75 57.41 82.35
C ALA T 289 60.52 56.82 81.65
N GLU T 290 60.68 56.00 80.62
CA GLU T 290 59.54 55.39 79.89
C GLU T 290 58.94 54.28 80.74
N ILE T 291 59.77 53.31 81.11
CA ILE T 291 59.36 52.19 81.99
C ILE T 291 58.47 52.79 83.08
N THR T 292 58.99 53.77 83.83
CA THR T 292 58.29 54.37 85.00
C THR T 292 56.89 54.82 84.61
N ASN T 293 56.76 55.57 83.51
CA ASN T 293 55.46 56.06 82.99
C ASN T 293 54.59 54.85 82.65
N SER T 294 55.20 53.85 82.00
CA SER T 294 54.55 52.57 81.59
C SER T 294 54.02 51.80 82.83
N ALA T 295 54.61 52.00 84.01
CA ALA T 295 54.19 51.38 85.30
C ALA T 295 52.87 51.98 85.73
N PHE T 296 52.80 53.31 85.75
CA PHE T 296 51.62 54.05 86.24
C PHE T 296 50.52 54.10 85.18
N GLU T 297 50.77 53.57 83.97
CA GLU T 297 49.68 53.30 82.99
C GLU T 297 48.57 52.54 83.70
N PRO T 298 47.31 52.98 83.60
CA PRO T 298 46.22 52.29 84.28
C PRO T 298 46.28 50.81 83.88
N ALA T 299 46.15 50.56 82.57
CA ALA T 299 46.07 49.21 81.94
C ALA T 299 47.07 48.26 82.59
N ASN T 300 48.32 48.71 82.74
CA ASN T 300 49.47 47.85 83.12
C ASN T 300 49.32 47.38 84.58
N MET T 301 48.34 47.90 85.33
CA MET T 301 47.97 47.32 86.64
C MET T 301 47.47 45.88 86.44
N MET T 302 47.99 44.94 87.24
CA MET T 302 47.75 43.48 87.11
C MET T 302 46.37 43.12 87.70
N ALA T 303 45.95 43.80 88.76
CA ALA T 303 44.55 43.80 89.23
C ALA T 303 43.77 44.77 88.34
N LYS T 304 42.48 44.51 88.11
CA LYS T 304 41.60 45.36 87.28
C LYS T 304 40.88 46.37 88.20
N CYS T 305 41.63 47.39 88.65
CA CYS T 305 41.12 48.57 89.39
C CYS T 305 41.81 49.82 88.81
N ASP T 306 41.06 50.66 88.06
CA ASP T 306 41.60 51.86 87.39
C ASP T 306 41.98 52.87 88.47
N PRO T 307 43.31 53.08 88.72
CA PRO T 307 43.74 53.88 89.87
C PRO T 307 43.35 55.35 89.75
N ARG T 308 43.07 55.81 88.53
CA ARG T 308 42.64 57.20 88.20
C ARG T 308 41.48 57.61 89.10
N HIS T 309 40.55 56.70 89.42
CA HIS T 309 39.43 56.94 90.36
C HIS T 309 39.97 57.21 91.76
N GLY T 310 40.96 56.43 92.18
CA GLY T 310 41.55 56.51 93.53
C GLY T 310 42.65 57.55 93.61
N LYS T 311 43.22 57.68 94.81
CA LYS T 311 44.46 58.44 95.12
C LYS T 311 45.50 57.45 95.65
N TYR T 312 46.70 57.42 95.09
CA TYR T 312 47.81 56.53 95.52
C TYR T 312 48.23 56.95 96.93
N MET T 313 48.08 56.05 97.89
CA MET T 313 48.39 56.31 99.32
C MET T 313 49.88 56.06 99.61
N ALA T 314 50.55 55.18 98.84
CA ALA T 314 52.02 54.92 98.88
C ALA T 314 52.43 53.98 97.74
N CYS T 315 53.50 54.33 97.02
CA CYS T 315 54.01 53.63 95.81
C CYS T 315 55.42 53.08 96.07
N SER T 316 55.68 51.83 95.69
CA SER T 316 56.96 51.12 95.99
C SER T 316 57.60 50.65 94.68
N MET T 317 58.31 51.56 94.01
CA MET T 317 58.97 51.28 92.71
C MET T 317 60.21 50.41 92.98
N MET T 318 60.32 49.27 92.29
CA MET T 318 61.43 48.30 92.47
C MET T 318 62.15 48.07 91.13
N TYR T 319 63.24 48.82 90.89
CA TYR T 319 63.96 48.83 89.59
C TYR T 319 65.06 47.77 89.57
N ARG T 320 65.25 47.19 88.38
CA ARG T 320 66.26 46.15 88.11
C ARG T 320 66.95 46.50 86.80
N GLY T 321 68.29 46.43 86.77
CA GLY T 321 69.11 46.39 85.53
C GLY T 321 70.05 47.58 85.40
N ASP T 322 70.20 48.09 84.17
CA ASP T 322 71.01 49.30 83.85
C ASP T 322 70.21 50.53 84.30
N VAL T 323 70.08 50.71 85.62
CA VAL T 323 69.24 51.78 86.24
C VAL T 323 70.15 52.71 87.05
N VAL T 324 70.14 54.00 86.72
CA VAL T 324 70.89 55.10 87.40
C VAL T 324 69.93 55.82 88.35
N PRO T 325 70.32 56.09 89.62
CA PRO T 325 69.41 56.75 90.57
C PRO T 325 68.99 58.18 90.18
N LYS T 326 69.85 58.92 89.49
CA LYS T 326 69.54 60.26 88.90
C LYS T 326 68.40 60.13 87.89
N ASP T 327 68.47 59.11 87.01
CA ASP T 327 67.48 58.84 85.93
C ASP T 327 66.12 58.48 86.54
N VAL T 328 66.11 57.73 87.66
CA VAL T 328 64.89 57.37 88.45
C VAL T 328 64.31 58.65 89.08
N ASN T 329 65.17 59.55 89.58
CA ASN T 329 64.77 60.77 90.35
C ASN T 329 63.90 61.68 89.48
N ALA T 330 64.27 61.89 88.21
CA ALA T 330 63.56 62.72 87.21
C ALA T 330 62.21 62.07 86.85
N SER T 331 62.17 60.74 86.72
CA SER T 331 60.98 59.94 86.32
C SER T 331 59.84 60.12 87.35
N ILE T 332 60.12 59.80 88.61
CA ILE T 332 59.19 59.98 89.76
C ILE T 332 58.70 61.43 89.74
N ALA T 333 59.63 62.37 89.79
CA ALA T 333 59.34 63.82 89.79
C ALA T 333 58.26 64.10 88.75
N THR T 334 58.50 63.72 87.49
CA THR T 334 57.57 63.93 86.36
C THR T 334 56.22 63.26 86.66
N ILE T 335 56.23 62.13 87.36
CA ILE T 335 55.01 61.41 87.83
C ILE T 335 54.31 62.22 88.93
N LYS T 336 55.06 62.78 89.89
CA LYS T 336 54.50 63.61 90.99
C LYS T 336 53.79 64.83 90.38
N THR T 337 54.37 65.41 89.33
CA THR T 337 53.89 66.62 88.60
C THR T 337 52.61 66.30 87.82
N LYS T 338 52.52 65.13 87.20
CA LYS T 338 51.37 64.69 86.35
C LYS T 338 50.05 64.88 87.10
N ARG T 339 48.96 65.11 86.35
CA ARG T 339 47.59 65.37 86.87
C ARG T 339 46.87 64.03 87.06
N THR T 340 46.81 63.23 85.99
CA THR T 340 46.16 61.89 85.93
C THR T 340 46.51 61.12 87.21
N ILE T 341 47.80 61.05 87.52
CA ILE T 341 48.33 60.57 88.83
C ILE T 341 47.96 61.63 89.89
N GLN T 342 47.27 61.17 90.93
CA GLN T 342 46.78 62.00 92.06
C GLN T 342 47.00 61.23 93.38
N PHE T 343 47.81 61.81 94.27
CA PHE T 343 48.14 61.28 95.61
C PHE T 343 47.13 61.86 96.62
N VAL T 344 47.05 61.26 97.82
CA VAL T 344 46.32 61.79 99.03
C VAL T 344 47.15 62.95 99.61
N ASP T 345 46.51 63.76 100.46
CA ASP T 345 47.15 64.95 101.08
C ASP T 345 48.13 64.50 102.17
N TRP T 346 47.66 63.65 103.11
CA TRP T 346 48.41 63.22 104.33
C TRP T 346 49.69 62.45 103.99
N CYS T 347 49.86 62.06 102.72
CA CYS T 347 51.11 61.52 102.12
C CYS T 347 51.77 62.61 101.27
N PRO T 348 52.78 63.33 101.82
CA PRO T 348 53.54 64.31 101.06
C PRO T 348 54.61 63.67 100.16
N THR T 349 55.37 62.68 100.67
CA THR T 349 56.43 61.90 99.95
C THR T 349 56.10 60.40 100.00
N GLY T 350 55.37 59.90 99.00
CA GLY T 350 54.73 58.57 99.00
C GLY T 350 55.42 57.57 98.10
N PHE T 351 56.68 57.83 97.72
CA PHE T 351 57.52 56.90 96.92
C PHE T 351 58.59 56.26 97.82
N LYS T 352 58.75 54.95 97.66
CA LYS T 352 59.92 54.15 98.12
C LYS T 352 60.54 53.51 96.88
N VAL T 353 61.78 53.88 96.54
CA VAL T 353 62.49 53.41 95.30
C VAL T 353 63.55 52.38 95.71
N GLY T 354 63.57 51.23 95.01
CA GLY T 354 64.65 50.24 95.09
C GLY T 354 65.33 50.13 93.75
N ILE T 355 66.67 49.97 93.73
CA ILE T 355 67.48 49.88 92.47
C ILE T 355 68.44 48.70 92.62
N ASN T 356 68.23 47.63 91.83
CA ASN T 356 69.12 46.44 91.75
C ASN T 356 69.83 46.45 90.39
N TYR T 357 71.15 46.23 90.40
CA TYR T 357 71.98 46.15 89.18
C TYR T 357 71.54 44.94 88.35
N GLN T 358 71.23 43.82 89.03
CA GLN T 358 70.83 42.55 88.38
C GLN T 358 69.62 42.83 87.50
N PRO T 359 69.71 42.56 86.18
CA PRO T 359 68.54 42.62 85.32
C PRO T 359 67.71 41.36 85.55
N PRO T 360 66.49 41.30 85.02
CA PRO T 360 65.64 40.11 85.18
C PRO T 360 66.18 38.96 84.32
N THR T 361 65.48 37.82 84.31
CA THR T 361 65.87 36.59 83.57
C THR T 361 64.81 36.22 82.54
N VAL T 362 65.24 36.09 81.29
CA VAL T 362 64.41 35.63 80.13
C VAL T 362 64.28 34.11 80.22
N VAL T 363 63.09 33.62 80.56
CA VAL T 363 62.78 32.16 80.63
C VAL T 363 62.62 31.66 79.19
N PRO T 364 63.33 30.57 78.76
CA PRO T 364 63.19 30.02 77.42
C PRO T 364 61.83 29.34 77.15
N GLY T 365 61.21 29.64 76.01
CA GLY T 365 59.81 29.30 75.72
C GLY T 365 58.85 30.33 76.31
N GLY T 366 59.41 31.37 76.95
CA GLY T 366 58.67 32.36 77.75
C GLY T 366 58.31 33.58 76.91
N ASP T 367 57.09 34.07 77.08
CA ASP T 367 56.52 35.20 76.31
C ASP T 367 57.00 36.49 76.98
N LEU T 368 58.25 36.87 76.72
CA LEU T 368 58.90 38.12 77.21
C LEU T 368 60.20 38.35 76.44
N ALA T 369 60.60 39.61 76.30
CA ALA T 369 61.90 40.04 75.75
C ALA T 369 62.91 40.12 76.89
N LYS T 370 64.16 39.69 76.64
CA LYS T 370 65.34 40.03 77.48
C LYS T 370 65.49 41.55 77.43
N VAL T 371 65.43 42.22 78.58
CA VAL T 371 65.37 43.71 78.69
C VAL T 371 66.36 44.16 79.76
N MET T 372 67.12 45.20 79.48
CA MET T 372 68.31 45.56 80.30
C MET T 372 67.88 46.29 81.57
N ARG T 373 66.64 46.77 81.64
CA ARG T 373 66.08 47.44 82.84
C ARG T 373 64.78 46.72 83.23
N ALA T 374 64.15 47.10 84.34
CA ALA T 374 62.75 46.73 84.67
C ALA T 374 62.27 47.52 85.88
N VAL T 375 60.96 47.50 86.12
CA VAL T 375 60.38 47.96 87.42
C VAL T 375 59.04 47.25 87.69
N CYS T 376 58.92 46.67 88.87
CA CYS T 376 57.61 46.43 89.53
C CYS T 376 57.31 47.64 90.40
N MET T 377 56.06 48.06 90.40
CA MET T 377 55.51 49.00 91.42
C MET T 377 54.33 48.33 92.14
N ILE T 378 54.57 47.87 93.37
CA ILE T 378 53.47 47.63 94.36
C ILE T 378 52.98 49.03 94.73
N SER T 379 51.67 49.22 94.72
CA SER T 379 51.00 50.52 95.05
C SER T 379 49.86 50.26 96.03
N ASN T 380 49.78 51.08 97.09
CA ASN T 380 48.56 51.26 97.92
C ASN T 380 47.77 52.44 97.33
N SER T 381 46.60 52.16 96.75
CA SER T 381 45.71 53.17 96.13
C SER T 381 44.29 52.99 96.67
N THR T 382 43.53 54.09 96.80
CA THR T 382 42.14 54.11 97.32
C THR T 382 41.20 53.43 96.31
N ALA T 383 41.64 53.27 95.05
CA ALA T 383 40.92 52.61 93.93
C ALA T 383 40.77 51.09 94.15
N ILE T 384 41.42 50.51 95.17
CA ILE T 384 41.29 49.07 95.55
C ILE T 384 39.84 48.80 96.03
N ALA T 385 39.26 49.75 96.78
CA ALA T 385 37.84 49.75 97.22
C ALA T 385 36.95 49.18 96.09
N GLU T 386 36.99 49.83 94.92
CA GLU T 386 36.16 49.55 93.71
C GLU T 386 35.97 48.04 93.53
N VAL T 387 37.08 47.29 93.54
CA VAL T 387 37.06 45.80 93.42
C VAL T 387 36.18 45.28 94.55
N PHE T 388 36.48 45.69 95.79
CA PHE T 388 35.76 45.23 97.01
C PHE T 388 34.27 45.53 96.85
N SER T 389 33.91 46.73 96.38
CA SER T 389 32.50 47.15 96.15
C SER T 389 31.82 46.17 95.17
N ARG T 390 32.48 45.83 94.07
CA ARG T 390 31.95 44.92 93.03
C ARG T 390 31.72 43.52 93.64
N LEU T 391 32.66 43.07 94.48
CA LEU T 391 32.55 41.74 95.14
C LEU T 391 31.46 41.77 96.21
N ASP T 392 31.13 42.94 96.76
CA ASP T 392 30.03 43.13 97.75
C ASP T 392 28.69 43.15 97.02
N HIS T 393 28.60 43.88 95.91
CA HIS T 393 27.41 43.93 95.00
C HIS T 393 27.10 42.50 94.52
N LYS T 394 28.09 41.83 93.93
CA LYS T 394 28.00 40.44 93.38
C LYS T 394 27.66 39.44 94.49
N PHE T 395 27.92 39.78 95.75
CA PHE T 395 27.56 38.98 96.95
C PHE T 395 26.18 39.36 97.49
N ASP T 396 25.82 40.64 97.47
CA ASP T 396 24.54 41.14 98.05
C ASP T 396 23.35 40.64 97.21
N LEU T 397 23.56 40.38 95.91
CA LEU T 397 22.58 39.71 95.01
C LEU T 397 22.24 38.34 95.59
N MET T 398 23.26 37.60 96.00
CA MET T 398 23.14 36.42 96.91
C MET T 398 22.76 36.93 98.31
N TYR T 399 22.51 36.01 99.25
CA TYR T 399 22.28 36.29 100.69
C TYR T 399 21.13 37.27 100.87
N ALA T 400 20.59 37.79 99.77
CA ALA T 400 19.15 38.07 99.64
C ALA T 400 18.43 36.71 99.63
N LYS T 401 18.63 35.93 98.56
CA LYS T 401 17.91 34.67 98.27
C LYS T 401 18.27 33.61 99.32
N ARG T 402 19.50 33.69 99.88
CA ARG T 402 20.17 32.69 100.77
C ARG T 402 20.75 31.57 99.90
N ALA T 403 21.14 31.95 98.67
CA ALA T 403 21.27 31.06 97.50
C ALA T 403 21.97 29.77 97.94
N PHE T 404 23.29 29.80 97.94
CA PHE T 404 24.15 28.60 97.99
C PHE T 404 24.49 28.31 99.45
N VAL T 405 23.65 28.73 100.39
CA VAL T 405 24.08 28.81 101.82
C VAL T 405 24.07 27.40 102.42
N HIS T 406 23.22 26.52 101.90
CA HIS T 406 23.00 25.14 102.40
C HIS T 406 24.32 24.37 102.45
N TRP T 407 25.14 24.45 101.39
CA TRP T 407 26.47 23.79 101.27
C TRP T 407 27.35 24.17 102.47
N TYR T 408 27.64 25.48 102.59
CA TYR T 408 28.57 26.07 103.58
C TYR T 408 28.06 25.72 104.99
N VAL T 409 26.76 25.98 105.25
CA VAL T 409 26.09 25.70 106.57
C VAL T 409 26.19 24.21 106.88
N GLY T 410 26.11 23.36 105.86
CA GLY T 410 26.20 21.89 105.97
C GLY T 410 27.60 21.39 106.31
N GLU T 411 28.63 22.24 106.17
CA GLU T 411 30.07 21.86 106.35
C GLU T 411 30.69 22.62 107.55
N GLY T 412 29.88 23.25 108.39
CA GLY T 412 30.27 23.74 109.74
C GLY T 412 30.52 25.24 109.81
N MET T 413 29.90 26.04 108.92
CA MET T 413 29.86 27.53 108.96
C MET T 413 28.42 27.96 109.33
N GLU T 414 28.22 28.54 110.52
CA GLU T 414 26.93 29.19 110.91
C GLU T 414 26.62 30.31 109.90
N GLU T 415 25.33 30.55 109.61
CA GLU T 415 24.87 31.52 108.58
C GLU T 415 25.41 32.92 108.91
N GLY T 416 25.30 33.35 110.17
CA GLY T 416 25.76 34.67 110.68
C GLY T 416 27.18 35.02 110.28
N GLU T 417 28.02 34.03 109.96
CA GLU T 417 29.44 34.20 109.54
C GLU T 417 29.49 34.89 108.17
N PHE T 418 28.45 34.71 107.34
CA PHE T 418 28.26 35.44 106.05
C PHE T 418 27.92 36.91 106.33
N SER T 419 26.98 37.17 107.25
CA SER T 419 26.47 38.53 107.61
C SER T 419 27.56 39.35 108.32
N GLU T 420 28.34 38.70 109.20
CA GLU T 420 29.57 39.23 109.84
C GLU T 420 30.54 39.74 108.76
N ALA T 421 30.94 38.85 107.85
CA ALA T 421 31.98 39.07 106.81
C ALA T 421 31.58 40.24 105.90
N ARG T 422 30.29 40.33 105.49
CA ARG T 422 29.74 41.46 104.67
C ARG T 422 29.74 42.76 105.48
N GLU T 423 29.45 42.67 106.79
CA GLU T 423 29.44 43.84 107.72
C GLU T 423 30.86 44.40 107.88
N ASP T 424 31.89 43.55 107.82
CA ASP T 424 33.31 43.94 108.02
C ASP T 424 33.96 44.40 106.71
N LEU T 425 33.49 43.91 105.55
CA LEU T 425 33.94 44.39 104.20
C LEU T 425 33.27 45.73 103.86
N ALA T 426 32.04 45.94 104.34
CA ALA T 426 31.30 47.23 104.23
C ALA T 426 32.00 48.29 105.10
N ALA T 427 32.58 47.87 106.24
CA ALA T 427 33.34 48.73 107.19
C ALA T 427 34.70 49.13 106.57
N LEU T 428 35.31 48.23 105.79
CA LEU T 428 36.57 48.48 105.03
C LEU T 428 36.31 49.59 104.00
N GLU T 429 35.37 49.37 103.07
CA GLU T 429 35.09 50.30 101.95
C GLU T 429 34.64 51.65 102.52
N LYS T 430 34.15 51.69 103.76
CA LYS T 430 33.94 52.94 104.55
C LYS T 430 35.32 53.57 104.82
N ASP T 431 36.24 52.81 105.40
CA ASP T 431 37.58 53.29 105.82
C ASP T 431 38.35 53.86 104.62
N TYR T 432 38.24 53.21 103.45
CA TYR T 432 39.04 53.52 102.23
C TYR T 432 38.67 54.91 101.69
N GLU T 433 37.38 55.26 101.67
CA GLU T 433 36.91 56.63 101.31
C GLU T 433 37.38 57.60 102.41
N GLU T 434 37.22 57.24 103.70
CA GLU T 434 37.60 58.04 104.89
C GLU T 434 39.04 58.54 104.77
N VAL T 435 39.96 57.66 104.44
CA VAL T 435 41.40 58.01 104.23
C VAL T 435 41.51 58.84 102.94
N GLY T 436 40.74 58.47 101.90
CA GLY T 436 40.63 59.21 100.63
C GLY T 436 40.14 60.64 100.81
N ILE T 437 39.39 60.92 101.88
CA ILE T 437 38.91 62.29 102.25
C ILE T 437 40.14 63.14 102.64
N GLU T 438 40.30 64.29 101.98
CA GLU T 438 41.34 65.33 102.27
C GLU T 438 41.32 65.70 103.76
N THR T 439 42.50 65.92 104.36
CA THR T 439 42.71 66.19 105.81
C THR T 439 41.95 67.45 106.23
N ALA T 440 41.31 67.42 107.40
CA ALA T 440 40.50 68.52 107.97
C ALA T 440 41.36 69.36 108.93
N MET U 1 42.58 8.69 94.35
CA MET U 1 41.32 8.07 94.89
C MET U 1 40.11 8.84 94.34
N ARG U 2 39.25 9.43 95.18
CA ARG U 2 37.95 10.05 94.81
C ARG U 2 37.14 9.05 93.97
N GLU U 3 37.00 7.82 94.47
CA GLU U 3 36.51 6.66 93.68
C GLU U 3 35.00 6.78 93.49
N ILE U 4 34.49 6.21 92.40
CA ILE U 4 33.07 6.28 91.97
C ILE U 4 32.53 4.85 91.79
N VAL U 5 31.49 4.50 92.54
CA VAL U 5 30.74 3.20 92.43
C VAL U 5 29.55 3.42 91.50
N HIS U 6 29.53 2.73 90.36
CA HIS U 6 28.46 2.78 89.32
C HIS U 6 27.44 1.66 89.59
N ILE U 7 26.15 1.99 89.62
CA ILE U 7 25.02 1.02 89.63
C ILE U 7 24.18 1.23 88.36
N GLN U 8 24.01 0.19 87.53
CA GLN U 8 23.24 0.23 86.25
C GLN U 8 22.01 -0.68 86.38
N GLY U 9 20.83 -0.10 86.64
CA GLY U 9 19.64 -0.76 87.23
C GLY U 9 18.40 -0.64 86.36
N GLY U 10 17.75 -1.77 86.06
CA GLY U 10 16.73 -1.82 84.99
C GLY U 10 17.36 -1.83 83.62
N GLN U 11 16.75 -2.55 82.67
CA GLN U 11 17.28 -2.91 81.32
C GLN U 11 18.01 -1.72 80.70
N CYS U 12 17.28 -0.62 80.48
CA CYS U 12 17.80 0.67 79.95
C CYS U 12 19.16 0.99 80.58
N GLY U 13 19.21 1.06 81.90
CA GLY U 13 20.41 1.38 82.71
C GLY U 13 21.57 0.45 82.43
N ASN U 14 21.30 -0.85 82.32
CA ASN U 14 22.34 -1.87 82.01
C ASN U 14 22.88 -1.63 80.60
N GLN U 15 22.00 -1.37 79.61
CA GLN U 15 22.40 -1.19 78.18
C GLN U 15 23.20 0.11 78.01
N ILE U 16 22.88 1.15 78.82
CA ILE U 16 23.66 2.41 78.88
C ILE U 16 25.06 2.09 79.44
N GLY U 17 25.10 1.47 80.62
CA GLY U 17 26.34 1.06 81.33
C GLY U 17 27.26 0.26 80.45
N ALA U 18 26.72 -0.73 79.74
CA ALA U 18 27.43 -1.57 78.75
C ALA U 18 28.23 -0.66 77.81
N LYS U 19 27.56 0.35 77.23
CA LYS U 19 28.20 1.31 76.29
C LYS U 19 29.16 2.22 77.06
N PHE U 20 28.75 2.74 78.21
CA PHE U 20 29.59 3.65 79.06
C PHE U 20 30.94 2.98 79.33
N TRP U 21 30.89 1.77 79.88
CA TRP U 21 32.08 1.00 80.33
C TRP U 21 32.91 0.53 79.13
N GLU U 22 32.36 0.57 77.90
CA GLU U 22 33.14 0.48 76.63
C GLU U 22 33.87 1.81 76.42
N VAL U 23 33.15 2.92 76.56
CA VAL U 23 33.67 4.29 76.30
C VAL U 23 34.87 4.55 77.22
N ILE U 24 34.68 4.44 78.52
CA ILE U 24 35.72 4.76 79.55
C ILE U 24 36.96 3.90 79.28
N SER U 25 36.75 2.64 78.88
CA SER U 25 37.81 1.62 78.63
C SER U 25 38.73 2.06 77.47
N ASP U 26 38.20 2.78 76.48
CA ASP U 26 38.99 3.35 75.36
C ASP U 26 39.80 4.54 75.86
N GLU U 27 39.24 5.33 76.79
CA GLU U 27 39.90 6.53 77.38
C GLU U 27 41.03 6.11 78.34
N HIS U 28 40.87 4.98 79.03
CA HIS U 28 41.85 4.45 80.01
C HIS U 28 42.74 3.36 79.39
N GLY U 29 42.48 2.94 78.14
CA GLY U 29 43.30 1.98 77.38
C GLY U 29 43.00 0.53 77.71
N ILE U 30 42.07 0.27 78.65
CA ILE U 30 41.73 -1.09 79.15
C ILE U 30 41.09 -1.85 77.99
N ASP U 31 41.59 -3.07 77.71
CA ASP U 31 41.10 -3.96 76.63
C ASP U 31 39.97 -4.82 77.22
N PRO U 32 39.10 -5.44 76.38
CA PRO U 32 37.92 -6.15 76.88
C PRO U 32 38.23 -7.17 77.99
N THR U 33 39.41 -7.80 77.92
CA THR U 33 39.89 -8.86 78.85
C THR U 33 40.49 -8.25 80.13
N GLY U 34 40.42 -6.92 80.32
CA GLY U 34 40.77 -6.25 81.59
C GLY U 34 42.24 -5.93 81.74
N THR U 35 43.08 -6.31 80.77
CA THR U 35 44.50 -5.91 80.66
C THR U 35 44.54 -4.42 80.30
N TYR U 36 45.64 -3.73 80.63
CA TYR U 36 45.97 -2.38 80.08
C TYR U 36 46.80 -2.54 78.80
N HIS U 37 46.36 -1.92 77.69
CA HIS U 37 47.09 -1.84 76.40
C HIS U 37 47.02 -0.40 75.83
N GLY U 38 46.99 0.60 76.70
CA GLY U 38 47.16 2.02 76.35
C GLY U 38 48.63 2.37 76.12
N ASP U 39 48.91 3.49 75.45
CA ASP U 39 50.27 3.94 75.05
C ASP U 39 50.78 5.08 75.96
N SER U 40 49.87 5.83 76.61
CA SER U 40 50.18 6.97 77.52
C SER U 40 50.02 6.54 78.98
N ASP U 41 51.00 6.86 79.83
CA ASP U 41 50.98 6.56 81.29
C ASP U 41 49.93 7.44 82.00
N LEU U 42 49.47 8.52 81.35
CA LEU U 42 48.37 9.39 81.85
C LEU U 42 47.04 8.63 81.96
N GLN U 43 46.85 7.60 81.13
CA GLN U 43 45.59 6.80 81.08
C GLN U 43 45.38 6.13 82.45
N LEU U 44 46.41 5.54 83.05
CA LEU U 44 46.29 4.69 84.27
C LEU U 44 46.54 5.49 85.55
N GLU U 45 46.93 6.77 85.49
CA GLU U 45 47.42 7.50 86.69
C GLU U 45 46.30 7.64 87.74
N ARG U 46 45.03 7.67 87.32
CA ARG U 46 43.85 7.83 88.22
C ARG U 46 42.80 6.74 87.97
N ILE U 47 43.17 5.63 87.31
CA ILE U 47 42.21 4.57 86.86
C ILE U 47 41.33 4.15 88.04
N ASN U 48 41.89 4.08 89.25
CA ASN U 48 41.21 3.63 90.49
C ASN U 48 39.85 4.32 90.64
N VAL U 49 39.70 5.53 90.09
CA VAL U 49 38.42 6.30 90.13
C VAL U 49 37.24 5.42 89.72
N TYR U 50 37.40 4.58 88.68
CA TYR U 50 36.28 3.80 88.06
C TYR U 50 36.50 2.29 88.23
N TYR U 51 37.72 1.80 88.08
CA TYR U 51 38.06 0.36 88.16
C TYR U 51 38.57 0.05 89.58
N ASN U 52 38.62 -1.23 89.97
CA ASN U 52 39.32 -1.72 91.20
C ASN U 52 40.29 -2.83 90.79
N GLU U 53 41.60 -2.54 90.81
CA GLU U 53 42.68 -3.47 90.40
C GLU U 53 42.44 -4.84 91.07
N ALA U 54 42.17 -5.86 90.26
CA ALA U 54 42.08 -7.28 90.68
C ALA U 54 43.47 -7.92 90.59
N THR U 55 43.60 -9.15 91.07
CA THR U 55 44.88 -9.92 91.13
C THR U 55 45.25 -10.40 89.72
N GLY U 56 46.48 -10.15 89.27
CA GLY U 56 47.03 -10.50 87.94
C GLY U 56 47.37 -9.29 87.09
N GLY U 57 46.92 -8.09 87.48
CA GLY U 57 47.00 -6.85 86.69
C GLY U 57 45.71 -6.56 85.93
N ARG U 58 44.66 -7.36 86.14
CA ARG U 58 43.31 -7.18 85.55
C ARG U 58 42.69 -5.91 86.15
N TYR U 59 41.95 -5.15 85.34
CA TYR U 59 41.15 -3.97 85.75
C TYR U 59 39.67 -4.35 85.67
N VAL U 60 38.99 -4.36 86.81
CA VAL U 60 37.55 -4.75 86.97
C VAL U 60 36.77 -3.47 87.27
N PRO U 61 35.74 -3.13 86.46
CA PRO U 61 34.87 -2.01 86.76
C PRO U 61 34.23 -2.15 88.15
N ARG U 62 34.05 -1.02 88.83
CA ARG U 62 33.26 -0.92 90.09
C ARG U 62 31.79 -0.68 89.71
N ALA U 63 31.20 -1.63 88.97
CA ALA U 63 29.82 -1.60 88.43
C ALA U 63 28.99 -2.70 89.09
N ILE U 64 27.84 -2.33 89.68
CA ILE U 64 26.86 -3.26 90.32
C ILE U 64 25.63 -3.35 89.40
N LEU U 65 25.60 -4.37 88.54
CA LEU U 65 24.58 -4.55 87.46
C LEU U 65 23.36 -5.25 88.06
N MET U 66 22.35 -4.47 88.49
CA MET U 66 21.10 -5.01 89.13
C MET U 66 19.97 -5.01 88.11
N ASP U 67 19.17 -6.08 88.07
CA ASP U 67 17.91 -6.17 87.27
C ASP U 67 17.07 -7.38 87.69
N LEU U 68 15.76 -7.17 87.87
CA LEU U 68 14.78 -8.19 88.31
C LEU U 68 14.53 -9.22 87.20
N GLU U 69 15.03 -8.98 85.98
CA GLU U 69 14.95 -9.89 84.81
C GLU U 69 16.30 -10.60 84.66
N PRO U 70 16.34 -11.94 84.51
CA PRO U 70 17.59 -12.66 84.30
C PRO U 70 18.16 -12.53 82.88
N GLY U 71 17.28 -12.31 81.88
CA GLY U 71 17.63 -12.14 80.44
C GLY U 71 18.65 -11.03 80.18
N THR U 72 18.64 -9.98 81.01
CA THR U 72 19.52 -8.78 80.87
C THR U 72 20.99 -9.18 81.02
N MET U 73 21.32 -10.08 81.96
CA MET U 73 22.71 -10.57 82.19
C MET U 73 23.28 -11.09 80.86
N ASP U 74 22.51 -11.89 80.13
CA ASP U 74 22.90 -12.47 78.81
C ASP U 74 23.33 -11.33 77.87
N SER U 75 22.54 -10.26 77.82
CA SER U 75 22.74 -9.08 76.94
C SER U 75 24.07 -8.39 77.27
N VAL U 76 24.31 -8.08 78.54
CA VAL U 76 25.55 -7.37 79.00
C VAL U 76 26.76 -8.30 78.79
N ARG U 77 26.58 -9.62 78.91
CA ARG U 77 27.64 -10.63 78.63
C ARG U 77 27.90 -10.70 77.12
N ALA U 78 26.85 -10.60 76.30
CA ALA U 78 26.91 -10.66 74.83
C ALA U 78 27.76 -9.50 74.29
N GLY U 79 27.62 -8.30 74.87
CA GLY U 79 28.26 -7.05 74.40
C GLY U 79 29.79 -7.13 74.43
N PRO U 80 30.51 -6.47 73.50
CA PRO U 80 31.95 -6.32 73.61
C PRO U 80 32.26 -5.53 74.87
N PHE U 81 33.33 -5.89 75.58
CA PHE U 81 33.67 -5.40 76.95
C PHE U 81 32.57 -5.85 77.93
N GLY U 82 32.02 -7.05 77.71
CA GLY U 82 31.09 -7.72 78.63
C GLY U 82 31.82 -8.55 79.68
N GLN U 83 33.03 -9.02 79.35
CA GLN U 83 33.86 -9.88 80.23
C GLN U 83 34.46 -9.06 81.37
N LEU U 84 34.70 -7.76 81.14
CA LEU U 84 35.28 -6.81 82.15
C LEU U 84 34.59 -7.00 83.50
N PHE U 85 33.27 -6.81 83.54
CA PHE U 85 32.44 -6.78 84.77
C PHE U 85 32.73 -8.06 85.58
N ARG U 86 32.82 -7.93 86.90
CA ARG U 86 33.07 -9.06 87.84
C ARG U 86 31.77 -9.85 87.98
N PRO U 87 31.79 -11.20 87.95
CA PRO U 87 30.57 -12.02 88.11
C PRO U 87 29.79 -11.86 89.43
N ASP U 88 30.47 -11.62 90.56
CA ASP U 88 29.87 -11.46 91.92
C ASP U 88 28.99 -10.20 92.00
N ASN U 89 29.33 -9.16 91.23
CA ASN U 89 28.60 -7.86 91.21
C ASN U 89 27.24 -8.02 90.51
N PHE U 90 27.13 -8.88 89.48
CA PHE U 90 25.87 -9.22 88.77
C PHE U 90 24.86 -9.77 89.78
N VAL U 91 23.79 -9.01 90.08
CA VAL U 91 22.67 -9.42 90.99
C VAL U 91 21.35 -9.31 90.23
N PHE U 92 20.74 -10.45 89.88
CA PHE U 92 19.52 -10.51 89.02
C PHE U 92 18.42 -11.35 89.70
N GLY U 93 17.17 -10.82 89.67
CA GLY U 93 15.93 -11.53 90.04
C GLY U 93 15.39 -12.34 88.87
N GLN U 94 14.28 -13.06 89.05
CA GLN U 94 13.74 -14.04 88.07
C GLN U 94 12.52 -13.48 87.34
N THR U 95 11.54 -12.92 88.06
CA THR U 95 10.19 -12.57 87.53
C THR U 95 10.27 -11.35 86.60
N GLY U 96 10.92 -10.27 87.05
CA GLY U 96 10.96 -8.97 86.36
C GLY U 96 9.79 -8.09 86.80
N ALA U 97 10.01 -6.77 86.85
CA ALA U 97 9.06 -5.77 87.39
C ALA U 97 7.77 -5.75 86.57
N GLY U 98 7.86 -5.99 85.26
CA GLY U 98 6.72 -5.95 84.34
C GLY U 98 6.21 -4.54 84.14
N ASN U 99 7.10 -3.55 84.13
CA ASN U 99 6.81 -2.11 83.97
C ASN U 99 5.87 -1.62 85.09
N ASN U 100 6.10 -2.07 86.34
CA ASN U 100 5.30 -1.69 87.55
C ASN U 100 6.23 -1.28 88.70
N TRP U 101 6.33 0.03 88.93
CA TRP U 101 7.11 0.67 90.03
C TRP U 101 6.88 -0.11 91.34
N ALA U 102 5.62 -0.42 91.64
CA ALA U 102 5.19 -1.07 92.89
C ALA U 102 5.86 -2.45 93.02
N LYS U 103 5.97 -3.19 91.91
CA LYS U 103 6.58 -4.55 91.90
C LYS U 103 8.09 -4.39 92.13
N GLY U 104 8.72 -3.41 91.46
CA GLY U 104 10.17 -3.15 91.53
C GLY U 104 10.60 -2.44 92.80
N HIS U 105 9.67 -1.90 93.60
CA HIS U 105 9.94 -1.17 94.86
C HIS U 105 9.42 -2.00 96.06
N TYR U 106 8.10 -2.19 96.17
CA TYR U 106 7.43 -2.66 97.41
C TYR U 106 7.55 -4.19 97.56
N THR U 107 7.48 -4.97 96.47
CA THR U 107 7.46 -6.46 96.49
C THR U 107 8.76 -7.04 95.91
N GLU U 108 8.72 -7.56 94.67
CA GLU U 108 9.82 -8.37 94.06
C GLU U 108 11.17 -7.67 94.27
N GLY U 109 11.23 -6.37 93.96
CA GLY U 109 12.44 -5.53 94.13
C GLY U 109 12.81 -5.35 95.59
N ALA U 110 11.84 -5.29 96.50
CA ALA U 110 12.04 -5.18 97.96
C ALA U 110 12.80 -6.41 98.49
N GLU U 111 12.69 -7.57 97.83
CA GLU U 111 13.37 -8.83 98.23
C GLU U 111 14.83 -8.84 97.74
N LEU U 112 15.13 -8.24 96.58
CA LEU U 112 16.46 -8.32 95.92
C LEU U 112 17.43 -7.28 96.52
N ILE U 113 16.99 -6.04 96.76
CA ILE U 113 17.85 -4.87 97.17
C ILE U 113 18.78 -5.25 98.34
N ASP U 114 18.31 -6.03 99.31
CA ASP U 114 19.11 -6.43 100.51
C ASP U 114 20.34 -7.23 100.08
N SER U 115 20.28 -7.92 98.94
CA SER U 115 21.43 -8.64 98.31
C SER U 115 22.35 -7.64 97.59
N VAL U 116 21.80 -6.60 96.97
CA VAL U 116 22.56 -5.56 96.19
C VAL U 116 23.36 -4.70 97.17
N LEU U 117 22.67 -4.15 98.20
CA LEU U 117 23.28 -3.30 99.27
C LEU U 117 24.57 -3.97 99.77
N ASP U 118 24.54 -5.27 100.06
CA ASP U 118 25.71 -6.07 100.51
C ASP U 118 26.84 -5.92 99.49
N VAL U 119 26.52 -5.96 98.19
CA VAL U 119 27.50 -5.71 97.10
C VAL U 119 27.93 -4.23 97.16
N VAL U 120 26.96 -3.31 97.23
CA VAL U 120 27.23 -1.83 97.31
C VAL U 120 28.20 -1.59 98.48
N ARG U 121 27.86 -2.08 99.67
CA ARG U 121 28.67 -1.94 100.93
C ARG U 121 30.07 -2.52 100.71
N LYS U 122 30.17 -3.60 99.94
CA LYS U 122 31.48 -4.24 99.66
C LYS U 122 32.34 -3.26 98.85
N GLU U 123 31.84 -2.81 97.69
CA GLU U 123 32.62 -2.00 96.70
C GLU U 123 32.86 -0.59 97.25
N ALA U 124 31.95 -0.06 98.07
CA ALA U 124 32.03 1.29 98.68
C ALA U 124 33.08 1.31 99.81
N GLU U 125 33.30 0.18 100.49
CA GLU U 125 34.29 0.06 101.61
C GLU U 125 35.70 -0.15 101.05
N GLY U 126 35.83 -0.78 99.87
CA GLY U 126 37.12 -1.01 99.17
C GLY U 126 37.83 0.29 98.81
N CYS U 127 37.07 1.32 98.46
CA CYS U 127 37.56 2.69 98.14
C CYS U 127 38.05 3.38 99.43
N ASP U 128 39.25 3.97 99.39
CA ASP U 128 39.87 4.71 100.52
C ASP U 128 39.05 5.98 100.79
N CYS U 129 38.75 6.76 99.74
CA CYS U 129 37.85 7.95 99.75
C CYS U 129 36.86 7.88 98.59
N LEU U 130 35.68 7.32 98.84
CA LEU U 130 34.58 7.32 97.85
C LEU U 130 34.18 8.75 97.55
N GLN U 131 34.18 9.16 96.28
CA GLN U 131 33.58 10.44 95.82
C GLN U 131 32.06 10.36 95.96
N GLY U 132 31.48 9.24 95.49
CA GLY U 132 30.03 9.02 95.50
C GLY U 132 29.62 7.88 94.60
N PHE U 133 28.43 7.97 94.00
CA PHE U 133 27.86 6.95 93.08
C PHE U 133 27.28 7.62 91.83
N GLN U 134 27.39 6.94 90.69
CA GLN U 134 26.73 7.31 89.40
C GLN U 134 25.72 6.20 89.02
N ILE U 135 24.48 6.34 89.48
CA ILE U 135 23.34 5.42 89.16
C ILE U 135 22.88 5.78 87.74
N THR U 136 22.75 4.81 86.82
CA THR U 136 22.18 5.00 85.46
C THR U 136 20.98 4.08 85.31
N HIS U 137 19.77 4.62 85.48
CA HIS U 137 18.49 3.88 85.43
C HIS U 137 17.55 4.58 84.44
N SER U 138 16.33 4.06 84.28
CA SER U 138 15.20 4.70 83.54
C SER U 138 14.05 4.93 84.52
N LEU U 139 13.50 6.15 84.53
CA LEU U 139 12.35 6.50 85.40
C LEU U 139 11.08 5.84 84.88
N GLY U 140 11.07 5.44 83.60
CA GLY U 140 9.89 4.97 82.84
C GLY U 140 9.52 3.52 83.11
N GLY U 141 10.51 2.61 83.07
CA GLY U 141 10.32 1.17 83.32
C GLY U 141 10.22 0.86 84.80
N GLY U 142 9.77 -0.34 85.14
CA GLY U 142 9.59 -0.77 86.54
C GLY U 142 10.93 -0.88 87.23
N THR U 143 11.68 -1.92 86.87
CA THR U 143 12.97 -2.32 87.49
C THR U 143 13.76 -1.06 87.88
N GLY U 144 14.20 -0.30 86.87
CA GLY U 144 15.07 0.88 87.03
C GLY U 144 14.42 1.93 87.93
N SER U 145 13.14 2.23 87.71
CA SER U 145 12.40 3.27 88.47
C SER U 145 12.07 2.73 89.86
N GLY U 146 11.67 1.45 89.95
CA GLY U 146 11.36 0.76 91.21
C GLY U 146 12.60 0.59 92.08
N MET U 147 13.47 -0.37 91.74
CA MET U 147 14.67 -0.75 92.53
C MET U 147 15.63 0.44 92.66
N GLY U 148 15.81 1.22 91.59
CA GLY U 148 16.70 2.40 91.56
C GLY U 148 16.39 3.36 92.69
N THR U 149 15.15 3.85 92.73
CA THR U 149 14.62 4.83 93.72
C THR U 149 14.52 4.22 95.13
N LEU U 150 14.51 2.89 95.23
CA LEU U 150 14.60 2.14 96.52
C LEU U 150 16.08 2.01 96.92
N LEU U 151 16.95 1.59 95.99
CA LEU U 151 18.41 1.48 96.24
C LEU U 151 18.95 2.85 96.62
N ILE U 152 18.78 3.86 95.77
CA ILE U 152 19.19 5.27 96.02
C ILE U 152 18.77 5.64 97.46
N SER U 153 17.49 5.40 97.79
CA SER U 153 16.87 5.67 99.12
C SER U 153 17.67 4.96 100.23
N LYS U 154 18.17 3.75 99.96
CA LYS U 154 18.99 2.96 100.91
C LYS U 154 20.41 3.55 101.02
N VAL U 155 21.11 3.69 99.89
CA VAL U 155 22.55 4.12 99.83
C VAL U 155 22.71 5.50 100.48
N ARG U 156 21.71 6.38 100.36
CA ARG U 156 21.74 7.75 100.96
C ARG U 156 21.63 7.65 102.50
N GLU U 157 20.80 6.72 103.00
CA GLU U 157 20.60 6.50 104.46
C GLU U 157 21.90 6.00 105.10
N GLU U 158 22.67 5.17 104.39
CA GLU U 158 23.99 4.66 104.87
C GLU U 158 25.08 5.71 104.64
N TYR U 159 25.13 6.31 103.44
CA TYR U 159 26.16 7.29 102.99
C TYR U 159 25.52 8.65 102.71
N PRO U 160 25.23 9.48 103.74
CA PRO U 160 24.62 10.80 103.51
C PRO U 160 25.55 11.79 102.80
N ASP U 161 26.79 11.93 103.29
CA ASP U 161 27.80 12.91 102.81
C ASP U 161 28.15 12.64 101.35
N ARG U 162 28.34 11.36 100.99
CA ARG U 162 28.84 10.92 99.65
C ARG U 162 27.85 11.37 98.57
N ILE U 163 28.36 11.82 97.43
CA ILE U 163 27.56 12.36 96.27
C ILE U 163 26.76 11.20 95.65
N MET U 164 25.45 11.38 95.50
CA MET U 164 24.58 10.45 94.73
C MET U 164 24.24 11.12 93.40
N GLU U 165 24.97 10.77 92.34
CA GLU U 165 24.74 11.30 90.98
C GLU U 165 23.92 10.27 90.20
N THR U 166 22.87 10.71 89.50
CA THR U 166 21.96 9.84 88.72
C THR U 166 21.92 10.33 87.26
N PHE U 167 22.04 9.39 86.31
CA PHE U 167 21.73 9.57 84.87
C PHE U 167 20.46 8.80 84.53
N SER U 168 19.30 9.47 84.57
CA SER U 168 17.94 8.86 84.51
C SER U 168 17.21 9.25 83.23
N VAL U 169 16.93 8.27 82.35
CA VAL U 169 16.11 8.45 81.11
C VAL U 169 14.66 8.67 81.54
N VAL U 170 14.19 9.92 81.39
CA VAL U 170 12.77 10.32 81.65
C VAL U 170 11.97 9.87 80.43
N PRO U 171 10.73 9.34 80.60
CA PRO U 171 9.88 9.03 79.45
C PRO U 171 9.47 10.31 78.72
N SER U 172 9.61 10.31 77.40
CA SER U 172 9.23 11.42 76.49
C SER U 172 7.87 11.12 75.87
N PRO U 173 6.93 12.08 75.82
CA PRO U 173 5.59 11.83 75.28
C PRO U 173 5.59 11.33 73.82
N LYS U 174 6.53 11.83 73.02
CA LYS U 174 6.69 11.51 71.58
C LYS U 174 6.82 10.00 71.40
N VAL U 175 7.84 9.40 72.05
CA VAL U 175 8.21 7.97 71.91
C VAL U 175 7.07 7.12 72.50
N SER U 176 6.82 7.25 73.80
CA SER U 176 5.70 6.61 74.54
C SER U 176 5.72 5.10 74.30
N ASP U 177 6.88 4.46 74.55
CA ASP U 177 7.16 3.03 74.24
C ASP U 177 6.55 2.11 75.31
N THR U 178 6.02 2.67 76.40
CA THR U 178 5.21 1.95 77.43
C THR U 178 3.95 2.77 77.72
N VAL U 179 2.89 2.12 78.19
CA VAL U 179 1.58 2.77 78.48
C VAL U 179 1.62 3.43 79.87
N VAL U 180 2.19 2.73 80.87
CA VAL U 180 2.07 3.09 82.32
C VAL U 180 3.23 4.02 82.75
N GLU U 181 4.17 4.32 81.85
CA GLU U 181 5.30 5.28 82.06
C GLU U 181 4.91 6.40 83.03
N PRO U 182 3.83 7.19 82.77
CA PRO U 182 3.47 8.30 83.66
C PRO U 182 3.31 7.94 85.13
N TYR U 183 2.91 6.71 85.46
CA TYR U 183 2.77 6.25 86.86
C TYR U 183 4.15 6.04 87.46
N ASN U 184 4.98 5.24 86.78
CA ASN U 184 6.39 4.94 87.19
C ASN U 184 7.12 6.26 87.46
N ALA U 185 7.20 7.14 86.44
CA ALA U 185 8.03 8.37 86.40
C ALA U 185 7.59 9.37 87.47
N THR U 186 6.28 9.53 87.68
CA THR U 186 5.69 10.39 88.74
C THR U 186 6.13 9.85 90.11
N LEU U 187 6.02 8.55 90.30
CA LEU U 187 6.36 7.91 91.58
C LEU U 187 7.86 8.03 91.82
N SER U 188 8.67 7.96 90.77
CA SER U 188 10.16 7.90 90.85
C SER U 188 10.73 9.25 91.32
N VAL U 189 10.30 10.36 90.71
CA VAL U 189 10.81 11.74 90.99
C VAL U 189 10.59 12.07 92.47
N HIS U 190 9.47 11.61 93.04
CA HIS U 190 9.10 11.77 94.47
C HIS U 190 10.25 11.33 95.37
N GLN U 191 10.82 10.17 95.09
CA GLN U 191 11.90 9.57 95.92
C GLN U 191 13.23 10.22 95.53
N LEU U 192 13.50 10.36 94.21
CA LEU U 192 14.76 10.95 93.66
C LEU U 192 15.00 12.33 94.30
N VAL U 193 14.09 13.28 94.07
CA VAL U 193 14.22 14.70 94.51
C VAL U 193 14.70 14.71 95.97
N GLU U 194 14.22 13.77 96.78
CA GLU U 194 14.57 13.68 98.22
C GLU U 194 16.01 13.16 98.39
N ASN U 195 16.41 12.15 97.62
CA ASN U 195 17.60 11.31 97.95
C ASN U 195 18.72 11.45 96.92
N ALA U 196 18.49 12.10 95.76
CA ALA U 196 19.50 12.31 94.69
C ALA U 196 20.11 13.71 94.83
N ASP U 197 21.43 13.79 94.89
CA ASP U 197 22.20 15.06 95.02
C ASP U 197 22.12 15.80 93.68
N GLU U 198 22.47 15.12 92.58
CA GLU U 198 22.45 15.70 91.21
C GLU U 198 21.94 14.66 90.21
N CYS U 199 20.69 14.84 89.76
CA CYS U 199 20.04 14.07 88.67
C CYS U 199 20.31 14.77 87.34
N MET U 200 20.79 14.01 86.34
CA MET U 200 20.98 14.47 84.94
C MET U 200 19.90 13.82 84.07
N VAL U 201 18.78 14.53 83.85
CA VAL U 201 17.62 14.04 83.06
C VAL U 201 18.06 13.89 81.60
N ILE U 202 17.82 12.70 81.03
CA ILE U 202 18.06 12.32 79.61
C ILE U 202 16.68 12.01 79.01
N ASP U 203 16.49 12.17 77.69
CA ASP U 203 15.21 11.88 76.98
C ASP U 203 15.47 11.30 75.59
N ASN U 204 14.87 10.14 75.28
CA ASN U 204 15.06 9.40 74.00
C ASN U 204 14.63 10.27 72.81
N GLU U 205 13.61 11.12 73.00
CA GLU U 205 13.17 12.07 71.96
C GLU U 205 14.39 12.88 71.52
N ALA U 206 14.92 13.70 72.43
CA ALA U 206 16.06 14.62 72.18
C ALA U 206 17.22 13.86 71.53
N LEU U 207 17.63 12.73 72.12
CA LEU U 207 18.74 11.87 71.60
C LEU U 207 18.44 11.51 70.15
N TYR U 208 17.21 11.07 69.84
CA TYR U 208 16.78 10.76 68.45
C TYR U 208 16.98 12.01 67.60
N ASP U 209 16.59 13.18 68.10
CA ASP U 209 16.71 14.47 67.37
C ASP U 209 18.19 14.73 67.06
N ILE U 210 19.09 14.51 68.03
CA ILE U 210 20.55 14.73 67.88
C ILE U 210 21.06 13.84 66.74
N CYS U 211 20.51 12.63 66.61
CA CYS U 211 20.95 11.60 65.62
C CYS U 211 20.41 11.90 64.21
N PHE U 212 19.25 12.53 64.09
CA PHE U 212 18.64 12.89 62.78
C PHE U 212 19.19 14.26 62.33
N ARG U 213 19.43 15.20 63.25
CA ARG U 213 19.79 16.60 62.93
C ARG U 213 21.30 16.83 63.13
N THR U 214 21.77 17.03 64.37
CA THR U 214 23.18 17.38 64.70
C THR U 214 24.10 16.39 63.96
N LEU U 215 24.00 15.09 64.30
CA LEU U 215 24.54 13.98 63.48
C LEU U 215 23.47 13.65 62.43
N LYS U 216 23.87 12.99 61.35
CA LYS U 216 22.95 12.59 60.24
C LYS U 216 23.03 11.07 60.08
N LEU U 217 22.36 10.36 60.98
CA LEU U 217 22.29 8.87 61.03
C LEU U 217 21.01 8.45 60.29
N THR U 218 21.15 7.54 59.33
CA THR U 218 20.03 6.95 58.55
C THR U 218 19.22 6.04 59.47
N THR U 219 19.92 5.28 60.31
CA THR U 219 19.35 4.25 61.24
C THR U 219 19.95 4.44 62.63
N PRO U 220 19.48 5.44 63.42
CA PRO U 220 19.83 5.52 64.83
C PRO U 220 19.21 4.37 65.64
N THR U 221 20.07 3.55 66.26
CA THR U 221 19.70 2.43 67.16
C THR U 221 19.94 2.84 68.61
N TYR U 222 19.35 2.11 69.56
CA TYR U 222 19.49 2.36 71.01
C TYR U 222 20.98 2.35 71.39
N GLY U 223 21.80 1.57 70.67
CA GLY U 223 23.27 1.65 70.72
C GLY U 223 23.75 3.08 70.54
N ASP U 224 23.36 3.69 69.43
CA ASP U 224 23.83 5.03 69.00
C ASP U 224 23.33 6.09 70.01
N LEU U 225 22.09 5.98 70.46
CA LEU U 225 21.55 6.85 71.54
C LEU U 225 22.42 6.66 72.78
N ASN U 226 22.68 5.41 73.18
CA ASN U 226 23.46 5.08 74.40
C ASN U 226 24.88 5.66 74.27
N HIS U 227 25.43 5.72 73.04
CA HIS U 227 26.80 6.22 72.77
C HIS U 227 26.93 7.70 73.16
N LEU U 228 25.88 8.49 72.92
CA LEU U 228 25.86 9.95 73.19
C LEU U 228 25.80 10.16 74.70
N VAL U 229 24.87 9.49 75.38
CA VAL U 229 24.68 9.54 76.86
C VAL U 229 26.06 9.27 77.49
N SER U 230 26.69 8.18 77.08
CA SER U 230 28.00 7.70 77.57
C SER U 230 29.07 8.77 77.37
N ALA U 231 29.16 9.35 76.18
CA ALA U 231 30.13 10.42 75.81
C ALA U 231 30.01 11.57 76.81
N ALA U 232 28.77 11.95 77.17
CA ALA U 232 28.46 12.98 78.18
C ALA U 232 28.88 12.51 79.57
N MET U 233 28.55 11.26 79.91
CA MET U 233 28.84 10.63 81.23
C MET U 233 30.33 10.77 81.58
N SER U 234 31.21 10.49 80.60
CA SER U 234 32.69 10.62 80.70
C SER U 234 33.06 12.07 81.05
N GLY U 235 32.52 13.03 80.28
CA GLY U 235 32.75 14.47 80.46
C GLY U 235 32.46 14.94 81.86
N VAL U 236 31.31 14.56 82.42
CA VAL U 236 30.80 15.02 83.75
C VAL U 236 31.88 14.75 84.81
N THR U 237 32.65 13.66 84.67
CA THR U 237 33.70 13.23 85.64
C THR U 237 35.00 12.89 84.91
N CYS U 238 35.70 13.89 84.36
CA CYS U 238 37.00 13.73 83.66
C CYS U 238 38.15 14.38 84.44
N CYS U 239 37.90 15.54 85.05
CA CYS U 239 38.87 16.34 85.84
C CYS U 239 39.36 15.56 87.07
N LEU U 240 38.58 14.56 87.52
CA LEU U 240 39.01 13.49 88.47
C LEU U 240 40.09 12.63 87.80
N ARG U 241 39.77 12.04 86.64
CA ARG U 241 40.55 10.99 85.97
C ARG U 241 41.76 11.58 85.27
N PHE U 242 41.79 12.88 85.03
CA PHE U 242 42.83 13.51 84.19
C PHE U 242 43.27 14.85 84.78
N PRO U 243 44.51 15.33 84.45
CA PRO U 243 44.95 16.67 84.83
C PRO U 243 44.13 17.77 84.13
N GLY U 244 44.14 18.97 84.71
CA GLY U 244 43.44 20.14 84.14
C GLY U 244 44.15 21.44 84.51
N GLN U 245 44.10 22.42 83.61
CA GLN U 245 44.57 23.81 83.85
C GLN U 245 43.76 24.39 85.03
N LEU U 246 42.46 24.10 85.06
CA LEU U 246 41.54 24.39 86.19
C LEU U 246 40.75 23.12 86.51
N ASN U 247 40.89 22.61 87.74
CA ASN U 247 40.37 21.28 88.17
C ASN U 247 39.01 21.42 88.84
N SER U 248 38.12 20.48 88.55
CA SER U 248 36.75 20.36 89.13
C SER U 248 36.51 18.90 89.55
N ASP U 249 35.34 18.64 90.17
CA ASP U 249 34.86 17.30 90.60
C ASP U 249 33.34 17.30 90.70
N LEU U 250 32.75 16.12 90.92
CA LEU U 250 31.29 15.95 91.08
C LEU U 250 30.78 16.95 92.13
N ARG U 251 31.38 16.94 93.33
CA ARG U 251 30.97 17.84 94.45
C ARG U 251 31.07 19.30 93.99
N LYS U 252 32.16 19.65 93.32
CA LYS U 252 32.41 21.03 92.82
C LYS U 252 31.22 21.39 91.92
N LEU U 253 30.96 20.57 90.89
CA LEU U 253 29.80 20.78 89.97
C LEU U 253 28.54 20.88 90.82
N ALA U 254 28.38 19.97 91.78
CA ALA U 254 27.21 19.95 92.70
C ALA U 254 27.13 21.29 93.45
N VAL U 255 28.26 21.78 93.96
CA VAL U 255 28.30 23.02 94.80
C VAL U 255 27.95 24.26 93.96
N ASN U 256 28.16 24.26 92.63
CA ASN U 256 27.96 25.46 91.75
C ASN U 256 26.79 25.28 90.77
N LEU U 257 26.19 24.08 90.67
CA LEU U 257 24.99 23.84 89.84
C LEU U 257 23.72 23.90 90.70
N ILE U 258 23.81 23.60 92.00
CA ILE U 258 22.62 23.49 92.91
C ILE U 258 22.59 24.71 93.81
N PRO U 259 21.72 25.72 93.52
CA PRO U 259 21.52 26.86 94.41
C PRO U 259 20.70 26.47 95.66
N PHE U 260 19.56 25.79 95.44
CA PHE U 260 18.63 25.34 96.50
C PHE U 260 18.42 23.83 96.38
N PRO U 261 18.40 23.06 97.49
CA PRO U 261 18.54 21.60 97.45
C PRO U 261 17.61 20.82 96.51
N ARG U 262 16.39 21.32 96.30
CA ARG U 262 15.32 20.65 95.52
C ARG U 262 15.56 20.85 94.01
N LEU U 263 16.29 21.89 93.60
CA LEU U 263 16.57 22.22 92.17
C LEU U 263 17.90 21.59 91.76
N HIS U 264 17.91 20.31 91.42
CA HIS U 264 19.16 19.59 91.07
C HIS U 264 18.98 18.77 89.80
N PHE U 265 17.92 19.00 89.06
CA PHE U 265 17.71 18.37 87.74
C PHE U 265 18.47 19.23 86.74
N PHE U 266 19.21 18.61 85.83
CA PHE U 266 20.05 19.32 84.82
C PHE U 266 19.88 18.69 83.45
N MET U 267 20.27 19.45 82.41
CA MET U 267 20.31 19.02 81.00
C MET U 267 21.78 18.84 80.60
N ILE U 268 22.20 17.60 80.40
CA ILE U 268 23.57 17.28 79.89
C ILE U 268 23.56 17.47 78.36
N GLY U 269 24.75 17.60 77.77
CA GLY U 269 24.95 17.89 76.32
C GLY U 269 26.42 17.91 75.92
N PHE U 270 26.74 17.23 74.82
CA PHE U 270 28.11 17.02 74.30
C PHE U 270 28.29 17.86 73.05
N ALA U 271 29.30 18.73 73.01
CA ALA U 271 29.44 19.84 72.02
C ALA U 271 30.04 19.41 70.69
N PRO U 272 31.17 18.66 70.63
CA PRO U 272 31.90 18.51 69.38
C PRO U 272 31.19 17.59 68.37
N LEU U 273 30.03 17.03 68.72
CA LEU U 273 29.27 16.08 67.86
C LEU U 273 28.91 16.75 66.54
N THR U 274 29.30 16.14 65.42
CA THR U 274 29.10 16.65 64.04
C THR U 274 28.85 15.50 63.06
N SER U 275 27.83 15.68 62.20
CA SER U 275 27.58 14.85 60.99
C SER U 275 28.91 14.60 60.27
N ARG U 276 29.10 13.37 59.78
CA ARG U 276 30.39 12.85 59.26
C ARG U 276 30.77 13.59 57.98
N GLY U 277 29.80 13.78 57.08
CA GLY U 277 29.93 14.62 55.88
C GLY U 277 30.34 16.04 56.25
N SER U 278 29.66 16.62 57.25
CA SER U 278 29.77 18.06 57.66
C SER U 278 31.10 18.35 58.37
N GLN U 279 32.05 17.41 58.41
CA GLN U 279 33.27 17.53 59.26
C GLN U 279 34.31 18.44 58.61
N GLN U 280 34.74 18.10 57.39
CA GLN U 280 35.63 18.94 56.54
C GLN U 280 35.45 20.41 56.92
N TYR U 281 34.21 20.88 56.75
CA TYR U 281 33.82 22.31 56.61
C TYR U 281 33.86 22.98 57.99
N ARG U 282 33.26 22.32 58.99
CA ARG U 282 33.30 22.75 60.40
C ARG U 282 34.77 22.91 60.84
N ALA U 283 35.09 24.05 61.44
CA ALA U 283 36.36 24.34 62.15
C ALA U 283 36.19 24.02 63.64
N LEU U 284 37.22 23.50 64.29
CA LEU U 284 37.14 22.98 65.67
C LEU U 284 37.85 23.98 66.57
N THR U 285 37.08 24.95 67.06
CA THR U 285 37.57 26.10 67.85
C THR U 285 36.62 26.33 69.01
N VAL U 286 37.16 26.75 70.16
CA VAL U 286 36.39 26.99 71.41
C VAL U 286 35.07 27.69 71.05
N PRO U 287 35.09 28.84 70.33
CA PRO U 287 33.84 29.52 69.99
C PRO U 287 32.82 28.56 69.37
N GLU U 288 33.19 27.88 68.29
CA GLU U 288 32.27 27.00 67.53
C GLU U 288 31.61 26.03 68.50
N LEU U 289 32.39 25.40 69.38
CA LEU U 289 31.88 24.36 70.30
C LEU U 289 30.96 24.99 71.34
N THR U 290 31.27 26.20 71.82
CA THR U 290 30.46 26.96 72.80
C THR U 290 29.08 27.29 72.21
N GLN U 291 29.02 27.62 70.91
CA GLN U 291 27.75 27.81 70.19
C GLN U 291 26.89 26.55 70.39
N GLN U 292 27.36 25.43 69.82
CA GLN U 292 26.60 24.16 69.78
C GLN U 292 26.11 23.82 71.19
N MET U 293 26.98 23.92 72.20
CA MET U 293 26.66 23.43 73.58
C MET U 293 25.48 24.22 74.13
N PHE U 294 25.32 25.49 73.73
CA PHE U 294 24.20 26.35 74.18
C PHE U 294 23.04 26.29 73.19
N ASP U 295 23.23 25.72 71.99
CA ASP U 295 22.13 25.41 71.05
C ASP U 295 21.17 24.39 71.70
N ALA U 296 19.93 24.79 71.95
CA ALA U 296 18.87 23.97 72.56
C ALA U 296 18.85 22.58 71.91
N LYS U 297 19.01 22.53 70.59
CA LYS U 297 19.08 21.28 69.78
C LYS U 297 19.96 20.27 70.50
N ASN U 298 21.17 20.68 70.88
CA ASN U 298 22.25 19.81 71.42
C ASN U 298 21.80 19.11 72.72
N MET U 299 20.93 19.74 73.52
CA MET U 299 20.54 19.23 74.86
C MET U 299 19.84 17.88 74.70
N MET U 300 20.16 16.92 75.59
CA MET U 300 19.61 15.54 75.63
C MET U 300 18.34 15.52 76.48
N CYS U 301 17.63 16.65 76.55
CA CYS U 301 16.29 16.82 77.16
C CYS U 301 15.35 17.43 76.12
N ALA U 302 14.06 17.13 76.25
CA ALA U 302 12.98 17.58 75.35
C ALA U 302 12.82 19.10 75.45
N ALA U 303 12.84 19.64 76.67
CA ALA U 303 12.56 21.07 76.98
C ALA U 303 13.69 21.96 76.46
N ASP U 304 13.37 22.91 75.59
CA ASP U 304 14.30 23.94 75.05
C ASP U 304 14.64 24.91 76.19
N PRO U 305 15.93 25.15 76.51
CA PRO U 305 16.31 26.16 77.51
C PRO U 305 15.74 27.56 77.24
N ARG U 306 15.33 27.85 76.00
CA ARG U 306 14.70 29.12 75.56
C ARG U 306 13.48 29.47 76.42
N HIS U 307 12.64 28.49 76.77
CA HIS U 307 11.39 28.70 77.55
C HIS U 307 11.74 28.99 79.02
N GLY U 308 12.72 28.26 79.57
CA GLY U 308 13.26 28.50 80.92
C GLY U 308 14.40 29.50 80.89
N ARG U 309 14.89 29.87 82.07
CA ARG U 309 16.07 30.76 82.25
C ARG U 309 17.07 30.04 83.17
N TYR U 310 18.22 29.64 82.61
CA TYR U 310 19.35 28.99 83.32
C TYR U 310 19.53 29.64 84.70
N LEU U 311 19.22 28.91 85.76
CA LEU U 311 19.58 29.27 87.16
C LEU U 311 21.11 29.27 87.27
N THR U 312 21.76 28.38 86.52
CA THR U 312 23.24 28.31 86.33
C THR U 312 23.55 27.45 85.10
N ALA U 313 24.83 27.24 84.82
CA ALA U 313 25.34 26.27 83.83
C ALA U 313 26.78 25.91 84.20
N SER U 314 27.30 24.83 83.62
CA SER U 314 28.70 24.36 83.83
C SER U 314 29.20 23.66 82.56
N ALA U 315 30.37 24.08 82.07
CA ALA U 315 31.07 23.50 80.89
C ALA U 315 32.36 22.82 81.34
N LEU U 316 32.67 21.66 80.76
CA LEU U 316 33.89 20.87 81.08
C LEU U 316 34.65 20.63 79.78
N PHE U 317 35.32 21.68 79.30
CA PHE U 317 36.10 21.72 78.04
C PHE U 317 37.28 20.73 78.13
N ARG U 318 37.56 20.06 77.02
CA ARG U 318 38.59 19.01 76.92
C ARG U 318 39.64 19.45 75.89
N GLY U 319 40.83 18.85 75.95
CA GLY U 319 41.93 19.15 75.02
C GLY U 319 42.73 20.37 75.48
N ARG U 320 43.61 20.86 74.60
CA ARG U 320 44.54 21.99 74.87
C ARG U 320 43.94 23.26 74.27
N MET U 321 43.42 24.13 75.14
CA MET U 321 42.78 25.41 74.76
C MET U 321 43.30 26.51 75.71
N SER U 322 43.34 27.75 75.23
CA SER U 322 43.77 28.95 76.00
C SER U 322 42.65 29.39 76.93
N THR U 323 42.73 28.99 78.19
CA THR U 323 41.74 29.31 79.25
C THR U 323 41.12 30.67 78.93
N LYS U 324 41.96 31.69 78.76
CA LYS U 324 41.50 33.06 78.44
C LYS U 324 40.39 32.97 77.40
N GLU U 325 40.69 32.34 76.25
CA GLU U 325 39.73 32.23 75.13
C GLU U 325 38.44 31.57 75.62
N VAL U 326 38.54 30.50 76.42
CA VAL U 326 37.35 29.83 77.02
C VAL U 326 36.55 30.91 77.75
N ASP U 327 37.18 31.59 78.71
CA ASP U 327 36.53 32.58 79.61
C ASP U 327 35.84 33.66 78.76
N GLU U 328 36.49 34.16 77.71
CA GLU U 328 35.96 35.17 76.75
C GLU U 328 34.64 34.67 76.14
N GLN U 329 34.59 33.39 75.76
CA GLN U 329 33.39 32.76 75.16
C GLN U 329 32.28 32.72 76.21
N MET U 330 32.56 32.16 77.39
CA MET U 330 31.57 32.01 78.48
C MET U 330 30.94 33.37 78.80
N LEU U 331 31.78 34.39 78.99
CA LEU U 331 31.33 35.79 79.18
C LEU U 331 30.43 36.17 78.01
N ASN U 332 30.94 36.05 76.78
CA ASN U 332 30.25 36.46 75.51
C ASN U 332 28.85 35.86 75.47
N VAL U 333 28.71 34.60 75.87
CA VAL U 333 27.41 33.86 75.91
C VAL U 333 26.45 34.58 76.87
N GLN U 334 26.90 34.92 78.07
CA GLN U 334 26.02 35.43 79.17
C GLN U 334 25.46 36.83 78.84
N ASN U 335 26.23 37.65 78.10
CA ASN U 335 25.78 38.98 77.60
C ASN U 335 24.69 38.78 76.54
N LYS U 336 24.96 37.93 75.55
CA LYS U 336 24.04 37.57 74.45
C LYS U 336 22.68 37.14 75.01
N ASN U 337 22.67 36.17 75.93
CA ASN U 337 21.47 35.46 76.44
C ASN U 337 20.99 36.13 77.74
N SER U 338 20.95 37.47 77.76
CA SER U 338 20.54 38.33 78.91
C SER U 338 19.27 37.76 79.58
N SER U 339 18.29 37.38 78.77
CA SER U 339 16.98 36.80 79.19
C SER U 339 17.20 35.43 79.82
N TYR U 340 17.81 34.52 79.05
CA TYR U 340 17.90 33.07 79.37
C TYR U 340 18.76 32.84 80.62
N PHE U 341 19.40 33.89 81.16
CA PHE U 341 20.09 33.84 82.46
C PHE U 341 19.26 34.58 83.52
N VAL U 342 19.34 34.07 84.75
CA VAL U 342 18.68 34.62 85.96
C VAL U 342 19.35 35.95 86.32
N GLU U 343 18.54 36.97 86.65
CA GLU U 343 19.00 38.36 86.97
C GLU U 343 19.90 38.31 88.21
N TRP U 344 19.39 37.75 89.32
CA TRP U 344 20.19 37.49 90.55
C TRP U 344 21.14 36.32 90.26
N ILE U 345 22.20 36.17 91.07
CA ILE U 345 23.33 35.23 90.84
C ILE U 345 23.90 35.51 89.45
N PRO U 346 24.74 36.56 89.32
CA PRO U 346 25.49 36.81 88.09
C PRO U 346 26.76 35.97 87.99
N ASN U 347 27.44 36.09 86.84
CA ASN U 347 28.48 35.14 86.37
C ASN U 347 27.93 33.73 86.63
N ASN U 348 26.83 33.42 85.93
CA ASN U 348 26.01 32.18 86.06
C ASN U 348 26.85 30.97 85.62
N ILE U 349 27.58 31.09 84.50
CA ILE U 349 28.28 29.93 83.86
C ILE U 349 29.58 29.67 84.63
N LYS U 350 29.76 28.42 85.07
CA LYS U 350 31.03 27.86 85.59
C LYS U 350 31.77 27.17 84.45
N SER U 351 33.10 27.26 84.43
CA SER U 351 33.99 26.56 83.46
C SER U 351 34.99 25.69 84.22
N SER U 352 35.26 24.50 83.68
CA SER U 352 36.39 23.61 84.05
C SER U 352 37.20 23.31 82.78
N ILE U 353 38.51 23.17 82.90
CA ILE U 353 39.43 22.82 81.78
C ILE U 353 40.14 21.51 82.15
N CYS U 354 40.00 20.48 81.32
CA CYS U 354 40.86 19.26 81.36
C CYS U 354 41.82 19.29 80.19
N ASP U 355 43.06 18.91 80.45
CA ASP U 355 44.10 18.83 79.39
C ASP U 355 43.73 17.70 78.44
N ILE U 356 43.43 16.50 78.94
CA ILE U 356 43.33 15.27 78.10
C ILE U 356 42.01 15.30 77.33
N PRO U 357 42.02 15.34 75.98
CA PRO U 357 40.80 15.33 75.18
C PRO U 357 40.23 13.91 75.09
N PRO U 358 39.04 13.74 74.47
CA PRO U 358 38.53 12.39 74.17
C PRO U 358 39.24 11.79 72.95
N LYS U 359 39.16 10.47 72.78
CA LYS U 359 39.94 9.73 71.76
C LYS U 359 39.45 10.13 70.36
N GLY U 360 40.39 10.49 69.48
CA GLY U 360 40.16 10.83 68.06
C GLY U 360 39.73 12.29 67.85
N LEU U 361 39.80 13.13 68.89
CA LEU U 361 39.32 14.54 68.88
C LEU U 361 40.37 15.46 69.51
N LYS U 362 40.47 16.69 68.99
CA LYS U 362 41.47 17.71 69.42
C LYS U 362 40.89 18.53 70.57
N MET U 363 39.60 18.83 70.50
CA MET U 363 38.86 19.53 71.59
C MET U 363 37.48 18.90 71.73
N ALA U 364 36.78 19.25 72.81
CA ALA U 364 35.44 18.71 73.18
C ALA U 364 34.91 19.41 74.44
N VAL U 365 33.59 19.47 74.56
CA VAL U 365 32.86 20.12 75.69
C VAL U 365 31.64 19.27 76.07
N THR U 366 31.52 19.02 77.37
CA THR U 366 30.28 18.54 78.02
C THR U 366 29.64 19.73 78.71
N PHE U 367 28.32 19.77 78.67
CA PHE U 367 27.50 20.84 79.27
C PHE U 367 26.57 20.21 80.31
N VAL U 368 26.46 20.85 81.48
CA VAL U 368 25.47 20.53 82.54
C VAL U 368 24.79 21.86 82.89
N GLY U 369 23.48 21.94 82.73
CA GLY U 369 22.70 23.19 82.96
C GLY U 369 21.52 22.96 83.88
N ASN U 370 21.48 23.64 85.02
CA ASN U 370 20.25 23.82 85.84
C ASN U 370 19.46 25.00 85.25
N SER U 371 18.31 24.72 84.65
CA SER U 371 17.34 25.72 84.13
C SER U 371 15.97 25.47 84.76
N THR U 372 15.02 26.36 84.46
CA THR U 372 13.59 26.26 84.83
C THR U 372 12.80 25.65 83.66
N ALA U 373 13.46 25.48 82.50
CA ALA U 373 12.91 24.82 81.29
C ALA U 373 12.59 23.35 81.59
N ILE U 374 13.38 22.72 82.48
CA ILE U 374 13.30 21.27 82.85
C ILE U 374 11.90 20.98 83.41
N GLN U 375 11.33 21.92 84.16
CA GLN U 375 9.91 21.88 84.61
C GLN U 375 9.01 21.42 83.46
N GLU U 376 9.14 22.06 82.29
CA GLU U 376 8.27 21.86 81.09
C GLU U 376 8.17 20.36 80.76
N MET U 377 9.29 19.63 80.88
CA MET U 377 9.33 18.16 80.61
C MET U 377 8.58 17.41 81.73
N PHE U 378 8.64 17.90 82.97
CA PHE U 378 7.92 17.33 84.13
C PHE U 378 6.43 17.62 84.05
N LYS U 379 6.06 18.73 83.41
CA LYS U 379 4.63 19.10 83.16
C LYS U 379 4.00 18.02 82.27
N ARG U 380 4.67 17.66 81.18
CA ARG U 380 4.21 16.61 80.23
C ARG U 380 3.83 15.38 81.05
N VAL U 381 4.70 14.93 81.97
CA VAL U 381 4.51 13.69 82.80
C VAL U 381 3.33 13.91 83.77
N ALA U 382 3.15 15.13 84.30
CA ALA U 382 2.07 15.48 85.24
C ALA U 382 0.71 15.41 84.53
N GLU U 383 0.59 16.10 83.38
CA GLU U 383 -0.63 16.17 82.52
C GLU U 383 -1.08 14.76 82.16
N GLN U 384 -0.15 13.90 81.73
CA GLN U 384 -0.38 12.48 81.34
C GLN U 384 -0.86 11.72 82.58
N PHE U 385 -0.08 11.79 83.67
CA PHE U 385 -0.35 11.08 84.96
C PHE U 385 -1.75 11.44 85.48
N THR U 386 -2.07 12.73 85.51
CA THR U 386 -3.37 13.25 86.01
C THR U 386 -4.51 12.60 85.22
N ALA U 387 -4.47 12.66 83.88
CA ALA U 387 -5.49 12.14 82.94
C ALA U 387 -5.83 10.67 83.26
N MET U 388 -4.81 9.84 83.53
CA MET U 388 -4.98 8.44 84.03
C MET U 388 -5.62 8.48 85.42
N PHE U 389 -5.04 9.24 86.37
CA PHE U 389 -5.39 9.19 87.82
C PHE U 389 -6.72 9.86 88.12
N ARG U 390 -7.21 10.70 87.20
CA ARG U 390 -8.62 11.13 87.18
C ARG U 390 -9.52 9.90 87.30
N ARG U 391 -9.20 8.81 86.57
CA ARG U 391 -10.06 7.61 86.38
C ARG U 391 -9.57 6.38 87.16
N LYS U 392 -8.36 6.44 87.75
CA LYS U 392 -7.72 5.33 88.52
C LYS U 392 -7.39 4.15 87.58
N ALA U 393 -7.06 4.49 86.33
CA ALA U 393 -6.72 3.52 85.26
C ALA U 393 -5.41 2.83 85.61
N PHE U 394 -5.29 1.55 85.23
CA PHE U 394 -4.11 0.69 85.45
C PHE U 394 -3.70 0.70 86.93
N LEU U 395 -4.54 1.19 87.84
CA LEU U 395 -4.11 1.50 89.21
C LEU U 395 -4.06 0.21 90.04
N HIS U 396 -4.92 -0.75 89.69
CA HIS U 396 -5.09 -2.05 90.38
C HIS U 396 -3.77 -2.84 90.47
N TRP U 397 -2.96 -2.92 89.40
CA TRP U 397 -1.62 -3.57 89.42
C TRP U 397 -0.84 -3.03 90.62
N TYR U 398 -0.67 -1.69 90.63
CA TYR U 398 0.11 -0.93 91.63
C TYR U 398 -0.56 -1.09 93.00
N THR U 399 -1.89 -0.99 93.04
CA THR U 399 -2.70 -1.26 94.26
C THR U 399 -2.49 -2.71 94.70
N GLY U 400 -2.42 -3.64 93.74
CA GLY U 400 -2.28 -5.09 93.95
C GLY U 400 -0.96 -5.47 94.62
N GLU U 401 0.13 -4.75 94.33
CA GLU U 401 1.47 -4.99 94.93
C GLU U 401 1.51 -4.47 96.38
N GLY U 402 0.52 -3.67 96.80
CA GLY U 402 0.35 -3.20 98.19
C GLY U 402 0.69 -1.73 98.38
N MET U 403 0.79 -0.97 97.28
CA MET U 403 0.86 0.53 97.28
C MET U 403 -0.56 1.07 97.44
N ASP U 404 -0.72 2.16 98.19
CA ASP U 404 -2.03 2.80 98.50
C ASP U 404 -2.20 4.03 97.61
N GLU U 405 -3.44 4.49 97.42
CA GLU U 405 -3.80 5.67 96.59
C GLU U 405 -3.15 6.95 97.16
N MET U 406 -2.89 6.97 98.48
CA MET U 406 -2.20 8.08 99.21
C MET U 406 -0.84 8.36 98.56
N GLU U 407 -0.08 7.31 98.23
CA GLU U 407 1.28 7.35 97.61
C GLU U 407 1.21 8.04 96.24
N PHE U 408 0.17 7.76 95.45
CA PHE U 408 -0.03 8.33 94.09
C PHE U 408 -0.37 9.83 94.17
N THR U 409 -1.06 10.25 95.23
CA THR U 409 -1.51 11.65 95.46
C THR U 409 -0.34 12.49 96.00
N GLU U 410 0.57 11.90 96.78
CA GLU U 410 1.74 12.60 97.40
C GLU U 410 2.86 12.77 96.35
N ALA U 411 3.04 11.78 95.47
CA ALA U 411 4.01 11.80 94.34
C ALA U 411 3.68 12.94 93.37
N GLU U 412 2.38 13.13 93.05
CA GLU U 412 1.83 14.24 92.24
C GLU U 412 1.99 15.57 92.99
N SER U 413 1.67 15.56 94.29
CA SER U 413 1.82 16.72 95.22
C SER U 413 3.28 17.18 95.25
N ASN U 414 4.22 16.24 95.30
CA ASN U 414 5.67 16.55 95.39
C ASN U 414 6.22 17.02 94.04
N MET U 415 5.79 16.42 92.92
CA MET U 415 6.26 16.81 91.56
C MET U 415 5.68 18.18 91.18
N ASN U 416 4.46 18.51 91.62
CA ASN U 416 3.82 19.84 91.36
C ASN U 416 4.57 20.93 92.13
N ASP U 417 5.02 20.64 93.36
CA ASP U 417 5.84 21.55 94.21
C ASP U 417 7.15 21.90 93.50
N LEU U 418 7.78 20.91 92.85
CA LEU U 418 9.03 21.06 92.03
C LEU U 418 8.77 22.06 90.89
N VAL U 419 7.68 21.84 90.13
CA VAL U 419 7.29 22.64 88.94
C VAL U 419 7.00 24.08 89.38
N SER U 420 6.39 24.25 90.56
CA SER U 420 6.09 25.57 91.19
C SER U 420 7.38 26.29 91.58
N GLU U 421 8.35 25.55 92.12
CA GLU U 421 9.61 26.12 92.66
C GLU U 421 10.50 26.63 91.51
N TYR U 422 10.63 25.86 90.42
CA TYR U 422 11.41 26.28 89.21
C TYR U 422 10.78 27.56 88.63
N GLN U 423 9.47 27.54 88.38
CA GLN U 423 8.70 28.67 87.82
C GLN U 423 8.92 29.90 88.70
N GLN U 424 8.93 29.73 90.04
CA GLN U 424 9.21 30.80 91.04
C GLN U 424 10.53 31.48 90.67
N TYR U 425 11.59 30.70 90.55
CA TYR U 425 12.98 31.21 90.36
C TYR U 425 13.11 31.74 88.92
N GLN U 426 12.31 31.23 87.98
CA GLN U 426 12.23 31.80 86.60
C GLN U 426 11.65 33.21 86.68
N ASP U 427 10.44 33.32 87.24
CA ASP U 427 9.64 34.57 87.29
C ASP U 427 10.31 35.58 88.24
N ALA U 428 10.99 35.10 89.29
CA ALA U 428 11.66 35.92 90.33
C ALA U 428 12.67 36.89 89.69
N THR U 429 12.65 38.16 90.13
CA THR U 429 13.54 39.26 89.67
C THR U 429 14.26 39.87 90.89
N ALA U 430 15.60 39.81 90.92
CA ALA U 430 16.45 40.31 92.02
C ALA U 430 17.85 40.63 91.51
N MET V 1 -13.04 -46.22 70.48
CA MET V 1 -14.27 -46.87 71.01
C MET V 1 -15.52 -46.14 70.46
N ARG V 2 -16.35 -45.54 71.32
CA ARG V 2 -17.67 -44.93 70.95
C ARG V 2 -18.48 -45.94 70.12
N GLU V 3 -18.62 -47.16 70.63
CA GLU V 3 -19.18 -48.32 69.87
C GLU V 3 -20.69 -48.14 69.71
N ILE V 4 -21.21 -48.61 68.56
CA ILE V 4 -22.64 -48.57 68.19
C ILE V 4 -23.10 -50.02 67.99
N VAL V 5 -24.13 -50.44 68.76
CA VAL V 5 -24.85 -51.72 68.57
C VAL V 5 -25.99 -51.46 67.57
N HIS V 6 -26.15 -52.33 66.57
CA HIS V 6 -27.19 -52.21 65.50
C HIS V 6 -28.22 -53.33 65.67
N ILE V 7 -29.47 -52.99 66.00
CA ILE V 7 -30.62 -53.94 65.96
C ILE V 7 -31.38 -53.69 64.65
N GLN V 8 -31.56 -54.73 63.84
CA GLN V 8 -32.30 -54.69 62.55
C GLN V 8 -33.56 -55.56 62.69
N GLY V 9 -34.70 -54.93 63.00
CA GLY V 9 -35.94 -55.61 63.46
C GLY V 9 -37.04 -55.56 62.43
N GLY V 10 -37.76 -56.67 62.24
CA GLY V 10 -38.77 -56.84 61.19
C GLY V 10 -38.15 -57.01 59.82
N GLN V 11 -38.90 -57.60 58.88
CA GLN V 11 -38.45 -57.96 57.51
C GLN V 11 -37.74 -56.76 56.88
N CYS V 12 -38.41 -55.59 56.85
CA CYS V 12 -37.86 -54.29 56.38
C CYS V 12 -36.50 -54.01 57.04
N GLY V 13 -36.50 -53.88 58.36
CA GLY V 13 -35.32 -53.56 59.18
C GLY V 13 -34.14 -54.46 58.86
N ASN V 14 -34.38 -55.75 58.63
CA ASN V 14 -33.35 -56.78 58.30
C ASN V 14 -32.79 -56.56 56.89
N GLN V 15 -33.67 -56.40 55.89
CA GLN V 15 -33.29 -56.20 54.46
C GLN V 15 -32.48 -54.90 54.32
N ILE V 16 -32.87 -53.85 55.05
CA ILE V 16 -32.12 -52.55 55.16
C ILE V 16 -30.73 -52.86 55.71
N GLY V 17 -30.69 -53.52 56.88
CA GLY V 17 -29.46 -53.96 57.56
C GLY V 17 -28.54 -54.73 56.61
N ALA V 18 -29.10 -55.70 55.88
CA ALA V 18 -28.38 -56.53 54.89
C ALA V 18 -27.58 -55.62 53.96
N LYS V 19 -28.23 -54.58 53.41
CA LYS V 19 -27.60 -53.59 52.50
C LYS V 19 -26.66 -52.68 53.30
N PHE V 20 -27.07 -52.22 54.49
CA PHE V 20 -26.25 -51.30 55.33
C PHE V 20 -24.90 -51.96 55.66
N TRP V 21 -24.89 -53.26 56.01
CA TRP V 21 -23.68 -54.02 56.43
C TRP V 21 -22.92 -54.58 55.22
N GLU V 22 -23.36 -54.28 53.98
CA GLU V 22 -22.54 -54.37 52.73
C GLU V 22 -21.84 -53.04 52.48
N VAL V 23 -22.56 -51.92 52.65
CA VAL V 23 -22.10 -50.53 52.42
C VAL V 23 -20.92 -50.22 53.34
N ILE V 24 -21.10 -50.39 54.66
CA ILE V 24 -20.07 -50.10 55.70
C ILE V 24 -18.86 -51.02 55.48
N SER V 25 -19.08 -52.24 54.95
CA SER V 25 -18.04 -53.26 54.67
C SER V 25 -17.16 -52.84 53.48
N ASP V 26 -17.72 -52.09 52.51
CA ASP V 26 -16.96 -51.55 51.36
C ASP V 26 -16.02 -50.43 51.86
N GLU V 27 -16.55 -49.53 52.70
CA GLU V 27 -15.85 -48.33 53.26
C GLU V 27 -14.65 -48.75 54.11
N HIS V 28 -14.85 -49.71 55.02
CA HIS V 28 -13.83 -50.26 55.95
C HIS V 28 -13.00 -51.34 55.25
N GLY V 29 -13.39 -51.78 54.05
CA GLY V 29 -12.64 -52.72 53.19
C GLY V 29 -12.96 -54.18 53.47
N ILE V 30 -13.68 -54.48 54.56
CA ILE V 30 -13.96 -55.86 55.07
C ILE V 30 -14.62 -56.65 53.92
N ASP V 31 -14.17 -57.89 53.71
CA ASP V 31 -14.65 -58.81 52.64
C ASP V 31 -15.78 -59.66 53.20
N PRO V 32 -16.61 -60.32 52.34
CA PRO V 32 -17.78 -61.07 52.81
C PRO V 32 -17.48 -62.25 53.77
N THR V 33 -16.21 -62.65 53.88
CA THR V 33 -15.71 -63.74 54.78
C THR V 33 -15.10 -63.16 56.07
N GLY V 34 -15.22 -61.84 56.31
CA GLY V 34 -14.82 -61.19 57.58
C GLY V 34 -13.34 -60.81 57.65
N THR V 35 -12.60 -61.00 56.55
CA THR V 35 -11.16 -60.66 56.43
C THR V 35 -11.01 -59.22 55.93
N TYR V 36 -9.99 -58.50 56.40
CA TYR V 36 -9.62 -57.14 55.93
C TYR V 36 -8.77 -57.25 54.66
N HIS V 37 -9.29 -56.74 53.53
CA HIS V 37 -8.59 -56.65 52.22
C HIS V 37 -8.59 -55.20 51.70
N GLY V 38 -8.68 -54.23 52.60
CA GLY V 38 -8.52 -52.79 52.31
C GLY V 38 -7.06 -52.42 52.05
N ASP V 39 -6.84 -51.26 51.42
CA ASP V 39 -5.50 -50.76 51.00
C ASP V 39 -5.01 -49.66 51.96
N SER V 40 -5.91 -48.91 52.59
CA SER V 40 -5.61 -47.79 53.52
C SER V 40 -5.81 -48.24 54.98
N ASP V 41 -4.85 -47.93 55.85
CA ASP V 41 -4.88 -48.25 57.31
C ASP V 41 -5.97 -47.43 58.01
N LEU V 42 -6.35 -46.28 57.45
CA LEU V 42 -7.47 -45.40 57.93
C LEU V 42 -8.80 -46.18 58.00
N GLN V 43 -8.96 -47.23 57.18
CA GLN V 43 -10.18 -48.07 57.14
C GLN V 43 -10.35 -48.87 58.45
N LEU V 44 -9.27 -49.22 59.15
CA LEU V 44 -9.32 -50.09 60.36
C LEU V 44 -9.03 -49.33 61.67
N GLU V 45 -8.75 -48.02 61.65
CA GLU V 45 -8.34 -47.26 62.86
C GLU V 45 -9.49 -47.21 63.89
N ARG V 46 -10.74 -47.15 63.43
CA ARG V 46 -11.96 -47.01 64.28
C ARG V 46 -13.00 -48.07 63.94
N ILE V 47 -12.61 -49.21 63.36
CA ILE V 47 -13.54 -50.29 62.92
C ILE V 47 -14.36 -50.81 64.11
N ASN V 48 -13.78 -50.75 65.31
CA ASN V 48 -14.41 -51.22 66.58
C ASN V 48 -15.73 -50.49 66.85
N VAL V 49 -16.01 -49.35 66.21
CA VAL V 49 -17.29 -48.60 66.31
C VAL V 49 -18.47 -49.50 65.91
N TYR V 50 -18.35 -50.26 64.81
CA TYR V 50 -19.44 -51.06 64.20
C TYR V 50 -19.19 -52.57 64.35
N TYR V 51 -17.94 -53.02 64.13
CA TYR V 51 -17.52 -54.44 64.21
C TYR V 51 -16.85 -54.73 65.55
N ASN V 52 -17.05 -55.94 66.09
CA ASN V 52 -16.26 -56.50 67.22
C ASN V 52 -15.28 -57.52 66.65
N GLU V 53 -13.98 -57.35 66.92
CA GLU V 53 -12.90 -58.25 66.44
C GLU V 53 -13.09 -59.64 67.07
N ALA V 54 -13.38 -60.64 66.25
CA ALA V 54 -13.48 -62.08 66.63
C ALA V 54 -12.11 -62.75 66.43
N THR V 55 -11.98 -63.99 66.90
CA THR V 55 -10.72 -64.78 66.89
C THR V 55 -10.38 -65.21 65.46
N GLY V 56 -9.11 -65.16 65.08
CA GLY V 56 -8.60 -65.46 63.72
C GLY V 56 -8.62 -64.25 62.81
N GLY V 57 -8.71 -63.03 63.38
CA GLY V 57 -8.69 -61.74 62.65
C GLY V 57 -9.90 -61.54 61.75
N ARG V 58 -11.02 -62.22 62.06
CA ARG V 58 -12.33 -62.03 61.38
C ARG V 58 -12.96 -60.75 61.95
N TYR V 59 -13.76 -60.05 61.14
CA TYR V 59 -14.57 -58.89 61.59
C TYR V 59 -16.04 -59.28 61.50
N VAL V 60 -16.67 -59.36 62.68
CA VAL V 60 -18.11 -59.69 62.89
C VAL V 60 -18.83 -58.38 63.18
N PRO V 61 -19.87 -58.01 62.38
CA PRO V 61 -20.75 -56.91 62.72
C PRO V 61 -21.42 -57.03 64.10
N ARG V 62 -21.55 -55.92 64.83
CA ARG V 62 -22.30 -55.83 66.11
C ARG V 62 -23.77 -55.57 65.77
N ALA V 63 -24.42 -56.59 65.18
CA ALA V 63 -25.82 -56.57 64.70
C ALA V 63 -26.62 -57.68 65.39
N ILE V 64 -27.80 -57.34 65.92
CA ILE V 64 -28.77 -58.29 66.56
C ILE V 64 -30.01 -58.39 65.66
N LEU V 65 -30.03 -59.39 64.77
CA LEU V 65 -31.05 -59.57 63.71
C LEU V 65 -32.27 -60.28 64.30
N MET V 66 -33.28 -59.51 64.74
CA MET V 66 -34.53 -60.04 65.35
C MET V 66 -35.65 -60.06 64.31
N ASP V 67 -36.55 -61.05 64.39
CA ASP V 67 -37.82 -61.14 63.60
C ASP V 67 -38.71 -62.26 64.15
N LEU V 68 -40.02 -62.21 63.87
CA LEU V 68 -41.02 -63.25 64.21
C LEU V 68 -41.35 -64.04 62.94
N PRO V 70 -39.23 -66.81 60.69
CA PRO V 70 -37.98 -67.57 60.53
C PRO V 70 -37.38 -67.45 59.12
N GLY V 71 -38.23 -67.25 58.11
CA GLY V 71 -37.84 -67.10 56.69
C GLY V 71 -36.93 -65.91 56.43
N THR V 72 -36.95 -64.92 57.32
CA THR V 72 -36.11 -63.68 57.26
C THR V 72 -34.64 -63.99 57.50
N MET V 73 -34.32 -65.08 58.23
CA MET V 73 -32.93 -65.59 58.40
C MET V 73 -32.40 -66.10 57.05
N ASP V 74 -33.23 -66.82 56.27
CA ASP V 74 -32.85 -67.42 54.96
C ASP V 74 -32.56 -66.32 53.92
N SER V 75 -33.17 -65.14 54.07
CA SER V 75 -33.03 -63.97 53.16
C SER V 75 -31.72 -63.22 53.44
N VAL V 76 -31.38 -63.00 54.72
CA VAL V 76 -30.15 -62.27 55.15
C VAL V 76 -28.91 -63.15 54.92
N ARG V 77 -29.03 -64.48 55.04
CA ARG V 77 -27.95 -65.48 54.73
C ARG V 77 -27.72 -65.57 53.22
N ALA V 78 -28.80 -65.58 52.44
CA ALA V 78 -28.77 -65.60 50.96
C ALA V 78 -27.94 -64.42 50.43
N GLY V 79 -28.17 -63.21 50.96
CA GLY V 79 -27.52 -61.95 50.55
C GLY V 79 -25.99 -62.06 50.56
N PRO V 80 -25.26 -61.39 49.64
CA PRO V 80 -23.81 -61.25 49.76
C PRO V 80 -23.48 -60.43 51.02
N PHE V 81 -22.40 -60.79 51.72
CA PHE V 81 -21.99 -60.26 53.06
C PHE V 81 -22.98 -60.72 54.15
N GLY V 82 -23.64 -61.88 53.95
CA GLY V 82 -24.56 -62.50 54.92
C GLY V 82 -23.80 -63.40 55.91
N GLN V 83 -22.63 -63.90 55.51
CA GLN V 83 -21.75 -64.76 56.35
C GLN V 83 -21.11 -63.93 57.46
N LEU V 84 -21.00 -62.61 57.27
CA LEU V 84 -20.43 -61.64 58.26
C LEU V 84 -21.11 -61.81 59.62
N PHE V 85 -22.45 -61.71 59.65
CA PHE V 85 -23.27 -61.68 60.89
C PHE V 85 -23.03 -62.96 61.70
N ARG V 86 -22.89 -62.83 63.03
CA ARG V 86 -22.60 -63.95 63.97
C ARG V 86 -23.88 -64.78 64.18
N PRO V 87 -23.85 -66.12 64.04
CA PRO V 87 -25.06 -66.94 64.15
C PRO V 87 -25.80 -66.82 65.49
N ASP V 88 -25.07 -66.63 66.59
CA ASP V 88 -25.64 -66.43 67.96
C ASP V 88 -26.56 -65.21 67.97
N ASN V 89 -26.19 -64.16 67.21
CA ASN V 89 -26.92 -62.85 67.19
C ASN V 89 -28.31 -63.01 66.55
N PHE V 90 -28.48 -63.91 65.58
CA PHE V 90 -29.75 -64.15 64.84
C PHE V 90 -30.81 -64.75 65.76
N VAL V 91 -31.74 -63.94 66.25
CA VAL V 91 -32.86 -64.36 67.14
C VAL V 91 -34.18 -64.29 66.35
N PHE V 92 -34.80 -65.44 66.04
CA PHE V 92 -36.04 -65.55 65.22
C PHE V 92 -37.08 -66.40 65.95
N GLY V 93 -38.35 -65.97 65.89
CA GLY V 93 -39.52 -66.75 66.34
C GLY V 93 -39.95 -67.77 65.29
N GLN V 94 -41.24 -68.15 65.28
CA GLN V 94 -41.81 -69.14 64.31
C GLN V 94 -43.04 -68.55 63.60
N THR V 95 -44.03 -68.06 64.35
CA THR V 95 -45.38 -67.70 63.83
C THR V 95 -45.32 -66.44 62.95
N GLY V 96 -44.59 -65.40 63.37
CA GLY V 96 -44.67 -64.05 62.78
C GLY V 96 -45.62 -63.17 63.57
N ALA V 97 -45.67 -61.87 63.23
CA ALA V 97 -46.60 -60.88 63.82
C ALA V 97 -47.91 -60.85 63.02
N GLY V 98 -47.85 -61.10 61.70
CA GLY V 98 -49.01 -61.08 60.79
C GLY V 98 -49.51 -59.66 60.55
N ASN V 99 -48.61 -58.68 60.54
CA ASN V 99 -48.91 -57.23 60.38
C ASN V 99 -49.84 -56.76 61.51
N ASN V 100 -49.61 -57.24 62.74
CA ASN V 100 -50.33 -56.85 63.99
C ASN V 100 -49.30 -56.40 65.04
N TRP V 101 -49.21 -55.09 65.29
CA TRP V 101 -48.41 -54.47 66.38
C TRP V 101 -48.58 -55.28 67.67
N ALA V 102 -49.84 -55.61 67.99
CA ALA V 102 -50.26 -56.30 69.24
C ALA V 102 -49.56 -57.65 69.37
N LYS V 103 -49.59 -58.46 68.30
CA LYS V 103 -48.96 -59.81 68.27
C LYS V 103 -47.43 -59.65 68.39
N GLY V 104 -46.87 -58.58 67.82
CA GLY V 104 -45.42 -58.25 67.92
C GLY V 104 -45.04 -57.60 69.24
N HIS V 105 -45.99 -57.14 70.07
CA HIS V 105 -45.73 -56.32 71.30
C HIS V 105 -46.22 -57.03 72.58
N TYR V 106 -47.41 -57.63 72.60
CA TYR V 106 -48.10 -58.04 73.86
C TYR V 106 -48.20 -59.56 74.05
N THR V 107 -48.06 -60.39 73.00
CA THR V 107 -48.14 -61.89 73.08
C THR V 107 -46.90 -62.56 72.48
N GLU V 108 -46.81 -62.67 71.14
CA GLU V 108 -45.76 -63.46 70.43
C GLU V 108 -44.41 -62.77 70.63
N GLY V 109 -44.29 -61.50 70.23
CA GLY V 109 -43.08 -60.69 70.40
C GLY V 109 -42.63 -60.65 71.85
N ALA V 110 -43.58 -60.44 72.76
CA ALA V 110 -43.38 -60.35 74.24
C ALA V 110 -42.60 -61.57 74.75
N GLU V 111 -42.81 -62.76 74.15
CA GLU V 111 -42.12 -64.02 74.53
C GLU V 111 -40.68 -64.01 73.99
N LEU V 112 -40.46 -63.46 72.80
CA LEU V 112 -39.13 -63.51 72.16
C LEU V 112 -38.19 -62.50 72.84
N ILE V 113 -38.60 -61.24 73.00
CA ILE V 113 -37.72 -60.09 73.40
C ILE V 113 -36.74 -60.49 74.50
N ASP V 114 -37.21 -61.16 75.57
CA ASP V 114 -36.39 -61.54 76.77
C ASP V 114 -35.10 -62.24 76.30
N SER V 115 -35.20 -63.07 75.25
CA SER V 115 -34.04 -63.71 74.58
C SER V 115 -33.17 -62.66 73.88
N VAL V 116 -33.79 -61.66 73.23
CA VAL V 116 -33.09 -60.60 72.45
C VAL V 116 -32.31 -59.70 73.42
N LEU V 117 -32.94 -59.25 74.50
CA LEU V 117 -32.30 -58.37 75.53
C LEU V 117 -31.00 -59.02 76.03
N ASP V 118 -30.96 -60.35 76.19
CA ASP V 118 -29.78 -61.11 76.67
C ASP V 118 -28.61 -60.96 75.67
N VAL V 119 -28.89 -60.90 74.37
CA VAL V 119 -27.86 -60.70 73.29
C VAL V 119 -27.45 -59.22 73.28
N VAL V 120 -28.44 -58.31 73.34
CA VAL V 120 -28.26 -56.82 73.43
C VAL V 120 -27.28 -56.55 74.57
N ARG V 121 -27.66 -56.93 75.80
CA ARG V 121 -26.82 -56.83 77.02
C ARG V 121 -25.42 -57.36 76.71
N LYS V 122 -25.33 -58.55 76.09
CA LYS V 122 -24.04 -59.23 75.78
C LYS V 122 -23.19 -58.30 74.94
N GLU V 123 -23.71 -57.87 73.79
CA GLU V 123 -22.95 -57.04 72.81
C GLU V 123 -22.60 -55.69 73.45
N ALA V 124 -23.57 -55.03 74.10
CA ALA V 124 -23.43 -53.72 74.76
C ALA V 124 -22.29 -53.77 75.79
N GLU V 125 -22.24 -54.83 76.62
CA GLU V 125 -21.22 -55.01 77.68
C GLU V 125 -19.86 -55.29 77.04
N GLY V 126 -19.82 -55.83 75.82
CA GLY V 126 -18.60 -56.02 75.02
C GLY V 126 -17.86 -54.71 74.75
N CYS V 127 -18.60 -53.61 74.56
CA CYS V 127 -18.08 -52.24 74.32
C CYS V 127 -17.45 -51.67 75.60
N ASP V 128 -16.31 -50.97 75.49
CA ASP V 128 -15.66 -50.24 76.61
C ASP V 128 -16.46 -48.95 76.87
N CYS V 129 -16.78 -48.20 75.81
CA CYS V 129 -17.69 -47.02 75.82
C CYS V 129 -18.73 -47.14 74.70
N LEU V 130 -19.98 -47.46 75.06
CA LEU V 130 -21.12 -47.54 74.12
C LEU V 130 -21.59 -46.11 73.79
N GLN V 131 -21.43 -45.67 72.53
CA GLN V 131 -22.08 -44.44 72.01
C GLN V 131 -23.59 -44.61 72.16
N GLY V 132 -24.09 -45.76 71.72
CA GLY V 132 -25.52 -46.12 71.81
C GLY V 132 -25.88 -47.17 70.78
N PHE V 133 -27.13 -47.14 70.32
CA PHE V 133 -27.74 -48.13 69.40
C PHE V 133 -28.11 -47.42 68.08
N GLN V 134 -28.32 -48.19 67.00
CA GLN V 134 -28.96 -47.71 65.73
C GLN V 134 -29.99 -48.74 65.26
N ILE V 135 -31.23 -48.63 65.74
CA ILE V 135 -32.37 -49.58 65.48
C ILE V 135 -32.88 -49.28 64.05
N THR V 136 -32.90 -50.27 63.13
CA THR V 136 -33.47 -50.13 61.76
C THR V 136 -34.69 -51.05 61.62
N HIS V 137 -35.90 -50.49 61.71
CA HIS V 137 -37.20 -51.21 61.70
C HIS V 137 -38.14 -50.54 60.69
N SER V 138 -39.39 -51.00 60.63
CA SER V 138 -40.54 -50.36 59.94
C SER V 138 -41.66 -50.11 60.96
N LEU V 139 -42.33 -48.95 60.89
CA LEU V 139 -43.48 -48.58 61.76
C LEU V 139 -44.76 -49.27 61.28
N GLY V 140 -44.76 -49.78 60.03
CA GLY V 140 -45.94 -50.36 59.34
C GLY V 140 -46.13 -51.84 59.62
N GLY V 141 -45.06 -52.65 59.51
CA GLY V 141 -45.11 -54.12 59.60
C GLY V 141 -44.91 -54.63 61.02
N GLY V 142 -45.83 -55.48 61.49
CA GLY V 142 -46.10 -55.79 62.91
C GLY V 142 -44.88 -56.23 63.69
N THR V 143 -43.89 -56.83 63.02
CA THR V 143 -42.61 -57.28 63.64
C THR V 143 -41.75 -56.08 63.99
N GLY V 144 -41.38 -55.27 62.98
CA GLY V 144 -40.59 -54.04 63.16
C GLY V 144 -41.26 -53.09 64.14
N SER V 145 -42.59 -52.98 64.08
CA SER V 145 -43.41 -52.00 64.85
C SER V 145 -43.66 -52.53 66.27
N GLY V 146 -44.09 -53.78 66.41
CA GLY V 146 -44.37 -54.44 67.70
C GLY V 146 -43.13 -54.63 68.54
N MET V 147 -42.15 -55.40 68.02
CA MET V 147 -40.90 -55.79 68.75
C MET V 147 -39.93 -54.59 68.83
N GLY V 148 -39.74 -53.87 67.73
CA GLY V 148 -38.88 -52.67 67.66
C GLY V 148 -39.16 -51.72 68.81
N THR V 149 -40.42 -51.28 68.95
CA THR V 149 -40.90 -50.35 70.01
C THR V 149 -40.76 -50.99 71.40
N LEU V 150 -41.05 -52.28 71.52
CA LEU V 150 -40.96 -53.03 72.81
C LEU V 150 -39.48 -53.18 73.22
N LEU V 151 -38.60 -53.51 72.26
CA LEU V 151 -37.13 -53.58 72.48
C LEU V 151 -36.60 -52.19 72.87
N ILE V 152 -36.97 -51.16 72.11
CA ILE V 152 -36.59 -49.73 72.33
C ILE V 152 -37.04 -49.29 73.74
N SER V 153 -38.23 -49.70 74.19
CA SER V 153 -38.78 -49.45 75.55
C SER V 153 -37.92 -50.16 76.61
N LYS V 154 -37.37 -51.33 76.29
CA LYS V 154 -36.55 -52.17 77.20
C LYS V 154 -35.12 -51.62 77.31
N VAL V 155 -34.42 -51.48 76.17
CA VAL V 155 -33.00 -51.00 76.08
C VAL V 155 -32.87 -49.62 76.75
N ARG V 156 -33.89 -48.77 76.68
CA ARG V 156 -33.87 -47.39 77.26
C ARG V 156 -33.99 -47.44 78.79
N GLU V 157 -34.78 -48.38 79.33
CA GLU V 157 -34.96 -48.58 80.80
C GLU V 157 -33.67 -49.12 81.42
N GLU V 158 -32.88 -49.91 80.67
CA GLU V 158 -31.55 -50.44 81.10
C GLU V 158 -30.47 -49.37 80.87
N TYR V 159 -30.49 -48.72 79.69
CA TYR V 159 -29.45 -47.75 79.23
C TYR V 159 -30.09 -46.39 78.98
N PRO V 160 -30.39 -45.56 80.01
CA PRO V 160 -31.00 -44.26 79.82
C PRO V 160 -30.09 -43.21 79.15
N ASP V 161 -28.81 -43.15 79.57
CA ASP V 161 -27.81 -42.15 79.11
C ASP V 161 -27.40 -42.41 77.67
N ARG V 162 -27.29 -43.69 77.26
CA ARG V 162 -26.79 -44.12 75.92
C ARG V 162 -27.81 -43.69 74.84
N ILE V 163 -27.33 -43.11 73.74
CA ILE V 163 -28.16 -42.60 72.60
C ILE V 163 -28.95 -43.76 72.00
N MET V 164 -30.25 -43.56 71.76
CA MET V 164 -31.14 -44.50 71.01
C MET V 164 -31.55 -43.82 69.69
N GLU V 165 -30.86 -44.16 68.60
CA GLU V 165 -31.10 -43.58 67.25
C GLU V 165 -31.84 -44.61 66.40
N THR V 166 -32.97 -44.22 65.80
CA THR V 166 -33.85 -45.13 65.00
C THR V 166 -33.89 -44.63 63.54
N PHE V 167 -33.78 -45.57 62.58
CA PHE V 167 -34.05 -45.38 61.13
C PHE V 167 -35.31 -46.16 60.74
N SER V 168 -36.48 -45.53 60.86
CA SER V 168 -37.82 -46.18 60.77
C SER V 168 -38.50 -45.80 59.44
N VAL V 169 -38.97 -46.81 58.69
CA VAL V 169 -39.79 -46.64 57.43
C VAL V 169 -41.25 -46.42 57.85
N VAL V 170 -41.70 -45.16 57.81
CA VAL V 170 -43.11 -44.76 58.12
C VAL V 170 -43.96 -45.20 56.94
N PRO V 171 -45.18 -45.75 57.14
CA PRO V 171 -46.05 -46.13 56.02
C PRO V 171 -46.56 -44.91 55.23
N SER V 172 -46.35 -44.91 53.91
CA SER V 172 -46.74 -43.83 52.97
C SER V 172 -48.12 -44.12 52.40
N PRO V 173 -49.07 -43.15 52.37
CA PRO V 173 -50.41 -43.38 51.82
C PRO V 173 -50.43 -43.80 50.34
N LYS V 174 -49.48 -43.31 49.53
CA LYS V 174 -49.33 -43.59 48.08
C LYS V 174 -49.12 -45.09 47.88
N VAL V 175 -48.09 -45.64 48.54
CA VAL V 175 -47.67 -47.07 48.44
C VAL V 175 -48.78 -47.92 49.05
N SER V 176 -49.01 -47.77 50.36
CA SER V 176 -50.08 -48.45 51.14
C SER V 176 -50.04 -49.96 50.87
N ASP V 177 -48.89 -50.59 51.10
CA ASP V 177 -48.64 -52.03 50.80
C ASP V 177 -49.26 -52.92 51.87
N THR V 178 -49.83 -52.36 52.95
CA THR V 178 -50.61 -53.09 54.00
C THR V 178 -51.85 -52.25 54.37
N VAL V 179 -52.94 -52.93 54.70
CA VAL V 179 -54.25 -52.26 55.02
C VAL V 179 -54.16 -51.66 56.43
N VAL V 180 -53.59 -52.39 57.39
CA VAL V 180 -53.63 -52.07 58.85
C VAL V 180 -52.41 -51.21 59.26
N GLU V 181 -51.68 -50.62 58.28
CA GLU V 181 -50.53 -49.70 58.51
C GLU V 181 -50.92 -48.55 59.46
N PRO V 182 -52.05 -47.83 59.24
CA PRO V 182 -52.42 -46.69 60.10
C PRO V 182 -52.56 -46.98 61.60
N TYR V 183 -52.85 -48.23 61.98
CA TYR V 183 -52.91 -48.69 63.40
C TYR V 183 -51.51 -48.92 63.96
N ASN V 184 -50.70 -49.74 63.27
CA ASN V 184 -49.34 -50.16 63.71
C ASN V 184 -48.50 -48.90 63.94
N ALA V 185 -48.39 -48.06 62.91
CA ALA V 185 -47.65 -46.78 62.89
C ALA V 185 -48.09 -45.89 64.07
N THR V 186 -49.40 -45.67 64.21
CA THR V 186 -50.01 -44.83 65.29
C THR V 186 -49.64 -45.40 66.66
N LEU V 187 -49.64 -46.73 66.80
CA LEU V 187 -49.25 -47.43 68.05
C LEU V 187 -47.72 -47.50 68.16
N SER V 188 -47.00 -47.30 67.06
CA SER V 188 -45.51 -47.35 67.00
C SER V 188 -44.89 -46.02 67.49
N VAL V 189 -45.40 -44.87 67.02
CA VAL V 189 -44.87 -43.51 67.35
C VAL V 189 -45.02 -43.24 68.86
N HIS V 190 -46.20 -43.55 69.42
CA HIS V 190 -46.59 -43.33 70.84
C HIS V 190 -45.49 -43.82 71.79
N GLN V 191 -44.90 -44.98 71.48
CA GLN V 191 -43.80 -45.60 72.25
C GLN V 191 -42.47 -44.97 71.81
N LEU V 192 -42.31 -44.66 70.52
CA LEU V 192 -41.04 -44.09 69.98
C LEU V 192 -40.75 -42.74 70.64
N VAL V 193 -41.68 -41.78 70.54
CA VAL V 193 -41.48 -40.36 70.95
C VAL V 193 -41.02 -40.28 72.41
N GLU V 194 -41.47 -41.22 73.25
CA GLU V 194 -41.03 -41.31 74.67
C GLU V 194 -39.61 -41.90 74.72
N ASN V 195 -39.34 -42.99 74.01
CA ASN V 195 -38.17 -43.89 74.24
C ASN V 195 -37.04 -43.68 73.21
N ALA V 196 -37.29 -42.99 72.10
CA ALA V 196 -36.29 -42.73 71.03
C ALA V 196 -35.69 -41.34 71.20
N ASP V 197 -34.36 -41.24 71.21
CA ASP V 197 -33.59 -39.97 71.38
C ASP V 197 -33.66 -39.19 70.05
N GLU V 198 -33.36 -39.85 68.93
CA GLU V 198 -33.36 -39.26 67.57
C GLU V 198 -33.86 -40.29 66.55
N CYS V 199 -35.10 -40.10 66.06
CA CYS V 199 -35.74 -40.92 65.00
C CYS V 199 -35.55 -40.22 63.66
N MET V 200 -35.04 -40.96 62.67
CA MET V 200 -34.94 -40.51 61.26
C MET V 200 -36.03 -41.20 60.45
N VAL V 201 -37.16 -40.52 60.25
CA VAL V 201 -38.33 -41.06 59.49
C VAL V 201 -37.92 -41.21 58.02
N ILE V 202 -38.02 -42.44 57.50
CA ILE V 202 -37.81 -42.81 56.07
C ILE V 202 -39.18 -43.17 55.49
N ASP V 203 -39.37 -42.98 54.18
CA ASP V 203 -40.62 -43.30 53.42
C ASP V 203 -40.27 -43.92 52.07
N ASN V 204 -41.07 -44.90 51.61
CA ASN V 204 -40.82 -45.69 50.37
C ASN V 204 -41.22 -44.86 49.13
N GLU V 205 -42.32 -44.13 49.20
CA GLU V 205 -42.73 -43.16 48.15
C GLU V 205 -41.53 -42.29 47.78
N ALA V 206 -41.03 -41.50 48.73
CA ALA V 206 -39.92 -40.51 48.53
C ALA V 206 -38.71 -41.20 47.91
N LEU V 207 -38.27 -42.32 48.50
CA LEU V 207 -37.14 -43.14 47.99
C LEU V 207 -37.40 -43.49 46.52
N TYR V 208 -38.64 -43.92 46.19
CA TYR V 208 -39.09 -44.18 44.79
C TYR V 208 -38.91 -42.89 43.98
N ASP V 209 -39.36 -41.75 44.53
CA ASP V 209 -39.30 -40.44 43.84
C ASP V 209 -37.84 -40.11 43.51
N ILE V 210 -36.93 -40.29 44.47
CA ILE V 210 -35.47 -40.07 44.27
C ILE V 210 -35.04 -40.98 43.12
N CYS V 211 -35.53 -42.22 43.10
CA CYS V 211 -35.15 -43.28 42.11
C CYS V 211 -35.67 -42.95 40.71
N PHE V 212 -36.85 -42.35 40.57
CA PHE V 212 -37.43 -41.99 39.24
C PHE V 212 -36.88 -40.61 38.81
N ARG V 213 -36.65 -39.69 39.76
CA ARG V 213 -36.31 -38.27 39.44
C ARG V 213 -34.81 -38.01 39.60
N THR V 214 -34.30 -37.89 40.85
CA THR V 214 -32.89 -37.51 41.15
C THR V 214 -31.92 -38.43 40.41
N LEU V 215 -32.05 -39.73 40.65
CA LEU V 215 -31.52 -40.83 39.80
C LEU V 215 -32.62 -41.16 38.78
N LYS V 216 -32.26 -41.78 37.65
CA LYS V 216 -33.23 -42.21 36.60
C LYS V 216 -33.13 -43.72 36.42
N LEU V 217 -33.77 -44.46 37.35
CA LEU V 217 -33.80 -45.95 37.36
C LEU V 217 -35.06 -46.41 36.61
N THR V 218 -34.90 -47.35 35.68
CA THR V 218 -35.99 -47.98 34.89
C THR V 218 -36.80 -48.89 35.80
N THR V 219 -36.13 -49.65 36.70
CA THR V 219 -36.73 -50.65 37.61
C THR V 219 -36.18 -50.48 39.03
N PRO V 220 -36.68 -49.49 39.82
CA PRO V 220 -36.36 -49.39 41.24
C PRO V 220 -37.00 -50.50 42.09
N THR V 221 -36.18 -51.44 42.58
CA THR V 221 -36.53 -52.54 43.51
C THR V 221 -36.33 -52.07 44.95
N TYR V 222 -36.60 -52.93 45.95
CA TYR V 222 -36.32 -52.66 47.39
C TYR V 222 -34.80 -52.70 47.66
N GLY V 223 -34.00 -53.27 46.75
CA GLY V 223 -32.51 -53.33 46.86
C GLY V 223 -31.81 -52.07 46.37
N ASP V 224 -32.55 -51.12 45.81
CA ASP V 224 -32.05 -49.78 45.37
C ASP V 224 -32.61 -48.69 46.30
N LEU V 225 -33.82 -48.86 46.83
CA LEU V 225 -34.38 -48.01 47.93
C LEU V 225 -33.52 -48.16 49.18
N ASN V 226 -33.27 -49.40 49.62
CA ASN V 226 -32.48 -49.74 50.84
C ASN V 226 -31.04 -49.22 50.67
N HIS V 227 -30.51 -49.21 49.44
CA HIS V 227 -29.13 -48.72 49.08
C HIS V 227 -29.00 -47.24 49.44
N LEU V 228 -30.02 -46.44 49.12
CA LEU V 228 -30.08 -44.99 49.42
C LEU V 228 -30.14 -44.79 50.94
N VAL V 229 -30.99 -45.55 51.63
CA VAL V 229 -31.14 -45.53 53.11
C VAL V 229 -29.78 -45.87 53.73
N SER V 230 -29.06 -46.83 53.14
CA SER V 230 -27.76 -47.36 53.62
C SER V 230 -26.62 -46.37 53.36
N ALA V 231 -26.69 -45.61 52.28
CA ALA V 231 -25.75 -44.50 51.99
C ALA V 231 -25.85 -43.46 53.11
N ALA V 232 -27.08 -43.01 53.42
CA ALA V 232 -27.39 -41.95 54.42
C ALA V 232 -27.02 -42.41 55.84
N MET V 233 -27.19 -43.71 56.13
CA MET V 233 -26.89 -44.34 57.46
C MET V 233 -25.38 -44.27 57.75
N SER V 234 -24.53 -44.37 56.72
CA SER V 234 -23.05 -44.22 56.79
C SER V 234 -22.69 -42.77 57.16
N GLY V 235 -23.37 -41.80 56.53
CA GLY V 235 -23.12 -40.36 56.70
C GLY V 235 -23.43 -39.86 58.10
N VAL V 236 -24.59 -40.26 58.67
CA VAL V 236 -25.06 -39.82 60.02
C VAL V 236 -23.97 -40.13 61.06
N THR V 237 -23.24 -41.24 60.89
CA THR V 237 -22.15 -41.70 61.80
C THR V 237 -20.89 -42.04 61.00
N CYS V 238 -20.10 -41.02 60.61
CA CYS V 238 -18.82 -41.16 59.85
C CYS V 238 -17.64 -40.53 60.60
N CYS V 239 -17.83 -39.32 61.15
CA CYS V 239 -16.81 -38.57 61.95
C CYS V 239 -16.35 -39.38 63.17
N LEU V 240 -17.16 -40.34 63.63
CA LEU V 240 -16.77 -41.41 64.60
C LEU V 240 -15.69 -42.30 63.98
N ARG V 241 -15.96 -42.81 62.76
CA ARG V 241 -15.17 -43.89 62.10
C ARG V 241 -13.92 -43.32 61.40
N PHE V 242 -13.89 -42.01 61.10
CA PHE V 242 -12.82 -41.38 60.27
C PHE V 242 -12.45 -40.01 60.83
N PRO V 243 -11.24 -39.48 60.49
CA PRO V 243 -10.85 -38.12 60.89
C PRO V 243 -11.72 -37.04 60.23
N GLY V 244 -11.74 -35.83 60.82
CA GLY V 244 -12.50 -34.68 60.30
C GLY V 244 -11.83 -33.36 60.65
N GLN V 245 -11.92 -32.36 59.76
CA GLN V 245 -11.44 -30.97 59.97
C GLN V 245 -12.21 -30.36 61.14
N LEU V 246 -13.52 -30.66 61.23
CA LEU V 246 -14.39 -30.39 62.40
C LEU V 246 -15.16 -31.67 62.74
N ASN V 247 -15.01 -32.19 63.95
CA ASN V 247 -15.50 -33.53 64.39
C ASN V 247 -16.88 -33.39 65.05
N SER V 248 -17.76 -34.36 64.78
CA SER V 248 -19.11 -34.52 65.39
C SER V 248 -19.30 -35.99 65.80
N ASP V 249 -20.50 -36.34 66.26
CA ASP V 249 -20.91 -37.74 66.54
C ASP V 249 -22.43 -37.77 66.69
N LEU V 250 -22.99 -38.91 67.11
CA LEU V 250 -24.44 -39.08 67.33
C LEU V 250 -24.95 -38.11 68.40
N ARG V 251 -24.30 -38.06 69.57
CA ARG V 251 -24.72 -37.17 70.69
C ARG V 251 -24.56 -35.71 70.26
N LYS V 252 -23.58 -35.38 69.41
CA LYS V 252 -23.30 -33.99 68.93
C LYS V 252 -24.47 -33.55 68.03
N LEU V 253 -24.91 -34.42 67.12
CA LEU V 253 -26.07 -34.15 66.22
C LEU V 253 -27.32 -33.97 67.08
N ALA V 254 -27.57 -34.88 68.03
CA ALA V 254 -28.74 -34.89 68.94
C ALA V 254 -28.82 -33.58 69.73
N VAL V 255 -27.69 -33.14 70.31
CA VAL V 255 -27.56 -31.86 71.08
C VAL V 255 -27.87 -30.65 70.20
N ASN V 256 -27.63 -30.73 68.87
CA ASN V 256 -27.83 -29.62 67.90
C ASN V 256 -28.83 -29.99 66.79
N LEU V 257 -29.78 -30.88 67.08
CA LEU V 257 -30.96 -31.13 66.22
C LEU V 257 -32.27 -31.16 67.02
N ILE V 258 -32.22 -31.41 68.33
CA ILE V 258 -33.40 -31.62 69.21
C ILE V 258 -33.54 -30.39 70.12
N PRO V 259 -34.27 -29.33 69.73
CA PRO V 259 -34.38 -28.14 70.57
C PRO V 259 -35.10 -28.56 71.84
N PHE V 260 -36.23 -29.25 71.69
CA PHE V 260 -37.03 -29.79 72.80
C PHE V 260 -37.06 -31.31 72.63
N PRO V 261 -37.18 -32.11 73.72
CA PRO V 261 -37.06 -33.57 73.64
C PRO V 261 -37.93 -34.28 72.58
N ARG V 262 -39.23 -33.99 72.57
CA ARG V 262 -40.30 -34.71 71.83
C ARG V 262 -40.08 -34.59 70.32
N LEU V 263 -39.50 -33.48 69.84
CA LEU V 263 -39.51 -33.03 68.41
C LEU V 263 -38.44 -33.77 67.60
N HIS V 264 -38.03 -34.95 68.01
CA HIS V 264 -36.73 -35.56 67.58
C HIS V 264 -36.87 -36.27 66.24
N PHE V 265 -37.97 -36.05 65.51
CA PHE V 265 -38.20 -36.63 64.15
C PHE V 265 -37.49 -35.72 63.14
N PHE V 266 -36.67 -36.30 62.27
CA PHE V 266 -35.86 -35.58 61.26
C PHE V 266 -36.15 -36.15 59.87
N MET V 267 -35.62 -35.51 58.83
CA MET V 267 -35.64 -36.01 57.43
C MET V 267 -34.20 -36.16 56.95
N ILE V 268 -33.73 -37.40 56.75
CA ILE V 268 -32.38 -37.69 56.22
C ILE V 268 -32.41 -37.52 54.69
N GLY V 269 -31.23 -37.32 54.07
CA GLY V 269 -31.06 -37.08 52.62
C GLY V 269 -29.61 -37.10 52.17
N PHE V 270 -29.34 -37.70 51.01
CA PHE V 270 -27.97 -37.88 50.44
C PHE V 270 -27.83 -37.03 49.18
N ALA V 271 -26.79 -36.20 49.14
CA ALA V 271 -26.61 -35.07 48.20
C ALA V 271 -25.89 -35.45 46.90
N PRO V 272 -24.77 -36.22 46.88
CA PRO V 272 -24.02 -36.45 45.63
C PRO V 272 -24.66 -37.46 44.65
N LEU V 273 -25.88 -37.92 44.98
CA LEU V 273 -26.72 -38.83 44.13
C LEU V 273 -27.13 -38.09 42.86
N THR V 274 -26.84 -38.68 41.70
CA THR V 274 -27.11 -38.13 40.35
C THR V 274 -27.50 -39.28 39.41
N SER V 275 -28.45 -39.04 38.51
CA SER V 275 -28.72 -39.89 37.33
C SER V 275 -27.39 -40.14 36.58
N ARG V 276 -27.19 -41.37 36.09
CA ARG V 276 -25.88 -41.87 35.56
C ARG V 276 -25.52 -41.16 34.25
N GLY V 277 -26.51 -40.84 33.40
CA GLY V 277 -26.33 -40.07 32.16
C GLY V 277 -26.00 -38.60 32.43
N SER V 278 -26.49 -38.05 33.55
CA SER V 278 -26.39 -36.61 33.93
C SER V 278 -25.08 -36.31 34.68
N GLN V 279 -24.12 -37.25 34.71
CA GLN V 279 -22.85 -37.12 35.48
C GLN V 279 -21.90 -36.16 34.77
N GLN V 280 -21.57 -36.45 33.51
CA GLN V 280 -20.64 -35.69 32.62
C GLN V 280 -20.77 -34.18 32.83
N TYR V 281 -22.01 -33.72 33.01
CA TYR V 281 -22.44 -32.30 32.92
C TYR V 281 -22.44 -31.68 34.32
N ARG V 282 -23.04 -32.37 35.29
CA ARG V 282 -23.04 -31.99 36.74
C ARG V 282 -21.59 -31.86 37.23
N ALA V 283 -21.20 -30.65 37.65
CA ALA V 283 -19.95 -30.40 38.38
C ALA V 283 -20.12 -30.88 39.82
N LEU V 284 -19.02 -31.22 40.49
CA LEU V 284 -18.99 -31.78 41.86
C LEU V 284 -18.25 -30.76 42.73
N THR V 285 -19.02 -29.82 43.28
CA THR V 285 -18.55 -28.68 44.11
C THR V 285 -19.44 -28.57 45.34
N VAL V 286 -18.95 -27.89 46.36
CA VAL V 286 -19.68 -27.67 47.64
C VAL V 286 -21.01 -26.95 47.34
N PRO V 287 -21.04 -25.85 46.53
CA PRO V 287 -22.31 -25.19 46.21
C PRO V 287 -23.37 -26.11 45.59
N GLU V 288 -22.98 -26.87 44.56
CA GLU V 288 -23.90 -27.78 43.81
C GLU V 288 -24.57 -28.74 44.81
N LEU V 289 -23.77 -29.40 45.64
CA LEU V 289 -24.25 -30.44 46.58
C LEU V 289 -25.18 -29.79 47.63
N THR V 290 -24.84 -28.60 48.11
CA THR V 290 -25.62 -27.84 49.12
C THR V 290 -27.04 -27.59 48.59
N GLN V 291 -27.16 -27.22 47.31
CA GLN V 291 -28.47 -27.00 46.65
C GLN V 291 -29.28 -28.28 46.84
N GLN V 292 -28.81 -29.38 46.25
CA GLN V 292 -29.56 -30.66 46.14
C GLN V 292 -30.03 -31.09 47.53
N MET V 293 -29.16 -31.02 48.54
CA MET V 293 -29.52 -31.48 49.92
C MET V 293 -30.71 -30.68 50.41
N PHE V 294 -30.75 -29.38 50.09
CA PHE V 294 -31.84 -28.45 50.51
C PHE V 294 -32.97 -28.43 49.49
N ASP V 295 -32.86 -29.18 48.39
CA ASP V 295 -34.02 -29.50 47.52
C ASP V 295 -34.97 -30.40 48.33
N ALA V 296 -36.26 -30.05 48.36
CA ALA V 296 -37.35 -30.82 49.00
C ALA V 296 -37.52 -32.17 48.31
N LYS V 297 -37.00 -32.31 47.08
CA LYS V 297 -36.96 -33.56 46.28
C LYS V 297 -36.03 -34.59 46.94
N ASN V 298 -34.81 -34.18 47.36
CA ASN V 298 -33.72 -35.07 47.83
C ASN V 298 -34.05 -35.72 49.18
N MET V 299 -35.04 -35.19 49.93
CA MET V 299 -35.46 -35.74 51.26
C MET V 299 -36.10 -37.12 51.07
N MET V 300 -35.87 -38.02 52.04
CA MET V 300 -36.40 -39.42 52.08
C MET V 300 -37.65 -39.49 53.00
N CYS V 301 -38.32 -38.33 53.23
CA CYS V 301 -39.72 -38.21 53.74
C CYS V 301 -40.64 -37.69 52.63
N ALA V 302 -41.92 -38.04 52.68
CA ALA V 302 -42.97 -37.59 51.74
C ALA V 302 -43.10 -36.06 51.80
N ALA V 303 -43.23 -35.54 53.03
CA ALA V 303 -43.45 -34.11 53.34
C ALA V 303 -42.30 -33.28 52.75
N ASP V 304 -42.67 -32.19 52.08
CA ASP V 304 -41.74 -31.20 51.50
C ASP V 304 -41.43 -30.19 52.61
N PRO V 305 -40.13 -29.94 52.93
CA PRO V 305 -39.77 -28.94 53.93
C PRO V 305 -40.36 -27.52 53.75
N ARG V 306 -40.79 -27.16 52.54
CA ARG V 306 -41.40 -25.84 52.17
C ARG V 306 -42.59 -25.50 53.09
N HIS V 307 -43.49 -26.47 53.34
CA HIS V 307 -44.72 -26.31 54.15
C HIS V 307 -44.34 -26.09 55.62
N GLY V 308 -43.37 -26.86 56.11
CA GLY V 308 -42.75 -26.66 57.43
C GLY V 308 -41.75 -25.52 57.42
N ARG V 309 -41.15 -25.25 58.58
CA ARG V 309 -40.00 -24.33 58.75
C ARG V 309 -38.97 -25.04 59.64
N TYR V 310 -37.78 -25.30 59.10
CA TYR V 310 -36.63 -25.91 59.80
C TYR V 310 -36.45 -25.24 61.17
N LEU V 311 -36.68 -26.01 62.25
CA LEU V 311 -36.29 -25.68 63.65
C LEU V 311 -34.75 -25.67 63.73
N THR V 312 -34.12 -26.60 63.01
CA THR V 312 -32.66 -26.72 62.80
C THR V 312 -32.38 -27.72 61.68
N ALA V 313 -31.13 -27.79 61.22
CA ALA V 313 -30.64 -28.80 60.25
C ALA V 313 -29.29 -29.34 60.73
N SER V 314 -28.63 -30.16 59.91
CA SER V 314 -27.22 -30.59 60.09
C SER V 314 -26.71 -31.25 58.80
N ALA V 315 -25.51 -30.87 58.35
CA ALA V 315 -24.80 -31.42 57.17
C ALA V 315 -23.48 -32.07 57.61
N LEU V 316 -23.16 -33.25 57.05
CA LEU V 316 -21.97 -34.06 57.44
C LEU V 316 -21.13 -34.34 56.20
N PHE V 317 -20.69 -33.25 55.58
CA PHE V 317 -19.92 -33.19 54.30
C PHE V 317 -18.72 -34.13 54.35
N ARG V 318 -18.35 -34.67 53.21
CA ARG V 318 -17.32 -35.75 53.06
C ARG V 318 -16.32 -35.33 51.98
N GLY V 319 -15.09 -35.85 52.07
CA GLY V 319 -13.98 -35.58 51.13
C GLY V 319 -13.10 -34.42 51.59
N ARG V 320 -12.32 -33.83 50.68
CA ARG V 320 -11.35 -32.72 50.95
C ARG V 320 -11.91 -31.41 50.38
N MET V 321 -12.65 -30.68 51.22
CA MET V 321 -13.27 -29.37 50.89
C MET V 321 -12.53 -28.29 51.70
N SER V 322 -12.83 -27.02 51.41
CA SER V 322 -12.45 -25.86 52.25
C SER V 322 -13.63 -25.49 53.15
N THR V 323 -13.48 -25.82 54.44
CA THR V 323 -14.45 -25.47 55.50
C THR V 323 -15.03 -24.10 55.16
N LYS V 324 -14.18 -23.09 54.96
CA LYS V 324 -14.59 -21.70 54.64
C LYS V 324 -15.68 -21.76 53.58
N GLU V 325 -15.42 -22.45 52.48
CA GLU V 325 -16.41 -22.61 51.39
C GLU V 325 -17.68 -23.22 52.00
N VAL V 326 -17.55 -24.33 52.75
CA VAL V 326 -18.71 -25.04 53.34
C VAL V 326 -19.58 -24.04 54.10
N ASP V 327 -19.00 -23.38 55.10
CA ASP V 327 -19.71 -22.37 55.92
C ASP V 327 -20.41 -21.38 54.97
N GLU V 328 -19.66 -20.78 54.04
CA GLU V 328 -20.14 -19.76 53.07
C GLU V 328 -21.47 -20.22 52.43
N GLN V 329 -21.55 -21.50 52.04
CA GLN V 329 -22.79 -22.11 51.50
C GLN V 329 -23.86 -22.14 52.58
N MET V 330 -23.56 -22.70 53.75
CA MET V 330 -24.51 -22.87 54.88
C MET V 330 -25.17 -21.51 55.18
N LEU V 331 -24.34 -20.47 55.32
CA LEU V 331 -24.79 -19.06 55.52
C LEU V 331 -25.71 -18.68 54.36
N ASN V 332 -25.21 -18.80 53.13
CA ASN V 332 -25.92 -18.41 51.87
C ASN V 332 -27.32 -19.04 51.86
N VAL V 333 -27.42 -20.32 52.27
CA VAL V 333 -28.70 -21.08 52.33
C VAL V 333 -29.66 -20.40 53.32
N GLN V 334 -29.19 -20.10 54.53
CA GLN V 334 -30.05 -19.59 55.63
C GLN V 334 -30.65 -18.23 55.25
N ASN V 335 -29.87 -17.37 54.57
CA ASN V 335 -30.30 -16.03 54.08
C ASN V 335 -31.42 -16.18 53.04
N LYS V 336 -31.22 -17.09 52.07
CA LYS V 336 -32.16 -17.42 50.96
C LYS V 336 -33.51 -17.86 51.53
N ASN V 337 -33.47 -18.85 52.44
CA ASN V 337 -34.65 -19.56 53.01
C ASN V 337 -35.11 -18.83 54.29
N SER V 338 -35.37 -17.52 54.17
CA SER V 338 -35.80 -16.62 55.28
C SER V 338 -37.05 -17.19 55.95
N SER V 339 -37.99 -17.70 55.14
CA SER V 339 -39.31 -18.20 55.59
C SER V 339 -39.19 -19.64 56.12
N TYR V 340 -38.29 -20.46 55.57
CA TYR V 340 -38.17 -21.91 55.90
C TYR V 340 -37.28 -22.13 57.14
N PHE V 341 -36.70 -21.06 57.72
CA PHE V 341 -35.95 -21.12 59.01
C PHE V 341 -36.73 -20.38 60.09
N VAL V 342 -36.75 -20.96 61.30
CA VAL V 342 -37.44 -20.43 62.51
C VAL V 342 -36.80 -19.07 62.88
N GLU V 343 -37.62 -18.11 63.34
CA GLU V 343 -37.21 -16.71 63.63
C GLU V 343 -36.30 -16.67 64.85
N TRP V 344 -36.71 -17.32 65.95
CA TRP V 344 -35.86 -17.57 67.14
C TRP V 344 -34.92 -18.74 66.83
N ILE V 345 -33.77 -18.84 67.53
CA ILE V 345 -32.66 -19.81 67.27
C ILE V 345 -32.06 -19.50 65.91
N PRO V 346 -31.18 -18.47 65.81
CA PRO V 346 -30.43 -18.19 64.59
C PRO V 346 -29.15 -19.03 64.47
N ASN V 347 -28.53 -18.92 63.29
CA ASN V 347 -27.49 -19.84 62.77
C ASN V 347 -28.00 -21.27 62.95
N ASN V 348 -29.18 -21.52 62.34
CA ASN V 348 -30.01 -22.74 62.44
C ASN V 348 -29.24 -23.97 61.95
N ILE V 349 -28.46 -23.84 60.87
CA ILE V 349 -27.74 -24.98 60.24
C ILE V 349 -26.44 -25.23 61.00
N LYS V 350 -26.23 -26.49 61.41
CA LYS V 350 -24.94 -27.03 61.90
C LYS V 350 -24.19 -27.66 60.72
N SER V 351 -22.86 -27.74 60.82
CA SER V 351 -21.98 -28.41 59.83
C SER V 351 -21.00 -29.34 60.56
N SER V 352 -20.61 -30.43 59.90
CA SER V 352 -19.53 -31.34 60.31
C SER V 352 -18.74 -31.78 59.07
N ILE V 353 -17.40 -31.68 59.10
CA ILE V 353 -16.49 -32.03 57.97
C ILE V 353 -15.74 -33.32 58.31
N CYS V 354 -15.91 -34.36 57.49
CA CYS V 354 -15.06 -35.57 57.48
C CYS V 354 -14.07 -35.44 56.33
N ASP V 355 -12.89 -36.05 56.45
CA ASP V 355 -11.77 -35.99 55.46
C ASP V 355 -11.90 -37.14 54.44
N ILE V 356 -12.34 -38.33 54.88
CA ILE V 356 -12.39 -39.56 54.04
C ILE V 356 -13.72 -39.60 53.30
N PRO V 357 -13.69 -39.60 51.94
CA PRO V 357 -14.92 -39.62 51.13
C PRO V 357 -15.55 -41.01 50.99
N PRO V 358 -16.84 -41.15 50.57
CA PRO V 358 -17.43 -42.45 50.28
C PRO V 358 -16.82 -43.01 48.99
N LYS V 359 -16.68 -44.34 48.92
CA LYS V 359 -15.89 -45.04 47.86
C LYS V 359 -16.38 -44.64 46.46
N GLY V 360 -15.44 -44.30 45.57
CA GLY V 360 -15.70 -43.94 44.16
C GLY V 360 -16.10 -42.48 43.97
N LEU V 361 -16.27 -41.72 45.06
CA LEU V 361 -16.67 -40.28 45.05
C LEU V 361 -15.51 -39.44 45.59
N LYS V 362 -15.46 -38.16 45.19
CA LYS V 362 -14.47 -37.14 45.64
C LYS V 362 -15.07 -36.28 46.74
N MET V 363 -16.36 -35.92 46.61
CA MET V 363 -17.14 -35.20 47.65
C MET V 363 -18.48 -35.89 47.86
N ALA V 364 -19.01 -35.74 49.08
CA ALA V 364 -20.38 -36.15 49.44
C ALA V 364 -20.87 -35.26 50.59
N VAL V 365 -22.19 -35.32 50.82
CA VAL V 365 -22.92 -34.70 51.98
C VAL V 365 -23.98 -35.68 52.44
N THR V 366 -24.26 -35.68 53.73
CA THR V 366 -25.53 -36.19 54.30
C THR V 366 -26.24 -34.98 54.90
N PHE V 367 -27.55 -35.06 55.01
CA PHE V 367 -28.40 -34.03 55.64
C PHE V 367 -29.22 -34.73 56.73
N VAL V 368 -29.49 -34.03 57.85
CA VAL V 368 -30.43 -34.46 58.92
C VAL V 368 -31.16 -33.20 59.43
N GLY V 369 -32.49 -33.15 59.27
CA GLY V 369 -33.29 -31.92 59.42
C GLY V 369 -34.50 -32.12 60.32
N ASN V 370 -34.51 -31.47 61.47
CA ASN V 370 -35.75 -31.27 62.26
C ASN V 370 -36.52 -30.11 61.63
N SER V 371 -37.72 -30.39 61.09
CA SER V 371 -38.68 -29.38 60.56
C SER V 371 -40.09 -29.67 61.11
N THR V 372 -40.97 -28.68 61.00
CA THR V 372 -42.42 -28.77 61.38
C THR V 372 -43.22 -29.35 60.22
N ALA V 373 -42.59 -29.53 59.05
CA ALA V 373 -43.12 -30.20 57.84
C ALA V 373 -43.42 -31.67 58.14
N ILE V 374 -42.64 -32.28 59.04
CA ILE V 374 -42.69 -33.73 59.37
C ILE V 374 -44.05 -34.06 60.00
N GLN V 375 -44.70 -33.10 60.68
CA GLN V 375 -46.06 -33.25 61.26
C GLN V 375 -47.09 -33.55 60.16
N GLU V 376 -46.83 -33.11 58.92
CA GLU V 376 -47.71 -33.30 57.73
C GLU V 376 -47.79 -34.78 57.35
N MET V 377 -46.67 -35.52 57.37
CA MET V 377 -46.63 -36.97 57.04
C MET V 377 -47.33 -37.78 58.14
N PHE V 378 -47.32 -37.25 59.38
CA PHE V 378 -47.99 -37.83 60.57
C PHE V 378 -49.49 -37.50 60.57
N LYS V 379 -49.88 -36.38 59.96
CA LYS V 379 -51.31 -36.03 59.72
C LYS V 379 -51.95 -37.05 58.78
N ARG V 380 -51.19 -37.55 57.78
CA ARG V 380 -51.64 -38.62 56.84
C ARG V 380 -52.08 -39.83 57.67
N VAL V 381 -51.19 -40.33 58.55
CA VAL V 381 -51.38 -41.58 59.37
C VAL V 381 -52.55 -41.39 60.33
N ALA V 382 -52.64 -40.21 60.98
CA ALA V 382 -53.75 -39.80 61.88
C ALA V 382 -55.07 -39.84 61.09
N GLU V 383 -55.13 -39.09 59.98
CA GLU V 383 -56.31 -38.94 59.07
C GLU V 383 -56.80 -40.32 58.60
N GLN V 384 -55.85 -41.23 58.34
CA GLN V 384 -56.15 -42.61 57.90
C GLN V 384 -56.64 -43.39 59.14
N PHE V 385 -55.84 -43.42 60.21
CA PHE V 385 -56.14 -44.14 61.47
C PHE V 385 -57.57 -43.84 61.93
N THR V 386 -57.88 -42.56 62.21
CA THR V 386 -59.18 -42.10 62.76
C THR V 386 -60.33 -42.74 61.97
N ALA V 387 -60.29 -42.66 60.62
CA ALA V 387 -61.32 -43.19 59.67
C ALA V 387 -61.65 -44.65 60.01
N MET V 388 -60.62 -45.49 60.15
CA MET V 388 -60.76 -46.90 60.60
C MET V 388 -61.40 -46.92 61.99
N PHE V 389 -60.76 -46.25 62.95
CA PHE V 389 -61.09 -46.32 64.40
C PHE V 389 -62.46 -45.68 64.69
N ARG V 390 -62.87 -44.68 63.89
CA ARG V 390 -64.28 -44.20 63.84
C ARG V 390 -65.21 -45.41 63.83
N ARG V 391 -64.80 -46.49 63.15
CA ARG V 391 -65.57 -47.75 62.97
C ARG V 391 -64.95 -48.95 63.70
N LYS V 392 -63.84 -48.77 64.44
CA LYS V 392 -63.18 -49.84 65.25
C LYS V 392 -62.87 -51.03 64.35
N ALA V 393 -62.50 -50.75 63.09
CA ALA V 393 -62.31 -51.76 62.02
C ALA V 393 -60.98 -52.47 62.28
N PHE V 394 -60.89 -53.73 61.85
CA PHE V 394 -59.71 -54.61 62.04
C PHE V 394 -59.26 -54.56 63.51
N LEU V 395 -60.12 -54.08 64.42
CA LEU V 395 -59.75 -53.78 65.84
C LEU V 395 -59.86 -55.05 66.68
N HIS V 396 -60.48 -56.12 66.15
CA HIS V 396 -60.69 -57.44 66.81
C HIS V 396 -59.41 -58.28 66.86
N TRP V 397 -58.43 -58.03 65.97
CA TRP V 397 -57.11 -58.71 65.91
C TRP V 397 -56.22 -58.24 67.06
N TYR V 398 -56.14 -56.93 67.21
CA TYR V 398 -55.33 -56.25 68.23
C TYR V 398 -56.00 -56.43 69.61
N THR V 399 -57.34 -56.34 69.66
CA THR V 399 -58.18 -56.62 70.86
C THR V 399 -58.12 -58.12 71.17
N GLY V 400 -57.95 -58.97 70.16
CA GLY V 400 -57.78 -60.44 70.29
C GLY V 400 -56.48 -60.80 71.01
N GLU V 401 -55.40 -60.04 70.78
CA GLU V 401 -54.06 -60.28 71.37
C GLU V 401 -54.03 -59.82 72.84
N GLY V 402 -54.91 -58.90 73.26
CA GLY V 402 -55.08 -58.46 74.66
C GLY V 402 -54.83 -56.98 74.87
N MET V 403 -54.46 -56.23 73.82
CA MET V 403 -54.46 -54.74 73.82
C MET V 403 -55.89 -54.25 74.03
N ASP V 404 -56.07 -53.09 74.66
CA ASP V 404 -57.40 -52.48 74.99
C ASP V 404 -57.62 -51.24 74.13
N GLU V 405 -58.89 -50.85 73.93
CA GLU V 405 -59.32 -49.66 73.14
C GLU V 405 -58.66 -48.40 73.69
N MET V 406 -58.42 -48.34 75.01
CA MET V 406 -57.77 -47.20 75.73
C MET V 406 -56.37 -46.95 75.13
N GLU V 407 -55.66 -48.00 74.72
CA GLU V 407 -54.27 -47.95 74.14
C GLU V 407 -54.29 -47.26 72.77
N PHE V 408 -55.31 -47.52 71.96
CA PHE V 408 -55.50 -46.90 70.63
C PHE V 408 -55.82 -45.41 70.79
N THR V 409 -56.69 -45.05 71.74
CA THR V 409 -57.13 -43.65 72.01
C THR V 409 -55.96 -42.83 72.57
N GLU V 410 -55.10 -43.44 73.39
CA GLU V 410 -53.90 -42.78 73.97
C GLU V 410 -52.82 -42.64 72.87
N ALA V 411 -52.74 -43.60 71.94
CA ALA V 411 -51.79 -43.61 70.80
C ALA V 411 -52.12 -42.49 69.81
N GLU V 412 -53.40 -42.18 69.61
CA GLU V 412 -53.88 -41.04 68.76
C GLU V 412 -53.60 -39.72 69.48
N SER V 413 -54.03 -39.61 70.73
CA SER V 413 -53.91 -38.40 71.61
C SER V 413 -52.45 -37.93 71.68
N ASN V 414 -51.50 -38.88 71.78
CA ASN V 414 -50.04 -38.61 71.87
C ASN V 414 -49.51 -38.13 70.53
N MET V 415 -50.01 -38.68 69.41
CA MET V 415 -49.59 -38.30 68.04
C MET V 415 -50.20 -36.93 67.66
N ASN V 416 -51.41 -36.62 68.18
CA ASN V 416 -52.09 -35.31 67.95
C ASN V 416 -51.46 -34.22 68.85
N ASP V 417 -50.73 -34.61 69.90
CA ASP V 417 -49.95 -33.69 70.78
C ASP V 417 -48.58 -33.38 70.11
N LEU V 418 -48.00 -34.33 69.37
CA LEU V 418 -46.72 -34.17 68.61
C LEU V 418 -46.90 -33.18 67.46
N VAL V 419 -47.93 -33.38 66.62
CA VAL V 419 -48.29 -32.56 65.43
C VAL V 419 -48.60 -31.11 65.89
N SER V 420 -49.38 -30.97 66.98
CA SER V 420 -49.74 -29.67 67.62
C SER V 420 -48.50 -28.94 68.15
N GLU V 421 -47.45 -29.69 68.55
CA GLU V 421 -46.18 -29.12 69.07
C GLU V 421 -45.32 -28.59 67.91
N TYR V 422 -45.27 -29.29 66.76
CA TYR V 422 -44.57 -28.84 65.53
C TYR V 422 -45.26 -27.58 64.98
N GLN V 423 -46.60 -27.59 64.93
CA GLN V 423 -47.43 -26.44 64.48
C GLN V 423 -47.28 -25.24 65.44
N GLN V 424 -47.01 -25.49 66.73
CA GLN V 424 -46.70 -24.42 67.73
C GLN V 424 -45.36 -23.77 67.37
N TYR V 425 -44.31 -24.57 67.14
CA TYR V 425 -42.93 -24.08 66.87
C TYR V 425 -42.72 -23.71 65.39
N GLN V 426 -43.74 -23.89 64.55
CA GLN V 426 -43.80 -23.28 63.19
C GLN V 426 -44.06 -21.79 63.37
N ASP V 427 -45.24 -21.41 63.91
CA ASP V 427 -45.65 -20.02 64.27
C ASP V 427 -45.73 -19.19 62.98
N ALA V 428 -45.11 -17.99 62.92
CA ALA V 428 -45.16 -16.97 61.83
C ALA V 428 -46.34 -16.01 62.04
N THR V 429 -47.27 -16.34 62.95
CA THR V 429 -48.38 -15.45 63.42
C THR V 429 -47.75 -14.24 64.13
N ALA V 430 -46.89 -14.49 65.13
CA ALA V 430 -46.17 -13.48 65.94
C ALA V 430 -47.17 -12.55 66.65
N GLU V 431 -48.10 -13.14 67.42
CA GLU V 431 -49.20 -12.42 68.15
C GLU V 431 -49.40 -13.04 69.53
N GLU V 432 -48.37 -13.01 70.38
CA GLU V 432 -48.38 -13.49 71.79
C GLU V 432 -48.16 -12.29 72.72
N GLU V 433 -49.18 -11.94 73.53
CA GLU V 433 -49.24 -10.68 74.33
C GLU V 433 -49.06 -9.51 73.36
N GLY V 434 -47.97 -8.73 73.50
CA GLY V 434 -47.52 -7.70 72.54
C GLY V 434 -48.65 -6.80 72.06
N GLU V 435 -49.11 -7.01 70.82
CA GLU V 435 -50.22 -6.24 70.17
C GLU V 435 -51.56 -6.94 70.44
N PHE V 436 -52.58 -6.16 70.81
CA PHE V 436 -54.00 -6.59 71.03
C PHE V 436 -54.16 -7.27 72.38
N GLU V 437 -55.35 -7.15 72.97
CA GLU V 437 -55.72 -7.65 74.34
C GLU V 437 -54.82 -6.96 75.38
N GLU V 438 -54.65 -5.64 75.27
CA GLU V 438 -53.79 -4.81 76.16
C GLU V 438 -54.00 -3.32 75.84
N GLU V 439 -53.86 -2.45 76.86
CA GLU V 439 -54.01 -0.97 76.77
C GLU V 439 -52.98 -0.42 75.78
N GLU V 440 -53.35 0.63 75.02
CA GLU V 440 -52.53 1.24 73.94
C GLU V 440 -51.30 1.94 74.56
N GLY V 441 -50.10 1.45 74.24
CA GLY V 441 -48.81 1.97 74.76
C GLY V 441 -48.11 2.90 73.80
N GLU V 442 -48.86 3.59 72.93
CA GLU V 442 -48.35 4.60 71.97
C GLU V 442 -48.34 5.99 72.64
N ASN V 443 -47.20 6.70 72.60
CA ASN V 443 -46.98 8.04 73.21
C ASN V 443 -47.05 7.94 74.73
N MET W 1 10.58 12.76 46.01
CA MET W 1 11.68 12.99 45.02
C MET W 1 11.11 12.90 43.59
N ARG W 2 10.32 13.91 43.21
CA ARG W 2 9.78 14.11 41.84
C ARG W 2 8.79 12.99 41.46
N GLU W 3 8.13 12.36 42.44
CA GLU W 3 7.20 11.22 42.25
C GLU W 3 5.95 11.69 41.47
N VAL W 4 5.45 10.84 40.56
CA VAL W 4 4.25 11.10 39.73
C VAL W 4 3.43 9.81 39.63
N ILE W 5 2.21 9.82 40.19
CA ILE W 5 1.21 8.71 40.07
C ILE W 5 0.53 8.83 38.69
N SER W 6 0.33 7.71 38.01
CA SER W 6 -0.28 7.60 36.64
C SER W 6 -1.55 6.75 36.68
N ILE W 7 -2.73 7.37 36.59
CA ILE W 7 -4.06 6.70 36.72
C ILE W 7 -4.65 6.50 35.32
N HIS W 8 -4.70 5.25 34.85
CA HIS W 8 -5.19 4.86 33.50
C HIS W 8 -6.61 4.28 33.63
N VAL W 9 -7.64 5.03 33.22
CA VAL W 9 -9.08 4.71 33.48
C VAL W 9 -9.80 4.52 32.14
N GLY W 10 -10.52 3.40 31.99
CA GLY W 10 -11.13 2.97 30.72
C GLY W 10 -10.10 2.34 29.80
N GLN W 11 -10.54 1.85 28.63
CA GLN W 11 -9.70 1.10 27.66
C GLN W 11 -8.62 2.04 27.09
N GLY W 12 -9.04 3.13 26.44
CA GLY W 12 -8.16 4.14 25.82
C GLY W 12 -7.15 4.70 26.82
N GLY W 13 -7.52 4.77 28.10
CA GLY W 13 -6.60 5.06 29.21
C GLY W 13 -5.53 3.99 29.36
N ILE W 14 -5.93 2.73 29.48
CA ILE W 14 -5.02 1.58 29.77
C ILE W 14 -4.08 1.33 28.57
N GLN W 15 -4.62 1.32 27.34
CA GLN W 15 -3.86 0.92 26.12
C GLN W 15 -2.82 2.00 25.78
N VAL W 16 -3.11 3.28 26.05
CA VAL W 16 -2.11 4.40 26.03
C VAL W 16 -1.08 4.11 27.14
N GLY W 17 -1.53 3.64 28.30
CA GLY W 17 -0.68 3.21 29.43
C GLY W 17 0.40 2.24 28.98
N ASN W 18 0.02 1.07 28.46
CA ASN W 18 0.96 0.04 27.92
C ASN W 18 2.05 0.72 27.10
N ALA W 19 1.67 1.71 26.26
CA ALA W 19 2.58 2.47 25.38
C ALA W 19 3.44 3.45 26.19
N CYS W 20 2.91 4.04 27.27
CA CYS W 20 3.65 4.92 28.19
C CYS W 20 4.77 4.15 28.92
N TRP W 21 4.50 2.91 29.36
CA TRP W 21 5.35 2.14 30.31
C TRP W 21 6.36 1.24 29.58
N GLU W 22 6.12 0.89 28.32
CA GLU W 22 7.15 0.33 27.39
C GLU W 22 8.29 1.33 27.26
N LEU W 23 7.94 2.60 26.99
CA LEU W 23 8.86 3.74 26.73
C LEU W 23 9.66 4.06 28.00
N PHE W 24 8.97 4.17 29.15
CA PHE W 24 9.60 4.45 30.47
C PHE W 24 10.56 3.31 30.83
N CYS W 25 10.13 2.06 30.65
CA CYS W 25 10.94 0.83 30.93
C CYS W 25 12.24 0.85 30.13
N LEU W 26 12.17 1.22 28.86
CA LEU W 26 13.34 1.34 27.95
C LEU W 26 14.24 2.51 28.39
N GLU W 27 13.64 3.69 28.64
CA GLU W 27 14.37 4.96 28.91
C GLU W 27 15.31 4.81 30.12
N HIS W 28 14.78 4.31 31.23
CA HIS W 28 15.52 4.13 32.51
C HIS W 28 16.42 2.89 32.43
N GLY W 29 16.01 1.87 31.66
CA GLY W 29 16.74 0.60 31.44
C GLY W 29 16.12 -0.58 32.19
N ILE W 30 14.88 -0.45 32.67
CA ILE W 30 14.12 -1.51 33.39
C ILE W 30 13.68 -2.57 32.37
N GLN W 31 13.92 -3.85 32.69
CA GLN W 31 13.54 -5.02 31.85
C GLN W 31 12.16 -5.52 32.29
N PRO W 32 11.46 -6.34 31.47
CA PRO W 32 10.08 -6.75 31.78
C PRO W 32 9.84 -7.33 33.17
N ASP W 33 10.82 -8.05 33.74
CA ASP W 33 10.76 -8.67 35.10
C ASP W 33 10.65 -7.56 36.16
N GLY W 34 11.26 -6.40 35.92
CA GLY W 34 11.20 -5.21 36.80
C GLY W 34 12.53 -4.90 37.47
N GLN W 35 13.56 -5.74 37.28
CA GLN W 35 14.94 -5.56 37.83
C GLN W 35 15.86 -4.97 36.75
N MET W 36 16.51 -3.84 37.05
CA MET W 36 17.54 -3.20 36.17
C MET W 36 18.79 -4.08 36.14
N PRO W 37 19.43 -4.31 34.97
CA PRO W 37 20.72 -4.99 34.92
C PRO W 37 21.85 -4.06 35.38
N SER W 38 22.38 -4.27 36.59
CA SER W 38 23.43 -3.45 37.24
C SER W 38 24.72 -3.45 36.40
N ASP W 39 24.79 -2.53 35.43
CA ASP W 39 25.91 -2.39 34.45
C ASP W 39 26.56 -1.01 34.60
N LYS W 40 27.70 -0.80 33.92
CA LYS W 40 28.59 0.40 33.97
C LYS W 40 29.38 0.47 35.30
N THR W 41 29.16 -0.49 36.22
CA THR W 41 29.85 -0.63 37.55
C THR W 41 29.57 0.57 38.48
N ILE W 42 28.60 1.42 38.16
CA ILE W 42 28.15 2.59 38.98
C ILE W 42 26.62 2.73 38.80
N GLY W 43 25.92 3.25 39.81
CA GLY W 43 24.51 3.69 39.70
C GLY W 43 24.41 4.98 38.90
N GLY W 44 24.53 4.88 37.57
CA GLY W 44 24.60 6.01 36.63
C GLY W 44 23.23 6.65 36.41
N GLY W 45 22.22 5.82 36.12
CA GLY W 45 20.80 6.22 36.03
C GLY W 45 20.07 6.02 37.35
N ASP W 46 20.79 6.11 38.48
CA ASP W 46 20.25 5.94 39.85
C ASP W 46 19.40 7.15 40.21
N ASP W 47 18.18 6.91 40.71
CA ASP W 47 17.18 7.93 41.15
C ASP W 47 16.56 8.66 39.96
N ALA W 48 16.74 8.16 38.73
CA ALA W 48 16.07 8.66 37.52
C ALA W 48 14.62 8.17 37.53
N PHE W 49 14.45 6.85 37.67
CA PHE W 49 13.15 6.12 37.69
C PHE W 49 12.25 6.60 38.83
N ASN W 50 12.82 7.12 39.93
CA ASN W 50 12.09 7.50 41.18
C ASN W 50 10.84 8.33 40.88
N THR W 51 10.79 9.07 39.77
CA THR W 51 9.58 9.75 39.26
C THR W 51 8.41 8.76 39.14
N PHE W 52 8.63 7.67 38.42
CA PHE W 52 7.57 6.78 37.87
C PHE W 52 7.57 5.40 38.54
N PHE W 53 8.72 4.86 38.96
CA PHE W 53 8.84 3.52 39.57
C PHE W 53 9.24 3.64 41.04
N SER W 54 8.86 2.65 41.85
CA SER W 54 9.24 2.51 43.29
C SER W 54 10.13 1.27 43.46
N GLU W 55 11.34 1.46 43.99
CA GLU W 55 12.29 0.37 44.35
C GLU W 55 11.75 -0.33 45.62
N THR W 56 11.41 -1.61 45.53
CA THR W 56 10.80 -2.42 46.64
C THR W 56 11.85 -2.74 47.71
N GLY W 57 13.15 -2.63 47.38
CA GLY W 57 14.29 -2.87 48.30
C GLY W 57 15.09 -4.11 47.91
N ALA W 58 14.51 -4.98 47.08
CA ALA W 58 15.07 -6.28 46.64
C ALA W 58 15.90 -6.11 45.37
N GLY W 59 15.51 -5.18 44.48
CA GLY W 59 16.14 -4.96 43.16
C GLY W 59 15.14 -4.74 42.04
N LYS W 60 13.86 -5.11 42.24
CA LYS W 60 12.75 -4.92 41.25
C LYS W 60 12.17 -3.51 41.42
N HIS W 61 11.62 -2.95 40.33
CA HIS W 61 11.12 -1.55 40.24
C HIS W 61 9.69 -1.54 39.71
N VAL W 62 8.73 -1.16 40.57
CA VAL W 62 7.26 -1.25 40.33
C VAL W 62 6.78 0.10 39.78
N PRO W 63 6.09 0.13 38.61
CA PRO W 63 5.47 1.35 38.09
C PRO W 63 4.46 1.98 39.05
N ARG W 64 4.68 3.25 39.41
CA ARG W 64 3.72 4.07 40.20
C ARG W 64 2.54 4.38 39.27
N ALA W 65 1.57 3.45 39.17
CA ALA W 65 0.44 3.54 38.22
C ALA W 65 -0.70 2.57 38.60
N VAL W 66 -1.92 3.09 38.73
CA VAL W 66 -3.19 2.32 38.91
C VAL W 66 -3.89 2.23 37.55
N PHE W 67 -4.06 1.00 37.03
CA PHE W 67 -4.79 0.71 35.78
C PHE W 67 -6.22 0.27 36.14
N LEU W 68 -7.20 1.13 35.88
CA LEU W 68 -8.60 0.97 36.33
C LEU W 68 -9.51 0.79 35.11
N ASP W 69 -10.32 -0.27 35.08
CA ASP W 69 -11.37 -0.50 34.06
C ASP W 69 -12.56 -1.21 34.72
N LEU W 70 -13.77 -0.93 34.24
CA LEU W 70 -15.02 -1.64 34.62
C LEU W 70 -15.18 -2.89 33.75
N GLU W 71 -14.33 -3.05 32.72
CA GLU W 71 -14.31 -4.21 31.78
C GLU W 71 -13.06 -5.06 32.06
N PRO W 72 -13.18 -6.40 32.20
CA PRO W 72 -12.05 -7.24 32.55
C PRO W 72 -11.06 -7.61 31.42
N THR W 73 -11.39 -7.30 30.16
CA THR W 73 -10.66 -7.78 28.95
C THR W 73 -9.32 -7.03 28.81
N VAL W 74 -9.34 -5.70 28.87
CA VAL W 74 -8.18 -4.82 28.57
C VAL W 74 -7.10 -5.05 29.64
N ILE W 75 -7.49 -5.05 30.92
CA ILE W 75 -6.58 -5.27 32.08
C ILE W 75 -6.04 -6.71 32.05
N ASP W 76 -6.83 -7.67 31.55
CA ASP W 76 -6.42 -9.10 31.38
C ASP W 76 -5.35 -9.20 30.27
N GLU W 77 -5.39 -8.31 29.26
CA GLU W 77 -4.36 -8.23 28.20
C GLU W 77 -3.00 -7.84 28.81
N VAL W 78 -3.01 -7.02 29.87
CA VAL W 78 -1.77 -6.56 30.59
C VAL W 78 -1.27 -7.72 31.47
N ARG W 79 -2.18 -8.44 32.16
CA ARG W 79 -1.87 -9.57 33.08
C ARG W 79 -1.27 -10.76 32.31
N THR W 80 -1.73 -11.01 31.08
CA THR W 80 -1.20 -12.06 30.17
C THR W 80 -0.33 -11.39 29.09
N GLY W 81 0.61 -10.54 29.51
CA GLY W 81 1.49 -9.75 28.63
C GLY W 81 2.95 -9.89 29.03
N THR W 82 3.85 -9.23 28.27
CA THR W 82 5.31 -9.19 28.53
C THR W 82 5.58 -8.51 29.88
N TYR W 83 4.81 -7.47 30.21
CA TYR W 83 4.94 -6.66 31.45
C TYR W 83 4.01 -7.18 32.56
N ARG W 84 3.74 -8.49 32.57
CA ARG W 84 2.91 -9.15 33.62
C ARG W 84 3.65 -9.09 34.97
N GLN W 85 4.98 -9.29 34.95
CA GLN W 85 5.84 -9.31 36.16
C GLN W 85 6.24 -7.88 36.58
N LEU W 86 5.96 -6.86 35.75
CA LEU W 86 6.31 -5.45 36.04
C LEU W 86 5.29 -4.86 37.03
N PHE W 87 4.02 -4.78 36.64
CA PHE W 87 2.93 -4.09 37.40
C PHE W 87 2.54 -4.93 38.62
N HIS W 88 2.33 -4.28 39.77
CA HIS W 88 1.77 -4.89 41.00
C HIS W 88 0.38 -5.43 40.70
N PRO W 89 0.01 -6.65 41.13
CA PRO W 89 -1.33 -7.20 40.87
C PRO W 89 -2.50 -6.37 41.42
N GLU W 90 -2.33 -5.74 42.59
CA GLU W 90 -3.39 -4.91 43.26
C GLU W 90 -3.61 -3.60 42.50
N GLN W 91 -2.54 -3.03 41.92
CA GLN W 91 -2.58 -1.78 41.10
C GLN W 91 -3.51 -1.98 39.88
N LEU W 92 -3.44 -3.16 39.25
CA LEU W 92 -4.29 -3.54 38.08
C LEU W 92 -5.67 -3.95 38.59
N ILE W 93 -6.54 -2.96 38.83
CA ILE W 93 -7.93 -3.16 39.35
C ILE W 93 -8.85 -3.47 38.16
N SER W 94 -9.78 -4.42 38.36
CA SER W 94 -10.70 -4.96 37.33
C SER W 94 -12.14 -4.93 37.86
N GLY W 95 -13.09 -4.56 37.00
CA GLY W 95 -14.55 -4.72 37.22
C GLY W 95 -15.06 -5.98 36.55
N LYS W 96 -16.34 -6.30 36.75
CA LYS W 96 -16.99 -7.52 36.20
C LYS W 96 -17.81 -7.15 34.94
N GLU W 97 -18.58 -6.06 34.98
CA GLU W 97 -19.44 -5.58 33.86
C GLU W 97 -19.12 -4.10 33.57
N ASP W 98 -18.96 -3.77 32.29
CA ASP W 98 -18.42 -2.47 31.81
C ASP W 98 -19.48 -1.36 31.95
N ALA W 99 -19.07 -0.11 31.72
CA ALA W 99 -19.92 1.11 31.72
C ALA W 99 -20.75 1.15 30.42
N ALA W 100 -20.31 0.45 29.38
CA ALA W 100 -21.07 0.25 28.12
C ALA W 100 -21.41 1.62 27.51
N ASN W 101 -20.40 2.47 27.35
CA ASN W 101 -20.50 3.84 26.76
C ASN W 101 -21.70 4.55 27.39
N ASN W 102 -21.74 4.62 28.73
CA ASN W 102 -22.82 5.30 29.49
C ASN W 102 -22.23 5.92 30.75
N PHE W 103 -22.01 7.25 30.70
CA PHE W 103 -21.52 8.10 31.83
C PHE W 103 -22.23 7.70 33.13
N ALA W 104 -23.56 7.59 33.07
CA ALA W 104 -24.46 7.32 34.22
C ALA W 104 -24.01 6.06 34.97
N ARG W 105 -23.75 4.96 34.25
CA ARG W 105 -23.19 3.72 34.85
C ARG W 105 -21.85 4.05 35.51
N GLY W 106 -20.94 4.67 34.73
CA GLY W 106 -19.58 5.01 35.16
C GLY W 106 -19.54 5.92 36.37
N HIS W 107 -20.52 6.83 36.51
CA HIS W 107 -20.56 7.85 37.59
C HIS W 107 -21.35 7.34 38.79
N TYR W 108 -22.41 6.56 38.58
CA TYR W 108 -23.35 6.09 39.64
C TYR W 108 -23.24 4.56 39.78
N THR W 109 -24.12 3.83 39.10
CA THR W 109 -24.54 2.42 39.39
C THR W 109 -23.31 1.54 39.70
N ILE W 110 -22.42 1.37 38.72
CA ILE W 110 -21.22 0.47 38.80
C ILE W 110 -20.07 1.24 39.48
N GLY W 111 -19.81 2.47 39.01
CA GLY W 111 -18.63 3.29 39.37
C GLY W 111 -18.43 3.43 40.87
N LYS W 112 -19.52 3.51 41.64
CA LYS W 112 -19.50 3.73 43.11
C LYS W 112 -18.98 2.49 43.86
N GLU W 113 -19.04 1.30 43.26
CA GLU W 113 -18.57 0.03 43.88
C GLU W 113 -17.04 -0.01 43.90
N ILE W 114 -16.40 0.34 42.78
CA ILE W 114 -14.95 0.08 42.48
C ILE W 114 -14.09 1.26 42.92
N VAL W 115 -14.57 2.51 42.79
CA VAL W 115 -13.82 3.76 43.16
C VAL W 115 -13.30 3.64 44.59
N ASP W 116 -14.07 3.03 45.49
CA ASP W 116 -13.71 2.79 46.93
C ASP W 116 -12.42 1.96 47.00
N LEU W 117 -12.24 0.98 46.11
CA LEU W 117 -11.03 0.12 46.05
C LEU W 117 -9.85 0.87 45.41
N CYS W 118 -10.12 1.84 44.52
CA CYS W 118 -9.07 2.63 43.79
C CYS W 118 -8.39 3.62 44.73
N LEU W 119 -9.15 4.48 45.43
CA LEU W 119 -8.61 5.54 46.34
C LEU W 119 -7.68 4.94 47.38
N ASP W 120 -8.03 3.76 47.92
CA ASP W 120 -7.18 2.98 48.86
C ASP W 120 -5.83 2.69 48.18
N ARG W 121 -5.85 2.19 46.93
CA ARG W 121 -4.63 1.85 46.14
C ARG W 121 -3.81 3.13 45.87
N ILE W 122 -4.47 4.26 45.58
CA ILE W 122 -3.81 5.58 45.35
C ILE W 122 -3.17 6.02 46.68
N ARG W 123 -3.93 5.95 47.78
CA ARG W 123 -3.47 6.31 49.15
C ARG W 123 -2.23 5.48 49.49
N LYS W 124 -2.23 4.18 49.16
CA LYS W 124 -1.09 3.25 49.39
C LYS W 124 0.14 3.70 48.58
N LEU W 125 -0.08 4.23 47.37
CA LEU W 125 1.01 4.75 46.50
C LEU W 125 1.41 6.17 46.93
N ALA W 126 0.46 6.97 47.45
CA ALA W 126 0.70 8.36 47.93
C ALA W 126 1.56 8.38 49.19
N ASP W 127 1.58 7.28 49.97
CA ASP W 127 2.39 7.12 51.21
C ASP W 127 3.82 6.64 50.86
N ASN W 128 4.00 5.87 49.77
CA ASN W 128 5.33 5.52 49.19
C ASN W 128 6.04 6.80 48.71
N CYS W 129 5.27 7.75 48.17
CA CYS W 129 5.77 8.99 47.52
C CYS W 129 6.09 10.06 48.57
N THR W 130 7.34 10.56 48.58
CA THR W 130 7.85 11.63 49.48
C THR W 130 8.06 12.92 48.66
N GLY W 131 7.11 13.84 48.70
CA GLY W 131 7.11 15.08 47.89
C GLY W 131 6.58 14.82 46.49
N LEU W 132 5.37 14.27 46.40
CA LEU W 132 4.62 14.01 45.14
C LEU W 132 4.42 15.34 44.39
N GLN W 133 4.64 15.34 43.08
CA GLN W 133 4.52 16.54 42.20
C GLN W 133 3.05 16.67 41.75
N GLY W 134 2.48 15.61 41.18
CA GLY W 134 1.07 15.60 40.72
C GLY W 134 0.64 14.26 40.15
N PHE W 135 -0.66 14.14 39.84
CA PHE W 135 -1.34 12.95 39.28
C PHE W 135 -1.53 13.13 37.77
N LEU W 136 -0.87 12.30 36.95
CA LEU W 136 -1.19 12.16 35.51
C LEU W 136 -2.34 11.15 35.38
N VAL W 137 -3.51 11.58 34.88
CA VAL W 137 -4.69 10.67 34.69
C VAL W 137 -4.93 10.52 33.18
N PHE W 138 -5.18 9.29 32.73
CA PHE W 138 -5.40 8.91 31.31
C PHE W 138 -6.79 8.27 31.19
N ASN W 139 -7.70 8.92 30.47
CA ASN W 139 -9.09 8.45 30.26
C ASN W 139 -9.53 8.80 28.84
N SER W 140 -10.59 8.15 28.37
CA SER W 140 -11.29 8.43 27.08
C SER W 140 -12.66 9.04 27.41
N VAL W 141 -12.86 10.32 27.07
CA VAL W 141 -14.12 11.06 27.39
C VAL W 141 -15.23 10.63 26.41
N GLY W 142 -14.87 9.95 25.32
CA GLY W 142 -15.81 9.29 24.39
C GLY W 142 -16.45 8.04 24.99
N GLY W 143 -15.73 7.34 25.88
CA GLY W 143 -16.16 6.05 26.48
C GLY W 143 -17.12 6.24 27.65
N GLY W 144 -17.35 5.16 28.40
CA GLY W 144 -18.22 5.11 29.59
C GLY W 144 -17.41 5.14 30.89
N THR W 145 -16.43 4.23 30.99
CA THR W 145 -15.47 4.11 32.13
C THR W 145 -14.71 5.42 32.30
N GLY W 146 -13.94 5.81 31.28
CA GLY W 146 -13.07 7.01 31.27
C GLY W 146 -13.86 8.30 31.48
N SER W 147 -15.09 8.37 30.96
CA SER W 147 -16.02 9.51 31.14
C SER W 147 -16.59 9.49 32.56
N GLY W 148 -17.32 8.42 32.90
CA GLY W 148 -18.08 8.29 34.15
C GLY W 148 -17.18 8.11 35.35
N LEU W 149 -16.44 6.99 35.41
CA LEU W 149 -15.57 6.64 36.58
C LEU W 149 -14.36 7.57 36.62
N GLY W 150 -13.77 7.87 35.46
CA GLY W 150 -12.61 8.77 35.32
C GLY W 150 -12.86 10.16 35.89
N SER W 151 -14.10 10.66 35.77
CA SER W 151 -14.56 11.94 36.37
C SER W 151 -14.81 11.77 37.87
N LEU W 152 -15.39 10.63 38.29
CA LEU W 152 -15.71 10.31 39.71
C LEU W 152 -14.43 10.19 40.53
N LEU W 153 -13.33 9.71 39.94
CA LEU W 153 -11.98 9.68 40.58
C LEU W 153 -11.52 11.11 40.88
N LEU W 154 -11.55 11.99 39.87
CA LEU W 154 -11.02 13.38 39.93
C LEU W 154 -11.76 14.19 41.01
N GLU W 155 -13.09 14.07 41.08
CA GLU W 155 -13.95 14.69 42.14
C GLU W 155 -13.40 14.34 43.54
N ARG W 156 -13.24 13.04 43.79
CA ARG W 156 -12.83 12.48 45.10
C ARG W 156 -11.35 12.80 45.35
N LEU W 157 -10.50 12.68 44.33
CA LEU W 157 -9.04 12.99 44.40
C LEU W 157 -8.81 14.46 44.80
N SER W 158 -9.70 15.37 44.38
CA SER W 158 -9.62 16.83 44.68
C SER W 158 -9.80 17.07 46.19
N VAL W 159 -10.70 16.34 46.83
CA VAL W 159 -11.08 16.52 48.26
C VAL W 159 -9.96 15.94 49.14
N ASP W 160 -9.62 14.66 48.93
CA ASP W 160 -8.69 13.88 49.80
C ASP W 160 -7.26 14.46 49.71
N TYR W 161 -6.79 14.82 48.51
CA TYR W 161 -5.38 15.20 48.23
C TYR W 161 -5.24 16.72 48.04
N GLY W 162 -6.31 17.44 47.69
CA GLY W 162 -6.36 18.92 47.75
C GLY W 162 -5.50 19.59 46.69
N LYS W 163 -4.30 20.02 47.07
CA LYS W 163 -3.40 20.90 46.26
C LYS W 163 -2.80 20.11 45.09
N LYS W 164 -2.19 18.96 45.37
CA LYS W 164 -1.39 18.11 44.44
C LYS W 164 -1.98 18.22 43.02
N SER W 165 -1.13 18.56 42.03
CA SER W 165 -1.52 18.86 40.62
C SER W 165 -2.16 17.62 39.97
N LYS W 166 -3.14 17.83 39.08
CA LYS W 166 -3.84 16.77 38.31
C LYS W 166 -3.81 17.12 36.82
N LEU W 167 -2.87 16.53 36.06
CA LEU W 167 -2.68 16.77 34.61
C LEU W 167 -3.35 15.65 33.80
N GLY W 168 -4.58 15.86 33.33
CA GLY W 168 -5.40 14.85 32.63
C GLY W 168 -5.16 14.83 31.13
N PHE W 169 -4.67 13.70 30.59
CA PHE W 169 -4.46 13.47 29.13
C PHE W 169 -5.68 12.75 28.54
N THR W 170 -6.67 13.53 28.12
CA THR W 170 -8.03 13.10 27.71
C THR W 170 -8.07 12.89 26.20
N ILE W 171 -8.71 11.82 25.74
CA ILE W 171 -8.83 11.45 24.30
C ILE W 171 -10.23 11.85 23.82
N TYR W 172 -10.43 13.17 23.61
CA TYR W 172 -11.71 13.77 23.16
C TYR W 172 -12.08 13.19 21.80
N PRO W 173 -13.38 12.97 21.51
CA PRO W 173 -13.79 12.38 20.24
C PRO W 173 -13.68 13.40 19.09
N SER W 174 -12.90 13.06 18.06
CA SER W 174 -12.73 13.87 16.82
C SER W 174 -14.09 14.04 16.14
N PRO W 175 -14.43 15.23 15.62
CA PRO W 175 -15.76 15.47 15.04
C PRO W 175 -16.05 14.62 13.79
N GLN W 176 -15.10 14.53 12.85
CA GLN W 176 -15.31 13.78 11.57
C GLN W 176 -15.34 12.28 11.87
N VAL W 177 -14.31 11.74 12.55
CA VAL W 177 -14.17 10.30 12.92
C VAL W 177 -14.63 10.11 14.37
N SER W 178 -15.75 9.39 14.56
CA SER W 178 -16.29 8.97 15.88
C SER W 178 -16.53 7.46 15.86
N THR W 179 -16.14 6.77 16.94
CA THR W 179 -16.18 5.28 17.07
C THR W 179 -17.56 4.82 17.57
N ALA W 180 -18.24 5.65 18.37
CA ALA W 180 -19.56 5.36 18.99
C ALA W 180 -20.55 6.51 18.70
N VAL W 181 -21.85 6.21 18.77
CA VAL W 181 -22.97 7.14 18.44
C VAL W 181 -23.25 8.06 19.65
N VAL W 182 -23.03 7.54 20.87
CA VAL W 182 -23.45 8.16 22.16
C VAL W 182 -22.29 8.96 22.78
N GLU W 183 -21.17 9.12 22.05
CA GLU W 183 -19.95 9.84 22.50
C GLU W 183 -20.29 11.25 22.98
N PRO W 184 -21.03 12.08 22.21
CA PRO W 184 -21.34 13.45 22.64
C PRO W 184 -21.85 13.51 24.09
N TYR W 185 -22.89 12.74 24.41
CA TYR W 185 -23.52 12.66 25.76
C TYR W 185 -22.45 12.41 26.83
N ASN W 186 -21.52 11.47 26.57
CA ASN W 186 -20.42 11.11 27.50
C ASN W 186 -19.49 12.31 27.70
N SER W 187 -19.04 12.93 26.60
CA SER W 187 -18.10 14.09 26.58
C SER W 187 -18.66 15.23 27.43
N ILE W 188 -19.88 15.69 27.11
CA ILE W 188 -20.52 16.93 27.65
C ILE W 188 -20.72 16.76 29.17
N LEU W 189 -21.07 15.56 29.63
CA LEU W 189 -21.20 15.24 31.06
C LEU W 189 -19.82 15.16 31.72
N SER W 190 -18.86 14.49 31.06
CA SER W 190 -17.46 14.30 31.56
C SER W 190 -16.77 15.65 31.72
N THR W 191 -16.88 16.52 30.71
CA THR W 191 -16.23 17.85 30.63
C THR W 191 -16.65 18.70 31.84
N HIS W 192 -17.96 18.80 32.12
CA HIS W 192 -18.52 19.55 33.28
C HIS W 192 -17.83 19.13 34.58
N SER W 193 -17.69 17.81 34.79
CA SER W 193 -17.01 17.20 35.97
C SER W 193 -15.51 17.45 35.89
N LEU W 194 -14.94 17.43 34.69
CA LEU W 194 -13.50 17.69 34.45
C LEU W 194 -13.17 19.18 34.61
N LEU W 195 -14.14 20.08 34.39
CA LEU W 195 -13.95 21.56 34.28
C LEU W 195 -13.62 22.21 35.63
N GLU W 196 -13.91 21.54 36.75
CA GLU W 196 -13.72 22.07 38.14
C GLU W 196 -12.48 21.44 38.78
N HIS W 197 -12.26 20.14 38.56
CA HIS W 197 -11.45 19.25 39.43
C HIS W 197 -10.05 19.00 38.85
N THR W 198 -9.85 19.18 37.53
CA THR W 198 -8.51 19.12 36.86
C THR W 198 -7.86 20.52 36.88
N ASP W 199 -6.53 20.56 36.92
CA ASP W 199 -5.70 21.79 36.95
C ASP W 199 -5.26 22.16 35.53
N VAL W 200 -4.91 21.16 34.71
CA VAL W 200 -4.48 21.30 33.28
C VAL W 200 -4.93 20.05 32.52
N ALA W 201 -5.92 20.18 31.62
CA ALA W 201 -6.46 19.08 30.78
C ALA W 201 -5.90 19.16 29.36
N VAL W 202 -4.97 18.26 29.02
CA VAL W 202 -4.31 18.20 27.68
C VAL W 202 -5.27 17.47 26.72
N MET W 203 -5.85 18.19 25.76
CA MET W 203 -6.81 17.65 24.76
C MET W 203 -6.02 16.94 23.65
N LEU W 204 -6.39 15.69 23.35
CA LEU W 204 -5.88 14.88 22.21
C LEU W 204 -7.09 14.28 21.49
N ASP W 205 -7.16 14.45 20.16
CA ASP W 205 -8.24 13.89 19.28
C ASP W 205 -7.61 12.85 18.37
N ASN W 206 -8.20 11.66 18.29
CA ASN W 206 -7.66 10.49 17.53
C ASN W 206 -7.37 10.90 16.10
N GLU W 207 -8.36 11.43 15.38
CA GLU W 207 -8.28 11.73 13.92
C GLU W 207 -7.04 12.57 13.62
N ALA W 208 -6.77 13.61 14.41
CA ALA W 208 -5.61 14.52 14.25
C ALA W 208 -4.30 13.71 14.26
N ILE W 209 -4.17 12.76 15.19
CA ILE W 209 -2.92 11.98 15.41
C ILE W 209 -2.82 10.91 14.31
N TYR W 210 -3.96 10.35 13.87
CA TYR W 210 -4.03 9.46 12.69
C TYR W 210 -3.48 10.18 11.46
N ASP W 211 -3.82 11.47 11.30
CA ASP W 211 -3.38 12.32 10.16
C ASP W 211 -1.87 12.59 10.26
N ILE W 212 -1.33 12.75 11.48
CA ILE W 212 0.13 12.96 11.73
C ILE W 212 0.90 11.70 11.30
N CYS W 213 0.36 10.51 11.59
CA CYS W 213 0.96 9.21 11.17
C CYS W 213 1.07 9.15 9.65
N ARG W 214 -0.05 9.34 8.94
CA ARG W 214 -0.13 9.24 7.46
C ARG W 214 0.80 10.28 6.81
N ARG W 215 0.90 11.47 7.40
CA ARG W 215 1.61 12.65 6.82
C ARG W 215 3.12 12.52 7.08
N ASN W 216 3.53 12.30 8.33
CA ASN W 216 4.95 12.34 8.77
C ASN W 216 5.57 10.93 8.67
N LEU W 217 4.98 9.94 9.35
CA LEU W 217 5.53 8.57 9.44
C LEU W 217 5.30 7.81 8.12
N ASP W 218 4.46 8.34 7.22
CA ASP W 218 4.21 7.80 5.85
C ASP W 218 3.73 6.35 5.98
N ILE W 219 2.71 6.13 6.81
CA ILE W 219 1.99 4.83 6.97
C ILE W 219 0.58 5.00 6.40
N GLU W 220 0.23 4.20 5.40
CA GLU W 220 -1.10 4.22 4.71
C GLU W 220 -2.20 3.78 5.67
N ARG W 221 -1.87 2.88 6.61
CA ARG W 221 -2.80 2.17 7.53
C ARG W 221 -2.30 2.25 8.97
N PRO W 222 -2.51 3.37 9.69
CA PRO W 222 -2.16 3.47 11.11
C PRO W 222 -3.07 2.65 12.04
N THR W 223 -2.54 2.18 13.17
CA THR W 223 -3.27 1.48 14.27
C THR W 223 -3.26 2.38 15.52
N TYR W 224 -4.06 2.01 16.54
CA TYR W 224 -4.03 2.60 17.90
C TYR W 224 -2.64 2.39 18.52
N THR W 225 -2.05 1.21 18.30
CA THR W 225 -0.74 0.79 18.87
C THR W 225 0.42 1.58 18.24
N ASN W 226 0.19 2.24 17.10
CA ASN W 226 1.12 3.23 16.48
C ASN W 226 0.79 4.64 17.00
N LEU W 227 -0.50 4.92 17.27
CA LEU W 227 -1.00 6.22 17.80
C LEU W 227 -0.50 6.41 19.24
N ASN W 228 -0.68 5.40 20.10
CA ASN W 228 -0.36 5.43 21.55
C ASN W 228 1.14 5.65 21.77
N ARG W 229 1.98 5.17 20.84
CA ARG W 229 3.46 5.36 20.87
C ARG W 229 3.81 6.84 20.78
N LEU W 230 3.09 7.60 19.94
CA LEU W 230 3.26 9.08 19.82
C LEU W 230 2.78 9.75 21.11
N ILE W 231 1.64 9.31 21.66
CA ILE W 231 1.04 9.86 22.93
C ILE W 231 2.09 9.68 24.03
N ALA W 232 2.66 8.48 24.13
CA ALA W 232 3.69 8.07 25.12
C ALA W 232 4.88 9.04 25.08
N GLN W 233 5.32 9.41 23.87
CA GLN W 233 6.54 10.24 23.64
C GLN W 233 6.32 11.66 24.16
N VAL W 234 5.10 12.20 24.02
CA VAL W 234 4.69 13.53 24.56
C VAL W 234 4.78 13.49 26.09
N ILE W 235 4.22 12.46 26.73
CA ILE W 235 4.16 12.29 28.21
C ILE W 235 5.60 12.17 28.75
N SER W 236 6.45 11.39 28.08
CA SER W 236 7.90 11.26 28.38
C SER W 236 8.56 12.64 28.42
N SER W 237 8.38 13.42 27.34
CA SER W 237 9.01 14.75 27.10
C SER W 237 8.58 15.75 28.18
N LEU W 238 7.30 15.72 28.57
CA LEU W 238 6.70 16.63 29.57
C LEU W 238 7.32 16.34 30.95
N THR W 239 7.40 15.06 31.31
CA THR W 239 7.92 14.56 32.62
C THR W 239 9.43 14.34 32.54
N ALA W 240 10.07 14.60 31.40
CA ALA W 240 11.52 14.40 31.15
C ALA W 240 12.35 15.18 32.18
N SER W 241 12.03 16.46 32.36
CA SER W 241 12.78 17.45 33.18
C SER W 241 13.06 16.91 34.59
N LEU W 242 12.11 16.18 35.17
CA LEU W 242 12.23 15.55 36.52
C LEU W 242 13.26 14.41 36.43
N ARG W 243 13.03 13.47 35.51
CA ARG W 243 13.72 12.16 35.42
C ARG W 243 15.20 12.39 35.07
N PHE W 244 15.47 13.23 34.07
CA PHE W 244 16.83 13.46 33.48
C PHE W 244 17.30 14.87 33.82
N ASP W 245 18.63 15.03 33.87
CA ASP W 245 19.34 16.31 34.20
C ASP W 245 19.24 17.23 32.97
N GLY W 246 18.89 18.51 33.20
CA GLY W 246 18.67 19.52 32.13
C GLY W 246 19.31 20.87 32.46
N ALA W 247 19.37 21.77 31.47
CA ALA W 247 19.94 23.13 31.57
C ALA W 247 18.93 24.09 32.21
N LEU W 248 17.74 24.19 31.61
CA LEU W 248 16.61 25.03 32.08
C LEU W 248 15.43 24.13 32.45
N ASN W 249 15.41 23.64 33.69
CA ASN W 249 14.45 22.61 34.19
C ASN W 249 13.03 23.18 34.22
N VAL W 250 12.03 22.28 34.14
CA VAL W 250 10.59 22.54 34.36
C VAL W 250 10.08 21.51 35.39
N ASP W 251 8.83 21.64 35.84
CA ASP W 251 8.14 20.68 36.75
C ASP W 251 6.64 20.67 36.41
N ILE W 252 5.92 19.61 36.78
CA ILE W 252 4.46 19.44 36.57
C ILE W 252 3.71 20.57 37.31
N THR W 253 4.24 21.04 38.44
CA THR W 253 3.67 22.14 39.26
C THR W 253 3.87 23.50 38.56
N GLU W 254 4.86 23.63 37.68
CA GLU W 254 5.17 24.89 36.93
C GLU W 254 4.08 25.17 35.89
N PHE W 255 3.80 24.19 35.02
CA PHE W 255 2.78 24.29 33.92
C PHE W 255 1.51 24.95 34.46
N GLN W 256 0.99 24.39 35.56
CA GLN W 256 -0.19 24.90 36.30
C GLN W 256 -0.08 26.44 36.32
N THR W 257 1.02 27.01 36.83
CA THR W 257 1.22 28.47 36.97
C THR W 257 1.35 29.15 35.60
N ASN W 258 2.13 28.57 34.68
CA ASN W 258 2.54 29.24 33.41
C ASN W 258 1.44 29.16 32.35
N LEU W 259 0.64 28.08 32.31
CA LEU W 259 -0.24 27.80 31.13
C LEU W 259 -1.68 28.29 31.38
N VAL W 260 -2.22 28.22 32.60
CA VAL W 260 -3.64 28.56 32.88
C VAL W 260 -3.68 29.96 33.50
N PRO W 261 -4.18 30.97 32.76
CA PRO W 261 -4.34 32.34 33.27
C PRO W 261 -5.61 32.63 34.09
N TYR W 262 -6.70 31.89 33.84
CA TYR W 262 -7.97 31.96 34.61
C TYR W 262 -8.40 30.54 34.98
N PRO W 263 -9.00 30.32 36.17
CA PRO W 263 -9.21 28.96 36.69
C PRO W 263 -9.97 27.96 35.80
N ARG W 264 -10.81 28.46 34.87
CA ARG W 264 -11.70 27.63 34.01
C ARG W 264 -11.06 27.37 32.63
N ILE W 265 -9.92 28.00 32.31
CA ILE W 265 -9.34 28.05 30.93
C ILE W 265 -8.24 26.99 30.79
N HIS W 266 -8.23 25.99 31.66
CA HIS W 266 -7.13 25.01 31.85
C HIS W 266 -7.03 24.00 30.70
N PHE W 267 -7.93 24.02 29.70
CA PHE W 267 -7.86 23.12 28.53
C PHE W 267 -6.69 23.53 27.62
N MET W 268 -6.01 22.55 27.04
CA MET W 268 -4.76 22.74 26.23
C MET W 268 -4.83 21.91 24.95
N LEU W 269 -3.83 22.09 24.06
CA LEU W 269 -3.47 21.18 22.94
C LEU W 269 -2.09 20.57 23.24
N SER W 270 -1.49 19.87 22.27
CA SER W 270 -0.06 19.44 22.31
C SER W 270 0.48 19.21 20.90
N SER W 271 1.80 19.23 20.72
CA SER W 271 2.49 18.92 19.44
C SER W 271 3.98 18.61 19.68
N TYR W 272 4.32 17.32 19.73
CA TYR W 272 5.70 16.79 19.60
C TYR W 272 6.08 16.97 18.12
N ALA W 273 7.23 17.60 17.85
CA ALA W 273 7.60 18.18 16.54
C ALA W 273 8.35 17.18 15.64
N PRO W 274 9.55 16.66 15.99
CA PRO W 274 10.32 15.82 15.06
C PRO W 274 9.81 14.37 14.98
N ILE W 275 8.52 14.19 14.65
CA ILE W 275 7.88 12.89 14.29
C ILE W 275 8.31 12.60 12.86
N ILE W 276 9.33 11.76 12.66
CA ILE W 276 10.01 11.57 11.35
C ILE W 276 10.28 10.09 11.11
N SER W 277 9.77 9.58 9.99
CA SER W 277 10.14 8.25 9.42
C SER W 277 11.64 8.23 9.13
N ALA W 278 12.32 7.12 9.48
CA ALA W 278 13.77 6.90 9.28
C ALA W 278 14.15 6.93 7.79
N GLU W 279 13.16 6.78 6.89
CA GLU W 279 13.29 7.01 5.43
C GLU W 279 13.69 8.47 5.18
N LYS W 280 12.90 9.43 5.67
CA LYS W 280 13.04 10.88 5.34
C LYS W 280 13.96 11.60 6.33
N ALA W 281 14.41 10.94 7.43
CA ALA W 281 15.30 11.52 8.47
C ALA W 281 16.67 11.84 7.86
N TYR W 282 17.27 10.82 7.24
CA TYR W 282 18.43 10.85 6.31
C TYR W 282 18.58 12.24 5.67
N HIS W 283 17.51 12.77 5.06
CA HIS W 283 17.51 14.01 4.23
C HIS W 283 17.44 15.27 5.13
N GLU W 284 16.78 15.19 6.28
CA GLU W 284 16.38 16.37 7.11
C GLU W 284 17.52 16.79 8.04
N GLN W 285 17.84 18.10 8.07
CA GLN W 285 18.88 18.73 8.93
C GLN W 285 18.48 18.56 10.40
N LEU W 286 17.26 18.97 10.76
CA LEU W 286 16.67 18.90 12.12
C LEU W 286 17.50 19.76 13.08
N SER W 287 17.59 21.05 12.76
CA SER W 287 18.07 22.13 13.66
C SER W 287 16.99 22.42 14.70
N VAL W 288 17.35 23.13 15.76
CA VAL W 288 16.38 23.65 16.78
C VAL W 288 15.40 24.58 16.05
N ALA W 289 15.92 25.41 15.13
CA ALA W 289 15.17 26.46 14.40
C ALA W 289 14.27 25.87 13.30
N GLU W 290 14.28 24.55 13.08
CA GLU W 290 13.28 23.81 12.27
C GLU W 290 12.20 23.22 13.21
N ILE W 291 12.65 22.52 14.25
CA ILE W 291 11.80 21.77 15.23
C ILE W 291 10.72 22.69 15.80
N THR W 292 11.04 23.94 16.17
CA THR W 292 10.09 24.91 16.78
C THR W 292 9.00 25.28 15.76
N ASN W 293 9.38 25.60 14.52
CA ASN W 293 8.45 25.91 13.41
C ASN W 293 7.56 24.70 13.13
N SER W 294 8.13 23.48 13.22
CA SER W 294 7.43 22.18 13.00
C SER W 294 6.45 21.88 14.15
N ALA W 295 6.64 22.48 15.33
CA ALA W 295 5.71 22.38 16.48
C ALA W 295 4.46 23.23 16.23
N PHE W 296 4.66 24.50 15.85
CA PHE W 296 3.59 25.52 15.68
C PHE W 296 2.81 25.29 14.38
N GLU W 297 3.26 24.37 13.50
CA GLU W 297 2.53 23.95 12.28
C GLU W 297 1.11 23.54 12.67
N PRO W 298 0.07 24.00 11.94
CA PRO W 298 -1.33 23.72 12.30
C PRO W 298 -1.69 22.23 12.19
N ALA W 299 -1.02 21.50 11.30
CA ALA W 299 -1.25 20.06 11.01
C ALA W 299 -0.69 19.17 12.13
N ASN W 300 0.45 19.55 12.73
CA ASN W 300 1.20 18.72 13.72
C ASN W 300 0.51 18.78 15.10
N MET W 301 -0.53 19.59 15.30
CA MET W 301 -1.36 19.62 16.52
C MET W 301 -2.12 18.30 16.67
N MET W 302 -2.02 17.67 17.85
CA MET W 302 -2.53 16.29 18.15
C MET W 302 -4.00 16.34 18.56
N ALA W 303 -4.57 17.55 18.74
CA ALA W 303 -6.03 17.81 18.81
C ALA W 303 -6.44 18.61 17.57
N LYS W 304 -7.57 18.26 16.94
CA LYS W 304 -7.98 18.80 15.62
C LYS W 304 -8.73 20.12 15.82
N CYS W 305 -7.98 21.15 16.20
CA CYS W 305 -8.39 22.57 16.33
C CYS W 305 -7.28 23.43 15.70
N ASP W 306 -7.59 24.09 14.58
CA ASP W 306 -6.60 24.87 13.78
C ASP W 306 -6.32 26.18 14.51
N PRO W 307 -5.16 26.31 15.20
CA PRO W 307 -4.94 27.42 16.14
C PRO W 307 -4.81 28.82 15.52
N ARG W 308 -4.73 28.89 14.18
CA ARG W 308 -4.75 30.16 13.38
C ARG W 308 -6.02 30.96 13.69
N HIS W 309 -7.16 30.28 13.87
CA HIS W 309 -8.48 30.90 14.17
C HIS W 309 -8.43 31.64 15.50
N GLY W 310 -7.86 31.02 16.53
CA GLY W 310 -7.76 31.56 17.90
C GLY W 310 -6.52 32.41 18.11
N LYS W 311 -6.08 32.51 19.36
CA LYS W 311 -4.89 33.29 19.80
C LYS W 311 -4.24 32.54 20.97
N TYR W 312 -2.95 32.20 20.85
CA TYR W 312 -2.16 31.53 21.91
C TYR W 312 -2.09 32.45 23.13
N MET W 313 -2.56 31.94 24.27
CA MET W 313 -2.61 32.65 25.57
C MET W 313 -1.30 32.40 26.33
N ALA W 314 -0.85 31.14 26.36
CA ALA W 314 0.43 30.70 26.97
C ALA W 314 0.91 29.40 26.31
N CYS W 315 2.13 29.41 25.75
CA CYS W 315 2.81 28.22 25.18
C CYS W 315 3.91 27.77 26.15
N SER W 316 4.23 26.47 26.14
CA SER W 316 5.24 25.83 27.02
C SER W 316 6.08 24.83 26.21
N MET W 317 7.19 25.31 25.62
CA MET W 317 8.10 24.52 24.74
C MET W 317 9.02 23.67 25.63
N MET W 318 9.12 22.36 25.38
CA MET W 318 9.86 21.39 26.24
C MET W 318 10.89 20.60 25.41
N TYR W 319 12.09 21.17 25.20
CA TYR W 319 13.14 20.63 24.31
C TYR W 319 13.86 19.44 24.97
N ARG W 320 14.49 18.60 24.14
CA ARG W 320 15.20 17.36 24.56
C ARG W 320 16.38 17.09 23.63
N GLY W 321 17.54 16.77 24.19
CA GLY W 321 18.76 16.40 23.43
C GLY W 321 19.70 17.58 23.25
N ASP W 322 20.54 17.54 22.21
CA ASP W 322 21.63 18.53 21.93
C ASP W 322 20.99 19.86 21.52
N VAL W 323 20.48 20.60 22.50
CA VAL W 323 19.74 21.89 22.33
C VAL W 323 20.50 22.98 23.10
N VAL W 324 20.85 24.07 22.41
CA VAL W 324 21.61 25.24 22.94
C VAL W 324 20.60 26.36 23.20
N PRO W 325 20.60 27.00 24.40
CA PRO W 325 19.56 27.97 24.75
C PRO W 325 19.57 29.27 23.91
N LYS W 326 20.70 29.57 23.25
CA LYS W 326 20.84 30.68 22.26
C LYS W 326 20.00 30.37 21.01
N ASP W 327 20.07 29.13 20.51
CA ASP W 327 19.36 28.66 19.29
C ASP W 327 17.85 28.77 19.52
N VAL W 328 17.37 28.19 20.64
CA VAL W 328 15.94 28.25 21.08
C VAL W 328 15.48 29.72 21.11
N ASN W 329 16.35 30.62 21.57
CA ASN W 329 16.08 32.07 21.74
C ASN W 329 15.61 32.68 20.40
N ALA W 330 16.44 32.54 19.36
CA ALA W 330 16.20 33.05 17.99
C ALA W 330 14.95 32.40 17.38
N SER W 331 14.74 31.11 17.66
CA SER W 331 13.60 30.29 17.17
C SER W 331 12.28 30.85 17.72
N ILE W 332 12.22 31.07 19.04
CA ILE W 332 11.06 31.73 19.74
C ILE W 332 10.91 33.15 19.17
N ALA W 333 12.00 33.91 19.14
CA ALA W 333 12.05 35.32 18.68
C ALA W 333 11.42 35.45 17.28
N THR W 334 11.73 34.52 16.37
CA THR W 334 11.19 34.47 14.98
C THR W 334 9.70 34.16 15.02
N ILE W 335 9.27 33.20 15.85
CA ILE W 335 7.83 32.79 16.00
C ILE W 335 7.01 33.99 16.50
N LYS W 336 7.54 34.77 17.44
CA LYS W 336 6.87 35.98 17.98
C LYS W 336 6.67 37.00 16.84
N THR W 337 7.62 37.07 15.89
CA THR W 337 7.61 37.99 14.73
C THR W 337 6.57 37.55 13.69
N LYS W 338 6.35 36.24 13.53
CA LYS W 338 5.41 35.66 12.52
C LYS W 338 4.01 36.25 12.71
N ARG W 339 3.23 36.30 11.62
CA ARG W 339 1.85 36.85 11.57
C ARG W 339 0.82 35.73 11.80
N THR W 340 1.02 34.57 11.14
CA THR W 340 0.17 33.35 11.25
C THR W 340 -0.03 33.00 12.73
N ILE W 341 1.06 32.96 13.50
CA ILE W 341 1.05 32.86 15.00
C ILE W 341 0.71 34.25 15.55
N GLN W 342 -0.32 34.33 16.39
CA GLN W 342 -0.95 35.60 16.87
C GLN W 342 -1.29 35.45 18.36
N PHE W 343 -0.53 36.11 19.24
CA PHE W 343 -0.67 36.03 20.72
C PHE W 343 -1.72 37.04 21.19
N VAL W 344 -2.48 36.69 22.23
CA VAL W 344 -3.39 37.61 22.98
C VAL W 344 -2.58 38.80 23.48
N ASP W 345 -3.19 39.99 23.56
CA ASP W 345 -2.52 41.27 23.93
C ASP W 345 -2.14 41.24 25.42
N TRP W 346 -2.99 40.64 26.24
CA TRP W 346 -2.84 40.60 27.73
C TRP W 346 -1.73 39.64 28.17
N CYS W 347 -1.19 38.82 27.27
CA CYS W 347 0.02 37.98 27.53
C CYS W 347 1.17 38.50 26.67
N PRO W 348 1.92 39.51 27.13
CA PRO W 348 2.96 40.14 26.31
C PRO W 348 4.13 39.15 26.12
N THR W 349 4.44 38.39 27.17
CA THR W 349 5.36 37.22 27.15
C THR W 349 4.54 35.97 27.41
N GLY W 350 4.18 35.26 26.33
CA GLY W 350 3.99 33.80 26.33
C GLY W 350 5.35 33.12 26.19
N PHE W 351 5.39 31.78 26.24
CA PHE W 351 6.60 30.92 26.13
C PHE W 351 7.22 30.66 27.50
N LYS W 352 7.02 29.44 27.99
CA LYS W 352 7.87 28.76 29.00
C LYS W 352 8.72 27.73 28.25
N VAL W 353 10.04 27.87 28.25
CA VAL W 353 10.97 26.94 27.52
C VAL W 353 11.61 25.97 28.53
N GLY W 354 11.90 24.74 28.09
CA GLY W 354 12.31 23.62 28.95
C GLY W 354 13.31 22.69 28.28
N ILE W 355 14.61 22.94 28.48
CA ILE W 355 15.75 22.29 27.75
C ILE W 355 16.31 21.17 28.63
N ASN W 356 16.35 19.94 28.10
CA ASN W 356 16.98 18.75 28.74
C ASN W 356 18.11 18.24 27.82
N TYR W 357 19.19 17.71 28.41
CA TYR W 357 20.35 17.15 27.67
C TYR W 357 20.03 15.75 27.12
N GLN W 358 19.11 15.03 27.76
CA GLN W 358 18.69 13.66 27.35
C GLN W 358 17.93 13.75 26.03
N PRO W 359 18.30 12.96 24.99
CA PRO W 359 17.49 12.86 23.77
C PRO W 359 16.31 11.93 23.95
N PRO W 360 15.28 11.97 23.06
CA PRO W 360 14.16 11.03 23.13
C PRO W 360 14.58 9.65 22.60
N THR W 361 14.21 8.58 23.32
CA THR W 361 14.58 7.18 23.02
C THR W 361 13.83 6.69 21.79
N VAL W 362 14.42 5.73 21.07
CA VAL W 362 13.84 5.07 19.86
C VAL W 362 13.37 3.67 20.27
N VAL W 363 12.05 3.47 20.36
CA VAL W 363 11.41 2.19 20.76
C VAL W 363 11.59 1.19 19.62
N PRO W 364 12.07 -0.05 19.87
CA PRO W 364 12.20 -1.06 18.82
C PRO W 364 10.84 -1.57 18.33
N GLY W 365 10.68 -1.70 17.01
CA GLY W 365 9.38 -1.93 16.33
C GLY W 365 8.51 -0.68 16.36
N GLY W 366 9.12 0.49 16.56
CA GLY W 366 8.46 1.78 16.78
C GLY W 366 8.60 2.70 15.59
N ASP W 367 7.49 3.25 15.10
CA ASP W 367 7.44 4.14 13.90
C ASP W 367 7.96 5.51 14.32
N LEU W 368 9.29 5.64 14.43
CA LEU W 368 10.01 6.89 14.79
C LEU W 368 11.51 6.71 14.52
N ALA W 369 12.15 7.75 13.98
CA ALA W 369 13.62 7.81 13.71
C ALA W 369 14.36 8.24 14.97
N LYS W 370 15.61 7.77 15.15
CA LYS W 370 16.51 8.23 16.24
C LYS W 370 17.01 9.63 15.89
N VAL W 371 16.48 10.65 16.57
CA VAL W 371 16.72 12.10 16.30
C VAL W 371 17.45 12.70 17.51
N MET W 372 18.37 13.64 17.27
CA MET W 372 19.28 14.21 18.31
C MET W 372 18.62 15.39 19.05
N ARG W 373 17.52 15.95 18.53
CA ARG W 373 16.76 17.09 19.13
C ARG W 373 15.27 16.78 19.15
N ALA W 374 14.49 17.51 19.95
CA ALA W 374 13.01 17.41 20.02
C ALA W 374 12.41 18.60 20.77
N VAL W 375 11.08 18.69 20.75
CA VAL W 375 10.26 19.63 21.58
C VAL W 375 8.82 19.09 21.69
N CYS W 376 8.25 19.13 22.89
CA CYS W 376 6.81 18.89 23.18
C CYS W 376 6.19 20.21 23.66
N MET W 377 5.42 20.86 22.79
CA MET W 377 4.73 22.15 23.09
C MET W 377 3.31 21.86 23.58
N ILE W 378 3.05 22.08 24.87
CA ILE W 378 1.67 22.21 25.45
C ILE W 378 1.30 23.69 25.33
N SER W 379 0.18 23.99 24.66
CA SER W 379 -0.24 25.36 24.27
C SER W 379 -1.71 25.62 24.63
N ASN W 380 -1.96 26.54 25.58
CA ASN W 380 -3.30 27.11 25.85
C ASN W 380 -3.63 28.10 24.72
N SER W 381 -4.64 27.81 23.90
CA SER W 381 -5.07 28.65 22.75
C SER W 381 -6.58 28.88 22.80
N THR W 382 -7.04 30.04 22.30
CA THR W 382 -8.48 30.44 22.21
C THR W 382 -9.23 29.51 21.25
N ALA W 383 -8.51 28.91 20.30
CA ALA W 383 -9.02 27.97 19.27
C ALA W 383 -9.76 26.79 19.89
N ILE W 384 -9.32 26.30 21.06
CA ILE W 384 -9.88 25.09 21.75
C ILE W 384 -11.42 25.20 21.78
N ALA W 385 -11.94 26.42 21.96
CA ALA W 385 -13.38 26.80 21.87
C ALA W 385 -14.07 26.09 20.71
N GLU W 386 -13.42 26.02 19.54
CA GLU W 386 -13.94 25.41 18.28
C GLU W 386 -14.36 23.95 18.53
N VAL W 387 -13.58 23.17 19.27
CA VAL W 387 -13.85 21.72 19.54
C VAL W 387 -15.10 21.59 20.42
N PHE W 388 -15.23 22.46 21.43
CA PHE W 388 -16.37 22.46 22.39
C PHE W 388 -17.66 22.90 21.70
N SER W 389 -17.59 23.88 20.79
CA SER W 389 -18.75 24.37 19.99
C SER W 389 -19.27 23.27 19.06
N ARG W 390 -18.39 22.40 18.54
CA ARG W 390 -18.75 21.25 17.67
C ARG W 390 -19.42 20.17 18.52
N LEU W 391 -18.83 19.81 19.68
CA LEU W 391 -19.37 18.77 20.59
C LEU W 391 -20.70 19.23 21.21
N ASP W 392 -20.90 20.54 21.38
CA ASP W 392 -22.17 21.14 21.86
C ASP W 392 -23.22 21.08 20.74
N HIS W 393 -22.83 21.41 19.50
CA HIS W 393 -23.69 21.31 18.29
C HIS W 393 -24.05 19.83 18.03
N LYS W 394 -23.09 18.91 18.17
CA LYS W 394 -23.27 17.44 17.98
C LYS W 394 -24.11 16.85 19.12
N PHE W 395 -24.18 17.54 20.26
CA PHE W 395 -25.03 17.22 21.44
C PHE W 395 -26.41 17.89 21.29
N ASP W 396 -26.45 19.11 20.72
CA ASP W 396 -27.69 19.93 20.59
C ASP W 396 -28.65 19.30 19.57
N LEU W 397 -28.14 18.50 18.62
CA LEU W 397 -28.95 17.70 17.66
C LEU W 397 -29.66 16.58 18.42
N MET W 398 -28.97 15.92 19.35
CA MET W 398 -29.57 15.07 20.40
C MET W 398 -30.24 15.97 21.44
N TYR W 399 -30.97 15.41 22.41
CA TYR W 399 -31.57 16.12 23.57
C TYR W 399 -32.68 17.08 23.12
N ALA W 400 -32.64 17.58 21.87
CA ALA W 400 -33.83 18.07 21.14
C ALA W 400 -34.84 16.93 21.00
N LYS W 401 -34.37 15.74 20.59
CA LYS W 401 -35.20 14.51 20.42
C LYS W 401 -35.31 13.75 21.76
N ARG W 402 -34.54 14.13 22.78
CA ARG W 402 -34.35 13.36 24.04
C ARG W 402 -33.83 11.96 23.66
N ALA W 403 -32.98 11.92 22.63
CA ALA W 403 -32.66 10.72 21.80
C ALA W 403 -32.42 9.51 22.71
N PHE W 404 -31.22 9.41 23.31
CA PHE W 404 -30.71 8.20 24.01
C PHE W 404 -30.90 8.32 25.52
N VAL W 405 -31.71 9.29 25.97
CA VAL W 405 -31.72 9.77 27.38
C VAL W 405 -32.16 8.64 28.31
N HIS W 406 -33.12 7.81 27.88
CA HIS W 406 -33.72 6.70 28.66
C HIS W 406 -32.64 5.83 29.31
N TRP W 407 -31.53 5.57 28.62
CA TRP W 407 -30.38 4.79 29.14
C TRP W 407 -29.79 5.50 30.36
N TYR W 408 -29.45 6.78 30.19
CA TYR W 408 -28.75 7.63 31.20
C TYR W 408 -29.66 7.79 32.43
N VAL W 409 -30.95 8.04 32.21
CA VAL W 409 -31.97 8.23 33.30
C VAL W 409 -32.16 6.91 34.07
N GLY W 410 -32.21 5.76 33.36
CA GLY W 410 -32.45 4.42 33.94
C GLY W 410 -31.36 3.97 34.90
N GLU W 411 -30.15 4.52 34.78
CA GLU W 411 -28.95 4.13 35.56
C GLU W 411 -28.58 5.24 36.57
N GLY W 412 -29.47 6.19 36.84
CA GLY W 412 -29.47 7.04 38.05
C GLY W 412 -29.09 8.51 37.80
N MET W 413 -28.95 8.93 36.53
CA MET W 413 -28.64 10.33 36.15
C MET W 413 -29.95 11.09 35.95
N GLU W 414 -30.22 12.09 36.79
CA GLU W 414 -31.34 13.05 36.64
C GLU W 414 -31.17 13.75 35.27
N GLU W 415 -32.28 13.95 34.53
CA GLU W 415 -32.30 14.49 33.13
C GLU W 415 -31.80 15.94 33.10
N GLY W 416 -32.14 16.73 34.12
CA GLY W 416 -31.67 18.11 34.32
C GLY W 416 -30.14 18.23 34.33
N GLU W 417 -29.43 17.15 34.70
CA GLU W 417 -27.93 17.09 34.74
C GLU W 417 -27.36 17.26 33.32
N PHE W 418 -28.10 16.83 32.29
CA PHE W 418 -27.80 17.13 30.87
C PHE W 418 -27.91 18.63 30.63
N SER W 419 -29.08 19.22 30.92
CA SER W 419 -29.42 20.66 30.71
C SER W 419 -28.52 21.56 31.56
N GLU W 420 -28.06 21.07 32.71
CA GLU W 420 -27.01 21.70 33.55
C GLU W 420 -25.70 21.77 32.74
N ALA W 421 -25.20 20.61 32.32
CA ALA W 421 -23.88 20.42 31.65
C ALA W 421 -23.77 21.34 30.43
N ARG W 422 -24.75 21.30 29.53
CA ARG W 422 -24.81 22.10 28.26
C ARG W 422 -24.73 23.59 28.60
N GLU W 423 -25.45 24.04 29.63
CA GLU W 423 -25.49 25.45 30.10
C GLU W 423 -24.09 25.88 30.57
N ASP W 424 -23.35 24.97 31.22
CA ASP W 424 -22.01 25.25 31.80
C ASP W 424 -20.97 25.34 30.67
N LEU W 425 -21.00 24.42 29.71
CA LEU W 425 -20.10 24.47 28.52
C LEU W 425 -20.48 25.64 27.61
N ALA W 426 -21.74 26.09 27.66
CA ALA W 426 -22.22 27.31 26.98
C ALA W 426 -21.70 28.56 27.70
N ALA W 427 -21.41 28.45 29.01
CA ALA W 427 -20.73 29.49 29.82
C ALA W 427 -19.21 29.44 29.59
N LEU W 428 -18.63 28.25 29.35
CA LEU W 428 -17.19 28.05 29.06
C LEU W 428 -16.82 28.70 27.72
N GLU W 429 -17.54 28.34 26.66
CA GLU W 429 -17.32 28.87 25.28
C GLU W 429 -17.78 30.34 25.20
N LYS W 430 -18.47 30.85 26.23
CA LYS W 430 -18.67 32.30 26.46
C LYS W 430 -17.36 32.91 26.98
N ASP W 431 -16.71 32.27 27.95
CA ASP W 431 -15.47 32.76 28.63
C ASP W 431 -14.27 32.73 27.68
N TYR W 432 -14.15 31.70 26.83
CA TYR W 432 -13.02 31.54 25.86
C TYR W 432 -13.05 32.65 24.80
N GLU W 433 -14.23 33.13 24.41
CA GLU W 433 -14.39 34.32 23.52
C GLU W 433 -14.02 35.57 24.32
N GLU W 434 -14.60 35.75 25.51
CA GLU W 434 -14.40 36.94 26.39
C GLU W 434 -12.92 37.24 26.61
N VAL W 435 -12.09 36.21 26.92
CA VAL W 435 -10.62 36.37 27.14
C VAL W 435 -9.96 36.75 25.80
N GLY W 436 -10.35 36.10 24.71
CA GLY W 436 -9.86 36.37 23.34
C GLY W 436 -10.03 37.83 22.95
N ILE W 437 -11.09 38.50 23.43
CA ILE W 437 -11.37 39.95 23.20
C ILE W 437 -10.16 40.76 23.67
N GLU W 438 -9.72 41.73 22.86
CA GLU W 438 -8.60 42.65 23.18
C GLU W 438 -8.97 43.54 24.38
N THR W 439 -7.97 43.95 25.16
CA THR W 439 -8.11 44.71 26.43
C THR W 439 -8.85 46.03 26.18
N ALA W 440 -9.74 46.42 27.10
CA ALA W 440 -10.51 47.69 27.08
C ALA W 440 -9.78 48.75 27.91
N MET X 1 -15.49 -13.39 33.12
CA MET X 1 -16.94 -13.72 33.33
C MET X 1 -17.77 -13.05 32.20
N ARG X 2 -18.79 -12.25 32.53
CA ARG X 2 -19.83 -11.74 31.59
C ARG X 2 -20.46 -12.93 30.84
N GLU X 3 -20.95 -13.93 31.60
CA GLU X 3 -21.49 -15.21 31.06
C GLU X 3 -22.84 -14.97 30.35
N ILE X 4 -23.14 -15.79 29.33
CA ILE X 4 -24.41 -15.73 28.55
C ILE X 4 -25.06 -17.12 28.59
N VAL X 5 -26.34 -17.16 29.01
CA VAL X 5 -27.22 -18.35 28.93
C VAL X 5 -27.90 -18.34 27.56
N HIS X 6 -27.95 -19.48 26.86
CA HIS X 6 -28.62 -19.64 25.55
C HIS X 6 -29.85 -20.55 25.71
N ILE X 7 -31.05 -20.05 25.36
CA ILE X 7 -32.30 -20.87 25.30
C ILE X 7 -32.69 -21.03 23.84
N GLN X 8 -32.66 -22.28 23.34
CA GLN X 8 -33.08 -22.64 21.95
C GLN X 8 -34.45 -23.32 22.03
N GLY X 9 -35.51 -22.58 21.65
CA GLY X 9 -36.93 -22.95 21.87
C GLY X 9 -37.73 -23.01 20.57
N GLY X 10 -38.53 -24.06 20.39
CA GLY X 10 -39.21 -24.39 19.12
C GLY X 10 -38.26 -25.09 18.16
N GLN X 11 -38.81 -25.89 17.23
CA GLN X 11 -38.04 -26.74 16.28
C GLN X 11 -36.96 -25.91 15.59
N CYS X 12 -37.31 -24.74 15.06
CA CYS X 12 -36.40 -23.79 14.35
C CYS X 12 -35.24 -23.40 15.26
N GLY X 13 -35.55 -22.76 16.39
CA GLY X 13 -34.58 -22.31 17.41
C GLY X 13 -33.60 -23.40 17.80
N ASN X 14 -34.08 -24.64 17.96
CA ASN X 14 -33.29 -25.82 18.38
C ASN X 14 -32.32 -26.23 17.26
N GLN X 15 -32.73 -26.10 15.99
CA GLN X 15 -31.90 -26.48 14.82
C GLN X 15 -30.80 -25.42 14.58
N ILE X 16 -31.13 -24.13 14.74
CA ILE X 16 -30.13 -23.01 14.68
C ILE X 16 -29.12 -23.22 15.81
N GLY X 17 -29.62 -23.31 17.05
CA GLY X 17 -28.84 -23.63 18.26
C GLY X 17 -27.89 -24.79 18.05
N ALA X 18 -28.40 -25.90 17.49
CA ALA X 18 -27.62 -27.10 17.13
C ALA X 18 -26.41 -26.69 16.29
N LYS X 19 -26.64 -25.90 15.24
CA LYS X 19 -25.56 -25.41 14.33
C LYS X 19 -24.69 -24.38 15.06
N PHE X 20 -25.30 -23.50 15.87
CA PHE X 20 -24.60 -22.42 16.60
C PHE X 20 -23.50 -23.02 17.50
N TRP X 21 -23.82 -24.06 18.26
CA TRP X 21 -22.92 -24.71 19.24
C TRP X 21 -21.87 -25.59 18.53
N GLU X 22 -22.01 -25.82 17.22
CA GLU X 22 -20.93 -26.39 16.35
C GLU X 22 -19.93 -25.28 16.00
N VAL X 23 -20.44 -24.12 15.55
CA VAL X 23 -19.64 -22.96 15.09
C VAL X 23 -18.75 -22.44 16.24
N ILE X 24 -19.36 -22.21 17.42
CA ILE X 24 -18.67 -21.65 18.61
C ILE X 24 -17.62 -22.65 19.12
N SER X 25 -17.90 -23.95 19.04
CA SER X 25 -17.02 -25.07 19.48
C SER X 25 -15.75 -25.12 18.63
N ASP X 26 -15.86 -24.85 17.33
CA ASP X 26 -14.71 -24.81 16.39
C ASP X 26 -13.76 -23.69 16.80
N GLU X 27 -14.29 -22.47 16.96
CA GLU X 27 -13.51 -21.25 17.34
C GLU X 27 -12.75 -21.52 18.64
N HIS X 28 -13.45 -21.98 19.68
CA HIS X 28 -12.90 -22.30 21.03
C HIS X 28 -12.16 -23.65 21.01
N GLY X 29 -12.28 -24.43 19.93
CA GLY X 29 -11.51 -25.67 19.69
C GLY X 29 -12.06 -26.87 20.44
N ILE X 30 -13.29 -26.77 20.98
CA ILE X 30 -13.98 -27.86 21.74
C ILE X 30 -14.36 -28.95 20.73
N ASP X 31 -14.04 -30.21 21.05
CA ASP X 31 -14.33 -31.42 20.22
C ASP X 31 -15.68 -31.98 20.65
N PRO X 32 -16.34 -32.83 19.82
CA PRO X 32 -17.73 -33.24 20.07
C PRO X 32 -18.01 -33.90 21.43
N THR X 33 -17.01 -34.53 22.05
CA THR X 33 -17.12 -35.28 23.33
C THR X 33 -16.98 -34.33 24.54
N GLY X 34 -16.51 -33.09 24.33
CA GLY X 34 -16.41 -32.05 25.37
C GLY X 34 -14.98 -31.76 25.81
N THR X 35 -13.98 -32.43 25.23
CA THR X 35 -12.54 -32.25 25.53
C THR X 35 -11.95 -31.14 24.63
N TYR X 36 -11.01 -30.34 25.16
CA TYR X 36 -10.30 -29.27 24.44
C TYR X 36 -9.10 -29.87 23.68
N HIS X 37 -9.06 -29.72 22.35
CA HIS X 37 -7.97 -30.17 21.45
C HIS X 37 -7.31 -28.98 20.73
N GLY X 38 -7.73 -27.74 21.05
CA GLY X 38 -7.26 -26.51 20.39
C GLY X 38 -5.77 -26.27 20.60
N ASP X 39 -5.15 -25.50 19.69
CA ASP X 39 -3.69 -25.24 19.64
C ASP X 39 -3.36 -23.96 20.41
N SER X 40 -4.20 -22.91 20.28
CA SER X 40 -3.99 -21.56 20.88
C SER X 40 -4.62 -21.50 22.28
N ASP X 41 -3.93 -20.85 23.23
CA ASP X 41 -4.38 -20.68 24.65
C ASP X 41 -5.48 -19.61 24.73
N LEU X 42 -5.54 -18.70 23.74
CA LEU X 42 -6.58 -17.64 23.59
C LEU X 42 -7.98 -18.25 23.45
N GLN X 43 -8.10 -19.51 23.03
CA GLN X 43 -9.40 -20.21 22.81
C GLN X 43 -10.09 -20.52 24.15
N LEU X 44 -9.35 -20.65 25.26
CA LEU X 44 -9.89 -21.06 26.59
C LEU X 44 -9.88 -19.92 27.62
N GLU X 45 -9.25 -18.77 27.33
CA GLU X 45 -9.07 -17.67 28.33
C GLU X 45 -10.44 -17.15 28.79
N ARG X 46 -11.45 -17.13 27.90
CA ARG X 46 -12.82 -16.61 28.18
C ARG X 46 -13.87 -17.63 27.68
N ILE X 47 -13.62 -18.93 27.82
CA ILE X 47 -14.58 -19.99 27.41
C ILE X 47 -15.82 -19.95 28.30
N ASN X 48 -15.66 -19.60 29.59
CA ASN X 48 -16.74 -19.58 30.61
C ASN X 48 -17.93 -18.72 30.14
N VAL X 49 -17.72 -17.78 29.20
CA VAL X 49 -18.78 -16.90 28.61
C VAL X 49 -19.97 -17.76 28.14
N TYR X 50 -19.71 -18.85 27.42
CA TYR X 50 -20.75 -19.69 26.76
C TYR X 50 -20.88 -21.04 27.48
N TYR X 51 -19.75 -21.68 27.80
CA TYR X 51 -19.71 -23.03 28.44
C TYR X 51 -19.70 -22.88 29.97
N ASN X 52 -20.06 -23.96 30.65
CA ASN X 52 -19.76 -24.20 32.09
C ASN X 52 -18.81 -25.39 32.19
N GLU X 53 -17.66 -25.21 32.86
CA GLU X 53 -16.63 -26.26 33.06
C GLU X 53 -17.15 -27.32 34.04
N ALA X 54 -17.52 -28.50 33.54
CA ALA X 54 -17.97 -29.66 34.34
C ALA X 54 -16.75 -30.39 34.91
N THR X 55 -16.98 -31.44 35.70
CA THR X 55 -15.92 -32.28 36.32
C THR X 55 -15.20 -33.09 35.22
N GLY X 56 -13.88 -33.19 35.32
CA GLY X 56 -13.03 -34.07 34.49
C GLY X 56 -12.15 -33.32 33.51
N GLY X 57 -12.63 -32.17 33.00
CA GLY X 57 -12.04 -31.43 31.86
C GLY X 57 -12.93 -31.45 30.63
N ARG X 58 -14.21 -31.81 30.78
CA ARG X 58 -15.29 -31.67 29.77
C ARG X 58 -15.77 -30.22 29.77
N TYR X 59 -16.26 -29.72 28.63
CA TYR X 59 -16.90 -28.40 28.49
C TYR X 59 -18.34 -28.59 28.00
N VAL X 60 -19.29 -28.06 28.77
CA VAL X 60 -20.76 -28.18 28.54
C VAL X 60 -21.29 -26.81 28.14
N PRO X 61 -21.96 -26.68 26.96
CA PRO X 61 -22.70 -25.46 26.64
C PRO X 61 -23.74 -25.10 27.70
N ARG X 62 -23.82 -23.82 28.06
CA ARG X 62 -24.90 -23.24 28.89
C ARG X 62 -26.12 -23.02 27.97
N ALA X 63 -26.79 -24.13 27.60
CA ALA X 63 -27.90 -24.20 26.64
C ALA X 63 -29.10 -24.92 27.27
N ILE X 64 -30.30 -24.33 27.17
CA ILE X 64 -31.59 -24.89 27.71
C ILE X 64 -32.49 -25.19 26.51
N LEU X 65 -32.54 -26.46 26.10
CA LEU X 65 -33.23 -26.90 24.86
C LEU X 65 -34.69 -27.20 25.20
N MET X 66 -35.57 -26.18 25.10
CA MET X 66 -37.03 -26.31 25.41
C MET X 66 -37.80 -26.57 24.11
N ASP X 67 -38.85 -27.40 24.18
CA ASP X 67 -39.80 -27.66 23.08
C ASP X 67 -40.97 -28.50 23.62
N LEU X 68 -42.16 -28.38 23.01
CA LEU X 68 -43.38 -29.12 23.38
C LEU X 68 -43.47 -30.43 22.59
N GLU X 69 -42.60 -30.63 21.59
CA GLU X 69 -42.51 -31.85 20.74
C GLU X 69 -41.30 -32.66 21.21
N PRO X 70 -41.47 -33.95 21.60
CA PRO X 70 -40.34 -34.77 22.06
C PRO X 70 -39.41 -35.26 20.95
N GLY X 71 -39.87 -35.26 19.69
CA GLY X 71 -39.10 -35.66 18.50
C GLY X 71 -37.90 -34.77 18.22
N THR X 72 -37.92 -33.51 18.68
CA THR X 72 -36.84 -32.51 18.44
C THR X 72 -35.56 -32.88 19.22
N MET X 73 -35.69 -33.49 20.41
CA MET X 73 -34.56 -34.03 21.21
C MET X 73 -33.74 -35.00 20.34
N ASP X 74 -34.44 -35.91 19.64
CA ASP X 74 -33.82 -36.93 18.73
C ASP X 74 -33.04 -36.23 17.61
N SER X 75 -33.51 -35.06 17.16
CA SER X 75 -32.89 -34.26 16.07
C SER X 75 -31.56 -33.63 16.53
N VAL X 76 -31.54 -33.01 17.71
CA VAL X 76 -30.35 -32.28 18.26
C VAL X 76 -29.30 -33.29 18.77
N ARG X 77 -29.72 -34.47 19.24
CA ARG X 77 -28.82 -35.59 19.65
C ARG X 77 -28.14 -36.20 18.42
N ALA X 78 -28.91 -36.45 17.36
CA ALA X 78 -28.47 -37.03 16.07
C ALA X 78 -27.31 -36.22 15.48
N GLY X 79 -27.39 -34.88 15.55
CA GLY X 79 -26.40 -33.94 14.99
C GLY X 79 -25.00 -34.16 15.58
N PRO X 80 -23.91 -33.91 14.80
CA PRO X 80 -22.56 -33.83 15.37
C PRO X 80 -22.50 -32.62 16.32
N PHE X 81 -21.73 -32.75 17.41
CA PHE X 81 -21.74 -31.83 18.58
C PHE X 81 -23.12 -31.86 19.26
N GLY X 82 -23.78 -33.02 19.22
CA GLY X 82 -25.06 -33.29 19.92
C GLY X 82 -24.83 -33.84 21.32
N GLN X 83 -23.67 -34.45 21.56
CA GLN X 83 -23.26 -35.05 22.87
C GLN X 83 -22.70 -33.95 23.79
N LEU X 84 -22.56 -32.71 23.31
CA LEU X 84 -22.07 -31.55 24.10
C LEU X 84 -23.10 -31.15 25.17
N PHE X 85 -24.39 -31.15 24.85
CA PHE X 85 -25.47 -30.48 25.62
C PHE X 85 -25.86 -31.33 26.85
N ARG X 86 -26.19 -30.65 27.97
CA ARG X 86 -26.48 -31.29 29.29
C ARG X 86 -27.88 -31.90 29.26
N PRO X 87 -28.05 -33.23 29.51
CA PRO X 87 -29.36 -33.91 29.49
C PRO X 87 -30.41 -33.33 30.45
N ASP X 88 -29.97 -32.80 31.59
CA ASP X 88 -30.83 -32.10 32.60
C ASP X 88 -31.40 -30.80 31.99
N ASN X 89 -30.72 -30.21 31.01
CA ASN X 89 -31.15 -28.97 30.30
C ASN X 89 -32.25 -29.28 29.27
N PHE X 90 -32.37 -30.53 28.80
CA PHE X 90 -33.35 -30.96 27.77
C PHE X 90 -34.73 -31.13 28.42
N VAL X 91 -35.56 -30.08 28.38
CA VAL X 91 -36.94 -30.03 28.96
C VAL X 91 -37.95 -30.11 27.81
N PHE X 92 -38.56 -31.28 27.58
CA PHE X 92 -39.42 -31.56 26.39
C PHE X 92 -40.78 -32.08 26.83
N GLY X 93 -41.86 -31.53 26.24
CA GLY X 93 -43.25 -31.98 26.39
C GLY X 93 -43.58 -33.14 25.46
N GLN X 94 -44.87 -33.46 25.29
CA GLN X 94 -45.35 -34.65 24.55
C GLN X 94 -46.19 -34.23 23.32
N THR X 95 -47.19 -33.37 23.50
CA THR X 95 -48.26 -33.07 22.50
C THR X 95 -47.68 -32.27 21.33
N GLY X 96 -47.07 -31.11 21.59
CA GLY X 96 -46.58 -30.15 20.58
C GLY X 96 -47.58 -29.03 20.35
N ALA X 97 -47.08 -27.84 19.99
CA ALA X 97 -47.85 -26.57 19.90
C ALA X 97 -48.91 -26.65 18.80
N GLY X 98 -48.66 -27.40 17.73
CA GLY X 98 -49.55 -27.50 16.56
C GLY X 98 -49.67 -26.17 15.83
N ASN X 99 -48.56 -25.42 15.76
CA ASN X 99 -48.46 -24.07 15.12
C ASN X 99 -49.49 -23.11 15.72
N ASN X 100 -49.79 -23.26 17.02
CA ASN X 100 -50.81 -22.45 17.75
C ASN X 100 -50.12 -21.74 18.94
N TRP X 101 -49.96 -20.41 18.83
CA TRP X 101 -49.39 -19.52 19.88
C TRP X 101 -50.06 -19.82 21.22
N ALA X 102 -51.39 -19.79 21.23
CA ALA X 102 -52.25 -20.01 22.42
C ALA X 102 -51.84 -21.30 23.13
N LYS X 103 -51.73 -22.40 22.39
CA LYS X 103 -51.35 -23.75 22.91
C LYS X 103 -49.90 -23.68 23.41
N GLY X 104 -49.04 -22.94 22.72
CA GLY X 104 -47.64 -22.70 23.09
C GLY X 104 -47.49 -21.74 24.26
N HIS X 105 -48.53 -20.94 24.57
CA HIS X 105 -48.52 -19.90 25.62
C HIS X 105 -49.42 -20.31 26.79
N TYR X 106 -50.74 -20.39 26.56
CA TYR X 106 -51.80 -20.30 27.61
C TYR X 106 -52.20 -21.65 28.21
N THR X 107 -51.93 -22.80 27.57
CA THR X 107 -52.30 -24.14 28.09
C THR X 107 -51.06 -25.03 28.20
N GLU X 108 -50.76 -25.85 27.18
CA GLU X 108 -49.67 -26.86 27.21
C GLU X 108 -48.34 -26.18 27.61
N GLY X 109 -48.02 -25.05 26.97
CA GLY X 109 -46.80 -24.26 27.22
C GLY X 109 -46.82 -23.58 28.58
N ALA X 110 -48.00 -23.30 29.13
CA ALA X 110 -48.20 -22.72 30.48
C ALA X 110 -47.89 -23.75 31.58
N GLU X 111 -47.87 -25.05 31.25
CA GLU X 111 -47.58 -26.16 32.20
C GLU X 111 -46.08 -26.47 32.24
N LEU X 112 -45.37 -26.37 31.11
CA LEU X 112 -43.95 -26.79 31.00
C LEU X 112 -43.02 -25.69 31.55
N ILE X 113 -43.22 -24.42 31.16
CA ILE X 113 -42.32 -23.25 31.48
C ILE X 113 -41.88 -23.27 32.96
N ASP X 114 -42.76 -23.68 33.89
CA ASP X 114 -42.43 -23.80 35.34
C ASP X 114 -41.25 -24.76 35.53
N SER X 115 -41.15 -25.82 34.72
CA SER X 115 -40.00 -26.76 34.67
C SER X 115 -38.76 -26.09 34.05
N VAL X 116 -38.95 -25.25 33.03
CA VAL X 116 -37.86 -24.57 32.25
C VAL X 116 -37.19 -23.51 33.15
N LEU X 117 -37.99 -22.63 33.74
CA LEU X 117 -37.51 -21.52 34.63
C LEU X 117 -36.56 -22.08 35.70
N ASP X 118 -36.88 -23.24 36.28
CA ASP X 118 -36.08 -23.92 37.35
C ASP X 118 -34.71 -24.35 36.80
N VAL X 119 -34.57 -24.56 35.48
CA VAL X 119 -33.28 -24.84 34.80
C VAL X 119 -32.60 -23.51 34.44
N VAL X 120 -33.37 -22.50 34.01
CA VAL X 120 -32.86 -21.13 33.69
C VAL X 120 -32.17 -20.58 34.94
N ARG X 121 -32.93 -20.44 36.04
CA ARG X 121 -32.47 -19.97 37.37
C ARG X 121 -31.16 -20.68 37.76
N LYS X 122 -31.15 -22.02 37.68
CA LYS X 122 -30.01 -22.90 38.08
C LYS X 122 -28.74 -22.51 37.31
N GLU X 123 -28.83 -22.37 35.99
CA GLU X 123 -27.69 -22.03 35.09
C GLU X 123 -27.32 -20.55 35.25
N ALA X 124 -28.32 -19.68 35.46
CA ALA X 124 -28.16 -18.23 35.71
C ALA X 124 -27.43 -18.00 37.05
N GLU X 125 -27.78 -18.75 38.09
CA GLU X 125 -27.17 -18.67 39.45
C GLU X 125 -25.77 -19.31 39.45
N GLY X 126 -25.47 -20.17 38.47
CA GLY X 126 -24.12 -20.75 38.24
C GLY X 126 -23.09 -19.68 37.89
N CYS X 127 -23.50 -18.65 37.14
CA CYS X 127 -22.66 -17.51 36.70
C CYS X 127 -22.32 -16.60 37.90
N ASP X 128 -21.09 -16.08 37.95
CA ASP X 128 -20.61 -15.11 38.97
C ASP X 128 -21.29 -13.77 38.69
N CYS X 129 -21.12 -13.26 37.48
CA CYS X 129 -21.95 -12.20 36.83
C CYS X 129 -22.60 -12.77 35.58
N LEU X 130 -23.87 -12.45 35.35
CA LEU X 130 -24.61 -12.77 34.11
C LEU X 130 -24.66 -11.52 33.22
N GLN X 131 -24.15 -11.60 31.99
CA GLN X 131 -24.30 -10.54 30.96
C GLN X 131 -25.77 -10.46 30.54
N GLY X 132 -26.40 -11.62 30.31
CA GLY X 132 -27.82 -11.75 29.94
C GLY X 132 -28.14 -13.10 29.32
N PHE X 133 -29.05 -13.11 28.33
CA PHE X 133 -29.50 -14.32 27.60
C PHE X 133 -29.48 -14.06 26.09
N GLN X 134 -29.37 -15.13 25.28
CA GLN X 134 -29.60 -15.09 23.80
C GLN X 134 -30.64 -16.17 23.45
N ILE X 135 -31.91 -15.76 23.33
CA ILE X 135 -33.07 -16.65 23.03
C ILE X 135 -33.11 -16.85 21.50
N THR X 136 -32.97 -18.09 21.03
CA THR X 136 -33.11 -18.46 19.59
C THR X 136 -34.42 -19.22 19.43
N HIS X 137 -35.32 -18.71 18.60
CA HIS X 137 -36.68 -19.27 18.36
C HIS X 137 -37.20 -18.79 16.99
N SER X 138 -38.45 -19.13 16.68
CA SER X 138 -39.19 -18.67 15.47
C SER X 138 -40.52 -18.03 15.91
N LEU X 139 -40.82 -16.83 15.39
CA LEU X 139 -42.09 -16.11 15.66
C LEU X 139 -43.25 -16.81 14.94
N GLY X 140 -42.96 -17.57 13.86
CA GLY X 140 -43.96 -18.22 12.99
C GLY X 140 -44.54 -19.49 13.60
N GLY X 141 -43.69 -20.35 14.16
CA GLY X 141 -44.10 -21.62 14.80
C GLY X 141 -44.83 -21.39 16.12
N GLY X 142 -45.53 -22.40 16.61
CA GLY X 142 -46.35 -22.32 17.83
C GLY X 142 -45.51 -22.41 19.09
N THR X 143 -44.62 -23.40 19.15
CA THR X 143 -43.70 -23.65 20.28
C THR X 143 -42.78 -22.44 20.47
N GLY X 144 -41.88 -22.19 19.51
CA GLY X 144 -40.84 -21.15 19.54
C GLY X 144 -41.43 -19.78 19.88
N SER X 145 -42.57 -19.44 19.29
CA SER X 145 -43.29 -18.15 19.49
C SER X 145 -44.01 -18.16 20.84
N GLY X 146 -44.84 -19.19 21.07
CA GLY X 146 -45.64 -19.36 22.29
C GLY X 146 -44.78 -19.42 23.54
N MET X 147 -43.99 -20.48 23.69
CA MET X 147 -43.12 -20.73 24.88
C MET X 147 -42.02 -19.67 24.97
N GLY X 148 -41.46 -19.25 23.82
CA GLY X 148 -40.40 -18.22 23.73
C GLY X 148 -40.81 -16.94 24.41
N THR X 149 -41.90 -16.32 23.96
CA THR X 149 -42.45 -15.03 24.47
C THR X 149 -42.91 -15.18 25.94
N LEU X 150 -43.43 -16.35 26.31
CA LEU X 150 -43.88 -16.66 27.69
C LEU X 150 -42.66 -16.77 28.62
N LEU X 151 -41.61 -17.47 28.19
CA LEU X 151 -40.31 -17.58 28.91
C LEU X 151 -39.71 -16.17 29.05
N ILE X 152 -39.56 -15.44 27.93
CA ILE X 152 -38.96 -14.07 27.83
C ILE X 152 -39.63 -13.14 28.85
N SER X 153 -40.97 -13.23 29.00
CA SER X 153 -41.77 -12.43 29.97
C SER X 153 -41.34 -12.79 31.40
N LYS X 154 -41.15 -14.07 31.70
CA LYS X 154 -40.84 -14.60 33.07
C LYS X 154 -39.42 -14.18 33.49
N VAL X 155 -38.41 -14.52 32.69
CA VAL X 155 -36.97 -14.22 32.94
C VAL X 155 -36.81 -12.70 33.20
N ARG X 156 -37.58 -11.87 32.48
CA ARG X 156 -37.52 -10.39 32.57
C ARG X 156 -38.20 -9.89 33.86
N GLU X 157 -39.14 -10.66 34.43
CA GLU X 157 -39.74 -10.37 35.76
C GLU X 157 -38.73 -10.70 36.88
N GLU X 158 -37.81 -11.64 36.64
CA GLU X 158 -36.80 -12.12 37.62
C GLU X 158 -35.47 -11.37 37.47
N TYR X 159 -35.04 -11.10 36.23
CA TYR X 159 -33.73 -10.48 35.88
C TYR X 159 -33.96 -9.21 35.03
N PRO X 160 -34.41 -8.08 35.62
CA PRO X 160 -34.75 -6.88 34.83
C PRO X 160 -33.57 -6.11 34.22
N ASP X 161 -32.42 -6.08 34.93
CA ASP X 161 -31.18 -5.39 34.49
C ASP X 161 -30.47 -6.18 33.38
N ARG X 162 -30.47 -7.53 33.48
CA ARG X 162 -29.70 -8.44 32.60
C ARG X 162 -30.24 -8.36 31.17
N ILE X 163 -29.35 -8.50 30.17
CA ILE X 163 -29.64 -8.28 28.72
C ILE X 163 -30.46 -9.47 28.19
N MET X 164 -31.59 -9.19 27.53
CA MET X 164 -32.41 -10.19 26.79
C MET X 164 -32.21 -9.96 25.28
N GLU X 165 -31.49 -10.89 24.64
CA GLU X 165 -31.17 -10.88 23.18
C GLU X 165 -31.96 -12.02 22.52
N THR X 166 -32.58 -11.76 21.36
CA THR X 166 -33.46 -12.73 20.65
C THR X 166 -33.12 -12.76 19.15
N PHE X 167 -32.59 -13.88 18.66
CA PHE X 167 -32.36 -14.19 17.23
C PHE X 167 -33.60 -14.87 16.65
N SER X 168 -34.66 -14.09 16.43
CA SER X 168 -36.02 -14.55 16.06
C SER X 168 -36.17 -14.61 14.53
N VAL X 169 -36.55 -15.78 13.99
CA VAL X 169 -36.90 -15.97 12.55
C VAL X 169 -38.35 -15.48 12.34
N VAL X 170 -38.51 -14.29 11.75
CA VAL X 170 -39.83 -13.67 11.43
C VAL X 170 -40.38 -14.39 10.20
N PRO X 171 -41.70 -14.69 10.13
CA PRO X 171 -42.26 -15.33 8.94
C PRO X 171 -42.28 -14.40 7.72
N SER X 172 -41.64 -14.83 6.62
CA SER X 172 -41.57 -14.12 5.31
C SER X 172 -42.77 -14.50 4.45
N PRO X 173 -43.45 -13.54 3.77
CA PRO X 173 -44.58 -13.87 2.89
C PRO X 173 -44.24 -14.74 1.67
N LYS X 174 -42.99 -14.69 1.21
CA LYS X 174 -42.50 -15.42 0.01
C LYS X 174 -42.56 -16.93 0.28
N VAL X 175 -41.91 -17.39 1.35
CA VAL X 175 -41.88 -18.83 1.78
C VAL X 175 -43.28 -19.23 2.21
N SER X 176 -43.76 -18.61 3.30
CA SER X 176 -45.05 -18.92 3.98
C SER X 176 -45.22 -20.44 4.11
N ASP X 177 -44.43 -21.02 5.02
CA ASP X 177 -44.33 -22.48 5.22
C ASP X 177 -45.57 -22.97 5.97
N THR X 178 -46.10 -22.13 6.87
CA THR X 178 -47.34 -22.35 7.66
C THR X 178 -48.40 -21.36 7.16
N VAL X 179 -49.68 -21.59 7.50
CA VAL X 179 -50.83 -20.72 7.11
C VAL X 179 -51.13 -19.73 8.25
N VAL X 180 -51.05 -20.17 9.52
CA VAL X 180 -51.39 -19.36 10.73
C VAL X 180 -50.16 -18.59 11.24
N GLU X 181 -49.13 -18.41 10.40
CA GLU X 181 -47.93 -17.58 10.70
C GLU X 181 -48.33 -16.18 11.14
N PRO X 182 -49.23 -15.47 10.40
CA PRO X 182 -49.62 -14.10 10.77
C PRO X 182 -50.14 -13.93 12.21
N TYR X 183 -50.98 -14.84 12.69
CA TYR X 183 -51.55 -14.83 14.08
C TYR X 183 -50.42 -14.98 15.10
N ASN X 184 -49.61 -16.03 14.94
CA ASN X 184 -48.44 -16.34 15.82
C ASN X 184 -47.53 -15.11 15.93
N ALA X 185 -47.05 -14.60 14.79
CA ALA X 185 -46.06 -13.50 14.69
C ALA X 185 -46.61 -12.20 15.29
N THR X 186 -47.90 -11.93 15.07
CA THR X 186 -48.61 -10.72 15.60
C THR X 186 -48.66 -10.78 17.12
N LEU X 187 -49.06 -11.93 17.68
CA LEU X 187 -49.20 -12.13 19.16
C LEU X 187 -47.82 -12.14 19.84
N SER X 188 -46.77 -12.52 19.11
CA SER X 188 -45.39 -12.68 19.65
C SER X 188 -44.72 -11.31 19.81
N VAL X 189 -44.72 -10.50 18.76
CA VAL X 189 -44.02 -9.17 18.69
C VAL X 189 -44.58 -8.23 19.78
N HIS X 190 -45.87 -8.37 20.12
CA HIS X 190 -46.52 -7.67 21.27
C HIS X 190 -45.78 -7.99 22.57
N GLN X 191 -45.45 -9.26 22.80
CA GLN X 191 -44.75 -9.74 24.03
C GLN X 191 -43.26 -9.42 23.94
N LEU X 192 -42.67 -9.42 22.74
CA LEU X 192 -41.23 -9.13 22.53
C LEU X 192 -40.94 -7.64 22.79
N VAL X 193 -41.71 -6.72 22.19
CA VAL X 193 -41.45 -5.25 22.22
C VAL X 193 -41.38 -4.73 23.67
N GLU X 194 -42.12 -5.35 24.60
CA GLU X 194 -42.15 -4.96 26.03
C GLU X 194 -41.01 -5.64 26.80
N ASN X 195 -40.66 -6.89 26.46
CA ASN X 195 -39.81 -7.79 27.30
C ASN X 195 -38.52 -8.23 26.58
N ALA X 196 -38.13 -7.61 25.46
CA ALA X 196 -36.85 -7.86 24.74
C ALA X 196 -36.02 -6.57 24.68
N ASP X 197 -34.76 -6.64 25.15
CA ASP X 197 -33.79 -5.50 25.13
C ASP X 197 -33.36 -5.25 23.68
N GLU X 198 -32.91 -6.30 22.99
CA GLU X 198 -32.42 -6.23 21.58
C GLU X 198 -32.86 -7.50 20.82
N CYS X 199 -33.83 -7.35 19.91
CA CYS X 199 -34.32 -8.42 19.00
C CYS X 199 -33.62 -8.28 17.65
N MET X 200 -32.92 -9.33 17.20
CA MET X 200 -32.28 -9.41 15.85
C MET X 200 -33.19 -10.22 14.92
N VAL X 201 -34.06 -9.55 14.18
CA VAL X 201 -35.03 -10.18 13.23
C VAL X 201 -34.23 -10.87 12.11
N ILE X 202 -34.58 -12.14 11.83
CA ILE X 202 -34.01 -12.98 10.73
C ILE X 202 -35.19 -13.37 9.83
N ASP X 203 -34.95 -13.56 8.53
CA ASP X 203 -35.97 -14.01 7.52
C ASP X 203 -35.39 -15.14 6.66
N ASN X 204 -36.17 -16.21 6.47
CA ASN X 204 -35.81 -17.37 5.61
C ASN X 204 -35.62 -16.87 4.17
N GLU X 205 -36.51 -16.00 3.70
CA GLU X 205 -36.47 -15.39 2.34
C GLU X 205 -35.05 -14.87 2.06
N ALA X 206 -34.51 -14.03 2.95
CA ALA X 206 -33.21 -13.35 2.79
C ALA X 206 -32.06 -14.37 2.84
N LEU X 207 -32.12 -15.33 3.77
CA LEU X 207 -31.06 -16.36 3.96
C LEU X 207 -30.92 -17.22 2.69
N TYR X 208 -32.04 -17.57 2.05
CA TYR X 208 -32.06 -18.24 0.73
C TYR X 208 -31.44 -17.33 -0.34
N ASP X 209 -31.82 -16.04 -0.35
CA ASP X 209 -31.33 -15.02 -1.33
C ASP X 209 -29.81 -14.83 -1.17
N ILE X 210 -29.29 -14.89 0.07
CA ILE X 210 -27.83 -14.85 0.35
C ILE X 210 -27.19 -16.14 -0.21
N CYS X 211 -27.92 -17.27 -0.19
CA CYS X 211 -27.41 -18.61 -0.59
C CYS X 211 -27.46 -18.82 -2.12
N PHE X 212 -28.28 -18.07 -2.86
CA PHE X 212 -28.37 -18.15 -4.35
C PHE X 212 -27.49 -17.07 -5.01
N ARG X 213 -27.46 -15.83 -4.48
CA ARG X 213 -26.82 -14.65 -5.12
C ARG X 213 -25.41 -14.39 -4.55
N THR X 214 -25.30 -13.95 -3.29
CA THR X 214 -24.01 -13.62 -2.61
C THR X 214 -23.08 -14.84 -2.68
N LEU X 215 -23.46 -15.94 -2.02
CA LEU X 215 -22.93 -17.31 -2.27
C LEU X 215 -23.66 -17.85 -3.51
N LYS X 216 -23.19 -18.95 -4.10
CA LYS X 216 -23.88 -19.64 -5.22
C LYS X 216 -23.97 -21.13 -4.90
N LEU X 217 -24.90 -21.49 -4.01
CA LEU X 217 -25.20 -22.89 -3.61
C LEU X 217 -26.23 -23.46 -4.60
N THR X 218 -26.06 -24.72 -5.01
CA THR X 218 -26.96 -25.46 -5.92
C THR X 218 -28.19 -25.97 -5.13
N THR X 219 -27.97 -26.43 -3.90
CA THR X 219 -29.02 -26.96 -2.97
C THR X 219 -28.83 -26.35 -1.58
N PRO X 220 -29.31 -25.11 -1.34
CA PRO X 220 -29.32 -24.54 0.01
C PRO X 220 -30.38 -25.22 0.90
N THR X 221 -29.94 -25.98 1.90
CA THR X 221 -30.78 -26.67 2.92
C THR X 221 -30.94 -25.75 4.14
N TYR X 222 -31.73 -26.15 5.13
CA TYR X 222 -31.91 -25.43 6.42
C TYR X 222 -30.63 -25.52 7.27
N GLY X 223 -29.76 -26.51 7.00
CA GLY X 223 -28.41 -26.62 7.59
C GLY X 223 -27.52 -25.46 7.20
N ASP X 224 -27.58 -25.03 5.93
CA ASP X 224 -26.76 -23.93 5.36
C ASP X 224 -27.34 -22.57 5.80
N LEU X 225 -28.67 -22.40 5.75
CA LEU X 225 -29.37 -21.17 6.23
C LEU X 225 -29.01 -20.92 7.70
N ASN X 226 -29.00 -21.98 8.53
CA ASN X 226 -28.61 -21.96 9.97
C ASN X 226 -27.14 -21.52 10.10
N HIS X 227 -26.26 -22.05 9.24
CA HIS X 227 -24.80 -21.77 9.23
C HIS X 227 -24.57 -20.25 9.18
N LEU X 228 -25.33 -19.54 8.34
CA LEU X 228 -25.24 -18.06 8.19
C LEU X 228 -25.71 -17.38 9.48
N VAL X 229 -26.88 -17.77 9.99
CA VAL X 229 -27.47 -17.27 11.27
C VAL X 229 -26.46 -17.52 12.39
N SER X 230 -25.79 -18.69 12.37
CA SER X 230 -24.82 -19.15 13.39
C SER X 230 -23.52 -18.34 13.35
N ALA X 231 -23.02 -18.04 12.15
CA ALA X 231 -21.78 -17.24 11.92
C ALA X 231 -21.94 -15.84 12.52
N ALA X 232 -23.06 -15.16 12.22
CA ALA X 232 -23.42 -13.82 12.73
C ALA X 232 -23.61 -13.84 14.25
N MET X 233 -24.24 -14.91 14.77
CA MET X 233 -24.55 -15.11 16.22
C MET X 233 -23.25 -15.08 17.05
N SER X 234 -22.15 -15.63 16.52
CA SER X 234 -20.79 -15.59 17.11
C SER X 234 -20.27 -14.14 17.11
N GLY X 235 -20.42 -13.44 15.98
CA GLY X 235 -19.92 -12.07 15.74
C GLY X 235 -20.46 -11.06 16.73
N VAL X 236 -21.78 -11.08 16.99
CA VAL X 236 -22.49 -10.11 17.87
C VAL X 236 -21.86 -10.16 19.27
N THR X 237 -21.41 -11.34 19.72
CA THR X 237 -20.81 -11.59 21.06
C THR X 237 -19.44 -12.27 20.91
N CYS X 238 -18.52 -11.63 20.19
CA CYS X 238 -17.11 -12.10 20.01
C CYS X 238 -16.17 -11.35 20.95
N CYS X 239 -16.32 -10.02 21.03
CA CYS X 239 -15.46 -9.07 21.78
C CYS X 239 -15.46 -9.39 23.28
N LEU X 240 -16.49 -10.11 23.77
CA LEU X 240 -16.51 -10.76 25.12
C LEU X 240 -15.44 -11.84 25.17
N ARG X 241 -15.51 -12.79 24.23
CA ARG X 241 -14.78 -14.08 24.24
C ARG X 241 -13.29 -13.88 23.96
N PHE X 242 -12.94 -12.83 23.21
CA PHE X 242 -11.57 -12.60 22.68
C PHE X 242 -11.13 -11.17 22.97
N PRO X 243 -9.82 -10.85 22.89
CA PRO X 243 -9.34 -9.48 23.03
C PRO X 243 -9.85 -8.55 21.92
N GLY X 244 -9.45 -7.28 21.96
CA GLY X 244 -9.80 -6.26 20.94
C GLY X 244 -8.91 -5.03 21.03
N GLN X 245 -8.64 -4.42 19.87
CA GLN X 245 -8.00 -3.07 19.79
C GLN X 245 -8.99 -2.04 20.30
N LEU X 246 -10.29 -2.26 20.06
CA LEU X 246 -11.44 -1.54 20.67
C LEU X 246 -12.52 -2.57 21.03
N ASN X 247 -12.74 -2.81 22.33
CA ASN X 247 -13.71 -3.81 22.85
C ASN X 247 -15.14 -3.29 22.75
N SER X 248 -16.11 -4.20 22.78
CA SER X 248 -17.57 -3.93 22.96
C SER X 248 -18.20 -5.11 23.72
N ASP X 249 -19.52 -5.05 23.94
CA ASP X 249 -20.33 -6.16 24.53
C ASP X 249 -21.80 -5.90 24.23
N LEU X 250 -22.67 -6.88 24.54
CA LEU X 250 -24.14 -6.83 24.25
C LEU X 250 -24.73 -5.51 24.75
N ARG X 251 -24.46 -5.13 26.00
CA ARG X 251 -24.97 -3.88 26.63
C ARG X 251 -24.41 -2.68 25.86
N LYS X 252 -23.14 -2.72 25.47
CA LYS X 252 -22.46 -1.62 24.72
C LYS X 252 -23.19 -1.44 23.38
N LEU X 253 -23.45 -2.53 22.66
CA LEU X 253 -24.22 -2.51 21.38
C LEU X 253 -25.60 -1.89 21.64
N ALA X 254 -26.35 -2.46 22.58
CA ALA X 254 -27.72 -2.04 22.97
C ALA X 254 -27.74 -0.52 23.22
N VAL X 255 -26.88 -0.03 24.12
CA VAL X 255 -26.80 1.41 24.53
C VAL X 255 -26.67 2.29 23.29
N ASN X 256 -25.96 1.83 22.25
CA ASN X 256 -25.66 2.61 21.02
C ASN X 256 -26.63 2.24 19.88
N LEU X 257 -27.31 1.09 19.95
CA LEU X 257 -28.19 0.59 18.86
C LEU X 257 -29.67 0.96 19.11
N ILE X 258 -30.04 1.32 20.35
CA ILE X 258 -31.45 1.55 20.76
C ILE X 258 -31.61 3.03 21.16
N PRO X 259 -32.02 3.93 20.23
CA PRO X 259 -32.22 5.34 20.58
C PRO X 259 -33.37 5.45 21.60
N PHE X 260 -34.56 4.97 21.23
CA PHE X 260 -35.78 4.93 22.09
C PHE X 260 -36.11 3.48 22.38
N PRO X 261 -36.70 3.16 23.56
CA PRO X 261 -36.73 1.78 24.07
C PRO X 261 -37.43 0.76 23.14
N ARG X 262 -38.47 1.19 22.43
CA ARG X 262 -39.33 0.32 21.57
C ARG X 262 -38.63 0.00 20.25
N LEU X 263 -37.63 0.79 19.84
CA LEU X 263 -36.89 0.62 18.55
C LEU X 263 -35.65 -0.24 18.79
N HIS X 264 -35.82 -1.54 18.97
CA HIS X 264 -34.71 -2.49 19.28
C HIS X 264 -34.66 -3.65 18.28
N PHE X 265 -35.53 -3.67 17.26
CA PHE X 265 -35.50 -4.68 16.19
C PHE X 265 -34.36 -4.30 15.23
N PHE X 266 -33.49 -5.25 14.89
CA PHE X 266 -32.25 -5.04 14.08
C PHE X 266 -32.13 -6.06 12.95
N MET X 267 -31.36 -5.71 11.91
CA MET X 267 -31.02 -6.58 10.74
C MET X 267 -29.54 -6.97 10.85
N ILE X 268 -29.27 -8.25 11.13
CA ILE X 268 -27.88 -8.82 11.22
C ILE X 268 -27.44 -9.25 9.81
N GLY X 269 -26.13 -9.40 9.62
CA GLY X 269 -25.50 -9.70 8.32
C GLY X 269 -23.99 -9.90 8.44
N PHE X 270 -23.43 -10.80 7.63
CA PHE X 270 -22.01 -11.24 7.69
C PHE X 270 -21.33 -10.91 6.35
N ALA X 271 -20.16 -10.26 6.41
CA ALA X 271 -19.51 -9.51 5.30
C ALA X 271 -18.53 -10.33 4.45
N PRO X 272 -17.70 -11.26 4.99
CA PRO X 272 -16.69 -11.94 4.18
C PRO X 272 -17.18 -13.22 3.46
N LEU X 273 -18.50 -13.48 3.50
CA LEU X 273 -19.18 -14.58 2.75
C LEU X 273 -18.92 -14.40 1.25
N THR X 274 -18.25 -15.35 0.61
CA THR X 274 -17.94 -15.31 -0.85
C THR X 274 -18.24 -16.67 -1.49
N SER X 275 -18.94 -16.64 -2.63
CA SER X 275 -19.08 -17.77 -3.59
C SER X 275 -17.71 -18.45 -3.75
N ARG X 276 -17.68 -19.78 -3.73
CA ARG X 276 -16.44 -20.60 -3.64
C ARG X 276 -15.60 -20.48 -4.92
N GLY X 277 -16.25 -20.25 -6.06
CA GLY X 277 -15.58 -19.94 -7.35
C GLY X 277 -14.96 -18.55 -7.35
N SER X 278 -15.69 -17.54 -6.84
CA SER X 278 -15.35 -16.09 -6.92
C SER X 278 -14.44 -15.66 -5.76
N GLN X 279 -13.56 -16.54 -5.26
CA GLN X 279 -12.73 -16.31 -4.04
C GLN X 279 -11.38 -15.73 -4.44
N GLN X 280 -10.58 -16.51 -5.19
CA GLN X 280 -9.32 -16.08 -5.88
C GLN X 280 -9.38 -14.57 -6.16
N TYR X 281 -10.41 -14.13 -6.89
CA TYR X 281 -10.53 -12.80 -7.56
C TYR X 281 -10.86 -11.69 -6.54
N ARG X 282 -11.75 -11.97 -5.60
CA ARG X 282 -12.18 -11.03 -4.52
C ARG X 282 -10.97 -10.71 -3.64
N ALA X 283 -10.75 -9.43 -3.34
CA ALA X 283 -9.63 -8.89 -2.54
C ALA X 283 -10.11 -8.59 -1.11
N LEU X 284 -9.82 -9.50 -0.17
CA LEU X 284 -10.15 -9.38 1.28
C LEU X 284 -9.40 -8.19 1.87
N THR X 285 -10.05 -7.02 1.86
CA THR X 285 -9.59 -5.74 2.46
C THR X 285 -10.78 -5.08 3.16
N VAL X 286 -10.51 -4.29 4.21
CA VAL X 286 -11.54 -3.57 5.03
C VAL X 286 -12.55 -2.88 4.10
N PRO X 287 -12.11 -2.07 3.10
CA PRO X 287 -13.05 -1.42 2.18
C PRO X 287 -13.99 -2.38 1.43
N GLU X 288 -13.49 -3.54 1.01
CA GLU X 288 -14.30 -4.57 0.29
C GLU X 288 -15.38 -5.11 1.24
N LEU X 289 -15.01 -5.41 2.49
CA LEU X 289 -15.90 -6.02 3.51
C LEU X 289 -16.98 -5.01 3.91
N THR X 290 -16.62 -3.75 4.08
CA THR X 290 -17.55 -2.63 4.44
C THR X 290 -18.55 -2.38 3.31
N GLN X 291 -18.19 -2.68 2.04
CA GLN X 291 -19.09 -2.50 0.87
C GLN X 291 -20.14 -3.63 0.83
N GLN X 292 -19.79 -4.85 1.26
CA GLN X 292 -20.73 -6.01 1.24
C GLN X 292 -21.69 -5.92 2.44
N MET X 293 -21.21 -5.57 3.63
CA MET X 293 -22.06 -5.48 4.86
C MET X 293 -23.13 -4.40 4.68
N PHE X 294 -22.85 -3.34 3.91
CA PHE X 294 -23.79 -2.22 3.63
C PHE X 294 -24.51 -2.42 2.29
N ASP X 295 -24.39 -3.61 1.69
CA ASP X 295 -25.23 -4.04 0.53
C ASP X 295 -26.52 -4.65 1.10
N ALA X 296 -27.67 -4.12 0.68
CA ALA X 296 -29.03 -4.57 1.07
C ALA X 296 -29.23 -6.06 0.79
N LYS X 297 -28.48 -6.61 -0.18
CA LYS X 297 -28.41 -8.05 -0.53
C LYS X 297 -27.95 -8.88 0.68
N ASN X 298 -26.92 -8.40 1.39
CA ASN X 298 -26.20 -9.15 2.45
C ASN X 298 -27.06 -9.28 3.72
N MET X 299 -28.04 -8.39 3.95
CA MET X 299 -28.89 -8.37 5.17
C MET X 299 -29.72 -9.67 5.21
N MET X 300 -29.93 -10.21 6.41
CA MET X 300 -30.72 -11.45 6.67
C MET X 300 -32.15 -11.06 7.10
N CYS X 301 -32.69 -9.98 6.52
CA CYS X 301 -34.10 -9.50 6.71
C CYS X 301 -34.65 -9.03 5.35
N ALA X 302 -35.89 -9.42 5.04
CA ALA X 302 -36.58 -9.14 3.76
C ALA X 302 -36.46 -7.66 3.40
N ALA X 303 -36.65 -6.77 4.38
CA ALA X 303 -36.66 -5.30 4.24
C ALA X 303 -35.30 -4.81 3.69
N ASP X 304 -35.34 -4.00 2.62
CA ASP X 304 -34.16 -3.36 1.99
C ASP X 304 -33.91 -2.03 2.69
N PRO X 305 -32.75 -1.85 3.38
CA PRO X 305 -32.44 -0.60 4.07
C PRO X 305 -32.64 0.71 3.27
N ARG X 306 -32.60 0.64 1.94
CA ARG X 306 -32.76 1.77 1.00
C ARG X 306 -34.09 2.51 1.23
N HIS X 307 -35.19 1.77 1.48
CA HIS X 307 -36.55 2.33 1.66
C HIS X 307 -36.58 3.19 2.93
N GLY X 308 -36.17 2.60 4.06
CA GLY X 308 -36.05 3.28 5.36
C GLY X 308 -34.79 4.12 5.45
N ARG X 309 -34.45 4.57 6.67
CA ARG X 309 -33.25 5.38 6.98
C ARG X 309 -32.69 4.86 8.31
N TYR X 310 -31.46 4.33 8.31
CA TYR X 310 -30.73 3.81 9.50
C TYR X 310 -30.78 4.85 10.63
N LEU X 311 -31.47 4.53 11.74
CA LEU X 311 -31.43 5.30 13.02
C LEU X 311 -30.02 5.20 13.60
N THR X 312 -29.43 4.01 13.51
CA THR X 312 -28.03 3.68 13.90
C THR X 312 -27.61 2.38 13.20
N ALA X 313 -26.32 2.06 13.26
CA ALA X 313 -25.74 0.77 12.84
C ALA X 313 -24.73 0.32 13.90
N SER X 314 -24.06 -0.81 13.67
CA SER X 314 -22.87 -1.29 14.42
C SER X 314 -22.13 -2.34 13.59
N ALA X 315 -20.81 -2.17 13.44
CA ALA X 315 -19.90 -3.16 12.83
C ALA X 315 -19.02 -3.75 13.94
N LEU X 316 -18.71 -5.05 13.85
CA LEU X 316 -17.86 -5.79 14.82
C LEU X 316 -16.76 -6.53 14.06
N PHE X 317 -15.84 -5.75 13.46
CA PHE X 317 -14.73 -6.23 12.59
C PHE X 317 -13.88 -7.25 13.36
N ARG X 318 -13.41 -8.27 12.66
CA ARG X 318 -12.67 -9.45 13.22
C ARG X 318 -11.28 -9.55 12.57
N GLY X 319 -10.30 -10.08 13.30
CA GLY X 319 -8.92 -10.27 12.81
C GLY X 319 -8.05 -9.04 13.03
N ARG X 320 -6.96 -8.93 12.26
CA ARG X 320 -5.91 -7.87 12.40
C ARG X 320 -6.12 -6.83 11.29
N MET X 321 -6.72 -5.69 11.64
CA MET X 321 -6.94 -4.55 10.71
C MET X 321 -6.50 -3.25 11.40
N SER X 322 -6.09 -2.27 10.60
CA SER X 322 -5.78 -0.88 11.01
C SER X 322 -7.08 -0.17 11.41
N THR X 323 -7.18 0.27 12.67
CA THR X 323 -8.37 0.93 13.26
C THR X 323 -8.68 2.22 12.51
N LYS X 324 -7.64 2.94 12.08
CA LYS X 324 -7.73 4.16 11.23
C LYS X 324 -8.49 3.79 9.95
N GLU X 325 -8.06 2.73 9.25
CA GLU X 325 -8.64 2.29 7.95
C GLU X 325 -10.12 1.95 8.15
N VAL X 326 -10.45 1.22 9.22
CA VAL X 326 -11.86 0.94 9.63
C VAL X 326 -12.60 2.27 9.72
N ASP X 327 -12.12 3.17 10.59
CA ASP X 327 -12.75 4.48 10.91
C ASP X 327 -12.96 5.31 9.63
N GLU X 328 -12.00 5.31 8.70
CA GLU X 328 -12.10 6.01 7.39
C GLU X 328 -13.32 5.51 6.60
N GLN X 329 -13.48 4.19 6.48
CA GLN X 329 -14.57 3.56 5.70
C GLN X 329 -15.91 3.90 6.37
N MET X 330 -16.02 3.74 7.69
CA MET X 330 -17.23 4.06 8.49
C MET X 330 -17.63 5.52 8.26
N LEU X 331 -16.64 6.41 8.12
CA LEU X 331 -16.85 7.83 7.73
C LEU X 331 -17.29 7.88 6.26
N ASN X 332 -16.53 7.22 5.37
CA ASN X 332 -16.74 7.24 3.89
C ASN X 332 -18.18 6.80 3.58
N VAL X 333 -18.67 5.74 4.24
CA VAL X 333 -20.06 5.20 4.06
C VAL X 333 -21.08 6.28 4.41
N GLN X 334 -20.91 6.96 5.56
CA GLN X 334 -21.89 7.92 6.11
C GLN X 334 -22.00 9.15 5.21
N ASN X 335 -20.90 9.58 4.59
CA ASN X 335 -20.87 10.68 3.60
C ASN X 335 -21.61 10.25 2.33
N LYS X 336 -21.38 9.03 1.88
CA LYS X 336 -22.01 8.41 0.68
C LYS X 336 -23.53 8.34 0.89
N ASN X 337 -23.95 7.77 2.02
CA ASN X 337 -25.36 7.42 2.34
C ASN X 337 -25.97 8.51 3.24
N SER X 338 -25.80 9.78 2.88
CA SER X 338 -26.39 10.96 3.57
C SER X 338 -27.88 10.72 3.84
N SER X 339 -28.62 10.32 2.80
CA SER X 339 -30.08 10.05 2.82
C SER X 339 -30.40 8.83 3.70
N TYR X 340 -29.61 7.76 3.61
CA TYR X 340 -29.83 6.49 4.35
C TYR X 340 -29.16 6.57 5.74
N PHE X 341 -29.09 7.77 6.33
CA PHE X 341 -28.77 7.98 7.76
C PHE X 341 -29.57 9.18 8.27
N VAL X 342 -30.33 8.96 9.34
CA VAL X 342 -31.14 9.98 10.07
C VAL X 342 -30.28 11.24 10.31
N GLU X 343 -30.87 12.43 10.10
CA GLU X 343 -30.19 13.76 10.10
C GLU X 343 -29.67 14.09 11.50
N TRP X 344 -30.56 14.08 12.50
CA TRP X 344 -30.21 14.15 13.94
C TRP X 344 -29.47 12.86 14.31
N ILE X 345 -28.73 12.85 15.42
CA ILE X 345 -27.83 11.74 15.82
C ILE X 345 -26.82 11.56 14.69
N PRO X 346 -25.80 12.45 14.59
CA PRO X 346 -24.72 12.26 13.62
C PRO X 346 -23.68 11.27 14.12
N ASN X 347 -22.74 10.91 13.25
CA ASN X 347 -21.76 9.80 13.42
C ASN X 347 -22.55 8.51 13.68
N ASN X 348 -23.52 8.22 12.82
CA ASN X 348 -24.59 7.20 12.97
C ASN X 348 -24.02 5.80 13.17
N ILE X 349 -22.85 5.50 12.58
CA ILE X 349 -22.24 4.13 12.65
C ILE X 349 -21.33 4.03 13.87
N LYS X 350 -21.44 2.90 14.58
CA LYS X 350 -20.49 2.42 15.61
C LYS X 350 -19.58 1.36 14.98
N SER X 351 -18.35 1.22 15.49
CA SER X 351 -17.35 0.21 15.09
C SER X 351 -16.80 -0.51 16.34
N SER X 352 -16.35 -1.75 16.17
CA SER X 352 -15.70 -2.60 17.20
C SER X 352 -14.71 -3.56 16.56
N ILE X 353 -13.51 -3.67 17.14
CA ILE X 353 -12.35 -4.44 16.57
C ILE X 353 -12.03 -5.60 17.50
N CYS X 354 -11.91 -6.81 16.95
CA CYS X 354 -11.50 -8.05 17.66
C CYS X 354 -10.28 -8.66 16.96
N ASP X 355 -9.14 -8.69 17.65
CA ASP X 355 -7.83 -9.17 17.13
C ASP X 355 -7.97 -10.58 16.52
N ILE X 356 -8.81 -11.45 17.09
CA ILE X 356 -8.99 -12.87 16.65
C ILE X 356 -10.00 -12.90 15.50
N PRO X 357 -9.65 -13.51 14.34
CA PRO X 357 -10.59 -13.70 13.25
C PRO X 357 -11.36 -15.02 13.37
N PRO X 358 -12.40 -15.26 12.54
CA PRO X 358 -13.04 -16.58 12.47
C PRO X 358 -12.12 -17.58 11.75
N LYS X 359 -12.25 -18.87 12.07
CA LYS X 359 -11.36 -19.98 11.59
C LYS X 359 -11.37 -20.04 10.05
N GLY X 360 -10.18 -20.17 9.45
CA GLY X 360 -9.98 -20.29 7.99
C GLY X 360 -9.78 -18.94 7.30
N LEU X 361 -10.33 -17.87 7.88
CA LEU X 361 -10.36 -16.50 7.31
C LEU X 361 -9.24 -15.64 7.93
N LYS X 362 -8.99 -14.47 7.35
CA LYS X 362 -7.98 -13.48 7.81
C LYS X 362 -8.70 -12.25 8.41
N MET X 363 -9.74 -11.77 7.73
CA MET X 363 -10.61 -10.64 8.18
C MET X 363 -12.08 -11.02 8.02
N ALA X 364 -12.96 -10.42 8.83
CA ALA X 364 -14.42 -10.60 8.81
C ALA X 364 -15.12 -9.41 9.47
N VAL X 365 -16.42 -9.26 9.21
CA VAL X 365 -17.31 -8.24 9.85
C VAL X 365 -18.66 -8.90 10.15
N THR X 366 -19.26 -8.52 11.28
CA THR X 366 -20.69 -8.76 11.61
C THR X 366 -21.37 -7.40 11.76
N PHE X 367 -22.49 -7.21 11.06
CA PHE X 367 -23.26 -5.95 11.00
C PHE X 367 -24.53 -6.08 11.84
N VAL X 368 -24.99 -4.97 12.45
CA VAL X 368 -26.28 -4.87 13.20
C VAL X 368 -26.88 -3.48 12.89
N GLY X 369 -28.05 -3.43 12.26
CA GLY X 369 -28.65 -2.19 11.71
C GLY X 369 -30.08 -1.98 12.17
N ASN X 370 -30.28 -1.07 13.14
CA ASN X 370 -31.62 -0.54 13.52
C ASN X 370 -32.01 0.50 12.47
N SER X 371 -32.85 0.12 11.50
CA SER X 371 -33.35 1.01 10.42
C SER X 371 -34.88 1.04 10.44
N THR X 372 -35.46 2.11 9.91
CA THR X 372 -36.92 2.31 9.73
C THR X 372 -37.40 1.46 8.55
N ALA X 373 -36.50 0.75 7.87
CA ALA X 373 -36.80 -0.29 6.86
C ALA X 373 -37.51 -1.49 7.51
N ILE X 374 -37.17 -1.83 8.75
CA ILE X 374 -37.63 -3.06 9.46
C ILE X 374 -39.17 -3.04 9.58
N GLN X 375 -39.77 -1.83 9.64
CA GLN X 375 -41.23 -1.59 9.47
C GLN X 375 -41.81 -2.44 8.34
N GLU X 376 -41.14 -2.39 7.17
CA GLU X 376 -41.64 -2.89 5.86
C GLU X 376 -41.77 -4.43 5.87
N MET X 377 -41.19 -5.12 6.85
CA MET X 377 -41.38 -6.58 7.08
C MET X 377 -42.54 -6.80 8.07
N PHE X 378 -42.77 -5.86 8.99
CA PHE X 378 -43.88 -5.89 10.00
C PHE X 378 -45.20 -5.45 9.37
N LYS X 379 -45.15 -4.60 8.35
CA LYS X 379 -46.35 -4.21 7.54
C LYS X 379 -46.88 -5.42 6.78
N ARG X 380 -46.00 -6.28 6.26
CA ARG X 380 -46.37 -7.53 5.54
C ARG X 380 -47.22 -8.39 6.48
N VAL X 381 -46.74 -8.62 7.71
CA VAL X 381 -47.42 -9.47 8.75
C VAL X 381 -48.74 -8.82 9.16
N ALA X 382 -48.78 -7.49 9.32
CA ALA X 382 -49.98 -6.70 9.69
C ALA X 382 -51.06 -6.83 8.60
N GLU X 383 -50.69 -6.58 7.33
CA GLU X 383 -51.56 -6.71 6.13
C GLU X 383 -52.14 -8.13 6.04
N GLN X 384 -51.28 -9.14 6.23
CA GLN X 384 -51.62 -10.60 6.21
C GLN X 384 -52.62 -10.90 7.33
N PHE X 385 -52.24 -10.57 8.57
CA PHE X 385 -53.01 -10.83 9.82
C PHE X 385 -54.42 -10.21 9.70
N THR X 386 -54.49 -8.92 9.35
CA THR X 386 -55.75 -8.13 9.22
C THR X 386 -56.72 -8.86 8.28
N ALA X 387 -56.23 -9.32 7.12
CA ALA X 387 -57.01 -10.02 6.08
C ALA X 387 -57.62 -11.33 6.64
N MET X 388 -56.98 -11.94 7.64
CA MET X 388 -57.49 -13.16 8.33
C MET X 388 -58.46 -12.77 9.46
N PHE X 389 -58.18 -11.68 10.18
CA PHE X 389 -58.92 -11.27 11.41
C PHE X 389 -60.25 -10.57 11.07
N ARG X 390 -60.33 -9.86 9.94
CA ARG X 390 -61.58 -9.28 9.39
C ARG X 390 -62.71 -10.31 9.50
N ARG X 391 -62.48 -11.51 8.97
CA ARG X 391 -63.47 -12.62 8.85
C ARG X 391 -63.40 -13.57 10.07
N LYS X 392 -62.41 -13.41 10.95
CA LYS X 392 -62.19 -14.24 12.16
C LYS X 392 -61.92 -15.69 11.75
N ALA X 393 -61.10 -15.88 10.71
CA ALA X 393 -60.67 -17.21 10.20
C ALA X 393 -59.66 -17.82 11.17
N PHE X 394 -59.67 -19.16 11.29
CA PHE X 394 -58.71 -19.97 12.09
C PHE X 394 -58.68 -19.51 13.55
N LEU X 395 -59.69 -18.75 14.01
CA LEU X 395 -59.69 -18.10 15.35
C LEU X 395 -60.23 -19.07 16.42
N HIS X 396 -60.99 -20.10 16.01
CA HIS X 396 -61.65 -21.09 16.90
C HIS X 396 -60.65 -22.08 17.50
N TRP X 397 -59.40 -22.10 17.03
CA TRP X 397 -58.27 -22.83 17.67
C TRP X 397 -57.75 -22.00 18.84
N TYR X 398 -57.31 -20.78 18.56
CA TYR X 398 -56.71 -19.82 19.53
C TYR X 398 -57.74 -19.50 20.62
N THR X 399 -58.98 -19.20 20.22
CA THR X 399 -60.15 -18.95 21.12
C THR X 399 -60.36 -20.16 22.05
N GLY X 400 -60.28 -21.38 21.49
CA GLY X 400 -60.53 -22.66 22.19
C GLY X 400 -59.57 -22.92 23.34
N GLU X 401 -58.31 -22.46 23.24
CA GLU X 401 -57.27 -22.61 24.29
C GLU X 401 -57.38 -21.49 25.34
N GLY X 402 -58.41 -20.63 25.24
CA GLY X 402 -58.82 -19.69 26.30
C GLY X 402 -58.47 -18.24 25.97
N MET X 403 -57.81 -17.99 24.83
CA MET X 403 -57.42 -16.63 24.39
C MET X 403 -58.67 -15.89 23.88
N ASP X 404 -58.77 -14.59 24.20
CA ASP X 404 -59.94 -13.73 23.88
C ASP X 404 -59.62 -12.84 22.68
N GLU X 405 -60.64 -12.37 21.97
CA GLU X 405 -60.54 -11.43 20.81
C GLU X 405 -59.87 -10.12 21.22
N MET X 406 -59.99 -9.74 22.51
CA MET X 406 -59.30 -8.57 23.12
C MET X 406 -57.79 -8.65 22.83
N GLU X 407 -57.19 -9.83 23.02
CA GLU X 407 -55.73 -10.09 22.89
C GLU X 407 -55.27 -9.88 21.43
N PHE X 408 -56.08 -10.29 20.45
CA PHE X 408 -55.77 -10.14 19.00
C PHE X 408 -55.82 -8.66 18.60
N THR X 409 -56.81 -7.91 19.11
CA THR X 409 -57.04 -6.48 18.80
C THR X 409 -55.96 -5.60 19.45
N GLU X 410 -55.37 -6.03 20.57
CA GLU X 410 -54.30 -5.29 21.29
C GLU X 410 -52.96 -5.56 20.60
N ALA X 411 -52.70 -6.81 20.18
CA ALA X 411 -51.46 -7.25 19.49
C ALA X 411 -51.29 -6.46 18.19
N GLU X 412 -52.37 -6.34 17.40
CA GLU X 412 -52.43 -5.53 16.15
C GLU X 412 -52.21 -4.04 16.50
N SER X 413 -52.96 -3.54 17.49
CA SER X 413 -52.89 -2.13 18.00
C SER X 413 -51.45 -1.80 18.41
N ASN X 414 -50.80 -2.70 19.15
CA ASN X 414 -49.43 -2.54 19.69
C ASN X 414 -48.40 -2.62 18.54
N MET X 415 -48.60 -3.53 17.58
CA MET X 415 -47.71 -3.68 16.39
C MET X 415 -47.86 -2.47 15.46
N ASN X 416 -49.07 -1.91 15.33
CA ASN X 416 -49.35 -0.73 14.48
C ASN X 416 -48.66 0.52 15.05
N ASP X 417 -48.53 0.60 16.38
CA ASP X 417 -47.85 1.72 17.10
C ASP X 417 -46.33 1.65 16.84
N LEU X 418 -45.75 0.45 16.80
CA LEU X 418 -44.32 0.21 16.43
C LEU X 418 -44.07 0.76 15.02
N VAL X 419 -44.95 0.40 14.07
CA VAL X 419 -44.87 0.79 12.62
C VAL X 419 -45.14 2.31 12.50
N SER X 420 -45.92 2.89 13.42
CA SER X 420 -46.18 4.35 13.50
C SER X 420 -44.91 5.09 14.00
N GLU X 421 -44.16 4.47 14.93
CA GLU X 421 -43.05 5.12 15.67
C GLU X 421 -41.79 5.22 14.79
N TYR X 422 -41.35 4.12 14.16
CA TYR X 422 -40.24 4.12 13.18
C TYR X 422 -40.54 5.15 12.07
N GLN X 423 -41.78 5.15 11.56
CA GLN X 423 -42.29 6.08 10.50
C GLN X 423 -42.22 7.53 11.00
N GLN X 424 -42.51 7.77 12.27
CA GLN X 424 -42.33 9.09 12.92
C GLN X 424 -40.84 9.49 12.84
N TYR X 425 -39.92 8.55 13.12
CA TYR X 425 -38.45 8.81 13.22
C TYR X 425 -37.74 8.65 11.86
N GLN X 426 -38.46 8.25 10.81
CA GLN X 426 -37.95 8.22 9.40
C GLN X 426 -38.19 9.59 8.77
N ASP X 427 -39.45 10.04 8.77
CA ASP X 427 -39.92 11.30 8.15
C ASP X 427 -39.34 12.50 8.93
N ALA X 428 -39.14 12.37 10.25
CA ALA X 428 -38.64 13.42 11.16
C ALA X 428 -37.32 14.00 10.64
N THR X 429 -37.16 15.33 10.78
CA THR X 429 -35.98 16.11 10.31
C THR X 429 -35.53 17.06 11.44
N ALA X 430 -34.35 16.81 12.02
CA ALA X 430 -33.76 17.59 13.13
C ALA X 430 -32.23 17.59 13.03
PG GTP Y . -24.66 -35.67 -84.46
O1G GTP Y . -25.95 -35.15 -83.87
O2G GTP Y . -24.08 -36.83 -83.67
O3G GTP Y . -24.77 -35.97 -85.93
O3B GTP Y . -23.61 -34.45 -84.35
PB GTP Y . -22.01 -34.43 -84.30
O1B GTP Y . -21.54 -35.32 -83.21
O2B GTP Y . -21.55 -33.00 -84.35
O3A GTP Y . -21.64 -35.13 -85.70
PA GTP Y . -20.29 -35.89 -86.09
O1A GTP Y . -20.60 -37.35 -86.21
O2A GTP Y . -19.22 -35.46 -85.16
O5' GTP Y . -20.02 -35.28 -87.56
C5' GTP Y . -19.28 -36.03 -88.57
C4' GTP Y . -18.01 -35.29 -88.93
O4' GTP Y . -17.26 -35.01 -87.72
C3' GTP Y . -17.05 -36.04 -89.85
O3' GTP Y . -17.25 -35.63 -91.21
C2' GTP Y . -15.66 -35.63 -89.37
O2' GTP Y . -15.16 -34.50 -90.04
C1' GTP Y . -15.89 -35.33 -87.88
N9 GTP Y . -15.56 -36.43 -86.98
C8 GTP Y . -16.41 -37.37 -86.47
N7 GTP Y . -15.84 -38.22 -85.68
C5 GTP Y . -14.51 -37.83 -85.66
C6 GTP Y . -13.41 -38.38 -84.96
O6 GTP Y . -13.40 -39.37 -84.20
N1 GTP Y . -12.23 -37.67 -85.21
C2 GTP Y . -12.13 -36.58 -86.02
N2 GTP Y . -10.90 -36.03 -86.14
N3 GTP Y . -13.15 -36.05 -86.68
C4 GTP Y . -14.32 -36.72 -86.46
MG MG Z . -22.24 -36.82 -84.33
PB GDP AA . -50.51 -62.43 -95.93
O1B GDP AA . -49.88 -61.06 -95.97
O2B GDP AA . -50.17 -63.25 -94.71
O3B GDP AA . -51.98 -62.45 -96.31
O3A GDP AA . -49.82 -63.24 -97.15
PA GDP AA . -48.23 -63.46 -97.22
O1A GDP AA . -47.55 -62.76 -96.07
O2A GDP AA . -47.98 -64.94 -97.43
O5' GDP AA . -47.86 -62.66 -98.58
C5' GDP AA . -47.73 -63.28 -99.86
C4' GDP AA . -46.30 -63.09 -100.38
O4' GDP AA . -45.36 -63.18 -99.31
C3' GDP AA . -45.87 -64.10 -101.43
O3' GDP AA . -45.55 -63.44 -102.66
C2' GDP AA . -44.64 -64.80 -100.89
O2' GDP AA . -43.59 -64.89 -101.85
C1' GDP AA . -44.22 -63.94 -99.70
N9 GDP AA . -43.71 -64.75 -98.56
C8 GDP AA . -44.43 -65.63 -97.81
N7 GDP AA . -43.64 -66.19 -96.85
C5 GDP AA . -42.41 -65.65 -96.98
C6 GDP AA . -41.11 -65.81 -96.29
O6 GDP AA . -41.00 -66.59 -95.32
N1 GDP AA . -40.07 -65.08 -96.73
C2 GDP AA . -40.15 -64.23 -97.77
N2 GDP AA . -39.05 -63.53 -98.14
N3 GDP AA . -41.33 -64.04 -98.45
C4 GDP AA . -42.45 -64.72 -98.11
PG GTP BA . 31.81 18.78 -61.17
O1G GTP BA . 30.43 19.41 -61.29
O2G GTP BA . 31.93 17.89 -59.96
O3G GTP BA . 32.25 18.11 -62.44
O3B GTP BA . 32.83 19.99 -60.93
PB GTP BA . 34.43 19.98 -60.84
O1B GTP BA . 34.83 19.01 -59.79
O2B GTP BA . 34.94 21.38 -60.79
O3A GTP BA . 34.81 19.36 -62.26
PA GTP BA . 36.15 18.61 -62.63
O1A GTP BA . 35.88 17.15 -62.63
O2A GTP BA . 37.24 19.14 -61.76
O5' GTP BA . 36.38 19.12 -64.14
C5' GTP BA . 37.16 18.34 -65.10
C4' GTP BA . 38.43 19.07 -65.43
O4' GTP BA . 39.15 19.32 -64.19
C3' GTP BA . 39.41 18.33 -66.34
O3' GTP BA . 39.26 18.76 -67.69
C2' GTP BA . 40.79 18.72 -65.80
O2' GTP BA . 41.32 19.86 -66.44
C1' GTP BA . 40.52 19.00 -64.32
N9 GTP BA . 40.84 17.88 -63.43
C8 GTP BA . 39.97 16.92 -62.97
N7 GTP BA . 40.52 16.05 -62.17
C5 GTP BA . 41.85 16.48 -62.08
C6 GTP BA . 42.92 15.92 -61.35
O6 GTP BA . 42.92 14.92 -60.61
N1 GTP BA . 44.10 16.65 -61.54
C2 GTP BA . 44.22 17.77 -62.34
N2 GTP BA . 45.44 18.34 -62.39
N3 GTP BA . 43.20 18.29 -63.01
C4 GTP BA . 42.05 17.60 -62.85
MG MG CA . 33.40 16.84 -59.80
PB GDP DA . 5.74 -7.87 -72.65
O1B GDP DA . 6.14 -6.42 -72.83
O2B GDP DA . 6.21 -8.48 -71.34
O3B GDP DA . 4.30 -8.19 -72.98
O3A GDP DA . 6.57 -8.66 -73.77
PA GDP DA . 8.18 -8.72 -73.78
O1A GDP DA . 8.75 -7.81 -72.70
O2A GDP DA . 8.58 -10.17 -73.79
O5' GDP DA . 8.51 -8.05 -75.21
C5' GDP DA . 8.59 -8.79 -76.44
C4' GDP DA . 10.00 -8.63 -77.03
O4' GDP DA . 10.99 -8.60 -75.99
C3' GDP DA . 10.38 -9.76 -77.97
O3' GDP DA . 10.34 -9.29 -79.34
C2' GDP DA . 11.78 -10.21 -77.56
O2' GDP DA . 12.72 -10.03 -78.63
C1' GDP DA . 12.16 -9.34 -76.36
N9 GDP DA . 12.64 -10.17 -75.21
C8 GDP DA . 11.91 -11.01 -74.45
N7 GDP DA . 12.67 -11.60 -73.49
C5 GDP DA . 13.92 -11.14 -73.64
C6 GDP DA . 15.23 -11.36 -72.98
O6 GDP DA . 15.31 -12.15 -72.00
N1 GDP DA . 16.29 -10.68 -73.42
C2 GDP DA . 16.23 -9.82 -74.46
N2 GDP DA . 17.34 -9.18 -74.88
N3 GDP DA . 15.06 -9.59 -75.13
C4 GDP DA . 13.90 -10.21 -74.77
PG GTP EA . 87.91 73.36 -36.96
O1G GTP EA . 86.51 73.87 -36.67
O2G GTP EA . 88.56 72.71 -35.76
O3G GTP EA . 87.98 72.52 -38.21
O3B GTP EA . 88.74 74.68 -37.31
PB GTP EA . 90.31 74.95 -37.34
O1B GTP EA . 90.92 74.34 -36.13
O2B GTP EA . 90.53 76.39 -37.63
O3A GTP EA . 90.74 74.07 -38.59
PA GTP EA . 92.17 73.38 -38.83
O1A GTP EA . 91.94 71.90 -38.89
O2A GTP EA . 93.14 73.92 -37.84
O5' GTP EA . 92.53 73.94 -40.30
C5' GTP EA . 93.25 73.16 -41.30
C4' GTP EA . 94.50 73.89 -41.71
O4' GTP EA . 95.30 74.16 -40.53
C3' GTP EA . 95.42 73.14 -42.68
O3' GTP EA . 95.16 73.51 -44.02
C2' GTP EA . 96.83 73.59 -42.25
O2' GTP EA . 97.23 74.74 -42.94
C1' GTP EA . 96.66 73.86 -40.76
N9 GTP EA . 97.04 72.75 -39.88
C8 GTP EA . 96.21 71.76 -39.44
N7 GTP EA . 96.81 70.90 -38.63
C5 GTP EA . 98.12 71.37 -38.56
C6 GTP EA . 99.22 70.85 -37.83
O6 GTP EA . 99.25 69.86 -37.09
N1 GTP EA . 100.37 71.62 -38.01
C2 GTP EA . 100.45 72.75 -38.80
N2 GTP EA . 101.64 73.36 -38.85
N3 GTP EA . 99.41 73.24 -39.48
C4 GTP EA . 98.27 72.51 -39.31
MG MG FA . 90.05 72.00 -36.73
PB GDP GA . 61.84 47.69 -49.05
O1B GDP GA . 62.72 48.92 -49.12
O2B GDP GA . 62.01 46.84 -47.83
O3B GDP GA . 60.41 47.92 -49.43
O3A GDP GA . 62.36 46.70 -50.19
PA GDP GA . 63.81 46.06 -50.07
O1A GDP GA . 64.60 46.69 -48.94
O2A GDP GA . 63.61 44.56 -50.11
O5' GDP GA . 64.44 46.60 -51.45
C5' GDP GA . 64.86 45.77 -52.54
C4' GDP GA . 66.12 46.36 -53.17
O4' GDP GA . 67.19 46.42 -52.20
C3' GDP GA . 66.63 45.54 -54.35
O3' GDP GA . 66.72 46.36 -55.52
C2' GDP GA . 68.00 45.01 -53.94
O2' GDP GA . 68.97 45.27 -54.95
C1' GDP GA . 68.36 45.71 -52.62
N9 GDP GA . 68.80 44.74 -51.57
C8 GDP GA . 68.02 43.81 -50.98
N7 GDP GA . 68.73 43.09 -50.07
C5 GDP GA . 69.98 43.56 -50.08
C6 GDP GA . 71.23 43.24 -49.35
O6 GDP GA . 71.22 42.33 -48.51
N1 GDP GA . 72.33 43.94 -49.61
C2 GDP GA . 72.35 44.93 -50.52
N2 GDP GA . 73.51 45.61 -50.75
N3 GDP GA . 71.23 45.28 -51.22
C4 GDP GA . 70.04 44.64 -51.05
PG GTP HA . -55.68 -36.58 -42.03
O1G GTP HA . -56.90 -36.50 -41.15
O2G GTP HA . -54.97 -37.91 -41.91
O3G GTP HA . -55.95 -36.18 -43.45
O3B GTP HA . -54.65 -35.47 -41.47
PB GTP HA . -53.09 -35.25 -41.73
O1B GTP HA . -52.33 -36.33 -41.03
O2B GTP HA . -52.74 -33.82 -41.51
O3A GTP HA . -53.01 -35.56 -43.30
PA GTP HA . -51.73 -35.86 -44.20
O1A GTP HA . -51.79 -37.29 -44.62
O2A GTP HA . -50.51 -35.39 -43.47
O5' GTP HA . -52.01 -34.90 -45.46
C5' GTP HA . -51.53 -35.24 -46.80
C4' GTP HA . -50.48 -34.25 -47.23
O4' GTP HA . -49.43 -34.22 -46.24
C3' GTP HA . -49.79 -34.57 -48.57
O3' GTP HA . -50.37 -33.81 -49.63
C2' GTP HA . -48.34 -34.14 -48.34
O2' GTP HA . -48.09 -32.81 -48.77
C1' GTP HA . -48.15 -34.28 -46.84
N9 GTP HA . -47.51 -35.52 -46.42
C8 GTP HA . -48.13 -36.68 -46.01
N7 GTP HA . -47.29 -37.62 -45.67
C5 GTP HA . -46.04 -37.05 -45.86
C6 GTP HA . -44.74 -37.59 -45.65
O6 GTP HA . -44.44 -38.72 -45.24
N1 GTP HA . -43.74 -36.67 -45.98
C2 GTP HA . -43.95 -35.40 -46.43
N2 GTP HA . -42.86 -34.66 -46.68
N3 GTP HA . -45.17 -34.88 -46.62
C4 GTP HA . -46.16 -35.76 -46.33
MG MG IA . -53.41 -39.02 -41.36
PB GDP JA . -81.62 -62.95 -53.56
O1B GDP JA . -81.03 -61.57 -53.39
O2B GDP JA . -80.99 -64.01 -52.69
O3B GDP JA . -83.13 -62.98 -53.59
O3A GDP JA . -81.21 -63.41 -55.04
PA GDP JA . -79.68 -63.41 -55.55
O1A GDP JA . -78.76 -63.02 -54.43
O2A GDP JA . -79.46 -64.74 -56.24
O5' GDP JA . -79.69 -62.22 -56.63
C5' GDP JA . -80.00 -62.40 -58.03
C4' GDP JA . -78.85 -61.89 -58.91
O4' GDP JA . -77.58 -62.09 -58.28
C3' GDP JA . -78.77 -62.58 -60.27
O3' GDP JA . -78.97 -61.61 -61.32
C2' GDP JA . -77.38 -63.20 -60.37
O2' GDP JA . -76.72 -62.89 -61.61
C1' GDP JA . -76.61 -62.60 -59.19
N9 GDP JA . -75.74 -63.61 -58.53
C8 GDP JA . -76.12 -64.78 -57.99
N7 GDP JA . -75.05 -65.44 -57.45
C5 GDP JA . -73.96 -64.68 -57.66
C6 GDP JA . -72.52 -64.78 -57.35
O6 GDP JA . -72.06 -65.77 -56.75
N1 GDP JA . -71.72 -63.76 -57.73
C2 GDP JA . -72.18 -62.67 -58.37
N2 GDP JA . -71.30 -61.69 -58.73
N3 GDP JA . -73.50 -62.53 -58.69
C4 GDP JA . -74.42 -63.47 -58.36
PG GTP KA . 0.92 17.59 -17.91
O1G GTP KA . -0.44 17.76 -17.29
O2G GTP KA . 1.91 16.94 -16.97
O3G GTP KA . 0.87 16.90 -19.25
O3B GTP KA . 1.45 19.09 -18.20
PB GTP KA . 2.90 19.70 -18.45
O1B GTP KA . 3.86 18.99 -17.55
O2B GTP KA . 2.81 21.18 -18.42
O3A GTP KA . 3.18 19.21 -19.94
PA GTP KA . 4.57 18.90 -20.67
O1A GTP KA . 4.52 17.48 -21.16
O2A GTP KA . 5.70 19.30 -19.79
O5' GTP KA . 4.46 19.93 -21.91
C5' GTP KA . 4.79 19.52 -23.28
C4' GTP KA . 5.85 20.44 -23.83
O4' GTP KA . 6.95 20.52 -22.88
C3' GTP KA . 6.49 19.99 -25.14
O3' GTP KA . 5.87 20.64 -26.25
C2' GTP KA . 7.95 20.44 -25.02
O2' GTP KA . 8.17 21.74 -25.52
C1' GTP KA . 8.19 20.39 -23.51
N9 GTP KA . 8.82 19.16 -23.04
C8 GTP KA . 8.19 18.00 -22.65
N7 GTP KA . 9.01 17.07 -22.26
C5 GTP KA . 10.27 17.65 -22.38
C6 GTP KA . 11.56 17.11 -22.10
O6 GTP KA . 11.84 15.99 -21.66
N1 GTP KA . 12.57 18.04 -22.36
C2 GTP KA . 12.37 19.32 -22.85
N2 GTP KA . 13.47 20.07 -23.05
N3 GTP KA . 11.17 19.82 -23.11
C4 GTP KA . 10.17 18.93 -22.86
MG MG LA . 2.79 17.28 -18.69
PB GDP MA . -25.49 -8.18 -30.40
O1B GDP MA . -24.84 -6.83 -30.22
O2B GDP MA . -25.05 -9.25 -29.43
O3B GDP MA . -26.99 -8.12 -30.60
O3A GDP MA . -24.95 -8.70 -31.82
PA GDP MA . -23.39 -8.91 -32.10
O1A GDP MA . -22.58 -8.50 -30.90
O2A GDP MA . -23.21 -10.30 -32.68
O5' GDP MA . -23.14 -7.80 -33.23
C5' GDP MA . -23.29 -8.05 -34.63
C4' GDP MA . -22.34 -7.14 -35.42
O4' GDP MA . -21.04 -7.15 -34.83
C3' GDP MA . -22.18 -7.58 -36.87
O3' GDP MA . -22.42 -6.46 -37.75
C2' GDP MA . -20.76 -8.10 -37.00
O2' GDP MA . -20.09 -7.57 -38.15
C1' GDP MA . -20.04 -7.68 -35.71
N9 GDP MA . -19.33 -8.82 -35.05
C8 GDP MA . -19.92 -9.95 -34.59
N7 GDP MA . -18.99 -10.78 -34.03
C5 GDP MA . -17.79 -10.18 -34.13
C6 GDP MA . -16.39 -10.49 -33.73
O6 GDP MA . -16.11 -11.56 -33.16
N1 GDP MA . -15.43 -9.59 -34.01
C2 GDP MA . -15.71 -8.40 -34.62
N2 GDP MA . -14.69 -7.53 -34.87
N3 GDP MA . -16.97 -8.05 -35.01
C4 GDP MA . -18.03 -8.87 -34.79
PG GTP NA . 56.84 72.71 5.26
O1G GTP NA . 55.40 73.03 5.54
O2G GTP NA . 57.40 71.65 6.20
O3G GTP NA . 57.10 72.39 3.82
O3B GTP NA . 57.65 74.05 5.57
PB GTP NA . 59.22 74.31 5.37
O1B GTP NA . 59.98 73.31 6.16
O2B GTP NA . 59.48 75.77 5.56
O3A GTP NA . 59.39 73.93 3.83
PA GTP NA . 60.69 73.47 3.02
O1A GTP NA . 60.48 72.06 2.57
O2A GTP NA . 61.89 73.80 3.83
O5' GTP NA . 60.58 74.49 1.77
C5' GTP NA . 60.99 74.15 0.41
C4' GTP NA . 62.00 75.15 -0.07
O4' GTP NA . 63.07 75.23 0.91
C3' GTP NA . 62.68 74.82 -1.41
O3' GTP NA . 62.07 75.54 -2.48
C2' GTP NA . 64.14 75.28 -1.21
O2' GTP NA . 64.33 76.62 -1.62
C1' GTP NA . 64.34 75.14 0.30
N9 GTP NA . 64.96 73.89 0.72
C8 GTP NA . 64.33 72.71 1.01
N7 GTP NA . 65.14 71.76 1.40
C5 GTP NA . 66.39 72.35 1.38
C6 GTP NA . 67.65 71.82 1.71
O6 GTP NA . 67.93 70.68 2.12
N1 GTP NA . 68.67 72.76 1.56
C2 GTP NA . 68.49 74.05 1.12
N2 GTP NA . 69.59 74.82 1.04
N3 GTP NA . 67.30 74.56 0.82
C4 GTP NA . 66.30 73.66 0.97
MG MG OA . 58.92 70.46 6.10
PB GDP PA . 30.51 46.45 -6.96
O1B GDP PA . 31.02 47.84 -6.61
O2B GDP PA . 31.06 45.33 -6.10
O3B GDP PA . 29.02 46.36 -7.20
O3A GDP PA . 31.12 46.12 -8.39
PA GDP PA . 32.70 46.20 -8.62
O1A GDP PA . 33.39 46.73 -7.37
O2A GDP PA . 33.12 44.87 -9.18
O5' GDP PA . 32.80 47.38 -9.71
C5' GDP PA . 32.59 47.15 -11.10
C4' GDP PA . 33.82 47.59 -11.92
O4' GDP PA . 35.04 47.38 -11.19
C3' GDP PA . 33.97 46.86 -13.26
O3' GDP PA . 33.72 47.77 -14.34
C2' GDP PA . 35.39 46.33 -13.30
O2' GDP PA . 36.08 46.75 -14.48
C1' GDP PA . 36.07 46.88 -12.04
N9 GDP PA . 36.90 45.84 -11.34
C8 GDP PA . 36.45 44.69 -10.77
N7 GDP PA . 37.49 43.97 -10.22
C5 GDP PA . 38.60 44.67 -10.46
C6 GDP PA . 40.03 44.50 -10.15
O6 GDP PA . 40.41 43.49 -9.53
N1 GDP PA . 40.89 45.45 -10.58
C2 GDP PA . 40.49 46.55 -11.24
N2 GDP PA . 41.41 47.48 -11.63
N3 GDP PA . 39.19 46.77 -11.54
C4 GDP PA . 38.22 45.88 -11.19
PG GTP QA . -72.56 -52.97 4.52
O1G GTP QA . -73.48 -53.22 5.70
O2G GTP QA . -71.83 -54.21 4.07
O3G GTP QA . -73.26 -52.26 3.39
O3B GTP QA . -71.44 -51.95 5.04
PB GTP QA . -70.04 -51.56 4.39
O1B GTP QA . -69.15 -52.75 4.41
O2B GTP QA . -69.57 -50.28 4.98
O3A GTP QA . -70.48 -51.29 2.88
PA GTP QA . -69.59 -51.27 1.56
O1A GTP QA . -69.85 -52.55 0.82
O2A GTP QA . -68.19 -50.94 1.95
O5' GTP QA . -70.21 -50.04 0.74
C5' GTP QA . -70.08 -49.94 -0.69
C4' GTP QA . -69.22 -48.73 -1.04
O4' GTP QA . -67.97 -48.83 -0.33
C3' GTP QA . -68.86 -48.60 -2.53
O3' GTP QA . -69.77 -47.73 -3.19
C2' GTP QA . -67.45 -48.00 -2.50
O2' GTP QA . -67.48 -46.59 -2.51
C1' GTP QA . -66.88 -48.53 -1.18
N9 GTP QA . -66.06 -49.73 -1.31
C8 GTP QA . -66.48 -51.03 -1.21
N7 GTP QA . -65.53 -51.90 -1.35
C5 GTP QA . -64.39 -51.13 -1.57
C6 GTP QA . -63.05 -51.54 -1.79
O6 GTP QA . -62.59 -52.68 -1.84
N1 GTP QA . -62.20 -50.44 -1.97
C2 GTP QA . -62.60 -49.11 -1.94
N2 GTP QA . -61.65 -48.20 -2.14
N3 GTP QA . -63.86 -48.74 -1.72
C4 GTP QA . -64.71 -49.79 -1.55
MG MG RA . -70.12 -54.99 4.02
PB GDP SA . -98.87 -79.41 -7.36
O1B GDP SA . -98.36 -78.09 -6.83
O2B GDP SA . -97.96 -80.59 -7.16
O3B GDP SA . -100.32 -79.68 -7.03
O3A GDP SA . -98.86 -79.19 -8.96
PA GDP SA . -97.51 -78.85 -9.78
O1A GDP SA . -96.36 -78.61 -8.81
O2A GDP SA . -97.35 -79.90 -10.85
O5' GDP SA . -97.85 -77.43 -10.45
C5' GDP SA . -98.43 -77.28 -11.75
C4' GDP SA . -97.51 -76.43 -12.64
O4' GDP SA . -96.13 -76.68 -12.36
C3' GDP SA . -97.72 -76.67 -14.13
O3' GDP SA . -98.15 -75.47 -14.79
C2' GDP SA . -96.38 -77.15 -14.67
O2' GDP SA . -96.03 -76.52 -15.91
C1' GDP SA . -95.39 -76.79 -13.57
N9 GDP SA . -94.31 -77.80 -13.45
C8 GDP SA . -94.44 -79.12 -13.16
N7 GDP SA . -93.24 -79.74 -13.14
C5 GDP SA . -92.30 -78.82 -13.40
C6 GDP SA . -90.83 -78.80 -13.52
O6 GDP SA . -90.17 -79.84 -13.36
N1 GDP SA . -90.23 -77.63 -13.81
C2 GDP SA . -90.92 -76.48 -13.98
N2 GDP SA . -90.25 -75.34 -14.27
N3 GDP SA . -92.28 -76.44 -13.89
C4 GDP SA . -93.01 -77.55 -13.61
PG GTP TA . 39.82 55.93 52.05
O1G GTP TA . 38.57 56.06 52.89
O2G GTP TA . 40.52 54.60 52.25
O3G GTP TA . 39.57 56.24 50.59
O3B GTP TA . 40.84 57.08 52.55
PB GTP TA . 42.22 57.67 51.97
O1B GTP TA . 43.25 56.59 51.98
O2B GTP TA . 42.51 58.98 52.62
O3A GTP TA . 41.81 57.92 50.45
PA GTP TA . 42.77 57.93 49.18
O1A GTP TA . 42.62 56.63 48.49
O2A GTP TA . 44.12 58.38 49.62
O5' GTP TA . 42.07 59.09 48.31
C5' GTP TA . 42.23 59.17 46.86
C4' GTP TA . 43.06 60.38 46.51
O4' GTP TA . 44.34 60.28 47.17
C3' GTP TA . 43.36 60.56 45.02
O3' GTP TA . 42.42 61.45 44.42
C2' GTP TA . 44.77 61.17 45.02
O2' GTP TA . 44.75 62.58 45.05
C1' GTP TA . 45.40 60.60 46.30
N9 GTP TA . 46.21 59.41 46.09
C8 GTP TA . 45.78 58.11 46.13
N7 GTP TA . 46.74 57.24 45.94
C5 GTP TA . 47.88 58.01 45.77
C6 GTP TA . 49.23 57.61 45.53
O6 GTP TA . 49.68 56.47 45.44
N1 GTP TA . 50.07 58.71 45.42
C2 GTP TA . 49.68 60.03 45.51
N2 GTP TA . 50.64 60.95 45.38
N3 GTP TA . 48.42 60.41 45.74
C4 GTP TA . 47.57 59.35 45.86
MG MG UA . 42.11 54.32 51.23
PB GDP VA . 13.72 29.83 40.08
O1B GDP VA . 14.19 31.20 40.50
O2B GDP VA . 14.67 28.71 40.44
O3B GDP VA . 12.28 29.55 40.42
O3A GDP VA . 13.75 29.85 38.47
PA GDP VA . 15.08 30.20 37.63
O1A GDP VA . 16.25 30.40 38.57
O2A GDP VA . 15.19 29.19 36.51
O5' GDP VA . 14.72 31.64 37.03
C5' GDP VA . 14.07 31.84 35.77
C4' GDP VA . 14.94 32.74 34.88
O4' GDP VA . 16.33 32.59 35.19
C3' GDP VA . 14.77 32.47 33.38
O3' GDP VA . 14.12 33.58 32.75
C2' GDP VA . 16.17 32.25 32.85
O2' GDP VA . 16.45 33.09 31.73
C1' GDP VA . 17.12 32.55 34.02
N9 GDP VA . 18.19 31.52 34.11
C8 GDP VA . 18.03 30.23 34.44
N7 GDP VA . 19.21 29.57 34.43
C5 GDP VA . 20.16 30.44 34.08
C6 GDP VA . 21.63 30.41 33.87
O6 GDP VA . 22.27 29.35 34.04
N1 GDP VA . 22.24 31.55 33.51
C2 GDP VA . 21.57 32.71 33.33
N2 GDP VA . 22.26 33.83 32.96
N3 GDP VA . 20.22 32.81 33.51
C4 GDP VA . 19.48 31.73 33.87
PG GTP WA . -73.07 -85.32 47.82
O1G GTP WA . -73.92 -85.82 48.96
O2G GTP WA . -72.22 -86.40 47.20
O3G GTP WA . -73.84 -84.50 46.82
O3B GTP WA . -72.05 -84.27 48.48
PB GTP WA . -70.90 -83.46 47.72
O1B GTP WA . -69.95 -84.45 47.11
O2B GTP WA . -70.39 -82.40 48.62
O3A GTP WA . -71.76 -82.78 46.55
PA GTP WA . -71.34 -82.05 45.18
O1A GTP WA . -71.59 -83.03 44.08
O2A GTP WA . -69.97 -81.48 45.33
O5' GTP WA . -72.41 -80.86 45.10
C5' GTP WA . -72.80 -80.34 43.81
C4' GTP WA . -72.09 -79.04 43.53
O4' GTP WA . -70.65 -79.22 43.59
C3' GTP WA . -72.34 -78.43 42.15
O3' GTP WA . -73.48 -77.58 42.17
C2' GTP WA . -71.06 -77.64 41.86
O2' GTP WA . -71.16 -76.30 42.32
C1' GTP WA . -69.99 -78.43 42.64
N9 GTP WA . -69.20 -79.29 41.77
C8 GTP WA . -69.47 -80.60 41.52
N7 GTP WA . -68.59 -81.18 40.73
C5 GTP WA . -67.68 -80.17 40.46
C6 GTP WA . -66.50 -80.21 39.67
O6 GTP WA . -66.02 -81.16 39.04
N1 GTP WA . -65.84 -78.97 39.66
C2 GTP WA . -66.27 -77.85 40.32
N2 GTP WA . -65.52 -76.75 40.18
N3 GTP WA . -67.38 -77.81 41.07
C4 GTP WA . -68.03 -79.00 41.10
MG MG XA . -71.13 -87.30 45.31
PB GDP YA . -99.72 -111.36 35.67
O1B GDP YA . -99.31 -110.20 36.54
O2B GDP YA . -98.64 -112.40 35.42
O3B GDP YA . -101.06 -111.94 36.02
O3A GDP YA . -99.93 -110.72 34.20
PA GDP YA . -98.80 -109.86 33.44
O1A GDP YA . -97.55 -109.79 34.28
O2A GDP YA . -98.70 -110.37 32.02
O5' GDP YA . -99.49 -108.39 33.40
C5' GDP YA . -100.54 -108.04 32.49
C4' GDP YA . -100.14 -106.78 31.71
O4' GDP YA . -98.72 -106.77 31.45
C3' GDP YA . -100.85 -106.66 30.36
O3' GDP YA . -101.67 -105.48 30.35
C2' GDP YA . -99.75 -106.58 29.32
O2' GDP YA . -99.96 -105.54 28.37
C1' GDP YA . -98.46 -106.34 30.11
N9 GDP YA . -97.34 -107.08 29.51
C8 GDP YA . -97.25 -108.41 29.41
N7 GDP YA . -96.11 -108.77 28.79
C5 GDP YA . -95.43 -107.66 28.48
C6 GDP YA . -94.13 -107.33 27.82
O6 GDP YA . -93.39 -108.22 27.40
N1 GDP YA . -93.78 -106.04 27.69
C2 GDP YA . -94.54 -105.03 28.15
N2 GDP YA . -94.13 -103.74 27.98
N3 GDP YA . -95.76 -105.27 28.76
C4 GDP YA . -96.24 -106.53 28.96
PG GTP ZA . -16.95 -30.96 71.53
O1G GTP ZA . -17.02 -32.09 72.53
O2G GTP ZA . -16.16 -31.33 70.29
O3G GTP ZA . -18.30 -30.37 71.22
O3B GTP ZA . -16.14 -29.78 72.23
PB GTP ZA . -14.91 -28.92 71.68
O1B GTP ZA . -13.79 -29.87 71.43
O2B GTP ZA . -14.74 -27.77 72.61
O3A GTP ZA . -15.51 -28.43 70.27
PA GTP ZA . -14.94 -28.00 68.82
O1A GTP ZA . -15.51 -28.95 67.81
O2A GTP ZA . -13.46 -27.87 68.90
O5' GTP ZA . -15.60 -26.54 68.63
C5' GTP ZA . -16.07 -26.02 67.33
C4' GTP ZA . -15.57 -24.61 67.12
O4' GTP ZA . -14.14 -24.57 67.29
C3' GTP ZA . -15.85 -24.01 65.74
O3' GTP ZA . -17.01 -23.19 65.77
C2' GTP ZA . -14.60 -23.19 65.41
O2' GTP ZA . -14.72 -21.84 65.78
C1' GTP ZA . -13.50 -23.88 66.23
N9 GTP ZA . -12.68 -24.82 65.47
C8 GTP ZA . -12.90 -26.17 65.35
N7 GTP ZA . -12.01 -26.78 64.61
C5 GTP ZA . -11.13 -25.77 64.24
C6 GTP ZA . -9.96 -25.84 63.44
O6 GTP ZA . -9.45 -26.83 62.89
N1 GTP ZA . -9.36 -24.59 63.30
C2 GTP ZA . -9.82 -23.43 63.86
N2 GTP ZA . -9.10 -22.32 63.60
N3 GTP ZA . -10.92 -23.36 64.60
C4 GTP ZA . -11.54 -24.57 64.75
MG MG AB . -14.05 -31.61 69.61
PG GTP BB . 39.07 24.25 95.30
O1G GTP BB . 38.36 23.71 96.52
O2G GTP BB . 39.65 23.18 94.42
O3G GTP BB . 38.24 25.24 94.53
O3B GTP BB . 40.31 25.11 95.84
PB GTP BB . 41.53 25.81 95.06
O1B GTP BB . 42.47 24.73 94.64
O2B GTP BB . 42.01 26.96 95.87
O3A GTP BB . 40.77 26.37 93.77
PA GTP BB . 41.23 27.19 92.46
O1A GTP BB . 41.23 26.24 91.31
O2A GTP BB . 42.49 27.92 92.78
O5' GTP BB . 40.03 28.23 92.31
C5' GTP BB . 39.67 28.75 91.00
C4' GTP BB . 40.24 30.14 90.84
O4' GTP BB . 41.68 30.09 91.04
C3' GTP BB . 40.04 30.76 89.45
O3' GTP BB . 38.85 31.52 89.42
C2' GTP BB . 41.28 31.63 89.29
O2' GTP BB . 41.09 32.92 89.82
C1' GTP BB . 42.35 30.86 90.07
N9 GTP BB . 43.18 29.96 89.26
C8 GTP BB . 42.95 28.62 89.07
N7 GTP BB . 43.85 28.04 88.33
C5 GTP BB . 44.74 29.05 88.01
C6 GTP BB . 45.93 29.00 87.24
O6 GTP BB . 46.44 28.03 86.67
N1 GTP BB . 46.55 30.24 87.17
C2 GTP BB . 46.09 31.39 87.76
N2 GTP BB . 46.82 32.50 87.57
N3 GTP BB . 44.97 31.44 88.48
C4 GTP BB . 44.34 30.24 88.58
MG MG CB . 41.44 22.60 93.65
PB GDP DB . 12.19 -1.96 83.30
O1B GDP DB . 12.71 -0.90 84.22
O2B GDP DB . 13.05 -3.20 83.20
O3B GDP DB . 10.72 -2.28 83.53
O3A GDP DB . 12.23 -1.33 81.79
PA GDP DB . 13.39 -0.39 81.14
O1A GDP DB . 14.53 -0.21 82.11
O2A GDP DB . 13.71 -0.89 79.75
O5' GDP DB . 12.63 1.02 80.98
C5' GDP DB . 11.68 1.30 79.94
C4' GDP DB . 12.17 2.52 79.16
O4' GDP DB . 13.57 2.45 78.92
C3' GDP DB . 11.49 2.68 77.80
O3' GDP DB . 10.62 3.82 77.82
C2' GDP DB . 12.61 2.85 76.80
O2' GDP DB . 12.45 4.02 75.98
C1' GDP DB . 13.88 2.96 77.62
N9 GDP DB . 14.97 2.18 77.03
C8 GDP DB . 15.03 0.85 76.96
N7 GDP DB . 16.17 0.46 76.33
C5 GDP DB . 16.87 1.56 75.99
C6 GDP DB . 18.16 1.86 75.33
O6 GDP DB . 18.91 0.95 74.91
N1 GDP DB . 18.52 3.15 75.19
C2 GDP DB . 17.75 4.16 75.63
N2 GDP DB . 18.16 5.45 75.46
N3 GDP DB . 16.55 3.94 76.25
C4 GDP DB . 16.07 2.69 76.46
PG GTP EB . -16.29 1.04 28.46
O1G GTP EB . -17.74 1.11 28.88
O2G GTP EB . -15.47 0.10 29.32
O3G GTP EB . -16.10 0.79 26.99
O3B GTP EB . -15.68 2.50 28.72
PB GTP EB . -14.23 3.05 28.31
O1B GTP EB . -13.23 2.00 28.59
O2B GTP EB . -14.05 4.42 28.89
O3A GTP EB . -14.40 3.19 26.73
PA GTP EB . -13.24 3.40 25.65
O1A GTP EB . -13.22 2.21 24.76
O2A GTP EB . -11.98 3.77 26.36
O5' GTP EB . -13.81 4.68 24.87
C5' GTP EB . -13.92 4.74 23.42
C4' GTP EB . -13.03 5.84 22.89
O4' GTP EB . -11.71 5.71 23.46
C3' GTP EB . -12.83 5.85 21.37
O3' GTP EB . -13.80 6.65 20.73
C2' GTP EB . -11.43 6.45 21.22
O2' GTP EB . -11.45 7.87 21.14
C1' GTP EB . -10.71 5.98 22.49
N9 GTP EB . -9.91 4.78 22.32
C8 GTP EB . -10.35 3.48 22.39
N7 GTP EB . -9.40 2.59 22.22
C5 GTP EB . -8.25 3.35 22.03
C6 GTP EB . -6.91 2.94 21.81
O6 GTP EB . -6.47 1.79 21.73
N1 GTP EB . -6.05 4.03 21.67
C2 GTP EB . -6.44 5.35 21.74
N2 GTP EB . -5.47 6.27 21.59
N3 GTP EB . -7.69 5.74 21.96
C4 GTP EB . -8.55 4.70 22.10
MG MG FB . -14.53 -0.25 27.68
PB GDP GB . -42.49 -24.96 16.32
O1B GDP GB . -42.09 -23.61 16.84
O2B GDP GB . -41.49 -26.06 16.59
O3B GDP GB . -43.92 -25.34 16.62
O3A GDP GB . -42.47 -24.79 14.71
PA GDP GB . -41.15 -24.36 13.90
O1A GDP GB . -40.00 -24.12 14.85
O2A GDP GB . -40.99 -25.35 12.76
O5' GDP GB . -41.60 -22.92 13.32
C5' GDP GB . -42.11 -22.71 12.00
C4' GDP GB . -41.17 -21.75 11.27
O4' GDP GB . -39.81 -22.12 11.54
C3' GDP GB . -41.35 -21.76 9.76
O3' GDP GB . -41.54 -20.41 9.28
C2' GDP GB . -40.08 -22.38 9.21
O2' GDP GB . -39.65 -21.76 7.99
C1' GDP GB . -39.06 -22.21 10.32
N9 GDP GB . -38.06 -23.32 10.39
C8 GDP GB . -38.31 -24.63 10.63
N7 GDP GB . -37.16 -25.35 10.62
C5 GDP GB . -36.14 -24.52 10.36
C6 GDP GB . -34.68 -24.63 10.21
O6 GDP GB . -34.12 -25.74 10.33
N1 GDP GB . -33.99 -23.51 9.95
C2 GDP GB . -34.58 -22.29 9.82
N2 GDP GB . -33.84 -21.18 9.55
N3 GDP GB . -35.92 -22.13 9.95
C4 GDP GB . -36.74 -23.18 10.21
#